data_1HTO
#
_entry.id   1HTO
#
_cell.length_a   207.720
_cell.length_b   257.690
_cell.length_c   274.500
_cell.angle_alpha   90.00
_cell.angle_beta   90.00
_cell.angle_gamma   90.00
#
_symmetry.space_group_name_H-M   'P 21 21 21'
#
loop_
_entity.id
_entity.type
_entity.pdbx_description
1 polymer 'GLUTAMINE SYNTHETASE'
2 non-polymer 'MANGANESE (II) ION'
3 non-polymer 'ADENOSINE MONOPHOSPHATE'
4 non-polymer 'CITRIC ACID'
5 water water
#
_entity_poly.entity_id   1
_entity_poly.type   'polypeptide(L)'
_entity_poly.pdbx_seq_one_letter_code
;TEKTPDDVFKLAKDEKVEYVDVRFCDLPGIMQHFTIPASAFDKSVFDDGLAFDGSSIRGFQSIHESDMLLLPDPETARID
PFRAAKTLNINFFVHDPFTLEPYSRDPRNIARKAENYLISTGIADTAYFGAEAEFYIFDSVSFDSRANGSFYEVDAISGW
WNTGAATEADGSPNRGYKVRHKGGYFPVAPNDQYVDLRDKMLTNLINSGFILEKGHHEVGSGGQAEINYQFNSLLHAADD
MQLYKYIIKNTAWQNGKTVTFMPKPLFGDNGSGMHCHQSLWKDGAPLMYDETGYAGLSDTARHYIGGLLHHAPSLLAFTN
PTVNSYKRLVPGYEAPINLVYSQRNRSACVRIPITGSNPKAKRLEFRSPDSSGNPYLAFSAMLMAGLDGIKNKIEPQAPV
DKDLYELPPEEAASIPQTPTQLSDVIDRLEADHEYLTEGGVFTNDLIETWISFKRENEIEPVNIRPHPYEFALYYDV
;
_entity_poly.pdbx_strand_id   A,B,C,D,E,F,G,H,I,J,K,L,M,N,O,P,Q,R,S,T,U,V,W,X
#
loop_
_chem_comp.id
_chem_comp.type
_chem_comp.name
_chem_comp.formula
AMP non-polymer 'ADENOSINE MONOPHOSPHATE' 'C10 H14 N5 O7 P'
CIT non-polymer 'CITRIC ACID' 'C6 H8 O7'
MN non-polymer 'MANGANESE (II) ION' 'Mn 2'
#
# COMPACT_ATOMS: atom_id res chain seq x y z
N THR A 1 20.27 -26.31 -50.52
CA THR A 1 19.64 -27.04 -51.65
C THR A 1 18.19 -26.61 -51.86
N GLU A 2 17.37 -26.74 -50.81
CA GLU A 2 15.96 -26.39 -50.90
C GLU A 2 15.40 -25.39 -49.88
N LYS A 3 16.13 -25.14 -48.79
CA LYS A 3 15.66 -24.18 -47.80
C LYS A 3 15.92 -22.73 -48.19
N THR A 4 14.88 -21.92 -48.03
CA THR A 4 14.87 -20.51 -48.38
C THR A 4 15.22 -19.61 -47.18
N PRO A 5 15.78 -18.43 -47.43
CA PRO A 5 16.11 -17.52 -46.33
C PRO A 5 14.85 -17.24 -45.52
N ASP A 6 13.70 -17.23 -46.20
CA ASP A 6 12.41 -17.00 -45.55
C ASP A 6 12.04 -18.15 -44.61
N ASP A 7 12.45 -19.36 -44.97
CA ASP A 7 12.19 -20.54 -44.14
C ASP A 7 12.94 -20.38 -42.83
N VAL A 8 14.17 -19.87 -42.93
CA VAL A 8 15.03 -19.63 -41.77
C VAL A 8 14.46 -18.56 -40.86
N PHE A 9 13.95 -17.47 -41.44
CA PHE A 9 13.36 -16.39 -40.65
C PHE A 9 12.10 -16.87 -39.94
N LYS A 10 11.36 -17.76 -40.58
CA LYS A 10 10.13 -18.32 -39.99
C LYS A 10 10.52 -19.22 -38.83
N LEU A 11 11.56 -20.02 -39.01
CA LEU A 11 12.06 -20.93 -37.97
C LEU A 11 12.45 -20.09 -36.75
N ALA A 12 13.20 -19.01 -37.00
CA ALA A 12 13.65 -18.11 -35.95
C ALA A 12 12.48 -17.48 -35.20
N LYS A 13 11.47 -17.02 -35.93
CA LYS A 13 10.30 -16.39 -35.32
C LYS A 13 9.48 -17.39 -34.50
N ASP A 14 9.18 -18.54 -35.10
CA ASP A 14 8.39 -19.58 -34.45
C ASP A 14 9.05 -20.12 -33.17
N GLU A 15 10.36 -20.29 -33.22
CA GLU A 15 11.11 -20.80 -32.08
C GLU A 15 11.46 -19.75 -31.04
N LYS A 16 11.12 -18.49 -31.32
CA LYS A 16 11.40 -17.36 -30.42
C LYS A 16 12.88 -17.30 -30.09
N VAL A 17 13.69 -17.46 -31.14
CA VAL A 17 15.15 -17.43 -31.06
C VAL A 17 15.64 -16.06 -30.60
N GLU A 18 16.57 -16.06 -29.64
CA GLU A 18 17.11 -14.80 -29.17
C GLU A 18 18.52 -14.50 -29.66
N TYR A 19 19.24 -15.55 -30.07
CA TYR A 19 20.60 -15.38 -30.59
C TYR A 19 20.81 -16.22 -31.84
N VAL A 20 21.72 -15.77 -32.69
CA VAL A 20 22.06 -16.51 -33.90
C VAL A 20 23.57 -16.78 -33.82
N ASP A 21 23.94 -18.05 -33.93
CA ASP A 21 25.34 -18.43 -33.86
C ASP A 21 25.92 -18.55 -35.27
N VAL A 22 26.89 -17.69 -35.55
CA VAL A 22 27.56 -17.64 -36.84
C VAL A 22 28.72 -18.62 -36.86
N ARG A 23 28.59 -19.70 -37.62
CA ARG A 23 29.61 -20.72 -37.68
C ARG A 23 30.30 -20.85 -39.03
N PHE A 24 31.59 -21.16 -38.97
CA PHE A 24 32.42 -21.35 -40.15
C PHE A 24 33.50 -22.35 -39.76
N CYS A 25 34.00 -23.09 -40.75
CA CYS A 25 34.99 -24.11 -40.47
C CYS A 25 36.44 -23.69 -40.63
N ASP A 26 37.28 -24.11 -39.69
CA ASP A 26 38.70 -23.79 -39.77
C ASP A 26 39.40 -24.84 -40.62
N LEU A 27 40.69 -24.65 -40.88
CA LEU A 27 41.45 -25.57 -41.71
C LEU A 27 41.43 -27.04 -41.24
N PRO A 28 41.97 -27.32 -40.04
CA PRO A 28 41.98 -28.72 -39.57
C PRO A 28 40.63 -29.42 -39.46
N GLY A 29 39.55 -28.68 -39.23
CA GLY A 29 38.24 -29.31 -39.16
C GLY A 29 37.30 -28.97 -38.01
N ILE A 30 37.67 -28.02 -37.17
CA ILE A 30 36.84 -27.62 -36.04
C ILE A 30 36.03 -26.36 -36.35
N MET A 31 34.72 -26.42 -36.08
CA MET A 31 33.85 -25.28 -36.33
C MET A 31 34.12 -24.14 -35.36
N GLN A 32 34.15 -22.92 -35.90
CA GLN A 32 34.40 -21.70 -35.13
C GLN A 32 33.09 -20.93 -35.08
N HIS A 33 33.00 -19.96 -34.17
CA HIS A 33 31.77 -19.17 -34.07
C HIS A 33 31.86 -17.89 -33.28
N PHE A 34 30.83 -17.07 -33.46
CA PHE A 34 30.64 -15.83 -32.73
C PHE A 34 29.12 -15.66 -32.77
N THR A 35 28.58 -14.93 -31.81
CA THR A 35 27.13 -14.78 -31.72
C THR A 35 26.63 -13.35 -31.88
N ILE A 36 25.46 -13.22 -32.53
CA ILE A 36 24.83 -11.93 -32.73
C ILE A 36 23.38 -12.05 -32.25
N PRO A 37 22.78 -10.93 -31.82
CA PRO A 37 21.40 -11.01 -31.35
C PRO A 37 20.48 -11.32 -32.54
N ALA A 38 19.38 -12.01 -32.27
CA ALA A 38 18.43 -12.37 -33.32
C ALA A 38 17.89 -11.15 -34.05
N SER A 39 17.74 -10.05 -33.31
CA SER A 39 17.24 -8.79 -33.86
C SER A 39 18.10 -8.26 -35.01
N ALA A 40 19.39 -8.64 -35.02
CA ALA A 40 20.32 -8.22 -36.06
C ALA A 40 20.36 -9.21 -37.23
N PHE A 41 19.54 -10.25 -37.13
CA PHE A 41 19.48 -11.27 -38.19
C PHE A 41 18.31 -10.99 -39.11
N ASP A 42 18.62 -10.38 -40.27
CA ASP A 42 17.61 -10.01 -41.25
C ASP A 42 18.08 -10.34 -42.66
N LYS A 43 17.35 -9.84 -43.66
CA LYS A 43 17.66 -10.06 -45.07
C LYS A 43 19.05 -9.60 -45.48
N SER A 44 19.53 -8.54 -44.84
CA SER A 44 20.85 -7.98 -45.17
C SER A 44 21.99 -8.95 -44.86
N VAL A 45 21.73 -9.92 -43.98
CA VAL A 45 22.74 -10.92 -43.62
C VAL A 45 22.94 -11.86 -44.81
N PHE A 46 21.84 -12.19 -45.49
CA PHE A 46 21.89 -13.07 -46.66
C PHE A 46 22.37 -12.34 -47.92
N ASP A 47 22.02 -11.06 -48.03
CA ASP A 47 22.38 -10.26 -49.18
C ASP A 47 23.80 -9.68 -49.12
N ASP A 48 24.11 -9.01 -48.02
CA ASP A 48 25.41 -8.38 -47.84
C ASP A 48 26.42 -9.20 -47.05
N GLY A 49 25.93 -10.06 -46.15
CA GLY A 49 26.81 -10.87 -45.34
C GLY A 49 27.24 -10.17 -44.07
N LEU A 50 28.11 -10.83 -43.31
CA LEU A 50 28.61 -10.29 -42.04
C LEU A 50 30.11 -10.12 -42.10
N ALA A 51 30.60 -9.02 -41.54
CA ALA A 51 32.02 -8.77 -41.51
C ALA A 51 32.65 -9.33 -40.25
N PHE A 52 33.90 -9.81 -40.36
CA PHE A 52 34.66 -10.37 -39.26
C PHE A 52 36.17 -10.37 -39.65
N ASP A 53 37.03 -10.47 -38.65
CA ASP A 53 38.52 -10.37 -38.76
C ASP A 53 39.30 -11.67 -38.95
N GLY A 54 40.34 -11.76 -39.78
CA GLY A 54 41.05 -13.04 -39.71
C GLY A 54 41.51 -13.16 -38.27
N SER A 55 40.86 -13.98 -37.46
CA SER A 55 41.27 -14.09 -36.04
C SER A 55 42.02 -15.39 -35.77
N SER A 56 42.72 -15.49 -34.65
CA SER A 56 43.52 -16.66 -34.39
C SER A 56 44.58 -16.64 -35.50
N ILE A 57 45.32 -17.70 -35.85
CA ILE A 57 46.42 -17.38 -36.76
C ILE A 57 46.68 -18.30 -37.98
N ARG A 58 46.48 -19.60 -37.98
CA ARG A 58 46.95 -20.38 -39.11
C ARG A 58 45.91 -20.96 -40.07
N GLY A 59 46.14 -20.80 -41.37
CA GLY A 59 45.24 -21.29 -42.42
C GLY A 59 44.57 -20.11 -43.12
N PHE A 60 43.77 -19.35 -42.36
CA PHE A 60 42.96 -18.20 -42.84
C PHE A 60 43.75 -16.89 -43.10
N GLN A 61 43.03 -15.77 -43.39
CA GLN A 61 43.50 -14.42 -43.73
C GLN A 61 44.29 -13.67 -42.63
N SER A 62 45.61 -13.63 -42.78
CA SER A 62 46.55 -12.96 -41.85
C SER A 62 46.41 -11.43 -41.91
N ILE A 63 47.45 -10.65 -41.51
CA ILE A 63 47.33 -9.18 -41.53
C ILE A 63 47.95 -8.58 -42.80
N HIS A 64 47.56 -9.14 -43.96
CA HIS A 64 47.98 -8.67 -45.31
C HIS A 64 46.78 -8.98 -46.21
N GLU A 65 45.84 -9.68 -45.53
CA GLU A 65 44.56 -10.18 -46.06
C GLU A 65 43.41 -10.15 -45.04
N SER A 66 43.71 -9.69 -43.82
CA SER A 66 42.83 -9.53 -42.63
C SER A 66 41.33 -9.83 -42.76
N ASP A 67 40.53 -8.82 -43.12
CA ASP A 67 39.06 -8.86 -43.07
C ASP A 67 38.38 -9.84 -44.00
N MET A 68 37.34 -10.52 -43.49
CA MET A 68 36.55 -11.47 -44.26
C MET A 68 35.06 -11.14 -44.21
N LEU A 69 34.32 -11.67 -45.18
CA LEU A 69 32.87 -11.48 -45.26
C LEU A 69 32.22 -12.87 -45.18
N LEU A 70 31.21 -13.01 -44.34
CA LEU A 70 30.54 -14.30 -44.16
C LEU A 70 29.14 -14.33 -44.75
N LEU A 71 28.90 -15.27 -45.67
CA LEU A 71 27.58 -15.44 -46.29
C LEU A 71 26.97 -16.74 -45.80
N PRO A 72 25.72 -16.69 -45.30
CA PRO A 72 25.00 -17.85 -44.76
C PRO A 72 24.50 -18.89 -45.76
N ASP A 73 24.42 -20.13 -45.27
CA ASP A 73 23.90 -21.25 -46.04
C ASP A 73 22.62 -21.65 -45.30
N PRO A 74 21.45 -21.26 -45.82
CA PRO A 74 20.15 -21.55 -45.23
C PRO A 74 19.83 -23.03 -44.93
N GLU A 75 20.48 -23.93 -45.66
CA GLU A 75 20.25 -25.36 -45.45
C GLU A 75 20.87 -25.88 -44.15
N THR A 76 21.82 -25.12 -43.59
CA THR A 76 22.50 -25.52 -42.35
C THR A 76 21.87 -24.96 -41.07
N ALA A 77 20.81 -24.18 -41.22
CA ALA A 77 20.12 -23.59 -40.07
C ALA A 77 19.46 -24.63 -39.18
N ARG A 78 19.86 -24.64 -37.91
CA ARG A 78 19.33 -25.58 -36.93
C ARG A 78 19.22 -24.92 -35.56
N ILE A 79 18.22 -25.31 -34.79
CA ILE A 79 18.05 -24.79 -33.43
C ILE A 79 19.01 -25.58 -32.54
N ASP A 80 19.80 -24.87 -31.74
CA ASP A 80 20.75 -25.51 -30.83
C ASP A 80 19.99 -26.10 -29.65
N PRO A 81 20.10 -27.42 -29.43
CA PRO A 81 19.39 -28.08 -28.32
C PRO A 81 20.11 -28.01 -26.96
N PHE A 82 21.30 -27.43 -26.95
CA PHE A 82 22.10 -27.33 -25.73
C PHE A 82 22.15 -25.96 -25.08
N ARG A 83 22.22 -24.91 -25.89
CA ARG A 83 22.29 -23.54 -25.38
C ARG A 83 21.02 -23.12 -24.63
N ALA A 84 21.21 -22.62 -23.41
CA ALA A 84 20.11 -22.17 -22.55
C ALA A 84 19.28 -21.08 -23.24
N ALA A 85 19.96 -20.06 -23.76
CA ALA A 85 19.29 -18.99 -24.48
C ALA A 85 18.96 -19.56 -25.86
N LYS A 86 17.69 -19.50 -26.26
CA LYS A 86 17.27 -20.06 -27.56
C LYS A 86 18.12 -19.50 -28.70
N THR A 87 18.90 -20.40 -29.32
CA THR A 87 19.82 -20.03 -30.38
C THR A 87 19.64 -20.79 -31.69
N LEU A 88 19.87 -20.08 -32.80
CA LEU A 88 19.79 -20.67 -34.14
C LEU A 88 21.21 -20.72 -34.69
N ASN A 89 21.67 -21.92 -35.03
CA ASN A 89 23.01 -22.09 -35.59
C ASN A 89 22.93 -22.12 -37.12
N ILE A 90 23.85 -21.43 -37.78
CA ILE A 90 23.90 -21.40 -39.24
C ILE A 90 25.36 -21.39 -39.66
N ASN A 91 25.68 -22.16 -40.70
CA ASN A 91 27.04 -22.21 -41.22
C ASN A 91 27.18 -21.18 -42.33
N PHE A 92 28.37 -20.63 -42.48
CA PHE A 92 28.65 -19.60 -43.46
C PHE A 92 29.82 -19.94 -44.37
N PHE A 93 29.88 -19.22 -45.48
CA PHE A 93 30.97 -19.35 -46.45
C PHE A 93 31.79 -18.08 -46.29
N VAL A 94 33.11 -18.20 -46.36
CA VAL A 94 33.99 -17.04 -46.21
C VAL A 94 34.28 -16.44 -47.59
N HIS A 95 33.98 -15.16 -47.74
CA HIS A 95 34.22 -14.45 -49.00
C HIS A 95 35.18 -13.28 -48.79
N ASP A 96 35.72 -12.78 -49.89
CA ASP A 96 36.61 -11.63 -49.86
C ASP A 96 35.64 -10.44 -49.84
N PRO A 97 35.81 -9.51 -48.88
CA PRO A 97 34.94 -8.33 -48.74
C PRO A 97 34.73 -7.57 -50.06
N PHE A 98 35.85 -7.20 -50.67
CA PHE A 98 35.89 -6.43 -51.90
C PHE A 98 35.27 -7.13 -53.12
N THR A 99 35.91 -8.21 -53.57
CA THR A 99 35.45 -8.94 -54.74
C THR A 99 34.26 -9.89 -54.55
N LEU A 100 33.91 -10.17 -53.29
CA LEU A 100 32.81 -11.09 -52.96
C LEU A 100 33.19 -12.48 -53.48
N GLU A 101 34.49 -12.67 -53.71
CA GLU A 101 35.05 -13.91 -54.21
C GLU A 101 35.24 -14.91 -53.08
N PRO A 102 34.74 -16.15 -53.26
CA PRO A 102 34.87 -17.19 -52.24
C PRO A 102 36.33 -17.40 -51.86
N TYR A 103 36.61 -17.32 -50.55
CA TYR A 103 37.96 -17.50 -50.04
C TYR A 103 38.42 -18.93 -50.35
N SER A 104 39.56 -19.06 -51.01
CA SER A 104 40.10 -20.35 -51.41
C SER A 104 40.54 -21.30 -50.30
N ARG A 105 40.66 -20.81 -49.07
CA ARG A 105 41.09 -21.67 -47.98
C ARG A 105 39.95 -22.03 -47.00
N ASP A 106 38.73 -21.66 -47.35
CA ASP A 106 37.55 -21.97 -46.54
C ASP A 106 37.10 -23.36 -46.99
N PRO A 107 37.17 -24.35 -46.08
CA PRO A 107 36.76 -25.72 -46.39
C PRO A 107 35.38 -25.85 -47.00
N ARG A 108 34.43 -25.03 -46.57
CA ARG A 108 33.08 -25.11 -47.12
C ARG A 108 33.02 -24.64 -48.58
N ASN A 109 33.94 -23.75 -48.97
CA ASN A 109 34.00 -23.27 -50.34
C ASN A 109 34.57 -24.37 -51.24
N ILE A 110 35.53 -25.12 -50.70
CA ILE A 110 36.15 -26.22 -51.44
C ILE A 110 35.10 -27.26 -51.79
N ALA A 111 34.25 -27.59 -50.83
CA ALA A 111 33.19 -28.57 -51.04
C ALA A 111 32.19 -28.08 -52.08
N ARG A 112 31.88 -26.78 -52.03
CA ARG A 112 30.96 -26.19 -53.00
C ARG A 112 31.58 -26.20 -54.39
N LYS A 113 32.87 -25.86 -54.47
CA LYS A 113 33.60 -25.85 -55.74
C LYS A 113 33.63 -27.27 -56.31
N ALA A 114 33.75 -28.27 -55.45
CA ALA A 114 33.80 -29.67 -55.86
C ALA A 114 32.48 -30.09 -56.50
N GLU A 115 31.37 -29.63 -55.94
CA GLU A 115 30.05 -29.94 -56.48
C GLU A 115 29.83 -29.26 -57.82
N ASN A 116 30.30 -28.02 -57.95
CA ASN A 116 30.15 -27.26 -59.18
C ASN A 116 31.03 -27.85 -60.28
N TYR A 117 32.20 -28.33 -59.92
CA TYR A 117 33.11 -28.95 -60.87
C TYR A 117 32.50 -30.24 -61.42
N LEU A 118 31.84 -31.01 -60.56
CA LEU A 118 31.20 -32.26 -60.95
C LEU A 118 30.22 -31.98 -62.07
N ILE A 119 29.41 -30.94 -61.88
CA ILE A 119 28.41 -30.53 -62.85
C ILE A 119 29.06 -30.09 -64.17
N SER A 120 30.17 -29.36 -64.07
CA SER A 120 30.89 -28.86 -65.23
C SER A 120 31.51 -29.96 -66.09
N THR A 121 31.83 -31.11 -65.49
CA THR A 121 32.43 -32.21 -66.24
C THR A 121 31.39 -32.97 -67.05
N GLY A 122 30.12 -32.77 -66.71
CA GLY A 122 29.04 -33.46 -67.40
C GLY A 122 28.88 -34.91 -66.97
N ILE A 123 29.84 -35.40 -66.19
CA ILE A 123 29.82 -36.79 -65.69
C ILE A 123 28.56 -37.07 -64.86
N ALA A 124 28.20 -36.13 -64.00
CA ALA A 124 27.01 -36.24 -63.15
C ALA A 124 26.68 -34.87 -62.60
N ASP A 125 25.54 -34.74 -61.93
CA ASP A 125 25.17 -33.47 -61.34
C ASP A 125 25.06 -33.50 -59.80
N THR A 126 25.20 -34.70 -59.23
CA THR A 126 25.10 -34.88 -57.78
C THR A 126 25.97 -36.00 -57.25
N ALA A 127 26.71 -35.73 -56.18
CA ALA A 127 27.56 -36.72 -55.53
C ALA A 127 27.02 -36.93 -54.12
N TYR A 128 26.44 -38.10 -53.86
CA TYR A 128 25.88 -38.40 -52.55
C TYR A 128 26.89 -39.07 -51.62
N PHE A 129 26.99 -38.55 -50.41
CA PHE A 129 27.90 -39.08 -49.41
C PHE A 129 27.18 -39.53 -48.15
N GLY A 130 27.45 -40.76 -47.74
CA GLY A 130 26.88 -41.31 -46.53
C GLY A 130 28.05 -41.66 -45.65
N ALA A 131 28.16 -41.03 -44.49
CA ALA A 131 29.28 -41.27 -43.60
C ALA A 131 28.88 -41.81 -42.25
N GLU A 132 29.65 -42.78 -41.78
CA GLU A 132 29.37 -43.41 -40.50
C GLU A 132 30.57 -43.32 -39.58
N ALA A 133 30.45 -42.38 -38.65
CA ALA A 133 31.51 -42.10 -37.72
C ALA A 133 31.28 -42.71 -36.35
N GLU A 134 32.23 -43.55 -35.95
CA GLU A 134 32.23 -44.20 -34.66
C GLU A 134 32.89 -43.25 -33.68
N PHE A 135 32.55 -43.38 -32.40
CA PHE A 135 33.14 -42.56 -31.36
C PHE A 135 33.16 -43.31 -30.03
N TYR A 136 33.94 -42.80 -29.09
CA TYR A 136 34.03 -43.39 -27.76
C TYR A 136 33.48 -42.45 -26.71
N ILE A 137 32.80 -43.01 -25.73
CA ILE A 137 32.22 -42.26 -24.62
C ILE A 137 33.06 -42.57 -23.38
N PHE A 138 33.70 -41.55 -22.83
CA PHE A 138 34.53 -41.72 -21.64
C PHE A 138 33.99 -40.90 -20.47
N ASP A 139 34.54 -41.12 -19.30
CA ASP A 139 34.15 -40.39 -18.10
C ASP A 139 35.19 -39.32 -17.82
N SER A 140 36.42 -39.58 -18.23
CA SER A 140 37.50 -38.64 -18.01
C SER A 140 38.67 -38.81 -18.97
N VAL A 141 39.46 -37.76 -19.08
CA VAL A 141 40.65 -37.74 -19.92
C VAL A 141 41.62 -36.70 -19.36
N SER A 142 42.88 -37.10 -19.19
CA SER A 142 43.90 -36.18 -18.71
C SER A 142 45.21 -36.56 -19.40
N PHE A 143 46.10 -35.59 -19.55
CA PHE A 143 47.38 -35.81 -20.22
C PHE A 143 48.26 -34.57 -20.09
N ASP A 144 49.55 -34.76 -20.32
CA ASP A 144 50.50 -33.66 -20.32
C ASP A 144 51.82 -34.07 -20.93
N SER A 145 52.65 -33.09 -21.24
CA SER A 145 53.95 -33.31 -21.82
C SER A 145 54.90 -32.36 -21.15
N ARG A 146 55.85 -32.91 -20.40
CA ARG A 146 56.83 -32.11 -19.67
C ARG A 146 58.24 -32.52 -20.06
N ALA A 147 59.21 -31.82 -19.51
CA ALA A 147 60.62 -32.11 -19.81
C ALA A 147 61.06 -33.49 -19.35
N ASN A 148 60.62 -33.88 -18.16
CA ASN A 148 61.03 -35.15 -17.57
C ASN A 148 59.96 -36.24 -17.56
N GLY A 149 58.83 -36.00 -18.21
CA GLY A 149 57.80 -37.01 -18.22
C GLY A 149 56.62 -36.61 -19.06
N SER A 150 55.76 -37.58 -19.32
CA SER A 150 54.57 -37.37 -20.13
C SER A 150 53.61 -38.51 -19.85
N PHE A 151 52.32 -38.25 -20.01
CA PHE A 151 51.31 -39.28 -19.78
C PHE A 151 49.99 -38.91 -20.43
N TYR A 152 49.10 -39.91 -20.49
CA TYR A 152 47.75 -39.72 -20.95
C TYR A 152 46.95 -40.80 -20.24
N GLU A 153 45.68 -40.54 -20.05
CA GLU A 153 44.82 -41.48 -19.39
C GLU A 153 43.37 -41.18 -19.69
N VAL A 154 42.70 -42.12 -20.34
CA VAL A 154 41.27 -42.00 -20.61
C VAL A 154 40.63 -43.04 -19.70
N ASP A 155 39.43 -42.76 -19.21
CA ASP A 155 38.81 -43.72 -18.33
C ASP A 155 37.31 -43.68 -18.43
N ALA A 156 36.70 -44.82 -18.08
CA ALA A 156 35.27 -45.00 -18.10
C ALA A 156 34.96 -45.96 -16.98
N ILE A 157 33.95 -45.63 -16.19
CA ILE A 157 33.51 -46.45 -15.06
C ILE A 157 33.35 -47.91 -15.47
N SER A 158 32.70 -48.13 -16.61
CA SER A 158 32.45 -49.47 -17.13
C SER A 158 33.53 -50.02 -18.06
N GLY A 159 34.71 -49.41 -18.06
CA GLY A 159 35.78 -49.90 -18.91
C GLY A 159 36.25 -51.28 -18.50
N TRP A 160 36.46 -52.15 -19.47
CA TRP A 160 36.87 -53.53 -19.20
C TRP A 160 38.19 -53.70 -18.45
N TRP A 161 38.98 -52.62 -18.37
CA TRP A 161 40.25 -52.64 -17.67
C TRP A 161 40.05 -52.34 -16.18
N ASN A 162 38.80 -52.10 -15.79
CA ASN A 162 38.45 -51.77 -14.40
C ASN A 162 37.70 -52.87 -13.63
N THR A 163 37.76 -54.12 -14.10
CA THR A 163 37.07 -55.21 -13.42
C THR A 163 37.54 -55.40 -11.98
N GLY A 164 38.81 -55.08 -11.73
CA GLY A 164 39.37 -55.24 -10.39
C GLY A 164 39.21 -54.09 -9.43
N ALA A 165 38.56 -53.01 -9.85
CA ALA A 165 38.37 -51.85 -8.98
C ALA A 165 37.61 -52.21 -7.71
N ALA A 166 38.21 -51.90 -6.57
CA ALA A 166 37.62 -52.19 -5.26
C ALA A 166 36.30 -51.42 -5.10
N THR A 167 36.29 -50.17 -5.55
CA THR A 167 35.11 -49.31 -5.52
C THR A 167 35.23 -48.39 -6.73
N GLU A 168 34.12 -47.78 -7.12
CA GLU A 168 34.12 -46.87 -8.26
C GLU A 168 34.81 -45.56 -7.91
N ALA A 169 34.99 -44.71 -8.92
CA ALA A 169 35.63 -43.41 -8.74
C ALA A 169 34.94 -42.62 -7.64
N ASP A 170 33.61 -42.62 -7.66
CA ASP A 170 32.80 -41.90 -6.68
C ASP A 170 32.59 -42.62 -5.35
N GLY A 171 33.39 -43.64 -5.08
CA GLY A 171 33.27 -44.38 -3.83
C GLY A 171 32.21 -45.47 -3.79
N SER A 172 31.29 -45.47 -4.76
CA SER A 172 30.22 -46.47 -4.83
C SER A 172 30.80 -47.85 -5.17
N PRO A 173 30.04 -48.92 -4.88
CA PRO A 173 30.55 -50.26 -5.18
C PRO A 173 30.66 -50.64 -6.65
N ASN A 174 31.62 -51.50 -6.95
CA ASN A 174 31.85 -52.02 -8.29
C ASN A 174 30.77 -53.08 -8.51
N ARG A 175 29.89 -52.82 -9.48
CA ARG A 175 28.80 -53.75 -9.76
C ARG A 175 29.04 -54.69 -10.94
N GLY A 176 30.23 -54.65 -11.49
CA GLY A 176 30.57 -55.52 -12.61
C GLY A 176 29.97 -55.17 -13.95
N TYR A 177 29.83 -56.20 -14.79
CA TYR A 177 29.30 -56.04 -16.15
C TYR A 177 30.20 -55.15 -17.01
N LYS A 178 31.50 -55.16 -16.71
CA LYS A 178 32.50 -54.38 -17.43
C LYS A 178 33.21 -55.24 -18.48
N VAL A 179 33.38 -56.53 -18.19
CA VAL A 179 34.06 -57.47 -19.08
C VAL A 179 33.51 -57.53 -20.48
N ARG A 180 34.44 -57.63 -21.42
CA ARG A 180 34.17 -57.69 -22.84
C ARG A 180 34.27 -59.16 -23.24
N HIS A 181 33.13 -59.82 -23.35
CA HIS A 181 33.06 -61.25 -23.69
C HIS A 181 33.23 -61.64 -25.14
N LYS A 182 33.68 -62.88 -25.34
CA LYS A 182 33.87 -63.46 -26.65
C LYS A 182 32.49 -63.92 -27.13
N GLY A 183 32.25 -63.84 -28.44
CA GLY A 183 30.96 -64.27 -28.97
C GLY A 183 30.11 -63.17 -29.60
N GLY A 184 30.02 -62.03 -28.92
CA GLY A 184 29.23 -60.94 -29.45
C GLY A 184 29.61 -59.65 -28.75
N TYR A 185 29.81 -58.59 -29.53
CA TYR A 185 30.20 -57.32 -28.94
C TYR A 185 29.12 -56.23 -28.88
N PHE A 186 27.85 -56.64 -29.02
CA PHE A 186 26.71 -55.72 -28.92
C PHE A 186 25.71 -56.26 -27.89
N PRO A 187 26.19 -56.70 -26.71
CA PRO A 187 25.26 -57.24 -25.71
C PRO A 187 24.25 -56.24 -25.18
N VAL A 188 23.10 -56.75 -24.74
CA VAL A 188 22.05 -55.93 -24.18
C VAL A 188 22.43 -55.53 -22.74
N ALA A 189 21.66 -54.63 -22.14
CA ALA A 189 21.92 -54.20 -20.78
C ALA A 189 21.76 -55.40 -19.84
N PRO A 190 22.43 -55.38 -18.67
CA PRO A 190 23.32 -54.33 -18.19
C PRO A 190 24.76 -54.30 -18.71
N ASN A 191 25.12 -55.20 -19.62
CA ASN A 191 26.47 -55.19 -20.20
C ASN A 191 26.62 -53.89 -20.99
N ASP A 192 25.53 -53.48 -21.63
CA ASP A 192 25.48 -52.24 -22.39
C ASP A 192 25.12 -51.19 -21.35
N GLN A 193 26.10 -50.37 -20.98
CA GLN A 193 25.90 -49.34 -19.98
C GLN A 193 25.64 -47.94 -20.49
N TYR A 194 25.41 -47.80 -21.79
CA TYR A 194 25.17 -46.48 -22.36
C TYR A 194 23.88 -46.36 -23.14
N VAL A 195 22.95 -47.27 -22.88
CA VAL A 195 21.67 -47.27 -23.58
C VAL A 195 20.92 -45.94 -23.56
N ASP A 196 20.69 -45.40 -22.37
CA ASP A 196 19.96 -44.13 -22.25
C ASP A 196 20.68 -42.93 -22.87
N LEU A 197 22.00 -42.90 -22.75
CA LEU A 197 22.80 -41.81 -23.31
C LEU A 197 22.70 -41.82 -24.84
N ARG A 198 22.92 -43.00 -25.43
CA ARG A 198 22.84 -43.12 -26.89
C ARG A 198 21.46 -42.75 -27.40
N ASP A 199 20.43 -43.09 -26.64
CA ASP A 199 19.06 -42.75 -27.02
C ASP A 199 18.89 -41.24 -27.02
N LYS A 200 19.52 -40.57 -26.05
CA LYS A 200 19.44 -39.11 -25.96
C LYS A 200 20.13 -38.51 -27.17
N MET A 201 21.26 -39.10 -27.57
CA MET A 201 22.01 -38.64 -28.73
C MET A 201 21.14 -38.80 -29.98
N LEU A 202 20.54 -39.97 -30.12
CA LEU A 202 19.67 -40.28 -31.26
C LEU A 202 18.46 -39.34 -31.31
N THR A 203 17.85 -39.10 -30.15
CA THR A 203 16.70 -38.22 -30.04
C THR A 203 17.09 -36.81 -30.48
N ASN A 204 18.26 -36.35 -30.05
CA ASN A 204 18.76 -35.02 -30.41
C ASN A 204 19.05 -34.92 -31.90
N LEU A 205 19.59 -35.98 -32.50
CA LEU A 205 19.88 -35.99 -33.92
C LEU A 205 18.59 -35.90 -34.72
N ILE A 206 17.60 -36.70 -34.33
CA ILE A 206 16.30 -36.70 -35.00
C ILE A 206 15.61 -35.34 -34.88
N ASN A 207 15.70 -34.72 -33.71
CA ASN A 207 15.10 -33.40 -33.50
C ASN A 207 15.87 -32.32 -34.26
N SER A 208 17.08 -32.65 -34.68
CA SER A 208 17.93 -31.72 -35.42
C SER A 208 17.91 -31.97 -36.93
N GLY A 209 16.88 -32.67 -37.40
CA GLY A 209 16.75 -32.92 -38.83
C GLY A 209 17.40 -34.12 -39.47
N PHE A 210 18.06 -34.97 -38.69
CA PHE A 210 18.69 -36.15 -39.26
C PHE A 210 17.62 -37.17 -39.62
N ILE A 211 17.78 -37.79 -40.78
CA ILE A 211 16.82 -38.79 -41.26
C ILE A 211 17.33 -40.20 -41.03
N LEU A 212 16.56 -40.98 -40.28
CA LEU A 212 16.89 -42.35 -39.95
C LEU A 212 15.79 -43.22 -40.58
N GLU A 213 16.14 -44.08 -41.53
CA GLU A 213 15.16 -44.96 -42.14
C GLU A 213 15.63 -46.40 -42.14
N LYS A 214 15.63 -46.96 -43.34
CA LYS A 214 16.02 -48.33 -43.72
C LYS A 214 17.12 -48.93 -42.84
N GLY A 215 18.38 -48.85 -43.29
CA GLY A 215 19.46 -49.46 -42.54
C GLY A 215 20.21 -48.48 -41.68
N HIS A 216 19.47 -47.57 -41.02
CA HIS A 216 20.07 -46.58 -40.13
C HIS A 216 19.83 -47.07 -38.71
N HIS A 217 20.93 -47.38 -38.04
CA HIS A 217 20.90 -47.92 -36.69
C HIS A 217 21.63 -47.09 -35.65
N GLU A 218 21.30 -47.42 -34.42
CA GLU A 218 22.00 -46.87 -33.28
C GLU A 218 22.67 -48.11 -32.66
N VAL A 219 23.99 -48.13 -32.58
CA VAL A 219 24.66 -49.31 -32.06
C VAL A 219 25.76 -48.95 -31.06
N GLY A 220 26.00 -49.85 -30.11
CA GLY A 220 27.02 -49.62 -29.11
C GLY A 220 27.76 -50.88 -28.70
N SER A 221 29.05 -50.73 -28.43
CA SER A 221 29.91 -51.83 -28.02
C SER A 221 30.83 -51.27 -26.97
N GLY A 222 30.58 -51.61 -25.72
CA GLY A 222 31.38 -51.07 -24.63
C GLY A 222 31.14 -49.57 -24.61
N GLY A 223 32.22 -48.80 -24.62
CA GLY A 223 32.09 -47.35 -24.64
C GLY A 223 32.01 -46.79 -26.05
N GLN A 224 32.22 -47.65 -27.05
CA GLN A 224 32.15 -47.21 -28.44
C GLN A 224 30.71 -47.21 -28.96
N ALA A 225 30.42 -46.28 -29.86
CA ALA A 225 29.09 -46.17 -30.42
C ALA A 225 29.09 -45.58 -31.81
N GLU A 226 27.94 -45.68 -32.47
CA GLU A 226 27.76 -45.15 -33.81
C GLU A 226 26.28 -45.05 -34.10
N ILE A 227 25.88 -43.93 -34.67
CA ILE A 227 24.49 -43.72 -35.07
C ILE A 227 24.58 -43.22 -36.50
N ASN A 228 24.17 -44.07 -37.45
CA ASN A 228 24.22 -43.68 -38.84
C ASN A 228 22.89 -43.09 -39.29
N TYR A 229 22.96 -42.23 -40.30
CA TYR A 229 21.79 -41.53 -40.81
C TYR A 229 21.86 -41.45 -42.33
N GLN A 230 20.79 -40.92 -42.93
CA GLN A 230 20.70 -40.79 -44.36
C GLN A 230 21.73 -39.86 -44.98
N PHE A 231 22.25 -40.29 -46.13
CA PHE A 231 23.24 -39.56 -46.91
C PHE A 231 22.72 -38.20 -47.36
N ASN A 232 23.59 -37.44 -48.01
CA ASN A 232 23.22 -36.11 -48.50
C ASN A 232 24.23 -35.75 -49.59
N SER A 233 23.96 -34.67 -50.32
CA SER A 233 24.88 -34.22 -51.36
C SER A 233 26.17 -33.79 -50.65
N LEU A 234 27.31 -33.98 -51.31
CA LEU A 234 28.63 -33.68 -50.76
C LEU A 234 28.76 -32.60 -49.69
N LEU A 235 28.55 -31.34 -50.04
CA LEU A 235 28.67 -30.23 -49.09
C LEU A 235 27.81 -30.41 -47.84
N HIS A 236 26.52 -30.63 -48.04
CA HIS A 236 25.60 -30.80 -46.93
C HIS A 236 25.83 -32.05 -46.10
N ALA A 237 26.48 -33.05 -46.70
CA ALA A 237 26.81 -34.28 -45.98
C ALA A 237 27.92 -33.93 -45.00
N ALA A 238 28.84 -33.08 -45.46
CA ALA A 238 29.96 -32.62 -44.63
C ALA A 238 29.44 -31.74 -43.49
N ASP A 239 28.41 -30.94 -43.78
CA ASP A 239 27.80 -30.07 -42.77
C ASP A 239 27.12 -30.97 -41.73
N ASP A 240 26.49 -32.04 -42.22
CA ASP A 240 25.79 -33.01 -41.37
C ASP A 240 26.76 -33.71 -40.42
N MET A 241 27.96 -34.00 -40.91
CA MET A 241 28.99 -34.66 -40.11
C MET A 241 29.43 -33.76 -38.96
N GLN A 242 29.63 -32.48 -39.26
CA GLN A 242 30.03 -31.50 -38.24
C GLN A 242 28.92 -31.37 -37.19
N LEU A 243 27.66 -31.37 -37.66
CA LEU A 243 26.49 -31.26 -36.78
C LEU A 243 26.40 -32.50 -35.89
N TYR A 244 26.60 -33.67 -36.50
CA TYR A 244 26.57 -34.95 -35.81
C TYR A 244 27.59 -34.94 -34.67
N LYS A 245 28.84 -34.59 -34.97
CA LYS A 245 29.88 -34.53 -33.95
C LYS A 245 29.52 -33.55 -32.83
N TYR A 246 28.95 -32.41 -33.23
CA TYR A 246 28.54 -31.39 -32.27
C TYR A 246 27.47 -31.94 -31.32
N ILE A 247 26.47 -32.60 -31.89
CA ILE A 247 25.38 -33.17 -31.12
C ILE A 247 25.82 -34.33 -30.23
N ILE A 248 26.69 -35.18 -30.75
CA ILE A 248 27.21 -36.31 -29.98
C ILE A 248 28.05 -35.82 -28.80
N LYS A 249 28.99 -34.92 -29.09
CA LYS A 249 29.88 -34.39 -28.07
C LYS A 249 29.18 -33.63 -26.94
N ASN A 250 28.19 -32.83 -27.29
CA ASN A 250 27.47 -32.04 -26.29
C ASN A 250 26.37 -32.76 -25.55
N THR A 251 25.82 -33.81 -26.14
CA THR A 251 24.80 -34.61 -25.46
C THR A 251 25.54 -35.33 -24.34
N ALA A 252 26.74 -35.83 -24.66
CA ALA A 252 27.57 -36.52 -23.69
C ALA A 252 27.98 -35.53 -22.59
N TRP A 253 28.43 -34.34 -23.01
CA TRP A 253 28.87 -33.31 -22.09
C TRP A 253 27.80 -32.91 -21.08
N GLN A 254 26.56 -32.76 -21.55
CA GLN A 254 25.46 -32.39 -20.68
C GLN A 254 25.04 -33.53 -19.76
N ASN A 255 25.54 -34.72 -20.03
CA ASN A 255 25.20 -35.89 -19.22
C ASN A 255 26.39 -36.46 -18.47
N GLY A 256 27.33 -35.58 -18.12
CA GLY A 256 28.50 -35.97 -17.36
C GLY A 256 29.56 -36.83 -18.03
N LYS A 257 29.58 -36.86 -19.35
CA LYS A 257 30.57 -37.67 -20.06
C LYS A 257 31.41 -36.78 -20.97
N THR A 258 32.38 -37.41 -21.64
CA THR A 258 33.25 -36.74 -22.58
C THR A 258 33.51 -37.70 -23.75
N VAL A 259 33.20 -37.23 -24.95
CA VAL A 259 33.35 -38.03 -26.17
C VAL A 259 34.58 -37.69 -27.00
N THR A 260 35.14 -38.70 -27.67
CA THR A 260 36.26 -38.48 -28.56
C THR A 260 36.06 -39.22 -29.87
N PHE A 261 36.32 -38.53 -30.98
CA PHE A 261 36.23 -39.09 -32.30
C PHE A 261 37.63 -39.44 -32.81
N MET A 262 38.63 -39.38 -31.93
CA MET A 262 39.98 -39.71 -32.36
C MET A 262 40.03 -41.18 -32.81
N PRO A 263 40.79 -41.46 -33.87
CA PRO A 263 40.95 -42.79 -34.46
C PRO A 263 41.30 -43.96 -33.53
N LYS A 264 42.24 -43.75 -32.62
CA LYS A 264 42.66 -44.81 -31.73
C LYS A 264 42.93 -44.33 -30.31
N PRO A 265 41.87 -44.17 -29.50
CA PRO A 265 42.05 -43.70 -28.12
C PRO A 265 42.48 -44.84 -27.19
N LEU A 266 42.13 -46.07 -27.57
CA LEU A 266 42.44 -47.24 -26.76
C LEU A 266 43.37 -48.23 -27.46
N PHE A 267 44.44 -48.60 -26.77
CA PHE A 267 45.40 -49.57 -27.27
C PHE A 267 44.88 -50.94 -26.88
N GLY A 268 44.55 -51.76 -27.86
CA GLY A 268 44.02 -53.08 -27.55
C GLY A 268 42.51 -53.13 -27.65
N ASP A 269 41.94 -52.14 -28.32
CA ASP A 269 40.51 -52.07 -28.54
C ASP A 269 40.30 -51.45 -29.92
N ASN A 270 39.12 -51.66 -30.47
CA ASN A 270 38.76 -51.17 -31.79
C ASN A 270 38.97 -49.67 -31.99
N GLY A 271 39.47 -49.32 -33.17
CA GLY A 271 39.67 -47.91 -33.50
C GLY A 271 38.35 -47.34 -33.97
N SER A 272 38.31 -46.02 -34.21
CA SER A 272 37.08 -45.39 -34.69
C SER A 272 37.27 -44.88 -36.10
N GLY A 273 36.47 -45.38 -37.03
CA GLY A 273 36.58 -44.96 -38.42
C GLY A 273 35.35 -44.27 -38.94
N MET A 274 35.46 -43.79 -40.17
CA MET A 274 34.36 -43.10 -40.85
C MET A 274 34.21 -43.70 -42.25
N HIS A 275 33.35 -44.71 -42.35
CA HIS A 275 33.09 -45.38 -43.62
C HIS A 275 32.27 -44.45 -44.49
N CYS A 276 32.79 -44.12 -45.66
CA CYS A 276 32.11 -43.21 -46.56
C CYS A 276 31.54 -43.85 -47.82
N HIS A 277 30.22 -43.90 -47.87
CA HIS A 277 29.50 -44.44 -49.01
C HIS A 277 29.32 -43.30 -50.00
N GLN A 278 29.65 -43.57 -51.26
CA GLN A 278 29.57 -42.57 -52.32
C GLN A 278 28.90 -43.13 -53.56
N SER A 279 28.29 -42.22 -54.31
CA SER A 279 27.62 -42.59 -55.54
C SER A 279 27.29 -41.32 -56.35
N LEU A 280 27.37 -41.45 -57.68
CA LEU A 280 27.06 -40.33 -58.57
C LEU A 280 25.70 -40.50 -59.21
N TRP A 281 24.99 -39.38 -59.35
CA TRP A 281 23.66 -39.36 -59.95
C TRP A 281 23.58 -38.24 -60.98
N LYS A 282 22.65 -38.39 -61.93
CA LYS A 282 22.46 -37.39 -62.98
C LYS A 282 21.00 -37.41 -63.40
N ASP A 283 20.39 -36.23 -63.42
CA ASP A 283 19.00 -36.06 -63.80
C ASP A 283 18.06 -36.94 -62.99
N GLY A 284 18.36 -37.08 -61.70
CA GLY A 284 17.54 -37.89 -60.81
C GLY A 284 17.69 -39.39 -60.93
N ALA A 285 18.69 -39.84 -61.69
CA ALA A 285 18.92 -41.26 -61.89
C ALA A 285 20.32 -41.69 -61.49
N PRO A 286 20.46 -42.91 -60.96
CA PRO A 286 21.74 -43.48 -60.53
C PRO A 286 22.67 -43.82 -61.69
N LEU A 287 23.97 -43.68 -61.46
CA LEU A 287 24.99 -43.95 -62.48
C LEU A 287 25.96 -45.04 -62.05
N MET A 288 25.75 -45.60 -60.87
CA MET A 288 26.65 -46.64 -60.34
C MET A 288 26.29 -48.08 -60.67
N TYR A 289 25.04 -48.33 -61.05
CA TYR A 289 24.57 -49.69 -61.33
C TYR A 289 24.71 -50.21 -62.77
N ASP A 290 24.86 -51.53 -62.87
CA ASP A 290 24.99 -52.26 -64.12
C ASP A 290 24.97 -53.76 -63.81
N GLU A 291 23.87 -54.43 -64.14
CA GLU A 291 23.72 -55.87 -63.89
C GLU A 291 24.86 -56.73 -64.40
N THR A 292 25.40 -56.35 -65.55
CA THR A 292 26.48 -57.09 -66.20
C THR A 292 27.85 -56.96 -65.54
N GLY A 293 28.08 -55.87 -64.82
CA GLY A 293 29.37 -55.67 -64.17
C GLY A 293 29.54 -56.39 -62.84
N TYR A 294 30.80 -56.56 -62.43
CA TYR A 294 31.12 -57.21 -61.16
C TYR A 294 30.50 -56.42 -60.01
N ALA A 295 29.80 -57.10 -59.12
CA ALA A 295 29.16 -56.49 -57.97
C ALA A 295 28.08 -55.47 -58.38
N GLY A 296 27.60 -55.60 -59.61
CA GLY A 296 26.58 -54.70 -60.12
C GLY A 296 27.08 -53.29 -60.38
N LEU A 297 28.38 -53.16 -60.63
CA LEU A 297 29.00 -51.87 -60.86
C LEU A 297 29.12 -51.45 -62.32
N SER A 298 28.80 -50.19 -62.58
CA SER A 298 28.89 -49.63 -63.92
C SER A 298 30.34 -49.30 -64.24
N ASP A 299 30.60 -48.87 -65.47
CA ASP A 299 31.94 -48.50 -65.89
C ASP A 299 32.38 -47.26 -65.10
N THR A 300 31.42 -46.36 -64.89
CA THR A 300 31.64 -45.13 -64.14
C THR A 300 32.06 -45.43 -62.71
N ALA A 301 31.33 -46.33 -62.06
CA ALA A 301 31.63 -46.74 -60.69
C ALA A 301 33.00 -47.41 -60.56
N ARG A 302 33.32 -48.30 -61.50
CA ARG A 302 34.59 -49.01 -61.48
C ARG A 302 35.78 -48.05 -61.67
N HIS A 303 35.60 -47.07 -62.54
CA HIS A 303 36.65 -46.07 -62.80
C HIS A 303 36.85 -45.18 -61.58
N TYR A 304 35.74 -44.91 -60.89
CA TYR A 304 35.74 -44.08 -59.68
C TYR A 304 36.60 -44.83 -58.65
N ILE A 305 36.35 -46.13 -58.50
CA ILE A 305 37.10 -46.98 -57.59
C ILE A 305 38.58 -47.00 -58.00
N GLY A 306 38.83 -46.97 -59.31
CA GLY A 306 40.19 -46.96 -59.80
C GLY A 306 40.90 -45.70 -59.36
N GLY A 307 40.16 -44.60 -59.31
CA GLY A 307 40.72 -43.33 -58.89
C GLY A 307 41.03 -43.34 -57.40
N LEU A 308 40.11 -43.85 -56.60
CA LEU A 308 40.29 -43.95 -55.15
C LEU A 308 41.51 -44.78 -54.81
N LEU A 309 41.62 -45.97 -55.40
CA LEU A 309 42.75 -46.86 -55.14
C LEU A 309 44.08 -46.32 -55.66
N HIS A 310 44.04 -45.68 -56.83
CA HIS A 310 45.25 -45.12 -57.42
C HIS A 310 45.77 -43.94 -56.61
N HIS A 311 44.85 -43.06 -56.19
CA HIS A 311 45.20 -41.87 -55.44
C HIS A 311 45.26 -41.99 -53.93
N ALA A 312 44.89 -43.16 -53.40
CA ALA A 312 44.87 -43.41 -51.96
C ALA A 312 46.09 -42.90 -51.19
N PRO A 313 47.32 -43.16 -51.68
CA PRO A 313 48.51 -42.70 -50.96
C PRO A 313 48.52 -41.20 -50.64
N SER A 314 47.91 -40.39 -51.50
CA SER A 314 47.86 -38.95 -51.26
C SER A 314 46.51 -38.55 -50.69
N LEU A 315 45.46 -39.25 -51.12
CA LEU A 315 44.09 -39.01 -50.67
C LEU A 315 44.00 -39.08 -49.14
N LEU A 316 44.75 -40.02 -48.57
CA LEU A 316 44.76 -40.22 -47.13
C LEU A 316 45.24 -39.01 -46.34
N ALA A 317 45.89 -38.06 -47.01
CA ALA A 317 46.37 -36.85 -46.35
C ALA A 317 45.19 -35.98 -45.90
N PHE A 318 44.03 -36.19 -46.50
CA PHE A 318 42.81 -35.43 -46.17
C PHE A 318 41.78 -36.35 -45.53
N THR A 319 41.90 -37.63 -45.83
CA THR A 319 40.99 -38.65 -45.38
C THR A 319 41.36 -39.28 -44.02
N ASN A 320 42.66 -39.31 -43.71
CA ASN A 320 43.21 -39.82 -42.45
C ASN A 320 44.38 -38.87 -42.18
N PRO A 321 44.07 -37.60 -41.88
CA PRO A 321 44.98 -36.47 -41.67
C PRO A 321 45.74 -36.33 -40.31
N THR A 322 45.66 -37.29 -39.41
CA THR A 322 46.35 -37.15 -38.14
C THR A 322 47.36 -38.25 -37.88
N VAL A 323 48.28 -38.00 -36.94
CA VAL A 323 49.28 -38.99 -36.57
C VAL A 323 48.58 -40.19 -35.93
N ASN A 324 47.51 -39.92 -35.17
CA ASN A 324 46.73 -40.96 -34.50
C ASN A 324 45.99 -41.84 -35.49
N SER A 325 45.70 -41.29 -36.67
CA SER A 325 45.02 -42.03 -37.74
C SER A 325 45.75 -43.33 -38.07
N TYR A 326 47.08 -43.31 -37.99
CA TYR A 326 47.90 -44.47 -38.30
C TYR A 326 48.09 -45.49 -37.20
N LYS A 327 47.37 -45.32 -36.10
CA LYS A 327 47.40 -46.28 -35.00
C LYS A 327 46.20 -47.20 -35.24
N ARG A 328 45.26 -46.70 -36.04
CA ARG A 328 44.07 -47.47 -36.43
C ARG A 328 44.41 -48.20 -37.74
N LEU A 329 45.01 -47.46 -38.67
CA LEU A 329 45.42 -48.00 -39.97
C LEU A 329 46.75 -48.71 -39.79
N VAL A 330 46.68 -49.90 -39.21
CA VAL A 330 47.86 -50.70 -38.91
C VAL A 330 47.39 -52.18 -38.93
N PRO A 331 48.27 -53.14 -39.30
CA PRO A 331 47.90 -54.56 -39.35
C PRO A 331 47.24 -55.07 -38.05
N GLY A 332 45.99 -55.56 -38.17
CA GLY A 332 45.30 -56.04 -36.99
C GLY A 332 43.81 -56.32 -37.14
N TYR A 333 42.99 -55.46 -36.52
CA TYR A 333 41.52 -55.55 -36.52
C TYR A 333 40.86 -55.50 -37.91
N GLU A 334 41.55 -56.04 -38.93
CA GLU A 334 41.07 -56.06 -40.30
C GLU A 334 40.95 -54.61 -40.73
N ALA A 335 42.06 -53.89 -40.59
CA ALA A 335 42.15 -52.48 -40.92
C ALA A 335 42.11 -52.27 -42.42
N PRO A 336 41.27 -51.33 -42.90
CA PRO A 336 41.13 -51.03 -44.33
C PRO A 336 42.42 -50.44 -44.90
N ILE A 337 43.46 -51.26 -44.97
CA ILE A 337 44.77 -50.84 -45.49
C ILE A 337 45.10 -51.49 -46.83
N ASN A 338 44.28 -52.46 -47.24
CA ASN A 338 44.50 -53.17 -48.49
C ASN A 338 43.88 -52.46 -49.69
N LEU A 339 44.75 -51.99 -50.58
CA LEU A 339 44.33 -51.25 -51.77
C LEU A 339 43.64 -52.05 -52.87
N VAL A 340 42.49 -52.62 -52.53
CA VAL A 340 41.69 -53.41 -53.46
C VAL A 340 40.22 -53.21 -53.12
N TYR A 341 39.32 -53.55 -54.05
CA TYR A 341 37.89 -53.46 -53.78
C TYR A 341 37.33 -54.85 -53.57
N SER A 342 36.21 -54.97 -52.89
CA SER A 342 35.64 -56.28 -52.60
C SER A 342 34.20 -56.14 -52.12
N GLN A 343 33.53 -57.28 -51.95
CA GLN A 343 32.16 -57.34 -51.45
C GLN A 343 32.18 -58.05 -50.10
N ARG A 344 33.20 -58.88 -49.91
CA ARG A 344 33.38 -59.66 -48.70
C ARG A 344 34.35 -59.03 -47.69
N ASN A 345 35.61 -58.85 -48.11
CA ASN A 345 36.66 -58.28 -47.26
C ASN A 345 36.41 -56.91 -46.65
N ARG A 346 36.51 -56.85 -45.33
CA ARG A 346 36.33 -55.60 -44.61
C ARG A 346 37.66 -54.89 -44.40
N SER A 347 38.74 -55.58 -44.75
CA SER A 347 40.09 -55.04 -44.66
C SER A 347 40.47 -54.41 -46.01
N ALA A 348 39.49 -54.32 -46.90
CA ALA A 348 39.69 -53.73 -48.22
C ALA A 348 39.33 -52.25 -48.14
N CYS A 349 40.16 -51.41 -48.76
CA CYS A 349 39.94 -49.96 -48.78
C CYS A 349 38.55 -49.62 -49.27
N VAL A 350 38.13 -50.30 -50.34
CA VAL A 350 36.81 -50.07 -50.92
C VAL A 350 36.00 -51.35 -50.85
N ARG A 351 34.78 -51.24 -50.33
CA ARG A 351 33.89 -52.39 -50.25
C ARG A 351 32.58 -52.01 -50.92
N ILE A 352 32.03 -52.95 -51.69
CA ILE A 352 30.77 -52.71 -52.36
C ILE A 352 29.68 -53.43 -51.58
N PRO A 353 28.83 -52.68 -50.87
CA PRO A 353 27.74 -53.24 -50.08
C PRO A 353 26.82 -54.09 -50.95
N ILE A 354 26.43 -55.25 -50.42
CA ILE A 354 25.53 -56.13 -51.15
C ILE A 354 24.13 -55.55 -51.01
N THR A 355 23.65 -54.94 -52.10
CA THR A 355 22.34 -54.30 -52.11
C THR A 355 21.32 -54.90 -53.08
N GLY A 356 21.74 -55.90 -53.84
CA GLY A 356 20.82 -56.54 -54.77
C GLY A 356 20.73 -55.94 -56.16
N SER A 357 19.53 -56.00 -56.73
CA SER A 357 19.27 -55.50 -58.08
C SER A 357 18.79 -54.05 -58.17
N ASN A 358 18.46 -53.43 -57.03
CA ASN A 358 18.01 -52.05 -57.00
C ASN A 358 19.14 -51.10 -57.36
N PRO A 359 19.06 -50.45 -58.54
CA PRO A 359 20.09 -49.52 -59.00
C PRO A 359 20.30 -48.29 -58.12
N LYS A 360 19.24 -47.86 -57.44
CA LYS A 360 19.30 -46.70 -56.56
C LYS A 360 20.07 -46.95 -55.26
N ALA A 361 20.32 -48.21 -54.95
CA ALA A 361 21.04 -48.57 -53.73
C ALA A 361 22.50 -48.90 -53.96
N LYS A 362 22.90 -49.04 -55.23
CA LYS A 362 24.28 -49.36 -55.56
C LYS A 362 25.20 -48.19 -55.26
N ARG A 363 26.26 -48.47 -54.51
CA ARG A 363 27.22 -47.44 -54.12
C ARG A 363 28.51 -48.11 -53.68
N LEU A 364 29.57 -47.33 -53.56
CA LEU A 364 30.85 -47.86 -53.12
C LEU A 364 31.13 -47.29 -51.74
N GLU A 365 31.82 -48.06 -50.91
CA GLU A 365 32.13 -47.63 -49.56
C GLU A 365 33.63 -47.56 -49.32
N PHE A 366 34.14 -46.34 -49.14
CA PHE A 366 35.55 -46.14 -48.85
C PHE A 366 35.64 -46.30 -47.32
N ARG A 367 36.25 -47.40 -46.89
CA ARG A 367 36.37 -47.73 -45.48
C ARG A 367 37.53 -47.13 -44.70
N SER A 368 38.56 -46.72 -45.41
CA SER A 368 39.78 -46.19 -44.80
C SER A 368 39.68 -44.91 -43.95
N PRO A 369 38.84 -43.94 -44.36
CA PRO A 369 38.72 -42.69 -43.59
C PRO A 369 38.37 -42.79 -42.12
N ASP A 370 38.65 -41.71 -41.40
CA ASP A 370 38.32 -41.58 -39.99
C ASP A 370 37.79 -40.17 -39.81
N SER A 371 37.30 -39.82 -38.63
CA SER A 371 36.78 -38.47 -38.42
C SER A 371 37.71 -37.55 -37.64
N SER A 372 39.01 -37.74 -37.83
CA SER A 372 40.00 -36.93 -37.14
C SER A 372 40.35 -35.65 -37.89
N GLY A 373 39.65 -35.38 -38.99
CA GLY A 373 39.96 -34.19 -39.76
C GLY A 373 38.83 -33.27 -40.17
N ASN A 374 38.88 -32.89 -41.44
CA ASN A 374 37.91 -31.97 -42.04
C ASN A 374 37.08 -32.72 -43.07
N PRO A 375 35.77 -32.91 -42.79
CA PRO A 375 34.88 -33.62 -43.72
C PRO A 375 34.68 -32.93 -45.07
N TYR A 376 34.76 -31.60 -45.09
CA TYR A 376 34.59 -30.84 -46.33
C TYR A 376 35.74 -31.17 -47.27
N LEU A 377 36.95 -31.18 -46.74
CA LEU A 377 38.14 -31.50 -47.52
C LEU A 377 38.23 -32.98 -47.86
N ALA A 378 37.86 -33.83 -46.91
CA ALA A 378 37.90 -35.28 -47.11
C ALA A 378 36.95 -35.74 -48.20
N PHE A 379 35.69 -35.32 -48.12
CA PHE A 379 34.69 -35.68 -49.12
C PHE A 379 35.08 -35.14 -50.50
N SER A 380 35.53 -33.89 -50.54
CA SER A 380 35.95 -33.25 -51.78
C SER A 380 37.11 -34.00 -52.42
N ALA A 381 38.10 -34.36 -51.62
CA ALA A 381 39.27 -35.09 -52.09
C ALA A 381 38.87 -36.45 -52.64
N MET A 382 37.90 -37.10 -51.99
CA MET A 382 37.41 -38.40 -52.43
C MET A 382 36.75 -38.27 -53.80
N LEU A 383 35.95 -37.22 -53.98
CA LEU A 383 35.25 -36.98 -55.24
C LEU A 383 36.27 -36.73 -56.34
N MET A 384 37.25 -35.86 -56.08
CA MET A 384 38.28 -35.54 -57.06
C MET A 384 39.08 -36.76 -57.47
N ALA A 385 39.36 -37.64 -56.52
CA ALA A 385 40.10 -38.86 -56.83
C ALA A 385 39.24 -39.75 -57.74
N GLY A 386 37.95 -39.84 -57.42
CA GLY A 386 37.03 -40.63 -58.22
C GLY A 386 36.80 -40.09 -59.61
N LEU A 387 36.68 -38.76 -59.72
CA LEU A 387 36.46 -38.11 -61.01
C LEU A 387 37.68 -38.23 -61.92
N ASP A 388 38.88 -38.20 -61.33
CA ASP A 388 40.11 -38.34 -62.10
C ASP A 388 40.18 -39.76 -62.64
N GLY A 389 39.62 -40.70 -61.88
CA GLY A 389 39.61 -42.08 -62.30
C GLY A 389 38.65 -42.28 -63.46
N ILE A 390 37.55 -41.56 -63.44
CA ILE A 390 36.54 -41.63 -64.50
C ILE A 390 37.05 -40.99 -65.78
N LYS A 391 37.63 -39.79 -65.67
CA LYS A 391 38.16 -39.08 -66.82
C LYS A 391 39.30 -39.83 -67.51
N ASN A 392 40.19 -40.41 -66.73
CA ASN A 392 41.32 -41.16 -67.28
C ASN A 392 41.06 -42.66 -67.36
N LYS A 393 39.78 -43.04 -67.20
CA LYS A 393 39.35 -44.42 -67.26
C LYS A 393 40.28 -45.40 -66.53
N ILE A 394 40.73 -45.01 -65.35
CA ILE A 394 41.64 -45.81 -64.55
C ILE A 394 40.97 -47.12 -64.12
N GLU A 395 41.62 -48.23 -64.46
CA GLU A 395 41.10 -49.55 -64.13
C GLU A 395 41.70 -50.06 -62.83
N PRO A 396 40.85 -50.36 -61.84
CA PRO A 396 41.35 -50.86 -60.55
C PRO A 396 41.79 -52.30 -60.75
N GLN A 397 42.79 -52.74 -59.98
CA GLN A 397 43.24 -54.12 -60.10
C GLN A 397 42.08 -55.04 -59.72
N ALA A 398 42.15 -56.28 -60.17
CA ALA A 398 41.09 -57.26 -59.91
C ALA A 398 40.63 -57.33 -58.46
N PRO A 399 39.31 -57.30 -58.24
CA PRO A 399 38.71 -57.37 -56.90
C PRO A 399 39.06 -58.68 -56.23
N VAL A 400 39.02 -58.69 -54.89
CA VAL A 400 39.36 -59.90 -54.13
C VAL A 400 38.28 -60.23 -53.12
N ASP A 401 37.62 -61.37 -53.29
CA ASP A 401 36.58 -61.80 -52.36
C ASP A 401 37.07 -62.93 -51.44
N LYS A 402 38.24 -63.48 -51.73
CA LYS A 402 38.85 -64.52 -50.90
C LYS A 402 39.26 -63.80 -49.64
N ASP A 403 39.18 -64.46 -48.49
CA ASP A 403 39.58 -63.82 -47.24
C ASP A 403 41.06 -63.42 -47.37
N LEU A 404 41.31 -62.11 -47.34
CA LEU A 404 42.64 -61.55 -47.48
C LEU A 404 43.61 -61.99 -46.38
N TYR A 405 43.06 -62.30 -45.21
CA TYR A 405 43.86 -62.73 -44.06
C TYR A 405 44.62 -64.03 -44.38
N GLU A 406 43.89 -65.08 -44.72
CA GLU A 406 44.51 -66.37 -45.06
C GLU A 406 44.73 -66.45 -46.58
N LEU A 407 45.84 -65.91 -47.04
CA LEU A 407 46.18 -65.90 -48.45
C LEU A 407 47.64 -66.34 -48.58
N PRO A 408 47.96 -67.18 -49.59
CA PRO A 408 49.34 -67.65 -49.78
C PRO A 408 50.31 -66.47 -49.87
N PRO A 409 51.25 -66.37 -48.91
CA PRO A 409 52.28 -65.33 -48.77
C PRO A 409 52.86 -64.71 -50.04
N GLU A 410 52.95 -65.49 -51.12
CA GLU A 410 53.47 -64.98 -52.38
C GLU A 410 52.37 -64.25 -53.18
N GLU A 411 51.14 -64.72 -53.01
CA GLU A 411 49.96 -64.15 -53.67
C GLU A 411 49.47 -62.93 -52.89
N ALA A 412 49.83 -62.86 -51.61
CA ALA A 412 49.45 -61.76 -50.73
C ALA A 412 50.38 -60.56 -50.91
N ALA A 413 51.56 -60.80 -51.49
CA ALA A 413 52.54 -59.74 -51.73
C ALA A 413 52.13 -58.88 -52.92
N SER A 414 51.10 -59.31 -53.64
CA SER A 414 50.60 -58.57 -54.80
C SER A 414 49.49 -57.59 -54.39
N ILE A 415 49.19 -57.52 -53.09
CA ILE A 415 48.17 -56.63 -52.56
C ILE A 415 48.85 -55.39 -51.97
N PRO A 416 48.70 -54.23 -52.63
CA PRO A 416 49.30 -52.97 -52.15
C PRO A 416 48.66 -52.50 -50.86
N GLN A 417 49.47 -51.91 -49.98
CA GLN A 417 48.98 -51.40 -48.71
C GLN A 417 49.00 -49.87 -48.74
N THR A 418 48.21 -49.26 -47.86
CA THR A 418 48.17 -47.80 -47.75
C THR A 418 49.40 -47.40 -46.93
N PRO A 419 49.85 -46.14 -47.06
CA PRO A 419 51.03 -45.75 -46.27
C PRO A 419 50.70 -45.91 -44.78
N THR A 420 51.72 -46.14 -43.96
CA THR A 420 51.53 -46.37 -42.53
C THR A 420 51.89 -45.19 -41.62
N GLN A 421 52.16 -44.03 -42.20
CA GLN A 421 52.56 -42.86 -41.42
C GLN A 421 52.01 -41.59 -42.05
N LEU A 422 51.67 -40.59 -41.23
CA LEU A 422 51.15 -39.33 -41.73
C LEU A 422 52.19 -38.61 -42.58
N SER A 423 53.45 -38.65 -42.15
CA SER A 423 54.53 -38.01 -42.88
C SER A 423 54.62 -38.57 -44.31
N ASP A 424 54.27 -39.85 -44.46
CA ASP A 424 54.28 -40.52 -45.73
C ASP A 424 53.22 -39.97 -46.66
N VAL A 425 51.96 -40.00 -46.22
CA VAL A 425 50.85 -39.51 -47.02
C VAL A 425 50.99 -38.03 -47.34
N ILE A 426 51.61 -37.28 -46.44
CA ILE A 426 51.83 -35.85 -46.66
C ILE A 426 52.88 -35.68 -47.77
N ASP A 427 53.90 -36.54 -47.75
CA ASP A 427 54.94 -36.52 -48.78
C ASP A 427 54.32 -36.87 -50.13
N ARG A 428 53.43 -37.85 -50.13
CA ARG A 428 52.76 -38.31 -51.35
C ARG A 428 51.80 -37.25 -51.90
N LEU A 429 51.16 -36.50 -51.02
CA LEU A 429 50.24 -35.44 -51.43
C LEU A 429 51.04 -34.32 -52.11
N GLU A 430 52.19 -34.01 -51.53
CA GLU A 430 53.08 -32.98 -52.04
C GLU A 430 53.59 -33.34 -53.44
N ALA A 431 53.88 -34.63 -53.63
CA ALA A 431 54.40 -35.14 -54.90
C ALA A 431 53.34 -35.32 -55.99
N ASP A 432 52.12 -35.64 -55.59
CA ASP A 432 51.03 -35.86 -56.54
C ASP A 432 49.70 -35.32 -56.05
N HIS A 433 49.33 -34.12 -56.52
CA HIS A 433 48.06 -33.52 -56.13
C HIS A 433 47.34 -32.82 -57.26
N GLU A 434 47.71 -33.13 -58.50
CA GLU A 434 47.10 -32.50 -59.66
C GLU A 434 45.62 -32.81 -59.80
N TYR A 435 45.21 -34.02 -59.40
CA TYR A 435 43.81 -34.41 -59.49
C TYR A 435 42.94 -33.54 -58.58
N LEU A 436 43.56 -33.01 -57.53
CA LEU A 436 42.88 -32.15 -56.56
C LEU A 436 42.67 -30.75 -57.12
N THR A 437 43.67 -30.25 -57.86
CA THR A 437 43.63 -28.90 -58.44
C THR A 437 42.78 -28.78 -59.71
N GLU A 438 42.28 -29.90 -60.22
CA GLU A 438 41.44 -29.89 -61.41
C GLU A 438 40.22 -28.99 -61.19
N GLY A 439 39.90 -28.19 -62.19
CA GLY A 439 38.76 -27.29 -62.10
C GLY A 439 38.90 -26.25 -61.01
N GLY A 440 40.10 -26.15 -60.43
CA GLY A 440 40.36 -25.18 -59.38
C GLY A 440 39.69 -25.49 -58.03
N VAL A 441 39.24 -26.73 -57.84
CA VAL A 441 38.58 -27.13 -56.59
C VAL A 441 39.53 -26.93 -55.40
N PHE A 442 40.74 -27.46 -55.51
CA PHE A 442 41.76 -27.27 -54.49
C PHE A 442 42.80 -26.40 -55.18
N THR A 443 43.52 -25.58 -54.43
CA THR A 443 44.57 -24.74 -55.01
C THR A 443 45.90 -25.25 -54.46
N ASN A 444 46.98 -25.01 -55.20
CA ASN A 444 48.28 -25.43 -54.71
C ASN A 444 48.59 -24.75 -53.39
N ASP A 445 48.05 -23.54 -53.26
CA ASP A 445 48.19 -22.73 -52.06
C ASP A 445 47.61 -23.46 -50.85
N LEU A 446 46.35 -23.89 -50.95
CA LEU A 446 45.69 -24.62 -49.87
C LEU A 446 46.43 -25.90 -49.53
N ILE A 447 46.82 -26.64 -50.56
CA ILE A 447 47.55 -27.89 -50.40
C ILE A 447 48.89 -27.71 -49.70
N GLU A 448 49.61 -26.65 -50.03
CA GLU A 448 50.91 -26.36 -49.42
C GLU A 448 50.73 -25.96 -47.96
N THR A 449 49.63 -25.24 -47.69
CA THR A 449 49.31 -24.78 -46.34
C THR A 449 49.00 -25.99 -45.45
N TRP A 450 48.23 -26.93 -46.00
CA TRP A 450 47.85 -28.15 -45.30
C TRP A 450 49.09 -28.96 -44.97
N ILE A 451 49.97 -29.10 -45.95
CA ILE A 451 51.23 -29.83 -45.79
C ILE A 451 52.09 -29.21 -44.69
N SER A 452 52.20 -27.89 -44.69
CA SER A 452 52.99 -27.17 -43.69
C SER A 452 52.38 -27.30 -42.30
N PHE A 453 51.05 -27.15 -42.24
CA PHE A 453 50.31 -27.24 -41.00
C PHE A 453 50.57 -28.59 -40.32
N LYS A 454 50.42 -29.67 -41.07
CA LYS A 454 50.63 -31.02 -40.56
C LYS A 454 52.06 -31.28 -40.13
N ARG A 455 53.02 -30.82 -40.92
CA ARG A 455 54.43 -31.03 -40.60
C ARG A 455 54.88 -30.26 -39.38
N GLU A 456 54.49 -29.00 -39.30
CA GLU A 456 54.90 -28.14 -38.20
C GLU A 456 54.10 -28.27 -36.91
N ASN A 457 52.80 -28.49 -37.03
CA ASN A 457 51.92 -28.60 -35.87
C ASN A 457 51.60 -29.99 -35.37
N GLU A 458 51.86 -31.01 -36.17
CA GLU A 458 51.54 -32.38 -35.77
C GLU A 458 52.68 -33.36 -35.87
N ILE A 459 53.21 -33.54 -37.07
CA ILE A 459 54.29 -34.48 -37.31
C ILE A 459 55.55 -34.21 -36.49
N GLU A 460 56.07 -32.99 -36.57
CA GLU A 460 57.28 -32.61 -35.84
C GLU A 460 57.10 -32.66 -34.32
N PRO A 461 56.03 -32.04 -33.78
CA PRO A 461 55.80 -32.05 -32.33
C PRO A 461 55.78 -33.44 -31.69
N VAL A 462 55.13 -34.40 -32.36
CA VAL A 462 55.06 -35.77 -31.85
C VAL A 462 56.42 -36.45 -31.99
N ASN A 463 57.06 -36.22 -33.13
CA ASN A 463 58.35 -36.82 -33.44
C ASN A 463 59.51 -36.45 -32.51
N ILE A 464 59.52 -35.23 -32.00
CA ILE A 464 60.62 -34.79 -31.11
C ILE A 464 60.44 -35.22 -29.67
N ARG A 465 59.23 -35.64 -29.30
CA ARG A 465 58.92 -36.06 -27.94
C ARG A 465 59.07 -37.56 -27.69
N PRO A 466 59.94 -37.95 -26.76
CA PRO A 466 60.13 -39.37 -26.45
C PRO A 466 58.80 -40.01 -26.06
N HIS A 467 58.57 -41.22 -26.57
CA HIS A 467 57.37 -42.00 -26.31
C HIS A 467 57.61 -42.81 -25.02
N PRO A 468 56.57 -42.97 -24.17
CA PRO A 468 56.69 -43.71 -22.92
C PRO A 468 57.27 -45.12 -23.10
N TYR A 469 56.89 -45.79 -24.18
CA TYR A 469 57.38 -47.13 -24.45
C TYR A 469 58.88 -47.20 -24.73
N GLU A 470 59.46 -46.06 -25.10
CA GLU A 470 60.89 -45.99 -25.36
C GLU A 470 61.66 -46.15 -24.06
N PHE A 471 61.02 -45.83 -22.94
CA PHE A 471 61.66 -45.97 -21.64
C PHE A 471 61.64 -47.42 -21.19
N ALA A 472 60.57 -48.13 -21.55
CA ALA A 472 60.43 -49.54 -21.24
C ALA A 472 61.49 -50.29 -22.04
N LEU A 473 61.60 -49.88 -23.29
CA LEU A 473 62.50 -50.46 -24.25
C LEU A 473 63.99 -50.07 -24.06
N TYR A 474 64.29 -48.79 -23.79
CA TYR A 474 65.70 -48.34 -23.78
C TYR A 474 66.27 -47.71 -22.50
N TYR A 475 65.55 -47.52 -21.41
CA TYR A 475 66.18 -46.93 -20.24
C TYR A 475 67.44 -47.69 -19.80
N ASP A 476 67.40 -49.01 -19.97
CA ASP A 476 68.48 -49.92 -19.57
C ASP A 476 69.61 -50.17 -20.58
N VAL A 477 69.57 -49.55 -21.76
CA VAL A 477 70.59 -49.78 -22.78
C VAL A 477 72.05 -49.71 -22.35
N THR B 1 3.93 -68.22 -31.99
CA THR B 1 2.86 -69.27 -31.94
C THR B 1 1.49 -68.67 -32.31
N GLU B 2 1.06 -67.65 -31.58
CA GLU B 2 -0.24 -67.03 -31.83
C GLU B 2 -0.27 -65.52 -32.09
N LYS B 3 0.81 -64.80 -31.77
CA LYS B 3 0.83 -63.36 -32.01
C LYS B 3 1.14 -63.00 -33.46
N THR B 4 0.33 -62.09 -33.98
CA THR B 4 0.39 -61.61 -35.37
C THR B 4 1.23 -60.35 -35.49
N PRO B 5 1.84 -60.13 -36.67
CA PRO B 5 2.64 -58.92 -36.89
C PRO B 5 1.77 -57.69 -36.59
N ASP B 6 0.48 -57.80 -36.88
CA ASP B 6 -0.47 -56.72 -36.63
C ASP B 6 -0.65 -56.46 -35.14
N ASP B 7 -0.56 -57.52 -34.33
CA ASP B 7 -0.69 -57.39 -32.88
C ASP B 7 0.48 -56.56 -32.37
N VAL B 8 1.66 -56.80 -32.94
CA VAL B 8 2.88 -56.10 -32.59
C VAL B 8 2.80 -54.61 -32.96
N PHE B 9 2.27 -54.32 -34.16
CA PHE B 9 2.13 -52.94 -34.61
C PHE B 9 1.14 -52.18 -33.72
N LYS B 10 0.12 -52.89 -33.25
CA LYS B 10 -0.88 -52.29 -32.40
C LYS B 10 -0.25 -51.98 -31.06
N LEU B 11 0.53 -52.92 -30.55
CA LEU B 11 1.22 -52.76 -29.26
C LEU B 11 2.11 -51.51 -29.34
N ALA B 12 2.86 -51.41 -30.43
CA ALA B 12 3.76 -50.29 -30.67
C ALA B 12 3.01 -48.96 -30.71
N LYS B 13 1.88 -48.93 -31.43
CA LYS B 13 1.09 -47.71 -31.54
C LYS B 13 0.46 -47.30 -30.20
N ASP B 14 -0.18 -48.26 -29.53
CA ASP B 14 -0.83 -48.01 -28.24
C ASP B 14 0.14 -47.53 -27.17
N GLU B 15 1.33 -48.14 -27.14
CA GLU B 15 2.34 -47.79 -26.16
C GLU B 15 3.16 -46.55 -26.52
N LYS B 16 2.91 -46.00 -27.71
CA LYS B 16 3.63 -44.81 -28.19
C LYS B 16 5.13 -45.06 -28.18
N VAL B 17 5.51 -46.23 -28.66
CA VAL B 17 6.89 -46.68 -28.75
C VAL B 17 7.70 -45.78 -29.68
N GLU B 18 8.88 -45.37 -29.24
CA GLU B 18 9.71 -44.53 -30.10
C GLU B 18 10.90 -45.26 -30.71
N TYR B 19 11.30 -46.37 -30.09
CA TYR B 19 12.41 -47.18 -30.61
C TYR B 19 12.07 -48.66 -30.59
N VAL B 20 12.69 -49.41 -31.48
CA VAL B 20 12.51 -50.86 -31.53
C VAL B 20 13.90 -51.48 -31.37
N ASP B 21 14.04 -52.35 -30.38
CA ASP B 21 15.31 -53.00 -30.12
C ASP B 21 15.37 -54.35 -30.81
N VAL B 22 16.30 -54.46 -31.77
CA VAL B 22 16.48 -55.69 -32.54
C VAL B 22 17.44 -56.61 -31.81
N ARG B 23 16.90 -57.72 -31.30
CA ARG B 23 17.70 -58.67 -30.53
C ARG B 23 17.88 -60.03 -31.19
N PHE B 24 19.06 -60.59 -30.99
CA PHE B 24 19.41 -61.90 -31.52
C PHE B 24 20.40 -62.51 -30.55
N CYS B 25 20.45 -63.85 -30.49
CA CYS B 25 21.32 -64.51 -29.56
C CYS B 25 22.68 -64.92 -30.10
N ASP B 26 23.72 -64.71 -29.30
CA ASP B 26 25.05 -65.12 -29.72
C ASP B 26 25.28 -66.57 -29.33
N LEU B 27 26.42 -67.14 -29.72
CA LEU B 27 26.72 -68.53 -29.44
C LEU B 27 26.67 -68.92 -27.95
N PRO B 28 27.55 -68.33 -27.11
CA PRO B 28 27.52 -68.70 -25.69
C PRO B 28 26.21 -68.50 -24.93
N GLY B 29 25.38 -67.55 -25.37
CA GLY B 29 24.10 -67.35 -24.70
C GLY B 29 23.65 -65.96 -24.31
N ILE B 30 24.41 -64.94 -24.69
CA ILE B 30 24.07 -63.56 -24.37
C ILE B 30 23.37 -62.86 -25.53
N MET B 31 22.24 -62.21 -25.25
CA MET B 31 21.50 -61.51 -26.27
C MET B 31 22.23 -60.25 -26.74
N GLN B 32 22.24 -60.05 -28.06
CA GLN B 32 22.89 -58.90 -28.69
C GLN B 32 21.80 -58.00 -29.22
N HIS B 33 22.14 -56.76 -29.55
CA HIS B 33 21.14 -55.83 -30.07
C HIS B 33 21.66 -54.58 -30.74
N PHE B 34 20.76 -53.93 -31.45
CA PHE B 34 20.98 -52.64 -32.09
C PHE B 34 19.58 -52.04 -32.15
N THR B 35 19.49 -50.72 -32.21
CA THR B 35 18.20 -50.06 -32.19
C THR B 35 17.86 -49.27 -33.45
N ILE B 36 16.58 -49.28 -33.81
CA ILE B 36 16.10 -48.55 -34.97
C ILE B 36 14.89 -47.72 -34.50
N PRO B 37 14.62 -46.58 -35.17
CA PRO B 37 13.48 -45.77 -34.76
C PRO B 37 12.18 -46.53 -35.07
N ALA B 38 11.15 -46.28 -34.26
CA ALA B 38 9.87 -46.97 -34.44
C ALA B 38 9.28 -46.70 -35.83
N SER B 39 9.54 -45.50 -36.35
CA SER B 39 9.06 -45.08 -37.67
C SER B 39 9.56 -46.01 -38.79
N ALA B 40 10.69 -46.67 -38.57
CA ALA B 40 11.26 -47.59 -39.54
C ALA B 40 10.77 -49.03 -39.34
N PHE B 41 9.91 -49.22 -38.35
CA PHE B 41 9.36 -50.53 -38.05
C PHE B 41 7.99 -50.69 -38.70
N ASP B 42 7.96 -51.37 -39.84
CA ASP B 42 6.75 -51.60 -40.61
C ASP B 42 6.66 -53.03 -41.12
N LYS B 43 5.72 -53.28 -42.02
CA LYS B 43 5.50 -54.60 -42.60
C LYS B 43 6.72 -55.17 -43.32
N SER B 44 7.54 -54.29 -43.90
CA SER B 44 8.72 -54.73 -44.64
C SER B 44 9.75 -55.39 -43.73
N VAL B 45 9.68 -55.13 -42.43
CA VAL B 45 10.61 -55.73 -41.47
C VAL B 45 10.28 -57.22 -41.33
N PHE B 46 8.98 -57.52 -41.33
CA PHE B 46 8.51 -58.91 -41.22
C PHE B 46 8.62 -59.67 -42.53
N ASP B 47 8.43 -58.97 -43.65
CA ASP B 47 8.50 -59.57 -44.98
C ASP B 47 9.91 -59.73 -45.52
N ASP B 48 10.66 -58.63 -45.53
CA ASP B 48 12.02 -58.62 -46.06
C ASP B 48 13.12 -58.80 -45.02
N GLY B 49 12.84 -58.37 -43.79
CA GLY B 49 13.83 -58.49 -42.73
C GLY B 49 14.75 -57.28 -42.66
N LEU B 50 15.73 -57.35 -41.77
CA LEU B 50 16.69 -56.27 -41.58
C LEU B 50 18.10 -56.76 -41.86
N ALA B 51 18.88 -55.92 -42.52
CA ALA B 51 20.26 -56.27 -42.83
C ALA B 51 21.20 -55.80 -41.72
N PHE B 52 22.26 -56.59 -41.47
CA PHE B 52 23.27 -56.30 -40.46
C PHE B 52 24.53 -57.15 -40.79
N ASP B 53 25.67 -56.72 -40.22
CA ASP B 53 27.03 -57.27 -40.48
C ASP B 53 27.51 -58.38 -39.54
N GLY B 54 28.19 -59.44 -39.98
CA GLY B 54 28.70 -60.31 -38.92
C GLY B 54 29.60 -59.42 -38.08
N SER B 55 29.16 -58.98 -36.91
CA SER B 55 30.01 -58.08 -36.09
C SER B 55 30.62 -58.81 -34.90
N SER B 56 31.64 -58.25 -34.27
CA SER B 56 32.32 -58.95 -33.20
C SER B 56 32.93 -60.18 -33.88
N ILE B 57 33.37 -61.26 -33.23
CA ILE B 57 34.13 -62.19 -34.05
C ILE B 57 33.84 -63.71 -33.96
N ARG B 58 33.47 -64.31 -32.85
CA ARG B 58 33.42 -65.77 -32.83
C ARG B 58 32.05 -66.44 -32.78
N GLY B 59 31.85 -67.45 -33.62
CA GLY B 59 30.60 -68.20 -33.71
C GLY B 59 29.89 -67.89 -35.02
N PHE B 60 29.51 -66.62 -35.20
CA PHE B 60 28.75 -66.10 -36.36
C PHE B 60 29.56 -65.91 -37.67
N GLN B 61 28.95 -65.29 -38.71
CA GLN B 61 29.45 -65.02 -40.08
C GLN B 61 30.65 -64.05 -40.17
N SER B 62 31.84 -64.62 -40.39
CA SER B 62 33.12 -63.89 -40.51
C SER B 62 33.17 -63.08 -41.83
N ILE B 63 34.38 -62.74 -42.35
CA ILE B 63 34.47 -61.94 -43.58
C ILE B 63 34.70 -62.83 -44.82
N HIS B 64 33.86 -63.89 -44.94
CA HIS B 64 33.86 -64.84 -46.07
C HIS B 64 32.40 -65.27 -46.20
N GLU B 65 31.66 -64.78 -45.18
CA GLU B 65 30.22 -65.00 -44.96
C GLU B 65 29.49 -63.78 -44.35
N SER B 66 30.25 -62.69 -44.12
CA SER B 66 29.86 -61.38 -43.56
C SER B 66 28.37 -61.10 -43.27
N ASP B 67 27.64 -60.57 -44.25
CA ASP B 67 26.28 -60.04 -44.08
C ASP B 67 25.20 -61.02 -43.70
N MET B 68 24.32 -60.61 -42.79
CA MET B 68 23.19 -61.43 -42.33
C MET B 68 21.86 -60.68 -42.48
N LEU B 69 20.77 -61.44 -42.50
CA LEU B 69 19.43 -60.90 -42.61
C LEU B 69 18.67 -61.33 -41.35
N LEU B 70 17.99 -60.39 -40.69
CA LEU B 70 17.25 -60.69 -39.47
C LEU B 70 15.73 -60.66 -39.65
N LEU B 71 15.08 -61.78 -39.34
CA LEU B 71 13.62 -61.88 -39.44
C LEU B 71 13.04 -61.96 -38.03
N PRO B 72 12.05 -61.09 -37.72
CA PRO B 72 11.40 -61.04 -36.41
C PRO B 72 10.46 -62.16 -36.01
N ASP B 73 10.38 -62.40 -34.71
CA ASP B 73 9.49 -63.40 -34.13
C ASP B 73 8.49 -62.57 -33.31
N PRO B 74 7.28 -62.37 -33.84
CA PRO B 74 6.22 -61.60 -33.18
C PRO B 74 5.83 -62.02 -31.77
N GLU B 75 6.07 -63.28 -31.43
CA GLU B 75 5.74 -63.78 -30.09
C GLU B 75 6.68 -63.26 -29.01
N THR B 76 7.85 -62.77 -29.41
CA THR B 76 8.86 -62.27 -28.48
C THR B 76 8.78 -60.77 -28.21
N ALA B 77 7.85 -60.09 -28.87
CA ALA B 77 7.67 -58.64 -28.71
C ALA B 77 7.21 -58.26 -27.32
N ARG B 78 8.01 -57.43 -26.66
CA ARG B 78 7.73 -56.96 -25.29
C ARG B 78 8.18 -55.52 -25.12
N ILE B 79 7.44 -54.76 -24.31
CA ILE B 79 7.81 -53.38 -24.01
C ILE B 79 8.91 -53.45 -22.95
N ASP B 80 10.01 -52.73 -23.17
CA ASP B 80 11.12 -52.71 -22.21
C ASP B 80 10.72 -51.82 -21.03
N PRO B 81 10.73 -52.37 -19.80
CA PRO B 81 10.36 -51.61 -18.61
C PRO B 81 11.48 -50.77 -18.00
N PHE B 82 12.68 -50.88 -18.57
CA PHE B 82 13.84 -50.17 -18.05
C PHE B 82 14.29 -48.96 -18.86
N ARG B 83 14.22 -49.07 -20.19
CA ARG B 83 14.64 -47.99 -21.07
C ARG B 83 13.78 -46.74 -20.94
N ALA B 84 14.44 -45.60 -20.73
CA ALA B 84 13.75 -44.30 -20.57
C ALA B 84 12.90 -43.98 -21.80
N ALA B 85 13.49 -44.09 -22.98
CA ALA B 85 12.77 -43.85 -24.22
C ALA B 85 11.91 -45.10 -24.46
N LYS B 86 10.60 -44.93 -24.62
CA LYS B 86 9.70 -46.08 -24.82
C LYS B 86 10.19 -46.99 -25.95
N THR B 87 10.58 -48.20 -25.58
CA THR B 87 11.13 -49.17 -26.53
C THR B 87 10.42 -50.51 -26.57
N LEU B 88 10.35 -51.09 -27.77
CA LEU B 88 9.75 -52.40 -27.98
C LEU B 88 10.87 -53.36 -28.34
N ASN B 89 11.04 -54.42 -27.54
CA ASN B 89 12.06 -55.42 -27.79
C ASN B 89 11.47 -56.59 -28.58
N ILE B 90 12.20 -57.06 -29.58
CA ILE B 90 11.77 -58.20 -30.38
C ILE B 90 12.98 -59.04 -30.73
N ASN B 91 12.83 -60.36 -30.65
CA ASN B 91 13.92 -61.28 -30.98
C ASN B 91 13.80 -61.65 -32.45
N PHE B 92 14.95 -61.90 -33.08
CA PHE B 92 15.00 -62.23 -34.49
C PHE B 92 15.75 -63.53 -34.78
N PHE B 93 15.53 -64.04 -35.99
CA PHE B 93 16.20 -65.24 -36.46
C PHE B 93 17.19 -64.74 -37.51
N VAL B 94 18.38 -65.33 -37.54
CA VAL B 94 19.39 -64.94 -38.50
C VAL B 94 19.28 -65.79 -39.76
N HIS B 95 19.13 -65.13 -40.90
CA HIS B 95 19.02 -65.82 -42.19
C HIS B 95 20.14 -65.40 -43.13
N ASP B 96 20.34 -66.18 -44.18
CA ASP B 96 21.34 -65.87 -45.19
C ASP B 96 20.60 -64.89 -46.11
N PRO B 97 21.20 -63.72 -46.39
CA PRO B 97 20.60 -62.70 -47.26
C PRO B 97 20.06 -63.25 -48.59
N PHE B 98 20.96 -63.92 -49.31
CA PHE B 98 20.67 -64.49 -50.62
C PHE B 98 19.60 -65.58 -50.63
N THR B 99 19.89 -66.71 -50.01
CA THR B 99 18.96 -67.85 -49.98
C THR B 99 17.80 -67.77 -49.00
N LEU B 100 17.85 -66.81 -48.07
CA LEU B 100 16.83 -66.64 -47.03
C LEU B 100 16.82 -67.90 -46.16
N GLU B 101 17.93 -68.64 -46.22
CA GLU B 101 18.10 -69.89 -45.48
C GLU B 101 18.54 -69.60 -44.04
N PRO B 102 17.84 -70.19 -43.06
CA PRO B 102 18.17 -70.00 -41.65
C PRO B 102 19.64 -70.32 -41.37
N TYR B 103 20.34 -69.37 -40.77
CA TYR B 103 21.75 -69.55 -40.43
C TYR B 103 21.87 -70.69 -39.43
N SER B 104 22.70 -71.68 -39.76
CA SER B 104 22.89 -72.86 -38.92
C SER B 104 23.55 -72.65 -37.55
N ARG B 105 24.15 -71.48 -37.32
CA ARG B 105 24.80 -71.22 -36.05
C ARG B 105 24.03 -70.27 -35.14
N ASP B 106 22.82 -69.90 -35.56
CA ASP B 106 21.96 -69.02 -34.78
C ASP B 106 21.19 -69.92 -33.81
N PRO B 107 21.43 -69.77 -32.50
CA PRO B 107 20.77 -70.57 -31.47
C PRO B 107 19.25 -70.63 -31.60
N ARG B 108 18.63 -69.53 -31.99
CA ARG B 108 17.18 -69.51 -32.12
C ARG B 108 16.69 -70.37 -33.28
N ASN B 109 17.53 -70.55 -34.31
CA ASN B 109 17.18 -71.38 -35.45
C ASN B 109 17.27 -72.85 -35.05
N ILE B 110 18.25 -73.18 -34.20
CA ILE B 110 18.43 -74.53 -33.70
C ILE B 110 17.18 -74.98 -32.94
N ALA B 111 16.66 -74.10 -32.08
CA ALA B 111 15.48 -74.40 -31.30
C ALA B 111 14.26 -74.58 -32.19
N ARG B 112 14.17 -73.76 -33.24
CA ARG B 112 13.06 -73.88 -34.19
C ARG B 112 13.18 -75.19 -34.96
N LYS B 113 14.40 -75.53 -35.39
CA LYS B 113 14.64 -76.77 -36.11
C LYS B 113 14.29 -77.97 -35.23
N ALA B 114 14.57 -77.85 -33.94
CA ALA B 114 14.28 -78.93 -32.98
C ALA B 114 12.78 -79.18 -32.89
N GLU B 115 12.00 -78.10 -32.89
CA GLU B 115 10.55 -78.22 -32.81
C GLU B 115 9.97 -78.83 -34.09
N ASN B 116 10.54 -78.44 -35.23
CA ASN B 116 10.09 -78.95 -36.53
C ASN B 116 10.45 -80.42 -36.68
N TYR B 117 11.61 -80.81 -36.15
CA TYR B 117 12.05 -82.19 -36.20
C TYR B 117 11.12 -83.08 -35.37
N LEU B 118 10.70 -82.58 -34.21
CA LEU B 118 9.80 -83.30 -33.32
C LEU B 118 8.53 -83.67 -34.10
N ILE B 119 7.99 -82.70 -34.80
CA ILE B 119 6.78 -82.89 -35.60
C ILE B 119 7.01 -83.91 -36.71
N SER B 120 8.18 -83.85 -37.35
CA SER B 120 8.51 -84.75 -38.45
C SER B 120 8.67 -86.21 -38.03
N THR B 121 9.00 -86.46 -36.77
CA THR B 121 9.16 -87.83 -36.27
C THR B 121 7.81 -88.48 -35.99
N GLY B 122 6.77 -87.65 -35.89
CA GLY B 122 5.44 -88.17 -35.60
C GLY B 122 5.25 -88.53 -34.13
N ILE B 123 6.33 -88.53 -33.37
CA ILE B 123 6.31 -88.85 -31.93
C ILE B 123 5.37 -87.91 -31.16
N ALA B 124 5.45 -86.61 -31.48
CA ALA B 124 4.61 -85.60 -30.85
C ALA B 124 4.67 -84.34 -31.69
N ASP B 125 3.86 -83.35 -31.35
CA ASP B 125 3.89 -82.09 -32.08
C ASP B 125 4.29 -80.88 -31.23
N THR B 126 4.46 -81.11 -29.92
CA THR B 126 4.82 -80.04 -29.00
C THR B 126 5.67 -80.53 -27.82
N ALA B 127 6.76 -79.81 -27.53
CA ALA B 127 7.63 -80.13 -26.41
C ALA B 127 7.57 -78.94 -25.45
N TYR B 128 6.97 -79.15 -24.28
CA TYR B 128 6.85 -78.08 -23.29
C TYR B 128 8.01 -78.08 -22.31
N PHE B 129 8.59 -76.90 -22.11
CA PHE B 129 9.70 -76.73 -21.19
C PHE B 129 9.40 -75.73 -20.09
N GLY B 130 9.62 -76.15 -18.85
CA GLY B 130 9.42 -75.29 -17.70
C GLY B 130 10.77 -75.21 -17.02
N ALA B 131 11.33 -74.01 -16.95
CA ALA B 131 12.65 -73.86 -16.35
C ALA B 131 12.66 -72.93 -15.14
N GLU B 132 13.41 -73.35 -14.13
CA GLU B 132 13.50 -72.59 -12.90
C GLU B 132 14.93 -72.26 -12.57
N ALA B 133 15.26 -71.00 -12.85
CA ALA B 133 16.60 -70.50 -12.67
C ALA B 133 16.76 -69.68 -11.41
N GLU B 134 17.67 -70.15 -10.57
CA GLU B 134 18.01 -69.49 -9.32
C GLU B 134 19.09 -68.46 -9.64
N PHE B 135 19.19 -67.43 -8.82
CA PHE B 135 20.19 -66.39 -9.01
C PHE B 135 20.56 -65.77 -7.67
N TYR B 136 21.67 -65.04 -7.65
CA TYR B 136 22.13 -64.35 -6.45
C TYR B 136 22.11 -62.85 -6.65
N ILE B 137 21.71 -62.13 -5.60
CA ILE B 137 21.65 -60.68 -5.60
C ILE B 137 22.81 -60.19 -4.74
N PHE B 138 23.74 -59.45 -5.36
CA PHE B 138 24.89 -58.90 -4.63
C PHE B 138 24.87 -57.38 -4.67
N ASP B 139 25.76 -56.79 -3.89
CA ASP B 139 25.90 -55.34 -3.84
C ASP B 139 27.10 -54.92 -4.67
N SER B 140 28.08 -55.83 -4.76
CA SER B 140 29.28 -55.55 -5.51
C SER B 140 30.03 -56.79 -5.96
N VAL B 141 30.87 -56.61 -6.96
CA VAL B 141 31.71 -57.67 -7.51
C VAL B 141 32.94 -57.05 -8.16
N SER B 142 34.10 -57.57 -7.82
CA SER B 142 35.34 -57.09 -8.42
C SER B 142 36.28 -58.28 -8.55
N PHE B 143 37.18 -58.21 -9.52
CA PHE B 143 38.13 -59.29 -9.79
C PHE B 143 39.16 -58.86 -10.81
N ASP B 144 40.25 -59.61 -10.88
CA ASP B 144 41.29 -59.37 -11.87
C ASP B 144 42.26 -60.53 -11.94
N SER B 145 43.06 -60.54 -13.00
CA SER B 145 44.04 -61.58 -13.22
C SER B 145 45.29 -60.89 -13.72
N ARG B 146 46.35 -60.93 -12.93
CA ARG B 146 47.61 -60.30 -13.28
C ARG B 146 48.74 -61.32 -13.25
N ALA B 147 49.94 -60.87 -13.61
CA ALA B 147 51.09 -61.76 -13.63
C ALA B 147 51.49 -62.28 -12.26
N ASN B 148 51.42 -61.40 -11.26
CA ASN B 148 51.82 -61.74 -9.90
C ASN B 148 50.69 -61.93 -8.89
N GLY B 149 49.45 -61.91 -9.37
CA GLY B 149 48.35 -62.07 -8.44
C GLY B 149 47.01 -62.10 -9.14
N SER B 150 46.00 -62.51 -8.41
CA SER B 150 44.65 -62.60 -8.94
C SER B 150 43.70 -62.63 -7.75
N PHE B 151 42.48 -62.16 -7.97
CA PHE B 151 41.47 -62.17 -6.91
C PHE B 151 40.07 -62.00 -7.46
N TYR B 152 39.10 -62.26 -6.60
CA TYR B 152 37.70 -62.03 -6.90
C TYR B 152 37.05 -61.76 -5.56
N GLU B 153 35.96 -61.02 -5.59
CA GLU B 153 35.25 -60.70 -4.37
C GLU B 153 33.85 -60.26 -4.68
N VAL B 154 32.87 -61.02 -4.18
CA VAL B 154 31.47 -60.66 -4.33
C VAL B 154 31.04 -60.27 -2.93
N ASP B 155 30.13 -59.31 -2.81
CA ASP B 155 29.72 -58.90 -1.48
C ASP B 155 28.28 -58.43 -1.46
N ALA B 156 27.69 -58.53 -0.28
CA ALA B 156 26.32 -58.13 -0.03
C ALA B 156 26.28 -57.66 1.40
N ILE B 157 25.65 -56.51 1.61
CA ILE B 157 25.52 -55.91 2.93
C ILE B 157 25.03 -56.93 3.96
N SER B 158 24.02 -57.69 3.58
CA SER B 158 23.43 -58.71 4.45
C SER B 158 24.04 -60.10 4.34
N GLY B 159 25.23 -60.21 3.74
CA GLY B 159 25.88 -61.50 3.62
C GLY B 159 26.26 -62.06 4.98
N TRP B 160 26.01 -63.34 5.18
CA TRP B 160 26.30 -64.00 6.45
C TRP B 160 27.77 -63.97 6.90
N TRP B 161 28.66 -63.64 5.98
CA TRP B 161 30.09 -63.55 6.28
C TRP B 161 30.44 -62.16 6.83
N ASN B 162 29.44 -61.30 6.93
CA ASN B 162 29.62 -59.93 7.41
C ASN B 162 29.04 -59.63 8.80
N THR B 163 28.78 -60.66 9.60
CA THR B 163 28.21 -60.46 10.93
C THR B 163 29.11 -59.62 11.83
N GLY B 164 30.41 -59.69 11.61
CA GLY B 164 31.36 -58.94 12.41
C GLY B 164 31.71 -57.53 11.97
N ALA B 165 31.09 -57.07 10.88
CA ALA B 165 31.36 -55.73 10.37
C ALA B 165 31.04 -54.66 11.42
N ALA B 166 32.02 -53.82 11.72
CA ALA B 166 31.87 -52.74 12.70
C ALA B 166 30.80 -51.76 12.23
N THR B 167 30.82 -51.46 10.94
CA THR B 167 29.84 -50.56 10.31
C THR B 167 29.66 -51.06 8.88
N GLU B 168 28.57 -50.66 8.23
CA GLU B 168 28.32 -51.07 6.87
C GLU B 168 29.25 -50.36 5.89
N ALA B 169 29.20 -50.76 4.63
CA ALA B 169 30.03 -50.17 3.59
C ALA B 169 29.86 -48.66 3.56
N ASP B 170 28.62 -48.20 3.65
CA ASP B 170 28.29 -46.77 3.62
C ASP B 170 28.44 -46.04 4.95
N GLY B 171 29.15 -46.66 5.90
CA GLY B 171 29.36 -46.03 7.20
C GLY B 171 28.24 -46.19 8.21
N SER B 172 27.05 -46.61 7.75
CA SER B 172 25.90 -46.80 8.64
C SER B 172 26.13 -47.99 9.58
N PRO B 173 25.38 -48.05 10.69
CA PRO B 173 25.58 -49.17 11.63
C PRO B 173 25.13 -50.55 11.15
N ASN B 174 25.81 -51.57 11.66
CA ASN B 174 25.51 -52.96 11.36
C ASN B 174 24.28 -53.31 12.20
N ARG B 175 23.16 -53.60 11.54
CA ARG B 175 21.93 -53.93 12.25
C ARG B 175 21.63 -55.41 12.40
N GLY B 176 22.57 -56.24 11.98
CA GLY B 176 22.39 -57.68 12.10
C GLY B 176 21.42 -58.34 11.13
N TYR B 177 20.87 -59.47 11.55
CA TYR B 177 19.94 -60.25 10.74
C TYR B 177 20.61 -60.78 9.46
N LYS B 178 21.92 -61.01 9.54
CA LYS B 178 22.71 -61.53 8.42
C LYS B 178 22.90 -63.04 8.54
N VAL B 179 22.99 -63.52 9.77
CA VAL B 179 23.20 -64.96 10.04
C VAL B 179 22.20 -65.89 9.38
N ARG B 180 22.74 -66.99 8.90
CA ARG B 180 22.01 -68.03 8.21
C ARG B 180 21.76 -69.14 9.23
N HIS B 181 20.57 -69.16 9.81
CA HIS B 181 20.21 -70.15 10.84
C HIS B 181 19.82 -71.54 10.38
N LYS B 182 20.00 -72.49 11.29
CA LYS B 182 19.66 -73.89 11.07
C LYS B 182 18.16 -74.01 11.29
N GLY B 183 17.50 -74.90 10.54
CA GLY B 183 16.07 -75.07 10.72
C GLY B 183 15.21 -74.70 9.53
N GLY B 184 15.50 -73.54 8.93
CA GLY B 184 14.74 -73.10 7.78
C GLY B 184 15.49 -72.02 7.04
N TYR B 185 15.57 -72.14 5.72
CA TYR B 185 16.29 -71.16 4.93
C TYR B 185 15.45 -70.16 4.14
N PHE B 186 14.17 -70.04 4.48
CA PHE B 186 13.27 -69.07 3.84
C PHE B 186 12.61 -68.20 4.92
N PRO B 187 13.40 -67.69 5.89
CA PRO B 187 12.79 -66.86 6.95
C PRO B 187 12.16 -65.56 6.45
N VAL B 188 11.17 -65.09 7.21
CA VAL B 188 10.49 -63.84 6.88
C VAL B 188 11.39 -62.66 7.29
N ALA B 189 10.99 -61.45 6.90
CA ALA B 189 11.74 -60.25 7.25
C ALA B 189 11.76 -60.09 8.78
N PRO B 190 12.78 -59.43 9.34
CA PRO B 190 13.91 -58.81 8.63
C PRO B 190 15.08 -59.72 8.22
N ASN B 191 14.98 -61.02 8.48
CA ASN B 191 16.05 -61.94 8.07
C ASN B 191 16.10 -61.94 6.54
N ASP B 192 14.92 -61.82 5.94
CA ASP B 192 14.78 -61.75 4.49
C ASP B 192 14.94 -60.27 4.18
N GLN B 193 16.09 -59.91 3.60
CA GLN B 193 16.39 -58.52 3.30
C GLN B 193 16.16 -58.09 1.87
N TYR B 194 15.52 -58.95 1.07
CA TYR B 194 15.28 -58.62 -0.34
C TYR B 194 13.83 -58.70 -0.76
N VAL B 195 12.92 -58.64 0.21
CA VAL B 195 11.50 -58.74 -0.08
C VAL B 195 10.98 -57.76 -1.13
N ASP B 196 11.25 -56.47 -0.93
CA ASP B 196 10.77 -55.46 -1.88
C ASP B 196 11.39 -55.57 -3.27
N LEU B 197 12.67 -55.93 -3.34
CA LEU B 197 13.37 -56.08 -4.62
C LEU B 197 12.77 -57.24 -5.40
N ARG B 198 12.60 -58.38 -4.74
CA ARG B 198 12.03 -59.55 -5.41
C ARG B 198 10.63 -59.27 -5.90
N ASP B 199 9.88 -58.49 -5.13
CA ASP B 199 8.52 -58.13 -5.52
C ASP B 199 8.55 -57.27 -6.79
N LYS B 200 9.56 -56.40 -6.89
CA LYS B 200 9.71 -55.54 -8.06
C LYS B 200 10.02 -56.41 -9.26
N MET B 201 10.86 -57.43 -9.05
CA MET B 201 11.24 -58.35 -10.11
C MET B 201 9.99 -59.10 -10.58
N LEU B 202 9.21 -59.60 -9.62
CA LEU B 202 7.98 -60.34 -9.92
C LEU B 202 6.97 -59.46 -10.64
N THR B 203 6.82 -58.22 -10.18
CA THR B 203 5.90 -57.27 -10.79
C THR B 203 6.30 -57.01 -12.24
N ASN B 204 7.61 -56.85 -12.48
CA ASN B 204 8.13 -56.62 -13.83
C ASN B 204 7.90 -57.82 -14.73
N LEU B 205 8.07 -59.03 -14.19
CA LEU B 205 7.85 -60.25 -14.96
C LEU B 205 6.39 -60.35 -15.37
N ILE B 206 5.50 -60.12 -14.41
CA ILE B 206 4.06 -60.17 -14.68
C ILE B 206 3.64 -59.13 -15.71
N ASN B 207 4.20 -57.93 -15.62
CA ASN B 207 3.89 -56.87 -16.58
C ASN B 207 4.50 -57.17 -17.95
N SER B 208 5.45 -58.10 -17.98
CA SER B 208 6.10 -58.49 -19.23
C SER B 208 5.54 -59.78 -19.81
N GLY B 209 4.34 -60.15 -19.40
CA GLY B 209 3.70 -61.34 -19.95
C GLY B 209 3.93 -62.70 -19.32
N PHE B 210 4.69 -62.77 -18.24
CA PHE B 210 4.93 -64.05 -17.58
C PHE B 210 3.67 -64.48 -16.84
N ILE B 211 3.35 -65.76 -16.95
CA ILE B 211 2.16 -66.30 -16.30
C ILE B 211 2.53 -67.05 -15.02
N LEU B 212 1.95 -66.60 -13.92
CA LEU B 212 2.18 -67.17 -12.60
C LEU B 212 0.83 -67.72 -12.12
N GLU B 213 0.72 -69.03 -11.93
CA GLU B 213 -0.52 -69.62 -11.44
C GLU B 213 -0.26 -70.54 -10.26
N LYS B 214 -0.74 -71.76 -10.43
CA LYS B 214 -0.71 -72.90 -9.51
C LYS B 214 0.55 -72.93 -8.62
N GLY B 215 1.57 -73.68 -9.01
CA GLY B 215 2.76 -73.80 -8.17
C GLY B 215 3.89 -72.88 -8.60
N HIS B 216 3.53 -71.64 -8.96
CA HIS B 216 4.52 -70.65 -9.36
C HIS B 216 4.71 -69.72 -8.17
N HIS B 217 5.92 -69.75 -7.63
CA HIS B 217 6.27 -68.96 -6.46
C HIS B 217 7.42 -68.00 -6.65
N GLU B 218 7.48 -67.09 -5.70
CA GLU B 218 8.59 -66.17 -5.60
C GLU B 218 9.25 -66.57 -4.28
N VAL B 219 10.51 -66.99 -4.31
CA VAL B 219 11.16 -67.44 -3.08
C VAL B 219 12.57 -66.87 -2.93
N GLY B 220 12.99 -66.68 -1.68
CA GLY B 220 14.32 -66.14 -1.42
C GLY B 220 14.97 -66.76 -0.20
N SER B 221 16.28 -66.93 -0.27
CA SER B 221 17.06 -67.49 0.82
C SER B 221 18.37 -66.71 0.83
N GLY B 222 18.50 -65.81 1.81
CA GLY B 222 19.69 -64.98 1.88
C GLY B 222 19.67 -64.10 0.64
N GLY B 223 20.77 -64.09 -0.09
CA GLY B 223 20.84 -63.30 -1.30
C GLY B 223 20.36 -64.08 -2.52
N GLN B 224 20.10 -65.37 -2.35
CA GLN B 224 19.63 -66.20 -3.45
C GLN B 224 18.12 -66.10 -3.64
N ALA B 225 17.68 -66.20 -4.88
CA ALA B 225 16.25 -66.10 -5.18
C ALA B 225 15.86 -66.87 -6.42
N GLU B 226 14.56 -67.04 -6.59
CA GLU B 226 14.01 -67.74 -7.75
C GLU B 226 12.54 -67.38 -7.87
N ILE B 227 12.13 -67.09 -9.10
CA ILE B 227 10.74 -66.79 -9.39
C ILE B 227 10.40 -67.69 -10.57
N ASN B 228 9.58 -68.71 -10.33
CA ASN B 228 9.21 -69.60 -11.42
C ASN B 228 7.90 -69.17 -12.06
N TYR B 229 7.75 -69.54 -13.32
CA TYR B 229 6.58 -69.16 -14.10
C TYR B 229 6.13 -70.32 -14.99
N GLN B 230 5.01 -70.12 -15.67
CA GLN B 230 4.46 -71.14 -16.54
C GLN B 230 5.33 -71.51 -17.73
N PHE B 231 5.37 -72.81 -18.01
CA PHE B 231 6.12 -73.39 -19.12
C PHE B 231 5.68 -72.82 -20.46
N ASN B 232 6.37 -73.25 -21.52
CA ASN B 232 6.05 -72.81 -22.87
C ASN B 232 6.66 -73.83 -23.83
N SER B 233 6.31 -73.73 -25.12
CA SER B 233 6.88 -74.63 -26.11
C SER B 233 8.37 -74.31 -26.19
N LEU B 234 9.18 -75.33 -26.46
CA LEU B 234 10.65 -75.22 -26.51
C LEU B 234 11.27 -73.86 -26.86
N LEU B 235 11.13 -73.42 -28.11
CA LEU B 235 11.71 -72.14 -28.53
C LEU B 235 11.30 -70.96 -27.66
N HIS B 236 10.00 -70.77 -27.49
CA HIS B 236 9.49 -69.68 -26.68
C HIS B 236 9.82 -69.77 -25.20
N ALA B 237 10.09 -70.97 -24.73
CA ALA B 237 10.47 -71.18 -23.33
C ALA B 237 11.89 -70.62 -23.18
N ALA B 238 12.71 -70.86 -24.21
CA ALA B 238 14.08 -70.38 -24.23
C ALA B 238 14.10 -68.85 -24.33
N ASP B 239 13.17 -68.29 -25.10
CA ASP B 239 13.05 -66.85 -25.24
C ASP B 239 12.64 -66.27 -23.88
N ASP B 240 11.75 -66.97 -23.19
CA ASP B 240 11.26 -66.57 -21.87
C ASP B 240 12.38 -66.55 -20.85
N MET B 241 13.29 -67.51 -20.95
CA MET B 241 14.43 -67.59 -20.04
C MET B 241 15.36 -66.39 -20.22
N GLN B 242 15.61 -66.02 -21.47
CA GLN B 242 16.45 -64.87 -21.77
C GLN B 242 15.79 -63.59 -21.25
N LEU B 243 14.47 -63.50 -21.40
CA LEU B 243 13.69 -62.35 -20.95
C LEU B 243 13.74 -62.28 -19.42
N TYR B 244 13.56 -63.43 -18.77
CA TYR B 244 13.60 -63.54 -17.32
C TYR B 244 14.94 -63.01 -16.79
N LYS B 245 16.04 -63.51 -17.34
CA LYS B 245 17.37 -63.06 -16.92
C LYS B 245 17.52 -61.56 -17.12
N TYR B 246 17.03 -61.06 -18.26
CA TYR B 246 17.09 -59.64 -18.57
C TYR B 246 16.34 -58.82 -17.53
N ILE B 247 15.13 -59.25 -17.21
CA ILE B 247 14.30 -58.56 -16.24
C ILE B 247 14.86 -58.63 -14.82
N ILE B 248 15.39 -59.79 -14.44
CA ILE B 248 15.97 -59.96 -13.12
C ILE B 248 17.22 -59.08 -12.97
N LYS B 249 18.12 -59.18 -13.94
CA LYS B 249 19.37 -58.42 -13.91
C LYS B 249 19.18 -56.91 -13.89
N ASN B 250 18.25 -56.40 -14.69
CA ASN B 250 18.03 -54.96 -14.77
C ASN B 250 17.16 -54.37 -13.68
N THR B 251 16.30 -55.19 -13.08
CA THR B 251 15.48 -54.71 -11.97
C THR B 251 16.45 -54.48 -10.81
N ALA B 252 17.39 -55.41 -10.64
CA ALA B 252 18.40 -55.31 -9.61
C ALA B 252 19.29 -54.10 -9.89
N TRP B 253 19.72 -53.96 -11.14
CA TRP B 253 20.58 -52.86 -11.56
C TRP B 253 19.97 -51.49 -11.28
N GLN B 254 18.68 -51.34 -11.57
CA GLN B 254 18.00 -50.08 -11.34
C GLN B 254 17.76 -49.81 -9.86
N ASN B 255 17.98 -50.82 -9.03
CA ASN B 255 17.78 -50.68 -7.61
C ASN B 255 19.07 -50.81 -6.80
N GLY B 256 20.17 -50.42 -7.42
CA GLY B 256 21.47 -50.45 -6.77
C GLY B 256 22.12 -51.78 -6.48
N LYS B 257 21.68 -52.85 -7.15
CA LYS B 257 22.27 -54.16 -6.92
C LYS B 257 22.87 -54.71 -8.21
N THR B 258 23.44 -55.90 -8.11
CA THR B 258 24.04 -56.59 -9.24
C THR B 258 23.75 -58.09 -9.08
N VAL B 259 23.12 -58.68 -10.09
CA VAL B 259 22.75 -60.08 -10.07
C VAL B 259 23.66 -60.99 -10.89
N THR B 260 23.82 -62.23 -10.43
CA THR B 260 24.59 -63.22 -11.18
C THR B 260 23.86 -64.54 -11.23
N PHE B 261 23.84 -65.12 -12.43
CA PHE B 261 23.21 -66.42 -12.65
C PHE B 261 24.30 -67.49 -12.73
N MET B 262 25.54 -67.13 -12.39
CA MET B 262 26.62 -68.12 -12.44
C MET B 262 26.32 -69.25 -11.45
N PRO B 263 26.63 -70.49 -11.82
CA PRO B 263 26.40 -71.70 -11.02
C PRO B 263 26.88 -71.72 -9.58
N LYS B 264 28.09 -71.23 -9.33
CA LYS B 264 28.64 -71.24 -7.99
C LYS B 264 29.44 -69.98 -7.66
N PRO B 265 28.75 -68.90 -7.29
CA PRO B 265 29.44 -67.65 -6.95
C PRO B 265 30.00 -67.68 -5.53
N LEU B 266 29.38 -68.48 -4.67
CA LEU B 266 29.79 -68.58 -3.28
C LEU B 266 30.29 -69.96 -2.88
N PHE B 267 31.47 -69.99 -2.27
CA PHE B 267 32.06 -71.23 -1.80
C PHE B 267 31.52 -71.45 -0.39
N GLY B 268 30.78 -72.54 -0.20
CA GLY B 268 30.21 -72.79 1.12
C GLY B 268 28.77 -72.35 1.21
N ASP B 269 28.14 -72.15 0.05
CA ASP B 269 26.74 -71.78 -0.01
C ASP B 269 26.16 -72.45 -1.26
N ASN B 270 24.84 -72.57 -1.29
CA ASN B 270 24.13 -73.21 -2.38
C ASN B 270 24.47 -72.66 -3.77
N GLY B 271 24.58 -73.56 -4.73
CA GLY B 271 24.85 -73.16 -6.10
C GLY B 271 23.54 -72.76 -6.75
N SER B 272 23.59 -72.26 -7.98
CA SER B 272 22.36 -71.85 -8.68
C SER B 272 22.14 -72.75 -9.88
N GLY B 273 21.01 -73.45 -9.88
CA GLY B 273 20.71 -74.35 -10.98
C GLY B 273 19.47 -73.96 -11.77
N MET B 274 19.22 -74.70 -12.84
CA MET B 274 18.06 -74.48 -13.70
C MET B 274 17.37 -75.83 -13.93
N HIS B 275 16.40 -76.12 -13.08
CA HIS B 275 15.64 -77.36 -13.16
C HIS B 275 14.71 -77.25 -14.35
N CYS B 276 14.84 -78.19 -15.29
CA CYS B 276 14.03 -78.16 -16.50
C CYS B 276 12.99 -79.28 -16.59
N HIS B 277 11.73 -78.87 -16.48
CA HIS B 277 10.60 -79.78 -16.58
C HIS B 277 10.25 -79.89 -18.05
N GLN B 278 10.10 -81.13 -18.51
CA GLN B 278 9.81 -81.40 -19.91
C GLN B 278 8.69 -82.40 -20.06
N SER B 279 7.99 -82.30 -21.18
CA SER B 279 6.89 -83.20 -21.48
C SER B 279 6.48 -83.07 -22.95
N LEU B 280 6.10 -84.18 -23.57
CA LEU B 280 5.67 -84.19 -24.96
C LEU B 280 4.15 -84.28 -25.06
N TRP B 281 3.60 -83.56 -26.03
CA TRP B 281 2.15 -83.54 -26.26
C TRP B 281 1.88 -83.74 -27.76
N LYS B 282 0.68 -84.21 -28.07
CA LYS B 282 0.28 -84.44 -29.45
C LYS B 282 -1.23 -84.25 -29.56
N ASP B 283 -1.64 -83.44 -30.53
CA ASP B 283 -3.05 -83.15 -30.77
C ASP B 283 -3.76 -82.64 -29.52
N GLY B 284 -3.07 -81.83 -28.74
CA GLY B 284 -3.64 -81.26 -27.53
C GLY B 284 -3.74 -82.20 -26.34
N ALA B 285 -3.12 -83.37 -26.44
CA ALA B 285 -3.17 -84.35 -25.35
C ALA B 285 -1.78 -84.77 -24.89
N PRO B 286 -1.65 -85.05 -23.59
CA PRO B 286 -0.38 -85.47 -22.96
C PRO B 286 0.05 -86.88 -23.37
N LEU B 287 1.36 -87.08 -23.46
CA LEU B 287 1.93 -88.37 -23.84
C LEU B 287 2.83 -88.95 -22.76
N MET B 288 2.96 -88.26 -21.64
CA MET B 288 3.84 -88.70 -20.55
C MET B 288 3.20 -89.58 -19.49
N TYR B 289 1.87 -89.56 -19.38
CA TYR B 289 1.15 -90.33 -18.36
C TYR B 289 0.73 -91.76 -18.70
N ASP B 290 0.66 -92.58 -17.65
CA ASP B 290 0.26 -93.99 -17.71
C ASP B 290 0.15 -94.51 -16.28
N GLU B 291 -1.07 -94.72 -15.81
CA GLU B 291 -1.34 -95.22 -14.45
C GLU B 291 -0.55 -96.47 -14.08
N THR B 292 -0.40 -97.36 -15.05
CA THR B 292 0.31 -98.64 -14.86
C THR B 292 1.83 -98.54 -14.71
N GLY B 293 2.43 -97.49 -15.26
CA GLY B 293 3.87 -97.35 -15.18
C GLY B 293 4.38 -96.75 -13.87
N TYR B 294 5.66 -96.98 -13.60
CA TYR B 294 6.30 -96.44 -12.40
C TYR B 294 6.22 -94.91 -12.42
N ALA B 295 5.79 -94.33 -11.31
CA ALA B 295 5.65 -92.88 -11.17
C ALA B 295 4.64 -92.29 -12.16
N GLY B 296 3.77 -93.15 -12.68
CA GLY B 296 2.76 -92.70 -13.63
C GLY B 296 3.34 -92.35 -14.99
N LEU B 297 4.47 -92.95 -15.34
CA LEU B 297 5.16 -92.67 -16.59
C LEU B 297 4.83 -93.63 -17.73
N SER B 298 4.61 -93.06 -18.90
CA SER B 298 4.32 -93.83 -20.10
C SER B 298 5.61 -94.43 -20.66
N ASP B 299 5.49 -95.25 -21.70
CA ASP B 299 6.66 -95.86 -22.34
C ASP B 299 7.48 -94.77 -22.98
N THR B 300 6.79 -93.78 -23.55
CA THR B 300 7.40 -92.64 -24.21
C THR B 300 8.25 -91.83 -23.23
N ALA B 301 7.66 -91.54 -22.06
CA ALA B 301 8.35 -90.79 -21.01
C ALA B 301 9.58 -91.53 -20.48
N ARG B 302 9.43 -92.83 -20.25
CA ARG B 302 10.53 -93.65 -19.74
C ARG B 302 11.70 -93.72 -20.73
N HIS B 303 11.38 -93.81 -22.01
CA HIS B 303 12.40 -93.87 -23.06
C HIS B 303 13.12 -92.53 -23.18
N TYR B 304 12.35 -91.46 -22.96
CA TYR B 304 12.88 -90.10 -23.00
C TYR B 304 13.92 -89.98 -21.89
N ILE B 305 13.56 -90.46 -20.71
CA ILE B 305 14.45 -90.46 -19.55
C ILE B 305 15.69 -91.32 -19.86
N GLY B 306 15.48 -92.40 -20.60
CA GLY B 306 16.59 -93.26 -20.97
C GLY B 306 17.57 -92.52 -21.84
N GLY B 307 17.04 -91.65 -22.70
CA GLY B 307 17.88 -90.85 -23.58
C GLY B 307 18.67 -89.82 -22.81
N LEU B 308 18.01 -89.14 -21.87
CA LEU B 308 18.65 -88.13 -21.04
C LEU B 308 19.81 -88.73 -20.24
N LEU B 309 19.54 -89.84 -19.56
CA LEU B 309 20.56 -90.51 -18.75
C LEU B 309 21.69 -91.11 -19.58
N HIS B 310 21.35 -91.65 -20.74
CA HIS B 310 22.36 -92.25 -21.60
C HIS B 310 23.27 -91.20 -22.22
N HIS B 311 22.68 -90.10 -22.67
CA HIS B 311 23.41 -89.01 -23.29
C HIS B 311 23.96 -87.92 -22.38
N ALA B 312 23.63 -87.99 -21.09
CA ALA B 312 24.08 -87.00 -20.13
C ALA B 312 25.54 -86.57 -20.22
N PRO B 313 26.48 -87.53 -20.35
CA PRO B 313 27.90 -87.14 -20.45
C PRO B 313 28.21 -86.11 -21.53
N SER B 314 27.47 -86.15 -22.64
CA SER B 314 27.70 -85.20 -23.72
C SER B 314 26.68 -84.06 -23.65
N LEU B 315 25.46 -84.38 -23.22
CA LEU B 315 24.36 -83.42 -23.09
C LEU B 315 24.80 -82.25 -22.20
N LEU B 316 25.55 -82.55 -21.16
CA LEU B 316 26.02 -81.54 -20.21
C LEU B 316 26.91 -80.47 -20.85
N ALA B 317 27.41 -80.74 -22.06
CA ALA B 317 28.24 -79.76 -22.76
C ALA B 317 27.42 -78.53 -23.17
N PHE B 318 26.09 -78.70 -23.24
CA PHE B 318 25.17 -77.61 -23.60
C PHE B 318 24.29 -77.23 -22.41
N THR B 319 24.14 -78.18 -21.51
CA THR B 319 23.31 -78.03 -20.34
C THR B 319 24.03 -77.43 -19.12
N ASN B 320 25.35 -77.66 -19.02
CA ASN B 320 26.21 -77.15 -17.95
C ASN B 320 27.53 -76.87 -18.69
N PRO B 321 27.50 -75.86 -19.59
CA PRO B 321 28.57 -75.44 -20.48
C PRO B 321 29.75 -74.58 -19.94
N THR B 322 29.85 -74.35 -18.63
CA THR B 322 30.95 -73.54 -18.13
C THR B 322 31.84 -74.26 -17.13
N VAL B 323 33.03 -73.73 -16.92
CA VAL B 323 33.96 -74.31 -15.95
C VAL B 323 33.35 -74.20 -14.55
N ASN B 324 32.66 -73.09 -14.30
CA ASN B 324 32.02 -72.82 -13.00
C ASN B 324 30.87 -73.79 -12.74
N SER B 325 30.29 -74.34 -13.81
CA SER B 325 29.19 -75.29 -13.71
C SER B 325 29.58 -76.48 -12.84
N TYR B 326 30.85 -76.88 -12.91
CA TYR B 326 31.36 -78.04 -12.16
C TYR B 326 31.77 -77.77 -10.73
N LYS B 327 31.48 -76.57 -10.24
CA LYS B 327 31.77 -76.23 -8.83
C LYS B 327 30.44 -76.47 -8.10
N ARG B 328 29.35 -76.49 -8.88
CA ARG B 328 28.02 -76.77 -8.36
C ARG B 328 27.79 -78.30 -8.46
N LEU B 329 28.14 -78.84 -9.63
CA LEU B 329 28.00 -80.28 -9.90
C LEU B 329 29.21 -80.98 -9.29
N VAL B 330 29.19 -81.12 -7.97
CA VAL B 330 30.27 -81.74 -7.23
C VAL B 330 29.63 -82.34 -5.96
N PRO B 331 30.20 -83.45 -5.41
CA PRO B 331 29.65 -84.09 -4.21
C PRO B 331 29.40 -83.11 -3.04
N GLY B 332 28.14 -83.02 -2.61
CA GLY B 332 27.82 -82.11 -1.51
C GLY B 332 26.35 -81.84 -1.26
N TYR B 333 25.91 -80.62 -1.59
CA TYR B 333 24.52 -80.15 -1.41
C TYR B 333 23.45 -80.96 -2.14
N GLU B 334 23.67 -82.27 -2.28
CA GLU B 334 22.76 -83.19 -2.95
C GLU B 334 22.71 -82.71 -4.41
N ALA B 335 23.88 -82.63 -5.02
CA ALA B 335 24.04 -82.18 -6.39
C ALA B 335 23.52 -83.23 -7.35
N PRO B 336 22.72 -82.81 -8.35
CA PRO B 336 22.14 -83.71 -9.36
C PRO B 336 23.22 -84.31 -10.25
N ILE B 337 24.07 -85.15 -9.67
CA ILE B 337 25.15 -85.80 -10.39
C ILE B 337 24.93 -87.30 -10.58
N ASN B 338 23.90 -87.83 -9.94
CA ASN B 338 23.59 -89.26 -10.01
C ASN B 338 22.70 -89.59 -11.21
N LEU B 339 23.27 -90.35 -12.14
CA LEU B 339 22.58 -90.73 -13.37
C LEU B 339 21.47 -91.76 -13.22
N VAL B 340 20.43 -91.38 -12.48
CA VAL B 340 19.27 -92.24 -12.26
C VAL B 340 18.03 -91.35 -12.14
N TYR B 341 16.84 -91.93 -12.28
CA TYR B 341 15.61 -91.16 -12.11
C TYR B 341 14.96 -91.53 -10.79
N SER B 342 14.14 -90.66 -10.25
CA SER B 342 13.52 -90.91 -8.96
C SER B 342 12.37 -89.96 -8.70
N GLN B 343 11.66 -90.19 -7.60
CA GLN B 343 10.54 -89.34 -7.19
C GLN B 343 10.90 -88.67 -5.87
N ARG B 344 11.82 -89.32 -5.15
CA ARG B 344 12.29 -88.85 -3.85
C ARG B 344 13.61 -88.08 -3.92
N ASN B 345 14.67 -88.75 -4.38
CA ASN B 345 16.01 -88.17 -4.49
C ASN B 345 16.17 -86.90 -5.30
N ARG B 346 16.71 -85.88 -4.65
CA ARG B 346 16.95 -84.61 -5.31
C ARG B 346 18.36 -84.54 -5.90
N SER B 347 19.16 -85.56 -5.58
CA SER B 347 20.53 -85.69 -6.08
C SER B 347 20.51 -86.54 -7.36
N ALA B 348 19.31 -86.84 -7.83
CA ALA B 348 19.11 -87.62 -9.05
C ALA B 348 19.02 -86.67 -10.23
N CYS B 349 19.69 -87.01 -11.32
CA CYS B 349 19.67 -86.19 -12.54
C CYS B 349 18.25 -85.90 -12.99
N VAL B 350 17.41 -86.93 -12.97
CA VAL B 350 16.02 -86.79 -13.37
C VAL B 350 15.11 -87.11 -12.19
N ARG B 351 14.17 -86.23 -11.92
CA ARG B 351 13.22 -86.44 -10.85
C ARG B 351 11.82 -86.31 -11.43
N ILE B 352 10.92 -87.19 -11.01
CA ILE B 352 9.55 -87.13 -11.47
C ILE B 352 8.70 -86.52 -10.37
N PRO B 353 8.25 -85.27 -10.57
CA PRO B 353 7.43 -84.56 -9.60
C PRO B 353 6.17 -85.36 -9.28
N ILE B 354 5.82 -85.41 -8.00
CA ILE B 354 4.62 -86.11 -7.57
C ILE B 354 3.43 -85.21 -7.88
N THR B 355 2.71 -85.56 -8.94
CA THR B 355 1.56 -84.78 -9.41
C THR B 355 0.21 -85.47 -9.34
N GLY B 356 0.20 -86.74 -8.92
CA GLY B 356 -1.05 -87.47 -8.82
C GLY B 356 -1.51 -88.20 -10.06
N SER B 357 -2.84 -88.24 -10.23
CA SER B 357 -3.47 -88.94 -11.36
C SER B 357 -3.75 -88.09 -12.59
N ASN B 358 -3.59 -86.76 -12.47
CA ASN B 358 -3.81 -85.85 -13.59
C ASN B 358 -2.74 -86.05 -14.68
N PRO B 359 -3.14 -86.59 -15.84
CA PRO B 359 -2.22 -86.84 -16.95
C PRO B 359 -1.56 -85.58 -17.53
N LYS B 360 -2.25 -84.46 -17.44
CA LYS B 360 -1.75 -83.19 -17.96
C LYS B 360 -0.63 -82.58 -17.11
N ALA B 361 -0.45 -83.09 -15.89
CA ALA B 361 0.57 -82.58 -15.00
C ALA B 361 1.82 -83.46 -14.95
N LYS B 362 1.74 -84.66 -15.54
CA LYS B 362 2.87 -85.57 -15.54
C LYS B 362 3.99 -85.05 -16.44
N ARG B 363 5.19 -84.99 -15.88
CA ARG B 363 6.36 -84.49 -16.60
C ARG B 363 7.62 -84.97 -15.90
N LEU B 364 8.75 -84.84 -16.57
CA LEU B 364 10.02 -85.22 -15.98
C LEU B 364 10.82 -83.96 -15.74
N GLU B 365 11.63 -83.97 -14.70
CA GLU B 365 12.45 -82.81 -14.36
C GLU B 365 13.94 -83.11 -14.41
N PHE B 366 14.63 -82.52 -15.37
CA PHE B 366 16.07 -82.69 -15.50
C PHE B 366 16.64 -81.62 -14.55
N ARG B 367 17.21 -82.08 -13.44
CA ARG B 367 17.75 -81.19 -12.40
C ARG B 367 19.18 -80.70 -12.59
N SER B 368 19.96 -81.39 -13.38
CA SER B 368 21.37 -81.07 -13.58
C SER B 368 21.73 -79.72 -14.21
N PRO B 369 20.94 -79.23 -15.18
CA PRO B 369 21.25 -77.94 -15.82
C PRO B 369 21.41 -76.72 -14.92
N ASP B 370 22.06 -75.70 -15.47
CA ASP B 370 22.24 -74.42 -14.80
C ASP B 370 22.01 -73.35 -15.86
N SER B 371 21.99 -72.08 -15.48
CA SER B 371 21.75 -71.04 -16.48
C SER B 371 23.00 -70.28 -16.90
N SER B 372 24.13 -70.99 -16.94
CA SER B 372 25.39 -70.39 -17.33
C SER B 372 25.64 -70.43 -18.83
N GLY B 373 24.66 -70.88 -19.60
CA GLY B 373 24.85 -70.97 -21.03
C GLY B 373 23.77 -70.42 -21.94
N ASN B 374 23.45 -71.22 -22.95
CA ASN B 374 22.46 -70.87 -23.97
C ASN B 374 21.23 -71.75 -23.83
N PRO B 375 20.08 -71.18 -23.43
CA PRO B 375 18.86 -71.95 -23.26
C PRO B 375 18.30 -72.56 -24.54
N TYR B 376 18.54 -71.91 -25.68
CA TYR B 376 18.08 -72.42 -26.96
C TYR B 376 18.78 -73.73 -27.28
N LEU B 377 20.10 -73.75 -27.07
CA LEU B 377 20.89 -74.94 -27.31
C LEU B 377 20.66 -76.02 -26.25
N ALA B 378 20.52 -75.59 -24.99
CA ALA B 378 20.30 -76.51 -23.88
C ALA B 378 18.98 -77.27 -24.01
N PHE B 379 17.89 -76.54 -24.23
CA PHE B 379 16.58 -77.14 -24.39
C PHE B 379 16.55 -78.07 -25.61
N SER B 380 17.12 -77.61 -26.71
CA SER B 380 17.17 -78.40 -27.95
C SER B 380 17.93 -79.70 -27.73
N ALA B 381 19.09 -79.61 -27.08
CA ALA B 381 19.92 -80.77 -26.80
C ALA B 381 19.18 -81.76 -25.91
N MET B 382 18.40 -81.24 -24.96
CA MET B 382 17.64 -82.10 -24.06
C MET B 382 16.58 -82.86 -24.85
N LEU B 383 15.91 -82.16 -25.76
CA LEU B 383 14.86 -82.77 -26.60
C LEU B 383 15.47 -83.86 -27.48
N MET B 384 16.59 -83.55 -28.12
CA MET B 384 17.26 -84.50 -29.00
C MET B 384 17.71 -85.76 -28.24
N ALA B 385 18.17 -85.57 -27.01
CA ALA B 385 18.59 -86.71 -26.20
C ALA B 385 17.37 -87.57 -25.88
N GLY B 386 16.26 -86.90 -25.55
CA GLY B 386 15.03 -87.62 -25.23
C GLY B 386 14.42 -88.33 -26.42
N LEU B 387 14.44 -87.69 -27.59
CA LEU B 387 13.90 -88.27 -28.81
C LEU B 387 14.71 -89.47 -29.27
N ASP B 388 16.03 -89.42 -29.08
CA ASP B 388 16.89 -90.53 -29.46
C ASP B 388 16.59 -91.71 -28.55
N GLY B 389 16.19 -91.41 -27.32
CA GLY B 389 15.86 -92.46 -26.37
C GLY B 389 14.56 -93.12 -26.74
N ILE B 390 13.62 -92.33 -27.28
CA ILE B 390 12.32 -92.84 -27.70
C ILE B 390 12.45 -93.68 -28.97
N LYS B 391 13.19 -93.17 -29.96
CA LYS B 391 13.39 -93.88 -31.21
C LYS B 391 14.11 -95.22 -31.03
N ASN B 392 15.14 -95.23 -30.19
CA ASN B 392 15.91 -96.45 -29.93
C ASN B 392 15.43 -97.20 -28.69
N LYS B 393 14.27 -96.78 -28.17
CA LYS B 393 13.64 -97.38 -27.01
C LYS B 393 14.62 -97.71 -25.88
N ILE B 394 15.49 -96.75 -25.61
CA ILE B 394 16.50 -96.86 -24.57
C ILE B 394 15.84 -96.98 -23.19
N GLU B 395 16.18 -98.05 -22.48
CA GLU B 395 15.63 -98.29 -21.16
C GLU B 395 16.56 -97.77 -20.09
N PRO B 396 16.07 -96.85 -19.24
CA PRO B 396 16.89 -96.30 -18.16
C PRO B 396 17.05 -97.35 -17.08
N GLN B 397 18.18 -97.33 -16.37
CA GLN B 397 18.37 -98.31 -15.31
C GLN B 397 17.30 -98.08 -14.25
N ALA B 398 17.04 -99.10 -13.44
CA ALA B 398 16.02 -99.03 -12.41
C ALA B 398 16.07 -97.79 -11.54
N PRO B 399 14.91 -97.13 -11.35
CA PRO B 399 14.80 -95.91 -10.54
C PRO B 399 15.17 -96.19 -9.09
N VAL B 400 15.59 -95.16 -8.37
CA VAL B 400 15.99 -95.31 -6.99
C VAL B 400 15.29 -94.31 -6.08
N ASP B 401 14.47 -94.81 -5.16
CA ASP B 401 13.76 -93.95 -4.23
C ASP B 401 14.36 -93.98 -2.82
N LYS B 402 15.28 -94.92 -2.59
CA LYS B 402 15.99 -95.04 -1.32
C LYS B 402 16.90 -93.82 -1.29
N ASP B 403 17.12 -93.24 -0.11
CA ASP B 403 18.00 -92.09 -0.01
C ASP B 403 19.39 -92.50 -0.53
N LEU B 404 19.80 -91.89 -1.64
CA LEU B 404 21.09 -92.18 -2.27
C LEU B 404 22.29 -91.89 -1.39
N TYR B 405 22.13 -90.95 -0.47
CA TYR B 405 23.20 -90.56 0.45
C TYR B 405 23.63 -91.76 1.32
N GLU B 406 22.69 -92.32 2.09
CA GLU B 406 22.99 -93.47 2.93
C GLU B 406 22.66 -94.77 2.18
N LEU B 407 23.62 -95.24 1.40
CA LEU B 407 23.47 -96.46 0.62
C LEU B 407 24.72 -97.30 0.82
N PRO B 408 24.57 -98.64 0.97
CA PRO B 408 25.72 -99.52 1.16
C PRO B 408 26.76 -99.33 0.05
N PRO B 409 27.98 -98.85 0.41
CA PRO B 409 29.12 -98.57 -0.47
C PRO B 409 29.31 -99.44 -1.71
N GLU B 410 28.93 -100.72 -1.63
CA GLU B 410 29.05 -101.62 -2.77
C GLU B 410 27.86 -101.47 -3.72
N GLU B 411 26.70 -101.14 -3.16
CA GLU B 411 25.47 -100.94 -3.90
C GLU B 411 25.42 -99.52 -4.49
N ALA B 412 26.20 -98.62 -3.89
CA ALA B 412 26.30 -97.23 -4.32
C ALA B 412 27.27 -97.07 -5.50
N ALA B 413 28.13 -98.07 -5.68
CA ALA B 413 29.10 -98.05 -6.77
C ALA B 413 28.44 -98.38 -8.11
N SER B 414 27.18 -98.79 -8.06
CA SER B 414 26.43 -99.13 -9.26
C SER B 414 25.66 -97.91 -9.79
N ILE B 415 25.83 -96.77 -9.13
CA ILE B 415 25.18 -95.52 -9.53
C ILE B 415 26.18 -94.66 -10.30
N PRO B 416 25.96 -94.50 -11.62
CA PRO B 416 26.85 -93.71 -12.48
C PRO B 416 26.75 -92.22 -12.14
N GLN B 417 27.88 -91.52 -12.23
CA GLN B 417 27.93 -90.09 -11.94
C GLN B 417 28.13 -89.33 -13.26
N THR B 418 27.79 -88.04 -13.24
CA THR B 418 27.98 -87.19 -14.40
C THR B 418 29.45 -86.79 -14.40
N PRO B 419 30.01 -86.38 -15.56
CA PRO B 419 31.41 -85.99 -15.54
C PRO B 419 31.59 -84.79 -14.59
N THR B 420 32.78 -84.64 -14.05
CA THR B 420 33.06 -83.58 -13.07
C THR B 420 33.86 -82.39 -13.60
N GLN B 421 34.07 -82.33 -14.92
CA GLN B 421 34.86 -81.25 -15.51
C GLN B 421 34.31 -80.89 -16.88
N LEU B 422 34.41 -79.62 -17.25
CA LEU B 422 33.92 -79.15 -18.55
C LEU B 422 34.70 -79.82 -19.69
N SER B 423 36.00 -79.95 -19.52
CA SER B 423 36.86 -80.57 -20.52
C SER B 423 36.38 -82.00 -20.82
N ASP B 424 35.83 -82.67 -19.80
CA ASP B 424 35.33 -83.99 -19.90
C ASP B 424 34.10 -84.06 -20.78
N VAL B 425 33.07 -83.28 -20.43
CA VAL B 425 31.83 -83.25 -21.19
C VAL B 425 32.04 -82.79 -22.63
N ILE B 426 33.04 -81.91 -22.82
CA ILE B 426 33.35 -81.42 -24.16
C ILE B 426 33.98 -82.56 -24.97
N ASP B 427 34.82 -83.36 -24.31
CA ASP B 427 35.45 -84.51 -24.95
C ASP B 427 34.38 -85.54 -25.34
N ARG B 428 33.41 -85.73 -24.44
CA ARG B 428 32.31 -86.67 -24.65
C ARG B 428 31.37 -86.22 -25.78
N LEU B 429 31.17 -84.90 -25.90
CA LEU B 429 30.33 -84.34 -26.95
C LEU B 429 30.98 -84.56 -28.30
N GLU B 430 32.29 -84.37 -28.33
CA GLU B 430 33.09 -84.55 -29.54
C GLU B 430 33.04 -85.99 -30.01
N ALA B 431 33.09 -86.92 -29.06
CA ALA B 431 33.07 -88.35 -29.34
C ALA B 431 31.69 -88.91 -29.69
N ASP B 432 30.64 -88.34 -29.12
CA ASP B 432 29.29 -88.81 -29.37
C ASP B 432 28.28 -87.67 -29.46
N HIS B 433 27.94 -87.28 -30.69
CA HIS B 433 26.96 -86.20 -30.89
C HIS B 433 26.01 -86.47 -32.05
N GLU B 434 25.90 -87.72 -32.47
CA GLU B 434 25.01 -88.07 -33.57
C GLU B 434 23.54 -87.82 -33.27
N TYR B 435 23.14 -87.99 -32.02
CA TYR B 435 21.76 -87.77 -31.64
C TYR B 435 21.37 -86.31 -31.82
N LEU B 436 22.37 -85.44 -31.76
CA LEU B 436 22.18 -84.00 -31.92
C LEU B 436 21.97 -83.62 -33.38
N THR B 437 22.73 -84.29 -34.26
CA THR B 437 22.67 -84.02 -35.71
C THR B 437 21.48 -84.64 -36.44
N GLU B 438 20.68 -85.44 -35.72
CA GLU B 438 19.49 -86.07 -36.30
C GLU B 438 18.57 -84.99 -36.86
N GLY B 439 18.02 -85.24 -38.04
CA GLY B 439 17.12 -84.29 -38.67
C GLY B 439 17.76 -82.96 -38.99
N GLY B 440 19.08 -82.88 -38.85
CA GLY B 440 19.80 -81.65 -39.12
C GLY B 440 19.60 -80.53 -38.10
N VAL B 441 19.08 -80.87 -36.91
CA VAL B 441 18.83 -79.87 -35.86
C VAL B 441 20.14 -79.17 -35.47
N PHE B 442 21.15 -79.97 -35.15
CA PHE B 442 22.48 -79.44 -34.83
C PHE B 442 23.33 -79.90 -36.02
N THR B 443 24.37 -79.14 -36.37
CA THR B 443 25.26 -79.52 -37.45
C THR B 443 26.62 -79.83 -36.83
N ASN B 444 27.41 -80.68 -37.50
CA ASN B 444 28.73 -80.97 -36.99
C ASN B 444 29.56 -79.70 -36.86
N ASP B 445 29.25 -78.78 -37.79
CA ASP B 445 29.90 -77.48 -37.84
C ASP B 445 29.67 -76.72 -36.53
N LEU B 446 28.41 -76.57 -36.14
CA LEU B 446 28.05 -75.87 -34.90
C LEU B 446 28.69 -76.54 -33.69
N ILE B 447 28.62 -77.87 -33.65
CA ILE B 447 29.16 -78.65 -32.55
C ILE B 447 30.68 -78.49 -32.43
N GLU B 448 31.38 -78.45 -33.56
CA GLU B 448 32.83 -78.29 -33.57
C GLU B 448 33.21 -76.88 -33.11
N THR B 449 32.38 -75.91 -33.49
CA THR B 449 32.59 -74.51 -33.14
C THR B 449 32.44 -74.33 -31.63
N TRP B 450 31.41 -74.97 -31.07
CA TRP B 450 31.13 -74.94 -29.64
C TRP B 450 32.30 -75.54 -28.87
N ILE B 451 32.77 -76.70 -29.34
CA ILE B 451 33.89 -77.39 -28.73
C ILE B 451 35.16 -76.53 -28.73
N SER B 452 35.43 -75.87 -29.84
CA SER B 452 36.60 -75.01 -29.98
C SER B 452 36.47 -73.77 -29.08
N PHE B 453 35.29 -73.18 -29.09
CA PHE B 453 35.00 -72.00 -28.29
C PHE B 453 35.29 -72.27 -26.81
N LYS B 454 34.75 -73.36 -26.29
CA LYS B 454 34.94 -73.74 -24.89
C LYS B 454 36.38 -74.05 -24.55
N ARG B 455 37.06 -74.77 -25.43
CA ARG B 455 38.46 -75.13 -25.18
C ARG B 455 39.41 -73.94 -25.21
N GLU B 456 39.23 -73.08 -26.21
CA GLU B 456 40.10 -71.92 -26.38
C GLU B 456 39.77 -70.71 -25.52
N ASN B 457 38.49 -70.46 -25.30
CA ASN B 457 38.05 -69.30 -24.53
C ASN B 457 37.72 -69.51 -23.06
N GLU B 458 37.57 -70.77 -22.65
CA GLU B 458 37.22 -71.05 -21.26
C GLU B 458 38.12 -72.05 -20.57
N ILE B 459 38.18 -73.26 -21.09
CA ILE B 459 38.99 -74.32 -20.51
C ILE B 459 40.47 -73.99 -20.38
N GLU B 460 41.09 -73.60 -21.50
CA GLU B 460 42.51 -73.27 -21.52
C GLU B 460 42.86 -72.05 -20.65
N PRO B 461 42.12 -70.93 -20.80
CA PRO B 461 42.40 -69.72 -20.01
C PRO B 461 42.40 -69.96 -18.49
N VAL B 462 41.45 -70.74 -17.99
CA VAL B 462 41.37 -71.03 -16.56
C VAL B 462 42.51 -71.98 -16.17
N ASN B 463 42.74 -72.97 -17.01
CA ASN B 463 43.76 -73.97 -16.76
C ASN B 463 45.21 -73.48 -16.66
N ILE B 464 45.56 -72.45 -17.42
CA ILE B 464 46.92 -71.93 -17.39
C ILE B 464 47.20 -70.95 -16.25
N ARG B 465 46.13 -70.47 -15.61
CA ARG B 465 46.24 -69.52 -14.51
C ARG B 465 46.26 -70.16 -13.13
N PRO B 466 47.34 -69.94 -12.37
CA PRO B 466 47.43 -70.51 -11.02
C PRO B 466 46.23 -70.08 -10.17
N HIS B 467 45.69 -71.03 -9.41
CA HIS B 467 44.55 -70.80 -8.52
C HIS B 467 45.10 -70.30 -7.18
N PRO B 468 44.39 -69.36 -6.51
CA PRO B 468 44.84 -68.83 -5.22
C PRO B 468 45.13 -69.90 -4.17
N TYR B 469 44.32 -70.96 -4.16
CA TYR B 469 44.50 -72.03 -3.20
C TYR B 469 45.80 -72.81 -3.41
N GLU B 470 46.36 -72.71 -4.61
CA GLU B 470 47.63 -73.39 -4.91
C GLU B 470 48.76 -72.74 -4.13
N PHE B 471 48.58 -71.48 -3.76
CA PHE B 471 49.60 -70.76 -2.99
C PHE B 471 49.53 -71.18 -1.53
N ALA B 472 48.32 -71.43 -1.05
CA ALA B 472 48.10 -71.88 0.32
C ALA B 472 48.72 -73.26 0.44
N LEU B 473 48.46 -74.06 -0.57
CA LEU B 473 48.90 -75.43 -0.66
C LEU B 473 50.40 -75.62 -0.99
N TYR B 474 50.95 -74.84 -1.95
CA TYR B 474 52.33 -75.10 -2.43
C TYR B 474 53.38 -73.98 -2.32
N TYR B 475 53.09 -72.78 -1.84
CA TYR B 475 54.16 -71.78 -1.77
C TYR B 475 55.36 -72.30 -0.98
N ASP B 476 55.10 -73.10 0.05
CA ASP B 476 56.12 -73.65 0.95
C ASP B 476 56.80 -74.95 0.54
N VAL B 477 56.44 -75.53 -0.60
CA VAL B 477 57.03 -76.82 -1.03
C VAL B 477 58.54 -76.96 -0.97
N THR C 1 -10.89 -69.67 14.17
CA THR C 1 -12.01 -69.77 15.15
C THR C 1 -13.32 -69.25 14.55
N GLU C 2 -13.31 -68.00 14.12
CA GLU C 2 -14.51 -67.39 13.55
C GLU C 2 -14.42 -66.78 12.15
N LYS C 3 -13.20 -66.55 11.65
CA LYS C 3 -13.06 -65.99 10.31
C LYS C 3 -13.23 -67.03 9.20
N THR C 4 -14.02 -66.66 8.20
CA THR C 4 -14.36 -67.49 7.06
C THR C 4 -13.45 -67.23 5.87
N PRO C 5 -13.26 -68.24 5.01
CA PRO C 5 -12.42 -68.07 3.82
C PRO C 5 -12.93 -66.87 3.01
N ASP C 6 -14.26 -66.68 3.04
CA ASP C 6 -14.90 -65.57 2.33
C ASP C 6 -14.51 -64.22 2.93
N ASP C 7 -14.30 -64.20 4.25
CA ASP C 7 -13.91 -62.97 4.93
C ASP C 7 -12.52 -62.57 4.42
N VAL C 8 -11.66 -63.57 4.24
CA VAL C 8 -10.30 -63.37 3.76
C VAL C 8 -10.30 -62.85 2.32
N PHE C 9 -11.14 -63.43 1.47
CA PHE C 9 -11.24 -62.99 0.07
C PHE C 9 -11.74 -61.56 -0.02
N LYS C 10 -12.65 -61.19 0.89
CA LYS C 10 -13.21 -59.84 0.93
C LYS C 10 -12.11 -58.87 1.36
N LEU C 11 -11.33 -59.28 2.36
CA LEU C 11 -10.22 -58.46 2.87
C LEU C 11 -9.25 -58.19 1.72
N ALA C 12 -8.91 -59.26 1.00
CA ALA C 12 -7.99 -59.17 -0.13
C ALA C 12 -8.51 -58.23 -1.22
N LYS C 13 -9.80 -58.35 -1.55
CA LYS C 13 -10.41 -57.51 -2.58
C LYS C 13 -10.46 -56.04 -2.15
N ASP C 14 -10.96 -55.79 -0.95
CA ASP C 14 -11.10 -54.43 -0.42
C ASP C 14 -9.76 -53.71 -0.30
N GLU C 15 -8.73 -54.44 0.13
CA GLU C 15 -7.40 -53.87 0.31
C GLU C 15 -6.58 -53.79 -0.99
N LYS C 16 -7.14 -54.33 -2.08
CA LYS C 16 -6.48 -54.33 -3.38
C LYS C 16 -5.11 -55.01 -3.27
N VAL C 17 -5.09 -56.13 -2.58
CA VAL C 17 -3.91 -56.93 -2.34
C VAL C 17 -3.35 -57.48 -3.65
N GLU C 18 -2.04 -57.36 -3.85
CA GLU C 18 -1.44 -57.88 -5.08
C GLU C 18 -0.66 -59.17 -4.86
N TYR C 19 -0.24 -59.42 -3.64
CA TYR C 19 0.50 -60.66 -3.31
C TYR C 19 -0.01 -61.29 -2.03
N VAL C 20 0.14 -62.59 -1.93
CA VAL C 20 -0.26 -63.33 -0.73
C VAL C 20 1.00 -64.04 -0.23
N ASP C 21 1.34 -63.79 1.03
CA ASP C 21 2.53 -64.40 1.63
C ASP C 21 2.15 -65.66 2.38
N VAL C 22 2.66 -66.79 1.90
CA VAL C 22 2.40 -68.09 2.49
C VAL C 22 3.40 -68.36 3.61
N ARG C 23 2.92 -68.36 4.84
CA ARG C 23 3.79 -68.57 6.00
C ARG C 23 3.53 -69.85 6.77
N PHE C 24 4.61 -70.42 7.27
CA PHE C 24 4.56 -71.64 8.07
C PHE C 24 5.73 -71.58 9.03
N CYS C 25 5.61 -72.25 10.17
CA CYS C 25 6.64 -72.20 11.18
C CYS C 25 7.65 -73.33 11.13
N ASP C 26 8.92 -72.99 11.31
CA ASP C 26 9.96 -74.01 11.34
C ASP C 26 10.09 -74.56 12.76
N LEU C 27 10.94 -75.57 12.94
CA LEU C 27 11.11 -76.20 14.24
C LEU C 27 11.52 -75.24 15.37
N PRO C 28 12.71 -74.60 15.28
CA PRO C 28 13.12 -73.69 16.35
C PRO C 28 12.18 -72.53 16.68
N GLY C 29 11.40 -72.06 15.71
CA GLY C 29 10.47 -70.99 15.99
C GLY C 29 10.38 -69.78 15.06
N ILE C 30 11.11 -69.82 13.95
CA ILE C 30 11.10 -68.72 13.00
C ILE C 30 10.16 -68.99 11.82
N MET C 31 9.30 -68.02 11.52
CA MET C 31 8.36 -68.16 10.42
C MET C 31 9.07 -68.14 9.06
N GLN C 32 8.65 -69.05 8.18
CA GLN C 32 9.20 -69.16 6.84
C GLN C 32 8.13 -68.69 5.86
N HIS C 33 8.52 -68.42 4.61
CA HIS C 33 7.55 -67.97 3.63
C HIS C 33 7.99 -68.01 2.18
N PHE C 34 6.99 -67.89 1.31
CA PHE C 34 7.16 -67.79 -0.12
C PHE C 34 5.93 -67.01 -0.57
N THR C 35 6.02 -66.33 -1.70
CA THR C 35 4.92 -65.50 -2.14
C THR C 35 4.29 -65.92 -3.47
N ILE C 36 2.98 -65.75 -3.56
CA ILE C 36 2.23 -66.06 -4.77
C ILE C 36 1.40 -64.84 -5.13
N PRO C 37 1.08 -64.66 -6.42
CA PRO C 37 0.28 -63.49 -6.81
C PRO C 37 -1.14 -63.65 -6.24
N ALA C 38 -1.79 -62.53 -5.95
CA ALA C 38 -3.14 -62.56 -5.38
C ALA C 38 -4.12 -63.27 -6.32
N SER C 39 -3.88 -63.13 -7.62
CA SER C 39 -4.72 -63.76 -8.65
C SER C 39 -4.78 -65.28 -8.52
N ALA C 40 -3.76 -65.87 -7.91
CA ALA C 40 -3.68 -67.32 -7.72
C ALA C 40 -4.28 -67.73 -6.36
N PHE C 41 -4.77 -66.75 -5.61
CA PHE C 41 -5.37 -67.01 -4.31
C PHE C 41 -6.88 -67.09 -4.43
N ASP C 42 -7.39 -68.32 -4.47
CA ASP C 42 -8.82 -68.58 -4.61
C ASP C 42 -9.27 -69.70 -3.68
N LYS C 43 -10.50 -70.18 -3.90
CA LYS C 43 -11.10 -71.23 -3.09
C LYS C 43 -10.29 -72.54 -3.08
N SER C 44 -9.61 -72.81 -4.19
CA SER C 44 -8.82 -74.04 -4.30
C SER C 44 -7.64 -74.08 -3.32
N VAL C 45 -7.22 -72.91 -2.85
CA VAL C 45 -6.12 -72.83 -1.89
C VAL C 45 -6.60 -73.37 -0.54
N PHE C 46 -7.85 -73.07 -0.18
CA PHE C 46 -8.45 -73.54 1.07
C PHE C 46 -8.90 -74.99 0.98
N ASP C 47 -9.36 -75.41 -0.19
CA ASP C 47 -9.84 -76.77 -0.41
C ASP C 47 -8.73 -77.79 -0.67
N ASP C 48 -7.89 -77.49 -1.65
CA ASP C 48 -6.81 -78.39 -2.03
C ASP C 48 -5.46 -78.08 -1.40
N GLY C 49 -5.23 -76.82 -1.07
CA GLY C 49 -3.97 -76.42 -0.47
C GLY C 49 -2.91 -76.07 -1.50
N LEU C 50 -1.70 -75.78 -1.03
CA LEU C 50 -0.59 -75.42 -1.91
C LEU C 50 0.55 -76.40 -1.75
N ALA C 51 1.17 -76.76 -2.87
CA ALA C 51 2.29 -77.69 -2.83
C ALA C 51 3.60 -76.94 -2.69
N PHE C 52 4.56 -77.53 -1.97
CA PHE C 52 5.88 -76.98 -1.74
C PHE C 52 6.83 -78.14 -1.29
N ASP C 53 8.14 -77.90 -1.42
CA ASP C 53 9.23 -78.88 -1.18
C ASP C 53 9.84 -78.92 0.21
N GLY C 54 10.17 -80.06 0.82
CA GLY C 54 10.88 -79.89 2.08
C GLY C 54 12.14 -79.11 1.73
N SER C 55 12.19 -77.81 2.03
CA SER C 55 13.39 -77.03 1.66
C SER C 55 14.26 -76.72 2.87
N SER C 56 15.50 -76.31 2.66
CA SER C 56 16.40 -76.11 3.79
C SER C 56 16.55 -77.50 4.40
N ILE C 57 17.03 -77.72 5.63
CA ILE C 57 17.31 -79.13 5.91
C ILE C 57 16.86 -79.74 7.26
N ARG C 58 16.82 -79.07 8.39
CA ARG C 58 16.57 -79.80 9.63
C ARG C 58 15.22 -79.62 10.31
N GLY C 59 14.59 -80.71 10.72
CA GLY C 59 13.29 -80.72 11.39
C GLY C 59 12.23 -81.31 10.47
N PHE C 60 11.99 -80.64 9.33
CA PHE C 60 10.96 -80.99 8.32
C PHE C 60 11.30 -82.18 7.39
N GLN C 61 10.46 -82.43 6.35
CA GLN C 61 10.50 -83.52 5.36
C GLN C 61 11.72 -83.54 4.41
N SER C 62 12.67 -84.43 4.69
CA SER C 62 13.91 -84.61 3.91
C SER C 62 13.64 -85.22 2.53
N ILE C 63 14.62 -85.88 1.87
CA ILE C 63 14.40 -86.44 0.54
C ILE C 63 14.05 -87.94 0.60
N HIS C 64 13.10 -88.28 1.48
CA HIS C 64 12.56 -89.65 1.66
C HIS C 64 11.10 -89.46 2.06
N GLU C 65 10.84 -88.14 2.24
CA GLU C 65 9.54 -87.54 2.64
C GLU C 65 9.26 -86.18 2.01
N SER C 66 10.19 -85.70 1.17
CA SER C 66 10.21 -84.44 0.39
C SER C 66 8.97 -83.53 0.41
N ASP C 67 8.03 -83.74 -0.51
CA ASP C 67 6.90 -82.83 -0.77
C ASP C 67 5.89 -82.67 0.34
N MET C 68 5.44 -81.42 0.55
CA MET C 68 4.44 -81.09 1.56
C MET C 68 3.26 -80.31 0.95
N LEU C 69 2.13 -80.34 1.65
CA LEU C 69 0.92 -79.64 1.23
C LEU C 69 0.59 -78.62 2.32
N LEU C 70 0.31 -77.37 1.94
CA LEU C 70 0.00 -76.33 2.89
C LEU C 70 -1.46 -75.90 2.88
N LEU C 71 -2.12 -75.99 4.03
CA LEU C 71 -3.53 -75.59 4.16
C LEU C 71 -3.59 -74.34 5.03
N PRO C 72 -4.28 -73.29 4.54
CA PRO C 72 -4.42 -72.02 5.25
C PRO C 72 -5.32 -71.96 6.47
N ASP C 73 -4.98 -71.05 7.38
CA ASP C 73 -5.75 -70.81 8.59
C ASP C 73 -6.28 -69.38 8.42
N PRO C 74 -7.55 -69.23 8.04
CA PRO C 74 -8.21 -67.94 7.82
C PRO C 74 -8.14 -66.93 8.97
N GLU C 75 -7.98 -67.42 10.20
CA GLU C 75 -7.90 -66.54 11.35
C GLU C 75 -6.58 -65.77 11.45
N THR C 76 -5.57 -66.25 10.73
CA THR C 76 -4.24 -65.63 10.75
C THR C 76 -4.00 -64.62 9.62
N ALA C 77 -5.00 -64.42 8.77
CA ALA C 77 -4.90 -63.48 7.66
C ALA C 77 -4.79 -62.04 8.12
N ARG C 78 -3.69 -61.39 7.73
CA ARG C 78 -3.43 -59.99 8.09
C ARG C 78 -2.74 -59.26 6.94
N ILE C 79 -3.04 -57.97 6.79
CA ILE C 79 -2.39 -57.16 5.78
C ILE C 79 -1.01 -56.77 6.32
N ASP C 80 0.03 -56.98 5.53
CA ASP C 80 1.39 -56.62 5.95
C ASP C 80 1.55 -55.10 5.87
N PRO C 81 1.90 -54.46 7.00
CA PRO C 81 2.07 -53.00 7.02
C PRO C 81 3.45 -52.50 6.57
N PHE C 82 4.35 -53.43 6.27
CA PHE C 82 5.71 -53.08 5.88
C PHE C 82 6.02 -53.24 4.40
N ARG C 83 5.49 -54.30 3.78
CA ARG C 83 5.73 -54.57 2.37
C ARG C 83 5.17 -53.48 1.45
N ALA C 84 6.00 -52.97 0.55
CA ALA C 84 5.61 -51.92 -0.39
C ALA C 84 4.45 -52.37 -1.27
N ALA C 85 4.57 -53.56 -1.85
CA ALA C 85 3.51 -54.12 -2.68
C ALA C 85 2.46 -54.65 -1.69
N LYS C 86 1.20 -54.21 -1.84
CA LYS C 86 0.14 -54.63 -0.91
C LYS C 86 0.07 -56.16 -0.81
N THR C 87 0.38 -56.65 0.39
CA THR C 87 0.43 -58.09 0.64
C THR C 87 -0.44 -58.57 1.81
N LEU C 88 -0.99 -59.77 1.64
CA LEU C 88 -1.82 -60.41 2.67
C LEU C 88 -1.03 -61.60 3.21
N ASN C 89 -0.76 -61.59 4.51
CA ASN C 89 -0.03 -62.69 5.14
C ASN C 89 -1.01 -63.68 5.75
N ILE C 90 -0.76 -64.97 5.55
CA ILE C 90 -1.60 -66.04 6.09
C ILE C 90 -0.71 -67.18 6.53
N ASN C 91 -1.02 -67.76 7.69
CA ASN C 91 -0.25 -68.89 8.21
C ASN C 91 -0.92 -70.18 7.74
N PHE C 92 -0.12 -71.21 7.53
CA PHE C 92 -0.59 -72.49 7.04
C PHE C 92 -0.19 -73.65 7.92
N PHE C 93 -0.87 -74.77 7.71
CA PHE C 93 -0.59 -76.03 8.41
C PHE C 93 0.04 -76.92 7.36
N VAL C 94 1.04 -77.69 7.75
CA VAL C 94 1.72 -78.59 6.84
C VAL C 94 1.06 -79.98 6.88
N HIS C 95 0.62 -80.44 5.72
CA HIS C 95 -0.02 -81.76 5.61
C HIS C 95 0.76 -82.66 4.67
N ASP C 96 0.47 -83.95 4.75
CA ASP C 96 1.10 -84.93 3.87
C ASP C 96 0.23 -84.86 2.60
N PRO C 97 0.86 -84.69 1.42
CA PRO C 97 0.15 -84.59 0.15
C PRO C 97 -0.87 -85.70 -0.08
N PHE C 98 -0.40 -86.94 0.03
CA PHE C 98 -1.19 -88.14 -0.17
C PHE C 98 -2.35 -88.32 0.81
N THR C 99 -2.03 -88.56 2.08
CA THR C 99 -3.03 -88.79 3.11
C THR C 99 -3.77 -87.56 3.65
N LEU C 100 -3.27 -86.37 3.35
CA LEU C 100 -3.83 -85.11 3.84
C LEU C 100 -3.73 -85.10 5.37
N GLU C 101 -2.83 -85.93 5.88
CA GLU C 101 -2.59 -86.08 7.31
C GLU C 101 -1.65 -84.98 7.81
N PRO C 102 -2.05 -84.29 8.90
CA PRO C 102 -1.23 -83.22 9.47
C PRO C 102 0.17 -83.72 9.78
N TYR C 103 1.18 -83.01 9.27
CA TYR C 103 2.58 -83.37 9.50
C TYR C 103 2.87 -83.23 10.99
N SER C 104 3.39 -84.31 11.58
CA SER C 104 3.69 -84.36 13.00
C SER C 104 4.78 -83.44 13.53
N ARG C 105 5.60 -82.87 12.64
CA ARG C 105 6.67 -81.99 13.06
C ARG C 105 6.41 -80.50 12.80
N ASP C 106 5.20 -80.19 12.34
CA ASP C 106 4.79 -78.81 12.10
C ASP C 106 4.27 -78.26 13.43
N PRO C 107 4.96 -77.27 13.98
CA PRO C 107 4.59 -76.66 15.26
C PRO C 107 3.13 -76.22 15.35
N ARG C 108 2.58 -75.72 14.26
CA ARG C 108 1.18 -75.28 14.27
C ARG C 108 0.21 -76.46 14.40
N ASN C 109 0.62 -77.63 13.94
CA ASN C 109 -0.22 -78.83 14.04
C ASN C 109 -0.21 -79.32 15.48
N ILE C 110 0.93 -79.19 16.15
CA ILE C 110 1.08 -79.59 17.54
C ILE C 110 0.13 -78.79 18.41
N ALA C 111 0.08 -77.47 18.17
CA ALA C 111 -0.80 -76.59 18.92
C ALA C 111 -2.27 -76.93 18.68
N ARG C 112 -2.60 -77.28 17.44
CA ARG C 112 -3.97 -77.65 17.10
C ARG C 112 -4.32 -78.99 17.77
N LYS C 113 -3.39 -79.94 17.75
CA LYS C 113 -3.58 -81.24 18.38
C LYS C 113 -3.78 -81.06 19.89
N ALA C 114 -3.05 -80.11 20.47
CA ALA C 114 -3.15 -79.83 21.90
C ALA C 114 -4.54 -79.33 22.28
N GLU C 115 -5.12 -78.49 21.43
CA GLU C 115 -6.46 -77.96 21.66
C GLU C 115 -7.52 -79.05 21.51
N ASN C 116 -7.33 -79.94 20.54
CA ASN C 116 -8.26 -81.03 20.30
C ASN C 116 -8.19 -82.06 21.43
N TYR C 117 -7.00 -82.28 21.96
CA TYR C 117 -6.80 -83.21 23.06
C TYR C 117 -7.50 -82.69 24.31
N LEU C 118 -7.43 -81.38 24.55
CA LEU C 118 -8.06 -80.75 25.70
C LEU C 118 -9.55 -81.07 25.68
N ILE C 119 -10.16 -80.91 24.52
CA ILE C 119 -11.58 -81.18 24.33
C ILE C 119 -11.90 -82.66 24.57
N SER C 120 -11.03 -83.54 24.09
CA SER C 120 -11.22 -84.98 24.23
C SER C 120 -11.15 -85.48 25.68
N THR C 121 -10.44 -84.75 26.54
CA THR C 121 -10.31 -85.16 27.94
C THR C 121 -11.56 -84.80 28.74
N GLY C 122 -12.38 -83.90 28.18
CA GLY C 122 -13.58 -83.47 28.85
C GLY C 122 -13.32 -82.46 29.96
N ILE C 123 -12.04 -82.26 30.30
CA ILE C 123 -11.62 -81.32 31.34
C ILE C 123 -12.09 -79.90 31.04
N ALA C 124 -11.94 -79.49 29.78
CA ALA C 124 -12.36 -78.16 29.32
C ALA C 124 -12.40 -78.17 27.81
N ASP C 125 -12.90 -77.08 27.21
CA ASP C 125 -12.94 -77.01 25.76
C ASP C 125 -12.10 -75.86 25.19
N THR C 126 -11.53 -75.03 26.07
CA THR C 126 -10.72 -73.89 25.64
C THR C 126 -9.61 -73.56 26.64
N ALA C 127 -8.39 -73.35 26.11
CA ALA C 127 -7.25 -72.98 26.92
C ALA C 127 -6.80 -71.59 26.45
N TYR C 128 -6.99 -70.59 27.30
CA TYR C 128 -6.61 -69.23 26.95
C TYR C 128 -5.20 -68.89 27.40
N PHE C 129 -4.41 -68.33 26.47
CA PHE C 129 -3.03 -67.94 26.75
C PHE C 129 -2.81 -66.45 26.52
N GLY C 130 -2.23 -65.80 27.53
CA GLY C 130 -1.90 -64.39 27.45
C GLY C 130 -0.40 -64.33 27.66
N ALA C 131 0.32 -63.85 26.65
CA ALA C 131 1.77 -63.78 26.75
C ALA C 131 2.33 -62.38 26.63
N GLU C 132 3.30 -62.09 27.47
CA GLU C 132 3.92 -60.78 27.50
C GLU C 132 5.42 -60.87 27.29
N ALA C 133 5.81 -60.55 26.07
CA ALA C 133 7.18 -60.65 25.65
C ALA C 133 7.88 -59.31 25.63
N GLU C 134 8.95 -59.23 26.41
CA GLU C 134 9.79 -58.05 26.51
C GLU C 134 10.83 -58.16 25.40
N PHE C 135 11.35 -57.02 24.97
CA PHE C 135 12.37 -56.99 23.92
C PHE C 135 13.25 -55.77 24.10
N TYR C 136 14.40 -55.78 23.42
CA TYR C 136 15.34 -54.66 23.46
C TYR C 136 15.46 -54.01 22.10
N ILE C 137 15.56 -52.68 22.10
CA ILE C 137 15.72 -51.91 20.88
C ILE C 137 17.16 -51.40 20.85
N PHE C 138 17.91 -51.83 19.84
CA PHE C 138 19.30 -51.41 19.70
C PHE C 138 19.50 -50.63 18.40
N ASP C 139 20.69 -50.05 18.25
CA ASP C 139 21.03 -49.30 17.06
C ASP C 139 21.93 -50.16 16.18
N SER C 140 22.67 -51.06 16.82
CA SER C 140 23.57 -51.93 16.09
C SER C 140 23.92 -53.20 16.85
N VAL C 141 24.39 -54.18 16.09
CA VAL C 141 24.83 -55.47 16.63
C VAL C 141 25.83 -56.09 15.66
N SER C 142 26.95 -56.53 16.20
CA SER C 142 27.97 -57.18 15.40
C SER C 142 28.63 -58.25 16.26
N PHE C 143 29.14 -59.30 15.62
CA PHE C 143 29.78 -60.41 16.32
C PHE C 143 30.43 -61.35 15.33
N ASP C 144 31.33 -62.20 15.83
CA ASP C 144 31.98 -63.21 15.03
C ASP C 144 32.69 -64.22 15.90
N SER C 145 33.06 -65.34 15.29
CA SER C 145 33.75 -66.41 15.98
C SER C 145 34.84 -66.90 15.03
N ARG C 146 36.09 -66.69 15.43
CA ARG C 146 37.23 -67.09 14.61
C ARG C 146 38.14 -68.01 15.41
N ALA C 147 39.19 -68.50 14.75
CA ALA C 147 40.13 -69.40 15.40
C ALA C 147 40.89 -68.76 16.55
N ASN C 148 41.29 -67.51 16.37
CA ASN C 148 42.09 -66.79 17.36
C ASN C 148 41.35 -65.70 18.14
N GLY C 149 40.05 -65.60 17.95
CA GLY C 149 39.31 -64.59 18.66
C GLY C 149 37.84 -64.65 18.40
N SER C 150 37.08 -63.92 19.21
CA SER C 150 35.64 -63.88 19.09
C SER C 150 35.16 -62.64 19.82
N PHE C 151 34.01 -62.11 19.40
CA PHE C 151 33.45 -60.93 20.05
C PHE C 151 31.98 -60.76 19.71
N TYR C 152 31.34 -59.87 20.46
CA TYR C 152 29.96 -59.48 20.20
C TYR C 152 29.86 -58.07 20.74
N GLU C 153 28.95 -57.30 20.18
CA GLU C 153 28.76 -55.94 20.62
C GLU C 153 27.41 -55.44 20.17
N VAL C 154 26.57 -55.09 21.15
CA VAL C 154 25.26 -54.51 20.86
C VAL C 154 25.41 -53.06 21.33
N ASP C 155 24.74 -52.14 20.65
CA ASP C 155 24.87 -50.76 21.05
C ASP C 155 23.62 -49.97 20.77
N ALA C 156 23.45 -48.90 21.54
CA ALA C 156 22.33 -48.00 21.42
C ALA C 156 22.85 -46.63 21.81
N ILE C 157 22.50 -45.63 21.01
CA ILE C 157 22.92 -44.25 21.22
C ILE C 157 22.67 -43.82 22.66
N SER C 158 21.49 -44.14 23.17
CA SER C 158 21.09 -43.79 24.53
C SER C 158 21.42 -44.83 25.61
N GLY C 159 22.31 -45.78 25.28
CA GLY C 159 22.69 -46.79 26.25
C GLY C 159 23.42 -46.18 27.43
N TRP C 160 23.08 -46.61 28.63
CA TRP C 160 23.69 -46.09 29.86
C TRP C 160 25.20 -46.27 29.97
N TRP C 161 25.77 -47.12 29.13
CA TRP C 161 27.21 -47.37 29.12
C TRP C 161 27.93 -46.33 28.24
N ASN C 162 27.15 -45.44 27.62
CA ASN C 162 27.68 -44.42 26.72
C ASN C 162 27.66 -42.99 27.27
N THR C 163 27.55 -42.82 28.58
CA THR C 163 27.50 -41.48 29.17
C THR C 163 28.77 -40.67 28.89
N GLY C 164 29.90 -41.37 28.73
CA GLY C 164 31.16 -40.70 28.48
C GLY C 164 31.53 -40.43 27.04
N ALA C 165 30.65 -40.79 26.10
CA ALA C 165 30.93 -40.58 24.68
C ALA C 165 31.13 -39.09 24.37
N ALA C 166 32.28 -38.78 23.76
CA ALA C 166 32.62 -37.41 23.40
C ALA C 166 31.61 -36.86 22.40
N THR C 167 31.23 -37.69 21.44
CA THR C 167 30.23 -37.35 20.42
C THR C 167 29.51 -38.65 20.08
N GLU C 168 28.33 -38.54 19.47
CA GLU C 168 27.56 -39.70 19.09
C GLU C 168 28.21 -40.42 17.91
N ALA C 169 27.66 -41.59 17.57
CA ALA C 169 28.16 -42.38 16.45
C ALA C 169 28.22 -41.55 15.17
N ASP C 170 27.15 -40.80 14.92
CA ASP C 170 27.05 -39.95 13.73
C ASP C 170 27.75 -38.60 13.83
N GLY C 171 28.64 -38.44 14.81
CA GLY C 171 29.37 -37.19 14.97
C GLY C 171 28.66 -36.08 15.73
N SER C 172 27.34 -36.23 15.91
CA SER C 172 26.55 -35.23 16.64
C SER C 172 26.91 -35.21 18.13
N PRO C 173 26.59 -34.11 18.83
CA PRO C 173 26.92 -34.05 20.26
C PRO C 173 26.15 -34.98 21.19
N ASN C 174 26.81 -35.38 22.27
CA ASN C 174 26.23 -36.23 23.30
C ASN C 174 25.32 -35.31 24.13
N ARG C 175 24.02 -35.56 24.10
CA ARG C 175 23.07 -34.74 24.84
C ARG C 175 22.63 -35.29 26.18
N GLY C 176 23.23 -36.39 26.59
CA GLY C 176 22.91 -36.99 27.88
C GLY C 176 21.58 -37.73 27.97
N TYR C 177 21.05 -37.79 29.18
CA TYR C 177 19.80 -38.49 29.47
C TYR C 177 19.90 -40.00 29.17
N LYS C 178 21.11 -40.53 29.32
CA LYS C 178 21.39 -41.95 29.09
C LYS C 178 21.38 -42.73 30.41
N VAL C 179 21.82 -42.07 31.48
CA VAL C 179 21.90 -42.68 32.80
C VAL C 179 20.61 -43.32 33.30
N ARG C 180 20.79 -44.46 33.93
CA ARG C 180 19.72 -45.27 34.47
C ARG C 180 19.69 -44.99 35.98
N HIS C 181 18.77 -44.12 36.40
CA HIS C 181 18.64 -43.71 37.80
C HIS C 181 17.93 -44.65 38.75
N LYS C 182 18.28 -44.52 40.03
CA LYS C 182 17.68 -45.31 41.10
C LYS C 182 16.34 -44.63 41.42
N GLY C 183 15.35 -45.44 41.81
CA GLY C 183 14.05 -44.88 42.15
C GLY C 183 12.91 -45.28 41.25
N GLY C 184 13.13 -45.24 39.94
CA GLY C 184 12.10 -45.61 39.00
C GLY C 184 12.70 -45.90 37.64
N TYR C 185 12.30 -47.00 37.03
CA TYR C 185 12.84 -47.36 35.73
C TYR C 185 11.93 -47.13 34.52
N PHE C 186 10.87 -46.34 34.69
CA PHE C 186 9.96 -45.99 33.60
C PHE C 186 9.84 -44.45 33.50
N PRO C 187 10.98 -43.73 33.53
CA PRO C 187 10.91 -42.26 33.45
C PRO C 187 10.34 -41.73 32.15
N VAL C 188 9.75 -40.54 32.22
CA VAL C 188 9.18 -39.89 31.05
C VAL C 188 10.33 -39.28 30.22
N ALA C 189 10.00 -38.80 29.02
CA ALA C 189 10.99 -38.18 28.15
C ALA C 189 11.54 -36.93 28.84
N PRO C 190 12.78 -36.52 28.51
CA PRO C 190 13.68 -37.15 27.54
C PRO C 190 14.50 -38.37 28.00
N ASN C 191 14.31 -38.83 29.24
CA ASN C 191 15.02 -40.01 29.71
C ASN C 191 14.54 -41.20 28.87
N ASP C 192 13.26 -41.18 28.54
CA ASP C 192 12.64 -42.20 27.70
C ASP C 192 12.90 -41.72 26.28
N GLN C 193 13.82 -42.39 25.60
CA GLN C 193 14.19 -42.00 24.24
C GLN C 193 13.54 -42.80 23.13
N TYR C 194 12.56 -43.62 23.45
CA TYR C 194 11.90 -44.45 22.43
C TYR C 194 10.40 -44.29 22.39
N VAL C 195 9.90 -43.17 22.92
CA VAL C 195 8.47 -42.92 22.94
C VAL C 195 7.77 -43.03 21.59
N ASP C 196 8.27 -42.29 20.59
CA ASP C 196 7.65 -42.33 19.27
C ASP C 196 7.73 -43.68 18.57
N LEU C 197 8.84 -44.38 18.74
CA LEU C 197 9.03 -45.70 18.13
C LEU C 197 8.03 -46.70 18.72
N ARG C 198 7.94 -46.73 20.05
CA ARG C 198 7.02 -47.65 20.70
C ARG C 198 5.58 -47.36 20.29
N ASP C 199 5.26 -46.08 20.11
CA ASP C 199 3.91 -45.70 19.68
C ASP C 199 3.65 -46.23 18.29
N LYS C 200 4.67 -46.22 17.43
CA LYS C 200 4.54 -46.73 16.07
C LYS C 200 4.29 -48.22 16.13
N MET C 201 4.99 -48.90 17.03
CA MET C 201 4.83 -50.34 17.22
C MET C 201 3.41 -50.63 17.67
N LEU C 202 2.94 -49.88 18.67
CA LEU C 202 1.59 -50.04 19.21
C LEU C 202 0.53 -49.76 18.15
N THR C 203 0.73 -48.71 17.37
CA THR C 203 -0.19 -48.34 16.31
C THR C 203 -0.28 -49.47 15.28
N ASN C 204 0.87 -50.04 14.93
CA ASN C 204 0.92 -51.15 13.97
C ASN C 204 0.24 -52.39 14.51
N LEU C 205 0.40 -52.66 15.80
CA LEU C 205 -0.24 -53.83 16.42
C LEU C 205 -1.76 -53.66 16.39
N ILE C 206 -2.23 -52.47 16.76
CA ILE C 206 -3.66 -52.18 16.77
C ILE C 206 -4.25 -52.28 15.37
N ASN C 207 -3.53 -51.78 14.38
CA ASN C 207 -3.98 -51.85 12.98
C ASN C 207 -3.94 -53.28 12.45
N SER C 208 -3.21 -54.13 13.15
CA SER C 208 -3.07 -55.54 12.76
C SER C 208 -3.98 -56.47 13.57
N GLY C 209 -5.01 -55.90 14.18
CA GLY C 209 -5.97 -56.71 14.93
C GLY C 209 -5.74 -57.02 16.39
N PHE C 210 -4.66 -56.51 16.98
CA PHE C 210 -4.40 -56.77 18.39
C PHE C 210 -5.38 -55.96 19.24
N ILE C 211 -5.90 -56.59 20.29
CA ILE C 211 -6.86 -55.95 21.17
C ILE C 211 -6.19 -55.49 22.46
N LEU C 212 -6.28 -54.20 22.72
CA LEU C 212 -5.69 -53.58 23.90
C LEU C 212 -6.86 -53.00 24.71
N GLU C 213 -7.08 -53.49 25.92
CA GLU C 213 -8.16 -52.98 26.76
C GLU C 213 -7.65 -52.64 28.15
N LYS C 214 -8.32 -53.23 29.12
CA LYS C 214 -8.14 -53.15 30.57
C LYS C 214 -6.68 -52.94 30.99
N GLY C 215 -5.97 -54.00 31.34
CA GLY C 215 -4.60 -53.86 31.80
C GLY C 215 -3.56 -54.12 30.73
N HIS C 216 -3.84 -53.61 29.52
CA HIS C 216 -2.92 -53.76 28.40
C HIS C 216 -2.19 -52.43 28.24
N HIS C 217 -0.89 -52.48 28.48
CA HIS C 217 -0.05 -51.28 28.44
C HIS C 217 1.09 -51.35 27.44
N GLU C 218 1.60 -50.17 27.18
CA GLU C 218 2.80 -50.00 26.39
C GLU C 218 3.82 -49.45 27.40
N VAL C 219 4.91 -50.14 27.64
CA VAL C 219 5.86 -49.68 28.64
C VAL C 219 7.31 -49.78 28.14
N GLY C 220 8.15 -48.88 28.62
CA GLY C 220 9.55 -48.88 28.23
C GLY C 220 10.49 -48.50 29.35
N SER C 221 11.66 -49.12 29.37
CA SER C 221 12.68 -48.87 30.38
C SER C 221 14.00 -48.91 29.64
N GLY C 222 14.60 -47.75 29.41
CA GLY C 222 15.84 -47.69 28.67
C GLY C 222 15.52 -48.17 27.26
N GLY C 223 16.30 -49.14 26.78
CA GLY C 223 16.05 -49.68 25.45
C GLY C 223 15.08 -50.85 25.49
N GLN C 224 14.71 -51.30 26.68
CA GLN C 224 13.78 -52.41 26.82
C GLN C 224 12.33 -51.94 26.73
N ALA C 225 11.47 -52.79 26.17
CA ALA C 225 10.07 -52.44 26.03
C ALA C 225 9.17 -53.67 26.04
N GLU C 226 7.88 -53.41 26.16
CA GLU C 226 6.87 -54.46 26.17
C GLU C 226 5.52 -53.84 25.91
N ILE C 227 4.75 -54.48 25.04
CA ILE C 227 3.40 -54.04 24.72
C ILE C 227 2.56 -55.29 24.85
N ASN C 228 1.73 -55.34 25.89
CA ASN C 228 0.88 -56.51 26.09
C ASN C 228 -0.49 -56.30 25.47
N TYR C 229 -1.12 -57.40 25.10
CA TYR C 229 -2.42 -57.37 24.44
C TYR C 229 -3.30 -58.50 24.96
N GLN C 230 -4.55 -58.52 24.51
CA GLN C 230 -5.50 -59.51 24.93
C GLN C 230 -5.16 -60.94 24.55
N PHE C 231 -5.40 -61.85 25.47
CA PHE C 231 -5.17 -63.28 25.31
C PHE C 231 -5.97 -63.86 24.14
N ASN C 232 -5.75 -65.14 23.88
CA ASN C 232 -6.44 -65.83 22.80
C ASN C 232 -6.35 -67.33 23.10
N SER C 233 -7.10 -68.14 22.35
CA SER C 233 -7.04 -69.59 22.52
C SER C 233 -5.64 -70.03 22.11
N LEU C 234 -5.12 -71.07 22.77
CA LEU C 234 -3.77 -71.58 22.55
C LEU C 234 -3.11 -71.37 21.17
N LEU C 235 -3.61 -72.03 20.14
CA LEU C 235 -3.03 -71.90 18.79
C LEU C 235 -2.94 -70.47 18.30
N HIS C 236 -4.06 -69.76 18.33
CA HIS C 236 -4.10 -68.38 17.87
C HIS C 236 -3.29 -67.41 18.73
N ALA C 237 -3.06 -67.77 19.99
CA ALA C 237 -2.25 -66.95 20.88
C ALA C 237 -0.81 -67.07 20.40
N ALA C 238 -0.44 -68.28 19.99
CA ALA C 238 0.90 -68.55 19.48
C ALA C 238 1.10 -67.83 18.14
N ASP C 239 0.05 -67.78 17.33
CA ASP C 239 0.10 -67.08 16.04
C ASP C 239 0.27 -65.59 16.31
N ASP C 240 -0.42 -65.11 17.34
CA ASP C 240 -0.37 -63.69 17.75
C ASP C 240 1.04 -63.31 18.21
N MET C 241 1.71 -64.23 18.89
CA MET C 241 3.07 -63.99 19.38
C MET C 241 4.03 -63.83 18.21
N GLN C 242 3.89 -64.69 17.20
CA GLN C 242 4.73 -64.63 16.02
C GLN C 242 4.49 -63.31 15.27
N LEU C 243 3.23 -62.90 15.21
CA LEU C 243 2.82 -61.66 14.55
C LEU C 243 3.40 -60.47 15.30
N TYR C 244 3.29 -60.51 16.63
CA TYR C 244 3.81 -59.48 17.52
C TYR C 244 5.31 -59.27 17.26
N LYS C 245 6.07 -60.36 17.30
CA LYS C 245 7.51 -60.29 17.06
C LYS C 245 7.80 -59.71 15.68
N TYR C 246 7.02 -60.14 14.68
CA TYR C 246 7.19 -59.66 13.31
C TYR C 246 6.97 -58.15 13.24
N ILE C 247 5.89 -57.69 13.86
CA ILE C 247 5.55 -56.27 13.86
C ILE C 247 6.55 -55.42 14.65
N ILE C 248 6.99 -55.93 15.79
CA ILE C 248 7.96 -55.22 16.61
C ILE C 248 9.29 -55.10 15.87
N LYS C 249 9.80 -56.23 15.37
CA LYS C 249 11.06 -56.26 14.65
C LYS C 249 11.13 -55.39 13.41
N ASN C 250 10.06 -55.39 12.62
CA ASN C 250 10.03 -54.62 11.39
C ASN C 250 9.69 -53.16 11.53
N THR C 251 8.98 -52.81 12.60
CA THR C 251 8.66 -51.40 12.86
C THR C 251 10.00 -50.75 13.22
N ALA C 252 10.78 -51.45 14.03
CA ALA C 252 12.10 -50.98 14.43
C ALA C 252 13.00 -50.87 13.20
N TRP C 253 12.99 -51.92 12.38
CA TRP C 253 13.81 -51.98 11.18
C TRP C 253 13.53 -50.83 10.22
N GLN C 254 12.26 -50.50 10.02
CA GLN C 254 11.89 -49.41 9.14
C GLN C 254 12.21 -48.04 9.73
N ASN C 255 12.56 -48.02 11.01
CA ASN C 255 12.88 -46.78 11.68
C ASN C 255 14.32 -46.70 12.14
N GLY C 256 15.20 -47.37 11.39
CA GLY C 256 16.62 -47.35 11.68
C GLY C 256 17.13 -48.08 12.92
N LYS C 257 16.34 -48.99 13.47
CA LYS C 257 16.78 -49.73 14.65
C LYS C 257 16.80 -51.22 14.38
N THR C 258 17.21 -51.97 15.39
CA THR C 258 17.27 -53.43 15.32
C THR C 258 16.85 -53.98 16.69
N VAL C 259 15.83 -54.83 16.68
CA VAL C 259 15.28 -55.43 17.89
C VAL C 259 15.72 -56.86 18.14
N THR C 260 15.84 -57.22 19.42
CA THR C 260 16.16 -58.59 19.79
C THR C 260 15.28 -59.08 20.93
N PHE C 261 14.76 -60.29 20.77
CA PHE C 261 13.92 -60.92 21.78
C PHE C 261 14.74 -61.92 22.56
N MET C 262 16.06 -61.93 22.36
CA MET C 262 16.91 -62.87 23.08
C MET C 262 16.80 -62.59 24.58
N PRO C 263 16.79 -63.66 25.41
CA PRO C 263 16.68 -63.59 26.88
C PRO C 263 17.62 -62.66 27.63
N LYS C 264 18.89 -62.66 27.26
CA LYS C 264 19.86 -61.84 27.96
C LYS C 264 20.89 -61.22 27.03
N PRO C 265 20.54 -60.11 26.37
CA PRO C 265 21.48 -59.45 25.45
C PRO C 265 22.48 -58.58 26.20
N LEU C 266 22.08 -58.11 27.39
CA LEU C 266 22.93 -57.24 28.20
C LEU C 266 23.32 -57.85 29.53
N PHE C 267 24.62 -57.82 29.81
CA PHE C 267 25.16 -58.33 31.05
C PHE C 267 25.11 -57.17 32.05
N GLY C 268 24.33 -57.31 33.11
CA GLY C 268 24.22 -56.23 34.07
C GLY C 268 22.96 -55.40 33.85
N ASP C 269 22.02 -55.95 33.10
CA ASP C 269 20.75 -55.30 32.85
C ASP C 269 19.69 -56.39 32.78
N ASN C 270 18.45 -56.00 32.96
CA ASN C 270 17.32 -56.91 32.97
C ASN C 270 17.23 -57.82 31.73
N GLY C 271 16.87 -59.07 31.95
CA GLY C 271 16.72 -60.01 30.86
C GLY C 271 15.33 -59.82 30.27
N SER C 272 15.02 -60.51 29.16
CA SER C 272 13.71 -60.40 28.54
C SER C 272 12.96 -61.71 28.66
N GLY C 273 11.80 -61.66 29.32
CA GLY C 273 11.01 -62.87 29.49
C GLY C 273 9.66 -62.82 28.83
N MET C 274 8.95 -63.94 28.90
CA MET C 274 7.61 -64.06 28.34
C MET C 274 6.70 -64.68 29.38
N HIS C 275 6.05 -63.83 30.16
CA HIS C 275 5.14 -64.28 31.20
C HIS C 275 3.88 -64.79 30.54
N CYS C 276 3.55 -66.05 30.80
CA CYS C 276 2.38 -66.67 30.19
C CYS C 276 1.22 -66.94 31.14
N HIS C 277 0.15 -66.19 30.95
CA HIS C 277 -1.06 -66.33 31.74
C HIS C 277 -1.90 -67.39 31.06
N GLN C 278 -2.39 -68.34 31.86
CA GLN C 278 -3.18 -69.45 31.34
C GLN C 278 -4.41 -69.68 32.18
N SER C 279 -5.42 -70.24 31.55
CA SER C 279 -6.68 -70.54 32.22
C SER C 279 -7.54 -71.45 31.34
N LEU C 280 -8.28 -72.36 31.97
CA LEU C 280 -9.15 -73.28 31.24
C LEU C 280 -10.60 -72.86 31.37
N TRP C 281 -11.35 -73.01 30.28
CA TRP C 281 -12.77 -72.66 30.25
C TRP C 281 -13.57 -73.81 29.62
N LYS C 282 -14.85 -73.87 29.93
CA LYS C 282 -15.73 -74.90 29.40
C LYS C 282 -17.14 -74.33 29.30
N ASP C 283 -17.73 -74.50 28.12
CA ASP C 283 -19.09 -74.01 27.84
C ASP C 283 -19.26 -72.53 28.14
N GLY C 284 -18.21 -71.75 27.83
CA GLY C 284 -18.25 -70.31 28.06
C GLY C 284 -18.08 -69.86 29.49
N ALA C 285 -17.70 -70.77 30.38
CA ALA C 285 -17.52 -70.43 31.78
C ALA C 285 -16.13 -70.81 32.29
N PRO C 286 -15.60 -70.00 33.22
CA PRO C 286 -14.27 -70.21 33.82
C PRO C 286 -14.21 -71.41 34.75
N LEU C 287 -13.06 -72.07 34.78
CA LEU C 287 -12.84 -73.24 35.61
C LEU C 287 -11.72 -73.06 36.63
N MET C 288 -11.11 -71.87 36.64
CA MET C 288 -9.99 -71.60 37.53
C MET C 288 -10.35 -71.00 38.90
N TYR C 289 -11.55 -70.43 39.02
CA TYR C 289 -11.96 -69.78 40.27
C TYR C 289 -12.68 -70.64 41.32
N ASP C 290 -12.51 -70.23 42.58
CA ASP C 290 -13.10 -70.88 43.75
C ASP C 290 -12.78 -70.01 44.97
N GLU C 291 -13.79 -69.31 45.49
CA GLU C 291 -13.64 -68.44 46.66
C GLU C 291 -12.96 -69.11 47.85
N THR C 292 -13.27 -70.38 48.07
CA THR C 292 -12.75 -71.14 49.19
C THR C 292 -11.28 -71.54 49.09
N GLY C 293 -10.75 -71.62 47.87
CA GLY C 293 -9.36 -72.01 47.69
C GLY C 293 -8.36 -70.89 47.86
N TYR C 294 -7.10 -71.26 48.10
CA TYR C 294 -6.02 -70.29 48.26
C TYR C 294 -5.88 -69.48 46.98
N ALA C 295 -5.82 -68.15 47.12
CA ALA C 295 -5.70 -67.24 45.99
C ALA C 295 -6.88 -67.32 45.03
N GLY C 296 -7.99 -67.85 45.52
CA GLY C 296 -9.20 -67.98 44.70
C GLY C 296 -9.08 -69.05 43.63
N LEU C 297 -8.23 -70.04 43.87
CA LEU C 297 -7.98 -71.12 42.92
C LEU C 297 -8.81 -72.37 43.13
N SER C 298 -9.35 -72.89 42.03
CA SER C 298 -10.13 -74.12 42.06
C SER C 298 -9.21 -75.33 42.15
N ASP C 299 -9.79 -76.51 42.30
CA ASP C 299 -9.01 -77.75 42.38
C ASP C 299 -8.31 -77.97 41.06
N THR C 300 -9.02 -77.64 39.97
CA THR C 300 -8.51 -77.77 38.62
C THR C 300 -7.27 -76.91 38.42
N ALA C 301 -7.37 -75.64 38.84
CA ALA C 301 -6.27 -74.69 38.73
C ALA C 301 -5.06 -75.12 39.55
N ARG C 302 -5.28 -75.58 40.78
CA ARG C 302 -4.20 -76.01 41.66
C ARG C 302 -3.47 -77.23 41.11
N HIS C 303 -4.23 -78.15 40.51
CA HIS C 303 -3.64 -79.37 39.93
C HIS C 303 -2.84 -79.01 38.68
N TYR C 304 -3.31 -78.00 37.96
CA TYR C 304 -2.64 -77.51 36.76
C TYR C 304 -1.27 -76.99 37.19
N ILE C 305 -1.27 -76.19 38.25
CA ILE C 305 -0.04 -75.63 38.82
C ILE C 305 0.88 -76.77 39.28
N GLY C 306 0.28 -77.83 39.82
CA GLY C 306 1.04 -78.97 40.26
C GLY C 306 1.76 -79.61 39.09
N GLY C 307 1.11 -79.62 37.93
CA GLY C 307 1.70 -80.18 36.74
C GLY C 307 2.85 -79.33 36.23
N LEU C 308 2.65 -78.01 36.21
CA LEU C 308 3.67 -77.08 35.76
C LEU C 308 4.93 -77.20 36.62
N LEU C 309 4.76 -77.17 37.94
CA LEU C 309 5.89 -77.27 38.86
C LEU C 309 6.57 -78.64 38.84
N HIS C 310 5.77 -79.69 38.71
CA HIS C 310 6.32 -81.04 38.67
C HIS C 310 7.11 -81.29 37.38
N HIS C 311 6.56 -80.83 36.26
CA HIS C 311 7.19 -81.02 34.95
C HIS C 311 8.17 -79.95 34.50
N ALA C 312 8.29 -78.88 35.28
CA ALA C 312 9.18 -77.77 34.93
C ALA C 312 10.58 -78.15 34.42
N PRO C 313 11.27 -79.10 35.08
CA PRO C 313 12.60 -79.49 34.63
C PRO C 313 12.67 -79.90 33.15
N SER C 314 11.60 -80.50 32.63
CA SER C 314 11.57 -80.90 31.24
C SER C 314 10.82 -79.89 30.39
N LEU C 315 9.78 -79.28 30.98
CA LEU C 315 8.95 -78.28 30.31
C LEU C 315 9.82 -77.13 29.79
N LEU C 316 10.85 -76.77 30.55
CA LEU C 316 11.75 -75.69 30.19
C LEU C 316 12.51 -75.94 28.88
N ALA C 317 12.52 -77.19 28.41
CA ALA C 317 13.19 -77.52 27.15
C ALA C 317 12.46 -76.89 25.97
N PHE C 318 11.19 -76.54 26.16
CA PHE C 318 10.36 -75.92 25.11
C PHE C 318 10.02 -74.48 25.50
N THR C 319 10.06 -74.23 26.79
CA THR C 319 9.69 -72.95 27.35
C THR C 319 10.88 -71.95 27.47
N ASN C 320 12.08 -72.49 27.62
CA ASN C 320 13.33 -71.71 27.70
C ASN C 320 14.33 -72.61 26.98
N PRO C 321 14.15 -72.75 25.65
CA PRO C 321 14.90 -73.62 24.74
C PRO C 321 16.31 -73.18 24.23
N THR C 322 16.88 -72.09 24.74
CA THR C 322 18.20 -71.68 24.25
C THR C 322 19.25 -71.61 25.34
N VAL C 323 20.51 -71.61 24.92
CA VAL C 323 21.61 -71.51 25.87
C VAL C 323 21.56 -70.15 26.57
N ASN C 324 21.16 -69.12 25.82
CA ASN C 324 21.05 -67.76 26.35
C ASN C 324 19.93 -67.64 27.38
N SER C 325 18.95 -68.54 27.30
CA SER C 325 17.82 -68.55 28.24
C SER C 325 18.31 -68.66 29.68
N TYR C 326 19.41 -69.39 29.88
CA TYR C 326 19.97 -69.60 31.22
C TYR C 326 20.89 -68.52 31.74
N LYS C 327 20.96 -67.40 31.03
CA LYS C 327 21.76 -66.25 31.47
C LYS C 327 20.74 -65.33 32.15
N ARG C 328 19.45 -65.54 31.84
CA ARG C 328 18.36 -64.79 32.45
C ARG C 328 17.90 -65.60 33.67
N LEU C 329 17.73 -66.90 33.49
CA LEU C 329 17.31 -67.82 34.55
C LEU C 329 18.54 -68.17 35.39
N VAL C 330 18.95 -67.22 36.22
CA VAL C 330 20.13 -67.36 37.06
C VAL C 330 19.88 -66.47 38.31
N PRO C 331 20.43 -66.84 39.49
CA PRO C 331 20.25 -66.05 40.71
C PRO C 331 20.55 -64.55 40.54
N GLY C 332 19.55 -63.70 40.78
CA GLY C 332 19.76 -62.27 40.64
C GLY C 332 18.51 -61.39 40.65
N TYR C 333 18.17 -60.85 39.47
CA TYR C 333 17.01 -59.96 39.28
C TYR C 333 15.64 -60.56 39.63
N GLU C 334 15.61 -61.43 40.65
CA GLU C 334 14.41 -62.09 41.10
C GLU C 334 13.92 -62.94 39.93
N ALA C 335 14.82 -63.80 39.45
CA ALA C 335 14.56 -64.67 38.33
C ALA C 335 13.60 -65.78 38.71
N PRO C 336 12.56 -66.03 37.88
CA PRO C 336 11.56 -67.06 38.13
C PRO C 336 12.16 -68.46 38.07
N ILE C 337 13.03 -68.77 39.05
CA ILE C 337 13.70 -70.06 39.13
C ILE C 337 13.20 -70.91 40.29
N ASN C 338 12.40 -70.31 41.16
CA ASN C 338 11.87 -71.00 42.33
C ASN C 338 10.59 -71.78 42.02
N LEU C 339 10.69 -73.10 42.12
CA LEU C 339 9.58 -74.00 41.83
C LEU C 339 8.44 -74.01 42.84
N VAL C 340 7.79 -72.87 43.00
CA VAL C 340 6.67 -72.71 43.91
C VAL C 340 5.69 -71.70 43.32
N TYR C 341 4.44 -71.69 43.81
CA TYR C 341 3.47 -70.70 43.34
C TYR C 341 3.28 -69.63 44.40
N SER C 342 2.82 -68.47 44.03
CA SER C 342 2.66 -67.38 44.99
C SER C 342 1.81 -66.26 44.41
N GLN C 343 1.50 -65.27 45.24
CA GLN C 343 0.72 -64.11 44.82
C GLN C 343 1.61 -62.88 44.95
N ARG C 344 2.62 -63.00 45.83
CA ARG C 344 3.57 -61.92 46.10
C ARG C 344 4.88 -62.06 45.32
N ASN C 345 5.60 -63.15 45.57
CA ASN C 345 6.89 -63.42 44.94
C ASN C 345 6.95 -63.43 43.41
N ARG C 346 7.82 -62.60 42.87
CA ARG C 346 8.01 -62.53 41.43
C ARG C 346 9.12 -63.46 40.96
N SER C 347 9.83 -64.03 41.93
CA SER C 347 10.90 -64.99 41.67
C SER C 347 10.32 -66.41 41.70
N ALA C 348 9.00 -66.49 41.78
CA ALA C 348 8.29 -67.77 41.79
C ALA C 348 7.93 -68.14 40.35
N CYS C 349 8.13 -69.42 40.01
CA CYS C 349 7.81 -69.91 38.66
C CYS C 349 6.38 -69.58 38.27
N VAL C 350 5.46 -69.79 39.21
CA VAL C 350 4.06 -69.51 38.97
C VAL C 350 3.57 -68.46 39.94
N ARG C 351 2.91 -67.44 39.41
CA ARG C 351 2.37 -66.38 40.22
C ARG C 351 0.89 -66.24 39.91
N ILE C 352 0.07 -66.05 40.94
CA ILE C 352 -1.35 -65.88 40.73
C ILE C 352 -1.67 -64.40 40.87
N PRO C 353 -1.97 -63.73 39.75
CA PRO C 353 -2.30 -62.31 39.74
C PRO C 353 -3.48 -62.03 40.67
N ILE C 354 -3.37 -60.93 41.42
CA ILE C 354 -4.44 -60.55 42.33
C ILE C 354 -5.52 -59.88 41.48
N THR C 355 -6.61 -60.62 41.26
CA THR C 355 -7.71 -60.14 40.43
C THR C 355 -9.05 -59.95 41.14
N GLY C 356 -9.09 -60.30 42.43
CA GLY C 356 -10.32 -60.14 43.19
C GLY C 356 -11.29 -61.31 43.16
N SER C 357 -12.58 -60.98 43.20
CA SER C 357 -13.65 -61.98 43.21
C SER C 357 -14.21 -62.38 41.85
N ASN C 358 -13.83 -61.66 40.80
CA ASN C 358 -14.29 -61.95 39.43
C ASN C 358 -13.71 -63.27 38.94
N PRO C 359 -14.55 -64.31 38.80
CA PRO C 359 -14.11 -65.64 38.34
C PRO C 359 -13.51 -65.66 36.93
N LYS C 360 -13.97 -64.74 36.07
CA LYS C 360 -13.49 -64.66 34.70
C LYS C 360 -12.07 -64.11 34.58
N ALA C 361 -11.56 -63.50 35.64
CA ALA C 361 -10.22 -62.92 35.63
C ALA C 361 -9.18 -63.79 36.31
N LYS C 362 -9.63 -64.85 37.00
CA LYS C 362 -8.71 -65.75 37.68
C LYS C 362 -7.91 -66.57 36.68
N ARG C 363 -6.59 -66.55 36.85
CA ARG C 363 -5.69 -67.27 35.97
C ARG C 363 -4.35 -67.44 36.66
N LEU C 364 -3.52 -68.30 36.11
CA LEU C 364 -2.19 -68.51 36.66
C LEU C 364 -1.17 -67.96 35.67
N GLU C 365 -0.06 -67.46 36.20
CA GLU C 365 0.97 -66.89 35.35
C GLU C 365 2.30 -67.63 35.48
N PHE C 366 2.70 -68.31 34.41
CA PHE C 366 3.97 -69.02 34.38
C PHE C 366 4.98 -67.94 33.95
N ARG C 367 5.82 -67.54 34.90
CA ARG C 367 6.81 -66.47 34.68
C ARG C 367 8.14 -66.87 34.06
N SER C 368 8.49 -68.13 34.17
CA SER C 368 9.78 -68.64 33.69
C SER C 368 10.09 -68.54 32.18
N PRO C 369 9.09 -68.75 31.30
CA PRO C 369 9.35 -68.68 29.86
C PRO C 369 9.98 -67.40 29.31
N ASP C 370 10.54 -67.52 28.12
CA ASP C 370 11.13 -66.40 27.39
C ASP C 370 10.69 -66.58 25.94
N SER C 371 10.99 -65.61 25.08
CA SER C 371 10.59 -65.74 23.68
C SER C 371 11.71 -66.12 22.74
N SER C 372 12.64 -66.94 23.23
CA SER C 372 13.76 -67.38 22.43
C SER C 372 13.47 -68.65 21.63
N GLY C 373 12.24 -69.12 21.67
CA GLY C 373 11.90 -70.33 20.95
C GLY C 373 10.68 -70.35 20.07
N ASN C 374 9.90 -71.43 20.22
CA ASN C 374 8.70 -71.66 19.45
C ASN C 374 7.47 -71.57 20.35
N PRO C 375 6.63 -70.54 20.16
CA PRO C 375 5.43 -70.37 20.99
C PRO C 375 4.39 -71.47 20.85
N TYR C 376 4.33 -72.10 19.66
CA TYR C 376 3.38 -73.18 19.43
C TYR C 376 3.73 -74.36 20.32
N LEU C 377 5.02 -74.69 20.36
CA LEU C 377 5.50 -75.80 21.17
C LEU C 377 5.50 -75.45 22.66
N ALA C 378 5.86 -74.22 22.99
CA ALA C 378 5.91 -73.77 24.38
C ALA C 378 4.53 -73.78 25.03
N PHE C 379 3.55 -73.17 24.38
CA PHE C 379 2.18 -73.13 24.89
C PHE C 379 1.60 -74.54 25.01
N SER C 380 1.83 -75.36 23.98
CA SER C 380 1.33 -76.74 23.98
C SER C 380 1.93 -77.53 25.14
N ALA C 381 3.25 -77.41 25.33
CA ALA C 381 3.94 -78.11 26.40
C ALA C 381 3.41 -77.68 27.77
N MET C 382 3.10 -76.39 27.90
CA MET C 382 2.57 -75.87 29.16
C MET C 382 1.20 -76.48 29.44
N LEU C 383 0.36 -76.58 28.40
CA LEU C 383 -0.97 -77.16 28.53
C LEU C 383 -0.86 -78.63 28.94
N MET C 384 -0.01 -79.37 28.24
CA MET C 384 0.18 -80.78 28.52
C MET C 384 0.67 -81.02 29.94
N ALA C 385 1.55 -80.16 30.43
CA ALA C 385 2.05 -80.28 31.79
C ALA C 385 0.91 -80.04 32.78
N GLY C 386 0.08 -79.03 32.48
CA GLY C 386 -1.05 -78.71 33.33
C GLY C 386 -2.13 -79.79 33.33
N LEU C 387 -2.42 -80.34 32.16
CA LEU C 387 -3.43 -81.39 32.02
C LEU C 387 -3.00 -82.68 32.72
N ASP C 388 -1.70 -82.98 32.69
CA ASP C 388 -1.19 -84.17 33.35
C ASP C 388 -1.33 -83.99 34.86
N GLY C 389 -1.23 -82.73 35.30
CA GLY C 389 -1.37 -82.43 36.71
C GLY C 389 -2.80 -82.59 37.16
N ILE C 390 -3.73 -82.25 36.28
CA ILE C 390 -5.16 -82.36 36.56
C ILE C 390 -5.60 -83.83 36.57
N LYS C 391 -5.18 -84.58 35.57
CA LYS C 391 -5.53 -85.99 35.47
C LYS C 391 -4.99 -86.82 36.63
N ASN C 392 -3.74 -86.55 37.03
CA ASN C 392 -3.13 -87.28 38.13
C ASN C 392 -3.25 -86.55 39.46
N LYS C 393 -4.12 -85.53 39.50
CA LYS C 393 -4.37 -84.72 40.68
C LYS C 393 -3.11 -84.36 41.47
N ILE C 394 -2.07 -83.97 40.75
CA ILE C 394 -0.79 -83.59 41.35
C ILE C 394 -0.96 -82.36 42.23
N GLU C 395 -0.55 -82.50 43.48
CA GLU C 395 -0.64 -81.41 44.44
C GLU C 395 0.67 -80.65 44.52
N PRO C 396 0.63 -79.33 44.24
CA PRO C 396 1.85 -78.52 44.30
C PRO C 396 2.22 -78.30 45.76
N GLN C 397 3.51 -78.17 46.05
CA GLN C 397 3.91 -77.92 47.42
C GLN C 397 3.31 -76.59 47.88
N ALA C 398 3.20 -76.42 49.18
CA ALA C 398 2.61 -75.22 49.76
C ALA C 398 3.14 -73.91 49.17
N PRO C 399 2.22 -72.99 48.80
CA PRO C 399 2.57 -71.69 48.23
C PRO C 399 3.38 -70.87 49.23
N VAL C 400 4.16 -69.92 48.72
CA VAL C 400 4.99 -69.08 49.57
C VAL C 400 4.80 -67.60 49.26
N ASP C 401 4.27 -66.86 50.23
CA ASP C 401 4.06 -65.43 50.06
C ASP C 401 5.09 -64.59 50.82
N LYS C 402 5.89 -65.25 51.66
CA LYS C 402 6.97 -64.58 52.40
C LYS C 402 8.01 -64.25 51.33
N ASP C 403 8.69 -63.13 51.47
CA ASP C 403 9.72 -62.76 50.50
C ASP C 403 10.76 -63.89 50.46
N LEU C 404 10.85 -64.57 49.32
CA LEU C 404 11.79 -65.68 49.14
C LEU C 404 13.25 -65.29 49.29
N TYR C 405 13.56 -64.02 49.01
CA TYR C 405 14.92 -63.51 49.11
C TYR C 405 15.45 -63.63 50.55
N GLU C 406 14.75 -62.99 51.49
CA GLU C 406 15.16 -63.05 52.90
C GLU C 406 14.41 -64.18 53.61
N LEU C 407 14.96 -65.39 53.51
CA LEU C 407 14.37 -66.57 54.12
C LEU C 407 15.49 -67.32 54.85
N PRO C 408 15.19 -67.85 56.06
CA PRO C 408 16.22 -68.59 56.82
C PRO C 408 16.82 -69.72 55.99
N PRO C 409 18.14 -69.64 55.70
CA PRO C 409 18.94 -70.58 54.92
C PRO C 409 18.56 -72.07 54.96
N GLU C 410 18.05 -72.53 56.10
CA GLU C 410 17.65 -73.93 56.23
C GLU C 410 16.23 -74.15 55.67
N GLU C 411 15.40 -73.12 55.79
CA GLU C 411 14.03 -73.14 55.29
C GLU C 411 14.00 -72.82 53.79
N ALA C 412 15.05 -72.17 53.31
CA ALA C 412 15.19 -71.81 51.90
C ALA C 412 15.72 -72.98 51.07
N ALA C 413 16.31 -73.96 51.74
CA ALA C 413 16.84 -75.14 51.07
C ALA C 413 15.73 -76.11 50.67
N SER C 414 14.51 -75.83 51.13
CA SER C 414 13.34 -76.65 50.83
C SER C 414 12.63 -76.14 49.56
N ILE C 415 13.18 -75.10 48.95
CA ILE C 415 12.62 -74.51 47.74
C ILE C 415 13.40 -75.01 46.52
N PRO C 416 12.78 -75.87 45.70
CA PRO C 416 13.42 -76.43 44.51
C PRO C 416 13.65 -75.35 43.45
N GLN C 417 14.77 -75.47 42.74
CA GLN C 417 15.13 -74.52 41.68
C GLN C 417 14.98 -75.20 40.33
N THR C 418 14.84 -74.39 39.28
CA THR C 418 14.74 -74.89 37.92
C THR C 418 16.17 -75.22 37.48
N PRO C 419 16.34 -76.10 36.48
CA PRO C 419 17.71 -76.40 36.06
C PRO C 419 18.37 -75.11 35.56
N THR C 420 19.69 -75.05 35.64
CA THR C 420 20.44 -73.85 35.26
C THR C 420 21.17 -73.92 33.92
N GLN C 421 20.92 -74.97 33.15
CA GLN C 421 21.60 -75.16 31.87
C GLN C 421 20.67 -75.81 30.86
N LEU C 422 20.82 -75.46 29.58
CA LEU C 422 19.99 -76.04 28.53
C LEU C 422 20.23 -77.54 28.42
N SER C 423 21.49 -77.96 28.53
CA SER C 423 21.84 -79.38 28.45
C SER C 423 21.10 -80.17 29.52
N ASP C 424 20.84 -79.54 30.67
CA ASP C 424 20.14 -80.14 31.77
C ASP C 424 18.68 -80.40 31.42
N VAL C 425 17.97 -79.34 31.03
CA VAL C 425 16.56 -79.47 30.69
C VAL C 425 16.34 -80.40 29.50
N ILE C 426 17.31 -80.46 28.60
CA ILE C 426 17.22 -81.34 27.44
C ILE C 426 17.35 -82.78 27.92
N ASP C 427 18.25 -83.00 28.88
CA ASP C 427 18.45 -84.33 29.46
C ASP C 427 17.17 -84.77 30.19
N ARG C 428 16.56 -83.83 30.89
CA ARG C 428 15.32 -84.09 31.65
C ARG C 428 14.14 -84.37 30.72
N LEU C 429 14.09 -83.70 29.57
CA LEU C 429 13.03 -83.90 28.59
C LEU C 429 13.14 -85.30 28.00
N GLU C 430 14.38 -85.70 27.73
CA GLU C 430 14.68 -87.01 27.17
C GLU C 430 14.26 -88.12 28.14
N ALA C 431 14.50 -87.89 29.43
CA ALA C 431 14.18 -88.85 30.48
C ALA C 431 12.70 -88.91 30.85
N ASP C 432 12.00 -87.79 30.75
CA ASP C 432 10.59 -87.72 31.10
C ASP C 432 9.78 -86.83 30.16
N HIS C 433 9.10 -87.44 29.20
CA HIS C 433 8.29 -86.69 28.26
C HIS C 433 6.96 -87.36 27.92
N GLU C 434 6.53 -88.31 28.76
CA GLU C 434 5.28 -89.01 28.51
C GLU C 434 4.06 -88.12 28.56
N TYR C 435 4.10 -87.10 29.41
CA TYR C 435 2.97 -86.18 29.53
C TYR C 435 2.76 -85.40 28.23
N LEU C 436 3.84 -85.27 27.46
CA LEU C 436 3.81 -84.57 26.19
C LEU C 436 3.18 -85.42 25.09
N THR C 437 3.47 -86.72 25.11
CA THR C 437 2.96 -87.67 24.13
C THR C 437 1.52 -88.12 24.33
N GLU C 438 0.91 -87.70 25.44
CA GLU C 438 -0.48 -88.03 25.74
C GLU C 438 -1.38 -87.56 24.60
N GLY C 439 -2.32 -88.40 24.21
CA GLY C 439 -3.25 -88.06 23.14
C GLY C 439 -2.57 -87.83 21.79
N GLY C 440 -1.28 -88.16 21.72
CA GLY C 440 -0.52 -87.99 20.49
C GLY C 440 -0.20 -86.54 20.12
N VAL C 441 -0.32 -85.62 21.07
CA VAL C 441 -0.05 -84.19 20.83
C VAL C 441 1.40 -84.02 20.37
N PHE C 442 2.34 -84.56 21.14
CA PHE C 442 3.75 -84.52 20.77
C PHE C 442 4.07 -85.99 20.45
N THR C 443 5.02 -86.23 19.56
CA THR C 443 5.42 -87.60 19.23
C THR C 443 6.84 -87.78 19.73
N ASN C 444 7.23 -89.03 20.02
CA ASN C 444 8.59 -89.26 20.46
C ASN C 444 9.58 -88.81 19.40
N ASP C 445 9.11 -88.92 18.15
CA ASP C 445 9.89 -88.52 16.98
C ASP C 445 10.24 -87.03 17.06
N LEU C 446 9.22 -86.19 17.25
CA LEU C 446 9.42 -84.74 17.35
C LEU C 446 10.33 -84.38 18.52
N ILE C 447 10.07 -85.02 19.66
CA ILE C 447 10.85 -84.80 20.87
C ILE C 447 12.32 -85.17 20.71
N GLU C 448 12.59 -86.28 20.01
CA GLU C 448 13.96 -86.73 19.77
C GLU C 448 14.66 -85.78 18.80
N THR C 449 13.91 -85.26 17.84
CA THR C 449 14.42 -84.33 16.84
C THR C 449 14.84 -83.02 17.52
N TRP C 450 13.98 -82.55 18.43
CA TRP C 450 14.20 -81.33 19.20
C TRP C 450 15.47 -81.48 20.03
N ILE C 451 15.57 -82.62 20.72
CA ILE C 451 16.73 -82.93 21.56
C ILE C 451 18.03 -82.93 20.75
N SER C 452 18.00 -83.54 19.57
CA SER C 452 19.16 -83.63 18.69
C SER C 452 19.52 -82.25 18.15
N PHE C 453 18.52 -81.50 17.73
CA PHE C 453 18.69 -80.16 17.19
C PHE C 453 19.43 -79.27 18.19
N LYS C 454 18.94 -79.25 19.43
CA LYS C 454 19.54 -78.44 20.49
C LYS C 454 20.96 -78.87 20.84
N ARG C 455 21.18 -80.17 20.92
CA ARG C 455 22.51 -80.68 21.25
C ARG C 455 23.55 -80.43 20.18
N GLU C 456 23.18 -80.68 18.93
CA GLU C 456 24.09 -80.51 17.81
C GLU C 456 24.26 -79.10 17.28
N ASN C 457 23.17 -78.33 17.27
CA ASN C 457 23.19 -76.97 16.74
C ASN C 457 23.37 -75.84 17.73
N GLU C 458 23.18 -76.12 19.03
CA GLU C 458 23.29 -75.08 20.04
C GLU C 458 24.23 -75.39 21.19
N ILE C 459 23.93 -76.46 21.92
CA ILE C 459 24.72 -76.86 23.07
C ILE C 459 26.19 -77.14 22.75
N GLU C 460 26.45 -78.01 21.79
CA GLU C 460 27.80 -78.37 21.39
C GLU C 460 28.60 -77.20 20.81
N PRO C 461 28.02 -76.45 19.84
CA PRO C 461 28.72 -75.31 19.24
C PRO C 461 29.22 -74.27 20.26
N VAL C 462 28.39 -73.94 21.25
CA VAL C 462 28.77 -72.97 22.27
C VAL C 462 29.81 -73.58 23.21
N ASN C 463 29.60 -74.84 23.57
CA ASN C 463 30.48 -75.55 24.47
C ASN C 463 31.94 -75.74 24.01
N ILE C 464 32.15 -75.91 22.71
CA ILE C 464 33.51 -76.11 22.19
C ILE C 464 34.29 -74.81 21.98
N ARG C 465 33.59 -73.68 21.99
CA ARG C 465 34.20 -72.38 21.77
C ARG C 465 34.61 -71.66 23.06
N PRO C 466 35.90 -71.35 23.22
CA PRO C 466 36.37 -70.65 24.42
C PRO C 466 35.61 -69.34 24.60
N HIS C 467 35.22 -69.04 25.83
CA HIS C 467 34.50 -67.84 26.19
C HIS C 467 35.55 -66.74 26.47
N PRO C 468 35.26 -65.47 26.09
CA PRO C 468 36.19 -64.36 26.31
C PRO C 468 36.67 -64.23 27.76
N TYR C 469 35.77 -64.48 28.70
CA TYR C 469 36.11 -64.38 30.11
C TYR C 469 37.13 -65.42 30.57
N GLU C 470 37.26 -66.49 29.79
CA GLU C 470 38.22 -67.54 30.11
C GLU C 470 39.64 -67.01 29.91
N PHE C 471 39.79 -66.00 29.06
CA PHE C 471 41.09 -65.40 28.81
C PHE C 471 41.47 -64.48 29.95
N ALA C 472 40.47 -63.80 30.50
CA ALA C 472 40.68 -62.90 31.63
C ALA C 472 41.10 -63.77 32.82
N LEU C 473 40.39 -64.86 32.97
CA LEU C 473 40.58 -65.82 34.02
C LEU C 473 41.83 -66.72 33.90
N TYR C 474 42.12 -67.25 32.69
CA TYR C 474 43.19 -68.25 32.56
C TYR C 474 44.37 -67.97 31.61
N TYR C 475 44.44 -66.86 30.88
CA TYR C 475 45.59 -66.67 30.01
C TYR C 475 46.91 -66.78 30.78
N ASP C 476 46.91 -66.31 32.03
CA ASP C 476 48.08 -66.28 32.91
C ASP C 476 48.38 -67.53 33.73
N VAL C 477 47.58 -68.58 33.63
CA VAL C 477 47.79 -69.79 34.44
C VAL C 477 49.19 -70.38 34.48
N THR D 1 -9.16 -29.62 41.17
CA THR D 1 -9.89 -28.51 41.85
C THR D 1 -11.23 -28.22 41.17
N GLU D 2 -11.19 -27.91 39.88
CA GLU D 2 -12.41 -27.59 39.14
C GLU D 2 -12.70 -28.37 37.86
N LYS D 3 -11.70 -29.09 37.33
CA LYS D 3 -11.93 -29.89 36.12
C LYS D 3 -12.61 -31.22 36.40
N THR D 4 -13.63 -31.50 35.60
CA THR D 4 -14.46 -32.70 35.70
C THR D 4 -13.97 -33.81 34.78
N PRO D 5 -14.23 -35.08 35.16
CA PRO D 5 -13.82 -36.20 34.31
C PRO D 5 -14.41 -36.02 32.90
N ASP D 6 -15.59 -35.41 32.83
CA ASP D 6 -16.26 -35.15 31.56
C ASP D 6 -15.50 -34.11 30.74
N ASP D 7 -14.86 -33.16 31.41
CA ASP D 7 -14.08 -32.13 30.72
C ASP D 7 -12.90 -32.81 30.03
N VAL D 8 -12.31 -33.79 30.72
CA VAL D 8 -11.17 -34.55 30.20
C VAL D 8 -11.58 -35.39 28.99
N PHE D 9 -12.74 -36.04 29.06
CA PHE D 9 -13.23 -36.85 27.95
C PHE D 9 -13.51 -35.99 26.73
N LYS D 10 -14.00 -34.76 26.97
CA LYS D 10 -14.30 -33.82 25.89
C LYS D 10 -13.00 -33.37 25.25
N LEU D 11 -11.98 -33.11 26.08
CA LEU D 11 -10.67 -32.69 25.61
C LEU D 11 -10.11 -33.77 24.70
N ALA D 12 -10.20 -35.02 25.18
CA ALA D 12 -9.71 -36.18 24.44
C ALA D 12 -10.41 -36.34 23.09
N LYS D 13 -11.75 -36.18 23.08
CA LYS D 13 -12.53 -36.33 21.86
C LYS D 13 -12.23 -35.20 20.87
N ASP D 14 -12.26 -33.96 21.35
CA ASP D 14 -11.99 -32.79 20.50
C ASP D 14 -10.60 -32.80 19.88
N GLU D 15 -9.61 -33.22 20.66
CA GLU D 15 -8.23 -33.28 20.19
C GLU D 15 -7.89 -34.53 19.39
N LYS D 16 -8.85 -35.45 19.27
CA LYS D 16 -8.67 -36.70 18.53
C LYS D 16 -7.46 -37.46 19.06
N VAL D 17 -7.39 -37.52 20.38
CA VAL D 17 -6.32 -38.19 21.12
C VAL D 17 -6.33 -39.68 20.83
N GLU D 18 -5.15 -40.26 20.53
CA GLU D 18 -5.08 -41.68 20.28
C GLU D 18 -4.48 -42.49 21.42
N TYR D 19 -3.71 -41.82 22.28
CA TYR D 19 -3.10 -42.48 23.44
C TYR D 19 -3.24 -41.64 24.69
N VAL D 20 -3.26 -42.31 25.83
CA VAL D 20 -3.34 -41.62 27.12
C VAL D 20 -2.10 -42.06 27.91
N ASP D 21 -1.32 -41.09 28.36
CA ASP D 21 -0.11 -41.37 29.12
C ASP D 21 -0.40 -41.32 30.61
N VAL D 22 -0.25 -42.46 31.26
CA VAL D 22 -0.49 -42.59 32.70
C VAL D 22 0.78 -42.24 33.47
N ARG D 23 0.75 -41.12 34.16
CA ARG D 23 1.90 -40.64 34.91
C ARG D 23 1.73 -40.63 36.42
N PHE D 24 2.83 -40.93 37.11
CA PHE D 24 2.86 -40.95 38.56
C PHE D 24 4.29 -40.60 38.96
N CYS D 25 4.44 -40.03 40.14
CA CYS D 25 5.76 -39.59 40.59
C CYS D 25 6.52 -40.59 41.45
N ASP D 26 7.81 -40.73 41.18
CA ASP D 26 8.63 -41.63 41.98
C ASP D 26 9.15 -40.87 43.21
N LEU D 27 9.84 -41.57 44.10
CA LEU D 27 10.35 -40.96 45.32
C LEU D 27 11.25 -39.73 45.11
N PRO D 28 12.42 -39.89 44.45
CA PRO D 28 13.29 -38.74 44.25
C PRO D 28 12.71 -37.54 43.50
N GLY D 29 11.73 -37.76 42.63
CA GLY D 29 11.11 -36.63 41.94
C GLY D 29 10.90 -36.69 40.43
N ILE D 30 11.20 -37.83 39.82
CA ILE D 30 11.03 -37.98 38.38
C ILE D 30 9.73 -38.70 38.02
N MET D 31 8.97 -38.10 37.10
CA MET D 31 7.71 -38.69 36.68
C MET D 31 7.91 -39.97 35.89
N GLN D 32 7.09 -40.98 36.19
CA GLN D 32 7.13 -42.28 35.53
C GLN D 32 5.88 -42.39 34.67
N HIS D 33 5.87 -43.35 33.75
CA HIS D 33 4.69 -43.52 32.90
C HIS D 33 4.62 -44.83 32.13
N PHE D 34 3.41 -45.07 31.60
CA PHE D 34 3.11 -46.18 30.74
C PHE D 34 1.93 -45.66 29.92
N THR D 35 1.73 -46.22 28.73
CA THR D 35 0.68 -45.73 27.85
C THR D 35 -0.41 -46.74 27.53
N ILE D 36 -1.63 -46.24 27.41
CA ILE D 36 -2.78 -47.07 27.07
C ILE D 36 -3.49 -46.41 25.89
N PRO D 37 -4.19 -47.20 25.07
CA PRO D 37 -4.91 -46.59 23.93
C PRO D 37 -6.05 -45.72 24.45
N ALA D 38 -6.39 -44.67 23.72
CA ALA D 38 -7.47 -43.76 24.13
C ALA D 38 -8.79 -44.50 24.27
N SER D 39 -8.99 -45.52 23.44
CA SER D 39 -10.21 -46.33 23.46
C SER D 39 -10.45 -47.00 24.82
N ALA D 40 -9.37 -47.22 25.57
CA ALA D 40 -9.46 -47.85 26.90
C ALA D 40 -9.62 -46.82 28.00
N PHE D 41 -9.68 -45.55 27.62
CA PHE D 41 -9.83 -44.45 28.58
C PHE D 41 -11.30 -44.06 28.68
N ASP D 42 -11.97 -44.54 29.72
CA ASP D 42 -13.38 -44.27 29.95
C ASP D 42 -13.66 -43.98 31.42
N LYS D 43 -14.94 -43.95 31.77
CA LYS D 43 -15.38 -43.66 33.14
C LYS D 43 -14.83 -44.63 34.18
N SER D 44 -14.61 -45.88 33.77
CA SER D 44 -14.09 -46.90 34.69
C SER D 44 -12.67 -46.59 35.18
N VAL D 45 -11.95 -45.75 34.44
CA VAL D 45 -10.60 -45.37 34.82
C VAL D 45 -10.66 -44.45 36.03
N PHE D 46 -11.67 -43.57 36.04
CA PHE D 46 -11.87 -42.64 37.15
C PHE D 46 -12.53 -43.30 38.36
N ASP D 47 -13.42 -44.25 38.10
CA ASP D 47 -14.14 -44.96 39.15
C ASP D 47 -13.35 -46.09 39.80
N ASP D 48 -12.85 -46.99 38.97
CA ASP D 48 -12.11 -48.15 39.45
C ASP D 48 -10.58 -48.00 39.45
N GLY D 49 -10.08 -47.16 38.54
CA GLY D 49 -8.64 -46.95 38.46
C GLY D 49 -7.96 -47.95 37.55
N LEU D 50 -6.63 -47.86 37.48
CA LEU D 50 -5.85 -48.76 36.64
C LEU D 50 -4.87 -49.56 37.48
N ALA D 51 -4.72 -50.83 37.13
CA ALA D 51 -3.80 -51.70 37.86
C ALA D 51 -2.43 -51.68 37.23
N PHE D 52 -1.38 -51.77 38.06
CA PHE D 52 0.01 -51.78 37.64
C PHE D 52 0.86 -52.39 38.80
N ASP D 53 2.07 -52.84 38.45
CA ASP D 53 3.03 -53.56 39.32
C ASP D 53 4.06 -52.73 40.08
N GLY D 54 4.40 -52.98 41.34
CA GLY D 54 5.50 -52.18 41.84
C GLY D 54 6.67 -52.50 40.91
N SER D 55 7.01 -51.60 39.99
CA SER D 55 8.13 -51.91 39.06
C SER D 55 9.39 -51.13 39.40
N SER D 56 10.54 -51.53 38.87
CA SER D 56 11.77 -50.87 39.25
C SER D 56 11.92 -51.19 40.74
N ILE D 57 12.73 -50.53 41.57
CA ILE D 57 12.89 -51.15 42.88
C ILE D 57 12.83 -50.27 44.16
N ARG D 58 13.27 -49.04 44.20
CA ARG D 58 13.34 -48.38 45.51
C ARG D 58 12.34 -47.26 45.81
N GLY D 59 11.73 -47.30 46.99
CA GLY D 59 10.75 -46.31 47.43
C GLY D 59 9.36 -46.95 47.50
N PHE D 60 8.86 -47.39 46.33
CA PHE D 60 7.51 -47.97 46.13
C PHE D 60 7.33 -49.44 46.62
N GLN D 61 6.16 -50.07 46.31
CA GLN D 61 5.72 -51.42 46.68
C GLN D 61 6.53 -52.59 46.10
N SER D 62 7.37 -53.20 46.95
CA SER D 62 8.24 -54.34 46.60
C SER D 62 7.43 -55.62 46.38
N ILE D 63 8.03 -56.83 46.51
CA ILE D 63 7.28 -58.08 46.27
C ILE D 63 6.77 -58.69 47.59
N HIS D 64 6.12 -57.85 48.41
CA HIS D 64 5.48 -58.23 49.70
C HIS D 64 4.28 -57.29 49.83
N GLU D 65 4.29 -56.36 48.84
CA GLU D 65 3.31 -55.27 48.65
C GLU D 65 3.03 -54.95 47.17
N SER D 66 3.69 -55.68 46.26
CA SER D 66 3.64 -55.62 44.78
C SER D 66 2.63 -54.68 44.10
N ASP D 67 1.42 -55.15 43.84
CA ASP D 67 0.41 -54.48 43.00
C ASP D 67 -0.13 -53.17 43.53
N MET D 68 -0.30 -52.19 42.62
CA MET D 68 -0.85 -50.88 42.95
C MET D 68 -2.03 -50.52 42.05
N LEU D 69 -2.84 -49.58 42.52
CA LEU D 69 -4.00 -49.10 41.78
C LEU D 69 -3.80 -47.60 41.54
N LEU D 70 -4.00 -47.15 40.31
CA LEU D 70 -3.81 -45.74 39.97
C LEU D 70 -5.11 -45.01 39.69
N LEU D 71 -5.35 -43.93 40.43
CA LEU D 71 -6.56 -43.11 40.26
C LEU D 71 -6.14 -41.76 39.67
N PRO D 72 -6.78 -41.33 38.58
CA PRO D 72 -6.49 -40.07 37.90
C PRO D 72 -6.91 -38.77 38.57
N ASP D 73 -6.16 -37.72 38.28
CA ASP D 73 -6.43 -36.38 38.78
C ASP D 73 -6.76 -35.57 37.52
N PRO D 74 -8.06 -35.33 37.27
CA PRO D 74 -8.54 -34.57 36.11
C PRO D 74 -7.94 -33.18 35.88
N GLU D 75 -7.46 -32.56 36.94
CA GLU D 75 -6.86 -31.23 36.83
C GLU D 75 -5.49 -31.23 36.16
N THR D 76 -4.86 -32.40 36.11
CA THR D 76 -3.53 -32.55 35.52
C THR D 76 -3.53 -32.96 34.04
N ALA D 77 -4.72 -33.16 33.48
CA ALA D 77 -4.86 -33.56 32.09
C ALA D 77 -4.38 -32.49 31.11
N ARG D 78 -3.41 -32.84 30.28
CA ARG D 78 -2.84 -31.93 29.30
C ARG D 78 -2.47 -32.68 28.02
N ILE D 79 -2.59 -32.01 26.88
CA ILE D 79 -2.22 -32.59 25.60
C ILE D 79 -0.70 -32.47 25.50
N ASP D 80 -0.02 -33.56 25.17
CA ASP D 80 1.43 -33.55 25.02
C ASP D 80 1.79 -32.88 23.69
N PRO D 81 2.58 -31.79 23.74
CA PRO D 81 2.97 -31.08 22.53
C PRO D 81 4.17 -31.65 21.78
N PHE D 82 4.78 -32.70 22.34
CA PHE D 82 5.96 -33.31 21.75
C PHE D 82 5.72 -34.65 21.06
N ARG D 83 4.87 -35.49 21.64
CA ARG D 83 4.57 -36.81 21.09
C ARG D 83 3.90 -36.74 19.72
N ALA D 84 4.46 -37.45 18.75
CA ALA D 84 3.93 -37.50 17.38
C ALA D 84 2.49 -37.99 17.35
N ALA D 85 2.23 -39.11 18.03
CA ALA D 85 0.88 -39.66 18.12
C ALA D 85 0.16 -38.79 19.16
N LYS D 86 -0.99 -38.22 18.79
CA LYS D 86 -1.73 -37.35 19.71
C LYS D 86 -1.99 -38.03 21.05
N THR D 87 -1.37 -37.50 22.10
CA THR D 87 -1.45 -38.06 23.44
C THR D 87 -1.94 -37.11 24.51
N LEU D 88 -2.70 -37.66 25.47
CA LEU D 88 -3.21 -36.90 26.61
C LEU D 88 -2.48 -37.40 27.86
N ASN D 89 -1.78 -36.50 28.54
CA ASN D 89 -1.06 -36.84 29.75
C ASN D 89 -1.92 -36.55 30.98
N ILE D 90 -1.94 -37.46 31.93
CA ILE D 90 -2.70 -37.30 33.17
C ILE D 90 -1.90 -37.89 34.31
N ASN D 91 -1.88 -37.18 35.45
CA ASN D 91 -1.16 -37.65 36.63
C ASN D 91 -2.13 -38.45 37.50
N PHE D 92 -1.59 -39.44 38.20
CA PHE D 92 -2.40 -40.32 39.03
C PHE D 92 -1.90 -40.40 40.46
N PHE D 93 -2.78 -40.90 41.33
CA PHE D 93 -2.47 -41.12 42.74
C PHE D 93 -2.37 -42.63 42.88
N VAL D 94 -1.41 -43.09 43.68
CA VAL D 94 -1.23 -44.52 43.90
C VAL D 94 -2.03 -44.98 45.12
N HIS D 95 -2.90 -45.95 44.91
CA HIS D 95 -3.72 -46.49 45.99
C HIS D 95 -3.46 -47.97 46.19
N ASP D 96 -3.89 -48.49 47.34
CA ASP D 96 -3.75 -49.90 47.64
C ASP D 96 -4.96 -50.53 46.94
N PRO D 97 -4.74 -51.57 46.12
CA PRO D 97 -5.82 -52.25 45.39
C PRO D 97 -7.02 -52.63 46.26
N PHE D 98 -6.71 -53.37 47.33
CA PHE D 98 -7.70 -53.88 48.28
C PHE D 98 -8.49 -52.79 49.03
N THR D 99 -7.79 -52.06 49.89
CA THR D 99 -8.41 -51.02 50.71
C THR D 99 -8.73 -49.69 50.03
N LEU D 100 -8.23 -49.50 48.81
CA LEU D 100 -8.39 -48.25 48.03
C LEU D 100 -7.71 -47.14 48.82
N GLU D 101 -6.67 -47.58 49.50
CA GLU D 101 -5.81 -46.83 50.40
C GLU D 101 -4.78 -45.91 49.76
N PRO D 102 -4.83 -44.58 49.98
CA PRO D 102 -3.76 -43.81 49.35
C PRO D 102 -2.42 -44.32 49.87
N TYR D 103 -1.56 -44.75 48.94
CA TYR D 103 -0.24 -45.28 49.29
C TYR D 103 0.56 -44.16 49.97
N SER D 104 1.07 -44.47 51.16
CA SER D 104 1.81 -43.49 51.95
C SER D 104 3.15 -43.01 51.40
N ARG D 105 3.68 -43.69 50.38
CA ARG D 105 4.96 -43.30 49.81
C ARG D 105 4.85 -42.62 48.43
N ASP D 106 3.62 -42.37 48.00
CA ASP D 106 3.35 -41.69 46.73
C ASP D 106 3.41 -40.19 47.04
N PRO D 107 4.39 -39.49 46.46
CA PRO D 107 4.56 -38.05 46.66
C PRO D 107 3.30 -37.23 46.44
N ARG D 108 2.48 -37.61 45.45
CA ARG D 108 1.26 -36.85 45.18
C ARG D 108 0.23 -37.02 46.30
N ASN D 109 0.28 -38.15 47.01
CA ASN D 109 -0.64 -38.39 48.12
C ASN D 109 -0.23 -37.53 49.31
N ILE D 110 1.08 -37.37 49.50
CA ILE D 110 1.62 -36.57 50.57
C ILE D 110 1.15 -35.12 50.43
N ALA D 111 1.21 -34.60 49.20
CA ALA D 111 0.79 -33.23 48.93
C ALA D 111 -0.71 -33.07 49.17
N ARG D 112 -1.49 -34.09 48.81
CA ARG D 112 -2.93 -34.06 49.02
C ARG D 112 -3.23 -34.11 50.52
N LYS D 113 -2.52 -34.96 51.25
CA LYS D 113 -2.68 -35.10 52.69
C LYS D 113 -2.33 -33.77 53.38
N ALA D 114 -1.32 -33.07 52.85
CA ALA D 114 -0.89 -31.79 53.39
C ALA D 114 -1.98 -30.74 53.26
N GLU D 115 -2.67 -30.75 52.13
CA GLU D 115 -3.76 -29.80 51.90
C GLU D 115 -4.97 -30.10 52.80
N ASN D 116 -5.25 -31.39 53.00
CA ASN D 116 -6.36 -31.81 53.85
C ASN D 116 -6.07 -31.51 55.31
N TYR D 117 -4.81 -31.64 55.71
CA TYR D 117 -4.39 -31.35 57.07
C TYR D 117 -4.56 -29.86 57.37
N LEU D 118 -4.21 -29.03 56.40
CA LEU D 118 -4.31 -27.58 56.52
C LEU D 118 -5.76 -27.22 56.88
N ILE D 119 -6.69 -27.81 56.15
CA ILE D 119 -8.11 -27.58 56.36
C ILE D 119 -8.55 -28.06 57.75
N SER D 120 -8.03 -29.21 58.17
CA SER D 120 -8.38 -29.79 59.46
C SER D 120 -7.89 -28.96 60.66
N THR D 121 -6.84 -28.17 60.49
CA THR D 121 -6.32 -27.35 61.58
C THR D 121 -7.16 -26.09 61.77
N GLY D 122 -7.96 -25.76 60.78
CA GLY D 122 -8.80 -24.57 60.85
C GLY D 122 -8.03 -23.28 60.58
N ILE D 123 -6.70 -23.38 60.53
CA ILE D 123 -5.82 -22.24 60.28
C ILE D 123 -6.15 -21.56 58.95
N ALA D 124 -6.38 -22.37 57.91
CA ALA D 124 -6.70 -21.87 56.58
C ALA D 124 -7.26 -23.03 55.77
N ASP D 125 -7.76 -22.73 54.57
CA ASP D 125 -8.28 -23.79 53.72
C ASP D 125 -7.52 -23.94 52.39
N THR D 126 -6.58 -23.03 52.14
CA THR D 126 -5.79 -23.06 50.91
C THR D 126 -4.37 -22.52 51.09
N ALA D 127 -3.39 -23.26 50.57
CA ALA D 127 -1.99 -22.85 50.62
C ALA D 127 -1.52 -22.64 49.18
N TYR D 128 -1.27 -21.40 48.81
CA TYR D 128 -0.83 -21.09 47.45
C TYR D 128 0.69 -21.09 47.33
N PHE D 129 1.18 -21.78 46.31
CA PHE D 129 2.61 -21.86 46.05
C PHE D 129 2.98 -21.34 44.67
N GLY D 130 3.95 -20.43 44.63
CA GLY D 130 4.43 -19.87 43.38
C GLY D 130 5.90 -20.22 43.35
N ALA D 131 6.32 -21.01 42.36
CA ALA D 131 7.71 -21.42 42.27
C ALA D 131 8.39 -20.98 40.99
N GLU D 132 9.63 -20.53 41.15
CA GLU D 132 10.40 -20.05 40.03
C GLU D 132 11.71 -20.79 39.91
N ALA D 133 11.71 -21.71 38.95
CA ALA D 133 12.84 -22.57 38.72
C ALA D 133 13.68 -22.15 37.53
N GLU D 134 14.94 -21.89 37.83
CA GLU D 134 15.94 -21.50 36.84
C GLU D 134 16.51 -22.79 36.27
N PHE D 135 17.02 -22.71 35.05
CA PHE D 135 17.62 -23.86 34.39
C PHE D 135 18.69 -23.42 33.41
N TYR D 136 19.53 -24.35 32.98
CA TYR D 136 20.58 -24.07 32.01
C TYR D 136 20.33 -24.84 30.72
N ILE D 137 20.62 -24.17 29.60
CA ILE D 137 20.47 -24.75 28.27
C ILE D 137 21.88 -25.04 27.75
N PHE D 138 22.18 -26.31 27.51
CA PHE D 138 23.48 -26.71 27.00
C PHE D 138 23.35 -27.36 25.63
N ASP D 139 24.49 -27.61 24.99
CA ASP D 139 24.52 -28.26 23.68
C ASP D 139 24.94 -29.71 23.88
N SER D 140 25.70 -29.95 24.94
CA SER D 140 26.17 -31.30 25.21
C SER D 140 26.57 -31.52 26.67
N VAL D 141 26.60 -32.78 27.06
CA VAL D 141 26.99 -33.20 28.40
C VAL D 141 27.51 -34.63 28.33
N SER D 142 28.68 -34.85 28.92
CA SER D 142 29.26 -36.19 28.97
C SER D 142 29.98 -36.32 30.31
N PHE D 143 30.10 -37.55 30.80
CA PHE D 143 30.76 -37.82 32.07
C PHE D 143 30.90 -39.32 32.28
N ASP D 144 31.77 -39.69 33.21
CA ASP D 144 31.96 -41.09 33.58
C ASP D 144 32.76 -41.21 34.86
N SER D 145 32.74 -42.40 35.44
CA SER D 145 33.45 -42.68 36.66
C SER D 145 34.07 -44.06 36.50
N ARG D 146 35.40 -44.10 36.46
CA ARG D 146 36.12 -45.34 36.29
C ARG D 146 37.10 -45.54 37.43
N ALA D 147 37.79 -46.67 37.42
CA ALA D 147 38.74 -47.00 38.47
C ALA D 147 39.94 -46.05 38.51
N ASN D 148 40.43 -45.68 37.34
CA ASN D 148 41.61 -44.83 37.22
C ASN D 148 41.35 -43.39 36.78
N GLY D 149 40.08 -43.01 36.68
CA GLY D 149 39.80 -41.67 36.25
C GLY D 149 38.32 -41.35 36.25
N SER D 150 38.01 -40.08 36.13
CA SER D 150 36.63 -39.63 36.11
C SER D 150 36.60 -38.23 35.50
N PHE D 151 35.48 -37.87 34.90
CA PHE D 151 35.35 -36.55 34.30
C PHE D 151 33.90 -36.19 34.06
N TYR D 152 33.68 -34.92 33.76
CA TYR D 152 32.37 -34.41 33.37
C TYR D 152 32.68 -33.22 32.50
N GLU D 153 31.75 -32.91 31.60
CA GLU D 153 31.92 -31.80 30.72
C GLU D 153 30.59 -31.38 30.13
N VAL D 154 30.19 -30.15 30.43
CA VAL D 154 28.96 -29.60 29.87
C VAL D 154 29.47 -28.53 28.89
N ASP D 155 28.76 -28.33 27.79
CA ASP D 155 29.21 -27.34 26.84
C ASP D 155 28.07 -26.68 26.10
N ALA D 156 28.34 -25.47 25.63
CA ALA D 156 27.38 -24.68 24.89
C ALA D 156 28.20 -23.86 23.92
N ILE D 157 27.76 -23.83 22.67
CA ILE D 157 28.42 -23.08 21.60
C ILE D 157 28.74 -21.66 22.04
N SER D 158 27.77 -21.01 22.65
CA SER D 158 27.91 -19.63 23.12
C SER D 158 28.42 -19.47 24.55
N GLY D 159 28.99 -20.54 25.12
CA GLY D 159 29.52 -20.46 26.47
C GLY D 159 30.69 -19.50 26.55
N TRP D 160 30.71 -18.67 27.59
CA TRP D 160 31.77 -17.67 27.77
C TRP D 160 33.18 -18.22 27.89
N TRP D 161 33.30 -19.53 28.12
CA TRP D 161 34.60 -20.18 28.23
C TRP D 161 35.12 -20.58 26.84
N ASN D 162 34.33 -20.31 25.81
CA ASN D 162 34.68 -20.66 24.43
C ASN D 162 35.06 -19.48 23.53
N THR D 163 35.41 -18.34 24.11
CA THR D 163 35.77 -17.17 23.30
C THR D 163 36.97 -17.42 22.40
N GLY D 164 37.87 -18.30 22.82
CA GLY D 164 39.06 -18.60 22.05
C GLY D 164 38.95 -19.71 21.02
N ALA D 165 37.77 -20.31 20.87
CA ALA D 165 37.58 -21.39 19.90
C ALA D 165 37.90 -20.92 18.49
N ALA D 166 38.80 -21.64 17.82
CA ALA D 166 39.21 -21.33 16.45
C ALA D 166 38.01 -21.45 15.50
N THR D 167 37.20 -22.48 15.71
CA THR D 167 35.98 -22.73 14.94
C THR D 167 35.00 -23.41 15.89
N GLU D 168 33.73 -23.39 15.52
CA GLU D 168 32.70 -24.02 16.35
C GLU D 168 32.80 -25.54 16.28
N ALA D 169 32.00 -26.22 17.09
CA ALA D 169 31.98 -27.68 17.13
C ALA D 169 31.72 -28.25 15.73
N ASP D 170 30.77 -27.65 15.03
CA ASP D 170 30.40 -28.08 13.68
C ASP D 170 31.28 -27.55 12.55
N GLY D 171 32.46 -27.05 12.91
CA GLY D 171 33.38 -26.52 11.90
C GLY D 171 33.13 -25.10 11.43
N SER D 172 31.95 -24.56 11.73
CA SER D 172 31.60 -23.19 11.34
C SER D 172 32.44 -22.17 12.10
N PRO D 173 32.54 -20.93 11.59
CA PRO D 173 33.35 -19.93 12.29
C PRO D 173 32.80 -19.41 13.62
N ASN D 174 33.73 -19.03 14.50
CA ASN D 174 33.39 -18.47 15.80
C ASN D 174 32.97 -17.02 15.53
N ARG D 175 31.71 -16.70 15.81
CA ARG D 175 31.20 -15.36 15.58
C ARG D 175 31.15 -14.46 16.80
N GLY D 176 31.69 -14.93 17.91
CA GLY D 176 31.73 -14.14 19.13
C GLY D 176 30.43 -13.98 19.87
N TYR D 177 30.32 -12.89 20.62
CA TYR D 177 29.15 -12.58 21.43
C TYR D 177 28.92 -13.63 22.53
N LYS D 178 30.01 -14.23 22.98
CA LYS D 178 29.99 -15.26 24.04
C LYS D 178 30.31 -14.65 25.40
N VAL D 179 31.18 -13.64 25.40
CA VAL D 179 31.60 -12.97 26.63
C VAL D 179 30.47 -12.46 27.51
N ARG D 180 30.68 -12.63 28.80
CA ARG D 180 29.75 -12.25 29.85
C ARG D 180 30.26 -10.93 30.42
N HIS D 181 29.68 -9.81 29.96
CA HIS D 181 30.10 -8.48 30.40
C HIS D 181 29.61 -7.98 31.75
N LYS D 182 30.38 -7.06 32.30
CA LYS D 182 30.08 -6.42 33.58
C LYS D 182 29.04 -5.34 33.28
N GLY D 183 28.12 -5.10 34.23
CA GLY D 183 27.12 -4.07 34.01
C GLY D 183 25.68 -4.57 33.94
N GLY D 184 25.46 -5.64 33.18
CA GLY D 184 24.12 -6.18 33.04
C GLY D 184 24.19 -7.59 32.50
N TYR D 185 23.44 -8.50 33.13
CA TYR D 185 23.46 -9.89 32.68
C TYR D 185 22.24 -10.37 31.90
N PHE D 186 21.44 -9.44 31.39
CA PHE D 186 20.27 -9.77 30.55
C PHE D 186 20.36 -9.01 29.23
N PRO D 187 21.53 -9.00 28.57
CA PRO D 187 21.65 -8.27 27.30
C PRO D 187 20.77 -8.79 26.19
N VAL D 188 20.42 -7.90 25.27
CA VAL D 188 19.60 -8.25 24.12
C VAL D 188 20.46 -8.99 23.09
N ALA D 189 19.83 -9.54 22.06
CA ALA D 189 20.56 -10.24 21.00
C ALA D 189 21.49 -9.25 20.29
N PRO D 190 22.59 -9.74 19.69
CA PRO D 190 23.01 -11.14 19.64
C PRO D 190 23.74 -11.72 20.86
N ASN D 191 23.91 -10.94 21.92
CA ASN D 191 24.56 -11.46 23.14
C ASN D 191 23.66 -12.56 23.71
N ASP D 192 22.35 -12.35 23.59
CA ASP D 192 21.34 -13.30 24.03
C ASP D 192 21.19 -14.23 22.84
N GLN D 193 21.71 -15.45 22.97
CA GLN D 193 21.66 -16.42 21.89
C GLN D 193 20.57 -17.46 21.99
N TYR D 194 19.63 -17.29 22.93
CA TYR D 194 18.56 -18.26 23.10
C TYR D 194 17.16 -17.67 23.03
N VAL D 195 17.05 -16.50 22.42
CA VAL D 195 15.76 -15.83 22.31
C VAL D 195 14.64 -16.68 21.71
N ASP D 196 14.88 -17.24 20.52
CA ASP D 196 13.85 -18.05 19.87
C ASP D 196 13.49 -19.33 20.62
N LEU D 197 14.48 -19.98 21.24
CA LEU D 197 14.26 -21.20 21.99
C LEU D 197 13.38 -20.91 23.21
N ARG D 198 13.73 -19.87 23.97
CA ARG D 198 12.95 -19.50 25.15
C ARG D 198 11.53 -19.15 24.78
N ASP D 199 11.35 -18.52 23.63
CA ASP D 199 10.02 -18.15 23.16
C ASP D 199 9.22 -19.41 22.86
N LYS D 200 9.89 -20.43 22.32
CA LYS D 200 9.23 -21.70 22.01
C LYS D 200 8.79 -22.34 23.32
N MET D 201 9.65 -22.27 24.33
CA MET D 201 9.35 -22.83 25.65
C MET D 201 8.14 -22.11 26.22
N LEU D 202 8.15 -20.78 26.16
CA LEU D 202 7.05 -19.95 26.67
C LEU D 202 5.75 -20.24 25.93
N THR D 203 5.84 -20.36 24.61
CA THR D 203 4.67 -20.65 23.79
C THR D 203 4.08 -22.01 24.18
N ASN D 204 4.95 -22.99 24.41
CA ASN D 204 4.51 -24.32 24.80
C ASN D 204 3.86 -24.32 26.19
N LEU D 205 4.41 -23.53 27.10
CA LEU D 205 3.85 -23.43 28.45
C LEU D 205 2.45 -22.81 28.38
N ILE D 206 2.32 -21.74 27.63
CA ILE D 206 1.04 -21.05 27.47
C ILE D 206 0.00 -21.97 26.83
N ASN D 207 0.41 -22.74 25.82
CA ASN D 207 -0.50 -23.67 25.16
C ASN D 207 -0.84 -24.86 26.07
N SER D 208 -0.05 -25.04 27.12
CA SER D 208 -0.26 -26.12 28.07
C SER D 208 -0.99 -25.66 29.34
N GLY D 209 -1.65 -24.51 29.27
CA GLY D 209 -2.41 -24.01 30.41
C GLY D 209 -1.74 -23.13 31.45
N PHE D 210 -0.48 -22.80 31.27
CA PHE D 210 0.20 -21.94 32.24
C PHE D 210 -0.30 -20.52 32.08
N ILE D 211 -0.54 -19.86 33.21
CA ILE D 211 -1.03 -18.49 33.22
C ILE D 211 0.10 -17.50 33.48
N LEU D 212 0.30 -16.58 32.54
CA LEU D 212 1.32 -15.56 32.62
C LEU D 212 0.59 -14.21 32.65
N GLU D 213 0.72 -13.46 33.74
CA GLU D 213 0.08 -12.15 33.83
C GLU D 213 1.07 -11.09 34.27
N LYS D 214 0.67 -10.41 35.33
CA LYS D 214 1.35 -9.31 36.04
C LYS D 214 2.88 -9.40 35.99
N GLY D 215 3.50 -9.95 37.04
CA GLY D 215 4.95 -10.02 37.09
C GLY D 215 5.52 -11.35 36.65
N HIS D 216 4.93 -11.92 35.59
CA HIS D 216 5.39 -13.20 35.04
C HIS D 216 6.21 -12.88 33.81
N HIS D 217 7.50 -13.19 33.89
CA HIS D 217 8.44 -12.90 32.82
C HIS D 217 9.15 -14.12 32.26
N GLU D 218 9.72 -13.88 31.10
CA GLU D 218 10.59 -14.84 30.46
C GLU D 218 11.95 -14.13 30.48
N VAL D 219 12.95 -14.71 31.13
CA VAL D 219 14.24 -14.05 31.22
C VAL D 219 15.41 -15.00 30.94
N GLY D 220 16.50 -14.46 30.40
CA GLY D 220 17.65 -15.28 30.10
C GLY D 220 18.97 -14.55 30.33
N SER D 221 19.96 -15.28 30.79
CA SER D 221 21.29 -14.74 31.06
C SER D 221 22.26 -15.82 30.63
N GLY D 222 22.91 -15.60 29.48
CA GLY D 222 23.82 -16.59 28.96
C GLY D 222 22.99 -17.82 28.62
N GLY D 223 23.41 -18.97 29.11
CA GLY D 223 22.65 -20.19 28.86
C GLY D 223 21.59 -20.43 29.93
N GLN D 224 21.58 -19.61 30.98
CA GLN D 224 20.59 -19.75 32.04
C GLN D 224 19.28 -19.04 31.69
N ALA D 225 18.17 -19.61 32.15
CA ALA D 225 16.86 -19.03 31.87
C ALA D 225 15.86 -19.34 32.95
N GLU D 226 14.73 -18.64 32.89
CA GLU D 226 13.64 -18.82 33.83
C GLU D 226 12.38 -18.21 33.24
N ILE D 227 11.28 -18.94 33.35
CA ILE D 227 10.00 -18.46 32.90
C ILE D 227 9.06 -18.71 34.08
N ASN D 228 8.63 -17.64 34.73
CA ASN D 228 7.74 -17.79 35.87
C ASN D 228 6.28 -17.66 35.44
N TYR D 229 5.41 -18.29 36.21
CA TYR D 229 3.99 -18.32 35.90
C TYR D 229 3.18 -18.19 37.18
N GLN D 230 1.86 -18.09 37.03
CA GLN D 230 0.96 -17.94 38.16
C GLN D 230 0.94 -19.12 39.11
N PHE D 231 0.90 -18.79 40.41
CA PHE D 231 0.85 -19.75 41.51
C PHE D 231 -0.38 -20.67 41.40
N ASN D 232 -0.45 -21.63 42.32
CA ASN D 232 -1.56 -22.56 42.36
C ASN D 232 -1.60 -23.17 43.76
N SER D 233 -2.67 -23.89 44.08
CA SER D 233 -2.77 -24.54 45.39
C SER D 233 -1.66 -25.59 45.45
N LEU D 234 -1.13 -25.82 46.64
CA LEU D 234 -0.02 -26.75 46.87
C LEU D 234 0.16 -27.92 45.91
N LEU D 235 -0.75 -28.90 45.94
CA LEU D 235 -0.64 -30.07 45.06
C LEU D 235 -0.50 -29.73 43.58
N HIS D 236 -1.43 -28.93 43.08
CA HIS D 236 -1.41 -28.54 41.68
C HIS D 236 -0.23 -27.67 41.28
N ALA D 237 0.35 -26.98 42.25
CA ALA D 237 1.52 -26.15 42.00
C ALA D 237 2.68 -27.10 41.74
N ALA D 238 2.72 -28.19 42.50
CA ALA D 238 3.75 -29.21 42.38
C ALA D 238 3.59 -29.94 41.04
N ASP D 239 2.35 -30.16 40.62
CA ASP D 239 2.07 -30.80 39.34
C ASP D 239 2.54 -29.87 38.22
N ASP D 240 2.32 -28.56 38.41
CA ASP D 240 2.71 -27.53 37.46
C ASP D 240 4.22 -27.49 37.29
N MET D 241 4.95 -27.69 38.39
CA MET D 241 6.40 -27.67 38.38
C MET D 241 6.94 -28.85 37.55
N GLN D 242 6.35 -30.02 37.73
CA GLN D 242 6.73 -31.21 36.98
C GLN D 242 6.45 -31.00 35.50
N LEU D 243 5.32 -30.37 35.19
CA LEU D 243 4.89 -30.09 33.82
C LEU D 243 5.88 -29.09 33.18
N TYR D 244 6.21 -28.05 33.95
CA TYR D 244 7.14 -27.01 33.53
C TYR D 244 8.47 -27.64 33.13
N LYS D 245 9.04 -28.45 34.02
CA LYS D 245 10.31 -29.13 33.74
C LYS D 245 10.21 -29.99 32.49
N TYR D 246 9.09 -30.70 32.35
CA TYR D 246 8.85 -31.57 31.21
C TYR D 246 8.84 -30.76 29.91
N ILE D 247 8.11 -29.65 29.92
CA ILE D 247 8.02 -28.78 28.76
C ILE D 247 9.33 -28.09 28.42
N ILE D 248 10.05 -27.64 29.43
CA ILE D 248 11.33 -26.98 29.21
C ILE D 248 12.35 -27.98 28.64
N LYS D 249 12.47 -29.14 29.28
CA LYS D 249 13.41 -30.16 28.84
C LYS D 249 13.18 -30.68 27.43
N ASN D 250 11.92 -30.91 27.07
CA ASN D 250 11.60 -31.44 25.76
C ASN D 250 11.54 -30.43 24.63
N THR D 251 11.30 -29.17 24.97
CA THR D 251 11.29 -28.12 23.94
C THR D 251 12.75 -27.98 23.51
N ALA D 252 13.65 -28.01 24.50
CA ALA D 252 15.08 -27.92 24.23
C ALA D 252 15.52 -29.15 23.42
N TRP D 253 15.08 -30.33 23.86
CA TRP D 253 15.43 -31.58 23.20
C TRP D 253 15.02 -31.61 21.73
N GLN D 254 13.82 -31.14 21.43
CA GLN D 254 13.34 -31.10 20.06
C GLN D 254 14.04 -30.06 19.22
N ASN D 255 14.80 -29.17 19.86
CA ASN D 255 15.51 -28.13 19.16
C ASN D 255 17.02 -28.25 19.26
N GLY D 256 17.49 -29.50 19.37
CA GLY D 256 18.91 -29.78 19.43
C GLY D 256 19.69 -29.41 20.67
N LYS D 257 19.01 -29.16 21.77
CA LYS D 257 19.69 -28.79 23.01
C LYS D 257 19.41 -29.80 24.11
N THR D 258 20.01 -29.56 25.27
CA THR D 258 19.82 -30.40 26.44
C THR D 258 19.81 -29.49 27.67
N VAL D 259 18.74 -29.58 28.44
CA VAL D 259 18.55 -28.75 29.63
C VAL D 259 18.82 -29.47 30.95
N THR D 260 19.31 -28.72 31.93
CA THR D 260 19.53 -29.27 33.27
C THR D 260 19.01 -28.32 34.34
N PHE D 261 18.30 -28.90 35.29
CA PHE D 261 17.77 -28.14 36.42
C PHE D 261 18.65 -28.37 37.65
N MET D 262 19.80 -29.00 37.46
CA MET D 262 20.69 -29.24 38.59
C MET D 262 21.14 -27.90 39.17
N PRO D 263 21.24 -27.83 40.51
CA PRO D 263 21.64 -26.62 41.26
C PRO D 263 22.90 -25.89 40.83
N LYS D 264 23.97 -26.63 40.55
CA LYS D 264 25.23 -26.01 40.19
C LYS D 264 25.97 -26.78 39.10
N PRO D 265 25.58 -26.57 37.83
CA PRO D 265 26.24 -27.28 36.72
C PRO D 265 27.55 -26.60 36.33
N LEU D 266 27.66 -25.30 36.61
CA LEU D 266 28.84 -24.53 36.27
C LEU D 266 29.58 -23.96 37.47
N PHE D 267 30.87 -24.21 37.53
CA PHE D 267 31.72 -23.70 38.59
C PHE D 267 32.18 -22.31 38.16
N GLY D 268 31.78 -21.28 38.90
CA GLY D 268 32.17 -19.94 38.53
C GLY D 268 31.06 -19.22 37.79
N ASP D 269 29.85 -19.75 37.91
CA ASP D 269 28.67 -19.13 37.29
C ASP D 269 27.51 -19.38 38.24
N ASN D 270 26.46 -18.58 38.09
CA ASN D 270 25.27 -18.65 38.92
C ASN D 270 24.64 -20.05 39.01
N GLY D 271 24.19 -20.41 40.21
CA GLY D 271 23.54 -21.68 40.42
C GLY D 271 22.08 -21.54 40.02
N SER D 272 21.33 -22.64 40.02
CA SER D 272 19.92 -22.58 39.67
C SER D 272 19.06 -22.90 40.88
N GLY D 273 18.21 -21.96 41.28
CA GLY D 273 17.37 -22.17 42.43
C GLY D 273 15.88 -22.15 42.11
N MET D 274 15.08 -22.45 43.12
CA MET D 274 13.62 -22.46 43.00
C MET D 274 13.04 -21.65 44.15
N HIS D 275 12.82 -20.37 43.90
CA HIS D 275 12.25 -19.47 44.89
C HIS D 275 10.79 -19.80 45.04
N CYS D 276 10.38 -20.13 46.26
CA CYS D 276 9.00 -20.50 46.51
C CYS D 276 8.20 -19.49 47.33
N HIS D 277 7.25 -18.86 46.66
CA HIS D 277 6.36 -17.89 47.27
C HIS D 277 5.19 -18.66 47.86
N GLN D 278 4.88 -18.37 49.11
CA GLN D 278 3.80 -19.06 49.82
C GLN D 278 2.91 -18.09 50.54
N SER D 279 1.66 -18.51 50.72
CA SER D 279 0.68 -17.69 51.42
C SER D 279 -0.56 -18.54 51.75
N LEU D 280 -1.16 -18.26 52.90
CA LEU D 280 -2.36 -18.98 53.33
C LEU D 280 -3.61 -18.13 53.14
N TRP D 281 -4.69 -18.79 52.73
CA TRP D 281 -5.97 -18.12 52.51
C TRP D 281 -7.08 -18.92 53.17
N LYS D 282 -8.19 -18.24 53.47
CA LYS D 282 -9.34 -18.87 54.11
C LYS D 282 -10.60 -18.15 53.65
N ASP D 283 -11.57 -18.93 53.19
CA ASP D 283 -12.86 -18.40 52.72
C ASP D 283 -12.68 -17.32 51.65
N GLY D 284 -11.71 -17.53 50.77
CA GLY D 284 -11.45 -16.60 49.68
C GLY D 284 -10.74 -15.32 50.06
N ALA D 285 -10.23 -15.25 51.29
CA ALA D 285 -9.54 -14.05 51.76
C ALA D 285 -8.13 -14.36 52.25
N PRO D 286 -7.20 -13.42 52.04
CA PRO D 286 -5.79 -13.54 52.47
C PRO D 286 -5.61 -13.48 53.98
N LEU D 287 -4.62 -14.22 54.48
CA LEU D 287 -4.32 -14.27 55.90
C LEU D 287 -2.90 -13.79 56.23
N MET D 288 -2.16 -13.38 55.20
CA MET D 288 -0.78 -12.95 55.38
C MET D 288 -0.56 -11.46 55.65
N TYR D 289 -1.55 -10.63 55.31
CA TYR D 289 -1.43 -9.18 55.48
C TYR D 289 -1.86 -8.57 56.80
N ASP D 290 -1.22 -7.44 57.13
CA ASP D 290 -1.48 -6.66 58.34
C ASP D 290 -0.64 -5.37 58.26
N GLU D 291 -1.31 -4.25 58.03
CA GLU D 291 -0.64 -2.94 57.91
C GLU D 291 0.30 -2.62 59.07
N THR D 292 -0.12 -3.00 60.27
CA THR D 292 0.64 -2.73 61.49
C THR D 292 1.91 -3.56 61.68
N GLY D 293 1.97 -4.72 61.06
CA GLY D 293 3.15 -5.57 61.20
C GLY D 293 4.31 -5.22 60.29
N TYR D 294 5.51 -5.69 60.66
CA TYR D 294 6.71 -5.44 59.86
C TYR D 294 6.53 -6.05 58.47
N ALA D 295 6.83 -5.27 57.45
CA ALA D 295 6.70 -5.71 56.05
C ALA D 295 5.27 -6.06 55.68
N GLY D 296 4.31 -5.56 56.46
CA GLY D 296 2.91 -5.83 56.20
C GLY D 296 2.50 -7.25 56.50
N LEU D 297 3.22 -7.89 57.40
CA LEU D 297 2.97 -9.28 57.77
C LEU D 297 2.08 -9.48 59.00
N SER D 298 1.14 -10.41 58.87
CA SER D 298 0.23 -10.74 59.95
C SER D 298 0.95 -11.64 60.97
N ASP D 299 0.28 -11.93 62.08
CA ASP D 299 0.85 -12.80 63.10
C ASP D 299 1.03 -14.19 62.53
N THR D 300 0.05 -14.60 61.72
CA THR D 300 0.05 -15.91 61.07
C THR D 300 1.26 -16.04 60.15
N ALA D 301 1.50 -15.02 59.32
CA ALA D 301 2.63 -15.00 58.40
C ALA D 301 3.97 -15.04 59.13
N ARG D 302 4.09 -14.24 60.19
CA ARG D 302 5.33 -14.18 60.97
C ARG D 302 5.65 -15.51 61.65
N HIS D 303 4.61 -16.19 62.14
CA HIS D 303 4.77 -17.48 62.81
C HIS D 303 5.16 -18.55 61.78
N TYR D 304 4.62 -18.41 60.58
CA TYR D 304 4.92 -19.32 59.47
C TYR D 304 6.41 -19.21 59.18
N ILE D 305 6.89 -17.96 59.10
CA ILE D 305 8.31 -17.68 58.86
C ILE D 305 9.15 -18.25 59.99
N GLY D 306 8.61 -18.18 61.21
CA GLY D 306 9.31 -18.71 62.37
C GLY D 306 9.49 -20.21 62.23
N GLY D 307 8.48 -20.86 61.65
CA GLY D 307 8.55 -22.31 61.43
C GLY D 307 9.57 -22.66 60.37
N LEU D 308 9.58 -21.92 59.27
CA LEU D 308 10.53 -22.14 58.19
C LEU D 308 11.96 -22.00 58.68
N LEU D 309 12.25 -20.90 59.37
CA LEU D 309 13.60 -20.65 59.89
C LEU D 309 14.02 -21.63 60.98
N HIS D 310 13.07 -22.01 61.83
CA HIS D 310 13.37 -22.94 62.91
C HIS D 310 13.64 -24.35 62.38
N HIS D 311 12.83 -24.77 61.42
CA HIS D 311 12.94 -26.10 60.83
C HIS D 311 13.85 -26.25 59.63
N ALA D 312 14.39 -25.13 59.14
CA ALA D 312 15.28 -25.13 57.98
C ALA D 312 16.34 -26.23 57.93
N PRO D 313 17.06 -26.47 59.04
CA PRO D 313 18.09 -27.51 59.03
C PRO D 313 17.60 -28.89 58.58
N SER D 314 16.33 -29.21 58.86
CA SER D 314 15.78 -30.50 58.45
C SER D 314 14.94 -30.34 57.19
N LEU D 315 14.28 -29.19 57.06
CA LEU D 315 13.43 -28.88 55.91
C LEU D 315 14.23 -29.00 54.61
N LEU D 316 15.50 -28.58 54.66
CA LEU D 316 16.37 -28.63 53.50
C LEU D 316 16.59 -30.04 52.95
N ALA D 317 16.27 -31.06 53.75
CA ALA D 317 16.42 -32.44 53.29
C ALA D 317 15.44 -32.77 52.16
N PHE D 318 14.36 -31.99 52.06
CA PHE D 318 13.35 -32.15 51.02
C PHE D 318 13.36 -30.98 50.04
N THR D 319 13.87 -29.87 50.53
CA THR D 319 13.91 -28.63 49.79
C THR D 319 15.20 -28.45 48.94
N ASN D 320 16.30 -29.04 49.40
CA ASN D 320 17.61 -29.03 48.72
C ASN D 320 18.16 -30.42 49.02
N PRO D 321 17.52 -31.46 48.44
CA PRO D 321 17.79 -32.89 48.62
C PRO D 321 18.99 -33.55 47.88
N THR D 322 19.85 -32.80 47.22
CA THR D 322 20.96 -33.43 46.53
C THR D 322 22.32 -32.95 47.00
N VAL D 323 23.36 -33.72 46.69
CA VAL D 323 24.73 -33.34 47.05
C VAL D 323 25.10 -32.06 46.30
N ASN D 324 24.64 -31.96 45.05
CA ASN D 324 24.92 -30.80 44.20
C ASN D 324 24.23 -29.53 44.73
N SER D 325 23.16 -29.71 45.49
CA SER D 325 22.43 -28.59 46.09
C SER D 325 23.35 -27.71 46.93
N TYR D 326 24.33 -28.33 47.58
CA TYR D 326 25.27 -27.61 48.45
C TYR D 326 26.46 -26.97 47.76
N LYS D 327 26.46 -26.97 46.44
CA LYS D 327 27.51 -26.32 45.67
C LYS D 327 26.94 -24.92 45.33
N ARG D 328 25.61 -24.82 45.41
CA ARG D 328 24.90 -23.56 45.19
C ARG D 328 24.77 -22.87 46.55
N LEU D 329 24.35 -23.64 47.55
CA LEU D 329 24.19 -23.15 48.92
C LEU D 329 25.56 -23.13 49.59
N VAL D 330 26.35 -22.14 49.22
CA VAL D 330 27.71 -21.99 49.73
C VAL D 330 28.03 -20.48 49.67
N PRO D 331 28.88 -19.97 50.59
CA PRO D 331 29.23 -18.53 50.60
C PRO D 331 29.69 -17.99 49.23
N GLY D 332 28.96 -17.00 48.71
CA GLY D 332 29.32 -16.44 47.42
C GLY D 332 28.30 -15.52 46.77
N TYR D 333 27.66 -16.02 45.71
CA TYR D 333 26.65 -15.27 44.91
C TYR D 333 25.41 -14.83 45.70
N GLU D 334 25.60 -14.49 46.98
CA GLU D 334 24.52 -14.04 47.86
C GLU D 334 23.56 -15.22 47.96
N ALA D 335 24.11 -16.36 48.36
CA ALA D 335 23.35 -17.60 48.50
C ALA D 335 22.42 -17.53 49.70
N PRO D 336 21.15 -17.93 49.52
CA PRO D 336 20.14 -17.91 50.58
C PRO D 336 20.48 -18.91 51.69
N ILE D 337 21.56 -18.64 52.42
CA ILE D 337 22.02 -19.49 53.50
C ILE D 337 21.83 -18.87 54.88
N ASN D 338 21.46 -17.59 54.90
CA ASN D 338 21.25 -16.86 56.15
C ASN D 338 19.85 -17.04 56.71
N LEU D 339 19.78 -17.70 57.86
CA LEU D 339 18.51 -17.99 58.52
C LEU D 339 17.79 -16.80 59.16
N VAL D 340 17.41 -15.85 58.32
CA VAL D 340 16.69 -14.65 58.76
C VAL D 340 15.74 -14.23 57.65
N TYR D 341 14.75 -13.39 57.97
CA TYR D 341 13.82 -12.89 56.96
C TYR D 341 14.16 -11.44 56.66
N SER D 342 13.78 -10.95 55.50
CA SER D 342 14.12 -9.58 55.12
C SER D 342 13.30 -9.13 53.91
N GLN D 343 13.43 -7.86 53.55
CA GLN D 343 12.74 -7.28 52.40
C GLN D 343 13.80 -6.86 51.39
N ARG D 344 15.01 -6.61 51.90
CA ARG D 344 16.15 -6.19 51.09
C ARG D 344 17.09 -7.33 50.69
N ASN D 345 17.68 -7.97 51.70
CA ASN D 345 18.63 -9.07 51.51
C ASN D 345 18.16 -10.27 50.69
N ARG D 346 18.92 -10.57 49.64
CA ARG D 346 18.61 -11.71 48.79
C ARG D 346 19.36 -12.96 49.25
N SER D 347 20.26 -12.77 50.22
CA SER D 347 21.02 -13.86 50.81
C SER D 347 20.29 -14.38 52.05
N ALA D 348 19.07 -13.88 52.24
CA ALA D 348 18.23 -14.28 53.36
C ALA D 348 17.35 -15.45 52.92
N CYS D 349 17.23 -16.46 53.77
CA CYS D 349 16.41 -17.64 53.48
C CYS D 349 15.00 -17.26 53.10
N VAL D 350 14.43 -16.31 53.84
CA VAL D 350 13.08 -15.84 53.56
C VAL D 350 13.11 -14.36 53.22
N ARG D 351 12.47 -13.99 52.12
CA ARG D 351 12.40 -12.62 51.71
C ARG D 351 10.94 -12.26 51.51
N ILE D 352 10.56 -11.07 51.96
CA ILE D 352 9.19 -10.61 51.79
C ILE D 352 9.15 -9.61 50.65
N PRO D 353 8.59 -10.02 49.50
CA PRO D 353 8.49 -9.17 48.32
C PRO D 353 7.76 -7.88 48.66
N ILE D 354 8.27 -6.76 48.15
CA ILE D 354 7.64 -5.47 48.38
C ILE D 354 6.45 -5.38 47.43
N THR D 355 5.26 -5.55 47.99
CA THR D 355 4.02 -5.53 47.20
C THR D 355 3.04 -4.41 47.53
N GLY D 356 3.38 -3.58 48.51
CA GLY D 356 2.52 -2.47 48.87
C GLY D 356 1.43 -2.76 49.89
N SER D 357 0.30 -2.09 49.72
CA SER D 357 -0.84 -2.21 50.64
C SER D 357 -1.89 -3.26 50.26
N ASN D 358 -1.77 -3.83 49.06
CA ASN D 358 -2.71 -4.86 48.59
C ASN D 358 -2.52 -6.16 49.40
N PRO D 359 -3.51 -6.51 50.25
CA PRO D 359 -3.44 -7.71 51.08
C PRO D 359 -3.36 -9.04 50.30
N LYS D 360 -3.94 -9.04 49.10
CA LYS D 360 -3.95 -10.23 48.25
C LYS D 360 -2.59 -10.55 47.64
N ALA D 361 -1.67 -9.59 47.67
CA ALA D 361 -0.35 -9.78 47.10
C ALA D 361 0.72 -10.10 48.14
N LYS D 362 0.38 -9.96 49.41
CA LYS D 362 1.33 -10.23 50.50
C LYS D 362 1.62 -11.72 50.58
N ARG D 363 2.91 -12.06 50.58
CA ARG D 363 3.34 -13.44 50.65
C ARG D 363 4.79 -13.48 51.08
N LEU D 364 5.26 -14.67 51.45
CA LEU D 364 6.65 -14.83 51.86
C LEU D 364 7.35 -15.68 50.79
N GLU D 365 8.62 -15.41 50.58
CA GLU D 365 9.39 -16.14 49.58
C GLU D 365 10.55 -16.91 50.19
N PHE D 366 10.46 -18.24 50.16
CA PHE D 366 11.54 -19.08 50.66
C PHE D 366 12.49 -19.21 49.46
N ARG D 367 13.65 -18.58 49.58
CA ARG D 367 14.65 -18.54 48.51
C ARG D 367 15.62 -19.71 48.43
N SER D 368 15.79 -20.42 49.53
CA SER D 368 16.75 -21.52 49.61
C SER D 368 16.56 -22.74 48.69
N PRO D 369 15.30 -23.17 48.45
CA PRO D 369 15.07 -24.33 47.60
C PRO D 369 15.66 -24.31 46.19
N ASP D 370 15.76 -25.50 45.61
CA ASP D 370 16.24 -25.68 44.24
C ASP D 370 15.32 -26.73 43.62
N SER D 371 15.45 -27.00 42.34
CA SER D 371 14.58 -27.99 41.71
C SER D 371 15.25 -29.33 41.44
N SER D 372 16.16 -29.72 42.34
CA SER D 372 16.87 -30.98 42.20
C SER D 372 16.15 -32.15 42.86
N GLY D 373 14.94 -31.91 43.34
CA GLY D 373 14.22 -32.99 43.99
C GLY D 373 12.77 -33.24 43.61
N ASN D 374 11.94 -33.41 44.64
CA ASN D 374 10.53 -33.68 44.49
C ASN D 374 9.71 -32.50 44.98
N PRO D 375 9.01 -31.81 44.07
CA PRO D 375 8.20 -30.64 44.44
C PRO D 375 7.01 -30.96 45.36
N TYR D 376 6.47 -32.16 45.25
CA TYR D 376 5.35 -32.57 46.08
C TYR D 376 5.80 -32.64 47.54
N LEU D 377 6.96 -33.24 47.76
CA LEU D 377 7.52 -33.37 49.09
C LEU D 377 8.06 -32.05 49.60
N ALA D 378 8.70 -31.28 48.72
CA ALA D 378 9.27 -29.98 49.11
C ALA D 378 8.20 -28.99 49.55
N PHE D 379 7.17 -28.82 48.74
CA PHE D 379 6.08 -27.91 49.07
C PHE D 379 5.37 -28.34 50.36
N SER D 380 5.10 -29.64 50.47
CA SER D 380 4.45 -30.20 51.65
C SER D 380 5.27 -29.94 52.92
N ALA D 381 6.58 -30.20 52.83
CA ALA D 381 7.47 -30.00 53.96
C ALA D 381 7.51 -28.52 54.36
N MET D 382 7.45 -27.63 53.38
CA MET D 382 7.46 -26.20 53.65
C MET D 382 6.19 -25.81 54.40
N LEU D 383 5.05 -26.35 53.97
CA LEU D 383 3.77 -26.07 54.61
C LEU D 383 3.78 -26.57 56.05
N MET D 384 4.23 -27.80 56.26
CA MET D 384 4.29 -28.39 57.58
C MET D 384 5.19 -27.61 58.52
N ALA D 385 6.30 -27.09 58.01
CA ALA D 385 7.21 -26.30 58.81
C ALA D 385 6.50 -24.99 59.21
N GLY D 386 5.79 -24.40 58.26
CA GLY D 386 5.07 -23.16 58.52
C GLY D 386 3.91 -23.34 59.49
N LEU D 387 3.16 -24.43 59.33
CA LEU D 387 2.02 -24.72 60.21
C LEU D 387 2.46 -25.01 61.63
N ASP D 388 3.62 -25.65 61.79
CA ASP D 388 4.14 -25.96 63.12
C ASP D 388 4.54 -24.65 63.79
N GLY D 389 4.97 -23.69 62.98
CA GLY D 389 5.36 -22.39 63.49
C GLY D 389 4.14 -21.62 63.95
N ILE D 390 3.04 -21.77 63.25
CA ILE D 390 1.79 -21.10 63.59
C ILE D 390 1.16 -21.70 64.84
N LYS D 391 1.11 -23.03 64.91
CA LYS D 391 0.53 -23.72 66.07
C LYS D 391 1.31 -23.46 67.36
N ASN D 392 2.64 -23.45 67.27
CA ASN D 392 3.48 -23.21 68.44
C ASN D 392 3.92 -21.74 68.55
N LYS D 393 3.27 -20.86 67.80
CA LYS D 393 3.60 -19.43 67.80
C LYS D 393 5.08 -19.11 67.83
N ILE D 394 5.83 -19.84 67.01
CA ILE D 394 7.27 -19.64 66.94
C ILE D 394 7.61 -18.26 66.39
N GLU D 395 8.38 -17.50 67.17
CA GLU D 395 8.78 -16.16 66.77
C GLU D 395 10.15 -16.18 66.10
N PRO D 396 10.21 -15.69 64.85
CA PRO D 396 11.48 -15.66 64.12
C PRO D 396 12.34 -14.55 64.71
N GLN D 397 13.66 -14.73 64.67
CA GLN D 397 14.53 -13.69 65.19
C GLN D 397 14.32 -12.42 64.36
N ALA D 398 14.69 -11.28 64.93
CA ALA D 398 14.52 -9.99 64.28
C ALA D 398 15.00 -9.95 62.83
N PRO D 399 14.16 -9.42 61.92
CA PRO D 399 14.49 -9.30 60.49
C PRO D 399 15.70 -8.40 60.29
N VAL D 400 16.39 -8.58 59.17
CA VAL D 400 17.57 -7.78 58.87
C VAL D 400 17.51 -7.18 57.48
N ASP D 401 17.45 -5.84 57.42
CA ASP D 401 17.42 -5.15 56.14
C ASP D 401 18.76 -4.50 55.78
N LYS D 402 19.68 -4.49 56.74
CA LYS D 402 21.03 -3.96 56.52
C LYS D 402 21.69 -4.98 55.60
N ASP D 403 22.54 -4.53 54.69
CA ASP D 403 23.22 -5.47 53.80
C ASP D 403 24.01 -6.46 54.65
N LEU D 404 23.61 -7.73 54.60
CA LEU D 404 24.25 -8.79 55.37
C LEU D 404 25.72 -8.99 55.03
N TYR D 405 26.10 -8.66 53.81
CA TYR D 405 27.49 -8.81 53.35
C TYR D 405 28.43 -7.95 54.20
N GLU D 406 28.20 -6.63 54.21
CA GLU D 406 29.04 -5.73 55.01
C GLU D 406 28.42 -5.51 56.38
N LEU D 407 28.72 -6.42 57.31
CA LEU D 407 28.20 -6.35 58.66
C LEU D 407 29.37 -6.59 59.62
N PRO D 408 29.42 -5.83 60.73
CA PRO D 408 30.52 -5.99 61.71
C PRO D 408 30.64 -7.45 62.16
N PRO D 409 31.77 -8.11 61.86
CA PRO D 409 32.12 -9.50 62.18
C PRO D 409 31.56 -10.11 63.47
N GLU D 410 31.39 -9.30 64.51
CA GLU D 410 30.86 -9.78 65.77
C GLU D 410 29.33 -9.81 65.74
N GLU D 411 28.74 -8.88 64.99
CA GLU D 411 27.30 -8.76 64.82
C GLU D 411 26.81 -9.75 63.75
N ALA D 412 27.73 -10.16 62.88
CA ALA D 412 27.44 -11.11 61.81
C ALA D 412 27.47 -12.55 62.30
N ALA D 413 28.09 -12.77 63.45
CA ALA D 413 28.20 -14.09 64.05
C ALA D 413 26.88 -14.50 64.71
N SER D 414 25.95 -13.55 64.80
CA SER D 414 24.63 -13.81 65.38
C SER D 414 23.63 -14.25 64.32
N ILE D 415 24.08 -14.38 63.08
CA ILE D 415 23.24 -14.80 61.96
C ILE D 415 23.49 -16.28 61.68
N PRO D 416 22.50 -17.15 61.99
CA PRO D 416 22.62 -18.59 61.77
C PRO D 416 22.64 -18.93 60.29
N GLN D 417 23.43 -19.94 59.92
CA GLN D 417 23.54 -20.38 58.53
C GLN D 417 22.85 -21.73 58.38
N THR D 418 22.49 -22.05 57.14
CA THR D 418 21.87 -23.34 56.84
C THR D 418 23.00 -24.36 56.79
N PRO D 419 22.69 -25.66 56.98
CA PRO D 419 23.78 -26.64 56.90
C PRO D 419 24.41 -26.59 55.51
N THR D 420 25.69 -26.96 55.42
CA THR D 420 26.43 -26.90 54.17
C THR D 420 26.64 -28.24 53.46
N GLN D 421 26.01 -29.29 53.94
CA GLN D 421 26.18 -30.62 53.36
C GLN D 421 24.88 -31.40 53.42
N LEU D 422 24.64 -32.25 52.43
CA LEU D 422 23.43 -33.07 52.39
C LEU D 422 23.39 -34.04 53.57
N SER D 423 24.53 -34.62 53.90
CA SER D 423 24.62 -35.56 55.02
C SER D 423 24.18 -34.88 56.32
N ASP D 424 24.41 -33.57 56.43
CA ASP D 424 24.04 -32.79 57.57
C ASP D 424 22.54 -32.66 57.68
N VAL D 425 21.90 -32.15 56.63
CA VAL D 425 20.45 -31.96 56.64
C VAL D 425 19.70 -33.29 56.79
N ILE D 426 20.30 -34.36 56.29
CA ILE D 426 19.69 -35.69 56.40
C ILE D 426 19.76 -36.13 57.87
N ASP D 427 20.90 -35.83 58.53
CA ASP D 427 21.07 -36.15 59.94
C ASP D 427 20.06 -35.36 60.77
N ARG D 428 19.87 -34.09 60.41
CA ARG D 428 18.94 -33.20 61.11
C ARG D 428 17.48 -33.63 60.92
N LEU D 429 17.16 -34.16 59.74
CA LEU D 429 15.80 -34.63 59.43
C LEU D 429 15.51 -35.86 60.28
N GLU D 430 16.50 -36.73 60.40
CA GLU D 430 16.40 -37.95 61.17
C GLU D 430 16.17 -37.64 62.65
N ALA D 431 16.86 -36.61 63.14
CA ALA D 431 16.77 -36.19 64.54
C ALA D 431 15.51 -35.40 64.89
N ASP D 432 15.00 -34.64 63.92
CA ASP D 432 13.81 -33.82 64.15
C ASP D 432 12.88 -33.78 62.95
N HIS D 433 11.83 -34.60 62.98
CA HIS D 433 10.87 -34.64 61.89
C HIS D 433 9.42 -34.77 62.35
N GLU D 434 9.17 -34.46 63.62
CA GLU D 434 7.81 -34.57 64.16
C GLU D 434 6.82 -33.62 63.50
N TYR D 435 7.29 -32.44 63.12
CA TYR D 435 6.43 -31.46 62.47
C TYR D 435 5.91 -31.98 61.14
N LEU D 436 6.67 -32.89 60.53
CA LEU D 436 6.32 -33.50 59.26
C LEU D 436 5.24 -34.56 59.42
N THR D 437 5.33 -35.33 60.51
CA THR D 437 4.38 -36.41 60.80
C THR D 437 3.04 -35.96 61.37
N GLU D 438 2.91 -34.67 61.65
CA GLU D 438 1.66 -34.11 62.19
C GLU D 438 0.52 -34.41 61.23
N GLY D 439 -0.62 -34.82 61.78
CA GLY D 439 -1.78 -35.13 60.96
C GLY D 439 -1.57 -36.28 60.01
N GLY D 440 -0.45 -36.99 60.16
CA GLY D 440 -0.13 -38.11 59.31
C GLY D 440 0.26 -37.76 57.88
N VAL D 441 0.61 -36.50 57.63
CA VAL D 441 0.99 -36.03 56.29
C VAL D 441 2.21 -36.82 55.79
N PHE D 442 3.26 -36.86 56.60
CA PHE D 442 4.45 -37.64 56.29
C PHE D 442 4.43 -38.75 57.33
N THR D 443 4.97 -39.92 56.98
CA THR D 443 5.04 -41.03 57.93
C THR D 443 6.50 -41.26 58.27
N ASN D 444 6.77 -41.83 59.44
CA ASN D 444 8.15 -42.11 59.79
C ASN D 444 8.78 -43.05 58.79
N ASP D 445 7.91 -43.90 58.23
CA ASP D 445 8.30 -44.86 57.21
C ASP D 445 8.87 -44.14 55.98
N LEU D 446 8.12 -43.19 55.44
CA LEU D 446 8.55 -42.43 54.27
C LEU D 446 9.84 -41.67 54.56
N ILE D 447 9.89 -41.03 55.72
CA ILE D 447 11.06 -40.26 56.14
C ILE D 447 12.31 -41.12 56.27
N GLU D 448 12.16 -42.33 56.81
CA GLU D 448 13.28 -43.25 56.97
C GLU D 448 13.77 -43.75 55.61
N THR D 449 12.81 -43.94 54.69
CA THR D 449 13.10 -44.41 53.35
C THR D 449 13.90 -43.35 52.59
N TRP D 450 13.48 -42.10 52.73
CA TRP D 450 14.13 -40.95 52.12
C TRP D 450 15.56 -40.83 52.63
N ILE D 451 15.72 -40.95 53.94
CA ILE D 451 17.03 -40.88 54.58
C ILE D 451 17.97 -41.98 54.06
N SER D 452 17.45 -43.20 53.95
CA SER D 452 18.22 -44.33 53.46
C SER D 452 18.59 -44.16 51.99
N PHE D 453 17.62 -43.72 51.20
CA PHE D 453 17.80 -43.50 49.78
C PHE D 453 18.95 -42.53 49.54
N LYS D 454 18.92 -41.40 50.22
CA LYS D 454 19.95 -40.37 50.07
C LYS D 454 21.33 -40.83 50.53
N ARG D 455 21.37 -41.54 51.65
CA ARG D 455 22.64 -42.03 52.18
C ARG D 455 23.28 -43.10 51.32
N GLU D 456 22.48 -44.05 50.87
CA GLU D 456 22.98 -45.16 50.08
C GLU D 456 23.17 -44.88 48.59
N ASN D 457 22.27 -44.10 48.01
CA ASN D 457 22.31 -43.80 46.59
C ASN D 457 22.98 -42.50 46.16
N GLU D 458 23.20 -41.59 47.10
CA GLU D 458 23.79 -40.30 46.77
C GLU D 458 25.01 -39.92 47.61
N ILE D 459 24.81 -39.81 48.92
CA ILE D 459 25.88 -39.43 49.82
C ILE D 459 27.10 -40.34 49.79
N GLU D 460 26.87 -41.64 49.99
CA GLU D 460 27.95 -42.62 50.00
C GLU D 460 28.67 -42.74 48.64
N PRO D 461 27.92 -42.89 47.53
CA PRO D 461 28.55 -43.01 46.21
C PRO D 461 29.50 -41.86 45.85
N VAL D 462 29.11 -40.62 46.17
CA VAL D 462 29.95 -39.46 45.89
C VAL D 462 31.15 -39.44 46.84
N ASN D 463 30.88 -39.74 48.09
CA ASN D 463 31.90 -39.74 49.13
C ASN D 463 33.07 -40.72 48.94
N ILE D 464 32.80 -41.89 48.38
CA ILE D 464 33.86 -42.88 48.18
C ILE D 464 34.71 -42.66 46.93
N ARG D 465 34.23 -41.80 46.03
CA ARG D 465 34.92 -41.50 44.79
C ARG D 465 35.84 -40.28 44.85
N PRO D 466 37.15 -40.47 44.60
CA PRO D 466 38.08 -39.34 44.64
C PRO D 466 37.63 -38.24 43.67
N HIS D 467 37.74 -36.99 44.13
CA HIS D 467 37.37 -35.82 43.36
C HIS D 467 38.60 -35.41 42.52
N PRO D 468 38.39 -34.94 41.28
CA PRO D 468 39.49 -34.52 40.39
C PRO D 468 40.43 -33.51 41.05
N TYR D 469 39.89 -32.58 41.82
CA TYR D 469 40.69 -31.56 42.48
C TYR D 469 41.63 -32.14 43.53
N GLU D 470 41.34 -33.34 44.01
CA GLU D 470 42.19 -34.00 45.00
C GLU D 470 43.51 -34.39 44.36
N PHE D 471 43.51 -34.56 43.04
CA PHE D 471 44.74 -34.91 42.33
C PHE D 471 45.61 -33.69 42.14
N ALA D 472 44.96 -32.54 41.94
CA ALA D 472 45.67 -31.27 41.79
C ALA D 472 46.33 -30.96 43.12
N LEU D 473 45.55 -31.18 44.17
CA LEU D 473 45.94 -30.92 45.53
C LEU D 473 46.93 -31.95 46.14
N TYR D 474 46.72 -33.25 45.91
CA TYR D 474 47.52 -34.28 46.62
C TYR D 474 48.34 -35.29 45.79
N TYR D 475 48.33 -35.29 44.46
CA TYR D 475 49.13 -36.28 43.77
C TYR D 475 50.61 -36.22 44.19
N ASP D 476 51.09 -35.01 44.48
CA ASP D 476 52.48 -34.75 44.85
C ASP D 476 52.85 -34.86 46.33
N VAL D 477 51.91 -35.22 47.20
CA VAL D 477 52.19 -35.30 48.63
C VAL D 477 53.43 -36.08 49.07
N THR E 1 7.74 12.01 23.30
CA THR E 1 7.47 13.40 22.83
C THR E 1 6.03 13.54 22.33
N GLU E 2 5.64 12.73 21.36
CA GLU E 2 4.30 12.79 20.79
C GLU E 2 3.47 11.51 20.77
N LYS E 3 4.08 10.35 20.98
CA LYS E 3 3.33 9.10 20.98
C LYS E 3 2.61 8.84 22.31
N THR E 4 1.34 8.47 22.18
CA THR E 4 0.45 8.20 23.31
C THR E 4 0.41 6.73 23.68
N PRO E 5 0.13 6.43 24.96
CA PRO E 5 0.05 5.03 25.39
C PRO E 5 -0.96 4.29 24.51
N ASP E 6 -2.00 5.02 24.08
CA ASP E 6 -3.04 4.45 23.22
C ASP E 6 -2.50 4.10 21.83
N ASP E 7 -1.52 4.88 21.35
CA ASP E 7 -0.90 4.63 20.07
C ASP E 7 -0.15 3.30 20.14
N VAL E 8 0.49 3.07 21.28
CA VAL E 8 1.25 1.84 21.53
C VAL E 8 0.32 0.63 21.59
N PHE E 9 -0.81 0.76 22.27
CA PHE E 9 -1.78 -0.33 22.37
C PHE E 9 -2.36 -0.67 21.01
N LYS E 10 -2.55 0.35 20.18
CA LYS E 10 -3.07 0.16 18.83
C LYS E 10 -2.04 -0.58 17.97
N LEU E 11 -0.77 -0.19 18.13
CA LEU E 11 0.34 -0.81 17.40
C LEU E 11 0.37 -2.29 17.77
N ALA E 12 0.29 -2.58 19.07
CA ALA E 12 0.30 -3.94 19.58
C ALA E 12 -0.85 -4.77 19.03
N LYS E 13 -2.06 -4.19 19.01
CA LYS E 13 -3.23 -4.89 18.52
C LYS E 13 -3.15 -5.15 17.01
N ASP E 14 -2.83 -4.11 16.25
CA ASP E 14 -2.73 -4.22 14.79
C ASP E 14 -1.67 -5.21 14.34
N GLU E 15 -0.53 -5.22 15.03
CA GLU E 15 0.57 -6.13 14.70
C GLU E 15 0.41 -7.54 15.26
N LYS E 16 -0.65 -7.76 16.04
CA LYS E 16 -0.93 -9.06 16.66
C LYS E 16 0.27 -9.52 17.48
N VAL E 17 0.81 -8.58 18.25
CA VAL E 17 1.96 -8.79 19.12
C VAL E 17 1.64 -9.82 20.20
N GLU E 18 2.53 -10.78 20.40
CA GLU E 18 2.30 -11.77 21.44
C GLU E 18 3.16 -11.58 22.69
N TYR E 19 4.27 -10.85 22.55
CA TYR E 19 5.16 -10.58 23.68
C TYR E 19 5.59 -9.12 23.69
N VAL E 20 5.90 -8.62 24.88
CA VAL E 20 6.38 -7.25 25.02
C VAL E 20 7.74 -7.35 25.72
N ASP E 21 8.76 -6.77 25.09
CA ASP E 21 10.11 -6.82 25.63
C ASP E 21 10.39 -5.55 26.44
N VAL E 22 10.59 -5.73 27.74
CA VAL E 22 10.86 -4.63 28.66
C VAL E 22 12.36 -4.34 28.68
N ARG E 23 12.73 -3.20 28.13
CA ARG E 23 14.15 -2.81 28.05
C ARG E 23 14.53 -1.61 28.89
N PHE E 24 15.74 -1.67 29.43
CA PHE E 24 16.28 -0.59 30.23
C PHE E 24 17.80 -0.64 30.04
N CYS E 25 18.45 0.50 30.20
CA CYS E 25 19.88 0.58 29.98
C CYS E 25 20.75 0.41 31.21
N ASP E 26 21.82 -0.35 31.07
CA ASP E 26 22.75 -0.54 32.18
C ASP E 26 23.77 0.60 32.19
N LEU E 27 24.63 0.63 33.19
CA LEU E 27 25.62 1.69 33.32
C LEU E 27 26.55 1.85 32.10
N PRO E 28 27.37 0.82 31.78
CA PRO E 28 28.26 0.97 30.64
C PRO E 28 27.63 1.27 29.28
N GLY E 29 26.38 0.87 29.06
CA GLY E 29 25.73 1.18 27.80
C GLY E 29 24.99 0.10 27.04
N ILE E 30 24.88 -1.09 27.62
CA ILE E 30 24.19 -2.19 26.96
C ILE E 30 22.75 -2.35 27.47
N MET E 31 21.81 -2.45 26.54
CA MET E 31 20.41 -2.60 26.91
C MET E 31 20.13 -3.98 27.51
N GLN E 32 19.35 -3.98 28.59
CA GLN E 32 18.95 -5.19 29.29
C GLN E 32 17.48 -5.43 29.03
N HIS E 33 17.00 -6.64 29.31
CA HIS E 33 15.59 -6.93 29.09
C HIS E 33 15.05 -8.18 29.75
N PHE E 34 13.73 -8.25 29.76
CA PHE E 34 12.97 -9.40 30.24
C PHE E 34 11.67 -9.29 29.46
N THR E 35 10.98 -10.41 29.28
CA THR E 35 9.76 -10.42 28.48
C THR E 35 8.50 -10.80 29.24
N ILE E 36 7.39 -10.15 28.87
CA ILE E 36 6.09 -10.42 29.46
C ILE E 36 5.11 -10.69 28.32
N PRO E 37 4.06 -11.48 28.58
CA PRO E 37 3.08 -11.74 27.52
C PRO E 37 2.33 -10.44 27.19
N ALA E 38 1.91 -10.30 25.94
CA ALA E 38 1.19 -9.10 25.50
C ALA E 38 -0.09 -8.89 26.31
N SER E 39 -0.72 -10.00 26.71
CA SER E 39 -1.95 -9.96 27.50
C SER E 39 -1.77 -9.21 28.83
N ALA E 40 -0.54 -9.16 29.34
CA ALA E 40 -0.24 -8.48 30.60
C ALA E 40 0.16 -7.02 30.37
N PHE E 41 0.15 -6.61 29.10
CA PHE E 41 0.51 -5.24 28.74
C PHE E 41 -0.76 -4.40 28.59
N ASP E 42 -1.07 -3.62 29.63
CA ASP E 42 -2.26 -2.77 29.65
C ASP E 42 -1.95 -1.40 30.24
N LYS E 43 -2.99 -0.64 30.52
CA LYS E 43 -2.86 0.70 31.08
C LYS E 43 -2.13 0.77 32.42
N SER E 44 -2.24 -0.29 33.20
CA SER E 44 -1.59 -0.35 34.50
C SER E 44 -0.06 -0.35 34.39
N VAL E 45 0.46 -0.73 33.23
CA VAL E 45 1.91 -0.74 33.01
C VAL E 45 2.41 0.70 32.92
N PHE E 46 1.62 1.56 32.27
CA PHE E 46 1.95 2.97 32.13
C PHE E 46 1.68 3.78 33.40
N ASP E 47 0.63 3.39 34.13
CA ASP E 47 0.24 4.08 35.35
C ASP E 47 1.04 3.65 36.58
N ASP E 48 1.08 2.36 36.84
CA ASP E 48 1.77 1.81 38.00
C ASP E 48 3.20 1.33 37.74
N GLY E 49 3.46 0.91 36.50
CA GLY E 49 4.78 0.42 36.15
C GLY E 49 4.95 -1.06 36.42
N LEU E 50 6.17 -1.57 36.20
CA LEU E 50 6.46 -2.98 36.41
C LEU E 50 7.54 -3.15 37.46
N ALA E 51 7.38 -4.15 38.30
CA ALA E 51 8.36 -4.41 39.34
C ALA E 51 9.41 -5.39 38.85
N PHE E 52 10.66 -5.21 39.31
CA PHE E 52 11.79 -6.06 38.96
C PHE E 52 12.91 -5.84 40.03
N ASP E 53 13.83 -6.80 40.10
CA ASP E 53 14.93 -6.88 41.11
C ASP E 53 16.26 -6.25 40.74
N GLY E 54 17.00 -5.56 41.62
CA GLY E 54 18.31 -5.17 41.13
C GLY E 54 19.01 -6.47 40.78
N SER E 55 19.12 -6.82 39.50
CA SER E 55 19.77 -8.10 39.16
C SER E 55 21.17 -7.90 38.58
N SER E 56 21.98 -8.95 38.51
CA SER E 56 23.35 -8.78 38.08
C SER E 56 23.98 -7.87 39.15
N ILE E 57 25.13 -7.20 38.99
CA ILE E 57 25.65 -6.61 40.21
C ILE E 57 26.17 -5.15 40.20
N ARG E 58 26.77 -4.61 39.15
CA ARG E 58 27.40 -3.30 39.32
C ARG E 58 26.74 -2.10 38.64
N GLY E 59 26.60 -1.00 39.38
CA GLY E 59 25.98 0.24 38.90
C GLY E 59 24.64 0.46 39.57
N PHE E 60 23.70 -0.47 39.34
CA PHE E 60 22.30 -0.42 39.84
C PHE E 60 22.10 -0.78 41.34
N GLN E 61 20.83 -0.92 41.79
CA GLN E 61 20.35 -1.19 43.16
C GLN E 61 20.72 -2.57 43.74
N SER E 62 21.72 -2.57 44.64
CA SER E 62 22.23 -3.78 45.31
C SER E 62 21.23 -4.33 46.33
N ILE E 63 21.66 -5.11 47.35
CA ILE E 63 20.70 -5.68 48.32
C ILE E 63 20.61 -4.83 49.60
N HIS E 64 20.43 -3.51 49.40
CA HIS E 64 20.25 -2.51 50.48
C HIS E 64 19.32 -1.45 49.88
N GLU E 65 19.11 -1.69 48.57
CA GLU E 65 18.28 -0.89 47.64
C GLU E 65 17.54 -1.72 46.58
N SER E 66 17.73 -3.05 46.64
CA SER E 66 17.16 -4.11 45.77
C SER E 66 16.11 -3.72 44.71
N ASP E 67 14.83 -3.73 45.06
CA ASP E 67 13.70 -3.62 44.12
C ASP E 67 13.57 -2.32 43.36
N MET E 68 13.23 -2.41 42.07
CA MET E 68 13.03 -1.25 41.22
C MET E 68 11.67 -1.28 40.52
N LEU E 69 11.22 -0.12 40.07
CA LEU E 69 9.95 0.02 39.37
C LEU E 69 10.26 0.57 37.97
N LEU E 70 9.71 -0.04 36.93
CA LEU E 70 9.95 0.38 35.56
C LEU E 70 8.76 1.07 34.90
N LEU E 71 8.96 2.31 34.45
CA LEU E 71 7.90 3.06 33.77
C LEU E 71 8.28 3.20 32.29
N PRO E 72 7.34 2.84 31.39
CA PRO E 72 7.54 2.90 29.95
C PRO E 72 7.58 4.27 29.28
N ASP E 73 8.33 4.33 28.17
CA ASP E 73 8.44 5.53 27.36
C ASP E 73 7.80 5.14 26.03
N PRO E 74 6.55 5.57 25.80
CA PRO E 74 5.79 5.29 24.57
C PRO E 74 6.46 5.64 23.25
N GLU E 75 7.37 6.60 23.27
CA GLU E 75 8.07 7.00 22.05
C GLU E 75 9.10 5.98 21.57
N THR E 76 9.50 5.07 22.46
CA THR E 76 10.49 4.06 22.14
C THR E 76 9.91 2.72 21.67
N ALA E 77 8.58 2.64 21.62
CA ALA E 77 7.89 1.42 21.19
C ALA E 77 8.13 1.09 19.73
N ARG E 78 8.69 -0.10 19.49
CA ARG E 78 8.99 -0.57 18.13
C ARG E 78 8.77 -2.06 18.02
N ILE E 79 8.34 -2.51 16.85
CA ILE E 79 8.14 -3.93 16.59
C ILE E 79 9.52 -4.52 16.30
N ASP E 80 9.87 -5.61 16.97
CA ASP E 80 11.17 -6.26 16.76
C ASP E 80 11.11 -7.03 15.43
N PRO E 81 12.02 -6.71 14.49
CA PRO E 81 12.05 -7.38 13.19
C PRO E 81 12.81 -8.71 13.16
N PHE E 82 13.42 -9.07 14.28
CA PHE E 82 14.21 -10.29 14.36
C PHE E 82 13.56 -11.44 15.11
N ARG E 83 12.86 -11.14 16.20
CA ARG E 83 12.20 -12.16 17.01
C ARG E 83 11.09 -12.90 16.26
N ALA E 84 11.17 -14.23 16.27
CA ALA E 84 10.18 -15.08 15.60
C ALA E 84 8.77 -14.83 16.12
N ALA E 85 8.62 -14.83 17.43
CA ALA E 85 7.32 -14.54 18.06
C ALA E 85 7.15 -13.03 17.98
N LYS E 86 6.04 -12.57 17.40
CA LYS E 86 5.81 -11.13 17.24
C LYS E 86 5.96 -10.38 18.58
N THR E 87 6.97 -9.54 18.65
CA THR E 87 7.30 -8.81 19.87
C THR E 87 7.37 -7.29 19.71
N LEU E 88 6.94 -6.58 20.77
CA LEU E 88 6.98 -5.13 20.81
C LEU E 88 8.03 -4.74 21.85
N ASN E 89 9.04 -3.99 21.42
CA ASN E 89 10.11 -3.53 22.31
C ASN E 89 9.78 -2.13 22.81
N ILE E 90 9.98 -1.90 24.10
CA ILE E 90 9.74 -0.59 24.71
C ILE E 90 10.82 -0.35 25.76
N ASN E 91 11.34 0.88 25.79
CA ASN E 91 12.35 1.25 26.79
C ASN E 91 11.65 1.83 28.00
N PHE E 92 12.26 1.62 29.16
CA PHE E 92 11.69 2.07 30.42
C PHE E 92 12.65 2.92 31.23
N PHE E 93 12.09 3.64 32.21
CA PHE E 93 12.84 4.47 33.14
C PHE E 93 12.78 3.72 34.46
N VAL E 94 13.88 3.72 35.20
CA VAL E 94 13.92 3.04 36.49
C VAL E 94 13.55 4.02 37.61
N HIS E 95 12.54 3.66 38.39
CA HIS E 95 12.09 4.49 39.50
C HIS E 95 12.20 3.74 40.81
N ASP E 96 12.13 4.49 41.91
CA ASP E 96 12.17 3.90 43.25
C ASP E 96 10.71 3.50 43.48
N PRO E 97 10.47 2.23 43.88
CA PRO E 97 9.12 1.71 44.13
C PRO E 97 8.28 2.61 45.03
N PHE E 98 8.83 2.91 46.20
CA PHE E 98 8.19 3.72 47.23
C PHE E 98 7.90 5.17 46.82
N THR E 99 8.95 5.95 46.62
CA THR E 99 8.81 7.37 46.26
C THR E 99 8.45 7.68 44.81
N LEU E 100 8.57 6.69 43.93
CA LEU E 100 8.30 6.87 42.50
C LEU E 100 9.33 7.86 41.94
N GLU E 101 10.42 8.02 42.68
CA GLU E 101 11.50 8.93 42.34
C GLU E 101 12.44 8.29 41.33
N PRO E 102 12.73 9.00 40.22
CA PRO E 102 13.63 8.49 39.18
C PRO E 102 14.97 8.08 39.78
N TYR E 103 15.38 6.85 39.51
CA TYR E 103 16.65 6.32 40.01
C TYR E 103 17.79 7.14 39.39
N SER E 104 18.65 7.68 40.25
CA SER E 104 19.76 8.52 39.82
C SER E 104 20.86 7.86 38.99
N ARG E 105 20.90 6.53 38.96
CA ARG E 105 21.93 5.83 38.20
C ARG E 105 21.43 5.20 36.89
N ASP E 106 20.17 5.48 36.54
CA ASP E 106 19.57 4.99 35.31
C ASP E 106 19.94 6.00 34.23
N PRO E 107 20.74 5.57 33.23
CA PRO E 107 21.17 6.44 32.14
C PRO E 107 20.04 7.19 31.45
N ARG E 108 18.89 6.55 31.29
CA ARG E 108 17.77 7.21 30.62
C ARG E 108 17.19 8.35 31.46
N ASN E 109 17.33 8.26 32.78
CA ASN E 109 16.84 9.31 33.68
C ASN E 109 17.77 10.51 33.59
N ILE E 110 19.07 10.25 33.44
CA ILE E 110 20.07 11.30 33.33
C ILE E 110 19.78 12.14 32.09
N ALA E 111 19.48 11.48 30.98
CA ALA E 111 19.18 12.16 29.73
C ALA E 111 17.91 13.00 29.86
N ARG E 112 16.92 12.47 30.57
CA ARG E 112 15.67 13.20 30.78
C ARG E 112 15.93 14.41 31.68
N LYS E 113 16.73 14.21 32.74
CA LYS E 113 17.08 15.30 33.64
C LYS E 113 17.83 16.40 32.89
N ALA E 114 18.67 16.00 31.94
CA ALA E 114 19.44 16.94 31.14
C ALA E 114 18.53 17.82 30.29
N GLU E 115 17.49 17.22 29.74
CA GLU E 115 16.54 17.96 28.92
C GLU E 115 15.71 18.93 29.76
N ASN E 116 15.34 18.50 30.96
CA ASN E 116 14.56 19.33 31.89
C ASN E 116 15.39 20.49 32.41
N TYR E 117 16.68 20.24 32.63
CA TYR E 117 17.59 21.27 33.11
C TYR E 117 17.76 22.36 32.05
N LEU E 118 17.85 21.94 30.78
CA LEU E 118 18.00 22.86 29.66
C LEU E 118 16.85 23.86 29.69
N ILE E 119 15.64 23.34 29.86
CA ILE E 119 14.43 24.16 29.90
C ILE E 119 14.46 25.11 31.10
N SER E 120 14.93 24.62 32.25
CA SER E 120 15.00 25.40 33.47
C SER E 120 15.98 26.58 33.41
N THR E 121 17.01 26.47 32.56
CA THR E 121 18.00 27.54 32.42
C THR E 121 17.47 28.69 31.56
N GLY E 122 16.41 28.42 30.81
CA GLY E 122 15.84 29.42 29.94
C GLY E 122 16.64 29.63 28.66
N ILE E 123 17.82 29.03 28.60
CA ILE E 123 18.71 29.14 27.43
C ILE E 123 18.04 28.62 26.16
N ALA E 124 17.34 27.50 26.28
CA ALA E 124 16.62 26.88 25.16
C ALA E 124 15.66 25.86 25.72
N ASP E 125 14.80 25.30 24.86
CA ASP E 125 13.87 24.28 25.32
C ASP E 125 14.08 22.92 24.64
N THR E 126 14.99 22.86 23.68
CA THR E 126 15.27 21.62 22.95
C THR E 126 16.73 21.51 22.48
N ALA E 127 17.33 20.36 22.71
CA ALA E 127 18.71 20.09 22.29
C ALA E 127 18.64 18.95 21.28
N TYR E 128 18.92 19.24 20.02
CA TYR E 128 18.89 18.22 18.98
C TYR E 128 20.24 17.55 18.78
N PHE E 129 20.24 16.22 18.75
CA PHE E 129 21.45 15.45 18.54
C PHE E 129 21.37 14.55 17.32
N GLY E 130 22.38 14.66 16.46
CA GLY E 130 22.45 13.83 15.27
C GLY E 130 23.76 13.06 15.41
N ALA E 131 23.67 11.74 15.49
CA ALA E 131 24.86 10.93 15.65
C ALA E 131 25.10 9.95 14.52
N GLU E 132 26.36 9.84 14.14
CA GLU E 132 26.74 8.96 13.04
C GLU E 132 27.79 7.97 13.49
N ALA E 133 27.32 6.77 13.71
CA ALA E 133 28.15 5.70 14.21
C ALA E 133 28.57 4.72 13.13
N GLU E 134 29.89 4.61 12.97
CA GLU E 134 30.50 3.71 12.02
C GLU E 134 30.64 2.36 12.72
N PHE E 135 30.68 1.29 11.94
CA PHE E 135 30.85 -0.05 12.49
C PHE E 135 31.54 -0.95 11.47
N TYR E 136 32.03 -2.10 11.95
CA TYR E 136 32.69 -3.06 11.08
C TYR E 136 31.89 -4.36 11.03
N ILE E 137 31.85 -4.95 9.84
CA ILE E 137 31.15 -6.21 9.61
C ILE E 137 32.22 -7.28 9.42
N PHE E 138 32.23 -8.27 10.32
CA PHE E 138 33.20 -9.35 10.26
C PHE E 138 32.49 -10.69 10.07
N ASP E 139 33.28 -11.74 9.80
CA ASP E 139 32.75 -13.08 9.63
C ASP E 139 32.99 -13.87 10.90
N SER E 140 34.04 -13.50 11.62
CA SER E 140 34.39 -14.19 12.86
C SER E 140 35.24 -13.36 13.80
N VAL E 141 35.23 -13.76 15.07
CA VAL E 141 36.02 -13.13 16.11
C VAL E 141 36.27 -14.14 17.22
N SER E 142 37.53 -14.26 17.63
CA SER E 142 37.89 -15.15 18.71
C SER E 142 39.02 -14.50 19.50
N PHE E 143 39.12 -14.83 20.78
CA PHE E 143 40.15 -14.27 21.65
C PHE E 143 40.14 -14.97 22.99
N ASP E 144 41.23 -14.80 23.73
CA ASP E 144 41.34 -15.34 25.08
C ASP E 144 42.52 -14.74 25.82
N SER E 145 42.54 -14.94 27.13
CA SER E 145 43.59 -14.44 27.98
C SER E 145 43.92 -15.54 28.97
N ARG E 146 45.12 -16.09 28.87
CA ARG E 146 45.55 -17.16 29.74
C ARG E 146 46.83 -16.77 30.46
N ALA E 147 47.29 -17.66 31.34
CA ALA E 147 48.51 -17.39 32.09
C ALA E 147 49.75 -17.30 31.23
N ASN E 148 49.85 -18.17 30.23
CA ASN E 148 51.02 -18.24 29.36
C ASN E 148 50.83 -17.70 27.95
N GLY E 149 49.68 -17.10 27.68
CA GLY E 149 49.44 -16.59 26.35
C GLY E 149 48.13 -15.87 26.23
N SER E 150 47.97 -15.15 25.13
CA SER E 150 46.76 -14.40 24.87
C SER E 150 46.72 -14.09 23.38
N PHE E 151 45.52 -13.93 22.84
CA PHE E 151 45.36 -13.63 21.42
C PHE E 151 43.99 -13.06 21.12
N TYR E 152 43.86 -12.53 19.92
CA TYR E 152 42.59 -12.05 19.40
C TYR E 152 42.72 -12.18 17.90
N GLU E 153 41.60 -12.34 17.23
CA GLU E 153 41.60 -12.48 15.80
C GLU E 153 40.21 -12.19 15.26
N VAL E 154 40.12 -11.15 14.42
CA VAL E 154 38.88 -10.81 13.75
C VAL E 154 39.14 -11.16 12.30
N ASP E 155 38.12 -11.61 11.58
CA ASP E 155 38.34 -11.97 10.20
C ASP E 155 37.11 -11.75 9.34
N ALA E 156 37.36 -11.54 8.05
CA ALA E 156 36.33 -11.32 7.07
C ALA E 156 36.85 -11.91 5.79
N ILE E 157 36.00 -12.67 5.11
CA ILE E 157 36.34 -13.33 3.85
C ILE E 157 36.99 -12.34 2.88
N SER E 158 36.40 -11.16 2.76
CA SER E 158 36.89 -10.12 1.87
C SER E 158 37.91 -9.15 2.48
N GLY E 159 38.48 -9.51 3.62
CA GLY E 159 39.46 -8.64 4.26
C GLY E 159 40.71 -8.50 3.40
N TRP E 160 41.22 -7.28 3.29
CA TRP E 160 42.40 -7.01 2.47
C TRP E 160 43.68 -7.75 2.87
N TRP E 161 43.68 -8.32 4.06
CA TRP E 161 44.83 -9.08 4.56
C TRP E 161 44.76 -10.55 4.08
N ASN E 162 43.69 -10.87 3.35
CA ASN E 162 43.46 -12.23 2.86
C ASN E 162 43.66 -12.42 1.34
N THR E 163 44.36 -11.50 0.68
CA THR E 163 44.57 -11.61 -0.76
C THR E 163 45.32 -12.87 -1.16
N GLY E 164 46.17 -13.36 -0.26
CA GLY E 164 46.94 -14.56 -0.54
C GLY E 164 46.32 -15.89 -0.18
N ALA E 165 45.09 -15.89 0.33
CA ALA E 165 44.42 -17.13 0.70
C ALA E 165 44.26 -18.06 -0.49
N ALA E 166 44.76 -19.28 -0.33
CA ALA E 166 44.69 -20.30 -1.39
C ALA E 166 43.24 -20.63 -1.70
N THR E 167 42.41 -20.73 -0.66
CA THR E 167 40.98 -20.99 -0.78
C THR E 167 40.31 -20.28 0.39
N GLU E 168 39.00 -20.05 0.30
CA GLU E 168 38.28 -19.40 1.37
C GLU E 168 38.12 -20.31 2.57
N ALA E 169 37.58 -19.76 3.65
CA ALA E 169 37.37 -20.51 4.89
C ALA E 169 36.55 -21.77 4.61
N ASP E 170 35.49 -21.62 3.81
CA ASP E 170 34.61 -22.72 3.46
C ASP E 170 35.10 -23.62 2.32
N GLY E 171 36.38 -23.53 1.99
CA GLY E 171 36.95 -24.36 0.92
C GLY E 171 36.75 -23.85 -0.50
N SER E 172 35.85 -22.88 -0.68
CA SER E 172 35.58 -22.31 -2.00
C SER E 172 36.77 -21.49 -2.49
N PRO E 173 36.86 -21.25 -3.82
CA PRO E 173 37.99 -20.48 -4.33
C PRO E 173 38.04 -19.00 -3.98
N ASN E 174 39.26 -18.48 -3.90
CA ASN E 174 39.50 -17.07 -3.61
C ASN E 174 39.22 -16.32 -4.93
N ARG E 175 38.20 -15.48 -4.92
CA ARG E 175 37.83 -14.73 -6.12
C ARG E 175 38.36 -13.31 -6.20
N GLY E 176 39.18 -12.93 -5.23
CA GLY E 176 39.77 -11.60 -5.22
C GLY E 176 38.85 -10.46 -4.83
N TYR E 177 39.18 -9.26 -5.32
CA TYR E 177 38.44 -8.05 -5.02
C TYR E 177 38.47 -7.70 -3.53
N LYS E 178 39.56 -8.10 -2.86
CA LYS E 178 39.76 -7.85 -1.44
C LYS E 178 40.63 -6.61 -1.21
N VAL E 179 41.57 -6.39 -2.14
CA VAL E 179 42.51 -5.26 -2.04
C VAL E 179 41.85 -3.90 -1.88
N ARG E 180 42.48 -3.11 -1.05
CA ARG E 180 42.05 -1.76 -0.71
C ARG E 180 42.92 -0.80 -1.53
N HIS E 181 42.38 -0.33 -2.65
CA HIS E 181 43.11 0.56 -3.57
C HIS E 181 43.21 2.03 -3.19
N LYS E 182 44.25 2.65 -3.71
CA LYS E 182 44.51 4.08 -3.51
C LYS E 182 43.60 4.83 -4.49
N GLY E 183 43.13 6.00 -4.09
CA GLY E 183 42.27 6.78 -4.97
C GLY E 183 40.85 7.00 -4.48
N GLY E 184 40.23 5.94 -3.98
CA GLY E 184 38.87 6.03 -3.49
C GLY E 184 38.53 4.84 -2.63
N TYR E 185 37.94 5.10 -1.47
CA TYR E 185 37.59 4.02 -0.56
C TYR E 185 36.12 3.62 -0.49
N PHE E 186 35.34 4.04 -1.48
CA PHE E 186 33.91 3.68 -1.56
C PHE E 186 33.62 3.06 -2.93
N PRO E 187 34.47 2.12 -3.40
CA PRO E 187 34.23 1.51 -4.72
C PRO E 187 32.94 0.73 -4.83
N VAL E 188 32.41 0.65 -6.04
CA VAL E 188 31.19 -0.11 -6.31
C VAL E 188 31.53 -1.62 -6.34
N ALA E 189 30.50 -2.44 -6.39
CA ALA E 189 30.68 -3.89 -6.46
C ALA E 189 31.44 -4.24 -7.75
N PRO E 190 32.17 -5.37 -7.77
CA PRO E 190 32.33 -6.32 -6.68
C PRO E 190 33.37 -5.99 -5.57
N ASN E 191 34.01 -4.82 -5.66
CA ASN E 191 34.96 -4.44 -4.62
C ASN E 191 34.20 -4.26 -3.31
N ASP E 192 32.97 -3.75 -3.44
CA ASP E 192 32.06 -3.56 -2.32
C ASP E 192 31.35 -4.89 -2.19
N GLN E 193 31.71 -5.64 -1.16
CA GLN E 193 31.14 -6.96 -0.94
C GLN E 193 30.02 -7.04 0.07
N TYR E 194 29.52 -5.89 0.53
CA TYR E 194 28.45 -5.89 1.53
C TYR E 194 27.23 -5.09 1.12
N VAL E 195 27.06 -4.88 -0.18
CA VAL E 195 25.93 -4.12 -0.69
C VAL E 195 24.57 -4.61 -0.22
N ASP E 196 24.27 -5.90 -0.42
CA ASP E 196 22.98 -6.44 -0.02
C ASP E 196 22.73 -6.44 1.48
N LEU E 197 23.78 -6.68 2.27
CA LEU E 197 23.67 -6.69 3.72
C LEU E 197 23.34 -5.29 4.23
N ARG E 198 24.08 -4.29 3.75
CA ARG E 198 23.84 -2.91 4.18
C ARG E 198 22.44 -2.47 3.80
N ASP E 199 21.96 -2.93 2.64
CA ASP E 199 20.61 -2.58 2.20
C ASP E 199 19.59 -3.19 3.15
N LYS E 200 19.87 -4.39 3.65
CA LYS E 200 18.97 -5.05 4.59
C LYS E 200 18.94 -4.26 5.88
N MET E 201 20.10 -3.77 6.30
CA MET E 201 20.23 -2.97 7.51
C MET E 201 19.41 -1.69 7.34
N LEU E 202 19.60 -1.03 6.20
CA LEU E 202 18.88 0.21 5.90
C LEU E 202 17.37 -0.01 5.84
N THR E 203 16.96 -1.10 5.20
CA THR E 203 15.55 -1.44 5.08
C THR E 203 14.95 -1.66 6.48
N ASN E 204 15.69 -2.35 7.34
CA ASN E 204 15.24 -2.60 8.72
C ASN E 204 15.13 -1.32 9.53
N LEU E 205 16.08 -0.40 9.33
CA LEU E 205 16.06 0.88 10.03
C LEU E 205 14.84 1.68 9.61
N ILE E 206 14.59 1.75 8.31
CA ILE E 206 13.46 2.48 7.77
C ILE E 206 12.13 1.89 8.27
N ASN E 207 12.05 0.56 8.31
CA ASN E 207 10.84 -0.11 8.80
C ASN E 207 10.68 0.07 10.31
N SER E 208 11.76 0.47 10.97
CA SER E 208 11.75 0.70 12.42
C SER E 208 11.61 2.17 12.80
N GLY E 209 11.13 2.98 11.86
CA GLY E 209 10.91 4.39 12.14
C GLY E 209 12.02 5.40 11.93
N PHE E 210 13.18 4.97 11.45
CA PHE E 210 14.27 5.91 11.21
C PHE E 210 13.94 6.75 9.98
N ILE E 211 14.23 8.04 10.07
CA ILE E 211 13.97 8.97 8.98
C ILE E 211 15.24 9.29 8.21
N LEU E 212 15.22 9.00 6.92
CA LEU E 212 16.34 9.22 6.03
C LEU E 212 15.87 10.25 4.99
N GLU E 213 16.49 11.42 4.95
CA GLU E 213 16.12 12.44 3.97
C GLU E 213 17.33 12.97 3.25
N LYS E 214 17.45 14.28 3.31
CA LYS E 214 18.48 15.15 2.73
C LYS E 214 19.86 14.50 2.65
N GLY E 215 20.73 14.75 3.61
CA GLY E 215 22.08 14.21 3.57
C GLY E 215 22.26 12.95 4.39
N HIS E 216 21.26 12.06 4.33
CA HIS E 216 21.30 10.80 5.05
C HIS E 216 21.65 9.73 4.03
N HIS E 217 22.83 9.14 4.23
CA HIS E 217 23.35 8.14 3.31
C HIS E 217 23.64 6.78 3.95
N GLU E 218 23.79 5.83 3.07
CA GLU E 218 24.22 4.49 3.43
C GLU E 218 25.59 4.39 2.74
N VAL E 219 26.66 4.18 3.50
CA VAL E 219 27.98 4.13 2.88
C VAL E 219 28.82 2.96 3.42
N GLY E 220 29.70 2.45 2.58
CA GLY E 220 30.56 1.35 2.98
C GLY E 220 31.95 1.42 2.40
N SER E 221 32.92 0.99 3.17
CA SER E 221 34.33 0.99 2.76
C SER E 221 34.91 -0.29 3.33
N GLY E 222 35.14 -1.27 2.46
CA GLY E 222 35.65 -2.55 2.91
C GLY E 222 34.59 -3.14 3.81
N GLY E 223 34.99 -3.55 5.01
CA GLY E 223 34.03 -4.11 5.95
C GLY E 223 33.39 -3.04 6.83
N GLN E 224 33.87 -1.81 6.73
CA GLN E 224 33.32 -0.72 7.52
C GLN E 224 32.09 -0.11 6.85
N ALA E 225 31.15 0.35 7.66
CA ALA E 225 29.92 0.94 7.14
C ALA E 225 29.33 1.97 8.08
N GLU E 226 28.37 2.72 7.56
CA GLU E 226 27.68 3.74 8.33
C GLU E 226 26.40 4.11 7.61
N ILE E 227 25.32 4.21 8.37
CA ILE E 227 24.03 4.60 7.83
C ILE E 227 23.55 5.71 8.77
N ASN E 228 23.55 6.95 8.28
CA ASN E 228 23.12 8.05 9.11
C ASN E 228 21.63 8.35 8.89
N TYR E 229 21.01 8.91 9.92
CA TYR E 229 19.59 9.20 9.89
C TYR E 229 19.32 10.55 10.56
N GLN E 230 18.06 10.96 10.50
CA GLN E 230 17.66 12.24 11.08
C GLN E 230 17.81 12.33 12.60
N PHE E 231 18.27 13.50 13.04
CA PHE E 231 18.49 13.83 14.44
C PHE E 231 17.19 13.71 15.25
N ASN E 232 17.32 13.92 16.56
CA ASN E 232 16.18 13.85 17.46
C ASN E 232 16.56 14.61 18.73
N SER E 233 15.58 14.86 19.59
CA SER E 233 15.86 15.53 20.86
C SER E 233 16.76 14.59 21.68
N LEU E 234 17.66 15.17 22.48
CA LEU E 234 18.63 14.42 23.28
C LEU E 234 18.28 12.99 23.71
N LEU E 235 17.31 12.82 24.61
CA LEU E 235 16.93 11.50 25.10
C LEU E 235 16.57 10.52 23.99
N HIS E 236 15.66 10.91 23.12
CA HIS E 236 15.22 10.06 22.02
C HIS E 236 16.29 9.78 20.98
N ALA E 237 17.27 10.68 20.89
CA ALA E 237 18.39 10.49 19.96
C ALA E 237 19.23 9.35 20.51
N ALA E 238 19.38 9.33 21.84
CA ALA E 238 20.14 8.29 22.52
C ALA E 238 19.41 6.95 22.40
N ASP E 239 18.08 6.98 22.45
CA ASP E 239 17.28 5.77 22.31
C ASP E 239 17.44 5.26 20.88
N ASP E 240 17.49 6.19 19.93
CA ASP E 240 17.65 5.88 18.51
C ASP E 240 19.00 5.21 18.25
N MET E 241 20.03 5.66 18.96
CA MET E 241 21.38 5.10 18.81
C MET E 241 21.40 3.65 19.28
N GLN E 242 20.76 3.38 20.41
CA GLN E 242 20.68 2.02 20.95
C GLN E 242 19.92 1.12 19.97
N LEU E 243 18.85 1.65 19.39
CA LEU E 243 18.01 0.94 18.43
C LEU E 243 18.83 0.63 17.17
N TYR E 244 19.56 1.64 16.70
CA TYR E 244 20.41 1.53 15.52
C TYR E 244 21.41 0.39 15.71
N LYS E 245 22.13 0.40 16.83
CA LYS E 245 23.11 -0.64 17.12
C LYS E 245 22.44 -2.01 17.17
N TYR E 246 21.26 -2.07 17.77
CA TYR E 246 20.51 -3.31 17.88
C TYR E 246 20.16 -3.85 16.48
N ILE E 247 19.64 -2.97 15.64
CA ILE E 247 19.26 -3.34 14.28
C ILE E 247 20.45 -3.72 13.40
N ILE E 248 21.55 -2.99 13.54
CA ILE E 248 22.75 -3.27 12.76
C ILE E 248 23.33 -4.62 13.17
N LYS E 249 23.50 -4.81 14.47
CA LYS E 249 24.08 -6.05 15.01
C LYS E 249 23.28 -7.31 14.68
N ASN E 250 21.96 -7.23 14.78
CA ASN E 250 21.11 -8.38 14.53
C ASN E 250 20.81 -8.66 13.07
N THR E 251 20.87 -7.65 12.23
CA THR E 251 20.65 -7.84 10.80
C THR E 251 21.86 -8.64 10.32
N ALA E 252 23.05 -8.26 10.81
CA ALA E 252 24.29 -8.94 10.47
C ALA E 252 24.23 -10.38 11.00
N TRP E 253 23.81 -10.52 12.26
CA TRP E 253 23.72 -11.82 12.90
C TRP E 253 22.81 -12.80 12.16
N GLN E 254 21.66 -12.31 11.69
CA GLN E 254 20.73 -13.16 10.96
C GLN E 254 21.22 -13.49 9.55
N ASN E 255 22.28 -12.80 9.13
CA ASN E 255 22.84 -13.03 7.80
C ASN E 255 24.25 -13.59 7.84
N GLY E 256 24.53 -14.36 8.88
CA GLY E 256 25.83 -15.01 9.03
C GLY E 256 27.05 -14.16 9.33
N LYS E 257 26.85 -12.94 9.81
CA LYS E 257 27.98 -12.07 10.12
C LYS E 257 27.96 -11.67 11.58
N THR E 258 28.97 -10.89 11.97
CA THR E 258 29.10 -10.40 13.33
C THR E 258 29.66 -8.98 13.25
N VAL E 259 28.93 -8.04 13.85
CA VAL E 259 29.29 -6.62 13.83
C VAL E 259 29.92 -6.12 15.13
N THR E 260 30.83 -5.16 15.00
CA THR E 260 31.43 -4.54 16.18
C THR E 260 31.48 -3.02 16.03
N PHE E 261 31.08 -2.34 17.10
CA PHE E 261 31.09 -0.88 17.14
C PHE E 261 32.31 -0.42 17.93
N MET E 262 33.23 -1.34 18.24
CA MET E 262 34.42 -0.94 19.00
C MET E 262 35.22 0.05 18.17
N PRO E 263 35.81 1.06 18.82
CA PRO E 263 36.61 2.12 18.21
C PRO E 263 37.74 1.72 17.26
N LYS E 264 38.51 0.72 17.62
CA LYS E 264 39.63 0.30 16.80
C LYS E 264 39.81 -1.21 16.78
N PRO E 265 39.03 -1.91 15.94
CA PRO E 265 39.15 -3.38 15.84
C PRO E 265 40.31 -3.80 14.96
N LEU E 266 40.69 -2.93 14.03
CA LEU E 266 41.78 -3.21 13.09
C LEU E 266 42.96 -2.27 13.23
N PHE E 267 44.14 -2.85 13.34
CA PHE E 267 45.38 -2.09 13.44
C PHE E 267 45.84 -1.84 12.01
N GLY E 268 45.89 -0.58 11.60
CA GLY E 268 46.30 -0.28 10.25
C GLY E 268 45.11 -0.02 9.33
N ASP E 269 43.96 0.23 9.95
CA ASP E 269 42.75 0.54 9.20
C ASP E 269 41.97 1.56 10.03
N ASN E 270 41.07 2.27 9.38
CA ASN E 270 40.26 3.30 9.99
C ASN E 270 39.52 2.85 11.25
N GLY E 271 39.49 3.73 12.25
CA GLY E 271 38.77 3.44 13.48
C GLY E 271 37.30 3.77 13.27
N SER E 272 36.46 3.46 14.25
CA SER E 272 35.03 3.76 14.12
C SER E 272 34.63 4.81 15.14
N GLY E 273 34.12 5.94 14.64
CA GLY E 273 33.72 7.01 15.53
C GLY E 273 32.25 7.33 15.47
N MET E 274 31.83 8.25 16.34
CA MET E 274 30.44 8.69 16.40
C MET E 274 30.42 10.22 16.42
N HIS E 275 30.32 10.80 15.24
CA HIS E 275 30.27 12.25 15.08
C HIS E 275 28.93 12.73 15.57
N CYS E 276 28.94 13.62 16.56
CA CYS E 276 27.70 14.14 17.12
C CYS E 276 27.41 15.59 16.81
N HIS E 277 26.38 15.79 16.00
CA HIS E 277 25.92 17.11 15.59
C HIS E 277 24.93 17.57 16.66
N GLN E 278 25.13 18.79 17.14
CA GLN E 278 24.30 19.35 18.19
C GLN E 278 23.87 20.76 17.86
N SER E 279 22.72 21.13 18.42
CA SER E 279 22.18 22.47 18.21
C SER E 279 21.04 22.73 19.21
N LEU E 280 20.93 23.97 19.67
CA LEU E 280 19.88 24.36 20.60
C LEU E 280 18.78 25.14 19.89
N TRP E 281 17.54 24.88 20.30
CA TRP E 281 16.38 25.55 19.74
C TRP E 281 15.47 26.04 20.87
N LYS E 282 14.66 27.05 20.57
CA LYS E 282 13.73 27.62 21.53
C LYS E 282 12.51 28.15 20.80
N ASP E 283 11.33 27.74 21.28
CA ASP E 283 10.06 28.15 20.68
C ASP E 283 9.98 27.86 19.19
N GLY E 284 10.55 26.72 18.79
CA GLY E 284 10.52 26.31 17.40
C GLY E 284 11.50 27.01 16.48
N ALA E 285 12.42 27.79 17.06
CA ALA E 285 13.39 28.53 16.27
C ALA E 285 14.83 28.21 16.67
N PRO E 286 15.75 28.21 15.69
CA PRO E 286 17.17 27.94 15.91
C PRO E 286 17.89 29.04 16.68
N LEU E 287 18.88 28.64 17.47
CA LEU E 287 19.66 29.58 18.28
C LEU E 287 21.15 29.55 17.93
N MET E 288 21.53 28.72 16.97
CA MET E 288 22.93 28.56 16.59
C MET E 288 23.44 29.48 15.48
N TYR E 289 22.53 30.05 14.69
CA TYR E 289 22.90 30.91 13.57
C TYR E 289 23.06 32.41 13.83
N ASP E 290 23.93 33.03 13.03
CA ASP E 290 24.23 34.45 13.07
C ASP E 290 25.17 34.77 11.88
N GLU E 291 24.62 35.45 10.86
CA GLU E 291 25.38 35.82 9.66
C GLU E 291 26.71 36.51 9.96
N THR E 292 26.70 37.37 10.97
CA THR E 292 27.87 38.15 11.36
C THR E 292 29.00 37.36 12.04
N GLY E 293 28.67 36.24 12.66
CA GLY E 293 29.68 35.45 13.33
C GLY E 293 30.48 34.52 12.44
N TYR E 294 31.65 34.11 12.93
CA TYR E 294 32.50 33.18 12.18
C TYR E 294 31.75 31.87 11.94
N ALA E 295 31.78 31.40 10.69
CA ALA E 295 31.10 30.17 10.30
C ALA E 295 29.59 30.23 10.52
N GLY E 296 29.06 31.46 10.61
CA GLY E 296 27.64 31.65 10.81
C GLY E 296 27.17 31.25 12.20
N LEU E 297 28.06 31.32 13.17
CA LEU E 297 27.76 30.94 14.54
C LEU E 297 27.36 32.09 15.45
N SER E 298 26.32 31.84 16.24
CA SER E 298 25.81 32.83 17.19
C SER E 298 26.71 32.84 18.43
N ASP E 299 26.45 33.77 19.35
CA ASP E 299 27.22 33.86 20.59
C ASP E 299 26.97 32.60 21.41
N THR E 300 25.73 32.13 21.39
CA THR E 300 25.31 30.94 22.10
C THR E 300 26.08 29.72 21.61
N ALA E 301 26.15 29.56 20.29
CA ALA E 301 26.87 28.45 19.66
C ALA E 301 28.35 28.48 19.98
N ARG E 302 28.96 29.66 19.90
CA ARG E 302 30.40 29.82 20.17
C ARG E 302 30.74 29.49 21.62
N HIS E 303 29.87 29.89 22.54
CA HIS E 303 30.06 29.62 23.96
C HIS E 303 29.92 28.13 24.24
N TYR E 304 29.01 27.50 23.51
CA TYR E 304 28.74 26.07 23.64
C TYR E 304 30.04 25.35 23.25
N ILE E 305 30.63 25.77 22.14
CA ILE E 305 31.88 25.22 21.64
C ILE E 305 32.99 25.45 22.67
N GLY E 306 32.94 26.61 23.33
CA GLY E 306 33.92 26.93 24.36
C GLY E 306 33.83 25.95 25.51
N GLY E 307 32.59 25.53 25.82
CA GLY E 307 32.38 24.57 26.88
C GLY E 307 32.89 23.20 26.51
N LEU E 308 32.60 22.76 25.28
CA LEU E 308 33.06 21.47 24.78
C LEU E 308 34.58 21.38 24.81
N LEU E 309 35.25 22.38 24.26
CA LEU E 309 36.72 22.41 24.22
C LEU E 309 37.35 22.54 25.60
N HIS E 310 36.74 23.33 26.46
CA HIS E 310 37.26 23.53 27.81
C HIS E 310 37.13 22.27 28.65
N HIS E 311 35.97 21.63 28.55
CA HIS E 311 35.67 20.42 29.32
C HIS E 311 36.07 19.09 28.69
N ALA E 312 36.54 19.12 27.45
CA ALA E 312 36.94 17.91 26.73
C ALA E 312 37.75 16.89 27.53
N PRO E 313 38.79 17.33 28.28
CA PRO E 313 39.58 16.37 29.06
C PRO E 313 38.77 15.47 29.99
N SER E 314 37.66 15.99 30.52
CA SER E 314 36.82 15.19 31.41
C SER E 314 35.61 14.63 30.66
N LEU E 315 35.12 15.40 29.69
CA LEU E 315 33.97 15.02 28.87
C LEU E 315 34.22 13.68 28.19
N LEU E 316 35.47 13.46 27.76
CA LEU E 316 35.85 12.24 27.08
C LEU E 316 35.66 10.99 27.93
N ALA E 317 35.50 11.15 29.24
CA ALA E 317 35.29 10.01 30.13
C ALA E 317 33.92 9.35 29.86
N PHE E 318 33.01 10.10 29.25
CA PHE E 318 31.67 9.61 28.90
C PHE E 318 31.51 9.50 27.39
N THR E 319 32.31 10.28 26.69
CA THR E 319 32.26 10.37 25.25
C THR E 319 33.17 9.35 24.52
N ASN E 320 34.26 8.95 25.17
CA ASN E 320 35.23 7.96 24.67
C ASN E 320 35.65 7.22 25.94
N PRO E 321 34.70 6.47 26.53
CA PRO E 321 34.81 5.74 27.79
C PRO E 321 35.56 4.37 27.84
N THR E 322 36.22 3.95 26.78
CA THR E 322 36.92 2.67 26.82
C THR E 322 38.41 2.78 26.56
N VAL E 323 39.14 1.75 26.94
CA VAL E 323 40.59 1.70 26.71
C VAL E 323 40.85 1.69 25.20
N ASN E 324 39.99 0.99 24.47
CA ASN E 324 40.10 0.86 23.01
C ASN E 324 39.84 2.20 22.32
N SER E 325 39.10 3.08 22.97
CA SER E 325 38.79 4.42 22.44
C SER E 325 40.08 5.17 22.09
N TYR E 326 41.13 4.96 22.88
CA TYR E 326 42.40 5.64 22.68
C TYR E 326 43.34 5.03 21.67
N LYS E 327 42.87 4.04 20.93
CA LYS E 327 43.66 3.41 19.87
C LYS E 327 43.20 4.12 18.59
N ARG E 328 42.02 4.73 18.66
CA ARG E 328 41.47 5.51 17.55
C ARG E 328 41.93 6.96 17.74
N LEU E 329 41.79 7.46 18.97
CA LEU E 329 42.20 8.83 19.33
C LEU E 329 43.71 8.82 19.58
N VAL E 330 44.46 8.78 18.47
CA VAL E 330 45.90 8.73 18.51
C VAL E 330 46.40 9.39 17.20
N PRO E 331 47.59 10.03 17.20
CA PRO E 331 48.12 10.68 15.99
C PRO E 331 48.12 9.77 14.75
N GLY E 332 47.41 10.19 13.71
CA GLY E 332 47.36 9.38 12.49
C GLY E 332 46.31 9.77 11.46
N TYR E 333 45.26 8.94 11.34
CA TYR E 333 44.17 9.12 10.37
C TYR E 333 43.37 10.42 10.54
N GLU E 334 44.04 11.50 10.95
CA GLU E 334 43.43 12.80 11.16
C GLU E 334 42.41 12.62 12.27
N ALA E 335 42.90 12.09 13.40
CA ALA E 335 42.08 11.82 14.56
C ALA E 335 41.65 13.10 15.25
N PRO E 336 40.36 13.23 15.59
CA PRO E 336 39.81 14.41 16.25
C PRO E 336 40.38 14.58 17.66
N ILE E 337 41.67 14.87 17.74
CA ILE E 337 42.36 15.06 19.01
C ILE E 337 42.77 16.50 19.27
N ASN E 338 42.62 17.35 18.25
CA ASN E 338 42.98 18.76 18.35
C ASN E 338 41.86 19.61 18.93
N LEU E 339 42.11 20.15 20.11
CA LEU E 339 41.14 20.97 20.84
C LEU E 339 40.87 22.36 20.26
N VAL E 340 40.35 22.38 19.04
CA VAL E 340 40.02 23.63 18.35
C VAL E 340 38.80 23.38 17.47
N TYR E 341 38.13 24.45 17.04
CA TYR E 341 36.98 24.30 16.14
C TYR E 341 37.38 24.73 14.74
N SER E 342 36.70 24.27 13.73
CA SER E 342 37.06 24.59 12.36
C SER E 342 35.93 24.23 11.40
N GLN E 343 36.11 24.60 10.13
CA GLN E 343 35.15 24.31 9.07
C GLN E 343 35.82 23.37 8.08
N ARG E 344 37.15 23.43 8.05
CA ARG E 344 37.97 22.62 7.15
C ARG E 344 38.54 21.36 7.79
N ASN E 345 39.34 21.55 8.83
CA ASN E 345 40.00 20.45 9.55
C ASN E 345 39.11 19.37 10.14
N ARG E 346 39.39 18.12 9.74
CA ARG E 346 38.64 16.98 10.24
C ARG E 346 39.31 16.38 11.47
N SER E 347 40.51 16.88 11.77
CA SER E 347 41.29 16.44 12.93
C SER E 347 40.97 17.37 14.11
N ALA E 348 39.99 18.25 13.90
CA ALA E 348 39.56 19.19 14.95
C ALA E 348 38.43 18.55 15.74
N CYS E 349 38.48 18.70 17.06
CA CYS E 349 37.45 18.15 17.95
C CYS E 349 36.06 18.59 17.53
N VAL E 350 35.93 19.87 17.21
CA VAL E 350 34.65 20.43 16.79
C VAL E 350 34.77 20.96 15.37
N ARG E 351 33.84 20.57 14.51
CA ARG E 351 33.82 21.04 13.14
C ARG E 351 32.45 21.63 12.87
N ILE E 352 32.42 22.74 12.16
CA ILE E 352 31.17 23.38 11.81
C ILE E 352 30.88 23.07 10.36
N PRO E 353 29.89 22.20 10.12
CA PRO E 353 29.49 21.81 8.75
C PRO E 353 29.12 23.03 7.94
N ILE E 354 29.56 23.06 6.69
CA ILE E 354 29.25 24.16 5.80
C ILE E 354 27.83 23.95 5.30
N THR E 355 26.90 24.73 5.85
CA THR E 355 25.48 24.61 5.51
C THR E 355 24.85 25.82 4.84
N GLY E 356 25.64 26.89 4.67
CA GLY E 356 25.12 28.07 4.02
C GLY E 356 24.45 29.10 4.91
N SER E 357 23.43 29.76 4.36
CA SER E 357 22.69 30.81 5.06
C SER E 357 21.45 30.35 5.83
N ASN E 358 21.04 29.10 5.62
CA ASN E 358 19.87 28.54 6.31
C ASN E 358 20.14 28.38 7.80
N PRO E 359 19.49 29.20 8.65
CA PRO E 359 19.67 29.15 10.10
C PRO E 359 19.28 27.82 10.77
N LYS E 360 18.31 27.13 10.16
CA LYS E 360 17.84 25.85 10.67
C LYS E 360 18.82 24.70 10.49
N ALA E 361 19.82 24.90 9.63
CA ALA E 361 20.80 23.87 9.35
C ALA E 361 22.12 24.08 10.10
N LYS E 362 22.28 25.25 10.71
CA LYS E 362 23.51 25.55 11.46
C LYS E 362 23.60 24.71 12.72
N ARG E 363 24.74 24.05 12.88
CA ARG E 363 24.96 23.18 14.03
C ARG E 363 26.46 22.94 14.18
N LEU E 364 26.86 22.42 15.32
CA LEU E 364 28.26 22.11 15.56
C LEU E 364 28.39 20.59 15.61
N GLU E 365 29.54 20.09 15.17
CA GLU E 365 29.78 18.66 15.17
C GLU E 365 30.96 18.26 16.03
N PHE E 366 30.68 17.55 17.12
CA PHE E 366 31.73 17.08 18.01
C PHE E 366 32.16 15.74 17.38
N ARG E 367 33.36 15.74 16.82
CA ARG E 367 33.91 14.58 16.11
C ARG E 367 34.61 13.52 16.95
N SER E 368 35.06 13.90 18.12
CA SER E 368 35.83 13.01 19.00
C SER E 368 35.14 11.73 19.52
N PRO E 369 33.84 11.78 19.85
CA PRO E 369 33.15 10.60 20.37
C PRO E 369 33.19 9.33 19.52
N ASP E 370 32.92 8.22 20.19
CA ASP E 370 32.84 6.91 19.54
C ASP E 370 31.62 6.22 20.15
N SER E 371 31.24 5.05 19.65
CA SER E 371 30.07 4.37 20.21
C SER E 371 30.41 3.20 21.11
N SER E 372 31.51 3.32 21.84
CA SER E 372 31.94 2.27 22.76
C SER E 372 31.34 2.40 24.14
N GLY E 373 30.43 3.35 24.33
CA GLY E 373 29.85 3.54 25.64
C GLY E 373 28.34 3.65 25.76
N ASN E 374 27.92 4.65 26.53
CA ASN E 374 26.52 4.92 26.81
C ASN E 374 26.10 6.24 26.17
N PRO E 375 25.23 6.19 25.15
CA PRO E 375 24.79 7.40 24.46
C PRO E 375 23.97 8.37 25.33
N TYR E 376 23.26 7.84 26.32
CA TYR E 376 22.46 8.66 27.21
C TYR E 376 23.39 9.55 28.04
N LEU E 377 24.46 8.95 28.56
CA LEU E 377 25.43 9.69 29.35
C LEU E 377 26.31 10.59 28.49
N ALA E 378 26.69 10.10 27.30
CA ALA E 378 27.54 10.87 26.39
C ALA E 378 26.85 12.14 25.91
N PHE E 379 25.63 12.01 25.41
CA PHE E 379 24.87 13.17 24.93
C PHE E 379 24.62 14.16 26.06
N SER E 380 24.23 13.64 27.22
CA SER E 380 23.97 14.49 28.39
C SER E 380 25.22 15.26 28.80
N ALA E 381 26.35 14.57 28.86
CA ALA E 381 27.61 15.19 29.23
C ALA E 381 28.00 16.28 28.23
N MET E 382 27.72 16.04 26.96
CA MET E 382 28.02 17.01 25.92
C MET E 382 27.19 18.27 26.12
N LEU E 383 25.91 18.08 26.43
CA LEU E 383 24.98 19.20 26.66
C LEU E 383 25.44 20.01 27.87
N MET E 384 25.76 19.32 28.97
CA MET E 384 26.21 19.98 30.18
C MET E 384 27.49 20.78 29.97
N ALA E 385 28.39 20.24 29.16
CA ALA E 385 29.64 20.95 28.87
C ALA E 385 29.32 22.22 28.07
N GLY E 386 28.40 22.09 27.11
CA GLY E 386 28.01 23.22 26.29
C GLY E 386 27.25 24.29 27.07
N LEU E 387 26.35 23.87 27.95
CA LEU E 387 25.58 24.79 28.78
C LEU E 387 26.45 25.55 29.77
N ASP E 388 27.48 24.89 30.29
CA ASP E 388 28.39 25.53 31.23
C ASP E 388 29.19 26.59 30.47
N GLY E 389 29.43 26.34 29.19
CA GLY E 389 30.16 27.27 28.36
C GLY E 389 29.32 28.50 28.08
N ILE E 390 28.01 28.30 27.92
CA ILE E 390 27.07 29.38 27.66
C ILE E 390 26.87 30.24 28.90
N LYS E 391 26.65 29.59 30.04
CA LYS E 391 26.44 30.30 31.30
C LYS E 391 27.65 31.13 31.72
N ASN E 392 28.85 30.56 31.56
CA ASN E 392 30.07 31.27 31.93
C ASN E 392 30.73 31.98 30.74
N LYS E 393 29.98 32.10 29.65
CA LYS E 393 30.44 32.75 28.43
C LYS E 393 31.88 32.41 28.04
N ILE E 394 32.22 31.13 28.15
CA ILE E 394 33.55 30.64 27.82
C ILE E 394 33.86 30.85 26.34
N GLU E 395 34.95 31.55 26.08
CA GLU E 395 35.37 31.82 24.71
C GLU E 395 36.39 30.79 24.24
N PRO E 396 36.07 30.10 23.14
CA PRO E 396 36.99 29.09 22.59
C PRO E 396 38.15 29.80 21.93
N GLN E 397 39.33 29.18 21.93
CA GLN E 397 40.46 29.81 21.29
C GLN E 397 40.15 29.95 19.80
N ALA E 398 40.87 30.85 19.13
CA ALA E 398 40.65 31.12 17.71
C ALA E 398 40.58 29.87 16.84
N PRO E 399 39.55 29.78 15.98
CA PRO E 399 39.37 28.65 15.06
C PRO E 399 40.54 28.54 14.09
N VAL E 400 40.75 27.34 13.57
CA VAL E 400 41.85 27.10 12.64
C VAL E 400 41.38 26.40 11.37
N ASP E 401 41.49 27.09 10.24
CA ASP E 401 41.10 26.52 8.96
C ASP E 401 42.29 26.10 8.11
N LYS E 402 43.50 26.47 8.54
CA LYS E 402 44.74 26.09 7.87
C LYS E 402 44.86 24.60 8.15
N ASP E 403 45.40 23.83 7.21
CA ASP E 403 45.56 22.40 7.43
C ASP E 403 46.47 22.21 8.66
N LEU E 404 45.90 21.63 9.72
CA LEU E 404 46.61 21.40 10.97
C LEU E 404 47.83 20.49 10.83
N TYR E 405 47.78 19.60 9.84
CA TYR E 405 48.87 18.66 9.59
C TYR E 405 50.17 19.40 9.26
N GLU E 406 50.15 20.21 8.20
CA GLU E 406 51.33 20.98 7.81
C GLU E 406 51.28 22.38 8.44
N LEU E 407 51.76 22.46 9.67
CA LEU E 407 51.78 23.72 10.42
C LEU E 407 53.17 23.88 11.04
N PRO E 408 53.73 25.10 11.02
CA PRO E 408 55.06 25.33 11.60
C PRO E 408 55.13 24.85 13.05
N PRO E 409 55.98 23.84 13.33
CA PRO E 409 56.21 23.20 14.63
C PRO E 409 56.07 24.05 15.89
N GLU E 410 56.41 25.34 15.80
CA GLU E 410 56.29 26.23 16.95
C GLU E 410 54.86 26.77 17.09
N GLU E 411 54.19 26.91 15.95
CA GLU E 411 52.81 27.40 15.89
C GLU E 411 51.84 26.23 16.16
N ALA E 412 52.32 25.01 15.95
CA ALA E 412 51.52 23.80 16.17
C ALA E 412 51.53 23.38 17.64
N ALA E 413 52.49 23.90 18.39
CA ALA E 413 52.61 23.59 19.81
C ALA E 413 51.57 24.37 20.63
N SER E 414 50.88 25.29 19.97
CA SER E 414 49.85 26.09 20.62
C SER E 414 48.47 25.44 20.49
N ILE E 415 48.43 24.26 19.87
CA ILE E 415 47.19 23.51 19.68
C ILE E 415 47.11 22.40 20.73
N PRO E 416 46.18 22.53 21.70
CA PRO E 416 46.01 21.54 22.77
C PRO E 416 45.45 20.23 22.23
N GLN E 417 45.90 19.13 22.80
CA GLN E 417 45.45 17.80 22.39
C GLN E 417 44.56 17.22 23.48
N THR E 418 43.73 16.24 23.11
CA THR E 418 42.87 15.55 24.06
C THR E 418 43.76 14.53 24.78
N PRO E 419 43.36 14.09 25.98
CA PRO E 419 44.20 13.11 26.67
C PRO E 419 44.29 11.84 25.80
N THR E 420 45.38 11.10 25.95
CA THR E 420 45.62 9.91 25.14
C THR E 420 45.38 8.57 25.84
N GLN E 421 44.81 8.60 27.04
CA GLN E 421 44.58 7.38 27.80
C GLN E 421 43.28 7.49 28.60
N LEU E 422 42.58 6.37 28.78
CA LEU E 422 41.34 6.36 29.54
C LEU E 422 41.59 6.75 31.00
N SER E 423 42.68 6.25 31.57
CA SER E 423 43.04 6.55 32.95
C SER E 423 43.18 8.07 33.15
N ASP E 424 43.62 8.77 32.10
CA ASP E 424 43.80 10.18 32.10
C ASP E 424 42.48 10.91 32.19
N VAL E 425 41.58 10.63 31.25
CA VAL E 425 40.27 11.27 31.22
C VAL E 425 39.45 10.96 32.47
N ILE E 426 39.67 9.77 33.04
CA ILE E 426 38.96 9.37 34.26
C ILE E 426 39.49 10.21 35.41
N ASP E 427 40.81 10.45 35.43
CA ASP E 427 41.44 11.27 36.46
C ASP E 427 40.92 12.71 36.36
N ARG E 428 40.78 13.19 35.12
CA ARG E 428 40.29 14.54 34.85
C ARG E 428 38.83 14.71 35.23
N LEU E 429 38.03 13.66 35.03
CA LEU E 429 36.61 13.69 35.38
C LEU E 429 36.47 13.78 36.89
N GLU E 430 37.30 13.02 37.59
CA GLU E 430 37.31 12.98 39.05
C GLU E 430 37.67 14.35 39.62
N ALA E 431 38.62 15.02 38.98
CA ALA E 431 39.10 16.33 39.40
C ALA E 431 38.18 17.49 39.05
N ASP E 432 37.47 17.38 37.93
CA ASP E 432 36.57 18.44 37.48
C ASP E 432 35.28 17.90 36.86
N HIS E 433 34.22 17.87 37.65
CA HIS E 433 32.92 17.39 37.16
C HIS E 433 31.74 18.20 37.65
N GLU E 434 32.00 19.42 38.12
CA GLU E 434 30.93 20.27 38.63
C GLU E 434 29.93 20.67 37.56
N TYR E 435 30.38 20.84 36.33
CA TYR E 435 29.49 21.21 35.23
C TYR E 435 28.46 20.11 34.98
N LEU E 436 28.82 18.88 35.34
CA LEU E 436 27.95 17.72 35.16
C LEU E 436 26.86 17.68 36.23
N THR E 437 27.23 18.05 37.45
CA THR E 437 26.30 18.05 38.59
C THR E 437 25.34 19.23 38.66
N GLU E 438 25.50 20.19 37.75
CA GLU E 438 24.62 21.35 37.69
C GLU E 438 23.18 20.90 37.51
N GLY E 439 22.27 21.52 38.25
CA GLY E 439 20.86 21.18 38.16
C GLY E 439 20.55 19.75 38.57
N GLY E 440 21.54 19.07 39.15
CA GLY E 440 21.38 17.70 39.58
C GLY E 440 21.26 16.66 38.46
N VAL E 441 21.67 17.03 37.25
CA VAL E 441 21.61 16.12 36.09
C VAL E 441 22.44 14.87 36.36
N PHE E 442 23.70 15.07 36.75
CA PHE E 442 24.58 13.97 37.12
C PHE E 442 24.77 14.14 38.63
N THR E 443 24.99 13.05 39.35
CA THR E 443 25.23 13.14 40.79
C THR E 443 26.66 12.72 41.04
N ASN E 444 27.25 13.20 42.14
CA ASN E 444 28.61 12.79 42.45
C ASN E 444 28.70 11.30 42.62
N ASP E 445 27.58 10.74 43.09
CA ASP E 445 27.43 9.31 43.28
C ASP E 445 27.62 8.55 41.97
N LEU E 446 26.86 8.94 40.95
CA LEU E 446 26.95 8.32 39.63
C LEU E 446 28.36 8.45 39.05
N ILE E 447 28.91 9.65 39.15
CA ILE E 447 30.24 9.95 38.65
C ILE E 447 31.33 9.12 39.33
N GLU E 448 31.21 8.92 40.63
CA GLU E 448 32.17 8.11 41.39
C GLU E 448 32.06 6.65 41.02
N THR E 449 30.83 6.21 40.75
CA THR E 449 30.54 4.83 40.37
C THR E 449 31.16 4.54 39.01
N TRP E 450 31.00 5.48 38.08
CA TRP E 450 31.55 5.39 36.73
C TRP E 450 33.06 5.30 36.79
N ILE E 451 33.67 6.17 37.60
CA ILE E 451 35.11 6.20 37.78
C ILE E 451 35.64 4.87 38.33
N SER E 452 34.95 4.31 39.32
CA SER E 452 35.32 3.04 39.93
C SER E 452 35.16 1.89 38.94
N PHE E 453 34.04 1.90 38.23
CA PHE E 453 33.74 0.87 37.25
C PHE E 453 34.85 0.78 36.20
N LYS E 454 35.22 1.93 35.64
CA LYS E 454 36.27 1.98 34.61
C LYS E 454 37.64 1.56 35.15
N ARG E 455 37.98 2.00 36.34
CA ARG E 455 39.26 1.66 36.93
C ARG E 455 39.40 0.19 37.29
N GLU E 456 38.37 -0.35 37.91
CA GLU E 456 38.38 -1.74 38.34
C GLU E 456 38.07 -2.78 37.28
N ASN E 457 37.13 -2.46 36.38
CA ASN E 457 36.71 -3.39 35.34
C ASN E 457 37.36 -3.26 33.97
N GLU E 458 38.02 -2.14 33.72
CA GLU E 458 38.65 -1.91 32.42
C GLU E 458 40.12 -1.53 32.45
N ILE E 459 40.42 -0.42 33.10
CA ILE E 459 41.78 0.07 33.19
C ILE E 459 42.77 -0.90 33.82
N GLU E 460 42.45 -1.36 35.03
CA GLU E 460 43.31 -2.30 35.75
C GLU E 460 43.47 -3.66 35.05
N PRO E 461 42.35 -4.29 34.63
CA PRO E 461 42.44 -5.58 33.93
C PRO E 461 43.35 -5.59 32.71
N VAL E 462 43.28 -4.54 31.89
CA VAL E 462 44.12 -4.44 30.70
C VAL E 462 45.56 -4.16 31.10
N ASN E 463 45.73 -3.28 32.06
CA ASN E 463 47.04 -2.88 32.54
C ASN E 463 47.92 -3.98 33.16
N ILE E 464 47.30 -4.95 33.83
CA ILE E 464 48.07 -6.02 34.46
C ILE E 464 48.44 -7.16 33.51
N ARG E 465 47.79 -7.19 32.34
CA ARG E 465 48.03 -8.23 31.35
C ARG E 465 49.07 -7.87 30.30
N PRO E 466 50.15 -8.66 30.20
CA PRO E 466 51.19 -8.36 29.21
C PRO E 466 50.59 -8.33 27.79
N HIS E 467 51.03 -7.35 27.01
CA HIS E 467 50.58 -7.17 25.63
C HIS E 467 51.47 -8.04 24.73
N PRO E 468 50.89 -8.64 23.67
CA PRO E 468 51.66 -9.48 22.75
C PRO E 468 52.91 -8.81 22.18
N TYR E 469 52.81 -7.52 21.89
CA TYR E 469 53.93 -6.78 21.33
C TYR E 469 55.10 -6.64 22.30
N GLU E 470 54.82 -6.81 23.59
CA GLU E 470 55.87 -6.75 24.61
C GLU E 470 56.81 -7.94 24.47
N PHE E 471 56.31 -9.03 23.88
CA PHE E 471 57.13 -10.21 23.69
C PHE E 471 58.05 -10.02 22.49
N ALA E 472 57.55 -9.32 21.48
CA ALA E 472 58.32 -9.01 20.28
C ALA E 472 59.45 -8.09 20.70
N LEU E 473 59.08 -7.11 21.52
CA LEU E 473 59.96 -6.10 22.02
C LEU E 473 60.95 -6.57 23.13
N TYR E 474 60.48 -7.37 24.11
CA TYR E 474 61.33 -7.69 25.28
C TYR E 474 61.64 -9.16 25.58
N TYR E 475 61.16 -10.15 24.86
CA TYR E 475 61.52 -11.53 25.23
C TYR E 475 63.03 -11.72 25.29
N ASP E 476 63.75 -11.03 24.39
CA ASP E 476 65.21 -11.13 24.27
C ASP E 476 66.06 -10.23 25.15
N VAL E 477 65.45 -9.40 26.00
CA VAL E 477 66.22 -8.47 26.84
C VAL E 477 67.41 -9.03 27.62
N THR F 1 22.12 13.35 -23.02
CA THR F 1 21.87 13.80 -24.42
C THR F 1 20.38 14.01 -24.68
N GLU F 2 19.58 12.96 -24.47
CA GLU F 2 18.15 13.05 -24.71
C GLU F 2 17.20 12.67 -23.56
N LYS F 3 17.72 12.00 -22.53
CA LYS F 3 16.86 11.63 -21.40
C LYS F 3 16.63 12.78 -20.42
N THR F 4 15.37 12.95 -20.06
CA THR F 4 14.89 14.01 -19.18
C THR F 4 14.81 13.55 -17.73
N PRO F 5 14.96 14.48 -16.77
CA PRO F 5 14.86 14.12 -15.35
C PRO F 5 13.52 13.41 -15.10
N ASP F 6 12.49 13.83 -15.84
CA ASP F 6 11.16 13.24 -15.72
C ASP F 6 11.15 11.79 -16.21
N ASP F 7 11.97 11.48 -17.21
CA ASP F 7 12.07 10.11 -17.73
C ASP F 7 12.61 9.22 -16.63
N VAL F 8 13.60 9.75 -15.89
CA VAL F 8 14.23 9.04 -14.80
C VAL F 8 13.24 8.78 -13.65
N PHE F 9 12.44 9.79 -13.31
CA PHE F 9 11.45 9.65 -12.25
C PHE F 9 10.39 8.62 -12.62
N LYS F 10 10.04 8.57 -13.91
CA LYS F 10 9.06 7.62 -14.41
C LYS F 10 9.64 6.21 -14.33
N LEU F 11 10.91 6.07 -14.70
CA LEU F 11 11.61 4.79 -14.65
C LEU F 11 11.59 4.28 -13.21
N ALA F 12 11.94 5.18 -12.28
CA ALA F 12 11.96 4.86 -10.85
C ALA F 12 10.60 4.42 -10.33
N LYS F 13 9.54 5.14 -10.73
CA LYS F 13 8.18 4.82 -10.29
C LYS F 13 7.70 3.49 -10.87
N ASP F 14 7.85 3.32 -12.18
CA ASP F 14 7.43 2.10 -12.86
C ASP F 14 8.14 0.85 -12.34
N GLU F 15 9.44 0.97 -12.09
CA GLU F 15 10.23 -0.15 -11.59
C GLU F 15 10.10 -0.40 -10.09
N LYS F 16 9.37 0.48 -9.41
CA LYS F 16 9.16 0.38 -7.96
C LYS F 16 10.52 0.35 -7.23
N VAL F 17 11.39 1.24 -7.67
CA VAL F 17 12.74 1.38 -7.13
C VAL F 17 12.69 1.80 -5.66
N GLU F 18 13.48 1.14 -4.83
CA GLU F 18 13.51 1.51 -3.42
C GLU F 18 14.76 2.27 -3.00
N TYR F 19 15.84 2.13 -3.78
CA TYR F 19 17.09 2.83 -3.50
C TYR F 19 17.68 3.44 -4.76
N VAL F 20 18.44 4.52 -4.60
CA VAL F 20 19.10 5.16 -5.71
C VAL F 20 20.60 5.15 -5.39
N ASP F 21 21.40 4.59 -6.29
CA ASP F 21 22.83 4.52 -6.08
C ASP F 21 23.52 5.70 -6.75
N VAL F 22 24.15 6.53 -5.94
CA VAL F 22 24.86 7.72 -6.40
C VAL F 22 26.29 7.35 -6.77
N ARG F 23 26.59 7.38 -8.07
CA ARG F 23 27.92 7.01 -8.55
C ARG F 23 28.72 8.14 -9.16
N PHE F 24 30.02 8.10 -8.94
CA PHE F 24 30.95 9.08 -9.46
C PHE F 24 32.28 8.36 -9.66
N CYS F 25 33.07 8.85 -10.60
CA CYS F 25 34.34 8.20 -10.91
C CYS F 25 35.55 8.75 -10.19
N ASP F 26 36.41 7.86 -9.71
CA ASP F 26 37.64 8.28 -9.05
C ASP F 26 38.72 8.52 -10.10
N LEU F 27 39.88 9.00 -9.66
CA LEU F 27 40.98 9.29 -10.58
C LEU F 27 41.43 8.09 -11.44
N PRO F 28 41.95 7.01 -10.82
CA PRO F 28 42.40 5.88 -11.63
C PRO F 28 41.37 5.22 -12.54
N GLY F 29 40.09 5.29 -12.20
CA GLY F 29 39.08 4.71 -13.08
C GLY F 29 37.99 3.83 -12.49
N ILE F 30 37.95 3.70 -11.17
CA ILE F 30 36.94 2.86 -10.52
C ILE F 30 35.77 3.70 -9.99
N MET F 31 34.55 3.27 -10.33
CA MET F 31 33.36 3.97 -9.87
C MET F 31 33.14 3.83 -8.38
N GLN F 32 32.79 4.94 -7.74
CA GLN F 32 32.53 5.00 -6.30
C GLN F 32 31.03 5.21 -6.11
N HIS F 33 30.54 4.97 -4.90
CA HIS F 33 29.12 5.15 -4.64
C HIS F 33 28.69 5.20 -3.19
N PHE F 34 27.46 5.65 -3.01
CA PHE F 34 26.79 5.70 -1.72
C PHE F 34 25.32 5.63 -2.11
N THR F 35 24.48 5.16 -1.20
CA THR F 35 23.07 4.97 -1.51
C THR F 35 22.11 5.82 -0.68
N ILE F 36 21.04 6.26 -1.31
CA ILE F 36 20.01 7.05 -0.66
C ILE F 36 18.67 6.38 -0.95
N PRO F 37 17.68 6.56 -0.07
CA PRO F 37 16.37 5.95 -0.31
C PRO F 37 15.71 6.64 -1.52
N ALA F 38 14.89 5.90 -2.26
CA ALA F 38 14.23 6.44 -3.44
C ALA F 38 13.35 7.64 -3.08
N SER F 39 12.77 7.61 -1.88
CA SER F 39 11.92 8.68 -1.39
C SER F 39 12.63 10.04 -1.34
N ALA F 40 13.95 10.01 -1.21
CA ALA F 40 14.76 11.23 -1.16
C ALA F 40 15.23 11.66 -2.55
N PHE F 41 14.83 10.91 -3.57
CA PHE F 41 15.20 11.21 -4.95
C PHE F 41 14.08 11.98 -5.62
N ASP F 42 14.25 13.30 -5.71
CA ASP F 42 13.26 14.18 -6.31
C ASP F 42 13.92 15.24 -7.19
N LYS F 43 13.13 16.23 -7.59
CA LYS F 43 13.61 17.33 -8.44
C LYS F 43 14.78 18.11 -7.86
N SER F 44 14.81 18.22 -6.53
CA SER F 44 15.88 18.96 -5.86
C SER F 44 17.26 18.33 -6.06
N VAL F 45 17.28 17.04 -6.39
CA VAL F 45 18.54 16.34 -6.62
C VAL F 45 19.16 16.84 -7.93
N PHE F 46 18.30 17.08 -8.93
CA PHE F 46 18.74 17.57 -10.23
C PHE F 46 19.03 19.08 -10.22
N ASP F 47 18.27 19.82 -9.41
CA ASP F 47 18.42 21.26 -9.31
C ASP F 47 19.54 21.70 -8.39
N ASP F 48 19.50 21.21 -7.15
CA ASP F 48 20.49 21.57 -6.14
C ASP F 48 21.66 20.61 -5.99
N GLY F 49 21.42 19.34 -6.32
CA GLY F 49 22.47 18.34 -6.19
C GLY F 49 22.52 17.72 -4.81
N LEU F 50 23.52 16.85 -4.60
CA LEU F 50 23.70 16.16 -3.34
C LEU F 50 25.04 16.50 -2.73
N ALA F 51 25.07 16.70 -1.42
CA ALA F 51 26.31 17.01 -0.75
C ALA F 51 27.00 15.74 -0.26
N PHE F 52 28.34 15.74 -0.29
CA PHE F 52 29.16 14.63 0.15
C PHE F 52 30.60 15.15 0.43
N ASP F 53 31.36 14.38 1.20
CA ASP F 53 32.73 14.72 1.70
C ASP F 53 33.91 14.29 0.86
N GLY F 54 34.99 15.05 0.67
CA GLY F 54 36.09 14.40 -0.03
C GLY F 54 36.46 13.21 0.83
N SER F 55 36.07 12.00 0.44
CA SER F 55 36.38 10.82 1.28
C SER F 55 37.50 9.99 0.69
N SER F 56 38.12 9.10 1.46
CA SER F 56 39.25 8.35 0.97
C SER F 56 40.32 9.43 0.71
N ILE F 57 41.41 9.24 -0.04
CA ILE F 57 42.40 10.31 0.06
C ILE F 57 43.05 10.86 -1.23
N ARG F 58 43.31 10.13 -2.29
CA ARG F 58 44.11 10.70 -3.37
C ARG F 58 43.41 11.04 -4.67
N GLY F 59 43.67 12.24 -5.20
CA GLY F 59 43.08 12.72 -6.45
C GLY F 59 42.11 13.85 -6.17
N PHE F 60 41.04 13.52 -5.42
CA PHE F 60 39.91 14.44 -5.07
C PHE F 60 40.22 15.48 -3.96
N GLN F 61 39.17 16.22 -3.50
CA GLN F 61 39.17 17.31 -2.50
C GLN F 61 39.56 16.91 -1.06
N SER F 62 40.80 17.24 -0.68
CA SER F 62 41.37 16.95 0.65
C SER F 62 40.71 17.82 1.75
N ILE F 63 41.38 18.05 2.91
CA ILE F 63 40.76 18.85 3.98
C ILE F 63 41.23 20.31 3.94
N HIS F 64 41.15 20.91 2.74
CA HIS F 64 41.48 22.34 2.48
C HIS F 64 40.55 22.76 1.35
N GLU F 65 39.85 21.68 0.88
CA GLU F 65 38.86 21.69 -0.22
C GLU F 65 37.70 20.70 -0.01
N SER F 66 37.73 19.98 1.12
CA SER F 66 36.77 18.96 1.62
C SER F 66 35.47 18.71 0.83
N ASP F 67 34.41 19.45 1.13
CA ASP F 67 33.05 19.19 0.64
C ASP F 67 32.82 19.33 -0.85
N MET F 68 32.04 18.40 -1.42
CA MET F 68 31.70 18.41 -2.84
C MET F 68 30.17 18.35 -3.05
N LEU F 69 29.75 18.77 -4.24
CA LEU F 69 28.34 18.75 -4.61
C LEU F 69 28.21 17.85 -5.85
N LEU F 70 27.25 16.93 -5.83
CA LEU F 70 27.06 15.99 -6.93
C LEU F 70 25.80 16.28 -7.74
N LEU F 71 25.97 16.49 -9.06
CA LEU F 71 24.85 16.75 -9.95
C LEU F 71 24.69 15.54 -10.88
N PRO F 72 23.47 15.00 -10.98
CA PRO F 72 23.16 13.83 -11.81
C PRO F 72 23.13 14.00 -13.31
N ASP F 73 23.44 12.92 -14.02
CA ASP F 73 23.40 12.87 -15.47
C ASP F 73 22.30 11.87 -15.78
N PRO F 74 21.11 12.37 -16.16
CA PRO F 74 19.93 11.54 -16.49
C PRO F 74 20.14 10.46 -17.55
N GLU F 75 21.11 10.64 -18.43
CA GLU F 75 21.38 9.65 -19.48
C GLU F 75 22.03 8.39 -18.95
N THR F 76 22.61 8.46 -17.76
CA THR F 76 23.30 7.32 -17.15
C THR F 76 22.42 6.48 -16.22
N ALA F 77 21.16 6.87 -16.05
CA ALA F 77 20.23 6.15 -15.19
C ALA F 77 19.90 4.77 -15.71
N ARG F 78 20.19 3.76 -14.89
CA ARG F 78 19.94 2.36 -15.23
C ARG F 78 19.51 1.57 -13.99
N ILE F 79 18.64 0.58 -14.20
CA ILE F 79 18.19 -0.28 -13.11
C ILE F 79 19.30 -1.30 -12.90
N ASP F 80 19.73 -1.48 -11.65
CA ASP F 80 20.78 -2.45 -11.32
C ASP F 80 20.17 -3.86 -11.37
N PRO F 81 20.72 -4.75 -12.22
CA PRO F 81 20.21 -6.12 -12.33
C PRO F 81 20.74 -7.11 -11.30
N PHE F 82 21.65 -6.65 -10.44
CA PHE F 82 22.27 -7.50 -9.44
C PHE F 82 21.78 -7.28 -8.01
N ARG F 83 21.54 -6.03 -7.64
CA ARG F 83 21.10 -5.70 -6.29
C ARG F 83 19.72 -6.27 -5.96
N ALA F 84 19.63 -6.97 -4.84
CA ALA F 84 18.38 -7.57 -4.39
C ALA F 84 17.28 -6.54 -4.21
N ALA F 85 17.60 -5.46 -3.49
CA ALA F 85 16.65 -4.36 -3.30
C ALA F 85 16.65 -3.58 -4.61
N LYS F 86 15.47 -3.38 -5.21
CA LYS F 86 15.37 -2.67 -6.49
C LYS F 86 16.06 -1.31 -6.42
N THR F 87 17.15 -1.18 -7.19
CA THR F 87 17.96 0.04 -7.20
C THR F 87 18.16 0.67 -8.56
N LEU F 88 18.22 2.01 -8.57
CA LEU F 88 18.44 2.78 -9.77
C LEU F 88 19.83 3.42 -9.66
N ASN F 89 20.71 3.10 -10.60
CA ASN F 89 22.06 3.65 -10.61
C ASN F 89 22.11 4.88 -11.50
N ILE F 90 22.78 5.93 -11.03
CA ILE F 90 22.93 7.17 -11.80
C ILE F 90 24.32 7.72 -11.55
N ASN F 91 24.98 8.20 -12.61
CA ASN F 91 26.30 8.78 -12.49
C ASN F 91 26.15 10.28 -12.28
N PHE F 92 27.10 10.86 -11.54
CA PHE F 92 27.07 12.28 -11.21
C PHE F 92 28.35 13.00 -11.59
N PHE F 93 28.25 14.33 -11.64
CA PHE F 93 29.39 15.21 -11.92
C PHE F 93 29.70 15.87 -10.58
N VAL F 94 30.97 16.03 -10.28
CA VAL F 94 31.39 16.66 -9.03
C VAL F 94 31.55 18.17 -9.24
N HIS F 95 30.84 18.95 -8.44
CA HIS F 95 30.91 20.41 -8.51
C HIS F 95 31.39 21.00 -7.19
N ASP F 96 31.81 22.27 -7.24
CA ASP F 96 32.23 22.97 -6.05
C ASP F 96 30.92 23.47 -5.45
N PRO F 97 30.68 23.21 -4.15
CA PRO F 97 29.44 23.62 -3.47
C PRO F 97 29.09 25.10 -3.68
N PHE F 98 30.05 25.96 -3.36
CA PHE F 98 29.91 27.40 -3.45
C PHE F 98 29.67 27.94 -4.86
N THR F 99 30.67 27.82 -5.72
CA THR F 99 30.60 28.33 -7.10
C THR F 99 29.80 27.50 -8.10
N LEU F 100 29.47 26.26 -7.74
CA LEU F 100 28.75 25.34 -8.61
C LEU F 100 29.61 25.06 -9.84
N GLU F 101 30.91 25.32 -9.68
CA GLU F 101 31.91 25.14 -10.74
C GLU F 101 32.35 23.67 -10.80
N PRO F 102 32.32 23.09 -12.01
CA PRO F 102 32.73 21.69 -12.20
C PRO F 102 34.14 21.46 -11.66
N TYR F 103 34.27 20.46 -10.79
CA TYR F 103 35.56 20.11 -10.20
C TYR F 103 36.50 19.64 -11.30
N SER F 104 37.66 20.28 -11.39
CA SER F 104 38.65 19.99 -12.42
C SER F 104 39.30 18.60 -12.39
N ARG F 105 39.16 17.87 -11.28
CA ARG F 105 39.76 16.55 -11.19
C ARG F 105 38.77 15.39 -11.30
N ASP F 106 37.51 15.73 -11.61
CA ASP F 106 36.46 14.73 -11.79
C ASP F 106 36.55 14.28 -13.25
N PRO F 107 36.88 13.00 -13.49
CA PRO F 107 37.02 12.45 -14.83
C PRO F 107 35.81 12.72 -15.73
N ARG F 108 34.60 12.67 -15.17
CA ARG F 108 33.41 12.91 -15.98
C ARG F 108 33.30 14.36 -16.46
N ASN F 109 33.89 15.28 -15.70
CA ASN F 109 33.88 16.70 -16.07
C ASN F 109 34.86 16.92 -17.21
N ILE F 110 35.99 16.20 -17.18
CA ILE F 110 37.00 16.29 -18.21
C ILE F 110 36.40 15.87 -19.57
N ALA F 111 35.64 14.78 -19.56
CA ALA F 111 35.02 14.27 -20.77
C ALA F 111 33.98 15.27 -21.30
N ARG F 112 33.25 15.91 -20.38
CA ARG F 112 32.26 16.89 -20.77
C ARG F 112 32.95 18.12 -21.35
N LYS F 113 34.04 18.55 -20.71
CA LYS F 113 34.81 19.70 -21.17
C LYS F 113 35.39 19.42 -22.56
N ALA F 114 35.79 18.17 -22.79
CA ALA F 114 36.34 17.75 -24.08
C ALA F 114 35.31 17.89 -25.19
N GLU F 115 34.07 17.52 -24.89
CA GLU F 115 32.98 17.62 -25.88
C GLU F 115 32.64 19.07 -26.17
N ASN F 116 32.66 19.91 -25.14
CA ASN F 116 32.35 21.34 -25.29
C ASN F 116 33.46 22.05 -26.06
N TYR F 117 34.70 21.62 -25.84
CA TYR F 117 35.84 22.20 -26.55
C TYR F 117 35.76 21.88 -28.04
N LEU F 118 35.35 20.66 -28.36
CA LEU F 118 35.21 20.21 -29.75
C LEU F 118 34.27 21.17 -30.48
N ILE F 119 33.14 21.46 -29.84
CA ILE F 119 32.14 22.36 -30.41
C ILE F 119 32.71 23.77 -30.58
N SER F 120 33.47 24.23 -29.60
CA SER F 120 34.06 25.56 -29.63
C SER F 120 35.11 25.77 -30.74
N THR F 121 35.75 24.68 -31.18
CA THR F 121 36.75 24.79 -32.24
C THR F 121 36.09 24.91 -33.62
N GLY F 122 34.81 24.57 -33.70
CA GLY F 122 34.11 24.62 -34.96
C GLY F 122 34.42 23.44 -35.88
N ILE F 123 35.44 22.66 -35.50
CA ILE F 123 35.86 21.50 -36.28
C ILE F 123 34.72 20.48 -36.46
N ALA F 124 33.97 20.24 -35.38
CA ALA F 124 32.84 19.31 -35.39
C ALA F 124 32.01 19.56 -34.14
N ASP F 125 30.86 18.92 -34.05
CA ASP F 125 30.03 19.07 -32.87
C ASP F 125 29.81 17.76 -32.09
N THR F 126 30.31 16.67 -32.63
CA THR F 126 30.17 15.35 -32.00
C THR F 126 31.34 14.41 -32.28
N ALA F 127 31.84 13.77 -31.23
CA ALA F 127 32.94 12.80 -31.35
C ALA F 127 32.39 11.46 -30.90
N TYR F 128 32.24 10.53 -31.84
CA TYR F 128 31.72 9.20 -31.53
C TYR F 128 32.83 8.21 -31.19
N PHE F 129 32.65 7.51 -30.08
CA PHE F 129 33.61 6.51 -29.64
C PHE F 129 32.99 5.12 -29.52
N GLY F 130 33.64 4.15 -30.14
CA GLY F 130 33.20 2.77 -30.08
C GLY F 130 34.35 2.01 -29.47
N ALA F 131 34.14 1.41 -28.31
CA ALA F 131 35.21 0.68 -27.63
C ALA F 131 34.91 -0.78 -27.42
N GLU F 132 35.93 -1.60 -27.65
CA GLU F 132 35.80 -3.03 -27.51
C GLU F 132 36.81 -3.58 -26.53
N ALA F 133 36.31 -3.86 -25.35
CA ALA F 133 37.12 -4.34 -24.26
C ALA F 133 37.00 -5.83 -24.04
N GLU F 134 38.16 -6.49 -24.15
CA GLU F 134 38.29 -7.92 -23.94
C GLU F 134 38.50 -8.12 -22.44
N PHE F 135 38.14 -9.30 -21.95
CA PHE F 135 38.30 -9.63 -20.55
C PHE F 135 38.49 -11.14 -20.38
N TYR F 136 38.96 -11.54 -19.21
CA TYR F 136 39.16 -12.95 -18.89
C TYR F 136 38.24 -13.39 -17.76
N ILE F 137 37.71 -14.59 -17.88
CA ILE F 137 36.83 -15.17 -16.88
C ILE F 137 37.63 -16.26 -16.16
N PHE F 138 37.83 -16.08 -14.85
CA PHE F 138 38.58 -17.04 -14.05
C PHE F 138 37.69 -17.63 -12.96
N ASP F 139 38.19 -18.66 -12.30
CA ASP F 139 37.48 -19.30 -11.20
C ASP F 139 38.06 -18.81 -9.88
N SER F 140 39.33 -18.45 -9.90
CA SER F 140 40.00 -17.97 -8.71
C SER F 140 41.22 -17.12 -8.99
N VAL F 141 41.61 -16.34 -7.98
CA VAL F 141 42.78 -15.50 -8.03
C VAL F 141 43.28 -15.25 -6.61
N SER F 142 44.57 -15.44 -6.41
CA SER F 142 45.19 -15.20 -5.11
C SER F 142 46.59 -14.67 -5.34
N PHE F 143 47.09 -13.88 -4.40
CA PHE F 143 48.42 -13.29 -4.51
C PHE F 143 48.80 -12.61 -3.21
N ASP F 144 50.09 -12.33 -3.06
CA ASP F 144 50.60 -11.61 -1.90
C ASP F 144 52.02 -11.16 -2.12
N SER F 145 52.47 -10.25 -1.26
CA SER F 145 53.81 -9.72 -1.34
C SER F 145 54.32 -9.63 0.09
N ARG F 146 55.33 -10.43 0.40
CA ARG F 146 55.92 -10.47 1.73
C ARG F 146 57.40 -10.17 1.67
N ALA F 147 58.04 -10.11 2.83
CA ALA F 147 59.46 -9.84 2.90
C ALA F 147 60.33 -10.90 2.27
N ASN F 148 59.96 -12.17 2.46
CA ASN F 148 60.73 -13.29 1.96
C ASN F 148 60.12 -14.04 0.78
N GLY F 149 59.03 -13.53 0.23
CA GLY F 149 58.42 -14.20 -0.88
C GLY F 149 57.24 -13.44 -1.44
N SER F 150 56.79 -13.87 -2.62
CA SER F 150 55.67 -13.25 -3.29
C SER F 150 55.15 -14.23 -4.32
N PHE F 151 53.86 -14.12 -4.63
CA PHE F 151 53.26 -15.01 -5.62
C PHE F 151 51.95 -14.45 -6.14
N TYR F 152 51.47 -15.06 -7.22
CA TYR F 152 50.17 -14.75 -7.78
C TYR F 152 49.75 -16.03 -8.47
N GLU F 153 48.45 -16.23 -8.59
CA GLU F 153 47.93 -17.41 -9.24
C GLU F 153 46.49 -17.18 -9.64
N VAL F 154 46.25 -17.24 -10.95
CA VAL F 154 44.88 -17.14 -11.48
C VAL F 154 44.58 -18.55 -11.97
N ASP F 155 43.34 -18.97 -11.88
CA ASP F 155 43.00 -20.30 -12.33
C ASP F 155 41.59 -20.40 -12.86
N ALA F 156 41.41 -21.39 -13.73
CA ALA F 156 40.13 -21.66 -14.35
C ALA F 156 40.09 -23.16 -14.57
N ILE F 157 38.96 -23.76 -14.21
CA ILE F 157 38.76 -25.20 -14.35
C ILE F 157 39.15 -25.68 -15.74
N SER F 158 38.70 -24.95 -16.76
CA SER F 158 38.97 -25.27 -18.15
C SER F 158 40.24 -24.65 -18.73
N GLY F 159 41.14 -24.17 -17.89
CA GLY F 159 42.38 -23.58 -18.37
C GLY F 159 43.25 -24.62 -19.04
N TRP F 160 43.83 -24.27 -20.18
CA TRP F 160 44.68 -25.17 -20.95
C TRP F 160 45.91 -25.72 -20.22
N TRP F 161 46.26 -25.09 -19.10
CA TRP F 161 47.41 -25.51 -18.31
C TRP F 161 47.00 -26.61 -17.31
N ASN F 162 45.71 -26.96 -17.32
CA ASN F 162 45.17 -27.98 -16.42
C ASN F 162 44.79 -29.32 -17.08
N THR F 163 45.32 -29.61 -18.26
CA THR F 163 44.99 -30.85 -18.95
C THR F 163 45.39 -32.09 -18.15
N GLY F 164 46.44 -31.95 -17.34
CA GLY F 164 46.92 -33.06 -16.54
C GLY F 164 46.30 -33.27 -15.17
N ALA F 165 45.35 -32.42 -14.80
CA ALA F 165 44.70 -32.52 -13.50
C ALA F 165 44.02 -33.88 -13.32
N ALA F 166 44.38 -34.58 -12.24
CA ALA F 166 43.82 -35.90 -11.94
C ALA F 166 42.32 -35.78 -11.71
N THR F 167 41.91 -34.73 -10.99
CA THR F 167 40.51 -34.44 -10.71
C THR F 167 40.39 -32.92 -10.64
N GLU F 168 39.16 -32.42 -10.76
CA GLU F 168 38.94 -30.98 -10.70
C GLU F 168 39.11 -30.46 -9.28
N ALA F 169 39.06 -29.14 -9.13
CA ALA F 169 39.19 -28.50 -7.82
C ALA F 169 38.18 -29.08 -6.83
N ASP F 170 36.95 -29.23 -7.28
CA ASP F 170 35.87 -29.77 -6.46
C ASP F 170 35.82 -31.29 -6.33
N GLY F 171 36.90 -31.96 -6.71
CA GLY F 171 36.95 -33.42 -6.62
C GLY F 171 36.33 -34.18 -7.78
N SER F 172 35.54 -33.50 -8.61
CA SER F 172 34.90 -34.13 -9.77
C SER F 172 35.94 -34.52 -10.82
N PRO F 173 35.58 -35.45 -11.73
CA PRO F 173 36.55 -35.86 -12.76
C PRO F 173 36.90 -34.82 -13.83
N ASN F 174 38.12 -34.94 -14.33
CA ASN F 174 38.62 -34.07 -15.39
C ASN F 174 37.99 -34.59 -16.68
N ARG F 175 37.15 -33.79 -17.32
CA ARG F 175 36.48 -34.20 -18.54
C ARG F 175 37.11 -33.71 -19.84
N GLY F 176 38.27 -33.06 -19.72
CA GLY F 176 38.98 -32.57 -20.89
C GLY F 176 38.39 -31.34 -21.57
N TYR F 177 38.68 -31.22 -22.86
CA TYR F 177 38.24 -30.09 -23.66
C TYR F 177 38.83 -28.76 -23.17
N LYS F 178 40.03 -28.85 -22.58
CA LYS F 178 40.75 -27.68 -22.06
C LYS F 178 41.79 -27.19 -23.07
N VAL F 179 42.37 -28.12 -23.82
CA VAL F 179 43.41 -27.81 -24.81
C VAL F 179 43.02 -26.74 -25.82
N ARG F 180 43.99 -25.90 -26.11
CA ARG F 180 43.88 -24.79 -27.02
C ARG F 180 44.52 -25.24 -28.35
N HIS F 181 43.68 -25.66 -29.29
CA HIS F 181 44.14 -26.17 -30.59
C HIS F 181 44.55 -25.16 -31.63
N LYS F 182 45.40 -25.61 -32.54
CA LYS F 182 45.90 -24.81 -33.65
C LYS F 182 44.80 -24.85 -34.73
N GLY F 183 44.65 -23.75 -35.47
CA GLY F 183 43.63 -23.72 -36.52
C GLY F 183 42.51 -22.72 -36.31
N GLY F 184 41.98 -22.66 -35.10
CA GLY F 184 40.90 -21.74 -34.81
C GLY F 184 40.75 -21.58 -33.31
N TYR F 185 40.63 -20.31 -32.87
CA TYR F 185 40.51 -20.06 -31.45
C TYR F 185 39.11 -19.68 -30.94
N PHE F 186 38.09 -19.94 -31.75
CA PHE F 186 36.69 -19.68 -31.36
C PHE F 186 35.87 -20.96 -31.54
N PRO F 187 36.38 -22.12 -31.07
CA PRO F 187 35.61 -23.36 -31.22
C PRO F 187 34.28 -23.39 -30.50
N VAL F 188 33.35 -24.18 -31.03
CA VAL F 188 32.04 -24.35 -30.42
C VAL F 188 32.15 -25.27 -29.20
N ALA F 189 31.07 -25.38 -28.43
CA ALA F 189 31.05 -26.24 -27.26
C ALA F 189 31.25 -27.69 -27.71
N PRO F 190 31.79 -28.55 -26.83
CA PRO F 190 32.21 -28.26 -25.46
C PRO F 190 33.58 -27.61 -25.26
N ASN F 191 34.30 -27.31 -26.33
CA ASN F 191 35.61 -26.64 -26.20
C ASN F 191 35.36 -25.26 -25.60
N ASP F 192 34.25 -24.66 -26.00
CA ASP F 192 33.82 -23.36 -25.49
C ASP F 192 33.05 -23.70 -24.23
N GLN F 193 33.65 -23.42 -23.08
CA GLN F 193 33.03 -23.73 -21.80
C GLN F 193 32.34 -22.58 -21.09
N TYR F 194 32.18 -21.45 -21.79
CA TYR F 194 31.54 -20.29 -21.17
C TYR F 194 30.35 -19.75 -21.94
N VAL F 195 29.77 -20.58 -22.80
CA VAL F 195 28.64 -20.17 -23.62
C VAL F 195 27.46 -19.57 -22.83
N ASP F 196 26.97 -20.29 -21.83
CA ASP F 196 25.84 -19.80 -21.05
C ASP F 196 26.14 -18.54 -20.24
N LEU F 197 27.36 -18.44 -19.70
CA LEU F 197 27.77 -17.28 -18.92
C LEU F 197 27.80 -16.04 -19.81
N ARG F 198 28.45 -16.16 -20.97
CA ARG F 198 28.54 -15.02 -21.90
C ARG F 198 27.16 -14.58 -22.34
N ASP F 199 26.26 -15.53 -22.52
CA ASP F 199 24.89 -15.22 -22.92
C ASP F 199 24.20 -14.43 -21.83
N LYS F 200 24.49 -14.78 -20.57
CA LYS F 200 23.90 -14.07 -19.44
C LYS F 200 24.42 -12.63 -19.43
N MET F 201 25.71 -12.49 -19.71
CA MET F 201 26.34 -11.18 -19.77
C MET F 201 25.70 -10.35 -20.86
N LEU F 202 25.54 -10.94 -22.05
CA LEU F 202 24.93 -10.28 -23.19
C LEU F 202 23.47 -9.90 -22.90
N THR F 203 22.73 -10.81 -22.28
CA THR F 203 21.34 -10.57 -21.93
C THR F 203 21.25 -9.38 -20.96
N ASN F 204 22.15 -9.33 -19.98
CA ASN F 204 22.18 -8.25 -19.01
C ASN F 204 22.53 -6.92 -19.67
N LEU F 205 23.45 -6.93 -20.63
CA LEU F 205 23.84 -5.72 -21.33
C LEU F 205 22.66 -5.18 -22.13
N ILE F 206 21.98 -6.07 -22.85
CA ILE F 206 20.82 -5.70 -23.65
C ILE F 206 19.69 -5.14 -22.77
N ASN F 207 19.47 -5.75 -21.62
CA ASN F 207 18.44 -5.30 -20.70
C ASN F 207 18.84 -3.98 -20.04
N SER F 208 20.13 -3.65 -20.12
CA SER F 208 20.65 -2.41 -19.54
C SER F 208 20.83 -1.30 -20.58
N GLY F 209 20.15 -1.43 -21.71
CA GLY F 209 20.22 -0.40 -22.74
C GLY F 209 21.30 -0.43 -23.80
N PHE F 210 22.15 -1.46 -23.79
CA PHE F 210 23.19 -1.54 -24.80
C PHE F 210 22.57 -1.94 -26.13
N ILE F 211 23.03 -1.30 -27.21
CA ILE F 211 22.52 -1.57 -28.54
C ILE F 211 23.47 -2.46 -29.32
N LEU F 212 22.96 -3.60 -29.77
CA LEU F 212 23.72 -4.58 -30.51
C LEU F 212 23.04 -4.69 -31.89
N GLU F 213 23.74 -4.33 -32.96
CA GLU F 213 23.18 -4.42 -34.29
C GLU F 213 24.12 -5.15 -35.24
N LYS F 214 24.41 -4.45 -36.33
CA LYS F 214 25.27 -4.83 -37.46
C LYS F 214 26.44 -5.73 -37.08
N GLY F 215 27.63 -5.16 -36.85
CA GLY F 215 28.79 -5.96 -36.53
C GLY F 215 29.09 -6.05 -35.06
N HIS F 216 28.02 -6.19 -34.24
CA HIS F 216 28.17 -6.31 -32.79
C HIS F 216 28.01 -7.78 -32.46
N HIS F 217 29.10 -8.36 -31.96
CA HIS F 217 29.14 -9.78 -31.64
C HIS F 217 29.47 -10.09 -30.18
N GLU F 218 29.18 -11.32 -29.86
CA GLU F 218 29.54 -11.89 -28.58
C GLU F 218 30.56 -12.98 -28.96
N VAL F 219 31.79 -12.88 -28.50
CA VAL F 219 32.79 -13.87 -28.88
C VAL F 219 33.62 -14.36 -27.69
N GLY F 220 34.08 -15.60 -27.77
CA GLY F 220 34.88 -16.16 -26.70
C GLY F 220 35.97 -17.08 -27.20
N SER F 221 37.11 -17.06 -26.52
CA SER F 221 38.26 -17.88 -26.85
C SER F 221 38.85 -18.32 -25.51
N GLY F 222 38.63 -19.58 -25.16
CA GLY F 222 39.11 -20.08 -23.90
C GLY F 222 38.37 -19.31 -22.82
N GLY F 223 39.10 -18.74 -21.87
CA GLY F 223 38.47 -17.96 -20.83
C GLY F 223 38.32 -16.49 -21.21
N GLN F 224 38.88 -16.10 -22.36
CA GLN F 224 38.78 -14.72 -22.81
C GLN F 224 37.48 -14.47 -23.57
N ALA F 225 36.95 -13.27 -23.45
CA ALA F 225 35.70 -12.93 -24.11
C ALA F 225 35.61 -11.44 -24.44
N GLU F 226 34.62 -11.11 -25.26
CA GLU F 226 34.37 -9.74 -25.66
C GLU F 226 32.98 -9.64 -26.24
N ILE F 227 32.25 -8.61 -25.83
CA ILE F 227 30.92 -8.36 -26.33
C ILE F 227 30.94 -6.89 -26.74
N ASN F 228 30.93 -6.62 -28.04
CA ASN F 228 30.94 -5.24 -28.49
C ASN F 228 29.52 -4.73 -28.73
N TYR F 229 29.38 -3.42 -28.61
CA TYR F 229 28.09 -2.77 -28.75
C TYR F 229 28.22 -1.46 -29.51
N GLN F 230 27.10 -0.83 -29.78
CA GLN F 230 27.08 0.43 -30.51
C GLN F 230 27.76 1.59 -29.82
N PHE F 231 28.49 2.37 -30.61
CA PHE F 231 29.22 3.55 -30.16
C PHE F 231 28.29 4.59 -29.53
N ASN F 232 28.89 5.66 -29.03
CA ASN F 232 28.14 6.74 -28.41
C ASN F 232 29.03 7.98 -28.40
N SER F 233 28.45 9.13 -28.07
CA SER F 233 29.24 10.36 -28.00
C SER F 233 30.24 10.18 -26.85
N LEU F 234 31.43 10.78 -26.99
CA LEU F 234 32.51 10.65 -26.02
C LEU F 234 32.17 10.37 -24.56
N LEU F 235 31.57 11.33 -23.85
CA LEU F 235 31.22 11.15 -22.44
C LEU F 235 30.38 9.91 -22.17
N HIS F 236 29.27 9.78 -22.88
CA HIS F 236 28.38 8.64 -22.70
C HIS F 236 28.97 7.31 -23.12
N ALA F 237 29.96 7.34 -24.00
CA ALA F 237 30.65 6.13 -24.43
C ALA F 237 31.49 5.66 -23.25
N ALA F 238 32.09 6.62 -22.55
CA ALA F 238 32.91 6.34 -21.37
C ALA F 238 32.03 5.80 -20.24
N ASP F 239 30.82 6.35 -20.12
CA ASP F 239 29.87 5.89 -19.11
C ASP F 239 29.45 4.46 -19.44
N ASP F 240 29.28 4.19 -20.73
CA ASP F 240 28.90 2.86 -21.23
C ASP F 240 29.98 1.83 -20.92
N MET F 241 31.23 2.24 -21.02
CA MET F 241 32.36 1.36 -20.74
C MET F 241 32.37 0.96 -19.27
N GLN F 242 32.14 1.92 -18.39
CA GLN F 242 32.09 1.66 -16.95
C GLN F 242 30.93 0.71 -16.64
N LEU F 243 29.80 0.93 -17.31
CA LEU F 243 28.60 0.11 -17.12
C LEU F 243 28.87 -1.32 -17.60
N TYR F 244 29.51 -1.42 -18.77
CA TYR F 244 29.88 -2.70 -19.37
C TYR F 244 30.74 -3.51 -18.39
N LYS F 245 31.80 -2.89 -17.88
CA LYS F 245 32.68 -3.56 -16.93
C LYS F 245 31.91 -4.00 -15.68
N TYR F 246 31.02 -3.13 -15.21
CA TYR F 246 30.20 -3.42 -14.04
C TYR F 246 29.32 -4.66 -14.29
N ILE F 247 28.66 -4.67 -15.44
CA ILE F 247 27.78 -5.77 -15.81
C ILE F 247 28.53 -7.08 -16.05
N ILE F 248 29.69 -6.99 -16.69
CA ILE F 248 30.49 -8.18 -16.97
C ILE F 248 31.01 -8.77 -15.66
N LYS F 249 31.61 -7.92 -14.83
CA LYS F 249 32.17 -8.35 -13.55
C LYS F 249 31.17 -8.97 -12.58
N ASN F 250 29.98 -8.38 -12.49
CA ASN F 250 28.97 -8.87 -11.57
C ASN F 250 28.13 -10.04 -12.08
N THR F 251 28.03 -10.18 -13.39
CA THR F 251 27.30 -11.31 -13.95
C THR F 251 28.16 -12.54 -13.64
N ALA F 252 29.48 -12.39 -13.80
CA ALA F 252 30.42 -13.46 -13.51
C ALA F 252 30.37 -13.76 -12.02
N TRP F 253 30.41 -12.72 -11.20
CA TRP F 253 30.39 -12.86 -9.75
C TRP F 253 29.17 -13.62 -9.23
N GLN F 254 28.00 -13.30 -9.79
CA GLN F 254 26.77 -13.97 -9.39
C GLN F 254 26.70 -15.41 -9.89
N ASN F 255 27.62 -15.78 -10.79
CA ASN F 255 27.64 -17.12 -11.34
C ASN F 255 28.89 -17.90 -10.97
N GLY F 256 29.43 -17.59 -9.79
CA GLY F 256 30.61 -18.27 -9.29
C GLY F 256 31.95 -18.04 -9.95
N LYS F 257 32.08 -16.97 -10.71
CA LYS F 257 33.34 -16.68 -11.37
C LYS F 257 33.90 -15.33 -10.94
N THR F 258 35.05 -14.99 -11.48
CA THR F 258 35.71 -13.72 -11.19
C THR F 258 36.38 -13.25 -12.49
N VAL F 259 36.03 -12.04 -12.91
CA VAL F 259 36.54 -11.45 -14.15
C VAL F 259 37.63 -10.41 -13.94
N THR F 260 38.55 -10.33 -14.90
CA THR F 260 39.60 -9.31 -14.86
C THR F 260 39.77 -8.66 -16.22
N PHE F 261 39.86 -7.34 -16.20
CA PHE F 261 40.07 -6.56 -17.41
C PHE F 261 41.53 -6.14 -17.50
N MET F 262 42.38 -6.70 -16.63
CA MET F 262 43.79 -6.34 -16.67
C MET F 262 44.39 -6.76 -18.02
N PRO F 263 45.28 -5.94 -18.58
CA PRO F 263 45.94 -6.16 -19.88
C PRO F 263 46.60 -7.50 -20.13
N LYS F 264 47.33 -8.02 -19.15
CA LYS F 264 48.02 -9.28 -19.33
C LYS F 264 48.00 -10.16 -18.08
N PRO F 265 46.90 -10.88 -17.86
CA PRO F 265 46.79 -11.76 -16.69
C PRO F 265 47.51 -13.08 -16.89
N LEU F 266 47.64 -13.49 -18.16
CA LEU F 266 48.29 -14.75 -18.51
C LEU F 266 49.55 -14.58 -19.34
N PHE F 267 50.62 -15.22 -18.89
CA PHE F 267 51.89 -15.19 -19.58
C PHE F 267 51.85 -16.34 -20.59
N GLY F 268 51.90 -16.02 -21.87
CA GLY F 268 51.85 -17.06 -22.88
C GLY F 268 50.45 -17.21 -23.47
N ASP F 269 49.64 -16.19 -23.27
CA ASP F 269 48.28 -16.17 -23.81
C ASP F 269 47.98 -14.71 -24.17
N ASN F 270 46.99 -14.53 -25.04
CA ASN F 270 46.59 -13.22 -25.52
C ASN F 270 46.28 -12.21 -24.40
N GLY F 271 46.72 -10.97 -24.62
CA GLY F 271 46.45 -9.91 -23.66
C GLY F 271 45.05 -9.38 -23.92
N SER F 272 44.57 -8.47 -23.08
CA SER F 272 43.23 -7.89 -23.27
C SER F 272 43.36 -6.41 -23.59
N GLY F 273 42.85 -6.03 -24.76
CA GLY F 273 42.91 -4.64 -25.17
C GLY F 273 41.56 -3.99 -25.34
N MET F 274 41.58 -2.69 -25.61
CA MET F 274 40.38 -1.91 -25.83
C MET F 274 40.55 -1.10 -27.11
N HIS F 275 40.11 -1.68 -28.22
CA HIS F 275 40.20 -1.03 -29.52
C HIS F 275 39.16 0.09 -29.56
N CYS F 276 39.64 1.31 -29.79
CA CYS F 276 38.75 2.46 -29.82
C CYS F 276 38.54 3.08 -31.19
N HIS F 277 37.33 2.93 -31.71
CA HIS F 277 36.93 3.48 -32.99
C HIS F 277 36.44 4.89 -32.72
N GLN F 278 36.94 5.83 -33.52
CA GLN F 278 36.60 7.23 -33.37
C GLN F 278 36.26 7.86 -34.69
N SER F 279 35.44 8.91 -34.62
CA SER F 279 35.03 9.63 -35.82
C SER F 279 34.35 10.95 -35.41
N LEU F 280 34.56 11.99 -36.20
CA LEU F 280 33.97 13.30 -35.94
C LEU F 280 32.80 13.56 -36.88
N TRP F 281 31.76 14.18 -36.34
CA TRP F 281 30.54 14.51 -37.10
C TRP F 281 30.17 15.97 -36.85
N LYS F 282 29.42 16.55 -37.78
CA LYS F 282 28.98 17.94 -37.67
C LYS F 282 27.65 18.08 -38.40
N ASP F 283 26.67 18.66 -37.71
CA ASP F 283 25.33 18.88 -38.24
C ASP F 283 24.71 17.59 -38.78
N GLY F 284 24.95 16.49 -38.07
CA GLY F 284 24.39 15.21 -38.46
C GLY F 284 25.06 14.51 -39.63
N ALA F 285 26.20 15.03 -40.06
CA ALA F 285 26.92 14.45 -41.19
C ALA F 285 28.36 14.08 -40.83
N PRO F 286 28.87 12.98 -41.43
CA PRO F 286 30.23 12.50 -41.20
C PRO F 286 31.31 13.40 -41.81
N LEU F 287 32.45 13.46 -41.13
CA LEU F 287 33.58 14.29 -41.56
C LEU F 287 34.83 13.47 -41.84
N MET F 288 34.74 12.16 -41.68
CA MET F 288 35.90 11.27 -41.88
C MET F 288 36.10 10.71 -43.29
N TYR F 289 35.05 10.73 -44.11
CA TYR F 289 35.10 10.17 -45.45
C TYR F 289 35.52 11.09 -46.60
N ASP F 290 36.13 10.46 -47.62
CA ASP F 290 36.60 11.13 -48.83
C ASP F 290 37.08 10.05 -49.80
N GLU F 291 36.31 9.82 -50.86
CA GLU F 291 36.65 8.80 -51.88
C GLU F 291 38.05 8.91 -52.43
N THR F 292 38.51 10.14 -52.62
CA THR F 292 39.83 10.42 -53.18
C THR F 292 41.02 10.13 -52.25
N GLY F 293 40.79 10.15 -50.95
CA GLY F 293 41.88 9.89 -50.02
C GLY F 293 42.19 8.43 -49.77
N TYR F 294 43.39 8.17 -49.26
CA TYR F 294 43.82 6.80 -48.94
C TYR F 294 42.88 6.21 -47.90
N ALA F 295 42.40 4.99 -48.16
CA ALA F 295 41.48 4.29 -47.26
C ALA F 295 40.16 5.03 -47.07
N GLY F 296 39.86 5.93 -48.01
CA GLY F 296 38.62 6.70 -47.95
C GLY F 296 38.62 7.74 -46.85
N LEU F 297 39.81 8.20 -46.47
CA LEU F 297 39.97 9.17 -45.39
C LEU F 297 40.04 10.63 -45.85
N SER F 298 39.33 11.49 -45.14
CA SER F 298 39.31 12.92 -45.42
C SER F 298 40.58 13.56 -44.86
N ASP F 299 40.78 14.84 -45.13
CA ASP F 299 41.96 15.53 -44.63
C ASP F 299 41.85 15.66 -43.10
N THR F 300 40.62 15.83 -42.62
CA THR F 300 40.33 15.92 -41.20
C THR F 300 40.73 14.62 -40.49
N ALA F 301 40.31 13.49 -41.07
CA ALA F 301 40.61 12.17 -40.51
C ALA F 301 42.12 11.89 -40.51
N ARG F 302 42.80 12.23 -41.59
CA ARG F 302 44.23 12.00 -41.71
C ARG F 302 45.03 12.83 -40.70
N HIS F 303 44.59 14.06 -40.48
CA HIS F 303 45.24 14.96 -39.53
C HIS F 303 45.01 14.46 -38.10
N TYR F 304 43.84 13.89 -37.87
CA TYR F 304 43.47 13.34 -36.57
C TYR F 304 44.45 12.20 -36.28
N ILE F 305 44.65 11.34 -37.27
CA ILE F 305 45.58 10.22 -37.18
C ILE F 305 47.00 10.74 -36.93
N GLY F 306 47.32 11.88 -37.56
CA GLY F 306 48.63 12.47 -37.37
C GLY F 306 48.82 12.89 -35.92
N GLY F 307 47.74 13.35 -35.30
CA GLY F 307 47.79 13.76 -33.91
C GLY F 307 47.98 12.57 -32.99
N LEU F 308 47.22 11.49 -33.25
CA LEU F 308 47.31 10.27 -32.46
C LEU F 308 48.73 9.70 -32.49
N LEU F 309 49.28 9.56 -33.70
CA LEU F 309 50.62 9.01 -33.86
C LEU F 309 51.72 9.91 -33.30
N HIS F 310 51.54 11.22 -33.47
CA HIS F 310 52.53 12.17 -32.97
C HIS F 310 52.54 12.22 -31.45
N HIS F 311 51.35 12.22 -30.86
CA HIS F 311 51.21 12.30 -29.41
C HIS F 311 51.19 10.98 -28.64
N ALA F 312 51.20 9.87 -29.36
CA ALA F 312 51.16 8.54 -28.76
C ALA F 312 52.08 8.33 -27.54
N PRO F 313 53.35 8.77 -27.61
CA PRO F 313 54.23 8.58 -26.46
C PRO F 313 53.70 9.13 -25.14
N SER F 314 52.93 10.20 -25.19
CA SER F 314 52.35 10.78 -23.99
C SER F 314 50.90 10.35 -23.81
N LEU F 315 50.20 10.19 -24.93
CA LEU F 315 48.80 9.76 -24.94
C LEU F 315 48.64 8.45 -24.18
N LEU F 316 49.61 7.55 -24.33
CA LEU F 316 49.57 6.25 -23.68
C LEU F 316 49.55 6.32 -22.16
N ALA F 317 49.88 7.48 -21.60
CA ALA F 317 49.85 7.66 -20.14
C ALA F 317 48.42 7.60 -19.61
N PHE F 318 47.44 7.83 -20.49
CA PHE F 318 46.02 7.80 -20.13
C PHE F 318 45.32 6.64 -20.83
N THR F 319 45.91 6.21 -21.92
CA THR F 319 45.37 5.15 -22.76
C THR F 319 45.83 3.74 -22.35
N ASN F 320 47.02 3.63 -21.77
CA ASN F 320 47.63 2.39 -21.29
C ASN F 320 48.37 2.84 -20.03
N PRO F 321 47.61 3.25 -19.00
CA PRO F 321 48.06 3.80 -17.72
C PRO F 321 48.61 2.86 -16.60
N THR F 322 48.80 1.57 -16.87
CA THR F 322 49.31 0.69 -15.82
C THR F 322 50.61 0.01 -16.18
N VAL F 323 51.30 -0.50 -15.17
CA VAL F 323 52.55 -1.22 -15.38
C VAL F 323 52.27 -2.50 -16.18
N ASN F 324 51.12 -3.11 -15.91
CA ASN F 324 50.70 -4.35 -16.58
C ASN F 324 50.38 -4.10 -18.05
N SER F 325 50.04 -2.86 -18.39
CA SER F 325 49.72 -2.48 -19.77
C SER F 325 50.89 -2.82 -20.71
N TYR F 326 52.11 -2.69 -20.20
CA TYR F 326 53.31 -2.95 -20.99
C TYR F 326 53.75 -4.39 -21.09
N LYS F 327 52.93 -5.31 -20.60
CA LYS F 327 53.22 -6.74 -20.70
C LYS F 327 52.43 -7.20 -21.93
N ARG F 328 51.44 -6.40 -22.31
CA ARG F 328 50.63 -6.65 -23.50
C ARG F 328 51.30 -5.91 -24.68
N LEU F 329 51.66 -4.66 -24.44
CA LEU F 329 52.34 -3.81 -25.43
C LEU F 329 53.82 -4.18 -25.43
N VAL F 330 54.12 -5.32 -26.04
CA VAL F 330 55.48 -5.84 -26.11
C VAL F 330 55.56 -6.70 -27.40
N PRO F 331 56.74 -6.79 -28.04
CA PRO F 331 56.90 -7.58 -29.28
C PRO F 331 56.34 -9.02 -29.17
N GLY F 332 55.37 -9.34 -30.01
CA GLY F 332 54.80 -10.68 -29.97
C GLY F 332 53.51 -10.90 -30.74
N TYR F 333 52.40 -11.06 -30.01
CA TYR F 333 51.06 -11.31 -30.57
C TYR F 333 50.53 -10.22 -31.51
N GLU F 334 51.43 -9.58 -32.27
CA GLU F 334 51.11 -8.53 -33.22
C GLU F 334 50.52 -7.39 -32.37
N ALA F 335 51.30 -6.97 -31.38
CA ALA F 335 50.92 -5.90 -30.46
C ALA F 335 50.92 -4.56 -31.16
N PRO F 336 49.86 -3.76 -30.97
CA PRO F 336 49.72 -2.43 -31.58
C PRO F 336 50.77 -1.47 -31.01
N ILE F 337 52.03 -1.72 -31.34
CA ILE F 337 53.15 -0.89 -30.88
C ILE F 337 53.79 -0.08 -32.01
N ASN F 338 53.39 -0.38 -33.24
CA ASN F 338 53.94 0.31 -34.42
C ASN F 338 53.21 1.59 -34.73
N LEU F 339 53.92 2.71 -34.59
CA LEU F 339 53.36 4.04 -34.82
C LEU F 339 53.08 4.41 -36.27
N VAL F 340 52.19 3.67 -36.90
CA VAL F 340 51.78 3.90 -38.28
C VAL F 340 50.31 3.53 -38.43
N TYR F 341 49.67 4.00 -39.50
CA TYR F 341 48.27 3.64 -39.75
C TYR F 341 48.21 2.63 -40.88
N SER F 342 47.16 1.86 -40.96
CA SER F 342 47.05 0.83 -41.99
C SER F 342 45.62 0.31 -42.09
N GLN F 343 45.39 -0.55 -43.09
CA GLN F 343 44.09 -1.17 -43.31
C GLN F 343 44.25 -2.68 -43.10
N ARG F 344 45.48 -3.14 -43.29
CA ARG F 344 45.83 -4.55 -43.15
C ARG F 344 46.43 -4.91 -41.79
N ASN F 345 47.57 -4.30 -41.47
CA ASN F 345 48.29 -4.55 -40.22
C ASN F 345 47.53 -4.34 -38.92
N ARG F 346 47.51 -5.39 -38.10
CA ARG F 346 46.85 -5.33 -36.81
C ARG F 346 47.82 -4.94 -35.70
N SER F 347 49.11 -4.88 -36.08
CA SER F 347 50.18 -4.48 -35.16
C SER F 347 50.41 -2.97 -35.30
N ALA F 348 49.54 -2.31 -36.06
CA ALA F 348 49.62 -0.88 -36.28
C ALA F 348 48.76 -0.18 -35.22
N CYS F 349 49.30 0.90 -34.65
CA CYS F 349 48.58 1.67 -33.63
C CYS F 349 47.21 2.08 -34.10
N VAL F 350 47.12 2.54 -35.35
CA VAL F 350 45.86 2.97 -35.93
C VAL F 350 45.54 2.10 -37.14
N ARG F 351 44.32 1.58 -37.17
CA ARG F 351 43.89 0.77 -38.28
C ARG F 351 42.59 1.35 -38.81
N ILE F 352 42.45 1.39 -40.13
CA ILE F 352 41.24 1.91 -40.74
C ILE F 352 40.42 0.72 -41.22
N PRO F 353 39.31 0.44 -40.53
CA PRO F 353 38.42 -0.67 -40.87
C PRO F 353 37.93 -0.53 -42.31
N ILE F 354 37.91 -1.65 -43.03
CA ILE F 354 37.44 -1.65 -44.40
C ILE F 354 35.92 -1.64 -44.35
N THR F 355 35.35 -0.47 -44.65
CA THR F 355 33.91 -0.28 -44.59
C THR F 355 33.23 0.06 -45.93
N GLY F 356 34.03 0.19 -46.98
CA GLY F 356 33.47 0.49 -48.28
C GLY F 356 33.29 1.96 -48.62
N SER F 357 32.23 2.24 -49.38
CA SER F 357 31.91 3.60 -49.83
C SER F 357 30.97 4.40 -48.93
N ASN F 358 30.37 3.74 -47.95
CA ASN F 358 29.45 4.41 -47.01
C ASN F 358 30.21 5.39 -46.12
N PRO F 359 29.99 6.70 -46.30
CA PRO F 359 30.67 7.73 -45.51
C PRO F 359 30.38 7.69 -44.00
N LYS F 360 29.19 7.22 -43.66
CA LYS F 360 28.77 7.12 -42.26
C LYS F 360 29.47 6.02 -41.47
N ALA F 361 30.11 5.10 -42.18
CA ALA F 361 30.82 4.00 -41.54
C ALA F 361 32.33 4.21 -41.44
N LYS F 362 32.84 5.24 -42.12
CA LYS F 362 34.27 5.52 -42.10
C LYS F 362 34.70 6.03 -40.73
N ARG F 363 35.73 5.40 -40.18
CA ARG F 363 36.23 5.77 -38.86
C ARG F 363 37.64 5.21 -38.71
N LEU F 364 38.35 5.68 -37.69
CA LEU F 364 39.69 5.19 -37.43
C LEU F 364 39.66 4.40 -36.13
N GLU F 365 40.50 3.38 -36.04
CA GLU F 365 40.55 2.54 -34.86
C GLU F 365 41.90 2.59 -34.17
N PHE F 366 41.94 3.16 -32.97
CA PHE F 366 43.16 3.22 -32.19
C PHE F 366 43.18 1.88 -31.44
N ARG F 367 44.10 1.02 -31.83
CA ARG F 367 44.22 -0.33 -31.27
C ARG F 367 45.03 -0.49 -30.00
N SER F 368 45.90 0.46 -29.74
CA SER F 368 46.82 0.40 -28.59
C SER F 368 46.21 0.39 -27.17
N PRO F 369 45.12 1.15 -26.93
CA PRO F 369 44.51 1.18 -25.60
C PRO F 369 44.11 -0.15 -24.97
N ASP F 370 43.94 -0.12 -23.66
CA ASP F 370 43.48 -1.27 -22.88
C ASP F 370 42.48 -0.71 -21.87
N SER F 371 41.80 -1.58 -21.12
CA SER F 371 40.83 -1.08 -20.15
C SER F 371 41.32 -1.10 -18.71
N SER F 372 42.62 -0.87 -18.53
CA SER F 372 43.21 -0.87 -17.20
C SER F 372 43.15 0.49 -16.52
N GLY F 373 42.49 1.47 -17.15
CA GLY F 373 42.43 2.78 -16.56
C GLY F 373 41.09 3.47 -16.47
N ASN F 374 41.10 4.74 -16.86
CA ASN F 374 39.93 5.60 -16.82
C ASN F 374 39.47 5.94 -18.23
N PRO F 375 38.30 5.44 -18.66
CA PRO F 375 37.79 5.70 -20.01
C PRO F 375 37.46 7.16 -20.30
N TYR F 376 37.08 7.91 -19.26
CA TYR F 376 36.76 9.32 -19.42
C TYR F 376 38.01 10.09 -19.82
N LEU F 377 39.11 9.80 -19.14
CA LEU F 377 40.39 10.43 -19.41
C LEU F 377 41.01 9.92 -20.71
N ALA F 378 40.89 8.62 -20.95
CA ALA F 378 41.45 8.00 -22.16
C ALA F 378 40.80 8.54 -23.43
N PHE F 379 39.47 8.52 -23.48
CA PHE F 379 38.74 9.03 -24.64
C PHE F 379 39.03 10.51 -24.86
N SER F 380 39.01 11.29 -23.78
CA SER F 380 39.28 12.72 -23.85
C SER F 380 40.67 12.99 -24.40
N ALA F 381 41.66 12.27 -23.89
CA ALA F 381 43.05 12.42 -24.33
C ALA F 381 43.19 12.07 -25.81
N MET F 382 42.45 11.06 -26.25
CA MET F 382 42.49 10.66 -27.65
C MET F 382 41.93 11.77 -28.53
N LEU F 383 40.83 12.38 -28.10
CA LEU F 383 40.19 13.46 -28.84
C LEU F 383 41.14 14.65 -28.93
N MET F 384 41.74 15.03 -27.80
CA MET F 384 42.66 16.16 -27.75
C MET F 384 43.86 15.94 -28.65
N ALA F 385 44.37 14.71 -28.71
CA ALA F 385 45.50 14.40 -29.56
C ALA F 385 45.08 14.56 -31.03
N GLY F 386 43.88 14.08 -31.35
CA GLY F 386 43.35 14.18 -32.71
C GLY F 386 43.06 15.60 -33.13
N LEU F 387 42.49 16.40 -32.23
CA LEU F 387 42.17 17.79 -32.51
C LEU F 387 43.42 18.64 -32.71
N ASP F 388 44.47 18.32 -31.96
CA ASP F 388 45.73 19.05 -32.09
C ASP F 388 46.34 18.74 -33.44
N GLY F 389 46.08 17.53 -33.92
CA GLY F 389 46.58 17.11 -35.23
C GLY F 389 45.85 17.84 -36.33
N ILE F 390 44.55 18.07 -36.13
CA ILE F 390 43.73 18.77 -37.11
C ILE F 390 44.08 20.26 -37.17
N LYS F 391 44.20 20.88 -35.99
CA LYS F 391 44.53 22.30 -35.91
C LYS F 391 45.91 22.63 -36.49
N ASN F 392 46.89 21.78 -36.21
CA ASN F 392 48.24 21.98 -36.71
C ASN F 392 48.52 21.19 -37.99
N LYS F 393 47.46 20.68 -38.60
CA LYS F 393 47.53 19.91 -39.85
C LYS F 393 48.69 18.91 -39.88
N ILE F 394 48.89 18.21 -38.77
CA ILE F 394 49.95 17.22 -38.65
C ILE F 394 49.75 16.06 -39.63
N GLU F 395 50.75 15.83 -40.46
CA GLU F 395 50.71 14.77 -41.44
C GLU F 395 51.35 13.50 -40.91
N PRO F 396 50.59 12.39 -40.88
CA PRO F 396 51.12 11.12 -40.39
C PRO F 396 52.06 10.56 -41.44
N GLN F 397 53.08 9.82 -41.02
CA GLN F 397 53.98 9.23 -41.99
C GLN F 397 53.19 8.26 -42.87
N ALA F 398 53.73 7.96 -44.04
CA ALA F 398 53.06 7.07 -45.00
C ALA F 398 52.54 5.77 -44.40
N PRO F 399 51.27 5.43 -44.69
CA PRO F 399 50.64 4.21 -44.19
C PRO F 399 51.37 2.97 -44.70
N VAL F 400 51.24 1.86 -43.99
CA VAL F 400 51.91 0.63 -44.37
C VAL F 400 50.93 -0.55 -44.41
N ASP F 401 50.73 -1.11 -45.61
CA ASP F 401 49.85 -2.25 -45.77
C ASP F 401 50.61 -3.57 -45.95
N LYS F 402 51.92 -3.46 -46.15
CA LYS F 402 52.79 -4.64 -46.28
C LYS F 402 52.83 -5.23 -44.89
N ASP F 403 52.89 -6.56 -44.78
CA ASP F 403 52.95 -7.19 -43.47
C ASP F 403 54.20 -6.66 -42.75
N LEU F 404 53.97 -5.94 -41.66
CA LEU F 404 55.05 -5.35 -40.86
C LEU F 404 56.01 -6.36 -40.27
N TYR F 405 55.50 -7.58 -40.03
CA TYR F 405 56.32 -8.65 -39.46
C TYR F 405 57.50 -9.00 -40.39
N GLU F 406 57.21 -9.38 -41.62
CA GLU F 406 58.27 -9.71 -42.58
C GLU F 406 58.62 -8.48 -43.42
N LEU F 407 59.50 -7.65 -42.89
CA LEU F 407 59.93 -6.44 -43.56
C LEU F 407 61.46 -6.38 -43.49
N PRO F 408 62.12 -5.95 -44.58
CA PRO F 408 63.60 -5.87 -44.59
C PRO F 408 64.10 -5.02 -43.42
N PRO F 409 64.86 -5.64 -42.49
CA PRO F 409 65.46 -5.05 -41.29
C PRO F 409 65.87 -3.57 -41.33
N GLU F 410 66.31 -3.09 -42.49
CA GLU F 410 66.73 -1.70 -42.64
C GLU F 410 65.51 -0.80 -42.89
N GLU F 411 64.50 -1.35 -43.55
CA GLU F 411 63.26 -0.65 -43.87
C GLU F 411 62.31 -0.70 -42.67
N ALA F 412 62.53 -1.67 -41.78
CA ALA F 412 61.72 -1.85 -40.58
C ALA F 412 62.20 -0.94 -39.45
N ALA F 413 63.42 -0.42 -39.58
CA ALA F 413 63.98 0.48 -38.57
C ALA F 413 63.40 1.89 -38.70
N SER F 414 62.64 2.11 -39.78
CA SER F 414 62.00 3.40 -40.02
C SER F 414 60.60 3.46 -39.42
N ILE F 415 60.20 2.38 -38.75
CA ILE F 415 58.89 2.28 -38.10
C ILE F 415 59.05 2.55 -36.60
N PRO F 416 58.55 3.71 -36.13
CA PRO F 416 58.64 4.08 -34.71
C PRO F 416 57.77 3.18 -33.84
N GLN F 417 58.25 2.89 -32.64
CA GLN F 417 57.52 2.05 -31.69
C GLN F 417 57.01 2.90 -30.55
N THR F 418 55.99 2.40 -29.85
CA THR F 418 55.44 3.10 -28.69
C THR F 418 56.39 2.80 -27.53
N PRO F 419 56.39 3.66 -26.48
CA PRO F 419 57.29 3.37 -25.36
C PRO F 419 56.91 2.00 -24.76
N THR F 420 57.89 1.34 -24.15
CA THR F 420 57.69 0.01 -23.59
C THR F 420 57.54 -0.06 -22.06
N GLN F 421 57.43 1.10 -21.41
CA GLN F 421 57.34 1.13 -19.96
C GLN F 421 56.43 2.27 -19.52
N LEU F 422 55.71 2.08 -18.41
CA LEU F 422 54.82 3.12 -17.89
C LEU F 422 55.60 4.36 -17.47
N SER F 423 56.76 4.14 -16.85
CA SER F 423 57.62 5.25 -16.41
C SER F 423 58.00 6.14 -17.60
N ASP F 424 58.13 5.53 -18.79
CA ASP F 424 58.47 6.20 -19.99
C ASP F 424 57.36 7.13 -20.44
N VAL F 425 56.16 6.57 -20.63
CA VAL F 425 55.02 7.36 -21.07
C VAL F 425 54.65 8.46 -20.08
N ILE F 426 54.91 8.20 -18.80
CA ILE F 426 54.63 9.19 -17.75
C ILE F 426 55.64 10.34 -17.89
N ASP F 427 56.89 10.00 -18.19
CA ASP F 427 57.93 10.99 -18.41
C ASP F 427 57.58 11.85 -19.63
N ARG F 428 57.09 11.19 -20.68
CA ARG F 428 56.71 11.86 -21.93
C ARG F 428 55.50 12.77 -21.75
N LEU F 429 54.57 12.36 -20.88
CA LEU F 429 53.37 13.16 -20.61
C LEU F 429 53.78 14.43 -19.87
N GLU F 430 54.71 14.27 -18.93
CA GLU F 430 55.22 15.37 -18.14
C GLU F 430 55.92 16.40 -19.02
N ALA F 431 56.66 15.91 -20.01
CA ALA F 431 57.41 16.75 -20.93
C ALA F 431 56.58 17.41 -22.02
N ASP F 432 55.51 16.74 -22.45
CA ASP F 432 54.66 17.26 -23.51
C ASP F 432 53.17 16.97 -23.26
N HIS F 433 52.45 17.95 -22.73
CA HIS F 433 51.03 17.79 -22.47
C HIS F 433 50.20 19.02 -22.79
N GLU F 434 50.75 19.92 -23.60
CA GLU F 434 50.04 21.15 -23.97
C GLU F 434 48.77 20.89 -24.77
N TYR F 435 48.80 19.85 -25.60
CA TYR F 435 47.63 19.52 -26.41
C TYR F 435 46.45 19.12 -25.54
N LEU F 436 46.76 18.64 -24.34
CA LEU F 436 45.74 18.21 -23.38
C LEU F 436 45.11 19.40 -22.68
N THR F 437 45.92 20.42 -22.38
CA THR F 437 45.45 21.63 -21.70
C THR F 437 44.73 22.64 -22.58
N GLU F 438 44.67 22.37 -23.88
CA GLU F 438 43.99 23.26 -24.82
C GLU F 438 42.53 23.40 -24.41
N GLY F 439 42.02 24.63 -24.45
CA GLY F 439 40.64 24.88 -24.09
C GLY F 439 40.32 24.57 -22.64
N GLY F 440 41.35 24.31 -21.85
CA GLY F 440 41.18 23.99 -20.44
C GLY F 440 40.57 22.62 -20.15
N VAL F 441 40.56 21.72 -21.13
CA VAL F 441 39.99 20.38 -20.97
C VAL F 441 40.70 19.64 -19.85
N PHE F 442 42.03 19.59 -19.92
CA PHE F 442 42.84 18.99 -18.87
C PHE F 442 43.57 20.17 -18.24
N THR F 443 43.89 20.10 -16.96
CA THR F 443 44.62 21.17 -16.30
C THR F 443 46.00 20.63 -15.93
N ASN F 444 47.00 21.51 -15.81
CA ASN F 444 48.31 21.06 -15.42
C ASN F 444 48.27 20.36 -14.08
N ASP F 445 47.32 20.85 -13.26
CA ASP F 445 47.08 20.31 -11.93
C ASP F 445 46.71 18.83 -12.00
N LEU F 446 45.69 18.52 -12.81
CA LEU F 446 45.24 17.13 -12.98
C LEU F 446 46.35 16.25 -13.52
N ILE F 447 47.05 16.76 -14.53
CA ILE F 447 48.15 16.04 -15.17
C ILE F 447 49.29 15.73 -14.19
N GLU F 448 49.61 16.69 -13.33
CA GLU F 448 50.68 16.51 -12.34
C GLU F 448 50.26 15.50 -11.28
N THR F 449 48.97 15.52 -10.95
CA THR F 449 48.40 14.61 -9.96
C THR F 449 48.46 13.18 -10.48
N TRP F 450 48.10 13.01 -11.75
CA TRP F 450 48.12 11.72 -12.43
C TRP F 450 49.54 11.18 -12.46
N ILE F 451 50.49 12.03 -12.82
CA ILE F 451 51.91 11.66 -12.88
C ILE F 451 52.42 11.21 -11.51
N SER F 452 52.05 11.93 -10.45
CA SER F 452 52.47 11.61 -9.09
C SER F 452 51.83 10.31 -8.62
N PHE F 453 50.54 10.16 -8.91
CA PHE F 453 49.78 8.98 -8.54
C PHE F 453 50.44 7.72 -9.11
N LYS F 454 50.73 7.74 -10.40
CA LYS F 454 51.35 6.61 -11.07
C LYS F 454 52.76 6.29 -10.57
N ARG F 455 53.55 7.34 -10.34
CA ARG F 455 54.90 7.15 -9.85
C ARG F 455 54.97 6.60 -8.43
N GLU F 456 54.17 7.18 -7.55
CA GLU F 456 54.16 6.79 -6.16
C GLU F 456 53.37 5.54 -5.80
N ASN F 457 52.23 5.35 -6.47
CA ASN F 457 51.35 4.22 -6.19
C ASN F 457 51.50 2.99 -7.08
N GLU F 458 52.16 3.13 -8.22
CA GLU F 458 52.31 2.02 -9.15
C GLU F 458 53.73 1.71 -9.58
N ILE F 459 54.37 2.69 -10.21
CA ILE F 459 55.74 2.51 -10.71
C ILE F 459 56.75 2.15 -9.62
N GLU F 460 56.83 2.95 -8.57
CA GLU F 460 57.76 2.73 -7.48
C GLU F 460 57.49 1.41 -6.72
N PRO F 461 56.23 1.15 -6.31
CA PRO F 461 55.91 -0.08 -5.59
C PRO F 461 56.33 -1.37 -6.30
N VAL F 462 56.11 -1.43 -7.61
CA VAL F 462 56.48 -2.61 -8.40
C VAL F 462 58.00 -2.67 -8.56
N ASN F 463 58.60 -1.52 -8.80
CA ASN F 463 60.03 -1.42 -9.01
C ASN F 463 60.92 -1.83 -7.82
N ILE F 464 60.48 -1.59 -6.59
CA ILE F 464 61.27 -1.94 -5.42
C ILE F 464 61.14 -3.40 -5.00
N ARG F 465 60.13 -4.09 -5.52
CA ARG F 465 59.88 -5.48 -5.19
C ARG F 465 60.52 -6.48 -6.15
N PRO F 466 61.40 -7.35 -5.63
CA PRO F 466 62.05 -8.35 -6.49
C PRO F 466 61.00 -9.21 -7.20
N HIS F 467 61.25 -9.47 -8.48
CA HIS F 467 60.37 -10.27 -9.33
C HIS F 467 60.77 -11.75 -9.14
N PRO F 468 59.80 -12.67 -9.14
CA PRO F 468 60.08 -14.11 -8.98
C PRO F 468 61.12 -14.64 -9.96
N TYR F 469 61.09 -14.16 -11.20
CA TYR F 469 62.02 -14.61 -12.22
C TYR F 469 63.47 -14.21 -11.92
N GLU F 470 63.64 -13.20 -11.06
CA GLU F 470 64.97 -12.75 -10.68
C GLU F 470 65.65 -13.83 -9.83
N PHE F 471 64.85 -14.66 -9.17
CA PHE F 471 65.40 -15.73 -8.35
C PHE F 471 65.85 -16.89 -9.23
N ALA F 472 65.12 -17.13 -10.31
CA ALA F 472 65.46 -18.16 -11.27
C ALA F 472 66.77 -17.77 -11.92
N LEU F 473 66.83 -16.50 -12.27
CA LEU F 473 67.95 -15.90 -12.95
C LEU F 473 69.19 -15.64 -12.06
N TYR F 474 69.01 -15.13 -10.83
CA TYR F 474 70.17 -14.70 -10.01
C TYR F 474 70.38 -15.33 -8.63
N TYR F 475 69.56 -16.25 -8.12
CA TYR F 475 69.85 -16.80 -6.80
C TYR F 475 71.26 -17.41 -6.75
N ASP F 476 71.70 -17.99 -7.86
CA ASP F 476 72.99 -18.67 -7.97
C ASP F 476 74.20 -17.83 -8.35
N VAL F 477 74.04 -16.52 -8.55
CA VAL F 477 75.16 -15.66 -8.95
C VAL F 477 76.47 -15.78 -8.17
N THR G 1 95.23 -59.07 -25.88
CA THR G 1 96.40 -58.52 -26.62
C THR G 1 97.72 -58.90 -25.94
N GLU G 2 97.87 -58.56 -24.66
CA GLU G 2 99.09 -58.85 -23.93
C GLU G 2 98.97 -59.63 -22.62
N LYS G 3 97.76 -59.73 -22.06
CA LYS G 3 97.60 -60.48 -20.81
C LYS G 3 97.51 -61.99 -21.03
N THR G 4 98.28 -62.71 -20.22
CA THR G 4 98.40 -64.16 -20.26
C THR G 4 97.44 -64.84 -19.29
N PRO G 5 97.03 -66.09 -19.61
CA PRO G 5 96.13 -66.83 -18.71
C PRO G 5 96.75 -66.89 -17.31
N ASP G 6 98.09 -66.96 -17.27
CA ASP G 6 98.82 -67.01 -16.01
C ASP G 6 98.69 -65.70 -15.23
N ASP G 7 98.60 -64.59 -15.95
CA ASP G 7 98.43 -63.28 -15.32
C ASP G 7 97.09 -63.26 -14.60
N VAL G 8 96.09 -63.85 -15.25
CA VAL G 8 94.73 -63.91 -14.70
C VAL G 8 94.69 -64.79 -13.45
N PHE G 9 95.37 -65.93 -13.49
CA PHE G 9 95.41 -66.84 -12.34
C PHE G 9 96.12 -66.18 -11.16
N LYS G 10 97.13 -65.37 -11.45
CA LYS G 10 97.88 -64.66 -10.42
C LYS G 10 96.98 -63.60 -9.79
N LEU G 11 96.22 -62.90 -10.64
CA LEU G 11 95.30 -61.86 -10.19
C LEU G 11 94.28 -62.49 -9.24
N ALA G 12 93.73 -63.63 -9.66
CA ALA G 12 92.75 -64.36 -8.87
C ALA G 12 93.31 -64.80 -7.52
N LYS G 13 94.54 -65.33 -7.52
CA LYS G 13 95.17 -65.78 -6.28
C LYS G 13 95.48 -64.62 -5.34
N ASP G 14 96.12 -63.58 -5.87
CA ASP G 14 96.48 -62.41 -5.08
C ASP G 14 95.27 -61.70 -4.47
N GLU G 15 94.20 -61.60 -5.23
CA GLU G 15 92.98 -60.93 -4.78
C GLU G 15 92.08 -61.82 -3.91
N LYS G 16 92.46 -63.09 -3.75
CA LYS G 16 91.70 -64.05 -2.95
C LYS G 16 90.26 -64.14 -3.46
N VAL G 17 90.14 -64.20 -4.78
CA VAL G 17 88.88 -64.28 -5.49
C VAL G 17 88.14 -65.58 -5.12
N GLU G 18 86.85 -65.48 -4.82
CA GLU G 18 86.08 -66.67 -4.49
C GLU G 18 85.14 -67.12 -5.60
N TYR G 19 84.79 -66.19 -6.50
CA TYR G 19 83.91 -66.50 -7.63
C TYR G 19 84.42 -65.90 -8.92
N VAL G 20 84.08 -66.53 -10.03
CA VAL G 20 84.46 -66.03 -11.35
C VAL G 20 83.17 -65.83 -12.13
N ASP G 21 82.96 -64.61 -12.62
CA ASP G 21 81.76 -64.29 -13.36
C ASP G 21 82.01 -64.45 -14.86
N VAL G 22 81.30 -65.40 -15.47
CA VAL G 22 81.41 -65.69 -16.89
C VAL G 22 80.48 -64.78 -17.67
N ARG G 23 81.06 -63.84 -18.42
CA ARG G 23 80.26 -62.90 -19.20
C ARG G 23 80.40 -63.03 -20.69
N PHE G 24 79.28 -62.78 -21.38
CA PHE G 24 79.21 -62.83 -22.83
C PHE G 24 78.15 -61.84 -23.25
N CYS G 25 78.27 -61.31 -24.46
CA CYS G 25 77.34 -60.31 -24.93
C CYS G 25 76.18 -60.83 -25.74
N ASP G 26 74.98 -60.29 -25.48
CA ASP G 26 73.81 -60.69 -26.24
C ASP G 26 73.71 -59.83 -27.51
N LEU G 27 72.75 -60.12 -28.36
CA LEU G 27 72.59 -59.40 -29.61
C LEU G 27 72.42 -57.88 -29.45
N PRO G 28 71.34 -57.41 -28.80
CA PRO G 28 71.15 -55.97 -28.65
C PRO G 28 72.27 -55.18 -27.96
N GLY G 29 73.03 -55.83 -27.08
CA GLY G 29 74.14 -55.13 -26.43
C GLY G 29 74.32 -55.23 -24.92
N ILE G 30 73.50 -56.04 -24.26
CA ILE G 30 73.59 -56.20 -22.82
C ILE G 30 74.39 -57.44 -22.42
N MET G 31 75.36 -57.28 -21.53
CA MET G 31 76.17 -58.39 -21.08
C MET G 31 75.37 -59.38 -20.22
N GLN G 32 75.57 -60.66 -20.48
CA GLN G 32 74.90 -61.75 -19.76
C GLN G 32 75.95 -62.44 -18.90
N HIS G 33 75.51 -63.23 -17.92
CA HIS G 33 76.45 -63.92 -17.07
C HIS G 33 75.89 -65.06 -16.24
N PHE G 34 76.82 -65.84 -15.70
CA PHE G 34 76.55 -66.93 -14.78
C PHE G 34 77.84 -67.03 -13.99
N THR G 35 77.76 -67.56 -12.77
CA THR G 35 78.93 -67.62 -11.91
C THR G 35 79.38 -69.03 -11.54
N ILE G 36 80.69 -69.21 -11.44
CA ILE G 36 81.29 -70.48 -11.05
C ILE G 36 82.26 -70.20 -9.91
N PRO G 37 82.50 -71.20 -9.04
CA PRO G 37 83.43 -70.99 -7.93
C PRO G 37 84.84 -70.83 -8.49
N ALA G 38 85.67 -70.04 -7.80
CA ALA G 38 87.05 -69.81 -8.25
C ALA G 38 87.84 -71.12 -8.35
N SER G 39 87.51 -72.07 -7.48
CA SER G 39 88.17 -73.37 -7.45
C SER G 39 88.01 -74.13 -8.78
N ALA G 40 86.96 -73.82 -9.53
CA ALA G 40 86.70 -74.46 -10.81
C ALA G 40 87.33 -73.68 -11.97
N PHE G 41 88.02 -72.60 -11.64
CA PHE G 41 88.67 -71.77 -12.65
C PHE G 41 90.15 -72.15 -12.76
N ASP G 42 90.47 -72.95 -13.77
CA ASP G 42 91.82 -73.42 -14.01
C ASP G 42 92.19 -73.37 -15.49
N LYS G 43 93.31 -73.99 -15.84
CA LYS G 43 93.81 -74.02 -17.21
C LYS G 43 92.82 -74.63 -18.21
N SER G 44 92.02 -75.59 -17.75
CA SER G 44 91.05 -76.25 -18.62
C SER G 44 89.97 -75.29 -19.14
N VAL G 45 89.77 -74.18 -18.43
CA VAL G 45 88.78 -73.20 -18.84
C VAL G 45 89.27 -72.48 -20.10
N PHE G 46 90.58 -72.21 -20.14
CA PHE G 46 91.20 -71.55 -21.28
C PHE G 46 91.42 -72.50 -22.46
N ASP G 47 91.72 -73.76 -22.15
CA ASP G 47 91.98 -74.77 -23.17
C ASP G 47 90.71 -75.38 -23.76
N ASP G 48 89.84 -75.88 -22.90
CA ASP G 48 88.62 -76.55 -23.33
C ASP G 48 87.38 -75.65 -23.34
N GLY G 49 87.36 -74.64 -22.48
CA GLY G 49 86.23 -73.74 -22.42
C GLY G 49 85.16 -74.23 -21.46
N LEU G 50 84.05 -73.51 -21.40
CA LEU G 50 82.94 -73.84 -20.53
C LEU G 50 81.69 -74.10 -21.34
N ALA G 51 80.92 -75.11 -20.94
CA ALA G 51 79.69 -75.44 -21.63
C ALA G 51 78.51 -74.70 -21.01
N PHE G 52 77.54 -74.31 -21.84
CA PHE G 52 76.33 -73.61 -21.42
C PHE G 52 75.27 -73.75 -22.54
N ASP G 53 74.01 -73.53 -22.19
CA ASP G 53 72.80 -73.72 -23.04
C ASP G 53 72.31 -72.51 -23.83
N GLY G 54 71.86 -72.61 -25.09
CA GLY G 54 71.29 -71.39 -25.63
C GLY G 54 70.14 -71.04 -24.69
N SER G 55 70.30 -70.06 -23.80
CA SER G 55 69.20 -69.75 -22.87
C SER G 55 68.49 -68.46 -23.25
N SER G 56 67.30 -68.20 -22.70
CA SER G 56 66.54 -67.04 -23.12
C SER G 56 66.24 -67.30 -24.60
N ILE G 57 65.83 -66.35 -25.46
CA ILE G 57 65.38 -66.87 -26.74
C ILE G 57 65.84 -66.19 -28.05
N ARG G 58 66.08 -64.91 -28.16
CA ARG G 58 66.31 -64.35 -29.48
C ARG G 58 67.72 -63.89 -29.83
N GLY G 59 68.21 -64.27 -31.01
CA GLY G 59 69.55 -63.93 -31.48
C GLY G 59 70.43 -65.17 -31.52
N PHE G 60 70.67 -65.75 -30.33
CA PHE G 60 71.56 -66.92 -30.11
C PHE G 60 70.98 -68.30 -30.53
N GLN G 61 71.68 -69.41 -30.18
CA GLN G 61 71.40 -70.82 -30.50
C GLN G 61 70.12 -71.42 -29.86
N SER G 62 69.08 -71.55 -30.69
CA SER G 62 67.76 -72.09 -30.30
C SER G 62 67.83 -73.61 -30.01
N ILE G 63 66.70 -74.36 -30.09
CA ILE G 63 66.74 -75.81 -29.80
C ILE G 63 66.86 -76.65 -31.09
N HIS G 64 67.83 -76.26 -31.93
CA HIS G 64 68.17 -76.96 -33.20
C HIS G 64 69.67 -76.76 -33.37
N GLU G 65 70.14 -75.90 -32.43
CA GLU G 65 71.54 -75.44 -32.27
C GLU G 65 71.97 -75.24 -30.81
N SER G 66 71.05 -75.50 -29.88
CA SER G 66 71.15 -75.42 -28.40
C SER G 66 72.51 -75.08 -27.77
N ASP G 67 73.33 -76.08 -27.47
CA ASP G 67 74.55 -75.96 -26.66
C ASP G 67 75.66 -75.11 -27.24
N MET G 68 76.32 -74.31 -26.38
CA MET G 68 77.43 -73.46 -26.77
C MET G 68 78.65 -73.69 -25.87
N LEU G 69 79.82 -73.31 -26.38
CA LEU G 69 81.07 -73.44 -25.66
C LEU G 69 81.64 -72.03 -25.48
N LEU G 70 82.06 -71.69 -24.27
CA LEU G 70 82.61 -70.35 -23.98
C LEU G 70 84.11 -70.35 -23.74
N LEU G 71 84.84 -69.57 -24.53
CA LEU G 71 86.30 -69.45 -24.39
C LEU G 71 86.61 -68.04 -23.87
N PRO G 72 87.41 -67.95 -22.79
CA PRO G 72 87.79 -66.68 -22.16
C PRO G 72 88.78 -65.79 -22.89
N ASP G 73 88.65 -64.49 -22.65
CA ASP G 73 89.55 -63.49 -23.21
C ASP G 73 90.26 -62.91 -21.99
N PRO G 74 91.51 -63.32 -21.74
CA PRO G 74 92.32 -62.86 -20.61
C PRO G 74 92.49 -61.36 -20.45
N GLU G 75 92.38 -60.61 -21.54
CA GLU G 75 92.51 -59.16 -21.49
C GLU G 75 91.33 -58.46 -20.82
N THR G 76 90.20 -59.16 -20.72
CA THR G 76 88.99 -58.60 -20.14
C THR G 76 88.80 -58.89 -18.65
N ALA G 77 89.75 -59.63 -18.06
CA ALA G 77 89.70 -59.99 -16.65
C ALA G 77 89.84 -58.79 -15.73
N ARG G 78 88.83 -58.58 -14.90
CA ARG G 78 88.80 -57.46 -13.95
C ARG G 78 88.14 -57.88 -12.64
N ILE G 79 88.60 -57.31 -11.53
CA ILE G 79 88.01 -57.59 -10.23
C ILE G 79 86.76 -56.72 -10.14
N ASP G 80 85.63 -57.31 -9.77
CA ASP G 80 84.38 -56.58 -9.63
C ASP G 80 84.43 -55.76 -8.33
N PRO G 81 84.28 -54.43 -8.43
CA PRO G 81 84.31 -53.56 -7.25
C PRO G 81 83.00 -53.44 -6.49
N PHE G 82 81.95 -54.07 -7.00
CA PHE G 82 80.62 -53.99 -6.39
C PHE G 82 80.17 -55.25 -5.64
N ARG G 83 80.50 -56.41 -6.18
CA ARG G 83 80.10 -57.68 -5.56
C ARG G 83 80.75 -57.90 -4.20
N ALA G 84 79.92 -58.21 -3.20
CA ALA G 84 80.39 -58.44 -1.83
C ALA G 84 81.39 -59.59 -1.77
N ALA G 85 81.05 -60.72 -2.40
CA ALA G 85 81.95 -61.86 -2.45
C ALA G 85 82.99 -61.51 -3.53
N LYS G 86 84.28 -61.57 -3.18
CA LYS G 86 85.33 -61.22 -4.14
C LYS G 86 85.20 -62.00 -5.44
N THR G 87 84.91 -61.27 -6.51
CA THR G 87 84.67 -61.86 -7.82
C THR G 87 85.55 -61.31 -8.95
N LEU G 88 85.91 -62.21 -9.88
CA LEU G 88 86.71 -61.85 -11.04
C LEU G 88 85.81 -61.97 -12.27
N ASN G 89 85.64 -60.87 -12.99
CA ASN G 89 84.82 -60.86 -14.20
C ASN G 89 85.69 -61.08 -15.43
N ILE G 90 85.23 -61.92 -16.34
CA ILE G 90 85.96 -62.21 -17.58
C ILE G 90 84.94 -62.36 -18.71
N ASN G 91 85.25 -61.79 -19.86
CA ASN G 91 84.38 -61.90 -21.03
C ASN G 91 84.81 -63.11 -21.85
N PHE G 92 83.85 -63.73 -22.51
CA PHE G 92 84.09 -64.92 -23.30
C PHE G 92 83.59 -64.80 -24.73
N PHE G 93 84.09 -65.71 -25.58
CA PHE G 93 83.69 -65.79 -26.98
C PHE G 93 82.84 -67.05 -27.05
N VAL G 94 81.77 -67.02 -27.82
CA VAL G 94 80.90 -68.18 -27.99
C VAL G 94 81.35 -69.01 -29.18
N HIS G 95 81.62 -70.28 -28.93
CA HIS G 95 82.05 -71.21 -29.98
C HIS G 95 81.08 -72.37 -30.11
N ASP G 96 81.18 -73.07 -31.23
CA ASP G 96 80.35 -74.24 -31.48
C ASP G 96 81.11 -75.37 -30.75
N PRO G 97 80.41 -76.13 -29.88
CA PRO G 97 81.02 -77.22 -29.11
C PRO G 97 81.85 -78.18 -29.96
N PHE G 98 81.21 -78.71 -31.00
CA PHE G 98 81.80 -79.67 -31.92
C PHE G 98 83.00 -79.17 -32.72
N THR G 99 82.74 -78.21 -33.61
CA THR G 99 83.79 -77.66 -34.48
C THR G 99 84.74 -76.63 -33.85
N LEU G 100 84.39 -76.13 -32.66
CA LEU G 100 85.18 -75.11 -31.96
C LEU G 100 85.21 -73.84 -32.83
N GLU G 101 84.22 -73.76 -33.72
CA GLU G 101 84.07 -72.65 -34.65
C GLU G 101 83.36 -71.48 -33.98
N PRO G 102 83.94 -70.27 -34.09
CA PRO G 102 83.34 -69.08 -33.48
C PRO G 102 81.91 -68.89 -33.96
N TYR G 103 80.98 -68.77 -33.02
CA TYR G 103 79.57 -68.57 -33.35
C TYR G 103 79.42 -67.24 -34.07
N SER G 104 78.80 -67.28 -35.24
CA SER G 104 78.62 -66.10 -36.09
C SER G 104 77.70 -65.00 -35.56
N ARG G 105 76.93 -65.29 -34.52
CA ARG G 105 76.02 -64.28 -33.97
C ARG G 105 76.48 -63.69 -32.63
N ASP G 106 77.69 -64.07 -32.21
CA ASP G 106 78.27 -63.55 -30.97
C ASP G 106 78.96 -62.24 -31.33
N PRO G 107 78.47 -61.12 -30.79
CA PRO G 107 79.03 -59.80 -31.05
C PRO G 107 80.54 -59.71 -30.86
N ARG G 108 81.08 -60.39 -29.86
CA ARG G 108 82.51 -60.35 -29.62
C ARG G 108 83.32 -61.04 -30.72
N ASN G 109 82.70 -62.02 -31.38
CA ASN G 109 83.36 -62.74 -32.47
C ASN G 109 83.40 -61.84 -33.70
N ILE G 110 82.34 -61.06 -33.90
CA ILE G 110 82.25 -60.13 -35.02
C ILE G 110 83.38 -59.10 -34.94
N ALA G 111 83.61 -58.58 -33.74
CA ALA G 111 84.66 -57.60 -33.51
C ALA G 111 86.03 -58.20 -33.77
N ARG G 112 86.21 -59.46 -33.35
CA ARG G 112 87.47 -60.16 -33.56
C ARG G 112 87.69 -60.41 -35.06
N LYS G 113 86.62 -60.83 -35.75
CA LYS G 113 86.67 -61.08 -37.19
C LYS G 113 87.01 -59.78 -37.93
N ALA G 114 86.50 -58.66 -37.43
CA ALA G 114 86.74 -57.36 -38.04
C ALA G 114 88.22 -56.98 -37.95
N GLU G 115 88.84 -57.29 -36.82
CA GLU G 115 90.26 -57.00 -36.62
C GLU G 115 91.13 -57.88 -37.50
N ASN G 116 90.74 -59.15 -37.64
CA ASN G 116 91.48 -60.10 -38.47
C ASN G 116 91.35 -59.75 -39.95
N TYR G 117 90.18 -59.26 -40.34
CA TYR G 117 89.94 -58.86 -41.73
C TYR G 117 90.81 -57.66 -42.08
N LEU G 118 90.95 -56.73 -41.14
CA LEU G 118 91.76 -55.52 -41.33
C LEU G 118 93.17 -55.95 -41.70
N ILE G 119 93.71 -56.89 -40.93
CA ILE G 119 95.05 -57.41 -41.16
C ILE G 119 95.17 -58.10 -42.52
N SER G 120 94.14 -58.85 -42.89
CA SER G 120 94.13 -59.58 -44.15
C SER G 120 94.10 -58.67 -45.40
N THR G 121 93.58 -57.46 -45.26
CA THR G 121 93.52 -56.53 -46.39
C THR G 121 94.87 -55.86 -46.64
N GLY G 122 95.76 -55.94 -45.65
CA GLY G 122 97.06 -55.32 -45.77
C GLY G 122 97.04 -53.81 -45.57
N ILE G 123 95.83 -53.24 -45.51
CA ILE G 123 95.65 -51.80 -45.32
C ILE G 123 96.29 -51.31 -44.01
N ALA G 124 96.10 -52.08 -42.94
CA ALA G 124 96.67 -51.77 -41.64
C ALA G 124 96.59 -53.01 -40.77
N ASP G 125 97.20 -52.96 -39.58
CA ASP G 125 97.13 -54.11 -38.68
C ASP G 125 96.42 -53.80 -37.35
N THR G 126 96.05 -52.54 -37.15
CA THR G 126 95.38 -52.11 -35.93
C THR G 126 94.41 -50.95 -36.13
N ALA G 127 93.21 -51.08 -35.58
CA ALA G 127 92.18 -50.03 -35.66
C ALA G 127 91.92 -49.57 -34.23
N TYR G 128 92.31 -48.35 -33.91
CA TYR G 128 92.11 -47.81 -32.58
C TYR G 128 90.80 -47.04 -32.46
N PHE G 129 90.05 -47.36 -31.40
CA PHE G 129 88.77 -46.71 -31.16
C PHE G 129 88.73 -46.02 -29.80
N GLY G 130 88.35 -44.74 -29.81
CA GLY G 130 88.22 -43.97 -28.59
C GLY G 130 86.78 -43.54 -28.54
N ALA G 131 86.04 -43.98 -27.52
CA ALA G 131 84.63 -43.64 -27.41
C ALA G 131 84.28 -42.87 -26.17
N GLU G 132 83.43 -41.87 -26.35
CA GLU G 132 83.01 -41.03 -25.26
C GLU G 132 81.51 -41.01 -25.10
N ALA G 133 81.07 -41.78 -24.11
CA ALA G 133 79.68 -41.96 -23.84
C ALA G 133 79.18 -41.11 -22.68
N GLU G 134 78.19 -40.27 -23.00
CA GLU G 134 77.55 -39.40 -22.03
C GLU G 134 76.42 -40.22 -21.40
N PHE G 135 76.04 -39.85 -20.18
CA PHE G 135 74.95 -40.52 -19.49
C PHE G 135 74.27 -39.55 -18.53
N TYR G 136 73.08 -39.94 -18.05
CA TYR G 136 72.33 -39.13 -17.11
C TYR G 136 72.19 -39.86 -15.78
N ILE G 137 72.28 -39.10 -14.70
CA ILE G 137 72.15 -39.63 -13.35
C ILE G 137 70.80 -39.15 -12.81
N PHE G 138 69.91 -40.10 -12.52
CA PHE G 138 68.59 -39.78 -12.00
C PHE G 138 68.41 -40.36 -10.60
N ASP G 139 67.31 -39.97 -9.95
CA ASP G 139 66.98 -40.47 -8.62
C ASP G 139 65.90 -41.53 -8.76
N SER G 140 65.09 -41.41 -9.81
CA SER G 140 64.01 -42.35 -10.03
C SER G 140 63.54 -42.39 -11.47
N VAL G 141 62.87 -43.50 -11.81
CA VAL G 141 62.29 -43.72 -13.12
C VAL G 141 61.14 -44.70 -13.00
N SER G 142 60.01 -44.34 -13.59
CA SER G 142 58.84 -45.21 -13.57
C SER G 142 58.11 -45.01 -14.90
N PHE G 143 57.41 -46.05 -15.35
CA PHE G 143 56.67 -46.01 -16.61
C PHE G 143 55.81 -47.24 -16.75
N ASP G 144 54.84 -47.17 -17.67
CA ASP G 144 53.99 -48.30 -17.98
C ASP G 144 53.21 -48.06 -19.25
N SER G 145 52.62 -49.12 -19.78
CA SER G 145 51.84 -49.07 -21.00
C SER G 145 50.63 -49.94 -20.77
N ARG G 146 49.45 -49.33 -20.74
CA ARG G 146 48.20 -50.03 -20.51
C ARG G 146 47.23 -49.77 -21.65
N ALA G 147 46.08 -50.42 -21.60
CA ALA G 147 45.07 -50.25 -22.63
C ALA G 147 44.51 -48.85 -22.72
N ASN G 148 44.28 -48.23 -21.56
CA ASN G 148 43.68 -46.91 -21.49
C ASN G 148 44.63 -45.77 -21.11
N GLY G 149 45.91 -46.06 -21.01
CA GLY G 149 46.84 -45.02 -20.65
C GLY G 149 48.27 -45.49 -20.66
N SER G 150 49.19 -44.53 -20.59
CA SER G 150 50.61 -44.82 -20.59
C SER G 150 51.33 -43.60 -20.05
N PHE G 151 52.49 -43.82 -19.45
CA PHE G 151 53.27 -42.72 -18.91
C PHE G 151 54.72 -43.11 -18.68
N TYR G 152 55.54 -42.10 -18.43
CA TYR G 152 56.95 -42.30 -18.07
C TYR G 152 57.28 -41.08 -17.25
N GLU G 153 58.25 -41.24 -16.37
CA GLU G 153 58.68 -40.14 -15.53
C GLU G 153 60.05 -40.43 -14.95
N VAL G 154 61.01 -39.57 -15.30
CA VAL G 154 62.36 -39.67 -14.76
C VAL G 154 62.46 -38.46 -13.84
N ASP G 155 63.20 -38.59 -12.75
CA ASP G 155 63.31 -37.47 -11.83
C ASP G 155 64.64 -37.44 -11.13
N ALA G 156 65.02 -36.24 -10.71
CA ALA G 156 66.25 -35.99 -9.99
C ALA G 156 65.97 -34.83 -9.07
N ILE G 157 66.39 -34.98 -7.82
CA ILE G 157 66.20 -33.96 -6.78
C ILE G 157 66.62 -32.59 -7.29
N SER G 158 67.78 -32.53 -7.93
CA SER G 158 68.34 -31.29 -8.46
C SER G 158 67.94 -30.95 -9.90
N GLY G 159 66.91 -31.61 -10.42
CA GLY G 159 66.47 -31.34 -11.77
C GLY G 159 65.92 -29.92 -11.90
N TRP G 160 66.29 -29.24 -12.97
CA TRP G 160 65.87 -27.86 -13.21
C TRP G 160 64.36 -27.63 -13.30
N TRP G 161 63.61 -28.72 -13.48
CA TRP G 161 62.15 -28.64 -13.56
C TRP G 161 61.52 -28.68 -12.17
N ASN G 162 62.37 -28.80 -11.14
CA ASN G 162 61.91 -28.87 -9.75
C ASN G 162 62.20 -27.62 -8.89
N THR G 163 62.44 -26.48 -9.54
CA THR G 163 62.72 -25.25 -8.78
C THR G 163 61.57 -24.83 -7.87
N GLY G 164 60.35 -25.18 -8.26
CA GLY G 164 59.17 -24.82 -7.49
C GLY G 164 58.74 -25.79 -6.40
N ALA G 165 59.47 -26.88 -6.22
CA ALA G 165 59.12 -27.87 -5.21
C ALA G 165 59.12 -27.26 -3.81
N ALA G 166 57.98 -27.41 -3.12
CA ALA G 166 57.81 -26.88 -1.76
C ALA G 166 58.81 -27.53 -0.81
N THR G 167 58.98 -28.84 -0.97
CA THR G 167 59.93 -29.63 -0.18
C THR G 167 60.43 -30.75 -1.09
N GLU G 168 61.56 -31.35 -0.73
CA GLU G 168 62.11 -32.44 -1.52
C GLU G 168 61.27 -33.70 -1.38
N ALA G 169 61.62 -34.73 -2.17
CA ALA G 169 60.92 -36.00 -2.13
C ALA G 169 60.88 -36.56 -0.71
N ASP G 170 62.02 -36.50 -0.03
CA ASP G 170 62.15 -37.00 1.33
C ASP G 170 61.66 -36.06 2.44
N GLY G 171 60.88 -35.03 2.05
CA GLY G 171 60.36 -34.10 3.04
C GLY G 171 61.30 -32.97 3.44
N SER G 172 62.59 -33.09 3.13
CA SER G 172 63.57 -32.07 3.46
C SER G 172 63.33 -30.79 2.64
N PRO G 173 63.87 -29.64 3.10
CA PRO G 173 63.66 -28.40 2.35
C PRO G 173 64.37 -28.28 1.01
N ASN G 174 63.75 -27.52 0.11
CA ASN G 174 64.29 -27.26 -1.22
C ASN G 174 65.37 -26.20 -1.02
N ARG G 175 66.62 -26.57 -1.30
CA ARG G 175 67.73 -25.65 -1.12
C ARG G 175 68.20 -24.93 -2.39
N GLY G 176 67.47 -25.12 -3.47
CA GLY G 176 67.81 -24.47 -4.73
C GLY G 176 69.01 -25.01 -5.47
N TYR G 177 69.63 -24.14 -6.27
CA TYR G 177 70.78 -24.50 -7.09
C TYR G 177 70.45 -25.56 -8.14
N LYS G 178 69.19 -25.56 -8.57
CA LYS G 178 68.68 -26.50 -9.57
C LYS G 178 68.68 -25.87 -10.96
N VAL G 179 68.43 -24.56 -11.02
CA VAL G 179 68.37 -23.82 -12.28
C VAL G 179 69.59 -23.97 -13.17
N ARG G 180 69.30 -24.07 -14.46
CA ARG G 180 70.28 -24.25 -15.50
C ARG G 180 70.48 -22.87 -16.14
N HIS G 181 71.54 -22.17 -15.74
CA HIS G 181 71.84 -20.82 -16.22
C HIS G 181 72.48 -20.69 -17.59
N LYS G 182 72.26 -19.53 -18.21
CA LYS G 182 72.82 -19.18 -19.50
C LYS G 182 74.27 -18.75 -19.25
N GLY G 183 75.16 -19.03 -20.19
CA GLY G 183 76.55 -18.64 -20.02
C GLY G 183 77.55 -19.77 -19.92
N GLY G 184 77.22 -20.77 -19.12
CA GLY G 184 78.11 -21.91 -18.95
C GLY G 184 77.36 -23.07 -18.35
N TYR G 185 77.55 -24.25 -18.92
CA TYR G 185 76.86 -25.43 -18.42
C TYR G 185 77.69 -26.43 -17.61
N PHE G 186 78.85 -25.99 -17.14
CA PHE G 186 79.72 -26.82 -16.29
C PHE G 186 80.05 -26.07 -15.00
N PRO G 187 79.04 -25.45 -14.34
CA PRO G 187 79.33 -24.71 -13.11
C PRO G 187 79.86 -25.56 -11.96
N VAL G 188 80.62 -24.92 -11.09
CA VAL G 188 81.17 -25.59 -9.91
C VAL G 188 80.07 -25.75 -8.86
N ALA G 189 80.37 -26.50 -7.80
CA ALA G 189 79.41 -26.71 -6.72
C ALA G 189 79.10 -25.36 -6.07
N PRO G 190 77.91 -25.21 -5.45
CA PRO G 190 76.85 -26.22 -5.34
C PRO G 190 75.92 -26.41 -6.53
N ASN G 191 76.14 -25.69 -7.63
CA ASN G 191 75.29 -25.87 -8.82
C ASN G 191 75.52 -27.28 -9.33
N ASP G 192 76.76 -27.74 -9.22
CA ASP G 192 77.15 -29.09 -9.61
C ASP G 192 76.86 -29.93 -8.38
N GLN G 193 75.79 -30.73 -8.46
CA GLN G 193 75.38 -31.55 -7.35
C GLN G 193 75.80 -33.00 -7.39
N TYR G 194 76.68 -33.36 -8.33
CA TYR G 194 77.13 -34.74 -8.46
C TYR G 194 78.63 -34.92 -8.40
N VAL G 195 79.33 -33.94 -7.84
CA VAL G 195 80.78 -33.99 -7.76
C VAL G 195 81.34 -35.26 -7.11
N ASP G 196 80.88 -35.59 -5.91
CA ASP G 196 81.37 -36.77 -5.22
C ASP G 196 81.04 -38.09 -5.90
N LEU G 197 79.86 -38.17 -6.50
CA LEU G 197 79.43 -39.38 -7.20
C LEU G 197 80.32 -39.60 -8.42
N ARG G 198 80.51 -38.56 -9.23
CA ARG G 198 81.34 -38.68 -10.42
C ARG G 198 82.76 -39.07 -10.06
N ASP G 199 83.25 -38.56 -8.93
CA ASP G 199 84.60 -38.88 -8.48
C ASP G 199 84.67 -40.36 -8.12
N LYS G 200 83.59 -40.89 -7.55
CA LYS G 200 83.54 -42.31 -7.18
C LYS G 200 83.57 -43.14 -8.45
N MET G 201 82.85 -42.68 -9.48
CA MET G 201 82.80 -43.37 -10.76
C MET G 201 84.20 -43.37 -11.36
N LEU G 202 84.86 -42.21 -11.36
CA LEU G 202 86.21 -42.06 -11.90
C LEU G 202 87.21 -42.94 -11.14
N THR G 203 87.10 -42.94 -9.82
CA THR G 203 87.98 -43.73 -8.98
C THR G 203 87.82 -45.22 -9.31
N ASN G 204 86.57 -45.66 -9.49
CA ASN G 204 86.29 -47.05 -9.83
C ASN G 204 86.83 -47.42 -11.20
N LEU G 205 86.73 -46.49 -12.16
CA LEU G 205 87.24 -46.73 -13.51
C LEU G 205 88.76 -46.90 -13.46
N ILE G 206 89.42 -45.99 -12.75
CA ILE G 206 90.87 -46.04 -12.63
C ILE G 206 91.33 -47.32 -11.93
N ASN G 207 90.61 -47.74 -10.90
CA ASN G 207 90.94 -48.98 -10.19
C ASN G 207 90.64 -50.21 -11.04
N SER G 208 89.85 -50.01 -12.09
CA SER G 208 89.48 -51.10 -13.00
C SER G 208 90.31 -51.10 -14.28
N GLY G 209 91.46 -50.44 -14.25
CA GLY G 209 92.35 -50.44 -15.41
C GLY G 209 92.18 -49.39 -16.50
N PHE G 210 91.25 -48.46 -16.34
CA PHE G 210 91.08 -47.42 -17.34
C PHE G 210 92.22 -46.42 -17.24
N ILE G 211 92.72 -46.01 -18.40
CA ILE G 211 93.84 -45.07 -18.46
C ILE G 211 93.35 -43.67 -18.78
N LEU G 212 93.64 -42.74 -17.89
CA LEU G 212 93.26 -41.34 -18.01
C LEU G 212 94.56 -40.53 -18.11
N GLU G 213 94.80 -39.86 -19.22
CA GLU G 213 96.00 -39.05 -19.37
C GLU G 213 95.66 -37.66 -19.86
N LYS G 214 96.32 -37.30 -20.95
CA LYS G 214 96.27 -36.05 -21.70
C LYS G 214 94.90 -35.36 -21.66
N GLY G 215 94.06 -35.58 -22.68
CA GLY G 215 92.77 -34.91 -22.73
C GLY G 215 91.64 -35.77 -22.24
N HIS G 216 91.88 -36.51 -21.15
CA HIS G 216 90.86 -37.37 -20.56
C HIS G 216 90.33 -36.64 -19.34
N HIS G 217 89.05 -36.27 -19.41
CA HIS G 217 88.40 -35.51 -18.36
C HIS G 217 87.19 -36.19 -17.75
N GLU G 218 86.83 -35.65 -16.60
CA GLU G 218 85.61 -36.02 -15.93
C GLU G 218 84.78 -34.74 -15.98
N VAL G 219 83.61 -34.77 -16.61
CA VAL G 219 82.82 -33.56 -16.74
C VAL G 219 81.34 -33.80 -16.42
N GLY G 220 80.67 -32.77 -15.91
CA GLY G 220 79.27 -32.88 -15.58
C GLY G 220 78.49 -31.61 -15.85
N SER G 221 77.25 -31.77 -16.27
CA SER G 221 76.36 -30.65 -16.57
C SER G 221 74.98 -31.09 -16.09
N GLY G 222 74.56 -30.53 -14.97
CA GLY G 222 73.28 -30.92 -14.41
C GLY G 222 73.40 -32.37 -14.01
N GLY G 223 72.46 -33.19 -14.46
CA GLY G 223 72.52 -34.61 -14.15
C GLY G 223 73.30 -35.39 -15.20
N GLN G 224 73.69 -34.73 -16.28
CA GLN G 224 74.47 -35.39 -17.32
C GLN G 224 75.96 -35.41 -17.00
N ALA G 225 76.64 -36.46 -17.43
CA ALA G 225 78.06 -36.59 -17.17
C ALA G 225 78.77 -37.41 -18.24
N GLU G 226 80.09 -37.37 -18.20
CA GLU G 226 80.92 -38.10 -19.13
C GLU G 226 82.33 -38.17 -18.56
N ILE G 227 82.92 -39.36 -18.64
CA ILE G 227 84.29 -39.56 -18.20
C ILE G 227 84.95 -40.29 -19.36
N ASN G 228 85.84 -39.59 -20.07
CA ASN G 228 86.52 -40.22 -21.18
C ASN G 228 87.86 -40.81 -20.76
N TYR G 229 88.29 -41.83 -21.49
CA TYR G 229 89.52 -42.54 -21.18
C TYR G 229 90.26 -42.89 -22.46
N GLN G 230 91.45 -43.45 -22.30
CA GLN G 230 92.29 -43.81 -23.44
C GLN G 230 91.71 -44.89 -24.34
N PHE G 231 91.89 -44.67 -25.64
CA PHE G 231 91.43 -45.58 -26.70
C PHE G 231 92.03 -46.97 -26.55
N ASN G 232 91.61 -47.87 -27.43
CA ASN G 232 92.11 -49.24 -27.42
C ASN G 232 91.82 -49.84 -28.79
N SER G 233 92.39 -51.00 -29.07
CA SER G 233 92.12 -51.68 -30.35
C SER G 233 90.64 -52.04 -30.37
N LEU G 234 90.04 -52.02 -31.56
CA LEU G 234 88.61 -52.28 -31.74
C LEU G 234 87.89 -53.18 -30.72
N LEU G 235 88.19 -54.48 -30.71
CA LEU G 235 87.53 -55.41 -29.79
C LEU G 235 87.62 -54.98 -28.32
N HIS G 236 88.83 -54.72 -27.86
CA HIS G 236 89.03 -54.32 -26.46
C HIS G 236 88.45 -52.97 -26.12
N ALA G 237 88.26 -52.11 -27.12
CA ALA G 237 87.66 -50.80 -26.91
C ALA G 237 86.18 -51.05 -26.62
N ALA G 238 85.60 -52.00 -27.34
CA ALA G 238 84.20 -52.37 -27.17
C ALA G 238 84.00 -53.02 -25.80
N ASP G 239 84.98 -53.81 -25.36
CA ASP G 239 84.92 -54.45 -24.05
C ASP G 239 85.00 -53.37 -22.98
N ASP G 240 85.84 -52.36 -23.23
CA ASP G 240 86.03 -51.23 -22.32
C ASP G 240 84.74 -50.43 -22.16
N MET G 241 83.99 -50.29 -23.25
CA MET G 241 82.73 -49.56 -23.24
C MET G 241 81.70 -50.27 -22.37
N GLN G 242 81.63 -51.59 -22.50
CA GLN G 242 80.72 -52.39 -21.70
C GLN G 242 81.09 -52.30 -20.22
N LEU G 243 82.39 -52.30 -19.94
CA LEU G 243 82.93 -52.21 -18.58
C LEU G 243 82.59 -50.84 -18.00
N TYR G 244 82.79 -49.80 -18.81
CA TYR G 244 82.51 -48.42 -18.43
C TYR G 244 81.05 -48.29 -18.02
N LYS G 245 80.14 -48.75 -18.87
CA LYS G 245 78.70 -48.68 -18.57
C LYS G 245 78.39 -49.45 -17.28
N TYR G 246 79.00 -50.61 -17.11
CA TYR G 246 78.81 -51.43 -15.93
C TYR G 246 79.24 -50.67 -14.66
N ILE G 247 80.42 -50.07 -14.72
CA ILE G 247 80.96 -49.32 -13.59
C ILE G 247 80.17 -48.05 -13.29
N ILE G 248 79.74 -47.35 -14.33
CA ILE G 248 78.96 -46.13 -14.14
C ILE G 248 77.61 -46.47 -13.53
N LYS G 249 76.90 -47.44 -14.12
CA LYS G 249 75.59 -47.84 -13.64
C LYS G 249 75.55 -48.36 -12.21
N ASN G 250 76.55 -49.17 -11.83
CA ASN G 250 76.59 -49.73 -10.50
C ASN G 250 77.15 -48.84 -9.42
N THR G 251 77.99 -47.87 -9.81
CA THR G 251 78.53 -46.92 -8.83
C THR G 251 77.33 -46.07 -8.42
N ALA G 252 76.52 -45.69 -9.40
CA ALA G 252 75.32 -44.89 -9.14
C ALA G 252 74.36 -45.70 -8.28
N TRP G 253 74.14 -46.96 -8.67
CA TRP G 253 73.24 -47.84 -7.96
C TRP G 253 73.60 -48.02 -6.48
N GLN G 254 74.88 -48.18 -6.20
CA GLN G 254 75.34 -48.34 -4.83
C GLN G 254 75.27 -47.04 -4.03
N ASN G 255 75.03 -45.94 -4.72
CA ASN G 255 74.95 -44.64 -4.08
C ASN G 255 73.57 -44.01 -4.17
N GLY G 256 72.55 -44.87 -4.23
CA GLY G 256 71.17 -44.41 -4.28
C GLY G 256 70.66 -43.74 -5.53
N LYS G 257 71.35 -43.91 -6.66
CA LYS G 257 70.91 -43.30 -7.91
C LYS G 257 70.65 -44.36 -8.96
N THR G 258 70.22 -43.91 -10.13
CA THR G 258 69.94 -44.78 -11.26
C THR G 258 70.39 -44.04 -12.53
N VAL G 259 71.26 -44.68 -13.29
CA VAL G 259 71.82 -44.11 -14.52
C VAL G 259 71.20 -44.65 -15.80
N THR G 260 71.12 -43.79 -16.81
CA THR G 260 70.63 -44.21 -18.13
C THR G 260 71.54 -43.69 -19.23
N PHE G 261 71.85 -44.58 -20.17
CA PHE G 261 72.68 -44.24 -21.32
C PHE G 261 71.77 -44.05 -22.54
N MET G 262 70.45 -44.01 -22.34
CA MET G 262 69.55 -43.83 -23.46
C MET G 262 69.82 -42.47 -24.10
N PRO G 263 69.74 -42.40 -25.44
CA PRO G 263 69.98 -41.20 -26.23
C PRO G 263 69.25 -39.92 -25.85
N LYS G 264 67.97 -40.02 -25.55
CA LYS G 264 67.18 -38.84 -25.22
C LYS G 264 66.18 -39.09 -24.09
N PRO G 265 66.64 -39.06 -22.83
CA PRO G 265 65.74 -39.29 -21.70
C PRO G 265 64.94 -38.04 -21.34
N LEU G 266 65.49 -36.87 -21.68
CA LEU G 266 64.85 -35.60 -21.38
C LEU G 266 64.48 -34.80 -22.61
N PHE G 267 63.23 -34.36 -22.66
CA PHE G 267 62.72 -33.55 -23.75
C PHE G 267 63.03 -32.10 -23.38
N GLY G 268 63.86 -31.44 -24.16
CA GLY G 268 64.21 -30.07 -23.86
C GLY G 268 65.54 -29.96 -23.14
N ASP G 269 66.33 -31.03 -23.24
CA ASP G 269 67.65 -31.05 -22.64
C ASP G 269 68.53 -31.88 -23.57
N ASN G 270 69.84 -31.70 -23.45
CA ASN G 270 70.82 -32.39 -24.27
C ASN G 270 70.67 -33.91 -24.29
N GLY G 271 70.86 -34.49 -25.48
CA GLY G 271 70.79 -35.93 -25.63
C GLY G 271 72.14 -36.52 -25.23
N SER G 272 72.24 -37.85 -25.18
CA SER G 272 73.51 -38.48 -24.82
C SER G 272 74.07 -39.23 -26.02
N GLY G 273 75.26 -38.85 -26.45
CA GLY G 273 75.88 -39.51 -27.59
C GLY G 273 77.17 -40.21 -27.26
N MET G 274 77.70 -40.90 -28.26
CA MET G 274 78.96 -41.63 -28.13
C MET G 274 79.86 -41.27 -29.31
N HIS G 275 80.69 -40.25 -29.12
CA HIS G 275 81.61 -39.80 -30.14
C HIS G 275 82.71 -40.82 -30.27
N CYS G 276 82.88 -41.36 -31.47
CA CYS G 276 83.89 -42.38 -31.70
C CYS G 276 85.06 -41.94 -32.56
N HIS G 277 86.22 -41.83 -31.92
CA HIS G 277 87.46 -41.45 -32.57
C HIS G 277 88.08 -42.72 -33.12
N GLN G 278 88.48 -42.69 -34.38
CA GLN G 278 89.06 -43.84 -35.03
C GLN G 278 90.30 -43.47 -35.81
N SER G 279 91.17 -44.46 -35.97
CA SER G 279 92.42 -44.27 -36.69
C SER G 279 93.07 -45.63 -36.98
N LEU G 280 93.71 -45.74 -38.14
CA LEU G 280 94.38 -46.98 -38.54
C LEU G 280 95.89 -46.84 -38.38
N TRP G 281 96.51 -47.93 -37.93
CA TRP G 281 97.95 -47.99 -37.73
C TRP G 281 98.51 -49.26 -38.35
N LYS G 282 99.81 -49.23 -38.67
CA LYS G 282 100.48 -50.38 -39.28
C LYS G 282 101.94 -50.36 -38.86
N ASP G 283 102.41 -51.50 -38.35
CA ASP G 283 103.79 -51.66 -37.90
C ASP G 283 104.20 -50.60 -36.88
N GLY G 284 103.26 -50.26 -36.00
CA GLY G 284 103.52 -49.27 -34.95
C GLY G 284 103.53 -47.82 -35.39
N ALA G 285 103.11 -47.57 -36.62
CA ALA G 285 103.09 -46.21 -37.15
C ALA G 285 101.70 -45.79 -37.64
N PRO G 286 101.37 -44.50 -37.47
CA PRO G 286 100.08 -43.93 -37.90
C PRO G 286 99.93 -43.84 -39.41
N LEU G 287 98.69 -44.01 -39.87
CA LEU G 287 98.38 -43.97 -41.30
C LEU G 287 97.38 -42.86 -41.65
N MET G 288 96.95 -42.10 -40.65
CA MET G 288 95.96 -41.05 -40.86
C MET G 288 96.51 -39.65 -41.19
N TYR G 289 97.78 -39.41 -40.88
CA TYR G 289 98.39 -38.10 -41.11
C TYR G 289 99.06 -37.84 -42.46
N ASP G 290 99.05 -36.55 -42.85
CA ASP G 290 99.64 -36.06 -44.08
C ASP G 290 99.55 -34.53 -44.07
N GLU G 291 100.70 -33.86 -43.88
CA GLU G 291 100.76 -32.40 -43.83
C GLU G 291 100.09 -31.70 -45.00
N THR G 292 100.24 -32.29 -46.18
CA THR G 292 99.69 -31.73 -47.42
C THR G 292 98.17 -31.82 -47.57
N GLY G 293 97.55 -32.78 -46.90
CA GLY G 293 96.11 -32.93 -47.02
C GLY G 293 95.29 -32.01 -46.12
N TYR G 294 94.02 -31.84 -46.47
CA TYR G 294 93.11 -31.00 -45.70
C TYR G 294 92.99 -31.56 -44.28
N ALA G 295 93.13 -30.69 -43.28
CA ALA G 295 93.05 -31.07 -41.88
C ALA G 295 94.13 -32.08 -41.48
N GLY G 296 95.19 -32.15 -42.28
CA GLY G 296 96.29 -33.07 -42.00
C GLY G 296 95.93 -34.52 -42.24
N LEU G 297 94.96 -34.75 -43.13
CA LEU G 297 94.49 -36.09 -43.43
C LEU G 297 95.14 -36.76 -44.63
N SER G 298 95.49 -38.02 -44.46
CA SER G 298 96.10 -38.82 -45.53
C SER G 298 95.02 -39.27 -46.50
N ASP G 299 95.44 -39.91 -47.60
CA ASP G 299 94.49 -40.42 -48.60
C ASP G 299 93.65 -41.51 -47.95
N THR G 300 94.31 -42.32 -47.12
CA THR G 300 93.68 -43.42 -46.40
C THR G 300 92.58 -42.90 -45.49
N ALA G 301 92.89 -41.87 -44.72
CA ALA G 301 91.93 -41.26 -43.79
C ALA G 301 90.74 -40.64 -44.53
N ARG G 302 91.00 -39.94 -45.63
CA ARG G 302 89.95 -39.31 -46.41
C ARG G 302 89.01 -40.33 -47.03
N HIS G 303 89.56 -41.45 -47.49
CA HIS G 303 88.76 -42.52 -48.10
C HIS G 303 87.91 -43.20 -47.03
N TYR G 304 88.47 -43.30 -45.83
CA TYR G 304 87.79 -43.90 -44.69
C TYR G 304 86.55 -43.05 -44.40
N ILE G 305 86.75 -41.73 -44.37
CA ILE G 305 85.66 -40.77 -44.15
C ILE G 305 84.63 -40.90 -45.28
N GLY G 306 85.12 -41.15 -46.49
CA GLY G 306 84.23 -41.32 -47.63
C GLY G 306 83.32 -42.52 -47.41
N GLY G 307 83.88 -43.57 -46.81
CA GLY G 307 83.12 -44.77 -46.52
C GLY G 307 82.07 -44.53 -45.45
N LEU G 308 82.45 -43.84 -44.39
CA LEU G 308 81.54 -43.52 -43.30
C LEU G 308 80.36 -42.70 -43.80
N LEU G 309 80.64 -41.63 -44.55
CA LEU G 309 79.58 -40.76 -45.08
C LEU G 309 78.71 -41.45 -46.13
N HIS G 310 79.33 -42.28 -46.96
CA HIS G 310 78.58 -42.99 -48.00
C HIS G 310 77.67 -44.04 -47.40
N HIS G 311 78.18 -44.78 -46.43
CA HIS G 311 77.43 -45.86 -45.78
C HIS G 311 76.59 -45.48 -44.57
N ALA G 312 76.69 -44.23 -44.14
CA ALA G 312 75.94 -43.74 -42.98
C ALA G 312 74.47 -44.16 -42.90
N PRO G 313 73.70 -44.05 -43.99
CA PRO G 313 72.30 -44.46 -43.94
C PRO G 313 72.04 -45.88 -43.43
N SER G 314 72.98 -46.79 -43.69
CA SER G 314 72.83 -48.16 -43.23
C SER G 314 73.66 -48.40 -41.96
N LEU G 315 74.81 -47.72 -41.88
CA LEU G 315 75.72 -47.82 -40.74
C LEU G 315 74.98 -47.48 -39.44
N LEU G 316 74.09 -46.49 -39.51
CA LEU G 316 73.33 -46.05 -38.35
C LEU G 316 72.44 -47.14 -37.75
N ALA G 317 72.21 -48.22 -38.49
CA ALA G 317 71.39 -49.32 -37.99
C ALA G 317 72.11 -50.05 -36.84
N PHE G 318 73.44 -49.90 -36.77
CA PHE G 318 74.25 -50.51 -35.71
C PHE G 318 74.83 -49.45 -34.79
N THR G 319 74.94 -48.24 -35.33
CA THR G 319 75.53 -47.12 -34.64
C THR G 319 74.52 -46.29 -33.81
N ASN G 320 73.26 -46.27 -34.24
CA ASN G 320 72.14 -45.58 -33.57
C ASN G 320 70.97 -46.53 -33.81
N PRO G 321 71.02 -47.72 -33.18
CA PRO G 321 70.08 -48.84 -33.30
C PRO G 321 68.72 -48.79 -32.54
N THR G 322 68.36 -47.68 -31.92
CA THR G 322 67.09 -47.65 -31.20
C THR G 322 66.14 -46.56 -31.69
N VAL G 323 64.86 -46.71 -31.36
CA VAL G 323 63.85 -45.72 -31.74
C VAL G 323 64.18 -44.40 -31.04
N ASN G 324 64.66 -44.48 -29.80
CA ASN G 324 65.01 -43.31 -29.01
C ASN G 324 66.22 -42.56 -29.59
N SER G 325 67.05 -43.29 -30.34
CA SER G 325 68.23 -42.70 -30.98
C SER G 325 67.84 -41.52 -31.86
N TYR G 326 66.67 -41.60 -32.49
CA TYR G 326 66.20 -40.54 -33.40
C TYR G 326 65.50 -39.38 -32.74
N LYS G 327 65.53 -39.32 -31.42
CA LYS G 327 64.95 -38.19 -30.69
C LYS G 327 66.14 -37.27 -30.41
N ARG G 328 67.35 -37.83 -30.48
CA ARG G 328 68.59 -37.09 -30.31
C ARG G 328 69.03 -36.61 -31.71
N LEU G 329 68.99 -37.52 -32.68
CA LEU G 329 69.35 -37.23 -34.06
C LEU G 329 68.16 -36.56 -34.75
N VAL G 330 67.97 -35.29 -34.42
CA VAL G 330 66.85 -34.51 -34.93
C VAL G 330 67.33 -33.04 -34.94
N PRO G 331 66.83 -32.21 -35.89
CA PRO G 331 67.23 -30.78 -35.97
C PRO G 331 67.13 -30.03 -34.62
N GLY G 332 68.26 -29.51 -34.15
CA GLY G 332 68.25 -28.80 -32.88
C GLY G 332 69.61 -28.48 -32.27
N TYR G 333 69.94 -29.19 -31.17
CA TYR G 333 71.19 -29.01 -30.42
C TYR G 333 72.47 -29.27 -31.22
N GLU G 334 72.46 -28.94 -32.50
CA GLU G 334 73.59 -29.12 -33.40
C GLU G 334 73.86 -30.62 -33.45
N ALA G 335 72.79 -31.36 -33.80
CA ALA G 335 72.84 -32.81 -33.88
C ALA G 335 73.66 -33.27 -35.08
N PRO G 336 74.57 -34.24 -34.87
CA PRO G 336 75.43 -34.76 -35.93
C PRO G 336 74.62 -35.51 -36.99
N ILE G 337 73.80 -34.76 -37.73
CA ILE G 337 72.96 -35.32 -38.79
C ILE G 337 73.42 -34.93 -40.19
N ASN G 338 74.37 -34.00 -40.27
CA ASN G 338 74.89 -33.52 -41.54
C ASN G 338 76.01 -34.40 -42.08
N LEU G 339 75.72 -35.06 -43.21
CA LEU G 339 76.66 -35.96 -43.86
C LEU G 339 77.87 -35.32 -44.53
N VAL G 340 78.69 -34.64 -43.74
CA VAL G 340 79.89 -33.99 -44.23
C VAL G 340 80.95 -34.04 -43.14
N TYR G 341 82.22 -33.82 -43.50
CA TYR G 341 83.30 -33.80 -42.50
C TYR G 341 83.72 -32.35 -42.26
N SER G 342 84.31 -32.08 -41.12
CA SER G 342 84.71 -30.71 -40.80
C SER G 342 85.66 -30.68 -39.61
N GLN G 343 86.19 -29.50 -39.32
CA GLN G 343 87.09 -29.29 -38.19
C GLN G 343 86.40 -28.37 -37.20
N ARG G 344 85.46 -27.57 -37.73
CA ARG G 344 84.70 -26.60 -36.94
C ARG G 344 83.33 -27.10 -36.50
N ASN G 345 82.47 -27.41 -37.48
CA ASN G 345 81.11 -27.89 -37.24
C ASN G 345 80.94 -29.12 -36.37
N ARG G 346 80.14 -28.96 -35.31
CA ARG G 346 79.86 -30.07 -34.40
C ARG G 346 78.59 -30.80 -34.82
N SER G 347 77.89 -30.23 -35.80
CA SER G 347 76.67 -30.81 -36.35
C SER G 347 77.04 -31.69 -37.55
N ALA G 348 78.34 -31.87 -37.77
CA ALA G 348 78.84 -32.68 -38.87
C ALA G 348 79.02 -34.10 -38.36
N CYS G 349 78.62 -35.08 -39.18
CA CYS G 349 78.75 -36.50 -38.84
C CYS G 349 80.18 -36.85 -38.45
N VAL G 350 81.12 -36.34 -39.22
CA VAL G 350 82.53 -36.60 -38.97
C VAL G 350 83.25 -35.28 -38.70
N ARG G 351 84.00 -35.23 -37.61
CA ARG G 351 84.76 -34.06 -37.26
C ARG G 351 86.21 -34.47 -37.07
N ILE G 352 87.12 -33.64 -37.57
CA ILE G 352 88.53 -33.93 -37.42
C ILE G 352 89.08 -33.02 -36.32
N PRO G 353 89.39 -33.62 -35.16
CA PRO G 353 89.92 -32.87 -34.02
C PRO G 353 91.20 -32.14 -34.40
N ILE G 354 91.31 -30.90 -33.94
CA ILE G 354 92.49 -30.10 -34.23
C ILE G 354 93.59 -30.57 -33.28
N THR G 355 94.54 -31.33 -33.82
CA THR G 355 95.63 -31.90 -33.04
C THR G 355 97.02 -31.42 -33.41
N GLY G 356 97.13 -30.58 -34.43
CA GLY G 356 98.42 -30.06 -34.82
C GLY G 356 99.20 -30.88 -35.83
N SER G 357 100.53 -30.85 -35.68
CA SER G 357 101.44 -31.57 -36.58
C SER G 357 101.82 -32.99 -36.16
N ASN G 358 101.47 -33.38 -34.94
CA ASN G 358 101.77 -34.71 -34.43
C ASN G 358 100.95 -35.78 -35.18
N PRO G 359 101.63 -36.61 -36.00
CA PRO G 359 100.96 -37.66 -36.77
C PRO G 359 100.25 -38.72 -35.94
N LYS G 360 100.76 -38.97 -34.74
CA LYS G 360 100.19 -39.97 -33.84
C LYS G 360 98.87 -39.55 -33.21
N ALA G 361 98.55 -38.26 -33.29
CA ALA G 361 97.32 -37.75 -32.72
C ALA G 361 96.21 -37.53 -33.75
N LYS G 362 96.55 -37.63 -35.04
CA LYS G 362 95.57 -37.44 -36.10
C LYS G 362 94.58 -38.59 -36.13
N ARG G 363 93.30 -38.24 -36.12
CA ARG G 363 92.23 -39.23 -36.12
C ARG G 363 90.94 -38.56 -36.56
N LEU G 364 89.94 -39.37 -36.88
CA LEU G 364 88.65 -38.84 -37.28
C LEU G 364 87.65 -39.18 -36.18
N GLU G 365 86.67 -38.31 -35.98
CA GLU G 365 85.66 -38.53 -34.97
C GLU G 365 84.26 -38.64 -35.54
N PHE G 366 83.68 -39.83 -35.45
CA PHE G 366 82.32 -40.05 -35.92
C PHE G 366 81.45 -39.65 -34.72
N ARG G 367 80.75 -38.52 -34.87
CA ARG G 367 79.92 -37.96 -33.82
C ARG G 367 78.50 -38.48 -33.68
N SER G 368 77.98 -39.05 -34.74
CA SER G 368 76.60 -39.53 -34.79
C SER G 368 76.17 -40.65 -33.82
N PRO G 369 77.06 -41.64 -33.54
CA PRO G 369 76.69 -42.74 -32.64
C PRO G 369 76.22 -42.36 -31.24
N ASP G 370 75.55 -43.32 -30.61
CA ASP G 370 75.08 -43.18 -29.24
C ASP G 370 75.36 -44.53 -28.57
N SER G 371 75.15 -44.63 -27.27
CA SER G 371 75.41 -45.90 -26.59
C SER G 371 74.17 -46.72 -26.28
N SER G 372 73.18 -46.65 -27.16
CA SER G 372 71.93 -47.37 -26.97
C SER G 372 71.97 -48.78 -27.56
N GLY G 373 73.13 -49.20 -28.06
CA GLY G 373 73.21 -50.51 -28.66
C GLY G 373 74.35 -51.42 -28.25
N ASN G 374 74.97 -52.02 -29.28
CA ASN G 374 76.06 -52.97 -29.11
C ASN G 374 77.35 -52.37 -29.65
N PRO G 375 78.32 -52.07 -28.76
CA PRO G 375 79.60 -51.47 -29.18
C PRO G 375 80.45 -52.38 -30.08
N TYR G 376 80.32 -53.70 -29.91
CA TYR G 376 81.09 -54.64 -30.72
C TYR G 376 80.63 -54.54 -32.17
N LEU G 377 79.32 -54.49 -32.38
CA LEU G 377 78.74 -54.38 -33.71
C LEU G 377 78.92 -52.98 -34.29
N ALA G 378 78.77 -51.95 -33.44
CA ALA G 378 78.90 -50.56 -33.88
C ALA G 378 80.32 -50.25 -34.36
N PHE G 379 81.31 -50.59 -33.56
CA PHE G 379 82.71 -50.36 -33.92
C PHE G 379 83.08 -51.14 -35.18
N SER G 380 82.67 -52.40 -35.24
CA SER G 380 82.93 -53.26 -36.39
C SER G 380 82.33 -52.67 -37.66
N ALA G 381 81.07 -52.25 -37.57
CA ALA G 381 80.37 -51.67 -38.71
C ALA G 381 81.06 -50.39 -39.18
N MET G 382 81.57 -49.60 -38.24
CA MET G 382 82.27 -48.37 -38.58
C MET G 382 83.56 -48.69 -39.34
N LEU G 383 84.28 -49.71 -38.89
CA LEU G 383 85.52 -50.13 -39.53
C LEU G 383 85.24 -50.62 -40.95
N MET G 384 84.23 -51.47 -41.09
CA MET G 384 83.86 -52.01 -42.40
C MET G 384 83.45 -50.92 -43.37
N ALA G 385 82.76 -49.89 -42.88
CA ALA G 385 82.35 -48.79 -43.73
C ALA G 385 83.60 -48.02 -44.19
N GLY G 386 84.52 -47.82 -43.25
CA GLY G 386 85.77 -47.12 -43.57
C GLY G 386 86.67 -47.89 -44.51
N LEU G 387 86.78 -49.20 -44.32
CA LEU G 387 87.61 -50.05 -45.16
C LEU G 387 87.05 -50.15 -46.59
N ASP G 388 85.73 -50.14 -46.72
CA ASP G 388 85.10 -50.20 -48.04
C ASP G 388 85.39 -48.88 -48.76
N GLY G 389 85.51 -47.81 -47.99
CA GLY G 389 85.81 -46.51 -48.56
C GLY G 389 87.23 -46.45 -49.07
N ILE G 390 88.13 -47.12 -48.33
CA ILE G 390 89.55 -47.17 -48.70
C ILE G 390 89.77 -48.05 -49.93
N LYS G 391 89.16 -49.23 -49.94
CA LYS G 391 89.29 -50.16 -51.06
C LYS G 391 88.72 -49.60 -52.36
N ASN G 392 87.57 -48.94 -52.28
CA ASN G 392 86.95 -48.35 -53.47
C ASN G 392 87.28 -46.87 -53.65
N LYS G 393 88.29 -46.41 -52.90
CA LYS G 393 88.75 -45.02 -52.94
C LYS G 393 87.63 -43.99 -53.01
N ILE G 394 86.60 -44.20 -52.20
CA ILE G 394 85.45 -43.32 -52.14
C ILE G 394 85.86 -41.93 -51.66
N GLU G 395 85.54 -40.92 -52.47
CA GLU G 395 85.87 -39.54 -52.14
C GLU G 395 84.69 -38.86 -51.47
N PRO G 396 84.90 -38.36 -50.24
CA PRO G 396 83.82 -37.66 -49.52
C PRO G 396 83.61 -36.30 -50.16
N GLN G 397 82.38 -35.79 -50.12
CA GLN G 397 82.13 -34.48 -50.69
C GLN G 397 82.96 -33.45 -49.92
N ALA G 398 83.19 -32.30 -50.54
CA ALA G 398 83.99 -31.25 -49.93
C ALA G 398 83.62 -30.91 -48.49
N PRO G 399 84.63 -30.84 -47.61
CA PRO G 399 84.43 -30.51 -46.19
C PRO G 399 83.83 -29.11 -46.04
N VAL G 400 83.16 -28.88 -44.91
CA VAL G 400 82.54 -27.59 -44.66
C VAL G 400 82.92 -27.04 -43.29
N ASP G 401 83.62 -25.91 -43.29
CA ASP G 401 84.03 -25.27 -42.04
C ASP G 401 83.19 -24.03 -41.71
N LYS G 402 82.38 -23.60 -42.68
CA LYS G 402 81.48 -22.46 -42.49
C LYS G 402 80.42 -22.99 -41.53
N ASP G 403 79.91 -22.14 -40.64
CA ASP G 403 78.88 -22.58 -39.71
C ASP G 403 77.67 -23.07 -40.52
N LEU G 404 77.40 -24.37 -40.42
CA LEU G 404 76.30 -25.01 -41.14
C LEU G 404 74.93 -24.44 -40.81
N TYR G 405 74.79 -23.92 -39.59
CA TYR G 405 73.53 -23.34 -39.14
C TYR G 405 73.11 -22.15 -40.02
N GLU G 406 73.96 -21.13 -40.10
CA GLU G 406 73.67 -19.97 -40.93
C GLU G 406 74.30 -20.14 -42.32
N LEU G 407 73.57 -20.81 -43.20
CA LEU G 407 74.03 -21.08 -44.55
C LEU G 407 72.88 -20.73 -45.51
N PRO G 408 73.18 -20.09 -46.65
CA PRO G 408 72.13 -19.73 -47.62
C PRO G 408 71.30 -20.96 -48.01
N PRO G 409 69.99 -20.94 -47.69
CA PRO G 409 69.00 -21.99 -47.95
C PRO G 409 69.16 -22.85 -49.20
N GLU G 410 69.69 -22.27 -50.28
CA GLU G 410 69.89 -23.01 -51.52
C GLU G 410 71.20 -23.79 -51.48
N GLU G 411 72.18 -23.24 -50.76
CA GLU G 411 73.50 -23.86 -50.60
C GLU G 411 73.45 -24.91 -49.48
N ALA G 412 72.46 -24.78 -48.60
CA ALA G 412 72.27 -25.70 -47.47
C ALA G 412 71.51 -26.96 -47.91
N ALA G 413 70.84 -26.87 -49.06
CA ALA G 413 70.09 -28.00 -49.59
C ALA G 413 71.02 -29.04 -50.23
N SER G 414 72.29 -28.68 -50.35
CA SER G 414 73.29 -29.57 -50.93
C SER G 414 73.98 -30.42 -49.84
N ILE G 415 73.53 -30.24 -48.59
CA ILE G 415 74.08 -30.99 -47.45
C ILE G 415 73.13 -32.14 -47.11
N PRO G 416 73.55 -33.39 -47.37
CA PRO G 416 72.74 -34.58 -47.09
C PRO G 416 72.58 -34.80 -45.59
N GLN G 417 71.40 -35.27 -45.20
CA GLN G 417 71.11 -35.54 -43.79
C GLN G 417 71.05 -37.04 -43.57
N THR G 418 71.22 -37.46 -42.32
CA THR G 418 71.13 -38.87 -41.95
C THR G 418 69.64 -39.19 -41.86
N PRO G 419 69.26 -40.48 -41.99
CA PRO G 419 67.83 -40.79 -41.89
C PRO G 419 67.32 -40.37 -40.50
N THR G 420 66.04 -40.05 -40.40
CA THR G 420 65.45 -39.59 -39.15
C THR G 420 64.61 -40.60 -38.38
N GLN G 421 64.63 -41.85 -38.81
CA GLN G 421 63.83 -42.89 -38.17
C GLN G 421 64.57 -44.22 -38.19
N LEU G 422 64.38 -45.04 -37.16
CA LEU G 422 65.03 -46.34 -37.08
C LEU G 422 64.56 -47.25 -38.23
N SER G 423 63.27 -47.21 -38.53
CA SER G 423 62.71 -48.02 -39.61
C SER G 423 63.41 -47.71 -40.94
N ASP G 424 63.85 -46.46 -41.10
CA ASP G 424 64.54 -46.01 -42.27
C ASP G 424 65.91 -46.64 -42.39
N VAL G 425 66.73 -46.48 -41.35
CA VAL G 425 68.08 -47.04 -41.36
C VAL G 425 68.07 -48.56 -41.45
N ILE G 426 67.03 -49.19 -40.90
CA ILE G 426 66.89 -50.64 -40.96
C ILE G 426 66.58 -51.04 -42.40
N ASP G 427 65.75 -50.25 -43.08
CA ASP G 427 65.41 -50.49 -44.48
C ASP G 427 66.65 -50.34 -45.34
N ARG G 428 67.46 -49.33 -45.03
CA ARG G 428 68.70 -49.05 -45.77
C ARG G 428 69.76 -50.13 -45.55
N LEU G 429 69.80 -50.70 -44.35
CA LEU G 429 70.74 -51.77 -44.02
C LEU G 429 70.37 -53.02 -44.82
N GLU G 430 69.07 -53.28 -44.90
CA GLU G 430 68.54 -54.43 -45.62
C GLU G 430 68.87 -54.34 -47.10
N ALA G 431 68.77 -53.12 -47.64
CA ALA G 431 69.04 -52.85 -49.05
C ALA G 431 70.51 -52.80 -49.43
N ASP G 432 71.36 -52.36 -48.51
CA ASP G 432 72.79 -52.25 -48.76
C ASP G 432 73.64 -52.63 -47.55
N HIS G 433 74.14 -53.86 -47.55
CA HIS G 433 74.98 -54.32 -46.44
C HIS G 433 76.16 -55.18 -46.89
N GLU G 434 76.51 -55.09 -48.18
CA GLU G 434 77.62 -55.88 -48.70
C GLU G 434 78.96 -55.52 -48.08
N TYR G 435 79.15 -54.25 -47.76
CA TYR G 435 80.40 -53.80 -47.15
C TYR G 435 80.61 -54.46 -45.79
N LEU G 436 79.51 -54.84 -45.15
CA LEU G 436 79.54 -55.49 -43.84
C LEU G 436 79.94 -56.96 -43.97
N THR G 437 79.46 -57.62 -45.02
CA THR G 437 79.75 -59.04 -45.24
C THR G 437 81.13 -59.34 -45.85
N GLU G 438 81.88 -58.29 -46.18
CA GLU G 438 83.23 -58.45 -46.73
C GLU G 438 84.08 -59.24 -45.76
N GLY G 439 84.86 -60.18 -46.28
CA GLY G 439 85.73 -60.99 -45.45
C GLY G 439 84.99 -61.86 -44.44
N GLY G 440 83.66 -61.91 -44.58
CA GLY G 440 82.84 -62.70 -43.66
C GLY G 440 82.70 -62.13 -42.25
N VAL G 441 83.04 -60.86 -42.06
CA VAL G 441 82.96 -60.22 -40.75
C VAL G 441 81.52 -60.27 -40.22
N PHE G 442 80.58 -59.82 -41.03
CA PHE G 442 79.17 -59.88 -40.70
C PHE G 442 78.60 -60.92 -41.69
N THR G 443 77.56 -61.63 -41.29
CA THR G 443 76.94 -62.61 -42.19
C THR G 443 75.55 -62.09 -42.51
N ASN G 444 75.00 -62.50 -43.67
CA ASN G 444 73.66 -62.07 -44.02
C ASN G 444 72.68 -62.53 -42.97
N ASP G 445 73.01 -63.68 -42.37
CA ASP G 445 72.22 -64.28 -41.31
C ASP G 445 72.10 -63.32 -40.12
N LEU G 446 73.24 -62.85 -39.62
CA LEU G 446 73.27 -61.93 -38.48
C LEU G 446 72.52 -60.64 -38.81
N ILE G 447 72.76 -60.11 -40.00
CA ILE G 447 72.13 -58.88 -40.46
C ILE G 447 70.61 -59.01 -40.56
N GLU G 448 70.12 -60.15 -41.04
CA GLU G 448 68.69 -60.40 -41.16
C GLU G 448 68.05 -60.54 -39.78
N THR G 449 68.80 -61.14 -38.86
CA THR G 449 68.34 -61.35 -37.48
C THR G 449 68.19 -60.00 -36.79
N TRP G 450 69.18 -59.14 -36.99
CA TRP G 450 69.19 -57.78 -36.42
C TRP G 450 67.99 -57.00 -36.94
N ILE G 451 67.78 -57.07 -38.24
CA ILE G 451 66.67 -56.39 -38.90
C ILE G 451 65.31 -56.85 -38.35
N SER G 452 65.16 -58.17 -38.17
CA SER G 452 63.93 -58.75 -37.63
C SER G 452 63.72 -58.36 -36.18
N PHE G 453 64.80 -58.42 -35.41
CA PHE G 453 64.78 -58.08 -33.99
C PHE G 453 64.26 -56.65 -33.80
N LYS G 454 64.85 -55.71 -34.53
CA LYS G 454 64.46 -54.31 -34.44
C LYS G 454 63.03 -54.05 -34.87
N ARG G 455 62.61 -54.68 -35.97
CA ARG G 455 61.27 -54.50 -36.48
C ARG G 455 60.19 -55.07 -35.56
N GLU G 456 60.42 -56.28 -35.09
CA GLU G 456 59.46 -56.97 -34.23
C GLU G 456 59.45 -56.57 -32.77
N ASN G 457 60.64 -56.32 -32.22
CA ASN G 457 60.77 -55.98 -30.81
C ASN G 457 60.84 -54.50 -30.45
N GLU G 458 61.09 -53.64 -31.43
CA GLU G 458 61.22 -52.21 -31.16
C GLU G 458 60.35 -51.31 -32.01
N ILE G 459 60.54 -51.37 -33.33
CA ILE G 459 59.78 -50.54 -34.25
C ILE G 459 58.27 -50.72 -34.18
N GLU G 460 57.82 -51.97 -34.33
CA GLU G 460 56.40 -52.29 -34.29
C GLU G 460 55.74 -51.98 -32.94
N PRO G 461 56.34 -52.44 -31.82
CA PRO G 461 55.76 -52.17 -30.50
C PRO G 461 55.52 -50.70 -30.19
N VAL G 462 56.46 -49.82 -30.56
CA VAL G 462 56.31 -48.39 -30.33
C VAL G 462 55.26 -47.81 -31.29
N ASN G 463 55.33 -48.27 -32.54
CA ASN G 463 54.42 -47.79 -33.57
C ASN G 463 52.92 -48.06 -33.35
N ILE G 464 52.58 -49.18 -32.73
CA ILE G 464 51.18 -49.50 -32.49
C ILE G 464 50.57 -48.83 -31.26
N ARG G 465 51.43 -48.30 -30.40
CA ARG G 465 51.00 -47.64 -29.17
C ARG G 465 50.81 -46.13 -29.29
N PRO G 466 49.59 -45.64 -29.04
CA PRO G 466 49.34 -44.20 -29.13
C PRO G 466 50.28 -43.43 -28.21
N HIS G 467 50.81 -42.32 -28.73
CA HIS G 467 51.73 -41.44 -28.00
C HIS G 467 50.87 -40.45 -27.18
N PRO G 468 51.31 -40.09 -25.96
CA PRO G 468 50.58 -39.15 -25.12
C PRO G 468 50.24 -37.83 -25.82
N TYR G 469 51.17 -37.33 -26.62
CA TYR G 469 50.97 -36.07 -27.32
C TYR G 469 49.85 -36.14 -28.35
N GLU G 470 49.50 -37.35 -28.78
CA GLU G 470 48.42 -37.54 -29.75
C GLU G 470 47.08 -37.19 -29.09
N PHE G 471 47.02 -37.29 -27.77
CA PHE G 471 45.80 -36.96 -27.05
C PHE G 471 45.65 -35.46 -26.92
N ALA G 472 46.78 -34.77 -26.76
CA ALA G 472 46.80 -33.32 -26.67
C ALA G 472 46.36 -32.78 -28.02
N LEU G 473 46.91 -33.39 -29.05
CA LEU G 473 46.68 -33.03 -30.43
C LEU G 473 45.29 -33.45 -31.00
N TYR G 474 44.84 -34.68 -30.70
CA TYR G 474 43.62 -35.20 -31.36
C TYR G 474 42.43 -35.64 -30.50
N TYR G 475 42.45 -35.60 -29.18
CA TYR G 475 41.27 -36.03 -28.45
C TYR G 475 40.01 -35.26 -28.87
N ASP G 476 40.20 -33.98 -29.21
CA ASP G 476 39.11 -33.08 -29.60
C ASP G 476 38.70 -33.06 -31.08
N VAL G 477 39.33 -33.86 -31.93
CA VAL G 477 39.01 -33.85 -33.36
C VAL G 477 37.54 -33.94 -33.76
N THR H 1 77.18 -93.52 3.08
CA THR H 1 78.09 -94.22 2.13
C THR H 1 79.50 -94.39 2.71
N GLU H 2 80.13 -93.28 3.10
CA GLU H 2 81.48 -93.33 3.64
C GLU H 2 81.71 -92.69 5.02
N LYS H 3 80.78 -91.87 5.50
CA LYS H 3 80.96 -91.25 6.81
C LYS H 3 80.59 -92.17 7.96
N THR H 4 81.49 -92.20 8.95
CA THR H 4 81.38 -93.04 10.13
C THR H 4 80.74 -92.31 11.31
N PRO H 5 80.07 -93.05 12.20
CA PRO H 5 79.45 -92.42 13.37
C PRO H 5 80.52 -91.61 14.14
N ASP H 6 81.75 -92.09 14.12
CA ASP H 6 82.83 -91.41 14.80
C ASP H 6 83.21 -90.10 14.11
N ASP H 7 83.02 -90.04 12.79
CA ASP H 7 83.27 -88.81 12.04
C ASP H 7 82.29 -87.74 12.52
N VAL H 8 81.04 -88.17 12.73
CA VAL H 8 79.97 -87.29 13.19
C VAL H 8 80.25 -86.78 14.60
N PHE H 9 80.70 -87.66 15.49
CA PHE H 9 81.02 -87.27 16.87
C PHE H 9 82.18 -86.27 16.89
N LYS H 10 83.13 -86.45 15.98
CA LYS H 10 84.28 -85.57 15.88
C LYS H 10 83.82 -84.20 15.39
N LEU H 11 82.92 -84.20 14.40
CA LEU H 11 82.36 -82.96 13.84
C LEU H 11 81.66 -82.20 14.96
N ALA H 12 80.85 -82.91 15.74
CA ALA H 12 80.12 -82.32 16.85
C ALA H 12 81.05 -81.73 17.91
N LYS H 13 82.11 -82.45 18.25
CA LYS H 13 83.07 -81.98 19.25
C LYS H 13 83.85 -80.76 18.76
N ASP H 14 84.39 -80.86 17.54
CA ASP H 14 85.18 -79.77 16.95
C ASP H 14 84.38 -78.48 16.78
N GLU H 15 83.12 -78.62 16.38
CA GLU H 15 82.25 -77.47 16.16
C GLU H 15 81.60 -76.94 17.44
N LYS H 16 81.83 -77.63 18.56
CA LYS H 16 81.27 -77.24 19.85
C LYS H 16 79.74 -77.14 19.76
N VAL H 17 79.16 -78.15 19.12
CA VAL H 17 77.73 -78.26 18.91
C VAL H 17 76.99 -78.38 20.24
N GLU H 18 75.92 -77.62 20.42
CA GLU H 18 75.16 -77.71 21.66
C GLU H 18 73.83 -78.44 21.50
N TYR H 19 73.32 -78.51 20.27
CA TYR H 19 72.06 -79.21 20.00
C TYR H 19 72.18 -80.08 18.76
N VAL H 20 71.39 -81.14 18.71
CA VAL H 20 71.35 -82.02 17.56
C VAL H 20 69.90 -82.03 17.07
N ASP H 21 69.72 -81.70 15.80
CA ASP H 21 68.38 -81.67 15.22
C ASP H 21 68.06 -82.98 14.53
N VAL H 22 67.06 -83.69 15.05
CA VAL H 22 66.63 -84.98 14.53
C VAL H 22 65.61 -84.75 13.42
N ARG H 23 66.01 -85.05 12.19
CA ARG H 23 65.14 -84.85 11.03
C ARG H 23 64.71 -86.13 10.32
N PHE H 24 63.48 -86.10 9.84
CA PHE H 24 62.91 -87.22 9.11
C PHE H 24 61.90 -86.63 8.13
N CYS H 25 61.67 -87.32 7.02
CA CYS H 25 60.79 -86.81 6.00
C CYS H 25 59.35 -87.28 6.08
N ASP H 26 58.41 -86.36 5.87
CA ASP H 26 57.01 -86.71 5.89
C ASP H 26 56.59 -87.20 4.49
N LEU H 27 55.35 -87.66 4.35
CA LEU H 27 54.87 -88.17 3.08
C LEU H 27 54.98 -87.19 1.90
N PRO H 28 54.27 -86.05 1.95
CA PRO H 28 54.35 -85.11 0.83
C PRO H 28 55.74 -84.58 0.45
N GLY H 29 56.66 -84.52 1.42
CA GLY H 29 58.01 -84.06 1.09
C GLY H 29 58.70 -83.02 1.96
N ILE H 30 58.06 -82.65 3.07
CA ILE H 30 58.63 -81.65 3.97
C ILE H 30 59.33 -82.29 5.16
N MET H 31 60.56 -81.88 5.43
CA MET H 31 61.32 -82.42 6.55
C MET H 31 60.74 -81.98 7.90
N GLN H 32 60.66 -82.93 8.83
CA GLN H 32 60.14 -82.70 10.17
C GLN H 32 61.32 -82.79 11.14
N HIS H 33 61.13 -82.29 12.35
CA HIS H 33 62.21 -82.35 13.32
C HIS H 33 61.83 -82.10 14.78
N PHE H 34 62.77 -82.44 15.64
CA PHE H 34 62.69 -82.21 17.07
C PHE H 34 64.15 -82.13 17.49
N THR H 35 64.43 -81.45 18.59
CA THR H 35 65.80 -81.25 19.01
C THR H 35 66.16 -81.87 20.36
N ILE H 36 67.38 -82.37 20.46
CA ILE H 36 67.88 -82.96 21.69
C ILE H 36 69.23 -82.30 22.01
N PRO H 37 69.61 -82.25 23.29
CA PRO H 37 70.89 -81.63 23.63
C PRO H 37 72.03 -82.48 23.09
N ALA H 38 73.14 -81.86 22.75
CA ALA H 38 74.29 -82.59 22.20
C ALA H 38 74.80 -83.65 23.18
N SER H 39 74.68 -83.34 24.48
CA SER H 39 75.11 -84.26 25.54
C SER H 39 74.41 -85.62 25.48
N ALA H 40 73.20 -85.64 24.89
CA ALA H 40 72.42 -86.86 24.76
C ALA H 40 72.71 -87.58 23.43
N PHE H 41 73.62 -87.02 22.64
CA PHE H 41 73.98 -87.59 21.36
C PHE H 41 75.25 -88.43 21.52
N ASP H 42 75.08 -89.74 21.61
CA ASP H 42 76.19 -90.67 21.78
C ASP H 42 76.01 -91.91 20.91
N LYS H 43 76.84 -92.92 21.15
CA LYS H 43 76.81 -94.17 20.40
C LYS H 43 75.46 -94.89 20.45
N SER H 44 74.76 -94.75 21.57
CA SER H 44 73.46 -95.41 21.73
C SER H 44 72.41 -94.90 20.75
N VAL H 45 72.63 -93.70 20.20
CA VAL H 45 71.70 -93.13 19.23
C VAL H 45 71.82 -93.90 17.91
N PHE H 46 73.06 -94.28 17.57
CA PHE H 46 73.31 -95.04 16.34
C PHE H 46 72.98 -96.52 16.49
N ASP H 47 73.19 -97.05 17.70
CA ASP H 47 72.92 -98.46 17.98
C ASP H 47 71.46 -98.77 18.27
N ASP H 48 70.89 -98.05 19.22
CA ASP H 48 69.51 -98.27 19.63
C ASP H 48 68.49 -97.36 18.98
N GLY H 49 68.92 -96.16 18.58
CA GLY H 49 68.01 -95.21 17.95
C GLY H 49 67.28 -94.34 18.96
N LEU H 50 66.38 -93.51 18.46
CA LEU H 50 65.61 -92.60 19.31
C LEU H 50 64.13 -92.89 19.19
N ALA H 51 63.43 -92.84 20.31
CA ALA H 51 62.00 -93.07 20.30
C ALA H 51 61.23 -91.78 20.11
N PHE H 52 60.10 -91.86 19.40
CA PHE H 52 59.22 -90.72 19.14
C PHE H 52 57.81 -91.27 18.73
N ASP H 53 56.81 -90.40 18.83
CA ASP H 53 55.37 -90.71 18.63
C ASP H 53 54.80 -90.51 17.23
N GLY H 54 53.94 -91.36 16.67
CA GLY H 54 53.39 -90.92 15.39
C GLY H 54 52.70 -89.59 15.70
N SER H 55 53.29 -88.46 15.34
CA SER H 55 52.66 -87.17 15.66
C SER H 55 52.04 -86.52 14.43
N SER H 56 51.17 -85.53 14.60
CA SER H 56 50.48 -84.96 13.46
C SER H 56 49.64 -86.11 12.90
N ILE H 57 49.10 -86.13 11.68
CA ILE H 57 48.15 -87.21 11.46
C ILE H 57 48.22 -88.04 10.15
N ARG H 58 48.57 -87.53 8.99
CA ARG H 58 48.41 -88.34 7.79
C ARG H 58 49.66 -88.89 7.12
N GLY H 59 49.65 -90.18 6.77
CA GLY H 59 50.76 -90.85 6.11
C GLY H 59 51.39 -91.86 7.07
N PHE H 60 51.96 -91.34 8.18
CA PHE H 60 52.68 -92.11 9.22
C PHE H 60 51.80 -92.94 10.20
N GLN H 61 52.43 -93.53 11.26
CA GLN H 61 51.85 -94.40 12.30
C GLN H 61 50.81 -93.76 13.24
N SER H 62 49.53 -94.07 12.99
CA SER H 62 48.38 -93.57 13.75
C SER H 62 48.32 -94.17 15.17
N ILE H 63 47.16 -94.21 15.85
CA ILE H 63 47.09 -94.75 17.22
C ILE H 63 46.64 -96.22 17.22
N HIS H 64 47.28 -97.03 16.37
CA HIS H 64 47.06 -98.49 16.26
C HIS H 64 48.42 -99.07 15.87
N GLU H 65 49.30 -98.07 15.62
CA GLU H 65 50.71 -98.23 15.21
C GLU H 65 51.66 -97.16 15.79
N SER H 66 51.10 -96.24 16.59
CA SER H 66 51.72 -95.10 17.31
C SER H 66 53.25 -94.94 17.25
N ASP H 67 53.96 -95.55 18.20
CA ASP H 67 55.41 -95.31 18.43
C ASP H 67 56.35 -95.72 17.33
N MET H 68 57.37 -94.88 17.06
CA MET H 68 58.38 -95.15 16.06
C MET H 68 59.79 -95.04 16.65
N LEU H 69 60.75 -95.66 15.95
CA LEU H 69 62.15 -95.64 16.36
C LEU H 69 62.94 -94.97 15.22
N LEU H 70 63.79 -94.02 15.55
CA LEU H 70 64.58 -93.31 14.54
C LEU H 70 66.06 -93.67 14.56
N LEU H 71 66.57 -94.14 13.42
CA LEU H 71 67.98 -94.50 13.29
C LEU H 71 68.65 -93.48 12.36
N PRO H 72 69.78 -92.91 12.81
CA PRO H 72 70.53 -91.90 12.05
C PRO H 72 71.32 -92.36 10.83
N ASP H 73 71.47 -91.44 9.87
CA ASP H 73 72.25 -91.68 8.66
C ASP H 73 73.41 -90.69 8.78
N PRO H 74 74.60 -91.19 9.16
CA PRO H 74 75.81 -90.38 9.32
C PRO H 74 76.24 -89.53 8.13
N GLU H 75 75.85 -89.93 6.93
CA GLU H 75 76.20 -89.19 5.73
C GLU H 75 75.44 -87.87 5.59
N THR H 76 74.33 -87.75 6.31
CA THR H 76 73.49 -86.55 6.25
C THR H 76 73.80 -85.50 7.31
N ALA H 77 74.78 -85.79 8.17
CA ALA H 77 75.18 -84.88 9.23
C ALA H 77 75.80 -83.59 8.71
N ARG H 78 75.19 -82.46 9.07
CA ARG H 78 75.65 -81.14 8.63
C ARG H 78 75.43 -80.11 9.73
N ILE H 79 76.33 -79.14 9.81
CA ILE H 79 76.20 -78.06 10.79
C ILE H 79 75.19 -77.06 10.21
N ASP H 80 74.20 -76.68 11.00
CA ASP H 80 73.18 -75.73 10.55
C ASP H 80 73.81 -74.32 10.56
N PRO H 81 73.81 -73.64 9.39
CA PRO H 81 74.39 -72.30 9.30
C PRO H 81 73.45 -71.16 9.71
N PHE H 82 72.21 -71.50 10.04
CA PHE H 82 71.21 -70.50 10.39
C PHE H 82 70.88 -70.41 11.89
N ARG H 83 70.83 -71.56 12.56
CA ARG H 83 70.51 -71.60 13.98
C ARG H 83 71.55 -70.91 14.85
N ALA H 84 71.09 -70.00 15.71
CA ALA H 84 71.97 -69.25 16.61
C ALA H 84 72.77 -70.18 17.52
N ALA H 85 72.07 -71.11 18.16
CA ALA H 85 72.72 -72.10 19.03
C ALA H 85 73.35 -73.12 18.08
N LYS H 86 74.65 -73.36 18.21
CA LYS H 86 75.36 -74.29 17.33
C LYS H 86 74.66 -75.66 17.30
N THR H 87 74.12 -75.99 16.12
CA THR H 87 73.36 -77.22 15.92
C THR H 87 73.85 -78.12 14.80
N LEU H 88 73.74 -79.43 15.03
CA LEU H 88 74.12 -80.44 14.04
C LEU H 88 72.83 -81.10 13.55
N ASN H 89 72.59 -81.03 12.25
CA ASN H 89 71.40 -81.64 11.66
C ASN H 89 71.75 -83.02 11.12
N ILE H 90 70.87 -83.99 11.37
CA ILE H 90 71.07 -85.37 10.89
C ILE H 90 69.72 -85.93 10.48
N ASN H 91 69.68 -86.64 9.36
CA ASN H 91 68.45 -87.26 8.89
C ASN H 91 68.39 -88.68 9.42
N PHE H 92 67.17 -89.16 9.68
CA PHE H 92 66.96 -90.48 10.24
C PHE H 92 66.02 -91.33 9.41
N PHE H 93 66.05 -92.63 9.67
CA PHE H 93 65.17 -93.60 9.02
C PHE H 93 64.19 -94.02 10.12
N VAL H 94 62.93 -94.19 9.74
CA VAL H 94 61.90 -94.60 10.70
C VAL H 94 61.79 -96.11 10.72
N HIS H 95 61.95 -96.69 11.91
CA HIS H 95 61.85 -98.14 12.09
C HIS H 95 60.73 -98.49 13.06
N ASP H 96 60.34 -99.76 13.05
CA ASP H 96 59.32 -100.25 13.97
C ASP H 96 60.12 -100.56 15.24
N PRO H 97 59.68 -100.04 16.40
CA PRO H 97 60.36 -100.25 17.68
C PRO H 97 60.69 -101.72 17.97
N PHE H 98 59.66 -102.55 17.91
CA PHE H 98 59.75 -103.98 18.17
C PHE H 98 60.64 -104.76 17.23
N THR H 99 60.23 -104.86 15.96
CA THR H 99 60.98 -105.62 14.95
C THR H 99 62.23 -104.95 14.36
N LEU H 100 62.38 -103.65 14.60
CA LEU H 100 63.50 -102.87 14.06
C LEU H 100 63.40 -102.88 12.53
N GLU H 101 62.19 -103.17 12.05
CA GLU H 101 61.89 -103.25 10.63
C GLU H 101 61.62 -101.85 10.06
N PRO H 102 62.29 -101.50 8.95
CA PRO H 102 62.11 -100.20 8.32
C PRO H 102 60.64 -99.94 8.00
N TYR H 103 60.13 -98.80 8.47
CA TYR H 103 58.74 -98.43 8.25
C TYR H 103 58.53 -98.23 6.75
N SER H 104 57.54 -98.92 6.21
CA SER H 104 57.24 -98.88 4.78
C SER H 104 56.73 -97.56 4.20
N ARG H 105 56.34 -96.63 5.07
CA ARG H 105 55.84 -95.34 4.58
C ARG H 105 56.81 -94.17 4.77
N ASP H 106 58.03 -94.49 5.22
CA ASP H 106 59.07 -93.50 5.42
C ASP H 106 59.77 -93.34 4.07
N PRO H 107 59.66 -92.15 3.46
CA PRO H 107 60.27 -91.87 2.16
C PRO H 107 61.75 -92.24 2.07
N ARG H 108 62.51 -92.02 3.14
CA ARG H 108 63.93 -92.34 3.12
C ARG H 108 64.17 -93.86 3.05
N ASN H 109 63.24 -94.65 3.57
CA ASN H 109 63.37 -96.10 3.53
C ASN H 109 63.10 -96.59 2.11
N ILE H 110 62.16 -95.94 1.43
CA ILE H 110 61.81 -96.28 0.06
C ILE H 110 63.03 -96.09 -0.84
N ALA H 111 63.74 -94.98 -0.66
CA ALA H 111 64.93 -94.69 -1.45
C ALA H 111 66.02 -95.71 -1.17
N ARG H 112 66.16 -96.11 0.09
CA ARG H 112 67.16 -97.11 0.47
C ARG H 112 66.79 -98.47 -0.14
N LYS H 113 65.51 -98.82 -0.09
CA LYS H 113 65.02 -100.07 -0.65
C LYS H 113 65.26 -100.09 -2.16
N ALA H 114 65.10 -98.93 -2.80
CA ALA H 114 65.31 -98.80 -4.24
C ALA H 114 66.76 -99.08 -4.61
N GLU H 115 67.69 -98.60 -3.80
CA GLU H 115 69.11 -98.82 -4.05
C GLU H 115 69.48 -100.28 -3.84
N ASN H 116 68.89 -100.91 -2.83
CA ASN H 116 69.15 -102.32 -2.52
C ASN H 116 68.56 -103.23 -3.60
N TYR H 117 67.41 -102.84 -4.13
CA TYR H 117 66.76 -103.60 -5.20
C TYR H 117 67.62 -103.57 -6.47
N LEU H 118 68.19 -102.41 -6.76
CA LEU H 118 69.04 -102.22 -7.93
C LEU H 118 70.17 -103.26 -7.88
N ILE H 119 70.81 -103.36 -6.71
CA ILE H 119 71.89 -104.29 -6.50
C ILE H 119 71.43 -105.75 -6.67
N SER H 120 70.24 -106.05 -6.15
CA SER H 120 69.69 -107.39 -6.23
C SER H 120 69.35 -107.85 -7.64
N THR H 121 69.09 -106.92 -8.56
CA THR H 121 68.76 -107.28 -9.94
C THR H 121 70.01 -107.62 -10.73
N GLY H 122 71.17 -107.22 -10.20
CA GLY H 122 72.42 -107.49 -10.89
C GLY H 122 72.68 -106.52 -12.05
N ILE H 123 71.67 -105.73 -12.41
CA ILE H 123 71.77 -104.77 -13.50
C ILE H 123 72.89 -103.75 -13.25
N ALA H 124 72.99 -103.27 -12.02
CA ALA H 124 74.01 -102.30 -11.62
C ALA H 124 74.07 -102.26 -10.11
N ASP H 125 75.05 -101.54 -9.56
CA ASP H 125 75.15 -101.43 -8.12
C ASP H 125 75.00 -99.99 -7.60
N THR H 126 74.91 -99.04 -8.52
CA THR H 126 74.78 -97.63 -8.17
C THR H 126 73.96 -96.82 -9.19
N ALA H 127 73.03 -96.02 -8.68
CA ALA H 127 72.21 -95.15 -9.53
C ALA H 127 72.51 -93.72 -9.13
N TYR H 128 73.17 -92.98 -10.02
CA TYR H 128 73.52 -91.59 -9.74
C TYR H 128 72.46 -90.62 -10.22
N PHE H 129 72.08 -89.70 -9.34
CA PHE H 129 71.08 -88.69 -9.64
C PHE H 129 71.63 -87.28 -9.49
N GLY H 130 71.44 -86.47 -10.53
CA GLY H 130 71.87 -85.09 -10.52
C GLY H 130 70.60 -84.29 -10.74
N ALA H 131 70.22 -83.46 -9.78
CA ALA H 131 69.00 -82.69 -9.89
C ALA H 131 69.22 -81.19 -9.84
N GLU H 132 68.51 -80.50 -10.72
CA GLU H 132 68.62 -79.05 -10.81
C GLU H 132 67.28 -78.38 -10.61
N ALA H 133 67.12 -77.85 -9.41
CA ALA H 133 65.90 -77.22 -9.01
C ALA H 133 65.95 -75.70 -9.06
N GLU H 134 65.06 -75.15 -9.86
CA GLU H 134 64.92 -73.71 -10.02
C GLU H 134 63.98 -73.24 -8.91
N PHE H 135 64.10 -71.97 -8.54
CA PHE H 135 63.25 -71.39 -7.52
C PHE H 135 63.09 -69.89 -7.76
N TYR H 136 62.11 -69.29 -7.09
CA TYR H 136 61.85 -67.87 -7.20
C TYR H 136 62.09 -67.18 -5.86
N ILE H 137 62.66 -65.98 -5.93
CA ILE H 137 62.94 -65.17 -4.75
C ILE H 137 61.94 -64.02 -4.77
N PHE H 138 61.09 -63.96 -3.74
CA PHE H 138 60.09 -62.90 -3.63
C PHE H 138 60.33 -62.06 -2.38
N ASP H 139 59.60 -60.95 -2.27
CA ASP H 139 59.69 -60.08 -1.11
C ASP H 139 58.50 -60.33 -0.21
N SER H 140 57.39 -60.77 -0.81
CA SER H 140 56.19 -61.04 -0.06
C SER H 140 55.23 -62.00 -0.75
N VAL H 141 54.35 -62.58 0.04
CA VAL H 141 53.33 -63.49 -0.44
C VAL H 141 52.16 -63.49 0.54
N SER H 142 50.96 -63.33 0.01
CA SER H 142 49.75 -63.35 0.83
C SER H 142 48.64 -63.99 0.01
N PHE H 143 47.68 -64.61 0.70
CA PHE H 143 46.57 -65.28 0.04
C PHE H 143 45.54 -65.73 1.07
N ASP H 144 44.34 -66.03 0.59
CA ASP H 144 43.28 -66.54 1.44
C ASP H 144 42.14 -67.11 0.61
N SER H 145 41.27 -67.85 1.27
CA SER H 145 40.13 -68.47 0.62
C SER H 145 38.96 -68.31 1.57
N ARG H 146 37.97 -67.52 1.16
CA ARG H 146 36.80 -67.26 1.97
C ARG H 146 35.53 -67.63 1.22
N ALA H 147 34.40 -67.50 1.87
CA ALA H 147 33.12 -67.84 1.26
C ALA H 147 32.77 -66.97 0.07
N ASN H 148 33.04 -65.67 0.19
CA ASN H 148 32.70 -64.70 -0.84
C ASN H 148 33.87 -64.16 -1.66
N GLY H 149 35.06 -64.72 -1.46
CA GLY H 149 36.19 -64.23 -2.21
C GLY H 149 37.45 -65.02 -1.94
N SER H 150 38.45 -64.80 -2.77
CA SER H 150 39.72 -65.48 -2.64
C SER H 150 40.75 -64.69 -3.42
N PHE H 151 42.01 -64.78 -3.01
CA PHE H 151 43.08 -64.07 -3.70
C PHE H 151 44.44 -64.64 -3.35
N TYR H 152 45.43 -64.23 -4.13
CA TYR H 152 46.82 -64.57 -3.88
C TYR H 152 47.60 -63.42 -4.49
N GLU H 153 48.79 -63.19 -3.96
CA GLU H 153 49.62 -62.13 -4.45
C GLU H 153 51.05 -62.35 -4.02
N VAL H 154 51.94 -62.51 -5.00
CA VAL H 154 53.37 -62.65 -4.72
C VAL H 154 53.96 -61.35 -5.25
N ASP H 155 55.01 -60.85 -4.61
CA ASP H 155 55.58 -59.61 -5.08
C ASP H 155 57.07 -59.54 -4.82
N ALA H 156 57.73 -58.73 -5.64
CA ALA H 156 59.16 -58.52 -5.54
C ALA H 156 59.38 -57.09 -6.01
N ILE H 157 60.20 -56.36 -5.24
CA ILE H 157 60.52 -54.97 -5.53
C ILE H 157 60.92 -54.78 -7.00
N SER H 158 61.79 -55.68 -7.46
CA SER H 158 62.29 -55.64 -8.84
C SER H 158 61.47 -56.42 -9.87
N GLY H 159 60.24 -56.78 -9.52
CA GLY H 159 59.39 -57.51 -10.44
C GLY H 159 59.04 -56.67 -11.65
N TRP H 160 59.11 -57.28 -12.83
CA TRP H 160 58.82 -56.57 -14.08
C TRP H 160 57.42 -55.97 -14.20
N TRP H 161 56.51 -56.39 -13.33
CA TRP H 161 55.14 -55.88 -13.34
C TRP H 161 55.05 -54.59 -12.50
N ASN H 162 56.18 -54.18 -11.91
CA ASN H 162 56.24 -52.98 -11.08
C ASN H 162 56.96 -51.78 -11.69
N THR H 163 57.13 -51.75 -13.01
CA THR H 163 57.82 -50.64 -13.66
C THR H 163 57.14 -49.30 -13.44
N GLY H 164 55.82 -49.33 -13.26
CA GLY H 164 55.06 -48.12 -13.05
C GLY H 164 54.90 -47.62 -11.62
N ALA H 165 55.48 -48.34 -10.66
CA ALA H 165 55.38 -47.94 -9.25
C ALA H 165 55.94 -46.55 -9.02
N ALA H 166 55.12 -45.68 -8.44
CA ALA H 166 55.51 -44.30 -8.15
C ALA H 166 56.67 -44.28 -7.16
N THR H 167 56.60 -45.15 -6.16
CA THR H 167 57.65 -45.31 -5.14
C THR H 167 57.63 -46.77 -4.73
N GLU H 168 58.72 -47.23 -4.12
CA GLU H 168 58.79 -48.62 -3.68
C GLU H 168 57.90 -48.86 -2.46
N ALA H 169 57.80 -50.13 -2.07
CA ALA H 169 56.98 -50.51 -0.92
C ALA H 169 57.36 -49.70 0.32
N ASP H 170 58.67 -49.56 0.54
CA ASP H 170 59.19 -48.83 1.69
C ASP H 170 59.26 -47.31 1.53
N GLY H 171 58.56 -46.78 0.53
CA GLY H 171 58.55 -45.35 0.30
C GLY H 171 59.71 -44.78 -0.50
N SER H 172 60.77 -45.57 -0.67
CA SER H 172 61.95 -45.14 -1.42
C SER H 172 61.63 -45.01 -2.91
N PRO H 173 62.44 -44.26 -3.67
CA PRO H 173 62.16 -44.10 -5.10
C PRO H 173 62.35 -45.34 -5.98
N ASN H 174 61.57 -45.39 -7.05
CA ASN H 174 61.64 -46.47 -8.03
C ASN H 174 62.87 -46.16 -8.89
N ARG H 175 63.88 -47.03 -8.83
CA ARG H 175 65.09 -46.83 -9.59
C ARG H 175 65.19 -47.60 -10.91
N GLY H 176 64.10 -48.26 -11.27
CA GLY H 176 64.07 -49.01 -12.52
C GLY H 176 64.85 -50.30 -12.57
N TYR H 177 65.26 -50.69 -13.77
CA TYR H 177 65.99 -51.93 -14.00
C TYR H 177 65.16 -53.17 -13.64
N LYS H 178 63.83 -53.03 -13.78
CA LYS H 178 62.89 -54.11 -13.48
C LYS H 178 62.48 -54.85 -14.76
N VAL H 179 62.42 -54.11 -15.87
CA VAL H 179 62.03 -54.67 -17.17
C VAL H 179 62.82 -55.88 -17.61
N ARG H 180 62.08 -56.81 -18.20
CA ARG H 180 62.60 -58.07 -18.69
C ARG H 180 62.75 -57.91 -20.21
N HIS H 181 63.97 -57.63 -20.65
CA HIS H 181 64.26 -57.41 -22.07
C HIS H 181 64.40 -58.62 -22.96
N LYS H 182 64.15 -58.39 -24.26
CA LYS H 182 64.26 -59.41 -25.28
C LYS H 182 65.75 -59.54 -25.62
N GLY H 183 66.20 -60.73 -25.96
CA GLY H 183 67.60 -60.91 -26.31
C GLY H 183 68.41 -61.80 -25.38
N GLY H 184 68.25 -61.59 -24.07
CA GLY H 184 68.97 -62.37 -23.11
C GLY H 184 68.33 -62.25 -21.74
N TYR H 185 68.13 -63.38 -21.08
CA TYR H 185 67.50 -63.36 -19.76
C TYR H 185 68.42 -63.57 -18.55
N PHE H 186 69.73 -63.41 -18.75
CA PHE H 186 70.71 -63.52 -17.67
C PHE H 186 71.57 -62.25 -17.64
N PRO H 187 70.95 -61.05 -17.72
CA PRO H 187 71.76 -59.83 -17.71
C PRO H 187 72.53 -59.59 -16.42
N VAL H 188 73.63 -58.86 -16.54
CA VAL H 188 74.46 -58.52 -15.40
C VAL H 188 73.79 -57.38 -14.60
N ALA H 189 74.33 -57.08 -13.43
CA ALA H 189 73.80 -56.01 -12.60
C ALA H 189 73.93 -54.67 -13.35
N PRO H 190 73.07 -53.69 -13.06
CA PRO H 190 71.99 -53.74 -12.07
C PRO H 190 70.67 -54.40 -12.48
N ASN H 191 70.59 -54.95 -13.70
CA ASN H 191 69.37 -55.65 -14.12
C ASN H 191 69.19 -56.87 -13.23
N ASP H 192 70.32 -57.48 -12.87
CA ASP H 192 70.36 -58.63 -11.99
C ASP H 192 70.39 -58.02 -10.60
N GLN H 193 69.27 -58.11 -9.88
CA GLN H 193 69.16 -57.53 -8.56
C GLN H 193 69.34 -58.48 -7.39
N TYR H 194 69.78 -59.71 -7.67
CA TYR H 194 69.95 -60.70 -6.61
C TYR H 194 71.33 -61.31 -6.54
N VAL H 195 72.31 -60.62 -7.13
CA VAL H 195 73.68 -61.12 -7.15
C VAL H 195 74.25 -61.50 -5.78
N ASP H 196 74.19 -60.57 -4.82
CA ASP H 196 74.73 -60.84 -3.50
C ASP H 196 74.00 -61.94 -2.73
N LEU H 197 72.67 -62.00 -2.89
CA LEU H 197 71.87 -63.02 -2.22
C LEU H 197 72.23 -64.40 -2.75
N ARG H 198 72.27 -64.55 -4.07
CA ARG H 198 72.60 -65.83 -4.68
C ARG H 198 73.99 -66.28 -4.27
N ASP H 199 74.91 -65.32 -4.13
CA ASP H 199 76.27 -65.65 -3.71
C ASP H 199 76.26 -66.18 -2.28
N LYS H 200 75.39 -65.62 -1.45
CA LYS H 200 75.27 -66.05 -0.06
C LYS H 200 74.74 -67.48 -0.05
N MET H 201 73.78 -67.75 -0.92
CA MET H 201 73.19 -69.09 -1.04
C MET H 201 74.27 -70.07 -1.47
N LEU H 202 75.04 -69.70 -2.49
CA LEU H 202 76.13 -70.54 -3.01
C LEU H 202 77.19 -70.78 -1.94
N THR H 203 77.56 -69.73 -1.22
CA THR H 203 78.55 -69.82 -0.16
C THR H 203 78.08 -70.80 0.91
N ASN H 204 76.80 -70.71 1.28
CA ASN H 204 76.22 -71.59 2.28
C ASN H 204 76.18 -73.04 1.82
N LEU H 205 75.88 -73.25 0.54
CA LEU H 205 75.86 -74.60 -0.02
C LEU H 205 77.26 -75.21 0.02
N ILE H 206 78.25 -74.44 -0.41
CA ILE H 206 79.63 -74.90 -0.41
C ILE H 206 80.11 -75.22 1.00
N ASN H 207 79.75 -74.38 1.97
CA ASN H 207 80.14 -74.60 3.36
C ASN H 207 79.39 -75.79 3.95
N SER H 208 78.31 -76.20 3.30
CA SER H 208 77.50 -77.32 3.74
C SER H 208 77.81 -78.62 3.00
N GLY H 209 78.99 -78.68 2.37
CA GLY H 209 79.40 -79.89 1.67
C GLY H 209 79.01 -80.11 0.22
N PHE H 210 78.34 -79.16 -0.41
CA PHE H 210 77.97 -79.31 -1.80
C PHE H 210 79.20 -79.15 -2.68
N ILE H 211 79.32 -80.00 -3.68
CA ILE H 211 80.47 -79.97 -4.59
C ILE H 211 80.10 -79.30 -5.90
N LEU H 212 80.82 -78.23 -6.23
CA LEU H 212 80.60 -77.46 -7.44
C LEU H 212 81.90 -77.59 -8.26
N GLU H 213 81.82 -78.18 -9.45
CA GLU H 213 82.99 -78.31 -10.30
C GLU H 213 82.70 -77.83 -11.70
N LYS H 214 82.98 -78.73 -12.63
CA LYS H 214 82.84 -78.63 -14.09
C LYS H 214 81.68 -77.73 -14.54
N GLY H 215 80.52 -78.31 -14.85
CA GLY H 215 79.40 -77.53 -15.33
C GLY H 215 78.40 -77.18 -14.26
N HIS H 216 78.90 -76.82 -13.07
CA HIS H 216 78.04 -76.43 -11.96
C HIS H 216 78.09 -74.92 -11.87
N HIS H 217 76.93 -74.31 -12.13
CA HIS H 217 76.80 -72.87 -12.15
C HIS H 217 75.79 -72.30 -11.15
N GLU H 218 75.94 -71.01 -10.97
CA GLU H 218 75.00 -70.24 -10.19
C GLU H 218 74.39 -69.30 -11.24
N VAL H 219 73.09 -69.38 -11.46
CA VAL H 219 72.48 -68.54 -12.49
C VAL H 219 71.18 -67.87 -12.01
N GLY H 220 70.89 -66.69 -12.55
CA GLY H 220 69.69 -65.97 -12.17
C GLY H 220 69.06 -65.24 -13.32
N SER H 221 67.73 -65.19 -13.32
CA SER H 221 66.96 -64.50 -14.35
C SER H 221 65.79 -63.86 -13.62
N GLY H 222 65.87 -62.53 -13.45
CA GLY H 222 64.83 -61.83 -12.73
C GLY H 222 64.88 -62.34 -11.30
N GLY H 223 63.74 -62.76 -10.78
CA GLY H 223 63.70 -63.30 -9.43
C GLY H 223 63.95 -64.80 -9.40
N GLN H 224 64.03 -65.43 -10.56
CA GLN H 224 64.28 -66.86 -10.64
C GLN H 224 65.77 -67.17 -10.55
N ALA H 225 66.10 -68.30 -9.95
CA ALA H 225 67.48 -68.70 -9.80
C ALA H 225 67.66 -70.21 -9.75
N GLU H 226 68.91 -70.64 -9.87
CA GLU H 226 69.25 -72.05 -9.81
C GLU H 226 70.74 -72.18 -9.56
N ILE H 227 71.09 -73.08 -8.65
CA ILE H 227 72.48 -73.34 -8.34
C ILE H 227 72.59 -74.86 -8.40
N ASN H 228 73.26 -75.38 -9.44
CA ASN H 228 73.41 -76.81 -9.56
C ASN H 228 74.72 -77.29 -8.94
N TYR H 229 74.71 -78.54 -8.52
CA TYR H 229 75.86 -79.13 -7.85
C TYR H 229 76.05 -80.57 -8.29
N GLN H 230 77.13 -81.18 -7.83
CA GLN H 230 77.45 -82.54 -8.20
C GLN H 230 76.45 -83.59 -7.74
N PHE H 231 76.19 -84.54 -8.62
CA PHE H 231 75.27 -85.66 -8.41
C PHE H 231 75.69 -86.50 -7.20
N ASN H 232 74.86 -87.49 -6.87
CA ASN H 232 75.13 -88.39 -5.77
C ASN H 232 74.30 -89.65 -5.98
N SER H 233 74.56 -90.69 -5.19
CA SER H 233 73.78 -91.91 -5.30
C SER H 233 72.35 -91.57 -4.89
N LEU H 234 71.38 -92.25 -5.49
CA LEU H 234 69.95 -92.00 -5.26
C LEU H 234 69.51 -91.43 -3.91
N LEU H 235 69.62 -92.21 -2.84
CA LEU H 235 69.20 -91.74 -1.50
C LEU H 235 69.85 -90.43 -1.09
N HIS H 236 71.17 -90.37 -1.14
CA HIS H 236 71.90 -89.19 -0.75
C HIS H 236 71.67 -87.99 -1.65
N ALA H 237 71.27 -88.23 -2.90
CA ALA H 237 70.98 -87.17 -3.84
C ALA H 237 69.67 -86.52 -3.37
N ALA H 238 68.75 -87.37 -2.90
CA ALA H 238 67.47 -86.90 -2.40
C ALA H 238 67.67 -86.12 -1.10
N ASP H 239 68.62 -86.56 -0.27
CA ASP H 239 68.93 -85.88 0.98
C ASP H 239 69.53 -84.51 0.63
N ASP H 240 70.37 -84.49 -0.41
CA ASP H 240 71.01 -83.27 -0.88
C ASP H 240 69.99 -82.25 -1.37
N MET H 241 68.93 -82.74 -2.02
CA MET H 241 67.87 -81.88 -2.54
C MET H 241 67.13 -81.21 -1.39
N GLN H 242 66.83 -81.97 -0.34
CA GLN H 242 66.16 -81.43 0.83
C GLN H 242 67.04 -80.39 1.51
N LEU H 243 68.34 -80.66 1.57
CA LEU H 243 69.32 -79.76 2.18
C LEU H 243 69.40 -78.48 1.36
N TYR H 244 69.45 -78.63 0.04
CA TYR H 244 69.51 -77.51 -0.89
C TYR H 244 68.32 -76.58 -0.66
N LYS H 245 67.12 -77.14 -0.66
CA LYS H 245 65.90 -76.34 -0.45
C LYS H 245 65.96 -75.63 0.90
N TYR H 246 66.43 -76.35 1.92
CA TYR H 246 66.55 -75.80 3.27
C TYR H 246 67.49 -74.59 3.28
N ILE H 247 68.65 -74.76 2.65
CA ILE H 247 69.65 -73.70 2.58
C ILE H 247 69.20 -72.51 1.74
N ILE H 248 68.54 -72.78 0.63
CA ILE H 248 68.05 -71.72 -0.24
C ILE H 248 66.96 -70.91 0.48
N LYS H 249 65.98 -71.61 1.04
CA LYS H 249 64.87 -70.97 1.73
C LYS H 249 65.27 -70.13 2.93
N ASN H 250 66.20 -70.63 3.73
CA ASN H 250 66.63 -69.92 4.92
C ASN H 250 67.66 -68.83 4.71
N THR H 251 68.44 -68.94 3.63
CA THR H 251 69.41 -67.89 3.32
C THR H 251 68.57 -66.67 2.91
N ALA H 252 67.52 -66.93 2.12
CA ALA H 252 66.62 -65.87 1.68
C ALA H 252 65.91 -65.28 2.90
N TRP H 253 65.40 -66.16 3.76
CA TRP H 253 64.69 -65.74 4.96
C TRP H 253 65.51 -64.84 5.87
N GLN H 254 66.78 -65.18 6.07
CA GLN H 254 67.66 -64.38 6.90
C GLN H 254 68.06 -63.06 6.24
N ASN H 255 67.75 -62.93 4.96
CA ASN H 255 68.08 -61.73 4.23
C ASN H 255 66.86 -60.95 3.75
N GLY H 256 65.78 -61.07 4.51
CA GLY H 256 64.54 -60.36 4.21
C GLY H 256 63.72 -60.79 3.01
N LYS H 257 63.95 -61.99 2.50
CA LYS H 257 63.19 -62.46 1.36
C LYS H 257 62.42 -63.73 1.70
N THR H 258 61.68 -64.23 0.72
CA THR H 258 60.90 -65.45 0.86
C THR H 258 60.98 -66.20 -0.47
N VAL H 259 61.43 -67.45 -0.41
CA VAL H 259 61.59 -68.30 -1.59
C VAL H 259 60.49 -69.33 -1.79
N THR H 260 60.19 -69.63 -3.04
CA THR H 260 59.22 -70.68 -3.35
C THR H 260 59.74 -71.59 -4.46
N PHE H 261 59.59 -72.89 -4.24
CA PHE H 261 59.97 -73.91 -5.20
C PHE H 261 58.74 -74.40 -5.95
N MET H 262 57.60 -73.73 -5.76
CA MET H 262 56.39 -74.17 -6.45
C MET H 262 56.61 -74.04 -7.96
N PRO H 263 56.07 -75.01 -8.73
CA PRO H 263 56.19 -75.07 -10.19
C PRO H 263 55.83 -73.84 -11.00
N LYS H 264 54.73 -73.18 -10.66
CA LYS H 264 54.28 -72.02 -11.40
C LYS H 264 53.71 -70.92 -10.51
N PRO H 265 54.59 -70.11 -9.91
CA PRO H 265 54.12 -69.03 -9.03
C PRO H 265 53.68 -67.81 -9.83
N LEU H 266 54.24 -67.65 -11.03
CA LEU H 266 53.92 -66.52 -11.89
C LEU H 266 53.26 -66.91 -13.20
N PHE H 267 52.15 -66.26 -13.49
CA PHE H 267 51.41 -66.48 -14.72
C PHE H 267 52.02 -65.54 -15.77
N GLY H 268 52.62 -66.12 -16.81
CA GLY H 268 53.23 -65.27 -17.83
C GLY H 268 54.74 -65.17 -17.63
N ASP H 269 55.28 -66.09 -16.85
CA ASP H 269 56.71 -66.15 -16.61
C ASP H 269 57.08 -67.62 -16.47
N ASN H 270 58.36 -67.91 -16.66
CA ASN H 270 58.89 -69.26 -16.60
C ASN H 270 58.53 -70.03 -15.32
N GLY H 271 58.21 -71.31 -15.49
CA GLY H 271 57.89 -72.14 -14.35
C GLY H 271 59.19 -72.64 -13.75
N SER H 272 59.12 -73.35 -12.62
CA SER H 272 60.33 -73.87 -11.99
C SER H 272 60.31 -75.40 -12.03
N GLY H 273 61.33 -75.96 -12.68
CA GLY H 273 61.41 -77.41 -12.79
C GLY H 273 62.62 -78.01 -12.11
N MET H 274 62.67 -79.33 -12.11
CA MET H 274 63.78 -80.07 -11.52
C MET H 274 64.25 -81.13 -12.54
N HIS H 275 65.22 -80.75 -13.35
CA HIS H 275 65.78 -81.64 -14.36
C HIS H 275 66.62 -82.69 -13.65
N CYS H 276 66.28 -83.95 -13.86
CA CYS H 276 66.99 -85.04 -13.20
C CYS H 276 67.83 -85.89 -14.13
N HIS H 277 69.14 -85.77 -13.96
CA HIS H 277 70.11 -86.53 -14.72
C HIS H 277 70.31 -87.85 -13.99
N GLN H 278 70.25 -88.95 -14.74
CA GLN H 278 70.39 -90.28 -14.16
C GLN H 278 71.33 -91.13 -14.97
N SER H 279 71.94 -92.09 -14.30
CA SER H 279 72.86 -93.00 -14.94
C SER H 279 73.17 -94.19 -14.00
N LEU H 280 73.34 -95.38 -14.58
CA LEU H 280 73.65 -96.56 -13.81
C LEU H 280 75.12 -96.94 -13.95
N TRP H 281 75.70 -97.39 -12.84
CA TRP H 281 77.11 -97.80 -12.81
C TRP H 281 77.23 -99.16 -12.11
N LYS H 282 78.31 -99.86 -12.41
CA LYS H 282 78.57 -101.17 -11.83
C LYS H 282 80.07 -101.38 -11.72
N ASP H 283 80.52 -101.76 -10.54
CA ASP H 283 81.94 -102.01 -10.26
C ASP H 283 82.81 -100.82 -10.63
N GLY H 284 82.31 -99.62 -10.37
CA GLY H 284 83.05 -98.41 -10.66
C GLY H 284 83.11 -97.99 -12.11
N ALA H 285 82.32 -98.64 -12.96
CA ALA H 285 82.31 -98.32 -14.38
C ALA H 285 80.92 -97.97 -14.89
N PRO H 286 80.83 -97.04 -15.86
CA PRO H 286 79.58 -96.59 -16.46
C PRO H 286 78.91 -97.64 -17.34
N LEU H 287 77.59 -97.63 -17.35
CA LEU H 287 76.80 -98.59 -18.13
C LEU H 287 75.91 -97.91 -19.17
N MET H 288 75.97 -96.59 -19.24
CA MET H 288 75.13 -95.83 -20.16
C MET H 288 75.72 -95.56 -21.55
N TYR H 289 77.04 -95.67 -21.69
CA TYR H 289 77.71 -95.37 -22.96
C TYR H 289 77.88 -96.52 -23.96
N ASP H 290 77.92 -96.14 -25.24
CA ASP H 290 78.10 -97.05 -26.37
C ASP H 290 78.24 -96.20 -27.64
N GLU H 291 79.46 -96.12 -28.17
CA GLU H 291 79.75 -95.34 -29.39
C GLU H 291 78.81 -95.64 -30.55
N THR H 292 78.45 -96.90 -30.71
CA THR H 292 77.58 -97.35 -31.79
C THR H 292 76.11 -96.95 -31.69
N GLY H 293 75.64 -96.71 -30.47
CA GLY H 293 74.24 -96.35 -30.30
C GLY H 293 73.93 -94.88 -30.53
N TYR H 294 72.65 -94.59 -30.77
CA TYR H 294 72.20 -93.21 -30.98
C TYR H 294 72.50 -92.37 -29.74
N ALA H 295 73.11 -91.21 -29.95
CA ALA H 295 73.48 -90.31 -28.86
C ALA H 295 74.47 -90.93 -27.89
N GLY H 296 75.17 -91.97 -28.33
CA GLY H 296 76.15 -92.64 -27.50
C GLY H 296 75.52 -93.45 -26.38
N LEU H 297 74.29 -93.89 -26.59
CA LEU H 297 73.56 -94.66 -25.58
C LEU H 297 73.64 -96.17 -25.72
N SER H 298 73.86 -96.83 -24.60
CA SER H 298 73.93 -98.29 -24.56
C SER H 298 72.53 -98.88 -24.62
N ASP H 299 72.44 -100.20 -24.69
CA ASP H 299 71.15 -100.88 -24.73
C ASP H 299 70.44 -100.67 -23.40
N THR H 300 71.23 -100.68 -22.32
CA THR H 300 70.74 -100.49 -20.97
C THR H 300 70.11 -99.10 -20.83
N ALA H 301 70.82 -98.08 -21.30
CA ALA H 301 70.35 -96.70 -21.25
C ALA H 301 69.07 -96.50 -22.07
N ARG H 302 69.02 -97.07 -23.27
CA ARG H 302 67.86 -96.95 -24.15
C ARG H 302 66.62 -97.61 -23.54
N HIS H 303 66.82 -98.75 -22.89
CA HIS H 303 65.71 -99.48 -22.26
C HIS H 303 65.21 -98.71 -21.05
N TYR H 304 66.14 -98.04 -20.36
CA TYR H 304 65.82 -97.24 -19.20
C TYR H 304 64.89 -96.11 -19.66
N ILE H 305 65.27 -95.48 -20.77
CA ILE H 305 64.48 -94.41 -21.38
C ILE H 305 63.11 -94.95 -21.79
N GLY H 306 63.09 -96.19 -22.27
CA GLY H 306 61.85 -96.81 -22.67
C GLY H 306 60.92 -96.95 -21.48
N GLY H 307 61.51 -97.23 -20.31
CA GLY H 307 60.73 -97.37 -19.10
C GLY H 307 60.17 -96.04 -18.65
N LEU H 308 61.00 -95.00 -18.68
CA LEU H 308 60.58 -93.65 -18.29
C LEU H 308 59.42 -93.18 -19.15
N LEU H 309 59.56 -93.29 -20.48
CA LEU H 309 58.53 -92.86 -21.41
C LEU H 309 57.26 -93.70 -21.33
N HIS H 310 57.42 -95.00 -21.12
CA HIS H 310 56.27 -95.89 -21.04
C HIS H 310 55.47 -95.65 -19.76
N HIS H 311 56.19 -95.48 -18.65
CA HIS H 311 55.58 -95.27 -17.34
C HIS H 311 55.27 -93.83 -16.95
N ALA H 312 55.69 -92.87 -17.78
CA ALA H 312 55.47 -91.45 -17.50
C ALA H 312 54.08 -91.07 -16.98
N PRO H 313 53.00 -91.57 -17.61
CA PRO H 313 51.66 -91.23 -17.14
C PRO H 313 51.41 -91.48 -15.66
N SER H 314 52.06 -92.50 -15.10
CA SER H 314 51.89 -92.81 -13.68
C SER H 314 53.07 -92.27 -12.88
N LEU H 315 54.25 -92.28 -13.49
CA LEU H 315 55.48 -91.79 -12.86
C LEU H 315 55.31 -90.35 -12.39
N LEU H 316 54.59 -89.56 -13.19
CA LEU H 316 54.36 -88.15 -12.87
C LEU H 316 53.60 -87.94 -11.57
N ALA H 317 52.97 -88.99 -11.04
CA ALA H 317 52.24 -88.87 -9.79
C ALA H 317 53.20 -88.63 -8.61
N PHE H 318 54.48 -88.99 -8.81
CA PHE H 318 55.51 -88.80 -7.78
C PHE H 318 56.53 -87.76 -8.24
N THR H 319 56.60 -87.58 -9.54
CA THR H 319 57.54 -86.68 -10.16
C THR H 319 57.03 -85.23 -10.33
N ASN H 320 55.71 -85.09 -10.47
CA ASN H 320 55.01 -83.80 -10.61
C ASN H 320 53.70 -84.05 -9.85
N PRO H 321 53.80 -84.21 -8.52
CA PRO H 321 52.73 -84.54 -7.58
C PRO H 321 51.74 -83.43 -7.10
N THR H 322 51.78 -82.23 -7.67
CA THR H 322 50.86 -81.20 -7.21
C THR H 322 49.97 -80.66 -8.31
N VAL H 323 48.88 -80.00 -7.92
CA VAL H 323 47.95 -79.41 -8.88
C VAL H 323 48.68 -78.29 -9.65
N ASN H 324 49.55 -77.57 -8.94
CA ASN H 324 50.32 -76.47 -9.52
C ASN H 324 51.34 -76.98 -10.55
N SER H 325 51.74 -78.24 -10.42
CA SER H 325 52.69 -78.86 -11.34
C SER H 325 52.19 -78.77 -12.78
N TYR H 326 50.88 -78.86 -12.97
CA TYR H 326 50.27 -78.83 -14.30
C TYR H 326 50.01 -77.45 -14.87
N LYS H 327 50.51 -76.42 -14.22
CA LYS H 327 50.40 -75.05 -14.73
C LYS H 327 51.73 -74.79 -15.44
N ARG H 328 52.73 -75.59 -15.10
CA ARG H 328 54.05 -75.54 -15.73
C ARG H 328 54.03 -76.52 -16.92
N LEU H 329 53.52 -77.72 -16.66
CA LEU H 329 53.42 -78.77 -17.68
C LEU H 329 52.17 -78.50 -18.51
N VAL H 330 52.28 -77.50 -19.39
CA VAL H 330 51.17 -77.08 -20.24
C VAL H 330 51.81 -76.50 -21.52
N PRO H 331 51.14 -76.60 -22.69
CA PRO H 331 51.68 -76.06 -23.95
C PRO H 331 52.17 -74.60 -23.85
N GLY H 332 53.46 -74.39 -24.12
CA GLY H 332 53.99 -73.03 -24.04
C GLY H 332 55.50 -72.89 -24.08
N TYR H 333 56.09 -72.56 -22.93
CA TYR H 333 57.54 -72.34 -22.77
C TYR H 333 58.41 -73.56 -23.07
N GLU H 334 58.00 -74.38 -24.05
CA GLU H 334 58.71 -75.58 -24.47
C GLU H 334 58.72 -76.50 -23.25
N ALA H 335 57.52 -76.76 -22.73
CA ALA H 335 57.32 -77.60 -21.56
C ALA H 335 57.60 -79.06 -21.89
N PRO H 336 58.38 -79.74 -21.03
CA PRO H 336 58.73 -81.16 -21.23
C PRO H 336 57.50 -82.06 -21.10
N ILE H 337 56.59 -81.94 -22.07
CA ILE H 337 55.36 -82.73 -22.09
C ILE H 337 55.34 -83.77 -23.22
N ASN H 338 56.33 -83.69 -24.11
CA ASN H 338 56.44 -84.61 -25.24
C ASN H 338 57.15 -85.90 -24.88
N LEU H 339 56.40 -87.00 -24.91
CA LEU H 339 56.93 -88.32 -24.56
C LEU H 339 57.89 -88.95 -25.56
N VAL H 340 59.02 -88.29 -25.76
CA VAL H 340 60.06 -88.76 -26.68
C VAL H 340 61.42 -88.35 -26.12
N TYR H 341 62.50 -88.98 -26.60
CA TYR H 341 63.84 -88.59 -26.16
C TYR H 341 64.53 -87.82 -27.28
N SER H 342 65.51 -87.02 -26.95
CA SER H 342 66.18 -86.20 -27.95
C SER H 342 67.48 -85.63 -27.41
N GLN H 343 68.24 -84.97 -28.29
CA GLN H 343 69.50 -84.34 -27.92
C GLN H 343 69.34 -82.83 -28.11
N ARG H 344 68.40 -82.47 -28.99
CA ARG H 344 68.11 -81.09 -29.32
C ARG H 344 66.91 -80.50 -28.56
N ASN H 345 65.75 -81.10 -28.77
CA ASN H 345 64.49 -80.65 -28.14
C ASN H 345 64.47 -80.57 -26.61
N ARG H 346 64.12 -79.39 -26.12
CA ARG H 346 64.03 -79.17 -24.69
C ARG H 346 62.60 -79.39 -24.19
N SER H 347 61.69 -79.59 -25.14
CA SER H 347 60.28 -79.87 -24.85
C SER H 347 60.08 -81.38 -24.80
N ALA H 348 61.18 -82.12 -24.86
CA ALA H 348 61.15 -83.58 -24.81
C ALA H 348 61.29 -84.02 -23.35
N CYS H 349 60.50 -84.99 -22.94
CA CYS H 349 60.54 -85.52 -21.57
C CYS H 349 61.95 -85.94 -21.19
N VAL H 350 62.62 -86.62 -22.10
CA VAL H 350 63.99 -87.08 -21.86
C VAL H 350 64.92 -86.45 -22.87
N ARG H 351 66.01 -85.87 -22.38
CA ARG H 351 67.00 -85.26 -23.24
C ARG H 351 68.35 -85.87 -22.91
N ILE H 352 69.14 -86.15 -23.93
CA ILE H 352 70.47 -86.71 -23.72
C ILE H 352 71.48 -85.61 -23.93
N PRO H 353 72.09 -85.13 -22.84
CA PRO H 353 73.09 -84.06 -22.89
C PRO H 353 74.24 -84.43 -23.81
N ILE H 354 74.68 -83.49 -24.62
CA ILE H 354 75.78 -83.72 -25.54
C ILE H 354 77.06 -83.64 -24.71
N THR H 355 77.64 -84.81 -24.44
CA THR H 355 78.85 -84.91 -23.62
C THR H 355 80.09 -85.46 -24.32
N GLY H 356 79.93 -85.84 -25.59
CA GLY H 356 81.06 -86.34 -26.34
C GLY H 356 81.32 -87.84 -26.25
N SER H 357 82.61 -88.20 -26.29
CA SER H 357 83.02 -89.60 -26.24
C SER H 357 83.33 -90.16 -24.86
N ASN H 358 83.38 -89.29 -23.84
CA ASN H 358 83.65 -89.72 -22.47
C ASN H 358 82.49 -90.55 -21.92
N PRO H 359 82.70 -91.86 -21.71
CA PRO H 359 81.67 -92.76 -21.20
C PRO H 359 81.15 -92.42 -19.80
N LYS H 360 82.02 -91.82 -18.99
CA LYS H 360 81.67 -91.44 -17.62
C LYS H 360 80.71 -90.25 -17.54
N ALA H 361 80.57 -89.52 -18.63
CA ALA H 361 79.70 -88.35 -18.67
C ALA H 361 78.35 -88.62 -19.31
N LYS H 362 78.20 -89.78 -19.95
CA LYS H 362 76.95 -90.14 -20.60
C LYS H 362 75.85 -90.40 -19.58
N ARG H 363 74.73 -89.73 -19.76
CA ARG H 363 73.59 -89.86 -18.85
C ARG H 363 72.34 -89.37 -19.55
N LEU H 364 71.19 -89.67 -18.97
CA LEU H 364 69.93 -89.22 -19.53
C LEU H 364 69.33 -88.18 -18.58
N GLU H 365 68.62 -87.22 -19.13
CA GLU H 365 68.02 -86.18 -18.32
C GLU H 365 66.50 -86.16 -18.43
N PHE H 366 65.82 -86.49 -17.33
CA PHE H 366 64.37 -86.47 -17.30
C PHE H 366 64.04 -85.02 -16.93
N ARG H 367 63.51 -84.29 -17.91
CA ARG H 367 63.19 -82.87 -17.75
C ARG H 367 61.85 -82.51 -17.12
N SER H 368 60.91 -83.44 -17.18
CA SER H 368 59.54 -83.21 -16.69
C SER H 368 59.33 -82.90 -15.19
N PRO H 369 60.11 -83.53 -14.29
CA PRO H 369 59.94 -83.28 -12.86
C PRO H 369 60.04 -81.83 -12.37
N ASP H 370 59.51 -81.60 -11.18
CA ASP H 370 59.57 -80.31 -10.53
C ASP H 370 59.89 -80.60 -9.05
N SER H 371 60.12 -79.58 -8.25
CA SER H 371 60.43 -79.83 -6.84
C SER H 371 59.28 -79.55 -5.89
N SER H 372 58.06 -79.82 -6.35
CA SER H 372 56.87 -79.59 -5.55
C SER H 372 56.50 -80.80 -4.69
N GLY H 373 57.34 -81.83 -4.69
CA GLY H 373 57.02 -83.01 -3.92
C GLY H 373 58.09 -83.61 -3.02
N ASN H 374 58.22 -84.93 -3.11
CA ASN H 374 59.16 -85.70 -2.31
C ASN H 374 60.25 -86.27 -3.20
N PRO H 375 61.49 -85.80 -3.05
CA PRO H 375 62.61 -86.28 -3.87
C PRO H 375 62.96 -87.76 -3.66
N TYR H 376 62.72 -88.27 -2.46
CA TYR H 376 63.01 -89.67 -2.16
C TYR H 376 62.09 -90.56 -2.99
N LEU H 377 60.81 -90.21 -3.03
CA LEU H 377 59.84 -90.96 -3.80
C LEU H 377 59.99 -90.72 -5.30
N ALA H 378 60.29 -89.49 -5.70
CA ALA H 378 60.45 -89.15 -7.11
C ALA H 378 61.63 -89.88 -7.74
N PHE H 379 62.79 -89.80 -7.10
CA PHE H 379 63.99 -90.48 -7.60
C PHE H 379 63.79 -91.99 -7.64
N SER H 380 63.20 -92.55 -6.59
CA SER H 380 62.93 -93.97 -6.51
C SER H 380 62.01 -94.43 -7.64
N ALA H 381 60.93 -93.67 -7.85
CA ALA H 381 59.96 -93.98 -8.89
C ALA H 381 60.62 -93.93 -10.27
N MET H 382 61.53 -92.98 -10.46
CA MET H 382 62.23 -92.85 -11.73
C MET H 382 63.11 -94.08 -11.97
N LEU H 383 63.80 -94.54 -10.93
CA LEU H 383 64.66 -95.71 -11.02
C LEU H 383 63.83 -96.94 -11.34
N MET H 384 62.73 -97.13 -10.63
CA MET H 384 61.85 -98.27 -10.85
C MET H 384 61.29 -98.30 -12.26
N ALA H 385 60.96 -97.14 -12.80
CA ALA H 385 60.44 -97.05 -14.16
C ALA H 385 61.55 -97.46 -15.14
N GLY H 386 62.76 -96.99 -14.89
CA GLY H 386 63.89 -97.31 -15.73
C GLY H 386 64.29 -98.78 -15.67
N LEU H 387 64.27 -99.35 -14.46
CA LEU H 387 64.62 -100.76 -14.27
C LEU H 387 63.60 -101.69 -14.92
N ASP H 388 62.33 -101.30 -14.89
CA ASP H 388 61.27 -102.11 -15.49
C ASP H 388 61.48 -102.08 -17.01
N GLY H 389 62.01 -100.98 -17.51
CA GLY H 389 62.25 -100.85 -18.93
C GLY H 389 63.42 -101.72 -19.35
N ILE H 390 64.41 -101.85 -18.48
CA ILE H 390 65.59 -102.68 -18.74
C ILE H 390 65.23 -104.17 -18.67
N LYS H 391 64.50 -104.57 -17.64
CA LYS H 391 64.09 -105.96 -17.48
C LYS H 391 63.20 -106.45 -18.60
N ASN H 392 62.26 -105.62 -19.03
CA ASN H 392 61.34 -105.99 -20.10
C ASN H 392 61.80 -105.47 -21.47
N LYS H 393 63.05 -105.03 -21.53
CA LYS H 393 63.66 -104.52 -22.75
C LYS H 393 62.74 -103.61 -23.58
N ILE H 394 62.04 -102.72 -22.88
CA ILE H 394 61.12 -101.78 -23.51
C ILE H 394 61.86 -100.83 -24.45
N GLU H 395 61.43 -100.81 -25.70
CA GLU H 395 62.03 -99.95 -26.71
C GLU H 395 61.28 -98.64 -26.84
N PRO H 396 61.97 -97.52 -26.62
CA PRO H 396 61.33 -96.20 -26.73
C PRO H 396 61.09 -95.90 -28.20
N GLN H 397 60.04 -95.15 -28.51
CA GLN H 397 59.79 -94.80 -29.90
C GLN H 397 60.98 -93.99 -30.41
N ALA H 398 61.14 -93.94 -31.72
CA ALA H 398 62.24 -93.22 -32.35
C ALA H 398 62.45 -91.80 -31.84
N PRO H 399 63.70 -91.45 -31.49
CA PRO H 399 64.06 -90.12 -31.00
C PRO H 399 63.76 -89.06 -32.03
N VAL H 400 63.56 -87.82 -31.58
CA VAL H 400 63.25 -86.72 -32.47
C VAL H 400 64.17 -85.53 -32.23
N ASP H 401 64.98 -85.19 -33.24
CA ASP H 401 65.88 -84.05 -33.13
C ASP H 401 65.39 -82.84 -33.94
N LYS H 402 64.36 -83.05 -34.75
CA LYS H 402 63.75 -81.97 -35.53
C LYS H 402 63.04 -81.12 -34.50
N ASP H 403 62.99 -79.80 -34.69
CA ASP H 403 62.30 -78.94 -33.75
C ASP H 403 60.84 -79.38 -33.68
N LEU H 404 60.44 -79.87 -32.50
CA LEU H 404 59.08 -80.36 -32.28
C LEU H 404 58.00 -79.30 -32.47
N TYR H 405 58.37 -78.04 -32.25
CA TYR H 405 57.44 -76.92 -32.40
C TYR H 405 56.92 -76.82 -33.83
N GLU H 406 57.82 -76.66 -34.80
CA GLU H 406 57.42 -76.59 -36.20
C GLU H 406 57.49 -77.97 -36.85
N LEU H 407 56.41 -78.73 -36.71
CA LEU H 407 56.32 -80.07 -37.24
C LEU H 407 54.97 -80.20 -37.95
N PRO H 408 54.94 -80.86 -39.13
CA PRO H 408 53.68 -81.02 -39.87
C PRO H 408 52.60 -81.66 -38.99
N PRO H 409 51.51 -80.92 -38.73
CA PRO H 409 50.35 -81.30 -37.91
C PRO H 409 49.93 -82.77 -37.87
N GLU H 410 50.13 -83.48 -38.98
CA GLU H 410 49.77 -84.90 -39.04
C GLU H 410 50.90 -85.77 -38.46
N GLU H 411 52.13 -85.30 -38.61
CA GLU H 411 53.33 -85.97 -38.10
C GLU H 411 53.52 -85.65 -36.62
N ALA H 412 52.93 -84.54 -36.18
CA ALA H 412 53.02 -84.09 -34.79
C ALA H 412 51.99 -84.81 -33.91
N ALA H 413 50.98 -85.39 -34.54
CA ALA H 413 49.93 -86.11 -33.83
C ALA H 413 50.43 -87.49 -33.37
N SER H 414 51.61 -87.86 -33.84
CA SER H 414 52.22 -89.15 -33.47
C SER H 414 53.11 -89.01 -32.23
N ILE H 415 53.17 -87.80 -31.67
CA ILE H 415 53.96 -87.51 -30.47
C ILE H 415 53.05 -87.51 -29.25
N PRO H 416 53.17 -88.52 -28.38
CA PRO H 416 52.34 -88.63 -27.17
C PRO H 416 52.70 -87.53 -26.17
N GLN H 417 51.68 -87.04 -25.46
CA GLN H 417 51.87 -85.99 -24.46
C GLN H 417 51.67 -86.59 -23.07
N THR H 418 52.21 -85.91 -22.06
CA THR H 418 52.05 -86.34 -20.68
C THR H 418 50.67 -85.88 -20.24
N PRO H 419 50.09 -86.51 -19.20
CA PRO H 419 48.76 -86.07 -18.77
C PRO H 419 48.84 -84.60 -18.35
N THR H 420 47.73 -83.88 -18.45
CA THR H 420 47.68 -82.45 -18.14
C THR H 420 47.04 -82.09 -16.80
N GLN H 421 46.73 -83.09 -15.98
CA GLN H 421 46.07 -82.84 -14.70
C GLN H 421 46.56 -83.83 -13.66
N LEU H 422 46.62 -83.40 -12.40
CA LEU H 422 47.07 -84.26 -11.31
C LEU H 422 46.11 -85.44 -11.12
N SER H 423 44.81 -85.17 -11.23
CA SER H 423 43.80 -86.22 -11.09
C SER H 423 44.03 -87.34 -12.11
N ASP H 424 44.55 -86.96 -13.29
CA ASP H 424 44.85 -87.88 -14.34
C ASP H 424 45.98 -88.82 -13.98
N VAL H 425 47.14 -88.25 -13.63
CA VAL H 425 48.30 -89.04 -13.26
C VAL H 425 48.04 -89.90 -12.03
N ILE H 426 47.18 -89.42 -11.13
CA ILE H 426 46.84 -90.17 -9.94
C ILE H 426 45.99 -91.38 -10.35
N ASP H 427 45.09 -91.17 -11.31
CA ASP H 427 44.24 -92.25 -11.83
C ASP H 427 45.13 -93.29 -12.51
N ARG H 428 46.12 -92.83 -13.26
CA ARG H 428 47.05 -93.69 -13.99
C ARG H 428 47.94 -94.50 -13.04
N LEU H 429 48.33 -93.88 -11.91
CA LEU H 429 49.17 -94.54 -10.92
C LEU H 429 48.37 -95.67 -10.27
N GLU H 430 47.11 -95.39 -9.98
CA GLU H 430 46.20 -96.34 -9.37
C GLU H 430 45.99 -97.56 -10.28
N ALA H 431 45.89 -97.29 -11.58
CA ALA H 431 45.67 -98.34 -12.58
C ALA H 431 46.91 -99.15 -12.93
N ASP H 432 48.09 -98.52 -12.87
CA ASP H 432 49.33 -99.18 -13.22
C ASP H 432 50.50 -98.78 -12.31
N HIS H 433 50.78 -99.60 -11.32
CA HIS H 433 51.89 -99.32 -10.39
C HIS H 433 52.70 -100.53 -10.01
N GLU H 434 52.59 -101.60 -10.80
CA GLU H 434 53.32 -102.83 -10.50
C GLU H 434 54.83 -102.67 -10.58
N TYR H 435 55.30 -101.81 -11.49
CA TYR H 435 56.73 -101.58 -11.64
C TYR H 435 57.31 -100.96 -10.37
N LEU H 436 56.46 -100.26 -9.62
CA LEU H 436 56.86 -99.61 -8.37
C LEU H 436 56.98 -100.62 -7.24
N THR H 437 56.07 -101.60 -7.20
CA THR H 437 56.07 -102.63 -6.16
C THR H 437 57.09 -103.75 -6.33
N GLU H 438 57.81 -103.73 -7.45
CA GLU H 438 58.84 -104.74 -7.71
C GLU H 438 59.87 -104.73 -6.59
N GLY H 439 60.27 -105.91 -6.15
CA GLY H 439 61.26 -106.02 -5.08
C GLY H 439 60.80 -105.42 -3.76
N GLY H 440 59.52 -105.06 -3.68
CA GLY H 440 58.96 -104.47 -2.48
C GLY H 440 59.41 -103.05 -2.18
N VAL H 441 59.97 -102.36 -3.17
CA VAL H 441 60.45 -100.97 -2.99
C VAL H 441 59.29 -100.07 -2.57
N PHE H 442 58.20 -100.12 -3.31
CA PHE H 442 57.00 -99.36 -2.96
C PHE H 442 55.99 -100.45 -2.58
N THR H 443 55.06 -100.14 -1.68
CA THR H 443 54.03 -101.11 -1.30
C THR H 443 52.70 -100.58 -1.81
N ASN H 444 51.74 -101.47 -2.05
CA ASN H 444 50.43 -101.02 -2.49
C ASN H 444 49.83 -100.09 -1.47
N ASP H 445 50.19 -100.36 -0.21
CA ASP H 445 49.74 -99.56 0.93
C ASP H 445 50.18 -98.11 0.77
N LEU H 446 51.47 -97.89 0.56
CA LEU H 446 52.03 -96.55 0.39
C LEU H 446 51.40 -95.85 -0.81
N ILE H 447 51.28 -96.58 -1.91
CA ILE H 447 50.71 -96.05 -3.15
C ILE H 447 49.25 -95.63 -2.96
N GLU H 448 48.48 -96.42 -2.23
CA GLU H 448 47.07 -96.11 -1.97
C GLU H 448 46.95 -94.89 -1.07
N THR H 449 47.87 -94.78 -0.12
CA THR H 449 47.90 -93.67 0.82
C THR H 449 48.19 -92.37 0.07
N TRP H 450 49.16 -92.43 -0.84
CA TRP H 450 49.56 -91.29 -1.67
C TRP H 450 48.38 -90.84 -2.52
N ILE H 451 47.71 -91.79 -3.14
CA ILE H 451 46.54 -91.52 -3.98
C ILE H 451 45.42 -90.85 -3.19
N SER H 452 45.17 -91.33 -1.97
CA SER H 452 44.12 -90.78 -1.11
C SER H 452 44.51 -89.38 -0.64
N PHE H 453 45.76 -89.22 -0.25
CA PHE H 453 46.29 -87.95 0.23
C PHE H 453 46.08 -86.85 -0.83
N LYS H 454 46.49 -87.14 -2.06
CA LYS H 454 46.36 -86.19 -3.16
C LYS H 454 44.92 -85.87 -3.50
N ARG H 455 44.07 -86.88 -3.52
CA ARG H 455 42.66 -86.67 -3.85
C ARG H 455 41.90 -85.88 -2.80
N GLU H 456 42.12 -86.23 -1.54
CA GLU H 456 41.43 -85.58 -0.43
C GLU H 456 42.00 -84.25 0.02
N ASN H 457 43.32 -84.13 0.01
CA ASN H 457 43.98 -82.92 0.48
C ASN H 457 44.39 -81.89 -0.58
N GLU H 458 44.39 -82.29 -1.85
CA GLU H 458 44.80 -81.38 -2.90
C GLU H 458 43.82 -81.25 -4.06
N ILE H 459 43.53 -82.35 -4.73
CA ILE H 459 42.63 -82.35 -5.87
C ILE H 459 41.23 -81.83 -5.56
N GLU H 460 40.58 -82.43 -4.56
CA GLU H 460 39.23 -82.04 -4.16
C GLU H 460 39.15 -80.60 -3.65
N PRO H 461 40.02 -80.21 -2.71
CA PRO H 461 40.00 -78.84 -2.17
C PRO H 461 40.08 -77.73 -3.23
N VAL H 462 40.94 -77.91 -4.24
CA VAL H 462 41.08 -76.93 -5.30
C VAL H 462 39.86 -76.97 -6.22
N ASN H 463 39.42 -78.19 -6.52
CA ASN H 463 38.28 -78.40 -7.40
C ASN H 463 36.94 -77.81 -6.94
N ILE H 464 36.68 -77.80 -5.63
CA ILE H 464 35.42 -77.27 -5.12
C ILE H 464 35.38 -75.75 -4.98
N ARG H 465 36.56 -75.13 -5.05
CA ARG H 465 36.67 -73.68 -4.90
C ARG H 465 36.67 -72.92 -6.22
N PRO H 466 35.70 -72.01 -6.40
CA PRO H 466 35.64 -71.23 -7.64
C PRO H 466 36.95 -70.47 -7.87
N HIS H 467 37.41 -70.48 -9.12
CA HIS H 467 38.63 -69.80 -9.53
C HIS H 467 38.27 -68.34 -9.87
N PRO H 468 39.15 -67.38 -9.55
CA PRO H 468 38.91 -65.96 -9.82
C PRO H 468 38.53 -65.68 -11.28
N TYR H 469 39.18 -66.38 -12.21
CA TYR H 469 38.92 -66.19 -13.63
C TYR H 469 37.50 -66.60 -14.04
N GLU H 470 36.86 -67.44 -13.22
CA GLU H 470 35.50 -67.86 -13.50
C GLU H 470 34.55 -66.70 -13.34
N PHE H 471 34.94 -65.71 -12.53
CA PHE H 471 34.11 -64.53 -12.33
C PHE H 471 34.22 -63.59 -13.52
N ALA H 472 35.42 -63.53 -14.10
CA ALA H 472 35.67 -62.70 -15.27
C ALA H 472 34.87 -63.29 -16.41
N LEU H 473 34.93 -64.61 -16.50
CA LEU H 473 34.28 -65.39 -17.52
C LEU H 473 32.74 -65.53 -17.36
N TYR H 474 32.25 -65.79 -16.13
CA TYR H 474 30.82 -66.12 -15.96
C TYR H 474 29.95 -65.24 -15.04
N TYR H 475 30.45 -64.21 -14.37
CA TYR H 475 29.55 -63.43 -13.53
C TYR H 475 28.35 -62.90 -14.30
N ASP H 476 28.57 -62.56 -15.58
CA ASP H 476 27.56 -61.98 -16.46
C ASP H 476 26.67 -62.94 -17.24
N VAL H 477 26.83 -64.26 -17.06
CA VAL H 477 26.04 -65.24 -17.82
C VAL H 477 24.53 -65.04 -17.85
N THR I 1 65.77 -82.79 48.87
CA THR I 1 66.20 -84.22 48.87
C THR I 1 67.68 -84.37 49.22
N GLU I 2 68.55 -83.72 48.45
CA GLU I 2 69.98 -83.81 48.70
C GLU I 2 70.76 -82.50 48.89
N LYS I 3 70.17 -81.37 48.54
CA LYS I 3 70.87 -80.09 48.72
C LYS I 3 70.80 -79.57 50.15
N THR I 4 71.95 -79.15 50.64
CA THR I 4 72.14 -78.65 51.99
C THR I 4 72.05 -77.13 52.07
N PRO I 5 71.63 -76.60 53.23
CA PRO I 5 71.53 -75.14 53.39
C PRO I 5 72.90 -74.51 53.05
N ASP I 6 73.97 -75.23 53.36
CA ASP I 6 75.33 -74.77 53.07
C ASP I 6 75.60 -74.70 51.57
N ASP I 7 74.98 -75.60 50.81
CA ASP I 7 75.14 -75.61 49.36
C ASP I 7 74.52 -74.33 48.81
N VAL I 8 73.39 -73.94 49.38
CA VAL I 8 72.66 -72.74 48.98
C VAL I 8 73.48 -71.48 49.29
N PHE I 9 74.09 -71.43 50.48
CA PHE I 9 74.89 -70.28 50.87
C PHE I 9 76.12 -70.15 49.97
N LYS I 10 76.67 -71.29 49.55
CA LYS I 10 77.83 -71.31 48.66
C LYS I 10 77.42 -70.79 47.30
N LEU I 11 76.25 -71.23 46.83
CA LEU I 11 75.71 -70.80 45.53
C LEU I 11 75.56 -69.27 45.56
N ALA I 12 74.96 -68.77 46.63
CA ALA I 12 74.73 -67.35 46.81
C ALA I 12 76.05 -66.55 46.81
N LYS I 13 77.05 -67.05 47.53
CA LYS I 13 78.35 -66.39 47.61
C LYS I 13 79.08 -66.40 46.26
N ASP I 14 79.16 -67.57 45.63
CA ASP I 14 79.84 -67.72 44.35
C ASP I 14 79.21 -66.88 43.24
N GLU I 15 77.88 -66.81 43.23
CA GLU I 15 77.16 -66.05 42.22
C GLU I 15 77.06 -64.56 42.52
N LYS I 16 77.56 -64.15 43.68
CA LYS I 16 77.54 -62.74 44.11
C LYS I 16 76.10 -62.22 44.09
N VAL I 17 75.20 -63.03 44.62
CA VAL I 17 73.78 -62.74 44.71
C VAL I 17 73.54 -61.52 45.60
N GLU I 18 72.70 -60.59 45.13
CA GLU I 18 72.39 -59.42 45.95
C GLU I 18 71.01 -59.45 46.57
N TYR I 19 70.11 -60.25 46.00
CA TYR I 19 68.75 -60.38 46.54
C TYR I 19 68.31 -61.84 46.57
N VAL I 20 67.41 -62.14 47.50
CA VAL I 20 66.86 -63.49 47.60
C VAL I 20 65.35 -63.35 47.45
N ASP I 21 64.78 -64.08 46.50
CA ASP I 21 63.36 -64.02 46.26
C ASP I 21 62.64 -65.14 47.00
N VAL I 22 61.80 -64.75 47.95
CA VAL I 22 61.04 -65.68 48.77
C VAL I 22 59.73 -66.05 48.06
N ARG I 23 59.66 -67.29 47.61
CA ARG I 23 58.48 -67.76 46.87
C ARG I 23 57.67 -68.83 47.58
N PHE I 24 56.36 -68.75 47.40
CA PHE I 24 55.42 -69.69 47.97
C PHE I 24 54.23 -69.77 47.02
N CYS I 25 53.55 -70.90 47.01
CA CYS I 25 52.45 -71.10 46.09
C CYS I 25 51.07 -70.76 46.64
N ASP I 26 50.25 -70.10 45.83
CA ASP I 26 48.90 -69.77 46.24
C ASP I 26 47.97 -70.94 45.92
N LEU I 27 46.71 -70.86 46.32
CA LEU I 27 45.75 -71.92 46.09
C LEU I 27 45.59 -72.35 44.62
N PRO I 28 45.11 -71.44 43.75
CA PRO I 28 44.94 -71.83 42.34
C PRO I 28 46.17 -72.34 41.59
N GLY I 29 47.37 -71.91 42.00
CA GLY I 29 48.57 -72.39 41.34
C GLY I 29 49.64 -71.42 40.89
N ILE I 30 49.49 -70.14 41.22
CA ILE I 30 50.47 -69.13 40.85
C ILE I 30 51.43 -68.81 41.99
N MET I 31 52.72 -68.81 41.69
CA MET I 31 53.73 -68.52 42.70
C MET I 31 53.72 -67.05 43.10
N GLN I 32 53.83 -66.82 44.41
CA GLN I 32 53.83 -65.48 44.99
C GLN I 32 55.24 -65.20 45.49
N HIS I 33 55.55 -63.94 45.76
CA HIS I 33 56.88 -63.62 46.26
C HIS I 33 57.05 -62.23 46.87
N PHE I 34 58.17 -62.09 47.56
CA PHE I 34 58.62 -60.84 48.15
C PHE I 34 60.13 -61.01 48.20
N THR I 35 60.86 -59.90 48.21
CA THR I 35 62.31 -59.97 48.17
C THR I 35 63.01 -59.40 49.40
N ILE I 36 64.11 -60.03 49.78
CA ILE I 36 64.92 -59.58 50.90
C ILE I 36 66.37 -59.46 50.41
N PRO I 37 67.16 -58.59 51.04
CA PRO I 37 68.57 -58.45 50.61
C PRO I 37 69.32 -59.74 50.96
N ALA I 38 70.33 -60.07 50.16
CA ALA I 38 71.11 -61.29 50.39
C ALA I 38 71.77 -61.28 51.77
N SER I 39 72.14 -60.09 52.22
CA SER I 39 72.78 -59.92 53.54
C SER I 39 71.91 -60.43 54.69
N ALA I 40 70.59 -60.47 54.48
CA ALA I 40 69.64 -60.94 55.49
C ALA I 40 69.36 -62.43 55.35
N PHE I 41 70.02 -63.07 54.37
CA PHE I 41 69.84 -64.49 54.13
C PHE I 41 70.96 -65.27 54.81
N ASP I 42 70.64 -65.84 55.97
CA ASP I 42 71.60 -66.60 56.76
C ASP I 42 70.98 -67.87 57.33
N LYS I 43 71.69 -68.51 58.25
CA LYS I 43 71.24 -69.74 58.90
C LYS I 43 69.91 -69.61 59.62
N SER I 44 69.64 -68.42 60.16
CA SER I 44 68.40 -68.18 60.90
C SER I 44 67.15 -68.28 60.01
N VAL I 45 67.34 -68.14 58.69
CA VAL I 45 66.23 -68.25 57.75
C VAL I 45 65.79 -69.71 57.67
N PHE I 46 66.76 -70.62 57.71
CA PHE I 46 66.49 -72.06 57.66
C PHE I 46 66.02 -72.61 59.01
N ASP I 47 66.55 -72.05 60.09
CA ASP I 47 66.21 -72.49 61.44
C ASP I 47 64.90 -71.91 61.97
N ASP I 48 64.80 -70.58 61.92
CA ASP I 48 63.61 -69.89 62.44
C ASP I 48 62.57 -69.54 61.39
N GLY I 49 63.00 -69.36 60.15
CA GLY I 49 62.08 -69.01 59.08
C GLY I 49 61.87 -67.51 58.96
N LEU I 50 60.96 -67.12 58.06
CA LEU I 50 60.66 -65.72 57.82
C LEU I 50 59.21 -65.43 58.11
N ALA I 51 58.94 -64.30 58.73
CA ALA I 51 57.57 -63.91 59.04
C ALA I 51 56.97 -63.09 57.90
N PHE I 52 55.66 -63.26 57.66
CA PHE I 52 54.92 -62.55 56.64
C PHE I 52 53.41 -62.64 56.99
N ASP I 53 52.62 -61.74 56.39
CA ASP I 53 51.16 -61.55 56.65
C ASP I 53 50.19 -62.30 55.76
N GLY I 54 49.08 -62.88 56.23
CA GLY I 54 48.20 -63.42 55.20
C GLY I 54 47.84 -62.24 54.31
N SER I 55 48.43 -62.12 53.13
CA SER I 55 48.12 -60.96 52.28
C SER I 55 47.22 -61.33 51.10
N SER I 56 46.60 -60.37 50.44
CA SER I 56 45.66 -60.69 49.39
C SER I 56 44.53 -61.42 50.13
N ILE I 57 43.60 -62.18 49.50
CA ILE I 57 42.49 -62.59 50.37
C ILE I 57 41.99 -64.04 50.33
N ARG I 58 42.01 -64.79 49.25
CA ARG I 58 41.33 -66.09 49.29
C ARG I 58 42.19 -67.34 49.28
N GLY I 59 41.88 -68.29 50.17
CA GLY I 59 42.60 -69.56 50.30
C GLY I 59 43.38 -69.58 51.61
N PHE I 60 44.34 -68.66 51.74
CA PHE I 60 45.28 -68.54 52.89
C PHE I 60 44.68 -67.91 54.18
N GLN I 61 45.53 -67.63 55.21
CA GLN I 61 45.23 -67.10 56.54
C GLN I 61 44.67 -65.66 56.59
N SER I 62 43.35 -65.56 56.81
CA SER I 62 42.61 -64.29 56.90
C SER I 62 42.97 -63.51 58.18
N ILE I 63 42.10 -62.59 58.66
CA ILE I 63 42.43 -61.80 59.87
C ILE I 63 41.80 -62.43 61.14
N HIS I 64 42.01 -63.74 61.30
CA HIS I 64 41.56 -64.53 62.48
C HIS I 64 42.61 -65.61 62.65
N GLU I 65 43.49 -65.59 61.61
CA GLU I 65 44.64 -66.50 61.41
C GLU I 65 45.86 -65.82 60.77
N SER I 66 45.74 -64.52 60.48
CA SER I 66 46.71 -63.59 59.87
C SER I 66 48.15 -64.09 59.59
N ASP I 67 49.05 -63.95 60.55
CA ASP I 67 50.50 -64.16 60.38
C ASP I 67 50.94 -65.56 60.05
N MET I 68 51.92 -65.69 59.13
CA MET I 68 52.48 -66.96 58.72
C MET I 68 54.01 -66.97 58.85
N LEU I 69 54.58 -68.17 58.91
CA LEU I 69 56.02 -68.35 59.01
C LEU I 69 56.45 -69.16 57.78
N LEU I 70 57.50 -68.70 57.10
CA LEU I 70 57.98 -69.37 55.89
C LEU I 70 59.32 -70.09 56.09
N LEU I 71 59.33 -71.39 55.82
CA LEU I 71 60.55 -72.20 55.95
C LEU I 71 61.01 -72.61 54.54
N PRO I 72 62.28 -72.36 54.21
CA PRO I 72 62.87 -72.68 52.90
C PRO I 72 63.12 -74.14 52.57
N ASP I 73 63.06 -74.44 51.27
CA ASP I 73 63.34 -75.77 50.74
C ASP I 73 64.60 -75.58 49.90
N PRO I 74 65.77 -75.97 50.43
CA PRO I 74 67.05 -75.85 49.76
C PRO I 74 67.17 -76.47 48.36
N GLU I 75 66.33 -77.46 48.07
CA GLU I 75 66.36 -78.11 46.77
C GLU I 75 65.78 -77.25 45.65
N THR I 76 65.02 -76.23 46.02
CA THR I 76 64.38 -75.33 45.06
C THR I 76 65.18 -74.07 44.73
N ALA I 77 66.34 -73.92 45.36
CA ALA I 77 67.20 -72.76 45.16
C ALA I 77 67.78 -72.70 43.74
N ARG I 78 67.47 -71.61 43.05
CA ARG I 78 67.94 -71.40 41.67
C ARG I 78 68.26 -69.93 41.44
N ILE I 79 69.27 -69.67 40.60
CA ILE I 79 69.62 -68.31 40.24
C ILE I 79 68.62 -67.86 39.17
N ASP I 80 68.02 -66.69 39.35
CA ASP I 80 67.06 -66.16 38.39
C ASP I 80 67.83 -65.63 37.17
N PRO I 81 67.54 -66.16 35.97
CA PRO I 81 68.22 -65.73 34.74
C PRO I 81 67.65 -64.48 34.09
N PHE I 82 66.56 -63.95 34.64
CA PHE I 82 65.89 -62.78 34.08
C PHE I 82 66.11 -61.48 34.85
N ARG I 83 66.12 -61.56 36.18
CA ARG I 83 66.31 -60.37 37.02
C ARG I 83 67.67 -59.72 36.84
N ALA I 84 67.66 -58.40 36.57
CA ALA I 84 68.89 -57.62 36.37
C ALA I 84 69.80 -57.71 37.59
N ALA I 85 69.25 -57.47 38.77
CA ALA I 85 70.01 -57.57 40.01
C ALA I 85 70.14 -59.07 40.30
N LYS I 86 71.36 -59.56 40.47
CA LYS I 86 71.58 -60.99 40.73
C LYS I 86 70.73 -61.49 41.90
N THR I 87 69.79 -62.38 41.58
CA THR I 87 68.85 -62.90 42.55
C THR I 87 68.80 -64.42 42.65
N LEU I 88 68.59 -64.91 43.87
CA LEU I 88 68.47 -66.33 44.16
C LEU I 88 67.01 -66.60 44.53
N ASN I 89 66.34 -67.47 43.78
CA ASN I 89 64.96 -67.82 44.06
C ASN I 89 64.91 -69.09 44.89
N ILE I 90 64.04 -69.11 45.91
CA ILE I 90 63.87 -70.28 46.77
C ILE I 90 62.40 -70.40 47.13
N ASN I 91 61.89 -71.62 47.11
CA ASN I 91 60.49 -71.87 47.47
C ASN I 91 60.43 -72.20 48.95
N PHE I 92 59.32 -71.82 49.58
CA PHE I 92 59.12 -72.01 51.00
C PHE I 92 57.85 -72.77 51.33
N PHE I 93 57.78 -73.28 52.56
CA PHE I 93 56.61 -73.97 53.09
C PHE I 93 56.02 -73.00 54.10
N VAL I 94 54.70 -72.93 54.14
CA VAL I 94 54.01 -72.04 55.07
C VAL I 94 53.70 -72.79 56.36
N HIS I 95 54.17 -72.25 57.48
CA HIS I 95 53.94 -72.85 58.80
C HIS I 95 53.19 -71.89 59.71
N ASP I 96 52.64 -72.43 60.78
CA ASP I 96 51.93 -71.62 61.77
C ASP I 96 53.07 -71.10 62.66
N PRO I 97 53.12 -69.78 62.89
CA PRO I 97 54.17 -69.15 63.71
C PRO I 97 54.38 -69.83 65.08
N PHE I 98 53.28 -69.95 65.82
CA PHE I 98 53.25 -70.54 67.15
C PHE I 98 53.65 -72.01 67.21
N THR I 99 52.84 -72.88 66.63
CA THR I 99 53.07 -74.32 66.66
C THR I 99 54.12 -74.87 65.69
N LEU I 100 54.53 -74.05 64.72
CA LEU I 100 55.49 -74.45 63.69
C LEU I 100 54.88 -75.59 62.87
N GLU I 101 53.55 -75.67 62.95
CA GLU I 101 52.77 -76.70 62.26
C GLU I 101 52.52 -76.29 60.82
N PRO I 102 52.82 -77.20 59.86
CA PRO I 102 52.61 -76.92 58.43
C PRO I 102 51.18 -76.49 58.16
N TYR I 103 51.02 -75.35 57.50
CA TYR I 103 49.70 -74.82 57.17
C TYR I 103 49.02 -75.79 56.20
N SER I 104 47.82 -76.23 56.57
CA SER I 104 47.06 -77.19 55.78
C SER I 104 46.58 -76.74 54.40
N ARG I 105 46.63 -75.45 54.12
CA ARG I 105 46.18 -74.95 52.82
C ARG I 105 47.31 -74.53 51.89
N ASP I 106 48.55 -74.79 52.30
CA ASP I 106 49.72 -74.49 51.49
C ASP I 106 49.94 -75.69 50.57
N PRO I 107 49.79 -75.48 49.26
CA PRO I 107 49.96 -76.55 48.27
C PRO I 107 51.25 -77.35 48.41
N ARG I 108 52.34 -76.68 48.76
CA ARG I 108 53.61 -77.38 48.91
C ARG I 108 53.62 -78.33 50.11
N ASN I 109 52.82 -78.01 51.13
CA ASN I 109 52.72 -78.86 52.31
C ASN I 109 51.92 -80.12 51.97
N ILE I 110 50.90 -79.95 51.12
CA ILE I 110 50.07 -81.06 50.68
C ILE I 110 50.92 -82.10 49.95
N ALA I 111 51.79 -81.61 49.07
CA ALA I 111 52.67 -82.49 48.29
C ALA I 111 53.64 -83.21 49.22
N ARG I 112 54.14 -82.51 50.24
CA ARG I 112 55.06 -83.11 51.19
C ARG I 112 54.32 -84.17 52.02
N LYS I 113 53.11 -83.85 52.45
CA LYS I 113 52.28 -84.77 53.22
C LYS I 113 51.99 -86.02 52.39
N ALA I 114 51.79 -85.84 51.09
CA ALA I 114 51.51 -86.95 50.19
C ALA I 114 52.68 -87.91 50.11
N GLU I 115 53.90 -87.36 50.09
CA GLU I 115 55.10 -88.18 50.03
C GLU I 115 55.31 -88.94 51.33
N ASN I 116 55.03 -88.28 52.46
CA ASN I 116 55.17 -88.89 53.77
C ASN I 116 54.13 -90.00 53.99
N TYR I 117 52.94 -89.77 53.46
CA TYR I 117 51.87 -90.76 53.56
C TYR I 117 52.23 -92.02 52.78
N LEU I 118 52.84 -91.84 51.61
CA LEU I 118 53.25 -92.94 50.75
C LEU I 118 54.17 -93.86 51.55
N ILE I 119 55.14 -93.25 52.23
CA ILE I 119 56.10 -93.98 53.04
C ILE I 119 55.41 -94.72 54.20
N SER I 120 54.44 -94.05 54.82
CA SER I 120 53.71 -94.62 55.95
C SER I 120 52.85 -95.85 55.58
N THR I 121 52.43 -95.94 54.33
CA THR I 121 51.61 -97.08 53.89
C THR I 121 52.45 -98.32 53.65
N GLY I 122 53.77 -98.12 53.52
CA GLY I 122 54.66 -99.23 53.28
C GLY I 122 54.65 -99.70 51.83
N ILE I 123 53.69 -99.19 51.05
CA ILE I 123 53.54 -99.54 49.63
C ILE I 123 54.80 -99.22 48.83
N ALA I 124 55.38 -98.05 49.10
CA ALA I 124 56.60 -97.60 48.43
C ALA I 124 57.18 -96.44 49.21
N ASP I 125 58.38 -95.99 48.84
CA ASP I 125 58.97 -94.85 49.53
C ASP I 125 59.21 -93.65 48.62
N THR I 126 58.94 -93.81 47.32
CA THR I 126 59.13 -92.74 46.35
C THR I 126 58.14 -92.80 45.19
N ALA I 127 57.56 -91.65 44.86
CA ALA I 127 56.62 -91.54 43.74
C ALA I 127 57.24 -90.58 42.73
N TYR I 128 57.66 -91.11 41.57
CA TYR I 128 58.28 -90.28 40.55
C TYR I 128 57.26 -89.74 39.56
N PHE I 129 57.34 -88.44 39.30
CA PHE I 129 56.44 -87.78 38.36
C PHE I 129 57.19 -87.10 37.22
N GLY I 130 56.77 -87.41 35.99
CA GLY I 130 57.36 -86.81 34.82
C GLY I 130 56.22 -86.11 34.12
N ALA I 131 56.31 -84.79 33.99
CA ALA I 131 55.23 -84.03 33.37
C ALA I 131 55.67 -83.27 32.13
N GLU I 132 54.80 -83.31 31.13
CA GLU I 132 55.09 -82.66 29.87
C GLU I 132 53.99 -81.67 29.51
N ALA I 133 54.33 -80.41 29.74
CA ALA I 133 53.41 -79.32 29.52
C ALA I 133 53.66 -78.57 28.23
N GLU I 134 52.63 -78.56 27.39
CA GLU I 134 52.64 -77.87 26.12
C GLU I 134 52.22 -76.44 26.39
N PHE I 135 52.63 -75.53 25.53
CA PHE I 135 52.27 -74.12 25.67
C PHE I 135 52.24 -73.45 24.29
N TYR I 136 51.63 -72.27 24.23
CA TYR I 136 51.57 -71.50 23.00
C TYR I 136 52.32 -70.19 23.14
N ILE I 137 53.00 -69.82 22.06
CA ILE I 137 53.77 -68.58 22.01
C ILE I 137 53.01 -67.61 21.11
N PHE I 138 52.56 -66.49 21.68
CA PHE I 138 51.83 -65.49 20.94
C PHE I 138 52.59 -64.17 20.90
N ASP I 139 52.09 -63.24 20.09
CA ASP I 139 52.70 -61.91 19.98
C ASP I 139 51.86 -60.93 20.78
N SER I 140 50.57 -61.23 20.90
CA SER I 140 49.66 -60.36 21.63
C SER I 140 48.41 -61.06 22.11
N VAL I 141 47.78 -60.44 23.10
CA VAL I 141 46.53 -60.92 23.68
C VAL I 141 45.78 -59.75 24.30
N SER I 142 44.50 -59.64 23.97
CA SER I 142 43.66 -58.58 24.52
C SER I 142 42.26 -59.16 24.70
N PHE I 143 41.52 -58.62 25.66
CA PHE I 143 40.17 -59.08 25.95
C PHE I 143 39.50 -58.16 26.95
N ASP I 144 38.18 -58.25 27.04
CA ASP I 144 37.40 -57.50 28.01
C ASP I 144 36.00 -58.03 28.12
N SER I 145 35.30 -57.60 29.17
CA SER I 145 33.94 -58.01 29.42
C SER I 145 33.19 -56.78 29.88
N ARG I 146 32.24 -56.32 29.07
CA ARG I 146 31.47 -55.14 29.39
C ARG I 146 29.98 -55.47 29.39
N ALA I 147 29.16 -54.48 29.72
CA ALA I 147 27.72 -54.67 29.76
C ALA I 147 27.11 -54.99 28.41
N ASN I 148 27.59 -54.30 27.37
CA ASN I 148 27.06 -54.45 26.03
C ASN I 148 27.93 -55.22 25.04
N GLY I 149 29.03 -55.79 25.52
CA GLY I 149 29.90 -56.51 24.63
C GLY I 149 31.05 -57.17 25.34
N SER I 150 31.73 -58.05 24.62
CA SER I 150 32.86 -58.78 25.17
C SER I 150 33.66 -59.33 24.00
N PHE I 151 34.96 -59.50 24.21
CA PHE I 151 35.82 -60.05 23.16
C PHE I 151 37.12 -60.57 23.72
N TYR I 152 37.83 -61.30 22.87
CA TYR I 152 39.17 -61.80 23.19
C TYR I 152 39.85 -61.93 21.85
N GLU I 153 41.16 -61.82 21.85
CA GLU I 153 41.91 -61.95 20.63
C GLU I 153 43.36 -62.24 20.94
N VAL I 154 43.83 -63.40 20.49
CA VAL I 154 45.23 -63.77 20.64
C VAL I 154 45.78 -63.69 19.22
N ASP I 155 47.04 -63.32 19.08
CA ASP I 155 47.59 -63.22 17.74
C ASP I 155 49.08 -63.52 17.71
N ALA I 156 49.52 -63.95 16.54
CA ALA I 156 50.91 -64.28 16.29
C ALA I 156 51.16 -63.95 14.84
N ILE I 157 52.27 -63.28 14.58
CA ILE I 157 52.67 -62.87 13.25
C ILE I 157 52.58 -64.04 12.26
N SER I 158 53.09 -65.19 12.68
CA SER I 158 53.09 -66.40 11.86
C SER I 158 51.87 -67.31 12.02
N GLY I 159 50.80 -66.79 12.61
CA GLY I 159 49.59 -67.58 12.78
C GLY I 159 48.98 -67.94 11.44
N TRP I 160 48.54 -69.19 11.30
CA TRP I 160 47.96 -69.67 10.05
C TRP I 160 46.69 -68.94 9.59
N TRP I 161 46.09 -68.17 10.49
CA TRP I 161 44.89 -67.40 10.16
C TRP I 161 45.27 -66.04 9.54
N ASN I 162 46.56 -65.78 9.43
CA ASN I 162 47.07 -64.52 8.89
C ASN I 162 47.71 -64.61 7.50
N THR I 163 47.41 -65.67 6.74
CA THR I 163 48.00 -65.82 5.41
C THR I 163 47.62 -64.69 4.47
N GLY I 164 46.44 -64.10 4.68
CA GLY I 164 45.98 -63.02 3.84
C GLY I 164 46.38 -61.61 4.21
N ALA I 165 47.16 -61.46 5.29
CA ALA I 165 47.59 -60.14 5.74
C ALA I 165 48.39 -59.41 4.66
N ALA I 166 47.94 -58.21 4.31
CA ALA I 166 48.59 -57.39 3.29
C ALA I 166 50.01 -57.05 3.72
N THR I 167 50.17 -56.71 5.00
CA THR I 167 51.46 -56.39 5.60
C THR I 167 51.39 -56.86 7.06
N GLU I 168 52.54 -57.02 7.70
CA GLU I 168 52.58 -57.45 9.08
C GLU I 168 52.12 -56.33 10.01
N ALA I 169 51.99 -56.65 11.30
CA ALA I 169 51.56 -55.69 12.30
C ALA I 169 52.45 -54.45 12.28
N ASP I 170 53.77 -54.67 12.19
CA ASP I 170 54.75 -53.60 12.15
C ASP I 170 54.96 -52.94 10.79
N GLY I 171 54.03 -53.16 9.86
CA GLY I 171 54.15 -52.56 8.54
C GLY I 171 55.03 -53.30 7.54
N SER I 172 55.87 -54.23 8.04
CA SER I 172 56.76 -55.00 7.17
C SER I 172 55.97 -55.96 6.28
N PRO I 173 56.57 -56.42 5.17
CA PRO I 173 55.84 -57.34 4.28
C PRO I 173 55.56 -58.75 4.82
N ASN I 174 54.45 -59.31 4.35
CA ASN I 174 54.04 -60.66 4.71
C ASN I 174 54.92 -61.60 3.89
N ARG I 175 55.76 -62.38 4.57
CA ARG I 175 56.66 -63.30 3.89
C ARG I 175 56.20 -64.74 3.80
N GLY I 176 54.97 -64.99 4.24
CA GLY I 176 54.42 -66.33 4.18
C GLY I 176 54.94 -67.33 5.19
N TYR I 177 54.86 -68.61 4.82
CA TYR I 177 55.29 -69.71 5.68
C TYR I 177 54.47 -69.79 6.97
N LYS I 178 53.22 -69.36 6.88
CA LYS I 178 52.29 -69.36 8.01
C LYS I 178 51.38 -70.59 7.96
N VAL I 179 51.04 -71.02 6.75
CA VAL I 179 50.15 -72.16 6.54
C VAL I 179 50.57 -73.45 7.24
N ARG I 180 49.55 -74.12 7.76
CA ARG I 180 49.70 -75.35 8.51
C ARG I 180 49.34 -76.48 7.53
N HIS I 181 50.37 -77.11 6.97
CA HIS I 181 50.19 -78.19 5.98
C HIS I 181 49.84 -79.57 6.50
N LYS I 182 49.20 -80.34 5.63
CA LYS I 182 48.81 -81.71 5.91
C LYS I 182 50.06 -82.57 5.71
N GLY I 183 50.20 -83.64 6.49
CA GLY I 183 51.37 -84.51 6.34
C GLY I 183 52.30 -84.55 7.54
N GLY I 184 52.62 -83.38 8.08
CA GLY I 184 53.52 -83.32 9.21
C GLY I 184 53.41 -81.98 9.90
N TYR I 185 53.29 -82.00 11.23
CA TYR I 185 53.15 -80.75 11.97
C TYR I 185 54.39 -80.28 12.73
N PHE I 186 55.56 -80.81 12.39
CA PHE I 186 56.83 -80.39 13.00
C PHE I 186 57.82 -80.00 11.89
N PRO I 187 57.38 -79.21 10.90
CA PRO I 187 58.30 -78.83 9.82
C PRO I 187 59.50 -77.99 10.26
N VAL I 188 60.58 -78.10 9.50
CA VAL I 188 61.79 -77.33 9.78
C VAL I 188 61.59 -75.88 9.32
N ALA I 189 62.54 -75.01 9.65
CA ALA I 189 62.47 -73.61 9.26
C ALA I 189 62.51 -73.53 7.72
N PRO I 190 61.95 -72.47 7.12
CA PRO I 190 61.28 -71.35 7.79
C PRO I 190 59.82 -71.54 8.21
N ASN I 191 59.25 -72.74 8.02
CA ASN I 191 57.87 -72.99 8.46
C ASN I 191 57.85 -72.90 9.99
N ASP I 192 58.94 -73.36 10.60
CA ASP I 192 59.11 -73.31 12.04
C ASP I 192 59.71 -71.93 12.28
N GLN I 193 58.89 -71.03 12.83
CA GLN I 193 59.32 -69.66 13.08
C GLN I 193 59.75 -69.34 14.50
N TYR I 194 59.89 -70.37 15.33
CA TYR I 194 60.28 -70.14 16.72
C TYR I 194 61.50 -70.92 17.17
N VAL I 195 62.32 -71.34 16.21
CA VAL I 195 63.51 -72.12 16.51
C VAL I 195 64.44 -71.48 17.52
N ASP I 196 64.85 -70.24 17.27
CA ASP I 196 65.77 -69.55 18.19
C ASP I 196 65.19 -69.29 19.57
N LEU I 197 63.90 -68.97 19.64
CA LEU I 197 63.24 -68.70 20.91
C LEU I 197 63.20 -69.97 21.75
N ARG I 198 62.77 -71.08 21.15
CA ARG I 198 62.70 -72.35 21.87
C ARG I 198 64.07 -72.77 22.36
N ASP I 199 65.10 -72.49 21.58
CA ASP I 199 66.46 -72.84 21.96
C ASP I 199 66.87 -72.01 23.18
N LYS I 200 66.42 -70.76 23.23
CA LYS I 200 66.72 -69.89 24.38
C LYS I 200 66.03 -70.46 25.61
N MET I 201 64.80 -70.92 25.43
CA MET I 201 64.04 -71.51 26.52
C MET I 201 64.76 -72.75 27.03
N LEU I 202 65.17 -73.61 26.11
CA LEU I 202 65.89 -74.84 26.44
C LEU I 202 67.21 -74.55 27.14
N THR I 203 67.95 -73.56 26.62
CA THR I 203 69.22 -73.16 27.21
C THR I 203 69.01 -72.68 28.64
N ASN I 204 67.96 -71.89 28.87
CA ASN I 204 67.64 -71.38 30.19
C ASN I 204 67.25 -72.50 31.16
N LEU I 205 66.51 -73.49 30.65
CA LEU I 205 66.09 -74.62 31.48
C LEU I 205 67.33 -75.41 31.91
N ILE I 206 68.21 -75.69 30.96
CA ILE I 206 69.43 -76.44 31.24
C ILE I 206 70.32 -75.70 32.23
N ASN I 207 70.42 -74.38 32.08
CA ASN I 207 71.23 -73.57 33.00
C ASN I 207 70.57 -73.48 34.37
N SER I 208 69.28 -73.82 34.44
CA SER I 208 68.53 -73.78 35.69
C SER I 208 68.39 -75.15 36.34
N GLY I 209 69.25 -76.09 35.95
CA GLY I 209 69.24 -77.42 36.55
C GLY I 209 68.36 -78.51 35.98
N PHE I 210 67.64 -78.23 34.89
CA PHE I 210 66.80 -79.26 34.28
C PHE I 210 67.67 -80.28 33.57
N ILE I 211 67.33 -81.55 33.74
CA ILE I 211 68.09 -82.64 33.13
C ILE I 211 67.39 -83.16 31.88
N LEU I 212 68.10 -83.10 30.76
CA LEU I 212 67.60 -83.54 29.47
C LEU I 212 68.49 -84.70 29.02
N GLU I 213 67.94 -85.89 28.88
CA GLU I 213 68.71 -87.04 28.44
C GLU I 213 68.04 -87.76 27.29
N LYS I 214 67.86 -89.04 27.51
CA LYS I 214 67.24 -90.06 26.64
C LYS I 214 66.14 -89.51 25.74
N GLY I 215 64.87 -89.64 26.14
CA GLY I 215 63.77 -89.18 25.31
C GLY I 215 63.26 -87.82 25.68
N HIS I 216 64.18 -86.90 26.00
CA HIS I 216 63.81 -85.53 26.35
C HIS I 216 64.09 -84.68 25.12
N HIS I 217 63.01 -84.13 24.57
CA HIS I 217 63.08 -83.33 23.36
C HIS I 217 62.56 -81.91 23.51
N GLU I 218 62.95 -81.13 22.52
CA GLU I 218 62.44 -79.79 22.36
C GLU I 218 61.64 -79.87 21.05
N VAL I 219 60.34 -79.60 21.09
CA VAL I 219 59.55 -79.73 19.88
C VAL I 219 58.60 -78.54 19.68
N GLY I 220 58.31 -78.22 18.43
CA GLY I 220 57.42 -77.11 18.13
C GLY I 220 56.53 -77.38 16.93
N SER I 221 55.31 -76.87 16.99
CA SER I 221 54.34 -77.02 15.91
C SER I 221 53.60 -75.70 15.86
N GLY I 222 53.90 -74.89 14.84
CA GLY I 222 53.28 -73.59 14.73
C GLY I 222 53.75 -72.79 15.93
N GLY I 223 52.80 -72.19 16.65
CA GLY I 223 53.15 -71.43 17.83
C GLY I 223 53.19 -72.30 19.08
N GLN I 224 52.78 -73.56 18.97
CA GLN I 224 52.78 -74.46 20.11
C GLN I 224 54.15 -75.11 20.30
N ALA I 225 54.51 -75.36 21.55
CA ALA I 225 55.80 -75.97 21.86
C ALA I 225 55.76 -76.78 23.13
N GLU I 226 56.82 -77.55 23.33
CA GLU I 226 56.97 -78.39 24.52
C GLU I 226 58.42 -78.79 24.65
N ILE I 227 58.93 -78.70 25.86
CA ILE I 227 60.30 -79.12 26.16
C ILE I 227 60.17 -80.01 27.38
N ASN I 228 60.37 -81.31 27.19
CA ASN I 228 60.27 -82.23 28.31
C ASN I 228 61.63 -82.48 28.95
N TYR I 229 61.60 -82.82 30.23
CA TYR I 229 62.81 -83.03 31.00
C TYR I 229 62.64 -84.21 31.94
N GLN I 230 63.71 -84.57 32.63
CA GLN I 230 63.70 -85.70 33.54
C GLN I 230 62.78 -85.54 34.74
N PHE I 231 62.10 -86.63 35.08
CA PHE I 231 61.17 -86.72 36.19
C PHE I 231 61.85 -86.40 37.52
N ASN I 232 61.05 -86.38 38.59
CA ASN I 232 61.57 -86.11 39.92
C ASN I 232 60.55 -86.64 40.91
N SER I 233 60.92 -86.68 42.19
CA SER I 233 59.98 -87.14 43.23
C SER I 233 58.84 -86.13 43.27
N LEU I 234 57.63 -86.61 43.58
CA LEU I 234 56.41 -85.79 43.60
C LEU I 234 56.55 -84.28 43.90
N LEU I 235 56.91 -83.91 45.12
CA LEU I 235 57.03 -82.50 45.49
C LEU I 235 57.96 -81.71 44.57
N HIS I 236 59.18 -82.20 44.40
CA HIS I 236 60.16 -81.53 43.56
C HIS I 236 59.80 -81.49 42.08
N ALA I 237 58.97 -82.44 41.65
CA ALA I 237 58.53 -82.49 40.27
C ALA I 237 57.57 -81.31 40.09
N ALA I 238 56.75 -81.07 41.10
CA ALA I 238 55.78 -79.98 41.09
C ALA I 238 56.52 -78.64 41.13
N ASP I 239 57.62 -78.58 41.88
CA ASP I 239 58.44 -77.37 41.97
C ASP I 239 59.07 -77.13 40.60
N ASP I 240 59.48 -78.21 39.94
CA ASP I 240 60.10 -78.16 38.62
C ASP I 240 59.12 -77.62 37.57
N MET I 241 57.85 -78.00 37.70
CA MET I 241 56.81 -77.56 36.79
C MET I 241 56.60 -76.05 36.91
N GLN I 242 56.58 -75.55 38.14
CA GLN I 242 56.42 -74.12 38.38
C GLN I 242 57.61 -73.36 37.82
N LEU I 243 58.80 -73.93 37.97
CA LEU I 243 60.05 -73.34 37.49
C LEU I 243 60.03 -73.30 35.96
N TYR I 244 59.60 -74.41 35.36
CA TYR I 244 59.50 -74.56 33.92
C TYR I 244 58.60 -73.46 33.36
N LYS I 245 57.39 -73.33 33.91
CA LYS I 245 56.46 -72.30 33.45
C LYS I 245 57.06 -70.90 33.60
N TYR I 246 57.75 -70.67 34.72
CA TYR I 246 58.39 -69.39 34.98
C TYR I 246 59.44 -69.08 33.91
N ILE I 247 60.29 -70.07 33.61
CA ILE I 247 61.34 -69.92 32.61
C ILE I 247 60.80 -69.77 31.20
N ILE I 248 59.76 -70.53 30.87
CA ILE I 248 59.16 -70.45 29.54
C ILE I 248 58.51 -69.08 29.34
N LYS I 249 57.69 -68.68 30.31
CA LYS I 249 56.97 -67.40 30.24
C LYS I 249 57.87 -66.17 30.16
N ASN I 250 58.95 -66.16 30.94
CA ASN I 250 59.85 -65.02 30.97
C ASN I 250 60.88 -64.98 29.86
N THR I 251 61.22 -66.14 29.31
CA THR I 251 62.16 -66.17 28.18
C THR I 251 61.41 -65.54 27.02
N ALA I 252 60.13 -65.90 26.88
CA ALA I 252 59.29 -65.35 25.82
C ALA I 252 59.12 -63.85 26.04
N TRP I 253 58.83 -63.47 27.29
CA TRP I 253 58.63 -62.07 27.64
C TRP I 253 59.82 -61.18 27.32
N GLN I 254 61.03 -61.68 27.62
CA GLN I 254 62.24 -60.93 27.34
C GLN I 254 62.56 -60.87 25.85
N ASN I 255 61.87 -61.67 25.06
CA ASN I 255 62.10 -61.71 23.63
C ASN I 255 60.90 -61.23 22.82
N GLY I 256 60.14 -60.31 23.42
CA GLY I 256 58.98 -59.73 22.75
C GLY I 256 57.76 -60.58 22.51
N LYS I 257 57.63 -61.69 23.23
CA LYS I 257 56.46 -62.55 23.05
C LYS I 257 55.69 -62.68 24.36
N THR I 258 54.60 -63.44 24.30
CA THR I 258 53.76 -63.70 25.46
C THR I 258 53.26 -65.14 25.34
N VAL I 259 53.53 -65.92 26.38
CA VAL I 259 53.17 -67.34 26.44
C VAL I 259 51.93 -67.64 27.28
N THR I 260 51.18 -68.66 26.87
CA THR I 260 50.03 -69.10 27.65
C THR I 260 50.01 -70.62 27.77
N PHE I 261 49.76 -71.09 28.99
CA PHE I 261 49.66 -72.51 29.27
C PHE I 261 48.19 -72.90 29.38
N MET I 262 47.28 -71.99 29.01
CA MET I 262 45.86 -72.32 29.08
C MET I 262 45.56 -73.48 28.14
N PRO I 263 44.67 -74.40 28.57
CA PRO I 263 44.27 -75.59 27.82
C PRO I 263 43.83 -75.42 26.37
N LYS I 264 43.02 -74.41 26.10
CA LYS I 264 42.51 -74.22 24.75
C LYS I 264 42.44 -72.74 24.36
N PRO I 265 43.58 -72.15 23.95
CA PRO I 265 43.59 -70.74 23.56
C PRO I 265 43.07 -70.54 22.14
N LEU I 266 43.19 -71.58 21.32
CA LEU I 266 42.77 -71.53 19.92
C LEU I 266 41.66 -72.50 19.58
N PHE I 267 40.61 -71.97 18.95
CA PHE I 267 39.47 -72.77 18.53
C PHE I 267 39.82 -73.29 17.13
N GLY I 268 39.93 -74.61 16.99
CA GLY I 268 40.28 -75.16 15.70
C GLY I 268 41.76 -75.50 15.60
N ASP I 269 42.40 -75.58 16.76
CA ASP I 269 43.82 -75.94 16.83
C ASP I 269 44.00 -76.76 18.10
N ASN I 270 45.09 -77.52 18.15
CA ASN I 270 45.41 -78.38 19.27
C ASN I 270 45.41 -77.67 20.63
N GLY I 271 44.87 -78.36 21.64
CA GLY I 271 44.85 -77.83 22.98
C GLY I 271 46.20 -78.10 23.63
N SER I 272 46.42 -77.59 24.84
CA SER I 272 47.68 -77.82 25.53
C SER I 272 47.45 -78.66 26.77
N GLY I 273 48.09 -79.82 26.82
CA GLY I 273 47.93 -80.70 27.96
C GLY I 273 49.20 -80.94 28.73
N MET I 274 49.07 -81.66 29.84
CA MET I 274 50.19 -82.01 30.69
C MET I 274 50.13 -83.51 30.98
N HIS I 275 50.81 -84.28 30.16
CA HIS I 275 50.88 -85.73 30.31
C HIS I 275 51.74 -86.05 31.50
N CYS I 276 51.18 -86.75 32.47
CA CYS I 276 51.91 -87.09 33.68
C CYS I 276 52.26 -88.55 33.83
N HIS I 277 53.56 -88.84 33.73
CA HIS I 277 54.10 -90.18 33.87
C HIS I 277 54.36 -90.39 35.35
N GLN I 278 53.89 -91.52 35.86
CA GLN I 278 54.03 -91.84 37.28
C GLN I 278 54.50 -93.26 37.47
N SER I 279 55.18 -93.47 38.60
CA SER I 279 55.69 -94.78 38.94
C SER I 279 56.13 -94.80 40.42
N LEU I 280 55.92 -95.94 41.07
CA LEU I 280 56.32 -96.09 42.48
C LEU I 280 57.58 -96.93 42.59
N TRP I 281 58.44 -96.52 43.53
CA TRP I 281 59.70 -97.22 43.79
C TRP I 281 59.86 -97.45 45.29
N LYS I 282 60.67 -98.45 45.64
CA LYS I 282 60.93 -98.80 47.03
C LYS I 282 62.33 -99.37 47.15
N ASP I 283 63.10 -98.82 48.08
CA ASP I 283 64.47 -99.25 48.33
C ASP I 283 65.33 -99.22 47.07
N GLY I 284 65.12 -98.20 46.25
CA GLY I 284 65.88 -98.03 45.02
C GLY I 284 65.50 -98.95 43.87
N ALA I 285 64.38 -99.66 44.01
CA ALA I 285 63.94 -100.58 42.97
C ALA I 285 62.51 -100.28 42.50
N PRO I 286 62.24 -100.50 41.21
CA PRO I 286 60.92 -100.28 40.60
C PRO I 286 59.86 -101.27 41.05
N LEU I 287 58.62 -100.79 41.14
CA LEU I 287 57.49 -101.62 41.57
C LEU I 287 56.41 -101.73 40.50
N MET I 288 56.63 -101.10 39.35
CA MET I 288 55.63 -101.10 38.28
C MET I 288 55.75 -102.22 37.25
N TYR I 289 56.91 -102.87 37.17
CA TYR I 289 57.14 -103.93 36.19
C TYR I 289 56.80 -105.36 36.59
N ASP I 290 56.46 -106.16 35.57
CA ASP I 290 56.11 -107.58 35.70
C ASP I 290 55.93 -108.14 34.28
N GLU I 291 56.89 -108.96 33.84
CA GLU I 291 56.85 -109.57 32.50
C GLU I 291 55.55 -110.28 32.18
N THR I 292 54.98 -110.94 33.19
CA THR I 292 53.74 -111.71 33.03
C THR I 292 52.46 -110.88 32.87
N GLY I 293 52.47 -109.65 33.36
CA GLY I 293 51.28 -108.82 33.26
C GLY I 293 51.12 -108.10 31.93
N TYR I 294 49.89 -107.67 31.65
CA TYR I 294 49.58 -106.94 30.42
C TYR I 294 50.41 -105.66 30.38
N ALA I 295 51.06 -105.41 29.25
CA ALA I 295 51.90 -104.22 29.05
C ALA I 295 53.07 -104.16 30.03
N GLY I 296 53.42 -105.32 30.60
CA GLY I 296 54.52 -105.40 31.54
C GLY I 296 54.21 -104.74 32.88
N LEU I 297 52.93 -104.69 33.23
CA LEU I 297 52.48 -104.07 34.47
C LEU I 297 52.31 -105.01 35.65
N SER I 298 52.80 -104.57 36.81
CA SER I 298 52.69 -105.35 38.03
C SER I 298 51.27 -105.19 38.60
N ASP I 299 50.98 -105.93 39.67
CA ASP I 299 49.67 -105.86 40.32
C ASP I 299 49.50 -104.47 40.90
N THR I 300 50.60 -103.94 41.45
CA THR I 300 50.63 -102.62 42.06
C THR I 300 50.29 -101.54 41.03
N ALA I 301 50.92 -101.63 39.86
CA ALA I 301 50.69 -100.68 38.77
C ALA I 301 49.25 -100.73 38.26
N ARG I 302 48.72 -101.94 38.09
CA ARG I 302 47.36 -102.13 37.59
C ARG I 302 46.32 -101.59 38.58
N HIS I 303 46.57 -101.77 39.87
CA HIS I 303 45.66 -101.27 40.90
C HIS I 303 45.70 -99.74 40.96
N TYR I 304 46.89 -99.20 40.71
CA TYR I 304 47.12 -97.76 40.69
C TYR I 304 46.24 -97.19 39.57
N ILE I 305 46.30 -97.83 38.40
CA ILE I 305 45.51 -97.44 37.24
C ILE I 305 44.02 -97.56 37.57
N GLY I 306 43.67 -98.57 38.34
CA GLY I 306 42.29 -98.77 38.74
C GLY I 306 41.81 -97.60 39.58
N GLY I 307 42.72 -97.07 40.41
CA GLY I 307 42.39 -95.93 41.25
C GLY I 307 42.20 -94.66 40.41
N LEU I 308 43.11 -94.43 39.46
CA LEU I 308 43.04 -93.27 38.58
C LEU I 308 41.73 -93.26 37.80
N LEU I 309 41.40 -94.39 37.17
CA LEU I 309 40.17 -94.50 36.38
C LEU I 309 38.91 -94.43 37.22
N HIS I 310 38.94 -95.03 38.41
CA HIS I 310 37.78 -95.02 39.28
C HIS I 310 37.52 -93.63 39.84
N HIS I 311 38.58 -92.94 40.24
CA HIS I 311 38.48 -91.61 40.83
C HIS I 311 38.53 -90.43 39.87
N ALA I 312 38.78 -90.70 38.58
CA ALA I 312 38.86 -89.66 37.57
C ALA I 312 37.79 -88.56 37.62
N PRO I 313 36.51 -88.92 37.80
CA PRO I 313 35.47 -87.89 37.86
C PRO I 313 35.71 -86.80 38.90
N SER I 314 36.35 -87.15 40.01
CA SER I 314 36.64 -86.16 41.04
C SER I 314 38.09 -85.69 40.95
N LEU I 315 38.98 -86.58 40.53
CA LEU I 315 40.40 -86.29 40.38
C LEU I 315 40.60 -85.10 39.44
N LEU I 316 39.77 -85.03 38.40
CA LEU I 316 39.85 -83.96 37.41
C LEU I 316 39.62 -82.57 38.00
N ALA I 317 39.07 -82.50 39.21
CA ALA I 317 38.83 -81.21 39.86
C ALA I 317 40.16 -80.54 40.23
N PHE I 318 41.23 -81.32 40.32
CA PHE I 318 42.57 -80.82 40.65
C PHE I 318 43.51 -80.97 39.45
N THR I 319 43.15 -81.90 38.59
CA THR I 319 43.95 -82.24 37.43
C THR I 319 43.60 -81.41 36.17
N ASN I 320 42.34 -80.98 36.07
CA ASN I 320 41.83 -80.14 34.97
C ASN I 320 40.84 -79.21 35.69
N PRO I 321 41.36 -78.32 36.53
CA PRO I 321 40.64 -77.39 37.41
C PRO I 321 40.04 -76.08 36.81
N THR I 322 40.05 -75.89 35.50
CA THR I 322 39.49 -74.66 34.95
C THR I 322 38.36 -74.90 33.97
N VAL I 323 37.56 -73.85 33.73
CA VAL I 323 36.47 -73.93 32.78
C VAL I 323 37.04 -74.19 31.37
N ASN I 324 38.18 -73.58 31.08
CA ASN I 324 38.85 -73.72 29.79
C ASN I 324 39.38 -75.14 29.58
N SER I 325 39.62 -75.86 30.67
CA SER I 325 40.11 -77.24 30.62
C SER I 325 39.16 -78.12 29.80
N TYR I 326 37.87 -77.82 29.87
CA TYR I 326 36.85 -78.60 29.17
C TYR I 326 36.61 -78.23 27.72
N LYS I 327 37.44 -77.36 27.18
CA LYS I 327 37.36 -76.97 25.77
C LYS I 327 38.37 -77.87 25.06
N ARG I 328 39.32 -78.39 25.84
CA ARG I 328 40.33 -79.31 25.36
C ARG I 328 39.78 -80.74 25.52
N LEU I 329 39.23 -81.01 26.70
CA LEU I 329 38.63 -82.31 27.03
C LEU I 329 37.23 -82.34 26.45
N VAL I 330 37.17 -82.53 25.13
CA VAL I 330 35.92 -82.56 24.40
C VAL I 330 36.16 -83.46 23.16
N PRO I 331 35.11 -84.16 22.66
CA PRO I 331 35.26 -85.04 21.49
C PRO I 331 35.95 -84.37 20.28
N GLY I 332 37.08 -84.91 19.85
CA GLY I 332 37.79 -84.32 18.73
C GLY I 332 39.22 -84.83 18.48
N TYR I 333 40.20 -83.98 18.77
CA TYR I 333 41.63 -84.26 18.58
C TYR I 333 42.17 -85.45 19.37
N GLU I 334 41.34 -86.48 19.54
CA GLU I 334 41.69 -87.70 20.27
C GLU I 334 41.98 -87.26 21.70
N ALA I 335 41.01 -86.58 22.29
CA ALA I 335 41.11 -86.06 23.65
C ALA I 335 41.06 -87.19 24.66
N PRO I 336 41.98 -87.17 25.65
CA PRO I 336 42.05 -88.20 26.69
C PRO I 336 40.81 -88.14 27.61
N ILE I 337 39.66 -88.50 27.05
CA ILE I 337 38.40 -88.49 27.78
C ILE I 337 37.86 -89.90 28.04
N ASN I 338 38.49 -90.90 27.42
CA ASN I 338 38.07 -92.29 27.56
C ASN I 338 38.67 -92.96 28.78
N LEU I 339 37.82 -93.30 29.74
CA LEU I 339 38.24 -93.92 30.99
C LEU I 339 38.71 -95.38 30.89
N VAL I 340 39.78 -95.58 30.15
CA VAL I 340 40.37 -96.91 29.97
C VAL I 340 41.88 -96.75 29.83
N TYR I 341 42.64 -97.84 30.01
CA TYR I 341 44.08 -97.78 29.83
C TYR I 341 44.45 -98.47 28.52
N SER I 342 45.59 -98.15 27.96
CA SER I 342 45.98 -98.72 26.69
C SER I 342 47.46 -98.47 26.40
N GLN I 343 47.95 -99.06 25.32
CA GLN I 343 49.34 -98.90 24.88
C GLN I 343 49.33 -98.19 23.54
N ARG I 344 48.21 -98.33 22.83
CA ARG I 344 48.02 -97.74 21.50
C ARG I 344 47.25 -96.41 21.53
N ASN I 345 46.01 -96.47 22.01
CA ASN I 345 45.12 -95.30 22.08
C ASN I 345 45.63 -94.08 22.83
N ARG I 346 45.64 -92.95 22.14
CA ARG I 346 46.07 -91.70 22.75
C ARG I 346 44.88 -90.93 23.31
N SER I 347 43.68 -91.43 23.02
CA SER I 347 42.43 -90.85 23.52
C SER I 347 42.05 -91.54 24.82
N ALA I 348 42.95 -92.38 25.33
CA ALA I 348 42.74 -93.10 26.58
C ALA I 348 43.31 -92.27 27.72
N CYS I 349 42.58 -92.19 28.82
CA CYS I 349 43.01 -91.44 30.00
C CYS I 349 44.40 -91.87 30.46
N VAL I 350 44.61 -93.18 30.48
CA VAL I 350 45.90 -93.73 30.89
C VAL I 350 46.51 -94.51 29.74
N ARG I 351 47.77 -94.22 29.45
CA ARG I 351 48.48 -94.90 28.40
C ARG I 351 49.77 -95.46 28.97
N ILE I 352 50.11 -96.68 28.61
CA ILE I 352 51.34 -97.30 29.08
C ILE I 352 52.36 -97.23 27.96
N PRO I 353 53.37 -96.35 28.12
CA PRO I 353 54.42 -96.18 27.12
C PRO I 353 55.13 -97.51 26.86
N ILE I 354 55.39 -97.77 25.57
CA ILE I 354 56.08 -99.00 25.20
C ILE I 354 57.56 -98.79 25.48
N THR I 355 58.03 -99.41 26.56
CA THR I 355 59.42 -99.27 27.00
C THR I 355 60.26 -100.55 26.98
N GLY I 356 59.63 -101.66 26.62
CA GLY I 356 60.36 -102.92 26.54
C GLY I 356 60.42 -103.73 27.83
N SER I 357 61.55 -104.42 28.01
CA SER I 357 61.76 -105.28 29.17
C SER I 357 62.44 -104.63 30.37
N ASN I 358 62.95 -103.41 30.20
CA ASN I 358 63.61 -102.68 31.28
C ASN I 358 62.60 -102.28 32.36
N PRO I 359 62.69 -102.90 33.56
CA PRO I 359 61.78 -102.61 34.66
C PRO I 359 61.83 -101.17 35.18
N LYS I 360 62.99 -100.54 35.06
CA LYS I 360 63.18 -99.17 35.52
C LYS I 360 62.49 -98.12 34.64
N ALA I 361 62.08 -98.52 33.44
CA ALA I 361 61.43 -97.62 32.51
C ALA I 361 59.91 -97.77 32.48
N LYS I 362 59.40 -98.82 33.12
CA LYS I 362 57.95 -99.06 33.15
C LYS I 362 57.25 -98.02 34.02
N ARG I 363 56.23 -97.40 33.45
CA ARG I 363 55.47 -96.37 34.13
C ARG I 363 54.13 -96.19 33.43
N LEU I 364 53.22 -95.49 34.08
CA LEU I 364 51.92 -95.23 33.50
C LEU I 364 51.84 -93.73 33.20
N GLU I 365 51.11 -93.38 32.14
CA GLU I 365 50.97 -91.99 31.76
C GLU I 365 49.53 -91.52 31.80
N PHE I 366 49.23 -90.61 32.73
CA PHE I 366 47.89 -90.05 32.84
C PHE I 366 47.91 -88.88 31.86
N ARG I 367 47.19 -89.03 30.76
CA ARG I 367 47.14 -88.05 29.68
C ARG I 367 46.15 -86.90 29.83
N SER I 368 45.13 -87.10 30.64
CA SER I 368 44.06 -86.11 30.82
C SER I 368 44.42 -84.73 31.39
N PRO I 369 45.36 -84.66 32.35
CA PRO I 369 45.73 -83.35 32.94
C PRO I 369 46.19 -82.26 31.98
N ASP I 370 46.13 -81.03 32.48
CA ASP I 370 46.59 -79.86 31.75
C ASP I 370 47.34 -79.00 32.77
N SER I 371 47.97 -77.92 32.35
CA SER I 371 48.70 -77.09 33.30
C SER I 371 47.99 -75.80 33.67
N SER I 372 46.67 -75.85 33.73
CA SER I 372 45.87 -74.69 34.07
C SER I 372 45.65 -74.54 35.58
N GLY I 373 46.29 -75.40 36.38
CA GLY I 373 46.09 -75.32 37.81
C GLY I 373 47.31 -75.33 38.71
N ASN I 374 47.22 -76.15 39.75
CA ASN I 374 48.26 -76.28 40.76
C ASN I 374 48.88 -77.67 40.67
N PRO I 375 50.16 -77.74 40.27
CA PRO I 375 50.85 -79.04 40.14
C PRO I 375 51.05 -79.79 41.46
N TYR I 376 51.16 -79.05 42.56
CA TYR I 376 51.34 -79.67 43.87
C TYR I 376 50.08 -80.45 44.22
N LEU I 377 48.92 -79.83 44.00
CA LEU I 377 47.64 -80.46 44.29
C LEU I 377 47.31 -81.55 43.27
N ALA I 378 47.63 -81.31 42.00
CA ALA I 378 47.35 -82.26 40.94
C ALA I 378 48.13 -83.55 41.11
N PHE I 379 49.44 -83.45 41.31
CA PHE I 379 50.29 -84.61 41.50
C PHE I 379 49.87 -85.39 42.76
N SER I 380 49.62 -84.66 43.84
CA SER I 380 49.19 -85.26 45.10
C SER I 380 47.88 -86.03 44.93
N ALA I 381 46.91 -85.41 44.27
CA ALA I 381 45.62 -86.03 44.03
C ALA I 381 45.77 -87.29 43.18
N MET I 382 46.68 -87.26 42.22
CA MET I 382 46.92 -88.42 41.37
C MET I 382 47.48 -89.57 42.20
N LEU I 383 48.41 -89.26 43.09
CA LEU I 383 49.04 -90.26 43.96
C LEU I 383 47.97 -90.88 44.87
N MET I 384 47.17 -90.03 45.50
CA MET I 384 46.11 -90.49 46.41
C MET I 384 45.11 -91.38 45.70
N ALA I 385 44.77 -91.06 44.46
CA ALA I 385 43.84 -91.87 43.68
C ALA I 385 44.48 -93.23 43.41
N GLY I 386 45.76 -93.22 43.06
CA GLY I 386 46.48 -94.46 42.79
C GLY I 386 46.67 -95.33 44.01
N LEU I 387 46.98 -94.71 45.15
CA LEU I 387 47.18 -95.43 46.40
C LEU I 387 45.89 -96.06 46.91
N ASP I 388 44.76 -95.37 46.70
CA ASP I 388 43.47 -95.89 47.11
C ASP I 388 43.14 -97.11 46.26
N GLY I 389 43.62 -97.09 45.01
CA GLY I 389 43.38 -98.20 44.12
C GLY I 389 44.20 -99.41 44.54
N ILE I 390 45.40 -99.16 45.04
CA ILE I 390 46.29 -100.23 45.50
C ILE I 390 45.78 -100.85 46.80
N LYS I 391 45.40 -100.00 47.76
CA LYS I 391 44.88 -100.46 49.04
C LYS I 391 43.60 -101.27 48.90
N ASN I 392 42.69 -100.81 48.06
CA ASN I 392 41.42 -101.51 47.84
C ASN I 392 41.45 -102.44 46.63
N LYS I 393 42.66 -102.71 46.14
CA LYS I 393 42.87 -103.59 44.99
C LYS I 393 41.87 -103.40 43.86
N ILE I 394 41.58 -102.15 43.54
CA ILE I 394 40.64 -101.79 42.48
C ILE I 394 41.13 -102.28 41.13
N GLU I 395 40.31 -103.07 40.46
CA GLU I 395 40.66 -103.60 39.15
C GLU I 395 40.08 -102.73 38.04
N PRO I 396 40.96 -102.22 37.17
CA PRO I 396 40.51 -101.36 36.07
C PRO I 396 39.83 -102.25 35.02
N GLN I 397 38.85 -101.71 34.31
CA GLN I 397 38.19 -102.49 33.28
C GLN I 397 39.24 -102.88 32.22
N ALA I 398 38.94 -103.92 31.46
CA ALA I 398 39.85 -104.41 30.43
C ALA I 398 40.42 -103.34 29.52
N PRO I 399 41.74 -103.35 29.31
CA PRO I 399 42.43 -102.37 28.45
C PRO I 399 41.95 -102.49 27.02
N VAL I 400 42.09 -101.42 26.25
CA VAL I 400 41.65 -101.41 24.86
C VAL I 400 42.74 -100.92 23.92
N ASP I 401 43.20 -101.79 23.05
CA ASP I 401 44.24 -101.43 22.08
C ASP I 401 43.68 -101.23 20.67
N LYS I 402 42.41 -101.60 20.47
CA LYS I 402 41.73 -101.40 19.19
C LYS I 402 41.53 -99.90 19.11
N ASP I 403 41.60 -99.34 17.90
CA ASP I 403 41.41 -97.90 17.75
C ASP I 403 40.00 -97.55 18.27
N LEU I 404 39.97 -96.77 19.34
CA LEU I 404 38.71 -96.37 19.98
C LEU I 404 37.79 -95.56 19.07
N TYR I 405 38.38 -94.85 18.11
CA TYR I 405 37.62 -94.04 17.17
C TYR I 405 36.67 -94.90 16.34
N GLU I 406 37.19 -95.88 15.61
CA GLU I 406 36.36 -96.77 14.81
C GLU I 406 36.01 -98.03 15.61
N LEU I 407 34.95 -97.93 16.40
CA LEU I 407 34.50 -99.03 17.24
C LEU I 407 32.99 -99.16 17.06
N PRO I 408 32.46 -100.40 16.97
CA PRO I 408 31.01 -100.61 16.80
C PRO I 408 30.23 -99.88 17.89
N PRO I 409 29.40 -98.89 17.50
CA PRO I 409 28.55 -98.03 18.34
C PRO I 409 27.96 -98.66 19.63
N GLU I 410 27.67 -99.95 19.60
CA GLU I 410 27.13 -100.63 20.77
C GLU I 410 28.26 -101.04 21.74
N GLU I 411 29.41 -101.36 21.17
CA GLU I 411 30.60 -101.75 21.92
C GLU I 411 31.33 -100.51 22.45
N ALA I 412 31.10 -99.38 21.80
CA ALA I 412 31.71 -98.11 22.18
C ALA I 412 30.96 -97.44 23.33
N ALA I 413 29.71 -97.88 23.55
CA ALA I 413 28.88 -97.34 24.63
C ALA I 413 29.31 -97.89 25.98
N SER I 414 30.20 -98.88 25.96
CA SER I 414 30.72 -99.49 27.19
C SER I 414 31.99 -98.79 27.68
N ILE I 415 32.39 -97.74 26.97
CA ILE I 415 33.59 -96.96 27.32
C ILE I 415 33.15 -95.69 28.04
N PRO I 416 33.42 -95.61 29.37
CA PRO I 416 33.05 -94.43 30.17
C PRO I 416 33.86 -93.21 29.78
N GLN I 417 33.23 -92.04 29.83
CA GLN I 417 33.89 -90.78 29.48
C GLN I 417 34.10 -89.96 30.75
N THR I 418 35.03 -89.03 30.69
CA THR I 418 35.31 -88.14 31.82
C THR I 418 34.22 -87.06 31.78
N PRO I 419 33.95 -86.40 32.92
CA PRO I 419 32.93 -85.35 32.88
C PRO I 419 33.35 -84.28 31.88
N THR I 420 32.38 -83.57 31.31
CA THR I 420 32.64 -82.56 30.29
C THR I 420 32.54 -81.10 30.77
N GLN I 421 32.41 -80.90 32.07
CA GLN I 421 32.25 -79.55 32.61
C GLN I 421 32.93 -79.45 33.97
N LEU I 422 33.48 -78.28 34.29
CA LEU I 422 34.15 -78.07 35.57
C LEU I 422 33.16 -78.20 36.73
N SER I 423 31.95 -77.68 36.54
CA SER I 423 30.91 -77.76 37.57
C SER I 423 30.62 -79.22 37.93
N ASP I 424 30.76 -80.11 36.94
CA ASP I 424 30.55 -81.52 37.11
C ASP I 424 31.60 -82.14 38.00
N VAL I 425 32.87 -81.98 37.63
CA VAL I 425 33.96 -82.55 38.40
C VAL I 425 34.02 -81.97 39.82
N ILE I 426 33.59 -80.72 39.97
CA ILE I 426 33.58 -80.08 41.28
C ILE I 426 32.49 -80.73 42.12
N ASP I 427 31.35 -81.03 41.50
CA ASP I 427 30.24 -81.70 42.17
C ASP I 427 30.68 -83.10 42.61
N ARG I 428 31.42 -83.78 41.73
CA ARG I 428 31.91 -85.13 41.98
C ARG I 428 32.96 -85.16 43.10
N LEU I 429 33.78 -84.11 43.18
CA LEU I 429 34.81 -84.00 44.21
C LEU I 429 34.14 -83.81 45.56
N GLU I 430 33.09 -82.99 45.58
CA GLU I 430 32.33 -82.71 46.78
C GLU I 430 31.66 -83.98 47.32
N ALA I 431 31.16 -84.79 46.40
CA ALA I 431 30.48 -86.04 46.73
C ALA I 431 31.39 -87.19 47.13
N ASP I 432 32.59 -87.23 46.54
CA ASP I 432 33.54 -88.29 46.83
C ASP I 432 34.98 -87.79 46.88
N HIS I 433 35.48 -87.58 48.09
CA HIS I 433 36.85 -87.11 48.27
C HIS I 433 37.58 -87.77 49.44
N GLU I 434 37.06 -88.89 49.91
CA GLU I 434 37.67 -89.59 51.04
C GLU I 434 39.06 -90.10 50.75
N TYR I 435 39.31 -90.51 49.51
CA TYR I 435 40.62 -91.02 49.13
C TYR I 435 41.68 -89.92 49.25
N LEU I 436 41.25 -88.67 49.15
CA LEU I 436 42.13 -87.51 49.25
C LEU I 436 42.49 -87.22 50.70
N THR I 437 41.53 -87.39 51.61
CA THR I 437 41.72 -87.13 53.03
C THR I 437 42.47 -88.24 53.80
N GLU I 438 42.76 -89.34 53.12
CA GLU I 438 43.49 -90.45 53.74
C GLU I 438 44.83 -89.95 54.26
N GLY I 439 45.19 -90.38 55.46
CA GLY I 439 46.46 -89.98 56.06
C GLY I 439 46.56 -88.49 56.32
N GLY I 440 45.45 -87.78 56.15
CA GLY I 440 45.42 -86.34 56.36
C GLY I 440 46.14 -85.51 55.30
N VAL I 441 46.42 -86.10 54.14
CA VAL I 441 47.11 -85.41 53.05
C VAL I 441 46.31 -84.18 52.61
N PHE I 442 45.03 -84.39 52.32
CA PHE I 442 44.14 -83.28 51.97
C PHE I 442 43.18 -83.21 53.16
N THR I 443 42.66 -82.02 53.47
CA THR I 443 41.70 -81.87 54.56
C THR I 443 40.36 -81.50 53.94
N ASN I 444 39.26 -81.82 54.64
CA ASN I 444 37.97 -81.44 54.12
C ASN I 444 37.87 -79.93 53.94
N ASP I 445 38.60 -79.26 54.83
CA ASP I 445 38.68 -77.80 54.82
C ASP I 445 39.24 -77.29 53.48
N LEU I 446 40.40 -77.81 53.09
CA LEU I 446 41.04 -77.42 51.84
C LEU I 446 40.15 -77.74 50.64
N ILE I 447 39.56 -78.93 50.65
CA ILE I 447 38.69 -79.39 49.59
C ILE I 447 37.44 -78.52 49.44
N GLU I 448 36.87 -78.09 50.57
CA GLU I 448 35.69 -77.23 50.55
C GLU I 448 36.05 -75.83 50.04
N THR I 449 37.25 -75.38 50.38
CA THR I 449 37.75 -74.08 49.97
C THR I 449 37.95 -74.06 48.46
N TRP I 450 38.52 -75.14 47.93
CA TRP I 450 38.78 -75.31 46.51
C TRP I 450 37.45 -75.30 45.75
N ILE I 451 36.48 -76.05 46.27
CA ILE I 451 35.15 -76.13 45.67
C ILE I 451 34.47 -74.76 45.61
N SER I 452 34.57 -74.00 46.71
CA SER I 452 33.98 -72.66 46.80
C SER I 452 34.68 -71.69 45.85
N PHE I 453 36.01 -71.76 45.84
CA PHE I 453 36.84 -70.91 45.00
C PHE I 453 36.43 -71.06 43.53
N LYS I 454 36.36 -72.30 43.06
CA LYS I 454 36.00 -72.59 41.68
C LYS I 454 34.59 -72.16 41.33
N ARG I 455 33.64 -72.41 42.23
CA ARG I 455 32.25 -72.05 41.99
C ARG I 455 32.01 -70.55 41.95
N GLU I 456 32.59 -69.84 42.92
CA GLU I 456 32.41 -68.41 43.03
C GLU I 456 33.29 -67.55 42.12
N ASN I 457 34.53 -67.97 41.92
CA ASN I 457 35.47 -67.21 41.11
C ASN I 457 35.63 -67.61 39.65
N GLU I 458 35.15 -68.80 39.28
CA GLU I 458 35.29 -69.28 37.91
C GLU I 458 34.01 -69.73 37.24
N ILE I 459 33.36 -70.74 37.82
CA ILE I 459 32.13 -71.28 37.27
C ILE I 459 31.00 -70.26 37.12
N GLU I 460 30.67 -69.58 38.21
CA GLU I 460 29.59 -68.59 38.20
C GLU I 460 29.89 -67.39 37.29
N PRO I 461 31.08 -66.78 37.40
CA PRO I 461 31.43 -65.62 36.55
C PRO I 461 31.30 -65.88 35.05
N VAL I 462 31.74 -67.06 34.59
CA VAL I 462 31.64 -67.41 33.17
C VAL I 462 30.18 -67.69 32.80
N ASN I 463 29.51 -68.40 33.69
CA ASN I 463 28.12 -68.79 33.47
C ASN I 463 27.10 -67.64 33.33
N ILE I 464 27.31 -66.54 34.06
CA ILE I 464 26.38 -65.41 33.98
C ILE I 464 26.61 -64.49 32.79
N ARG I 465 27.77 -64.62 32.15
CA ARG I 465 28.13 -63.78 31.01
C ARG I 465 27.78 -64.38 29.66
N PRO I 466 26.94 -63.69 28.87
CA PRO I 466 26.56 -64.21 27.55
C PRO I 466 27.81 -64.45 26.69
N HIS I 467 27.81 -65.57 25.98
CA HIS I 467 28.90 -65.97 25.10
C HIS I 467 28.65 -65.32 23.73
N PRO I 468 29.72 -64.87 23.04
CA PRO I 468 29.59 -64.25 21.72
C PRO I 468 28.79 -65.07 20.71
N TYR I 469 28.98 -66.39 20.75
CA TYR I 469 28.27 -67.28 19.83
C TYR I 469 26.76 -67.31 20.06
N GLU I 470 26.33 -66.90 21.25
CA GLU I 470 24.91 -66.85 21.57
C GLU I 470 24.23 -65.76 20.75
N PHE I 471 25.00 -64.76 20.33
CA PHE I 471 24.47 -63.67 19.52
C PHE I 471 24.30 -64.12 18.07
N ALA I 472 25.23 -64.97 17.62
CA ALA I 472 25.18 -65.52 16.27
C ALA I 472 23.96 -66.42 16.20
N LEU I 473 23.81 -67.21 17.25
CA LEU I 473 22.74 -68.17 17.39
C LEU I 473 21.35 -67.57 17.72
N TYR I 474 21.27 -66.59 18.63
CA TYR I 474 19.95 -66.12 19.11
C TYR I 474 19.58 -64.64 18.95
N TYR I 475 20.42 -63.75 18.42
CA TYR I 475 19.98 -62.37 18.29
C TYR I 475 18.67 -62.25 17.51
N ASP I 476 18.50 -63.12 16.52
CA ASP I 476 17.32 -63.12 15.63
C ASP I 476 16.09 -63.91 16.09
N VAL I 477 16.13 -64.54 17.26
CA VAL I 477 15.00 -65.35 17.72
C VAL I 477 13.61 -64.74 17.66
N THR J 1 72.52 -37.76 65.42
CA THR J 1 72.73 -38.67 66.59
C THR J 1 74.21 -39.02 66.79
N GLU J 2 74.82 -39.59 65.74
CA GLU J 2 76.21 -40.04 65.78
C GLU J 2 77.19 -39.48 64.74
N LYS J 3 76.68 -38.86 63.68
CA LYS J 3 77.55 -38.30 62.65
C LYS J 3 78.06 -36.90 62.99
N THR J 4 79.36 -36.72 62.81
CA THR J 4 80.07 -35.48 63.10
C THR J 4 80.21 -34.59 61.87
N PRO J 5 80.29 -33.27 62.08
CA PRO J 5 80.45 -32.35 60.95
C PRO J 5 81.68 -32.77 60.13
N ASP J 6 82.69 -33.31 60.81
CA ASP J 6 83.91 -33.77 60.16
C ASP J 6 83.65 -34.98 59.27
N ASP J 7 82.69 -35.82 59.67
CA ASP J 7 82.34 -37.00 58.88
C ASP J 7 81.73 -36.53 57.56
N VAL J 8 80.93 -35.47 57.64
CA VAL J 8 80.28 -34.89 56.47
C VAL J 8 81.31 -34.27 55.52
N PHE J 9 82.28 -33.56 56.07
CA PHE J 9 83.33 -32.95 55.24
C PHE J 9 84.17 -34.01 54.55
N LYS J 10 84.38 -35.12 55.24
CA LYS J 10 85.15 -36.24 54.68
C LYS J 10 84.36 -36.87 53.54
N LEU J 11 83.06 -37.03 53.75
CA LEU J 11 82.16 -37.60 52.74
C LEU J 11 82.22 -36.73 51.49
N ALA J 12 82.11 -35.43 51.69
CA ALA J 12 82.16 -34.45 50.60
C ALA J 12 83.48 -34.50 49.84
N LYS J 13 84.59 -34.59 50.56
CA LYS J 13 85.91 -34.65 49.93
C LYS J 13 86.11 -35.95 49.15
N ASP J 14 85.82 -37.08 49.80
CA ASP J 14 85.97 -38.39 49.18
C ASP J 14 85.12 -38.57 47.93
N GLU J 15 83.89 -38.07 47.97
CA GLU J 15 82.97 -38.18 46.85
C GLU J 15 83.17 -37.12 45.77
N LYS J 16 84.10 -36.19 46.01
CA LYS J 16 84.41 -35.12 45.06
C LYS J 16 83.15 -34.33 44.74
N VAL J 17 82.38 -34.03 45.78
CA VAL J 17 81.14 -33.29 45.70
C VAL J 17 81.38 -31.87 45.17
N GLU J 18 80.57 -31.44 44.21
CA GLU J 18 80.73 -30.09 43.69
C GLU J 18 79.65 -29.11 44.16
N TYR J 19 78.51 -29.65 44.60
CA TYR J 19 77.41 -28.82 45.11
C TYR J 19 76.83 -29.40 46.39
N VAL J 20 76.28 -28.53 47.22
CA VAL J 20 75.63 -28.94 48.46
C VAL J 20 74.19 -28.44 48.39
N ASP J 21 73.24 -29.35 48.52
CA ASP J 21 71.84 -28.98 48.47
C ASP J 21 71.29 -28.75 49.87
N VAL J 22 70.88 -27.50 50.12
CA VAL J 22 70.34 -27.09 51.40
C VAL J 22 68.84 -27.36 51.44
N ARG J 23 68.44 -28.34 52.24
CA ARG J 23 67.04 -28.71 52.35
C ARG J 23 66.39 -28.44 53.68
N PHE J 24 65.12 -28.07 53.63
CA PHE J 24 64.32 -27.78 54.80
C PHE J 24 62.87 -28.12 54.46
N CYS J 25 62.09 -28.47 55.46
CA CYS J 25 60.73 -28.88 55.22
C CYS J 25 59.68 -27.78 55.34
N ASP J 26 58.73 -27.76 54.42
CA ASP J 26 57.66 -26.78 54.48
C ASP J 26 56.53 -27.32 55.37
N LEU J 27 55.51 -26.50 55.62
CA LEU J 27 54.41 -26.90 56.48
C LEU J 27 53.69 -28.19 56.05
N PRO J 28 53.05 -28.21 54.86
CA PRO J 28 52.36 -29.43 54.45
C PRO J 28 53.18 -30.72 54.36
N GLY J 29 54.48 -30.61 54.12
CA GLY J 29 55.30 -31.81 54.08
C GLY J 29 56.27 -32.03 52.93
N ILE J 30 56.41 -31.04 52.05
CA ILE J 30 57.31 -31.16 50.91
C ILE J 30 58.65 -30.46 51.17
N MET J 31 59.74 -31.17 50.92
CA MET J 31 61.07 -30.60 51.13
C MET J 31 61.39 -29.51 50.11
N GLN J 32 61.98 -28.42 50.61
CA GLN J 32 62.36 -27.28 49.80
C GLN J 32 63.88 -27.25 49.73
N HIS J 33 64.43 -26.50 48.78
CA HIS J 33 65.88 -26.43 48.66
C HIS J 33 66.43 -25.29 47.82
N PHE J 34 67.73 -25.08 47.97
CA PHE J 34 68.52 -24.14 47.21
C PHE J 34 69.91 -24.74 47.25
N THR J 35 70.74 -24.42 46.26
CA THR J 35 72.06 -25.00 46.18
C THR J 35 73.22 -24.01 46.30
N ILE J 36 74.29 -24.45 46.93
CA ILE J 36 75.49 -23.65 47.10
C ILE J 36 76.68 -24.48 46.62
N PRO J 37 77.75 -23.83 46.16
CA PRO J 37 78.92 -24.59 45.71
C PRO J 37 79.57 -25.28 46.90
N ALA J 38 80.18 -26.44 46.67
CA ALA J 38 80.82 -27.19 47.75
C ALA J 38 81.92 -26.37 48.42
N SER J 39 82.58 -25.52 47.65
CA SER J 39 83.65 -24.66 48.15
C SER J 39 83.18 -23.73 49.28
N ALA J 40 81.88 -23.43 49.29
CA ALA J 40 81.29 -22.56 50.32
C ALA J 40 80.78 -23.35 51.52
N PHE J 41 80.97 -24.67 51.47
CA PHE J 41 80.54 -25.54 52.55
C PHE J 41 81.71 -25.85 53.48
N ASP J 42 81.75 -25.13 54.60
CA ASP J 42 82.82 -25.28 55.59
C ASP J 42 82.27 -25.28 57.01
N LYS J 43 83.17 -25.18 57.98
CA LYS J 43 82.81 -25.16 59.41
C LYS J 43 81.84 -24.05 59.79
N SER J 44 81.94 -22.92 59.10
CA SER J 44 81.07 -21.77 59.40
C SER J 44 79.59 -22.06 59.12
N VAL J 45 79.33 -23.05 58.28
CA VAL J 45 77.95 -23.43 57.96
C VAL J 45 77.32 -24.11 59.17
N PHE J 46 78.12 -24.92 59.88
CA PHE J 46 77.66 -25.61 61.08
C PHE J 46 77.62 -24.70 62.30
N ASP J 47 78.56 -23.76 62.37
CA ASP J 47 78.66 -22.83 63.49
C ASP J 47 77.71 -21.64 63.40
N ASP J 48 77.76 -20.94 62.27
CA ASP J 48 76.95 -19.74 62.06
C ASP J 48 75.66 -19.98 61.30
N GLY J 49 75.65 -21.00 60.44
CA GLY J 49 74.47 -21.31 59.65
C GLY J 49 74.42 -20.53 58.34
N LEU J 50 73.33 -20.70 57.60
CA LEU J 50 73.15 -20.02 56.33
C LEU J 50 71.93 -19.13 56.37
N ALA J 51 72.05 -17.95 55.75
CA ALA J 51 70.93 -17.02 55.72
C ALA J 51 70.10 -17.24 54.46
N PHE J 52 68.78 -17.03 54.60
CA PHE J 52 67.82 -17.17 53.51
C PHE J 52 66.52 -16.41 53.89
N ASP J 53 65.70 -16.10 52.89
CA ASP J 53 64.47 -15.28 52.98
C ASP J 53 63.16 -16.01 53.22
N GLY J 54 62.21 -15.55 54.04
CA GLY J 54 60.97 -16.29 54.03
C GLY J 54 60.48 -16.22 52.58
N SER J 55 60.63 -17.29 51.80
CA SER J 55 60.19 -17.22 50.39
C SER J 55 58.91 -17.98 50.16
N SER J 56 58.23 -17.76 49.03
CA SER J 56 56.94 -18.39 48.82
C SER J 56 56.04 -17.81 49.93
N ILE J 57 54.88 -18.35 50.31
CA ILE J 57 54.10 -17.50 51.19
C ILE J 57 53.43 -18.11 52.45
N ARG J 58 52.96 -19.34 52.49
CA ARG J 58 52.18 -19.75 53.65
C ARG J 58 52.81 -20.73 54.64
N GLY J 59 52.71 -20.43 55.93
CA GLY J 59 53.25 -21.27 57.00
C GLY J 59 54.43 -20.56 57.67
N PHE J 60 55.50 -20.32 56.88
CA PHE J 60 56.78 -19.71 57.32
C PHE J 60 56.75 -18.17 57.53
N GLN J 61 57.94 -17.55 57.79
CA GLN J 61 58.20 -16.13 58.08
C GLN J 61 57.89 -15.13 56.94
N SER J 62 56.75 -14.42 57.09
CA SER J 62 56.25 -13.42 56.12
C SER J 62 57.14 -12.15 56.13
N ILE J 63 56.62 -10.98 55.69
CA ILE J 63 57.46 -9.77 55.66
C ILE J 63 57.23 -8.89 56.90
N HIS J 64 57.31 -9.53 58.08
CA HIS J 64 57.19 -8.87 59.41
C HIS J 64 58.09 -9.71 60.33
N GLU J 65 58.54 -10.80 59.68
CA GLU J 65 59.42 -11.85 60.25
C GLU J 65 60.42 -12.44 59.22
N SER J 66 60.37 -11.92 57.98
CA SER J 66 61.20 -12.27 56.79
C SER J 66 62.35 -13.27 56.95
N ASP J 67 63.55 -12.77 57.27
CA ASP J 67 64.80 -13.54 57.23
C ASP J 67 64.92 -14.70 58.21
N MET J 68 65.48 -15.82 57.73
CA MET J 68 65.70 -17.02 58.53
C MET J 68 67.16 -17.48 58.48
N LEU J 69 67.55 -18.27 59.47
CA LEU J 69 68.90 -18.81 59.56
C LEU J 69 68.77 -20.34 59.53
N LEU J 70 69.57 -21.01 58.70
CA LEU J 70 69.51 -22.46 58.58
C LEU J 70 70.72 -23.17 59.17
N LEU J 71 70.46 -24.07 60.13
CA LEU J 71 71.54 -24.84 60.77
C LEU J 71 71.42 -26.30 60.32
N PRO J 72 72.52 -26.89 59.83
CA PRO J 72 72.56 -28.27 59.34
C PRO J 72 72.48 -29.40 60.37
N ASP J 73 71.94 -30.52 59.93
CA ASP J 73 71.84 -31.73 60.74
C ASP J 73 72.74 -32.74 60.02
N PRO J 74 73.96 -32.95 60.55
CA PRO J 74 74.94 -33.88 59.97
C PRO J 74 74.47 -35.32 59.73
N GLU J 75 73.47 -35.77 60.48
CA GLU J 75 72.95 -37.12 60.32
C GLU J 75 72.15 -37.31 59.04
N THR J 76 71.69 -36.21 58.45
CA THR J 76 70.88 -36.25 57.24
C THR J 76 71.68 -36.13 55.93
N ALA J 77 72.99 -35.98 56.04
CA ALA J 77 73.88 -35.83 54.89
C ALA J 77 73.93 -37.09 54.04
N ARG J 78 73.55 -36.96 52.77
CA ARG J 78 73.54 -38.07 51.82
C ARG J 78 73.93 -37.59 50.42
N ILE J 79 74.60 -38.46 49.68
CA ILE J 79 74.99 -38.14 48.31
C ILE J 79 73.75 -38.38 47.45
N ASP J 80 73.41 -37.39 46.62
CA ASP J 80 72.24 -37.51 45.73
C ASP J 80 72.61 -38.45 44.57
N PRO J 81 71.84 -39.54 44.39
CA PRO J 81 72.12 -40.50 43.31
C PRO J 81 71.52 -40.13 41.96
N PHE J 82 70.78 -39.03 41.90
CA PHE J 82 70.12 -38.60 40.68
C PHE J 82 70.74 -37.41 39.97
N ARG J 83 71.22 -36.44 40.75
CA ARG J 83 71.83 -35.24 40.19
C ARG J 83 73.11 -35.52 39.43
N ALA J 84 73.19 -35.03 38.19
CA ALA J 84 74.36 -35.22 37.33
C ALA J 84 75.63 -34.66 37.98
N ALA J 85 75.55 -33.42 38.46
CA ALA J 85 76.68 -32.80 39.14
C ALA J 85 76.70 -33.41 40.54
N LYS J 86 77.83 -33.99 40.95
CA LYS J 86 77.94 -34.63 42.27
C LYS J 86 77.49 -33.68 43.39
N THR J 87 76.38 -34.05 44.03
CA THR J 87 75.78 -33.24 45.08
C THR J 87 75.57 -33.94 46.42
N LEU J 88 75.74 -33.19 47.50
CA LEU J 88 75.53 -33.68 48.85
C LEU J 88 74.29 -33.00 49.41
N ASN J 89 73.29 -33.79 49.78
CA ASN J 89 72.05 -33.26 50.35
C ASN J 89 72.13 -33.28 51.86
N ILE J 90 71.68 -32.19 52.49
CA ILE J 90 71.67 -32.09 53.95
C ILE J 90 70.42 -31.33 54.37
N ASN J 91 69.77 -31.81 55.43
CA ASN J 91 68.57 -31.16 55.94
C ASN J 91 68.98 -30.16 57.02
N PHE J 92 68.21 -29.08 57.13
CA PHE J 92 68.51 -28.02 58.08
C PHE J 92 67.33 -27.70 59.00
N PHE J 93 67.64 -27.01 60.08
CA PHE J 93 66.65 -26.55 61.05
C PHE J 93 66.58 -25.04 60.82
N VAL J 94 65.38 -24.49 60.90
CA VAL J 94 65.18 -23.05 60.71
C VAL J 94 65.25 -22.34 62.06
N HIS J 95 66.15 -21.36 62.16
CA HIS J 95 66.31 -20.59 63.40
C HIS J 95 66.05 -19.12 63.14
N ASP J 96 65.84 -18.37 64.22
CA ASP J 96 65.65 -16.93 64.12
C ASP J 96 67.08 -16.39 64.07
N PRO J 97 67.39 -15.54 63.08
CA PRO J 97 68.73 -14.94 62.91
C PRO J 97 69.30 -14.34 64.19
N PHE J 98 68.52 -13.44 64.78
CA PHE J 98 68.88 -12.71 65.99
C PHE J 98 69.09 -13.58 67.24
N THR J 99 68.01 -14.18 67.72
CA THR J 99 68.05 -15.02 68.92
C THR J 99 68.61 -16.43 68.78
N LEU J 100 68.77 -16.88 67.54
CA LEU J 100 69.25 -18.25 67.24
C LEU J 100 68.23 -19.25 67.81
N GLU J 101 67.02 -18.75 68.03
CA GLU J 101 65.92 -19.54 68.59
C GLU J 101 65.24 -20.35 67.48
N PRO J 102 65.07 -21.66 67.71
CA PRO J 102 64.42 -22.53 66.73
C PRO J 102 63.04 -22.00 66.34
N TYR J 103 62.83 -21.84 65.04
CA TYR J 103 61.55 -21.34 64.53
C TYR J 103 60.45 -22.35 64.87
N SER J 104 59.41 -21.86 65.54
CA SER J 104 58.30 -22.70 65.99
C SER J 104 57.43 -23.35 64.90
N ARG J 105 57.55 -22.89 63.66
CA ARG J 105 56.74 -23.47 62.58
C ARG J 105 57.52 -24.39 61.64
N ASP J 106 58.79 -24.65 61.98
CA ASP J 106 59.63 -25.54 61.19
C ASP J 106 59.36 -26.95 61.69
N PRO J 107 58.79 -27.80 60.82
CA PRO J 107 58.46 -29.18 61.18
C PRO J 107 59.61 -29.97 61.82
N ARG J 108 60.83 -29.74 61.35
CA ARG J 108 61.96 -30.45 61.91
C ARG J 108 62.27 -30.04 63.35
N ASN J 109 61.92 -28.80 63.70
CA ASN J 109 62.13 -28.30 65.06
C ASN J 109 61.10 -28.93 65.99
N ILE J 110 59.89 -29.13 65.49
CA ILE J 110 58.81 -29.75 66.25
C ILE J 110 59.21 -31.17 66.65
N ALA J 111 59.77 -31.91 65.70
CA ALA J 111 60.21 -33.27 65.95
C ALA J 111 61.34 -33.31 66.97
N ARG J 112 62.25 -32.34 66.89
CA ARG J 112 63.36 -32.25 67.83
C ARG J 112 62.82 -31.90 69.22
N LYS J 113 61.88 -30.97 69.28
CA LYS J 113 61.26 -30.56 70.55
C LYS J 113 60.53 -31.75 71.18
N ALA J 114 59.92 -32.58 70.34
CA ALA J 114 59.20 -33.76 70.81
C ALA J 114 60.13 -34.75 71.47
N GLU J 115 61.32 -34.92 70.89
CA GLU J 115 62.32 -35.84 71.45
C GLU J 115 62.87 -35.31 72.78
N ASN J 116 63.07 -34.00 72.86
CA ASN J 116 63.59 -33.36 74.06
C ASN J 116 62.56 -33.40 75.18
N TYR J 117 61.30 -33.25 74.82
CA TYR J 117 60.21 -33.31 75.79
C TYR J 117 60.10 -34.70 76.40
N LEU J 118 60.28 -35.73 75.56
CA LEU J 118 60.22 -37.12 75.99
C LEU J 118 61.24 -37.33 77.12
N ILE J 119 62.45 -36.84 76.89
CA ILE J 119 63.53 -36.95 77.87
C ILE J 119 63.20 -36.19 79.15
N SER J 120 62.60 -35.01 79.02
CA SER J 120 62.25 -34.18 80.16
C SER J 120 61.16 -34.79 81.05
N THR J 121 60.31 -35.66 80.50
CA THR J 121 59.25 -36.28 81.29
C THR J 121 59.79 -37.44 82.12
N GLY J 122 60.99 -37.91 81.79
CA GLY J 122 61.59 -39.01 82.52
C GLY J 122 61.00 -40.36 82.13
N ILE J 123 59.91 -40.35 81.36
CA ILE J 123 59.24 -41.56 80.91
C ILE J 123 60.17 -42.47 80.10
N ALA J 124 60.95 -41.86 79.22
CA ALA J 124 61.91 -42.58 78.38
C ALA J 124 62.87 -41.57 77.78
N ASP J 125 63.91 -42.05 77.11
CA ASP J 125 64.86 -41.14 76.47
C ASP J 125 64.92 -41.29 74.95
N THR J 126 64.20 -42.28 74.42
CA THR J 126 64.17 -42.53 72.98
C THR J 126 62.85 -43.10 72.48
N ALA J 127 62.34 -42.53 71.39
CA ALA J 127 61.10 -43.00 70.77
C ALA J 127 61.45 -43.49 69.38
N TYR J 128 61.36 -44.80 69.16
CA TYR J 128 61.67 -45.38 67.87
C TYR J 128 60.46 -45.49 66.97
N PHE J 129 60.62 -45.02 65.73
CA PHE J 129 59.54 -45.08 64.74
C PHE J 129 59.93 -45.86 63.50
N GLY J 130 59.08 -46.82 63.14
CA GLY J 130 59.29 -47.62 61.95
C GLY J 130 58.07 -47.36 61.08
N ALA J 131 58.30 -46.80 59.90
CA ALA J 131 57.18 -46.49 59.01
C ALA J 131 57.25 -47.20 57.68
N GLU J 132 56.09 -47.67 57.24
CA GLU J 132 55.99 -48.40 55.99
C GLU J 132 54.99 -47.76 55.06
N ALA J 133 55.55 -47.05 54.10
CA ALA J 133 54.76 -46.30 53.14
C ALA J 133 54.64 -46.99 51.81
N GLU J 134 53.39 -47.25 51.43
CA GLU J 134 53.05 -47.87 50.17
C GLU J 134 52.94 -46.75 49.15
N PHE J 135 53.14 -47.09 47.88
CA PHE J 135 53.05 -46.10 46.80
C PHE J 135 52.63 -46.80 45.51
N TYR J 136 52.20 -46.00 44.54
CA TYR J 136 51.80 -46.51 43.23
C TYR J 136 52.72 -46.00 42.15
N ILE J 137 53.03 -46.87 41.19
CA ILE J 137 53.90 -46.54 40.06
C ILE J 137 52.99 -46.44 38.84
N PHE J 138 52.93 -45.25 38.24
CA PHE J 138 52.12 -45.02 37.05
C PHE J 138 52.98 -44.63 35.86
N ASP J 139 52.37 -44.59 34.69
CA ASP J 139 53.06 -44.19 33.46
C ASP J 139 52.69 -42.75 33.14
N SER J 140 51.49 -42.35 33.56
CA SER J 140 51.03 -41.00 33.29
C SER J 140 49.94 -40.54 34.25
N VAL J 141 49.77 -39.22 34.32
CA VAL J 141 48.76 -38.58 35.14
C VAL J 141 48.44 -37.23 34.54
N SER J 142 47.15 -36.96 34.38
CA SER J 142 46.69 -35.67 33.87
C SER J 142 45.39 -35.32 34.56
N PHE J 143 45.10 -34.03 34.68
CA PHE J 143 43.89 -33.56 35.33
C PHE J 143 43.74 -32.06 35.16
N ASP J 144 42.53 -31.57 35.39
CA ASP J 144 42.25 -30.14 35.34
C ASP J 144 40.91 -29.83 35.96
N SER J 145 40.69 -28.55 36.22
CA SER J 145 39.45 -28.07 36.82
C SER J 145 39.09 -26.80 36.10
N ARG J 146 37.98 -26.84 35.36
CA ARG J 146 37.52 -25.68 34.60
C ARG J 146 36.11 -25.31 35.00
N ALA J 147 35.59 -24.24 34.41
CA ALA J 147 34.25 -23.79 34.72
C ALA J 147 33.16 -24.77 34.31
N ASN J 148 33.34 -25.38 33.14
CA ASN J 148 32.35 -26.30 32.58
C ASN J 148 32.72 -27.78 32.62
N GLY J 149 33.84 -28.10 33.26
CA GLY J 149 34.23 -29.50 33.32
C GLY J 149 35.46 -29.71 34.16
N SER J 150 35.72 -30.97 34.46
CA SER J 150 36.87 -31.34 35.26
C SER J 150 37.14 -32.82 35.03
N PHE J 151 38.39 -33.23 35.19
CA PHE J 151 38.75 -34.64 35.01
C PHE J 151 40.08 -34.95 35.65
N TYR J 152 40.36 -36.25 35.74
CA TYR J 152 41.64 -36.75 36.22
C TYR J 152 41.78 -38.10 35.55
N GLU J 153 43.02 -38.51 35.35
CA GLU J 153 43.28 -39.79 34.74
C GLU J 153 44.70 -40.24 35.03
N VAL J 154 44.81 -41.37 35.72
CA VAL J 154 46.12 -41.95 36.00
C VAL J 154 46.15 -43.21 35.12
N ASP J 155 47.31 -43.57 34.63
CA ASP J 155 47.37 -44.75 33.78
C ASP J 155 48.69 -45.46 33.90
N ALA J 156 48.64 -46.76 33.60
CA ALA J 156 49.80 -47.63 33.63
C ALA J 156 49.57 -48.66 32.54
N ILE J 157 50.61 -48.90 31.75
CA ILE J 157 50.57 -49.86 30.66
C ILE J 157 49.97 -51.19 31.12
N SER J 158 50.45 -51.66 32.27
CA SER J 158 50.01 -52.93 32.84
C SER J 158 48.82 -52.85 33.78
N GLY J 159 48.09 -51.72 33.75
CA GLY J 159 46.93 -51.59 34.61
C GLY J 159 45.84 -52.58 34.24
N TRP J 160 45.22 -53.19 35.25
CA TRP J 160 44.18 -54.19 35.03
C TRP J 160 42.94 -53.70 34.28
N TRP J 161 42.80 -52.38 34.16
CA TRP J 161 41.67 -51.79 33.45
C TRP J 161 41.98 -51.69 31.95
N ASN J 162 43.18 -52.11 31.56
CA ASN J 162 43.63 -52.04 30.16
C ASN J 162 43.72 -53.38 29.44
N THR J 163 43.05 -54.42 29.95
CA THR J 163 43.11 -55.74 29.31
C THR J 163 42.57 -55.73 27.89
N GLY J 164 41.64 -54.83 27.60
CA GLY J 164 41.05 -54.74 26.28
C GLY J 164 41.74 -53.84 25.27
N ALA J 165 42.86 -53.22 25.66
CA ALA J 165 43.59 -52.34 24.75
C ALA J 165 44.04 -53.08 23.49
N ALA J 166 43.66 -52.55 22.33
CA ALA J 166 44.02 -53.13 21.05
C ALA J 166 45.55 -53.13 20.86
N THR J 167 46.18 -52.03 21.27
CA THR J 167 47.63 -51.87 21.22
C THR J 167 48.00 -50.97 22.40
N GLU J 168 49.27 -50.99 22.77
CA GLU J 168 49.74 -50.16 23.87
C GLU J 168 49.78 -48.69 23.47
N ALA J 169 50.07 -47.83 24.45
CA ALA J 169 50.15 -46.39 24.21
C ALA J 169 51.13 -46.09 23.08
N ASP J 170 52.28 -46.75 23.12
CA ASP J 170 53.33 -46.56 22.11
C ASP J 170 53.14 -47.33 20.81
N GLY J 171 51.92 -47.84 20.58
CA GLY J 171 51.65 -48.59 19.36
C GLY J 171 52.02 -50.05 19.36
N SER J 172 52.84 -50.47 20.33
CA SER J 172 53.27 -51.87 20.45
C SER J 172 52.10 -52.77 20.84
N PRO J 173 52.21 -54.08 20.59
CA PRO J 173 51.11 -54.98 20.94
C PRO J 173 50.84 -55.20 22.42
N ASN J 174 49.58 -55.47 22.75
CA ASN J 174 49.14 -55.75 24.10
C ASN J 174 49.56 -57.20 24.37
N ARG J 175 50.46 -57.39 25.33
CA ARG J 175 50.95 -58.72 25.65
C ARG J 175 50.30 -59.39 26.86
N GLY J 176 49.28 -58.72 27.41
CA GLY J 176 48.57 -59.28 28.55
C GLY J 176 49.28 -59.23 29.88
N TYR J 177 48.91 -60.15 30.77
CA TYR J 177 49.46 -60.23 32.12
C TYR J 177 49.13 -58.98 32.95
N LYS J 178 48.00 -58.36 32.63
CA LYS J 178 47.53 -57.16 33.33
C LYS J 178 46.50 -57.52 34.41
N VAL J 179 45.71 -58.55 34.15
CA VAL J 179 44.66 -59.00 35.07
C VAL J 179 45.14 -59.28 36.48
N ARG J 180 44.28 -58.87 37.41
CA ARG J 180 44.51 -59.00 38.83
C ARG J 180 43.70 -60.22 39.29
N HIS J 181 44.37 -61.36 39.43
CA HIS J 181 43.72 -62.61 39.82
C HIS J 181 43.39 -62.82 41.29
N LYS J 182 42.39 -63.66 41.52
CA LYS J 182 41.94 -64.03 42.86
C LYS J 182 42.93 -65.09 43.36
N GLY J 183 43.19 -65.11 44.67
CA GLY J 183 44.10 -66.09 45.22
C GLY J 183 45.38 -65.54 45.82
N GLY J 184 46.03 -64.63 45.10
CA GLY J 184 47.26 -64.05 45.58
C GLY J 184 47.56 -62.77 44.84
N TYR J 185 47.92 -61.72 45.58
CA TYR J 185 48.22 -60.44 44.95
C TYR J 185 49.70 -60.06 44.85
N PHE J 186 50.59 -61.03 45.02
CA PHE J 186 52.03 -60.80 44.89
C PHE J 186 52.62 -61.80 43.88
N PRO J 187 51.96 -61.99 42.71
CA PRO J 187 52.50 -62.94 41.74
C PRO J 187 53.87 -62.61 41.17
N VAL J 188 54.60 -63.64 40.77
CA VAL J 188 55.92 -63.46 40.18
C VAL J 188 55.75 -62.98 38.73
N ALA J 189 56.87 -62.60 38.11
CA ALA J 189 56.85 -62.15 36.72
C ALA J 189 56.37 -63.30 35.83
N PRO J 190 55.78 -63.00 34.66
CA PRO J 190 55.53 -61.65 34.13
C PRO J 190 54.30 -60.89 34.65
N ASN J 191 53.55 -61.47 35.58
CA ASN J 191 52.40 -60.77 36.15
C ASN J 191 52.92 -59.54 36.89
N ASP J 192 54.08 -59.70 37.52
CA ASP J 192 54.75 -58.63 38.24
C ASP J 192 55.58 -57.92 37.16
N GLN J 193 55.12 -56.74 36.76
CA GLN J 193 55.79 -55.99 35.72
C GLN J 193 56.72 -54.88 36.18
N TYR J 194 57.01 -54.83 37.47
CA TYR J 194 57.88 -53.78 37.99
C TYR J 194 59.07 -54.29 38.78
N VAL J 195 59.43 -55.56 38.56
CA VAL J 195 60.54 -56.17 39.27
C VAL J 195 61.86 -55.39 39.20
N ASP J 196 62.31 -55.07 38.00
CA ASP J 196 63.56 -54.35 37.84
C ASP J 196 63.54 -52.93 38.41
N LEU J 197 62.42 -52.25 38.28
CA LEU J 197 62.28 -50.88 38.79
C LEU J 197 62.37 -50.89 40.32
N ARG J 198 61.61 -51.79 40.95
CA ARG J 198 61.63 -51.88 42.42
C ARG J 198 63.02 -52.21 42.92
N ASP J 199 63.74 -53.05 42.18
CA ASP J 199 65.09 -53.43 42.56
C ASP J 199 66.00 -52.21 42.49
N LYS J 200 65.77 -51.34 41.51
CA LYS J 200 66.56 -50.12 41.36
C LYS J 200 66.28 -49.22 42.56
N MET J 201 65.01 -49.15 42.95
CA MET J 201 64.60 -48.34 44.09
C MET J 201 65.29 -48.86 45.35
N LEU J 202 65.24 -50.19 45.54
CA LEU J 202 65.86 -50.83 46.70
C LEU J 202 67.37 -50.62 46.71
N THR J 203 68.00 -50.76 45.55
CA THR J 203 69.44 -50.57 45.42
C THR J 203 69.80 -49.14 45.81
N ASN J 204 69.01 -48.17 45.35
CA ASN J 204 69.24 -46.76 45.67
C ASN J 204 69.07 -46.47 47.14
N LEU J 205 68.08 -47.11 47.77
CA LEU J 205 67.83 -46.93 49.20
C LEU J 205 69.02 -47.46 50.00
N ILE J 206 69.48 -48.66 49.65
CA ILE J 206 70.61 -49.28 50.31
C ILE J 206 71.87 -48.45 50.16
N ASN J 207 72.09 -47.90 48.96
CA ASN J 207 73.26 -47.07 48.72
C ASN J 207 73.15 -45.72 49.42
N SER J 208 71.93 -45.39 49.85
CA SER J 208 71.67 -44.14 50.55
C SER J 208 71.59 -44.31 52.07
N GLY J 209 72.13 -45.41 52.57
CA GLY J 209 72.15 -45.65 54.01
C GLY J 209 70.99 -46.35 54.69
N PHE J 210 69.98 -46.77 53.94
CA PHE J 210 68.86 -47.47 54.54
C PHE J 210 69.29 -48.88 54.95
N ILE J 211 68.86 -49.30 56.13
CA ILE J 211 69.20 -50.61 56.65
C ILE J 211 68.05 -51.59 56.47
N LEU J 212 68.32 -52.68 55.76
CA LEU J 212 67.35 -53.71 55.47
C LEU J 212 67.88 -54.99 56.14
N GLU J 213 67.16 -55.53 57.12
CA GLU J 213 67.58 -56.76 57.77
C GLU J 213 66.45 -57.78 57.82
N LYS J 214 66.19 -58.22 59.03
CA LYS J 214 65.19 -59.19 59.47
C LYS J 214 63.92 -59.20 58.61
N GLY J 215 62.87 -58.50 59.04
CA GLY J 215 61.62 -58.50 58.30
C GLY J 215 61.44 -57.31 57.40
N HIS J 216 62.53 -56.92 56.72
CA HIS J 216 62.50 -55.79 55.80
C HIS J 216 62.43 -56.38 54.39
N HIS J 217 61.31 -56.13 53.73
CA HIS J 217 61.07 -56.66 52.39
C HIS J 217 60.82 -55.61 51.32
N GLU J 218 60.93 -56.10 50.11
CA GLU J 218 60.58 -55.32 48.94
C GLU J 218 59.38 -56.08 48.38
N VAL J 219 58.22 -55.44 48.28
CA VAL J 219 57.04 -56.15 47.80
C VAL J 219 56.26 -55.32 46.78
N GLY J 220 55.59 -56.02 45.87
CA GLY J 220 54.80 -55.34 44.85
C GLY J 220 53.52 -56.09 44.49
N SER J 221 52.48 -55.33 44.21
CA SER J 221 51.18 -55.88 43.83
C SER J 221 50.65 -54.95 42.75
N GLY J 222 50.68 -55.42 41.51
CA GLY J 222 50.24 -54.59 40.39
C GLY J 222 51.19 -53.42 40.33
N GLY J 223 50.64 -52.21 40.31
CA GLY J 223 51.48 -51.03 40.27
C GLY J 223 51.85 -50.53 41.66
N GLN J 224 51.25 -51.14 42.70
CA GLN J 224 51.54 -50.74 44.07
C GLN J 224 52.79 -51.44 44.59
N ALA J 225 53.52 -50.73 45.45
CA ALA J 225 54.75 -51.29 46.02
C ALA J 225 55.05 -50.72 47.38
N GLU J 226 56.01 -51.36 48.06
CA GLU J 226 56.45 -50.95 49.38
C GLU J 226 57.78 -51.59 49.67
N ILE J 227 58.70 -50.79 50.21
CA ILE J 227 60.01 -51.28 50.59
C ILE J 227 60.20 -50.76 52.01
N ASN J 228 60.15 -51.67 52.99
CA ASN J 228 60.31 -51.25 54.37
C ASN J 228 61.77 -51.39 54.81
N TYR J 229 62.15 -50.57 55.78
CA TYR J 229 63.51 -50.53 56.28
C TYR J 229 63.52 -50.38 57.79
N GLN J 230 64.72 -50.42 58.37
CA GLN J 230 64.87 -50.32 59.80
C GLN J 230 64.46 -48.98 60.39
N PHE J 231 63.80 -49.05 61.54
CA PHE J 231 63.32 -47.90 62.30
C PHE J 231 64.45 -46.96 62.68
N ASN J 232 64.09 -45.84 63.30
CA ASN J 232 65.07 -44.86 63.74
C ASN J 232 64.39 -44.00 64.82
N SER J 233 65.18 -43.18 65.51
CA SER J 233 64.61 -42.29 66.52
C SER J 233 63.69 -41.30 65.79
N LEU J 234 62.62 -40.88 66.46
CA LEU J 234 61.61 -39.99 65.89
C LEU J 234 62.03 -39.02 64.77
N LEU J 235 62.84 -38.01 65.09
CA LEU J 235 63.27 -37.03 64.09
C LEU J 235 63.92 -37.65 62.86
N HIS J 236 64.93 -38.48 63.07
CA HIS J 236 65.63 -39.12 61.98
C HIS J 236 64.78 -40.12 61.19
N ALA J 237 63.74 -40.65 61.82
CA ALA J 237 62.84 -41.57 61.15
C ALA J 237 62.03 -40.74 60.14
N ALA J 238 61.66 -39.53 60.56
CA ALA J 238 60.91 -38.62 59.72
C ALA J 238 61.79 -38.15 58.55
N ASP J 239 63.08 -37.95 58.82
CA ASP J 239 64.02 -37.54 57.78
C ASP J 239 64.16 -38.70 56.78
N ASP J 240 64.18 -39.92 57.31
CA ASP J 240 64.28 -41.14 56.50
C ASP J 240 63.09 -41.29 55.57
N MET J 241 61.91 -40.93 56.06
CA MET J 241 60.68 -41.02 55.28
C MET J 241 60.73 -40.06 54.09
N GLN J 242 61.20 -38.84 54.35
CA GLN J 242 61.33 -37.84 53.29
C GLN J 242 62.34 -38.31 52.25
N LEU J 243 63.43 -38.92 52.71
CA LEU J 243 64.49 -39.44 51.85
C LEU J 243 63.94 -40.59 51.00
N TYR J 244 63.19 -41.48 51.66
CA TYR J 244 62.58 -42.62 51.01
C TYR J 244 61.68 -42.15 49.85
N LYS J 245 60.77 -41.22 50.14
CA LYS J 245 59.89 -40.68 49.12
C LYS J 245 60.68 -40.05 47.97
N TYR J 246 61.74 -39.34 48.32
CA TYR J 246 62.60 -38.69 47.32
C TYR J 246 63.23 -39.73 46.40
N ILE J 247 63.78 -40.78 47.00
CA ILE J 247 64.43 -41.84 46.26
C ILE J 247 63.46 -42.65 45.41
N ILE J 248 62.28 -42.94 45.96
CA ILE J 248 61.27 -43.69 45.23
C ILE J 248 60.78 -42.89 44.03
N LYS J 249 60.40 -41.64 44.27
CA LYS J 249 59.89 -40.76 43.23
C LYS J 249 60.85 -40.50 42.07
N ASN J 250 62.13 -40.28 42.40
CA ASN J 250 63.12 -39.98 41.39
C ASN J 250 63.70 -41.19 40.66
N THR J 251 63.66 -42.36 41.31
CA THR J 251 64.14 -43.57 40.67
C THR J 251 63.12 -43.86 39.57
N ALA J 252 61.84 -43.70 39.90
CA ALA J 252 60.77 -43.90 38.94
C ALA J 252 60.89 -42.88 37.81
N TRP J 253 61.10 -41.63 38.19
CA TRP J 253 61.22 -40.54 37.22
C TRP J 253 62.34 -40.76 36.21
N GLN J 254 63.48 -41.22 36.68
CA GLN J 254 64.62 -41.49 35.80
C GLN J 254 64.41 -42.71 34.93
N ASN J 255 63.38 -43.49 35.24
CA ASN J 255 63.08 -44.69 34.48
C ASN J 255 61.75 -44.63 33.73
N GLY J 256 61.38 -43.42 33.35
CA GLY J 256 60.15 -43.20 32.60
C GLY J 256 58.81 -43.37 33.29
N LYS J 257 58.79 -43.37 34.61
CA LYS J 257 57.54 -43.54 35.34
C LYS J 257 57.27 -42.32 36.22
N THR J 258 56.13 -42.37 36.90
CA THR J 258 55.72 -41.31 37.82
C THR J 258 55.03 -41.97 39.01
N VAL J 259 55.54 -41.69 40.20
CA VAL J 259 55.03 -42.26 41.45
C VAL J 259 54.15 -41.33 42.25
N THR J 260 53.17 -41.90 42.96
CA THR J 260 52.32 -41.12 43.84
C THR J 260 52.14 -41.83 45.19
N PHE J 261 52.27 -41.04 46.25
CA PHE J 261 52.10 -41.53 47.61
C PHE J 261 50.72 -41.13 48.11
N MET J 262 49.86 -40.61 47.23
CA MET J 262 48.53 -40.20 47.66
C MET J 262 47.77 -41.44 48.16
N PRO J 263 46.97 -41.26 49.22
CA PRO J 263 46.18 -42.32 49.87
C PRO J 263 45.29 -43.19 48.98
N LYS J 264 44.56 -42.57 48.05
CA LYS J 264 43.66 -43.31 47.21
C LYS J 264 43.65 -42.80 45.76
N PRO J 265 44.63 -43.23 44.95
CA PRO J 265 44.70 -42.79 43.55
C PRO J 265 43.75 -43.59 42.67
N LEU J 266 43.44 -44.81 43.09
CA LEU J 266 42.57 -45.70 42.33
C LEU J 266 41.28 -46.07 43.06
N PHE J 267 40.17 -45.88 42.37
CA PHE J 267 38.86 -46.23 42.90
C PHE J 267 38.62 -47.70 42.56
N GLY J 268 38.51 -48.54 43.58
CA GLY J 268 38.31 -49.95 43.32
C GLY J 268 39.61 -50.75 43.43
N ASP J 269 40.60 -50.14 44.07
CA ASP J 269 41.87 -50.79 44.29
C ASP J 269 42.39 -50.31 45.64
N ASN J 270 43.31 -51.07 46.21
CA ASN J 270 43.89 -50.77 47.51
C ASN J 270 44.44 -49.35 47.65
N GLY J 271 44.21 -48.75 48.82
CA GLY J 271 44.73 -47.42 49.10
C GLY J 271 46.17 -47.56 49.56
N SER J 272 46.87 -46.45 49.75
CA SER J 272 48.25 -46.49 50.21
C SER J 272 48.36 -45.90 51.61
N GLY J 273 48.82 -46.71 52.55
CA GLY J 273 48.94 -46.24 53.92
C GLY J 273 50.36 -46.24 54.43
N MET J 274 50.53 -45.71 55.65
CA MET J 274 51.83 -45.64 56.30
C MET J 274 51.68 -46.19 57.72
N HIS J 275 51.92 -47.49 57.87
CA HIS J 275 51.84 -48.16 59.16
C HIS J 275 53.02 -47.73 59.99
N CYS J 276 52.75 -47.14 61.16
CA CYS J 276 53.80 -46.66 62.02
C CYS J 276 53.99 -47.45 63.31
N HIS J 277 55.11 -48.15 63.38
CA HIS J 277 55.49 -48.94 64.53
C HIS J 277 56.22 -48.01 65.49
N GLN J 278 55.82 -48.03 66.75
CA GLN J 278 56.40 -47.17 67.76
C GLN J 278 56.72 -47.93 69.02
N SER J 279 57.71 -47.43 69.75
CA SER J 279 58.13 -48.05 70.99
C SER J 279 59.05 -47.08 71.76
N LEU J 280 58.95 -47.10 73.09
CA LEU J 280 59.78 -46.25 73.95
C LEU J 280 60.88 -47.06 74.60
N TRP J 281 62.05 -46.44 74.70
CA TRP J 281 63.23 -47.06 75.31
C TRP J 281 63.86 -46.09 76.30
N LYS J 282 64.61 -46.64 77.25
CA LYS J 282 65.29 -45.84 78.28
C LYS J 282 66.55 -46.58 78.70
N ASP J 283 67.67 -45.85 78.68
CA ASP J 283 68.97 -46.39 79.06
C ASP J 283 69.33 -47.64 78.28
N GLY J 284 68.97 -47.66 77.00
CA GLY J 284 69.28 -48.79 76.14
C GLY J 284 68.40 -50.02 76.33
N ALA J 285 67.32 -49.88 77.09
CA ALA J 285 66.42 -51.00 77.34
C ALA J 285 64.98 -50.68 76.96
N PRO J 286 64.25 -51.69 76.47
CA PRO J 286 62.84 -51.57 76.06
C PRO J 286 61.88 -51.36 77.22
N LEU J 287 60.84 -50.59 76.97
CA LEU J 287 59.83 -50.28 77.99
C LEU J 287 58.43 -50.77 77.60
N MET J 288 58.32 -51.40 76.44
CA MET J 288 57.02 -51.86 75.94
C MET J 288 56.61 -53.29 76.33
N TYR J 289 57.58 -54.11 76.73
CA TYR J 289 57.32 -55.51 77.07
C TYR J 289 56.95 -55.84 78.52
N ASP J 290 56.17 -56.92 78.67
CA ASP J 290 55.71 -57.44 79.95
C ASP J 290 54.97 -58.76 79.68
N GLU J 291 55.60 -59.87 80.06
CA GLU J 291 55.02 -61.22 79.85
C GLU J 291 53.60 -61.35 80.38
N THR J 292 53.34 -60.73 81.52
CA THR J 292 52.04 -60.80 82.19
C THR J 292 50.90 -60.03 81.52
N GLY J 293 51.24 -59.00 80.75
CA GLY J 293 50.21 -58.21 80.09
C GLY J 293 49.69 -58.79 78.79
N TYR J 294 48.52 -58.33 78.38
CA TYR J 294 47.90 -58.78 77.13
C TYR J 294 48.81 -58.44 75.96
N ALA J 295 49.06 -59.42 75.09
CA ALA J 295 49.92 -59.24 73.93
C ALA J 295 51.36 -58.88 74.30
N GLY J 296 51.73 -59.18 75.55
CA GLY J 296 53.07 -58.90 76.02
C GLY J 296 53.34 -57.42 76.22
N LEU J 297 52.28 -56.66 76.48
CA LEU J 297 52.38 -55.21 76.65
C LEU J 297 52.50 -54.74 78.09
N SER J 298 53.42 -53.80 78.31
CA SER J 298 53.63 -53.22 79.62
C SER J 298 52.54 -52.20 79.92
N ASP J 299 52.55 -51.65 81.14
CA ASP J 299 51.56 -50.64 81.54
C ASP J 299 51.80 -49.39 80.70
N THR J 300 53.08 -49.10 80.45
CA THR J 300 53.49 -47.94 79.67
C THR J 300 52.95 -48.04 78.25
N ALA J 301 53.12 -49.21 77.63
CA ALA J 301 52.65 -49.46 76.28
C ALA J 301 51.14 -49.37 76.17
N ARG J 302 50.43 -49.95 77.12
CA ARG J 302 48.96 -49.93 77.13
C ARG J 302 48.41 -48.51 77.29
N HIS J 303 49.07 -47.71 78.11
CA HIS J 303 48.65 -46.31 78.32
C HIS J 303 48.92 -45.49 77.07
N TYR J 304 50.00 -45.83 76.38
CA TYR J 304 50.38 -45.15 75.14
C TYR J 304 49.26 -45.40 74.13
N ILE J 305 48.83 -46.66 74.04
CA ILE J 305 47.74 -47.06 73.15
C ILE J 305 46.46 -46.33 73.55
N GLY J 306 46.28 -46.14 74.86
CA GLY J 306 45.10 -45.43 75.35
C GLY J 306 45.11 -44.00 74.85
N GLY J 307 46.30 -43.41 74.77
CA GLY J 307 46.44 -42.05 74.29
C GLY J 307 46.14 -41.96 72.81
N LEU J 308 46.68 -42.89 72.03
CA LEU J 308 46.46 -42.93 70.59
C LEU J 308 44.98 -43.05 70.26
N LEU J 309 44.29 -44.01 70.90
CA LEU J 309 42.87 -44.23 70.67
C LEU J 309 41.99 -43.09 71.17
N HIS J 310 42.37 -42.51 72.30
CA HIS J 310 41.60 -41.40 72.87
C HIS J 310 41.73 -40.14 72.01
N HIS J 311 42.96 -39.86 71.57
CA HIS J 311 43.24 -38.67 70.77
C HIS J 311 43.10 -38.80 69.26
N ALA J 312 42.84 -40.02 68.79
CA ALA J 312 42.70 -40.29 67.35
C ALA J 312 41.88 -39.28 66.55
N PRO J 313 40.70 -38.87 67.05
CA PRO J 313 39.89 -37.90 66.31
C PRO J 313 40.62 -36.61 65.93
N SER J 314 41.56 -36.18 66.76
CA SER J 314 42.32 -34.96 66.47
C SER J 314 43.69 -35.31 65.90
N LEU J 315 44.25 -36.43 66.36
CA LEU J 315 45.56 -36.90 65.90
C LEU J 315 45.58 -37.07 64.39
N LEU J 316 44.45 -37.54 63.84
CA LEU J 316 44.32 -37.76 62.41
C LEU J 316 44.50 -36.49 61.57
N ALA J 317 44.41 -35.33 62.21
CA ALA J 317 44.59 -34.06 61.50
C ALA J 317 46.03 -33.91 61.01
N PHE J 318 46.96 -34.64 61.64
CA PHE J 318 48.39 -34.62 61.28
C PHE J 318 48.82 -35.94 60.68
N THR J 319 48.07 -36.98 61.03
CA THR J 319 48.35 -38.33 60.63
C THR J 319 47.70 -38.73 59.28
N ASN J 320 46.56 -38.12 58.96
CA ASN J 320 45.81 -38.34 57.72
C ASN J 320 45.26 -36.94 57.42
N PRO J 321 46.16 -36.01 57.07
CA PRO J 321 45.92 -34.59 56.82
C PRO J 321 45.32 -34.13 55.45
N THR J 322 44.90 -35.04 54.58
CA THR J 322 44.35 -34.62 53.30
C THR J 322 42.93 -35.08 53.07
N VAL J 323 42.25 -34.44 52.12
CA VAL J 323 40.88 -34.81 51.78
C VAL J 323 40.88 -36.22 51.19
N ASN J 324 41.92 -36.54 50.43
CA ASN J 324 42.08 -37.85 49.79
C ASN J 324 42.31 -38.95 50.83
N SER J 325 42.83 -38.58 51.99
CA SER J 325 43.07 -39.53 53.09
C SER J 325 41.80 -40.28 53.46
N TYR J 326 40.66 -39.60 53.36
CA TYR J 326 39.36 -40.19 53.73
C TYR J 326 38.69 -41.01 52.65
N LYS J 327 39.38 -41.26 51.56
CA LYS J 327 38.85 -42.11 50.49
C LYS J 327 39.45 -43.50 50.77
N ARG J 328 40.53 -43.51 51.55
CA ARG J 328 41.17 -44.75 51.98
C ARG J 328 40.54 -45.17 53.32
N LEU J 329 40.40 -44.20 54.22
CA LEU J 329 39.79 -44.42 55.53
C LEU J 329 38.28 -44.38 55.37
N VAL J 330 37.73 -45.46 54.83
CA VAL J 330 36.31 -45.59 54.57
C VAL J 330 35.99 -47.10 54.64
N PRO J 331 34.75 -47.48 55.04
CA PRO J 331 34.37 -48.90 55.13
C PRO J 331 34.68 -49.72 53.86
N GLY J 332 35.50 -50.75 54.00
CA GLY J 332 35.85 -51.56 52.85
C GLY J 332 37.01 -52.53 53.02
N TYR J 333 38.14 -52.21 52.38
CA TYR J 333 39.37 -53.03 52.38
C TYR J 333 39.99 -53.26 53.77
N GLU J 334 39.14 -53.36 54.80
CA GLU J 334 39.56 -53.56 56.18
C GLU J 334 40.39 -52.35 56.56
N ALA J 335 39.78 -51.18 56.39
CA ALA J 335 40.41 -49.90 56.67
C ALA J 335 40.57 -49.69 58.17
N PRO J 336 41.77 -49.26 58.61
CA PRO J 336 42.06 -49.03 60.03
C PRO J 336 41.25 -47.86 60.57
N ILE J 337 39.93 -48.05 60.66
CA ILE J 337 39.02 -47.02 61.15
C ILE J 337 38.42 -47.36 62.51
N ASN J 338 38.66 -48.60 62.97
CA ASN J 338 38.14 -49.07 64.25
C ASN J 338 39.04 -48.70 65.42
N LEU J 339 38.53 -47.85 66.29
CA LEU J 339 39.28 -47.36 67.45
C LEU J 339 39.49 -48.37 68.58
N VAL J 340 40.20 -49.44 68.27
CA VAL J 340 40.51 -50.50 69.24
C VAL J 340 41.88 -51.07 68.90
N TYR J 341 42.50 -51.78 69.84
CA TYR J 341 43.79 -52.42 69.57
C TYR J 341 43.58 -53.91 69.43
N SER J 342 44.48 -54.58 68.76
CA SER J 342 44.33 -56.02 68.52
C SER J 342 45.64 -56.64 68.04
N GLN J 343 45.64 -57.96 67.91
CA GLN J 343 46.80 -58.71 67.43
C GLN J 343 46.41 -59.36 66.11
N ARG J 344 45.11 -59.58 65.94
CA ARG J 344 44.54 -60.22 64.75
C ARG J 344 44.01 -59.22 63.72
N ASN J 345 43.02 -58.43 64.12
CA ASN J 345 42.37 -57.44 63.25
C ASN J 345 43.26 -56.39 62.59
N ARG J 346 43.19 -56.33 61.27
CA ARG J 346 43.97 -55.36 60.50
C ARG J 346 43.16 -54.09 60.26
N SER J 347 41.87 -54.14 60.63
CA SER J 347 40.97 -53.01 60.52
C SER J 347 40.98 -52.22 61.83
N ALA J 348 41.88 -52.61 62.73
CA ALA J 348 42.02 -51.95 64.01
C ALA J 348 43.07 -50.85 63.89
N CYS J 349 42.77 -49.69 64.48
CA CYS J 349 43.68 -48.54 64.44
C CYS J 349 45.07 -48.93 64.93
N VAL J 350 45.11 -49.67 66.03
CA VAL J 350 46.38 -50.12 66.59
C VAL J 350 46.44 -51.63 66.58
N ARG J 351 47.55 -52.16 66.07
CA ARG J 351 47.75 -53.60 66.03
C ARG J 351 49.07 -53.90 66.71
N ILE J 352 49.10 -54.96 67.50
CA ILE J 352 50.32 -55.36 68.17
C ILE J 352 50.89 -56.56 67.43
N PRO J 353 51.99 -56.35 66.70
CA PRO J 353 52.65 -57.41 65.92
C PRO J 353 53.03 -58.56 66.83
N ILE J 354 52.81 -59.78 66.35
CA ILE J 354 53.14 -60.97 67.11
C ILE J 354 54.65 -61.17 66.97
N THR J 355 55.38 -60.84 68.04
CA THR J 355 56.84 -60.94 68.04
C THR J 355 57.44 -61.93 69.03
N GLY J 356 56.59 -62.57 69.83
CA GLY J 356 57.07 -63.55 70.78
C GLY J 356 57.47 -63.02 72.14
N SER J 357 58.49 -63.65 72.73
CA SER J 357 58.99 -63.30 74.06
C SER J 357 60.12 -62.27 74.10
N ASN J 358 60.69 -61.95 72.93
CA ASN J 358 61.78 -60.97 72.85
C ASN J 358 61.27 -59.56 73.18
N PRO J 359 61.69 -59.01 74.34
CA PRO J 359 61.26 -57.67 74.77
C PRO J 359 61.67 -56.53 73.83
N LYS J 360 62.79 -56.71 73.14
CA LYS J 360 63.31 -55.71 72.22
C LYS J 360 62.50 -55.59 70.93
N ALA J 361 61.65 -56.57 70.65
CA ALA J 361 60.84 -56.56 69.44
C ALA J 361 59.40 -56.10 69.68
N LYS J 362 59.01 -55.98 70.95
CA LYS J 362 57.65 -55.57 71.30
C LYS J 362 57.44 -54.11 70.93
N ARG J 363 56.38 -53.85 70.19
CA ARG J 363 56.04 -52.50 69.76
C ARG J 363 54.58 -52.46 69.35
N LEU J 364 54.05 -51.25 69.19
CA LEU J 364 52.67 -51.09 68.76
C LEU J 364 52.69 -50.50 67.35
N GLU J 365 51.70 -50.86 66.55
CA GLU J 365 51.62 -50.38 65.18
C GLU J 365 50.35 -49.57 64.93
N PHE J 366 50.52 -48.27 64.70
CA PHE J 366 49.39 -47.41 64.39
C PHE J 366 49.22 -47.55 62.88
N ARG J 367 48.13 -48.21 62.48
CA ARG J 367 47.85 -48.50 61.07
C ARG J 367 47.13 -47.43 60.28
N SER J 368 46.45 -46.53 60.97
CA SER J 368 45.64 -45.49 60.32
C SER J 368 46.36 -44.45 59.44
N PRO J 369 47.58 -44.02 59.81
CA PRO J 369 48.29 -43.02 59.01
C PRO J 369 48.53 -43.34 57.54
N ASP J 370 48.81 -42.28 56.77
CA ASP J 370 49.14 -42.39 55.36
C ASP J 370 50.30 -41.43 55.12
N SER J 371 50.88 -41.42 53.93
CA SER J 371 52.00 -40.51 53.69
C SER J 371 51.64 -39.29 52.86
N SER J 372 50.42 -38.79 53.05
CA SER J 372 49.96 -37.62 52.33
C SER J 372 50.30 -36.31 53.03
N GLY J 373 51.06 -36.38 54.12
CA GLY J 373 51.39 -35.17 54.84
C GLY J 373 52.83 -34.92 55.23
N ASN J 374 53.00 -34.52 56.49
CA ASN J 374 54.29 -34.19 57.06
C ASN J 374 54.67 -35.21 58.12
N PRO J 375 55.70 -36.04 57.86
CA PRO J 375 56.13 -37.06 58.81
C PRO J 375 56.66 -36.52 60.14
N TYR J 376 57.25 -35.32 60.11
CA TYR J 376 57.79 -34.71 61.32
C TYR J 376 56.65 -34.39 62.27
N LEU J 377 55.58 -33.81 61.72
CA LEU J 377 54.41 -33.47 62.51
C LEU J 377 53.60 -34.70 62.90
N ALA J 378 53.49 -35.66 62.00
CA ALA J 378 52.73 -36.89 62.24
C ALA J 378 53.34 -37.72 63.36
N PHE J 379 54.64 -37.98 63.27
CA PHE J 379 55.35 -38.76 64.29
C PHE J 379 55.29 -38.05 65.64
N SER J 380 55.52 -36.74 65.63
CA SER J 380 55.49 -35.94 66.85
C SER J 380 54.12 -35.99 67.52
N ALA J 381 53.07 -35.83 66.72
CA ALA J 381 51.71 -35.87 67.21
C ALA J 381 51.38 -37.23 67.81
N MET J 382 51.90 -38.29 67.19
CA MET J 382 51.68 -39.64 67.68
C MET J 382 52.33 -39.82 69.05
N LEU J 383 53.55 -39.30 69.19
CA LEU J 383 54.30 -39.39 70.44
C LEU J 383 53.55 -38.62 71.54
N MET J 384 53.13 -37.41 71.23
CA MET J 384 52.41 -36.57 72.20
C MET J 384 51.11 -37.22 72.65
N ALA J 385 50.41 -37.88 71.73
CA ALA J 385 49.17 -38.56 72.08
C ALA J 385 49.48 -39.73 73.02
N GLY J 386 50.56 -40.45 72.72
CA GLY J 386 50.97 -41.58 73.54
C GLY J 386 51.45 -41.16 74.93
N LEU J 387 52.22 -40.08 74.98
CA LEU J 387 52.75 -39.56 76.25
C LEU J 387 51.64 -39.03 77.16
N ASP J 388 50.62 -38.43 76.56
CA ASP J 388 49.50 -37.92 77.33
C ASP J 388 48.73 -39.09 77.92
N GLY J 389 48.74 -40.21 77.19
CA GLY J 389 48.07 -41.41 77.66
C GLY J 389 48.81 -42.02 78.83
N ILE J 390 50.13 -41.93 78.80
CA ILE J 390 50.98 -42.46 79.86
C ILE J 390 50.87 -41.60 81.13
N LYS J 391 50.97 -40.28 80.96
CA LYS J 391 50.88 -39.36 82.08
C LYS J 391 49.53 -39.42 82.79
N ASN J 392 48.44 -39.51 82.02
CA ASN J 392 47.12 -39.57 82.60
C ASN J 392 46.60 -41.00 82.73
N LYS J 393 47.51 -41.97 82.59
CA LYS J 393 47.19 -43.39 82.70
C LYS J 393 45.89 -43.79 82.02
N ILE J 394 45.68 -43.27 80.82
CA ILE J 394 44.47 -43.55 80.04
C ILE J 394 44.40 -45.03 79.66
N GLU J 395 43.30 -45.66 80.05
CA GLU J 395 43.09 -47.08 79.75
C GLU J 395 42.30 -47.26 78.48
N PRO J 396 42.87 -47.98 77.51
CA PRO J 396 42.17 -48.22 76.24
C PRO J 396 41.06 -49.23 76.47
N GLN J 397 39.98 -49.14 75.71
CA GLN J 397 38.90 -50.11 75.89
C GLN J 397 39.45 -51.49 75.55
N ALA J 398 38.78 -52.53 76.03
CA ALA J 398 39.20 -53.90 75.83
C ALA J 398 39.55 -54.25 74.39
N PRO J 399 40.72 -54.89 74.16
CA PRO J 399 41.17 -55.30 72.84
C PRO J 399 40.21 -56.28 72.20
N VAL J 400 40.21 -56.36 70.88
CA VAL J 400 39.32 -57.26 70.16
C VAL J 400 40.07 -58.12 69.16
N ASP J 401 40.08 -59.42 69.38
CA ASP J 401 40.75 -60.35 68.47
C ASP J 401 39.76 -61.12 67.59
N LYS J 402 38.47 -61.00 67.90
CA LYS J 402 37.42 -61.64 67.10
C LYS J 402 37.40 -60.85 65.81
N ASP J 403 37.13 -61.50 64.68
CA ASP J 403 37.08 -60.78 63.42
C ASP J 403 36.01 -59.70 63.52
N LEU J 404 36.44 -58.44 63.44
CA LEU J 404 35.56 -57.29 63.55
C LEU J 404 34.49 -57.23 62.46
N TYR J 405 34.80 -57.81 61.30
CA TYR J 405 33.87 -57.82 60.18
C TYR J 405 32.58 -58.55 60.53
N GLU J 406 32.69 -59.83 60.91
CA GLU J 406 31.52 -60.61 61.31
C GLU J 406 31.31 -60.53 62.82
N LEU J 407 30.61 -59.48 63.25
CA LEU J 407 30.34 -59.26 64.66
C LEU J 407 28.86 -58.92 64.80
N PRO J 408 28.18 -59.46 65.84
CA PRO J 408 26.75 -59.17 66.03
C PRO J 408 26.49 -57.65 66.08
N PRO J 409 25.71 -57.13 65.11
CA PRO J 409 25.33 -55.72 64.92
C PRO J 409 25.16 -54.85 66.17
N GLU J 410 24.71 -55.45 67.27
CA GLU J 410 24.52 -54.71 68.52
C GLU J 410 25.85 -54.59 69.28
N GLU J 411 26.69 -55.61 69.14
CA GLU J 411 28.00 -55.69 69.79
C GLU J 411 29.03 -54.90 68.97
N ALA J 412 28.73 -54.70 67.68
CA ALA J 412 29.60 -53.96 66.77
C ALA J 412 29.38 -52.46 66.89
N ALA J 413 28.25 -52.06 67.48
CA ALA J 413 27.92 -50.66 67.67
C ALA J 413 28.73 -50.06 68.84
N SER J 414 29.42 -50.93 69.57
CA SER J 414 30.23 -50.49 70.71
C SER J 414 31.67 -50.20 70.28
N ILE J 415 31.95 -50.34 68.98
CA ILE J 415 33.28 -50.09 68.41
C ILE J 415 33.30 -48.70 67.77
N PRO J 416 34.02 -47.75 68.38
CA PRO J 416 34.11 -46.37 67.87
C PRO J 416 34.89 -46.33 66.57
N GLN J 417 34.47 -45.45 65.66
CA GLN J 417 35.12 -45.28 64.37
C GLN J 417 35.88 -43.96 64.35
N THR J 418 36.85 -43.85 63.45
CA THR J 418 37.61 -42.61 63.28
C THR J 418 36.73 -41.68 62.46
N PRO J 419 36.97 -40.35 62.52
CA PRO J 419 36.13 -39.46 61.71
C PRO J 419 36.32 -39.82 60.23
N THR J 420 35.30 -39.53 59.42
CA THR J 420 35.33 -39.87 58.00
C THR J 420 35.59 -38.70 57.05
N GLN J 421 35.95 -37.54 57.58
CA GLN J 421 36.17 -36.36 56.75
C GLN J 421 37.29 -35.51 57.34
N LEU J 422 38.07 -34.84 56.48
CA LEU J 422 39.16 -33.99 56.94
C LEU J 422 38.63 -32.82 57.76
N SER J 423 37.51 -32.24 57.32
CA SER J 423 36.89 -31.13 58.03
C SER J 423 36.56 -31.52 59.47
N ASP J 424 36.23 -32.80 59.68
CA ASP J 424 35.90 -33.33 60.96
C ASP J 424 37.10 -33.35 61.88
N VAL J 425 38.18 -34.01 61.44
CA VAL J 425 39.40 -34.12 62.23
C VAL J 425 40.02 -32.75 62.50
N ILE J 426 39.83 -31.82 61.58
CA ILE J 426 40.35 -30.47 61.73
C ILE J 426 39.55 -29.77 62.83
N ASP J 427 38.23 -29.99 62.84
CA ASP J 427 37.36 -29.42 63.86
C ASP J 427 37.73 -29.99 65.23
N ARG J 428 38.02 -31.29 65.27
CA ARG J 428 38.40 -31.98 66.51
C ARG J 428 39.75 -31.51 67.03
N LEU J 429 40.67 -31.20 66.13
CA LEU J 429 42.01 -30.73 66.50
C LEU J 429 41.87 -29.34 67.13
N GLU J 430 41.02 -28.52 66.53
CA GLU J 430 40.77 -27.17 67.00
C GLU J 430 40.17 -27.19 68.41
N ALA J 431 39.27 -28.14 68.65
CA ALA J 431 38.60 -28.29 69.93
C ALA J 431 39.43 -28.93 71.03
N ASP J 432 40.33 -29.84 70.65
CA ASP J 432 41.18 -30.52 71.62
C ASP J 432 42.60 -30.75 71.11
N HIS J 433 43.51 -29.88 71.54
CA HIS J 433 44.91 -29.99 71.13
C HIS J 433 45.90 -29.70 72.25
N GLU J 434 45.43 -29.75 73.49
CA GLU J 434 46.30 -29.46 74.63
C GLU J 434 47.43 -30.47 74.79
N TYR J 435 47.18 -31.73 74.44
CA TYR J 435 48.20 -32.77 74.55
C TYR J 435 49.37 -32.48 73.61
N LEU J 436 49.08 -31.73 72.54
CA LEU J 436 50.09 -31.36 71.56
C LEU J 436 50.97 -30.24 72.05
N THR J 437 50.37 -29.28 72.77
CA THR J 437 51.08 -28.12 73.30
C THR J 437 51.90 -28.38 74.58
N GLU J 438 51.79 -29.58 75.12
CA GLU J 438 52.53 -29.96 76.32
C GLU J 438 54.03 -29.79 76.07
N GLY J 439 54.72 -29.23 77.05
CA GLY J 439 56.15 -29.01 76.93
C GLY J 439 56.54 -28.07 75.80
N GLY J 440 55.54 -27.41 75.21
CA GLY J 440 55.78 -26.49 74.12
C GLY J 440 56.18 -27.13 72.79
N VAL J 441 55.96 -28.43 72.65
CA VAL J 441 56.31 -29.15 71.41
C VAL J 441 55.58 -28.55 70.22
N PHE J 442 54.26 -28.41 70.34
CA PHE J 442 53.46 -27.77 69.30
C PHE J 442 52.99 -26.47 69.96
N THR J 443 52.78 -25.43 69.17
CA THR J 443 52.29 -24.16 69.71
C THR J 443 50.89 -23.95 69.18
N ASN J 444 50.06 -23.19 69.90
CA ASN J 444 48.73 -22.91 69.42
C ASN J 444 48.77 -22.22 68.07
N ASP J 445 49.85 -21.45 67.90
CA ASP J 445 50.11 -20.72 66.68
C ASP J 445 50.23 -21.68 65.49
N LEU J 446 51.11 -22.67 65.62
CA LEU J 446 51.31 -23.67 64.57
C LEU J 446 50.02 -24.42 64.26
N ILE J 447 49.33 -24.84 65.33
CA ILE J 447 48.08 -25.57 65.21
C ILE J 447 47.00 -24.78 64.49
N GLU J 448 46.90 -23.47 64.79
CA GLU J 448 45.92 -22.61 64.15
C GLU J 448 46.25 -22.39 62.68
N THR J 449 47.55 -22.33 62.38
CA THR J 449 48.04 -22.14 61.03
C THR J 449 47.70 -23.37 60.18
N TRP J 450 47.91 -24.55 60.76
CA TRP J 450 47.62 -25.82 60.12
C TRP J 450 46.14 -25.92 59.82
N ILE J 451 45.31 -25.56 60.79
CA ILE J 451 43.86 -25.58 60.65
C ILE J 451 43.40 -24.65 59.53
N SER J 452 43.97 -23.45 59.47
CA SER J 452 43.63 -22.47 58.45
C SER J 452 44.08 -22.94 57.07
N PHE J 453 45.30 -23.46 57.01
CA PHE J 453 45.87 -23.96 55.77
C PHE J 453 44.97 -25.02 55.14
N LYS J 454 44.58 -26.01 55.94
CA LYS J 454 43.72 -27.09 55.47
C LYS J 454 42.35 -26.62 55.04
N ARG J 455 41.75 -25.72 55.81
CA ARG J 455 40.43 -25.21 55.49
C ARG J 455 40.39 -24.35 54.23
N GLU J 456 41.36 -23.45 54.11
CA GLU J 456 41.43 -22.55 52.98
C GLU J 456 42.03 -23.11 51.70
N ASN J 457 43.05 -23.94 51.84
CA ASN J 457 43.74 -24.50 50.70
C ASN J 457 43.33 -25.89 50.23
N GLU J 458 42.60 -26.63 51.07
CA GLU J 458 42.19 -27.98 50.73
C GLU J 458 40.71 -28.27 50.85
N ILE J 459 40.18 -28.11 52.06
CA ILE J 459 38.78 -28.38 52.32
C ILE J 459 37.80 -27.54 51.48
N GLU J 460 37.97 -26.23 51.52
CA GLU J 460 37.09 -25.32 50.77
C GLU J 460 37.21 -25.50 49.25
N PRO J 461 38.44 -25.53 48.70
CA PRO J 461 38.61 -25.70 47.25
C PRO J 461 37.93 -26.94 46.67
N VAL J 462 38.02 -28.07 47.37
CA VAL J 462 37.39 -29.31 46.91
C VAL J 462 35.88 -29.22 47.07
N ASN J 463 35.46 -28.66 48.20
CA ASN J 463 34.05 -28.52 48.52
C ASN J 463 33.21 -27.66 47.57
N ILE J 464 33.79 -26.60 47.01
CA ILE J 464 33.06 -25.72 46.11
C ILE J 464 32.98 -26.23 44.67
N ARG J 465 33.81 -27.21 44.35
CA ARG J 465 33.86 -27.78 43.00
C ARG J 465 32.98 -29.01 42.81
N PRO J 466 32.02 -28.94 41.87
CA PRO J 466 31.15 -30.10 41.62
C PRO J 466 31.98 -31.33 41.26
N HIS J 467 31.58 -32.47 41.83
CA HIS J 467 32.23 -33.75 41.59
C HIS J 467 31.61 -34.37 40.33
N PRO J 468 32.41 -35.06 39.49
CA PRO J 468 31.91 -35.69 38.28
C PRO J 468 30.71 -36.61 38.50
N TYR J 469 30.72 -37.35 39.61
CA TYR J 469 29.64 -38.27 39.92
C TYR J 469 28.31 -37.56 40.19
N GLU J 470 28.38 -36.27 40.52
CA GLU J 470 27.17 -35.49 40.77
C GLU J 470 26.41 -35.29 39.47
N PHE J 471 27.11 -35.37 38.34
CA PHE J 471 26.47 -35.23 37.04
C PHE J 471 25.76 -36.51 36.66
N ALA J 472 26.34 -37.64 37.04
CA ALA J 472 25.76 -38.95 36.78
C ALA J 472 24.48 -39.03 37.61
N LEU J 473 24.59 -38.59 38.84
CA LEU J 473 23.54 -38.60 39.82
C LEU J 473 22.43 -37.53 39.60
N TYR J 474 22.81 -36.28 39.28
CA TYR J 474 21.82 -35.19 39.24
C TYR J 474 21.61 -34.40 37.94
N TYR J 475 22.32 -34.64 36.85
CA TYR J 475 22.05 -33.84 35.66
C TYR J 475 20.57 -33.90 35.25
N ASP J 476 19.96 -35.06 35.45
CA ASP J 476 18.56 -35.32 35.09
C ASP J 476 17.47 -34.95 36.09
N VAL J 477 17.83 -34.39 37.24
CA VAL J 477 16.84 -34.04 38.27
C VAL J 477 15.60 -33.27 37.83
N THR K 1 90.62 -3.68 36.06
CA THR K 1 91.10 -3.36 37.43
C THR K 1 92.50 -3.92 37.69
N GLU K 2 92.65 -5.24 37.52
CA GLU K 2 93.94 -5.89 37.76
C GLU K 2 94.53 -6.74 36.63
N LYS K 3 93.72 -7.09 35.62
CA LYS K 3 94.25 -7.89 34.51
C LYS K 3 95.01 -7.06 33.49
N THR K 4 96.17 -7.57 33.12
CA THR K 4 97.09 -6.93 32.18
C THR K 4 96.90 -7.43 30.75
N PRO K 5 97.22 -6.59 29.76
CA PRO K 5 97.09 -7.01 28.35
C PRO K 5 97.88 -8.30 28.15
N ASP K 6 99.00 -8.43 28.87
CA ASP K 6 99.84 -9.62 28.78
C ASP K 6 99.14 -10.86 29.33
N ASP K 7 98.29 -10.66 30.34
CA ASP K 7 97.53 -11.77 30.92
C ASP K 7 96.57 -12.30 29.86
N VAL K 8 95.98 -11.39 29.10
CA VAL K 8 95.05 -11.72 28.04
C VAL K 8 95.74 -12.49 26.91
N PHE K 9 96.93 -12.04 26.51
CA PHE K 9 97.69 -12.70 25.46
C PHE K 9 98.10 -14.11 25.89
N LYS K 10 98.39 -14.26 27.17
CA LYS K 10 98.76 -15.54 27.70
C LYS K 10 97.54 -16.45 27.58
N LEU K 11 96.40 -15.96 28.07
CA LEU K 11 95.15 -16.72 28.08
C LEU K 11 94.88 -17.21 26.67
N ALA K 12 95.01 -16.31 25.71
CA ALA K 12 94.80 -16.63 24.29
C ALA K 12 95.74 -17.72 23.79
N LYS K 13 97.02 -17.61 24.15
CA LYS K 13 98.02 -18.60 23.73
C LYS K 13 97.77 -19.97 24.38
N ASP K 14 97.55 -20.00 25.67
CA ASP K 14 97.36 -21.27 26.35
C ASP K 14 96.10 -21.98 25.91
N GLU K 15 95.04 -21.21 25.71
CA GLU K 15 93.77 -21.80 25.27
C GLU K 15 93.72 -22.12 23.78
N LYS K 16 94.78 -21.76 23.05
CA LYS K 16 94.87 -22.01 21.61
C LYS K 16 93.67 -21.39 20.88
N VAL K 17 93.38 -20.16 21.28
CA VAL K 17 92.28 -19.38 20.74
C VAL K 17 92.49 -19.10 19.25
N GLU K 18 91.46 -19.30 18.45
CA GLU K 18 91.60 -19.02 17.02
C GLU K 18 90.88 -17.75 16.57
N TYR K 19 89.90 -17.30 17.36
CA TYR K 19 89.18 -16.07 17.05
C TYR K 19 89.01 -15.20 18.28
N VAL K 20 88.89 -13.89 18.06
CA VAL K 20 88.66 -12.95 19.15
C VAL K 20 87.37 -12.22 18.82
N ASP K 21 86.42 -12.26 19.76
CA ASP K 21 85.14 -11.60 19.55
C ASP K 21 85.15 -10.21 20.17
N VAL K 22 85.01 -9.20 19.31
CA VAL K 22 85.02 -7.80 19.71
C VAL K 22 83.60 -7.39 20.10
N ARG K 23 83.38 -7.16 21.39
CA ARG K 23 82.07 -6.78 21.90
C ARG K 23 81.98 -5.38 22.45
N PHE K 24 80.82 -4.77 22.23
CA PHE K 24 80.53 -3.43 22.71
C PHE K 24 79.03 -3.36 22.94
N CYS K 25 78.60 -2.50 23.86
CA CYS K 25 77.20 -2.42 24.20
C CYS K 25 76.41 -1.35 23.45
N ASP K 26 75.20 -1.71 23.02
CA ASP K 26 74.36 -0.74 22.33
C ASP K 26 73.56 0.05 23.37
N LEU K 27 72.79 1.04 22.92
CA LEU K 27 72.02 1.87 23.83
C LEU K 27 71.04 1.11 24.74
N PRO K 28 70.03 0.43 24.16
CA PRO K 28 69.08 -0.30 25.02
C PRO K 28 69.66 -1.35 25.97
N GLY K 29 70.80 -1.95 25.63
CA GLY K 29 71.40 -2.92 26.52
C GLY K 29 71.87 -4.26 25.99
N ILE K 30 71.82 -4.44 24.67
CA ILE K 30 72.24 -5.70 24.06
C ILE K 30 73.66 -5.61 23.49
N MET K 31 74.50 -6.57 23.84
CA MET K 31 75.87 -6.59 23.36
C MET K 31 75.95 -6.88 21.87
N GLN K 32 76.81 -6.13 21.18
CA GLN K 32 77.03 -6.27 19.74
C GLN K 32 78.41 -6.86 19.54
N HIS K 33 78.68 -7.36 18.34
CA HIS K 33 80.00 -7.93 18.09
C HIS K 33 80.36 -8.16 16.63
N PHE K 34 81.65 -8.40 16.42
CA PHE K 34 82.22 -8.76 15.13
C PHE K 34 83.46 -9.54 15.53
N THR K 35 83.92 -10.41 14.64
CA THR K 35 85.05 -11.27 14.95
C THR K 35 86.29 -11.06 14.09
N ILE K 36 87.45 -11.20 14.71
CA ILE K 36 88.72 -11.07 14.02
C ILE K 36 89.55 -12.31 14.34
N PRO K 37 90.48 -12.70 13.44
CA PRO K 37 91.30 -13.88 13.72
C PRO K 37 92.23 -13.57 14.89
N ALA K 38 92.58 -14.59 15.66
CA ALA K 38 93.47 -14.41 16.82
C ALA K 38 94.82 -13.84 16.41
N SER K 39 95.27 -14.21 15.21
CA SER K 39 96.54 -13.74 14.67
C SER K 39 96.62 -12.22 14.55
N ALA K 40 95.45 -11.57 14.43
CA ALA K 40 95.38 -10.11 14.32
C ALA K 40 95.22 -9.44 15.68
N PHE K 41 95.21 -10.26 16.74
CA PHE K 41 95.08 -9.75 18.10
C PHE K 41 96.46 -9.63 18.74
N ASP K 42 96.98 -8.40 18.76
CA ASP K 42 98.29 -8.13 19.32
C ASP K 42 98.28 -6.84 20.15
N LYS K 43 99.47 -6.36 20.51
CA LYS K 43 99.63 -5.15 21.31
C LYS K 43 99.00 -3.90 20.69
N SER K 44 99.00 -3.85 19.36
CA SER K 44 98.44 -2.69 18.65
C SER K 44 96.93 -2.53 18.87
N VAL K 45 96.26 -3.62 19.27
CA VAL K 45 94.83 -3.58 19.53
C VAL K 45 94.59 -2.78 20.82
N PHE K 46 95.47 -2.97 21.80
CA PHE K 46 95.38 -2.27 23.08
C PHE K 46 95.88 -0.83 22.99
N ASP K 47 96.90 -0.61 22.17
CA ASP K 47 97.50 0.71 22.00
C ASP K 47 96.73 1.62 21.05
N ASP K 48 96.48 1.12 19.83
CA ASP K 48 95.80 1.90 18.80
C ASP K 48 94.30 1.65 18.70
N GLY K 49 93.87 0.45 19.09
CA GLY K 49 92.45 0.12 19.02
C GLY K 49 92.05 -0.44 17.66
N LEU K 50 90.75 -0.70 17.50
CA LEU K 50 90.22 -1.24 16.26
C LEU K 50 89.22 -0.30 15.65
N ALA K 51 89.27 -0.16 14.34
CA ALA K 51 88.34 0.71 13.64
C ALA K 51 87.09 -0.06 13.21
N PHE K 52 85.93 0.62 13.24
CA PHE K 52 84.65 0.06 12.85
C PHE K 52 83.67 1.23 12.55
N ASP K 53 82.60 0.93 11.82
CA ASP K 53 81.59 1.89 11.30
C ASP K 53 80.36 2.14 12.16
N GLY K 54 79.83 3.37 12.31
CA GLY K 54 78.57 3.39 13.05
C GLY K 54 77.63 2.51 12.24
N SER K 55 77.36 1.28 12.69
CA SER K 55 76.47 0.40 11.90
C SER K 55 75.09 0.27 12.54
N SER K 56 74.10 -0.21 11.80
CA SER K 56 72.75 -0.26 12.33
C SER K 56 72.38 1.22 12.54
N ILE K 57 71.37 1.63 13.30
CA ILE K 57 71.06 3.05 13.15
C ILE K 57 70.80 3.91 14.41
N ARG K 58 70.23 3.45 15.50
CA ARG K 58 69.86 4.40 16.54
C ARG K 58 70.66 4.38 17.84
N GLY K 59 71.05 5.56 18.31
CA GLY K 59 71.83 5.74 19.54
C GLY K 59 73.25 6.20 19.20
N PHE K 60 73.99 5.35 18.48
CA PHE K 60 75.41 5.56 18.08
C PHE K 60 75.65 6.56 16.92
N GLN K 61 76.91 6.65 16.43
CA GLN K 61 77.44 7.54 15.38
C GLN K 61 76.87 7.34 13.96
N SER K 62 75.96 8.24 13.57
CA SER K 62 75.30 8.23 12.25
C SER K 62 76.26 8.60 11.11
N ILE K 63 75.78 9.08 9.95
CA ILE K 63 76.70 9.42 8.84
C ILE K 63 77.04 10.92 8.81
N HIS K 64 77.44 11.44 9.98
CA HIS K 64 77.87 12.85 10.17
C HIS K 64 78.93 12.79 11.28
N GLU K 65 78.99 11.53 11.80
CA GLU K 65 79.86 11.07 12.90
C GLU K 65 80.36 9.63 12.73
N SER K 66 79.95 8.97 11.63
CA SER K 66 80.26 7.59 11.19
C SER K 66 81.27 6.76 11.99
N ASP K 67 82.55 6.84 11.65
CA ASP K 67 83.60 5.94 12.15
C ASP K 67 83.90 6.01 13.63
N MET K 68 84.12 4.83 14.25
CA MET K 68 84.45 4.73 15.67
C MET K 68 85.74 3.91 15.88
N LEU K 69 86.35 4.10 17.05
CA LEU K 69 87.56 3.39 17.42
C LEU K 69 87.24 2.59 18.69
N LEU K 70 87.61 1.32 18.72
CA LEU K 70 87.33 0.45 19.86
C LEU K 70 88.57 0.09 20.67
N LEU K 71 88.56 0.42 21.96
CA LEU K 71 89.68 0.11 22.85
C LEU K 71 89.23 -0.98 23.83
N PRO K 72 90.01 -2.06 23.95
CA PRO K 72 89.70 -3.20 24.83
C PRO K 72 89.86 -3.00 26.33
N ASP K 73 89.06 -3.74 27.08
CA ASP K 73 89.09 -3.74 28.53
C ASP K 73 89.55 -5.16 28.89
N PRO K 74 90.84 -5.32 29.26
CA PRO K 74 91.43 -6.60 29.62
C PRO K 74 90.74 -7.40 30.72
N GLU K 75 90.02 -6.71 31.60
CA GLU K 75 89.31 -7.38 32.69
C GLU K 75 88.08 -8.17 32.22
N THR K 76 87.60 -7.86 31.02
CA THR K 76 86.42 -8.51 30.47
C THR K 76 86.72 -9.72 29.58
N ALA K 77 88.00 -10.03 29.40
CA ALA K 77 88.42 -11.14 28.57
C ALA K 77 88.02 -12.49 29.15
N ARG K 78 87.24 -13.25 28.37
CA ARG K 78 86.76 -14.57 28.78
C ARG K 78 86.70 -15.51 27.58
N ILE K 79 86.95 -16.79 27.83
CA ILE K 79 86.87 -17.80 26.79
C ILE K 79 85.39 -18.14 26.62
N ASP K 80 84.90 -18.12 25.38
CA ASP K 80 83.51 -18.44 25.10
C ASP K 80 83.32 -19.96 25.21
N PRO K 81 82.42 -20.41 26.11
CA PRO K 81 82.16 -21.84 26.29
C PRO K 81 81.19 -22.46 25.29
N PHE K 82 80.61 -21.65 24.42
CA PHE K 82 79.62 -22.10 23.46
C PHE K 82 80.12 -22.22 22.02
N ARG K 83 80.94 -21.27 21.59
CA ARG K 83 81.47 -21.27 20.23
C ARG K 83 82.36 -22.46 19.93
N ALA K 84 82.06 -23.17 18.83
CA ALA K 84 82.82 -24.35 18.41
C ALA K 84 84.29 -24.01 18.18
N ALA K 85 84.54 -22.95 17.42
CA ALA K 85 85.91 -22.50 17.17
C ALA K 85 86.35 -21.77 18.45
N LYS K 86 87.46 -22.17 19.04
CA LYS K 86 87.94 -21.56 20.27
C LYS K 86 88.03 -20.04 20.15
N THR K 87 87.19 -19.35 20.92
CA THR K 87 87.09 -17.90 20.87
C THR K 87 87.28 -17.18 22.20
N LEU K 88 87.90 -16.01 22.14
CA LEU K 88 88.13 -15.17 23.31
C LEU K 88 87.25 -13.93 23.17
N ASN K 89 86.36 -13.71 24.13
CA ASN K 89 85.47 -12.56 24.10
C ASN K 89 86.06 -11.44 24.95
N ILE K 90 86.01 -10.22 24.43
CA ILE K 90 86.52 -9.04 25.14
C ILE K 90 85.60 -7.87 24.85
N ASN K 91 85.30 -7.09 25.90
CA ASN K 91 84.45 -5.92 25.75
C ASN K 91 85.34 -4.71 25.47
N PHE K 92 84.80 -3.76 24.71
CA PHE K 92 85.54 -2.57 24.32
C PHE K 92 84.80 -1.28 24.66
N PHE K 93 85.56 -0.19 24.64
CA PHE K 93 85.03 1.15 24.88
C PHE K 93 85.07 1.83 23.51
N VAL K 94 84.04 2.61 23.21
CA VAL K 94 83.98 3.31 21.93
C VAL K 94 84.60 4.70 22.07
N HIS K 95 85.59 4.98 21.23
CA HIS K 95 86.27 6.28 21.24
C HIS K 95 86.13 6.97 19.90
N ASP K 96 86.41 8.27 19.88
CA ASP K 96 86.37 9.05 18.66
C ASP K 96 87.75 8.80 18.04
N PRO K 97 87.79 8.39 16.75
CA PRO K 97 89.05 8.10 16.05
C PRO K 97 90.11 9.20 16.19
N PHE K 98 89.70 10.40 15.84
CA PHE K 98 90.55 11.59 15.86
C PHE K 98 91.08 11.99 17.24
N THR K 99 90.16 12.42 18.11
CA THR K 99 90.53 12.88 19.46
C THR K 99 90.81 11.80 20.49
N LEU K 100 90.47 10.55 20.19
CA LEU K 100 90.64 9.41 21.11
C LEU K 100 89.77 9.67 22.35
N GLU K 101 88.79 10.54 22.18
CA GLU K 101 87.86 10.94 23.23
C GLU K 101 86.74 9.91 23.37
N PRO K 102 86.49 9.43 24.61
CA PRO K 102 85.44 8.44 24.86
C PRO K 102 84.10 8.93 24.33
N TYR K 103 83.46 8.10 23.50
CA TYR K 103 82.16 8.44 22.93
C TYR K 103 81.14 8.56 24.06
N SER K 104 80.46 9.70 24.12
CA SER K 104 79.48 9.98 25.16
C SER K 104 78.22 9.12 25.20
N ARG K 105 77.95 8.37 24.13
CA ARG K 105 76.76 7.53 24.10
C ARG K 105 77.03 6.04 24.27
N ASP K 106 78.29 5.71 24.55
CA ASP K 106 78.70 4.33 24.78
C ASP K 106 78.43 4.04 26.26
N PRO K 107 77.49 3.12 26.55
CA PRO K 107 77.14 2.77 27.92
C PRO K 107 78.32 2.41 28.81
N ARG K 108 79.33 1.74 28.26
CA ARG K 108 80.50 1.38 29.05
C ARG K 108 81.33 2.59 29.46
N ASN K 109 81.28 3.65 28.66
CA ASN K 109 82.02 4.88 28.96
C ASN K 109 81.30 5.61 30.09
N ILE K 110 79.98 5.56 30.09
CA ILE K 110 79.17 6.20 31.13
C ILE K 110 79.51 5.59 32.48
N ALA K 111 79.60 4.26 32.53
CA ALA K 111 79.92 3.55 33.77
C ALA K 111 81.33 3.92 34.24
N ARG K 112 82.25 4.05 33.30
CA ARG K 112 83.63 4.41 33.66
C ARG K 112 83.66 5.85 34.16
N LYS K 113 82.92 6.75 33.51
CA LYS K 113 82.85 8.15 33.92
C LYS K 113 82.24 8.24 35.32
N ALA K 114 81.27 7.38 35.62
CA ALA K 114 80.61 7.36 36.92
C ALA K 114 81.61 6.99 38.02
N GLU K 115 82.48 6.04 37.74
CA GLU K 115 83.48 5.61 38.71
C GLU K 115 84.53 6.70 38.94
N ASN K 116 84.91 7.40 37.87
CA ASN K 116 85.89 8.47 37.95
C ASN K 116 85.32 9.67 38.69
N TYR K 117 84.03 9.93 38.50
CA TYR K 117 83.36 11.03 39.17
C TYR K 117 83.30 10.77 40.68
N LEU K 118 83.04 9.52 41.05
CA LEU K 118 82.97 9.12 42.46
C LEU K 118 84.28 9.50 43.15
N ILE K 119 85.39 9.15 42.49
CA ILE K 119 86.72 9.45 43.02
C ILE K 119 86.95 10.96 43.13
N SER K 120 86.50 11.71 42.12
CA SER K 120 86.67 13.15 42.10
C SER K 120 85.90 13.90 43.19
N THR K 121 84.81 13.31 43.69
CA THR K 121 84.01 13.94 44.74
C THR K 121 84.67 13.77 46.11
N GLY K 122 85.61 12.83 46.21
CA GLY K 122 86.28 12.57 47.46
C GLY K 122 85.44 11.75 48.43
N ILE K 123 84.16 11.57 48.10
CA ILE K 123 83.22 10.82 48.93
C ILE K 123 83.69 9.37 49.15
N ALA K 124 84.18 8.75 48.09
CA ALA K 124 84.69 7.37 48.14
C ALA K 124 85.50 7.12 46.88
N ASP K 125 86.17 5.97 46.82
CA ASP K 125 86.94 5.65 45.63
C ASP K 125 86.44 4.38 44.91
N THR K 126 85.46 3.70 45.51
CA THR K 126 84.91 2.47 44.93
C THR K 126 83.43 2.27 45.26
N ALA K 127 82.64 1.94 44.24
CA ALA K 127 81.22 1.66 44.41
C ALA K 127 81.00 0.20 44.01
N TYR K 128 80.67 -0.63 45.00
CA TYR K 128 80.45 -2.05 44.74
C TYR K 128 78.99 -2.36 44.46
N PHE K 129 78.76 -3.10 43.38
CA PHE K 129 77.41 -3.50 42.98
C PHE K 129 77.24 -5.01 42.93
N GLY K 130 76.21 -5.49 43.60
CA GLY K 130 75.88 -6.90 43.60
C GLY K 130 74.48 -7.00 43.03
N ALA K 131 74.34 -7.67 41.89
CA ALA K 131 73.04 -7.78 41.25
C ALA K 131 72.54 -9.20 41.10
N GLU K 132 71.26 -9.37 41.38
CA GLU K 132 70.65 -10.68 41.30
C GLU K 132 69.47 -10.69 40.36
N ALA K 133 69.73 -11.23 39.18
CA ALA K 133 68.77 -11.27 38.12
C ALA K 133 68.10 -12.62 37.97
N GLU K 134 66.78 -12.59 38.11
CA GLU K 134 65.95 -13.77 37.96
C GLU K 134 65.62 -13.90 36.47
N PHE K 135 65.33 -15.13 36.04
CA PHE K 135 64.97 -15.38 34.65
C PHE K 135 64.06 -16.58 34.55
N TYR K 136 63.42 -16.74 33.40
CA TYR K 136 62.52 -17.87 33.15
C TYR K 136 63.07 -18.74 32.05
N ILE K 137 62.91 -20.05 32.22
CA ILE K 137 63.36 -21.05 31.25
C ILE K 137 62.10 -21.60 30.58
N PHE K 138 61.99 -21.40 29.27
CA PHE K 138 60.84 -21.88 28.51
C PHE K 138 61.28 -22.89 27.45
N ASP K 139 60.31 -23.54 26.83
CA ASP K 139 60.57 -24.50 25.76
C ASP K 139 60.29 -23.84 24.42
N SER K 140 59.38 -22.87 24.43
CA SER K 140 59.02 -22.17 23.22
C SER K 140 58.40 -20.81 23.45
N VAL K 141 58.44 -19.98 22.42
CA VAL K 141 57.86 -18.65 22.42
C VAL K 141 57.52 -18.25 21.00
N SER K 142 56.31 -17.77 20.80
CA SER K 142 55.86 -17.30 19.50
C SER K 142 54.93 -16.12 19.71
N PHE K 143 54.87 -15.23 18.73
CA PHE K 143 54.03 -14.04 18.80
C PHE K 143 54.02 -13.31 17.47
N ASP K 144 53.04 -12.43 17.31
CA ASP K 144 52.95 -11.59 16.12
C ASP K 144 51.95 -10.48 16.32
N SER K 145 52.00 -9.50 15.42
CA SER K 145 51.11 -8.35 15.47
C SER K 145 50.68 -8.08 14.04
N ARG K 146 49.39 -8.26 13.77
CA ARG K 146 48.85 -8.06 12.45
C ARG K 146 47.71 -7.05 12.48
N ALA K 147 47.16 -6.73 11.33
CA ALA K 147 46.08 -5.77 11.24
C ALA K 147 44.80 -6.22 11.94
N ASN K 148 44.49 -7.50 11.79
CA ASN K 148 43.26 -8.06 12.35
C ASN K 148 43.43 -8.97 13.56
N GLY K 149 44.65 -9.06 14.08
CA GLY K 149 44.87 -9.90 15.23
C GLY K 149 46.28 -9.83 15.75
N SER K 150 46.47 -10.37 16.94
CA SER K 150 47.77 -10.38 17.58
C SER K 150 47.75 -11.45 18.65
N PHE K 151 48.92 -12.00 18.97
CA PHE K 151 49.01 -13.02 20.00
C PHE K 151 50.43 -13.19 20.49
N TYR K 152 50.56 -13.90 21.59
CA TYR K 152 51.86 -14.28 22.15
C TYR K 152 51.59 -15.57 22.90
N GLU K 153 52.61 -16.39 23.01
CA GLU K 153 52.48 -17.64 23.72
C GLU K 153 53.84 -18.17 24.12
N VAL K 154 54.05 -18.29 25.42
CA VAL K 154 55.29 -18.86 25.95
C VAL K 154 54.85 -20.21 26.51
N ASP K 155 55.72 -21.21 26.43
CA ASP K 155 55.33 -22.51 26.94
C ASP K 155 56.51 -23.29 27.47
N ALA K 156 56.20 -24.20 28.39
CA ALA K 156 57.18 -25.06 29.02
C ALA K 156 56.46 -26.36 29.31
N ILE K 157 57.11 -27.46 28.98
CA ILE K 157 56.56 -28.80 29.19
C ILE K 157 56.01 -28.96 30.61
N SER K 158 56.80 -28.51 31.58
CA SER K 158 56.43 -28.60 32.98
C SER K 158 55.66 -27.40 33.54
N GLY K 159 55.12 -26.56 32.67
CA GLY K 159 54.35 -25.41 33.12
C GLY K 159 53.09 -25.84 33.85
N TRP K 160 52.80 -25.19 34.97
CA TRP K 160 51.62 -25.52 35.77
C TRP K 160 50.28 -25.39 35.08
N TRP K 161 50.27 -24.71 33.94
CA TRP K 161 49.04 -24.53 33.15
C TRP K 161 48.82 -25.72 32.22
N ASN K 162 49.75 -26.68 32.24
CA ASN K 162 49.69 -27.87 31.38
C ASN K 162 49.34 -29.18 32.10
N THR K 163 48.77 -29.11 33.29
CA THR K 163 48.44 -30.32 34.04
C THR K 163 47.45 -31.21 33.31
N GLY K 164 46.59 -30.60 32.48
CA GLY K 164 45.60 -31.35 31.74
C GLY K 164 45.99 -31.89 30.38
N ALA K 165 47.25 -31.66 29.97
CA ALA K 165 47.72 -32.13 28.68
C ALA K 165 47.61 -33.65 28.57
N ALA K 166 46.92 -34.11 27.52
CA ALA K 166 46.73 -35.54 27.27
C ALA K 166 48.08 -36.22 27.03
N THR K 167 48.94 -35.54 26.28
CA THR K 167 50.29 -36.02 25.97
C THR K 167 51.16 -34.77 25.84
N GLU K 168 52.47 -34.95 25.94
CA GLU K 168 53.40 -33.83 25.80
C GLU K 168 53.48 -33.36 24.37
N ALA K 169 54.19 -32.25 24.15
CA ALA K 169 54.36 -31.68 22.81
C ALA K 169 54.92 -32.73 21.86
N ASP K 170 55.92 -33.47 22.31
CA ASP K 170 56.56 -34.51 21.51
C ASP K 170 55.82 -35.86 21.46
N GLY K 171 54.56 -35.87 21.86
CA GLY K 171 53.78 -37.10 21.84
C GLY K 171 53.96 -38.03 23.04
N SER K 172 55.00 -37.81 23.83
CA SER K 172 55.27 -38.62 25.02
C SER K 172 54.19 -38.40 26.09
N PRO K 173 54.05 -39.34 27.03
CA PRO K 173 53.04 -39.16 28.08
C PRO K 173 53.29 -38.05 29.10
N ASN K 174 52.19 -37.50 29.61
CA ASN K 174 52.22 -36.47 30.64
C ASN K 174 52.53 -37.18 31.96
N ARG K 175 53.68 -36.89 32.54
CA ARG K 175 54.07 -37.54 33.78
C ARG K 175 53.81 -36.73 35.05
N GLY K 176 53.14 -35.60 34.91
CA GLY K 176 52.80 -34.79 36.06
C GLY K 176 53.94 -33.99 36.68
N TYR K 177 53.78 -33.68 37.96
CA TYR K 177 54.76 -32.90 38.72
C TYR K 177 54.90 -31.48 38.16
N LYS K 178 53.82 -30.97 37.58
CA LYS K 178 53.77 -29.62 37.00
C LYS K 178 53.15 -28.63 37.98
N VAL K 179 52.20 -29.10 38.78
CA VAL K 179 51.49 -28.27 39.75
C VAL K 179 52.38 -27.51 40.71
N ARG K 180 51.97 -26.27 40.96
CA ARG K 180 52.66 -25.34 41.83
C ARG K 180 51.92 -25.36 43.17
N HIS K 181 52.44 -26.11 44.13
CA HIS K 181 51.81 -26.26 45.45
C HIS K 181 52.00 -25.14 46.45
N LYS K 182 51.05 -25.06 47.37
CA LYS K 182 51.06 -24.08 48.45
C LYS K 182 52.02 -24.62 49.53
N GLY K 183 52.71 -23.73 50.22
CA GLY K 183 53.63 -24.17 51.26
C GLY K 183 55.10 -23.89 51.01
N GLY K 184 55.56 -24.16 49.80
CA GLY K 184 56.94 -23.92 49.46
C GLY K 184 57.13 -23.91 47.96
N TYR K 185 57.85 -22.91 47.46
CA TYR K 185 58.06 -22.81 46.03
C TYR K 185 59.44 -23.21 45.50
N PHE K 186 60.22 -23.92 46.33
CA PHE K 186 61.54 -24.41 45.92
C PHE K 186 61.61 -25.93 46.15
N PRO K 187 60.57 -26.69 45.74
CA PRO K 187 60.61 -28.14 45.96
C PRO K 187 61.72 -28.87 45.22
N VAL K 188 62.13 -30.00 45.79
CA VAL K 188 63.17 -30.83 45.20
C VAL K 188 62.58 -31.61 44.02
N ALA K 189 63.43 -32.29 43.26
CA ALA K 189 62.99 -33.09 42.13
C ALA K 189 62.09 -34.22 42.65
N PRO K 190 61.17 -34.73 41.81
CA PRO K 190 60.92 -34.32 40.43
C PRO K 190 60.05 -33.06 40.19
N ASN K 191 59.62 -32.39 41.26
CA ASN K 191 58.83 -31.17 41.09
C ASN K 191 59.72 -30.12 40.43
N ASP K 192 61.01 -30.15 40.79
CA ASP K 192 62.01 -29.28 40.23
C ASP K 192 62.48 -30.01 38.98
N GLN K 193 62.07 -29.51 37.82
CA GLN K 193 62.42 -30.13 36.55
C GLN K 193 63.59 -29.53 35.80
N TYR K 194 64.32 -28.62 36.44
CA TYR K 194 65.44 -27.95 35.77
C TYR K 194 66.75 -28.07 36.52
N VAL K 195 66.85 -29.04 37.41
CA VAL K 195 68.06 -29.23 38.21
C VAL K 195 69.35 -29.33 37.39
N ASP K 196 69.38 -30.25 36.43
CA ASP K 196 70.59 -30.43 35.62
C ASP K 196 70.95 -29.22 34.75
N LEU K 197 69.93 -28.54 34.21
CA LEU K 197 70.16 -27.36 33.38
C LEU K 197 70.77 -26.24 34.21
N ARG K 198 70.19 -25.97 35.38
CA ARG K 198 70.70 -24.91 36.25
C ARG K 198 72.12 -25.21 36.68
N ASP K 199 72.42 -26.49 36.90
CA ASP K 199 73.77 -26.88 37.29
C ASP K 199 74.75 -26.60 36.15
N LYS K 200 74.28 -26.80 34.92
CA LYS K 200 75.13 -26.53 33.75
C LYS K 200 75.40 -25.04 33.67
N MET K 201 74.37 -24.25 33.95
CA MET K 201 74.49 -22.80 33.94
C MET K 201 75.50 -22.37 35.00
N LEU K 202 75.35 -22.91 36.21
CA LEU K 202 76.25 -22.60 37.32
C LEU K 202 77.69 -23.02 37.01
N THR K 203 77.85 -24.21 36.43
CA THR K 203 79.16 -24.72 36.08
C THR K 203 79.82 -23.78 35.05
N ASN K 204 79.04 -23.32 34.07
CA ASN K 204 79.54 -22.41 33.05
C ASN K 204 79.93 -21.06 33.63
N LEU K 205 79.16 -20.57 34.60
CA LEU K 205 79.45 -19.30 35.25
C LEU K 205 80.76 -19.41 36.02
N ILE K 206 80.91 -20.49 36.78
CA ILE K 206 82.12 -20.72 37.56
C ILE K 206 83.35 -20.84 36.66
N ASN K 207 83.20 -21.54 35.54
CA ASN K 207 84.30 -21.70 34.60
C ASN K 207 84.61 -20.39 33.87
N SER K 208 83.67 -19.45 33.94
CA SER K 208 83.84 -18.14 33.31
C SER K 208 84.27 -17.05 34.29
N GLY K 209 84.81 -17.46 35.44
CA GLY K 209 85.29 -16.49 36.41
C GLY K 209 84.37 -15.94 37.48
N PHE K 210 83.12 -16.39 37.51
CA PHE K 210 82.21 -15.90 38.53
C PHE K 210 82.57 -16.50 39.88
N ILE K 211 82.53 -15.68 40.92
CA ILE K 211 82.86 -16.11 42.26
C ILE K 211 81.61 -16.36 43.09
N LEU K 212 81.47 -17.59 43.58
CA LEU K 212 80.35 -18.02 44.38
C LEU K 212 80.92 -18.40 45.75
N GLU K 213 80.52 -17.69 46.80
CA GLU K 213 80.99 -18.00 48.14
C GLU K 213 79.83 -18.12 49.12
N LYS K 214 79.95 -17.33 50.18
CA LYS K 214 79.05 -17.16 51.32
C LYS K 214 77.57 -17.36 50.98
N GLY K 215 76.83 -16.28 50.73
CA GLY K 215 75.42 -16.39 50.45
C GLY K 215 75.08 -16.38 48.97
N HIS K 216 75.91 -17.08 48.17
CA HIS K 216 75.69 -17.16 46.74
C HIS K 216 75.08 -18.52 46.47
N HIS K 217 73.83 -18.49 46.00
CA HIS K 217 73.07 -19.70 45.74
C HIS K 217 72.59 -19.86 44.30
N GLU K 218 72.21 -21.08 44.03
CA GLU K 218 71.58 -21.44 42.78
C GLU K 218 70.17 -21.84 43.22
N VAL K 219 69.14 -21.15 42.75
CA VAL K 219 67.79 -21.48 43.18
C VAL K 219 66.80 -21.53 42.01
N GLY K 220 65.77 -22.36 42.15
CA GLY K 220 64.77 -22.49 41.10
C GLY K 220 63.37 -22.70 41.65
N SER K 221 62.39 -22.13 40.96
CA SER K 221 61.00 -22.25 41.34
C SER K 221 60.24 -22.38 40.02
N GLY K 222 59.77 -23.59 39.73
CA GLY K 222 59.08 -23.83 38.48
C GLY K 222 60.09 -23.59 37.37
N GLY K 223 59.71 -22.76 36.40
CA GLY K 223 60.63 -22.44 35.32
C GLY K 223 61.51 -21.25 35.64
N GLN K 224 61.25 -20.57 36.76
CA GLN K 224 62.05 -19.42 37.16
C GLN K 224 63.31 -19.84 37.90
N ALA K 225 64.37 -19.07 37.73
CA ALA K 225 65.64 -19.38 38.37
C ALA K 225 66.47 -18.15 38.62
N GLU K 226 67.51 -18.32 39.43
CA GLU K 226 68.43 -17.26 39.77
C GLU K 226 69.70 -17.86 40.33
N ILE K 227 70.83 -17.35 39.89
CA ILE K 227 72.13 -17.79 40.38
C ILE K 227 72.86 -16.49 40.70
N ASN K 228 73.05 -16.22 41.99
CA ASN K 228 73.74 -15.01 42.39
C ASN K 228 75.22 -15.28 42.60
N TYR K 229 76.02 -14.22 42.42
CA TYR K 229 77.46 -14.32 42.53
C TYR K 229 78.02 -13.08 43.23
N GLN K 230 79.32 -13.10 43.46
CA GLN K 230 79.98 -12.00 44.14
C GLN K 230 79.97 -10.69 43.39
N PHE K 231 79.75 -9.61 44.15
CA PHE K 231 79.71 -8.23 43.65
C PHE K 231 81.02 -7.85 42.97
N ASN K 232 81.04 -6.64 42.41
CA ASN K 232 82.21 -6.12 41.74
C ASN K 232 82.07 -4.60 41.68
N SER K 233 83.14 -3.90 41.30
CA SER K 233 83.08 -2.45 41.16
C SER K 233 82.10 -2.14 40.03
N LEU K 234 81.39 -1.03 40.15
CA LEU K 234 80.37 -0.61 39.18
C LEU K 234 80.49 -1.09 37.73
N LEU K 235 81.48 -0.60 36.98
CA LEU K 235 81.65 -0.99 35.59
C LEU K 235 81.74 -2.49 35.37
N HIS K 236 82.65 -3.14 36.09
CA HIS K 236 82.84 -4.57 35.96
C HIS K 236 81.65 -5.41 36.43
N ALA K 237 80.84 -4.84 37.31
CA ALA K 237 79.65 -5.53 37.80
C ALA K 237 78.66 -5.55 36.64
N ALA K 238 78.61 -4.45 35.89
CA ALA K 238 77.73 -4.33 34.74
C ALA K 238 78.20 -5.28 33.63
N ASP K 239 79.51 -5.43 33.49
CA ASP K 239 80.08 -6.34 32.49
C ASP K 239 79.72 -7.76 32.89
N ASP K 240 79.76 -8.03 34.20
CA ASP K 240 79.43 -9.35 34.76
C ASP K 240 77.97 -9.70 34.50
N MET K 241 77.09 -8.71 34.58
CA MET K 241 75.66 -8.92 34.34
C MET K 241 75.42 -9.31 32.88
N GLN K 242 76.09 -8.64 31.97
CA GLN K 242 75.97 -8.94 30.54
C GLN K 242 76.48 -10.35 30.26
N LEU K 243 77.58 -10.72 30.93
CA LEU K 243 78.20 -12.04 30.78
C LEU K 243 77.25 -13.11 31.32
N TYR K 244 76.67 -12.82 32.49
CA TYR K 244 75.72 -13.71 33.15
C TYR K 244 74.56 -14.01 32.22
N LYS K 245 73.94 -12.96 31.68
CA LYS K 245 72.82 -13.14 30.76
C LYS K 245 73.23 -13.96 29.54
N TYR K 246 74.42 -13.68 29.03
CA TYR K 246 74.95 -14.40 27.86
C TYR K 246 75.10 -15.88 28.17
N ILE K 247 75.68 -16.20 29.32
CA ILE K 247 75.90 -17.57 29.74
C ILE K 247 74.59 -18.30 30.04
N ILE K 248 73.66 -17.62 30.68
CA ILE K 248 72.38 -18.22 31.01
C ILE K 248 71.59 -18.52 29.73
N LYS K 249 71.48 -17.52 28.86
CA LYS K 249 70.75 -17.67 27.61
C LYS K 249 71.27 -18.74 26.67
N ASN K 250 72.59 -18.83 26.55
CA ASN K 250 73.21 -19.81 25.65
C ASN K 250 73.34 -21.21 26.20
N THR K 251 73.39 -21.34 27.52
CA THR K 251 73.46 -22.65 28.14
C THR K 251 72.09 -23.29 27.88
N ALA K 252 71.04 -22.49 28.05
CA ALA K 252 69.68 -22.94 27.80
C ALA K 252 69.53 -23.29 26.32
N TRP K 253 70.00 -22.40 25.46
CA TRP K 253 69.91 -22.58 24.01
C TRP K 253 70.56 -23.88 23.54
N GLN K 254 71.74 -24.19 24.08
CA GLN K 254 72.45 -25.40 23.71
C GLN K 254 71.80 -26.66 24.27
N ASN K 255 70.85 -26.47 25.18
CA ASN K 255 70.17 -27.59 25.80
C ASN K 255 68.68 -27.64 25.46
N GLY K 256 68.35 -27.15 24.27
CA GLY K 256 66.98 -27.16 23.80
C GLY K 256 65.95 -26.26 24.45
N LYS K 257 66.40 -25.24 25.17
CA LYS K 257 65.47 -24.33 25.83
C LYS K 257 65.67 -22.90 25.32
N THR K 258 64.86 -22.00 25.85
CA THR K 258 64.91 -20.58 25.50
C THR K 258 64.62 -19.79 26.77
N VAL K 259 65.54 -18.91 27.13
CA VAL K 259 65.43 -18.08 28.34
C VAL K 259 65.01 -16.64 28.08
N THR K 260 64.27 -16.07 29.04
CA THR K 260 63.89 -14.67 28.96
C THR K 260 64.10 -13.97 30.28
N PHE K 261 64.70 -12.78 30.21
CA PHE K 261 64.94 -11.95 31.38
C PHE K 261 63.89 -10.85 31.44
N MET K 262 62.85 -10.94 30.61
CA MET K 262 61.81 -9.91 30.63
C MET K 262 61.13 -9.92 32.00
N PRO K 263 60.79 -8.73 32.52
CA PRO K 263 60.14 -8.54 33.82
C PRO K 263 58.90 -9.36 34.14
N LYS K 264 57.98 -9.47 33.19
CA LYS K 264 56.75 -10.20 33.43
C LYS K 264 56.30 -11.01 32.22
N PRO K 265 56.88 -12.20 32.03
CA PRO K 265 56.50 -13.06 30.90
C PRO K 265 55.21 -13.82 31.18
N LEU K 266 54.92 -14.06 32.45
CA LEU K 266 53.73 -14.80 32.85
C LEU K 266 52.76 -13.99 33.68
N PHE K 267 51.50 -14.01 33.25
CA PHE K 267 50.43 -13.33 33.95
C PHE K 267 49.91 -14.30 35.01
N GLY K 268 50.05 -13.93 36.28
CA GLY K 268 49.60 -14.82 37.33
C GLY K 268 50.74 -15.63 37.92
N ASP K 269 51.96 -15.17 37.68
CA ASP K 269 53.15 -15.81 38.23
C ASP K 269 54.16 -14.70 38.51
N ASN K 270 55.11 -15.01 39.37
CA ASN K 270 56.14 -14.07 39.78
C ASN K 270 56.89 -13.39 38.63
N GLY K 271 57.15 -12.10 38.79
CA GLY K 271 57.89 -11.36 37.79
C GLY K 271 59.37 -11.60 38.02
N SER K 272 60.22 -11.10 37.13
CA SER K 272 61.67 -11.27 37.29
C SER K 272 62.33 -9.92 37.54
N GLY K 273 62.99 -9.81 38.69
CA GLY K 273 63.64 -8.56 39.04
C GLY K 273 65.14 -8.68 39.18
N MET K 274 65.78 -7.53 39.39
CA MET K 274 67.23 -7.46 39.57
C MET K 274 67.52 -6.62 40.81
N HIS K 275 67.63 -7.30 41.96
CA HIS K 275 67.92 -6.65 43.22
C HIS K 275 69.37 -6.21 43.20
N CYS K 276 69.59 -4.90 43.38
CA CYS K 276 70.94 -4.36 43.36
C CYS K 276 71.46 -3.88 44.70
N HIS K 277 72.43 -4.61 45.21
CA HIS K 277 73.09 -4.29 46.48
C HIS K 277 74.23 -3.32 46.15
N GLN K 278 74.28 -2.23 46.90
CA GLN K 278 75.28 -1.20 46.67
C GLN K 278 75.93 -0.78 47.97
N SER K 279 77.16 -0.30 47.85
CA SER K 279 77.91 0.17 49.00
C SER K 279 79.17 0.94 48.54
N LEU K 280 79.53 1.98 49.29
CA LEU K 280 80.70 2.78 48.97
C LEU K 280 81.85 2.46 49.90
N TRP K 281 83.05 2.44 49.33
CA TRP K 281 84.28 2.15 50.07
C TRP K 281 85.34 3.20 49.75
N LYS K 282 86.29 3.36 50.66
CA LYS K 282 87.38 4.32 50.48
C LYS K 282 88.61 3.80 51.20
N ASP K 283 89.73 3.78 50.49
CA ASP K 283 91.01 3.31 51.01
C ASP K 283 90.92 1.91 51.61
N GLY K 284 90.14 1.06 50.96
CA GLY K 284 89.97 -0.32 51.40
C GLY K 284 89.07 -0.53 52.60
N ALA K 285 88.36 0.51 53.00
CA ALA K 285 87.46 0.42 54.15
C ALA K 285 86.03 0.81 53.81
N PRO K 286 85.05 0.16 54.46
CA PRO K 286 83.62 0.43 54.26
C PRO K 286 83.16 1.77 54.82
N LEU K 287 82.19 2.37 54.15
CA LEU K 287 81.66 3.67 54.53
C LEU K 287 80.17 3.61 54.86
N MET K 288 79.57 2.43 54.76
CA MET K 288 78.14 2.26 55.00
C MET K 288 77.72 1.94 56.43
N TYR K 289 78.65 1.44 57.24
CA TYR K 289 78.35 1.05 58.62
C TYR K 289 78.48 2.10 59.72
N ASP K 290 77.66 1.91 60.76
CA ASP K 290 77.62 2.77 61.94
C ASP K 290 76.68 2.12 62.96
N GLU K 291 77.25 1.57 64.04
CA GLU K 291 76.48 0.90 65.10
C GLU K 291 75.33 1.74 65.64
N THR K 292 75.57 3.04 65.77
CA THR K 292 74.59 3.97 66.31
C THR K 292 73.39 4.29 65.41
N GLY K 293 73.57 4.13 64.11
CA GLY K 293 72.48 4.43 63.18
C GLY K 293 71.46 3.31 63.01
N TYR K 294 70.28 3.68 62.51
CA TYR K 294 69.22 2.71 62.25
C TYR K 294 69.70 1.67 61.25
N ALA K 295 69.50 0.39 61.55
CA ALA K 295 69.92 -0.71 60.70
C ALA K 295 71.42 -0.75 60.48
N GLY K 296 72.17 -0.09 61.37
CA GLY K 296 73.62 -0.06 61.27
C GLY K 296 74.12 0.80 60.12
N LEU K 297 73.32 1.77 59.72
CA LEU K 297 73.65 2.66 58.60
C LEU K 297 74.33 3.97 58.99
N SER K 298 75.37 4.31 58.24
CA SER K 298 76.11 5.55 58.45
C SER K 298 75.33 6.72 57.86
N ASP K 299 75.82 7.94 58.08
CA ASP K 299 75.18 9.13 57.54
C ASP K 299 75.25 9.07 56.03
N THR K 300 76.40 8.61 55.53
CA THR K 300 76.65 8.48 54.09
C THR K 300 75.63 7.54 53.46
N ALA K 301 75.45 6.37 54.07
CA ALA K 301 74.49 5.37 53.59
C ALA K 301 73.06 5.89 53.59
N ARG K 302 72.66 6.56 54.67
CA ARG K 302 71.31 7.11 54.79
C ARG K 302 71.03 8.17 53.75
N HIS K 303 72.03 9.01 53.46
CA HIS K 303 71.89 10.08 52.47
C HIS K 303 71.80 9.48 51.08
N TYR K 304 72.52 8.38 50.87
CA TYR K 304 72.53 7.66 49.60
C TYR K 304 71.10 7.17 49.36
N ILE K 305 70.51 6.56 50.39
CA ILE K 305 69.14 6.06 50.34
C ILE K 305 68.18 7.22 50.07
N GLY K 306 68.49 8.39 50.65
CA GLY K 306 67.66 9.56 50.44
C GLY K 306 67.67 9.96 48.97
N GLY K 307 68.82 9.79 48.33
CA GLY K 307 68.95 10.11 46.92
C GLY K 307 68.17 9.14 46.06
N LEU K 308 68.29 7.85 46.36
CA LEU K 308 67.57 6.81 45.63
C LEU K 308 66.07 7.03 45.69
N LEU K 309 65.54 7.23 46.90
CA LEU K 309 64.11 7.45 47.10
C LEU K 309 63.61 8.76 46.49
N HIS K 310 64.43 9.80 46.60
CA HIS K 310 64.05 11.10 46.06
C HIS K 310 64.02 11.09 44.53
N HIS K 311 65.04 10.46 43.94
CA HIS K 311 65.17 10.40 42.49
C HIS K 311 64.50 9.23 41.79
N ALA K 312 63.94 8.30 42.56
CA ALA K 312 63.28 7.11 42.02
C ALA K 312 62.37 7.35 40.81
N PRO K 313 61.50 8.37 40.86
CA PRO K 313 60.60 8.62 39.72
C PRO K 313 61.31 8.77 38.37
N SER K 314 62.53 9.30 38.38
CA SER K 314 63.28 9.47 37.14
C SER K 314 64.30 8.35 36.99
N LEU K 315 64.85 7.89 38.11
CA LEU K 315 65.85 6.82 38.14
C LEU K 315 65.31 5.57 37.45
N LEU K 316 64.03 5.30 37.64
CA LEU K 316 63.37 4.14 37.05
C LEU K 316 63.39 4.12 35.53
N ALA K 317 63.68 5.27 34.91
CA ALA K 317 63.76 5.35 33.45
C ALA K 317 64.96 4.54 32.92
N PHE K 318 65.94 4.29 33.79
CA PHE K 318 67.14 3.53 33.44
C PHE K 318 67.17 2.20 34.18
N THR K 319 66.46 2.18 35.30
CA THR K 319 66.42 1.04 36.18
C THR K 319 65.30 0.02 35.84
N ASN K 320 64.20 0.52 35.27
CA ASN K 320 63.04 -0.27 34.84
C ASN K 320 62.60 0.45 33.56
N PRO K 321 63.43 0.37 32.50
CA PRO K 321 63.30 1.02 31.21
C PRO K 321 62.33 0.45 30.14
N THR K 322 61.51 -0.55 30.46
CA THR K 322 60.60 -1.10 29.46
C THR K 322 59.14 -1.01 29.85
N VAL K 323 58.26 -1.14 28.86
CA VAL K 323 56.83 -1.12 29.11
C VAL K 323 56.45 -2.33 29.97
N ASN K 324 57.12 -3.46 29.72
CA ASN K 324 56.87 -4.70 30.45
C ASN K 324 57.30 -4.59 31.91
N SER K 325 58.25 -3.69 32.19
CA SER K 325 58.73 -3.45 33.55
C SER K 325 57.59 -3.13 34.50
N TYR K 326 56.58 -2.42 33.99
CA TYR K 326 55.43 -2.00 34.80
C TYR K 326 54.33 -3.01 34.96
N LYS K 327 54.56 -4.24 34.51
CA LYS K 327 53.59 -5.32 34.67
C LYS K 327 54.06 -6.06 35.93
N ARG K 328 55.34 -5.87 36.27
CA ARG K 328 55.94 -6.44 37.48
C ARG K 328 55.75 -5.42 38.61
N LEU K 329 56.07 -4.16 38.31
CA LEU K 329 55.94 -3.06 39.27
C LEU K 329 54.47 -2.62 39.29
N VAL K 330 53.65 -3.42 39.95
CA VAL K 330 52.22 -3.18 40.04
C VAL K 330 51.76 -3.83 41.37
N PRO K 331 50.70 -3.29 42.02
CA PRO K 331 50.20 -3.84 43.28
C PRO K 331 49.94 -5.36 43.25
N GLY K 332 50.64 -6.10 44.10
CA GLY K 332 50.46 -7.55 44.11
C GLY K 332 51.47 -8.36 44.90
N TYR K 333 52.33 -9.08 44.18
CA TYR K 333 53.37 -9.96 44.75
C TYR K 333 54.40 -9.25 45.64
N GLU K 334 53.96 -8.21 46.36
CA GLU K 334 54.80 -7.43 47.26
C GLU K 334 55.86 -6.78 46.37
N ALA K 335 55.37 -6.06 45.35
CA ALA K 335 56.22 -5.38 44.38
C ALA K 335 56.93 -4.19 45.02
N PRO K 336 58.24 -4.05 44.79
CA PRO K 336 59.03 -2.95 45.34
C PRO K 336 58.62 -1.61 44.74
N ILE K 337 57.40 -1.17 45.07
CA ILE K 337 56.86 0.09 44.57
C ILE K 337 56.74 1.15 45.67
N ASN K 338 56.95 0.75 46.91
CA ASN K 338 56.86 1.65 48.06
C ASN K 338 58.15 2.41 48.31
N LEU K 339 58.09 3.73 48.11
CA LEU K 339 59.26 4.60 48.28
C LEU K 339 59.72 4.84 49.71
N VAL K 340 60.14 3.76 50.37
CA VAL K 340 60.63 3.82 51.74
C VAL K 340 61.71 2.76 51.90
N TYR K 341 62.54 2.87 52.96
CA TYR K 341 63.56 1.87 53.22
C TYR K 341 63.12 1.01 54.40
N SER K 342 63.65 -0.18 54.52
CA SER K 342 63.24 -1.08 55.59
C SER K 342 64.21 -2.25 55.71
N GLN K 343 64.00 -3.05 56.76
CA GLN K 343 64.81 -4.25 56.99
C GLN K 343 63.91 -5.46 56.85
N ARG K 344 62.61 -5.25 57.07
CA ARG K 344 61.60 -6.29 57.00
C ARG K 344 60.87 -6.35 55.66
N ASN K 345 60.18 -5.25 55.31
CA ASN K 345 59.40 -5.15 54.07
C ASN K 345 60.13 -5.41 52.76
N ARG K 346 59.61 -6.37 51.99
CA ARG K 346 60.18 -6.69 50.70
C ARG K 346 59.50 -5.90 49.58
N SER K 347 58.44 -5.18 49.94
CA SER K 347 57.70 -4.34 49.01
C SER K 347 58.27 -2.92 49.09
N ALA K 348 59.36 -2.77 49.81
CA ALA K 348 60.03 -1.48 49.96
C ALA K 348 61.09 -1.35 48.87
N CYS K 349 61.17 -0.18 48.26
CA CYS K 349 62.15 0.09 47.20
C CYS K 349 63.56 -0.24 47.65
N VAL K 350 63.89 0.18 48.88
CA VAL K 350 65.21 -0.09 49.43
C VAL K 350 65.07 -0.94 50.68
N ARG K 351 65.85 -2.01 50.74
CA ARG K 351 65.85 -2.88 51.89
C ARG K 351 67.28 -3.02 52.39
N ILE K 352 67.44 -3.00 53.70
CA ILE K 352 68.76 -3.14 54.29
C ILE K 352 68.89 -4.56 54.82
N PRO K 353 69.68 -5.40 54.14
CA PRO K 353 69.89 -6.79 54.54
C PRO K 353 70.41 -6.86 55.96
N ILE K 354 69.89 -7.80 56.74
CA ILE K 354 70.32 -7.99 58.12
C ILE K 354 71.64 -8.74 58.06
N THR K 355 72.73 -8.02 58.30
CA THR K 355 74.08 -8.59 58.24
C THR K 355 74.85 -8.59 59.56
N GLY K 356 74.26 -8.03 60.60
CA GLY K 356 74.93 -8.00 61.89
C GLY K 356 75.84 -6.82 62.16
N SER K 357 76.91 -7.08 62.91
CA SER K 357 77.88 -6.05 63.29
C SER K 357 79.08 -5.88 62.36
N ASN K 358 79.24 -6.79 61.40
CA ASN K 358 80.34 -6.72 60.44
C ASN K 358 80.16 -5.53 59.49
N PRO K 359 81.02 -4.50 59.62
CA PRO K 359 80.94 -3.29 58.78
C PRO K 359 81.14 -3.53 57.28
N LYS K 360 81.92 -4.57 56.96
CA LYS K 360 82.20 -4.91 55.56
C LYS K 360 81.01 -5.53 54.84
N ALA K 361 80.01 -5.97 55.58
CA ALA K 361 78.83 -6.59 54.99
C ALA K 361 77.63 -5.65 54.89
N LYS K 362 77.73 -4.47 55.52
CA LYS K 362 76.64 -3.50 55.48
C LYS K 362 76.49 -2.91 54.08
N ARG K 363 75.27 -2.95 53.57
CA ARG K 363 74.98 -2.44 52.23
C ARG K 363 73.50 -2.20 52.11
N LEU K 364 73.10 -1.48 51.07
CA LEU K 364 71.69 -1.23 50.83
C LEU K 364 71.28 -1.98 49.57
N GLU K 365 70.04 -2.43 49.53
CA GLU K 365 69.54 -3.18 48.39
C GLU K 365 68.38 -2.49 47.70
N PHE K 366 68.62 -2.02 46.47
CA PHE K 366 67.57 -1.38 45.69
C PHE K 366 66.86 -2.54 45.00
N ARG K 367 65.64 -2.82 45.44
CA ARG K 367 64.84 -3.94 44.93
C ARG K 367 64.03 -3.71 43.67
N SER K 368 63.74 -2.47 43.37
CA SER K 368 62.90 -2.10 42.22
C SER K 368 63.39 -2.47 40.81
N PRO K 369 64.70 -2.39 40.54
CA PRO K 369 65.21 -2.71 39.20
C PRO K 369 64.88 -4.10 38.63
N ASP K 370 65.01 -4.21 37.32
CA ASP K 370 64.80 -5.46 36.60
C ASP K 370 65.92 -5.53 35.57
N SER K 371 66.05 -6.64 34.85
CA SER K 371 67.12 -6.74 33.85
C SER K 371 66.65 -6.57 32.42
N SER K 372 65.65 -5.72 32.22
CA SER K 372 65.10 -5.47 30.90
C SER K 372 65.83 -4.36 30.16
N GLY K 373 66.90 -3.84 30.74
CA GLY K 373 67.61 -2.75 30.09
C GLY K 373 69.12 -2.83 29.97
N ASN K 374 69.76 -1.73 30.30
CA ASN K 374 71.21 -1.58 30.23
C ASN K 374 71.80 -1.46 31.62
N PRO K 375 72.56 -2.47 32.07
CA PRO K 375 73.17 -2.46 33.41
C PRO K 375 74.20 -1.35 33.62
N TYR K 376 74.88 -0.93 32.55
CA TYR K 376 75.89 0.12 32.65
C TYR K 376 75.19 1.43 33.02
N LEU K 377 74.08 1.71 32.35
CA LEU K 377 73.32 2.93 32.59
C LEU K 377 72.55 2.84 33.91
N ALA K 378 71.99 1.67 34.22
CA ALA K 378 71.23 1.48 35.45
C ALA K 378 72.09 1.66 36.69
N PHE K 379 73.23 0.98 36.74
CA PHE K 379 74.15 1.07 37.87
C PHE K 379 74.65 2.51 38.03
N SER K 380 75.03 3.13 36.91
CA SER K 380 75.53 4.51 36.92
C SER K 380 74.48 5.47 37.45
N ALA K 381 73.24 5.32 36.98
CA ALA K 381 72.14 6.17 37.41
C ALA K 381 71.88 6.00 38.91
N MET K 382 72.01 4.77 39.40
CA MET K 382 71.81 4.50 40.82
C MET K 382 72.88 5.21 41.64
N LEU K 383 74.12 5.16 41.17
CA LEU K 383 75.23 5.80 41.87
C LEU K 383 75.02 7.32 41.91
N MET K 384 74.67 7.89 40.76
CA MET K 384 74.45 9.32 40.66
C MET K 384 73.32 9.79 41.57
N ALA K 385 72.28 8.99 41.68
CA ALA K 385 71.15 9.33 42.55
C ALA K 385 71.64 9.30 44.00
N GLY K 386 72.43 8.29 44.34
CA GLY K 386 72.96 8.18 45.69
C GLY K 386 73.95 9.27 46.06
N LEU K 387 74.82 9.64 45.11
CA LEU K 387 75.81 10.68 45.34
C LEU K 387 75.17 12.05 45.49
N ASP K 388 74.08 12.29 44.76
CA ASP K 388 73.37 13.56 44.85
C ASP K 388 72.72 13.64 46.22
N GLY K 389 72.34 12.49 46.76
CA GLY K 389 71.72 12.43 48.07
C GLY K 389 72.75 12.74 49.15
N ILE K 390 73.97 12.27 48.94
CA ILE K 390 75.07 12.49 49.88
C ILE K 390 75.52 13.96 49.87
N LYS K 391 75.72 14.51 48.67
CA LYS K 391 76.14 15.89 48.52
C LYS K 391 75.13 16.89 49.09
N ASN K 392 73.84 16.64 48.84
CA ASN K 392 72.80 17.53 49.34
C ASN K 392 72.18 17.04 50.66
N LYS K 393 72.85 16.08 51.29
CA LYS K 393 72.43 15.51 52.57
C LYS K 393 70.93 15.23 52.65
N ILE K 394 70.37 14.69 51.57
CA ILE K 394 68.95 14.37 51.50
C ILE K 394 68.57 13.31 52.53
N GLU K 395 67.60 13.65 53.37
CA GLU K 395 67.13 12.75 54.41
C GLU K 395 65.92 11.96 53.94
N PRO K 396 66.02 10.63 53.95
CA PRO K 396 64.91 9.79 53.51
C PRO K 396 63.84 9.81 54.60
N GLN K 397 62.57 9.68 54.21
CA GLN K 397 61.52 9.67 55.20
C GLN K 397 61.73 8.46 56.12
N ALA K 398 61.14 8.52 57.31
CA ALA K 398 61.29 7.47 58.31
C ALA K 398 61.07 6.06 57.77
N PRO K 399 62.00 5.13 58.07
CA PRO K 399 61.91 3.73 57.64
C PRO K 399 60.66 3.07 58.21
N VAL K 400 60.20 2.01 57.55
CA VAL K 400 59.01 1.31 57.98
C VAL K 400 59.25 -0.20 58.08
N ASP K 401 59.17 -0.74 59.29
CA ASP K 401 59.36 -2.17 59.50
C ASP K 401 58.04 -2.91 59.76
N LYS K 402 56.97 -2.14 59.95
CA LYS K 402 55.63 -2.71 60.14
C LYS K 402 55.26 -3.26 58.77
N ASP K 403 54.53 -4.37 58.72
CA ASP K 403 54.13 -4.93 57.44
C ASP K 403 53.30 -3.88 56.70
N LEU K 404 53.84 -3.42 55.57
CA LEU K 404 53.20 -2.39 54.75
C LEU K 404 51.83 -2.81 54.21
N TYR K 405 51.65 -4.12 54.02
CA TYR K 405 50.38 -4.65 53.51
C TYR K 405 49.22 -4.31 54.44
N GLU K 406 49.30 -4.74 55.69
CA GLU K 406 48.25 -4.45 56.67
C GLU K 406 48.59 -3.18 57.45
N LEU K 407 48.23 -2.04 56.88
CA LEU K 407 48.50 -0.74 57.49
C LEU K 407 47.21 0.08 57.42
N PRO K 408 46.88 0.82 58.50
CA PRO K 408 45.65 1.64 58.51
C PRO K 408 45.61 2.58 57.29
N PRO K 409 44.63 2.40 56.40
CA PRO K 409 44.38 3.16 55.17
C PRO K 409 44.77 4.64 55.13
N GLU K 410 44.65 5.32 56.27
CA GLU K 410 45.01 6.74 56.35
C GLU K 410 46.53 6.91 56.56
N GLU K 411 47.13 5.95 57.26
CA GLU K 411 48.56 5.93 57.54
C GLU K 411 49.33 5.37 56.34
N ALA K 412 48.62 4.60 55.50
CA ALA K 412 49.20 3.99 54.31
C ALA K 412 49.24 4.98 53.14
N ALA K 413 48.44 6.04 53.24
CA ALA K 413 48.38 7.06 52.20
C ALA K 413 49.61 7.99 52.27
N SER K 414 50.40 7.84 53.33
CA SER K 414 51.60 8.63 53.51
C SER K 414 52.83 7.94 52.90
N ILE K 415 52.61 6.78 52.28
CA ILE K 415 53.67 6.01 51.63
C ILE K 415 53.64 6.27 50.13
N PRO K 416 54.65 7.00 49.60
CA PRO K 416 54.72 7.31 48.17
C PRO K 416 55.00 6.06 47.34
N GLN K 417 54.41 6.01 46.16
CA GLN K 417 54.58 4.87 45.25
C GLN K 417 55.43 5.30 44.06
N THR K 418 56.04 4.33 43.39
CA THR K 418 56.84 4.60 42.20
C THR K 418 55.85 4.78 41.05
N PRO K 419 56.26 5.47 39.96
CA PRO K 419 55.31 5.63 38.86
C PRO K 419 54.92 4.24 38.33
N THR K 420 53.73 4.15 37.75
CA THR K 420 53.22 2.87 37.24
C THR K 420 53.27 2.68 35.73
N GLN K 421 53.94 3.59 35.02
CA GLN K 421 54.00 3.51 33.57
C GLN K 421 55.35 4.03 33.07
N LEU K 422 55.86 3.45 31.98
CA LEU K 422 57.13 3.87 31.42
C LEU K 422 57.07 5.32 30.94
N SER K 423 55.95 5.70 30.33
CA SER K 423 55.77 7.06 29.84
C SER K 423 55.91 8.06 30.98
N ASP K 424 55.51 7.65 32.19
CA ASP K 424 55.60 8.46 33.36
C ASP K 424 57.03 8.71 33.77
N VAL K 425 57.79 7.63 33.99
CA VAL K 425 59.18 7.75 34.39
C VAL K 425 60.03 8.47 33.35
N ILE K 426 59.65 8.33 32.08
CA ILE K 426 60.36 9.00 31.00
C ILE K 426 60.08 10.50 31.08
N ASP K 427 58.83 10.85 31.40
CA ASP K 427 58.44 12.25 31.57
C ASP K 427 59.21 12.86 32.75
N ARG K 428 59.32 12.08 33.83
CA ARG K 428 60.02 12.51 35.04
C ARG K 428 61.52 12.68 34.82
N LEU K 429 62.10 11.82 33.97
CA LEU K 429 63.53 11.89 33.66
C LEU K 429 63.80 13.16 32.86
N GLU K 430 62.90 13.46 31.94
CA GLU K 430 63.00 14.64 31.08
C GLU K 430 62.93 15.91 31.93
N ALA K 431 62.06 15.90 32.93
CA ALA K 431 61.86 17.04 33.82
C ALA K 431 62.95 17.23 34.88
N ASP K 432 63.53 16.13 35.34
CA ASP K 432 64.56 16.18 36.37
C ASP K 432 65.69 15.17 36.14
N HIS K 433 66.79 15.64 35.57
CA HIS K 433 67.94 14.77 35.31
C HIS K 433 69.28 15.41 35.58
N GLU K 434 69.28 16.50 36.34
CA GLU K 434 70.51 17.22 36.65
C GLU K 434 71.49 16.38 37.46
N TYR K 435 70.97 15.53 38.34
CA TYR K 435 71.84 14.69 39.17
C TYR K 435 72.63 13.72 38.30
N LEU K 436 72.09 13.40 37.13
CA LEU K 436 72.72 12.48 36.20
C LEU K 436 73.86 13.17 35.44
N THR K 437 73.67 14.44 35.10
CA THR K 437 74.66 15.21 34.35
C THR K 437 75.83 15.75 35.19
N GLU K 438 75.76 15.55 36.50
CA GLU K 438 76.83 15.99 37.40
C GLU K 438 78.15 15.36 36.98
N GLY K 439 79.21 16.16 36.98
CA GLY K 439 80.52 15.67 36.60
C GLY K 439 80.61 15.19 35.16
N GLY K 440 79.56 15.45 34.38
CA GLY K 440 79.51 15.03 32.99
C GLY K 440 79.35 13.54 32.77
N VAL K 441 78.92 12.80 33.79
CA VAL K 441 78.72 11.35 33.69
C VAL K 441 77.71 11.02 32.60
N PHE K 442 76.54 11.65 32.67
CA PHE K 442 75.51 11.50 31.65
C PHE K 442 75.48 12.87 30.97
N THR K 443 75.12 12.92 29.69
CA THR K 443 75.02 14.19 28.98
C THR K 443 73.55 14.40 28.65
N ASN K 444 73.14 15.66 28.48
CA ASN K 444 71.76 15.92 28.12
C ASN K 444 71.42 15.25 26.80
N ASP K 445 72.46 15.16 25.97
CA ASP K 445 72.36 14.53 24.66
C ASP K 445 71.94 13.05 24.81
N LEU K 446 72.67 12.30 25.61
CA LEU K 446 72.38 10.89 25.85
C LEU K 446 70.98 10.71 26.44
N ILE K 447 70.65 11.54 27.42
CA ILE K 447 69.36 11.51 28.09
C ILE K 447 68.20 11.79 27.13
N GLU K 448 68.38 12.75 26.23
CA GLU K 448 67.35 13.09 25.24
C GLU K 448 67.18 11.96 24.24
N THR K 449 68.29 11.31 23.90
CA THR K 449 68.30 10.20 22.96
C THR K 449 67.53 9.01 23.54
N TRP K 450 67.78 8.74 24.82
CA TRP K 450 67.13 7.67 25.56
C TRP K 450 65.62 7.91 25.61
N ILE K 451 65.25 9.15 25.93
CA ILE K 451 63.85 9.55 26.00
C ILE K 451 63.14 9.36 24.66
N SER K 452 63.80 9.76 23.58
CA SER K 452 63.25 9.63 22.23
C SER K 452 63.13 8.18 21.82
N PHE K 453 64.17 7.40 22.11
CA PHE K 453 64.22 5.99 21.79
C PHE K 453 63.02 5.27 22.42
N LYS K 454 62.82 5.48 23.71
CA LYS K 454 61.72 4.84 24.44
C LYS K 454 60.35 5.27 23.95
N ARG K 455 60.18 6.56 23.67
CA ARG K 455 58.90 7.06 23.19
C ARG K 455 58.54 6.57 21.80
N GLU K 456 59.51 6.62 20.90
CA GLU K 456 59.28 6.22 19.52
C GLU K 456 59.32 4.74 19.22
N ASN K 457 60.23 4.03 19.90
CA ASN K 457 60.39 2.59 19.68
C ASN K 457 59.68 1.64 20.62
N GLU K 458 59.20 2.15 21.76
CA GLU K 458 58.53 1.30 22.73
C GLU K 458 57.16 1.78 23.18
N ILE K 459 57.11 2.97 23.76
CA ILE K 459 55.86 3.53 24.26
C ILE K 459 54.78 3.68 23.20
N GLU K 460 55.10 4.37 22.11
CA GLU K 460 54.15 4.61 21.03
C GLU K 460 53.69 3.31 20.33
N PRO K 461 54.64 2.43 19.93
CA PRO K 461 54.28 1.18 19.27
C PRO K 461 53.29 0.30 20.05
N VAL K 462 53.48 0.19 21.37
CA VAL K 462 52.58 -0.60 22.20
C VAL K 462 51.23 0.12 22.35
N ASN K 463 51.31 1.43 22.55
CA ASN K 463 50.12 2.25 22.75
C ASN K 463 49.13 2.30 21.59
N ILE K 464 49.61 2.23 20.35
CA ILE K 464 48.72 2.29 19.19
C ILE K 464 48.07 0.95 18.83
N ARG K 465 48.61 -0.14 19.40
CA ARG K 465 48.12 -1.48 19.13
C ARG K 465 47.08 -1.98 20.12
N PRO K 466 45.86 -2.30 19.65
CA PRO K 466 44.82 -2.81 20.55
C PRO K 466 45.31 -4.04 21.31
N HIS K 467 45.00 -4.09 22.60
CA HIS K 467 45.36 -5.20 23.48
C HIS K 467 44.27 -6.27 23.37
N PRO K 468 44.64 -7.56 23.40
CA PRO K 468 43.67 -8.66 23.31
C PRO K 468 42.53 -8.55 24.31
N TYR K 469 42.83 -8.10 25.52
CA TYR K 469 41.82 -7.97 26.57
C TYR K 469 40.77 -6.91 26.25
N GLU K 470 41.11 -5.99 25.35
CA GLU K 470 40.17 -4.95 24.95
C GLU K 470 39.03 -5.56 24.15
N PHE K 471 39.27 -6.70 23.53
CA PHE K 471 38.24 -7.39 22.76
C PHE K 471 37.29 -8.11 23.69
N ALA K 472 37.83 -8.65 24.78
CA ALA K 472 37.03 -9.34 25.79
C ALA K 472 36.12 -8.30 26.42
N LEU K 473 36.71 -7.16 26.71
CA LEU K 473 36.07 -6.05 27.35
C LEU K 473 35.11 -5.24 26.45
N TYR K 474 35.50 -4.94 25.21
CA TYR K 474 34.69 -4.01 24.37
C TYR K 474 34.16 -4.51 23.02
N TYR K 475 34.39 -5.73 22.56
CA TYR K 475 33.83 -6.11 21.27
C TYR K 475 32.31 -5.92 21.23
N ASP K 476 31.66 -6.16 22.38
CA ASP K 476 30.20 -6.09 22.52
C ASP K 476 29.59 -4.73 22.85
N VAL K 477 30.40 -3.68 22.99
CA VAL K 477 29.88 -2.35 23.36
C VAL K 477 28.67 -1.83 22.58
N THR L 1 101.47 -14.04 -9.95
CA THR L 1 102.41 -12.95 -9.55
C THR L 1 103.74 -13.53 -9.05
N GLU L 2 103.68 -14.38 -8.03
CA GLU L 2 104.89 -14.98 -7.47
C GLU L 2 104.97 -16.50 -7.39
N LYS L 3 103.85 -17.21 -7.54
CA LYS L 3 103.88 -18.66 -7.50
C LYS L 3 104.34 -19.30 -8.80
N THR L 4 105.25 -20.25 -8.65
CA THR L 4 105.88 -20.97 -9.76
C THR L 4 105.16 -22.28 -10.07
N PRO L 5 105.23 -22.75 -11.33
CA PRO L 5 104.59 -24.01 -11.70
C PRO L 5 105.12 -25.12 -10.78
N ASP L 6 106.38 -25.00 -10.38
CA ASP L 6 107.01 -25.97 -9.49
C ASP L 6 106.40 -25.94 -8.09
N ASP L 7 105.95 -24.76 -7.66
CA ASP L 7 105.31 -24.61 -6.35
C ASP L 7 104.00 -25.40 -6.38
N VAL L 8 103.30 -25.31 -7.51
CA VAL L 8 102.03 -26.00 -7.70
C VAL L 8 102.22 -27.53 -7.70
N PHE L 9 103.25 -28.00 -8.39
CA PHE L 9 103.54 -29.44 -8.43
C PHE L 9 103.90 -29.97 -7.05
N LYS L 10 104.58 -29.13 -6.26
CA LYS L 10 104.98 -29.51 -4.91
C LYS L 10 103.73 -29.59 -4.03
N LEU L 11 102.83 -28.63 -4.21
CA LEU L 11 101.57 -28.58 -3.45
C LEU L 11 100.79 -29.87 -3.75
N ALA L 12 100.70 -30.20 -5.03
CA ALA L 12 99.99 -31.39 -5.48
C ALA L 12 100.59 -32.68 -4.89
N LYS L 13 101.92 -32.77 -4.91
CA LYS L 13 102.60 -33.95 -4.37
C LYS L 13 102.43 -34.07 -2.85
N ASP L 14 102.69 -32.98 -2.13
CA ASP L 14 102.57 -32.95 -0.68
C ASP L 14 101.16 -33.26 -0.19
N GLU L 15 100.16 -32.73 -0.87
CA GLU L 15 98.77 -32.95 -0.51
C GLU L 15 98.18 -34.27 -1.01
N LYS L 16 98.97 -35.02 -1.77
CA LYS L 16 98.55 -36.31 -2.33
C LYS L 16 97.26 -36.14 -3.13
N VAL L 17 97.25 -35.09 -3.95
CA VAL L 17 96.13 -34.74 -4.80
C VAL L 17 95.88 -35.83 -5.85
N GLU L 18 94.62 -36.23 -6.01
CA GLU L 18 94.30 -37.24 -7.00
C GLU L 18 93.63 -36.69 -8.26
N TYR L 19 93.03 -35.51 -8.15
CA TYR L 19 92.38 -34.86 -9.29
C TYR L 19 92.73 -33.39 -9.37
N VAL L 20 92.70 -32.85 -10.58
CA VAL L 20 92.97 -31.43 -10.79
C VAL L 20 91.73 -30.86 -11.48
N ASP L 21 91.15 -29.84 -10.89
CA ASP L 21 89.95 -29.22 -11.44
C ASP L 21 90.33 -28.01 -12.30
N VAL L 22 90.03 -28.12 -13.59
CA VAL L 22 90.33 -27.08 -14.56
C VAL L 22 89.18 -26.08 -14.61
N ARG L 23 89.44 -24.87 -14.11
CA ARG L 23 88.41 -23.83 -14.05
C ARG L 23 88.67 -22.64 -14.93
N PHE L 24 87.59 -22.10 -15.48
CA PHE L 24 87.62 -20.92 -16.34
C PHE L 24 86.30 -20.20 -16.15
N CYS L 25 86.31 -18.89 -16.36
CA CYS L 25 85.11 -18.09 -16.15
C CYS L 25 84.25 -17.87 -17.38
N ASP L 26 82.93 -17.98 -17.20
CA ASP L 26 82.02 -17.73 -18.31
C ASP L 26 81.71 -16.23 -18.37
N LEU L 27 80.96 -15.81 -19.38
CA LEU L 27 80.63 -14.40 -19.55
C LEU L 27 79.93 -13.75 -18.35
N PRO L 28 78.72 -14.21 -17.99
CA PRO L 28 78.04 -13.59 -16.85
C PRO L 28 78.76 -13.59 -15.50
N GLY L 29 79.65 -14.56 -15.27
CA GLY L 29 80.40 -14.56 -14.02
C GLY L 29 80.51 -15.83 -13.21
N ILE L 30 80.00 -16.94 -13.73
CA ILE L 30 80.05 -18.21 -13.03
C ILE L 30 81.20 -19.10 -13.52
N MET L 31 82.00 -19.61 -12.59
CA MET L 31 83.12 -20.46 -12.94
C MET L 31 82.66 -21.82 -13.47
N GLN L 32 83.32 -22.25 -14.55
CA GLN L 32 83.03 -23.53 -15.20
C GLN L 32 84.20 -24.47 -14.92
N HIS L 33 84.00 -25.76 -15.14
CA HIS L 33 85.08 -26.71 -14.90
C HIS L 33 84.90 -28.10 -15.50
N PHE L 34 86.01 -28.82 -15.51
CA PHE L 34 86.08 -30.20 -15.93
C PHE L 34 87.28 -30.73 -15.16
N THR L 35 87.32 -32.04 -14.92
CA THR L 35 88.38 -32.61 -14.12
C THR L 35 89.27 -33.60 -14.85
N ILE L 36 90.56 -33.59 -14.51
CA ILE L 36 91.54 -34.50 -15.08
C ILE L 36 92.28 -35.18 -13.93
N PRO L 37 92.80 -36.40 -14.15
CA PRO L 37 93.52 -37.07 -13.07
C PRO L 37 94.82 -36.32 -12.80
N ALA L 38 95.29 -36.35 -11.55
CA ALA L 38 96.52 -35.66 -11.17
C ALA L 38 97.71 -36.15 -11.98
N SER L 39 97.70 -37.43 -12.33
CA SER L 39 98.77 -38.05 -13.12
C SER L 39 98.97 -37.37 -14.48
N ALA L 40 97.91 -36.74 -15.00
CA ALA L 40 97.97 -36.04 -16.28
C ALA L 40 98.36 -34.57 -16.12
N PHE L 41 98.61 -34.17 -14.87
CA PHE L 41 98.99 -32.79 -14.58
C PHE L 41 100.50 -32.69 -14.46
N ASP L 42 101.14 -32.22 -15.53
CA ASP L 42 102.59 -32.08 -15.58
C ASP L 42 102.99 -30.76 -16.23
N LYS L 43 104.29 -30.63 -16.55
CA LYS L 43 104.85 -29.44 -17.17
C LYS L 43 104.19 -29.08 -18.51
N SER L 44 103.75 -30.08 -19.25
CA SER L 44 103.13 -29.86 -20.55
C SER L 44 101.81 -29.08 -20.44
N VAL L 45 101.20 -29.10 -19.27
CA VAL L 45 99.94 -28.38 -19.05
C VAL L 45 100.23 -26.88 -19.03
N PHE L 46 101.36 -26.51 -18.43
CA PHE L 46 101.78 -25.11 -18.34
C PHE L 46 102.39 -24.61 -19.65
N ASP L 47 103.09 -25.49 -20.35
CA ASP L 47 103.75 -25.14 -21.60
C ASP L 47 102.82 -25.16 -22.82
N ASP L 48 102.13 -26.28 -23.00
CA ASP L 48 101.23 -26.44 -24.15
C ASP L 48 99.77 -26.14 -23.87
N GLY L 49 99.35 -26.31 -22.62
CA GLY L 49 97.97 -26.07 -22.25
C GLY L 49 97.07 -27.27 -22.45
N LEU L 50 95.78 -27.10 -22.22
CA LEU L 50 94.80 -28.17 -22.36
C LEU L 50 93.77 -27.82 -23.40
N ALA L 51 93.39 -28.80 -24.21
CA ALA L 51 92.39 -28.57 -25.23
C ALA L 51 91.00 -28.88 -24.71
N PHE L 52 90.00 -28.11 -25.18
CA PHE L 52 88.61 -28.27 -24.80
C PHE L 52 87.72 -27.56 -25.87
N ASP L 53 86.45 -27.93 -25.91
CA ASP L 53 85.44 -27.49 -26.91
C ASP L 53 84.61 -26.27 -26.58
N GLY L 54 84.29 -25.33 -27.48
CA GLY L 54 83.37 -24.32 -27.02
C GLY L 54 82.11 -25.08 -26.61
N SER L 55 81.87 -25.27 -25.32
CA SER L 55 80.67 -26.05 -24.92
C SER L 55 79.59 -25.14 -24.36
N SER L 56 78.35 -25.63 -24.26
CA SER L 56 77.26 -24.78 -23.83
C SER L 56 77.16 -23.73 -24.94
N ILE L 57 76.50 -22.57 -24.82
CA ILE L 57 76.32 -21.85 -26.06
C ILE L 57 76.60 -20.32 -26.12
N ARG L 58 76.37 -19.51 -25.11
CA ARG L 58 76.48 -18.07 -25.32
C ARG L 58 77.66 -17.34 -24.70
N GLY L 59 78.32 -16.49 -25.49
CA GLY L 59 79.48 -15.70 -25.06
C GLY L 59 80.74 -16.21 -25.75
N PHE L 60 81.10 -17.47 -25.47
CA PHE L 60 82.32 -18.16 -25.95
C PHE L 60 82.28 -18.63 -27.44
N GLN L 61 83.31 -19.41 -27.88
CA GLN L 61 83.56 -19.94 -29.23
C GLN L 61 82.53 -20.98 -29.76
N SER L 62 81.65 -20.51 -30.65
CA SER L 62 80.59 -21.32 -31.28
C SER L 62 81.16 -22.34 -32.26
N ILE L 63 80.38 -22.85 -33.25
CA ILE L 63 80.90 -23.86 -34.19
C ILE L 63 81.39 -23.22 -35.50
N HIS L 64 82.20 -22.16 -35.37
CA HIS L 64 82.84 -21.43 -36.49
C HIS L 64 84.19 -20.96 -35.94
N GLU L 65 84.27 -21.22 -34.61
CA GLU L 65 85.41 -20.90 -33.72
C GLU L 65 85.65 -21.95 -32.62
N SER L 66 84.83 -23.00 -32.62
CA SER L 66 84.81 -24.18 -31.70
C SER L 66 85.92 -24.32 -30.65
N ASP L 67 87.02 -24.99 -30.99
CA ASP L 67 88.07 -25.41 -30.05
C ASP L 67 88.85 -24.32 -29.37
N MET L 68 89.13 -24.51 -28.07
CA MET L 68 89.90 -23.58 -27.27
C MET L 68 91.07 -24.27 -26.56
N LEU L 69 92.06 -23.47 -26.17
CA LEU L 69 93.24 -23.95 -25.47
C LEU L 69 93.26 -23.26 -24.09
N LEU L 70 93.47 -24.02 -23.03
CA LEU L 70 93.48 -23.48 -21.68
C LEU L 70 94.88 -23.45 -21.05
N LEU L 71 95.34 -22.27 -20.64
CA LEU L 71 96.64 -22.12 -20.01
C LEU L 71 96.42 -21.76 -18.54
N PRO L 72 97.07 -22.49 -17.62
CA PRO L 72 96.95 -22.28 -16.18
C PRO L 72 97.61 -21.05 -15.57
N ASP L 73 97.02 -20.58 -14.48
CA ASP L 73 97.54 -19.45 -13.72
C ASP L 73 97.92 -20.05 -12.36
N PRO L 74 99.23 -20.29 -12.15
CA PRO L 74 99.76 -20.88 -10.92
C PRO L 74 99.39 -20.18 -9.61
N GLU L 75 99.08 -18.89 -9.68
CA GLU L 75 98.70 -18.14 -8.48
C GLU L 75 97.31 -18.49 -7.96
N THR L 76 96.49 -19.11 -8.80
CA THR L 76 95.13 -19.49 -8.44
C THR L 76 94.97 -20.91 -7.91
N ALA L 77 96.08 -21.65 -7.86
CA ALA L 77 96.07 -23.03 -7.37
C ALA L 77 95.74 -23.12 -5.89
N ARG L 78 94.66 -23.86 -5.60
CA ARG L 78 94.19 -24.06 -4.22
C ARG L 78 93.64 -25.47 -4.05
N ILE L 79 93.81 -26.02 -2.85
CA ILE L 79 93.27 -27.34 -2.54
C ILE L 79 91.78 -27.14 -2.22
N ASP L 80 90.92 -27.94 -2.84
CA ASP L 80 89.48 -27.84 -2.60
C ASP L 80 89.17 -28.48 -1.24
N PRO L 81 88.56 -27.70 -0.32
CA PRO L 81 88.23 -28.21 1.01
C PRO L 81 86.91 -28.98 1.10
N PHE L 82 86.18 -29.04 0.00
CA PHE L 82 84.87 -29.71 -0.03
C PHE L 82 84.85 -31.06 -0.73
N ARG L 83 85.59 -31.19 -1.83
CA ARG L 83 85.63 -32.43 -2.59
C ARG L 83 86.23 -33.59 -1.81
N ALA L 84 85.50 -34.71 -1.75
CA ALA L 84 85.94 -35.91 -1.04
C ALA L 84 87.28 -36.42 -1.56
N ALA L 85 87.39 -36.55 -2.88
CA ALA L 85 88.63 -36.98 -3.51
C ALA L 85 89.54 -35.75 -3.49
N LYS L 86 90.74 -35.88 -2.94
CA LYS L 86 91.68 -34.75 -2.85
C LYS L 86 91.89 -34.09 -4.21
N THR L 87 91.44 -32.85 -4.32
CA THR L 87 91.50 -32.11 -5.57
C THR L 87 92.19 -30.75 -5.50
N LEU L 88 92.90 -30.40 -6.57
CA LEU L 88 93.60 -29.13 -6.69
C LEU L 88 92.86 -28.30 -7.74
N ASN L 89 92.36 -27.13 -7.35
CA ASN L 89 91.67 -26.25 -8.26
C ASN L 89 92.63 -25.22 -8.83
N ILE L 90 92.54 -24.96 -10.14
CA ILE L 90 93.40 -23.98 -10.80
C ILE L 90 92.57 -23.28 -11.86
N ASN L 91 92.73 -21.95 -11.95
CA ASN L 91 92.01 -21.17 -12.96
C ASN L 91 92.89 -21.07 -14.21
N PHE L 92 92.24 -20.99 -15.36
CA PHE L 92 92.94 -20.94 -16.63
C PHE L 92 92.52 -19.75 -17.48
N PHE L 93 93.35 -19.45 -18.48
CA PHE L 93 93.09 -18.40 -19.46
C PHE L 93 92.74 -19.14 -20.74
N VAL L 94 91.77 -18.62 -21.48
CA VAL L 94 91.37 -19.23 -22.75
C VAL L 94 92.15 -18.62 -23.90
N HIS L 95 92.84 -19.47 -24.66
CA HIS L 95 93.62 -19.02 -25.81
C HIS L 95 93.13 -19.67 -27.09
N ASP L 96 93.53 -19.10 -28.22
CA ASP L 96 93.18 -19.65 -29.52
C ASP L 96 94.24 -20.73 -29.74
N PRO L 97 93.80 -21.96 -30.07
CA PRO L 97 94.72 -23.10 -30.30
C PRO L 97 95.88 -22.78 -31.24
N PHE L 98 95.52 -22.29 -32.43
CA PHE L 98 96.46 -21.95 -33.48
C PHE L 98 97.45 -20.84 -33.13
N THR L 99 96.94 -19.63 -32.97
CA THR L 99 97.76 -18.46 -32.68
C THR L 99 98.26 -18.29 -31.24
N LEU L 100 97.69 -19.07 -30.33
CA LEU L 100 98.02 -19.00 -28.90
C LEU L 100 97.66 -17.61 -28.38
N GLU L 101 96.76 -16.97 -29.13
CA GLU L 101 96.28 -15.62 -28.84
C GLU L 101 95.18 -15.64 -27.79
N PRO L 102 95.31 -14.83 -26.73
CA PRO L 102 94.29 -14.78 -25.68
C PRO L 102 92.92 -14.48 -26.26
N TYR L 103 91.95 -15.34 -25.94
CA TYR L 103 90.58 -15.17 -26.42
C TYR L 103 90.01 -13.88 -25.85
N SER L 104 89.53 -13.01 -26.73
CA SER L 104 89.00 -11.71 -26.35
C SER L 104 87.73 -11.69 -25.49
N ARG L 105 87.03 -12.83 -25.40
CA ARG L 105 85.81 -12.88 -24.60
C ARG L 105 85.95 -13.61 -23.27
N ASP L 106 87.18 -13.99 -22.94
CA ASP L 106 87.48 -14.67 -21.68
C ASP L 106 87.69 -13.56 -20.65
N PRO L 107 86.81 -13.49 -19.64
CA PRO L 107 86.89 -12.48 -18.58
C PRO L 107 88.26 -12.37 -17.92
N ARG L 108 88.93 -13.50 -17.72
CA ARG L 108 90.25 -13.46 -17.09
C ARG L 108 91.31 -12.80 -17.97
N ASN L 109 91.11 -12.86 -19.29
CA ASN L 109 92.04 -12.24 -20.23
C ASN L 109 91.83 -10.73 -20.20
N ILE L 110 90.59 -10.30 -20.05
CA ILE L 110 90.24 -8.88 -19.98
C ILE L 110 90.94 -8.24 -18.79
N ALA L 111 90.90 -8.92 -17.64
CA ALA L 111 91.52 -8.43 -16.42
C ALA L 111 93.04 -8.35 -16.58
N ARG L 112 93.61 -9.34 -17.27
CA ARG L 112 95.05 -9.35 -17.51
C ARG L 112 95.42 -8.20 -18.47
N LYS L 113 94.61 -8.01 -19.50
CA LYS L 113 94.85 -6.94 -20.48
C LYS L 113 94.75 -5.58 -19.78
N ALA L 114 93.84 -5.47 -18.80
CA ALA L 114 93.66 -4.23 -18.05
C ALA L 114 94.90 -3.89 -17.24
N GLU L 115 95.52 -4.91 -16.65
CA GLU L 115 96.73 -4.72 -15.86
C GLU L 115 97.91 -4.32 -16.75
N ASN L 116 97.99 -4.93 -17.93
CA ASN L 116 99.07 -4.64 -18.88
C ASN L 116 98.92 -3.25 -19.47
N TYR L 117 97.67 -2.83 -19.68
CA TYR L 117 97.39 -1.50 -20.20
C TYR L 117 97.81 -0.43 -19.20
N LEU L 118 97.55 -0.69 -17.92
CA LEU L 118 97.90 0.23 -16.83
C LEU L 118 99.40 0.51 -16.91
N ILE L 119 100.19 -0.55 -17.04
CA ILE L 119 101.63 -0.44 -17.12
C ILE L 119 102.07 0.34 -18.37
N SER L 120 101.39 0.10 -19.49
CA SER L 120 101.71 0.77 -20.74
C SER L 120 101.44 2.28 -20.73
N THR L 121 100.51 2.73 -19.90
CA THR L 121 100.19 4.16 -19.81
C THR L 121 101.23 4.92 -19.00
N GLY L 122 102.04 4.18 -18.24
CA GLY L 122 103.05 4.80 -17.41
C GLY L 122 102.49 5.44 -16.14
N ILE L 123 101.16 5.52 -16.06
CA ILE L 123 100.47 6.09 -14.90
C ILE L 123 100.82 5.36 -13.60
N ALA L 124 100.86 4.03 -13.67
CA ALA L 124 101.20 3.19 -12.52
C ALA L 124 101.51 1.79 -13.03
N ASP L 125 101.98 0.93 -12.15
CA ASP L 125 102.26 -0.44 -12.55
C ASP L 125 101.42 -1.49 -11.82
N THR L 126 100.62 -1.04 -10.84
CA THR L 126 99.78 -1.93 -10.07
C THR L 126 98.48 -1.28 -9.60
N ALA L 127 97.36 -1.99 -9.78
CA ALA L 127 96.05 -1.51 -9.34
C ALA L 127 95.55 -2.49 -8.30
N TYR L 128 95.48 -2.04 -7.04
CA TYR L 128 95.02 -2.90 -5.96
C TYR L 128 93.52 -2.79 -5.73
N PHE L 129 92.86 -3.93 -5.64
CA PHE L 129 91.42 -3.99 -5.41
C PHE L 129 91.07 -4.77 -4.14
N GLY L 130 90.26 -4.13 -3.29
CA GLY L 130 89.81 -4.75 -2.06
C GLY L 130 88.30 -4.77 -2.18
N ALA L 131 87.71 -5.96 -2.19
CA ALA L 131 86.26 -6.07 -2.33
C ALA L 131 85.59 -6.76 -1.16
N GLU L 132 84.46 -6.20 -0.77
CA GLU L 132 83.71 -6.72 0.36
C GLU L 132 82.29 -7.07 -0.03
N ALA L 133 82.08 -8.36 -0.21
CA ALA L 133 80.82 -8.88 -0.65
C ALA L 133 80.00 -9.47 0.47
N GLU L 134 78.81 -8.91 0.62
CA GLU L 134 77.84 -9.34 1.61
C GLU L 134 77.03 -10.46 0.97
N PHE L 135 76.47 -11.33 1.81
CA PHE L 135 75.65 -12.44 1.31
C PHE L 135 74.62 -12.82 2.36
N TYR L 136 73.62 -13.58 1.95
CA TYR L 136 72.57 -14.07 2.85
C TYR L 136 72.62 -15.57 2.97
N ILE L 137 72.38 -16.06 4.18
CA ILE L 137 72.35 -17.48 4.48
C ILE L 137 70.89 -17.87 4.70
N PHE L 138 70.37 -18.75 3.85
CA PHE L 138 68.99 -19.21 3.96
C PHE L 138 68.94 -20.71 4.21
N ASP L 139 67.75 -21.20 4.52
CA ASP L 139 67.54 -22.62 4.76
C ASP L 139 66.90 -23.23 3.51
N SER L 140 66.16 -22.42 2.77
CA SER L 140 65.50 -22.89 1.58
C SER L 140 65.15 -21.78 0.59
N VAL L 141 64.94 -22.19 -0.66
CA VAL L 141 64.56 -21.29 -1.73
C VAL L 141 63.81 -22.09 -2.79
N SER L 142 62.66 -21.57 -3.20
CA SER L 142 61.86 -22.21 -4.25
C SER L 142 61.20 -21.11 -5.06
N PHE L 143 60.92 -21.40 -6.33
CA PHE L 143 60.30 -20.43 -7.22
C PHE L 143 59.92 -21.10 -8.54
N ASP L 144 59.06 -20.43 -9.29
CA ASP L 144 58.67 -20.91 -10.61
C ASP L 144 57.93 -19.83 -11.37
N SER L 145 57.79 -20.05 -12.67
CA SER L 145 57.11 -19.11 -13.56
C SER L 145 56.27 -19.94 -14.49
N ARG L 146 54.95 -19.81 -14.37
CA ARG L 146 54.02 -20.56 -15.20
C ARG L 146 53.09 -19.62 -15.94
N ALA L 147 52.23 -20.18 -16.78
CA ALA L 147 51.30 -19.38 -17.55
C ALA L 147 50.28 -18.63 -16.70
N ASN L 148 49.78 -19.30 -15.66
CA ASN L 148 48.76 -18.74 -14.79
C ASN L 148 49.22 -18.31 -13.40
N GLY L 149 50.51 -18.35 -13.15
CA GLY L 149 51.00 -17.97 -11.85
C GLY L 149 52.50 -18.00 -11.76
N SER L 150 53.02 -17.42 -10.69
CA SER L 150 54.45 -17.36 -10.46
C SER L 150 54.67 -17.07 -8.98
N PHE L 151 55.80 -17.51 -8.45
CA PHE L 151 56.11 -17.25 -7.05
C PHE L 151 57.59 -17.44 -6.77
N TYR L 152 57.99 -16.99 -5.58
CA TYR L 152 59.34 -17.20 -5.08
C TYR L 152 59.19 -17.19 -3.58
N GLU L 153 60.10 -17.86 -2.91
CA GLU L 153 60.06 -17.92 -1.47
C GLU L 153 61.41 -18.34 -0.93
N VAL L 154 62.02 -17.45 -0.15
CA VAL L 154 63.29 -17.76 0.50
C VAL L 154 62.91 -17.87 1.99
N ASP L 155 63.58 -18.75 2.71
CA ASP L 155 63.24 -18.88 4.12
C ASP L 155 64.43 -19.27 4.96
N ALA L 156 64.34 -18.91 6.24
CA ALA L 156 65.37 -19.21 7.21
C ALA L 156 64.64 -19.40 8.52
N ILE L 157 65.01 -20.46 9.24
CA ILE L 157 64.42 -20.80 10.52
C ILE L 157 64.36 -19.58 11.45
N SER L 158 65.47 -18.86 11.52
CA SER L 158 65.58 -17.66 12.36
C SER L 158 65.17 -16.34 11.70
N GLY L 159 64.48 -16.42 10.57
CA GLY L 159 64.05 -15.20 9.90
C GLY L 159 63.06 -14.42 10.74
N TRP L 160 63.23 -13.10 10.80
CA TRP L 160 62.36 -12.24 11.60
C TRP L 160 60.88 -12.26 11.23
N TRP L 161 60.57 -12.80 10.06
CA TRP L 161 59.18 -12.91 9.60
C TRP L 161 58.52 -14.18 10.14
N ASN L 162 59.30 -14.97 10.88
CA ASN L 162 58.81 -16.23 11.45
C ASN L 162 58.59 -16.24 12.96
N THR L 163 58.45 -15.07 13.58
CA THR L 163 58.25 -15.00 15.02
C THR L 163 56.97 -15.70 15.48
N GLY L 164 55.97 -15.73 14.60
CA GLY L 164 54.70 -16.36 14.93
C GLY L 164 54.57 -17.85 14.64
N ALA L 165 55.62 -18.48 14.12
CA ALA L 165 55.59 -19.90 13.80
C ALA L 165 55.27 -20.75 15.05
N ALA L 166 54.23 -21.56 14.95
CA ALA L 166 53.80 -22.42 16.04
C ALA L 166 54.90 -23.43 16.38
N THR L 167 55.54 -23.96 15.34
CA THR L 167 56.65 -24.91 15.48
C THR L 167 57.56 -24.67 14.28
N GLU L 168 58.80 -25.13 14.38
CA GLU L 168 59.75 -24.97 13.28
C GLU L 168 59.40 -25.88 12.11
N ALA L 169 60.13 -25.72 11.01
CA ALA L 169 59.91 -26.54 9.81
C ALA L 169 60.00 -28.02 10.15
N ASP L 170 61.00 -28.38 10.94
CA ASP L 170 61.21 -29.77 11.35
C ASP L 170 60.36 -30.26 12.53
N GLY L 171 59.30 -29.52 12.84
CA GLY L 171 58.42 -29.90 13.94
C GLY L 171 58.87 -29.50 15.34
N SER L 172 60.15 -29.12 15.48
CA SER L 172 60.70 -28.71 16.78
C SER L 172 60.07 -27.38 17.23
N PRO L 173 60.15 -27.07 18.54
CA PRO L 173 59.56 -25.82 19.02
C PRO L 173 60.26 -24.53 18.59
N ASN L 174 59.46 -23.47 18.49
CA ASN L 174 59.96 -22.14 18.14
C ASN L 174 60.60 -21.59 19.41
N ARG L 175 61.90 -21.36 19.38
CA ARG L 175 62.61 -20.86 20.55
C ARG L 175 62.88 -19.35 20.56
N GLY L 176 62.33 -18.66 19.56
CA GLY L 176 62.50 -17.22 19.50
C GLY L 176 63.86 -16.71 19.06
N TYR L 177 64.18 -15.49 19.49
CA TYR L 177 65.43 -14.82 19.14
C TYR L 177 65.54 -14.57 17.64
N LYS L 178 64.38 -14.39 16.98
CA LYS L 178 64.30 -14.14 15.55
C LYS L 178 64.16 -12.63 15.27
N VAL L 179 63.48 -11.93 16.16
CA VAL L 179 63.24 -10.50 16.03
C VAL L 179 64.48 -9.66 15.81
N ARG L 180 64.32 -8.68 14.94
CA ARG L 180 65.36 -7.76 14.54
C ARG L 180 65.10 -6.45 15.31
N HIS L 181 65.83 -6.27 16.41
CA HIS L 181 65.66 -5.10 17.28
C HIS L 181 66.30 -3.79 16.84
N LYS L 182 65.72 -2.71 17.33
CA LYS L 182 66.20 -1.35 17.06
C LYS L 182 67.39 -1.12 18.01
N GLY L 183 68.38 -0.35 17.55
CA GLY L 183 69.53 -0.08 18.40
C GLY L 183 70.86 -0.63 17.90
N GLY L 184 70.85 -1.88 17.47
CA GLY L 184 72.07 -2.50 16.97
C GLY L 184 71.75 -3.73 16.16
N TYR L 185 72.37 -3.85 15.00
CA TYR L 185 72.09 -5.00 14.14
C TYR L 185 73.18 -6.08 14.09
N PHE L 186 74.08 -6.07 15.06
CA PHE L 186 75.13 -7.10 15.16
C PHE L 186 75.11 -7.72 16.57
N PRO L 187 73.91 -8.08 17.07
CA PRO L 187 73.84 -8.68 18.41
C PRO L 187 74.57 -10.00 18.57
N VAL L 188 75.01 -10.28 19.78
CA VAL L 188 75.68 -11.54 20.09
C VAL L 188 74.65 -12.66 20.19
N ALA L 189 75.13 -13.91 20.29
CA ALA L 189 74.24 -15.05 20.41
C ALA L 189 73.44 -14.93 21.71
N PRO L 190 72.25 -15.54 21.78
CA PRO L 190 71.60 -16.32 20.73
C PRO L 190 70.86 -15.56 19.62
N ASN L 191 70.88 -14.23 19.65
CA ASN L 191 70.22 -13.46 18.58
C ASN L 191 70.96 -13.75 17.28
N ASP L 192 72.28 -13.91 17.39
CA ASP L 192 73.13 -14.24 16.27
C ASP L 192 73.07 -15.77 16.20
N GLN L 193 72.36 -16.27 15.19
CA GLN L 193 72.20 -17.71 15.04
C GLN L 193 73.10 -18.38 14.03
N TYR L 194 74.10 -17.65 13.53
CA TYR L 194 75.01 -18.23 12.53
C TYR L 194 76.48 -18.15 12.91
N VAL L 195 76.75 -17.98 14.20
CA VAL L 195 78.12 -17.87 14.68
C VAL L 195 79.05 -18.99 14.23
N ASP L 196 78.67 -20.25 14.50
CA ASP L 196 79.50 -21.38 14.13
C ASP L 196 79.68 -21.56 12.62
N LEU L 197 78.64 -21.28 11.84
CA LEU L 197 78.70 -21.41 10.40
C LEU L 197 79.69 -20.38 9.82
N ARG L 198 79.55 -19.13 10.25
CA ARG L 198 80.45 -18.07 9.77
C ARG L 198 81.89 -18.38 10.13
N ASP L 199 82.10 -18.96 11.31
CA ASP L 199 83.45 -19.32 11.74
C ASP L 199 84.01 -20.40 10.83
N LYS L 200 83.15 -21.32 10.39
CA LYS L 200 83.57 -22.38 9.48
C LYS L 200 83.97 -21.77 8.15
N MET L 201 83.19 -20.78 7.70
CA MET L 201 83.47 -20.07 6.46
C MET L 201 84.82 -19.37 6.57
N LEU L 202 85.02 -18.66 7.68
CA LEU L 202 86.27 -17.93 7.92
C LEU L 202 87.47 -18.88 8.00
N THR L 203 87.28 -20.00 8.69
CA THR L 203 88.33 -21.00 8.83
C THR L 203 88.72 -21.54 7.44
N ASN L 204 87.72 -21.80 6.60
CA ASN L 204 87.95 -22.31 5.26
C ASN L 204 88.67 -21.27 4.38
N LEU L 205 88.31 -20.00 4.54
CA LEU L 205 88.95 -18.94 3.78
C LEU L 205 90.42 -18.84 4.16
N ILE L 206 90.70 -18.85 5.47
CA ILE L 206 92.06 -18.77 5.97
C ILE L 206 92.89 -19.96 5.51
N ASN L 207 92.30 -21.15 5.52
CA ASN L 207 93.01 -22.35 5.07
C ASN L 207 93.20 -22.34 3.56
N SER L 208 92.46 -21.48 2.87
CA SER L 208 92.54 -21.36 1.42
C SER L 208 93.40 -20.17 0.97
N GLY L 209 94.25 -19.67 1.87
CA GLY L 209 95.13 -18.58 1.53
C GLY L 209 94.68 -17.14 1.68
N PHE L 210 93.48 -16.90 2.19
CA PHE L 210 93.01 -15.54 2.38
C PHE L 210 93.72 -14.92 3.57
N ILE L 211 94.13 -13.67 3.42
CA ILE L 211 94.84 -12.95 4.47
C ILE L 211 93.91 -12.01 5.21
N LEU L 212 93.81 -12.21 6.52
CA LEU L 212 92.96 -11.42 7.40
C LEU L 212 93.91 -10.72 8.40
N GLU L 213 93.97 -9.40 8.38
CA GLU L 213 94.82 -8.67 9.30
C GLU L 213 94.04 -7.57 10.00
N LYS L 214 94.60 -6.39 9.89
CA LYS L 214 94.16 -5.09 10.42
C LYS L 214 92.63 -4.96 10.52
N GLY L 215 91.99 -4.34 9.54
CA GLY L 215 90.55 -4.14 9.61
C GLY L 215 89.76 -5.17 8.84
N HIS L 216 90.18 -6.44 8.95
CA HIS L 216 89.49 -7.53 8.29
C HIS L 216 88.66 -8.24 9.35
N HIS L 217 87.35 -8.16 9.18
CA HIS L 217 86.41 -8.73 10.14
C HIS L 217 85.48 -9.78 9.55
N GLU L 218 84.88 -10.50 10.48
CA GLU L 218 83.83 -11.44 10.17
C GLU L 218 82.61 -10.84 10.87
N VAL L 219 81.57 -10.50 10.12
CA VAL L 219 80.42 -9.87 10.73
C VAL L 219 79.10 -10.46 10.24
N GLY L 220 78.09 -10.44 11.10
CA GLY L 220 76.78 -10.98 10.74
C GLY L 220 75.63 -10.19 11.32
N SER L 221 74.55 -10.10 10.56
CA SER L 221 73.34 -9.39 10.97
C SER L 221 72.19 -10.23 10.46
N GLY L 222 71.52 -10.92 11.37
CA GLY L 222 70.42 -11.80 10.97
C GLY L 222 71.03 -12.88 10.11
N GLY L 223 70.46 -13.09 8.93
CA GLY L 223 71.00 -14.08 8.02
C GLY L 223 72.07 -13.52 7.09
N GLN L 224 72.26 -12.20 7.14
CA GLN L 224 73.27 -11.57 6.30
C GLN L 224 74.66 -11.63 6.94
N ALA L 225 75.68 -11.74 6.11
CA ALA L 225 77.04 -11.81 6.61
C ALA L 225 78.06 -11.26 5.62
N GLU L 226 79.27 -11.07 6.12
CA GLU L 226 80.37 -10.57 5.31
C GLU L 226 81.67 -10.88 6.01
N ILE L 227 82.64 -11.35 5.25
CA ILE L 227 83.97 -11.63 5.77
C ILE L 227 84.91 -10.95 4.79
N ASN L 228 85.55 -9.88 5.23
CA ASN L 228 86.46 -9.17 4.35
C ASN L 228 87.90 -9.64 4.56
N TYR L 229 88.69 -9.51 3.51
CA TYR L 229 90.08 -9.96 3.52
C TYR L 229 90.97 -8.97 2.80
N GLN L 230 92.27 -9.24 2.83
CA GLN L 230 93.24 -8.37 2.20
C GLN L 230 93.13 -8.27 0.69
N PHE L 231 93.30 -7.05 0.20
CA PHE L 231 93.25 -6.71 -1.22
C PHE L 231 94.30 -7.50 -2.03
N ASN L 232 94.27 -7.30 -3.34
CA ASN L 232 95.22 -7.97 -4.23
C ASN L 232 95.23 -7.18 -5.54
N SER L 233 96.19 -7.49 -6.41
CA SER L 233 96.25 -6.82 -7.71
C SER L 233 94.99 -7.21 -8.48
N LEU L 234 94.49 -6.31 -9.32
CA LEU L 234 93.26 -6.50 -10.08
C LEU L 234 92.83 -7.93 -10.45
N LEU L 235 93.57 -8.59 -11.34
CA LEU L 235 93.22 -9.95 -11.76
C LEU L 235 93.06 -10.92 -10.60
N HIS L 236 94.08 -11.01 -9.75
CA HIS L 236 94.05 -11.92 -8.62
C HIS L 236 93.00 -11.58 -7.57
N ALA L 237 92.60 -10.31 -7.52
CA ALA L 237 91.57 -9.87 -6.58
C ALA L 237 90.25 -10.46 -7.09
N ALA L 238 90.09 -10.46 -8.41
CA ALA L 238 88.89 -11.00 -9.05
C ALA L 238 88.84 -12.52 -8.86
N ASP L 239 90.01 -13.16 -8.92
CA ASP L 239 90.11 -14.60 -8.72
C ASP L 239 89.74 -14.91 -7.26
N ASP L 240 90.19 -14.04 -6.35
CA ASP L 240 89.91 -14.17 -4.92
C ASP L 240 88.42 -14.06 -4.64
N MET L 241 87.74 -13.19 -5.36
CA MET L 241 86.30 -12.99 -5.20
C MET L 241 85.54 -14.25 -5.60
N GLN L 242 85.95 -14.85 -6.72
CA GLN L 242 85.31 -16.09 -7.19
C GLN L 242 85.55 -17.21 -6.18
N LEU L 243 86.75 -17.25 -5.61
CA LEU L 243 87.14 -18.26 -4.62
C LEU L 243 86.30 -18.06 -3.35
N TYR L 244 86.18 -16.80 -2.93
CA TYR L 244 85.41 -16.42 -1.76
C TYR L 244 83.97 -16.91 -1.89
N LYS L 245 83.33 -16.58 -3.01
CA LYS L 245 81.95 -17.01 -3.25
C LYS L 245 81.84 -18.53 -3.24
N TYR L 246 82.83 -19.20 -3.84
CA TYR L 246 82.86 -20.66 -3.89
C TYR L 246 82.92 -21.24 -2.47
N ILE L 247 83.82 -20.70 -1.65
CA ILE L 247 83.99 -21.16 -0.29
C ILE L 247 82.79 -20.85 0.61
N ILE L 248 82.20 -19.67 0.43
CA ILE L 248 81.04 -19.29 1.22
C ILE L 248 79.85 -20.18 0.86
N LYS L 249 79.58 -20.31 -0.43
CA LYS L 249 78.46 -21.12 -0.91
C LYS L 249 78.51 -22.59 -0.52
N ASN L 250 79.70 -23.19 -0.62
CA ASN L 250 79.86 -24.60 -0.31
C ASN L 250 80.01 -24.94 1.15
N THR L 251 80.48 -23.99 1.95
CA THR L 251 80.59 -24.21 3.39
C THR L 251 79.15 -24.27 3.90
N ALA L 252 78.32 -23.36 3.39
CA ALA L 252 76.91 -23.33 3.75
C ALA L 252 76.24 -24.62 3.29
N TRP L 253 76.50 -25.00 2.05
CA TRP L 253 75.92 -26.19 1.46
C TRP L 253 76.23 -27.46 2.25
N GLN L 254 77.47 -27.61 2.69
CA GLN L 254 77.87 -28.77 3.48
C GLN L 254 77.30 -28.74 4.89
N ASN L 255 76.75 -27.61 5.28
CA ASN L 255 76.17 -27.48 6.62
C ASN L 255 74.66 -27.25 6.60
N GLY L 256 74.01 -27.82 5.59
CA GLY L 256 72.57 -27.73 5.46
C GLY L 256 71.93 -26.40 5.13
N LYS L 257 72.71 -25.46 4.59
CA LYS L 257 72.16 -24.17 4.24
C LYS L 257 72.34 -23.88 2.76
N THR L 258 71.86 -22.73 2.33
CA THR L 258 71.96 -22.28 0.94
C THR L 258 72.20 -20.77 0.96
N VAL L 259 73.28 -20.35 0.33
CA VAL L 259 73.68 -18.95 0.27
C VAL L 259 73.36 -18.25 -1.05
N THR L 260 73.05 -16.96 -0.97
CA THR L 260 72.82 -16.17 -2.17
C THR L 260 73.55 -14.83 -2.09
N PHE L 261 74.21 -14.48 -3.19
CA PHE L 261 74.92 -13.22 -3.30
C PHE L 261 74.09 -12.24 -4.11
N MET L 262 72.83 -12.59 -4.39
CA MET L 262 71.98 -11.69 -5.16
C MET L 262 71.80 -10.38 -4.38
N PRO L 263 71.78 -9.24 -5.09
CA PRO L 263 71.63 -7.90 -4.52
C PRO L 263 70.49 -7.64 -3.55
N LYS L 264 69.30 -8.14 -3.88
CA LYS L 264 68.13 -7.90 -3.04
C LYS L 264 67.22 -9.12 -2.95
N PRO L 265 67.56 -10.08 -2.08
CA PRO L 265 66.74 -11.28 -1.92
C PRO L 265 65.53 -11.03 -1.02
N LEU L 266 65.66 -10.05 -0.13
CA LEU L 266 64.60 -9.71 0.81
C LEU L 266 64.05 -8.31 0.63
N PHE L 267 62.73 -8.22 0.53
CA PHE L 267 62.03 -6.95 0.39
C PHE L 267 61.78 -6.44 1.82
N GLY L 268 62.38 -5.31 2.16
CA GLY L 268 62.21 -4.79 3.50
C GLY L 268 63.38 -5.13 4.41
N ASP L 269 64.49 -5.51 3.79
CA ASP L 269 65.71 -5.82 4.53
C ASP L 269 66.87 -5.36 3.65
N ASN L 270 68.02 -5.17 4.28
CA ASN L 270 69.23 -4.71 3.62
C ASN L 270 69.63 -5.52 2.39
N GLY L 271 70.07 -4.82 1.34
CA GLY L 271 70.52 -5.48 0.14
C GLY L 271 71.96 -5.93 0.34
N SER L 272 72.52 -6.66 -0.62
CA SER L 272 73.90 -7.11 -0.52
C SER L 272 74.75 -6.43 -1.57
N GLY L 273 75.77 -5.70 -1.13
CA GLY L 273 76.65 -5.00 -2.05
C GLY L 273 78.08 -5.47 -2.00
N MET L 274 78.88 -4.93 -2.92
CA MET L 274 80.30 -5.24 -3.00
C MET L 274 81.08 -3.93 -3.08
N HIS L 275 81.49 -3.43 -1.93
CA HIS L 275 82.25 -2.19 -1.83
C HIS L 275 83.66 -2.48 -2.33
N CYS L 276 84.07 -1.74 -3.37
CA CYS L 276 85.39 -1.93 -3.95
C CYS L 276 86.38 -0.81 -3.70
N HIS L 277 87.39 -1.12 -2.89
CA HIS L 277 88.45 -0.19 -2.56
C HIS L 277 89.51 -0.34 -3.64
N GLN L 278 89.94 0.80 -4.18
CA GLN L 278 90.92 0.81 -5.24
C GLN L 278 92.01 1.84 -4.98
N SER L 279 93.17 1.57 -5.55
CA SER L 279 94.31 2.46 -5.39
C SER L 279 95.42 2.06 -6.39
N LEU L 280 96.12 3.06 -6.92
CA LEU L 280 97.21 2.83 -7.86
C LEU L 280 98.56 2.99 -7.19
N TRP L 281 99.49 2.13 -7.58
CA TRP L 281 100.85 2.14 -7.05
C TRP L 281 101.85 2.07 -8.19
N LYS L 282 103.07 2.54 -7.93
CA LYS L 282 104.14 2.54 -8.93
C LYS L 282 105.48 2.40 -8.21
N ASP L 283 106.28 1.45 -8.65
CA ASP L 283 107.60 1.18 -8.09
C ASP L 283 107.55 0.96 -6.58
N GLY L 284 106.50 0.27 -6.13
CA GLY L 284 106.34 -0.04 -4.72
C GLY L 284 105.88 1.10 -3.84
N ALA L 285 105.46 2.20 -4.45
CA ALA L 285 104.99 3.36 -3.70
C ALA L 285 103.58 3.79 -4.10
N PRO L 286 102.81 4.29 -3.12
CA PRO L 286 101.43 4.76 -3.33
C PRO L 286 101.34 6.05 -4.15
N LEU L 287 100.28 6.16 -4.93
CA LEU L 287 100.05 7.33 -5.77
C LEU L 287 98.77 8.06 -5.44
N MET L 288 98.03 7.57 -4.44
CA MET L 288 96.75 8.16 -4.06
C MET L 288 96.79 9.26 -2.99
N TYR L 289 97.88 9.33 -2.23
CA TYR L 289 98.02 10.30 -1.14
C TYR L 289 98.62 11.66 -1.47
N ASP L 290 98.19 12.66 -0.70
CA ASP L 290 98.64 14.05 -0.81
C ASP L 290 98.03 14.84 0.35
N GLU L 291 98.85 15.20 1.34
CA GLU L 291 98.40 15.95 2.53
C GLU L 291 97.60 17.20 2.20
N THR L 292 98.01 17.89 1.13
CA THR L 292 97.37 19.14 0.72
C THR L 292 96.00 19.00 0.07
N GLY L 293 95.70 17.84 -0.50
CA GLY L 293 94.42 17.64 -1.14
C GLY L 293 93.28 17.27 -0.20
N TYR L 294 92.05 17.47 -0.68
CA TYR L 294 90.86 17.13 0.10
C TYR L 294 90.86 15.64 0.40
N ALA L 295 90.63 15.29 1.67
CA ALA L 295 90.61 13.91 2.12
C ALA L 295 91.94 13.20 1.92
N GLY L 296 93.01 13.97 1.76
CA GLY L 296 94.34 13.42 1.57
C GLY L 296 94.52 12.79 0.20
N LEU L 297 93.75 13.26 -0.78
CA LEU L 297 93.80 12.73 -2.14
C LEU L 297 94.71 13.48 -3.10
N SER L 298 95.48 12.71 -3.87
CA SER L 298 96.38 13.27 -4.86
C SER L 298 95.59 13.68 -6.10
N ASP L 299 96.26 14.31 -7.07
CA ASP L 299 95.61 14.73 -8.30
C ASP L 299 95.17 13.48 -9.06
N THR L 300 96.02 12.46 -9.02
CA THR L 300 95.78 11.18 -9.68
C THR L 300 94.50 10.54 -9.13
N ALA L 301 94.39 10.48 -7.80
CA ALA L 301 93.23 9.91 -7.14
C ALA L 301 91.95 10.67 -7.45
N ARG L 302 92.01 12.00 -7.43
CA ARG L 302 90.85 12.84 -7.71
C ARG L 302 90.36 12.67 -9.15
N HIS L 303 91.30 12.54 -10.08
CA HIS L 303 90.96 12.36 -11.50
C HIS L 303 90.34 10.98 -11.71
N TYR L 304 90.83 10.00 -10.94
CA TYR L 304 90.33 8.63 -11.01
C TYR L 304 88.86 8.68 -10.59
N ILE L 305 88.58 9.39 -9.50
CA ILE L 305 87.23 9.55 -8.99
C ILE L 305 86.37 10.27 -10.04
N GLY L 306 86.98 11.22 -10.74
CA GLY L 306 86.27 11.94 -11.77
C GLY L 306 85.84 11.00 -12.88
N GLY L 307 86.68 10.01 -13.17
CA GLY L 307 86.38 9.03 -14.19
C GLY L 307 85.24 8.11 -13.75
N LEU L 308 85.30 7.65 -12.51
CA LEU L 308 84.27 6.77 -11.95
C LEU L 308 82.91 7.45 -11.99
N LEU L 309 82.84 8.69 -11.48
CA LEU L 309 81.59 9.44 -11.45
C LEU L 309 81.07 9.81 -12.84
N HIS L 310 81.99 10.16 -13.73
CA HIS L 310 81.61 10.54 -15.09
C HIS L 310 81.08 9.34 -15.87
N HIS L 311 81.76 8.21 -15.73
CA HIS L 311 81.40 6.99 -16.45
C HIS L 311 80.40 6.06 -15.77
N ALA L 312 80.02 6.38 -14.53
CA ALA L 312 79.09 5.57 -13.76
C ALA L 312 77.86 5.05 -14.51
N PRO L 313 77.18 5.91 -15.28
CA PRO L 313 75.99 5.45 -16.01
C PRO L 313 76.22 4.23 -16.90
N SER L 314 77.43 4.10 -17.45
CA SER L 314 77.74 2.95 -18.30
C SER L 314 78.53 1.90 -17.52
N LEU L 315 79.35 2.36 -16.59
CA LEU L 315 80.18 1.49 -15.74
C LEU L 315 79.30 0.49 -15.00
N LEU L 316 78.12 0.94 -14.57
CA LEU L 316 77.18 0.10 -13.84
C LEU L 316 76.70 -1.12 -14.64
N ALA L 317 76.90 -1.11 -15.95
CA ALA L 317 76.50 -2.23 -16.78
C ALA L 317 77.35 -3.47 -16.48
N PHE L 318 78.53 -3.26 -15.89
CA PHE L 318 79.44 -4.34 -15.52
C PHE L 318 79.57 -4.46 -14.01
N THR L 319 79.28 -3.35 -13.35
CA THR L 319 79.40 -3.24 -11.91
C THR L 319 78.12 -3.64 -11.14
N ASN L 320 76.96 -3.45 -11.78
CA ASN L 320 75.63 -3.81 -11.24
C ASN L 320 74.88 -4.29 -12.47
N PRO L 321 75.30 -5.44 -13.03
CA PRO L 321 74.82 -6.07 -14.26
C PRO L 321 73.49 -6.88 -14.24
N THR L 322 72.72 -6.86 -13.17
CA THR L 322 71.47 -7.62 -13.15
C THR L 322 70.24 -6.77 -12.89
N VAL L 323 69.08 -7.32 -13.23
CA VAL L 323 67.82 -6.62 -13.01
C VAL L 323 67.61 -6.44 -11.50
N ASN L 324 68.03 -7.45 -10.73
CA ASN L 324 67.89 -7.44 -9.27
C ASN L 324 68.80 -6.39 -8.63
N SER L 325 69.87 -6.02 -9.33
CA SER L 325 70.81 -5.00 -8.86
C SER L 325 70.09 -3.69 -8.54
N TYR L 326 69.07 -3.38 -9.33
CA TYR L 326 68.30 -2.13 -9.17
C TYR L 326 67.20 -2.16 -8.14
N LYS L 327 67.13 -3.22 -7.36
CA LYS L 327 66.15 -3.32 -6.27
C LYS L 327 66.92 -2.88 -5.02
N ARG L 328 68.26 -2.95 -5.11
CA ARG L 328 69.15 -2.51 -4.04
C ARG L 328 69.48 -1.02 -4.30
N LEU L 329 69.81 -0.71 -5.54
CA LEU L 329 70.13 0.65 -5.97
C LEU L 329 68.82 1.39 -6.21
N VAL L 330 68.18 1.77 -5.12
CA VAL L 330 66.90 2.45 -5.16
C VAL L 330 66.82 3.33 -3.88
N PRO L 331 66.12 4.48 -3.92
CA PRO L 331 66.00 5.36 -2.74
C PRO L 331 65.57 4.62 -1.45
N GLY L 332 66.43 4.67 -0.43
CA GLY L 332 66.09 4.00 0.82
C GLY L 332 67.21 3.85 1.84
N TYR L 333 67.70 2.62 2.01
CA TYR L 333 68.76 2.26 2.96
C TYR L 333 70.10 2.97 2.74
N GLU L 334 70.05 4.22 2.28
CA GLU L 334 71.22 5.04 2.01
C GLU L 334 71.99 4.31 0.91
N ALA L 335 71.29 4.06 -0.19
CA ALA L 335 71.84 3.36 -1.34
C ALA L 335 72.83 4.24 -2.08
N PRO L 336 74.01 3.68 -2.42
CA PRO L 336 75.06 4.41 -3.14
C PRO L 336 74.63 4.78 -4.55
N ILE L 337 73.65 5.68 -4.65
CA ILE L 337 73.12 6.13 -5.93
C ILE L 337 73.49 7.57 -6.25
N ASN L 338 74.07 8.27 -5.28
CA ASN L 338 74.45 9.67 -5.43
C ASN L 338 75.83 9.82 -6.05
N LEU L 339 75.87 10.36 -7.27
CA LEU L 339 77.11 10.55 -8.02
C LEU L 339 78.04 11.64 -7.51
N VAL L 340 78.53 11.45 -6.28
CA VAL L 340 79.46 12.39 -5.65
C VAL L 340 80.41 11.60 -4.76
N TYR L 341 81.53 12.21 -4.37
CA TYR L 341 82.46 11.54 -3.46
C TYR L 341 82.36 12.18 -2.09
N SER L 342 82.74 11.47 -1.06
CA SER L 342 82.62 11.99 0.30
C SER L 342 83.43 11.15 1.28
N GLN L 343 83.49 11.62 2.53
CA GLN L 343 84.19 10.91 3.60
C GLN L 343 83.17 10.48 4.64
N ARG L 344 82.04 11.21 4.66
CA ARG L 344 80.95 10.96 5.59
C ARG L 344 79.80 10.12 5.00
N ASN L 345 79.18 10.65 3.94
CA ASN L 345 78.06 9.99 3.27
C ASN L 345 78.27 8.58 2.75
N ARG L 346 77.42 7.67 3.19
CA ARG L 346 77.48 6.29 2.75
C ARG L 346 76.57 6.05 1.55
N SER L 347 75.78 7.07 1.22
CA SER L 347 74.87 7.04 0.08
C SER L 347 75.58 7.64 -1.14
N ALA L 348 76.87 7.91 -0.98
CA ALA L 348 77.70 8.46 -2.04
C ALA L 348 78.34 7.31 -2.81
N CYS L 349 78.35 7.41 -4.14
CA CYS L 349 78.95 6.38 -4.99
C CYS L 349 80.38 6.09 -4.59
N VAL L 350 81.14 7.14 -4.32
CA VAL L 350 82.53 7.00 -3.92
C VAL L 350 82.72 7.59 -2.53
N ARG L 351 83.34 6.80 -1.66
CA ARG L 351 83.63 7.26 -0.31
C ARG L 351 85.11 7.09 -0.05
N ILE L 352 85.71 8.08 0.60
CA ILE L 352 87.12 8.02 0.92
C ILE L 352 87.25 7.66 2.39
N PRO L 353 87.67 6.42 2.68
CA PRO L 353 87.85 5.94 4.05
C PRO L 353 88.80 6.84 4.82
N ILE L 354 88.45 7.14 6.06
CA ILE L 354 89.29 7.98 6.91
C ILE L 354 90.43 7.09 7.42
N THR L 355 91.61 7.28 6.83
CA THR L 355 92.78 6.47 7.18
C THR L 355 93.94 7.24 7.79
N GLY L 356 93.81 8.56 7.92
CA GLY L 356 94.86 9.36 8.52
C GLY L 356 95.94 9.87 7.58
N SER L 357 97.15 9.95 8.11
CA SER L 357 98.31 10.46 7.36
C SER L 357 99.14 9.40 6.62
N ASN L 358 98.87 8.13 6.88
CA ASN L 358 99.59 7.03 6.22
C ASN L 358 99.25 6.97 4.73
N PRO L 359 100.21 7.31 3.86
CA PRO L 359 99.99 7.30 2.40
C PRO L 359 99.65 5.93 1.82
N LYS L 360 100.15 4.87 2.45
CA LYS L 360 99.92 3.51 2.00
C LYS L 360 98.50 3.02 2.23
N ALA L 361 97.75 3.72 3.08
CA ALA L 361 96.38 3.34 3.39
C ALA L 361 95.33 4.15 2.63
N LYS L 362 95.76 5.22 1.96
CA LYS L 362 94.85 6.07 1.21
C LYS L 362 94.32 5.33 -0.02
N ARG L 363 93.00 5.31 -0.15
CA ARG L 363 92.35 4.64 -1.26
C ARG L 363 90.93 5.17 -1.40
N LEU L 364 90.30 4.86 -2.53
CA LEU L 364 88.93 5.29 -2.75
C LEU L 364 88.05 4.05 -2.74
N GLU L 365 86.82 4.21 -2.27
CA GLU L 365 85.89 3.09 -2.20
C GLU L 365 84.65 3.31 -3.05
N PHE L 366 84.52 2.51 -4.11
CA PHE L 366 83.36 2.59 -4.99
C PHE L 366 82.32 1.68 -4.29
N ARG L 367 81.29 2.31 -3.74
CA ARG L 367 80.25 1.59 -2.98
C ARG L 367 79.10 1.01 -3.77
N SER L 368 78.87 1.51 -4.96
CA SER L 368 77.75 1.08 -5.80
C SER L 368 77.69 -0.39 -6.27
N PRO L 369 78.84 -1.00 -6.59
CA PRO L 369 78.84 -2.40 -7.05
C PRO L 369 78.18 -3.44 -6.15
N ASP L 370 77.84 -4.57 -6.76
CA ASP L 370 77.28 -5.71 -6.06
C ASP L 370 77.97 -6.94 -6.64
N SER L 371 77.72 -8.12 -6.07
CA SER L 371 78.39 -9.32 -6.59
C SER L 371 77.48 -10.20 -7.45
N SER L 372 76.58 -9.57 -8.19
CA SER L 372 75.66 -10.30 -9.05
C SER L 372 76.23 -10.55 -10.45
N GLY L 373 77.48 -10.18 -10.67
CA GLY L 373 78.06 -10.37 -11.99
C GLY L 373 79.42 -11.03 -12.10
N ASN L 374 80.26 -10.41 -12.93
CA ASN L 374 81.60 -10.90 -13.21
C ASN L 374 82.63 -9.93 -12.63
N PRO L 375 83.38 -10.37 -11.60
CA PRO L 375 84.39 -9.52 -10.96
C PRO L 375 85.55 -9.13 -11.87
N TYR L 376 85.89 -9.98 -12.83
CA TYR L 376 86.98 -9.70 -13.76
C TYR L 376 86.61 -8.51 -14.62
N LEU L 377 85.37 -8.52 -15.13
CA LEU L 377 84.87 -7.43 -15.96
C LEU L 377 84.59 -6.17 -15.14
N ALA L 378 84.04 -6.35 -13.94
CA ALA L 378 83.71 -5.22 -13.06
C ALA L 378 84.94 -4.45 -12.63
N PHE L 379 85.96 -5.15 -12.13
CA PHE L 379 87.19 -4.52 -11.70
C PHE L 379 87.88 -3.83 -12.87
N SER L 380 87.94 -4.52 -14.00
CA SER L 380 88.57 -3.97 -15.21
C SER L 380 87.86 -2.70 -15.66
N ALA L 381 86.54 -2.72 -15.69
CA ALA L 381 85.75 -1.57 -16.09
C ALA L 381 85.98 -0.39 -15.15
N MET L 382 86.13 -0.68 -13.86
CA MET L 382 86.38 0.36 -12.87
C MET L 382 87.73 1.01 -13.12
N LEU L 383 88.73 0.19 -13.42
CA LEU L 383 90.08 0.68 -13.70
C LEU L 383 90.07 1.56 -14.94
N MET L 384 89.43 1.08 -16.01
CA MET L 384 89.35 1.83 -17.26
C MET L 384 88.65 3.17 -17.08
N ALA L 385 87.61 3.20 -16.26
CA ALA L 385 86.89 4.43 -15.99
C ALA L 385 87.82 5.40 -15.25
N GLY L 386 88.57 4.87 -14.29
CA GLY L 386 89.49 5.69 -13.52
C GLY L 386 90.66 6.20 -14.34
N LEU L 387 91.21 5.35 -15.22
CA LEU L 387 92.34 5.73 -16.06
C LEU L 387 91.93 6.78 -17.10
N ASP L 388 90.70 6.70 -17.59
CA ASP L 388 90.21 7.67 -18.56
C ASP L 388 90.07 9.02 -17.86
N GLY L 389 89.76 8.97 -16.57
CA GLY L 389 89.61 10.19 -15.78
C GLY L 389 90.96 10.84 -15.55
N ILE L 390 91.99 10.01 -15.38
CA ILE L 390 93.35 10.50 -15.17
C ILE L 390 93.95 11.08 -16.45
N LYS L 391 93.79 10.37 -17.56
CA LYS L 391 94.29 10.82 -18.84
C LYS L 391 93.65 12.12 -19.31
N ASN L 392 92.34 12.25 -19.12
CA ASN L 392 91.62 13.45 -19.53
C ASN L 392 91.43 14.44 -18.38
N LYS L 393 92.18 14.22 -17.30
CA LYS L 393 92.13 15.01 -16.08
C LYS L 393 90.73 15.48 -15.69
N ILE L 394 89.77 14.56 -15.74
CA ILE L 394 88.38 14.81 -15.40
C ILE L 394 88.24 15.21 -13.95
N GLU L 395 87.66 16.38 -13.71
CA GLU L 395 87.45 16.89 -12.36
C GLU L 395 86.07 16.52 -11.85
N PRO L 396 86.01 15.80 -10.71
CA PRO L 396 84.74 15.41 -10.13
C PRO L 396 84.09 16.64 -9.49
N GLN L 397 82.76 16.70 -9.49
CA GLN L 397 82.10 17.84 -8.87
C GLN L 397 82.47 17.86 -7.38
N ALA L 398 82.33 19.03 -6.76
CA ALA L 398 82.68 19.20 -5.36
C ALA L 398 82.12 18.13 -4.42
N PRO L 399 82.99 17.58 -3.56
CA PRO L 399 82.60 16.54 -2.59
C PRO L 399 81.55 17.06 -1.63
N VAL L 400 80.78 16.16 -1.05
CA VAL L 400 79.73 16.54 -0.11
C VAL L 400 79.81 15.75 1.19
N ASP L 401 80.07 16.45 2.29
CA ASP L 401 80.16 15.82 3.60
C ASP L 401 78.92 16.08 4.45
N LYS L 402 78.07 17.00 4.00
CA LYS L 402 76.81 17.31 4.70
C LYS L 402 75.95 16.07 4.47
N ASP L 403 75.12 15.72 5.45
CA ASP L 403 74.26 14.56 5.29
C ASP L 403 73.36 14.80 4.07
N LEU L 404 73.54 13.97 3.04
CA LEU L 404 72.78 14.08 1.80
C LEU L 404 71.28 13.90 1.98
N TYR L 405 70.89 13.15 3.00
CA TYR L 405 69.48 12.90 3.29
C TYR L 405 68.74 14.20 3.59
N GLU L 406 69.18 14.93 4.60
CA GLU L 406 68.55 16.20 4.95
C GLU L 406 69.28 17.36 4.26
N LEU L 407 68.88 17.63 3.03
CA LEU L 407 69.48 18.69 2.22
C LEU L 407 68.34 19.49 1.60
N PRO L 408 68.48 20.83 1.55
CA PRO L 408 67.42 21.69 0.96
C PRO L 408 67.10 21.23 -0.47
N PRO L 409 65.85 20.78 -0.70
CA PRO L 409 65.30 20.28 -1.97
C PRO L 409 65.82 20.90 -3.27
N GLU L 410 66.18 22.18 -3.25
CA GLU L 410 66.70 22.85 -4.43
C GLU L 410 68.20 22.59 -4.59
N GLU L 411 68.89 22.43 -3.46
CA GLU L 411 70.32 22.16 -3.41
C GLU L 411 70.57 20.66 -3.63
N ALA L 412 69.55 19.85 -3.36
CA ALA L 412 69.63 18.40 -3.52
C ALA L 412 69.38 17.98 -4.97
N ALA L 413 68.80 18.88 -5.75
CA ALA L 413 68.51 18.62 -7.16
C ALA L 413 69.79 18.73 -8.00
N SER L 414 70.86 19.21 -7.39
CA SER L 414 72.15 19.35 -8.07
C SER L 414 73.01 18.10 -7.90
N ILE L 415 72.47 17.09 -7.22
CA ILE L 415 73.17 15.82 -7.00
C ILE L 415 72.66 14.79 -8.00
N PRO L 416 73.51 14.40 -8.97
CA PRO L 416 73.14 13.41 -9.99
C PRO L 416 72.98 12.02 -9.39
N GLN L 417 72.02 11.27 -9.92
CA GLN L 417 71.76 9.91 -9.45
C GLN L 417 72.21 8.91 -10.51
N THR L 418 72.45 7.67 -10.08
CA THR L 418 72.83 6.61 -11.00
C THR L 418 71.54 6.14 -11.67
N PRO L 419 71.64 5.51 -12.86
CA PRO L 419 70.41 5.05 -13.50
C PRO L 419 69.71 4.04 -12.57
N THR L 420 68.40 3.94 -12.69
CA THR L 420 67.60 3.06 -11.84
C THR L 420 67.13 1.76 -12.47
N GLN L 421 67.61 1.44 -13.66
CA GLN L 421 67.19 0.24 -14.36
C GLN L 421 68.35 -0.34 -15.17
N LEU L 422 68.39 -1.66 -15.30
CA LEU L 422 69.44 -2.33 -16.06
C LEU L 422 69.39 -1.94 -17.53
N SER L 423 68.19 -1.84 -18.08
CA SER L 423 68.01 -1.46 -19.47
C SER L 423 68.63 -0.08 -19.74
N ASP L 424 68.62 0.78 -18.72
CA ASP L 424 69.18 2.10 -18.80
C ASP L 424 70.68 2.06 -18.92
N VAL L 425 71.35 1.41 -17.95
CA VAL L 425 72.80 1.31 -17.95
C VAL L 425 73.32 0.57 -19.18
N ILE L 426 72.54 -0.37 -19.70
CA ILE L 426 72.92 -1.11 -20.89
C ILE L 426 72.85 -0.17 -22.09
N ASP L 427 71.84 0.69 -22.12
CA ASP L 427 71.69 1.68 -23.18
C ASP L 427 72.86 2.66 -23.15
N ARG L 428 73.24 3.06 -21.93
CA ARG L 428 74.34 3.99 -21.72
C ARG L 428 75.69 3.40 -22.10
N LEU L 429 75.85 2.10 -21.86
CA LEU L 429 77.09 1.39 -22.20
C LEU L 429 77.24 1.34 -23.72
N GLU L 430 76.12 1.07 -24.39
CA GLU L 430 76.06 0.98 -25.84
C GLU L 430 76.43 2.32 -26.47
N ALA L 431 75.94 3.40 -25.86
CA ALA L 431 76.18 4.75 -26.35
C ALA L 431 77.57 5.31 -26.05
N ASP L 432 78.14 4.90 -24.92
CA ASP L 432 79.46 5.39 -24.51
C ASP L 432 80.32 4.31 -23.87
N HIS L 433 81.22 3.71 -24.65
CA HIS L 433 82.10 2.66 -24.14
C HIS L 433 83.52 2.76 -24.65
N GLU L 434 83.89 3.92 -25.18
CA GLU L 434 85.24 4.10 -25.73
C GLU L 434 86.34 3.98 -24.68
N TYR L 435 86.04 4.41 -23.45
CA TYR L 435 87.02 4.33 -22.37
C TYR L 435 87.37 2.88 -22.06
N LEU L 436 86.43 1.98 -22.36
CA LEU L 436 86.61 0.55 -22.13
C LEU L 436 87.51 -0.07 -23.20
N THR L 437 87.36 0.37 -24.43
CA THR L 437 88.14 -0.15 -25.57
C THR L 437 89.56 0.39 -25.68
N GLU L 438 89.91 1.34 -24.82
CA GLU L 438 91.26 1.90 -24.81
C GLU L 438 92.29 0.80 -24.60
N GLY L 439 93.37 0.85 -25.37
CA GLY L 439 94.41 -0.14 -25.26
C GLY L 439 93.96 -1.55 -25.61
N GLY L 440 92.76 -1.67 -26.15
CA GLY L 440 92.20 -2.96 -26.52
C GLY L 440 91.80 -3.86 -25.36
N VAL L 441 91.65 -3.29 -24.16
CA VAL L 441 91.28 -4.06 -22.96
C VAL L 441 89.92 -4.73 -23.18
N PHE L 442 88.93 -3.95 -23.59
CA PHE L 442 87.61 -4.47 -23.90
C PHE L 442 87.51 -4.28 -25.42
N THR L 443 86.75 -5.15 -26.10
CA THR L 443 86.56 -5.01 -27.54
C THR L 443 85.10 -4.66 -27.78
N ASN L 444 84.81 -4.00 -28.90
CA ASN L 444 83.43 -3.68 -29.19
C ASN L 444 82.59 -4.94 -29.28
N ASP L 445 83.28 -6.00 -29.73
CA ASP L 445 82.68 -7.32 -29.87
C ASP L 445 82.17 -7.82 -28.52
N LEU L 446 83.04 -7.83 -27.51
CA LEU L 446 82.68 -8.27 -26.17
C LEU L 446 81.54 -7.42 -25.59
N ILE L 447 81.65 -6.11 -25.76
CA ILE L 447 80.67 -5.16 -25.27
C ILE L 447 79.29 -5.37 -25.91
N GLU L 448 79.27 -5.65 -27.21
CA GLU L 448 78.02 -5.89 -27.93
C GLU L 448 77.39 -7.21 -27.49
N THR L 449 78.25 -8.19 -27.21
CA THR L 449 77.82 -9.51 -26.77
C THR L 449 77.15 -9.40 -25.38
N TRP L 450 77.78 -8.62 -24.51
CA TRP L 450 77.29 -8.38 -23.16
C TRP L 450 75.93 -7.69 -23.22
N ILE L 451 75.83 -6.67 -24.07
CA ILE L 451 74.59 -5.93 -24.25
C ILE L 451 73.46 -6.84 -24.75
N SER L 452 73.76 -7.71 -25.70
CA SER L 452 72.78 -8.65 -26.26
C SER L 452 72.37 -9.68 -25.22
N PHE L 453 73.35 -10.21 -24.50
CA PHE L 453 73.12 -11.20 -23.47
C PHE L 453 72.14 -10.68 -22.43
N LYS L 454 72.39 -9.49 -21.92
CA LYS L 454 71.54 -8.86 -20.91
C LYS L 454 70.13 -8.57 -21.41
N ARG L 455 70.03 -8.06 -22.64
CA ARG L 455 68.74 -7.74 -23.21
C ARG L 455 67.87 -8.95 -23.50
N GLU L 456 68.49 -9.97 -24.09
CA GLU L 456 67.78 -11.18 -24.46
C GLU L 456 67.55 -12.20 -23.35
N ASN L 457 68.54 -12.35 -22.47
CA ASN L 457 68.46 -13.32 -21.39
C ASN L 457 67.99 -12.82 -20.03
N GLU L 458 67.97 -11.51 -19.83
CA GLU L 458 67.58 -10.96 -18.53
C GLU L 458 66.50 -9.89 -18.60
N ILE L 459 66.78 -8.79 -19.30
CA ILE L 459 65.84 -7.69 -19.41
C ILE L 459 64.49 -8.07 -20.01
N GLU L 460 64.51 -8.68 -21.19
CA GLU L 460 63.29 -9.08 -21.87
C GLU L 460 62.48 -10.15 -21.10
N PRO L 461 63.14 -11.24 -20.65
CA PRO L 461 62.43 -12.28 -19.90
C PRO L 461 61.65 -11.78 -18.67
N VAL L 462 62.26 -10.87 -17.91
CA VAL L 462 61.61 -10.32 -16.72
C VAL L 462 60.48 -9.37 -17.14
N ASN L 463 60.77 -8.56 -18.15
CA ASN L 463 59.82 -7.59 -18.65
C ASN L 463 58.50 -8.12 -19.22
N ILE L 464 58.54 -9.29 -19.85
CA ILE L 464 57.33 -9.87 -20.43
C ILE L 464 56.45 -10.63 -19.43
N ARG L 465 57.02 -10.93 -18.26
CA ARG L 465 56.31 -11.66 -17.21
C ARG L 465 55.61 -10.78 -16.19
N PRO L 466 54.28 -10.91 -16.06
CA PRO L 466 53.55 -10.11 -15.08
C PRO L 466 54.12 -10.32 -13.67
N HIS L 467 54.24 -9.22 -12.93
CA HIS L 467 54.75 -9.23 -11.57
C HIS L 467 53.56 -9.50 -10.63
N PRO L 468 53.78 -10.26 -9.54
CA PRO L 468 52.71 -10.58 -8.58
C PRO L 468 51.98 -9.34 -8.06
N TYR L 469 52.72 -8.26 -7.81
CA TYR L 469 52.13 -7.04 -7.30
C TYR L 469 51.17 -6.37 -8.28
N GLU L 470 51.29 -6.72 -9.56
CA GLU L 470 50.40 -6.18 -10.58
C GLU L 470 49.00 -6.73 -10.39
N PHE L 471 48.89 -7.89 -9.76
CA PHE L 471 47.59 -8.50 -9.50
C PHE L 471 46.92 -7.83 -8.32
N ALA L 472 47.72 -7.42 -7.34
CA ALA L 472 47.23 -6.72 -6.16
C ALA L 472 46.71 -5.38 -6.63
N LEU L 473 47.50 -4.76 -7.49
CA LEU L 473 47.23 -3.46 -8.05
C LEU L 473 46.12 -3.42 -9.13
N TYR L 474 46.11 -4.38 -10.07
CA TYR L 474 45.19 -4.28 -11.23
C TYR L 474 44.18 -5.41 -11.47
N TYR L 475 44.11 -6.48 -10.71
CA TYR L 475 43.11 -7.50 -11.01
C TYR L 475 41.70 -6.91 -11.06
N ASP L 476 41.44 -5.93 -10.20
CA ASP L 476 40.13 -5.27 -10.07
C ASP L 476 39.83 -4.09 -10.99
N VAL L 477 40.75 -3.72 -11.89
CA VAL L 477 40.54 -2.57 -12.77
C VAL L 477 39.22 -2.49 -13.52
N THR M 1 -69.59 50.33 -65.42
CA THR M 1 -70.23 49.60 -66.55
C THR M 1 -71.69 50.04 -66.74
N GLU M 2 -72.50 49.90 -65.69
CA GLU M 2 -73.91 50.26 -65.77
C GLU M 2 -74.45 51.27 -64.75
N LYS M 3 -73.71 51.52 -63.67
CA LYS M 3 -74.19 52.48 -62.67
C LYS M 3 -73.93 53.93 -63.07
N THR M 4 -74.97 54.74 -62.90
CA THR M 4 -74.98 56.16 -63.25
C THR M 4 -74.63 57.04 -62.06
N PRO M 5 -74.04 58.22 -62.32
CA PRO M 5 -73.71 59.15 -61.23
C PRO M 5 -74.97 59.43 -60.40
N ASP M 6 -76.13 59.43 -61.07
CA ASP M 6 -77.40 59.66 -60.41
C ASP M 6 -77.77 58.52 -59.47
N ASP M 7 -77.37 57.30 -59.82
CA ASP M 7 -77.63 56.13 -58.99
C ASP M 7 -76.85 56.30 -57.68
N VAL M 8 -75.63 56.81 -57.80
CA VAL M 8 -74.76 57.03 -56.65
C VAL M 8 -75.33 58.11 -55.72
N PHE M 9 -75.83 59.20 -56.31
CA PHE M 9 -76.43 60.29 -55.53
C PHE M 9 -77.67 59.81 -54.79
N LYS M 10 -78.42 58.92 -55.43
CA LYS M 10 -79.64 58.35 -54.84
C LYS M 10 -79.25 57.45 -53.67
N LEU M 11 -78.20 56.66 -53.86
CA LEU M 11 -77.70 55.76 -52.83
C LEU M 11 -77.29 56.60 -51.61
N ALA M 12 -76.55 57.67 -51.87
CA ALA M 12 -76.09 58.57 -50.82
C ALA M 12 -77.26 59.20 -50.06
N LYS M 13 -78.27 59.67 -50.79
CA LYS M 13 -79.44 60.30 -50.16
C LYS M 13 -80.26 59.30 -49.33
N ASP M 14 -80.56 58.15 -49.94
CA ASP M 14 -81.35 57.11 -49.27
C ASP M 14 -80.67 56.57 -48.00
N GLU M 15 -79.36 56.40 -48.06
CA GLU M 15 -78.60 55.89 -46.93
C GLU M 15 -78.24 56.95 -45.89
N LYS M 16 -78.59 58.21 -46.17
CA LYS M 16 -78.30 59.33 -45.28
C LYS M 16 -76.81 59.39 -44.96
N VAL M 17 -76.02 59.24 -46.01
CA VAL M 17 -74.56 59.26 -45.95
C VAL M 17 -74.06 60.63 -45.49
N GLU M 18 -73.13 60.63 -44.54
CA GLU M 18 -72.58 61.91 -44.08
C GLU M 18 -71.18 62.19 -44.58
N TYR M 19 -70.46 61.15 -44.99
CA TYR M 19 -69.10 61.30 -45.53
C TYR M 19 -68.90 60.46 -46.77
N VAL M 20 -68.00 60.91 -47.63
CA VAL M 20 -67.67 60.17 -48.85
C VAL M 20 -66.16 59.90 -48.78
N ASP M 21 -65.79 58.63 -48.88
CA ASP M 21 -64.39 58.25 -48.82
C ASP M 21 -63.82 58.13 -50.23
N VAL M 22 -62.85 59.00 -50.53
CA VAL M 22 -62.19 59.04 -51.82
C VAL M 22 -61.02 58.05 -51.84
N ARG M 23 -61.18 56.97 -52.60
CA ARG M 23 -60.15 55.95 -52.68
C ARG M 23 -59.46 55.81 -54.02
N PHE M 24 -58.18 55.51 -53.97
CA PHE M 24 -57.36 55.31 -55.16
C PHE M 24 -56.28 54.31 -54.79
N CYS M 25 -55.78 53.57 -55.76
CA CYS M 25 -54.80 52.55 -55.50
C CYS M 25 -53.34 52.97 -55.66
N ASP M 26 -52.50 52.55 -54.72
CA ASP M 26 -51.09 52.87 -54.82
C ASP M 26 -50.38 51.81 -55.68
N LEU M 27 -49.10 52.00 -55.95
CA LEU M 27 -48.36 51.07 -56.78
C LEU M 27 -48.36 49.62 -56.31
N PRO M 28 -47.80 49.32 -55.11
CA PRO M 28 -47.80 47.93 -54.64
C PRO M 28 -49.16 47.23 -54.52
N GLY M 29 -50.23 47.98 -54.29
CA GLY M 29 -51.54 47.35 -54.20
C GLY M 29 -52.47 47.69 -53.05
N ILE M 30 -52.09 48.64 -52.21
CA ILE M 30 -52.91 49.05 -51.08
C ILE M 30 -53.73 50.30 -51.38
N MET M 31 -55.03 50.25 -51.10
CA MET M 31 -55.90 51.38 -51.35
C MET M 31 -55.62 52.53 -50.38
N GLN M 32 -55.60 53.75 -50.93
CA GLN M 32 -55.35 54.96 -50.16
C GLN M 32 -56.65 55.74 -50.10
N HIS M 33 -56.74 56.71 -49.19
CA HIS M 33 -57.96 57.50 -49.09
C HIS M 33 -57.85 58.79 -48.29
N PHE M 34 -58.89 59.61 -48.46
CA PHE M 34 -59.08 60.84 -47.74
C PHE M 34 -60.59 61.02 -47.76
N THR M 35 -61.13 61.76 -46.80
CA THR M 35 -62.58 61.91 -46.70
C THR M 35 -63.08 63.33 -46.86
N ILE M 36 -64.25 63.46 -47.50
CA ILE M 36 -64.89 64.75 -47.70
C ILE M 36 -66.33 64.63 -47.20
N PRO M 37 -66.92 65.75 -46.77
CA PRO M 37 -68.30 65.68 -46.30
C PRO M 37 -69.23 65.36 -47.47
N ALA M 38 -70.34 64.68 -47.19
CA ALA M 38 -71.29 64.31 -48.24
C ALA M 38 -71.84 65.54 -48.97
N SER M 39 -71.98 66.64 -48.23
CA SER M 39 -72.48 67.89 -48.77
C SER M 39 -71.62 68.42 -49.94
N ALA M 40 -70.35 68.04 -49.96
CA ALA M 40 -69.42 68.46 -51.00
C ALA M 40 -69.40 67.47 -52.17
N PHE M 41 -70.21 66.42 -52.07
CA PHE M 41 -70.27 65.41 -53.11
C PHE M 41 -71.46 65.69 -54.03
N ASP M 42 -71.15 66.29 -55.19
CA ASP M 42 -72.17 66.65 -56.17
C ASP M 42 -71.71 66.33 -57.59
N LYS M 43 -72.45 66.83 -58.57
CA LYS M 43 -72.15 66.60 -59.99
C LYS M 43 -70.76 67.06 -60.41
N SER M 44 -70.27 68.13 -59.78
CA SER M 44 -68.97 68.68 -60.11
C SER M 44 -67.82 67.71 -59.81
N VAL M 45 -68.07 66.74 -58.92
CA VAL M 45 -67.06 65.74 -58.58
C VAL M 45 -66.87 64.80 -59.76
N PHE M 46 -67.97 64.47 -60.43
CA PHE M 46 -67.93 63.59 -61.61
C PHE M 46 -67.47 64.31 -62.86
N ASP M 47 -67.82 65.59 -62.98
CA ASP M 47 -67.45 66.39 -64.13
C ASP M 47 -66.04 66.96 -64.09
N ASP M 48 -65.72 67.65 -62.99
CA ASP M 48 -64.42 68.28 -62.82
C ASP M 48 -63.40 67.46 -62.04
N GLY M 49 -63.89 66.60 -61.14
CA GLY M 49 -63.00 65.79 -60.33
C GLY M 49 -62.56 66.48 -59.06
N LEU M 50 -61.68 65.82 -58.31
CA LEU M 50 -61.17 66.36 -57.05
C LEU M 50 -59.67 66.54 -57.11
N ALA M 51 -59.19 67.64 -56.55
CA ALA M 51 -57.76 67.89 -56.55
C ALA M 51 -57.11 67.33 -55.29
N PHE M 52 -55.88 66.85 -55.41
CA PHE M 52 -55.10 66.29 -54.31
C PHE M 52 -53.59 66.29 -54.72
N ASP M 53 -52.72 66.19 -53.72
CA ASP M 53 -51.24 66.29 -53.83
C ASP M 53 -50.47 65.00 -54.04
N GLY M 54 -49.43 64.89 -54.87
CA GLY M 54 -48.73 63.62 -54.81
C GLY M 54 -48.25 63.50 -53.37
N SER M 55 -48.90 62.69 -52.56
CA SER M 55 -48.46 62.58 -51.14
C SER M 55 -47.73 61.28 -50.86
N SER M 56 -47.01 61.18 -49.75
CA SER M 56 -46.21 60.00 -49.50
C SER M 56 -45.16 60.01 -50.62
N ILE M 57 -44.42 58.96 -50.97
CA ILE M 57 -43.33 59.26 -51.89
C ILE M 57 -43.07 58.36 -53.11
N ARG M 58 -43.28 57.06 -53.10
CA ARG M 58 -42.82 56.27 -54.24
C ARG M 58 -43.88 55.69 -55.18
N GLY M 59 -43.65 55.85 -56.49
CA GLY M 59 -44.55 55.35 -57.53
C GLY M 59 -45.23 56.53 -58.23
N PHE M 60 -46.02 57.30 -57.46
CA PHE M 60 -46.84 58.45 -57.93
C PHE M 60 -46.06 59.76 -58.21
N GLN M 61 -46.78 60.88 -58.50
CA GLN M 61 -46.30 62.23 -58.84
C GLN M 61 -45.51 62.99 -57.75
N SER M 62 -44.18 63.01 -57.92
CA SER M 62 -43.24 63.68 -56.99
C SER M 62 -43.38 65.22 -57.05
N ILE M 63 -42.34 66.00 -56.67
CA ILE M 63 -42.45 67.47 -56.68
C ILE M 63 -41.85 68.07 -57.96
N HIS M 64 -42.24 67.50 -59.11
CA HIS M 64 -41.83 67.96 -60.47
C HIS M 64 -43.03 67.66 -61.36
N GLU M 65 -43.98 66.95 -60.67
CA GLU M 65 -45.26 66.46 -61.19
C GLU M 65 -46.40 66.49 -60.16
N SER M 66 -46.09 66.96 -58.94
CA SER M 66 -46.96 67.12 -57.74
C SER M 66 -48.46 66.83 -57.88
N ASP M 67 -49.27 67.83 -58.22
CA ASP M 67 -50.73 67.79 -58.15
C ASP M 67 -51.42 66.81 -59.08
N MET M 68 -52.46 66.14 -58.56
CA MET M 68 -53.25 65.18 -59.32
C MET M 68 -54.75 65.50 -59.26
N LEU M 69 -55.49 64.98 -60.22
CA LEU M 69 -56.94 65.17 -60.30
C LEU M 69 -57.59 63.79 -60.21
N LEU M 70 -58.59 63.64 -59.36
CA LEU M 70 -59.27 62.36 -59.17
C LEU M 70 -60.67 62.32 -59.75
N LEU M 71 -60.93 61.38 -60.67
CA LEU M 71 -62.24 61.22 -61.28
C LEU M 71 -62.85 59.91 -60.77
N PRO M 72 -64.10 59.97 -60.28
CA PRO M 72 -64.81 58.81 -59.73
C PRO M 72 -65.33 57.76 -60.71
N ASP M 73 -65.41 56.53 -60.21
CA ASP M 73 -65.93 55.40 -60.98
C ASP M 73 -67.20 55.00 -60.23
N PRO M 74 -68.37 55.40 -60.75
CA PRO M 74 -69.68 55.11 -60.15
C PRO M 74 -69.99 53.63 -59.84
N GLU M 75 -69.35 52.73 -60.57
CA GLU M 75 -69.57 51.30 -60.35
C GLU M 75 -68.94 50.78 -59.06
N THR M 76 -68.00 51.53 -58.50
CA THR M 76 -67.31 51.14 -57.28
C THR M 76 -67.91 51.70 -55.99
N ALA M 77 -68.98 52.48 -56.13
CA ALA M 77 -69.66 53.08 -54.98
C ALA M 77 -70.32 52.04 -54.09
N ARG M 78 -69.90 52.03 -52.82
CA ARG M 78 -70.43 51.10 -51.83
C ARG M 78 -70.52 51.77 -50.46
N ILE M 79 -71.53 51.37 -49.68
CA ILE M 79 -71.68 51.89 -48.32
C ILE M 79 -70.71 51.11 -47.44
N ASP M 80 -69.91 51.82 -46.65
CA ASP M 80 -68.95 51.18 -45.75
C ASP M 80 -69.71 50.59 -44.55
N PRO M 81 -69.61 49.27 -44.33
CA PRO M 81 -70.30 48.61 -43.22
C PRO M 81 -69.58 48.69 -41.87
N PHE M 82 -68.38 49.28 -41.86
CA PHE M 82 -67.58 49.36 -40.64
C PHE M 82 -67.53 50.74 -40.00
N ARG M 83 -67.46 51.79 -40.81
CA ARG M 83 -67.39 53.15 -40.31
C ARG M 83 -68.63 53.58 -39.54
N ALA M 84 -68.44 54.09 -38.33
CA ALA M 84 -69.53 54.53 -37.47
C ALA M 84 -70.37 55.62 -38.15
N ALA M 85 -69.69 56.63 -38.68
CA ALA M 85 -70.36 57.72 -39.39
C ALA M 85 -70.71 57.14 -40.77
N LYS M 86 -71.98 57.19 -41.16
CA LYS M 86 -72.41 56.64 -42.45
C LYS M 86 -71.57 57.18 -43.60
N THR M 87 -70.80 56.29 -44.22
CA THR M 87 -69.88 56.67 -45.30
C THR M 87 -70.07 55.90 -46.61
N LEU M 88 -69.85 56.60 -47.71
CA LEU M 88 -69.95 56.01 -49.05
C LEU M 88 -68.53 55.96 -49.62
N ASN M 89 -68.07 54.76 -49.95
CA ASN M 89 -66.74 54.58 -50.53
C ASN M 89 -66.83 54.55 -52.05
N ILE M 90 -65.92 55.25 -52.72
CA ILE M 90 -65.87 55.28 -54.17
C ILE M 90 -64.42 55.29 -54.61
N ASN M 91 -64.10 54.51 -55.66
CA ASN M 91 -62.75 54.45 -56.19
C ASN M 91 -62.62 55.48 -57.31
N PHE M 92 -61.42 56.02 -57.46
CA PHE M 92 -61.16 57.05 -58.44
C PHE M 92 -60.00 56.71 -59.36
N PHE M 93 -59.93 57.43 -60.48
CA PHE M 93 -58.85 57.30 -61.45
C PHE M 93 -58.04 58.58 -61.29
N VAL M 94 -56.72 58.45 -61.38
CA VAL M 94 -55.84 59.60 -61.25
C VAL M 94 -55.56 60.20 -62.63
N HIS M 95 -55.86 61.49 -62.78
CA HIS M 95 -55.63 62.20 -64.04
C HIS M 95 -54.67 63.36 -63.84
N ASP M 96 -54.13 63.86 -64.95
CA ASP M 96 -53.25 65.01 -64.91
C ASP M 96 -54.21 66.19 -64.89
N PRO M 97 -54.03 67.13 -63.94
CA PRO M 97 -54.90 68.31 -63.81
C PRO M 97 -55.11 69.07 -65.11
N PHE M 98 -54.00 69.44 -65.73
CA PHE M 98 -53.97 70.21 -66.98
C PHE M 98 -54.61 69.50 -68.18
N THR M 99 -53.97 68.43 -68.62
CA THR M 99 -54.44 67.68 -69.80
C THR M 99 -55.62 66.75 -69.60
N LEU M 100 -55.97 66.46 -68.34
CA LEU M 100 -57.05 65.55 -67.99
C LEU M 100 -56.69 64.15 -68.52
N GLU M 101 -55.39 63.96 -68.74
CA GLU M 101 -54.83 62.72 -69.26
C GLU M 101 -54.63 61.72 -68.13
N PRO M 102 -55.14 60.48 -68.30
CA PRO M 102 -55.00 59.45 -67.28
C PRO M 102 -53.54 59.23 -66.90
N TYR M 103 -53.26 59.32 -65.61
CA TYR M 103 -51.89 59.13 -65.11
C TYR M 103 -51.45 57.70 -65.41
N SER M 104 -50.30 57.58 -66.08
CA SER M 104 -49.77 56.28 -66.49
C SER M 104 -49.32 55.33 -65.37
N ARG M 105 -49.18 55.83 -64.15
CA ARG M 105 -48.76 54.97 -63.05
C ARG M 105 -49.87 54.60 -62.07
N ASP M 106 -51.10 54.99 -62.40
CA ASP M 106 -52.28 54.67 -61.59
C ASP M 106 -52.74 53.29 -62.03
N PRO M 107 -52.66 52.30 -61.13
CA PRO M 107 -53.07 50.92 -61.43
C PRO M 107 -54.46 50.80 -62.04
N ARG M 108 -55.40 51.62 -61.59
CA ARG M 108 -56.75 51.54 -62.13
C ARG M 108 -56.82 52.00 -63.59
N ASN M 109 -55.91 52.89 -63.98
CA ASN M 109 -55.87 53.37 -65.36
C ASN M 109 -55.30 52.28 -66.26
N ILE M 110 -54.34 51.52 -65.74
CA ILE M 110 -53.72 50.42 -66.47
C ILE M 110 -54.78 49.38 -66.81
N ALA M 111 -55.63 49.05 -65.85
CA ALA M 111 -56.68 48.07 -66.04
C ALA M 111 -57.70 48.56 -67.07
N ARG M 112 -57.99 49.87 -67.03
CA ARG M 112 -58.93 50.45 -67.98
C ARG M 112 -58.31 50.44 -69.39
N LYS M 113 -57.03 50.78 -69.48
CA LYS M 113 -56.31 50.77 -70.75
C LYS M 113 -56.28 49.36 -71.33
N ALA M 114 -56.15 48.36 -70.45
CA ALA M 114 -56.11 46.97 -70.86
C ALA M 114 -57.44 46.54 -71.50
N GLU M 115 -58.55 47.00 -70.92
CA GLU M 115 -59.86 46.68 -71.45
C GLU M 115 -60.09 47.37 -72.80
N ASN M 116 -59.63 48.61 -72.92
CA ASN M 116 -59.78 49.37 -74.16
C ASN M 116 -58.92 48.78 -75.27
N TYR M 117 -57.74 48.28 -74.91
CA TYR M 117 -56.83 47.67 -75.86
C TYR M 117 -57.45 46.37 -76.42
N LEU M 118 -58.10 45.62 -75.55
CA LEU M 118 -58.76 44.35 -75.92
C LEU M 118 -59.75 44.65 -77.04
N ILE M 119 -60.56 45.68 -76.84
CA ILE M 119 -61.55 46.08 -77.82
C ILE M 119 -60.91 46.53 -79.13
N SER M 120 -59.81 47.26 -79.04
CA SER M 120 -59.10 47.75 -80.21
C SER M 120 -58.47 46.65 -81.08
N THR M 121 -58.16 45.50 -80.48
CA THR M 121 -57.57 44.39 -81.24
C THR M 121 -58.62 43.64 -82.03
N GLY M 122 -59.88 43.83 -81.68
CA GLY M 122 -60.96 43.15 -82.36
C GLY M 122 -61.13 41.70 -81.93
N ILE M 123 -60.16 41.21 -81.15
CA ILE M 123 -60.17 39.82 -80.65
C ILE M 123 -61.42 39.55 -79.81
N ALA M 124 -61.78 40.49 -78.96
CA ALA M 124 -62.96 40.38 -78.09
C ALA M 124 -63.29 41.76 -77.54
N ASP M 125 -64.42 41.87 -76.86
CA ASP M 125 -64.78 43.16 -76.27
C ASP M 125 -64.89 43.13 -74.74
N THR M 126 -64.74 41.93 -74.16
CA THR M 126 -64.83 41.76 -72.71
C THR M 126 -63.96 40.62 -72.18
N ALA M 127 -63.21 40.90 -71.11
CA ALA M 127 -62.35 39.91 -70.47
C ALA M 127 -62.90 39.72 -69.05
N TYR M 128 -63.46 38.53 -68.79
CA TYR M 128 -64.01 38.25 -67.47
C TYR M 128 -62.99 37.58 -66.57
N PHE M 129 -62.88 38.10 -65.34
CA PHE M 129 -61.96 37.56 -64.35
C PHE M 129 -62.68 37.12 -63.08
N GLY M 130 -62.40 35.89 -62.67
CA GLY M 130 -62.97 35.34 -61.46
C GLY M 130 -61.79 34.99 -60.59
N ALA M 131 -61.67 35.63 -59.43
CA ALA M 131 -60.54 35.38 -58.55
C ALA M 131 -60.93 34.86 -57.19
N GLU M 132 -60.16 33.89 -56.73
CA GLU M 132 -60.42 33.26 -55.45
C GLU M 132 -59.22 33.34 -54.54
N ALA M 133 -59.33 34.28 -53.60
CA ALA M 133 -58.27 34.56 -52.68
C ALA M 133 -58.49 33.97 -51.31
N GLU M 134 -57.54 33.13 -50.92
CA GLU M 134 -57.53 32.48 -49.63
C GLU M 134 -56.86 33.43 -48.65
N PHE M 135 -57.19 33.29 -47.37
CA PHE M 135 -56.60 34.13 -46.33
C PHE M 135 -56.56 33.37 -45.01
N TYR M 136 -55.77 33.89 -44.07
CA TYR M 136 -55.67 33.30 -42.75
C TYR M 136 -56.20 34.25 -41.68
N ILE M 137 -56.89 33.68 -40.69
CA ILE M 137 -57.45 34.43 -39.59
C ILE M 137 -56.60 34.12 -38.35
N PHE M 138 -55.96 35.14 -37.82
CA PHE M 138 -55.12 34.98 -36.63
C PHE M 138 -55.66 35.80 -35.46
N ASP M 139 -55.09 35.57 -34.29
CA ASP M 139 -55.47 36.31 -33.09
C ASP M 139 -54.43 37.39 -32.82
N SER M 140 -53.20 37.12 -33.24
CA SER M 140 -52.11 38.06 -33.03
C SER M 140 -50.96 37.88 -34.00
N VAL M 141 -50.17 38.94 -34.12
CA VAL M 141 -48.98 38.96 -34.96
C VAL M 141 -48.01 40.00 -34.41
N SER M 142 -46.75 39.60 -34.25
CA SER M 142 -45.71 40.51 -33.79
C SER M 142 -44.41 40.13 -34.48
N PHE M 143 -43.53 41.10 -34.65
CA PHE M 143 -42.25 40.88 -35.32
C PHE M 143 -41.38 42.11 -35.20
N ASP M 144 -40.08 41.93 -35.45
CA ASP M 144 -39.13 43.03 -35.45
C ASP M 144 -37.82 42.60 -36.07
N SER M 145 -36.99 43.59 -36.38
CA SER M 145 -35.69 43.36 -36.99
C SER M 145 -34.73 44.32 -36.31
N ARG M 146 -33.78 43.77 -35.57
CA ARG M 146 -32.80 44.57 -34.85
C ARG M 146 -31.40 44.16 -35.25
N ALA M 147 -30.41 44.86 -34.71
CA ALA M 147 -29.02 44.57 -35.02
C ALA M 147 -28.56 43.19 -34.56
N ASN M 148 -29.00 42.80 -33.37
CA ASN M 148 -28.60 41.54 -32.78
C ASN M 148 -29.66 40.43 -32.76
N GLY M 149 -30.79 40.68 -33.40
CA GLY M 149 -31.83 39.67 -33.40
C GLY M 149 -33.01 40.07 -34.23
N SER M 150 -33.87 39.10 -34.49
CA SER M 150 -35.07 39.31 -35.28
C SER M 150 -36.03 38.17 -35.00
N PHE M 151 -37.32 38.43 -35.14
CA PHE M 151 -38.33 37.41 -34.91
C PHE M 151 -39.65 37.77 -35.55
N TYR M 152 -40.53 36.77 -35.59
CA TYR M 152 -41.90 36.96 -36.05
C TYR M 152 -42.69 35.89 -35.33
N GLU M 153 -43.97 36.16 -35.13
CA GLU M 153 -44.82 35.20 -34.46
C GLU M 153 -46.27 35.52 -34.75
N VAL M 154 -46.95 34.57 -35.40
CA VAL M 154 -48.37 34.69 -35.66
C VAL M 154 -49.00 33.66 -34.73
N ASP M 155 -50.20 33.94 -34.23
CA ASP M 155 -50.82 32.98 -33.35
C ASP M 155 -52.33 33.01 -33.44
N ALA M 156 -52.92 31.88 -33.08
CA ALA M 156 -54.36 31.71 -33.09
C ALA M 156 -54.65 30.73 -31.96
N ILE M 157 -55.66 31.07 -31.16
CA ILE M 157 -56.09 30.26 -30.04
C ILE M 157 -56.26 28.80 -30.43
N SER M 158 -56.91 28.58 -31.57
CA SER M 158 -57.18 27.24 -32.09
C SER M 158 -56.10 26.68 -33.03
N GLY M 159 -54.92 27.29 -33.04
CA GLY M 159 -53.85 26.81 -33.90
C GLY M 159 -53.39 25.42 -33.47
N TRP M 160 -53.18 24.55 -34.45
CA TRP M 160 -52.77 23.17 -34.18
C TRP M 160 -51.44 23.00 -33.44
N TRP M 161 -50.66 24.08 -33.38
CA TRP M 161 -49.37 24.05 -32.67
C TRP M 161 -49.57 24.36 -31.18
N ASN M 162 -50.82 24.61 -30.79
CA ASN M 162 -51.15 24.94 -29.41
C ASN M 162 -51.90 23.84 -28.62
N THR M 163 -51.83 22.60 -29.09
CA THR M 163 -52.53 21.51 -28.40
C THR M 163 -52.04 21.31 -26.97
N GLY M 164 -50.78 21.64 -26.72
CA GLY M 164 -50.21 21.47 -25.39
C GLY M 164 -50.36 22.63 -24.42
N ALA M 165 -51.01 23.70 -24.85
CA ALA M 165 -51.20 24.87 -23.98
C ALA M 165 -51.94 24.50 -22.71
N ALA M 166 -51.33 24.82 -21.56
CA ALA M 166 -51.92 24.54 -20.25
C ALA M 166 -53.23 25.30 -20.09
N THR M 167 -53.23 26.55 -20.54
CA THR M 167 -54.42 27.42 -20.50
C THR M 167 -54.31 28.33 -21.71
N GLU M 168 -55.43 28.94 -22.10
CA GLU M 168 -55.43 29.85 -23.24
C GLU M 168 -54.74 31.16 -22.90
N ALA M 169 -54.56 32.01 -23.92
CA ALA M 169 -53.91 33.31 -23.73
C ALA M 169 -54.60 34.10 -22.62
N ASP M 170 -55.93 34.10 -22.64
CA ASP M 170 -56.72 34.83 -21.66
C ASP M 170 -56.93 34.12 -20.32
N GLY M 171 -56.13 33.08 -20.05
CA GLY M 171 -56.24 32.35 -18.80
C GLY M 171 -57.30 31.26 -18.76
N SER M 172 -58.23 31.27 -19.71
CA SER M 172 -59.30 30.27 -19.77
C SER M 172 -58.73 28.88 -20.12
N PRO M 173 -59.48 27.82 -19.82
CA PRO M 173 -58.98 26.47 -20.12
C PRO M 173 -58.88 26.09 -21.60
N ASN M 174 -57.92 25.22 -21.90
CA ASN M 174 -57.70 24.70 -23.24
C ASN M 174 -58.78 23.64 -23.46
N ARG M 175 -59.69 23.89 -24.41
CA ARG M 175 -60.77 22.97 -24.68
C ARG M 175 -60.54 22.03 -25.86
N GLY M 176 -59.35 22.07 -26.43
CA GLY M 176 -59.02 21.19 -27.54
C GLY M 176 -59.63 21.54 -28.88
N TYR M 177 -59.78 20.52 -29.72
CA TYR M 177 -60.32 20.67 -31.06
C TYR M 177 -59.43 21.55 -31.95
N LYS M 178 -58.12 21.54 -31.65
CA LYS M 178 -57.13 22.32 -32.38
C LYS M 178 -56.43 21.46 -33.44
N VAL M 179 -56.26 20.18 -33.14
CA VAL M 179 -55.59 19.23 -34.03
C VAL M 179 -56.15 19.18 -35.44
N ARG M 180 -55.22 19.06 -36.38
CA ARG M 180 -55.50 19.01 -37.79
C ARG M 180 -55.40 17.54 -38.20
N HIS M 181 -56.56 16.87 -38.29
CA HIS M 181 -56.62 15.45 -38.63
C HIS M 181 -56.46 15.05 -40.08
N LYS M 182 -56.02 13.81 -40.28
CA LYS M 182 -55.83 13.22 -41.59
C LYS M 182 -57.22 12.77 -42.06
N GLY M 183 -57.48 12.85 -43.37
CA GLY M 183 -58.77 12.42 -43.88
C GLY M 183 -59.61 13.51 -44.51
N GLY M 184 -59.71 14.65 -43.84
CA GLY M 184 -60.49 15.75 -44.36
C GLY M 184 -60.11 17.04 -43.66
N TYR M 185 -59.92 18.09 -44.45
CA TYR M 185 -59.53 19.37 -43.86
C TYR M 185 -60.60 20.45 -43.79
N PHE M 186 -61.87 20.05 -43.94
CA PHE M 186 -63.01 20.97 -43.82
C PHE M 186 -64.00 20.43 -42.78
N PRO M 187 -63.51 19.98 -41.60
CA PRO M 187 -64.43 19.46 -40.60
C PRO M 187 -65.44 20.46 -40.06
N VAL M 188 -66.59 19.95 -39.61
CA VAL M 188 -67.63 20.78 -39.04
C VAL M 188 -67.23 21.17 -37.61
N ALA M 189 -68.00 22.07 -37.01
CA ALA M 189 -67.74 22.51 -35.64
C ALA M 189 -67.89 21.31 -34.69
N PRO M 190 -67.20 21.33 -33.54
CA PRO M 190 -66.31 22.38 -33.07
C PRO M 190 -64.87 22.41 -33.61
N ASN M 191 -64.53 21.51 -34.52
CA ASN M 191 -63.18 21.51 -35.10
C ASN M 191 -63.03 22.81 -35.89
N ASP M 192 -64.13 23.22 -36.52
CA ASP M 192 -64.19 24.46 -37.29
C ASP M 192 -64.54 25.52 -36.24
N GLN M 193 -63.55 26.34 -35.89
CA GLN M 193 -63.74 27.36 -34.88
C GLN M 193 -64.00 28.76 -35.39
N TYR M 194 -64.25 28.90 -36.69
CA TYR M 194 -64.49 30.22 -37.27
C TYR M 194 -65.78 30.34 -38.04
N VAL M 195 -66.72 29.44 -37.77
CA VAL M 195 -68.00 29.44 -38.47
C VAL M 195 -68.75 30.76 -38.44
N ASP M 196 -68.97 31.31 -37.25
CA ASP M 196 -69.70 32.57 -37.13
C ASP M 196 -68.98 33.77 -37.75
N LEU M 197 -67.65 33.81 -37.64
CA LEU M 197 -66.87 34.90 -38.20
C LEU M 197 -66.98 34.87 -39.73
N ARG M 198 -66.77 33.70 -40.33
CA ARG M 198 -66.85 33.57 -41.78
C ARG M 198 -68.23 33.95 -42.29
N ASP M 199 -69.26 33.61 -41.51
CA ASP M 199 -70.63 33.95 -41.89
C ASP M 199 -70.81 35.46 -41.88
N LYS M 200 -70.16 36.13 -40.93
CA LYS M 200 -70.24 37.58 -40.84
C LYS M 200 -69.56 38.19 -42.06
N MET M 201 -68.43 37.60 -42.46
CA MET M 201 -67.69 38.05 -43.62
C MET M 201 -68.57 37.89 -44.86
N LEU M 202 -69.18 36.72 -45.00
CA LEU M 202 -70.06 36.41 -46.14
C LEU M 202 -71.27 37.35 -46.17
N THR M 203 -71.86 37.59 -45.01
CA THR M 203 -73.02 38.47 -44.90
C THR M 203 -72.63 39.88 -45.35
N ASN M 204 -71.45 40.35 -44.92
CA ASN M 204 -70.96 41.66 -45.29
C ASN M 204 -70.67 41.77 -46.79
N LEU M 205 -70.15 40.71 -47.37
CA LEU M 205 -69.86 40.69 -48.81
C LEU M 205 -71.18 40.78 -49.59
N ILE M 206 -72.15 39.99 -49.19
CA ILE M 206 -73.46 39.99 -49.85
C ILE M 206 -74.14 41.35 -49.73
N ASN M 207 -74.04 41.97 -48.56
CA ASN M 207 -74.64 43.28 -48.36
C ASN M 207 -73.88 44.37 -49.12
N SER M 208 -72.66 44.03 -49.55
CA SER M 208 -71.82 44.96 -50.30
C SER M 208 -71.85 44.71 -51.81
N GLY M 209 -72.89 44.01 -52.27
CA GLY M 209 -73.04 43.76 -53.69
C GLY M 209 -72.38 42.56 -54.34
N PHE M 210 -71.72 41.71 -53.56
CA PHE M 210 -71.10 40.52 -54.13
C PHE M 210 -72.17 39.50 -54.48
N ILE M 211 -72.02 38.88 -55.65
CA ILE M 211 -72.99 37.89 -56.12
C ILE M 211 -72.46 36.48 -55.89
N LEU M 212 -73.24 35.70 -55.13
CA LEU M 212 -72.91 34.32 -54.80
C LEU M 212 -74.02 33.45 -55.42
N GLU M 213 -73.67 32.59 -56.36
CA GLU M 213 -74.65 31.71 -56.98
C GLU M 213 -74.18 30.27 -56.96
N LYS M 214 -74.19 29.71 -58.16
CA LYS M 214 -73.81 28.34 -58.55
C LYS M 214 -72.70 27.74 -57.69
N GLY M 215 -71.45 27.81 -58.14
CA GLY M 215 -70.36 27.21 -57.40
C GLY M 215 -69.60 28.19 -56.54
N HIS M 216 -70.34 29.10 -55.88
CA HIS M 216 -69.74 30.10 -54.99
C HIS M 216 -69.96 29.61 -53.57
N HIS M 217 -68.85 29.29 -52.90
CA HIS M 217 -68.88 28.76 -51.56
C HIS M 217 -68.13 29.59 -50.53
N GLU M 218 -68.45 29.27 -49.30
CA GLU M 218 -67.75 29.81 -48.15
C GLU M 218 -67.07 28.57 -47.55
N VAL M 219 -65.75 28.55 -47.47
CA VAL M 219 -65.07 27.37 -46.96
C VAL M 219 -63.96 27.73 -45.96
N GLY M 220 -63.72 26.84 -45.01
CA GLY M 220 -62.69 27.07 -44.03
C GLY M 220 -61.95 25.81 -43.62
N SER M 221 -60.66 25.95 -43.36
CA SER M 221 -59.80 24.85 -42.95
C SER M 221 -58.86 25.43 -41.91
N GLY M 222 -59.11 25.09 -40.65
CA GLY M 222 -58.30 25.62 -39.57
C GLY M 222 -58.55 27.12 -39.56
N GLY M 223 -57.46 27.89 -39.58
CA GLY M 223 -57.59 29.34 -39.60
C GLY M 223 -57.69 29.89 -41.01
N GLN M 224 -57.49 29.04 -42.01
CA GLN M 224 -57.57 29.46 -43.40
C GLN M 224 -58.99 29.48 -43.91
N ALA M 225 -59.30 30.41 -44.81
CA ALA M 225 -60.64 30.51 -45.36
C ALA M 225 -60.65 31.11 -46.75
N GLU M 226 -61.80 31.00 -47.40
CA GLU M 226 -61.99 31.52 -48.74
C GLU M 226 -63.48 31.63 -49.01
N ILE M 227 -63.88 32.75 -49.59
CA ILE M 227 -65.27 32.96 -49.97
C ILE M 227 -65.18 33.45 -51.41
N ASN M 228 -65.61 32.61 -52.34
CA ASN M 228 -65.58 32.99 -53.74
C ASN M 228 -66.91 33.59 -54.18
N TYR M 229 -66.84 34.44 -55.20
CA TYR M 229 -68.01 35.13 -55.70
C TYR M 229 -67.96 35.22 -57.22
N GLN M 230 -69.03 35.75 -57.80
CA GLN M 230 -69.13 35.87 -59.24
C GLN M 230 -68.11 36.79 -59.88
N PHE M 231 -67.59 36.36 -61.03
CA PHE M 231 -66.62 37.08 -61.82
C PHE M 231 -67.13 38.46 -62.25
N ASN M 232 -66.27 39.22 -62.92
CA ASN M 232 -66.63 40.54 -63.41
C ASN M 232 -65.63 40.91 -64.50
N SER M 233 -65.91 41.99 -65.24
CA SER M 233 -64.99 42.43 -66.28
C SER M 233 -63.69 42.86 -65.58
N LEU M 234 -62.57 42.66 -66.26
CA LEU M 234 -61.24 42.96 -65.72
C LEU M 234 -61.11 44.04 -64.64
N LEU M 235 -61.31 45.31 -65.01
CA LEU M 235 -61.18 46.41 -64.05
C LEU M 235 -62.04 46.25 -62.80
N HIS M 236 -63.33 46.01 -62.99
CA HIS M 236 -64.25 45.86 -61.87
C HIS M 236 -64.00 44.60 -61.03
N ALA M 237 -63.37 43.60 -61.64
CA ALA M 237 -63.03 42.38 -60.93
C ALA M 237 -61.91 42.73 -59.95
N ALA M 238 -60.99 43.57 -60.41
CA ALA M 238 -59.87 44.03 -59.60
C ALA M 238 -60.38 44.92 -58.46
N ASP M 239 -61.40 45.73 -58.74
CA ASP M 239 -62.00 46.59 -57.72
C ASP M 239 -62.69 45.70 -56.69
N ASP M 240 -63.31 44.62 -57.16
CA ASP M 240 -64.00 43.66 -56.31
C ASP M 240 -63.03 42.96 -55.37
N MET M 241 -61.83 42.67 -55.87
CA MET M 241 -60.80 42.00 -55.08
C MET M 241 -60.35 42.91 -53.93
N GLN M 242 -60.16 44.19 -54.23
CA GLN M 242 -59.75 45.16 -53.22
C GLN M 242 -60.84 45.29 -52.16
N LEU M 243 -62.10 45.30 -52.60
CA LEU M 243 -63.27 45.40 -51.73
C LEU M 243 -63.36 44.17 -50.83
N TYR M 244 -63.16 43.00 -51.44
CA TYR M 244 -63.18 41.72 -50.74
C TYR M 244 -62.16 41.74 -49.61
N LYS M 245 -60.92 42.09 -49.92
CA LYS M 245 -59.86 42.14 -48.92
C LYS M 245 -60.22 43.12 -47.80
N TYR M 246 -60.78 44.26 -48.19
CA TYR M 246 -61.19 45.29 -47.23
C TYR M 246 -62.25 44.74 -46.27
N ILE M 247 -63.26 44.08 -46.83
CA ILE M 247 -64.34 43.51 -46.05
C ILE M 247 -63.89 42.35 -45.16
N ILE M 248 -63.02 41.50 -45.70
CA ILE M 248 -62.51 40.38 -44.92
C ILE M 248 -61.66 40.87 -43.75
N LYS M 249 -60.71 41.76 -44.05
CA LYS M 249 -59.82 42.30 -43.03
C LYS M 249 -60.51 43.05 -41.91
N ASN M 250 -61.51 43.86 -42.24
CA ASN M 250 -62.21 44.66 -41.25
C ASN M 250 -63.31 43.93 -40.49
N THR M 251 -63.86 42.88 -41.08
CA THR M 251 -64.87 42.09 -40.39
C THR M 251 -64.12 41.36 -39.27
N ALA M 252 -62.93 40.87 -39.60
CA ALA M 252 -62.09 40.18 -38.63
C ALA M 252 -61.67 41.16 -37.55
N TRP M 253 -61.22 42.35 -37.97
CA TRP M 253 -60.78 43.39 -37.06
C TRP M 253 -61.85 43.80 -36.04
N GLN M 254 -63.08 43.95 -36.49
CA GLN M 254 -64.18 44.32 -35.62
C GLN M 254 -64.60 43.18 -34.69
N ASN M 255 -64.10 41.99 -34.97
CA ASN M 255 -64.42 40.83 -34.15
C ASN M 255 -63.23 40.25 -33.41
N GLY M 256 -62.29 41.12 -33.06
CA GLY M 256 -61.11 40.74 -32.31
C GLY M 256 -60.06 39.88 -32.99
N LYS M 257 -60.05 39.83 -34.31
CA LYS M 257 -59.06 39.04 -35.02
C LYS M 257 -58.23 39.91 -35.94
N THR M 258 -57.27 39.28 -36.62
CA THR M 258 -56.40 39.96 -37.57
C THR M 258 -56.16 38.99 -38.74
N VAL M 259 -56.48 39.46 -39.94
CA VAL M 259 -56.33 38.66 -41.16
C VAL M 259 -55.12 38.99 -42.00
N THR M 260 -54.56 37.98 -42.67
CA THR M 260 -53.44 38.20 -43.58
C THR M 260 -53.65 37.45 -44.88
N PHE M 261 -53.40 38.15 -45.98
CA PHE M 261 -53.50 37.58 -47.32
C PHE M 261 -52.11 37.23 -47.83
N MET M 262 -51.10 37.29 -46.96
CA MET M 262 -49.75 36.96 -47.39
C MET M 262 -49.71 35.49 -47.84
N PRO M 263 -48.95 35.21 -48.91
CA PRO M 263 -48.80 33.87 -49.50
C PRO M 263 -48.45 32.71 -48.57
N LYS M 264 -47.50 32.92 -47.66
CA LYS M 264 -47.08 31.85 -46.78
C LYS M 264 -46.79 32.35 -45.36
N PRO M 265 -47.84 32.50 -44.54
CA PRO M 265 -47.66 32.97 -43.16
C PRO M 265 -47.22 31.83 -42.24
N LEU M 266 -47.57 30.61 -42.61
CA LEU M 266 -47.25 29.43 -41.81
C LEU M 266 -46.33 28.45 -42.50
N PHE M 267 -45.26 28.08 -41.82
CA PHE M 267 -44.31 27.11 -42.33
C PHE M 267 -44.83 25.73 -41.92
N GLY M 268 -45.15 24.91 -42.91
CA GLY M 268 -45.68 23.59 -42.60
C GLY M 268 -47.20 23.55 -42.68
N ASP M 269 -47.77 24.54 -43.35
CA ASP M 269 -49.21 24.61 -43.55
C ASP M 269 -49.42 25.23 -44.92
N ASN M 270 -50.61 25.01 -45.47
CA ASN M 270 -50.98 25.49 -46.79
C ASN M 270 -50.77 27.00 -47.00
N GLY M 271 -50.28 27.36 -48.18
CA GLY M 271 -50.08 28.76 -48.51
C GLY M 271 -51.40 29.33 -48.98
N SER M 272 -51.44 30.64 -49.22
CA SER M 272 -52.68 31.27 -49.69
C SER M 272 -52.49 31.79 -51.12
N GLY M 273 -53.31 31.28 -52.03
CA GLY M 273 -53.21 31.69 -53.41
C GLY M 273 -54.44 32.39 -53.94
N MET M 274 -54.34 32.87 -55.17
CA MET M 274 -55.44 33.56 -55.84
C MET M 274 -55.60 32.95 -57.23
N HIS M 275 -56.47 31.94 -57.33
CA HIS M 275 -56.74 31.27 -58.59
C HIS M 275 -57.56 32.21 -59.45
N CYS M 276 -57.05 32.53 -60.63
CA CYS M 276 -57.73 33.44 -61.53
C CYS M 276 -58.31 32.80 -62.78
N HIS M 277 -59.63 32.75 -62.82
CA HIS M 277 -60.37 32.20 -63.96
C HIS M 277 -60.56 33.34 -64.96
N GLN M 278 -60.24 33.07 -66.21
CA GLN M 278 -60.33 34.07 -67.26
C GLN M 278 -61.00 33.51 -68.49
N SER M 279 -61.61 34.41 -69.24
CA SER M 279 -62.31 34.05 -70.47
C SER M 279 -62.64 35.30 -71.28
N LEU M 280 -62.57 35.18 -72.61
CA LEU M 280 -62.88 36.31 -73.50
C LEU M 280 -64.25 36.14 -74.13
N TRP M 281 -64.96 37.24 -74.26
CA TRP M 281 -66.29 37.27 -74.86
C TRP M 281 -66.38 38.39 -75.90
N LYS M 282 -67.31 38.24 -76.83
CA LYS M 282 -67.51 39.23 -77.89
C LYS M 282 -68.98 39.22 -78.28
N ASP M 283 -69.58 40.40 -78.31
CA ASP M 283 -70.98 40.57 -78.67
C ASP M 283 -71.91 39.68 -77.85
N GLY M 284 -71.60 39.55 -76.56
CA GLY M 284 -72.42 38.75 -75.67
C GLY M 284 -72.27 37.24 -75.80
N ALA M 285 -71.27 36.80 -76.55
CA ALA M 285 -71.05 35.37 -76.75
C ALA M 285 -69.64 34.94 -76.37
N PRO M 286 -69.50 33.72 -75.83
CA PRO M 286 -68.22 33.15 -75.42
C PRO M 286 -67.29 32.81 -76.59
N LEU M 287 -66.00 32.95 -76.36
CA LEU M 287 -64.98 32.68 -77.38
C LEU M 287 -64.01 31.58 -76.97
N MET M 288 -64.21 31.02 -75.78
CA MET M 288 -63.31 29.99 -75.25
C MET M 288 -63.67 28.54 -75.58
N TYR M 289 -64.92 28.29 -75.95
CA TYR M 289 -65.39 26.93 -76.23
C TYR M 289 -65.27 26.41 -77.66
N ASP M 290 -65.12 25.09 -77.77
CA ASP M 290 -65.00 24.36 -79.02
C ASP M 290 -65.01 22.86 -78.70
N GLU M 291 -66.12 22.18 -79.02
CA GLU M 291 -66.28 20.75 -78.76
C GLU M 291 -65.13 19.89 -79.28
N THR M 292 -64.61 20.27 -80.44
CA THR M 292 -63.53 19.53 -81.09
C THR M 292 -62.15 19.65 -80.45
N GLY M 293 -61.92 20.75 -79.73
CA GLY M 293 -60.63 20.94 -79.09
C GLY M 293 -60.45 20.23 -77.76
N TYR M 294 -59.19 20.06 -77.36
CA TYR M 294 -58.86 19.41 -76.10
C TYR M 294 -59.46 20.21 -74.95
N ALA M 295 -60.15 19.52 -74.04
CA ALA M 295 -60.80 20.15 -72.89
C ALA M 295 -61.87 21.16 -73.28
N GLY M 296 -62.36 21.03 -74.52
CA GLY M 296 -63.39 21.93 -75.02
C GLY M 296 -62.89 23.33 -75.28
N LEU M 297 -61.59 23.46 -75.55
CA LEU M 297 -60.96 24.75 -75.79
C LEU M 297 -60.85 25.17 -77.25
N SER M 298 -61.18 26.42 -77.51
CA SER M 298 -61.10 26.99 -78.85
C SER M 298 -59.65 27.33 -79.18
N ASP M 299 -59.40 27.74 -80.41
CA ASP M 299 -58.06 28.12 -80.84
C ASP M 299 -57.62 29.36 -80.06
N THR M 300 -58.57 30.25 -79.83
CA THR M 300 -58.36 31.48 -79.11
C THR M 300 -57.91 31.19 -77.67
N ALA M 301 -58.63 30.29 -77.01
CA ALA M 301 -58.34 29.88 -75.64
C ALA M 301 -56.97 29.22 -75.53
N ARG M 302 -56.65 28.33 -76.46
CA ARG M 302 -55.38 27.61 -76.45
C ARG M 302 -54.20 28.56 -76.66
N HIS M 303 -54.38 29.56 -77.52
CA HIS M 303 -53.32 30.53 -77.79
C HIS M 303 -53.13 31.44 -76.58
N TYR M 304 -54.22 31.72 -75.88
CA TYR M 304 -54.21 32.53 -74.67
C TYR M 304 -53.34 31.80 -73.65
N ILE M 305 -53.59 30.50 -73.50
CA ILE M 305 -52.83 29.64 -72.59
C ILE M 305 -51.36 29.63 -73.01
N GLY M 306 -51.13 29.64 -74.32
CA GLY M 306 -49.77 29.65 -74.83
C GLY M 306 -49.05 30.91 -74.39
N GLY M 307 -49.79 32.03 -74.35
CA GLY M 307 -49.22 33.29 -73.92
C GLY M 307 -48.90 33.28 -72.43
N LEU M 308 -49.83 32.77 -71.63
CA LEU M 308 -49.63 32.68 -70.18
C LEU M 308 -48.40 31.85 -69.84
N LEU M 309 -48.30 30.66 -70.43
CA LEU M 309 -47.17 29.76 -70.18
C LEU M 309 -45.85 30.29 -70.72
N HIS M 310 -45.90 30.95 -71.88
CA HIS M 310 -44.69 31.50 -72.48
C HIS M 310 -44.16 32.69 -71.68
N HIS M 311 -45.07 33.56 -71.25
CA HIS M 311 -44.73 34.75 -70.51
C HIS M 311 -44.65 34.63 -69.00
N ALA M 312 -45.02 33.46 -68.48
CA ALA M 312 -45.01 33.22 -67.03
C ALA M 312 -43.79 33.72 -66.26
N PRO M 313 -42.57 33.47 -66.77
CA PRO M 313 -41.37 33.94 -66.06
C PRO M 313 -41.36 35.43 -65.74
N SER M 314 -41.97 36.24 -66.59
CA SER M 314 -42.01 37.67 -66.36
C SER M 314 -43.37 38.08 -65.78
N LEU M 315 -44.42 37.38 -66.20
CA LEU M 315 -45.79 37.63 -65.74
C LEU M 315 -45.86 37.55 -64.22
N LEU M 316 -45.11 36.61 -63.65
CA LEU M 316 -45.09 36.42 -62.20
C LEU M 316 -44.60 37.63 -61.42
N ALA M 317 -43.95 38.58 -62.10
CA ALA M 317 -43.47 39.78 -61.44
C ALA M 317 -44.64 40.66 -60.98
N PHE M 318 -45.82 40.46 -61.58
CA PHE M 318 -47.03 41.21 -61.23
C PHE M 318 -48.07 40.30 -60.59
N THR M 319 -47.93 39.01 -60.89
CA THR M 319 -48.85 37.99 -60.43
C THR M 319 -48.47 37.38 -59.06
N ASN M 320 -47.17 37.34 -58.76
CA ASN M 320 -46.60 36.83 -57.51
C ASN M 320 -45.43 37.78 -57.25
N PRO M 321 -45.74 39.05 -56.95
CA PRO M 321 -44.83 40.17 -56.76
C PRO M 321 -44.06 40.33 -55.40
N THR M 322 -44.13 39.36 -54.50
CA THR M 322 -43.43 39.50 -53.24
C THR M 322 -42.42 38.40 -52.97
N VAL M 323 -41.50 38.66 -52.04
CA VAL M 323 -40.48 37.67 -51.67
C VAL M 323 -41.20 36.46 -51.03
N ASN M 324 -42.24 36.74 -50.26
CA ASN M 324 -43.02 35.70 -49.58
C ASN M 324 -43.78 34.82 -50.57
N SER M 325 -44.06 35.35 -51.75
CA SER M 325 -44.76 34.62 -52.81
C SER M 325 -44.03 33.31 -53.14
N TYR M 326 -42.70 33.35 -53.07
CA TYR M 326 -41.88 32.18 -53.39
C TYR M 326 -41.68 31.17 -52.28
N LYS M 327 -42.40 31.33 -51.19
CA LYS M 327 -42.36 30.38 -50.08
C LYS M 327 -43.56 29.47 -50.31
N ARG M 328 -44.52 29.96 -51.10
CA ARG M 328 -45.70 29.19 -51.48
C ARG M 328 -45.37 28.46 -52.79
N LEU M 329 -44.78 29.20 -53.73
CA LEU M 329 -44.38 28.65 -55.04
C LEU M 329 -43.05 27.94 -54.86
N VAL M 330 -43.12 26.75 -54.27
CA VAL M 330 -41.94 25.94 -53.99
C VAL M 330 -42.41 24.48 -54.00
N PRO M 331 -41.52 23.51 -54.38
CA PRO M 331 -41.90 22.09 -54.41
C PRO M 331 -42.56 21.58 -53.11
N GLY M 332 -43.80 21.10 -53.21
CA GLY M 332 -44.48 20.61 -52.04
C GLY M 332 -45.98 20.34 -52.18
N TYR M 333 -46.79 21.20 -51.56
CA TYR M 333 -48.26 21.11 -51.54
C TYR M 333 -48.93 21.16 -52.93
N GLU M 334 -48.26 20.62 -53.94
CA GLU M 334 -48.75 20.58 -55.31
C GLU M 334 -48.87 22.04 -55.74
N ALA M 335 -47.75 22.76 -55.61
CA ALA M 335 -47.67 24.17 -55.95
C ALA M 335 -47.72 24.38 -57.46
N PRO M 336 -48.55 25.32 -57.92
CA PRO M 336 -48.70 25.61 -59.35
C PRO M 336 -47.43 26.20 -59.94
N ILE M 337 -46.38 25.38 -60.00
CA ILE M 337 -45.08 25.80 -60.54
C ILE M 337 -44.76 25.15 -61.88
N ASN M 338 -45.58 24.18 -62.29
CA ASN M 338 -45.38 23.46 -63.54
C ASN M 338 -46.00 24.18 -64.72
N LEU M 339 -45.14 24.65 -65.63
CA LEU M 339 -45.56 25.39 -66.82
C LEU M 339 -46.26 24.57 -67.90
N VAL M 340 -47.42 24.01 -67.55
CA VAL M 340 -48.22 23.22 -68.48
C VAL M 340 -49.69 23.42 -68.13
N TYR M 341 -50.59 23.07 -69.05
CA TYR M 341 -52.03 23.18 -68.77
C TYR M 341 -52.59 21.78 -68.55
N SER M 342 -53.70 21.67 -67.87
CA SER M 342 -54.27 20.36 -67.58
C SER M 342 -55.70 20.49 -67.08
N GLN M 343 -56.36 19.34 -66.90
CA GLN M 343 -57.73 19.30 -66.39
C GLN M 343 -57.71 18.59 -65.05
N ARG M 344 -56.68 17.76 -64.86
CA ARG M 344 -56.49 16.98 -63.64
C ARG M 344 -55.53 17.62 -62.64
N ASN M 345 -54.27 17.80 -63.07
CA ASN M 345 -53.21 18.36 -62.23
C ASN M 345 -53.45 19.74 -61.62
N ARG M 346 -53.34 19.80 -60.30
CA ARG M 346 -53.52 21.06 -59.59
C ARG M 346 -52.17 21.77 -59.39
N SER M 347 -51.10 21.07 -59.74
CA SER M 347 -49.75 21.60 -59.66
C SER M 347 -49.38 22.24 -61.02
N ALA M 348 -50.36 22.32 -61.90
CA ALA M 348 -50.18 22.91 -63.22
C ALA M 348 -50.53 24.39 -63.15
N CYS M 349 -49.71 25.23 -63.78
CA CYS M 349 -49.94 26.67 -63.79
C CYS M 349 -51.33 27.01 -64.28
N VAL M 350 -51.76 26.34 -65.34
CA VAL M 350 -53.08 26.56 -65.91
C VAL M 350 -53.90 25.28 -65.83
N ARG M 351 -55.11 25.39 -65.31
CA ARG M 351 -56.00 24.26 -65.21
C ARG M 351 -57.31 24.62 -65.88
N ILE M 352 -57.87 23.69 -66.62
CA ILE M 352 -59.13 23.93 -67.29
C ILE M 352 -60.22 23.20 -66.51
N PRO M 353 -61.05 23.97 -65.79
CA PRO M 353 -62.14 23.40 -64.99
C PRO M 353 -63.06 22.55 -65.84
N ILE M 354 -63.46 21.40 -65.33
CA ILE M 354 -64.36 20.51 -66.04
C ILE M 354 -65.77 21.10 -65.89
N THR M 355 -66.25 21.71 -66.98
CA THR M 355 -67.56 22.35 -66.99
C THR M 355 -68.58 21.75 -67.94
N GLY M 356 -68.18 20.73 -68.70
CA GLY M 356 -69.10 20.10 -69.62
C GLY M 356 -69.20 20.70 -71.01
N SER M 357 -70.40 20.64 -71.57
CA SER M 357 -70.68 21.14 -72.92
C SER M 357 -71.15 22.59 -73.01
N ASN M 358 -71.47 23.20 -71.87
CA ASN M 358 -71.92 24.59 -71.83
C ASN M 358 -70.79 25.54 -72.21
N PRO M 359 -70.89 26.18 -73.39
CA PRO M 359 -69.86 27.12 -73.86
C PRO M 359 -69.64 28.35 -72.98
N LYS M 360 -70.69 28.78 -72.30
CA LYS M 360 -70.63 29.94 -71.41
C LYS M 360 -69.84 29.70 -70.12
N ALA M 361 -69.59 28.43 -69.80
CA ALA M 361 -68.87 28.07 -68.60
C ALA M 361 -67.40 27.74 -68.84
N LYS M 362 -67.03 27.60 -70.11
CA LYS M 362 -65.65 27.28 -70.45
C LYS M 362 -64.72 28.45 -70.16
N ARG M 363 -63.66 28.17 -69.42
CA ARG M 363 -62.69 29.20 -69.03
C ARG M 363 -61.40 28.52 -68.61
N LEU M 364 -60.34 29.31 -68.50
CA LEU M 364 -59.06 28.78 -68.07
C LEU M 364 -58.76 29.36 -66.69
N GLU M 365 -58.07 28.58 -65.87
CA GLU M 365 -57.73 29.01 -64.52
C GLU M 365 -56.24 29.09 -64.29
N PHE M 366 -55.73 30.30 -64.11
CA PHE M 366 -54.31 30.51 -63.84
C PHE M 366 -54.21 30.35 -62.31
N ARG M 367 -53.60 29.25 -61.89
CA ARG M 367 -53.48 28.91 -60.46
C ARG M 367 -52.31 29.52 -59.71
N SER M 368 -51.29 29.92 -60.42
CA SER M 368 -50.06 30.46 -59.81
C SER M 368 -50.15 31.75 -58.97
N PRO M 369 -51.00 32.71 -59.37
CA PRO M 369 -51.11 33.97 -58.62
C PRO M 369 -51.45 33.86 -57.13
N ASP M 370 -51.16 34.94 -56.42
CA ASP M 370 -51.48 35.07 -55.00
C ASP M 370 -52.00 36.50 -54.83
N SER M 371 -52.49 36.84 -53.64
CA SER M 371 -53.00 38.19 -53.43
C SER M 371 -52.07 39.11 -52.66
N SER M 372 -50.77 38.92 -52.86
CA SER M 372 -49.78 39.73 -52.18
C SER M 372 -49.42 41.01 -52.94
N GLY M 373 -50.13 41.28 -54.03
CA GLY M 373 -49.83 42.47 -54.80
C GLY M 373 -50.96 43.38 -55.21
N ASN M 374 -50.93 43.77 -56.48
CA ASN M 374 -51.89 44.68 -57.08
C ASN M 374 -52.74 43.93 -58.10
N PRO M 375 -54.04 43.74 -57.81
CA PRO M 375 -54.93 43.04 -58.73
C PRO M 375 -55.15 43.73 -60.08
N TYR M 376 -55.07 45.06 -60.10
CA TYR M 376 -55.24 45.80 -61.33
C TYR M 376 -54.11 45.48 -62.29
N LEU M 377 -52.88 45.46 -61.76
CA LEU M 377 -51.71 45.15 -62.55
C LEU M 377 -51.63 43.66 -62.89
N ALA M 378 -51.99 42.81 -61.94
CA ALA M 378 -51.95 41.36 -62.13
C ALA M 378 -52.91 40.90 -63.23
N PHE M 379 -54.17 41.33 -63.13
CA PHE M 379 -55.17 40.97 -64.12
C PHE M 379 -54.80 41.50 -65.50
N SER M 380 -54.35 42.76 -65.55
CA SER M 380 -53.94 43.38 -66.80
C SER M 380 -52.78 42.63 -67.45
N ALA M 381 -51.78 42.28 -66.65
CA ALA M 381 -50.62 41.54 -67.13
C ALA M 381 -51.03 40.17 -67.67
N MET M 382 -51.99 39.54 -67.01
CA MET M 382 -52.47 38.23 -67.45
C MET M 382 -53.15 38.36 -68.81
N LEU M 383 -53.96 39.41 -68.99
CA LEU M 383 -54.66 39.65 -70.24
C LEU M 383 -53.65 39.90 -71.36
N MET M 384 -52.67 40.77 -71.10
CA MET M 384 -51.65 41.09 -72.09
C MET M 384 -50.85 39.86 -72.51
N ALA M 385 -50.57 38.98 -71.56
CA ALA M 385 -49.83 37.76 -71.86
C ALA M 385 -50.69 36.87 -72.76
N GLY M 386 -51.98 36.79 -72.44
CA GLY M 386 -52.90 35.99 -73.22
C GLY M 386 -53.15 36.54 -74.62
N LEU M 387 -53.27 37.86 -74.74
CA LEU M 387 -53.49 38.51 -76.03
C LEU M 387 -52.28 38.38 -76.94
N ASP M 388 -51.09 38.42 -76.36
CA ASP M 388 -49.86 38.28 -77.14
C ASP M 388 -49.79 36.86 -77.68
N GLY M 389 -50.35 35.92 -76.91
CA GLY M 389 -50.36 34.53 -77.32
C GLY M 389 -51.32 34.32 -78.48
N ILE M 390 -52.43 35.06 -78.46
CA ILE M 390 -53.45 34.98 -79.51
C ILE M 390 -52.94 35.63 -80.80
N LYS M 391 -52.37 36.82 -80.69
CA LYS M 391 -51.84 37.53 -81.84
C LYS M 391 -50.72 36.78 -82.54
N ASN M 392 -49.81 36.20 -81.76
CA ASN M 392 -48.69 35.44 -82.32
C ASN M 392 -48.95 33.95 -82.40
N LYS M 393 -50.22 33.57 -82.22
CA LYS M 393 -50.66 32.18 -82.27
C LYS M 393 -49.72 31.20 -81.56
N ILE M 394 -49.26 31.60 -80.38
CA ILE M 394 -48.35 30.79 -79.58
C ILE M 394 -49.02 29.49 -79.15
N GLU M 395 -48.38 28.38 -79.50
CA GLU M 395 -48.90 27.06 -79.15
C GLU M 395 -48.28 26.56 -77.86
N PRO M 396 -49.12 26.25 -76.86
CA PRO M 396 -48.62 25.75 -75.58
C PRO M 396 -48.17 24.31 -75.77
N GLN M 397 -47.17 23.87 -75.01
CA GLN M 397 -46.73 22.50 -75.13
C GLN M 397 -47.88 21.58 -74.73
N ALA M 398 -47.81 20.33 -75.19
CA ALA M 398 -48.87 19.35 -74.92
C ALA M 398 -49.32 19.29 -73.46
N PRO M 399 -50.65 19.32 -73.24
CA PRO M 399 -51.23 19.25 -71.89
C PRO M 399 -50.88 17.94 -71.21
N VAL M 400 -50.90 17.93 -69.88
CA VAL M 400 -50.56 16.74 -69.13
C VAL M 400 -51.63 16.40 -68.10
N ASP M 401 -52.30 15.27 -68.26
CA ASP M 401 -53.33 14.83 -67.32
C ASP M 401 -52.84 13.70 -66.40
N LYS M 402 -51.67 13.15 -66.71
CA LYS M 402 -51.05 12.11 -65.88
C LYS M 402 -50.63 12.84 -64.62
N ASP M 403 -50.70 12.18 -63.47
CA ASP M 403 -50.28 12.82 -62.23
C ASP M 403 -48.81 13.22 -62.37
N LEU M 404 -48.56 14.54 -62.35
CA LEU M 404 -47.22 15.08 -62.49
C LEU M 404 -46.25 14.65 -61.40
N TYR M 405 -46.79 14.35 -60.22
CA TYR M 405 -45.99 13.91 -59.08
C TYR M 405 -45.23 12.62 -59.40
N GLU M 406 -45.96 11.56 -59.73
CA GLU M 406 -45.34 10.29 -60.09
C GLU M 406 -45.15 10.19 -61.60
N LEU M 407 -44.03 10.73 -62.06
CA LEU M 407 -43.69 10.73 -63.49
C LEU M 407 -42.24 10.29 -63.62
N PRO M 408 -41.93 9.45 -64.64
CA PRO M 408 -40.55 8.98 -64.83
C PRO M 408 -39.58 10.15 -64.93
N PRO M 409 -38.63 10.26 -63.97
CA PRO M 409 -37.60 11.30 -63.85
C PRO M 409 -37.04 11.92 -65.13
N GLU M 410 -36.95 11.14 -66.20
CA GLU M 410 -36.44 11.64 -67.47
C GLU M 410 -37.55 12.36 -68.26
N GLU M 411 -38.78 11.90 -68.08
CA GLU M 411 -39.96 12.47 -68.74
C GLU M 411 -40.45 13.69 -67.95
N ALA M 412 -40.08 13.76 -66.68
CA ALA M 412 -40.45 14.88 -65.80
C ALA M 412 -39.51 16.07 -65.98
N ALA M 413 -38.35 15.82 -66.58
CA ALA M 413 -37.36 16.88 -66.82
C ALA M 413 -37.78 17.75 -68.02
N SER M 414 -38.81 17.31 -68.72
CA SER M 414 -39.32 18.05 -69.88
C SER M 414 -40.43 19.04 -69.47
N ILE M 415 -40.72 19.09 -68.17
CA ILE M 415 -41.73 19.99 -67.62
C ILE M 415 -41.05 21.23 -67.03
N PRO M 416 -41.20 22.39 -67.69
CA PRO M 416 -40.60 23.65 -67.24
C PRO M 416 -41.24 24.13 -65.93
N GLN M 417 -40.42 24.73 -65.07
CA GLN M 417 -40.89 25.24 -63.79
C GLN M 417 -40.88 26.76 -63.83
N THR M 418 -41.65 27.38 -62.94
CA THR M 418 -41.70 28.83 -62.84
C THR M 418 -40.45 29.24 -62.03
N PRO M 419 -40.00 30.50 -62.15
CA PRO M 419 -38.82 30.89 -61.38
C PRO M 419 -39.14 30.73 -59.89
N THR M 420 -38.11 30.51 -59.08
CA THR M 420 -38.28 30.28 -57.65
C THR M 420 -37.92 31.46 -56.74
N GLN M 421 -37.65 32.62 -57.32
CA GLN M 421 -37.26 33.78 -56.54
C GLN M 421 -37.81 35.06 -57.18
N LEU M 422 -38.13 36.05 -56.35
CA LEU M 422 -38.66 37.32 -56.85
C LEU M 422 -37.63 38.03 -57.71
N SER M 423 -36.36 38.00 -57.29
CA SER M 423 -35.28 38.64 -58.04
C SER M 423 -35.20 38.07 -59.46
N ASP M 424 -35.56 36.79 -59.61
CA ASP M 424 -35.56 36.12 -60.87
C ASP M 424 -36.63 36.66 -61.79
N VAL M 425 -37.88 36.64 -61.34
CA VAL M 425 -39.00 37.12 -62.14
C VAL M 425 -38.87 38.60 -62.47
N ILE M 426 -38.23 39.35 -61.58
CA ILE M 426 -38.02 40.78 -61.80
C ILE M 426 -36.98 40.94 -62.91
N ASP M 427 -35.95 40.09 -62.90
CA ASP M 427 -34.92 40.11 -63.93
C ASP M 427 -35.55 39.75 -65.29
N ARG M 428 -36.45 38.77 -65.28
CA ARG M 428 -37.13 38.31 -66.49
C ARG M 428 -38.08 39.37 -67.04
N LEU M 429 -38.72 40.13 -66.15
CA LEU M 429 -39.64 41.19 -66.56
C LEU M 429 -38.84 42.31 -67.24
N GLU M 430 -37.69 42.61 -66.67
CA GLU M 430 -36.80 43.64 -67.20
C GLU M 430 -36.32 43.27 -68.59
N ALA M 431 -36.01 41.99 -68.79
CA ALA M 431 -35.51 41.47 -70.05
C ALA M 431 -36.57 41.30 -71.14
N ASP M 432 -37.80 40.97 -70.73
CA ASP M 432 -38.89 40.76 -71.67
C ASP M 432 -40.22 41.29 -71.17
N HIS M 433 -40.59 42.49 -71.63
CA HIS M 433 -41.86 43.09 -71.23
C HIS M 433 -42.59 43.80 -72.37
N GLU M 434 -42.21 43.49 -73.61
CA GLU M 434 -42.85 44.11 -74.76
C GLU M 434 -44.33 43.80 -74.89
N TYR M 435 -44.72 42.59 -74.49
CA TYR M 435 -46.12 42.20 -74.56
C TYR M 435 -46.99 43.07 -73.65
N LEU M 436 -46.36 43.61 -72.61
CA LEU M 436 -47.04 44.47 -71.64
C LEU M 436 -47.25 45.88 -72.20
N THR M 437 -46.26 46.37 -72.94
CA THR M 437 -46.31 47.71 -73.52
C THR M 437 -47.16 47.84 -74.79
N GLU M 438 -47.67 46.72 -75.29
CA GLU M 438 -48.52 46.72 -76.48
C GLU M 438 -49.73 47.63 -76.25
N GLY M 439 -50.07 48.42 -77.25
CA GLY M 439 -51.20 49.32 -77.15
C GLY M 439 -51.04 50.38 -76.06
N GLY M 440 -49.85 50.47 -75.49
CA GLY M 440 -49.58 51.44 -74.44
C GLY M 440 -50.23 51.14 -73.10
N VAL M 441 -50.68 49.89 -72.89
CA VAL M 441 -51.33 49.49 -71.63
C VAL M 441 -50.38 49.70 -70.46
N PHE M 442 -49.18 49.16 -70.57
CA PHE M 442 -48.14 49.35 -69.55
C PHE M 442 -47.10 50.22 -70.27
N THR M 443 -46.37 51.04 -69.52
CA THR M 443 -45.33 51.88 -70.10
C THR M 443 -44.01 51.38 -69.57
N ASN M 444 -42.92 51.61 -70.32
CA ASN M 444 -41.61 51.20 -69.84
C ASN M 444 -41.30 51.87 -68.51
N ASP M 445 -41.85 53.09 -68.39
CA ASP M 445 -41.69 53.89 -67.20
C ASP M 445 -42.25 53.17 -65.97
N LEU M 446 -43.51 52.74 -66.07
CA LEU M 446 -44.17 52.02 -64.98
C LEU M 446 -43.42 50.73 -64.64
N ILE M 447 -43.04 49.99 -65.67
CA ILE M 447 -42.32 48.73 -65.51
C ILE M 447 -40.97 48.91 -64.82
N GLU M 448 -40.25 49.98 -65.17
CA GLU M 448 -38.96 50.27 -64.56
C GLU M 448 -39.12 50.68 -63.11
N THR M 449 -40.21 51.39 -62.83
CA THR M 449 -40.53 51.85 -61.48
C THR M 449 -40.83 50.65 -60.58
N TRP M 450 -41.61 49.71 -61.12
CA TRP M 450 -41.99 48.49 -60.42
C TRP M 450 -40.73 47.67 -60.10
N ILE M 451 -39.86 47.54 -61.08
CA ILE M 451 -38.61 46.80 -60.93
C ILE M 451 -37.73 47.42 -59.85
N SER M 452 -37.62 48.75 -59.84
CA SER M 452 -36.82 49.47 -58.85
C SER M 452 -37.43 49.35 -57.46
N PHE M 453 -38.75 49.49 -57.39
CA PHE M 453 -39.48 49.40 -56.14
C PHE M 453 -39.22 48.06 -55.46
N LYS M 454 -39.37 46.98 -56.21
CA LYS M 454 -39.16 45.63 -55.70
C LYS M 454 -37.73 45.37 -55.27
N ARG M 455 -36.78 45.83 -56.08
CA ARG M 455 -35.37 45.61 -55.76
C ARG M 455 -34.89 46.39 -54.54
N GLU M 456 -35.28 47.65 -54.46
CA GLU M 456 -34.87 48.51 -53.37
C GLU M 456 -35.66 48.38 -52.08
N ASN M 457 -36.96 48.16 -52.19
CA ASN M 457 -37.83 48.06 -51.02
C ASN M 457 -38.16 46.67 -50.50
N GLU M 458 -37.90 45.64 -51.31
CA GLU M 458 -38.22 44.28 -50.90
C GLU M 458 -37.07 43.28 -51.01
N ILE M 459 -36.55 43.11 -52.22
CA ILE M 459 -35.47 42.16 -52.47
C ILE M 459 -34.21 42.43 -51.65
N GLU M 460 -33.69 43.66 -51.74
CA GLU M 460 -32.47 44.04 -51.03
C GLU M 460 -32.64 44.00 -49.50
N PRO M 461 -33.71 44.62 -48.95
CA PRO M 461 -33.93 44.61 -47.50
C PRO M 461 -33.95 43.22 -46.86
N VAL M 462 -34.60 42.26 -47.52
CA VAL M 462 -34.66 40.88 -47.01
C VAL M 462 -33.30 40.21 -47.17
N ASN M 463 -32.68 40.44 -48.31
CA ASN M 463 -31.40 39.83 -48.63
C ASN M 463 -30.22 40.20 -47.70
N ILE M 464 -30.20 41.44 -47.19
CA ILE M 464 -29.11 41.86 -46.32
C ILE M 464 -29.27 41.44 -44.87
N ARG M 465 -30.48 41.01 -44.51
CA ARG M 465 -30.79 40.60 -43.14
C ARG M 465 -30.63 39.10 -42.88
N PRO M 466 -29.75 38.73 -41.95
CA PRO M 466 -29.56 37.30 -41.65
C PRO M 466 -30.89 36.65 -41.25
N HIS M 467 -31.12 35.45 -41.76
CA HIS M 467 -32.32 34.67 -41.48
C HIS M 467 -32.08 33.87 -40.19
N PRO M 468 -33.10 33.71 -39.33
CA PRO M 468 -32.97 32.96 -38.07
C PRO M 468 -32.39 31.55 -38.26
N TYR M 469 -32.78 30.88 -39.34
CA TYR M 469 -32.30 29.53 -39.60
C TYR M 469 -30.80 29.47 -39.89
N GLU M 470 -30.23 30.61 -40.27
CA GLU M 470 -28.79 30.68 -40.55
C GLU M 470 -28.01 30.51 -39.25
N PHE M 471 -28.64 30.84 -38.12
CA PHE M 471 -28.00 30.70 -36.83
C PHE M 471 -28.01 29.25 -36.38
N ALA M 472 -29.09 28.55 -36.72
CA ALA M 472 -29.23 27.13 -36.41
C ALA M 472 -28.18 26.39 -37.22
N LEU M 473 -28.07 26.79 -38.47
CA LEU M 473 -27.18 26.21 -39.44
C LEU M 473 -25.68 26.60 -39.26
N TYR M 474 -25.39 27.87 -38.99
CA TYR M 474 -23.97 28.33 -39.01
C TYR M 474 -23.39 28.96 -37.73
N TYR M 475 -24.11 29.15 -36.63
CA TYR M 475 -23.46 29.75 -35.47
C TYR M 475 -22.21 28.99 -35.05
N ASP M 476 -22.25 27.66 -35.21
CA ASP M 476 -21.16 26.75 -34.82
C ASP M 476 -20.04 26.50 -35.82
N VAL M 477 -20.10 27.12 -37.00
CA VAL M 477 -19.08 26.88 -38.03
C VAL M 477 -17.62 26.96 -37.61
N THR N 1 -85.84 8.58 -46.87
CA THR N 1 -86.92 7.54 -46.81
C THR N 1 -88.29 8.14 -47.16
N GLU N 2 -88.69 9.17 -46.43
CA GLU N 2 -89.99 9.80 -46.63
C GLU N 2 -90.03 11.30 -46.89
N LYS N 3 -88.95 12.01 -46.58
CA LYS N 3 -88.93 13.45 -46.81
C LYS N 3 -88.64 13.83 -48.25
N THR N 4 -89.44 14.75 -48.76
CA THR N 4 -89.38 15.23 -50.14
C THR N 4 -88.55 16.50 -50.26
N PRO N 5 -87.95 16.73 -51.44
CA PRO N 5 -87.15 17.93 -51.65
C PRO N 5 -88.01 19.17 -51.34
N ASP N 6 -89.31 19.06 -51.61
CA ASP N 6 -90.25 20.15 -51.35
C ASP N 6 -90.42 20.39 -49.85
N ASP N 7 -90.32 19.32 -49.06
CA ASP N 7 -90.44 19.44 -47.60
C ASP N 7 -89.25 20.27 -47.10
N VAL N 8 -88.08 20.02 -47.68
CA VAL N 8 -86.85 20.72 -47.32
C VAL N 8 -86.94 22.19 -47.68
N PHE N 9 -87.47 22.51 -48.87
CA PHE N 9 -87.62 23.89 -49.30
C PHE N 9 -88.59 24.64 -48.41
N LYS N 10 -89.63 23.94 -47.95
CA LYS N 10 -90.63 24.52 -47.06
C LYS N 10 -89.99 24.81 -45.70
N LEU N 11 -89.18 23.87 -45.23
CA LEU N 11 -88.48 24.01 -43.95
C LEU N 11 -87.59 25.26 -44.03
N ALA N 12 -86.84 25.37 -45.13
CA ALA N 12 -85.94 26.49 -45.35
C ALA N 12 -86.69 27.83 -45.38
N LYS N 13 -87.83 27.87 -46.08
CA LYS N 13 -88.62 29.09 -46.18
C LYS N 13 -89.23 29.49 -44.82
N ASP N 14 -89.87 28.52 -44.16
CA ASP N 14 -90.50 28.76 -42.87
C ASP N 14 -89.53 29.22 -41.79
N GLU N 15 -88.34 28.61 -41.78
CA GLU N 15 -87.32 28.96 -40.80
C GLU N 15 -86.49 30.19 -41.15
N LYS N 16 -86.75 30.76 -42.34
CA LYS N 16 -86.04 31.95 -42.81
C LYS N 16 -84.53 31.70 -42.81
N VAL N 17 -84.16 30.52 -43.32
CA VAL N 17 -82.79 30.08 -43.41
C VAL N 17 -81.99 30.98 -44.36
N GLU N 18 -80.79 31.39 -43.93
CA GLU N 18 -79.97 32.23 -44.78
C GLU N 18 -78.79 31.50 -45.41
N TYR N 19 -78.39 30.39 -44.81
CA TYR N 19 -77.28 29.58 -45.34
C TYR N 19 -77.63 28.10 -45.32
N VAL N 20 -77.01 27.35 -46.24
CA VAL N 20 -77.20 25.92 -46.30
C VAL N 20 -75.82 25.29 -46.16
N ASP N 21 -75.67 24.41 -45.18
CA ASP N 21 -74.40 23.76 -44.94
C ASP N 21 -74.35 22.40 -45.65
N VAL N 22 -73.44 22.30 -46.61
CA VAL N 22 -73.25 21.08 -47.39
C VAL N 22 -72.29 20.15 -46.67
N ARG N 23 -72.83 19.03 -46.17
CA ARG N 23 -72.03 18.07 -45.43
C ARG N 23 -71.86 16.72 -46.10
N PHE N 24 -70.68 16.15 -45.92
CA PHE N 24 -70.35 14.84 -46.47
C PHE N 24 -69.34 14.22 -45.51
N CYS N 25 -69.30 12.89 -45.46
CA CYS N 25 -68.43 12.21 -44.54
C CYS N 25 -67.07 11.80 -45.10
N ASP N 26 -66.02 12.00 -44.31
CA ASP N 26 -64.69 11.60 -44.74
C ASP N 26 -64.46 10.13 -44.37
N LEU N 27 -63.33 9.57 -44.78
CA LEU N 27 -63.03 8.18 -44.51
C LEU N 27 -63.06 7.77 -43.03
N PRO N 28 -62.18 8.34 -42.19
CA PRO N 28 -62.20 7.96 -40.76
C PRO N 28 -63.51 8.16 -40.01
N GLY N 29 -64.33 9.12 -40.42
CA GLY N 29 -65.61 9.31 -39.75
C GLY N 29 -66.05 10.70 -39.34
N ILE N 30 -65.29 11.72 -39.72
CA ILE N 30 -65.63 13.10 -39.36
C ILE N 30 -66.32 13.82 -40.52
N MET N 31 -67.45 14.46 -40.21
CA MET N 31 -68.20 15.18 -41.23
C MET N 31 -67.47 16.44 -41.69
N GLN N 32 -67.47 16.65 -43.00
CA GLN N 32 -66.82 17.81 -43.63
C GLN N 32 -67.92 18.72 -44.14
N HIS N 33 -67.57 19.97 -44.46
CA HIS N 33 -68.58 20.89 -44.96
C HIS N 33 -68.06 22.16 -45.62
N PHE N 34 -68.96 22.82 -46.31
CA PHE N 34 -68.75 24.10 -46.95
C PHE N 34 -70.14 24.71 -46.99
N THR N 35 -70.22 26.03 -47.04
CA THR N 35 -71.52 26.69 -47.00
C THR N 35 -71.86 27.50 -48.24
N ILE N 36 -73.14 27.49 -48.60
CA ILE N 36 -73.65 28.24 -49.74
C ILE N 36 -74.84 29.08 -49.25
N PRO N 37 -75.11 30.21 -49.91
CA PRO N 37 -76.24 31.03 -49.49
C PRO N 37 -77.54 30.27 -49.78
N ALA N 38 -78.57 30.51 -48.96
CA ALA N 38 -79.86 29.84 -49.15
C ALA N 38 -80.46 30.13 -50.52
N SER N 39 -80.19 31.33 -51.04
CA SER N 39 -80.69 31.76 -52.34
C SER N 39 -80.21 30.85 -53.48
N ALA N 40 -79.08 30.17 -53.27
CA ALA N 40 -78.51 29.26 -54.26
C ALA N 40 -79.01 27.82 -54.07
N PHE N 41 -79.86 27.64 -53.07
CA PHE N 41 -80.41 26.31 -52.78
C PHE N 41 -81.78 26.17 -53.42
N ASP N 42 -81.81 25.49 -54.57
CA ASP N 42 -83.04 25.29 -55.33
C ASP N 42 -83.13 23.85 -55.86
N LYS N 43 -84.11 23.57 -56.70
CA LYS N 43 -84.24 22.21 -57.23
C LYS N 43 -83.00 21.72 -57.98
N SER N 44 -82.30 22.62 -58.66
CA SER N 44 -81.12 22.19 -59.41
C SER N 44 -80.08 21.51 -58.52
N VAL N 45 -80.14 21.76 -57.22
CA VAL N 45 -79.21 21.16 -56.27
C VAL N 45 -79.54 19.66 -56.13
N PHE N 46 -80.84 19.35 -56.14
CA PHE N 46 -81.32 17.98 -56.04
C PHE N 46 -81.21 17.23 -57.36
N ASP N 47 -81.41 17.95 -58.46
CA ASP N 47 -81.36 17.35 -59.80
C ASP N 47 -79.95 17.19 -60.35
N ASP N 48 -79.20 18.28 -60.35
CA ASP N 48 -77.84 18.29 -60.90
C ASP N 48 -76.73 18.11 -59.87
N GLY N 49 -77.00 18.51 -58.63
CA GLY N 49 -76.01 18.39 -57.58
C GLY N 49 -75.08 19.60 -57.51
N LEU N 50 -74.09 19.52 -56.62
CA LEU N 50 -73.12 20.59 -56.43
C LEU N 50 -71.72 20.10 -56.74
N ALA N 51 -70.94 20.95 -57.40
CA ALA N 51 -69.57 20.59 -57.72
C ALA N 51 -68.62 21.04 -56.62
N PHE N 52 -67.56 20.25 -56.38
CA PHE N 52 -66.55 20.54 -55.38
C PHE N 52 -65.27 19.69 -55.72
N ASP N 53 -64.14 20.11 -55.17
CA ASP N 53 -62.78 19.54 -55.44
C ASP N 53 -62.30 18.43 -54.51
N GLY N 54 -61.62 17.36 -54.97
CA GLY N 54 -61.11 16.49 -53.92
C GLY N 54 -60.19 17.37 -53.09
N SER N 55 -60.62 17.79 -51.91
CA SER N 55 -59.77 18.68 -51.09
C SER N 55 -59.15 17.93 -49.91
N SER N 56 -58.12 18.49 -49.28
CA SER N 56 -57.44 17.78 -48.21
C SER N 56 -56.83 16.55 -48.93
N ILE N 57 -56.39 15.46 -48.28
CA ILE N 57 -55.65 14.53 -49.13
C ILE N 57 -55.94 13.01 -49.05
N ARG N 58 -56.30 12.41 -47.94
CA ARG N 58 -56.35 10.95 -47.93
C ARG N 58 -57.72 10.29 -47.88
N GLY N 59 -57.94 9.28 -48.73
CA GLY N 59 -59.19 8.54 -48.81
C GLY N 59 -59.90 8.85 -50.11
N PHE N 60 -60.29 10.13 -50.28
CA PHE N 60 -61.05 10.67 -51.43
C PHE N 60 -60.26 10.87 -52.75
N GLN N 61 -60.88 11.51 -53.77
CA GLN N 61 -60.38 11.79 -55.13
C GLN N 61 -59.18 12.75 -55.24
N SER N 62 -57.99 12.18 -55.46
CA SER N 62 -56.71 12.91 -55.60
C SER N 62 -56.66 13.73 -56.90
N ILE N 63 -55.46 14.08 -57.43
CA ILE N 63 -55.39 14.89 -58.66
C ILE N 63 -55.17 14.01 -59.90
N HIS N 64 -56.00 12.96 -60.02
CA HIS N 64 -56.02 12.01 -61.17
C HIS N 64 -57.48 11.59 -61.30
N GLU N 65 -58.22 12.07 -60.26
CA GLU N 65 -59.66 11.86 -60.03
C GLU N 65 -60.37 13.08 -59.40
N SER N 66 -59.61 14.15 -59.17
CA SER N 66 -60.00 15.46 -58.58
C SER N 66 -61.48 15.74 -58.28
N ASP N 67 -62.22 16.28 -59.25
CA ASP N 67 -63.57 16.82 -59.07
C ASP N 67 -64.65 15.84 -58.69
N MET N 68 -65.53 16.24 -57.76
CA MET N 68 -66.65 15.43 -57.31
C MET N 68 -67.98 16.17 -57.43
N LEU N 69 -69.07 15.42 -57.45
CA LEU N 69 -70.41 15.97 -57.54
C LEU N 69 -71.17 15.53 -56.27
N LEU N 70 -71.83 16.46 -55.60
CA LEU N 70 -72.57 16.15 -54.38
C LEU N 70 -74.08 16.18 -54.55
N LEU N 71 -74.74 15.07 -54.24
CA LEU N 71 -76.20 14.97 -54.33
C LEU N 71 -76.77 14.88 -52.91
N PRO N 72 -77.75 15.74 -52.59
CA PRO N 72 -78.38 15.79 -51.27
C PRO N 72 -79.33 14.66 -50.89
N ASP N 73 -79.39 14.42 -49.58
CA ASP N 73 -80.28 13.41 -49.00
C ASP N 73 -81.27 14.22 -48.16
N PRO N 74 -82.49 14.44 -48.68
CA PRO N 74 -83.54 15.21 -48.01
C PRO N 74 -83.91 14.77 -46.59
N GLU N 75 -83.68 13.51 -46.27
CA GLU N 75 -83.99 13.00 -44.94
C GLU N 75 -83.04 13.50 -43.85
N THR N 76 -81.88 13.99 -44.26
CA THR N 76 -80.86 14.48 -43.33
C THR N 76 -80.94 15.98 -43.05
N ALA N 77 -81.87 16.66 -43.69
CA ALA N 77 -82.04 18.11 -43.52
C ALA N 77 -82.49 18.49 -42.11
N ARG N 78 -81.68 19.30 -41.45
CA ARG N 78 -81.96 19.76 -40.09
C ARG N 78 -81.49 21.20 -39.90
N ILE N 79 -82.22 21.95 -39.07
CA ILE N 79 -81.84 23.32 -38.75
C ILE N 79 -80.74 23.25 -37.71
N ASP N 80 -79.64 23.96 -37.93
CA ASP N 80 -78.52 23.97 -36.99
C ASP N 80 -78.91 24.85 -35.79
N PRO N 81 -78.90 24.28 -34.57
CA PRO N 81 -79.25 25.03 -33.37
C PRO N 81 -78.12 25.86 -32.75
N PHE N 82 -76.93 25.75 -33.33
CA PHE N 82 -75.75 26.46 -32.81
C PHE N 82 -75.31 27.67 -33.63
N ARG N 83 -75.39 27.57 -34.95
CA ARG N 83 -74.97 28.67 -35.83
C ARG N 83 -75.83 29.91 -35.67
N ALA N 84 -75.16 31.06 -35.46
CA ALA N 84 -75.84 32.34 -35.28
C ALA N 84 -76.71 32.69 -36.49
N ALA N 85 -76.13 32.58 -37.68
CA ALA N 85 -76.86 32.84 -38.92
C ALA N 85 -77.72 31.59 -39.15
N LYS N 86 -79.03 31.77 -39.30
CA LYS N 86 -79.93 30.63 -39.51
C LYS N 86 -79.47 29.74 -40.66
N THR N 87 -79.07 28.51 -40.31
CA THR N 87 -78.53 27.56 -41.26
C THR N 87 -79.25 26.21 -41.32
N LEU N 88 -79.33 25.65 -42.51
CA LEU N 88 -79.94 24.34 -42.74
C LEU N 88 -78.81 23.38 -43.12
N ASN N 89 -78.65 22.32 -42.33
CA ASN N 89 -77.63 21.32 -42.61
C ASN N 89 -78.23 20.16 -43.39
N ILE N 90 -77.50 19.69 -44.41
CA ILE N 90 -77.96 18.56 -45.22
C ILE N 90 -76.75 17.72 -45.58
N ASN N 91 -76.90 16.40 -45.51
CA ASN N 91 -75.83 15.48 -45.87
C ASN N 91 -75.95 15.12 -47.35
N PHE N 92 -74.82 14.88 -47.98
CA PHE N 92 -74.77 14.56 -49.40
C PHE N 92 -74.04 13.27 -49.70
N PHE N 93 -74.27 12.77 -50.92
CA PHE N 93 -73.60 11.56 -51.42
C PHE N 93 -72.63 12.08 -52.46
N VAL N 94 -71.44 11.49 -52.51
CA VAL N 94 -70.42 11.88 -53.47
C VAL N 94 -70.54 11.05 -54.74
N HIS N 95 -70.70 11.71 -55.88
CA HIS N 95 -70.84 11.04 -57.17
C HIS N 95 -69.73 11.47 -58.11
N ASP N 96 -69.53 10.70 -59.17
CA ASP N 96 -68.54 11.02 -60.19
C ASP N 96 -69.29 12.00 -61.09
N PRO N 97 -68.68 13.18 -61.37
CA PRO N 97 -69.29 14.22 -62.22
C PRO N 97 -69.84 13.68 -63.55
N PHE N 98 -68.96 13.02 -64.29
CA PHE N 98 -69.25 12.45 -65.59
C PHE N 98 -70.33 11.37 -65.61
N THR N 99 -70.03 10.22 -65.01
CA THR N 99 -70.95 9.10 -64.97
C THR N 99 -72.12 9.17 -63.98
N LEU N 100 -72.05 10.11 -63.05
CA LEU N 100 -73.07 10.27 -62.00
C LEU N 100 -73.08 9.00 -61.14
N GLU N 101 -71.98 8.26 -61.22
CA GLU N 101 -71.79 7.01 -60.49
C GLU N 101 -71.35 7.28 -59.06
N PRO N 102 -72.04 6.68 -58.07
CA PRO N 102 -71.69 6.86 -56.66
C PRO N 102 -70.23 6.53 -56.40
N TYR N 103 -69.51 7.47 -55.80
CA TYR N 103 -68.11 7.28 -55.48
C TYR N 103 -67.97 6.13 -54.48
N SER N 104 -67.14 5.14 -54.83
CA SER N 104 -66.95 3.95 -54.00
C SER N 104 -66.28 4.15 -52.65
N ARG N 105 -65.68 5.31 -52.41
CA ARG N 105 -65.02 5.55 -51.13
C ARG N 105 -65.78 6.51 -50.21
N ASP N 106 -66.99 6.89 -50.62
CA ASP N 106 -67.85 7.75 -49.81
C ASP N 106 -68.60 6.84 -48.86
N PRO N 107 -68.35 6.98 -47.54
CA PRO N 107 -69.01 6.17 -46.52
C PRO N 107 -70.53 6.12 -46.63
N ARG N 108 -71.15 7.23 -47.00
CA ARG N 108 -72.60 7.25 -47.12
C ARG N 108 -73.10 6.40 -48.29
N ASN N 109 -72.27 6.23 -49.32
CA ASN N 109 -72.62 5.41 -50.47
C ASN N 109 -72.55 3.94 -50.08
N ILE N 110 -71.57 3.61 -49.24
CA ILE N 110 -71.38 2.25 -48.77
C ILE N 110 -72.62 1.80 -48.00
N ALA N 111 -73.13 2.67 -47.13
CA ALA N 111 -74.30 2.37 -46.33
C ALA N 111 -75.53 2.19 -47.23
N ARG N 112 -75.63 3.01 -48.26
CA ARG N 112 -76.74 2.92 -49.19
C ARG N 112 -76.64 1.61 -49.99
N LYS N 113 -75.43 1.28 -50.44
CA LYS N 113 -75.19 0.04 -51.17
C LYS N 113 -75.54 -1.17 -50.30
N ALA N 114 -75.25 -1.07 -49.00
CA ALA N 114 -75.53 -2.15 -48.05
C ALA N 114 -77.04 -2.39 -47.95
N GLU N 115 -77.81 -1.32 -47.93
CA GLU N 115 -79.27 -1.42 -47.85
C GLU N 115 -79.85 -2.02 -49.13
N ASN N 116 -79.30 -1.63 -50.27
CA ASN N 116 -79.75 -2.12 -51.56
C ASN N 116 -79.40 -3.59 -51.74
N TYR N 117 -78.25 -3.99 -51.23
CA TYR N 117 -77.80 -5.38 -51.29
C TYR N 117 -78.73 -6.27 -50.46
N LEU N 118 -79.14 -5.77 -49.30
CA LEU N 118 -80.03 -6.50 -48.41
C LEU N 118 -81.30 -6.86 -49.17
N ILE N 119 -81.85 -5.88 -49.87
CA ILE N 119 -83.07 -6.06 -50.66
C ILE N 119 -82.86 -7.07 -51.78
N SER N 120 -81.70 -7.00 -52.43
CA SER N 120 -81.37 -7.89 -53.53
C SER N 120 -81.21 -9.36 -53.13
N THR N 121 -80.87 -9.61 -51.88
CA THR N 121 -80.71 -10.99 -51.40
C THR N 121 -82.06 -11.64 -51.10
N GLY N 122 -83.10 -10.82 -50.98
CA GLY N 122 -84.42 -11.33 -50.70
C GLY N 122 -84.60 -11.71 -49.24
N ILE N 123 -83.51 -11.71 -48.48
CA ILE N 123 -83.53 -12.05 -47.05
C ILE N 123 -84.45 -11.12 -46.26
N ALA N 124 -84.38 -9.83 -46.56
CA ALA N 124 -85.21 -8.81 -45.90
C ALA N 124 -85.15 -7.54 -46.73
N ASP N 125 -85.95 -6.55 -46.38
CA ASP N 125 -85.93 -5.29 -47.11
C ASP N 125 -85.52 -4.09 -46.24
N THR N 126 -85.35 -4.32 -44.93
CA THR N 126 -84.96 -3.27 -44.00
C THR N 126 -84.11 -3.78 -42.84
N ALA N 127 -83.02 -3.06 -42.55
CA ALA N 127 -82.13 -3.40 -41.43
C ALA N 127 -82.18 -2.22 -40.47
N TYR N 128 -82.77 -2.44 -39.30
CA TYR N 128 -82.88 -1.39 -38.29
C TYR N 128 -81.71 -1.39 -37.32
N PHE N 129 -81.13 -0.22 -37.11
CA PHE N 129 -80.00 -0.06 -36.20
C PHE N 129 -80.30 0.93 -35.09
N GLY N 130 -80.06 0.50 -33.86
CA GLY N 130 -80.26 1.35 -32.69
C GLY N 130 -78.90 1.41 -32.03
N ALA N 131 -78.33 2.60 -31.95
CA ALA N 131 -77.00 2.76 -31.35
C ALA N 131 -76.99 3.66 -30.14
N GLU N 132 -76.24 3.23 -29.14
CA GLU N 132 -76.13 3.98 -27.90
C GLU N 132 -74.68 4.30 -27.58
N ALA N 133 -74.35 5.56 -27.85
CA ALA N 133 -73.02 6.05 -27.68
C ALA N 133 -72.84 6.87 -26.42
N GLU N 134 -71.93 6.39 -25.58
CA GLU N 134 -71.57 7.03 -24.34
C GLU N 134 -70.48 8.06 -24.66
N PHE N 135 -70.38 9.09 -23.83
CA PHE N 135 -69.37 10.12 -24.01
C PHE N 135 -68.99 10.73 -22.66
N TYR N 136 -67.88 11.46 -22.65
CA TYR N 136 -67.41 12.13 -21.44
C TYR N 136 -67.43 13.63 -21.63
N ILE N 137 -67.81 14.33 -20.57
CA ILE N 137 -67.87 15.79 -20.55
C ILE N 137 -66.70 16.28 -19.70
N PHE N 138 -65.77 17.01 -20.30
CA PHE N 138 -64.62 17.54 -19.59
C PHE N 138 -64.63 19.07 -19.62
N ASP N 139 -63.72 19.65 -18.83
CA ASP N 139 -63.59 21.11 -18.77
C ASP N 139 -62.39 21.52 -19.60
N SER N 140 -61.42 20.62 -19.72
CA SER N 140 -60.22 20.90 -20.48
C SER N 140 -59.48 19.66 -20.94
N VAL N 141 -58.65 19.84 -21.96
CA VAL N 141 -57.82 18.79 -22.52
C VAL N 141 -56.60 19.42 -23.18
N SER N 142 -55.43 18.89 -22.85
CA SER N 142 -54.19 19.37 -23.44
C SER N 142 -53.26 18.18 -23.61
N PHE N 143 -52.36 18.25 -24.58
CA PHE N 143 -51.42 17.17 -24.86
C PHE N 143 -50.40 17.61 -25.89
N ASP N 144 -49.31 16.87 -25.98
CA ASP N 144 -48.28 17.11 -26.98
C ASP N 144 -47.32 15.95 -27.07
N SER N 145 -46.53 15.94 -28.14
CA SER N 145 -45.55 14.90 -28.37
C SER N 145 -44.30 15.59 -28.89
N ARG N 146 -43.23 15.54 -28.10
CA ARG N 146 -41.98 16.17 -28.45
C ARG N 146 -40.85 15.15 -28.44
N ALA N 147 -39.66 15.59 -28.81
CA ALA N 147 -38.50 14.72 -28.85
C ALA N 147 -38.10 14.18 -27.49
N ASN N 148 -38.16 15.04 -26.48
CA ASN N 148 -37.74 14.68 -25.12
C ASN N 148 -38.87 14.48 -24.11
N GLY N 149 -40.11 14.52 -24.57
CA GLY N 149 -41.20 14.34 -23.65
C GLY N 149 -42.53 14.32 -24.33
N SER N 150 -43.56 13.92 -23.58
CA SER N 150 -44.90 13.84 -24.10
C SER N 150 -45.86 13.79 -22.92
N PHE N 151 -47.07 14.27 -23.11
CA PHE N 151 -48.06 14.26 -22.04
C PHE N 151 -49.47 14.43 -22.58
N TYR N 152 -50.44 14.17 -21.72
CA TYR N 152 -51.84 14.40 -22.01
C TYR N 152 -52.47 14.66 -20.65
N GLU N 153 -53.57 15.41 -20.66
CA GLU N 153 -54.25 15.71 -19.44
C GLU N 153 -55.67 16.17 -19.74
N VAL N 154 -56.64 15.41 -19.24
CA VAL N 154 -58.04 15.77 -19.37
C VAL N 154 -58.46 16.15 -17.96
N ASP N 155 -59.36 17.11 -17.82
CA ASP N 155 -59.77 17.51 -16.49
C ASP N 155 -61.20 17.98 -16.45
N ALA N 156 -61.78 17.86 -15.26
CA ALA N 156 -63.15 18.27 -15.00
C ALA N 156 -63.17 18.72 -13.57
N ILE N 157 -63.80 19.87 -13.33
CA ILE N 157 -63.91 20.46 -12.00
C ILE N 157 -64.38 19.43 -10.99
N SER N 158 -65.42 18.67 -11.36
CA SER N 158 -66.00 17.65 -10.50
C SER N 158 -65.39 16.26 -10.63
N GLY N 159 -64.21 16.16 -11.24
CA GLY N 159 -63.56 14.87 -11.38
C GLY N 159 -63.17 14.29 -10.03
N TRP N 160 -63.42 13.00 -9.84
CA TRP N 160 -63.12 12.33 -8.58
C TRP N 160 -61.66 12.34 -8.13
N TRP N 161 -60.77 12.69 -9.07
CA TRP N 161 -59.33 12.76 -8.77
C TRP N 161 -58.98 14.14 -8.20
N ASN N 162 -59.98 15.03 -8.10
CA ASN N 162 -59.78 16.39 -7.60
C ASN N 162 -60.35 16.67 -6.20
N THR N 163 -60.60 15.63 -5.42
CA THR N 163 -61.16 15.82 -4.07
C THR N 163 -60.26 16.64 -3.17
N GLY N 164 -58.95 16.58 -3.41
CA GLY N 164 -57.99 17.30 -2.60
C GLY N 164 -57.65 18.71 -3.04
N ALA N 165 -58.27 19.20 -4.12
CA ALA N 165 -58.00 20.55 -4.61
C ALA N 165 -58.32 21.60 -3.56
N ALA N 166 -57.33 22.43 -3.25
CA ALA N 166 -57.46 23.50 -2.26
C ALA N 166 -58.54 24.50 -2.70
N THR N 167 -58.53 24.82 -4.00
CA THR N 167 -59.52 25.71 -4.61
C THR N 167 -59.70 25.23 -6.04
N GLU N 168 -60.79 25.65 -6.67
CA GLU N 168 -61.06 25.25 -8.04
C GLU N 168 -60.13 25.96 -9.01
N ALA N 169 -60.20 25.58 -10.28
CA ALA N 169 -59.38 26.17 -11.32
C ALA N 169 -59.54 27.70 -11.34
N ASP N 170 -60.79 28.15 -11.25
CA ASP N 170 -61.10 29.58 -11.25
C ASP N 170 -60.94 30.29 -9.90
N GLY N 171 -60.22 29.67 -8.97
CA GLY N 171 -60.00 30.28 -7.67
C GLY N 171 -61.12 30.11 -6.65
N SER N 172 -62.30 29.71 -7.10
CA SER N 172 -63.45 29.50 -6.21
C SER N 172 -63.22 28.30 -5.28
N PRO N 173 -63.95 28.23 -4.17
CA PRO N 173 -63.75 27.10 -3.24
C PRO N 173 -64.22 25.73 -3.73
N ASN N 174 -63.52 24.70 -3.23
CA ASN N 174 -63.84 23.32 -3.55
C ASN N 174 -65.06 22.97 -2.70
N ARG N 175 -66.19 22.68 -3.35
CA ARG N 175 -67.41 22.35 -2.63
C ARG N 175 -67.72 20.88 -2.50
N GLY N 176 -66.79 20.04 -2.93
CA GLY N 176 -66.97 18.60 -2.82
C GLY N 176 -67.94 17.97 -3.79
N TYR N 177 -68.50 16.83 -3.38
CA TYR N 177 -69.43 16.05 -4.20
C TYR N 177 -68.78 15.53 -5.48
N LYS N 178 -67.48 15.30 -5.41
CA LYS N 178 -66.69 14.80 -6.54
C LYS N 178 -66.51 13.28 -6.45
N VAL N 179 -66.41 12.78 -5.22
CA VAL N 179 -66.20 11.35 -4.97
C VAL N 179 -67.20 10.43 -5.63
N ARG N 180 -66.68 9.32 -6.12
CA ARG N 180 -67.42 8.29 -6.83
C ARG N 180 -67.65 7.17 -5.82
N HIS N 181 -68.84 7.15 -5.21
CA HIS N 181 -69.20 6.16 -4.20
C HIS N 181 -69.60 4.77 -4.67
N LYS N 182 -69.40 3.81 -3.77
CA LYS N 182 -69.75 2.41 -4.00
C LYS N 182 -71.26 2.30 -3.77
N GLY N 183 -71.93 1.42 -4.52
CA GLY N 183 -73.36 1.24 -4.33
C GLY N 183 -74.22 1.63 -5.52
N GLY N 184 -73.93 2.79 -6.10
CA GLY N 184 -74.70 3.25 -7.24
C GLY N 184 -73.95 4.34 -7.98
N TYR N 185 -73.89 4.22 -9.30
CA TYR N 185 -73.17 5.21 -10.09
C TYR N 185 -74.02 6.23 -10.86
N PHE N 186 -75.29 6.35 -10.50
CA PHE N 186 -76.20 7.33 -11.13
C PHE N 186 -76.84 8.18 -10.03
N PRO N 187 -76.04 8.69 -9.06
CA PRO N 187 -76.64 9.51 -8.00
C PRO N 187 -77.27 10.81 -8.47
N VAL N 188 -78.25 11.28 -7.70
CA VAL N 188 -78.93 12.54 -8.00
C VAL N 188 -78.02 13.71 -7.60
N ALA N 189 -78.42 14.92 -7.97
CA ALA N 189 -77.66 16.11 -7.62
C ALA N 189 -77.64 16.26 -6.09
N PRO N 190 -76.60 16.91 -5.53
CA PRO N 190 -75.48 17.53 -6.23
C PRO N 190 -74.32 16.62 -6.66
N ASN N 191 -74.42 15.32 -6.41
CA ASN N 191 -73.35 14.41 -6.85
C ASN N 191 -73.31 14.43 -8.38
N ASP N 192 -74.50 14.54 -8.98
CA ASP N 192 -74.66 14.63 -10.42
C ASP N 192 -74.49 16.12 -10.71
N GLN N 193 -73.35 16.47 -11.29
CA GLN N 193 -73.05 17.86 -11.58
C GLN N 193 -73.30 18.31 -13.01
N TYR N 194 -73.94 17.47 -13.82
CA TYR N 194 -74.19 17.82 -15.21
C TYR N 194 -75.64 17.73 -15.62
N VAL N 195 -76.54 17.79 -14.64
CA VAL N 195 -77.97 17.71 -14.92
C VAL N 195 -78.49 18.70 -15.95
N ASP N 196 -78.22 19.99 -15.75
CA ASP N 196 -78.70 21.00 -16.68
C ASP N 196 -78.09 20.91 -18.08
N LEU N 197 -76.81 20.54 -18.17
CA LEU N 197 -76.12 20.40 -19.44
C LEU N 197 -76.74 19.25 -20.24
N ARG N 198 -76.90 18.09 -19.59
CA ARG N 198 -77.48 16.94 -20.26
C ARG N 198 -78.90 17.24 -20.74
N ASP N 199 -79.63 18.01 -19.96
CA ASP N 199 -81.00 18.38 -20.33
C ASP N 199 -80.97 19.25 -21.58
N LYS N 200 -79.96 20.12 -21.68
CA LYS N 200 -79.81 20.99 -22.85
C LYS N 200 -79.51 20.13 -24.07
N MET N 201 -78.67 19.12 -23.87
CA MET N 201 -78.31 18.20 -24.95
C MET N 201 -79.57 17.46 -25.41
N LEU N 202 -80.34 16.95 -24.46
CA LEU N 202 -81.58 16.22 -24.74
C LEU N 202 -82.59 17.11 -25.45
N THR N 203 -82.72 18.34 -24.98
CA THR N 203 -83.66 19.31 -25.56
C THR N 203 -83.26 19.58 -27.02
N ASN N 204 -81.96 19.73 -27.27
CA ASN N 204 -81.45 19.98 -28.62
C ASN N 204 -81.68 18.78 -29.54
N LEU N 205 -81.53 17.57 -29.00
CA LEU N 205 -81.74 16.36 -29.79
C LEU N 205 -83.22 16.26 -30.19
N ILE N 206 -84.10 16.50 -29.22
CA ILE N 206 -85.54 16.44 -29.47
C ILE N 206 -85.96 17.49 -30.49
N ASN N 207 -85.40 18.70 -30.39
CA ASN N 207 -85.71 19.77 -31.34
C ASN N 207 -85.12 19.48 -32.71
N SER N 208 -84.17 18.55 -32.76
CA SER N 208 -83.52 18.17 -34.01
C SER N 208 -84.09 16.89 -34.62
N GLY N 209 -85.30 16.51 -34.20
CA GLY N 209 -85.96 15.34 -34.74
C GLY N 209 -85.72 13.97 -34.14
N PHE N 210 -84.94 13.89 -33.06
CA PHE N 210 -84.71 12.59 -32.42
C PHE N 210 -85.96 12.16 -31.68
N ILE N 211 -86.29 10.88 -31.79
CA ILE N 211 -87.47 10.34 -31.14
C ILE N 211 -87.10 9.58 -29.87
N LEU N 212 -87.66 10.02 -28.75
CA LEU N 212 -87.42 9.43 -27.44
C LEU N 212 -88.77 8.88 -26.97
N GLU N 213 -88.87 7.57 -26.78
CA GLU N 213 -90.12 6.97 -26.30
C GLU N 213 -89.86 6.05 -25.13
N LYS N 214 -90.33 4.83 -25.30
CA LYS N 214 -90.29 3.67 -24.40
C LYS N 214 -89.04 3.63 -23.51
N GLY N 215 -88.02 2.89 -23.91
CA GLY N 215 -86.83 2.76 -23.09
C GLY N 215 -85.69 3.68 -23.51
N HIS N 216 -86.06 4.92 -23.86
CA HIS N 216 -85.07 5.91 -24.27
C HIS N 216 -84.86 6.83 -23.07
N HIS N 217 -83.64 6.79 -22.54
CA HIS N 217 -83.28 7.55 -21.36
C HIS N 217 -82.13 8.52 -21.56
N GLU N 218 -82.06 9.42 -20.60
CA GLU N 218 -80.95 10.34 -20.49
C GLU N 218 -80.27 9.92 -19.18
N VAL N 219 -79.02 9.50 -19.23
CA VAL N 219 -78.36 9.04 -18.01
C VAL N 219 -76.95 9.60 -17.87
N GLY N 220 -76.51 9.78 -16.62
CA GLY N 220 -75.19 10.29 -16.37
C GLY N 220 -74.53 9.67 -15.16
N SER N 221 -73.21 9.50 -15.24
CA SER N 221 -72.42 8.92 -14.16
C SER N 221 -71.11 9.71 -14.15
N GLY N 222 -70.96 10.59 -13.17
CA GLY N 222 -69.78 11.42 -13.10
C GLY N 222 -69.81 12.30 -14.33
N GLY N 223 -68.71 12.32 -15.06
CA GLY N 223 -68.65 13.13 -16.28
C GLY N 223 -69.14 12.36 -17.51
N GLN N 224 -69.41 11.06 -17.34
CA GLN N 224 -69.89 10.25 -18.45
C GLN N 224 -71.40 10.37 -18.61
N ALA N 225 -71.86 10.28 -19.85
CA ALA N 225 -73.29 10.38 -20.13
C ALA N 225 -73.68 9.62 -21.39
N GLU N 226 -74.99 9.47 -21.56
CA GLU N 226 -75.55 8.78 -22.71
C GLU N 226 -77.01 9.15 -22.81
N ILE N 227 -77.44 9.44 -24.04
CA ILE N 227 -78.84 9.75 -24.31
C ILE N 227 -79.18 8.87 -25.50
N ASN N 228 -80.01 7.85 -25.27
CA ASN N 228 -80.39 6.97 -26.35
C ASN N 228 -81.70 7.40 -26.99
N TYR N 229 -81.88 7.05 -28.25
CA TYR N 229 -83.04 7.44 -29.00
C TYR N 229 -83.51 6.30 -29.90
N GLN N 230 -84.62 6.51 -30.57
CA GLN N 230 -85.19 5.50 -31.45
C GLN N 230 -84.33 5.14 -32.65
N PHE N 231 -84.29 3.84 -32.95
CA PHE N 231 -83.55 3.27 -34.07
C PHE N 231 -84.01 3.85 -35.40
N ASN N 232 -83.33 3.44 -36.47
CA ASN N 232 -83.66 3.89 -37.81
C ASN N 232 -83.05 2.88 -38.79
N SER N 233 -83.42 2.99 -40.06
CA SER N 233 -82.86 2.10 -41.07
C SER N 233 -81.36 2.41 -41.16
N LEU N 234 -80.56 1.39 -41.45
CA LEU N 234 -79.10 1.50 -41.52
C LEU N 234 -78.48 2.87 -41.85
N LEU N 235 -78.63 3.33 -43.09
CA LEU N 235 -78.05 4.60 -43.51
C LEU N 235 -78.44 5.78 -42.63
N HIS N 236 -79.74 5.96 -42.44
CA HIS N 236 -80.23 7.06 -41.62
C HIS N 236 -79.88 6.95 -40.14
N ALA N 237 -79.63 5.74 -39.68
CA ALA N 237 -79.23 5.51 -38.29
C ALA N 237 -77.81 6.06 -38.15
N ALA N 238 -77.00 5.83 -39.18
CA ALA N 238 -75.62 6.31 -39.22
C ALA N 238 -75.60 7.83 -39.30
N ASP N 239 -76.54 8.40 -40.05
CA ASP N 239 -76.66 9.86 -40.17
C ASP N 239 -77.06 10.43 -38.81
N ASP N 240 -77.94 9.71 -38.11
CA ASP N 240 -78.42 10.10 -36.79
C ASP N 240 -77.29 10.11 -35.78
N MET N 241 -76.38 9.15 -35.90
CA MET N 241 -75.23 9.05 -35.00
C MET N 241 -74.31 10.25 -35.17
N GLN N 242 -74.06 10.64 -36.42
CA GLN N 242 -73.22 11.79 -36.72
C GLN N 242 -73.87 13.06 -36.18
N LEU N 243 -75.19 13.15 -36.31
CA LEU N 243 -75.97 14.29 -35.84
C LEU N 243 -75.90 14.36 -34.32
N TYR N 244 -76.08 13.20 -33.69
CA TYR N 244 -76.03 13.07 -32.23
C TYR N 244 -74.69 13.60 -31.71
N LYS N 245 -73.59 13.10 -32.27
CA LYS N 245 -72.26 13.54 -31.86
C LYS N 245 -72.09 15.04 -32.05
N TYR N 246 -72.61 15.55 -33.17
CA TYR N 246 -72.53 16.98 -33.47
C TYR N 246 -73.27 17.80 -32.41
N ILE N 247 -74.49 17.37 -32.08
CA ILE N 247 -75.30 18.05 -31.10
C ILE N 247 -74.73 17.95 -29.69
N ILE N 248 -74.21 16.79 -29.33
CA ILE N 248 -73.62 16.61 -28.01
C ILE N 248 -72.36 17.47 -27.86
N LYS N 249 -71.47 17.39 -28.84
CA LYS N 249 -70.23 18.14 -28.82
C LYS N 249 -70.39 19.66 -28.78
N ASN N 250 -71.33 20.17 -29.56
CA ASN N 250 -71.55 21.61 -29.63
C ASN N 250 -72.41 22.19 -28.52
N THR N 251 -73.26 21.38 -27.93
CA THR N 251 -74.08 21.84 -26.80
C THR N 251 -73.09 22.06 -25.66
N ALA N 252 -72.16 21.11 -25.50
CA ALA N 252 -71.13 21.21 -24.48
C ALA N 252 -70.25 22.43 -24.75
N TRP N 253 -69.83 22.57 -26.00
CA TRP N 253 -68.97 23.67 -26.42
C TRP N 253 -69.57 25.05 -26.12
N GLN N 254 -70.85 25.19 -26.40
CA GLN N 254 -71.54 26.46 -26.15
C GLN N 254 -71.76 26.71 -24.67
N ASN N 255 -71.54 25.69 -23.85
CA ASN N 255 -71.72 25.83 -22.42
C ASN N 255 -70.43 25.68 -21.62
N GLY N 256 -69.32 26.07 -22.25
CA GLY N 256 -68.03 26.03 -21.61
C GLY N 256 -67.38 24.69 -21.34
N LYS N 257 -67.82 23.64 -22.01
CA LYS N 257 -67.24 22.32 -21.81
C LYS N 257 -66.66 21.78 -23.11
N THR N 258 -66.09 20.59 -23.03
CA THR N 258 -65.50 19.91 -24.17
C THR N 258 -65.78 18.42 -24.02
N VAL N 259 -66.42 17.84 -25.03
CA VAL N 259 -66.81 16.43 -25.03
C VAL N 259 -65.91 15.53 -25.86
N THR N 260 -65.75 14.28 -25.41
CA THR N 260 -64.99 13.31 -26.18
C THR N 260 -65.72 11.98 -26.24
N PHE N 261 -65.76 11.41 -27.45
CA PHE N 261 -66.38 10.12 -27.68
C PHE N 261 -65.30 9.05 -27.77
N MET N 262 -64.06 9.40 -27.44
CA MET N 262 -62.99 8.41 -27.51
C MET N 262 -63.29 7.27 -26.52
N PRO N 263 -62.97 6.03 -26.92
CA PRO N 263 -63.20 4.81 -26.13
C PRO N 263 -62.71 4.78 -24.69
N LYS N 264 -61.49 5.26 -24.45
CA LYS N 264 -60.93 5.23 -23.11
C LYS N 264 -60.13 6.49 -22.78
N PRO N 265 -60.81 7.57 -22.38
CA PRO N 265 -60.12 8.81 -22.04
C PRO N 265 -59.54 8.78 -20.63
N LEU N 266 -60.16 7.96 -19.77
CA LEU N 266 -59.73 7.84 -18.39
C LEU N 266 -59.24 6.45 -18.01
N PHE N 267 -58.05 6.42 -17.41
CA PHE N 267 -57.46 5.16 -16.96
C PHE N 267 -57.98 4.93 -15.54
N GLY N 268 -58.73 3.85 -15.35
CA GLY N 268 -59.29 3.58 -14.04
C GLY N 268 -60.73 4.02 -13.92
N ASP N 269 -61.36 4.24 -15.08
CA ASP N 269 -62.76 4.62 -15.13
C ASP N 269 -63.35 3.96 -16.38
N ASN N 270 -64.67 3.84 -16.39
CA ASN N 270 -65.40 3.22 -17.48
C ASN N 270 -65.08 3.78 -18.86
N GLY N 271 -64.97 2.89 -19.85
CA GLY N 271 -64.71 3.30 -21.21
C GLY N 271 -66.03 3.71 -21.84
N SER N 272 -65.99 4.24 -23.07
CA SER N 272 -67.23 4.64 -23.75
C SER N 272 -67.45 3.75 -24.96
N GLY N 273 -68.59 3.07 -24.97
CA GLY N 273 -68.90 2.19 -26.07
C GLY N 273 -70.14 2.58 -26.83
N MET N 274 -70.41 1.85 -27.92
CA MET N 274 -71.57 2.08 -28.76
C MET N 274 -72.26 0.75 -29.00
N HIS N 275 -73.23 0.44 -28.14
CA HIS N 275 -74.00 -0.79 -28.24
C HIS N 275 -74.94 -0.67 -29.42
N CYS N 276 -74.81 -1.59 -30.36
CA CYS N 276 -75.64 -1.56 -31.56
C CYS N 276 -76.68 -2.66 -31.65
N HIS N 277 -77.93 -2.26 -31.53
CA HIS N 277 -79.07 -3.17 -31.63
C HIS N 277 -79.43 -3.26 -33.10
N GLN N 278 -79.59 -4.49 -33.57
CA GLN N 278 -79.90 -4.75 -34.97
C GLN N 278 -81.02 -5.74 -35.12
N SER N 279 -81.73 -5.63 -36.24
CA SER N 279 -82.83 -6.53 -36.53
C SER N 279 -83.25 -6.37 -38.01
N LEU N 280 -83.65 -7.47 -38.63
CA LEU N 280 -84.10 -7.46 -40.01
C LEU N 280 -85.61 -7.56 -40.10
N TRP N 281 -86.18 -6.81 -41.05
CA TRP N 281 -87.62 -6.80 -41.29
C TRP N 281 -87.90 -6.98 -42.77
N LYS N 282 -89.11 -7.44 -43.08
CA LYS N 282 -89.53 -7.66 -44.47
C LYS N 282 -91.03 -7.46 -44.55
N ASP N 283 -91.45 -6.64 -45.51
CA ASP N 283 -92.86 -6.33 -45.73
C ASP N 283 -93.57 -5.84 -44.48
N GLY N 284 -92.86 -5.04 -43.69
CA GLY N 284 -93.41 -4.48 -42.47
C GLY N 284 -93.51 -5.44 -41.30
N ALA N 285 -92.90 -6.60 -41.41
CA ALA N 285 -92.94 -7.60 -40.33
C ALA N 285 -91.55 -8.03 -39.89
N PRO N 286 -91.39 -8.32 -38.58
CA PRO N 286 -90.13 -8.75 -37.98
C PRO N 286 -89.70 -10.15 -38.40
N LEU N 287 -88.40 -10.36 -38.51
CA LEU N 287 -87.84 -11.64 -38.91
C LEU N 287 -86.93 -12.25 -37.84
N MET N 288 -86.78 -11.56 -36.71
CA MET N 288 -85.90 -12.02 -35.64
C MET N 288 -86.53 -12.90 -34.58
N TYR N 289 -87.86 -12.88 -34.47
CA TYR N 289 -88.57 -13.66 -33.45
C TYR N 289 -89.00 -15.08 -33.79
N ASP N 290 -89.06 -15.91 -32.75
CA ASP N 290 -89.47 -17.32 -32.83
C ASP N 290 -89.57 -17.86 -31.40
N GLU N 291 -90.79 -18.08 -30.92
CA GLU N 291 -91.03 -18.59 -29.56
C GLU N 291 -90.25 -19.84 -29.22
N THR N 292 -90.11 -20.73 -30.20
CA THR N 292 -89.41 -22.00 -30.02
C THR N 292 -87.89 -21.91 -29.88
N GLY N 293 -87.30 -20.86 -30.43
CA GLY N 293 -85.85 -20.72 -30.36
C GLY N 293 -85.32 -20.14 -29.05
N TYR N 294 -84.03 -20.37 -28.80
CA TYR N 294 -83.39 -19.85 -27.59
C TYR N 294 -83.46 -18.32 -27.60
N ALA N 295 -83.89 -17.75 -26.47
CA ALA N 295 -84.02 -16.30 -26.32
C ALA N 295 -85.03 -15.70 -27.30
N GLY N 296 -85.92 -16.55 -27.82
CA GLY N 296 -86.93 -16.09 -28.75
C GLY N 296 -86.36 -15.72 -30.11
N LEU N 297 -85.23 -16.32 -30.47
CA LEU N 297 -84.56 -16.04 -31.73
C LEU N 297 -84.90 -16.98 -32.88
N SER N 298 -85.13 -16.39 -34.05
CA SER N 298 -85.44 -17.16 -35.25
C SER N 298 -84.15 -17.74 -35.82
N ASP N 299 -84.27 -18.56 -36.87
CA ASP N 299 -83.11 -19.16 -37.52
C ASP N 299 -82.29 -18.05 -38.15
N THR N 300 -82.99 -17.08 -38.72
CA THR N 300 -82.37 -15.93 -39.37
C THR N 300 -81.53 -15.14 -38.38
N ALA N 301 -82.10 -14.86 -37.22
CA ALA N 301 -81.41 -14.12 -36.17
C ALA N 301 -80.18 -14.87 -35.65
N ARG N 302 -80.31 -16.17 -35.43
CA ARG N 302 -79.21 -16.99 -34.93
C ARG N 302 -78.05 -17.06 -35.93
N HIS N 303 -78.39 -17.13 -37.22
CA HIS N 303 -77.37 -17.19 -38.27
C HIS N 303 -76.67 -15.85 -38.39
N TYR N 304 -77.42 -14.77 -38.15
CA TYR N 304 -76.89 -13.41 -38.18
C TYR N 304 -75.83 -13.32 -37.09
N ILE N 305 -76.18 -13.81 -35.89
CA ILE N 305 -75.28 -13.83 -34.75
C ILE N 305 -74.04 -14.67 -35.08
N GLY N 306 -74.27 -15.75 -35.82
CA GLY N 306 -73.17 -16.62 -36.22
C GLY N 306 -72.19 -15.87 -37.09
N GLY N 307 -72.73 -14.98 -37.93
CA GLY N 307 -71.89 -14.18 -38.81
C GLY N 307 -71.08 -13.15 -38.03
N LEU N 308 -71.74 -12.47 -37.09
CA LEU N 308 -71.09 -11.48 -36.25
C LEU N 308 -69.93 -12.09 -35.47
N LEU N 309 -70.19 -13.22 -34.80
CA LEU N 309 -69.17 -13.90 -34.00
C LEU N 309 -68.05 -14.48 -34.85
N HIS N 310 -68.40 -15.02 -36.01
CA HIS N 310 -67.40 -15.62 -36.90
C HIS N 310 -66.49 -14.56 -37.50
N HIS N 311 -67.09 -13.44 -37.93
CA HIS N 311 -66.36 -12.35 -38.56
C HIS N 311 -65.79 -11.28 -37.64
N ALA N 312 -66.11 -11.36 -36.35
CA ALA N 312 -65.65 -10.38 -35.37
C ALA N 312 -64.18 -9.96 -35.47
N PRO N 313 -63.25 -10.91 -35.63
CA PRO N 313 -61.83 -10.53 -35.72
C PRO N 313 -61.52 -9.50 -36.81
N SER N 314 -62.28 -9.52 -37.90
CA SER N 314 -62.06 -8.56 -38.98
C SER N 314 -63.08 -7.42 -38.89
N LEU N 315 -64.29 -7.74 -38.45
CA LEU N 315 -65.38 -6.77 -38.30
C LEU N 315 -64.94 -5.61 -37.41
N LEU N 316 -64.17 -5.93 -36.37
CA LEU N 316 -63.68 -4.94 -35.43
C LEU N 316 -62.81 -3.86 -36.05
N ALA N 317 -62.32 -4.11 -37.27
CA ALA N 317 -61.49 -3.12 -37.96
C ALA N 317 -62.32 -1.89 -38.36
N PHE N 318 -63.64 -2.06 -38.42
CA PHE N 318 -64.56 -0.96 -38.76
C PHE N 318 -65.42 -0.59 -37.56
N THR N 319 -65.57 -1.55 -36.66
CA THR N 319 -66.39 -1.41 -35.50
C THR N 319 -65.65 -0.83 -34.26
N ASN N 320 -64.35 -1.07 -34.18
CA ASN N 320 -63.47 -0.56 -33.11
C ASN N 320 -62.16 -0.28 -33.86
N PRO N 321 -62.19 0.74 -34.74
CA PRO N 321 -61.12 1.16 -35.65
C PRO N 321 -59.93 2.02 -35.10
N THR N 322 -59.83 2.23 -33.80
CA THR N 322 -58.72 3.03 -33.30
C THR N 322 -57.83 2.30 -32.31
N VAL N 323 -56.63 2.82 -32.10
CA VAL N 323 -55.69 2.24 -31.15
C VAL N 323 -56.29 2.33 -29.73
N ASN N 324 -56.98 3.44 -29.47
CA ASN N 324 -57.60 3.69 -28.17
C ASN N 324 -58.75 2.72 -27.90
N SER N 325 -59.35 2.20 -28.98
CA SER N 325 -60.45 1.24 -28.87
C SER N 325 -60.05 0.04 -28.02
N TYR N 326 -58.78 -0.36 -28.11
CA TYR N 326 -58.28 -1.52 -27.37
C TYR N 326 -57.85 -1.27 -25.94
N LYS N 327 -58.13 -0.08 -25.43
CA LYS N 327 -57.83 0.25 -24.04
C LYS N 327 -59.15 0.00 -23.30
N ARG N 328 -60.25 -0.01 -24.06
CA ARG N 328 -61.57 -0.29 -23.53
C ARG N 328 -61.80 -1.81 -23.65
N LEU N 329 -61.48 -2.35 -24.83
CA LEU N 329 -61.61 -3.78 -25.11
C LEU N 329 -60.39 -4.50 -24.52
N VAL N 330 -60.41 -4.66 -23.20
CA VAL N 330 -59.32 -5.28 -22.47
C VAL N 330 -59.95 -5.89 -21.20
N PRO N 331 -59.39 -7.01 -20.68
CA PRO N 331 -59.93 -7.66 -19.47
C PRO N 331 -60.17 -6.69 -18.29
N GLY N 332 -61.42 -6.60 -17.85
CA GLY N 332 -61.73 -5.70 -16.75
C GLY N 332 -63.20 -5.43 -16.48
N TYR N 333 -63.64 -4.21 -16.80
CA TYR N 333 -65.02 -3.74 -16.59
C TYR N 333 -66.10 -4.53 -17.33
N GLU N 334 -65.89 -5.85 -17.47
CA GLU N 334 -66.81 -6.74 -18.15
C GLU N 334 -66.87 -6.26 -19.59
N ALA N 335 -65.70 -6.17 -20.21
CA ALA N 335 -65.55 -5.72 -21.58
C ALA N 335 -66.09 -6.75 -22.56
N PRO N 336 -66.90 -6.31 -23.55
CA PRO N 336 -67.48 -7.20 -24.55
C PRO N 336 -66.42 -7.79 -25.47
N ILE N 337 -65.57 -8.65 -24.90
CA ILE N 337 -64.49 -9.29 -25.64
C ILE N 337 -64.71 -10.79 -25.84
N ASN N 338 -65.74 -11.32 -25.18
CA ASN N 338 -66.07 -12.75 -25.28
C ASN N 338 -66.96 -13.06 -26.47
N LEU N 339 -66.40 -13.82 -27.42
CA LEU N 339 -67.10 -14.19 -28.64
C LEU N 339 -68.22 -15.21 -28.50
N VAL N 340 -69.25 -14.84 -27.75
CA VAL N 340 -70.41 -15.69 -27.52
C VAL N 340 -71.64 -14.79 -27.37
N TYR N 341 -72.84 -15.37 -27.51
CA TYR N 341 -74.07 -14.60 -27.33
C TYR N 341 -74.70 -14.98 -26.00
N SER N 342 -75.52 -14.12 -25.46
CA SER N 342 -76.12 -14.38 -24.15
C SER N 342 -77.27 -13.42 -23.88
N GLN N 343 -77.98 -13.67 -22.77
CA GLN N 343 -79.09 -12.82 -22.34
C GLN N 343 -78.70 -12.17 -21.03
N ARG N 344 -77.78 -12.82 -20.31
CA ARG N 344 -77.30 -12.36 -19.01
C ARG N 344 -75.97 -11.60 -19.09
N ASN N 345 -74.93 -12.27 -19.56
CA ASN N 345 -73.59 -11.70 -19.68
C ASN N 345 -73.44 -10.42 -20.47
N ARG N 346 -72.88 -9.40 -19.82
CA ARG N 346 -72.63 -8.12 -20.47
C ARG N 346 -71.23 -8.06 -21.07
N SER N 347 -70.44 -9.08 -20.76
CA SER N 347 -69.07 -9.21 -21.28
C SER N 347 -69.11 -10.04 -22.56
N ALA N 348 -70.32 -10.34 -23.04
CA ALA N 348 -70.52 -11.11 -24.26
C ALA N 348 -70.63 -10.14 -25.43
N CYS N 349 -69.97 -10.47 -26.54
CA CYS N 349 -70.00 -9.64 -27.74
C CYS N 349 -71.42 -9.35 -28.18
N VAL N 350 -72.25 -10.37 -28.16
CA VAL N 350 -73.65 -10.22 -28.54
C VAL N 350 -74.55 -10.55 -27.36
N ARG N 351 -75.49 -9.67 -27.07
CA ARG N 351 -76.44 -9.88 -25.99
C ARG N 351 -77.84 -9.75 -26.57
N ILE N 352 -78.73 -10.63 -26.13
CA ILE N 352 -80.11 -10.56 -26.60
C ILE N 352 -80.94 -9.96 -25.48
N PRO N 353 -81.39 -8.71 -25.67
CA PRO N 353 -82.20 -8.01 -24.67
C PRO N 353 -83.47 -8.80 -24.35
N ILE N 354 -83.80 -8.86 -23.07
CA ILE N 354 -84.99 -9.57 -22.64
C ILE N 354 -86.18 -8.66 -22.94
N THR N 355 -86.92 -9.00 -23.99
CA THR N 355 -88.06 -8.20 -24.43
C THR N 355 -89.41 -8.90 -24.36
N GLY N 356 -89.43 -10.17 -23.96
CA GLY N 356 -90.67 -10.89 -23.85
C GLY N 356 -91.17 -11.61 -25.10
N SER N 357 -92.48 -11.66 -25.26
CA SER N 357 -93.12 -12.33 -26.38
C SER N 357 -93.41 -11.46 -27.61
N ASN N 358 -93.25 -10.15 -27.47
CA ASN N 358 -93.48 -9.21 -28.58
C ASN N 358 -92.42 -9.41 -29.68
N PRO N 359 -92.83 -9.93 -30.84
CA PRO N 359 -91.92 -10.17 -31.96
C PRO N 359 -91.26 -8.92 -32.54
N LYS N 360 -91.95 -7.78 -32.44
CA LYS N 360 -91.45 -6.51 -32.94
C LYS N 360 -90.31 -5.93 -32.10
N ALA N 361 -90.13 -6.44 -30.89
CA ALA N 361 -89.09 -5.95 -30.00
C ALA N 361 -87.85 -6.83 -29.96
N LYS N 362 -87.94 -8.01 -30.57
CA LYS N 362 -86.81 -8.94 -30.59
C LYS N 362 -85.70 -8.41 -31.49
N ARG N 363 -84.50 -8.36 -30.94
CA ARG N 363 -83.34 -7.86 -31.67
C ARG N 363 -82.07 -8.35 -30.98
N LEU N 364 -80.95 -8.21 -31.66
CA LEU N 364 -79.67 -8.61 -31.09
C LEU N 364 -78.86 -7.34 -30.84
N GLU N 365 -78.04 -7.37 -29.80
CA GLU N 365 -77.22 -6.22 -29.46
C GLU N 365 -75.73 -6.53 -29.52
N PHE N 366 -75.04 -5.92 -30.49
CA PHE N 366 -73.60 -6.10 -30.62
C PHE N 366 -73.01 -5.04 -29.68
N ARG N 367 -72.44 -5.50 -28.58
CA ARG N 367 -71.89 -4.64 -27.54
C ARG N 367 -70.46 -4.14 -27.72
N SER N 368 -69.71 -4.84 -28.53
CA SER N 368 -68.29 -4.51 -28.75
C SER N 368 -67.92 -3.16 -29.36
N PRO N 369 -68.72 -2.65 -30.33
CA PRO N 369 -68.41 -1.36 -30.96
C PRO N 369 -68.24 -0.15 -30.04
N ASP N 370 -67.60 0.87 -30.58
CA ASP N 370 -67.39 2.14 -29.90
C ASP N 370 -67.64 3.22 -30.95
N SER N 371 -67.66 4.49 -30.56
CA SER N 371 -67.90 5.54 -31.54
C SER N 371 -66.64 6.30 -31.96
N SER N 372 -65.52 5.59 -32.02
CA SER N 372 -64.25 6.20 -32.41
C SER N 372 -64.02 6.17 -33.92
N GLY N 373 -65.02 5.72 -34.68
CA GLY N 373 -64.84 5.65 -36.12
C GLY N 373 -65.91 6.21 -37.01
N ASN N 374 -66.26 5.43 -38.03
CA ASN N 374 -67.25 5.79 -39.03
C ASN N 374 -68.48 4.91 -38.89
N PRO N 375 -69.62 5.49 -38.48
CA PRO N 375 -70.86 4.72 -38.30
C PRO N 375 -71.42 4.12 -39.60
N TYR N 376 -71.18 4.78 -40.72
CA TYR N 376 -71.66 4.29 -42.01
C TYR N 376 -70.97 2.98 -42.35
N LEU N 377 -69.66 2.94 -42.14
CA LEU N 377 -68.86 1.75 -42.40
C LEU N 377 -69.09 0.67 -41.35
N ALA N 378 -69.22 1.08 -40.09
CA ALA N 378 -69.42 0.15 -38.98
C ALA N 378 -70.75 -0.59 -39.11
N PHE N 379 -71.84 0.15 -39.32
CA PHE N 379 -73.16 -0.46 -39.47
C PHE N 379 -73.20 -1.37 -40.70
N SER N 380 -72.63 -0.90 -41.80
CA SER N 380 -72.60 -1.67 -43.04
C SER N 380 -71.84 -2.98 -42.85
N ALA N 381 -70.67 -2.90 -42.21
CA ALA N 381 -69.84 -4.08 -41.95
C ALA N 381 -70.59 -5.07 -41.06
N MET N 382 -71.34 -4.57 -40.10
CA MET N 382 -72.11 -5.42 -39.20
C MET N 382 -73.18 -6.17 -39.99
N LEU N 383 -73.86 -5.46 -40.90
CA LEU N 383 -74.91 -6.06 -41.72
C LEU N 383 -74.31 -7.14 -42.62
N MET N 384 -73.20 -6.83 -43.27
CA MET N 384 -72.53 -7.77 -44.16
C MET N 384 -72.09 -9.03 -43.43
N ALA N 385 -71.62 -8.87 -42.20
CA ALA N 385 -71.19 -10.01 -41.39
C ALA N 385 -72.41 -10.87 -41.08
N GLY N 386 -73.52 -10.22 -40.72
CA GLY N 386 -74.74 -10.92 -40.40
C GLY N 386 -75.37 -11.62 -41.60
N LEU N 387 -75.35 -10.96 -42.76
CA LEU N 387 -75.90 -11.53 -43.98
C LEU N 387 -75.10 -12.73 -44.47
N ASP N 388 -73.79 -12.69 -44.28
CA ASP N 388 -72.92 -13.79 -44.68
C ASP N 388 -73.23 -14.99 -43.78
N GLY N 389 -73.61 -14.70 -42.54
CA GLY N 389 -73.93 -15.74 -41.59
C GLY N 389 -75.25 -16.41 -41.97
N ILE N 390 -76.19 -15.61 -42.48
CA ILE N 390 -77.49 -16.11 -42.91
C ILE N 390 -77.38 -16.94 -44.18
N LYS N 391 -76.64 -16.42 -45.17
CA LYS N 391 -76.46 -17.11 -46.44
C LYS N 391 -75.73 -18.45 -46.28
N ASN N 392 -74.71 -18.48 -45.44
CA ASN N 392 -73.95 -19.71 -45.20
C ASN N 392 -74.41 -20.47 -43.97
N LYS N 393 -75.57 -20.09 -43.46
CA LYS N 393 -76.19 -20.70 -42.29
C LYS N 393 -75.20 -21.01 -41.17
N ILE N 394 -74.31 -20.05 -40.89
CA ILE N 394 -73.30 -20.18 -39.85
C ILE N 394 -73.94 -20.30 -38.47
N GLU N 395 -73.61 -21.38 -37.78
CA GLU N 395 -74.14 -21.63 -36.45
C GLU N 395 -73.20 -21.13 -35.38
N PRO N 396 -73.68 -20.23 -34.52
CA PRO N 396 -72.85 -19.68 -33.44
C PRO N 396 -72.68 -20.75 -32.38
N GLN N 397 -71.55 -20.73 -31.68
CA GLN N 397 -71.35 -21.72 -30.63
C GLN N 397 -72.41 -21.50 -29.55
N ALA N 398 -72.66 -22.53 -28.75
CA ALA N 398 -73.68 -22.48 -27.71
C ALA N 398 -73.62 -21.23 -26.83
N PRO N 399 -74.77 -20.57 -26.62
CA PRO N 399 -74.88 -19.37 -25.79
C PRO N 399 -74.49 -19.66 -24.35
N VAL N 400 -74.06 -18.63 -23.63
CA VAL N 400 -73.65 -18.80 -22.25
C VAL N 400 -74.34 -17.81 -21.33
N ASP N 401 -75.15 -18.31 -20.41
CA ASP N 401 -75.85 -17.46 -19.46
C ASP N 401 -75.24 -17.51 -18.06
N LYS N 402 -74.32 -18.46 -17.85
CA LYS N 402 -73.61 -18.59 -16.58
C LYS N 402 -72.69 -17.38 -16.54
N ASP N 403 -72.46 -16.81 -15.36
CA ASP N 403 -71.56 -15.66 -15.26
C ASP N 403 -70.19 -16.07 -15.79
N LEU N 404 -69.78 -15.45 -16.90
CA LEU N 404 -68.51 -15.74 -17.55
C LEU N 404 -67.30 -15.47 -16.67
N TYR N 405 -67.44 -14.53 -15.74
CA TYR N 405 -66.36 -14.17 -14.82
C TYR N 405 -65.93 -15.36 -13.97
N GLU N 406 -66.86 -15.93 -13.21
CA GLU N 406 -66.57 -17.10 -12.37
C GLU N 406 -66.90 -18.38 -13.13
N LEU N 407 -65.94 -18.84 -13.92
CA LEU N 407 -66.11 -20.06 -14.73
C LEU N 407 -64.86 -20.90 -14.54
N PRO N 408 -65.02 -22.25 -14.41
CA PRO N 408 -63.86 -23.13 -14.23
C PRO N 408 -62.84 -22.93 -15.35
N PRO N 409 -61.62 -22.46 -15.00
CA PRO N 409 -60.48 -22.18 -15.87
C PRO N 409 -60.31 -23.03 -17.13
N GLU N 410 -60.68 -24.31 -17.06
CA GLU N 410 -60.57 -25.20 -18.22
C GLU N 410 -61.78 -25.03 -19.16
N GLU N 411 -62.92 -24.70 -18.58
CA GLU N 411 -64.17 -24.50 -19.31
C GLU N 411 -64.21 -23.07 -19.88
N ALA N 412 -63.42 -22.17 -19.28
CA ALA N 412 -63.33 -20.78 -19.70
C ALA N 412 -62.36 -20.62 -20.87
N ALA N 413 -61.51 -21.61 -21.08
CA ALA N 413 -60.54 -21.59 -22.17
C ALA N 413 -61.21 -21.90 -23.51
N SER N 414 -62.48 -22.31 -23.45
CA SER N 414 -63.25 -22.63 -24.65
C SER N 414 -64.02 -21.41 -25.17
N ILE N 415 -63.83 -20.28 -24.50
CA ILE N 415 -64.49 -19.02 -24.87
C ILE N 415 -63.49 -18.15 -25.65
N PRO N 416 -63.72 -17.98 -26.97
CA PRO N 416 -62.83 -17.17 -27.81
C PRO N 416 -62.92 -15.69 -27.46
N GLN N 417 -61.80 -15.00 -27.56
CA GLN N 417 -61.73 -13.57 -27.26
C GLN N 417 -61.54 -12.79 -28.55
N THR N 418 -61.89 -11.51 -28.53
CA THR N 418 -61.71 -10.65 -29.68
C THR N 418 -60.23 -10.25 -29.69
N PRO N 419 -59.69 -9.84 -30.85
CA PRO N 419 -58.27 -9.44 -30.85
C PRO N 419 -58.09 -8.26 -29.89
N THR N 420 -56.89 -8.12 -29.34
CA THR N 420 -56.59 -7.07 -28.37
C THR N 420 -55.80 -5.87 -28.90
N GLN N 421 -55.60 -5.81 -30.20
CA GLN N 421 -54.82 -4.73 -30.80
C GLN N 421 -55.38 -4.34 -32.16
N LEU N 422 -55.28 -3.06 -32.51
CA LEU N 422 -55.77 -2.59 -33.80
C LEU N 422 -55.01 -3.24 -34.95
N SER N 423 -53.69 -3.38 -34.79
CA SER N 423 -52.86 -3.99 -35.81
C SER N 423 -53.34 -5.42 -36.12
N ASP N 424 -53.88 -6.09 -35.11
CA ASP N 424 -54.39 -7.41 -35.22
C ASP N 424 -55.63 -7.47 -36.08
N VAL N 425 -56.65 -6.68 -35.72
CA VAL N 425 -57.90 -6.65 -36.47
C VAL N 425 -57.69 -6.17 -37.90
N ILE N 426 -56.70 -5.30 -38.10
CA ILE N 426 -56.39 -4.79 -39.43
C ILE N 426 -55.78 -5.92 -40.25
N ASP N 427 -54.93 -6.73 -39.61
CA ASP N 427 -54.31 -7.88 -40.27
C ASP N 427 -55.39 -8.89 -40.66
N ARG N 428 -56.36 -9.09 -39.75
CA ARG N 428 -57.46 -10.03 -39.96
C ARG N 428 -58.40 -9.56 -41.08
N LEU N 429 -58.59 -8.24 -41.18
CA LEU N 429 -59.46 -7.67 -42.22
C LEU N 429 -58.80 -7.89 -43.58
N GLU N 430 -57.50 -7.69 -43.62
CA GLU N 430 -56.71 -7.85 -44.84
C GLU N 430 -56.77 -9.30 -45.33
N ALA N 431 -56.72 -10.23 -44.39
CA ALA N 431 -56.75 -11.67 -44.67
C ALA N 431 -58.12 -12.22 -45.02
N ASP N 432 -59.17 -11.65 -44.44
CA ASP N 432 -60.54 -12.12 -44.67
C ASP N 432 -61.55 -10.97 -44.75
N HIS N 433 -61.89 -10.56 -45.97
CA HIS N 433 -62.85 -9.49 -46.16
C HIS N 433 -63.83 -9.73 -47.30
N GLU N 434 -63.94 -10.99 -47.74
CA GLU N 434 -64.84 -11.31 -48.84
C GLU N 434 -66.30 -11.06 -48.53
N TYR N 435 -66.69 -11.26 -47.27
CA TYR N 435 -68.08 -11.03 -46.87
C TYR N 435 -68.45 -9.56 -47.04
N LEU N 436 -67.46 -8.69 -46.98
CA LEU N 436 -67.65 -7.25 -47.12
C LEU N 436 -67.85 -6.86 -48.58
N THR N 437 -67.12 -7.51 -49.48
CA THR N 437 -67.19 -7.24 -50.91
C THR N 437 -68.39 -7.85 -51.63
N GLU N 438 -69.18 -8.65 -50.92
CA GLU N 438 -70.37 -9.27 -51.50
C GLU N 438 -71.30 -8.19 -52.03
N GLY N 439 -71.85 -8.42 -53.22
CA GLY N 439 -72.76 -7.45 -53.83
C GLY N 439 -72.12 -6.13 -54.13
N GLY N 440 -70.80 -6.05 -54.00
CA GLY N 440 -70.07 -4.82 -54.26
C GLY N 440 -70.26 -3.71 -53.23
N VAL N 441 -70.77 -4.05 -52.04
CA VAL N 441 -71.01 -3.07 -50.98
C VAL N 441 -69.71 -2.39 -50.59
N PHE N 442 -68.68 -3.19 -50.30
CA PHE N 442 -67.36 -2.67 -49.99
C PHE N 442 -66.51 -3.12 -51.19
N THR N 443 -65.48 -2.35 -51.53
CA THR N 443 -64.60 -2.72 -52.63
C THR N 443 -63.24 -3.05 -52.03
N ASN N 444 -62.45 -3.89 -52.71
CA ASN N 444 -61.13 -4.19 -52.21
C ASN N 444 -60.30 -2.93 -52.09
N ASP N 445 -60.60 -2.00 -52.99
CA ASP N 445 -59.96 -0.70 -53.04
C ASP N 445 -60.17 0.06 -51.72
N LEU N 446 -61.42 0.19 -51.31
CA LEU N 446 -61.76 0.89 -50.07
C LEU N 446 -61.12 0.20 -48.86
N ILE N 447 -61.21 -1.12 -48.83
CA ILE N 447 -60.64 -1.92 -47.75
C ILE N 447 -59.13 -1.77 -47.65
N GLU N 448 -58.44 -1.72 -48.78
CA GLU N 448 -56.99 -1.56 -48.80
C GLU N 448 -56.60 -0.16 -48.34
N THR N 449 -57.42 0.82 -48.70
CA THR N 449 -57.21 2.22 -48.33
C THR N 449 -57.34 2.38 -46.82
N TRP N 450 -58.37 1.74 -46.25
CA TRP N 450 -58.64 1.76 -44.82
C TRP N 450 -57.48 1.14 -44.07
N ILE N 451 -57.01 -0.01 -44.56
CA ILE N 451 -55.89 -0.71 -43.96
C ILE N 451 -54.62 0.14 -43.96
N SER N 452 -54.35 0.82 -45.08
CA SER N 452 -53.18 1.67 -45.21
C SER N 452 -53.28 2.90 -44.31
N PHE N 453 -54.48 3.50 -44.29
CA PHE N 453 -54.76 4.67 -43.47
C PHE N 453 -54.45 4.38 -42.00
N LYS N 454 -54.99 3.28 -41.49
CA LYS N 454 -54.79 2.89 -40.09
C LYS N 454 -53.35 2.57 -39.77
N ARG N 455 -52.67 1.86 -40.65
CA ARG N 455 -51.28 1.49 -40.43
C ARG N 455 -50.33 2.68 -40.45
N GLU N 456 -50.50 3.55 -41.44
CA GLU N 456 -49.63 4.71 -41.61
C GLU N 456 -49.95 5.91 -40.73
N ASN N 457 -51.24 6.17 -40.50
CA ASN N 457 -51.66 7.32 -39.72
C ASN N 457 -51.97 7.09 -38.24
N GLU N 458 -52.14 5.84 -37.84
CA GLU N 458 -52.47 5.53 -36.46
C GLU N 458 -51.57 4.52 -35.77
N ILE N 459 -51.51 3.32 -36.32
CA ILE N 459 -50.70 2.25 -35.75
C ILE N 459 -49.22 2.58 -35.63
N GLU N 460 -48.60 2.97 -36.75
CA GLU N 460 -47.18 3.30 -36.78
C GLU N 460 -46.82 4.51 -35.91
N PRO N 461 -47.56 5.64 -36.04
CA PRO N 461 -47.28 6.83 -35.23
C PRO N 461 -47.26 6.59 -33.72
N VAL N 462 -48.21 5.81 -33.22
CA VAL N 462 -48.27 5.50 -31.79
C VAL N 462 -47.14 4.54 -31.41
N ASN N 463 -46.92 3.56 -32.27
CA ASN N 463 -45.91 2.54 -32.05
C ASN N 463 -44.45 3.04 -31.95
N ILE N 464 -44.11 4.07 -32.70
CA ILE N 464 -42.74 4.59 -32.69
C ILE N 464 -42.45 5.55 -31.53
N ARG N 465 -43.51 6.03 -30.88
CA ARG N 465 -43.39 6.96 -29.77
C ARG N 465 -43.36 6.31 -28.39
N PRO N 466 -42.27 6.52 -27.63
CA PRO N 466 -42.17 5.93 -26.30
C PRO N 466 -43.36 6.36 -25.43
N HIS N 467 -43.90 5.41 -24.68
CA HIS N 467 -45.03 5.63 -23.79
C HIS N 467 -44.47 6.11 -22.43
N PRO N 468 -45.16 7.05 -21.76
CA PRO N 468 -44.71 7.57 -20.46
C PRO N 468 -44.41 6.48 -19.43
N TYR N 469 -45.22 5.43 -19.42
CA TYR N 469 -45.03 4.34 -18.47
C TYR N 469 -43.74 3.56 -18.70
N GLU N 470 -43.18 3.67 -19.90
CA GLU N 470 -41.93 3.00 -20.22
C GLU N 470 -40.78 3.63 -19.45
N PHE N 471 -40.96 4.90 -19.06
CA PHE N 471 -39.94 5.59 -18.29
C PHE N 471 -39.99 5.17 -16.83
N ALA N 472 -41.20 4.91 -16.34
CA ALA N 472 -41.40 4.44 -14.97
C ALA N 472 -40.79 3.06 -14.88
N LEU N 473 -41.06 2.27 -15.90
CA LEU N 473 -40.62 0.91 -16.00
C LEU N 473 -39.13 0.72 -16.35
N TYR N 474 -38.59 1.50 -17.31
CA TYR N 474 -37.21 1.25 -17.80
C TYR N 474 -36.16 2.36 -17.69
N TYR N 475 -36.43 3.55 -17.20
CA TYR N 475 -35.37 4.54 -17.12
C TYR N 475 -34.15 4.02 -16.35
N ASP N 476 -34.41 3.21 -15.32
CA ASP N 476 -33.39 2.65 -14.44
C ASP N 476 -32.71 1.35 -14.87
N VAL N 477 -33.08 0.78 -16.01
CA VAL N 477 -32.51 -0.50 -16.45
C VAL N 477 -31.00 -0.65 -16.41
N THR O 1 -100.14 6.58 -0.51
CA THR O 1 -101.26 6.47 0.48
C THR O 1 -102.58 6.98 -0.11
N GLU O 2 -102.58 8.24 -0.55
CA GLU O 2 -103.79 8.84 -1.10
C GLU O 2 -103.71 9.45 -2.51
N LYS O 3 -102.51 9.67 -3.03
CA LYS O 3 -102.38 10.24 -4.37
C LYS O 3 -102.54 9.20 -5.47
N THR O 4 -103.35 9.57 -6.46
CA THR O 4 -103.70 8.73 -7.60
C THR O 4 -102.81 8.99 -8.81
N PRO O 5 -102.61 7.98 -9.66
CA PRO O 5 -101.79 8.16 -10.85
C PRO O 5 -102.32 9.35 -11.65
N ASP O 6 -103.64 9.54 -11.62
CA ASP O 6 -104.29 10.63 -12.33
C ASP O 6 -103.92 11.98 -11.73
N ASP O 7 -103.70 12.01 -10.41
CA ASP O 7 -103.30 13.26 -9.73
C ASP O 7 -101.92 13.66 -10.25
N VAL O 8 -101.05 12.66 -10.44
CA VAL O 8 -99.70 12.88 -10.94
C VAL O 8 -99.71 13.38 -12.38
N PHE O 9 -100.56 12.81 -13.22
CA PHE O 9 -100.67 13.25 -14.62
C PHE O 9 -101.19 14.68 -14.70
N LYS O 10 -102.08 15.03 -13.79
CA LYS O 10 -102.65 16.38 -13.74
C LYS O 10 -101.56 17.36 -13.31
N LEU O 11 -100.75 16.96 -12.33
CA LEU O 11 -99.65 17.78 -11.83
C LEU O 11 -98.69 18.05 -12.99
N ALA O 12 -98.35 16.99 -13.72
CA ALA O 12 -97.45 17.07 -14.86
C ALA O 12 -97.98 18.01 -15.95
N LYS O 13 -99.27 17.89 -16.27
CA LYS O 13 -99.90 18.73 -17.29
C LYS O 13 -99.95 20.20 -16.86
N ASP O 14 -100.46 20.44 -15.65
CA ASP O 14 -100.58 21.80 -15.12
C ASP O 14 -99.24 22.53 -15.01
N GLU O 15 -98.21 21.81 -14.59
CA GLU O 15 -96.88 22.39 -14.43
C GLU O 15 -96.08 22.46 -15.73
N LYS O 16 -96.64 21.92 -16.81
CA LYS O 16 -95.99 21.92 -18.13
C LYS O 16 -94.62 21.26 -18.03
N VAL O 17 -94.60 20.12 -17.34
CA VAL O 17 -93.40 19.33 -17.11
C VAL O 17 -92.86 18.79 -18.43
N GLU O 18 -91.54 18.92 -18.64
CA GLU O 18 -90.95 18.39 -19.87
C GLU O 18 -90.15 17.11 -19.67
N TYR O 19 -89.73 16.86 -18.44
CA TYR O 19 -88.98 15.64 -18.12
C TYR O 19 -89.48 15.00 -16.83
N VAL O 20 -89.31 13.69 -16.73
CA VAL O 20 -89.70 12.96 -15.53
C VAL O 20 -88.43 12.26 -15.03
N ASP O 21 -88.08 12.51 -13.78
CA ASP O 21 -86.88 11.91 -13.20
C ASP O 21 -87.25 10.65 -12.44
N VAL O 22 -86.74 9.52 -12.91
CA VAL O 22 -86.99 8.21 -12.32
C VAL O 22 -85.97 7.95 -11.22
N ARG O 23 -86.44 7.96 -9.98
CA ARG O 23 -85.56 7.75 -8.83
C ARG O 23 -85.81 6.47 -8.06
N PHE O 24 -84.72 5.90 -7.56
CA PHE O 24 -84.75 4.68 -6.78
C PHE O 24 -83.57 4.74 -5.81
N CYS O 25 -83.69 4.08 -4.68
CA CYS O 25 -82.64 4.13 -3.68
C CYS O 25 -81.62 3.01 -3.74
N ASP O 26 -80.35 3.36 -3.56
CA ASP O 26 -79.30 2.36 -3.55
C ASP O 26 -79.16 1.79 -2.13
N LEU O 27 -78.31 0.79 -1.96
CA LEU O 27 -78.12 0.17 -0.66
C LEU O 27 -77.70 1.13 0.46
N PRO O 28 -76.52 1.77 0.36
CA PRO O 28 -76.11 2.69 1.43
C PRO O 28 -77.05 3.84 1.77
N GLY O 29 -77.83 4.30 0.80
CA GLY O 29 -78.77 5.38 1.09
C GLY O 29 -78.87 6.58 0.17
N ILE O 30 -78.15 6.54 -0.95
CA ILE O 30 -78.18 7.65 -1.91
C ILE O 30 -79.13 7.37 -3.08
N MET O 31 -80.00 8.33 -3.37
CA MET O 31 -80.94 8.18 -4.46
C MET O 31 -80.25 8.21 -5.82
N GLN O 32 -80.67 7.30 -6.70
CA GLN O 32 -80.14 7.18 -8.06
C GLN O 32 -81.22 7.64 -9.02
N HIS O 33 -80.84 7.92 -10.27
CA HIS O 33 -81.83 8.36 -11.24
C HIS O 33 -81.40 8.31 -12.69
N PHE O 34 -82.40 8.44 -13.55
CA PHE O 34 -82.25 8.54 -14.99
C PHE O 34 -83.49 9.31 -15.42
N THR O 35 -83.42 9.98 -16.55
CA THR O 35 -84.52 10.81 -17.00
C THR O 35 -85.17 10.39 -18.31
N ILE O 36 -86.48 10.56 -18.39
CA ILE O 36 -87.24 10.23 -19.59
C ILE O 36 -88.08 11.46 -19.94
N PRO O 37 -88.41 11.64 -21.24
CA PRO O 37 -89.22 12.79 -21.61
C PRO O 37 -90.63 12.63 -21.03
N ALA O 38 -91.28 13.74 -20.73
CA ALA O 38 -92.63 13.71 -20.16
C ALA O 38 -93.62 13.00 -21.09
N SER O 39 -93.39 13.13 -22.39
CA SER O 39 -94.24 12.50 -23.40
C SER O 39 -94.29 10.98 -23.26
N ALA O 40 -93.25 10.39 -22.67
CA ALA O 40 -93.18 8.95 -22.48
C ALA O 40 -93.75 8.53 -21.12
N PHE O 41 -94.24 9.51 -20.36
CA PHE O 41 -94.82 9.25 -19.05
C PHE O 41 -96.34 9.15 -19.17
N ASP O 42 -96.84 7.92 -19.19
CA ASP O 42 -98.26 7.66 -19.32
C ASP O 42 -98.71 6.54 -18.38
N LYS O 43 -99.94 6.07 -18.54
CA LYS O 43 -100.47 5.00 -17.69
C LYS O 43 -99.64 3.71 -17.74
N SER O 44 -99.04 3.42 -18.89
CA SER O 44 -98.24 2.19 -19.01
C SER O 44 -97.06 2.17 -18.04
N VAL O 45 -96.64 3.34 -17.56
CA VAL O 45 -95.53 3.43 -16.62
C VAL O 45 -95.99 2.88 -15.26
N PHE O 46 -97.23 3.18 -14.90
CA PHE O 46 -97.82 2.71 -13.65
C PHE O 46 -98.26 1.25 -13.72
N ASP O 47 -98.73 0.83 -14.89
CA ASP O 47 -99.21 -0.54 -15.09
C ASP O 47 -98.10 -1.54 -15.37
N ASP O 48 -97.26 -1.24 -16.35
CA ASP O 48 -96.18 -2.14 -16.75
C ASP O 48 -94.82 -1.82 -16.13
N GLY O 49 -94.60 -0.56 -15.81
CA GLY O 49 -93.33 -0.15 -15.21
C GLY O 49 -92.28 0.20 -16.26
N LEU O 50 -91.08 0.50 -15.81
CA LEU O 50 -89.98 0.86 -16.70
C LEU O 50 -88.84 -0.11 -16.54
N ALA O 51 -88.22 -0.47 -17.67
CA ALA O 51 -87.09 -1.39 -17.63
C ALA O 51 -85.78 -0.63 -17.51
N PHE O 52 -84.82 -1.22 -16.80
CA PHE O 52 -83.49 -0.66 -16.59
C PHE O 52 -82.54 -1.81 -16.15
N ASP O 53 -81.24 -1.57 -16.29
CA ASP O 53 -80.13 -2.53 -16.06
C ASP O 53 -79.50 -2.57 -14.67
N GLY O 54 -79.16 -3.71 -14.05
CA GLY O 54 -78.45 -3.54 -12.81
C GLY O 54 -77.20 -2.75 -13.18
N SER O 55 -77.15 -1.46 -12.88
CA SER O 55 -75.95 -0.66 -13.26
C SER O 55 -75.08 -0.34 -12.06
N SER O 56 -73.83 0.07 -12.28
CA SER O 56 -72.93 0.28 -11.17
C SER O 56 -72.76 -1.11 -10.55
N ILE O 57 -72.27 -1.33 -9.32
CA ILE O 57 -71.98 -2.73 -9.04
C ILE O 57 -72.41 -3.36 -7.70
N ARG O 58 -72.46 -2.67 -6.56
CA ARG O 58 -72.68 -3.41 -5.32
C ARG O 58 -74.03 -3.23 -4.62
N GLY O 59 -74.64 -4.33 -4.21
CA GLY O 59 -75.94 -4.35 -3.53
C GLY O 59 -77.01 -4.94 -4.43
N PHE O 60 -77.25 -4.28 -5.57
CA PHE O 60 -78.29 -4.63 -6.57
C PHE O 60 -77.96 -5.83 -7.50
N GLN O 61 -78.81 -6.08 -8.54
CA GLN O 61 -78.77 -7.17 -9.52
C GLN O 61 -77.56 -7.17 -10.49
N SER O 62 -76.60 -8.07 -10.22
CA SER O 62 -75.36 -8.24 -11.00
C SER O 62 -75.65 -8.85 -12.38
N ILE O 63 -74.67 -9.50 -13.05
CA ILE O 63 -74.91 -10.07 -14.39
C ILE O 63 -75.24 -11.57 -14.31
N HIS O 64 -76.19 -11.91 -13.43
CA HIS O 64 -76.71 -13.29 -13.24
C HIS O 64 -78.18 -13.10 -12.83
N GLU O 65 -78.45 -11.78 -12.64
CA GLU O 65 -79.74 -11.20 -12.23
C GLU O 65 -80.03 -9.83 -12.87
N SER O 66 -79.11 -9.36 -13.71
CA SER O 66 -79.10 -8.09 -14.49
C SER O 66 -80.35 -7.19 -14.45
N ASP O 67 -81.29 -7.40 -15.37
CA ASP O 67 -82.43 -6.50 -15.61
C ASP O 67 -83.43 -6.34 -14.50
N MET O 68 -83.90 -5.09 -14.29
CA MET O 68 -84.89 -4.76 -13.27
C MET O 68 -86.08 -4.01 -13.87
N LEU O 69 -87.19 -4.03 -13.15
CA LEU O 69 -88.41 -3.34 -13.56
C LEU O 69 -88.75 -2.33 -12.47
N LEU O 70 -89.02 -1.09 -12.85
CA LEU O 70 -89.33 -0.03 -11.89
C LEU O 70 -90.80 0.39 -11.90
N LEU O 71 -91.45 0.28 -10.74
CA LEU O 71 -92.85 0.68 -10.59
C LEU O 71 -92.91 1.94 -9.72
N PRO O 72 -93.62 2.98 -10.21
CA PRO O 72 -93.75 4.26 -9.50
C PRO O 72 -94.64 4.31 -8.27
N ASP O 73 -94.29 5.22 -7.36
CA ASP O 73 -95.06 5.46 -6.15
C ASP O 73 -95.59 6.89 -6.32
N PRO O 74 -96.87 7.03 -6.68
CA PRO O 74 -97.53 8.32 -6.89
C PRO O 74 -97.46 9.33 -5.75
N GLU O 75 -97.29 8.84 -4.53
CA GLU O 75 -97.21 9.72 -3.37
C GLU O 75 -95.89 10.49 -3.29
N THR O 76 -94.87 10.02 -4.01
CA THR O 76 -93.56 10.64 -4.02
C THR O 76 -93.33 11.66 -5.13
N ALA O 77 -94.34 11.85 -5.98
CA ALA O 77 -94.26 12.79 -7.10
C ALA O 77 -94.15 14.23 -6.63
N ARG O 78 -93.06 14.89 -7.04
CA ARG O 78 -92.81 16.29 -6.69
C ARG O 78 -92.13 17.02 -7.84
N ILE O 79 -92.42 18.31 -7.98
CA ILE O 79 -91.81 19.13 -9.01
C ILE O 79 -90.42 19.52 -8.47
N ASP O 80 -89.39 19.32 -9.28
CA ASP O 80 -88.03 19.67 -8.88
C ASP O 80 -87.87 21.20 -8.95
N PRO O 81 -87.51 21.85 -7.83
CA PRO O 81 -87.35 23.31 -7.81
C PRO O 81 -85.98 23.81 -8.26
N PHE O 82 -85.07 22.89 -8.58
CA PHE O 82 -83.72 23.23 -8.98
C PHE O 82 -83.43 23.08 -10.47
N ARG O 83 -83.96 22.03 -11.09
CA ARG O 83 -83.73 21.76 -12.50
C ARG O 83 -84.31 22.83 -13.41
N ALA O 84 -83.48 23.36 -14.31
CA ALA O 84 -83.90 24.39 -15.26
C ALA O 84 -85.06 23.95 -16.12
N ALA O 85 -84.93 22.75 -16.71
CA ALA O 85 -86.00 22.19 -17.52
C ALA O 85 -87.04 21.65 -16.53
N LYS O 86 -88.30 22.08 -16.65
CA LYS O 86 -89.35 21.66 -15.73
C LYS O 86 -89.42 20.14 -15.61
N THR O 87 -89.09 19.64 -14.43
CA THR O 87 -89.02 18.20 -14.17
C THR O 87 -89.88 17.72 -12.99
N LEU O 88 -90.43 16.52 -13.14
CA LEU O 88 -91.25 15.88 -12.12
C LEU O 88 -90.44 14.69 -11.59
N ASN O 89 -90.16 14.70 -10.28
CA ASN O 89 -89.42 13.61 -9.66
C ASN O 89 -90.39 12.61 -9.04
N ILE O 90 -90.13 11.32 -9.24
CA ILE O 90 -90.96 10.26 -8.69
C ILE O 90 -90.06 9.11 -8.25
N ASN O 91 -90.36 8.53 -7.09
CA ASN O 91 -89.58 7.40 -6.59
C ASN O 91 -90.25 6.11 -7.05
N PHE O 92 -89.42 5.09 -7.26
CA PHE O 92 -89.91 3.80 -7.75
C PHE O 92 -89.49 2.65 -6.87
N PHE O 93 -90.17 1.52 -7.07
CA PHE O 93 -89.87 0.27 -6.37
C PHE O 93 -89.25 -0.62 -7.43
N VAL O 94 -88.24 -1.38 -7.05
CA VAL O 94 -87.56 -2.29 -7.96
C VAL O 94 -88.22 -3.66 -7.91
N HIS O 95 -88.66 -4.15 -9.07
CA HIS O 95 -89.30 -5.46 -9.17
C HIS O 95 -88.52 -6.36 -10.12
N ASP O 96 -88.81 -7.66 -10.04
CA ASP O 96 -88.19 -8.63 -10.93
C ASP O 96 -89.06 -8.56 -12.18
N PRO O 97 -88.44 -8.39 -13.36
CA PRO O 97 -89.17 -8.30 -14.65
C PRO O 97 -90.19 -9.42 -14.86
N PHE O 98 -89.70 -10.65 -14.74
CA PHE O 98 -90.49 -11.86 -14.94
C PHE O 98 -91.64 -12.04 -13.95
N THR O 99 -91.31 -12.27 -12.68
CA THR O 99 -92.30 -12.50 -11.64
C THR O 99 -93.04 -11.29 -11.09
N LEU O 100 -92.53 -10.09 -11.39
CA LEU O 100 -93.11 -8.83 -10.91
C LEU O 100 -92.99 -8.82 -9.38
N GLU O 101 -92.08 -9.65 -8.88
CA GLU O 101 -91.82 -9.80 -7.45
C GLU O 101 -90.90 -8.70 -6.95
N PRO O 102 -91.28 -8.01 -5.87
CA PRO O 102 -90.47 -6.93 -5.30
C PRO O 102 -89.05 -7.42 -4.99
N TYR O 103 -88.06 -6.71 -5.52
CA TYR O 103 -86.66 -7.06 -5.31
C TYR O 103 -86.34 -6.92 -3.82
N SER O 104 -85.81 -7.99 -3.23
CA SER O 104 -85.51 -8.04 -1.81
C SER O 104 -84.41 -7.11 -1.31
N ARG O 105 -83.61 -6.53 -2.20
CA ARG O 105 -82.53 -5.65 -1.79
C ARG O 105 -82.81 -4.16 -2.05
N ASP O 106 -84.03 -3.86 -2.49
CA ASP O 106 -84.45 -2.48 -2.74
C ASP O 106 -84.95 -1.93 -1.40
N PRO O 107 -84.26 -0.93 -0.85
CA PRO O 107 -84.63 -0.32 0.43
C PRO O 107 -86.08 0.09 0.53
N ARG O 108 -86.65 0.60 -0.56
CA ARG O 108 -88.04 1.03 -0.53
C ARG O 108 -89.01 -0.15 -0.39
N ASN O 109 -88.61 -1.33 -0.85
CA ASN O 109 -89.43 -2.52 -0.74
C ASN O 109 -89.41 -3.02 0.70
N ILE O 110 -88.26 -2.88 1.35
CA ILE O 110 -88.09 -3.28 2.75
C ILE O 110 -89.04 -2.48 3.63
N ALA O 111 -89.12 -1.16 3.38
CA ALA O 111 -89.98 -0.28 4.15
C ALA O 111 -91.44 -0.64 3.92
N ARG O 112 -91.79 -0.99 2.68
CA ARG O 112 -93.15 -1.37 2.35
C ARG O 112 -93.49 -2.70 3.03
N LYS O 113 -92.56 -3.65 3.00
CA LYS O 113 -92.74 -4.96 3.63
C LYS O 113 -92.92 -4.78 5.14
N ALA O 114 -92.20 -3.82 5.72
CA ALA O 114 -92.28 -3.53 7.15
C ALA O 114 -93.67 -3.05 7.53
N GLU O 115 -94.27 -2.20 6.68
CA GLU O 115 -95.60 -1.68 6.93
C GLU O 115 -96.66 -2.78 6.80
N ASN O 116 -96.47 -3.67 5.82
CA ASN O 116 -97.40 -4.77 5.59
C ASN O 116 -97.32 -5.79 6.73
N TYR O 117 -96.11 -6.00 7.25
CA TYR O 117 -95.90 -6.93 8.34
C TYR O 117 -96.60 -6.42 9.61
N LEU O 118 -96.52 -5.12 9.83
CA LEU O 118 -97.14 -4.47 10.99
C LEU O 118 -98.63 -4.82 10.99
N ILE O 119 -99.27 -4.64 9.83
CA ILE O 119 -100.68 -4.93 9.66
C ILE O 119 -100.99 -6.41 9.90
N SER O 120 -100.12 -7.28 9.41
CA SER O 120 -100.30 -8.72 9.55
C SER O 120 -100.21 -9.22 11.00
N THR O 121 -99.49 -8.49 11.86
CA THR O 121 -99.36 -8.90 13.26
C THR O 121 -100.60 -8.53 14.07
N GLY O 122 -101.42 -7.65 13.52
CA GLY O 122 -102.63 -7.21 14.21
C GLY O 122 -102.36 -6.20 15.31
N ILE O 123 -101.07 -6.00 15.62
CA ILE O 123 -100.66 -5.06 16.67
C ILE O 123 -101.13 -3.63 16.37
N ALA O 124 -101.00 -3.23 15.10
CA ALA O 124 -101.42 -1.91 14.66
C ALA O 124 -101.48 -1.91 13.14
N ASP O 125 -101.99 -0.83 12.56
CA ASP O 125 -102.05 -0.76 11.10
C ASP O 125 -101.23 0.40 10.51
N THR O 126 -100.66 1.22 11.39
CA THR O 126 -99.85 2.36 10.96
C THR O 126 -98.73 2.71 11.93
N ALA O 127 -97.52 2.91 11.40
CA ALA O 127 -96.36 3.31 12.20
C ALA O 127 -95.94 4.68 11.72
N TYR O 128 -96.12 5.69 12.57
CA TYR O 128 -95.75 7.05 12.22
C TYR O 128 -94.32 7.39 12.65
N PHE O 129 -93.56 7.96 11.72
CA PHE O 129 -92.19 8.37 11.98
C PHE O 129 -91.97 9.85 11.75
N GLY O 130 -91.38 10.50 12.75
CA GLY O 130 -91.06 11.91 12.67
C GLY O 130 -89.56 11.99 12.86
N ALA O 131 -88.85 12.47 11.85
CA ALA O 131 -87.40 12.55 11.93
C ALA O 131 -86.85 13.95 11.80
N GLU O 132 -85.87 14.25 12.64
CA GLU O 132 -85.25 15.55 12.65
C GLU O 132 -83.76 15.46 12.44
N ALA O 133 -83.39 15.79 11.21
CA ALA O 133 -82.02 15.71 10.78
C ALA O 133 -81.32 17.05 10.75
N GLU O 134 -80.25 17.13 11.53
CA GLU O 134 -79.42 18.31 11.61
C GLU O 134 -78.38 18.21 10.48
N PHE O 135 -77.88 19.36 10.05
CA PHE O 135 -76.87 19.39 9.00
C PHE O 135 -75.98 20.62 9.16
N TYR O 136 -74.85 20.62 8.47
CA TYR O 136 -73.91 21.74 8.51
C TYR O 136 -73.81 22.39 7.14
N ILE O 137 -73.72 23.71 7.13
CA ILE O 137 -73.58 24.49 5.92
C ILE O 137 -72.14 25.00 5.87
N PHE O 138 -71.39 24.58 4.86
CA PHE O 138 -70.01 25.00 4.69
C PHE O 138 -69.82 25.78 3.40
N ASP O 139 -68.64 26.38 3.24
CA ASP O 139 -68.32 27.12 2.03
C ASP O 139 -67.42 26.27 1.15
N SER O 140 -66.66 25.37 1.78
CA SER O 140 -65.77 24.50 1.05
C SER O 140 -65.40 23.23 1.81
N VAL O 141 -64.93 22.25 1.04
CA VAL O 141 -64.48 20.98 1.58
C VAL O 141 -63.49 20.36 0.61
N SER O 142 -62.35 19.92 1.13
CA SER O 142 -61.33 19.28 0.32
C SER O 142 -60.67 18.20 1.18
N PHE O 143 -60.17 17.17 0.53
CA PHE O 143 -59.52 16.06 1.23
C PHE O 143 -58.86 15.12 0.23
N ASP O 144 -57.95 14.28 0.73
CA ASP O 144 -57.31 13.26 -0.08
C ASP O 144 -56.59 12.26 0.79
N SER O 145 -56.21 11.15 0.16
CA SER O 145 -55.50 10.08 0.85
C SER O 145 -54.44 9.59 -0.11
N ARG O 146 -53.17 9.81 0.28
CA ARG O 146 -52.04 9.41 -0.54
C ARG O 146 -51.12 8.50 0.23
N ALA O 147 -50.08 8.01 -0.42
CA ALA O 147 -49.12 7.12 0.21
C ALA O 147 -48.35 7.76 1.36
N ASN O 148 -47.96 9.02 1.17
CA ASN O 148 -47.16 9.74 2.14
C ASN O 148 -47.89 10.82 2.94
N GLY O 149 -49.20 10.92 2.76
CA GLY O 149 -49.93 11.94 3.47
C GLY O 149 -51.41 11.86 3.23
N SER O 150 -52.16 12.59 4.05
CA SER O 150 -53.60 12.63 3.95
C SER O 150 -54.09 13.86 4.69
N PHE O 151 -55.24 14.39 4.27
CA PHE O 151 -55.80 15.56 4.91
C PHE O 151 -57.27 15.72 4.59
N TYR O 152 -57.92 16.61 5.34
CA TYR O 152 -59.30 16.99 5.10
C TYR O 152 -59.39 18.40 5.64
N GLU O 153 -60.32 19.16 5.10
CA GLU O 153 -60.51 20.52 5.53
C GLU O 153 -61.87 21.02 5.10
N VAL O 154 -62.71 21.36 6.08
CA VAL O 154 -64.02 21.94 5.81
C VAL O 154 -63.88 23.38 6.26
N ASP O 155 -64.55 24.30 5.60
CA ASP O 155 -64.43 25.69 5.99
C ASP O 155 -65.69 26.48 5.72
N ALA O 156 -65.85 27.54 6.49
CA ALA O 156 -66.99 28.44 6.39
C ALA O 156 -66.46 29.80 6.76
N ILE O 157 -66.83 30.80 5.96
CA ILE O 157 -66.42 32.18 6.17
C ILE O 157 -66.64 32.61 7.62
N SER O 158 -67.82 32.29 8.14
CA SER O 158 -68.20 32.63 9.50
C SER O 158 -67.86 31.60 10.58
N GLY O 159 -66.98 30.66 10.24
CA GLY O 159 -66.58 29.65 11.22
C GLY O 159 -65.84 30.27 12.38
N TRP O 160 -66.17 29.83 13.59
CA TRP O 160 -65.55 30.36 14.81
C TRP O 160 -64.04 30.20 14.91
N TRP O 161 -63.47 29.34 14.06
CA TRP O 161 -62.03 29.11 14.04
C TRP O 161 -61.32 30.13 13.14
N ASN O 162 -62.12 31.02 12.54
CA ASN O 162 -61.59 32.05 11.64
C ASN O 162 -61.62 33.48 12.17
N THR O 163 -61.72 33.65 13.49
CA THR O 163 -61.77 34.99 14.08
C THR O 163 -60.50 35.81 13.79
N GLY O 164 -59.37 35.11 13.62
CA GLY O 164 -58.12 35.79 13.36
C GLY O 164 -57.77 36.06 11.90
N ALA O 165 -58.65 35.69 10.98
CA ALA O 165 -58.40 35.91 9.55
C ALA O 165 -58.20 37.39 9.25
N ALA O 166 -57.06 37.71 8.62
CA ALA O 166 -56.72 39.08 8.26
C ALA O 166 -57.74 39.62 7.26
N THR O 167 -58.13 38.79 6.31
CA THR O 167 -59.15 39.12 5.30
C THR O 167 -59.86 37.82 4.96
N GLU O 168 -61.04 37.93 4.36
CA GLU O 168 -61.81 36.75 4.00
C GLU O 168 -61.18 36.04 2.81
N ALA O 169 -61.73 34.87 2.47
CA ALA O 169 -61.23 34.07 1.35
C ALA O 169 -61.18 34.91 0.07
N ASP O 170 -62.27 35.66 -0.16
CA ASP O 170 -62.38 36.50 -1.35
C ASP O 170 -61.68 37.87 -1.27
N GLY O 171 -60.79 38.02 -0.29
CA GLY O 171 -60.06 39.28 -0.14
C GLY O 171 -60.78 40.37 0.62
N SER O 172 -62.08 40.23 0.82
CA SER O 172 -62.88 41.22 1.56
C SER O 172 -62.50 41.24 3.04
N PRO O 173 -62.82 42.33 3.74
CA PRO O 173 -62.47 42.40 5.16
C PRO O 173 -63.23 41.47 6.11
N ASN O 174 -62.55 41.08 7.18
CA ASN O 174 -63.13 40.23 8.22
C ASN O 174 -64.03 41.14 9.05
N ARG O 175 -65.33 40.88 9.04
CA ARG O 175 -66.27 41.70 9.79
C ARG O 175 -66.71 41.14 11.13
N GLY O 176 -66.09 40.04 11.54
CA GLY O 176 -66.40 39.45 12.83
C GLY O 176 -67.71 38.71 12.93
N TYR O 177 -68.24 38.64 14.15
CA TYR O 177 -69.48 37.93 14.44
C TYR O 177 -69.38 36.43 14.15
N LYS O 178 -68.17 35.90 14.29
CA LYS O 178 -67.88 34.49 14.06
C LYS O 178 -67.87 33.70 15.38
N VAL O 179 -67.42 34.37 16.44
CA VAL O 179 -67.33 33.75 17.77
C VAL O 179 -68.60 33.11 18.27
N ARG O 180 -68.42 31.97 18.91
CA ARG O 180 -69.48 31.15 19.46
C ARG O 180 -69.50 31.44 20.98
N HIS O 181 -70.41 32.32 21.39
CA HIS O 181 -70.52 32.72 22.80
C HIS O 181 -71.22 31.78 23.76
N LYS O 182 -70.86 31.90 25.03
CA LYS O 182 -71.45 31.12 26.11
C LYS O 182 -72.79 31.78 26.45
N GLY O 183 -73.77 30.98 26.84
CA GLY O 183 -75.07 31.53 27.19
C GLY O 183 -76.23 31.12 26.30
N GLY O 184 -76.01 31.16 24.99
CA GLY O 184 -77.05 30.78 24.07
C GLY O 184 -76.46 30.51 22.70
N TYR O 185 -76.86 29.39 22.09
CA TYR O 185 -76.33 29.04 20.79
C TYR O 185 -77.25 29.26 19.58
N PHE O 186 -78.30 30.05 19.77
CA PHE O 186 -79.23 30.40 18.69
C PHE O 186 -79.36 31.92 18.58
N PRO O 187 -78.23 32.65 18.61
CA PRO O 187 -78.31 34.12 18.52
C PRO O 187 -78.90 34.65 17.22
N VAL O 188 -79.50 35.84 17.30
CA VAL O 188 -80.07 36.48 16.13
C VAL O 188 -78.94 37.09 15.29
N ALA O 189 -79.28 37.57 14.10
CA ALA O 189 -78.31 38.20 13.21
C ALA O 189 -77.75 39.45 13.90
N PRO O 190 -76.52 39.86 13.56
CA PRO O 190 -75.63 39.24 12.58
C PRO O 190 -74.80 38.03 13.03
N ASN O 191 -74.98 37.57 14.27
CA ASN O 191 -74.25 36.38 14.74
C ASN O 191 -74.73 35.20 13.91
N ASP O 192 -76.01 35.20 13.58
CA ASP O 192 -76.64 34.19 12.75
C ASP O 192 -76.39 34.66 11.33
N GLN O 193 -75.47 34.00 10.64
CA GLN O 193 -75.12 34.39 9.28
C GLN O 193 -75.78 33.59 8.17
N TYR O 194 -76.75 32.76 8.51
CA TYR O 194 -77.41 31.93 7.51
C TYR O 194 -78.92 32.08 7.46
N VAL O 195 -79.42 33.19 8.00
CA VAL O 195 -80.86 33.44 8.04
C VAL O 195 -81.56 33.32 6.68
N ASP O 196 -81.09 34.05 5.69
CA ASP O 196 -81.72 34.03 4.37
C ASP O 196 -81.63 32.67 3.67
N LEU O 197 -80.51 31.97 3.83
CA LEU O 197 -80.32 30.66 3.22
C LEU O 197 -81.30 29.66 3.82
N ARG O 198 -81.39 29.62 5.15
CA ARG O 198 -82.31 28.70 5.82
C ARG O 198 -83.74 28.98 5.43
N ASP O 199 -84.07 30.26 5.24
CA ASP O 199 -85.42 30.64 4.83
C ASP O 199 -85.70 30.11 3.43
N LYS O 200 -84.69 30.12 2.57
CA LYS O 200 -84.83 29.60 1.22
C LYS O 200 -85.07 28.10 1.27
N MET O 201 -84.36 27.43 2.17
CA MET O 201 -84.50 25.99 2.35
C MET O 201 -85.92 25.70 2.83
N LEU O 202 -86.38 26.44 3.82
CA LEU O 202 -87.73 26.28 4.38
C LEU O 202 -88.79 26.55 3.33
N THR O 203 -88.61 27.61 2.55
CA THR O 203 -89.55 27.97 1.50
C THR O 203 -89.64 26.84 0.47
N ASN O 204 -88.49 26.27 0.11
CA ASN O 204 -88.44 25.17 -0.85
C ASN O 204 -89.12 23.91 -0.31
N LEU O 205 -88.94 23.65 0.98
CA LEU O 205 -89.56 22.48 1.61
C LEU O 205 -91.09 22.64 1.59
N ILE O 206 -91.55 23.82 1.98
CA ILE O 206 -92.98 24.11 2.00
C ILE O 206 -93.59 24.01 0.60
N ASN O 207 -92.88 24.50 -0.40
CA ASN O 207 -93.35 24.44 -1.79
C ASN O 207 -93.30 23.01 -2.32
N SER O 208 -92.56 22.15 -1.63
CA SER O 208 -92.42 20.74 -2.02
C SER O 208 -93.33 19.81 -1.21
N GLY O 209 -94.35 20.39 -0.58
CA GLY O 209 -95.29 19.57 0.18
C GLY O 209 -95.04 19.25 1.65
N PHE O 210 -93.97 19.77 2.22
CA PHE O 210 -93.69 19.52 3.62
C PHE O 210 -94.67 20.32 4.48
N ILE O 211 -95.17 19.69 5.53
CA ILE O 211 -96.13 20.32 6.43
C ILE O 211 -95.45 20.78 7.71
N LEU O 212 -95.54 22.08 7.97
CA LEU O 212 -94.94 22.71 9.15
C LEU O 212 -96.11 23.28 9.97
N GLU O 213 -96.32 22.78 11.18
CA GLU O 213 -97.38 23.28 12.03
C GLU O 213 -96.86 23.63 13.41
N LYS O 214 -97.53 23.03 14.38
CA LYS O 214 -97.32 23.13 15.84
C LYS O 214 -95.86 23.35 16.24
N GLY O 215 -95.14 22.29 16.59
CA GLY O 215 -93.77 22.43 17.04
C GLY O 215 -92.75 22.19 15.95
N HIS O 216 -93.03 22.69 14.74
CA HIS O 216 -92.13 22.54 13.62
C HIS O 216 -91.41 23.88 13.45
N HIS O 217 -90.10 23.84 13.67
CA HIS O 217 -89.28 25.03 13.62
C HIS O 217 -88.14 24.97 12.61
N GLU O 218 -87.64 26.16 12.36
CA GLU O 218 -86.44 26.32 11.54
C GLU O 218 -85.43 26.89 12.55
N VAL O 219 -84.32 26.19 12.78
CA VAL O 219 -83.37 26.67 13.76
C VAL O 219 -81.92 26.58 13.26
N GLY O 220 -81.08 27.48 13.73
CA GLY O 220 -79.69 27.49 13.33
C GLY O 220 -78.74 27.87 14.44
N SER O 221 -77.57 27.26 14.44
CA SER O 221 -76.54 27.53 15.44
C SER O 221 -75.22 27.48 14.69
N GLY O 222 -74.64 28.65 14.45
CA GLY O 222 -73.40 28.71 13.70
C GLY O 222 -73.73 28.23 12.30
N GLY O 223 -72.95 27.27 11.80
CA GLY O 223 -73.20 26.72 10.48
C GLY O 223 -74.17 25.54 10.52
N GLN O 224 -74.52 25.09 11.73
CA GLN O 224 -75.45 23.97 11.87
C GLN O 224 -76.90 24.44 11.80
N ALA O 225 -77.77 23.58 11.25
CA ALA O 225 -79.17 23.93 11.12
C ALA O 225 -80.06 22.70 11.14
N GLU O 226 -81.36 22.95 11.27
CA GLU O 226 -82.36 21.89 11.29
C GLU O 226 -83.72 22.51 11.04
N ILE O 227 -84.49 21.86 10.18
CA ILE O 227 -85.84 22.30 9.88
C ILE O 227 -86.68 21.04 10.02
N ASN O 228 -87.49 20.98 11.07
CA ASN O 228 -88.33 19.81 11.28
C ASN O 228 -89.71 20.01 10.66
N TYR O 229 -90.35 18.91 10.31
CA TYR O 229 -91.65 18.93 9.66
C TYR O 229 -92.52 17.80 10.19
N GLN O 230 -93.77 17.77 9.75
CA GLN O 230 -94.71 16.77 10.19
C GLN O 230 -94.37 15.35 9.78
N PHE O 231 -94.60 14.44 10.72
CA PHE O 231 -94.35 13.01 10.57
C PHE O 231 -95.16 12.42 9.41
N ASN O 232 -94.93 11.14 9.14
CA ASN O 232 -95.64 10.45 8.07
C ASN O 232 -95.53 8.95 8.36
N SER O 233 -96.29 8.13 7.63
CA SER O 233 -96.22 6.69 7.79
C SER O 233 -94.82 6.25 7.37
N LEU O 234 -94.29 5.21 8.02
CA LEU O 234 -92.93 4.71 7.79
C LEU O 234 -92.30 4.93 6.41
N LEU O 235 -92.80 4.26 5.38
CA LEU O 235 -92.24 4.39 4.03
C LEU O 235 -92.16 5.83 3.53
N HIS O 236 -93.28 6.53 3.58
CA HIS O 236 -93.33 7.91 3.12
C HIS O 236 -92.52 8.88 3.96
N ALA O 237 -92.27 8.52 5.23
CA ALA O 237 -91.46 9.35 6.11
C ALA O 237 -90.03 9.23 5.61
N ALA O 238 -89.64 8.03 5.20
CA ALA O 238 -88.31 7.77 4.67
C ALA O 238 -88.13 8.48 3.34
N ASP O 239 -89.19 8.53 2.53
CA ASP O 239 -89.15 9.22 1.24
C ASP O 239 -88.99 10.72 1.52
N ASP O 240 -89.68 11.20 2.55
CA ASP O 240 -89.63 12.60 2.96
C ASP O 240 -88.22 13.00 3.40
N MET O 241 -87.53 12.09 4.08
CA MET O 241 -86.18 12.34 4.55
C MET O 241 -85.22 12.49 3.37
N GLN O 242 -85.37 11.63 2.36
CA GLN O 242 -84.53 11.71 1.17
C GLN O 242 -84.80 13.02 0.43
N LEU O 243 -86.06 13.41 0.38
CA LEU O 243 -86.49 14.66 -0.28
C LEU O 243 -85.90 15.86 0.46
N TYR O 244 -85.99 15.81 1.80
CA TYR O 244 -85.47 16.85 2.66
C TYR O 244 -83.99 17.06 2.40
N LYS O 245 -83.21 15.99 2.44
CA LYS O 245 -81.78 16.06 2.19
C LYS O 245 -81.50 16.63 0.80
N TYR O 246 -82.28 16.21 -0.18
CA TYR O 246 -82.14 16.68 -1.56
C TYR O 246 -82.37 18.19 -1.64
N ILE O 247 -83.44 18.65 -1.01
CA ILE O 247 -83.78 20.06 -1.00
C ILE O 247 -82.79 20.92 -0.22
N ILE O 248 -82.32 20.40 0.91
CA ILE O 248 -81.35 21.13 1.72
C ILE O 248 -80.03 21.26 0.97
N LYS O 249 -79.53 20.13 0.46
CA LYS O 249 -78.26 20.10 -0.26
C LYS O 249 -78.21 20.98 -1.51
N ASN O 250 -79.29 20.96 -2.29
CA ASN O 250 -79.34 21.73 -3.52
C ASN O 250 -79.69 23.20 -3.37
N THR O 251 -80.39 23.55 -2.29
CA THR O 251 -80.71 24.94 -2.04
C THR O 251 -79.37 25.60 -1.69
N ALA O 252 -78.58 24.91 -0.88
CA ALA O 252 -77.26 25.39 -0.50
C ALA O 252 -76.37 25.49 -1.74
N TRP O 253 -76.38 24.45 -2.55
CA TRP O 253 -75.59 24.39 -3.77
C TRP O 253 -75.87 25.55 -4.72
N GLN O 254 -77.15 25.86 -4.90
CA GLN O 254 -77.54 26.96 -5.79
C GLN O 254 -77.21 28.32 -5.21
N ASN O 255 -76.86 28.35 -3.93
CA ASN O 255 -76.53 29.60 -3.26
C ASN O 255 -75.08 29.69 -2.81
N GLY O 256 -74.21 29.01 -3.57
CA GLY O 256 -72.78 29.03 -3.29
C GLY O 256 -72.25 28.32 -2.07
N LYS O 257 -73.03 27.41 -1.51
CA LYS O 257 -72.59 26.67 -0.32
C LYS O 257 -72.56 25.18 -0.60
N THR O 258 -72.13 24.43 0.41
CA THR O 258 -72.07 22.97 0.34
C THR O 258 -72.47 22.42 1.71
N VAL O 259 -73.48 21.56 1.71
CA VAL O 259 -74.02 20.96 2.92
C VAL O 259 -73.57 19.53 3.17
N THR O 260 -73.43 19.17 4.45
CA THR O 260 -73.11 17.81 4.83
C THR O 260 -73.97 17.32 5.97
N PHE O 261 -74.49 16.11 5.82
CA PHE O 261 -75.32 15.47 6.84
C PHE O 261 -74.48 14.47 7.61
N MET O 262 -73.16 14.47 7.40
CA MET O 262 -72.30 13.53 8.12
C MET O 262 -72.40 13.81 9.62
N PRO O 263 -72.40 12.75 10.44
CA PRO O 263 -72.49 12.81 11.90
C PRO O 263 -71.56 13.75 12.65
N LYS O 264 -70.29 13.75 12.28
CA LYS O 264 -69.31 14.59 12.97
C LYS O 264 -68.29 15.21 12.02
N PRO O 265 -68.65 16.33 11.36
CA PRO O 265 -67.73 16.99 10.44
C PRO O 265 -66.73 17.87 11.18
N LEU O 266 -67.11 18.33 12.36
CA LEU O 266 -66.27 19.20 13.16
C LEU O 266 -65.85 18.60 14.50
N PHE O 267 -64.55 18.63 14.76
CA PHE O 267 -64.00 18.13 16.01
C PHE O 267 -64.05 19.29 16.99
N GLY O 268 -64.81 19.15 18.06
CA GLY O 268 -64.92 20.22 19.03
C GLY O 268 -66.18 21.05 18.82
N ASP O 269 -67.13 20.49 18.08
CA ASP O 269 -68.40 21.14 17.84
C ASP O 269 -69.46 20.03 17.78
N ASN O 270 -70.71 20.42 17.98
CA ASN O 270 -71.83 19.51 17.99
C ASN O 270 -71.92 18.60 16.74
N GLY O 271 -72.27 17.34 16.98
CA GLY O 271 -72.44 16.40 15.89
C GLY O 271 -73.83 16.58 15.31
N SER O 272 -74.14 15.89 14.21
CA SER O 272 -75.46 15.99 13.61
C SER O 272 -76.20 14.68 13.73
N GLY O 273 -77.36 14.71 14.40
CA GLY O 273 -78.14 13.51 14.58
C GLY O 273 -79.49 13.55 13.94
N MET O 274 -80.19 12.42 14.00
CA MET O 274 -81.53 12.30 13.45
C MET O 274 -82.44 11.67 14.52
N HIS O 275 -83.08 12.52 15.30
CA HIS O 275 -83.99 12.07 16.35
C HIS O 275 -85.25 11.55 15.70
N CYS O 276 -85.57 10.29 15.96
CA CYS O 276 -86.75 9.66 15.37
C CYS O 276 -87.89 9.38 16.33
N HIS O 277 -88.97 10.14 16.15
CA HIS O 277 -90.17 9.99 16.95
C HIS O 277 -91.01 8.92 16.28
N GLN O 278 -91.49 7.97 17.09
CA GLN O 278 -92.27 6.86 16.58
C GLN O 278 -93.49 6.61 17.44
N SER O 279 -94.52 6.05 16.80
CA SER O 279 -95.75 5.75 17.49
C SER O 279 -96.62 4.84 16.61
N LEU O 280 -97.35 3.92 17.26
CA LEU O 280 -98.23 3.00 16.54
C LEU O 280 -99.69 3.41 16.69
N TRP O 281 -100.44 3.25 15.61
CA TRP O 281 -101.85 3.59 15.58
C TRP O 281 -102.65 2.44 14.96
N LYS O 282 -103.93 2.38 15.28
CA LYS O 282 -104.82 1.34 14.77
C LYS O 282 -106.22 1.90 14.67
N ASP O 283 -106.84 1.73 13.50
CA ASP O 283 -108.19 2.21 13.23
C ASP O 283 -108.36 3.68 13.54
N GLY O 284 -107.33 4.47 13.22
CA GLY O 284 -107.37 5.91 13.44
C GLY O 284 -107.18 6.37 14.87
N ALA O 285 -106.80 5.45 15.75
CA ALA O 285 -106.61 5.79 17.15
C ALA O 285 -105.21 5.43 17.66
N PRO O 286 -104.66 6.24 18.57
CA PRO O 286 -103.33 6.04 19.16
C PRO O 286 -103.26 4.84 20.10
N LEU O 287 -102.10 4.19 20.11
CA LEU O 287 -101.88 3.01 20.94
C LEU O 287 -100.75 3.21 21.95
N MET O 288 -100.14 4.39 21.95
CA MET O 288 -99.02 4.68 22.83
C MET O 288 -99.36 5.27 24.20
N TYR O 289 -100.56 5.84 24.34
CA TYR O 289 -100.97 6.48 25.59
C TYR O 289 -101.67 5.62 26.66
N ASP O 290 -101.48 6.03 27.90
CA ASP O 290 -102.07 5.38 29.08
C ASP O 290 -101.74 6.25 30.30
N GLU O 291 -102.75 6.95 30.83
CA GLU O 291 -102.59 7.82 32.00
C GLU O 291 -101.89 7.17 33.19
N THR O 292 -102.21 5.90 33.40
CA THR O 292 -101.65 5.12 34.52
C THR O 292 -100.18 4.74 34.40
N GLY O 293 -99.68 4.65 33.18
CA GLY O 293 -98.29 4.27 32.99
C GLY O 293 -97.28 5.41 33.14
N TYR O 294 -96.02 5.04 33.38
CA TYR O 294 -94.94 6.01 33.52
C TYR O 294 -94.82 6.83 32.23
N ALA O 295 -94.76 8.15 32.39
CA ALA O 295 -94.66 9.06 31.24
C ALA O 295 -95.85 8.97 30.30
N GLY O 296 -96.96 8.44 30.80
CA GLY O 296 -98.17 8.30 30.01
C GLY O 296 -98.05 7.24 28.92
N LEU O 297 -97.19 6.25 29.16
CA LEU O 297 -96.95 5.18 28.20
C LEU O 297 -97.77 3.92 28.42
N SER O 298 -98.31 3.39 27.33
CA SER O 298 -99.10 2.16 27.36
C SER O 298 -98.17 0.95 27.45
N ASP O 299 -98.75 -0.23 27.61
CA ASP O 299 -97.96 -1.47 27.69
C ASP O 299 -97.26 -1.69 26.35
N THR O 300 -97.98 -1.37 25.28
CA THR O 300 -97.48 -1.50 23.91
C THR O 300 -96.25 -0.61 23.70
N ALA O 301 -96.35 0.64 24.12
CA ALA O 301 -95.26 1.61 24.01
C ALA O 301 -94.03 1.18 24.81
N ARG O 302 -94.25 0.72 26.04
CA ARG O 302 -93.16 0.30 26.91
C ARG O 302 -92.43 -0.92 26.35
N HIS O 303 -93.19 -1.85 25.77
CA HIS O 303 -92.60 -3.06 25.17
C HIS O 303 -91.80 -2.69 23.92
N TYR O 304 -92.29 -1.70 23.20
CA TYR O 304 -91.64 -1.20 21.99
C TYR O 304 -90.27 -0.67 22.42
N ILE O 305 -90.26 0.13 23.48
CA ILE O 305 -89.03 0.70 24.03
C ILE O 305 -88.10 -0.43 24.48
N GLY O 306 -88.69 -1.50 25.03
CA GLY O 306 -87.91 -2.63 25.47
C GLY O 306 -87.20 -3.28 24.29
N GLY O 307 -87.87 -3.29 23.14
CA GLY O 307 -87.29 -3.84 21.93
C GLY O 307 -86.14 -2.99 21.42
N LEU O 308 -86.36 -1.67 21.40
CA LEU O 308 -85.34 -0.73 20.94
C LEU O 308 -84.07 -0.85 21.78
N LEU O 309 -84.23 -0.82 23.10
CA LEU O 309 -83.09 -0.91 24.02
C LEU O 309 -82.40 -2.28 23.99
N HIS O 310 -83.20 -3.33 23.86
CA HIS O 310 -82.64 -4.68 23.82
C HIS O 310 -81.85 -4.93 22.53
N HIS O 311 -82.42 -4.47 21.41
CA HIS O 311 -81.81 -4.66 20.10
C HIS O 311 -80.84 -3.58 19.64
N ALA O 312 -80.71 -2.51 20.41
CA ALA O 312 -79.83 -1.40 20.06
C ALA O 312 -78.44 -1.77 19.53
N PRO O 313 -77.74 -2.72 20.19
CA PRO O 313 -76.40 -3.09 19.71
C PRO O 313 -76.35 -3.51 18.24
N SER O 314 -77.43 -4.11 17.73
CA SER O 314 -77.46 -4.52 16.34
C SER O 314 -78.24 -3.51 15.49
N LEU O 315 -79.26 -2.90 16.10
CA LEU O 315 -80.10 -1.91 15.44
C LEU O 315 -79.25 -0.76 14.90
N LEU O 316 -78.22 -0.39 15.66
CA LEU O 316 -77.32 0.70 15.28
C LEU O 316 -76.58 0.46 13.96
N ALA O 317 -76.56 -0.79 13.50
CA ALA O 317 -75.90 -1.12 12.24
C ALA O 317 -76.65 -0.50 11.05
N PHE O 318 -77.92 -0.16 11.26
CA PHE O 318 -78.76 0.46 10.22
C PHE O 318 -79.11 1.90 10.61
N THR O 319 -79.06 2.14 11.90
CA THR O 319 -79.42 3.42 12.47
C THR O 319 -78.24 4.43 12.56
N ASN O 320 -77.03 3.90 12.72
CA ASN O 320 -75.79 4.68 12.79
C ASN O 320 -74.78 3.79 12.05
N PRO O 321 -74.98 3.64 10.72
CA PRO O 321 -74.23 2.78 9.81
C PRO O 321 -72.84 3.22 9.28
N THR O 322 -72.27 4.30 9.78
CA THR O 322 -70.96 4.73 9.28
C THR O 322 -69.89 4.81 10.35
N VAL O 323 -68.63 4.81 9.93
CA VAL O 323 -67.52 4.92 10.86
C VAL O 323 -67.58 6.28 11.57
N ASN O 324 -67.99 7.31 10.82
CA ASN O 324 -68.10 8.67 11.35
C ASN O 324 -69.22 8.78 12.39
N SER O 325 -70.20 7.88 12.32
CA SER O 325 -71.30 7.86 13.27
C SER O 325 -70.80 7.75 14.71
N TYR O 326 -69.70 7.03 14.89
CA TYR O 326 -69.13 6.83 16.22
C TYR O 326 -68.22 7.92 16.74
N LYS O 327 -68.15 9.03 16.03
CA LYS O 327 -67.36 10.19 16.45
C LYS O 327 -68.37 11.10 17.16
N ARG O 328 -69.66 10.89 16.85
CA ARG O 328 -70.75 11.62 17.47
C ARG O 328 -71.20 10.82 18.70
N LEU O 329 -71.36 9.51 18.52
CA LEU O 329 -71.76 8.60 19.59
C LEU O 329 -70.52 8.26 20.41
N VAL O 330 -70.11 9.21 21.24
CA VAL O 330 -68.92 9.07 22.07
C VAL O 330 -69.17 9.96 23.31
N PRO O 331 -68.60 9.60 24.49
CA PRO O 331 -68.78 10.39 25.72
C PRO O 331 -68.49 11.89 25.54
N GLY O 332 -69.49 12.73 25.79
CA GLY O 332 -69.29 14.17 25.64
C GLY O 332 -70.53 15.04 25.66
N TYR O 333 -70.90 15.57 24.49
CA TYR O 333 -72.06 16.46 24.31
C TYR O 333 -73.42 15.85 24.67
N GLU O 334 -73.44 14.99 25.69
CA GLU O 334 -74.64 14.31 26.17
C GLU O 334 -75.12 13.46 25.00
N ALA O 335 -74.22 12.62 24.50
CA ALA O 335 -74.50 11.73 23.38
C ALA O 335 -75.45 10.62 23.79
N PRO O 336 -76.49 10.37 22.96
CA PRO O 336 -77.49 9.33 23.22
C PRO O 336 -76.87 7.93 23.16
N ILE O 337 -76.00 7.63 24.12
CA ILE O 337 -75.32 6.34 24.19
C ILE O 337 -75.80 5.49 25.36
N ASN O 338 -76.60 6.08 26.25
CA ASN O 338 -77.11 5.39 27.42
C ASN O 338 -78.38 4.62 27.13
N LEU O 339 -78.27 3.29 27.22
CA LEU O 339 -79.39 2.39 26.94
C LEU O 339 -80.51 2.37 27.98
N VAL O 340 -81.18 3.51 28.13
CA VAL O 340 -82.28 3.66 29.06
C VAL O 340 -83.28 4.66 28.47
N TYR O 341 -84.51 4.68 28.98
CA TYR O 341 -85.50 5.64 28.51
C TYR O 341 -85.68 6.71 29.58
N SER O 342 -86.16 7.87 29.21
CA SER O 342 -86.32 8.97 30.16
C SER O 342 -87.17 10.08 29.59
N GLN O 343 -87.48 11.07 30.42
CA GLN O 343 -88.27 12.23 30.01
C GLN O 343 -87.38 13.46 30.13
N ARG O 344 -86.38 13.35 31.00
CA ARG O 344 -85.43 14.43 31.26
C ARG O 344 -84.12 14.31 30.47
N ASN O 345 -83.39 13.22 30.71
CA ASN O 345 -82.10 12.95 30.07
C ASN O 345 -82.07 12.94 28.54
N ARG O 346 -81.19 13.77 27.99
CA ARG O 346 -81.03 13.85 26.55
C ARG O 346 -79.91 12.92 26.07
N SER O 347 -79.20 12.35 27.04
CA SER O 347 -78.12 11.40 26.77
C SER O 347 -78.70 9.98 26.80
N ALA O 348 -80.02 9.89 26.89
CA ALA O 348 -80.71 8.60 26.92
C ALA O 348 -81.09 8.23 25.48
N CYS O 349 -80.89 6.96 25.12
CA CYS O 349 -81.21 6.47 23.79
C CYS O 349 -82.64 6.78 23.42
N VAL O 350 -83.55 6.57 24.36
CA VAL O 350 -84.97 6.84 24.14
C VAL O 350 -85.45 7.89 25.11
N ARG O 351 -86.12 8.91 24.58
CA ARG O 351 -86.66 9.96 25.41
C ARG O 351 -88.14 10.10 25.10
N ILE O 352 -88.94 10.29 26.14
CA ILE O 352 -90.37 10.45 25.95
C ILE O 352 -90.70 11.92 26.09
N PRO O 353 -91.02 12.58 24.96
CA PRO O 353 -91.36 14.01 24.95
C PRO O 353 -92.52 14.29 25.90
N ILE O 354 -92.41 15.37 26.65
CA ILE O 354 -93.47 15.77 27.57
C ILE O 354 -94.57 16.42 26.73
N THR O 355 -95.65 15.68 26.52
CA THR O 355 -96.76 16.15 25.70
C THR O 355 -98.10 16.33 26.42
N GLY O 356 -98.13 15.98 27.71
CA GLY O 356 -99.35 16.14 28.48
C GLY O 356 -100.32 14.96 28.46
N SER O 357 -101.60 15.28 28.52
CA SER O 357 -102.67 14.28 28.55
C SER O 357 -103.24 13.88 27.18
N ASN O 358 -102.87 14.60 26.13
CA ASN O 358 -103.35 14.31 24.77
C ASN O 358 -102.75 12.98 24.27
N PRO O 359 -103.60 11.94 24.14
CA PRO O 359 -103.15 10.62 23.68
C PRO O 359 -102.57 10.60 22.26
N LYS O 360 -103.04 11.51 21.41
CA LYS O 360 -102.58 11.59 20.03
C LYS O 360 -101.17 12.15 19.89
N ALA O 361 -100.66 12.77 20.95
CA ALA O 361 -99.32 13.35 20.93
C ALA O 361 -98.26 12.48 21.60
N LYS O 362 -98.70 11.43 22.29
CA LYS O 362 -97.77 10.53 22.97
C LYS O 362 -96.96 9.71 21.96
N ARG O 363 -95.65 9.75 22.12
CA ARG O 363 -94.75 9.03 21.22
C ARG O 363 -93.40 8.87 21.91
N LEU O 364 -92.57 8.00 21.35
CA LEU O 364 -91.24 7.80 21.90
C LEU O 364 -90.23 8.35 20.89
N GLU O 365 -89.12 8.87 21.40
CA GLU O 365 -88.10 9.44 20.54
C GLU O 365 -86.77 8.71 20.66
N PHE O 366 -86.38 8.03 19.58
CA PHE O 366 -85.09 7.33 19.54
C PHE O 366 -84.10 8.40 19.11
N ARG O 367 -83.24 8.82 20.04
CA ARG O 367 -82.28 9.89 19.81
C ARG O 367 -80.95 9.49 19.18
N SER O 368 -80.59 8.23 19.29
CA SER O 368 -79.30 7.73 18.79
C SER O 368 -79.00 7.83 17.29
N PRO O 369 -80.01 7.62 16.42
CA PRO O 369 -79.77 7.69 14.97
C PRO O 369 -79.15 8.97 14.42
N ASP O 370 -78.60 8.86 13.21
CA ASP O 370 -78.03 9.97 12.49
C ASP O 370 -78.47 9.80 11.04
N SER O 371 -78.19 10.76 10.17
CA SER O 371 -78.60 10.63 8.78
C SER O 371 -77.48 10.26 7.83
N SER O 372 -76.55 9.45 8.31
CA SER O 372 -75.43 9.01 7.49
C SER O 372 -75.72 7.74 6.70
N GLY O 373 -76.96 7.27 6.76
CA GLY O 373 -77.29 6.04 6.05
C GLY O 373 -78.53 6.01 5.17
N ASN O 374 -79.29 4.94 5.33
CA ASN O 374 -80.50 4.70 4.56
C ASN O 374 -81.72 4.78 5.49
N PRO O 375 -82.57 5.80 5.30
CA PRO O 375 -83.76 5.98 6.14
C PRO O 375 -84.79 4.86 6.01
N TYR O 376 -84.88 4.23 4.84
CA TYR O 376 -85.82 3.15 4.61
C TYR O 376 -85.44 1.96 5.49
N LEU O 377 -84.15 1.64 5.52
CA LEU O 377 -83.65 0.54 6.33
C LEU O 377 -83.65 0.88 7.82
N ALA O 378 -83.28 2.13 8.14
CA ALA O 378 -83.24 2.58 9.53
C ALA O 378 -84.61 2.56 10.20
N PHE O 379 -85.59 3.16 9.54
CA PHE O 379 -86.95 3.20 10.08
C PHE O 379 -87.52 1.79 10.20
N SER O 380 -87.31 0.97 9.18
CA SER O 380 -87.79 -0.41 9.17
C SER O 380 -87.18 -1.21 10.32
N ALA O 381 -85.87 -1.08 10.51
CA ALA O 381 -85.16 -1.77 11.58
C ALA O 381 -85.67 -1.34 12.94
N MET O 382 -86.00 -0.06 13.08
CA MET O 382 -86.52 0.46 14.34
C MET O 382 -87.88 -0.16 14.63
N LEU O 383 -88.73 -0.26 13.61
CA LEU O 383 -90.05 -0.85 13.75
C LEU O 383 -89.93 -2.31 14.15
N MET O 384 -89.08 -3.05 13.46
CA MET O 384 -88.89 -4.46 13.74
C MET O 384 -88.37 -4.71 15.15
N ALA O 385 -87.50 -3.83 15.63
CA ALA O 385 -86.98 -3.95 16.99
C ALA O 385 -88.12 -3.71 17.98
N GLY O 386 -88.95 -2.71 17.69
CA GLY O 386 -90.07 -2.39 18.55
C GLY O 386 -91.15 -3.47 18.57
N LEU O 387 -91.44 -4.04 17.39
CA LEU O 387 -92.44 -5.09 17.27
C LEU O 387 -92.01 -6.37 17.96
N ASP O 388 -90.71 -6.66 17.93
CA ASP O 388 -90.19 -7.85 18.58
C ASP O 388 -90.31 -7.67 20.09
N GLY O 389 -90.21 -6.42 20.53
CA GLY O 389 -90.34 -6.11 21.94
C GLY O 389 -91.77 -6.28 22.40
N ILE O 390 -92.72 -5.94 21.53
CA ILE O 390 -94.14 -6.06 21.83
C ILE O 390 -94.57 -7.53 21.84
N LYS O 391 -94.15 -8.28 20.84
CA LYS O 391 -94.49 -9.70 20.74
C LYS O 391 -93.94 -10.53 21.90
N ASN O 392 -92.70 -10.25 22.29
CA ASN O 392 -92.06 -10.97 23.38
C ASN O 392 -92.18 -10.23 24.72
N LYS O 393 -93.04 -9.22 24.75
CA LYS O 393 -93.29 -8.42 25.95
C LYS O 393 -92.03 -8.05 26.72
N ILE O 394 -90.99 -7.66 25.98
CA ILE O 394 -89.71 -7.27 26.57
C ILE O 394 -89.86 -6.03 27.45
N GLU O 395 -89.46 -6.17 28.70
CA GLU O 395 -89.54 -5.07 29.66
C GLU O 395 -88.23 -4.31 29.73
N PRO O 396 -88.28 -3.00 29.45
CA PRO O 396 -87.07 -2.18 29.49
C PRO O 396 -86.68 -1.95 30.95
N GLN O 397 -85.40 -1.81 31.22
CA GLN O 397 -84.97 -1.56 32.59
C GLN O 397 -85.59 -0.24 33.05
N ALA O 398 -85.68 -0.06 34.36
CA ALA O 398 -86.26 1.14 34.94
C ALA O 398 -85.76 2.45 34.35
N PRO O 399 -86.68 3.36 33.99
CA PRO O 399 -86.34 4.67 33.41
C PRO O 399 -85.53 5.49 34.40
N VAL O 400 -84.76 6.44 33.88
CA VAL O 400 -83.92 7.29 34.73
C VAL O 400 -84.13 8.77 34.41
N ASP O 401 -84.65 9.50 35.40
CA ASP O 401 -84.88 10.94 35.22
C ASP O 401 -83.84 11.79 35.97
N LYS O 402 -83.03 11.13 36.80
CA LYS O 402 -81.95 11.80 37.52
C LYS O 402 -80.93 12.13 36.45
N ASP O 403 -80.24 13.26 36.59
CA ASP O 403 -79.23 13.62 35.60
C ASP O 403 -78.18 12.51 35.55
N LEU O 404 -78.09 11.83 34.42
CA LEU O 404 -77.15 10.73 34.22
C LEU O 404 -75.69 11.12 34.36
N TYR O 405 -75.40 12.39 34.07
CA TYR O 405 -74.03 12.90 34.16
C TYR O 405 -73.50 12.80 35.59
N GLU O 406 -74.18 13.43 36.55
CA GLU O 406 -73.77 13.37 37.95
C GLU O 406 -74.50 12.23 38.67
N LEU O 407 -73.93 11.03 38.56
CA LEU O 407 -74.51 9.85 39.17
C LEU O 407 -73.39 9.10 39.90
N PRO O 408 -73.67 8.57 41.11
CA PRO O 408 -72.63 7.85 41.87
C PRO O 408 -72.04 6.72 41.02
N PRO O 409 -70.72 6.81 40.73
CA PRO O 409 -69.92 5.86 39.94
C PRO O 409 -70.29 4.38 39.99
N GLU O 410 -70.79 3.91 41.13
CA GLU O 410 -71.18 2.51 41.27
C GLU O 410 -72.60 2.29 40.72
N GLU O 411 -73.43 3.32 40.84
CA GLU O 411 -74.82 3.29 40.36
C GLU O 411 -74.86 3.60 38.86
N ALA O 412 -73.81 4.26 38.37
CA ALA O 412 -73.69 4.61 36.96
C ALA O 412 -73.17 3.44 36.12
N ALA O 413 -72.57 2.46 36.79
CA ALA O 413 -72.03 1.28 36.11
C ALA O 413 -73.14 0.32 35.72
N SER O 414 -74.36 0.59 36.21
CA SER O 414 -75.53 -0.24 35.90
C SER O 414 -76.26 0.26 34.65
N ILE O 415 -75.72 1.31 34.03
CA ILE O 415 -76.30 1.90 32.82
C ILE O 415 -75.52 1.40 31.60
N PRO O 416 -76.15 0.54 30.78
CA PRO O 416 -75.50 -0.01 29.58
C PRO O 416 -75.29 1.06 28.52
N GLN O 417 -74.18 0.94 27.80
CA GLN O 417 -73.84 1.90 26.74
C GLN O 417 -74.00 1.22 25.39
N THR O 418 -74.16 2.03 24.35
CA THR O 418 -74.26 1.51 22.98
C THR O 418 -72.84 1.19 22.53
N PRO O 419 -72.67 0.31 21.53
CA PRO O 419 -71.30 0.02 21.09
C PRO O 419 -70.66 1.31 20.59
N THR O 420 -69.33 1.39 20.66
CA THR O 420 -68.60 2.59 20.26
C THR O 420 -67.88 2.51 18.93
N GLN O 421 -68.13 1.47 18.15
CA GLN O 421 -67.46 1.29 16.87
C GLN O 421 -68.40 0.62 15.87
N LEU O 422 -68.26 0.98 14.59
CA LEU O 422 -69.10 0.39 13.55
C LEU O 422 -68.86 -1.11 13.42
N SER O 423 -67.59 -1.53 13.53
CA SER O 423 -67.23 -2.94 13.45
C SER O 423 -67.96 -3.74 14.52
N ASP O 424 -68.21 -3.11 15.68
CA ASP O 424 -68.89 -3.71 16.78
C ASP O 424 -70.35 -3.97 16.45
N VAL O 425 -71.08 -2.92 16.06
CA VAL O 425 -72.50 -3.05 15.74
C VAL O 425 -72.72 -3.99 14.55
N ILE O 426 -71.76 -4.04 13.64
CA ILE O 426 -71.86 -4.92 12.49
C ILE O 426 -71.70 -6.37 12.96
N ASP O 427 -70.80 -6.59 13.91
CA ASP O 427 -70.58 -7.92 14.50
C ASP O 427 -71.86 -8.35 15.24
N ARG O 428 -72.47 -7.43 15.96
CA ARG O 428 -73.70 -7.68 16.71
C ARG O 428 -74.89 -7.97 15.81
N LEU O 429 -74.93 -7.30 14.65
CA LEU O 429 -76.02 -7.50 13.69
C LEU O 429 -75.90 -8.91 13.10
N GLU O 430 -74.66 -9.31 12.81
CA GLU O 430 -74.36 -10.62 12.25
C GLU O 430 -74.76 -11.72 13.22
N ALA O 431 -74.52 -11.50 14.50
CA ALA O 431 -74.83 -12.45 15.55
C ALA O 431 -76.30 -12.53 15.95
N ASP O 432 -77.00 -11.40 15.85
CA ASP O 432 -78.41 -11.35 16.22
C ASP O 432 -79.23 -10.45 15.29
N HIS O 433 -79.92 -11.07 14.34
CA HIS O 433 -80.74 -10.32 13.40
C HIS O 433 -82.07 -11.00 13.07
N GLU O 434 -82.48 -11.95 13.91
CA GLU O 434 -83.74 -12.66 13.69
C GLU O 434 -84.96 -11.77 13.74
N TYR O 435 -84.92 -10.76 14.60
CA TYR O 435 -86.05 -9.84 14.73
C TYR O 435 -86.28 -9.07 13.42
N LEU O 436 -85.21 -8.93 12.64
CA LEU O 436 -85.26 -8.22 11.36
C LEU O 436 -85.89 -9.09 10.28
N THR O 437 -85.59 -10.38 10.31
CA THR O 437 -86.11 -11.34 9.32
C THR O 437 -87.55 -11.79 9.54
N GLU O 438 -88.15 -11.37 10.65
CA GLU O 438 -89.53 -11.72 10.96
C GLU O 438 -90.44 -11.25 9.83
N GLY O 439 -91.38 -12.10 9.45
CA GLY O 439 -92.31 -11.76 8.39
C GLY O 439 -91.65 -11.53 7.04
N GLY O 440 -90.37 -11.86 6.95
CA GLY O 440 -89.62 -11.68 5.72
C GLY O 440 -89.31 -10.23 5.34
N VAL O 441 -89.43 -9.31 6.30
CA VAL O 441 -89.17 -7.88 6.05
C VAL O 441 -87.73 -7.69 5.57
N PHE O 442 -86.77 -8.24 6.32
CA PHE O 442 -85.36 -8.19 5.95
C PHE O 442 -85.05 -9.66 5.63
N THR O 443 -84.10 -9.89 4.72
CA THR O 443 -83.69 -11.26 4.39
C THR O 443 -82.26 -11.43 4.88
N ASN O 444 -81.86 -12.68 5.17
CA ASN O 444 -80.51 -12.91 5.59
C ASN O 444 -79.53 -12.45 4.53
N ASP O 445 -80.00 -12.57 3.28
CA ASP O 445 -79.25 -12.16 2.11
C ASP O 445 -78.91 -10.66 2.18
N LEU O 446 -79.92 -9.83 2.38
CA LEU O 446 -79.73 -8.38 2.47
C LEU O 446 -78.81 -8.03 3.64
N ILE O 447 -79.05 -8.66 4.78
CA ILE O 447 -78.27 -8.43 5.99
C ILE O 447 -76.80 -8.79 5.80
N GLU O 448 -76.53 -9.90 5.11
CA GLU O 448 -75.16 -10.34 4.85
C GLU O 448 -74.46 -9.39 3.88
N THR O 449 -75.23 -8.87 2.93
CA THR O 449 -74.73 -7.94 1.92
C THR O 449 -74.32 -6.63 2.59
N TRP O 450 -75.17 -6.16 3.51
CA TRP O 450 -74.94 -4.94 4.27
C TRP O 450 -73.67 -5.09 5.11
N ILE O 451 -73.55 -6.22 5.78
CA ILE O 451 -72.39 -6.52 6.61
C ILE O 451 -71.10 -6.53 5.79
N SER O 452 -71.14 -7.14 4.61
CA SER O 452 -69.98 -7.21 3.72
C SER O 452 -69.62 -5.84 3.18
N PHE O 453 -70.65 -5.09 2.77
CA PHE O 453 -70.49 -3.76 2.22
C PHE O 453 -69.74 -2.86 3.22
N LYS O 454 -70.22 -2.85 4.46
CA LYS O 454 -69.61 -2.03 5.51
C LYS O 454 -68.19 -2.45 5.85
N ARG O 455 -67.95 -3.75 5.92
CA ARG O 455 -66.62 -4.25 6.25
C ARG O 455 -65.59 -3.99 5.16
N GLU O 456 -65.97 -4.24 3.92
CA GLU O 456 -65.08 -4.07 2.79
C GLU O 456 -64.92 -2.66 2.26
N ASN O 457 -66.01 -1.90 2.26
CA ASN O 457 -66.00 -0.54 1.73
C ASN O 457 -65.82 0.60 2.72
N GLU O 458 -65.99 0.32 4.01
CA GLU O 458 -65.89 1.36 5.02
C GLU O 458 -64.93 1.05 6.17
N ILE O 459 -65.22 -0.02 6.90
CA ILE O 459 -64.41 -0.41 8.04
C ILE O 459 -62.94 -0.67 7.71
N GLU O 460 -62.70 -1.56 6.74
CA GLU O 460 -61.34 -1.92 6.35
C GLU O 460 -60.56 -0.73 5.75
N PRO O 461 -61.15 0.01 4.78
CA PRO O 461 -60.46 1.15 4.18
C PRO O 461 -59.97 2.20 5.18
N VAL O 462 -60.78 2.52 6.18
CA VAL O 462 -60.40 3.50 7.20
C VAL O 462 -59.34 2.89 8.13
N ASN O 463 -59.54 1.64 8.48
CA ASN O 463 -58.65 0.94 9.38
C ASN O 463 -57.20 0.76 8.90
N ILE O 464 -57.00 0.58 7.61
CA ILE O 464 -55.65 0.39 7.08
C ILE O 464 -54.87 1.68 6.85
N ARG O 465 -55.58 2.80 6.87
CA ARG O 465 -54.97 4.11 6.65
C ARG O 465 -54.56 4.84 7.93
N PRO O 466 -53.26 5.16 8.07
CA PRO O 466 -52.80 5.85 9.27
C PRO O 466 -53.55 7.18 9.45
N HIS O 467 -53.93 7.45 10.70
CA HIS O 467 -54.65 8.67 11.07
C HIS O 467 -53.61 9.77 11.32
N PRO O 468 -53.90 11.03 10.95
CA PRO O 468 -52.98 12.15 11.16
C PRO O 468 -52.50 12.28 12.60
N TYR O 469 -53.38 12.03 13.55
CA TYR O 469 -53.02 12.14 14.96
C TYR O 469 -52.00 11.11 15.40
N GLU O 470 -51.87 10.03 14.64
CA GLU O 470 -50.89 8.99 14.94
C GLU O 470 -49.48 9.52 14.72
N PHE O 471 -49.36 10.54 13.87
CA PHE O 471 -48.05 11.13 13.61
C PHE O 471 -47.67 12.07 14.74
N ALA O 472 -48.66 12.74 15.31
CA ALA O 472 -48.45 13.64 16.44
C ALA O 472 -48.02 12.78 17.61
N LEU O 473 -48.71 11.67 17.77
CA LEU O 473 -48.51 10.72 18.84
C LEU O 473 -47.26 9.83 18.70
N TYR O 474 -46.98 9.30 17.49
CA TYR O 474 -45.90 8.31 17.34
C TYR O 474 -44.74 8.59 16.38
N TYR O 475 -44.67 9.70 15.64
CA TYR O 475 -43.53 9.89 14.76
C TYR O 475 -42.20 9.79 15.53
N ASP O 476 -42.21 10.26 16.77
CA ASP O 476 -41.01 10.30 17.64
C ASP O 476 -40.70 9.05 18.46
N VAL O 477 -41.50 8.00 18.36
CA VAL O 477 -41.28 6.79 19.17
C VAL O 477 -39.87 6.21 19.21
N THR P 1 -98.49 46.81 26.05
CA THR P 1 -99.23 47.91 26.74
C THR P 1 -100.57 48.19 26.06
N GLU P 2 -100.53 48.51 24.76
CA GLU P 2 -101.75 48.81 24.02
C GLU P 2 -102.03 48.01 22.75
N LYS P 3 -101.04 47.30 22.22
CA LYS P 3 -101.28 46.50 21.01
C LYS P 3 -101.95 45.17 21.29
N THR P 4 -102.96 44.88 20.50
CA THR P 4 -103.79 43.69 20.60
C THR P 4 -103.30 42.56 19.69
N PRO P 5 -103.56 41.30 20.07
CA PRO P 5 -103.15 40.17 19.23
C PRO P 5 -103.73 40.36 17.82
N ASP P 6 -104.92 40.95 17.75
CA ASP P 6 -105.58 41.21 16.48
C ASP P 6 -104.84 42.24 15.65
N ASP P 7 -104.19 43.20 16.32
CA ASP P 7 -103.41 44.22 15.63
C ASP P 7 -102.24 43.54 14.94
N VAL P 8 -101.64 42.58 15.63
CA VAL P 8 -100.51 41.81 15.12
C VAL P 8 -100.91 40.98 13.90
N PHE P 9 -102.06 40.32 13.98
CA PHE P 9 -102.56 39.49 12.87
C PHE P 9 -102.84 40.35 11.65
N LYS P 10 -103.33 41.58 11.88
CA LYS P 10 -103.63 42.51 10.81
C LYS P 10 -102.33 42.96 10.16
N LEU P 11 -101.33 43.24 10.98
CA LEU P 11 -100.01 43.66 10.51
C LEU P 11 -99.45 42.56 9.60
N ALA P 12 -99.52 41.32 10.09
CA ALA P 12 -99.04 40.15 9.36
C ALA P 12 -99.75 39.99 8.01
N LYS P 13 -101.07 40.14 8.01
CA LYS P 13 -101.85 40.00 6.78
C LYS P 13 -101.56 41.12 5.78
N ASP P 14 -101.59 42.36 6.26
CA ASP P 14 -101.34 43.52 5.41
C ASP P 14 -99.94 43.51 4.79
N GLU P 15 -98.95 43.10 5.56
CA GLU P 15 -97.56 43.05 5.09
C GLU P 15 -97.22 41.80 4.29
N LYS P 16 -98.18 40.88 4.19
CA LYS P 16 -98.01 39.62 3.44
C LYS P 16 -96.79 38.87 3.99
N VAL P 17 -96.72 38.81 5.31
CA VAL P 17 -95.64 38.15 6.04
C VAL P 17 -95.65 36.65 5.76
N GLU P 18 -94.48 36.09 5.47
CA GLU P 18 -94.40 34.66 5.22
C GLU P 18 -93.79 33.86 6.36
N TYR P 19 -93.02 34.53 7.22
CA TYR P 19 -92.40 33.87 8.38
C TYR P 19 -92.55 34.72 9.63
N VAL P 20 -92.57 34.06 10.78
CA VAL P 20 -92.64 34.75 12.06
C VAL P 20 -91.41 34.32 12.86
N ASP P 21 -90.63 35.30 13.30
CA ASP P 21 -89.43 35.01 14.06
C ASP P 21 -89.70 35.08 15.55
N VAL P 22 -89.56 33.94 16.22
CA VAL P 22 -89.80 33.81 17.65
C VAL P 22 -88.53 34.16 18.41
N ARG P 23 -88.56 35.30 19.10
CA ARG P 23 -87.40 35.78 19.85
C ARG P 23 -87.58 35.79 21.35
N PHE P 24 -86.48 35.50 22.04
CA PHE P 24 -86.45 35.49 23.49
C PHE P 24 -85.02 35.84 23.89
N CYS P 25 -84.86 36.43 25.07
CA CYS P 25 -83.56 36.87 25.51
C CYS P 25 -82.80 35.88 26.38
N ASP P 26 -81.50 35.74 26.11
CA ASP P 26 -80.67 34.85 26.92
C ASP P 26 -80.15 35.61 28.14
N LEU P 27 -79.46 34.92 29.03
CA LEU P 27 -78.95 35.54 30.25
C LEU P 27 -78.06 36.76 30.03
N PRO P 28 -76.89 36.60 29.37
CA PRO P 28 -76.01 37.76 29.16
C PRO P 28 -76.61 38.95 28.41
N GLY P 29 -77.58 38.73 27.54
CA GLY P 29 -78.20 39.85 26.85
C GLY P 29 -78.41 39.78 25.34
N ILE P 30 -78.11 38.64 24.74
CA ILE P 30 -78.28 38.48 23.30
C ILE P 30 -79.58 37.76 22.95
N MET P 31 -80.35 38.34 22.02
CA MET P 31 -81.61 37.76 21.60
C MET P 31 -81.41 36.47 20.80
N GLN P 32 -82.22 35.47 21.12
CA GLN P 32 -82.18 34.16 20.47
C GLN P 32 -83.42 34.03 19.62
N HIS P 33 -83.44 33.08 18.69
CA HIS P 33 -84.61 32.90 17.84
C HIS P 33 -84.69 31.59 17.08
N PHE P 34 -85.89 31.35 16.55
CA PHE P 34 -86.19 30.22 15.69
C PHE P 34 -87.37 30.74 14.88
N THR P 35 -87.57 30.18 13.69
CA THR P 35 -88.62 30.65 12.81
C THR P 35 -89.70 29.64 12.50
N ILE P 36 -90.94 30.14 12.38
CA ILE P 36 -92.08 29.30 12.04
C ILE P 36 -92.79 29.96 10.86
N PRO P 37 -93.49 29.17 10.03
CA PRO P 37 -94.20 29.77 8.89
C PRO P 37 -95.35 30.63 9.41
N ALA P 38 -95.69 31.69 8.68
CA ALA P 38 -96.77 32.58 9.08
C ALA P 38 -98.10 31.84 9.23
N SER P 39 -98.30 30.82 8.40
CA SER P 39 -99.51 30.01 8.43
C SER P 39 -99.75 29.34 9.78
N ALA P 40 -98.68 29.13 10.54
CA ALA P 40 -98.76 28.50 11.87
C ALA P 40 -98.92 29.55 12.98
N PHE P 41 -98.98 30.82 12.58
CA PHE P 41 -99.13 31.91 13.54
C PHE P 41 -100.61 32.30 13.64
N ASP P 42 -101.27 31.82 14.69
CA ASP P 42 -102.68 32.09 14.91
C ASP P 42 -102.96 32.38 16.38
N LYS P 43 -104.25 32.42 16.73
CA LYS P 43 -104.69 32.70 18.10
C LYS P 43 -104.12 31.74 19.14
N SER P 44 -103.91 30.49 18.74
CA SER P 44 -103.39 29.48 19.66
C SER P 44 -101.97 29.79 20.15
N VAL P 45 -101.25 30.63 19.40
CA VAL P 45 -99.89 31.01 19.78
C VAL P 45 -99.97 31.95 21.00
N PHE P 46 -100.97 32.82 21.00
CA PHE P 46 -101.18 33.76 22.10
C PHE P 46 -101.84 33.10 23.31
N ASP P 47 -102.72 32.14 23.05
CA ASP P 47 -103.44 31.45 24.11
C ASP P 47 -102.64 30.32 24.76
N ASP P 48 -102.14 29.40 23.94
CA ASP P 48 -101.39 28.25 24.42
C ASP P 48 -99.87 28.41 24.42
N GLY P 49 -99.37 29.25 23.52
CA GLY P 49 -97.93 29.46 23.43
C GLY P 49 -97.24 28.46 22.52
N LEU P 50 -95.92 28.54 22.45
CA LEU P 50 -95.13 27.66 21.62
C LEU P 50 -94.16 26.85 22.46
N ALA P 51 -94.00 25.59 22.12
CA ALA P 51 -93.09 24.73 22.85
C ALA P 51 -91.71 24.75 22.21
N PHE P 52 -90.67 24.65 23.05
CA PHE P 52 -89.27 24.64 22.62
C PHE P 52 -88.40 24.05 23.78
N ASP P 53 -87.21 23.60 23.43
CA ASP P 53 -86.25 22.88 24.32
C ASP P 53 -85.22 23.72 25.06
N GLY P 54 -84.87 23.48 26.33
CA GLY P 54 -83.77 24.29 26.82
C GLY P 54 -82.60 23.98 25.90
N SER P 55 -82.27 24.86 24.97
CA SER P 55 -81.16 24.55 24.04
C SER P 55 -79.89 25.33 24.38
N SER P 56 -78.74 24.94 23.85
CA SER P 56 -77.51 25.60 24.22
C SER P 56 -77.36 25.30 25.72
N ILE P 57 -76.54 25.96 26.54
CA ILE P 57 -76.39 25.34 27.86
C ILE P 57 -76.45 26.22 29.13
N ARG P 58 -76.02 27.47 29.17
CA ARG P 58 -75.94 28.13 30.47
C ARG P 58 -76.94 29.24 30.76
N GLY P 59 -77.55 29.21 31.95
CA GLY P 59 -78.55 30.19 32.38
C GLY P 59 -79.92 29.55 32.45
N PHE P 60 -80.42 29.11 31.29
CA PHE P 60 -81.78 28.52 31.10
C PHE P 60 -81.95 27.05 31.58
N GLN P 61 -83.11 26.42 31.29
CA GLN P 61 -83.56 25.06 31.67
C GLN P 61 -82.74 23.89 31.09
N SER P 62 -81.90 23.29 31.94
CA SER P 62 -81.03 22.15 31.60
C SER P 62 -81.83 20.87 31.38
N ILE P 63 -81.23 19.66 31.52
CA ILE P 63 -81.98 18.41 31.29
C ILE P 63 -82.49 17.80 32.61
N HIS P 64 -83.14 18.65 33.42
CA HIS P 64 -83.78 18.28 34.70
C HIS P 64 -84.97 19.20 34.84
N GLU P 65 -84.97 20.14 33.85
CA GLU P 65 -85.95 21.22 33.65
C GLU P 65 -86.23 21.53 32.17
N SER P 66 -85.57 20.80 31.26
CA SER P 66 -85.62 20.86 29.78
C SER P 66 -86.64 21.79 29.11
N ASP P 67 -87.85 21.31 28.84
CA ASP P 67 -88.85 21.99 28.00
C ASP P 67 -89.41 23.29 28.52
N MET P 68 -89.57 24.27 27.61
CA MET P 68 -90.12 25.57 27.94
C MET P 68 -91.31 25.92 27.03
N LEU P 69 -92.13 26.87 27.50
CA LEU P 69 -93.29 27.34 26.76
C LEU P 69 -93.08 28.84 26.51
N LEU P 70 -93.29 29.28 25.28
CA LEU P 70 -93.10 30.69 24.92
C LEU P 70 -94.41 31.42 24.65
N LEU P 71 -94.65 32.51 25.39
CA LEU P 71 -95.86 33.31 25.21
C LEU P 71 -95.45 34.67 24.61
N PRO P 72 -96.09 35.08 23.52
CA PRO P 72 -95.80 36.35 22.83
C PRO P 72 -96.23 37.65 23.50
N ASP P 73 -95.47 38.70 23.21
CA ASP P 73 -95.75 40.04 23.69
C ASP P 73 -96.08 40.84 22.43
N PRO P 74 -97.38 41.08 22.19
CA PRO P 74 -97.86 41.83 21.02
C PRO P 74 -97.28 43.21 20.78
N GLU P 75 -96.80 43.85 21.85
CA GLU P 75 -96.19 45.18 21.72
C GLU P 75 -94.83 45.17 21.05
N THR P 76 -94.19 44.00 21.01
CA THR P 76 -92.86 43.86 20.41
C THR P 76 -92.86 43.44 18.95
N ALA P 77 -94.05 43.24 18.38
CA ALA P 77 -94.19 42.82 16.99
C ALA P 77 -93.72 43.91 16.01
N ARG P 78 -92.74 43.54 15.18
CA ARG P 78 -92.18 44.45 14.19
C ARG P 78 -91.80 43.70 12.92
N ILE P 79 -91.94 44.37 11.78
CA ILE P 79 -91.56 43.77 10.50
C ILE P 79 -90.04 43.90 10.39
N ASP P 80 -89.36 42.80 10.07
CA ASP P 80 -87.91 42.82 9.93
C ASP P 80 -87.55 43.49 8.60
N PRO P 81 -86.76 44.58 8.63
CA PRO P 81 -86.38 45.29 7.41
C PRO P 81 -85.17 44.72 6.67
N PHE P 82 -84.57 43.67 7.24
CA PHE P 82 -83.38 43.06 6.65
C PHE P 82 -83.61 41.72 5.97
N ARG P 83 -84.47 40.88 6.55
CA ARG P 83 -84.75 39.56 5.99
C ARG P 83 -85.43 39.61 4.63
N ALA P 84 -84.87 38.89 3.67
CA ALA P 84 -85.40 38.85 2.30
C ALA P 84 -86.84 38.35 2.28
N ALA P 85 -87.09 37.24 2.95
CA ALA P 85 -88.44 36.69 3.05
C ALA P 85 -89.16 37.55 4.09
N LYS P 86 -90.32 38.12 3.71
CA LYS P 86 -91.06 38.99 4.63
C LYS P 86 -91.32 38.32 5.97
N THR P 87 -90.70 38.87 7.02
CA THR P 87 -90.78 38.30 8.36
C THR P 87 -91.27 39.25 9.43
N LEU P 88 -92.02 38.71 10.40
CA LEU P 88 -92.54 39.46 11.52
C LEU P 88 -91.81 38.98 12.77
N ASN P 89 -91.11 39.89 13.46
CA ASN P 89 -90.39 39.54 14.67
C ASN P 89 -91.25 39.84 15.89
N ILE P 90 -91.25 38.93 16.85
CA ILE P 90 -92.02 39.11 18.09
C ILE P 90 -91.21 38.52 19.24
N ASN P 91 -91.20 39.23 20.36
CA ASN P 91 -90.48 38.77 21.55
C ASN P 91 -91.45 37.97 22.41
N PHE P 92 -90.90 36.98 23.12
CA PHE P 92 -91.71 36.11 23.96
C PHE P 92 -91.21 36.03 25.39
N PHE P 93 -92.09 35.54 26.26
CA PHE P 93 -91.77 35.33 27.68
C PHE P 93 -91.67 33.81 27.82
N VAL P 94 -90.71 33.36 28.62
CA VAL P 94 -90.52 31.94 28.85
C VAL P 94 -91.32 31.49 30.07
N HIS P 95 -92.19 30.50 29.87
CA HIS P 95 -93.02 29.97 30.95
C HIS P 95 -92.73 28.48 31.16
N ASP P 96 -93.17 27.97 32.31
CA ASP P 96 -93.02 26.56 32.62
C ASP P 96 -94.25 25.93 31.93
N PRO P 97 -94.01 24.89 31.11
CA PRO P 97 -95.10 24.20 30.38
C PRO P 97 -96.29 23.81 31.26
N PHE P 98 -95.98 23.09 32.33
CA PHE P 98 -96.97 22.59 33.29
C PHE P 98 -97.76 23.66 34.03
N THR P 99 -97.06 24.41 34.89
CA THR P 99 -97.69 25.45 35.70
C THR P 99 -98.01 26.78 35.01
N LEU P 100 -97.51 26.96 33.78
CA LEU P 100 -97.68 28.21 33.01
C LEU P 100 -96.99 29.33 33.79
N GLU P 101 -95.91 28.88 34.42
CA GLU P 101 -95.04 29.62 35.30
C GLU P 101 -94.03 30.56 34.66
N PRO P 102 -94.08 31.88 34.95
CA PRO P 102 -93.05 32.68 34.28
C PRO P 102 -91.70 32.18 34.81
N TYR P 103 -90.85 31.73 33.89
CA TYR P 103 -89.54 31.21 34.24
C TYR P 103 -88.73 32.33 34.91
N SER P 104 -88.22 32.03 36.11
CA SER P 104 -87.48 33.00 36.90
C SER P 104 -86.14 33.49 36.33
N ARG P 105 -85.61 32.80 35.33
CA ARG P 105 -84.33 33.21 34.75
C ARG P 105 -84.44 33.87 33.38
N ASP P 106 -85.68 34.13 32.94
CA ASP P 106 -85.94 34.79 31.68
C ASP P 106 -85.90 36.30 31.96
N PRO P 107 -84.92 36.99 31.38
CA PRO P 107 -84.75 38.44 31.58
C PRO P 107 -86.02 39.25 31.35
N ARG P 108 -86.82 38.87 30.38
CA ARG P 108 -88.06 39.61 30.10
C ARG P 108 -89.09 39.46 31.22
N ASN P 109 -89.04 38.34 31.93
CA ASN P 109 -89.95 38.09 33.04
C ASN P 109 -89.54 38.95 34.23
N ILE P 110 -88.23 39.11 34.41
CA ILE P 110 -87.69 39.93 35.50
C ILE P 110 -88.17 41.37 35.33
N ALA P 111 -88.11 41.88 34.11
CA ALA P 111 -88.54 43.25 33.82
C ALA P 111 -90.04 43.42 34.07
N ARG P 112 -90.81 42.39 33.72
CA ARG P 112 -92.25 42.42 33.92
C ARG P 112 -92.55 42.37 35.43
N LYS P 113 -91.83 41.52 36.16
CA LYS P 113 -91.99 41.40 37.61
C LYS P 113 -91.64 42.73 38.28
N ALA P 114 -90.64 43.42 37.75
CA ALA P 114 -90.21 44.71 38.28
C ALA P 114 -91.31 45.75 38.15
N GLU P 115 -92.01 45.74 37.02
CA GLU P 115 -93.09 46.68 36.78
C GLU P 115 -94.29 46.39 37.69
N ASN P 116 -94.57 45.10 37.89
CA ASN P 116 -95.68 44.68 38.75
C ASN P 116 -95.39 44.99 40.21
N TYR P 117 -94.13 44.86 40.61
CA TYR P 117 -93.71 45.15 41.97
C TYR P 117 -93.88 46.65 42.26
N LEU P 118 -93.54 47.48 41.28
CA LEU P 118 -93.65 48.93 41.40
C LEU P 118 -95.09 49.28 41.76
N ILE P 119 -96.02 48.69 41.02
CA ILE P 119 -97.45 48.92 41.24
C ILE P 119 -97.88 48.45 42.63
N SER P 120 -97.36 47.30 43.06
CA SER P 120 -97.71 46.73 44.35
C SER P 120 -97.23 47.56 45.55
N THR P 121 -96.17 48.35 45.36
CA THR P 121 -95.65 49.18 46.45
C THR P 121 -96.49 50.44 46.64
N GLY P 122 -97.30 50.76 45.65
CA GLY P 122 -98.14 51.95 45.72
C GLY P 122 -97.37 53.23 45.45
N ILE P 123 -96.04 53.13 45.39
CA ILE P 123 -95.17 54.29 45.13
C ILE P 123 -95.49 54.95 43.80
N ALA P 124 -95.72 54.14 42.76
CA ALA P 124 -96.06 54.63 41.43
C ALA P 124 -96.60 53.47 40.62
N ASP P 125 -97.11 53.75 39.43
CA ASP P 125 -97.63 52.69 38.58
C ASP P 125 -96.87 52.54 37.25
N THR P 126 -95.92 53.44 37.00
CA THR P 126 -95.14 53.41 35.77
C THR P 126 -93.72 53.96 35.94
N ALA P 127 -92.74 53.23 35.42
CA ALA P 127 -91.34 53.63 35.48
C ALA P 127 -90.88 53.83 34.04
N TYR P 128 -90.63 55.08 33.65
CA TYR P 128 -90.19 55.38 32.29
C TYR P 128 -88.67 55.39 32.18
N PHE P 129 -88.17 54.69 31.16
CA PHE P 129 -86.75 54.62 30.89
C PHE P 129 -86.38 55.13 29.51
N GLY P 130 -85.42 56.04 29.47
CA GLY P 130 -84.93 56.60 28.22
C GLY P 130 -83.45 56.25 28.18
N ALA P 131 -83.04 55.46 27.20
CA ALA P 131 -81.65 55.05 27.11
C ALA P 131 -80.97 55.49 25.83
N GLU P 132 -79.74 55.94 25.99
CA GLU P 132 -78.96 56.42 24.85
C GLU P 132 -77.65 55.68 24.73
N ALA P 133 -77.65 54.76 23.79
CA ALA P 133 -76.52 53.90 23.56
C ALA P 133 -75.68 54.32 22.37
N GLU P 134 -74.41 54.59 22.67
CA GLU P 134 -73.42 54.97 21.68
C GLU P 134 -72.85 53.68 21.11
N PHE P 135 -72.34 53.75 19.88
CA PHE P 135 -71.73 52.59 19.24
C PHE P 135 -70.66 53.05 18.25
N TYR P 136 -69.83 52.10 17.82
CA TYR P 136 -68.78 52.38 16.85
C TYR P 136 -69.02 51.62 15.56
N ILE P 137 -68.74 52.27 14.44
CA ILE P 137 -68.88 51.68 13.12
C ILE P 137 -67.47 51.41 12.60
N PHE P 138 -67.17 50.13 12.36
CA PHE P 138 -65.87 49.73 11.86
C PHE P 138 -66.00 49.06 10.49
N ASP P 139 -64.86 48.83 9.84
CA ASP P 139 -64.83 48.17 8.55
C ASP P 139 -64.41 46.73 8.75
N SER P 140 -63.64 46.48 9.81
CA SER P 140 -63.17 45.14 10.09
C SER P 140 -62.78 44.94 11.54
N VAL P 141 -62.74 43.67 11.94
CA VAL P 141 -62.34 43.26 13.28
C VAL P 141 -61.82 41.83 13.22
N SER P 142 -60.66 41.61 13.81
CA SER P 142 -60.06 40.28 13.87
C SER P 142 -59.33 40.15 15.20
N PHE P 143 -59.23 38.93 15.70
CA PHE P 143 -58.56 38.67 16.97
C PHE P 143 -58.41 37.17 17.19
N ASP P 144 -57.54 36.81 18.12
CA ASP P 144 -57.35 35.41 18.50
C ASP P 144 -56.55 35.30 19.78
N SER P 145 -56.57 34.12 20.36
CA SER P 145 -55.85 33.84 21.59
C SER P 145 -55.23 32.47 21.43
N ARG P 146 -53.90 32.43 21.39
CA ARG P 146 -53.17 31.18 21.23
C ARG P 146 -52.20 30.99 22.37
N ALA P 147 -51.51 29.86 22.36
CA ALA P 147 -50.55 29.54 23.41
C ALA P 147 -49.36 30.49 23.44
N ASN P 148 -48.86 30.86 22.27
CA ASN P 148 -47.69 31.72 22.15
C ASN P 148 -47.95 33.15 21.70
N GLY P 149 -49.22 33.52 21.59
CA GLY P 149 -49.51 34.87 21.16
C GLY P 149 -50.98 35.17 21.16
N SER P 150 -51.30 36.45 21.04
CA SER P 150 -52.68 36.90 21.03
C SER P 150 -52.71 38.28 20.41
N PHE P 151 -53.84 38.65 19.80
CA PHE P 151 -53.98 39.96 19.19
C PHE P 151 -55.42 40.32 18.96
N TYR P 152 -55.65 41.59 18.65
CA TYR P 152 -56.96 42.09 18.26
C TYR P 152 -56.66 43.27 17.38
N GLU P 153 -57.58 43.57 16.49
CA GLU P 153 -57.42 44.69 15.59
C GLU P 153 -58.75 45.10 15.00
N VAL P 154 -59.16 46.33 15.29
CA VAL P 154 -60.38 46.88 14.73
C VAL P 154 -59.88 47.93 13.75
N ASP P 155 -60.59 48.14 12.65
CA ASP P 155 -60.14 49.12 11.69
C ASP P 155 -61.29 49.77 10.95
N ALA P 156 -61.02 50.98 10.47
CA ALA P 156 -61.98 51.76 9.73
C ALA P 156 -61.16 52.58 8.75
N ILE P 157 -61.61 52.61 7.51
CA ILE P 157 -60.94 53.34 6.44
C ILE P 157 -60.62 54.77 6.87
N SER P 158 -61.61 55.42 7.48
CA SER P 158 -61.47 56.80 7.94
C SER P 158 -60.95 56.97 9.37
N GLY P 159 -60.38 55.91 9.94
CA GLY P 159 -59.85 56.00 11.29
C GLY P 159 -58.68 56.97 11.37
N TRP P 160 -58.67 57.80 12.40
CA TRP P 160 -57.61 58.80 12.58
C TRP P 160 -56.19 58.26 12.70
N TRP P 161 -56.07 56.95 12.93
CA TRP P 161 -54.77 56.30 13.04
C TRP P 161 -54.24 55.89 11.65
N ASN P 162 -55.04 56.16 10.63
CA ASN P 162 -54.69 55.80 9.25
C ASN P 162 -54.32 56.98 8.34
N THR P 163 -53.95 58.13 8.91
CA THR P 163 -53.60 59.29 8.10
C THR P 163 -52.41 59.05 7.20
N GLY P 164 -51.51 58.16 7.63
CA GLY P 164 -50.31 57.85 6.86
C GLY P 164 -50.42 56.74 5.83
N ALA P 165 -51.60 56.14 5.69
CA ALA P 165 -51.79 55.06 4.72
C ALA P 165 -51.48 55.52 3.30
N ALA P 166 -50.58 54.81 2.64
CA ALA P 166 -50.17 55.11 1.28
C ALA P 166 -51.36 54.99 0.33
N THR P 167 -52.17 53.95 0.54
CA THR P 167 -53.38 53.69 -0.24
C THR P 167 -54.37 53.01 0.72
N GLU P 168 -55.64 53.02 0.36
CA GLU P 168 -56.66 52.40 1.19
C GLU P 168 -56.55 50.87 1.12
N ALA P 169 -57.35 50.20 1.95
CA ALA P 169 -57.38 48.74 1.99
C ALA P 169 -57.63 48.17 0.60
N ASP P 170 -58.59 48.75 -0.11
CA ASP P 170 -58.96 48.31 -1.46
C ASP P 170 -58.07 48.84 -2.59
N GLY P 171 -56.90 49.36 -2.25
CA GLY P 171 -55.98 49.87 -3.25
C GLY P 171 -56.23 51.29 -3.74
N SER P 172 -57.42 51.84 -3.44
CA SER P 172 -57.77 53.20 -3.83
C SER P 172 -56.93 54.23 -3.07
N PRO P 173 -56.83 55.46 -3.59
CA PRO P 173 -56.03 56.47 -2.89
C PRO P 173 -56.58 56.99 -1.57
N ASN P 174 -55.66 57.38 -0.70
CA ASN P 174 -55.99 57.95 0.60
C ASN P 174 -56.42 59.39 0.34
N ARG P 175 -57.68 59.71 0.62
CA ARG P 175 -58.19 61.05 0.37
C ARG P 175 -58.24 61.96 1.59
N GLY P 176 -57.70 61.48 2.70
CA GLY P 176 -57.67 62.28 3.92
C GLY P 176 -58.97 62.45 4.66
N TYR P 177 -59.07 63.55 5.41
CA TYR P 177 -60.25 63.85 6.22
C TYR P 177 -60.48 62.81 7.32
N LYS P 178 -59.37 62.21 7.78
CA LYS P 178 -59.40 61.18 8.83
C LYS P 178 -59.08 61.80 10.20
N VAL P 179 -58.22 62.82 10.19
CA VAL P 179 -57.79 63.50 11.41
C VAL P 179 -58.92 64.01 12.30
N ARG P 180 -58.71 63.84 13.58
CA ARG P 180 -59.65 64.22 14.62
C ARG P 180 -59.13 65.55 15.20
N HIS P 181 -59.72 66.66 14.74
CA HIS P 181 -59.30 68.00 15.16
C HIS P 181 -59.79 68.50 16.51
N LYS P 182 -59.03 69.43 17.06
CA LYS P 182 -59.33 70.06 18.33
C LYS P 182 -60.37 71.15 18.03
N GLY P 183 -61.29 71.39 18.97
CA GLY P 183 -62.30 72.41 18.76
C GLY P 183 -63.73 71.92 18.68
N GLY P 184 -63.94 70.85 17.93
CA GLY P 184 -65.28 70.29 17.80
C GLY P 184 -65.21 68.87 17.26
N TYR P 185 -65.95 67.97 17.89
CA TYR P 185 -65.94 66.58 17.45
C TYR P 185 -67.15 66.09 16.67
N PHE P 186 -67.96 67.02 16.16
CA PHE P 186 -69.12 66.68 15.33
C PHE P 186 -69.04 67.44 14.01
N PRO P 187 -67.86 67.44 13.35
CA PRO P 187 -67.76 68.17 12.07
C PRO P 187 -68.64 67.64 10.95
N VAL P 188 -68.99 68.53 10.03
CA VAL P 188 -69.81 68.16 8.89
C VAL P 188 -68.94 67.43 7.86
N ALA P 189 -69.57 66.87 6.83
CA ALA P 189 -68.84 66.16 5.78
C ALA P 189 -67.91 67.15 5.07
N PRO P 190 -66.81 66.66 4.47
CA PRO P 190 -66.38 65.26 4.42
C PRO P 190 -65.66 64.69 5.65
N ASN P 191 -65.49 65.47 6.71
CA ASN P 191 -64.84 64.96 7.92
C ASN P 191 -65.73 63.87 8.50
N ASP P 192 -67.04 64.09 8.37
CA ASP P 192 -68.04 63.13 8.82
C ASP P 192 -68.21 62.18 7.63
N GLN P 193 -67.67 60.97 7.77
CA GLN P 193 -67.73 60.00 6.69
C GLN P 193 -68.82 58.95 6.80
N TYR P 194 -69.75 59.13 7.74
CA TYR P 194 -70.82 58.15 7.92
C TYR P 194 -72.21 58.73 7.84
N VAL P 195 -72.34 59.90 7.23
CA VAL P 195 -73.63 60.56 7.12
C VAL P 195 -74.75 59.72 6.52
N ASP P 196 -74.51 59.15 5.34
CA ASP P 196 -75.54 58.33 4.69
C ASP P 196 -75.89 57.05 5.44
N LEU P 197 -74.89 56.42 6.07
CA LEU P 197 -75.11 55.20 6.83
C LEU P 197 -75.99 55.49 8.04
N ARG P 198 -75.64 56.53 8.80
CA ARG P 198 -76.42 56.89 9.98
C ARG P 198 -77.85 57.24 9.61
N ASP P 199 -78.02 57.88 8.44
CA ASP P 199 -79.36 58.24 7.98
C ASP P 199 -80.15 56.98 7.68
N LYS P 200 -79.49 55.95 7.15
CA LYS P 200 -80.14 54.68 6.85
C LYS P 200 -80.57 54.03 8.16
N MET P 201 -79.71 54.13 9.17
CA MET P 201 -80.00 53.58 10.49
C MET P 201 -81.23 54.29 11.07
N LEU P 202 -81.21 55.62 11.00
CA LEU P 202 -82.31 56.44 11.51
C LEU P 202 -83.62 56.15 10.77
N THR P 203 -83.54 56.02 9.45
CA THR P 203 -84.70 55.73 8.62
C THR P 203 -85.29 54.37 9.02
N ASN P 204 -84.42 53.38 9.25
CA ASN P 204 -84.85 52.05 9.65
C ASN P 204 -85.50 52.06 11.04
N LEU P 205 -84.95 52.87 11.95
CA LEU P 205 -85.51 52.97 13.30
C LEU P 205 -86.91 53.57 13.23
N ILE P 206 -87.05 54.66 12.46
CA ILE P 206 -88.33 55.33 12.31
C ILE P 206 -89.37 54.41 11.68
N ASN P 207 -88.95 53.63 10.68
CA ASN P 207 -89.85 52.69 10.01
C ASN P 207 -90.19 51.51 10.92
N SER P 208 -89.41 51.34 11.98
CA SER P 208 -89.63 50.27 12.94
C SER P 208 -90.34 50.73 14.21
N GLY P 209 -91.01 51.88 14.12
CA GLY P 209 -91.76 52.37 15.26
C GLY P 209 -91.10 53.25 16.30
N PHE P 210 -89.83 53.60 16.12
CA PHE P 210 -89.17 54.46 17.08
C PHE P 210 -89.67 55.89 16.91
N ILE P 211 -89.90 56.55 18.04
CA ILE P 211 -90.40 57.92 18.04
C ILE P 211 -89.28 58.91 18.31
N LEU P 212 -89.08 59.83 17.37
CA LEU P 212 -88.06 60.85 17.45
C LEU P 212 -88.79 62.20 17.46
N GLU P 213 -88.67 62.96 18.55
CA GLU P 213 -89.30 64.25 18.63
C GLU P 213 -88.32 65.33 19.06
N LYS P 214 -88.71 66.00 20.12
CA LYS P 214 -88.05 67.11 20.82
C LYS P 214 -86.51 67.02 20.78
N GLY P 215 -85.89 66.48 21.82
CA GLY P 215 -84.43 66.43 21.87
C GLY P 215 -83.87 65.09 21.43
N HIS P 216 -84.45 64.51 20.38
CA HIS P 216 -84.00 63.24 19.85
C HIS P 216 -83.18 63.55 18.61
N HIS P 217 -81.90 63.24 18.69
CA HIS P 217 -80.96 63.52 17.62
C HIS P 217 -80.23 62.32 17.06
N GLU P 218 -79.66 62.54 15.90
CA GLU P 218 -78.80 61.58 15.27
C GLU P 218 -77.43 62.29 15.28
N VAL P 219 -76.43 61.72 15.94
CA VAL P 219 -75.14 62.38 16.02
C VAL P 219 -73.98 61.44 15.75
N GLY P 220 -72.89 61.98 15.21
CA GLY P 220 -71.73 61.16 14.91
C GLY P 220 -70.42 61.90 15.13
N SER P 221 -69.42 61.17 15.60
CA SER P 221 -68.09 61.72 15.86
C SER P 221 -67.12 60.64 15.42
N GLY P 222 -66.47 60.85 14.29
CA GLY P 222 -65.55 59.86 13.77
C GLY P 222 -66.38 58.64 13.43
N GLY P 223 -65.97 57.49 13.93
CA GLY P 223 -66.72 56.27 13.69
C GLY P 223 -67.78 56.02 14.76
N GLN P 224 -67.79 56.84 15.80
CA GLN P 224 -68.78 56.71 16.86
C GLN P 224 -70.09 57.40 16.51
N ALA P 225 -71.20 56.84 16.97
CA ALA P 225 -72.50 57.42 16.69
C ALA P 225 -73.51 57.11 17.77
N GLU P 226 -74.64 57.81 17.71
CA GLU P 226 -75.73 57.62 18.65
C GLU P 226 -76.99 58.23 18.06
N ILE P 227 -78.08 57.50 18.18
CA ILE P 227 -79.38 57.97 17.72
C ILE P 227 -80.31 57.73 18.90
N ASN P 228 -80.74 58.80 19.55
CA ASN P 228 -81.63 58.64 20.69
C ASN P 228 -83.09 58.77 20.26
N TYR P 229 -83.96 58.14 21.03
CA TYR P 229 -85.39 58.11 20.73
C TYR P 229 -86.19 58.25 22.01
N GLN P 230 -87.51 58.33 21.85
CA GLN P 230 -88.40 58.49 22.99
C GLN P 230 -88.43 57.32 23.94
N PHE P 231 -88.48 57.65 25.24
CA PHE P 231 -88.52 56.70 26.33
C PHE P 231 -89.73 55.77 26.24
N ASN P 232 -89.81 54.83 27.16
CA ASN P 232 -90.92 53.89 27.21
C ASN P 232 -90.96 53.29 28.61
N SER P 233 -92.02 52.57 28.93
CA SER P 233 -92.12 51.93 30.25
C SER P 233 -91.01 50.87 30.31
N LEU P 234 -90.47 50.65 31.51
CA LEU P 234 -89.35 49.72 31.74
C LEU P 234 -89.17 48.54 30.78
N LEU P 235 -90.08 47.56 30.81
CA LEU P 235 -89.97 46.39 29.94
C LEU P 235 -89.84 46.72 28.46
N HIS P 236 -90.77 47.52 27.95
CA HIS P 236 -90.76 47.90 26.55
C HIS P 236 -89.58 48.77 26.15
N ALA P 237 -88.99 49.48 27.12
CA ALA P 237 -87.83 50.31 26.86
C ALA P 237 -86.66 49.35 26.61
N ALA P 238 -86.62 48.27 27.39
CA ALA P 238 -85.59 47.25 27.26
C ALA P 238 -85.74 46.52 25.92
N ASP P 239 -86.98 46.29 25.50
CA ASP P 239 -87.26 45.64 24.23
C ASP P 239 -86.80 46.58 23.10
N ASP P 240 -87.02 47.87 23.29
CA ASP P 240 -86.64 48.90 22.32
C ASP P 240 -85.12 48.95 22.16
N MET P 241 -84.40 48.76 23.25
CA MET P 241 -82.94 48.77 23.24
C MET P 241 -82.40 47.61 22.42
N GLN P 242 -82.99 46.43 22.61
CA GLN P 242 -82.60 45.23 21.86
C GLN P 242 -82.88 45.44 20.38
N LEU P 243 -84.02 46.06 20.07
CA LEU P 243 -84.44 46.34 18.70
C LEU P 243 -83.47 47.34 18.06
N TYR P 244 -83.14 48.37 18.82
CA TYR P 244 -82.21 49.41 18.39
C TYR P 244 -80.87 48.79 18.00
N LYS P 245 -80.30 47.98 18.89
CA LYS P 245 -79.03 47.31 18.61
C LYS P 245 -79.13 46.43 17.37
N TYR P 246 -80.25 45.72 17.24
CA TYR P 246 -80.49 44.86 16.09
C TYR P 246 -80.50 45.66 14.80
N ILE P 247 -81.22 46.77 14.80
CA ILE P 247 -81.33 47.63 13.63
C ILE P 247 -80.03 48.33 13.28
N ILE P 248 -79.29 48.78 14.30
CA ILE P 248 -78.02 49.44 14.08
C ILE P 248 -77.00 48.45 13.50
N LYS P 249 -76.87 47.29 14.15
CA LYS P 249 -75.93 46.27 13.72
C LYS P 249 -76.17 45.73 12.31
N ASN P 250 -77.42 45.51 11.95
CA ASN P 250 -77.75 44.96 10.65
C ASN P 250 -77.80 45.97 9.50
N THR P 251 -78.05 47.23 9.83
CA THR P 251 -78.05 48.28 8.81
C THR P 251 -76.59 48.42 8.38
N ALA P 252 -75.69 48.39 9.36
CA ALA P 252 -74.26 48.48 9.09
C ALA P 252 -73.82 47.26 8.29
N TRP P 253 -74.26 46.08 8.73
CA TRP P 253 -73.92 44.83 8.08
C TRP P 253 -74.32 44.78 6.61
N GLN P 254 -75.52 45.26 6.31
CA GLN P 254 -76.00 45.28 4.94
C GLN P 254 -75.30 46.33 4.09
N ASN P 255 -74.55 47.21 4.73
CA ASN P 255 -73.84 48.26 4.03
C ASN P 255 -72.32 48.14 4.13
N GLY P 256 -71.86 46.89 4.24
CA GLY P 256 -70.44 46.61 4.30
C GLY P 256 -69.66 47.01 5.53
N LYS P 257 -70.35 47.24 6.65
CA LYS P 257 -69.65 47.62 7.88
C LYS P 257 -69.94 46.62 8.98
N THR P 258 -69.34 46.86 10.15
CA THR P 258 -69.52 46.03 11.32
C THR P 258 -69.54 46.94 12.54
N VAL P 259 -70.61 46.86 13.31
CA VAL P 259 -70.80 47.69 14.51
C VAL P 259 -70.52 46.98 15.82
N THR P 260 -70.03 47.73 16.80
CA THR P 260 -69.81 47.19 18.12
C THR P 260 -70.33 48.15 19.20
N PHE P 261 -71.05 47.58 20.17
CA PHE P 261 -71.58 48.33 21.28
C PHE P 261 -70.70 48.11 22.51
N MET P 262 -69.53 47.48 22.33
CA MET P 262 -68.64 47.25 23.46
C MET P 262 -68.20 48.59 24.04
N PRO P 263 -68.10 48.68 25.37
CA PRO P 263 -67.71 49.89 26.12
C PRO P 263 -66.44 50.62 25.68
N LYS P 264 -65.38 49.88 25.41
CA LYS P 264 -64.12 50.50 25.04
C LYS P 264 -63.38 49.73 23.95
N PRO P 265 -63.77 49.93 22.68
CA PRO P 265 -63.10 49.22 21.57
C PRO P 265 -61.79 49.90 21.18
N LEU P 266 -61.69 51.20 21.46
CA LEU P 266 -60.51 51.98 21.11
C LEU P 266 -59.78 52.55 22.31
N PHE P 267 -58.48 52.31 22.37
CA PHE P 267 -57.64 52.81 23.43
C PHE P 267 -57.18 54.21 22.98
N GLY P 268 -57.58 55.23 23.73
CA GLY P 268 -57.19 56.58 23.34
C GLY P 268 -58.31 57.30 22.60
N ASP P 269 -59.53 56.77 22.73
CA ASP P 269 -60.69 57.37 22.11
C ASP P 269 -61.86 57.12 23.06
N ASN P 270 -62.92 57.92 22.90
CA ASN P 270 -64.09 57.86 23.74
C ASN P 270 -64.72 56.46 23.83
N GLY P 271 -65.17 56.10 25.04
CA GLY P 271 -65.82 54.82 25.25
C GLY P 271 -67.27 54.96 24.85
N SER P 272 -68.02 53.86 24.86
CA SER P 272 -69.44 53.91 24.51
C SER P 272 -70.29 53.59 25.72
N GLY P 273 -71.14 54.54 26.11
CA GLY P 273 -71.99 54.33 27.26
C GLY P 273 -73.47 54.34 26.95
N MET P 274 -74.27 54.05 27.97
CA MET P 274 -75.73 54.04 27.83
C MET P 274 -76.31 54.84 28.98
N HIS P 275 -76.54 56.13 28.73
CA HIS P 275 -77.10 57.03 29.72
C HIS P 275 -78.58 56.70 29.86
N CYS P 276 -78.98 56.37 31.09
CA CYS P 276 -80.36 56.00 31.35
C CYS P 276 -81.16 57.00 32.17
N HIS P 277 -82.11 57.64 31.49
CA HIS P 277 -83.00 58.60 32.10
C HIS P 277 -84.17 57.83 32.68
N GLN P 278 -84.49 58.12 33.94
CA GLN P 278 -85.56 57.44 34.64
C GLN P 278 -86.45 58.41 35.37
N SER P 279 -87.71 57.99 35.55
CA SER P 279 -88.69 58.80 36.24
C SER P 279 -89.93 57.95 36.58
N LEU P 280 -90.53 58.24 37.73
CA LEU P 280 -91.72 57.52 38.16
C LEU P 280 -92.97 58.36 37.98
N TRP P 281 -94.05 57.70 37.55
CA TRP P 281 -95.33 58.36 37.33
C TRP P 281 -96.45 57.56 38.01
N LYS P 282 -97.55 58.24 38.30
CA LYS P 282 -98.69 57.61 38.94
C LYS P 282 -99.96 58.33 38.48
N ASP P 283 -100.94 57.55 38.03
CA ASP P 283 -102.22 58.06 37.55
C ASP P 283 -102.05 59.13 36.48
N GLY P 284 -101.07 58.93 35.60
CA GLY P 284 -100.82 59.86 34.51
C GLY P 284 -100.11 61.14 34.88
N ALA P 285 -99.60 61.21 36.11
CA ALA P 285 -98.91 62.41 36.57
C ALA P 285 -97.51 62.12 37.07
N PRO P 286 -96.57 63.07 36.86
CA PRO P 286 -95.17 62.94 37.28
C PRO P 286 -94.98 63.02 38.79
N LEU P 287 -93.99 62.28 39.29
CA LEU P 287 -93.69 62.23 40.71
C LEU P 287 -92.29 62.72 41.04
N MET P 288 -91.54 63.12 40.00
CA MET P 288 -90.16 63.56 40.19
C MET P 288 -89.94 65.05 40.45
N TYR P 289 -90.92 65.88 40.11
CA TYR P 289 -90.81 67.33 40.26
C TYR P 289 -91.24 67.95 41.59
N ASP P 290 -90.61 69.07 41.91
CA ASP P 290 -90.87 69.86 43.12
C ASP P 290 -90.04 71.15 43.03
N GLU P 291 -90.70 72.28 42.78
CA GLU P 291 -90.04 73.58 42.67
C GLU P 291 -89.10 73.91 43.83
N THR P 292 -89.52 73.53 45.02
CA THR P 292 -88.76 73.80 46.25
C THR P 292 -87.48 72.99 46.43
N GLY P 293 -87.42 71.82 45.83
CA GLY P 293 -86.24 70.97 45.97
C GLY P 293 -85.08 71.33 45.05
N TYR P 294 -83.89 70.87 45.42
CA TYR P 294 -82.68 71.10 44.63
C TYR P 294 -82.86 70.49 43.24
N ALA P 295 -82.57 71.26 42.21
CA ALA P 295 -82.69 70.82 40.81
C ALA P 295 -84.13 70.47 40.44
N GLY P 296 -85.08 70.97 41.22
CA GLY P 296 -86.49 70.70 40.98
C GLY P 296 -86.89 69.28 41.27
N LEU P 297 -86.16 68.64 42.19
CA LEU P 297 -86.41 67.25 42.56
C LEU P 297 -87.30 67.06 43.78
N SER P 298 -88.24 66.13 43.66
CA SER P 298 -89.15 65.80 44.75
C SER P 298 -88.42 64.91 45.76
N ASP P 299 -89.10 64.61 46.88
CA ASP P 299 -88.52 63.76 47.91
C ASP P 299 -88.34 62.35 47.34
N THR P 300 -89.32 61.94 46.53
CA THR P 300 -89.31 60.64 45.88
C THR P 300 -88.10 60.50 44.96
N ALA P 301 -87.87 61.51 44.14
CA ALA P 301 -86.74 61.53 43.22
C ALA P 301 -85.39 61.50 43.94
N ARG P 302 -85.27 62.30 45.00
CA ARG P 302 -84.04 62.38 45.77
C ARG P 302 -83.72 61.04 46.46
N HIS P 303 -84.75 60.37 46.96
CA HIS P 303 -84.59 59.08 47.63
C HIS P 303 -84.19 58.01 46.61
N TYR P 304 -84.73 58.14 45.40
CA TYR P 304 -84.44 57.23 44.29
C TYR P 304 -82.94 57.35 44.01
N ILE P 305 -82.46 58.59 43.92
CA ILE P 305 -81.05 58.87 43.67
C ILE P 305 -80.21 58.31 44.82
N GLY P 306 -80.75 58.38 46.04
CA GLY P 306 -80.05 57.86 47.20
C GLY P 306 -79.86 56.36 47.06
N GLY P 307 -80.87 55.70 46.49
CA GLY P 307 -80.80 54.26 46.27
C GLY P 307 -79.77 53.90 45.22
N LEU P 308 -79.77 54.64 44.11
CA LEU P 308 -78.82 54.42 43.03
C LEU P 308 -77.39 54.56 43.51
N LEU P 309 -77.10 55.66 44.20
CA LEU P 309 -75.75 55.92 44.72
C LEU P 309 -75.33 54.95 45.81
N HIS P 310 -76.27 54.57 46.67
CA HIS P 310 -75.98 53.64 47.75
C HIS P 310 -75.69 52.24 47.23
N HIS P 311 -76.51 51.81 46.27
CA HIS P 311 -76.40 50.47 45.69
C HIS P 311 -75.48 50.33 44.49
N ALA P 312 -74.95 51.44 43.99
CA ALA P 312 -74.06 51.44 42.83
C ALA P 312 -73.00 50.34 42.78
N PRO P 313 -72.27 50.11 43.90
CA PRO P 313 -71.24 49.06 43.89
C PRO P 313 -71.74 47.68 43.45
N SER P 314 -72.99 47.37 43.74
CA SER P 314 -73.55 46.08 43.33
C SER P 314 -74.38 46.22 42.06
N LEU P 315 -75.05 47.37 41.92
CA LEU P 315 -75.90 47.68 40.78
C LEU P 315 -75.11 47.55 39.48
N LEU P 316 -73.84 47.96 39.52
CA LEU P 316 -72.96 47.92 38.36
C LEU P 316 -72.73 46.50 37.82
N ALA P 317 -73.06 45.49 38.62
CA ALA P 317 -72.90 44.10 38.18
C ALA P 317 -73.89 43.77 37.06
N PHE P 318 -74.96 44.55 36.95
CA PHE P 318 -75.98 44.37 35.91
C PHE P 318 -75.97 45.54 34.93
N THR P 319 -75.47 46.66 35.41
CA THR P 319 -75.42 47.90 34.66
C THR P 319 -74.14 48.07 33.81
N ASN P 320 -73.04 47.48 34.27
CA ASN P 320 -71.73 47.50 33.59
C ASN P 320 -71.18 46.11 33.89
N PRO P 321 -71.81 45.07 33.31
CA PRO P 321 -71.54 43.65 33.51
C PRO P 321 -70.34 42.97 32.77
N THR P 322 -69.48 43.73 32.11
CA THR P 322 -68.36 43.09 31.42
C THR P 322 -67.00 43.59 31.88
N VAL P 323 -65.96 42.82 31.58
CA VAL P 323 -64.59 43.20 31.93
C VAL P 323 -64.22 44.48 31.17
N ASN P 324 -64.69 44.58 29.94
CA ASN P 324 -64.42 45.73 29.07
C ASN P 324 -65.10 47.00 29.60
N SER P 325 -66.18 46.83 30.37
CA SER P 325 -66.91 47.95 30.96
C SER P 325 -65.99 48.82 31.78
N TYR P 326 -65.00 48.22 32.45
CA TYR P 326 -64.07 48.94 33.31
C TYR P 326 -62.88 49.57 32.61
N LYS P 327 -62.89 49.58 31.29
CA LYS P 327 -61.84 50.23 30.52
C LYS P 327 -62.41 51.61 30.17
N ARG P 328 -63.75 51.71 30.25
CA ARG P 328 -64.45 52.97 30.03
C ARG P 328 -64.60 53.67 31.39
N LEU P 329 -65.00 52.91 32.40
CA LEU P 329 -65.17 53.40 33.76
C LEU P 329 -63.80 53.43 34.43
N VAL P 330 -63.00 54.42 34.06
CA VAL P 330 -61.65 54.57 34.56
C VAL P 330 -61.33 56.09 34.50
N PRO P 331 -60.47 56.60 35.41
CA PRO P 331 -60.12 58.03 35.41
C PRO P 331 -59.68 58.58 34.04
N GLY P 332 -60.40 59.57 33.52
CA GLY P 332 -60.05 60.12 32.23
C GLY P 332 -61.08 61.03 31.57
N TYR P 333 -61.71 60.53 30.50
CA TYR P 333 -62.72 61.26 29.71
C TYR P 333 -63.96 61.71 30.49
N GLU P 334 -63.77 62.05 31.77
CA GLU P 334 -64.84 62.50 32.65
C GLU P 334 -65.81 61.33 32.76
N ALA P 335 -65.26 60.19 33.16
CA ALA P 335 -66.01 58.95 33.32
C ALA P 335 -66.95 59.02 34.51
N PRO P 336 -68.22 58.62 34.33
CA PRO P 336 -69.23 58.63 35.40
C PRO P 336 -68.88 57.64 36.51
N ILE P 337 -67.80 57.93 37.23
CA ILE P 337 -67.33 57.06 38.32
C ILE P 337 -67.53 57.70 39.70
N ASN P 338 -67.90 58.98 39.71
CA ASN P 338 -68.11 59.72 40.96
C ASN P 338 -69.51 59.53 41.52
N LEU P 339 -69.58 58.88 42.68
CA LEU P 339 -70.85 58.59 43.34
C LEU P 339 -71.57 59.78 43.96
N VAL P 340 -71.96 60.73 43.13
CA VAL P 340 -72.68 61.92 43.56
C VAL P 340 -73.63 62.34 42.45
N TYR P 341 -74.63 63.17 42.77
CA TYR P 341 -75.55 63.68 41.75
C TYR P 341 -75.22 65.13 41.45
N SER P 342 -75.60 65.60 40.29
CA SER P 342 -75.27 66.97 39.89
C SER P 342 -76.09 67.41 38.69
N GLN P 343 -75.96 68.68 38.33
CA GLN P 343 -76.65 69.25 37.17
C GLN P 343 -75.59 69.67 36.16
N ARG P 344 -74.38 69.92 36.66
CA ARG P 344 -73.25 70.34 35.85
C ARG P 344 -72.30 69.22 35.46
N ASN P 345 -71.71 68.56 36.47
CA ASN P 345 -70.76 67.47 36.28
C ASN P 345 -71.22 66.28 35.47
N ARG P 346 -70.46 65.97 34.42
CA ARG P 346 -70.76 64.82 33.57
C ARG P 346 -70.02 63.58 34.04
N SER P 347 -69.13 63.77 35.00
CA SER P 347 -68.35 62.69 35.60
C SER P 347 -69.09 62.18 36.84
N ALA P 348 -70.30 62.68 37.04
CA ALA P 348 -71.14 62.27 38.16
C ALA P 348 -72.01 61.09 37.72
N CYS P 349 -72.13 60.09 38.59
CA CYS P 349 -72.95 58.91 38.30
C CYS P 349 -74.36 59.29 37.91
N VAL P 350 -74.94 60.23 38.65
CA VAL P 350 -76.29 60.70 38.37
C VAL P 350 -76.26 62.18 38.03
N ARG P 351 -76.90 62.54 36.92
CA ARG P 351 -76.98 63.92 36.51
C ARG P 351 -78.44 64.27 36.31
N ILE P 352 -78.83 65.46 36.75
CA ILE P 352 -80.19 65.91 36.58
C ILE P 352 -80.24 66.90 35.43
N PRO P 353 -80.80 66.48 34.29
CA PRO P 353 -80.90 67.33 33.11
C PRO P 353 -81.64 68.63 33.44
N ILE P 354 -81.13 69.74 32.92
CA ILE P 354 -81.76 71.03 33.14
C ILE P 354 -82.95 71.11 32.19
N THR P 355 -84.14 70.94 32.76
CA THR P 355 -85.38 70.95 31.97
C THR P 355 -86.36 72.07 32.29
N GLY P 356 -86.02 72.91 33.27
CA GLY P 356 -86.89 74.01 33.62
C GLY P 356 -87.98 73.74 34.65
N SER P 357 -89.12 74.41 34.47
CA SER P 357 -90.25 74.28 35.38
C SER P 357 -91.28 73.22 35.02
N ASN P 358 -91.18 72.65 33.82
CA ASN P 358 -92.10 71.61 33.36
C ASN P 358 -91.91 70.33 34.17
N PRO P 359 -92.90 69.97 35.02
CA PRO P 359 -92.84 68.77 35.85
C PRO P 359 -92.75 67.44 35.08
N LYS P 360 -93.34 67.43 33.89
CA LYS P 360 -93.34 66.24 33.05
C LYS P 360 -91.98 65.91 32.43
N ALA P 361 -91.07 66.88 32.46
CA ALA P 361 -89.74 66.69 31.88
C ALA P 361 -88.67 66.38 32.93
N LYS P 362 -89.01 66.53 34.21
CA LYS P 362 -88.05 66.27 35.28
C LYS P 362 -87.76 64.78 35.38
N ARG P 363 -86.48 64.44 35.37
CA ARG P 363 -86.04 63.06 35.45
C ARG P 363 -84.58 63.02 35.88
N LEU P 364 -84.11 61.84 36.26
CA LEU P 364 -82.72 61.69 36.66
C LEU P 364 -82.02 60.84 35.61
N GLU P 365 -80.75 61.10 35.39
CA GLU P 365 -79.99 60.37 34.40
C GLU P 365 -78.81 59.61 35.00
N PHE P 366 -78.90 58.28 34.97
CA PHE P 366 -77.83 57.44 35.49
C PHE P 366 -76.87 57.31 34.29
N ARG P 367 -75.71 57.94 34.40
CA ARG P 367 -74.71 57.98 33.34
C ARG P 367 -73.74 56.81 33.26
N SER P 368 -73.57 56.11 34.36
CA SER P 368 -72.60 55.01 34.45
C SER P 368 -72.79 53.79 33.53
N PRO P 369 -74.04 53.36 33.28
CA PRO P 369 -74.28 52.18 32.44
C PRO P 369 -73.68 52.20 31.03
N ASP P 370 -73.58 51.01 30.46
CA ASP P 370 -73.11 50.82 29.10
C ASP P 370 -74.03 49.76 28.48
N SER P 371 -73.90 49.50 27.19
CA SER P 371 -74.76 48.49 26.57
C SER P 371 -74.09 47.16 26.32
N SER P 372 -73.17 46.78 27.21
CA SER P 372 -72.45 45.52 27.08
C SER P 372 -73.18 44.34 27.74
N GLY P 373 -74.40 44.58 28.23
CA GLY P 373 -75.11 43.50 28.89
C GLY P 373 -76.56 43.26 28.50
N ASN P 374 -77.38 43.09 29.53
CA ASN P 374 -78.80 42.80 29.38
C ASN P 374 -79.62 43.99 29.88
N PRO P 375 -80.32 44.69 28.95
CA PRO P 375 -81.13 45.85 29.32
C PRO P 375 -82.31 45.53 30.24
N TYR P 376 -82.85 44.32 30.13
CA TYR P 376 -83.99 43.92 30.97
C TYR P 376 -83.53 43.85 32.42
N LEU P 377 -82.36 43.25 32.64
CA LEU P 377 -81.80 43.13 33.98
C LEU P 377 -81.27 44.46 34.50
N ALA P 378 -80.63 45.23 33.62
CA ALA P 378 -80.06 46.53 33.98
C ALA P 378 -81.12 47.52 34.42
N PHE P 379 -82.17 47.68 33.62
CA PHE P 379 -83.26 48.60 33.94
C PHE P 379 -83.97 48.16 35.23
N SER P 380 -84.22 46.86 35.35
CA SER P 380 -84.88 46.31 36.53
C SER P 380 -84.06 46.58 37.79
N ALA P 381 -82.76 46.32 37.71
CA ALA P 381 -81.86 46.53 38.83
C ALA P 381 -81.82 48.01 39.23
N MET P 382 -81.88 48.90 38.25
CA MET P 382 -81.88 50.33 38.51
C MET P 382 -83.16 50.71 39.27
N LEU P 383 -84.29 50.17 38.84
CA LEU P 383 -85.58 50.45 39.48
C LEU P 383 -85.56 49.95 40.92
N MET P 384 -85.10 48.73 41.12
CA MET P 384 -85.04 48.14 42.46
C MET P 384 -84.15 48.94 43.39
N ALA P 385 -83.04 49.45 42.88
CA ALA P 385 -82.12 50.25 43.67
C ALA P 385 -82.84 51.55 44.07
N GLY P 386 -83.55 52.15 43.11
CA GLY P 386 -84.28 53.38 43.36
C GLY P 386 -85.43 53.21 44.34
N LEU P 387 -86.18 52.11 44.19
CA LEU P 387 -87.31 51.82 45.06
C LEU P 387 -86.88 51.54 46.50
N ASP P 388 -85.72 50.90 46.66
CA ASP P 388 -85.20 50.61 47.98
C ASP P 388 -84.80 51.91 48.64
N GLY P 389 -84.37 52.88 47.83
CA GLY P 389 -83.98 54.17 48.34
C GLY P 389 -85.21 54.95 48.80
N ILE P 390 -86.31 54.79 48.09
CA ILE P 390 -87.56 55.46 48.43
C ILE P 390 -88.18 54.86 49.69
N LYS P 391 -88.23 53.53 49.76
CA LYS P 391 -88.81 52.85 50.92
C LYS P 391 -88.03 53.12 52.20
N ASN P 392 -86.70 53.13 52.12
CA ASN P 392 -85.87 53.38 53.28
C ASN P 392 -85.42 54.84 53.39
N LYS P 393 -86.08 55.73 52.64
CA LYS P 393 -85.76 57.16 52.63
C LYS P 393 -84.28 57.48 52.65
N ILE P 394 -83.52 56.75 51.84
CA ILE P 394 -82.08 56.95 51.77
C ILE P 394 -81.75 58.33 51.22
N GLU P 395 -80.98 59.08 51.99
CA GLU P 395 -80.58 60.43 51.58
C GLU P 395 -79.22 60.41 50.91
N PRO P 396 -79.15 60.90 49.66
CA PRO P 396 -77.88 60.93 48.93
C PRO P 396 -77.03 62.04 49.51
N GLN P 397 -75.70 61.86 49.47
CA GLN P 397 -74.83 62.91 49.99
C GLN P 397 -75.05 64.17 49.15
N ALA P 398 -74.68 65.31 49.71
CA ALA P 398 -74.86 66.60 49.05
C ALA P 398 -74.38 66.64 47.60
N PRO P 399 -75.22 67.16 46.70
CA PRO P 399 -74.89 67.28 45.27
C PRO P 399 -73.69 68.18 45.06
N VAL P 400 -72.99 67.99 43.94
CA VAL P 400 -71.82 68.79 43.64
C VAL P 400 -71.88 69.40 42.25
N ASP P 401 -71.94 70.72 42.18
CA ASP P 401 -71.99 71.42 40.90
C ASP P 401 -70.64 72.07 40.54
N LYS P 402 -69.71 72.09 41.49
CA LYS P 402 -68.37 72.62 41.26
C LYS P 402 -67.72 71.60 40.35
N ASP P 403 -66.86 72.03 39.44
CA ASP P 403 -66.18 71.10 38.55
C ASP P 403 -65.38 70.12 39.42
N LEU P 404 -65.78 68.85 39.36
CA LEU P 404 -65.14 67.79 40.14
C LEU P 404 -63.66 67.59 39.81
N TYR P 405 -63.29 67.92 38.57
CA TYR P 405 -61.90 67.77 38.12
C TYR P 405 -60.96 68.64 38.95
N GLU P 406 -61.19 69.95 38.97
CA GLU P 406 -60.36 70.86 39.76
C GLU P 406 -60.98 71.09 41.14
N LEU P 407 -60.67 70.19 42.07
CA LEU P 407 -61.20 70.25 43.42
C LEU P 407 -60.02 70.03 44.37
N PRO P 408 -59.97 70.79 45.49
CA PRO P 408 -58.87 70.63 46.46
C PRO P 408 -58.76 69.18 46.92
N PRO P 409 -57.61 68.53 46.62
CA PRO P 409 -57.26 67.14 46.95
C PRO P 409 -57.82 66.53 48.24
N GLU P 410 -57.99 67.35 49.27
CA GLU P 410 -58.51 66.87 50.54
C GLU P 410 -60.06 66.83 50.51
N GLU P 411 -60.64 67.76 49.75
CA GLU P 411 -62.09 67.86 49.59
C GLU P 411 -62.57 66.87 48.52
N ALA P 412 -61.65 66.46 47.65
CA ALA P 412 -61.95 65.51 46.58
C ALA P 412 -61.90 64.07 47.08
N ALA P 413 -61.28 63.86 48.24
CA ALA P 413 -61.16 62.54 48.85
C ALA P 413 -62.48 62.13 49.50
N SER P 414 -63.41 63.07 49.59
CA SER P 414 -64.73 62.82 50.18
C SER P 414 -65.74 62.37 49.12
N ILE P 415 -65.28 62.24 47.88
CA ILE P 415 -66.12 61.80 46.76
C ILE P 415 -65.87 60.32 46.49
N PRO P 416 -66.86 59.46 46.80
CA PRO P 416 -66.74 58.02 46.59
C PRO P 416 -66.71 57.67 45.10
N GLN P 417 -65.93 56.66 44.75
CA GLN P 417 -65.81 56.21 43.37
C GLN P 417 -66.50 54.86 43.21
N THR P 418 -66.86 54.53 41.98
CA THR P 418 -67.48 53.24 41.68
C THR P 418 -66.34 52.22 41.63
N PRO P 419 -66.65 50.92 41.82
CA PRO P 419 -65.56 49.94 41.76
C PRO P 419 -64.92 50.00 40.37
N THR P 420 -63.65 49.62 40.28
CA THR P 420 -62.91 49.68 39.02
C THR P 420 -62.69 48.34 38.32
N GLN P 421 -63.33 47.28 38.80
CA GLN P 421 -63.15 45.97 38.22
C GLN P 421 -64.45 45.16 38.29
N LEU P 422 -64.68 44.31 37.30
CA LEU P 422 -65.89 43.49 37.27
C LEU P 422 -65.93 42.53 38.46
N SER P 423 -64.78 41.95 38.80
CA SER P 423 -64.70 41.02 39.92
C SER P 423 -65.15 41.70 41.21
N ASP P 424 -64.90 43.02 41.32
CA ASP P 424 -65.28 43.80 42.45
C ASP P 424 -66.78 43.93 42.57
N VAL P 425 -67.43 44.43 41.51
CA VAL P 425 -68.87 44.61 41.51
C VAL P 425 -69.61 43.28 41.67
N ILE P 426 -69.02 42.20 41.18
CA ILE P 426 -69.61 40.88 41.30
C ILE P 426 -69.54 40.45 42.77
N ASP P 427 -68.42 40.76 43.43
CA ASP P 427 -68.23 40.44 44.84
C ASP P 427 -69.25 41.24 45.68
N ARG P 428 -69.45 42.50 45.30
CA ARG P 428 -70.38 43.39 46.00
C ARG P 428 -71.83 42.95 45.80
N LEU P 429 -72.15 42.42 44.63
CA LEU P 429 -73.51 41.95 44.33
C LEU P 429 -73.80 40.72 45.19
N GLU P 430 -72.81 39.85 45.30
CA GLU P 430 -72.91 38.63 46.08
C GLU P 430 -73.13 38.95 47.56
N ALA P 431 -72.45 39.99 48.04
CA ALA P 431 -72.54 40.41 49.44
C ALA P 431 -73.79 41.20 49.78
N ASP P 432 -74.31 41.96 48.82
CA ASP P 432 -75.50 42.77 49.05
C ASP P 432 -76.43 42.80 47.84
N HIS P 433 -77.48 41.99 47.88
CA HIS P 433 -78.45 41.94 46.79
C HIS P 433 -79.89 41.81 47.24
N GLU P 434 -80.15 42.11 48.52
CA GLU P 434 -81.49 42.00 49.06
C GLU P 434 -82.49 42.95 48.40
N TYR P 435 -82.02 44.13 48.00
CA TYR P 435 -82.90 45.10 47.35
C TYR P 435 -83.41 44.58 46.02
N LEU P 436 -82.65 43.66 45.42
CA LEU P 436 -83.00 43.06 44.15
C LEU P 436 -84.08 41.99 44.32
N THR P 437 -83.98 41.22 45.41
CA THR P 437 -84.93 40.14 45.70
C THR P 437 -86.27 40.60 46.29
N GLU P 438 -86.41 41.89 46.55
CA GLU P 438 -87.65 42.44 47.09
C GLU P 438 -88.79 42.13 46.13
N GLY P 439 -89.93 41.72 46.69
CA GLY P 439 -91.10 41.40 45.87
C GLY P 439 -90.88 40.25 44.92
N GLY P 440 -89.75 39.54 45.08
CA GLY P 440 -89.43 38.42 44.22
C GLY P 440 -89.04 38.77 42.80
N VAL P 441 -88.70 40.03 42.54
CA VAL P 441 -88.32 40.48 41.19
C VAL P 441 -87.10 39.71 40.70
N PHE P 442 -86.06 39.67 41.52
CA PHE P 442 -84.86 38.90 41.21
C PHE P 442 -84.87 37.78 42.25
N THR P 443 -84.32 36.61 41.91
CA THR P 443 -84.26 35.51 42.86
C THR P 443 -82.79 35.29 43.20
N ASN P 444 -82.52 34.72 44.38
CA ASN P 444 -81.15 34.44 44.73
C ASN P 444 -80.51 33.51 43.72
N ASP P 445 -81.38 32.65 43.18
CA ASP P 445 -80.99 31.69 42.16
C ASP P 445 -80.42 32.40 40.93
N LEU P 446 -81.18 33.34 40.37
CA LEU P 446 -80.75 34.10 39.21
C LEU P 446 -79.46 34.87 39.49
N ILE P 447 -79.40 35.51 40.65
CA ILE P 447 -78.24 36.29 41.07
C ILE P 447 -76.99 35.43 41.20
N GLU P 448 -77.13 34.22 41.75
CA GLU P 448 -76.01 33.30 41.90
C GLU P 448 -75.53 32.80 40.54
N THR P 449 -76.48 32.60 39.64
CA THR P 449 -76.20 32.13 38.29
C THR P 449 -75.39 33.18 37.53
N TRP P 450 -75.82 34.44 37.67
CA TRP P 450 -75.17 35.59 37.04
C TRP P 450 -73.74 35.70 37.55
N ILE P 451 -73.58 35.60 38.86
CA ILE P 451 -72.27 35.68 39.50
C ILE P 451 -71.33 34.58 39.00
N SER P 452 -71.84 33.36 38.88
CA SER P 452 -71.06 32.22 38.40
C SER P 452 -70.70 32.39 36.93
N PHE P 453 -71.68 32.82 36.14
CA PHE P 453 -71.49 33.03 34.72
C PHE P 453 -70.34 34.01 34.46
N LYS P 454 -70.38 35.15 35.15
CA LYS P 454 -69.35 36.17 34.99
C LYS P 454 -67.97 35.71 35.45
N ARG P 455 -67.92 35.01 36.58
CA ARG P 455 -66.66 34.53 37.11
C ARG P 455 -66.01 33.46 36.25
N GLU P 456 -66.81 32.50 35.81
CA GLU P 456 -66.31 31.39 35.01
C GLU P 456 -66.13 31.66 33.53
N ASN P 457 -67.02 32.44 32.95
CA ASN P 457 -66.98 32.73 31.53
C ASN P 457 -66.31 34.02 31.09
N GLU P 458 -66.10 34.94 32.03
CA GLU P 458 -65.51 36.23 31.69
C GLU P 458 -64.30 36.63 32.52
N ILE P 459 -64.49 36.74 33.83
CA ILE P 459 -63.42 37.13 34.74
C ILE P 459 -62.20 36.22 34.71
N GLU P 460 -62.43 34.92 34.91
CA GLU P 460 -61.35 33.94 34.93
C GLU P 460 -60.63 33.82 33.57
N PRO P 461 -61.38 33.67 32.46
CA PRO P 461 -60.76 33.55 31.14
C PRO P 461 -59.81 34.69 30.77
N VAL P 462 -60.20 35.92 31.08
CA VAL P 462 -59.35 37.09 30.79
C VAL P 462 -58.16 37.12 31.74
N ASN P 463 -58.42 36.82 33.01
CA ASN P 463 -57.40 36.84 34.03
C ASN P 463 -56.23 35.85 33.86
N ILE P 464 -56.50 34.68 33.30
CA ILE P 464 -55.44 33.69 33.11
C ILE P 464 -54.59 33.92 31.85
N ARG P 465 -55.07 34.76 30.96
CA ARG P 465 -54.37 35.06 29.71
C ARG P 465 -53.46 36.28 29.77
N PRO P 466 -52.16 36.09 29.52
CA PRO P 466 -51.23 37.23 29.55
C PRO P 466 -51.68 38.32 28.57
N HIS P 467 -51.58 39.56 29.03
CA HIS P 467 -51.95 40.74 28.24
C HIS P 467 -50.72 41.15 27.41
N PRO P 468 -50.94 41.61 26.16
CA PRO P 468 -49.84 42.03 25.28
C PRO P 468 -48.89 43.04 25.93
N TYR P 469 -49.45 43.98 26.70
CA TYR P 469 -48.65 45.00 27.34
C TYR P 469 -47.69 44.44 28.41
N GLU P 470 -47.99 43.23 28.88
CA GLU P 470 -47.14 42.59 29.88
C GLU P 470 -45.81 42.19 29.24
N PHE P 471 -45.81 42.02 27.92
CA PHE P 471 -44.59 41.67 27.21
C PHE P 471 -43.71 42.88 27.02
N ALA P 472 -44.36 44.03 26.80
CA ALA P 472 -43.66 45.30 26.66
C ALA P 472 -43.00 45.62 27.98
N LEU P 473 -43.78 45.41 29.04
CA LEU P 473 -43.39 45.67 30.39
C LEU P 473 -42.40 44.65 31.01
N TYR P 474 -42.61 43.34 30.78
CA TYR P 474 -41.80 42.32 31.49
C TYR P 474 -40.99 41.31 30.67
N TYR P 475 -41.00 41.30 29.35
CA TYR P 475 -40.18 40.31 28.66
C TYR P 475 -38.72 40.38 29.08
N ASP P 476 -38.24 41.59 29.36
CA ASP P 476 -36.84 41.86 29.72
C ASP P 476 -36.47 41.75 31.20
N VAL P 477 -37.41 41.40 32.08
CA VAL P 477 -37.13 41.32 33.51
C VAL P 477 -35.89 40.55 33.95
N THR Q 1 -81.70 88.42 8.15
CA THR Q 1 -81.98 89.81 7.69
C THR Q 1 -83.42 89.96 7.19
N GLU Q 2 -83.80 89.15 6.21
CA GLU Q 2 -85.15 89.21 5.65
C GLU Q 2 -85.98 87.92 5.62
N LYS Q 3 -85.35 86.76 5.83
CA LYS Q 3 -86.11 85.51 5.83
C LYS Q 3 -86.81 85.25 7.15
N THR Q 4 -88.09 84.87 7.03
CA THR Q 4 -88.98 84.60 8.16
C THR Q 4 -89.02 83.12 8.52
N PRO Q 5 -89.30 82.82 9.81
CA PRO Q 5 -89.38 81.42 10.23
C PRO Q 5 -90.39 80.68 9.34
N ASP Q 6 -91.43 81.40 8.91
CA ASP Q 6 -92.46 80.84 8.05
C ASP Q 6 -91.92 80.50 6.67
N ASP Q 7 -90.95 81.29 6.20
CA ASP Q 7 -90.33 81.03 4.90
C ASP Q 7 -89.58 79.70 4.97
N VAL Q 8 -88.92 79.47 6.11
CA VAL Q 8 -88.17 78.25 6.35
C VAL Q 8 -89.09 77.03 6.41
N PHE Q 9 -90.23 77.16 7.09
CA PHE Q 9 -91.19 76.06 7.19
C PHE Q 9 -91.77 75.72 5.82
N LYS Q 10 -91.96 76.74 4.99
CA LYS Q 10 -92.48 76.57 3.65
C LYS Q 10 -91.45 75.84 2.79
N LEU Q 11 -90.19 76.23 2.95
CA LEU Q 11 -89.08 75.61 2.21
C LEU Q 11 -89.04 74.12 2.57
N ALA Q 12 -89.12 73.83 3.87
CA ALA Q 12 -89.10 72.47 4.37
C ALA Q 12 -90.25 71.64 3.82
N LYS Q 13 -91.45 72.22 3.82
CA LYS Q 13 -92.64 71.51 3.32
C LYS Q 13 -92.56 71.26 1.82
N ASP Q 14 -92.24 72.30 1.05
CA ASP Q 14 -92.14 72.21 -0.41
C ASP Q 14 -91.07 71.22 -0.87
N GLU Q 15 -89.94 71.20 -0.17
CA GLU Q 15 -88.84 70.30 -0.51
C GLU Q 15 -88.99 68.89 0.05
N LYS Q 16 -90.05 68.66 0.83
CA LYS Q 16 -90.32 67.36 1.44
C LYS Q 16 -89.12 66.90 2.26
N VAL Q 17 -88.58 67.84 3.04
CA VAL Q 17 -87.43 67.62 3.90
C VAL Q 17 -87.75 66.59 4.97
N GLU Q 18 -86.85 65.63 5.18
CA GLU Q 18 -87.08 64.63 6.21
C GLU Q 18 -86.22 64.83 7.45
N TYR Q 19 -85.11 65.54 7.31
CA TYR Q 19 -84.22 65.83 8.45
C TYR Q 19 -83.79 67.29 8.46
N VAL Q 20 -83.48 67.79 9.65
CA VAL Q 20 -83.00 69.16 9.80
C VAL Q 20 -81.64 69.06 10.49
N ASP Q 21 -80.63 69.64 9.85
CA ASP Q 21 -79.29 69.60 10.41
C ASP Q 21 -79.01 70.87 11.21
N VAL Q 22 -78.80 70.68 12.51
CA VAL Q 22 -78.52 71.77 13.44
C VAL Q 22 -77.03 72.06 13.45
N ARG Q 23 -76.65 73.21 12.91
CA ARG Q 23 -75.25 73.60 12.84
C ARG Q 23 -74.87 74.80 13.67
N PHE Q 24 -73.66 74.76 14.21
CA PHE Q 24 -73.10 75.82 15.02
C PHE Q 24 -71.60 75.79 14.83
N CYS Q 25 -70.95 76.92 14.99
CA CYS Q 25 -69.53 77.01 14.77
C CYS Q 25 -68.65 76.83 15.99
N ASP Q 26 -67.57 76.07 15.85
CA ASP Q 26 -66.65 75.88 16.96
C ASP Q 26 -65.63 77.03 16.97
N LEU Q 27 -64.76 77.06 17.98
CA LEU Q 27 -63.78 78.12 18.10
C LEU Q 27 -62.85 78.28 16.89
N PRO Q 28 -62.03 77.27 16.56
CA PRO Q 28 -61.13 77.41 15.40
C PRO Q 28 -61.77 77.72 14.05
N GLY Q 29 -63.02 77.32 13.85
CA GLY Q 29 -63.68 77.64 12.59
C GLY Q 29 -64.41 76.55 11.81
N ILE Q 30 -64.52 75.36 12.39
CA ILE Q 30 -65.21 74.26 11.74
C ILE Q 30 -66.64 74.09 12.24
N MET Q 31 -67.59 74.00 11.32
CA MET Q 31 -68.99 73.83 11.68
C MET Q 31 -69.26 72.46 12.28
N GLN Q 32 -70.05 72.45 13.36
CA GLN Q 32 -70.43 71.23 14.06
C GLN Q 32 -71.91 70.99 13.79
N HIS Q 33 -72.38 69.77 14.08
CA HIS Q 33 -73.78 69.48 13.85
C HIS Q 33 -74.33 68.23 14.51
N PHE Q 34 -75.65 68.15 14.52
CA PHE Q 34 -76.40 67.00 15.00
C PHE Q 34 -77.70 67.11 14.22
N THR Q 35 -78.39 65.99 14.04
CA THR Q 35 -79.60 65.98 13.24
C THR Q 35 -80.87 65.60 14.00
N ILE Q 36 -81.97 66.24 13.63
CA ILE Q 36 -83.27 65.96 14.24
C ILE Q 36 -84.25 65.70 13.09
N PRO Q 37 -85.31 64.91 13.35
CA PRO Q 37 -86.28 64.65 12.28
C PRO Q 37 -87.04 65.94 11.96
N ALA Q 38 -87.47 66.08 10.71
CA ALA Q 38 -88.19 67.29 10.28
C ALA Q 38 -89.47 67.49 11.09
N SER Q 39 -90.09 66.38 11.49
CA SER Q 39 -91.32 66.41 12.28
C SER Q 39 -91.16 67.15 13.62
N ALA Q 40 -89.91 67.20 14.12
CA ALA Q 40 -89.61 67.88 15.38
C ALA Q 40 -89.22 69.34 15.15
N PHE Q 41 -89.23 69.77 13.89
CA PHE Q 41 -88.88 71.14 13.54
C PHE Q 41 -90.15 71.97 13.38
N ASP Q 42 -90.46 72.75 14.44
CA ASP Q 42 -91.65 73.59 14.45
C ASP Q 42 -91.34 74.95 15.05
N LYS Q 43 -92.34 75.79 15.24
CA LYS Q 43 -92.05 77.11 15.80
C LYS Q 43 -91.43 77.10 17.21
N SER Q 44 -91.63 76.05 18.02
CA SER Q 44 -90.98 75.99 19.32
C SER Q 44 -89.45 76.00 19.21
N VAL Q 45 -88.93 75.62 18.04
CA VAL Q 45 -87.49 75.61 17.81
C VAL Q 45 -86.99 77.06 17.73
N PHE Q 46 -87.79 77.92 17.10
CA PHE Q 46 -87.45 79.34 16.96
C PHE Q 46 -87.72 80.13 18.23
N ASP Q 47 -88.76 79.74 18.95
CA ASP Q 47 -89.16 80.43 20.18
C ASP Q 47 -88.36 80.00 21.41
N ASP Q 48 -88.31 78.69 21.65
CA ASP Q 48 -87.61 78.15 22.82
C ASP Q 48 -86.19 77.67 22.54
N GLY Q 49 -85.93 77.26 21.31
CA GLY Q 49 -84.60 76.77 20.97
C GLY Q 49 -84.43 75.29 21.23
N LEU Q 50 -83.22 74.78 21.00
CA LEU Q 50 -82.92 73.38 21.20
C LEU Q 50 -81.83 73.21 22.24
N ALA Q 51 -81.99 72.20 23.10
CA ALA Q 51 -81.01 71.94 24.13
C ALA Q 51 -79.95 70.96 23.63
N PHE Q 52 -78.71 71.15 24.09
CA PHE Q 52 -77.58 70.30 23.73
C PHE Q 52 -76.46 70.52 24.80
N ASP Q 53 -75.53 69.57 24.88
CA ASP Q 53 -74.43 69.48 25.87
C ASP Q 53 -73.10 70.12 25.51
N GLY Q 54 -72.37 70.81 26.38
CA GLY Q 54 -71.05 71.21 25.89
C GLY Q 54 -70.35 69.90 25.54
N SER Q 55 -70.24 69.56 24.27
CA SER Q 55 -69.59 68.28 23.90
C SER Q 55 -68.19 68.50 23.33
N SER Q 56 -67.38 67.45 23.26
CA SER Q 56 -66.00 67.63 22.82
C SER Q 56 -65.38 68.52 23.90
N ILE Q 57 -64.24 69.21 23.74
CA ILE Q 57 -63.72 69.80 24.96
C ILE Q 57 -63.20 71.26 24.95
N ARG Q 58 -62.61 71.80 23.91
CA ARG Q 58 -61.98 73.11 24.08
C ARG Q 58 -62.64 74.31 23.41
N GLY Q 59 -62.79 75.41 24.15
CA GLY Q 59 -63.40 76.64 23.67
C GLY Q 59 -64.74 76.86 24.35
N PHE Q 60 -65.68 75.94 24.11
CA PHE Q 60 -67.08 75.98 24.61
C PHE Q 60 -67.28 75.61 26.12
N GLN Q 61 -68.55 75.46 26.57
CA GLN Q 61 -69.02 75.18 27.93
C GLN Q 61 -68.65 73.80 28.51
N SER Q 62 -67.65 73.80 29.41
CA SER Q 62 -67.13 72.60 30.08
C SER Q 62 -68.13 72.03 31.09
N ILE Q 63 -67.70 71.25 32.11
CA ILE Q 63 -68.66 70.67 33.08
C ILE Q 63 -68.75 71.52 34.36
N HIS Q 64 -68.93 72.83 34.17
CA HIS Q 64 -69.11 73.84 35.26
C HIS Q 64 -70.05 74.89 34.67
N GLU Q 65 -70.26 74.65 33.35
CA GLU Q 65 -71.09 75.46 32.43
C GLU Q 65 -71.82 74.62 31.36
N SER Q 66 -71.64 73.30 31.41
CA SER Q 66 -72.21 72.24 30.53
C SER Q 66 -73.26 72.63 29.48
N ASP Q 67 -74.53 72.61 29.83
CA ASP Q 67 -75.66 72.72 28.90
C ASP Q 67 -75.79 74.04 28.15
N MET Q 68 -76.13 73.94 26.86
CA MET Q 68 -76.34 75.12 26.00
C MET Q 68 -77.71 75.08 25.31
N LEU Q 69 -78.16 76.24 24.87
CA LEU Q 69 -79.43 76.38 24.16
C LEU Q 69 -79.12 76.94 22.77
N LEU Q 70 -79.68 76.32 21.74
CA LEU Q 70 -79.43 76.76 20.36
C LEU Q 70 -80.63 77.44 19.71
N LEU Q 71 -80.44 78.68 19.26
CA LEU Q 71 -81.50 79.44 18.59
C LEU Q 71 -81.13 79.58 17.11
N PRO Q 72 -82.07 79.23 16.21
CA PRO Q 72 -81.86 79.29 14.76
C PRO Q 72 -81.83 80.66 14.10
N ASP Q 73 -81.09 80.73 13.00
CA ASP Q 73 -80.98 81.93 12.19
C ASP Q 73 -81.62 81.54 10.86
N PRO Q 74 -82.87 81.98 10.63
CA PRO Q 74 -83.63 81.69 9.40
C PRO Q 74 -82.97 82.05 8.07
N GLU Q 75 -82.06 83.01 8.10
CA GLU Q 75 -81.36 83.42 6.88
C GLU Q 75 -80.33 82.40 6.39
N THR Q 76 -79.92 81.50 7.28
CA THR Q 76 -78.93 80.49 6.96
C THR Q 76 -79.51 79.15 6.49
N ALA Q 77 -80.84 79.06 6.43
CA ALA Q 77 -81.53 77.84 6.01
C ALA Q 77 -81.29 77.52 4.54
N ARG Q 78 -80.72 76.34 4.29
CA ARG Q 78 -80.43 75.88 2.94
C ARG Q 78 -80.64 74.37 2.82
N ILE Q 79 -81.07 73.94 1.64
CA ILE Q 79 -81.26 72.50 1.38
C ILE Q 79 -79.88 71.93 1.09
N ASP Q 80 -79.52 70.83 1.75
CA ASP Q 80 -78.23 70.19 1.53
C ASP Q 80 -78.29 69.43 0.21
N PRO Q 81 -77.39 69.75 -0.74
CA PRO Q 81 -77.36 69.10 -2.05
C PRO Q 81 -76.59 67.77 -2.09
N PHE Q 82 -75.99 67.39 -0.96
CA PHE Q 82 -75.18 66.18 -0.88
C PHE Q 82 -75.83 65.02 -0.13
N ARG Q 83 -76.53 65.32 0.95
CA ARG Q 83 -77.19 64.30 1.76
C ARG Q 83 -78.29 63.55 1.01
N ALA Q 84 -78.21 62.23 1.01
CA ALA Q 84 -79.20 61.37 0.34
C ALA Q 84 -80.61 61.62 0.86
N ALA Q 85 -80.77 61.61 2.18
CA ALA Q 85 -82.05 61.89 2.81
C ALA Q 85 -82.23 63.41 2.73
N LYS Q 86 -83.34 63.87 2.16
CA LYS Q 86 -83.58 65.31 2.01
C LYS Q 86 -83.44 66.04 3.34
N THR Q 87 -82.42 66.89 3.41
CA THR Q 87 -82.10 67.62 4.64
C THR Q 87 -82.03 69.14 4.50
N LEU Q 88 -82.46 69.84 5.54
CA LEU Q 88 -82.42 71.29 5.60
C LEU Q 88 -81.36 71.69 6.63
N ASN Q 89 -80.36 72.44 6.20
CA ASN Q 89 -79.30 72.89 7.10
C ASN Q 89 -79.62 74.29 7.61
N ILE Q 90 -79.42 74.51 8.90
CA ILE Q 90 -79.66 75.82 9.51
C ILE Q 90 -78.59 76.06 10.55
N ASN Q 91 -78.07 77.29 10.60
CA ASN Q 91 -77.05 77.66 11.58
C ASN Q 91 -77.75 78.24 12.81
N PHE Q 92 -77.15 78.03 13.97
CA PHE Q 92 -77.71 78.47 15.23
C PHE Q 92 -76.75 79.33 16.05
N PHE Q 93 -77.32 80.04 17.01
CA PHE Q 93 -76.56 80.87 17.95
C PHE Q 93 -76.63 80.11 19.27
N VAL Q 94 -75.52 80.10 20.01
CA VAL Q 94 -75.47 79.41 21.30
C VAL Q 94 -75.84 80.39 22.41
N HIS Q 95 -76.86 80.03 23.19
CA HIS Q 95 -77.31 80.86 24.32
C HIS Q 95 -77.19 80.10 25.63
N ASP Q 96 -77.26 80.84 26.72
CA ASP Q 96 -77.22 80.24 28.05
C ASP Q 96 -78.67 79.83 28.30
N PRO Q 97 -78.91 78.58 28.68
CA PRO Q 97 -80.26 78.05 28.94
C PRO Q 97 -81.11 78.95 29.85
N PHE Q 98 -80.55 79.23 31.02
CA PHE Q 98 -81.19 80.05 32.04
C PHE Q 98 -81.49 81.49 31.64
N THR Q 99 -80.44 82.28 31.44
CA THR Q 99 -80.59 83.69 31.09
C THR Q 99 -80.94 84.02 29.64
N LEU Q 100 -80.83 83.03 28.76
CA LEU Q 100 -81.09 83.20 27.32
C LEU Q 100 -80.08 84.21 26.78
N GLU Q 101 -78.99 84.36 27.51
CA GLU Q 101 -77.91 85.29 27.17
C GLU Q 101 -76.97 84.65 26.16
N PRO Q 102 -76.67 85.37 25.05
CA PRO Q 102 -75.78 84.86 24.02
C PRO Q 102 -74.43 84.45 24.61
N TYR Q 103 -74.02 83.22 24.33
CA TYR Q 103 -72.75 82.70 24.84
C TYR Q 103 -71.61 83.52 24.21
N SER Q 104 -70.75 84.06 25.07
CA SER Q 104 -69.64 84.90 24.64
C SER Q 104 -68.54 84.24 23.81
N ARG Q 105 -68.50 82.92 23.77
CA ARG Q 105 -67.48 82.22 23.00
C ARG Q 105 -67.97 81.60 21.69
N ASP Q 106 -69.23 81.87 21.36
CA ASP Q 106 -69.83 81.39 20.12
C ASP Q 106 -69.47 82.40 19.04
N PRO Q 107 -68.67 81.99 18.05
CA PRO Q 107 -68.24 82.86 16.95
C PRO Q 107 -69.37 83.61 16.26
N ARG Q 108 -70.53 82.96 16.10
CA ARG Q 108 -71.64 83.63 15.44
C ARG Q 108 -72.23 84.76 16.29
N ASN Q 109 -72.09 84.67 17.61
CA ASN Q 109 -72.58 85.71 18.51
C ASN Q 109 -71.65 86.92 18.43
N ILE Q 110 -70.36 86.66 18.27
CA ILE Q 110 -69.36 87.71 18.16
C ILE Q 110 -69.65 88.55 16.92
N ALA Q 111 -69.95 87.90 15.81
CA ALA Q 111 -70.26 88.59 14.57
C ALA Q 111 -71.53 89.41 14.70
N ARG Q 112 -72.52 88.88 15.41
CA ARG Q 112 -73.77 89.60 15.63
C ARG Q 112 -73.51 90.82 16.53
N LYS Q 113 -72.71 90.62 17.57
CA LYS Q 113 -72.36 91.70 18.50
C LYS Q 113 -71.61 92.81 17.75
N ALA Q 114 -70.77 92.41 16.79
CA ALA Q 114 -70.01 93.36 15.99
C ALA Q 114 -70.91 94.24 15.15
N GLU Q 115 -71.96 93.64 14.59
CA GLU Q 115 -72.92 94.38 13.78
C GLU Q 115 -73.74 95.35 14.63
N ASN Q 116 -74.11 94.90 15.83
CA ASN Q 116 -74.89 95.73 16.75
C ASN Q 116 -74.06 96.88 17.28
N TYR Q 117 -72.77 96.64 17.51
CA TYR Q 117 -71.86 97.67 17.98
C TYR Q 117 -71.70 98.76 16.92
N LEU Q 118 -71.61 98.35 15.66
CA LEU Q 118 -71.46 99.28 14.54
C LEU Q 118 -72.62 100.28 14.58
N ILE Q 119 -73.83 99.75 14.74
CA ILE Q 119 -75.03 100.58 14.79
C ILE Q 119 -75.01 101.52 16.00
N SER Q 120 -74.54 101.01 17.14
CA SER Q 120 -74.48 101.80 18.36
C SER Q 120 -73.49 102.98 18.30
N THR Q 121 -72.46 102.88 17.45
CA THR Q 121 -71.48 103.95 17.33
C THR Q 121 -72.01 105.09 16.47
N GLY Q 122 -73.06 104.82 15.72
CA GLY Q 122 -73.65 105.84 14.85
C GLY Q 122 -72.84 106.05 13.57
N ILE Q 123 -71.66 105.46 13.50
CA ILE Q 123 -70.78 105.57 12.34
C ILE Q 123 -71.45 105.05 11.06
N ALA Q 124 -72.15 103.93 11.18
CA ALA Q 124 -72.87 103.31 10.06
C ALA Q 124 -73.82 102.28 10.62
N ASP Q 125 -74.67 101.72 9.76
CA ASP Q 125 -75.60 100.70 10.21
C ASP Q 125 -75.40 99.34 9.53
N THR Q 126 -74.49 99.29 8.56
CA THR Q 126 -74.20 98.07 7.82
C THR Q 126 -72.75 97.96 7.36
N ALA Q 127 -72.14 96.80 7.58
CA ALA Q 127 -70.76 96.54 7.15
C ALA Q 127 -70.83 95.39 6.15
N TYR Q 128 -70.55 95.69 4.88
CA TYR Q 128 -70.58 94.68 3.84
C TYR Q 128 -69.22 94.03 3.63
N PHE Q 129 -69.23 92.69 3.59
CA PHE Q 129 -68.01 91.93 3.39
C PHE Q 129 -68.09 91.03 2.16
N GLY Q 130 -67.09 91.14 1.30
CA GLY Q 130 -67.00 90.32 0.10
C GLY Q 130 -65.71 89.55 0.24
N ALA Q 131 -65.79 88.23 0.31
CA ALA Q 131 -64.59 87.42 0.47
C ALA Q 131 -64.35 86.45 -0.65
N GLU Q 132 -63.10 86.35 -1.05
CA GLU Q 132 -62.71 85.48 -2.14
C GLU Q 132 -61.65 84.49 -1.71
N ALA Q 133 -62.12 83.27 -1.47
CA ALA Q 133 -61.28 82.21 -1.00
C ALA Q 133 -60.87 81.24 -2.08
N GLU Q 134 -59.56 81.13 -2.24
CA GLU Q 134 -58.94 80.23 -3.20
C GLU Q 134 -58.79 78.88 -2.50
N PHE Q 135 -58.74 77.81 -3.28
CA PHE Q 135 -58.58 76.47 -2.75
C PHE Q 135 -57.88 75.58 -3.77
N TYR Q 136 -57.39 74.43 -3.30
CA TYR Q 136 -56.73 73.46 -4.16
C TYR Q 136 -57.52 72.17 -4.22
N ILE Q 137 -57.56 71.58 -5.41
CA ILE Q 137 -58.26 70.32 -5.65
C ILE Q 137 -57.19 69.25 -5.83
N PHE Q 138 -57.18 68.27 -4.94
CA PHE Q 138 -56.21 67.18 -5.01
C PHE Q 138 -56.91 65.84 -5.21
N ASP Q 139 -56.12 64.81 -5.48
CA ASP Q 139 -56.64 63.46 -5.65
C ASP Q 139 -56.39 62.67 -4.38
N SER Q 140 -55.34 63.03 -3.67
CA SER Q 140 -54.99 62.34 -2.44
C SER Q 140 -54.14 63.18 -1.50
N VAL Q 141 -54.15 62.77 -0.23
CA VAL Q 141 -53.37 63.40 0.82
C VAL Q 141 -53.11 62.38 1.92
N SER Q 142 -51.86 62.28 2.33
CA SER Q 142 -51.48 61.37 3.41
C SER Q 142 -50.35 62.02 4.19
N PHE Q 143 -50.24 61.68 5.47
CA PHE Q 143 -49.22 62.25 6.34
C PHE Q 143 -49.22 61.55 7.69
N ASP Q 144 -48.14 61.71 8.43
CA ASP Q 144 -48.02 61.16 9.77
C ASP Q 144 -46.85 61.77 10.51
N SER Q 145 -46.82 61.56 11.81
CA SER Q 145 -45.77 62.06 12.67
C SER Q 145 -45.44 60.96 13.66
N ARG Q 146 -44.24 60.42 13.55
CA ARG Q 146 -43.80 59.34 14.43
C ARG Q 146 -42.53 59.73 15.14
N ALA Q 147 -42.05 58.84 16.02
CA ALA Q 147 -40.83 59.10 16.76
C ALA Q 147 -39.59 59.21 15.91
N ASN Q 148 -39.49 58.34 14.90
CA ASN Q 148 -38.33 58.28 14.02
C ASN Q 148 -38.53 58.83 12.61
N GLY Q 149 -39.68 59.42 12.35
CA GLY Q 149 -39.92 59.93 11.03
C GLY Q 149 -41.23 60.65 10.91
N SER Q 150 -41.39 61.37 9.80
CA SER Q 150 -42.60 62.13 9.55
C SER Q 150 -42.65 62.43 8.07
N PHE Q 151 -43.86 62.59 7.53
CA PHE Q 151 -44.00 62.90 6.12
C PHE Q 151 -45.38 63.47 5.81
N TYR Q 152 -45.51 64.01 4.62
CA TYR Q 152 -46.79 64.49 4.09
C TYR Q 152 -46.66 64.36 2.60
N GLU Q 153 -47.78 64.20 1.94
CA GLU Q 153 -47.79 64.07 0.50
C GLU Q 153 -49.17 64.35 -0.05
N VAL Q 154 -49.27 65.39 -0.87
CA VAL Q 154 -50.52 65.73 -1.53
C VAL Q 154 -50.25 65.39 -2.99
N ASP Q 155 -51.27 64.94 -3.70
CA ASP Q 155 -51.05 64.59 -5.09
C ASP Q 155 -52.28 64.82 -5.95
N ALA Q 156 -52.03 65.02 -7.22
CA ALA Q 156 -53.07 65.24 -8.21
C ALA Q 156 -52.55 64.65 -9.50
N ILE Q 157 -53.40 63.90 -10.18
CA ILE Q 157 -53.07 63.25 -11.44
C ILE Q 157 -52.41 64.24 -12.41
N SER Q 158 -53.01 65.42 -12.53
CA SER Q 158 -52.51 66.46 -13.41
C SER Q 158 -51.51 67.44 -12.79
N GLY Q 159 -50.93 67.07 -11.65
CA GLY Q 159 -49.94 67.94 -11.02
C GLY Q 159 -48.70 68.08 -11.88
N TRP Q 160 -48.20 69.31 -11.99
CA TRP Q 160 -47.02 69.60 -12.81
C TRP Q 160 -45.75 68.85 -12.41
N TRP Q 161 -45.73 68.27 -11.22
CA TRP Q 161 -44.58 67.51 -10.73
C TRP Q 161 -44.65 66.06 -11.22
N ASN Q 162 -45.72 65.72 -11.94
CA ASN Q 162 -45.94 64.37 -12.45
C ASN Q 162 -45.75 64.19 -13.96
N THR Q 163 -45.05 65.11 -14.62
CA THR Q 163 -44.84 65.01 -16.07
C THR Q 163 -44.10 63.74 -16.47
N GLY Q 164 -43.24 63.25 -15.57
CA GLY Q 164 -42.45 62.07 -15.84
C GLY Q 164 -43.08 60.72 -15.50
N ALA Q 165 -44.30 60.73 -14.99
CA ALA Q 165 -44.98 59.48 -14.61
C ALA Q 165 -45.13 58.56 -15.81
N ALA Q 166 -44.63 57.33 -15.67
CA ALA Q 166 -44.70 56.32 -16.72
C ALA Q 166 -46.15 55.99 -17.03
N THR Q 167 -46.97 55.88 -15.99
CA THR Q 167 -48.41 55.61 -16.10
C THR Q 167 -49.07 56.32 -14.93
N GLU Q 168 -50.38 56.54 -15.03
CA GLU Q 168 -51.11 57.19 -13.96
C GLU Q 168 -51.26 56.28 -12.75
N ALA Q 169 -51.80 56.82 -11.67
CA ALA Q 169 -52.01 56.07 -10.44
C ALA Q 169 -52.83 54.80 -10.72
N ASP Q 170 -53.89 54.96 -11.51
CA ASP Q 170 -54.76 53.84 -11.86
C ASP Q 170 -54.27 52.95 -13.01
N GLY Q 171 -52.99 53.05 -13.35
CA GLY Q 171 -52.43 52.24 -14.41
C GLY Q 171 -52.62 52.75 -15.83
N SER Q 172 -53.54 53.71 -16.01
CA SER Q 172 -53.81 54.28 -17.33
C SER Q 172 -52.61 55.10 -17.82
N PRO Q 173 -52.54 55.35 -19.14
CA PRO Q 173 -51.40 56.13 -19.65
C PRO Q 173 -51.36 57.61 -19.29
N ASN Q 174 -50.14 58.14 -19.21
CA ASN Q 174 -49.91 59.55 -18.93
C ASN Q 174 -50.18 60.29 -20.23
N ARG Q 175 -51.21 61.14 -20.23
CA ARG Q 175 -51.58 61.88 -21.43
C ARG Q 175 -51.06 63.31 -21.49
N GLY Q 176 -50.23 63.69 -20.53
CA GLY Q 176 -49.65 65.02 -20.52
C GLY Q 176 -50.58 66.15 -20.12
N TYR Q 177 -50.24 67.35 -20.60
CA TYR Q 177 -51.00 68.57 -20.29
C TYR Q 177 -50.96 68.90 -18.80
N LYS Q 178 -49.87 68.51 -18.14
CA LYS Q 178 -49.67 68.75 -16.72
C LYS Q 178 -48.79 69.99 -16.49
N VAL Q 179 -47.86 70.22 -17.41
CA VAL Q 179 -46.94 71.35 -17.31
C VAL Q 179 -47.59 72.71 -17.15
N ARG Q 180 -46.95 73.51 -16.31
CA ARG Q 180 -47.40 74.85 -15.97
C ARG Q 180 -46.53 75.81 -16.78
N HIS Q 181 -47.07 76.29 -17.90
CA HIS Q 181 -46.35 77.18 -18.82
C HIS Q 181 -46.25 78.65 -18.44
N LYS Q 182 -45.21 79.28 -18.96
CA LYS Q 182 -44.95 80.71 -18.75
C LYS Q 182 -45.87 81.46 -19.72
N GLY Q 183 -46.34 82.63 -19.31
CA GLY Q 183 -47.20 83.41 -20.20
C GLY Q 183 -48.63 83.62 -19.70
N GLY Q 184 -49.24 82.55 -19.21
CA GLY Q 184 -50.60 82.64 -18.72
C GLY Q 184 -50.93 81.45 -17.86
N TYR Q 185 -51.52 81.70 -16.69
CA TYR Q 185 -51.86 80.61 -15.79
C TYR Q 185 -53.34 80.21 -15.72
N PHE Q 186 -54.12 80.63 -16.70
CA PHE Q 186 -55.54 80.27 -16.78
C PHE Q 186 -55.84 79.65 -18.15
N PRO Q 187 -54.98 78.71 -18.62
CA PRO Q 187 -55.23 78.12 -19.94
C PRO Q 187 -56.52 77.32 -20.05
N VAL Q 188 -57.04 77.25 -21.27
CA VAL Q 188 -58.26 76.49 -21.54
C VAL Q 188 -57.93 74.99 -21.58
N ALA Q 189 -58.95 74.15 -21.64
CA ALA Q 189 -58.76 72.71 -21.70
C ALA Q 189 -58.02 72.37 -23.00
N PRO Q 190 -57.28 71.25 -23.02
CA PRO Q 190 -57.10 70.29 -21.93
C PRO Q 190 -56.07 70.61 -20.83
N ASN Q 191 -55.43 71.78 -20.91
CA ASN Q 191 -54.47 72.17 -19.87
C ASN Q 191 -55.25 72.34 -18.56
N ASP Q 192 -56.47 72.84 -18.70
CA ASP Q 192 -57.37 73.03 -17.57
C ASP Q 192 -58.08 71.69 -17.44
N GLN Q 193 -57.71 70.93 -16.41
CA GLN Q 193 -58.28 69.61 -16.20
C GLN Q 193 -59.41 69.53 -15.18
N TYR Q 194 -59.90 70.67 -14.73
CA TYR Q 194 -60.97 70.68 -13.72
C TYR Q 194 -62.20 71.46 -14.13
N VAL Q 195 -62.37 71.68 -15.42
CA VAL Q 195 -63.50 72.44 -15.93
C VAL Q 195 -64.87 71.95 -15.45
N ASP Q 196 -65.15 70.66 -15.66
CA ASP Q 196 -66.44 70.11 -15.27
C ASP Q 196 -66.68 70.11 -13.76
N LEU Q 197 -65.64 69.86 -12.98
CA LEU Q 197 -65.75 69.85 -11.52
C LEU Q 197 -66.08 71.25 -11.01
N ARG Q 198 -65.34 72.26 -11.48
CA ARG Q 198 -65.59 73.63 -11.06
C ARG Q 198 -67.00 74.07 -11.43
N ASP Q 199 -67.47 73.62 -12.59
CA ASP Q 199 -68.83 73.95 -13.02
C ASP Q 199 -69.85 73.34 -12.08
N LYS Q 200 -69.56 72.14 -11.59
CA LYS Q 200 -70.45 71.47 -10.65
C LYS Q 200 -70.48 72.26 -9.35
N MET Q 201 -69.31 72.75 -8.93
CA MET Q 201 -69.19 73.54 -7.72
C MET Q 201 -70.01 74.81 -7.88
N LEU Q 202 -69.84 75.49 -9.02
CA LEU Q 202 -70.55 76.73 -9.31
C LEU Q 202 -72.07 76.50 -9.37
N THR Q 203 -72.48 75.41 -10.02
CA THR Q 203 -73.88 75.07 -10.12
C THR Q 203 -74.48 74.85 -8.73
N ASN Q 204 -73.74 74.15 -7.87
CA ASN Q 204 -74.19 73.89 -6.51
C ASN Q 204 -74.29 75.18 -5.68
N LEU Q 205 -73.35 76.10 -5.88
CA LEU Q 205 -73.37 77.37 -5.17
C LEU Q 205 -74.59 78.17 -5.59
N ILE Q 206 -74.84 78.24 -6.89
CA ILE Q 206 -75.98 78.97 -7.43
C ILE Q 206 -77.30 78.38 -6.93
N ASN Q 207 -77.38 77.05 -6.88
CA ASN Q 207 -78.58 76.38 -6.40
C ASN Q 207 -78.75 76.55 -4.89
N SER Q 208 -77.66 76.95 -4.22
CA SER Q 208 -77.68 77.16 -2.78
C SER Q 208 -77.82 78.64 -2.40
N GLY Q 209 -78.31 79.45 -3.33
CA GLY Q 209 -78.53 80.86 -3.04
C GLY Q 209 -77.42 81.87 -3.25
N PHE Q 210 -76.27 81.45 -3.75
CA PHE Q 210 -75.18 82.38 -3.98
C PHE Q 210 -75.50 83.23 -5.20
N ILE Q 211 -75.22 84.53 -5.10
CA ILE Q 211 -75.49 85.45 -6.18
C ILE Q 211 -74.22 85.78 -6.95
N LEU Q 212 -74.24 85.49 -8.25
CA LEU Q 212 -73.11 85.73 -9.15
C LEU Q 212 -73.59 86.76 -10.18
N GLU Q 213 -72.99 87.93 -10.21
CA GLU Q 213 -73.36 88.95 -11.18
C GLU Q 213 -72.14 89.49 -11.91
N LYS Q 214 -72.03 90.81 -11.84
CA LYS Q 214 -71.00 91.68 -12.43
C LYS Q 214 -69.62 91.03 -12.52
N GLY Q 215 -68.75 91.28 -11.54
CA GLY Q 215 -67.40 90.74 -11.59
C GLY Q 215 -67.22 89.48 -10.78
N HIS Q 216 -68.22 88.59 -10.84
CA HIS Q 216 -68.17 87.32 -10.13
C HIS Q 216 -67.81 86.26 -11.15
N HIS Q 217 -66.63 85.67 -10.96
CA HIS Q 217 -66.11 84.68 -11.87
C HIS Q 217 -65.81 83.32 -11.24
N GLU Q 218 -65.67 82.37 -12.13
CA GLU Q 218 -65.23 81.04 -11.76
C GLU Q 218 -63.86 80.93 -12.46
N VAL Q 219 -62.79 80.74 -11.71
CA VAL Q 219 -61.48 80.68 -12.33
C VAL Q 219 -60.62 79.52 -11.79
N GLY Q 220 -59.75 79.01 -12.64
CA GLY Q 220 -58.89 77.90 -12.24
C GLY Q 220 -57.50 77.99 -12.83
N SER Q 221 -56.51 77.56 -12.06
CA SER Q 221 -55.12 77.57 -12.47
C SER Q 221 -54.53 76.28 -11.91
N GLY Q 222 -54.30 75.30 -12.78
CA GLY Q 222 -53.78 74.02 -12.33
C GLY Q 222 -54.85 73.43 -11.43
N GLY Q 223 -54.44 73.01 -10.24
CA GLY Q 223 -55.40 72.44 -9.31
C GLY Q 223 -56.04 73.51 -8.42
N GLN Q 224 -55.56 74.75 -8.52
CA GLN Q 224 -56.11 75.83 -7.72
C GLN Q 224 -57.34 76.44 -8.38
N ALA Q 225 -58.29 76.89 -7.57
CA ALA Q 225 -59.51 77.49 -8.09
C ALA Q 225 -60.10 78.51 -7.14
N GLU Q 226 -61.07 79.26 -7.66
CA GLU Q 226 -61.77 80.27 -6.89
C GLU Q 226 -63.05 80.64 -7.60
N ILE Q 227 -64.12 80.73 -6.83
CA ILE Q 227 -65.41 81.13 -7.37
C ILE Q 227 -65.89 82.23 -6.43
N ASN Q 228 -65.89 83.46 -6.91
CA ASN Q 228 -66.34 84.56 -6.08
C ASN Q 228 -67.82 84.86 -6.29
N TYR Q 229 -68.44 85.42 -5.27
CA TYR Q 229 -69.86 85.70 -5.29
C TYR Q 229 -70.14 87.05 -4.61
N GLN Q 230 -71.40 87.46 -4.65
CA GLN Q 230 -71.80 88.73 -4.07
C GLN Q 230 -71.65 88.82 -2.57
N PHE Q 231 -71.18 89.98 -2.13
CA PHE Q 231 -70.97 90.31 -0.71
C PHE Q 231 -72.26 90.18 0.10
N ASN Q 232 -72.13 90.39 1.40
CA ASN Q 232 -73.28 90.32 2.31
C ASN Q 232 -72.90 91.06 3.57
N SER Q 233 -73.87 91.31 4.45
CA SER Q 233 -73.59 91.98 5.71
C SER Q 233 -72.69 91.04 6.52
N LEU Q 234 -71.80 91.61 7.32
CA LEU Q 234 -70.82 90.86 8.13
C LEU Q 234 -71.17 89.43 8.54
N LEU Q 235 -72.14 89.26 9.45
CA LEU Q 235 -72.51 87.93 9.93
C LEU Q 235 -72.86 86.95 8.81
N HIS Q 236 -73.79 87.35 7.95
CA HIS Q 236 -74.22 86.50 6.85
C HIS Q 236 -73.15 86.23 5.82
N ALA Q 237 -72.17 87.13 5.73
CA ALA Q 237 -71.06 86.95 4.79
C ALA Q 237 -70.21 85.81 5.33
N ALA Q 238 -70.05 85.78 6.66
CA ALA Q 238 -69.29 84.75 7.34
C ALA Q 238 -70.01 83.40 7.21
N ASP Q 239 -71.34 83.43 7.27
CA ASP Q 239 -72.14 82.21 7.12
C ASP Q 239 -71.99 81.71 5.69
N ASP Q 240 -71.94 82.65 4.74
CA ASP Q 240 -71.77 82.34 3.32
C ASP Q 240 -70.43 81.68 3.05
N MET Q 241 -69.40 82.13 3.76
CA MET Q 241 -68.05 81.58 3.61
C MET Q 241 -68.01 80.12 4.07
N GLN Q 242 -68.67 79.84 5.20
CA GLN Q 242 -68.74 78.49 5.73
C GLN Q 242 -69.50 77.58 4.76
N LEU Q 243 -70.57 78.13 4.18
CA LEU Q 243 -71.40 77.40 3.22
C LEU Q 243 -70.60 77.10 1.96
N TYR Q 244 -69.86 78.12 1.49
CA TYR Q 244 -69.02 78.01 0.32
C TYR Q 244 -68.01 76.88 0.50
N LYS Q 245 -67.29 76.89 1.62
CA LYS Q 245 -66.31 75.84 1.89
C LYS Q 245 -66.96 74.47 1.94
N TYR Q 246 -68.15 74.40 2.55
CA TYR Q 246 -68.90 73.16 2.65
C TYR Q 246 -69.25 72.63 1.26
N ILE Q 247 -69.77 73.51 0.41
CA ILE Q 247 -70.15 73.14 -0.95
C ILE Q 247 -68.97 72.78 -1.82
N ILE Q 248 -67.87 73.51 -1.70
CA ILE Q 248 -66.67 73.23 -2.48
C ILE Q 248 -66.08 71.88 -2.07
N LYS Q 249 -65.90 71.68 -0.77
CA LYS Q 249 -65.33 70.44 -0.24
C LYS Q 249 -66.12 69.18 -0.57
N ASN Q 250 -67.44 69.27 -0.46
CA ASN Q 250 -68.29 68.10 -0.72
C ASN Q 250 -68.59 67.83 -2.18
N THR Q 251 -68.53 68.86 -3.02
CA THR Q 251 -68.75 68.66 -4.45
C THR Q 251 -67.53 67.86 -4.93
N ALA Q 252 -66.36 68.25 -4.44
CA ALA Q 252 -65.12 67.57 -4.79
C ALA Q 252 -65.17 66.13 -4.27
N TRP Q 253 -65.59 65.98 -3.01
CA TRP Q 253 -65.68 64.68 -2.37
C TRP Q 253 -66.58 63.70 -3.12
N GLN Q 254 -67.72 64.19 -3.57
CA GLN Q 254 -68.66 63.35 -4.31
C GLN Q 254 -68.17 63.02 -5.71
N ASN Q 255 -67.12 63.71 -6.15
CA ASN Q 255 -66.56 63.49 -7.46
C ASN Q 255 -65.15 62.93 -7.45
N GLY Q 256 -64.86 62.16 -6.40
CA GLY Q 256 -63.56 61.52 -6.25
C GLY Q 256 -62.34 62.36 -5.95
N LYS Q 257 -62.54 63.59 -5.47
CA LYS Q 257 -61.42 64.46 -5.16
C LYS Q 257 -61.43 64.85 -3.69
N THR Q 258 -60.43 65.63 -3.30
CA THR Q 258 -60.30 66.11 -1.93
C THR Q 258 -59.74 67.54 -2.02
N VAL Q 259 -60.47 68.48 -1.42
CA VAL Q 259 -60.11 69.90 -1.42
C VAL Q 259 -59.48 70.40 -0.13
N THR Q 260 -58.58 71.35 -0.24
CA THR Q 260 -57.97 71.97 0.93
C THR Q 260 -57.94 73.49 0.78
N PHE Q 261 -58.33 74.17 1.85
CA PHE Q 261 -58.32 75.62 1.90
C PHE Q 261 -57.10 76.09 2.69
N MET Q 262 -56.19 75.17 3.01
CA MET Q 262 -55.00 75.57 3.76
C MET Q 262 -54.19 76.57 2.93
N PRO Q 263 -53.60 77.58 3.59
CA PRO Q 263 -52.80 78.64 2.98
C PRO Q 263 -51.69 78.25 2.02
N LYS Q 264 -50.91 77.24 2.39
CA LYS Q 264 -49.79 76.83 1.55
C LYS Q 264 -49.60 75.32 1.53
N PRO Q 265 -50.39 74.62 0.68
CA PRO Q 265 -50.26 73.17 0.59
C PRO Q 265 -49.10 72.75 -0.30
N LEU Q 266 -48.72 73.63 -1.23
CA LEU Q 266 -47.64 73.35 -2.16
C LEU Q 266 -46.45 74.29 -2.03
N PHE Q 267 -45.27 73.71 -1.92
CA PHE Q 267 -44.04 74.48 -1.82
C PHE Q 267 -43.58 74.73 -3.25
N GLY Q 268 -43.54 76.00 -3.65
CA GLY Q 268 -43.13 76.30 -5.01
C GLY Q 268 -44.33 76.55 -5.92
N ASP Q 269 -45.47 76.81 -5.31
CA ASP Q 269 -46.68 77.11 -6.05
C ASP Q 269 -47.46 78.13 -5.21
N ASN Q 270 -48.36 78.83 -5.87
CA ASN Q 270 -49.18 79.87 -5.24
C ASN Q 270 -49.92 79.41 -3.98
N GLY Q 271 -49.95 80.28 -2.98
CA GLY Q 271 -50.66 79.99 -1.75
C GLY Q 271 -52.13 80.30 -1.96
N SER Q 272 -52.98 79.99 -0.98
CA SER Q 272 -54.40 80.29 -1.10
C SER Q 272 -54.80 81.34 -0.08
N GLY Q 273 -55.31 82.46 -0.57
CA GLY Q 273 -55.72 83.53 0.32
C GLY Q 273 -57.19 83.85 0.26
N MET Q 274 -57.61 84.76 1.14
CA MET Q 274 -59.00 85.19 1.21
C MET Q 274 -59.03 86.72 1.23
N HIS Q 275 -59.14 87.31 0.04
CA HIS Q 275 -59.18 88.76 -0.10
C HIS Q 275 -60.53 89.24 0.39
N CYS Q 276 -60.52 90.13 1.38
CA CYS Q 276 -61.75 90.63 1.95
C CYS Q 276 -62.06 92.08 1.64
N HIS Q 277 -63.08 92.29 0.83
CA HIS Q 277 -63.55 93.61 0.44
C HIS Q 277 -64.54 94.06 1.51
N GLN Q 278 -64.34 95.28 2.00
CA GLN Q 278 -65.18 95.84 3.04
C GLN Q 278 -65.61 97.24 2.73
N SER Q 279 -66.75 97.62 3.28
CA SER Q 279 -67.30 98.95 3.08
C SER Q 279 -68.45 99.20 4.07
N LEU Q 280 -68.55 100.44 4.55
CA LEU Q 280 -69.61 100.82 5.49
C LEU Q 280 -70.70 101.61 4.78
N TRP Q 281 -71.94 101.34 5.20
CA TRP Q 281 -73.11 102.01 4.63
C TRP Q 281 -74.01 102.49 5.76
N LYS Q 282 -74.84 103.49 5.46
CA LYS Q 282 -75.76 104.06 6.44
C LYS Q 282 -76.98 104.58 5.71
N ASP Q 283 -78.16 104.18 6.19
CA ASP Q 283 -79.43 104.58 5.60
C ASP Q 283 -79.51 104.29 4.10
N GLY Q 284 -78.95 103.15 3.70
CA GLY Q 284 -78.97 102.76 2.30
C GLY Q 284 -78.00 103.48 1.38
N ALA Q 285 -77.08 104.24 1.97
CA ALA Q 285 -76.11 104.98 1.18
C ALA Q 285 -74.68 104.67 1.57
N PRO Q 286 -73.75 104.68 0.60
CA PRO Q 286 -72.33 104.41 0.81
C PRO Q 286 -71.61 105.51 1.57
N LEU Q 287 -70.62 105.12 2.37
CA LEU Q 287 -69.84 106.04 3.18
C LEU Q 287 -68.36 106.02 2.84
N MET Q 288 -67.97 105.19 1.87
CA MET Q 288 -66.58 105.05 1.48
C MET Q 288 -66.07 105.98 0.38
N TYR Q 289 -66.99 106.54 -0.41
CA TYR Q 289 -66.62 107.41 -1.53
C TYR Q 289 -66.45 108.91 -1.27
N ASP Q 290 -65.59 109.52 -2.07
CA ASP Q 290 -65.29 110.96 -2.02
C ASP Q 290 -64.37 111.28 -3.20
N GLU Q 291 -64.90 111.96 -4.21
CA GLU Q 291 -64.15 112.34 -5.41
C GLU Q 291 -62.83 113.04 -5.13
N THR Q 292 -62.84 113.89 -4.10
CA THR Q 292 -61.67 114.66 -3.71
C THR Q 292 -60.53 113.88 -3.05
N GLY Q 293 -60.86 112.76 -2.42
CA GLY Q 293 -59.83 111.98 -1.75
C GLY Q 293 -59.04 111.05 -2.66
N TYR Q 294 -57.87 110.62 -2.17
CA TYR Q 294 -57.02 109.71 -2.92
C TYR Q 294 -57.76 108.40 -3.17
N ALA Q 295 -57.74 107.94 -4.42
CA ALA Q 295 -58.42 106.70 -4.81
C ALA Q 295 -59.93 106.76 -4.60
N GLY Q 296 -60.46 107.98 -4.50
CA GLY Q 296 -61.88 108.17 -4.30
C GLY Q 296 -62.36 107.77 -2.91
N LEU Q 297 -61.45 107.83 -1.94
CA LEU Q 297 -61.75 107.45 -0.56
C LEU Q 297 -62.16 108.59 0.35
N SER Q 298 -63.20 108.34 1.14
CA SER Q 298 -63.70 109.31 2.10
C SER Q 298 -62.80 109.33 3.34
N ASP Q 299 -63.06 110.25 4.26
CA ASP Q 299 -62.29 110.34 5.48
C ASP Q 299 -62.53 109.08 6.31
N THR Q 300 -63.78 108.61 6.28
CA THR Q 300 -64.19 107.41 7.00
C THR Q 300 -63.41 106.20 6.50
N ALA Q 301 -63.35 106.05 5.18
CA ALA Q 301 -62.63 104.94 4.55
C ALA Q 301 -61.14 104.97 4.86
N ARG Q 302 -60.53 106.15 4.78
CA ARG Q 302 -59.10 106.31 5.06
C ARG Q 302 -58.77 105.98 6.51
N HIS Q 303 -59.63 106.37 7.42
CA HIS Q 303 -59.42 106.11 8.85
C HIS Q 303 -59.58 104.61 9.13
N TYR Q 304 -60.49 103.98 8.39
CA TYR Q 304 -60.74 102.55 8.51
C TYR Q 304 -59.44 101.83 8.12
N ILE Q 305 -58.85 102.26 7.00
CA ILE Q 305 -57.60 101.71 6.51
C ILE Q 305 -56.49 101.95 7.54
N GLY Q 306 -56.55 103.10 8.20
CA GLY Q 306 -55.57 103.41 9.23
C GLY Q 306 -55.65 102.43 10.37
N GLY Q 307 -56.88 102.01 10.68
CA GLY Q 307 -57.09 101.05 11.74
C GLY Q 307 -56.58 99.67 11.36
N LEU Q 308 -56.87 99.25 10.13
CA LEU Q 308 -56.41 97.95 9.63
C LEU Q 308 -54.88 97.86 9.66
N LEU Q 309 -54.22 98.87 9.11
CA LEU Q 309 -52.76 98.90 9.06
C LEU Q 309 -52.12 99.03 10.44
N HIS Q 310 -52.73 99.82 11.31
CA HIS Q 310 -52.20 100.01 12.66
C HIS Q 310 -52.34 98.75 13.50
N HIS Q 311 -53.50 98.10 13.40
CA HIS Q 311 -53.79 96.89 14.16
C HIS Q 311 -53.38 95.56 13.53
N ALA Q 312 -52.91 95.61 12.29
CA ALA Q 312 -52.51 94.40 11.56
C ALA Q 312 -51.70 93.38 12.36
N PRO Q 313 -50.67 93.82 13.11
CA PRO Q 313 -49.86 92.85 13.87
C PRO Q 313 -50.67 91.95 14.81
N SER Q 314 -51.78 92.46 15.34
CA SER Q 314 -52.62 91.65 16.23
C SER Q 314 -53.83 91.10 15.47
N LEU Q 315 -54.32 91.88 14.50
CA LEU Q 315 -55.47 91.50 13.68
C LEU Q 315 -55.22 90.16 13.00
N LEU Q 316 -53.97 89.95 12.57
CA LEU Q 316 -53.58 88.72 11.89
C LEU Q 316 -53.77 87.46 12.73
N ALA Q 317 -53.93 87.62 14.04
CA ALA Q 317 -54.13 86.48 14.93
C ALA Q 317 -55.50 85.82 14.66
N PHE Q 318 -56.41 86.57 14.05
CA PHE Q 318 -57.75 86.07 13.71
C PHE Q 318 -57.92 85.97 12.19
N THR Q 319 -57.12 86.76 11.50
CA THR Q 319 -57.17 86.86 10.06
C THR Q 319 -56.27 85.83 9.32
N ASN Q 320 -55.17 85.44 9.97
CA ASN Q 320 -54.20 84.46 9.46
C ASN Q 320 -53.78 83.71 10.73
N PRO Q 321 -54.72 82.95 11.32
CA PRO Q 321 -54.61 82.22 12.58
C PRO Q 321 -53.86 80.85 12.63
N THR Q 322 -53.19 80.44 11.55
CA THR Q 322 -52.49 79.16 11.59
C THR Q 322 -51.00 79.26 11.33
N VAL Q 323 -50.27 78.23 11.70
CA VAL Q 323 -48.82 78.20 11.47
C VAL Q 323 -48.56 78.19 9.96
N ASN Q 324 -49.42 77.49 9.22
CA ASN Q 324 -49.31 77.37 7.77
C ASN Q 324 -49.58 78.71 7.08
N SER Q 325 -50.32 79.59 7.74
CA SER Q 325 -50.63 80.92 7.21
C SER Q 325 -49.35 81.68 6.86
N TYR Q 326 -48.30 81.47 7.64
CA TYR Q 326 -47.03 82.16 7.45
C TYR Q 326 -46.09 81.55 6.44
N LYS Q 327 -46.55 80.56 5.70
CA LYS Q 327 -45.76 79.95 4.63
C LYS Q 327 -46.22 80.65 3.36
N ARG Q 328 -47.42 81.26 3.43
CA ARG Q 328 -47.97 82.05 2.33
C ARG Q 328 -47.51 83.50 2.52
N LEU Q 329 -47.64 84.00 3.76
CA LEU Q 329 -47.24 85.35 4.11
C LEU Q 329 -45.72 85.35 4.35
N VAL Q 330 -44.98 85.32 3.26
CA VAL Q 330 -43.53 85.27 3.29
C VAL Q 330 -43.05 85.94 1.97
N PRO Q 331 -41.86 86.58 1.99
CA PRO Q 331 -41.33 87.24 0.78
C PRO Q 331 -41.33 86.34 -0.48
N GLY Q 332 -42.05 86.75 -1.52
CA GLY Q 332 -42.10 85.95 -2.73
C GLY Q 332 -43.14 86.35 -3.76
N TYR Q 333 -44.19 85.52 -3.89
CA TYR Q 333 -45.29 85.69 -4.84
C TYR Q 333 -46.09 86.99 -4.67
N GLU Q 334 -45.42 88.06 -4.26
CA GLU Q 334 -46.03 89.37 -4.04
C GLU Q 334 -47.06 89.17 -2.93
N ALA Q 335 -46.57 88.64 -1.81
CA ALA Q 335 -47.38 88.36 -0.63
C ALA Q 335 -47.81 89.65 0.05
N PRO Q 336 -49.10 89.76 0.40
CA PRO Q 336 -49.65 90.96 1.06
C PRO Q 336 -49.08 91.11 2.47
N ILE Q 337 -47.79 91.41 2.55
CA ILE Q 337 -47.10 91.59 3.83
C ILE Q 337 -46.69 93.04 4.08
N ASN Q 338 -46.85 93.88 3.06
CA ASN Q 338 -46.48 95.30 3.17
C ASN Q 338 -47.61 96.13 3.76
N LEU Q 339 -47.36 96.68 4.95
CA LEU Q 339 -48.34 97.49 5.67
C LEU Q 339 -48.60 98.88 5.10
N VAL Q 340 -49.13 98.91 3.88
CA VAL Q 340 -49.47 100.17 3.20
C VAL Q 340 -50.68 99.92 2.32
N TYR Q 341 -51.36 100.98 1.89
CA TYR Q 341 -52.51 100.83 0.99
C TYR Q 341 -52.11 101.27 -0.40
N SER Q 342 -52.79 100.80 -1.41
CA SER Q 342 -52.44 101.13 -2.78
C SER Q 342 -53.56 100.78 -3.75
N GLN Q 343 -53.38 101.15 -5.01
CA GLN Q 343 -54.35 100.85 -6.07
C GLN Q 343 -53.68 99.92 -7.07
N ARG Q 344 -52.35 99.99 -7.10
CA ARG Q 344 -51.54 99.19 -8.01
C ARG Q 344 -50.96 97.93 -7.36
N ASN Q 345 -50.14 98.11 -6.32
CA ASN Q 345 -49.49 97.02 -5.61
C ASN Q 345 -50.38 95.92 -5.03
N ARG Q 346 -50.09 94.68 -5.43
CA ARG Q 346 -50.84 93.54 -4.93
C ARG Q 346 -50.16 92.93 -3.70
N SER Q 347 -48.96 93.42 -3.40
CA SER Q 347 -48.19 92.99 -2.25
C SER Q 347 -48.51 93.92 -1.06
N ALA Q 348 -49.49 94.79 -1.26
CA ALA Q 348 -49.92 95.72 -0.23
C ALA Q 348 -51.05 95.08 0.57
N CYS Q 349 -50.99 95.22 1.89
CA CYS Q 349 -52.02 94.67 2.78
C CYS Q 349 -53.41 95.11 2.37
N VAL Q 350 -53.55 96.40 2.05
CA VAL Q 350 -54.82 96.95 1.62
C VAL Q 350 -54.71 97.49 0.21
N ARG Q 351 -55.64 97.09 -0.64
CA ARG Q 351 -55.67 97.57 -2.01
C ARG Q 351 -57.04 98.15 -2.28
N ILE Q 352 -57.07 99.28 -2.98
CA ILE Q 352 -58.33 99.91 -3.33
C ILE Q 352 -58.63 99.60 -4.78
N PRO Q 353 -59.60 98.73 -5.03
CA PRO Q 353 -60.00 98.35 -6.39
C PRO Q 353 -60.38 99.57 -7.20
N ILE Q 354 -59.94 99.60 -8.46
CA ILE Q 354 -60.26 100.71 -9.34
C ILE Q 354 -61.68 100.49 -9.82
N THR Q 355 -62.61 101.26 -9.27
CA THR Q 355 -64.03 101.14 -9.61
C THR Q 355 -64.66 102.36 -10.29
N GLY Q 356 -63.88 103.43 -10.45
CA GLY Q 356 -64.40 104.62 -11.10
C GLY Q 356 -65.08 105.63 -10.19
N SER Q 357 -66.10 106.30 -10.74
CA SER Q 357 -66.84 107.33 -10.03
C SER Q 357 -68.07 106.87 -9.27
N ASN Q 358 -68.48 105.62 -9.48
CA ASN Q 358 -69.65 105.06 -8.80
C ASN Q 358 -69.37 104.89 -7.30
N PRO Q 359 -70.03 105.71 -6.45
CA PRO Q 359 -69.84 105.65 -4.99
C PRO Q 359 -70.24 104.32 -4.34
N LYS Q 360 -71.19 103.62 -4.95
CA LYS Q 360 -71.67 102.34 -4.44
C LYS Q 360 -70.68 101.20 -4.63
N ALA Q 361 -69.68 101.40 -5.49
CA ALA Q 361 -68.69 100.38 -5.77
C ALA Q 361 -67.37 100.59 -5.02
N LYS Q 362 -67.21 101.76 -4.41
CA LYS Q 362 -65.99 102.06 -3.67
C LYS Q 362 -65.90 101.22 -2.40
N ARG Q 363 -64.76 100.55 -2.25
CA ARG Q 363 -64.53 99.69 -1.10
C ARG Q 363 -63.03 99.45 -0.96
N LEU Q 364 -62.63 98.91 0.18
CA LEU Q 364 -61.23 98.60 0.42
C LEU Q 364 -61.09 97.09 0.47
N GLU Q 365 -59.94 96.60 0.02
CA GLU Q 365 -59.70 95.16 0.01
C GLU Q 365 -58.51 94.78 0.87
N PHE Q 366 -58.78 94.06 1.96
CA PHE Q 366 -57.74 93.58 2.85
C PHE Q 366 -57.29 92.25 2.20
N ARG Q 367 -56.09 92.25 1.64
CA ARG Q 367 -55.55 91.10 0.93
C ARG Q 367 -54.84 90.04 1.77
N SER Q 368 -54.39 90.41 2.94
CA SER Q 368 -53.63 89.52 3.81
C SER Q 368 -54.30 88.24 4.33
N PRO Q 369 -55.61 88.29 4.66
CA PRO Q 369 -56.30 87.10 5.18
C PRO Q 369 -56.25 85.83 4.33
N ASP Q 370 -56.52 84.71 4.98
CA ASP Q 370 -56.60 83.41 4.34
C ASP Q 370 -57.81 82.71 4.95
N SER Q 371 -58.19 81.55 4.44
CA SER Q 371 -59.36 80.87 5.00
C SER Q 371 -59.01 79.69 5.89
N SER Q 372 -57.91 79.81 6.63
CA SER Q 372 -57.48 78.76 7.53
C SER Q 372 -58.08 78.88 8.93
N GLY Q 373 -58.98 79.83 9.11
CA GLY Q 373 -59.58 80.01 10.43
C GLY Q 373 -61.07 80.12 10.54
N ASN Q 374 -61.49 81.12 11.33
CA ASN Q 374 -62.90 81.38 11.61
C ASN Q 374 -63.31 82.70 10.98
N PRO Q 375 -64.19 82.65 9.95
CA PRO Q 375 -64.64 83.86 9.27
C PRO Q 375 -65.45 84.82 10.14
N TYR Q 376 -66.17 84.28 11.12
CA TYR Q 376 -66.96 85.11 12.03
C TYR Q 376 -66.04 86.00 12.85
N LEU Q 377 -64.97 85.40 13.38
CA LEU Q 377 -63.99 86.13 14.17
C LEU Q 377 -63.12 87.03 13.30
N ALA Q 378 -62.74 86.55 12.12
CA ALA Q 378 -61.89 87.33 11.21
C ALA Q 378 -62.58 88.60 10.73
N PHE Q 379 -63.81 88.47 10.23
CA PHE Q 379 -64.57 89.62 9.76
C PHE Q 379 -64.83 90.61 10.89
N SER Q 380 -65.21 90.09 12.06
CA SER Q 380 -65.48 90.93 13.23
C SER Q 380 -64.23 91.70 13.64
N ALA Q 381 -63.09 91.02 13.69
CA ALA Q 381 -61.83 91.64 14.07
C ALA Q 381 -61.44 92.73 13.07
N MET Q 382 -61.72 92.50 11.79
CA MET Q 382 -61.43 93.49 10.75
C MET Q 382 -62.27 94.73 10.96
N LEU Q 383 -63.55 94.54 11.28
CA LEU Q 383 -64.48 95.65 11.52
C LEU Q 383 -64.01 96.46 12.72
N MET Q 384 -63.70 95.77 13.81
CA MET Q 384 -63.25 96.42 15.04
C MET Q 384 -61.98 97.23 14.83
N ALA Q 385 -61.07 96.70 14.01
CA ALA Q 385 -59.82 97.40 13.71
C ALA Q 385 -60.16 98.68 12.93
N GLY Q 386 -61.07 98.55 11.97
CA GLY Q 386 -61.47 99.68 11.15
C GLY Q 386 -62.23 100.75 11.93
N LEU Q 387 -63.12 100.31 12.83
CA LEU Q 387 -63.90 101.24 13.65
C LEU Q 387 -63.02 101.99 14.64
N ASP Q 388 -61.99 101.34 15.16
CA ASP Q 388 -61.08 101.97 16.10
C ASP Q 388 -60.29 103.03 15.35
N GLY Q 389 -60.05 102.79 14.07
CA GLY Q 389 -59.32 103.73 13.24
C GLY Q 389 -60.17 104.96 12.96
N ILE Q 390 -61.47 104.75 12.80
CA ILE Q 390 -62.40 105.84 12.55
C ILE Q 390 -62.62 106.70 13.80
N LYS Q 391 -62.83 106.04 14.94
CA LYS Q 391 -63.04 106.74 16.20
C LYS Q 391 -61.83 107.57 16.62
N ASN Q 392 -60.64 107.01 16.45
CA ASN Q 392 -59.41 107.71 16.83
C ASN Q 392 -58.76 108.42 15.63
N LYS Q 393 -59.50 108.55 14.55
CA LYS Q 393 -59.06 109.21 13.33
C LYS Q 393 -57.61 108.87 12.94
N ILE Q 394 -57.27 107.60 13.04
CA ILE Q 394 -55.94 107.11 12.71
C ILE Q 394 -55.63 107.33 11.23
N GLU Q 395 -54.54 108.03 10.96
CA GLU Q 395 -54.12 108.31 9.60
C GLU Q 395 -53.11 107.29 9.12
N PRO Q 396 -53.43 106.60 8.02
CA PRO Q 396 -52.51 105.59 7.47
C PRO Q 396 -51.34 106.31 6.80
N GLN Q 397 -50.16 105.69 6.81
CA GLN Q 397 -49.04 106.33 6.16
C GLN Q 397 -49.35 106.46 4.67
N ALA Q 398 -48.65 107.38 4.01
CA ALA Q 398 -48.86 107.65 2.59
C ALA Q 398 -48.92 106.41 1.71
N PRO Q 399 -49.96 106.32 0.85
CA PRO Q 399 -50.14 105.19 -0.07
C PRO Q 399 -48.97 105.08 -1.04
N VAL Q 400 -48.75 103.88 -1.57
CA VAL Q 400 -47.65 103.65 -2.50
C VAL Q 400 -48.13 102.96 -3.77
N ASP Q 401 -48.01 103.65 -4.90
CA ASP Q 401 -48.41 103.09 -6.18
C ASP Q 401 -47.21 102.66 -7.04
N LYS Q 402 -46.01 103.05 -6.60
CA LYS Q 402 -44.77 102.67 -7.28
C LYS Q 402 -44.64 101.18 -7.01
N ASP Q 403 -44.10 100.42 -7.95
CA ASP Q 403 -43.94 98.98 -7.73
C ASP Q 403 -43.03 98.79 -6.52
N LEU Q 404 -43.59 98.21 -5.46
CA LEU Q 404 -42.88 97.97 -4.20
C LEU Q 404 -41.66 97.07 -4.35
N TYR Q 405 -41.71 96.18 -5.34
CA TYR Q 405 -40.61 95.25 -5.60
C TYR Q 405 -39.31 95.99 -5.93
N GLU Q 406 -39.34 96.81 -6.99
CA GLU Q 406 -38.16 97.59 -7.36
C GLU Q 406 -38.22 98.97 -6.73
N LEU Q 407 -37.73 99.06 -5.50
CA LEU Q 407 -37.72 100.31 -4.75
C LEU Q 407 -36.33 100.47 -4.14
N PRO Q 408 -35.77 101.70 -4.14
CA PRO Q 408 -34.43 101.94 -3.57
C PRO Q 408 -34.37 101.44 -2.12
N PRO Q 409 -33.52 100.43 -1.85
CA PRO Q 409 -33.28 99.79 -0.55
C PRO Q 409 -33.42 100.63 0.72
N GLU Q 410 -33.08 101.92 0.63
CA GLU Q 410 -33.19 102.81 1.78
C GLU Q 410 -34.63 103.34 1.93
N GLU Q 411 -35.31 103.49 0.80
CA GLU Q 411 -36.69 103.97 0.74
C GLU Q 411 -37.66 102.80 1.00
N ALA Q 412 -37.17 101.58 0.78
CA ALA Q 412 -37.96 100.37 0.99
C ALA Q 412 -37.96 99.94 2.46
N ALA Q 413 -36.99 100.47 3.22
CA ALA Q 413 -36.87 100.15 4.64
C ALA Q 413 -37.91 100.92 5.46
N SER Q 414 -38.61 101.85 4.81
CA SER Q 414 -39.64 102.64 5.46
C SER Q 414 -41.03 101.98 5.33
N ILE Q 415 -41.06 100.80 4.70
CA ILE Q 415 -42.29 100.04 4.52
C ILE Q 415 -42.37 98.93 5.56
N PRO Q 416 -43.30 99.07 6.54
CA PRO Q 416 -43.46 98.07 7.60
C PRO Q 416 -44.02 96.76 7.05
N GLN Q 417 -43.56 95.65 7.62
CA GLN Q 417 -44.01 94.33 7.21
C GLN Q 417 -44.90 93.73 8.30
N THR Q 418 -45.71 92.76 7.92
CA THR Q 418 -46.57 92.07 8.87
C THR Q 418 -45.69 91.05 9.58
N PRO Q 419 -46.09 90.60 10.79
CA PRO Q 419 -45.25 89.61 11.47
C PRO Q 419 -45.15 88.36 10.59
N THR Q 420 -44.06 87.61 10.74
CA THR Q 420 -43.81 86.42 9.92
C THR Q 420 -44.05 85.08 10.62
N GLN Q 421 -44.63 85.11 11.82
CA GLN Q 421 -44.85 83.88 12.57
C GLN Q 421 -46.14 83.99 13.38
N LEU Q 422 -46.83 82.87 13.55
CA LEU Q 422 -48.07 82.84 14.32
C LEU Q 422 -47.83 83.23 15.78
N SER Q 423 -46.73 82.73 16.35
CA SER Q 423 -46.38 83.03 17.73
C SER Q 423 -46.23 84.55 17.93
N ASP Q 424 -45.80 85.25 16.88
CA ASP Q 424 -45.63 86.67 16.90
C ASP Q 424 -46.95 87.39 16.99
N VAL Q 425 -47.85 87.11 16.04
CA VAL Q 425 -49.16 87.75 16.02
C VAL Q 425 -49.98 87.43 17.27
N ILE Q 426 -49.75 86.25 17.83
CA ILE Q 426 -50.46 85.84 19.04
C ILE Q 426 -49.93 86.67 20.21
N ASP Q 427 -48.61 86.91 20.23
CA ASP Q 427 -47.99 87.73 21.26
C ASP Q 427 -48.51 89.16 21.16
N ARG Q 428 -48.65 89.65 19.92
CA ARG Q 428 -49.13 91.01 19.66
C ARG Q 428 -50.60 91.18 20.04
N LEU Q 429 -51.40 90.12 19.85
CA LEU Q 429 -52.82 90.14 20.19
C LEU Q 429 -52.96 90.22 21.72
N GLU Q 430 -52.12 89.47 22.40
CA GLU Q 430 -52.11 89.42 23.86
C GLU Q 430 -51.75 90.79 24.44
N ALA Q 431 -50.80 91.46 23.79
CA ALA Q 431 -50.33 92.77 24.23
C ALA Q 431 -51.25 93.94 23.88
N ASP Q 432 -51.97 93.82 22.76
CA ASP Q 432 -52.87 94.88 22.31
C ASP Q 432 -54.15 94.34 21.69
N HIS Q 433 -55.22 94.31 22.48
CA HIS Q 433 -56.51 93.82 21.99
C HIS Q 433 -57.70 94.63 22.49
N GLU Q 434 -57.44 95.84 22.97
CA GLU Q 434 -58.51 96.70 23.47
C GLU Q 434 -59.52 97.09 22.42
N TYR Q 435 -59.06 97.28 21.17
CA TYR Q 435 -59.96 97.64 20.08
C TYR Q 435 -60.99 96.55 19.82
N LEU Q 436 -60.62 95.31 20.18
CA LEU Q 436 -61.49 94.15 20.01
C LEU Q 436 -62.58 94.11 21.07
N THR Q 437 -62.21 94.46 22.30
CA THR Q 437 -63.14 94.45 23.44
C THR Q 437 -64.10 95.64 23.51
N GLU Q 438 -63.94 96.60 22.60
CA GLU Q 438 -64.83 97.76 22.55
C GLU Q 438 -66.27 97.30 22.37
N GLY Q 439 -67.18 97.92 23.12
CA GLY Q 439 -68.59 97.57 23.03
C GLY Q 439 -68.89 96.14 23.44
N GLY Q 440 -67.90 95.46 24.00
CA GLY Q 440 -68.06 94.08 24.43
C GLY Q 440 -68.17 93.06 23.31
N VAL Q 441 -67.76 93.43 22.10
CA VAL Q 441 -67.82 92.52 20.94
C VAL Q 441 -66.99 91.28 21.20
N PHE Q 442 -65.73 91.48 21.59
CA PHE Q 442 -64.84 90.38 21.95
C PHE Q 442 -64.66 90.55 23.46
N THR Q 443 -64.44 89.46 24.18
CA THR Q 443 -64.19 89.54 25.62
C THR Q 443 -62.75 89.12 25.86
N ASN Q 444 -62.16 89.60 26.97
CA ASN Q 444 -60.80 89.20 27.27
C ASN Q 444 -60.71 87.69 27.42
N ASP Q 445 -61.82 87.14 27.90
CA ASP Q 445 -61.97 85.71 28.10
C ASP Q 445 -61.78 84.95 26.78
N LEU Q 446 -62.54 85.34 25.75
CA LEU Q 446 -62.45 84.72 24.43
C LEU Q 446 -61.06 84.86 23.85
N ILE Q 447 -60.49 86.07 23.96
CA ILE Q 447 -59.17 86.37 23.45
C ILE Q 447 -58.08 85.54 24.13
N GLU Q 448 -58.19 85.34 25.44
CA GLU Q 448 -57.22 84.53 26.18
C GLU Q 448 -57.34 83.06 25.81
N THR Q 449 -58.57 82.62 25.55
CA THR Q 449 -58.86 81.25 25.16
C THR Q 449 -58.24 80.96 23.79
N TRP Q 450 -58.40 81.91 22.87
CA TRP Q 450 -57.86 81.82 21.52
C TRP Q 450 -56.34 81.74 21.59
N ILE Q 451 -55.74 82.60 22.39
CA ILE Q 451 -54.29 82.63 22.57
C ILE Q 451 -53.76 81.30 23.11
N SER Q 452 -54.45 80.75 24.10
CA SER Q 452 -54.06 79.47 24.70
C SER Q 452 -54.22 78.32 23.72
N PHE Q 453 -55.35 78.33 23.01
CA PHE Q 453 -55.66 77.31 22.01
C PHE Q 453 -54.54 77.22 20.97
N LYS Q 454 -54.17 78.37 20.41
CA LYS Q 454 -53.13 78.44 19.39
C LYS Q 454 -51.76 78.01 19.91
N ARG Q 455 -51.42 78.45 21.11
CA ARG Q 455 -50.12 78.12 21.69
C ARG Q 455 -49.98 76.65 22.04
N GLU Q 456 -51.01 76.09 22.66
CA GLU Q 456 -51.00 74.70 23.09
C GLU Q 456 -51.31 73.66 22.03
N ASN Q 457 -52.24 73.99 21.13
CA ASN Q 457 -52.67 73.06 20.09
C ASN Q 457 -52.02 73.21 18.72
N GLU Q 458 -51.36 74.32 18.47
CA GLU Q 458 -50.74 74.55 17.17
C GLU Q 458 -49.28 74.94 17.20
N ILE Q 459 -48.98 76.05 17.85
CA ILE Q 459 -47.60 76.56 17.94
C ILE Q 459 -46.62 75.57 18.57
N GLU Q 460 -46.94 75.10 19.78
CA GLU Q 460 -46.07 74.18 20.50
C GLU Q 460 -45.92 72.83 19.78
N PRO Q 461 -47.02 72.18 19.35
CA PRO Q 461 -46.94 70.90 18.66
C PRO Q 461 -46.03 70.89 17.42
N VAL Q 462 -46.10 71.95 16.62
CA VAL Q 462 -45.26 72.06 15.42
C VAL Q 462 -43.82 72.34 15.82
N ASN Q 463 -43.65 73.21 16.80
CA ASN Q 463 -42.34 73.61 17.27
C ASN Q 463 -41.46 72.51 17.88
N ILE Q 464 -42.07 71.54 18.55
CA ILE Q 464 -41.31 70.46 19.18
C ILE Q 464 -40.93 69.34 18.23
N ARG Q 465 -41.58 69.30 17.06
CA ARG Q 465 -41.34 68.27 16.06
C ARG Q 465 -40.30 68.63 15.01
N PRO Q 466 -39.21 67.86 14.91
CA PRO Q 466 -38.18 68.15 13.91
C PRO Q 466 -38.78 68.20 12.50
N HIS Q 467 -38.36 69.18 11.71
CA HIS Q 467 -38.80 69.36 10.34
C HIS Q 467 -37.91 68.50 9.43
N PRO Q 468 -38.49 67.90 8.37
CA PRO Q 468 -37.72 67.06 7.45
C PRO Q 468 -36.47 67.74 6.88
N TYR Q 469 -36.58 69.03 6.59
CA TYR Q 469 -35.46 69.78 6.05
C TYR Q 469 -34.29 69.91 7.01
N GLU Q 470 -34.57 69.73 8.30
CA GLU Q 470 -33.52 69.80 9.31
C GLU Q 470 -32.57 68.62 9.16
N PHE Q 471 -33.07 67.53 8.58
CA PHE Q 471 -32.24 66.34 8.37
C PHE Q 471 -31.33 66.54 7.17
N ALA Q 472 -31.84 67.26 6.16
CA ALA Q 472 -31.06 67.57 4.97
C ALA Q 472 -29.94 68.50 5.39
N LEU Q 473 -30.31 69.45 6.22
CA LEU Q 473 -29.43 70.48 6.73
C LEU Q 473 -28.44 70.00 7.82
N TYR Q 474 -28.90 69.20 8.80
CA TYR Q 474 -28.05 68.88 9.97
C TYR Q 474 -27.74 67.40 10.27
N TYR Q 475 -28.22 66.40 9.54
CA TYR Q 475 -27.85 65.04 9.91
C TYR Q 475 -26.33 64.84 9.95
N ASP Q 476 -25.63 65.54 9.07
CA ASP Q 476 -24.17 65.44 8.94
C ASP Q 476 -23.31 66.35 9.82
N VAL Q 477 -23.92 67.17 10.68
CA VAL Q 477 -23.15 68.09 11.52
C VAL Q 477 -21.96 67.54 12.30
N THR R 1 -67.28 90.13 -38.17
CA THR R 1 -67.53 90.58 -39.57
C THR R 1 -69.02 90.79 -39.83
N GLU R 2 -69.83 89.75 -39.61
CA GLU R 2 -71.26 89.84 -39.86
C GLU R 2 -72.21 89.47 -38.70
N LYS R 3 -71.69 88.80 -37.67
CA LYS R 3 -72.55 88.44 -36.54
C LYS R 3 -72.77 89.59 -35.56
N THR R 4 -74.04 89.77 -35.20
CA THR R 4 -74.51 90.82 -34.31
C THR R 4 -74.59 90.36 -32.86
N PRO R 5 -74.44 91.30 -31.91
CA PRO R 5 -74.53 90.94 -30.48
C PRO R 5 -75.87 90.24 -30.23
N ASP R 6 -76.90 90.66 -30.98
CA ASP R 6 -78.23 90.08 -30.86
C ASP R 6 -78.26 88.63 -31.35
N ASP R 7 -77.44 88.32 -32.34
CA ASP R 7 -77.35 86.95 -32.86
C ASP R 7 -76.80 86.05 -31.76
N VAL R 8 -75.82 86.58 -31.02
CA VAL R 8 -75.18 85.86 -29.92
C VAL R 8 -76.16 85.61 -28.78
N PHE R 9 -76.96 86.63 -28.44
CA PHE R 9 -77.95 86.50 -27.37
C PHE R 9 -79.02 85.47 -27.75
N LYS R 10 -79.36 85.42 -29.03
CA LYS R 10 -80.35 84.48 -29.53
C LYS R 10 -79.78 83.07 -29.44
N LEU R 11 -78.51 82.91 -29.81
CA LEU R 11 -77.82 81.63 -29.76
C LEU R 11 -77.84 81.12 -28.32
N ALA R 12 -77.50 82.01 -27.40
CA ALA R 12 -77.46 81.70 -25.97
C ALA R 12 -78.84 81.27 -25.45
N LYS R 13 -79.88 82.00 -25.84
CA LYS R 13 -81.24 81.68 -25.40
C LYS R 13 -81.74 80.35 -25.98
N ASP R 14 -81.58 80.19 -27.29
CA ASP R 14 -82.01 78.97 -27.98
C ASP R 14 -81.31 77.72 -27.46
N GLU R 15 -80.01 77.82 -27.19
CA GLU R 15 -79.23 76.70 -26.70
C GLU R 15 -79.35 76.46 -25.21
N LYS R 16 -80.07 77.35 -24.52
CA LYS R 16 -80.28 77.24 -23.07
C LYS R 16 -78.92 77.20 -22.35
N VAL R 17 -78.04 78.09 -22.78
CA VAL R 17 -76.70 78.23 -22.25
C VAL R 17 -76.74 78.65 -20.79
N GLU R 18 -75.95 77.98 -19.94
CA GLU R 18 -75.92 78.36 -18.54
C GLU R 18 -74.66 79.11 -18.12
N TYR R 19 -73.59 78.96 -18.91
CA TYR R 19 -72.33 79.66 -18.63
C TYR R 19 -71.74 80.26 -19.89
N VAL R 20 -70.98 81.33 -19.73
CA VAL R 20 -70.31 81.97 -20.86
C VAL R 20 -68.81 81.96 -20.52
N ASP R 21 -68.03 81.40 -21.42
CA ASP R 21 -66.58 81.31 -21.23
C ASP R 21 -65.89 82.49 -21.89
N VAL R 22 -65.26 83.32 -21.09
CA VAL R 22 -64.54 84.50 -21.55
C VAL R 22 -63.12 84.13 -21.91
N ARG R 23 -62.81 84.15 -23.21
CA ARG R 23 -61.49 83.78 -23.70
C ARG R 23 -60.69 84.91 -24.32
N PHE R 24 -59.39 84.85 -24.10
CA PHE R 24 -58.45 85.83 -24.62
C PHE R 24 -57.13 85.11 -24.83
N CYS R 25 -56.33 85.58 -25.77
CA CYS R 25 -55.07 84.93 -26.08
C CYS R 25 -53.85 85.47 -25.36
N ASP R 26 -52.99 84.57 -24.89
CA ASP R 26 -51.77 85.00 -24.21
C ASP R 26 -50.68 85.22 -25.27
N LEU R 27 -49.52 85.70 -24.84
CA LEU R 27 -48.43 85.99 -25.77
C LEU R 27 -47.98 84.79 -26.62
N PRO R 28 -47.47 83.71 -26.00
CA PRO R 28 -47.02 82.57 -26.80
C PRO R 28 -48.05 81.91 -27.71
N GLY R 29 -49.34 82.00 -27.38
CA GLY R 29 -50.35 81.42 -28.24
C GLY R 29 -51.44 80.53 -27.67
N ILE R 30 -51.49 80.42 -26.34
CA ILE R 30 -52.49 79.59 -25.68
C ILE R 30 -53.66 80.42 -25.16
N MET R 31 -54.88 80.00 -25.49
CA MET R 31 -56.07 80.71 -25.04
C MET R 31 -56.29 80.57 -23.53
N GLN R 32 -56.63 81.68 -22.89
CA GLN R 32 -56.89 81.75 -21.46
C GLN R 32 -58.38 81.96 -21.27
N HIS R 33 -58.87 81.72 -20.05
CA HIS R 33 -60.29 81.91 -19.80
C HIS R 33 -60.71 81.97 -18.33
N PHE R 34 -61.94 82.43 -18.16
CA PHE R 34 -62.61 82.48 -16.88
C PHE R 34 -64.09 82.42 -17.25
N THR R 35 -64.92 81.95 -16.34
CA THR R 35 -66.33 81.78 -16.65
C THR R 35 -67.28 82.63 -15.82
N ILE R 36 -68.36 83.08 -16.46
CA ILE R 36 -69.38 83.87 -15.80
C ILE R 36 -70.73 83.21 -16.09
N PRO R 37 -71.72 83.39 -15.19
CA PRO R 37 -73.03 82.78 -15.44
C PRO R 37 -73.68 83.48 -16.65
N ALA R 38 -74.51 82.73 -17.39
CA ALA R 38 -75.17 83.28 -18.57
C ALA R 38 -76.05 84.49 -18.21
N SER R 39 -76.62 84.46 -17.01
CA SER R 39 -77.47 85.53 -16.51
C SER R 39 -76.76 86.88 -16.46
N ALA R 40 -75.43 86.85 -16.35
CA ALA R 40 -74.61 88.07 -16.29
C ALA R 40 -74.15 88.50 -17.68
N PHE R 41 -74.55 87.74 -18.71
CA PHE R 41 -74.18 88.05 -20.08
C PHE R 41 -75.30 88.82 -20.76
N ASP R 42 -75.12 90.13 -20.84
CA ASP R 42 -76.11 91.03 -21.45
C ASP R 42 -75.45 92.07 -22.32
N LYS R 43 -76.23 93.08 -22.73
CA LYS R 43 -75.75 94.17 -23.59
C LYS R 43 -74.57 94.94 -23.00
N SER R 44 -74.53 95.06 -21.67
CA SER R 44 -73.47 95.80 -21.00
C SER R 44 -72.09 95.15 -21.20
N VAL R 45 -72.08 93.86 -21.53
CA VAL R 45 -70.82 93.15 -21.77
C VAL R 45 -70.21 93.65 -23.08
N PHE R 46 -71.06 93.89 -24.07
CA PHE R 46 -70.63 94.39 -25.37
C PHE R 46 -70.32 95.88 -25.36
N ASP R 47 -71.08 96.63 -24.57
CA ASP R 47 -70.93 98.08 -24.46
C ASP R 47 -69.80 98.52 -23.54
N ASP R 48 -69.83 98.02 -22.30
CA ASP R 48 -68.84 98.38 -21.29
C ASP R 48 -67.69 97.41 -21.15
N GLY R 49 -67.92 96.14 -21.47
CA GLY R 49 -66.88 95.14 -21.36
C GLY R 49 -66.82 94.51 -19.97
N LEU R 50 -65.84 93.64 -19.76
CA LEU R 50 -65.66 92.95 -18.49
C LEU R 50 -64.31 93.29 -17.89
N ALA R 51 -64.27 93.49 -16.59
CA ALA R 51 -63.04 93.79 -15.91
C ALA R 51 -62.36 92.53 -15.42
N PHE R 52 -61.02 92.51 -15.45
CA PHE R 52 -60.19 91.39 -15.01
C PHE R 52 -58.75 91.92 -14.74
N ASP R 53 -57.98 91.15 -13.97
CA ASP R 53 -56.62 91.48 -13.47
C ASP R 53 -55.44 91.04 -14.31
N GLY R 54 -54.36 91.80 -14.50
CA GLY R 54 -53.27 91.14 -15.21
C GLY R 54 -52.91 89.94 -14.34
N SER R 55 -53.30 88.74 -14.74
CA SER R 55 -52.99 87.56 -13.90
C SER R 55 -51.87 86.72 -14.49
N SER R 56 -51.27 85.83 -13.71
CA SER R 56 -50.13 85.08 -14.20
C SER R 56 -49.06 86.14 -14.46
N ILE R 57 -47.97 85.95 -15.22
CA ILE R 57 -46.98 87.01 -15.12
C ILE R 57 -46.31 87.56 -16.42
N ARG R 58 -46.07 86.81 -17.47
CA ARG R 58 -45.27 87.39 -18.55
C ARG R 58 -45.97 87.74 -19.86
N GLY R 59 -45.70 88.93 -20.39
CA GLY R 59 -46.29 89.41 -21.64
C GLY R 59 -47.26 90.54 -21.35
N PHE R 60 -48.34 90.23 -20.61
CA PHE R 60 -49.45 91.15 -20.26
C PHE R 60 -49.15 92.19 -19.15
N GLN R 61 -50.18 92.94 -18.69
CA GLN R 61 -50.17 94.02 -17.69
C GLN R 61 -49.79 93.63 -16.25
N SER R 62 -48.54 93.95 -15.87
CA SER R 62 -47.98 93.67 -14.54
C SER R 62 -48.62 94.54 -13.45
N ILE R 63 -47.96 94.76 -12.29
CA ILE R 63 -48.56 95.57 -11.22
C ILE R 63 -48.09 97.03 -11.26
N HIS R 64 -48.17 97.63 -12.46
CA HIS R 64 -47.83 99.06 -12.72
C HIS R 64 -48.77 99.48 -13.84
N GLU R 65 -49.46 98.41 -14.31
CA GLU R 65 -50.45 98.41 -15.41
C GLU R 65 -51.62 97.43 -15.19
N SER R 66 -51.60 96.71 -14.06
CA SER R 66 -52.57 95.70 -13.56
C SER R 66 -53.87 95.46 -14.36
N ASP R 67 -54.93 96.20 -14.05
CA ASP R 67 -56.29 95.94 -14.54
C ASP R 67 -56.52 96.08 -16.03
N MET R 68 -57.30 95.16 -16.60
CA MET R 68 -57.65 95.17 -18.02
C MET R 68 -59.16 95.11 -18.23
N LEU R 69 -59.60 95.54 -19.42
CA LEU R 69 -61.01 95.52 -19.79
C LEU R 69 -61.14 94.62 -21.01
N LEU R 70 -62.10 93.70 -20.99
CA LEU R 70 -62.31 92.77 -22.09
C LEU R 70 -63.56 93.06 -22.91
N LEU R 71 -63.39 93.26 -24.21
CA LEU R 71 -64.52 93.52 -25.12
C LEU R 71 -64.68 92.32 -26.04
N PRO R 72 -65.91 91.78 -26.13
CA PRO R 72 -66.23 90.62 -26.96
C PRO R 72 -66.26 90.79 -28.47
N ASP R 73 -65.95 89.70 -29.16
CA ASP R 73 -65.99 89.65 -30.62
C ASP R 73 -67.11 88.66 -30.94
N PRO R 74 -68.29 89.16 -31.31
CA PRO R 74 -69.47 88.34 -31.63
C PRO R 74 -69.27 87.25 -32.69
N GLU R 75 -68.30 87.43 -33.58
CA GLU R 75 -68.03 86.45 -34.62
C GLU R 75 -67.39 85.17 -34.09
N THR R 76 -66.81 85.23 -32.90
CA THR R 76 -66.13 84.10 -32.30
C THR R 76 -67.00 83.25 -31.36
N ALA R 77 -68.26 83.66 -31.20
CA ALA R 77 -69.20 82.95 -30.32
C ALA R 77 -69.54 81.57 -30.84
N ARG R 78 -69.25 80.56 -30.02
CA ARG R 78 -69.51 79.16 -30.36
C ARG R 78 -69.94 78.38 -29.12
N ILE R 79 -70.81 77.39 -29.33
CA ILE R 79 -71.26 76.53 -28.23
C ILE R 79 -70.16 75.50 -28.02
N ASP R 80 -69.73 75.33 -26.77
CA ASP R 80 -68.68 74.34 -26.45
C ASP R 80 -69.30 72.94 -26.49
N PRO R 81 -68.76 72.05 -27.34
CA PRO R 81 -69.28 70.69 -27.46
C PRO R 81 -68.75 69.70 -26.42
N PHE R 82 -67.83 70.15 -25.57
CA PHE R 82 -67.22 69.29 -24.56
C PHE R 82 -67.70 69.51 -23.13
N ARG R 83 -67.92 70.77 -22.76
CA ARG R 83 -68.37 71.11 -21.42
C ARG R 83 -69.75 70.54 -21.08
N ALA R 84 -69.85 69.84 -19.95
CA ALA R 84 -71.11 69.24 -19.50
C ALA R 84 -72.19 70.29 -19.32
N ALA R 85 -71.87 71.36 -18.61
CA ALA R 85 -72.81 72.47 -18.41
C ALA R 85 -72.81 73.25 -19.72
N LYS R 86 -73.98 73.45 -20.33
CA LYS R 86 -74.09 74.16 -21.60
C LYS R 86 -73.38 75.53 -21.54
N THR R 87 -72.31 75.64 -22.31
CA THR R 87 -71.48 76.85 -22.32
C THR R 87 -71.29 77.49 -23.69
N LEU R 88 -71.22 78.82 -23.69
CA LEU R 88 -70.99 79.60 -24.90
C LEU R 88 -69.60 80.21 -24.79
N ASN R 89 -68.72 79.90 -25.74
CA ASN R 89 -67.37 80.44 -25.74
C ASN R 89 -67.31 81.68 -26.64
N ILE R 90 -66.64 82.72 -26.17
CA ILE R 90 -66.48 83.95 -26.95
C ILE R 90 -65.09 84.50 -26.69
N ASN R 91 -64.43 84.97 -27.76
CA ASN R 91 -63.11 85.55 -27.64
C ASN R 91 -63.24 87.06 -27.43
N PHE R 92 -62.29 87.63 -26.70
CA PHE R 92 -62.32 89.04 -26.38
C PHE R 92 -61.04 89.76 -26.75
N PHE R 93 -61.13 91.08 -26.80
CA PHE R 93 -59.99 91.96 -27.08
C PHE R 93 -59.68 92.62 -25.74
N VAL R 94 -58.40 92.78 -25.45
CA VAL R 94 -57.97 93.41 -24.20
C VAL R 94 -57.80 94.92 -24.41
N HIS R 95 -58.51 95.71 -23.61
CA HIS R 95 -58.43 97.17 -23.69
C HIS R 95 -57.95 97.76 -22.37
N ASP R 96 -57.52 99.01 -22.43
CA ASP R 96 -57.09 99.72 -21.23
C ASP R 96 -58.40 100.22 -20.63
N PRO R 97 -58.65 99.97 -19.34
CA PRO R 97 -59.87 100.39 -18.65
C PRO R 97 -60.22 101.87 -18.86
N PHE R 98 -59.26 102.72 -18.54
CA PHE R 98 -59.38 104.17 -18.64
C PHE R 98 -59.63 104.71 -20.05
N THR R 99 -58.63 104.58 -20.92
CA THR R 99 -58.71 105.08 -22.28
C THR R 99 -59.51 104.25 -23.29
N LEU R 100 -59.84 103.02 -22.91
CA LEU R 100 -60.57 102.10 -23.79
C LEU R 100 -59.71 101.81 -25.02
N GLU R 101 -58.41 102.06 -24.86
CA GLU R 101 -57.42 101.88 -25.92
C GLU R 101 -56.98 100.42 -25.99
N PRO R 102 -57.02 99.82 -27.19
CA PRO R 102 -56.61 98.42 -27.38
C PRO R 102 -55.21 98.18 -26.84
N TYR R 103 -55.08 97.19 -25.97
CA TYR R 103 -53.79 96.84 -25.38
C TYR R 103 -52.86 96.37 -26.50
N SER R 104 -51.69 96.99 -26.57
CA SER R 104 -50.70 96.69 -27.61
C SER R 104 -50.06 95.31 -27.57
N ARG R 105 -50.21 94.58 -26.48
CA ARG R 105 -49.61 93.26 -26.38
C ARG R 105 -50.61 92.10 -26.49
N ASP R 106 -51.87 92.44 -26.79
CA ASP R 106 -52.92 91.45 -26.97
C ASP R 106 -52.84 91.00 -28.43
N PRO R 107 -52.50 89.72 -28.66
CA PRO R 107 -52.39 89.17 -30.01
C PRO R 107 -53.59 89.43 -30.90
N ARG R 108 -54.78 89.40 -30.35
CA ARG R 108 -55.98 89.63 -31.15
C ARG R 108 -56.08 91.08 -31.63
N ASN R 109 -55.49 92.01 -30.87
CA ASN R 109 -55.50 93.42 -31.24
C ASN R 109 -54.52 93.64 -32.39
N ILE R 110 -53.40 92.91 -32.36
CA ILE R 110 -52.39 92.99 -33.40
C ILE R 110 -52.98 92.58 -34.73
N ALA R 111 -53.75 91.49 -34.73
CA ALA R 111 -54.38 90.99 -35.94
C ALA R 111 -55.41 91.98 -36.47
N ARG R 112 -56.14 92.62 -35.56
CA ARG R 112 -57.13 93.62 -35.95
C ARG R 112 -56.43 94.85 -36.53
N LYS R 113 -55.34 95.27 -35.89
CA LYS R 113 -54.55 96.41 -36.36
C LYS R 113 -53.99 96.13 -37.75
N ALA R 114 -53.60 94.87 -37.98
CA ALA R 114 -53.04 94.45 -39.26
C ALA R 114 -54.08 94.60 -40.38
N GLU R 115 -55.32 94.23 -40.07
CA GLU R 115 -56.41 94.33 -41.05
C GLU R 115 -56.74 95.79 -41.35
N ASN R 116 -56.72 96.63 -40.31
CA ASN R 116 -57.01 98.05 -40.46
C ASN R 116 -55.91 98.75 -41.24
N TYR R 117 -54.67 98.33 -41.02
CA TYR R 117 -53.53 98.90 -41.73
C TYR R 117 -53.61 98.58 -43.22
N LEU R 118 -54.04 97.36 -43.55
CA LEU R 118 -54.18 96.91 -44.93
C LEU R 118 -55.11 97.87 -45.66
N ILE R 119 -56.24 98.17 -45.03
CA ILE R 119 -57.23 99.07 -45.59
C ILE R 119 -56.67 100.49 -45.77
N SER R 120 -55.89 100.94 -44.78
CA SER R 120 -55.30 102.27 -44.82
C SER R 120 -54.26 102.47 -45.93
N THR R 121 -53.62 101.38 -46.37
CA THR R 121 -52.62 101.48 -47.43
C THR R 121 -53.27 101.60 -48.81
N GLY R 122 -54.56 101.26 -48.89
CA GLY R 122 -55.27 101.31 -50.14
C GLY R 122 -54.96 100.14 -51.06
N ILE R 123 -53.95 99.35 -50.70
CA ILE R 123 -53.54 98.17 -51.47
C ILE R 123 -54.67 97.17 -51.65
N ALA R 124 -55.42 96.94 -50.56
CA ALA R 124 -56.55 96.02 -50.57
C ALA R 124 -57.38 96.26 -49.32
N ASP R 125 -58.54 95.63 -49.23
CA ASP R 125 -59.37 95.80 -48.03
C ASP R 125 -59.59 94.49 -47.26
N THR R 126 -59.09 93.38 -47.81
CA THR R 126 -59.24 92.07 -47.16
C THR R 126 -58.08 91.13 -47.45
N ALA R 127 -57.58 90.49 -46.40
CA ALA R 127 -56.49 89.51 -46.52
C ALA R 127 -57.04 88.17 -46.07
N TYR R 128 -57.19 87.24 -47.00
CA TYR R 128 -57.72 85.92 -46.69
C TYR R 128 -56.62 84.92 -46.35
N PHE R 129 -56.80 84.21 -45.24
CA PHE R 129 -55.84 83.21 -44.79
C PHE R 129 -56.47 81.83 -44.68
N GLY R 130 -55.83 80.85 -45.30
CA GLY R 130 -56.28 79.48 -45.24
C GLY R 130 -55.12 78.71 -44.63
N ALA R 131 -55.34 78.12 -43.47
CA ALA R 131 -54.27 77.39 -42.79
C ALA R 131 -54.58 75.92 -42.57
N GLU R 132 -53.55 75.11 -42.80
CA GLU R 132 -53.70 73.67 -42.66
C GLU R 132 -52.68 73.11 -41.69
N ALA R 133 -53.19 72.83 -40.50
CA ALA R 133 -52.38 72.36 -39.42
C ALA R 133 -52.49 70.86 -39.20
N GLU R 134 -51.35 70.20 -39.30
CA GLU R 134 -51.23 68.77 -39.08
C GLU R 134 -51.01 68.57 -37.59
N PHE R 135 -51.39 67.39 -37.10
CA PHE R 135 -51.21 67.06 -35.70
C PHE R 135 -51.04 65.56 -35.52
N TYR R 136 -50.56 65.15 -34.35
CA TYR R 136 -50.37 63.74 -34.03
C TYR R 136 -51.29 63.32 -32.90
N ILE R 137 -51.82 62.11 -33.02
CA ILE R 137 -52.71 61.53 -32.01
C ILE R 137 -51.91 60.45 -31.30
N PHE R 138 -51.70 60.63 -29.99
CA PHE R 138 -50.97 59.66 -29.19
C PHE R 138 -51.85 59.07 -28.10
N ASP R 139 -51.35 58.05 -27.42
CA ASP R 139 -52.07 57.41 -26.34
C ASP R 139 -51.49 57.90 -25.02
N SER R 140 -50.21 58.27 -25.05
CA SER R 140 -49.54 58.73 -23.85
C SER R 140 -48.31 59.58 -24.13
N VAL R 141 -47.92 60.35 -23.13
CA VAL R 141 -46.74 61.20 -23.18
C VAL R 141 -46.24 61.44 -21.76
N SER R 142 -44.95 61.24 -21.56
CA SER R 142 -44.33 61.48 -20.27
C SER R 142 -42.92 62.01 -20.50
N PHE R 143 -42.41 62.79 -19.56
CA PHE R 143 -41.09 63.38 -19.67
C PHE R 143 -40.70 64.06 -18.38
N ASP R 144 -39.41 64.32 -18.22
CA ASP R 144 -38.90 65.05 -17.07
C ASP R 144 -37.47 65.50 -17.29
N SER R 145 -37.02 66.40 -16.43
CA SER R 145 -35.67 66.93 -16.51
C SER R 145 -35.15 67.02 -15.09
N ARG R 146 -34.14 66.21 -14.78
CA ARG R 146 -33.57 66.17 -13.45
C ARG R 146 -32.07 66.46 -13.52
N ALA R 147 -31.43 66.51 -12.35
CA ALA R 147 -30.00 66.78 -12.29
C ALA R 147 -29.15 65.71 -12.93
N ASN R 148 -29.53 64.45 -12.72
CA ASN R 148 -28.76 63.32 -13.23
C ASN R 148 -29.38 62.57 -14.40
N GLY R 149 -30.47 63.10 -14.95
CA GLY R 149 -31.09 62.42 -16.06
C GLY R 149 -32.26 63.19 -16.62
N SER R 150 -32.71 62.76 -17.79
CA SER R 150 -33.83 63.38 -18.47
C SER R 150 -34.36 62.40 -19.49
N PHE R 151 -35.65 62.52 -19.81
CA PHE R 151 -36.25 61.64 -20.79
C PHE R 151 -37.56 62.20 -21.31
N TYR R 152 -38.04 61.58 -22.39
CA TYR R 152 -39.34 61.91 -22.95
C TYR R 152 -39.77 60.62 -23.64
N GLU R 153 -41.08 60.44 -23.75
CA GLU R 153 -41.60 59.26 -24.39
C GLU R 153 -43.04 59.49 -24.80
N VAL R 154 -43.29 59.43 -26.10
CA VAL R 154 -44.65 59.54 -26.63
C VAL R 154 -44.97 58.13 -27.12
N ASP R 155 -46.22 57.72 -27.02
CA ASP R 155 -46.55 56.38 -27.47
C ASP R 155 -47.96 56.29 -28.00
N ALA R 156 -48.15 55.30 -28.87
CA ALA R 156 -49.44 55.04 -29.48
C ALA R 156 -49.48 53.54 -29.70
N ILE R 157 -50.61 52.94 -29.34
CA ILE R 157 -50.83 51.50 -29.48
C ILE R 157 -50.44 51.02 -30.87
N SER R 158 -50.89 51.75 -31.88
CA SER R 158 -50.62 51.42 -33.28
C SER R 158 -49.35 52.03 -33.87
N GLY R 159 -48.44 52.52 -33.01
CA GLY R 159 -47.20 53.10 -33.50
C GLY R 159 -46.34 52.05 -34.18
N TRP R 160 -45.76 52.41 -35.32
CA TRP R 160 -44.91 51.49 -36.09
C TRP R 160 -43.69 50.94 -35.37
N TRP R 161 -43.33 51.57 -34.25
CA TRP R 161 -42.18 51.14 -33.45
C TRP R 161 -42.60 50.05 -32.45
N ASN R 162 -43.89 49.70 -32.46
CA ASN R 162 -44.44 48.68 -31.56
C ASN R 162 -44.82 47.36 -32.21
N THR R 163 -44.29 47.07 -33.39
CA THR R 163 -44.63 45.82 -34.08
C THR R 163 -44.23 44.57 -33.28
N GLY R 164 -43.18 44.71 -32.47
CA GLY R 164 -42.70 43.59 -31.68
C GLY R 164 -43.33 43.40 -30.30
N ALA R 165 -44.28 44.25 -29.93
CA ALA R 165 -44.92 44.15 -28.62
C ALA R 165 -45.61 42.80 -28.45
N ALA R 166 -45.25 42.09 -27.37
CA ALA R 166 -45.81 40.78 -27.06
C ALA R 166 -47.32 40.90 -26.82
N THR R 167 -47.71 41.96 -26.12
CA THR R 167 -49.12 42.26 -25.83
C THR R 167 -49.23 43.78 -25.76
N GLU R 168 -50.44 44.29 -25.88
CA GLU R 168 -50.67 45.72 -25.82
C GLU R 168 -50.49 46.24 -24.40
N ALA R 169 -50.53 47.56 -24.25
CA ALA R 169 -50.39 48.21 -22.94
C ALA R 169 -51.41 47.63 -21.95
N ASP R 170 -52.65 47.49 -22.40
CA ASP R 170 -53.72 46.96 -21.56
C ASP R 170 -53.78 45.44 -21.45
N GLY R 171 -52.70 44.76 -21.82
CA GLY R 171 -52.66 43.31 -21.73
C GLY R 171 -53.28 42.55 -22.89
N SER R 172 -54.07 43.23 -23.72
CA SER R 172 -54.72 42.60 -24.88
C SER R 172 -53.68 42.21 -25.93
N PRO R 173 -54.05 41.28 -26.83
CA PRO R 173 -53.09 40.86 -27.85
C PRO R 173 -52.73 41.89 -28.93
N ASN R 174 -51.51 41.77 -29.44
CA ASN R 174 -51.01 42.63 -30.51
C ASN R 174 -51.64 42.11 -31.80
N ARG R 175 -52.48 42.92 -32.43
CA ARG R 175 -53.15 42.51 -33.65
C ARG R 175 -52.52 43.00 -34.95
N GLY R 176 -51.36 43.64 -34.83
CA GLY R 176 -50.67 44.12 -36.00
C GLY R 176 -51.23 45.36 -36.69
N TYR R 177 -50.95 45.48 -37.98
CA TYR R 177 -51.38 46.60 -38.79
C TYR R 177 -50.78 47.93 -38.29
N LYS R 178 -49.58 47.84 -37.71
CA LYS R 178 -48.85 49.00 -37.19
C LYS R 178 -47.82 49.49 -38.20
N VAL R 179 -47.24 48.55 -38.96
CA VAL R 179 -46.21 48.87 -39.94
C VAL R 179 -46.60 49.93 -40.95
N ARG R 180 -45.61 50.76 -41.25
CA ARG R 180 -45.73 51.88 -42.16
C ARG R 180 -45.09 51.42 -43.48
N HIS R 181 -45.94 50.99 -44.43
CA HIS R 181 -45.48 50.48 -45.72
C HIS R 181 -45.07 51.50 -46.77
N LYS R 182 -44.22 51.04 -47.68
CA LYS R 182 -43.72 51.83 -48.79
C LYS R 182 -44.82 51.80 -49.87
N GLY R 183 -44.97 52.89 -50.61
CA GLY R 183 -45.98 52.93 -51.65
C GLY R 183 -47.10 53.93 -51.45
N GLY R 184 -47.63 53.99 -50.24
CA GLY R 184 -48.71 54.92 -49.94
C GLY R 184 -48.85 55.10 -48.45
N TYR R 185 -48.96 56.35 -48.01
CA TYR R 185 -49.08 56.61 -46.58
C TYR R 185 -50.47 57.00 -46.08
N PHE R 186 -51.50 56.75 -46.88
CA PHE R 186 -52.89 57.01 -46.49
C PHE R 186 -53.73 55.73 -46.66
N PRO R 187 -53.22 54.58 -46.19
CA PRO R 187 -53.99 53.34 -46.35
C PRO R 187 -55.33 53.32 -45.61
N VAL R 188 -56.25 52.52 -46.14
CA VAL R 188 -57.57 52.37 -45.54
C VAL R 188 -57.46 51.45 -44.31
N ALA R 189 -58.54 51.35 -43.55
CA ALA R 189 -58.56 50.49 -42.37
C ALA R 189 -58.37 49.03 -42.83
N PRO R 190 -57.84 48.17 -41.94
CA PRO R 190 -57.41 48.46 -40.57
C PRO R 190 -56.03 49.10 -40.38
N ASN R 191 -55.31 49.40 -41.45
CA ASN R 191 -54.01 50.06 -41.32
C ASN R 191 -54.24 51.44 -40.71
N ASP R 192 -55.36 52.05 -41.12
CA ASP R 192 -55.77 53.35 -40.61
C ASP R 192 -56.55 53.02 -39.34
N GLN R 193 -55.94 53.29 -38.19
CA GLN R 193 -56.56 52.99 -36.92
C GLN R 193 -57.25 54.15 -36.22
N TYR R 194 -57.41 55.27 -36.91
CA TYR R 194 -58.03 56.44 -36.30
C TYR R 194 -59.22 56.99 -37.06
N VAL R 195 -59.81 56.15 -37.92
CA VAL R 195 -60.95 56.57 -38.73
C VAL R 195 -62.11 57.18 -37.94
N ASP R 196 -62.61 56.46 -36.94
CA ASP R 196 -63.73 56.95 -36.15
C ASP R 196 -63.42 58.21 -35.35
N LEU R 197 -62.20 58.31 -34.82
CA LEU R 197 -61.79 59.47 -34.03
C LEU R 197 -61.75 60.72 -34.93
N ARG R 198 -61.10 60.60 -36.09
CA ARG R 198 -61.01 61.72 -37.02
C ARG R 198 -62.39 62.17 -37.46
N ASP R 199 -63.29 61.22 -37.64
CA ASP R 199 -64.66 61.54 -38.05
C ASP R 199 -65.34 62.34 -36.95
N LYS R 200 -65.05 61.99 -35.69
CA LYS R 200 -65.64 62.70 -34.55
C LYS R 200 -65.10 64.13 -34.54
N MET R 201 -63.81 64.27 -34.84
CA MET R 201 -63.18 65.58 -34.89
C MET R 201 -63.83 66.41 -35.99
N LEU R 202 -63.98 65.82 -37.17
CA LEU R 202 -64.61 66.48 -38.31
C LEU R 202 -66.05 66.87 -38.02
N THR R 203 -66.80 65.96 -37.40
CA THR R 203 -68.19 66.21 -37.04
C THR R 203 -68.27 67.40 -36.08
N ASN R 204 -67.36 67.45 -35.10
CA ASN R 204 -67.33 68.53 -34.14
C ASN R 204 -66.97 69.86 -34.78
N LEU R 205 -66.06 69.84 -35.75
CA LEU R 205 -65.66 71.05 -36.46
C LEU R 205 -66.85 71.60 -37.25
N ILE R 206 -67.53 70.70 -37.97
CA ILE R 206 -68.68 71.09 -38.77
C ILE R 206 -69.81 71.65 -37.89
N ASN R 207 -70.03 71.03 -36.73
CA ASN R 207 -71.06 71.50 -35.81
C ASN R 207 -70.65 72.82 -35.16
N SER R 208 -69.36 73.14 -35.24
CA SER R 208 -68.83 74.38 -34.66
C SER R 208 -68.64 75.49 -35.70
N GLY R 209 -69.32 75.36 -36.84
CA GLY R 209 -69.25 76.38 -37.87
C GLY R 209 -68.18 76.34 -38.92
N PHE R 210 -67.33 75.32 -38.92
CA PHE R 210 -66.29 75.22 -39.94
C PHE R 210 -66.91 74.82 -41.27
N ILE R 211 -66.46 75.47 -42.34
CA ILE R 211 -66.98 75.20 -43.66
C ILE R 211 -66.03 74.30 -44.45
N LEU R 212 -66.54 73.16 -44.89
CA LEU R 212 -65.80 72.17 -45.65
C LEU R 212 -66.48 72.07 -47.02
N GLU R 213 -65.77 72.43 -48.09
CA GLU R 213 -66.33 72.34 -49.42
C GLU R 213 -65.40 71.60 -50.37
N LYS R 214 -65.11 72.29 -51.46
CA LYS R 214 -64.26 71.91 -52.59
C LYS R 214 -63.09 71.00 -52.20
N GLY R 215 -61.90 71.57 -51.98
CA GLY R 215 -60.73 70.76 -51.67
C GLY R 215 -60.44 70.68 -50.18
N HIS R 216 -61.50 70.53 -49.38
CA HIS R 216 -61.35 70.42 -47.93
C HIS R 216 -61.52 68.95 -47.59
N HIS R 217 -60.43 68.36 -47.10
CA HIS R 217 -60.39 66.95 -46.77
C HIS R 217 -60.07 66.64 -45.32
N GLU R 218 -60.37 65.40 -44.99
CA GLU R 218 -59.99 64.84 -43.71
C GLU R 218 -58.99 63.75 -44.09
N VAL R 219 -57.75 63.83 -43.63
CA VAL R 219 -56.76 62.85 -44.02
C VAL R 219 -55.94 62.36 -42.82
N GLY R 220 -55.48 61.11 -42.90
CA GLY R 220 -54.68 60.54 -41.84
C GLY R 220 -53.59 59.62 -42.34
N SER R 221 -52.46 59.64 -41.65
CA SER R 221 -51.31 58.81 -41.99
C SER R 221 -50.72 58.37 -40.65
N GLY R 222 -50.95 57.11 -40.30
CA GLY R 222 -50.47 56.61 -39.02
C GLY R 222 -51.21 57.39 -37.96
N GLY R 223 -50.46 57.95 -37.02
CA GLY R 223 -51.09 58.74 -35.97
C GLY R 223 -51.24 60.21 -36.35
N GLN R 224 -50.67 60.59 -37.50
CA GLN R 224 -50.77 61.97 -37.96
C GLN R 224 -52.06 62.22 -38.71
N ALA R 225 -52.59 63.43 -38.59
CA ALA R 225 -53.83 63.78 -39.26
C ALA R 225 -53.93 65.26 -39.58
N GLU R 226 -54.90 65.60 -40.40
CA GLU R 226 -55.15 66.97 -40.80
C GLU R 226 -56.55 67.07 -41.37
N ILE R 227 -57.27 68.11 -40.97
CA ILE R 227 -58.60 68.37 -41.47
C ILE R 227 -58.57 69.84 -41.87
N ASN R 228 -58.59 70.10 -43.18
CA ASN R 228 -58.57 71.48 -43.64
C ASN R 228 -59.98 72.01 -43.87
N TYR R 229 -60.13 73.31 -43.76
CA TYR R 229 -61.42 73.97 -43.89
C TYR R 229 -61.27 75.28 -44.65
N GLN R 230 -62.40 75.91 -44.92
CA GLN R 230 -62.41 77.16 -45.67
C GLN R 230 -61.71 78.32 -44.96
N PHE R 231 -60.98 79.10 -45.75
CA PHE R 231 -60.24 80.29 -45.31
C PHE R 231 -61.17 81.32 -44.68
N ASN R 232 -60.56 82.39 -44.18
CA ASN R 232 -61.32 83.47 -43.55
C ASN R 232 -60.41 84.71 -43.55
N SER R 233 -60.98 85.86 -43.23
CA SER R 233 -60.18 87.09 -43.15
C SER R 233 -59.19 86.91 -42.01
N LEU R 234 -58.00 87.50 -42.16
CA LEU R 234 -56.90 87.38 -41.19
C LEU R 234 -57.26 87.09 -39.72
N LEU R 235 -57.85 88.06 -39.02
CA LEU R 235 -58.19 87.89 -37.61
C LEU R 235 -59.04 86.64 -37.33
N HIS R 236 -60.15 86.52 -38.05
CA HIS R 236 -61.05 85.40 -37.86
C HIS R 236 -60.46 84.05 -38.27
N ALA R 237 -59.47 84.08 -39.15
CA ALA R 237 -58.79 82.87 -39.59
C ALA R 237 -57.96 82.39 -38.40
N ALA R 238 -57.35 83.34 -37.70
CA ALA R 238 -56.53 83.06 -36.54
C ALA R 238 -57.41 82.53 -35.40
N ASP R 239 -58.62 83.08 -35.28
CA ASP R 239 -59.56 82.63 -34.26
C ASP R 239 -59.98 81.20 -34.59
N ASP R 240 -60.17 80.93 -35.89
CA ASP R 240 -60.55 79.61 -36.38
C ASP R 240 -59.48 78.57 -36.07
N MET R 241 -58.22 78.98 -36.17
CA MET R 241 -57.09 78.09 -35.90
C MET R 241 -57.08 77.68 -34.42
N GLN R 242 -57.32 78.65 -33.54
CA GLN R 242 -57.36 78.39 -32.11
C GLN R 242 -58.53 77.46 -31.78
N LEU R 243 -59.66 77.67 -32.45
CA LEU R 243 -60.86 76.86 -32.27
C LEU R 243 -60.60 75.44 -32.75
N TYR R 244 -59.96 75.33 -33.91
CA TYR R 244 -59.60 74.05 -34.51
C TYR R 244 -58.75 73.23 -33.54
N LYS R 245 -57.67 73.84 -33.02
CA LYS R 245 -56.80 73.17 -32.08
C LYS R 245 -57.57 72.73 -30.83
N TYR R 246 -58.45 73.60 -30.36
CA TYR R 246 -59.27 73.32 -29.18
C TYR R 246 -60.16 72.10 -29.42
N ILE R 247 -60.82 72.07 -30.57
CA ILE R 247 -61.71 70.99 -30.93
C ILE R 247 -60.97 69.68 -31.18
N ILE R 248 -59.81 69.75 -31.84
CA ILE R 248 -59.02 68.57 -32.10
C ILE R 248 -58.49 67.97 -30.79
N LYS R 249 -57.89 68.82 -29.96
CA LYS R 249 -57.33 68.38 -28.69
C LYS R 249 -58.32 67.77 -27.72
N ASN R 250 -59.51 68.37 -27.62
CA ASN R 250 -60.53 67.89 -26.70
C ASN R 250 -61.36 66.72 -27.20
N THR R 251 -61.48 66.58 -28.51
CA THR R 251 -62.21 65.45 -29.08
C THR R 251 -61.36 64.22 -28.76
N ALA R 252 -60.04 64.36 -28.93
CA ALA R 252 -59.10 63.29 -28.64
C ALA R 252 -59.15 62.99 -27.15
N TRP R 253 -59.10 64.04 -26.33
CA TRP R 253 -59.12 63.90 -24.88
C TRP R 253 -60.34 63.14 -24.36
N GLN R 254 -61.51 63.46 -24.92
CA GLN R 254 -62.74 62.80 -24.51
C GLN R 254 -62.81 61.36 -25.00
N ASN R 255 -61.91 60.99 -25.90
CA ASN R 255 -61.90 59.65 -26.46
C ASN R 255 -60.65 58.87 -26.09
N GLY R 256 -60.10 59.17 -24.91
CA GLY R 256 -58.92 58.48 -24.40
C GLY R 256 -57.59 58.71 -25.07
N LYS R 257 -57.46 59.78 -25.83
CA LYS R 257 -56.19 60.05 -26.51
C LYS R 257 -55.63 61.40 -26.07
N THR R 258 -54.47 61.74 -26.62
CA THR R 258 -53.81 63.00 -26.33
C THR R 258 -53.14 63.47 -27.63
N VAL R 259 -53.49 64.68 -28.05
CA VAL R 259 -52.97 65.27 -29.28
C VAL R 259 -51.87 66.30 -29.09
N THR R 260 -50.96 66.37 -30.04
CA THR R 260 -49.90 67.38 -30.00
C THR R 260 -49.74 68.04 -31.37
N PHE R 261 -49.64 69.36 -31.35
CA PHE R 261 -49.43 70.14 -32.56
C PHE R 261 -47.97 70.54 -32.65
N MET R 262 -47.11 69.98 -31.79
CA MET R 262 -45.69 70.33 -31.83
C MET R 262 -45.12 69.90 -33.18
N PRO R 263 -44.21 70.73 -33.74
CA PRO R 263 -43.56 70.50 -35.05
C PRO R 263 -42.91 69.15 -35.30
N LYS R 264 -42.18 68.64 -34.32
CA LYS R 264 -41.48 67.37 -34.50
C LYS R 264 -41.51 66.50 -33.25
N PRO R 265 -42.63 65.77 -33.03
CA PRO R 265 -42.74 64.91 -31.85
C PRO R 265 -42.02 63.58 -32.06
N LEU R 266 -41.89 63.16 -33.32
CA LEU R 266 -41.25 61.91 -33.67
C LEU R 266 -40.00 62.06 -34.50
N PHE R 267 -38.92 61.42 -34.05
CA PHE R 267 -37.65 61.43 -34.75
C PHE R 267 -37.70 60.28 -35.76
N GLY R 268 -37.65 60.62 -37.04
CA GLY R 268 -37.72 59.56 -38.05
C GLY R 268 -39.11 59.42 -38.63
N ASP R 269 -39.92 60.45 -38.43
CA ASP R 269 -41.27 60.48 -38.98
C ASP R 269 -41.57 61.93 -39.33
N ASN R 270 -42.56 62.12 -40.19
CA ASN R 270 -42.96 63.43 -40.67
C ASN R 270 -43.25 64.44 -39.56
N GLY R 271 -42.82 65.68 -39.78
CA GLY R 271 -43.08 66.74 -38.83
C GLY R 271 -44.48 67.29 -39.08
N SER R 272 -44.95 68.19 -38.24
CA SER R 272 -46.28 68.77 -38.43
C SER R 272 -46.16 70.25 -38.76
N GLY R 273 -46.66 70.63 -39.92
CA GLY R 273 -46.59 72.02 -40.34
C GLY R 273 -47.93 72.68 -40.50
N MET R 274 -47.90 73.99 -40.78
CA MET R 274 -49.11 74.77 -41.00
C MET R 274 -48.93 75.58 -42.28
N HIS R 275 -49.38 75.00 -43.39
CA HIS R 275 -49.29 75.65 -44.68
C HIS R 275 -50.32 76.78 -44.73
N CYS R 276 -49.84 77.99 -44.96
CA CYS R 276 -50.72 79.15 -44.99
C CYS R 276 -50.93 79.77 -46.36
N HIS R 277 -52.14 79.61 -46.86
CA HIS R 277 -52.55 80.17 -48.15
C HIS R 277 -53.03 81.58 -47.89
N GLN R 278 -52.52 82.52 -48.69
CA GLN R 278 -52.86 83.92 -48.53
C GLN R 278 -53.19 84.55 -49.86
N SER R 279 -54.01 85.60 -49.80
CA SER R 279 -54.42 86.32 -50.98
C SER R 279 -55.10 87.65 -50.58
N LEU R 280 -54.87 88.69 -51.38
CA LEU R 280 -55.46 89.99 -51.12
C LEU R 280 -56.64 90.26 -52.05
N TRP R 281 -57.67 90.88 -51.51
CA TRP R 281 -58.88 91.22 -52.27
C TRP R 281 -59.25 92.68 -52.01
N LYS R 282 -59.99 93.27 -52.95
CA LYS R 282 -60.43 94.65 -52.84
C LYS R 282 -61.76 94.80 -53.57
N ASP R 283 -62.73 95.39 -52.87
CA ASP R 283 -64.07 95.61 -53.41
C ASP R 283 -64.71 94.33 -53.95
N GLY R 284 -64.48 93.23 -53.24
CA GLY R 284 -65.04 91.95 -53.62
C GLY R 284 -64.37 91.24 -54.79
N ALA R 285 -63.23 91.76 -55.22
CA ALA R 285 -62.51 91.17 -56.35
C ALA R 285 -61.08 90.80 -56.00
N PRO R 286 -60.57 89.71 -56.60
CA PRO R 286 -59.21 89.20 -56.37
C PRO R 286 -58.13 90.10 -56.97
N LEU R 287 -56.98 90.15 -56.30
CA LEU R 287 -55.85 90.98 -56.73
C LEU R 287 -54.61 90.15 -57.02
N MET R 288 -54.70 88.84 -56.86
CA MET R 288 -53.55 87.96 -57.05
C MET R 288 -53.36 87.39 -58.47
N TYR R 289 -54.41 87.40 -59.27
CA TYR R 289 -54.36 86.84 -60.62
C TYR R 289 -53.94 87.76 -61.77
N ASP R 290 -53.34 87.14 -62.79
CA ASP R 290 -52.86 87.80 -64.00
C ASP R 290 -52.39 86.71 -64.98
N GLU R 291 -53.16 86.48 -66.04
CA GLU R 291 -52.84 85.46 -67.05
C GLU R 291 -51.43 85.56 -67.60
N THR R 292 -50.96 86.80 -67.79
CA THR R 292 -49.65 87.07 -68.35
C THR R 292 -48.46 86.77 -67.44
N GLY R 293 -48.69 86.80 -66.13
CA GLY R 293 -47.59 86.53 -65.20
C GLY R 293 -47.30 85.07 -64.95
N TYR R 294 -46.09 84.80 -64.44
CA TYR R 294 -45.67 83.43 -64.12
C TYR R 294 -46.61 82.85 -63.08
N ALA R 295 -47.10 81.63 -63.34
CA ALA R 295 -48.02 80.94 -62.44
C ALA R 295 -49.34 81.69 -62.25
N GLY R 296 -49.64 82.58 -63.19
CA GLY R 296 -50.87 83.36 -63.12
C GLY R 296 -50.85 84.40 -62.02
N LEU R 297 -49.66 84.85 -61.64
CA LEU R 297 -49.50 85.84 -60.57
C LEU R 297 -49.42 87.28 -61.03
N SER R 298 -50.14 88.15 -60.32
CA SER R 298 -50.14 89.58 -60.61
C SER R 298 -48.86 90.20 -60.04
N ASP R 299 -48.67 91.50 -60.31
CA ASP R 299 -47.48 92.18 -59.81
C ASP R 299 -47.58 92.32 -58.30
N THR R 300 -48.81 92.49 -57.81
CA THR R 300 -49.10 92.58 -56.39
C THR R 300 -48.70 91.28 -55.68
N ALA R 301 -49.13 90.15 -56.25
CA ALA R 301 -48.82 88.84 -55.70
C ALA R 301 -47.33 88.55 -55.69
N ARG R 302 -46.65 88.87 -56.78
CA ARG R 302 -45.21 88.63 -56.89
C ARG R 302 -44.42 89.46 -55.89
N HIS R 303 -44.85 90.71 -55.67
CA HIS R 303 -44.18 91.59 -54.72
C HIS R 303 -44.41 91.11 -53.29
N TYR R 304 -45.60 90.53 -53.06
CA TYR R 304 -45.97 89.98 -51.77
C TYR R 304 -44.99 88.84 -51.47
N ILE R 305 -44.79 87.98 -52.47
CA ILE R 305 -43.86 86.85 -52.36
C ILE R 305 -42.45 87.37 -52.13
N GLY R 306 -42.12 88.50 -52.75
CA GLY R 306 -40.81 89.09 -52.57
C GLY R 306 -40.62 89.51 -51.13
N GLY R 307 -41.69 89.98 -50.50
CA GLY R 307 -41.63 90.39 -49.10
C GLY R 307 -41.45 89.19 -48.19
N LEU R 308 -42.21 88.13 -48.45
CA LEU R 308 -42.13 86.91 -47.64
C LEU R 308 -40.72 86.32 -47.69
N LEU R 309 -40.17 86.18 -48.88
CA LEU R 309 -38.83 85.63 -49.07
C LEU R 309 -37.73 86.53 -48.50
N HIS R 310 -37.89 87.83 -48.67
CA HIS R 310 -36.91 88.78 -48.18
C HIS R 310 -36.88 88.83 -46.65
N HIS R 311 -38.07 88.84 -46.06
CA HIS R 311 -38.22 88.92 -44.61
C HIS R 311 -38.25 87.60 -43.84
N ALA R 312 -38.24 86.49 -44.57
CA ALA R 312 -38.28 85.16 -43.96
C ALA R 312 -37.36 84.94 -42.74
N PRO R 313 -36.09 85.37 -42.81
CA PRO R 313 -35.20 85.19 -41.66
C PRO R 313 -35.73 85.74 -40.34
N SER R 314 -36.50 86.82 -40.40
CA SER R 314 -37.06 87.40 -39.18
C SER R 314 -38.52 86.97 -39.01
N LEU R 315 -39.23 86.81 -40.12
CA LEU R 315 -40.63 86.39 -40.13
C LEU R 315 -40.80 85.08 -39.38
N LEU R 316 -39.83 84.19 -39.52
CA LEU R 316 -39.86 82.88 -38.88
C LEU R 316 -39.89 82.96 -37.35
N ALA R 317 -39.55 84.12 -36.79
CA ALA R 317 -39.58 84.29 -35.33
C ALA R 317 -41.02 84.25 -34.80
N PHE R 318 -41.99 84.48 -35.69
CA PHE R 318 -43.41 84.46 -35.33
C PHE R 318 -44.11 83.30 -36.01
N THR R 319 -43.52 82.86 -37.11
CA THR R 319 -44.08 81.81 -37.94
C THR R 319 -43.62 80.39 -37.53
N ASN R 320 -42.43 80.29 -36.96
CA ASN R 320 -41.83 79.03 -36.47
C ASN R 320 -41.08 79.48 -35.22
N PRO R 321 -41.84 79.89 -34.18
CA PRO R 321 -41.38 80.46 -32.91
C PRO R 321 -40.84 79.51 -31.79
N THR R 322 -40.65 78.23 -32.05
CA THR R 322 -40.15 77.34 -31.01
C THR R 322 -38.85 76.65 -31.37
N VAL R 323 -38.16 76.13 -30.36
CA VAL R 323 -36.91 75.42 -30.57
C VAL R 323 -37.21 74.14 -31.38
N ASN R 324 -38.36 73.52 -31.10
CA ASN R 324 -38.78 72.29 -31.76
C ASN R 324 -39.10 72.53 -33.23
N SER R 325 -39.44 73.78 -33.57
CA SER R 325 -39.75 74.17 -34.95
C SER R 325 -38.60 73.82 -35.88
N TYR R 326 -37.37 73.94 -35.38
CA TYR R 326 -36.17 73.68 -36.19
C TYR R 326 -35.73 72.23 -36.27
N LYS R 327 -36.56 71.32 -35.78
CA LYS R 327 -36.28 69.88 -35.88
C LYS R 327 -37.07 69.43 -37.11
N ARG R 328 -38.07 70.23 -37.49
CA ARG R 328 -38.88 69.98 -38.68
C ARG R 328 -38.20 70.71 -39.85
N LEU R 329 -37.82 71.97 -39.62
CA LEU R 329 -37.16 72.80 -40.61
C LEU R 329 -35.68 72.43 -40.62
N VAL R 330 -35.38 71.29 -41.23
CA VAL R 330 -34.03 70.76 -41.29
C VAL R 330 -33.96 69.91 -42.59
N PRO R 331 -32.77 69.81 -43.23
CA PRO R 331 -32.63 69.01 -44.47
C PRO R 331 -33.18 67.58 -44.35
N GLY R 332 -34.16 67.25 -45.19
CA GLY R 332 -34.74 65.92 -45.14
C GLY R 332 -36.03 65.70 -45.92
N TYR R 333 -37.15 65.56 -45.19
CA TYR R 333 -38.48 65.31 -45.74
C TYR R 333 -39.01 66.40 -46.69
N GLU R 334 -38.11 67.03 -47.44
CA GLU R 334 -38.43 68.09 -48.38
C GLU R 334 -39.01 69.23 -47.54
N ALA R 335 -38.22 69.65 -46.56
CA ALA R 335 -38.60 70.71 -45.63
C ALA R 335 -38.59 72.06 -46.34
N PRO R 336 -39.66 72.86 -46.14
CA PRO R 336 -39.78 74.19 -46.76
C PRO R 336 -38.73 75.16 -46.21
N ILE R 337 -37.46 74.89 -46.53
CA ILE R 337 -36.35 75.72 -46.07
C ILE R 337 -35.70 76.52 -47.20
N ASN R 338 -36.10 76.23 -48.44
CA ASN R 338 -35.56 76.90 -49.62
C ASN R 338 -36.28 78.20 -49.93
N LEU R 339 -35.56 79.31 -49.78
CA LEU R 339 -36.11 80.65 -50.02
C LEU R 339 -36.39 81.02 -51.47
N VAL R 340 -37.30 80.28 -52.09
CA VAL R 340 -37.70 80.51 -53.47
C VAL R 340 -39.17 80.14 -53.61
N TYR R 341 -39.82 80.61 -54.69
CA TYR R 341 -41.22 80.26 -54.94
C TYR R 341 -41.28 79.26 -56.07
N SER R 342 -42.34 78.48 -56.14
CA SER R 342 -42.45 77.46 -57.16
C SER R 342 -43.88 76.94 -57.27
N GLN R 343 -44.12 76.08 -58.27
CA GLN R 343 -45.43 75.47 -58.48
C GLN R 343 -45.28 73.97 -58.27
N ARG R 344 -44.05 73.49 -58.45
CA ARG R 344 -43.71 72.08 -58.32
C ARG R 344 -43.11 71.72 -56.96
N ASN R 345 -41.97 72.32 -56.64
CA ASN R 345 -41.24 72.07 -55.39
C ASN R 345 -41.99 72.28 -54.09
N ARG R 346 -42.02 71.24 -53.28
CA ARG R 346 -42.68 71.30 -51.98
C ARG R 346 -41.69 71.69 -50.88
N SER R 347 -40.42 71.75 -51.25
CA SER R 347 -39.34 72.14 -50.34
C SER R 347 -39.10 73.65 -50.48
N ALA R 348 -39.97 74.30 -51.24
CA ALA R 348 -39.89 75.74 -51.46
C ALA R 348 -40.73 76.44 -50.40
N CYS R 349 -40.20 77.52 -49.83
CA CYS R 349 -40.90 78.30 -48.82
C CYS R 349 -42.28 78.72 -49.28
N VAL R 350 -42.36 79.17 -50.53
CA VAL R 350 -43.62 79.60 -51.11
C VAL R 350 -43.95 78.74 -52.32
N ARG R 351 -45.17 78.22 -52.35
CA ARG R 351 -45.61 77.41 -53.46
C ARG R 351 -46.92 78.00 -53.98
N ILE R 352 -47.05 78.04 -55.31
CA ILE R 352 -48.25 78.56 -55.91
C ILE R 352 -49.08 77.39 -56.38
N PRO R 353 -50.20 77.10 -55.69
CA PRO R 353 -51.08 76.00 -56.03
C PRO R 353 -51.58 76.14 -57.47
N ILE R 354 -51.60 75.02 -58.19
CA ILE R 354 -52.07 75.01 -59.56
C ILE R 354 -53.60 75.04 -59.50
N THR R 355 -54.16 76.21 -59.79
CA THR R 355 -55.61 76.41 -59.75
C THR R 355 -56.28 76.74 -61.08
N GLY R 356 -55.49 76.88 -62.13
CA GLY R 356 -56.05 77.18 -63.44
C GLY R 356 -56.23 78.64 -63.78
N SER R 357 -57.29 78.93 -64.54
CA SER R 357 -57.59 80.29 -64.99
C SER R 357 -58.53 81.09 -64.09
N ASN R 358 -59.14 80.44 -63.09
CA ASN R 358 -60.05 81.11 -62.16
C ASN R 358 -59.28 82.08 -61.27
N PRO R 359 -59.49 83.40 -61.45
CA PRO R 359 -58.81 84.44 -60.67
C PRO R 359 -59.10 84.40 -59.16
N LYS R 360 -60.30 83.92 -58.81
CA LYS R 360 -60.71 83.84 -57.41
C LYS R 360 -60.00 82.74 -56.62
N ALA R 361 -59.36 81.82 -57.34
CA ALA R 361 -58.67 80.70 -56.69
C ALA R 361 -57.16 80.91 -56.60
N LYS R 362 -56.64 81.93 -57.28
CA LYS R 362 -55.21 82.21 -57.26
C LYS R 362 -54.79 82.72 -55.89
N ARG R 363 -53.76 82.08 -55.34
CA ARG R 363 -53.25 82.44 -54.02
C ARG R 363 -51.83 81.89 -53.88
N LEU R 364 -51.13 82.35 -52.86
CA LEU R 364 -49.78 81.86 -52.60
C LEU R 364 -49.82 81.07 -51.30
N GLU R 365 -48.98 80.05 -51.21
CA GLU R 365 -48.94 79.21 -50.03
C GLU R 365 -47.58 79.25 -49.35
N PHE R 366 -47.54 79.82 -48.14
CA PHE R 366 -46.31 79.89 -47.36
C PHE R 366 -46.30 78.55 -46.62
N ARG R 367 -45.39 77.67 -47.01
CA ARG R 367 -45.27 76.32 -46.44
C ARG R 367 -44.46 76.17 -45.17
N SER R 368 -43.58 77.11 -44.91
CA SER R 368 -42.67 77.04 -43.76
C SER R 368 -43.27 77.04 -42.35
N PRO R 369 -44.36 77.80 -42.11
CA PRO R 369 -44.95 77.83 -40.76
C PRO R 369 -45.37 76.51 -40.14
N ASP R 370 -45.53 76.54 -38.83
CA ASP R 370 -46.00 75.39 -38.05
C ASP R 370 -47.00 75.96 -37.04
N SER R 371 -47.67 75.11 -36.29
CA SER R 371 -48.64 75.60 -35.32
C SER R 371 -48.15 75.58 -33.88
N SER R 372 -46.84 75.80 -33.69
CA SER R 372 -46.26 75.81 -32.37
C SER R 372 -46.30 77.18 -31.69
N GLY R 373 -46.97 78.13 -32.32
CA GLY R 373 -47.01 79.47 -31.73
C GLY R 373 -48.35 80.17 -31.64
N ASN R 374 -48.34 81.44 -32.04
CA ASN R 374 -49.52 82.31 -31.99
C ASN R 374 -49.96 82.64 -33.41
N PRO R 375 -51.13 82.14 -33.83
CA PRO R 375 -51.65 82.40 -35.17
C PRO R 375 -51.97 83.87 -35.47
N TYR R 376 -52.35 84.61 -34.43
CA TYR R 376 -52.66 86.03 -34.59
C TYR R 376 -51.41 86.79 -35.00
N LEU R 377 -50.31 86.49 -34.31
CA LEU R 377 -49.03 87.12 -34.60
C LEU R 377 -48.41 86.60 -35.90
N ALA R 378 -48.54 85.30 -36.14
CA ALA R 378 -47.98 84.68 -37.33
C ALA R 378 -48.63 85.21 -38.61
N PHE R 379 -49.96 85.21 -38.66
CA PHE R 379 -50.69 85.71 -39.81
C PHE R 379 -50.40 87.20 -40.04
N SER R 380 -50.41 87.97 -38.96
CA SER R 380 -50.13 89.40 -39.03
C SER R 380 -48.73 89.67 -39.59
N ALA R 381 -47.74 88.95 -39.07
CA ALA R 381 -46.37 89.08 -39.52
C ALA R 381 -46.23 88.74 -40.99
N MET R 382 -46.97 87.73 -41.44
CA MET R 382 -46.94 87.32 -42.84
C MET R 382 -47.49 88.43 -43.72
N LEU R 383 -48.59 89.04 -43.28
CA LEU R 383 -49.22 90.14 -44.03
C LEU R 383 -48.27 91.32 -44.11
N MET R 384 -47.67 91.70 -42.99
CA MET R 384 -46.75 92.82 -42.94
C MET R 384 -45.53 92.60 -43.85
N ALA R 385 -45.05 91.37 -43.91
CA ALA R 385 -43.91 91.05 -44.76
C ALA R 385 -44.34 91.20 -46.23
N GLY R 386 -45.55 90.73 -46.54
CA GLY R 386 -46.06 90.83 -47.89
C GLY R 386 -46.36 92.26 -48.32
N LEU R 387 -46.92 93.05 -47.42
CA LEU R 387 -47.24 94.45 -47.71
C LEU R 387 -45.98 95.30 -47.90
N ASP R 388 -44.92 94.97 -47.16
CA ASP R 388 -43.66 95.70 -47.28
C ASP R 388 -43.06 95.37 -48.65
N GLY R 389 -43.33 94.17 -49.13
CA GLY R 389 -42.83 93.75 -50.42
C GLY R 389 -43.56 94.48 -51.54
N ILE R 390 -44.85 94.72 -51.33
CA ILE R 390 -45.67 95.42 -52.31
C ILE R 390 -45.32 96.91 -52.36
N LYS R 391 -45.20 97.53 -51.19
CA LYS R 391 -44.85 98.95 -51.12
C LYS R 391 -43.48 99.26 -51.70
N ASN R 392 -42.49 98.41 -51.42
CA ASN R 392 -41.14 98.60 -51.92
C ASN R 392 -40.87 97.81 -53.21
N LYS R 393 -41.94 97.30 -53.81
CA LYS R 393 -41.86 96.54 -55.05
C LYS R 393 -40.71 95.53 -55.09
N ILE R 394 -40.53 94.82 -53.98
CA ILE R 394 -39.47 93.83 -53.86
C ILE R 394 -39.68 92.68 -54.83
N GLU R 395 -38.67 92.44 -55.66
CA GLU R 395 -38.73 91.37 -56.65
C GLU R 395 -38.09 90.10 -56.13
N PRO R 396 -38.86 89.00 -56.08
CA PRO R 396 -38.32 87.73 -55.59
C PRO R 396 -37.40 87.16 -56.65
N GLN R 397 -36.38 86.41 -56.22
CA GLN R 397 -35.48 85.82 -57.19
C GLN R 397 -36.28 84.85 -58.07
N ALA R 398 -35.75 84.55 -59.25
CA ALA R 398 -36.42 83.66 -60.19
C ALA R 398 -36.94 82.36 -59.60
N PRO R 399 -38.22 82.03 -59.88
CA PRO R 399 -38.85 80.81 -59.38
C PRO R 399 -38.13 79.57 -59.90
N VAL R 400 -38.27 78.46 -59.18
CA VAL R 400 -37.61 77.23 -59.56
C VAL R 400 -38.58 76.06 -59.60
N ASP R 401 -38.79 75.49 -60.79
CA ASP R 401 -39.68 74.35 -60.94
C ASP R 401 -38.93 73.03 -61.13
N LYS R 402 -37.61 73.13 -61.33
CA LYS R 402 -36.75 71.95 -61.47
C LYS R 402 -36.71 71.35 -60.07
N ASP R 403 -36.65 70.03 -59.97
CA ASP R 403 -36.59 69.40 -58.65
C ASP R 403 -35.35 69.92 -57.93
N LEU R 404 -35.57 70.65 -56.84
CA LEU R 404 -34.49 71.24 -56.05
C LEU R 404 -33.53 70.21 -55.46
N TYR R 405 -34.03 69.00 -55.22
CA TYR R 405 -33.23 67.92 -54.65
C TYR R 405 -32.05 67.58 -55.57
N GLU R 406 -32.34 67.18 -56.81
CA GLU R 406 -31.29 66.86 -57.77
C GLU R 406 -30.94 68.08 -58.62
N LEU R 407 -30.05 68.91 -58.08
CA LEU R 407 -29.62 70.12 -58.75
C LEU R 407 -28.09 70.17 -58.68
N PRO R 408 -27.41 70.59 -59.78
CA PRO R 408 -25.95 70.67 -59.80
C PRO R 408 -25.44 71.52 -58.62
N PRO R 409 -24.67 70.90 -57.70
CA PRO R 409 -24.07 71.48 -56.49
C PRO R 409 -23.65 72.96 -56.54
N GLU R 410 -23.21 73.43 -57.70
CA GLU R 410 -22.80 74.82 -57.85
C GLU R 410 -24.00 75.73 -58.10
N GLU R 411 -25.02 75.18 -58.76
CA GLU R 411 -26.26 75.88 -59.08
C GLU R 411 -27.21 75.85 -57.88
N ALA R 412 -26.99 74.87 -56.99
CA ALA R 412 -27.80 74.70 -55.79
C ALA R 412 -27.31 75.62 -54.66
N ALA R 413 -26.10 76.12 -54.78
CA ALA R 413 -25.51 77.02 -53.80
C ALA R 413 -26.10 78.43 -53.92
N SER R 414 -26.86 78.65 -54.99
CA SER R 414 -27.49 79.95 -55.23
C SER R 414 -28.89 80.01 -54.62
N ILE R 415 -29.29 78.94 -53.95
CA ILE R 415 -30.60 78.85 -53.30
C ILE R 415 -30.44 79.13 -51.80
N PRO R 416 -30.93 80.29 -51.34
CA PRO R 416 -30.83 80.66 -49.91
C PRO R 416 -31.71 79.76 -49.05
N GLN R 417 -31.22 79.47 -47.84
CA GLN R 417 -31.95 78.63 -46.89
C GLN R 417 -32.46 79.50 -45.75
N THR R 418 -33.47 78.99 -45.05
CA THR R 418 -34.03 79.69 -43.89
C THR R 418 -33.08 79.41 -42.72
N PRO R 419 -33.08 80.25 -41.68
CA PRO R 419 -32.17 79.97 -40.56
C PRO R 419 -32.55 78.61 -39.97
N THR R 420 -31.58 77.93 -39.35
CA THR R 420 -31.79 76.60 -38.78
C THR R 420 -31.93 76.54 -37.26
N GLN R 421 -32.03 77.69 -36.61
CA GLN R 421 -32.12 77.73 -35.16
C GLN R 421 -33.02 78.88 -34.72
N LEU R 422 -33.75 78.70 -33.61
CA LEU R 422 -34.63 79.74 -33.09
C LEU R 422 -33.84 80.97 -32.68
N SER R 423 -32.68 80.76 -32.05
CA SER R 423 -31.83 81.85 -31.61
C SER R 423 -31.43 82.74 -32.81
N ASP R 424 -31.30 82.12 -33.99
CA ASP R 424 -30.97 82.80 -35.20
C ASP R 424 -32.07 83.73 -35.65
N VAL R 425 -33.28 83.18 -35.83
CA VAL R 425 -34.42 83.98 -36.27
C VAL R 425 -34.78 85.08 -35.28
N ILE R 426 -34.52 84.82 -34.00
CA ILE R 426 -34.79 85.81 -32.96
C ILE R 426 -33.77 86.95 -33.11
N ASP R 427 -32.53 86.60 -33.41
CA ASP R 427 -31.47 87.60 -33.63
C ASP R 427 -31.82 88.45 -34.85
N ARG R 428 -32.32 87.79 -35.90
CA ARG R 428 -32.70 88.46 -37.14
C ARG R 428 -33.91 89.38 -36.96
N LEU R 429 -34.84 88.97 -36.10
CA LEU R 429 -36.03 89.78 -35.81
C LEU R 429 -35.62 91.05 -35.08
N GLU R 430 -34.69 90.89 -34.14
CA GLU R 430 -34.17 91.98 -33.35
C GLU R 430 -33.46 93.01 -34.24
N ALA R 431 -32.73 92.51 -35.23
CA ALA R 431 -31.97 93.34 -36.15
C ALA R 431 -32.81 94.01 -37.24
N ASP R 432 -33.87 93.34 -37.67
CA ASP R 432 -34.73 93.87 -38.73
C ASP R 432 -36.21 93.58 -38.48
N HIS R 433 -36.93 94.58 -37.95
CA HIS R 433 -38.36 94.42 -37.68
C HIS R 433 -39.18 95.65 -38.01
N GLU R 434 -38.62 96.55 -38.81
CA GLU R 434 -39.32 97.78 -39.17
C GLU R 434 -40.60 97.53 -39.98
N TYR R 435 -40.58 96.49 -40.82
CA TYR R 435 -41.75 96.17 -41.62
C TYR R 435 -42.94 95.78 -40.74
N LEU R 436 -42.63 95.28 -39.54
CA LEU R 436 -43.64 94.86 -38.58
C LEU R 436 -44.27 96.07 -37.89
N THR R 437 -43.45 97.07 -37.58
CA THR R 437 -43.91 98.29 -36.90
C THR R 437 -44.63 99.30 -37.78
N GLU R 438 -44.69 99.03 -39.08
CA GLU R 438 -45.37 99.92 -40.02
C GLU R 438 -46.83 100.07 -39.60
N GLY R 439 -47.33 101.29 -39.66
CA GLY R 439 -48.72 101.56 -39.29
C GLY R 439 -49.03 101.26 -37.84
N GLY R 440 -47.99 100.98 -37.06
CA GLY R 440 -48.16 100.67 -35.65
C GLY R 440 -48.79 99.31 -35.35
N VAL R 441 -48.80 98.41 -36.34
CA VAL R 441 -49.38 97.07 -36.17
C VAL R 441 -48.67 96.33 -35.04
N PHE R 442 -47.34 96.27 -35.11
CA PHE R 442 -46.53 95.66 -34.07
C PHE R 442 -45.80 96.85 -33.44
N THR R 443 -45.47 96.77 -32.16
CA THR R 443 -44.73 97.84 -31.49
C THR R 443 -43.35 97.29 -31.14
N ASN R 444 -42.36 98.17 -31.03
CA ASN R 444 -41.05 97.71 -30.64
C ASN R 444 -41.09 97.02 -29.29
N ASP R 445 -42.03 97.51 -28.47
CA ASP R 445 -42.27 96.98 -27.14
C ASP R 445 -42.65 95.50 -27.21
N LEU R 446 -43.67 95.19 -28.00
CA LEU R 446 -44.13 93.81 -28.17
C LEU R 446 -43.02 92.92 -28.73
N ILE R 447 -42.32 93.42 -29.73
CA ILE R 447 -41.23 92.70 -30.37
C ILE R 447 -40.09 92.39 -29.40
N GLU R 448 -39.75 93.35 -28.54
CA GLU R 448 -38.69 93.16 -27.55
C GLU R 448 -39.12 92.15 -26.49
N THR R 449 -40.40 92.17 -26.15
CA THR R 449 -40.98 91.27 -25.16
C THR R 449 -40.92 89.84 -25.68
N TRP R 450 -41.28 89.67 -26.95
CA TRP R 450 -41.27 88.38 -27.63
C TRP R 450 -39.86 87.82 -27.65
N ILE R 451 -38.90 88.67 -28.03
CA ILE R 451 -37.49 88.30 -28.08
C ILE R 451 -36.97 87.84 -26.71
N SER R 452 -37.34 88.57 -25.66
CA SER R 452 -36.92 88.25 -24.30
C SER R 452 -37.56 86.95 -23.83
N PHE R 453 -38.86 86.81 -24.11
CA PHE R 453 -39.62 85.63 -23.73
C PHE R 453 -38.97 84.37 -24.30
N LYS R 454 -38.68 84.39 -25.59
CA LYS R 454 -38.06 83.25 -26.27
C LYS R 454 -36.67 82.93 -25.77
N ARG R 455 -35.87 83.97 -25.54
CA ARG R 455 -34.51 83.78 -25.06
C ARG R 455 -34.44 83.24 -23.64
N GLU R 456 -35.24 83.81 -22.76
CA GLU R 456 -35.25 83.42 -21.35
C GLU R 456 -36.05 82.18 -21.01
N ASN R 457 -37.18 82.00 -21.67
CA ASN R 457 -38.06 80.86 -21.38
C ASN R 457 -37.93 79.64 -22.27
N GLU R 458 -37.26 79.78 -23.42
CA GLU R 458 -37.13 78.66 -24.34
C GLU R 458 -35.71 78.35 -24.78
N ILE R 459 -35.05 79.31 -25.41
CA ILE R 459 -33.70 79.14 -25.90
C ILE R 459 -32.68 78.77 -24.83
N GLU R 460 -32.60 79.58 -23.77
CA GLU R 460 -31.67 79.34 -22.68
C GLU R 460 -31.94 78.03 -21.92
N PRO R 461 -33.20 77.78 -21.50
CA PRO R 461 -33.53 76.55 -20.77
C PRO R 461 -33.12 75.26 -21.50
N VAL R 462 -33.34 75.20 -22.81
CA VAL R 462 -32.98 74.02 -23.60
C VAL R 462 -31.46 73.94 -23.75
N ASN R 463 -30.85 75.10 -24.00
CA ASN R 463 -29.42 75.19 -24.21
C ASN R 463 -28.53 74.77 -23.02
N ILE R 464 -28.97 75.02 -21.80
CA ILE R 464 -28.18 74.67 -20.62
C ILE R 464 -28.31 73.20 -20.20
N ARG R 465 -29.32 72.53 -20.72
CA ARG R 465 -29.59 71.13 -20.38
C ARG R 465 -28.95 70.13 -21.33
N PRO R 466 -28.08 69.25 -20.83
CA PRO R 466 -27.43 68.25 -21.68
C PRO R 466 -28.49 67.39 -22.40
N HIS R 467 -28.24 67.14 -23.68
CA HIS R 467 -29.12 66.33 -24.52
C HIS R 467 -28.73 64.86 -24.33
N PRO R 468 -29.72 63.94 -24.33
CA PRO R 468 -29.44 62.50 -24.16
C PRO R 468 -28.40 61.96 -25.14
N TYR R 469 -28.44 62.43 -26.38
CA TYR R 469 -27.50 61.98 -27.40
C TYR R 469 -26.06 62.37 -27.11
N GLU R 470 -25.87 63.38 -26.25
CA GLU R 470 -24.53 63.82 -25.88
C GLU R 470 -23.86 62.76 -25.03
N PHE R 471 -24.67 61.92 -24.36
CA PHE R 471 -24.12 60.85 -23.54
C PHE R 471 -23.68 59.69 -24.41
N ALA R 472 -24.41 59.45 -25.50
CA ALA R 472 -24.08 58.40 -26.45
C ALA R 472 -22.78 58.80 -27.11
N LEU R 473 -22.70 60.07 -27.47
CA LEU R 473 -21.58 60.66 -28.15
C LEU R 473 -20.33 60.91 -27.25
N TYR R 474 -20.52 61.42 -26.03
CA TYR R 474 -19.35 61.85 -25.22
C TYR R 474 -19.14 61.22 -23.84
N TYR R 475 -19.96 60.31 -23.32
CA TYR R 475 -19.68 59.77 -22.01
C TYR R 475 -18.28 59.14 -21.95
N ASP R 476 -17.84 58.56 -23.06
CA ASP R 476 -16.54 57.87 -23.17
C ASP R 476 -15.34 58.71 -23.55
N VAL R 477 -15.49 60.01 -23.75
CA VAL R 477 -14.37 60.87 -24.16
C VAL R 477 -13.06 60.74 -23.39
N THR S 1 5.35 17.55 -41.90
CA THR S 1 6.50 18.12 -42.65
C THR S 1 7.83 17.72 -42.00
N GLU S 2 8.00 18.07 -40.73
CA GLU S 2 9.24 17.76 -40.02
C GLU S 2 9.14 16.96 -38.71
N LYS S 3 7.95 16.87 -38.13
CA LYS S 3 7.80 16.10 -36.89
C LYS S 3 7.71 14.60 -37.12
N THR S 4 8.48 13.87 -36.31
CA THR S 4 8.60 12.43 -36.38
C THR S 4 7.65 11.73 -35.39
N PRO S 5 7.23 10.49 -35.71
CA PRO S 5 6.35 9.75 -34.82
C PRO S 5 6.99 9.67 -33.43
N ASP S 6 8.33 9.60 -33.40
CA ASP S 6 9.09 9.54 -32.16
C ASP S 6 8.97 10.83 -31.37
N ASP S 7 8.87 11.96 -32.08
CA ASP S 7 8.72 13.26 -31.43
C ASP S 7 7.39 13.28 -30.68
N VAL S 8 6.38 12.70 -31.32
CA VAL S 8 5.03 12.63 -30.75
C VAL S 8 5.00 11.75 -29.51
N PHE S 9 5.68 10.61 -29.57
CA PHE S 9 5.74 9.69 -28.43
C PHE S 9 6.46 10.34 -27.25
N LYS S 10 7.48 11.14 -27.56
CA LYS S 10 8.25 11.84 -26.54
C LYS S 10 7.36 12.91 -25.88
N LEU S 11 6.59 13.61 -26.71
CA LEU S 11 5.68 14.65 -26.24
C LEU S 11 4.68 14.01 -25.28
N ALA S 12 4.11 12.88 -25.70
CA ALA S 12 3.15 12.14 -24.89
C ALA S 12 3.72 11.69 -23.56
N LYS S 13 4.95 11.17 -23.58
CA LYS S 13 5.61 10.70 -22.36
C LYS S 13 5.94 11.85 -21.42
N ASP S 14 6.56 12.90 -21.95
CA ASP S 14 6.95 14.06 -21.16
C ASP S 14 5.76 14.78 -20.52
N GLU S 15 4.66 14.88 -21.27
CA GLU S 15 3.46 15.53 -20.77
C GLU S 15 2.57 14.65 -19.90
N LYS S 16 2.95 13.38 -19.76
CA LYS S 16 2.21 12.41 -18.96
C LYS S 16 0.75 12.33 -19.44
N VAL S 17 0.62 12.28 -20.76
CA VAL S 17 -0.67 12.20 -21.44
C VAL S 17 -1.40 10.91 -21.07
N GLU S 18 -2.69 11.02 -20.75
CA GLU S 18 -3.45 9.83 -20.43
C GLU S 18 -4.42 9.39 -21.52
N TYR S 19 -4.78 10.32 -22.40
CA TYR S 19 -5.69 10.01 -23.51
C TYR S 19 -5.19 10.63 -24.81
N VAL S 20 -5.54 10.01 -25.92
CA VAL S 20 -5.19 10.52 -27.24
C VAL S 20 -6.49 10.73 -27.99
N ASP S 21 -6.70 11.95 -28.47
CA ASP S 21 -7.93 12.28 -29.20
C ASP S 21 -7.70 12.14 -30.70
N VAL S 22 -8.41 11.19 -31.30
CA VAL S 22 -8.33 10.91 -32.73
C VAL S 22 -9.28 11.82 -33.49
N ARG S 23 -8.72 12.76 -34.24
CA ARG S 23 -9.51 13.73 -34.99
C ARG S 23 -9.41 13.60 -36.50
N PHE S 24 -10.53 13.86 -37.15
CA PHE S 24 -10.62 13.82 -38.60
C PHE S 24 -11.70 14.82 -39.00
N CYS S 25 -11.59 15.36 -40.20
CA CYS S 25 -12.52 16.37 -40.65
C CYS S 25 -13.71 15.86 -41.45
N ASP S 26 -14.89 16.39 -41.17
CA ASP S 26 -16.08 16.00 -41.91
C ASP S 26 -16.19 16.87 -43.17
N LEU S 27 -17.17 16.59 -44.01
CA LEU S 27 -17.35 17.33 -45.25
C LEU S 27 -17.51 18.85 -45.08
N PRO S 28 -18.58 19.30 -44.40
CA PRO S 28 -18.76 20.75 -44.23
C PRO S 28 -17.63 21.52 -43.55
N GLY S 29 -16.86 20.87 -42.69
CA GLY S 29 -15.74 21.56 -42.05
C GLY S 29 -15.54 21.45 -40.56
N ILE S 30 -16.34 20.64 -39.88
CA ILE S 30 -16.23 20.47 -38.44
C ILE S 30 -15.43 19.21 -38.08
N MET S 31 -14.44 19.37 -37.20
CA MET S 31 -13.63 18.26 -36.76
C MET S 31 -14.42 17.27 -35.90
N GLN S 32 -14.22 15.98 -36.18
CA GLN S 32 -14.87 14.90 -35.46
C GLN S 32 -13.82 14.20 -34.62
N HIS S 33 -14.25 13.40 -33.65
CA HIS S 33 -13.29 12.70 -32.80
C HIS S 33 -13.84 11.54 -31.97
N PHE S 34 -12.90 10.76 -31.47
CA PHE S 34 -13.16 9.67 -30.54
C PHE S 34 -11.86 9.55 -29.77
N THR S 35 -11.91 9.01 -28.57
CA THR S 35 -10.73 8.94 -27.72
C THR S 35 -10.28 7.53 -27.37
N ILE S 36 -8.96 7.36 -27.30
CA ILE S 36 -8.37 6.08 -26.93
C ILE S 36 -7.38 6.34 -25.79
N PRO S 37 -7.13 5.34 -24.94
CA PRO S 37 -6.18 5.54 -23.84
C PRO S 37 -4.78 5.70 -24.42
N ALA S 38 -3.93 6.47 -23.75
CA ALA S 38 -2.56 6.71 -24.21
C ALA S 38 -1.79 5.40 -24.34
N SER S 39 -2.08 4.44 -23.46
CA SER S 39 -1.43 3.13 -23.46
C SER S 39 -1.61 2.38 -24.79
N ALA S 40 -2.68 2.71 -25.52
CA ALA S 40 -2.96 2.08 -26.80
C ALA S 40 -2.36 2.86 -27.97
N PHE S 41 -1.65 3.94 -27.65
CA PHE S 41 -1.02 4.78 -28.66
C PHE S 41 0.45 4.39 -28.80
N ASP S 42 0.76 3.59 -29.83
CA ASP S 42 2.11 3.12 -30.08
C ASP S 42 2.45 3.19 -31.57
N LYS S 43 3.56 2.57 -31.95
CA LYS S 43 4.03 2.55 -33.33
C LYS S 43 3.02 1.96 -34.31
N SER S 44 2.23 0.99 -33.85
CA SER S 44 1.25 0.33 -34.71
C SER S 44 0.16 1.29 -35.19
N VAL S 45 -0.03 2.40 -34.47
CA VAL S 45 -1.03 3.40 -34.86
C VAL S 45 -0.54 4.12 -36.12
N PHE S 46 0.75 4.39 -36.19
CA PHE S 46 1.36 5.05 -37.33
C PHE S 46 1.56 4.12 -38.53
N ASP S 47 1.86 2.86 -38.22
CA ASP S 47 2.10 1.85 -39.25
C ASP S 47 0.83 1.24 -39.83
N ASP S 48 -0.03 0.74 -38.96
CA ASP S 48 -1.27 0.09 -39.37
C ASP S 48 -2.51 0.98 -39.36
N GLY S 49 -2.50 1.99 -38.50
CA GLY S 49 -3.63 2.89 -38.39
C GLY S 49 -4.69 2.39 -37.43
N LEU S 50 -5.80 3.12 -37.35
CA LEU S 50 -6.90 2.78 -36.45
C LEU S 50 -8.17 2.53 -37.24
N ALA S 51 -8.92 1.53 -36.84
CA ALA S 51 -10.16 1.20 -37.51
C ALA S 51 -11.33 1.94 -36.86
N PHE S 52 -12.31 2.34 -37.68
CA PHE S 52 -13.51 3.04 -37.23
C PHE S 52 -14.59 2.91 -38.34
N ASP S 53 -15.86 3.13 -37.95
CA ASP S 53 -17.07 2.95 -38.79
C ASP S 53 -17.57 4.16 -39.56
N GLY S 54 -18.04 4.08 -40.81
CA GLY S 54 -18.62 5.31 -41.33
C GLY S 54 -19.75 5.64 -40.37
N SER S 55 -19.57 6.61 -39.49
CA SER S 55 -20.66 6.93 -38.52
C SER S 55 -21.36 8.22 -38.89
N SER S 56 -22.54 8.47 -38.33
CA SER S 56 -23.31 9.64 -38.70
C SER S 56 -23.64 9.40 -40.19
N ILE S 57 -24.05 10.35 -41.03
CA ILE S 57 -24.54 9.84 -42.31
C ILE S 57 -24.10 10.53 -43.63
N ARG S 58 -23.86 11.83 -43.72
CA ARG S 58 -23.64 12.39 -45.05
C ARG S 58 -22.23 12.84 -45.41
N GLY S 59 -21.77 12.47 -46.60
CA GLY S 59 -20.44 12.82 -47.11
C GLY S 59 -19.56 11.57 -47.16
N PHE S 60 -19.30 10.99 -45.99
CA PHE S 60 -18.42 9.81 -45.79
C PHE S 60 -19.01 8.43 -46.19
N GLN S 61 -18.30 7.32 -45.88
CA GLN S 61 -18.60 5.90 -46.20
C GLN S 61 -19.86 5.31 -45.55
N SER S 62 -20.92 5.18 -46.36
CA SER S 62 -22.23 4.64 -45.95
C SER S 62 -22.16 3.13 -45.67
N ILE S 63 -23.29 2.38 -45.74
CA ILE S 63 -23.24 0.93 -45.46
C ILE S 63 -23.16 0.10 -46.75
N HIS S 64 -22.20 0.48 -47.62
CA HIS S 64 -21.88 -0.21 -48.90
C HIS S 64 -20.38 0.00 -49.09
N GLU S 65 -19.89 0.84 -48.15
CA GLU S 65 -18.49 1.31 -48.01
C GLU S 65 -18.04 1.49 -46.56
N SER S 66 -18.94 1.22 -45.61
CA SER S 66 -18.82 1.30 -44.13
C SER S 66 -17.44 1.63 -43.52
N ASP S 67 -16.63 0.62 -43.25
CA ASP S 67 -15.39 0.74 -42.46
C ASP S 67 -14.29 1.58 -43.05
N MET S 68 -13.62 2.38 -42.19
CA MET S 68 -12.50 3.23 -42.59
C MET S 68 -11.27 2.97 -41.72
N LEU S 69 -10.11 3.37 -42.24
CA LEU S 69 -8.83 3.23 -41.55
C LEU S 69 -8.26 4.64 -41.37
N LEU S 70 -7.82 4.97 -40.16
CA LEU S 70 -7.28 6.30 -39.88
C LEU S 70 -5.77 6.30 -39.66
N LEU S 71 -5.05 7.09 -40.46
CA LEU S 71 -3.59 7.19 -40.33
C LEU S 71 -3.26 8.60 -39.82
N PRO S 72 -2.46 8.67 -38.75
CA PRO S 72 -2.05 9.94 -38.11
C PRO S 72 -1.07 10.83 -38.86
N ASP S 73 -1.19 12.13 -38.60
CA ASP S 73 -0.30 13.14 -39.17
C ASP S 73 0.43 13.71 -37.95
N PRO S 74 1.69 13.29 -37.74
CA PRO S 74 2.52 13.74 -36.60
C PRO S 74 2.69 15.24 -36.44
N GLU S 75 2.56 15.99 -37.53
CA GLU S 75 2.71 17.44 -37.45
C GLU S 75 1.54 18.14 -36.77
N THR S 76 0.41 17.45 -36.66
CA THR S 76 -0.80 18.01 -36.04
C THR S 76 -0.95 17.69 -34.56
N ALA S 77 0.01 16.96 -33.99
CA ALA S 77 -0.02 16.58 -32.59
C ALA S 77 0.14 17.78 -31.66
N ARG S 78 -0.86 17.98 -30.80
CA ARG S 78 -0.87 19.09 -29.84
C ARG S 78 -1.51 18.66 -28.54
N ILE S 79 -1.03 19.22 -27.43
CA ILE S 79 -1.60 18.95 -26.12
C ILE S 79 -2.85 19.82 -25.99
N ASP S 80 -3.97 19.21 -25.61
CA ASP S 80 -5.22 19.95 -25.44
C ASP S 80 -5.15 20.76 -24.14
N PRO S 81 -5.29 22.10 -24.23
CA PRO S 81 -5.24 22.96 -23.05
C PRO S 81 -6.54 23.08 -22.26
N PHE S 82 -7.59 22.45 -22.76
CA PHE S 82 -8.91 22.53 -22.13
C PHE S 82 -9.35 21.27 -21.38
N ARG S 83 -9.04 20.10 -21.94
CA ARG S 83 -9.43 18.83 -21.32
C ARG S 83 -8.76 18.60 -19.97
N ALA S 84 -9.57 18.29 -18.95
CA ALA S 84 -9.08 18.04 -17.59
C ALA S 84 -8.07 16.89 -17.57
N ALA S 85 -8.44 15.77 -18.19
CA ALA S 85 -7.54 14.62 -18.27
C ALA S 85 -6.52 14.97 -19.37
N LYS S 86 -5.23 14.91 -19.04
CA LYS S 86 -4.17 15.26 -20.01
C LYS S 86 -4.34 14.49 -21.32
N THR S 87 -4.64 15.24 -22.38
CA THR S 87 -4.91 14.66 -23.69
C THR S 87 -4.05 15.21 -24.83
N LEU S 88 -3.70 14.33 -25.76
CA LEU S 88 -2.92 14.68 -26.94
C LEU S 88 -3.85 14.58 -28.15
N ASN S 89 -4.02 15.69 -28.87
CA ASN S 89 -4.86 15.71 -30.06
C ASN S 89 -4.02 15.49 -31.30
N ILE S 90 -4.49 14.66 -32.22
CA ILE S 90 -3.79 14.39 -33.46
C ILE S 90 -4.82 14.24 -34.57
N ASN S 91 -4.54 14.82 -35.74
CA ASN S 91 -5.43 14.73 -36.88
C ASN S 91 -5.02 13.53 -37.73
N PHE S 92 -5.99 12.91 -38.37
CA PHE S 92 -5.76 11.72 -39.17
C PHE S 92 -6.28 11.86 -40.60
N PHE S 93 -5.81 10.95 -41.45
CA PHE S 93 -6.23 10.88 -42.85
C PHE S 93 -7.08 9.61 -42.91
N VAL S 94 -8.17 9.67 -43.68
CA VAL S 94 -9.05 8.51 -43.83
C VAL S 94 -8.62 7.68 -45.03
N HIS S 95 -8.35 6.41 -44.81
CA HIS S 95 -7.93 5.49 -45.86
C HIS S 95 -8.91 4.34 -45.99
N ASP S 96 -8.83 3.63 -47.12
CA ASP S 96 -9.68 2.47 -47.35
C ASP S 96 -8.91 1.34 -46.65
N PRO S 97 -9.58 0.57 -45.78
CA PRO S 97 -8.96 -0.52 -45.03
C PRO S 97 -8.15 -1.49 -45.90
N PHE S 98 -8.81 -2.00 -46.93
CA PHE S 98 -8.24 -2.96 -47.87
C PHE S 98 -7.05 -2.45 -48.68
N THR S 99 -7.32 -1.48 -49.57
CA THR S 99 -6.29 -0.92 -50.44
C THR S 99 -5.33 0.10 -49.83
N LEU S 100 -5.66 0.58 -48.63
CA LEU S 100 -4.85 1.59 -47.93
C LEU S 100 -4.85 2.87 -48.79
N GLU S 101 -5.84 2.96 -49.66
CA GLU S 101 -6.02 4.08 -50.58
C GLU S 101 -6.70 5.25 -49.89
N PRO S 102 -6.11 6.46 -50.00
CA PRO S 102 -6.70 7.65 -49.37
C PRO S 102 -8.13 7.85 -49.83
N TYR S 103 -9.05 7.96 -48.87
CA TYR S 103 -10.46 8.17 -49.17
C TYR S 103 -10.62 9.51 -49.89
N SER S 104 -11.26 9.47 -51.05
CA SER S 104 -11.46 10.65 -51.88
C SER S 104 -12.35 11.76 -51.32
N ARG S 105 -13.12 11.47 -50.27
CA ARG S 105 -14.01 12.47 -49.70
C ARG S 105 -13.53 13.05 -48.37
N ASP S 106 -12.32 12.66 -47.96
CA ASP S 106 -11.70 13.16 -46.73
C ASP S 106 -11.02 14.47 -47.09
N PRO S 107 -11.50 15.59 -46.54
CA PRO S 107 -10.94 16.91 -46.81
C PRO S 107 -9.42 17.00 -46.64
N ARG S 108 -8.88 16.30 -45.66
CA ARG S 108 -7.43 16.35 -45.44
C ARG S 108 -6.65 15.66 -46.55
N ASN S 109 -7.29 14.68 -47.21
CA ASN S 109 -6.65 13.98 -48.31
C ASN S 109 -6.62 14.88 -49.54
N ILE S 110 -7.69 15.67 -49.71
CA ILE S 110 -7.79 16.61 -50.83
C ILE S 110 -6.66 17.63 -50.75
N ALA S 111 -6.40 18.15 -49.55
CA ALA S 111 -5.35 19.12 -49.34
C ALA S 111 -3.98 18.52 -49.62
N ARG S 112 -3.80 17.25 -49.22
CA ARG S 112 -2.54 16.56 -49.46
C ARG S 112 -2.36 16.31 -50.96
N LYS S 113 -3.43 15.90 -51.63
CA LYS S 113 -3.41 15.67 -53.08
C LYS S 113 -3.07 16.96 -53.81
N ALA S 114 -3.59 18.08 -53.30
CA ALA S 114 -3.34 19.40 -53.90
C ALA S 114 -1.86 19.76 -53.83
N GLU S 115 -1.23 19.45 -52.71
CA GLU S 115 0.20 19.73 -52.54
C GLU S 115 1.05 18.85 -53.44
N ASN S 116 0.65 17.58 -53.59
CA ASN S 116 1.37 16.64 -54.43
C ASN S 116 1.23 17.00 -55.91
N TYR S 117 0.05 17.49 -56.27
CA TYR S 117 -0.21 17.91 -57.65
C TYR S 117 0.66 19.10 -58.01
N LEU S 118 0.81 20.04 -57.06
CA LEU S 118 1.62 21.24 -57.27
C LEU S 118 3.03 20.81 -57.66
N ILE S 119 3.57 19.86 -56.91
CA ILE S 119 4.92 19.34 -57.17
C ILE S 119 5.01 18.67 -58.53
N SER S 120 3.97 17.91 -58.89
CA SER S 120 3.94 17.20 -60.17
C SER S 120 3.89 18.11 -61.39
N THR S 121 3.37 19.33 -61.24
CA THR S 121 3.29 20.28 -62.36
C THR S 121 4.64 20.93 -62.63
N GLY S 122 5.54 20.85 -61.65
CA GLY S 122 6.85 21.46 -61.79
C GLY S 122 6.83 22.97 -61.58
N ILE S 123 5.63 23.54 -61.49
CA ILE S 123 5.46 24.99 -61.28
C ILE S 123 6.12 25.46 -59.99
N ALA S 124 5.95 24.68 -58.93
CA ALA S 124 6.53 24.98 -57.62
C ALA S 124 6.47 23.73 -56.76
N ASP S 125 7.09 23.78 -55.59
CA ASP S 125 7.03 22.62 -54.70
C ASP S 125 6.36 22.92 -53.36
N THR S 126 5.99 24.18 -53.13
CA THR S 126 5.35 24.60 -51.89
C THR S 126 4.37 25.76 -52.08
N ALA S 127 3.18 25.63 -51.50
CA ALA S 127 2.16 26.69 -51.56
C ALA S 127 1.92 27.13 -50.12
N TYR S 128 2.33 28.35 -49.80
CA TYR S 128 2.14 28.89 -48.45
C TYR S 128 0.84 29.65 -48.31
N PHE S 129 0.10 29.33 -47.25
CA PHE S 129 -1.17 29.99 -46.97
C PHE S 129 -1.17 30.66 -45.61
N GLY S 130 -1.56 31.93 -45.60
CA GLY S 130 -1.66 32.70 -44.38
C GLY S 130 -3.11 33.14 -44.30
N ALA S 131 -3.82 32.69 -43.27
CA ALA S 131 -5.23 33.03 -43.14
C ALA S 131 -5.56 33.80 -41.88
N GLU S 132 -6.41 34.79 -42.04
CA GLU S 132 -6.81 35.64 -40.92
C GLU S 132 -8.31 35.64 -40.75
N ALA S 133 -8.73 34.88 -39.75
CA ALA S 133 -10.12 34.70 -39.46
C ALA S 133 -10.61 35.53 -38.29
N GLU S 134 -11.58 36.38 -38.58
CA GLU S 134 -12.21 37.24 -37.60
C GLU S 134 -13.34 36.43 -36.95
N PHE S 135 -13.69 36.79 -35.73
CA PHE S 135 -14.76 36.11 -35.02
C PHE S 135 -15.43 37.07 -34.04
N TYR S 136 -16.61 36.69 -33.55
CA TYR S 136 -17.35 37.48 -32.58
C TYR S 136 -17.47 36.75 -31.27
N ILE S 137 -17.35 37.51 -30.17
CA ILE S 137 -17.46 36.96 -28.82
C ILE S 137 -18.80 37.44 -28.26
N PHE S 138 -19.69 36.49 -27.97
CA PHE S 138 -21.00 36.81 -27.41
C PHE S 138 -21.16 36.22 -26.02
N ASP S 139 -22.24 36.62 -25.35
CA ASP S 139 -22.55 36.10 -24.02
C ASP S 139 -23.63 35.04 -24.15
N SER S 140 -24.46 35.17 -25.18
CA SER S 140 -25.55 34.24 -25.39
C SER S 140 -26.05 34.21 -26.83
N VAL S 141 -26.71 33.11 -27.15
CA VAL S 141 -27.32 32.90 -28.46
C VAL S 141 -28.47 31.92 -28.32
N SER S 142 -29.62 32.28 -28.89
CA SER S 142 -30.79 31.42 -28.87
C SER S 142 -31.53 31.62 -30.18
N PHE S 143 -32.26 30.60 -30.61
CA PHE S 143 -33.01 30.65 -31.87
C PHE S 143 -33.88 29.41 -32.01
N ASP S 144 -34.86 29.50 -32.90
CA ASP S 144 -35.72 28.37 -33.21
C ASP S 144 -36.52 28.63 -34.46
N SER S 145 -37.12 27.57 -34.99
CA SER S 145 -37.93 27.64 -36.20
C SER S 145 -39.14 26.76 -35.96
N ARG S 146 -40.31 27.39 -35.90
CA ARG S 146 -41.55 26.68 -35.66
C ARG S 146 -42.54 26.95 -36.78
N ALA S 147 -43.70 26.31 -36.70
CA ALA S 147 -44.72 26.49 -37.72
C ALA S 147 -45.29 27.90 -37.79
N ASN S 148 -45.49 28.50 -36.63
CA ASN S 148 -46.08 29.83 -36.53
C ASN S 148 -45.12 30.96 -36.16
N GLY S 149 -43.85 30.66 -36.09
CA GLY S 149 -42.90 31.70 -35.73
C GLY S 149 -41.47 31.23 -35.77
N SER S 150 -40.56 32.18 -35.70
CA SER S 150 -39.14 31.89 -35.74
C SER S 150 -38.41 33.10 -35.20
N PHE S 151 -37.23 32.87 -34.62
CA PHE S 151 -36.43 33.97 -34.08
C PHE S 151 -34.98 33.57 -33.89
N TYR S 152 -34.15 34.57 -33.64
CA TYR S 152 -32.76 34.37 -33.30
C TYR S 152 -32.39 35.58 -32.48
N GLU S 153 -31.41 35.42 -31.62
CA GLU S 153 -30.97 36.50 -30.77
C GLU S 153 -29.59 36.21 -30.23
N VAL S 154 -28.64 37.07 -30.59
CA VAL S 154 -27.27 36.96 -30.07
C VAL S 154 -27.15 38.16 -29.14
N ASP S 155 -26.40 38.02 -28.06
CA ASP S 155 -26.27 39.14 -27.15
C ASP S 155 -24.93 39.16 -26.45
N ALA S 156 -24.54 40.36 -26.04
CA ALA S 156 -23.30 40.59 -25.34
C ALA S 156 -23.55 41.75 -24.40
N ILE S 157 -23.12 41.59 -23.16
CA ILE S 157 -23.28 42.59 -22.12
C ILE S 157 -22.87 43.98 -22.62
N SER S 158 -21.72 44.03 -23.27
CA SER S 158 -21.17 45.28 -23.80
C SER S 158 -21.59 45.63 -25.24
N GLY S 159 -22.63 44.97 -25.74
CA GLY S 159 -23.09 45.26 -27.09
C GLY S 159 -23.64 46.68 -27.19
N TRP S 160 -23.28 47.37 -28.27
CA TRP S 160 -23.71 48.75 -28.49
C TRP S 160 -25.21 48.98 -28.55
N TRP S 161 -25.97 47.90 -28.72
CA TRP S 161 -27.43 47.98 -28.78
C TRP S 161 -28.03 47.93 -27.38
N ASN S 162 -27.18 47.81 -26.37
CA ASN S 162 -27.60 47.73 -24.97
C ASN S 162 -27.30 48.96 -24.10
N THR S 163 -27.07 50.12 -24.74
CA THR S 163 -26.77 51.34 -23.99
C THR S 163 -27.90 51.75 -23.05
N GLY S 164 -29.13 51.41 -23.42
CA GLY S 164 -30.29 51.76 -22.63
C GLY S 164 -30.71 50.79 -21.54
N ALA S 165 -29.97 49.69 -21.38
CA ALA S 165 -30.31 48.69 -20.37
C ALA S 165 -30.31 49.30 -18.97
N ALA S 166 -31.42 49.15 -18.26
CA ALA S 166 -31.57 49.67 -16.91
C ALA S 166 -30.56 48.99 -15.97
N THR S 167 -30.39 47.69 -16.14
CA THR S 167 -29.43 46.89 -15.37
C THR S 167 -28.95 45.78 -16.30
N GLU S 168 -27.82 45.17 -15.96
CA GLU S 168 -27.28 44.09 -16.77
C GLU S 168 -28.11 42.82 -16.62
N ALA S 169 -27.79 41.82 -17.42
CA ALA S 169 -28.49 40.53 -17.39
C ALA S 169 -28.51 39.96 -15.98
N ASP S 170 -27.35 40.02 -15.32
CA ASP S 170 -27.20 39.51 -13.96
C ASP S 170 -27.67 40.44 -12.84
N GLY S 171 -28.45 41.47 -13.19
CA GLY S 171 -28.95 42.40 -12.20
C GLY S 171 -28.01 43.52 -11.80
N SER S 172 -26.73 43.40 -12.14
CA SER S 172 -25.73 44.42 -11.81
C SER S 172 -25.97 45.70 -12.62
N PRO S 173 -25.43 46.84 -12.16
CA PRO S 173 -25.65 48.09 -12.89
C PRO S 173 -24.97 48.22 -14.25
N ASN S 174 -25.60 48.98 -15.13
CA ASN S 174 -25.09 49.27 -16.46
C ASN S 174 -23.99 50.32 -16.27
N ARG S 175 -22.75 49.95 -16.59
CA ARG S 175 -21.64 50.86 -16.42
C ARG S 175 -21.18 51.58 -17.68
N GLY S 176 -21.92 51.41 -18.76
CA GLY S 176 -21.61 52.07 -20.01
C GLY S 176 -20.42 51.53 -20.78
N TYR S 177 -19.82 52.41 -21.58
CA TYR S 177 -18.67 52.06 -22.43
C TYR S 177 -19.04 51.00 -23.48
N LYS S 178 -20.31 51.01 -23.89
CA LYS S 178 -20.83 50.07 -24.89
C LYS S 178 -20.86 50.71 -26.27
N VAL S 179 -21.10 52.02 -26.31
CA VAL S 179 -21.18 52.78 -27.57
C VAL S 179 -19.97 52.63 -28.48
N ARG S 180 -20.29 52.54 -29.77
CA ARG S 180 -19.33 52.36 -30.83
C ARG S 180 -19.14 53.76 -31.47
N HIS S 181 -18.07 54.44 -31.07
CA HIS S 181 -17.77 55.79 -31.55
C HIS S 181 -17.15 55.93 -32.93
N LYS S 182 -17.39 57.10 -33.52
CA LYS S 182 -16.84 57.46 -34.82
C LYS S 182 -15.39 57.88 -34.60
N GLY S 183 -14.51 57.61 -35.56
CA GLY S 183 -13.12 58.00 -35.41
C GLY S 183 -12.12 56.86 -35.33
N GLY S 184 -12.44 55.85 -34.53
CA GLY S 184 -11.55 54.72 -34.38
C GLY S 184 -12.29 53.55 -33.79
N TYR S 185 -12.12 52.36 -34.37
CA TYR S 185 -12.80 51.19 -33.87
C TYR S 185 -11.96 50.18 -33.08
N PHE S 186 -10.78 50.62 -32.62
CA PHE S 186 -9.91 49.77 -31.80
C PHE S 186 -9.55 50.52 -30.51
N PRO S 187 -10.55 51.13 -29.83
CA PRO S 187 -10.24 51.86 -28.59
C PRO S 187 -9.69 51.00 -27.46
N VAL S 188 -8.92 51.63 -26.59
CA VAL S 188 -8.34 50.95 -25.44
C VAL S 188 -9.43 50.79 -24.36
N ALA S 189 -9.11 50.03 -23.32
CA ALA S 189 -10.06 49.82 -22.22
C ALA S 189 -10.34 51.16 -21.55
N PRO S 190 -11.52 51.30 -20.91
CA PRO S 190 -12.58 50.30 -20.79
C PRO S 190 -13.55 50.12 -21.97
N ASN S 191 -13.34 50.85 -23.07
CA ASN S 191 -14.20 50.69 -24.25
C ASN S 191 -13.99 49.27 -24.77
N ASP S 192 -12.74 48.80 -24.69
CA ASP S 192 -12.36 47.47 -25.10
C ASP S 192 -12.65 46.61 -23.87
N GLN S 193 -13.71 45.82 -23.94
CA GLN S 193 -14.11 44.98 -22.82
C GLN S 193 -13.69 43.53 -22.88
N TYR S 194 -12.82 43.19 -23.83
CA TYR S 194 -12.38 41.80 -23.99
C TYR S 194 -10.89 41.61 -23.96
N VAL S 195 -10.18 42.59 -23.41
CA VAL S 195 -8.72 42.54 -23.34
C VAL S 195 -8.15 41.27 -22.72
N ASP S 196 -8.59 40.93 -21.51
CA ASP S 196 -8.09 39.75 -20.83
C ASP S 196 -8.44 38.43 -21.52
N LEU S 197 -9.64 38.35 -22.10
CA LEU S 197 -10.08 37.15 -22.80
C LEU S 197 -9.22 36.93 -24.04
N ARG S 198 -9.03 37.98 -24.84
CA ARG S 198 -8.22 37.86 -26.05
C ARG S 198 -6.80 37.47 -25.71
N ASP S 199 -6.29 37.97 -24.59
CA ASP S 199 -4.93 37.64 -24.16
C ASP S 199 -4.85 36.16 -23.81
N LYS S 200 -5.93 35.63 -23.23
CA LYS S 200 -5.97 34.21 -22.87
C LYS S 200 -5.96 33.39 -24.15
N MET S 201 -6.70 33.86 -25.15
CA MET S 201 -6.77 33.18 -26.44
C MET S 201 -5.39 33.18 -27.07
N LEU S 202 -4.73 34.33 -27.08
CA LEU S 202 -3.38 34.49 -27.64
C LEU S 202 -2.37 33.60 -26.90
N THR S 203 -2.46 33.59 -25.58
CA THR S 203 -1.56 32.78 -24.75
C THR S 203 -1.74 31.31 -25.10
N ASN S 204 -2.99 30.87 -25.25
CA ASN S 204 -3.29 29.49 -25.60
C ASN S 204 -2.78 29.12 -26.99
N LEU S 205 -2.89 30.05 -27.94
CA LEU S 205 -2.40 29.82 -29.30
C LEU S 205 -0.88 29.65 -29.29
N ILE S 206 -0.20 30.55 -28.57
CA ILE S 206 1.25 30.50 -28.47
C ILE S 206 1.72 29.21 -27.81
N ASN S 207 1.01 28.78 -26.76
CA ASN S 207 1.35 27.54 -26.06
C ASN S 207 1.04 26.32 -26.92
N SER S 208 0.23 26.53 -27.96
CA SER S 208 -0.16 25.45 -28.86
C SER S 208 0.65 25.45 -30.17
N GLY S 209 1.80 26.11 -30.14
CA GLY S 209 2.66 26.13 -31.32
C GLY S 209 2.49 27.18 -32.39
N PHE S 210 1.56 28.11 -32.22
CA PHE S 210 1.37 29.16 -33.20
C PHE S 210 2.53 30.15 -33.12
N ILE S 211 3.01 30.57 -34.29
CA ILE S 211 4.13 31.50 -34.35
C ILE S 211 3.63 32.91 -34.65
N LEU S 212 3.94 33.84 -33.75
CA LEU S 212 3.56 35.24 -33.87
C LEU S 212 4.86 36.04 -33.97
N GLU S 213 5.09 36.71 -35.09
CA GLU S 213 6.29 37.53 -35.25
C GLU S 213 5.95 38.92 -35.72
N LYS S 214 6.58 39.29 -36.82
CA LYS S 214 6.53 40.55 -37.56
C LYS S 214 5.15 41.24 -37.49
N GLY S 215 4.30 41.03 -38.50
CA GLY S 215 3.01 41.70 -38.52
C GLY S 215 1.88 40.84 -38.02
N HIS S 216 2.14 40.09 -36.94
CA HIS S 216 1.13 39.24 -36.34
C HIS S 216 0.62 39.96 -35.10
N HIS S 217 -0.66 40.33 -35.15
CA HIS S 217 -1.29 41.08 -34.09
C HIS S 217 -2.50 40.40 -33.46
N GLU S 218 -2.83 40.92 -32.30
CA GLU S 218 -4.03 40.55 -31.60
C GLU S 218 -4.86 41.84 -31.64
N VAL S 219 -6.05 41.82 -32.25
CA VAL S 219 -6.83 43.03 -32.35
C VAL S 219 -8.31 42.79 -32.01
N GLY S 220 -8.96 43.82 -31.48
CA GLY S 220 -10.37 43.72 -31.13
C GLY S 220 -11.15 44.99 -31.37
N SER S 221 -12.39 44.83 -31.78
CA SER S 221 -13.29 45.96 -32.06
C SER S 221 -14.64 45.52 -31.55
N GLY S 222 -15.06 46.07 -30.42
CA GLY S 222 -16.33 45.68 -29.83
C GLY S 222 -16.20 44.22 -29.46
N GLY S 223 -17.15 43.41 -29.89
CA GLY S 223 -17.09 41.99 -29.60
C GLY S 223 -16.33 41.21 -30.65
N GLN S 224 -15.95 41.88 -31.74
CA GLN S 224 -15.20 41.23 -32.82
C GLN S 224 -13.71 41.21 -32.51
N ALA S 225 -13.04 40.15 -32.96
CA ALA S 225 -11.61 40.01 -32.72
C ALA S 225 -10.92 39.20 -33.81
N GLU S 226 -9.60 39.25 -33.79
CA GLU S 226 -8.78 38.51 -34.73
C GLU S 226 -7.37 38.44 -34.20
N ILE S 227 -6.78 37.25 -34.30
CA ILE S 227 -5.41 37.04 -33.88
C ILE S 227 -4.76 36.32 -35.06
N ASN S 228 -3.89 37.01 -35.77
CA ASN S 228 -3.23 36.40 -36.91
C ASN S 228 -1.89 35.80 -36.52
N TYR S 229 -1.47 34.79 -37.26
CA TYR S 229 -0.24 34.07 -36.98
C TYR S 229 0.48 33.73 -38.28
N GLN S 230 1.68 33.16 -38.13
CA GLN S 230 2.49 32.82 -39.29
C GLN S 230 1.89 31.75 -40.19
N PHE S 231 2.05 31.97 -41.50
CA PHE S 231 1.57 31.07 -42.55
C PHE S 231 2.18 29.67 -42.42
N ASN S 232 1.73 28.79 -43.30
CA ASN S 232 2.23 27.41 -43.31
C ASN S 232 1.91 26.83 -44.68
N SER S 233 2.47 25.66 -44.99
CA SER S 233 2.19 25.00 -46.25
C SER S 233 0.70 24.64 -46.26
N LEU S 234 0.09 24.67 -47.43
CA LEU S 234 -1.35 24.41 -47.60
C LEU S 234 -2.06 23.52 -46.58
N LEU S 235 -1.75 22.21 -46.58
CA LEU S 235 -2.41 21.28 -45.65
C LEU S 235 -2.30 21.69 -44.19
N HIS S 236 -1.08 21.94 -43.73
CA HIS S 236 -0.85 22.33 -42.35
C HIS S 236 -1.42 23.69 -41.97
N ALA S 237 -1.62 24.55 -42.97
CA ALA S 237 -2.21 25.86 -42.74
C ALA S 237 -3.69 25.62 -42.42
N ALA S 238 -4.29 24.66 -43.14
CA ALA S 238 -5.68 24.30 -42.94
C ALA S 238 -5.86 23.64 -41.57
N ASP S 239 -4.88 22.84 -41.17
CA ASP S 239 -4.92 22.19 -39.86
C ASP S 239 -4.81 23.27 -38.78
N ASP S 240 -3.98 24.28 -39.04
CA ASP S 240 -3.77 25.40 -38.12
C ASP S 240 -5.06 26.20 -37.94
N MET S 241 -5.82 26.36 -39.02
CA MET S 241 -7.08 27.09 -38.98
C MET S 241 -8.09 26.37 -38.09
N GLN S 242 -8.17 25.04 -38.23
CA GLN S 242 -9.07 24.24 -37.43
C GLN S 242 -8.67 24.33 -35.94
N LEU S 243 -7.37 24.31 -35.69
CA LEU S 243 -6.81 24.40 -34.34
C LEU S 243 -7.14 25.77 -33.74
N TYR S 244 -6.94 26.80 -34.55
CA TYR S 244 -7.22 28.19 -34.16
C TYR S 244 -8.67 28.32 -33.71
N LYS S 245 -9.60 27.87 -34.55
CA LYS S 245 -11.02 27.94 -34.22
C LYS S 245 -11.33 27.16 -32.94
N TYR S 246 -10.70 26.01 -32.79
CA TYR S 246 -10.88 25.17 -31.60
C TYR S 246 -10.43 25.92 -30.35
N ILE S 247 -9.25 26.51 -30.42
CA ILE S 247 -8.68 27.25 -29.29
C ILE S 247 -9.47 28.52 -28.98
N ILE S 248 -9.91 29.23 -30.00
CA ILE S 248 -10.68 30.45 -29.79
C ILE S 248 -12.03 30.11 -29.15
N LYS S 249 -12.74 29.15 -29.74
CA LYS S 249 -14.05 28.75 -29.24
C LYS S 249 -14.06 28.22 -27.81
N ASN S 250 -13.06 27.42 -27.46
CA ASN S 250 -13.01 26.83 -26.13
C ASN S 250 -12.42 27.72 -25.05
N THR S 251 -11.58 28.68 -25.44
CA THR S 251 -11.02 29.61 -24.47
C THR S 251 -12.21 30.48 -24.03
N ALA S 252 -13.04 30.87 -24.99
CA ALA S 252 -14.23 31.66 -24.72
C ALA S 252 -15.19 30.85 -23.84
N TRP S 253 -15.40 29.59 -24.23
CA TRP S 253 -16.31 28.70 -23.51
C TRP S 253 -15.92 28.52 -22.05
N GLN S 254 -14.63 28.34 -21.79
CA GLN S 254 -14.15 28.18 -20.43
C GLN S 254 -14.21 29.46 -19.62
N ASN S 255 -14.44 30.58 -20.30
CA ASN S 255 -14.51 31.87 -19.64
C ASN S 255 -15.90 32.51 -19.71
N GLY S 256 -16.92 31.66 -19.75
CA GLY S 256 -18.30 32.12 -19.78
C GLY S 256 -18.83 32.80 -21.02
N LYS S 257 -18.16 32.63 -22.15
CA LYS S 257 -18.61 33.25 -23.39
C LYS S 257 -18.90 32.20 -24.44
N THR S 258 -19.35 32.66 -25.61
CA THR S 258 -19.65 31.80 -26.74
C THR S 258 -19.22 32.56 -28.01
N VAL S 259 -18.36 31.92 -28.80
CA VAL S 259 -17.83 32.50 -30.02
C VAL S 259 -18.46 31.97 -31.30
N THR S 260 -18.56 32.84 -32.31
CA THR S 260 -19.06 32.42 -33.61
C THR S 260 -18.18 32.95 -34.73
N PHE S 261 -17.89 32.07 -35.68
CA PHE S 261 -17.09 32.41 -36.84
C PHE S 261 -18.00 32.62 -38.04
N MET S 262 -19.32 32.66 -37.81
CA MET S 262 -20.24 32.85 -38.92
C MET S 262 -19.99 34.22 -39.56
N PRO S 263 -20.08 34.29 -40.90
CA PRO S 263 -19.85 35.50 -41.69
C PRO S 263 -20.58 36.79 -41.28
N LYS S 264 -21.86 36.68 -40.95
CA LYS S 264 -22.63 37.86 -40.59
C LYS S 264 -23.61 37.60 -39.46
N PRO S 265 -23.13 37.62 -38.21
CA PRO S 265 -24.01 37.39 -37.06
C PRO S 265 -24.80 38.64 -36.68
N LEU S 266 -24.26 39.80 -37.02
CA LEU S 266 -24.89 41.08 -36.70
C LEU S 266 -25.28 41.89 -37.92
N PHE S 267 -26.53 42.32 -37.95
CA PHE S 267 -27.05 43.15 -39.02
C PHE S 267 -26.74 44.60 -38.64
N GLY S 268 -25.91 45.27 -39.43
CA GLY S 268 -25.55 46.63 -39.12
C GLY S 268 -24.21 46.73 -38.43
N ASP S 269 -23.43 45.66 -38.54
CA ASP S 269 -22.09 45.63 -37.98
C ASP S 269 -21.23 44.80 -38.93
N ASN S 270 -19.92 44.98 -38.82
CA ASN S 270 -18.96 44.30 -39.67
C ASN S 270 -19.11 42.78 -39.71
N GLY S 271 -18.95 42.20 -40.89
CA GLY S 271 -19.02 40.76 -41.05
C GLY S 271 -17.67 40.17 -40.68
N SER S 272 -17.57 38.84 -40.64
CA SER S 272 -16.30 38.20 -40.31
C SER S 272 -15.77 37.46 -41.52
N GLY S 273 -14.57 37.83 -41.97
CA GLY S 273 -13.98 37.19 -43.13
C GLY S 273 -12.68 36.47 -42.82
N MET S 274 -12.16 35.79 -43.84
CA MET S 274 -10.91 35.06 -43.74
C MET S 274 -10.04 35.43 -44.93
N HIS S 275 -9.19 36.44 -44.74
CA HIS S 275 -8.29 36.90 -45.78
C HIS S 275 -7.19 35.87 -45.93
N CYS S 276 -7.05 35.34 -47.14
CA CYS S 276 -6.04 34.33 -47.40
C CYS S 276 -4.89 34.77 -48.28
N HIS S 277 -3.72 34.88 -47.65
CA HIS S 277 -2.49 35.26 -48.33
C HIS S 277 -1.88 33.98 -48.89
N GLN S 278 -1.50 34.03 -50.15
CA GLN S 278 -0.94 32.89 -50.84
C GLN S 278 0.29 33.25 -51.63
N SER S 279 1.16 32.26 -51.80
CA SER S 279 2.39 32.45 -52.55
C SER S 279 3.03 31.09 -52.86
N LEU S 280 3.65 30.98 -54.03
CA LEU S 280 4.31 29.76 -54.44
C LEU S 280 5.83 29.88 -54.31
N TRP S 281 6.45 28.79 -53.88
CA TRP S 281 7.90 28.73 -53.70
C TRP S 281 8.45 27.46 -54.35
N LYS S 282 9.73 27.49 -54.69
CA LYS S 282 10.39 26.35 -55.32
C LYS S 282 11.86 26.36 -54.92
N ASP S 283 12.34 25.22 -54.44
CA ASP S 283 13.72 25.05 -54.01
C ASP S 283 14.14 26.10 -52.99
N GLY S 284 13.23 26.44 -52.08
CA GLY S 284 13.51 27.41 -51.03
C GLY S 284 13.52 28.87 -51.47
N ALA S 285 13.06 29.13 -52.69
CA ALA S 285 13.04 30.50 -53.21
C ALA S 285 11.65 30.92 -53.66
N PRO S 286 11.33 32.21 -53.49
CA PRO S 286 10.04 32.78 -53.88
C PRO S 286 9.85 32.89 -55.39
N LEU S 287 8.61 32.72 -55.84
CA LEU S 287 8.27 32.78 -57.26
C LEU S 287 7.27 33.88 -57.58
N MET S 288 6.86 34.65 -56.57
CA MET S 288 5.87 35.70 -56.75
C MET S 288 6.42 37.10 -57.07
N TYR S 289 7.70 37.33 -56.79
CA TYR S 289 8.31 38.64 -57.02
C TYR S 289 8.95 38.92 -58.38
N ASP S 290 8.93 40.20 -58.76
CA ASP S 290 9.50 40.71 -60.00
C ASP S 290 9.42 42.24 -59.97
N GLU S 291 10.57 42.89 -59.80
CA GLU S 291 10.64 44.35 -59.73
C GLU S 291 9.95 45.07 -60.90
N THR S 292 10.08 44.49 -62.08
CA THR S 292 9.51 45.06 -63.30
C THR S 292 7.99 44.98 -63.42
N GLY S 293 7.37 44.01 -62.76
CA GLY S 293 5.93 43.86 -62.84
C GLY S 293 5.14 44.79 -61.93
N TYR S 294 3.86 44.96 -62.26
CA TYR S 294 2.97 45.79 -61.46
C TYR S 294 2.86 45.22 -60.05
N ALA S 295 3.03 46.09 -59.05
CA ALA S 295 2.97 45.69 -57.64
C ALA S 295 4.05 44.67 -57.27
N GLY S 296 5.10 44.61 -58.08
CA GLY S 296 6.20 43.69 -57.84
C GLY S 296 5.83 42.24 -58.08
N LEU S 297 4.84 42.02 -58.95
CA LEU S 297 4.36 40.67 -59.25
C LEU S 297 4.99 40.02 -60.47
N SER S 298 5.35 38.75 -60.32
CA SER S 298 5.93 37.97 -61.40
C SER S 298 4.84 37.52 -62.36
N ASP S 299 5.23 36.89 -63.46
CA ASP S 299 4.27 36.40 -64.46
C ASP S 299 3.44 35.30 -63.80
N THR S 300 4.11 34.48 -62.99
CA THR S 300 3.49 33.38 -62.27
C THR S 300 2.40 33.89 -61.34
N ALA S 301 2.73 34.92 -60.56
CA ALA S 301 1.79 35.53 -59.62
C ALA S 301 0.59 36.14 -60.33
N ARG S 302 0.84 36.86 -61.42
CA ARG S 302 -0.23 37.50 -62.18
C ARG S 302 -1.19 36.48 -62.80
N HIS S 303 -0.64 35.36 -63.28
CA HIS S 303 -1.45 34.31 -63.87
C HIS S 303 -2.29 33.62 -62.80
N TYR S 304 -1.71 33.50 -61.60
CA TYR S 304 -2.37 32.90 -60.45
C TYR S 304 -3.60 33.75 -60.15
N ILE S 305 -3.40 35.07 -60.11
CA ILE S 305 -4.48 36.02 -59.87
C ILE S 305 -5.53 35.90 -60.97
N GLY S 306 -5.07 35.66 -62.20
CA GLY S 306 -5.98 35.51 -63.31
C GLY S 306 -6.87 34.31 -63.11
N GLY S 307 -6.32 33.26 -62.50
CA GLY S 307 -7.08 32.06 -62.23
C GLY S 307 -8.11 32.30 -61.14
N LEU S 308 -7.69 32.97 -60.07
CA LEU S 308 -8.60 33.29 -58.96
C LEU S 308 -9.79 34.11 -59.44
N LEU S 309 -9.52 35.19 -60.18
CA LEU S 309 -10.58 36.05 -60.69
C LEU S 309 -11.47 35.39 -61.72
N HIS S 310 -10.86 34.56 -62.58
CA HIS S 310 -11.62 33.86 -63.61
C HIS S 310 -12.54 32.80 -63.01
N HIS S 311 -12.01 32.06 -62.03
CA HIS S 311 -12.75 30.98 -61.38
C HIS S 311 -13.58 31.35 -60.16
N ALA S 312 -13.47 32.60 -59.72
CA ALA S 312 -14.19 33.07 -58.54
C ALA S 312 -15.66 32.65 -58.44
N PRO S 313 -16.44 32.77 -59.53
CA PRO S 313 -17.86 32.38 -59.45
C PRO S 313 -18.10 30.96 -58.94
N SER S 314 -17.17 30.05 -59.23
CA SER S 314 -17.32 28.67 -58.77
C SER S 314 -16.47 28.42 -57.52
N LEU S 315 -15.32 29.10 -57.46
CA LEU S 315 -14.39 28.98 -56.33
C LEU S 315 -15.09 29.32 -55.02
N LEU S 316 -15.98 30.30 -55.07
CA LEU S 316 -16.73 30.73 -53.90
C LEU S 316 -17.60 29.64 -53.28
N ALA S 317 -17.86 28.57 -54.03
CA ALA S 317 -18.66 27.46 -53.52
C ALA S 317 -17.92 26.73 -52.39
N PHE S 318 -16.60 26.88 -52.34
CA PHE S 318 -15.77 26.26 -51.30
C PHE S 318 -15.16 27.31 -50.39
N THR S 319 -15.06 28.52 -50.92
CA THR S 319 -14.47 29.63 -50.24
C THR S 319 -15.46 30.46 -49.38
N ASN S 320 -16.73 30.48 -49.79
CA ASN S 320 -17.83 31.16 -49.09
C ASN S 320 -19.01 30.22 -49.32
N PRO S 321 -18.95 29.03 -48.69
CA PRO S 321 -19.89 27.92 -48.81
C PRO S 321 -21.25 27.96 -48.03
N THR S 322 -21.59 29.06 -47.39
CA THR S 322 -22.86 29.10 -46.65
C THR S 322 -23.80 30.19 -47.12
N VAL S 323 -25.07 30.04 -46.77
CA VAL S 323 -26.09 31.04 -47.12
C VAL S 323 -25.75 32.36 -46.42
N ASN S 324 -25.24 32.27 -45.19
CA ASN S 324 -24.88 33.43 -44.38
C ASN S 324 -23.68 34.17 -44.98
N SER S 325 -22.86 33.46 -45.76
CA SER S 325 -21.68 34.04 -46.42
C SER S 325 -22.09 35.23 -47.28
N TYR S 326 -23.26 35.16 -47.88
CA TYR S 326 -23.76 36.22 -48.78
C TYR S 326 -24.44 37.39 -48.11
N LYS S 327 -24.39 37.44 -46.78
CA LYS S 327 -24.94 38.56 -46.02
C LYS S 327 -23.75 39.48 -45.76
N ARG S 328 -22.55 38.91 -45.86
CA ARG S 328 -21.30 39.65 -45.71
C ARG S 328 -20.88 40.14 -47.10
N LEU S 329 -20.94 39.24 -48.08
CA LEU S 329 -20.61 39.53 -49.47
C LEU S 329 -21.81 40.21 -50.12
N VAL S 330 -22.00 41.48 -49.78
CA VAL S 330 -23.12 42.27 -50.28
C VAL S 330 -22.63 43.74 -50.29
N PRO S 331 -23.16 44.58 -51.21
CA PRO S 331 -22.75 45.99 -51.28
C PRO S 331 -22.81 46.74 -49.93
N GLY S 332 -21.68 47.25 -49.47
CA GLY S 332 -21.66 47.95 -48.20
C GLY S 332 -20.29 48.26 -47.60
N TYR S 333 -19.95 47.55 -46.53
CA TYR S 333 -18.69 47.71 -45.79
C TYR S 333 -17.42 47.46 -46.60
N GLU S 334 -17.45 47.80 -47.90
CA GLU S 334 -16.34 47.62 -48.82
C GLU S 334 -16.08 46.12 -48.88
N ALA S 335 -17.14 45.39 -49.22
CA ALA S 335 -17.11 43.95 -49.32
C ALA S 335 -16.31 43.50 -50.53
N PRO S 336 -15.40 42.52 -50.34
CA PRO S 336 -14.55 42.00 -51.42
C PRO S 336 -15.39 41.26 -52.47
N ILE S 337 -16.21 42.02 -53.20
CA ILE S 337 -17.08 41.46 -54.24
C ILE S 337 -16.65 41.87 -55.65
N ASN S 338 -15.70 42.79 -55.73
CA ASN S 338 -15.19 43.28 -57.01
C ASN S 338 -14.09 42.41 -57.59
N LEU S 339 -14.39 41.76 -58.70
CA LEU S 339 -13.46 40.85 -59.38
C LEU S 339 -12.27 41.51 -60.07
N VAL S 340 -11.43 42.17 -59.28
CA VAL S 340 -10.23 42.84 -59.79
C VAL S 340 -9.15 42.76 -58.72
N TYR S 341 -7.89 42.99 -59.09
CA TYR S 341 -6.81 42.99 -58.11
C TYR S 341 -6.36 44.43 -57.88
N SER S 342 -5.76 44.70 -56.75
CA SER S 342 -5.34 46.06 -56.42
C SER S 342 -4.37 46.08 -55.25
N GLN S 343 -3.84 47.26 -54.96
CA GLN S 343 -2.92 47.46 -53.84
C GLN S 343 -3.59 48.38 -52.83
N ARG S 344 -4.53 49.17 -53.33
CA ARG S 344 -5.27 50.14 -52.53
C ARG S 344 -6.65 49.63 -52.07
N ASN S 345 -7.51 49.34 -53.03
CA ASN S 345 -8.88 48.87 -52.78
C ASN S 345 -9.05 47.62 -51.91
N ARG S 346 -9.81 47.78 -50.84
CA ARG S 346 -10.08 46.67 -49.94
C ARG S 346 -11.37 45.94 -50.33
N SER S 347 -12.08 46.52 -51.29
CA SER S 347 -13.31 45.95 -51.82
C SER S 347 -12.97 45.08 -53.04
N ALA S 348 -11.67 44.90 -53.29
CA ALA S 348 -11.19 44.10 -54.39
C ALA S 348 -11.00 42.65 -53.91
N CYS S 349 -11.42 41.69 -54.72
CA CYS S 349 -11.29 40.28 -54.39
C CYS S 349 -9.86 39.92 -54.04
N VAL S 350 -8.92 40.43 -54.83
CA VAL S 350 -7.51 40.17 -54.59
C VAL S 350 -6.79 41.48 -54.33
N ARG S 351 -6.01 41.52 -53.25
CA ARG S 351 -5.25 42.69 -52.91
C ARG S 351 -3.80 42.28 -52.74
N ILE S 352 -2.89 43.09 -53.25
CA ILE S 352 -1.47 42.81 -53.13
C ILE S 352 -0.90 43.70 -52.04
N PRO S 353 -0.58 43.10 -50.88
CA PRO S 353 -0.03 43.84 -49.74
C PRO S 353 1.24 44.58 -50.14
N ILE S 354 1.37 45.81 -49.68
CA ILE S 354 2.55 46.61 -49.98
C ILE S 354 3.66 46.12 -49.06
N THR S 355 4.59 45.37 -49.62
CA THR S 355 5.70 44.79 -48.86
C THR S 355 7.10 45.26 -49.24
N GLY S 356 7.18 46.12 -50.26
CA GLY S 356 8.47 46.63 -50.67
C GLY S 356 9.22 45.82 -51.70
N SER S 357 10.56 45.84 -51.58
CA SER S 357 11.45 45.13 -52.50
C SER S 357 11.83 43.71 -52.09
N ASN S 358 11.50 43.31 -50.86
CA ASN S 358 11.80 41.96 -50.37
C ASN S 358 10.97 40.92 -51.11
N PRO S 359 11.62 40.09 -51.95
CA PRO S 359 10.94 39.04 -52.73
C PRO S 359 10.25 37.98 -51.88
N LYS S 360 10.79 37.71 -50.69
CA LYS S 360 10.23 36.71 -49.79
C LYS S 360 8.91 37.13 -49.14
N ALA S 361 8.60 38.42 -49.21
CA ALA S 361 7.37 38.94 -48.61
C ALA S 361 6.25 39.16 -49.62
N LYS S 362 6.57 39.07 -50.91
CA LYS S 362 5.58 39.26 -51.95
C LYS S 362 4.57 38.13 -51.98
N ARG S 363 3.30 38.47 -51.94
CA ARG S 363 2.22 37.49 -51.94
C ARG S 363 0.93 38.17 -52.34
N LEU S 364 -0.07 37.36 -52.66
CA LEU S 364 -1.37 37.90 -53.02
C LEU S 364 -2.36 37.55 -51.92
N GLU S 365 -3.33 38.41 -51.70
CA GLU S 365 -4.32 38.19 -50.66
C GLU S 365 -5.73 38.10 -51.22
N PHE S 366 -6.31 36.90 -51.13
CA PHE S 366 -7.68 36.69 -51.57
C PHE S 366 -8.53 37.09 -50.35
N ARG S 367 -9.23 38.22 -50.49
CA ARG S 367 -10.03 38.78 -49.41
C ARG S 367 -11.46 38.26 -49.26
N SER S 368 -12.00 37.70 -50.32
CA SER S 368 -13.38 37.22 -50.34
C SER S 368 -13.80 36.09 -49.37
N PRO S 369 -12.90 35.11 -49.12
CA PRO S 369 -13.25 34.00 -48.22
C PRO S 369 -13.70 34.36 -46.81
N ASP S 370 -14.36 33.41 -46.17
CA ASP S 370 -14.82 33.53 -44.79
C ASP S 370 -14.53 32.17 -44.14
N SER S 371 -14.72 32.05 -42.83
CA SER S 371 -14.44 30.78 -42.18
C SER S 371 -15.69 29.97 -41.85
N SER S 372 -16.69 30.06 -42.70
CA SER S 372 -17.94 29.33 -42.49
C SER S 372 -17.91 27.92 -43.10
N GLY S 373 -16.76 27.50 -43.63
CA GLY S 373 -16.70 26.20 -44.24
C GLY S 373 -15.54 25.28 -43.87
N ASN S 374 -14.95 24.69 -44.90
CA ASN S 374 -13.86 23.73 -44.75
C ASN S 374 -12.57 24.34 -45.31
N PRO S 375 -11.59 24.63 -44.44
CA PRO S 375 -10.33 25.22 -44.88
C PRO S 375 -9.49 24.32 -45.79
N TYR S 376 -9.61 23.01 -45.64
CA TYR S 376 -8.87 22.07 -46.46
C TYR S 376 -9.34 22.19 -47.91
N LEU S 377 -10.66 22.23 -48.08
CA LEU S 377 -11.26 22.36 -49.40
C LEU S 377 -11.09 23.76 -49.97
N ALA S 378 -11.23 24.78 -49.13
CA ALA S 378 -11.09 26.17 -49.55
C ALA S 378 -9.69 26.48 -50.06
N PHE S 379 -8.67 26.14 -49.27
CA PHE S 379 -7.29 26.38 -49.66
C PHE S 379 -6.94 25.61 -50.93
N SER S 380 -7.36 24.34 -50.99
CA SER S 380 -7.11 23.50 -52.16
C SER S 380 -7.73 24.08 -53.41
N ALA S 381 -8.99 24.51 -53.30
CA ALA S 381 -9.71 25.11 -54.42
C ALA S 381 -9.02 26.38 -54.90
N MET S 382 -8.49 27.16 -53.95
CA MET S 382 -7.80 28.39 -54.29
C MET S 382 -6.53 28.07 -55.08
N LEU S 383 -5.79 27.04 -54.64
CA LEU S 383 -4.57 26.63 -55.31
C LEU S 383 -4.88 26.16 -56.73
N MET S 384 -5.89 25.31 -56.87
CA MET S 384 -6.29 24.79 -58.16
C MET S 384 -6.70 25.88 -59.12
N ALA S 385 -7.39 26.90 -58.61
CA ALA S 385 -7.81 28.02 -59.45
C ALA S 385 -6.56 28.78 -59.92
N GLY S 386 -5.62 28.98 -59.00
CA GLY S 386 -4.39 29.68 -59.33
C GLY S 386 -3.50 28.91 -60.30
N LEU S 387 -3.40 27.60 -60.12
CA LEU S 387 -2.58 26.75 -60.98
C LEU S 387 -3.16 26.67 -62.40
N ASP S 388 -4.48 26.68 -62.50
CA ASP S 388 -5.14 26.64 -63.81
C ASP S 388 -4.86 27.95 -64.53
N GLY S 389 -4.72 29.02 -63.75
CA GLY S 389 -4.43 30.32 -64.33
C GLY S 389 -3.01 30.38 -64.85
N ILE S 390 -2.10 29.70 -64.14
CA ILE S 390 -0.70 29.65 -64.53
C ILE S 390 -0.49 28.79 -65.77
N LYS S 391 -1.11 27.60 -65.78
CA LYS S 391 -1.00 26.69 -66.90
C LYS S 391 -1.58 27.26 -68.19
N ASN S 392 -2.73 27.93 -68.09
CA ASN S 392 -3.38 28.51 -69.26
C ASN S 392 -3.04 30.00 -69.42
N LYS S 393 -2.02 30.45 -68.69
CA LYS S 393 -1.55 31.83 -68.74
C LYS S 393 -2.68 32.87 -68.78
N ILE S 394 -3.70 32.66 -67.95
CA ILE S 394 -4.84 33.54 -67.87
C ILE S 394 -4.42 34.93 -67.38
N GLU S 395 -4.75 35.94 -68.18
CA GLU S 395 -4.42 37.32 -67.84
C GLU S 395 -5.57 38.00 -67.14
N PRO S 396 -5.34 38.50 -65.92
CA PRO S 396 -6.41 39.19 -65.18
C PRO S 396 -6.63 40.55 -65.80
N GLN S 397 -7.86 41.06 -65.74
CA GLN S 397 -8.11 42.38 -66.29
C GLN S 397 -7.26 43.40 -65.53
N ALA S 398 -7.04 44.55 -66.14
CA ALA S 398 -6.22 45.61 -65.54
C ALA S 398 -6.57 45.93 -64.09
N PRO S 399 -5.54 46.00 -63.22
CA PRO S 399 -5.73 46.31 -61.80
C PRO S 399 -6.30 47.71 -61.62
N VAL S 400 -6.97 47.93 -60.49
CA VAL S 400 -7.58 49.22 -60.21
C VAL S 400 -7.17 49.76 -58.85
N ASP S 401 -6.46 50.88 -58.85
CA ASP S 401 -6.04 51.51 -57.60
C ASP S 401 -6.86 52.75 -57.25
N LYS S 402 -7.69 53.19 -58.20
CA LYS S 402 -8.59 54.33 -57.98
C LYS S 402 -9.64 53.81 -57.01
N ASP S 403 -10.12 54.65 -56.11
CA ASP S 403 -11.14 54.20 -55.16
C ASP S 403 -12.35 53.72 -55.96
N LEU S 404 -12.63 52.42 -55.86
CA LEU S 404 -13.75 51.79 -56.57
C LEU S 404 -15.11 52.36 -56.21
N TYR S 405 -15.23 52.88 -54.98
CA TYR S 405 -16.48 53.45 -54.50
C TYR S 405 -16.91 54.65 -55.37
N GLU S 406 -16.06 55.67 -55.46
CA GLU S 406 -16.35 56.84 -56.27
C GLU S 406 -15.75 56.68 -57.67
N LEU S 407 -16.50 56.02 -58.55
CA LEU S 407 -16.07 55.76 -59.92
C LEU S 407 -17.23 56.11 -60.84
N PRO S 408 -16.95 56.76 -61.99
CA PRO S 408 -18.01 57.13 -62.93
C PRO S 408 -18.85 55.91 -63.32
N PRO S 409 -20.16 55.92 -62.98
CA PRO S 409 -21.16 54.88 -63.22
C PRO S 409 -21.03 54.03 -64.49
N GLU S 410 -20.51 54.62 -65.57
CA GLU S 410 -20.33 53.90 -66.82
C GLU S 410 -19.02 53.09 -66.81
N GLU S 411 -18.02 53.64 -66.11
CA GLU S 411 -16.71 53.02 -65.96
C GLU S 411 -16.74 51.96 -64.85
N ALA S 412 -17.72 52.09 -63.95
CA ALA S 412 -17.89 51.16 -62.84
C ALA S 412 -18.66 49.90 -63.27
N ALA S 413 -19.35 50.00 -64.40
CA ALA S 413 -20.11 48.89 -64.94
C ALA S 413 -19.20 47.84 -65.59
N SER S 414 -17.92 48.20 -65.74
CA SER S 414 -16.93 47.31 -66.34
C SER S 414 -16.24 46.45 -65.27
N ILE S 415 -16.65 46.62 -64.01
CA ILE S 415 -16.10 45.87 -62.89
C ILE S 415 -17.03 44.71 -62.54
N PRO S 416 -16.62 43.47 -62.82
CA PRO S 416 -17.44 42.28 -62.54
C PRO S 416 -17.57 42.05 -61.03
N GLN S 417 -18.74 41.57 -60.62
CA GLN S 417 -19.01 41.30 -59.21
C GLN S 417 -19.07 39.78 -59.00
N THR S 418 -18.89 39.37 -57.75
CA THR S 418 -18.97 37.95 -57.40
C THR S 418 -20.46 37.63 -57.29
N PRO S 419 -20.85 36.34 -57.42
CA PRO S 419 -22.28 36.05 -57.29
C PRO S 419 -22.75 36.46 -55.89
N THR S 420 -24.03 36.77 -55.76
CA THR S 420 -24.61 37.23 -54.50
C THR S 420 -25.44 36.21 -53.73
N GLN S 421 -25.42 34.95 -54.17
CA GLN S 421 -26.21 33.92 -53.53
C GLN S 421 -25.47 32.58 -53.57
N LEU S 422 -25.66 31.76 -52.54
CA LEU S 422 -25.01 30.45 -52.48
C LEU S 422 -25.50 29.55 -53.63
N SER S 423 -26.80 29.61 -53.91
CA SER S 423 -27.38 28.80 -54.99
C SER S 423 -26.69 29.12 -56.32
N ASP S 424 -26.25 30.37 -56.48
CA ASP S 424 -25.59 30.83 -57.66
C ASP S 424 -24.22 30.19 -57.81
N VAL S 425 -23.37 30.34 -56.79
CA VAL S 425 -22.04 29.78 -56.82
C VAL S 425 -22.05 28.26 -56.92
N ILE S 426 -23.09 27.63 -56.37
CA ILE S 426 -23.23 26.19 -56.42
C ILE S 426 -23.56 25.80 -57.87
N ASP S 427 -24.41 26.59 -58.53
CA ASP S 427 -24.77 26.36 -59.92
C ASP S 427 -23.53 26.51 -60.80
N ARG S 428 -22.72 27.52 -60.50
CA ARG S 428 -21.49 27.80 -61.25
C ARG S 428 -20.44 26.71 -61.07
N LEU S 429 -20.38 26.14 -59.87
CA LEU S 429 -19.43 25.06 -59.56
C LEU S 429 -19.81 23.83 -60.36
N GLU S 430 -21.12 23.57 -60.42
CA GLU S 430 -21.66 22.43 -61.14
C GLU S 430 -21.36 22.53 -62.63
N ALA S 431 -21.46 23.75 -63.16
CA ALA S 431 -21.23 24.03 -64.57
C ALA S 431 -19.75 24.08 -64.97
N ASP S 432 -18.90 24.50 -64.06
CA ASP S 432 -17.47 24.62 -64.34
C ASP S 432 -16.59 24.23 -63.15
N HIS S 433 -16.10 23.00 -63.16
CA HIS S 433 -15.24 22.52 -62.08
C HIS S 433 -14.07 21.67 -62.56
N GLU S 434 -13.74 21.75 -63.84
CA GLU S 434 -12.65 20.97 -64.39
C GLU S 434 -11.29 21.32 -63.80
N TYR S 435 -11.10 22.60 -63.46
CA TYR S 435 -9.83 23.03 -62.88
C TYR S 435 -9.60 22.36 -61.52
N LEU S 436 -10.70 21.98 -60.87
CA LEU S 436 -10.63 21.32 -59.57
C LEU S 436 -10.24 19.86 -59.70
N THR S 437 -10.74 19.20 -60.74
CA THR S 437 -10.46 17.78 -61.00
C THR S 437 -9.10 17.49 -61.62
N GLU S 438 -8.35 18.53 -61.96
CA GLU S 438 -7.02 18.37 -62.54
C GLU S 438 -6.14 17.58 -61.58
N GLY S 439 -5.38 16.64 -62.13
CA GLY S 439 -4.49 15.82 -61.32
C GLY S 439 -5.22 14.94 -60.31
N GLY S 440 -6.55 14.89 -60.42
CA GLY S 440 -7.36 14.10 -59.50
C GLY S 440 -7.47 14.65 -58.08
N VAL S 441 -7.12 15.93 -57.88
CA VAL S 441 -7.18 16.56 -56.56
C VAL S 441 -8.60 16.51 -56.02
N PHE S 442 -9.56 16.98 -56.81
CA PHE S 442 -10.97 16.90 -56.45
C PHE S 442 -11.55 15.88 -57.43
N THR S 443 -12.59 15.16 -57.03
CA THR S 443 -13.24 14.20 -57.91
C THR S 443 -14.62 14.72 -58.22
N ASN S 444 -15.19 14.32 -59.37
CA ASN S 444 -16.54 14.75 -59.69
C ASN S 444 -17.51 14.30 -58.62
N ASP S 445 -17.16 13.14 -58.04
CA ASP S 445 -17.93 12.53 -56.97
C ASP S 445 -18.04 13.49 -55.78
N LEU S 446 -16.89 13.95 -55.28
CA LEU S 446 -16.84 14.86 -54.15
C LEU S 446 -17.60 16.15 -54.45
N ILE S 447 -17.37 16.69 -55.64
CA ILE S 447 -17.99 17.93 -56.08
C ILE S 447 -19.52 17.80 -56.15
N GLU S 448 -20.02 16.66 -56.64
CA GLU S 448 -21.46 16.42 -56.74
C GLU S 448 -22.07 16.27 -55.35
N THR S 449 -21.31 15.66 -54.44
CA THR S 449 -21.74 15.44 -53.06
C THR S 449 -21.88 16.78 -52.35
N TRP S 450 -20.89 17.65 -52.56
CA TRP S 450 -20.87 18.99 -51.98
C TRP S 450 -22.07 19.79 -52.48
N ILE S 451 -22.31 19.73 -53.78
CA ILE S 451 -23.43 20.42 -54.41
C ILE S 451 -24.77 19.96 -53.84
N SER S 452 -24.93 18.65 -53.66
CA SER S 452 -26.15 18.06 -53.11
C SER S 452 -26.33 18.44 -51.65
N PHE S 453 -25.24 18.36 -50.90
CA PHE S 453 -25.23 18.69 -49.48
C PHE S 453 -25.74 20.12 -49.26
N LYS S 454 -25.17 21.07 -50.00
CA LYS S 454 -25.55 22.47 -49.89
C LYS S 454 -26.99 22.74 -50.30
N ARG S 455 -27.43 22.11 -51.39
CA ARG S 455 -28.78 22.31 -51.87
C ARG S 455 -29.84 21.72 -50.95
N GLU S 456 -29.61 20.51 -50.48
CA GLU S 456 -30.56 19.82 -49.62
C GLU S 456 -30.54 20.21 -48.15
N ASN S 457 -29.34 20.46 -47.62
CA ASN S 457 -29.18 20.79 -46.21
C ASN S 457 -29.10 22.26 -45.84
N GLU S 458 -28.87 23.12 -46.82
CA GLU S 458 -28.73 24.56 -46.54
C GLU S 458 -29.62 25.46 -47.38
N ILE S 459 -29.44 25.41 -48.69
CA ILE S 459 -30.21 26.25 -49.59
C ILE S 459 -31.73 26.07 -49.50
N GLU S 460 -32.18 24.82 -49.64
CA GLU S 460 -33.60 24.51 -49.60
C GLU S 460 -34.24 24.82 -48.23
N PRO S 461 -33.62 24.34 -47.12
CA PRO S 461 -34.17 24.60 -45.79
C PRO S 461 -34.41 26.08 -45.46
N VAL S 462 -33.47 26.94 -45.84
CA VAL S 462 -33.61 28.38 -45.60
C VAL S 462 -34.68 28.97 -46.53
N ASN S 463 -34.64 28.53 -47.78
CA ASN S 463 -35.56 29.01 -48.80
C ASN S 463 -37.05 28.74 -48.55
N ILE S 464 -37.39 27.62 -47.94
CA ILE S 464 -38.79 27.28 -47.68
C ILE S 464 -39.37 27.95 -46.43
N ARG S 465 -38.49 28.48 -45.58
CA ARG S 465 -38.90 29.13 -44.34
C ARG S 465 -39.09 30.64 -44.46
N PRO S 466 -40.31 31.14 -44.17
CA PRO S 466 -40.55 32.58 -44.25
C PRO S 466 -39.58 33.35 -43.34
N HIS S 467 -39.07 34.46 -43.85
CA HIS S 467 -38.14 35.31 -43.14
C HIS S 467 -38.97 36.31 -42.30
N PRO S 468 -38.52 36.65 -41.09
CA PRO S 468 -39.23 37.60 -40.21
C PRO S 468 -39.57 38.92 -40.89
N TYR S 469 -38.65 39.42 -41.71
CA TYR S 469 -38.87 40.69 -42.41
C TYR S 469 -40.01 40.63 -43.42
N GLU S 470 -40.36 39.42 -43.85
CA GLU S 470 -41.46 39.25 -44.79
C GLU S 470 -42.79 39.59 -44.12
N PHE S 471 -42.82 39.48 -42.79
CA PHE S 471 -44.04 39.80 -42.05
C PHE S 471 -44.18 41.31 -41.90
N ALA S 472 -43.04 41.99 -41.76
CA ALA S 472 -43.02 43.45 -41.66
C ALA S 472 -43.48 44.00 -42.99
N LEU S 473 -42.95 43.39 -44.05
CA LEU S 473 -43.21 43.76 -45.41
C LEU S 473 -44.60 43.35 -45.95
N TYR S 474 -45.05 42.11 -45.67
CA TYR S 474 -46.29 41.61 -46.31
C TYR S 474 -47.47 41.17 -45.43
N TYR S 475 -47.41 41.20 -44.11
CA TYR S 475 -48.58 40.77 -43.36
C TYR S 475 -49.84 41.54 -43.77
N ASP S 476 -49.66 42.82 -44.09
CA ASP S 476 -50.76 43.73 -44.47
C ASP S 476 -51.20 43.76 -45.92
N VAL S 477 -50.58 42.96 -46.79
CA VAL S 477 -50.92 42.99 -48.22
C VAL S 477 -52.40 42.91 -48.60
N THR T 1 -12.19 -16.97 -12.56
CA THR T 1 -11.31 -17.66 -13.53
C THR T 1 -9.89 -17.84 -12.96
N GLU T 2 -9.25 -16.73 -12.60
CA GLU T 2 -7.89 -16.78 -12.06
C GLU T 2 -7.63 -16.13 -10.69
N LYS T 3 -8.57 -15.32 -10.20
CA LYS T 3 -8.36 -14.69 -8.89
C LYS T 3 -8.72 -15.62 -7.73
N THR T 4 -7.81 -15.64 -6.76
CA THR T 4 -7.90 -16.48 -5.57
C THR T 4 -8.53 -15.75 -4.39
N PRO T 5 -9.18 -16.49 -3.48
CA PRO T 5 -9.79 -15.85 -2.31
C PRO T 5 -8.71 -15.05 -1.56
N ASP T 6 -7.48 -15.54 -1.60
CA ASP T 6 -6.36 -14.87 -0.95
C ASP T 6 -6.03 -13.53 -1.63
N ASP T 7 -6.23 -13.47 -2.94
CA ASP T 7 -5.98 -12.24 -3.69
C ASP T 7 -6.97 -11.18 -3.21
N VAL T 8 -8.21 -11.60 -2.97
CA VAL T 8 -9.28 -10.73 -2.50
C VAL T 8 -8.98 -10.21 -1.09
N PHE T 9 -8.50 -11.10 -0.21
CA PHE T 9 -8.18 -10.70 1.16
C PHE T 9 -7.01 -9.71 1.18
N LYS T 10 -6.07 -9.89 0.25
CA LYS T 10 -4.93 -9.00 0.13
C LYS T 10 -5.40 -7.63 -0.36
N LEU T 11 -6.31 -7.63 -1.33
CA LEU T 11 -6.87 -6.40 -1.88
C LEU T 11 -7.55 -5.63 -0.75
N ALA T 12 -8.35 -6.35 0.03
CA ALA T 12 -9.08 -5.76 1.15
C ALA T 12 -8.13 -5.16 2.19
N LYS T 13 -7.06 -5.88 2.52
CA LYS T 13 -6.09 -5.41 3.51
C LYS T 13 -5.31 -4.19 3.01
N ASP T 14 -4.78 -4.28 1.79
CA ASP T 14 -4.02 -3.20 1.19
C ASP T 14 -4.82 -1.92 1.02
N GLU T 15 -6.08 -2.06 0.63
CA GLU T 15 -6.95 -0.90 0.42
C GLU T 15 -7.59 -0.37 1.71
N LYS T 16 -7.35 -1.06 2.83
CA LYS T 16 -7.89 -0.67 4.14
C LYS T 16 -9.41 -0.57 4.06
N VAL T 17 -10.00 -1.57 3.43
CA VAL T 17 -11.44 -1.69 3.24
C VAL T 17 -12.15 -1.81 4.59
N GLU T 18 -13.22 -1.05 4.77
CA GLU T 18 -13.97 -1.14 6.01
C GLU T 18 -15.30 -1.87 5.88
N TYR T 19 -15.82 -1.95 4.66
CA TYR T 19 -17.08 -2.65 4.41
C TYR T 19 -16.99 -3.52 3.16
N VAL T 20 -17.79 -4.58 3.14
CA VAL T 20 -17.83 -5.46 1.98
C VAL T 20 -19.29 -5.47 1.51
N ASP T 21 -19.50 -5.14 0.24
CA ASP T 21 -20.84 -5.11 -0.32
C ASP T 21 -21.17 -6.43 -1.01
N VAL T 22 -22.16 -7.13 -0.46
CA VAL T 22 -22.60 -8.42 -0.98
C VAL T 22 -23.64 -8.20 -2.08
N ARG T 23 -23.25 -8.49 -3.31
CA ARG T 23 -24.13 -8.30 -4.46
C ARG T 23 -24.57 -9.58 -5.16
N PHE T 24 -25.80 -9.55 -5.63
CA PHE T 24 -26.39 -10.67 -6.35
C PHE T 24 -27.40 -10.08 -7.32
N CYS T 25 -27.65 -10.77 -8.42
CA CYS T 25 -28.55 -10.27 -9.43
C CYS T 25 -29.99 -10.73 -9.32
N ASP T 26 -30.94 -9.81 -9.52
CA ASP T 26 -32.34 -10.18 -9.48
C ASP T 26 -32.77 -10.66 -10.88
N LEU T 27 -34.01 -11.11 -10.99
CA LEU T 27 -34.51 -11.63 -12.26
C LEU T 27 -34.41 -10.66 -13.44
N PRO T 28 -35.13 -9.51 -13.38
CA PRO T 28 -35.05 -8.57 -14.51
C PRO T 28 -33.67 -8.04 -14.90
N GLY T 29 -32.74 -7.98 -13.95
CA GLY T 29 -31.39 -7.52 -14.30
C GLY T 29 -30.70 -6.48 -13.44
N ILE T 30 -31.31 -6.10 -12.32
CA ILE T 30 -30.74 -5.11 -11.43
C ILE T 30 -30.03 -5.75 -10.24
N MET T 31 -28.79 -5.33 -9.99
CA MET T 31 -28.01 -5.87 -8.89
C MET T 31 -28.58 -5.44 -7.53
N GLN T 32 -28.64 -6.39 -6.60
CA GLN T 32 -29.15 -6.15 -5.25
C GLN T 32 -27.95 -6.23 -4.31
N HIS T 33 -28.13 -5.74 -3.08
CA HIS T 33 -27.02 -5.80 -2.13
C HIS T 33 -27.39 -5.55 -0.67
N PHE T 34 -26.44 -5.88 0.18
CA PHE T 34 -26.51 -5.65 1.62
C PHE T 34 -25.04 -5.57 2.01
N THR T 35 -24.74 -4.89 3.11
CA THR T 35 -23.36 -4.69 3.51
C THR T 35 -22.99 -5.31 4.85
N ILE T 36 -21.76 -5.81 4.94
CA ILE T 36 -21.24 -6.40 6.17
C ILE T 36 -19.90 -5.73 6.46
N PRO T 37 -19.50 -5.68 7.74
CA PRO T 37 -18.21 -5.06 8.06
C PRO T 37 -17.08 -5.92 7.50
N ALA T 38 -15.97 -5.29 7.14
CA ALA T 38 -14.83 -6.02 6.59
C ALA T 38 -14.30 -7.07 7.56
N SER T 39 -14.40 -6.78 8.85
CA SER T 39 -13.96 -7.69 9.91
C SER T 39 -14.67 -9.05 9.86
N ALA T 40 -15.88 -9.07 9.29
CA ALA T 40 -16.66 -10.29 9.16
C ALA T 40 -16.39 -11.01 7.84
N PHE T 41 -15.50 -10.45 7.04
CA PHE T 41 -15.15 -11.03 5.75
C PHE T 41 -13.87 -11.86 5.89
N ASP T 42 -14.04 -13.17 5.98
CA ASP T 42 -12.93 -14.11 6.14
C ASP T 42 -13.12 -15.34 5.27
N LYS T 43 -12.29 -16.36 5.52
CA LYS T 43 -12.32 -17.61 4.77
C LYS T 43 -13.67 -18.33 4.83
N SER T 44 -14.37 -18.18 5.95
CA SER T 44 -15.66 -18.85 6.14
C SER T 44 -16.72 -18.33 5.16
N VAL T 45 -16.51 -17.14 4.61
CA VAL T 45 -17.45 -16.56 3.65
C VAL T 45 -17.35 -17.34 2.34
N PHE T 46 -16.13 -17.72 1.97
CA PHE T 46 -15.87 -18.48 0.75
C PHE T 46 -16.21 -19.96 0.90
N ASP T 47 -15.98 -20.49 2.10
CA ASP T 47 -16.24 -21.90 2.39
C ASP T 47 -17.70 -22.22 2.71
N ASP T 48 -18.26 -21.48 3.67
CA ASP T 48 -19.64 -21.71 4.10
C ASP T 48 -20.67 -20.79 3.45
N GLY T 49 -20.24 -19.60 3.05
CA GLY T 49 -21.15 -18.66 2.43
C GLY T 49 -21.87 -17.78 3.44
N LEU T 50 -22.78 -16.94 2.96
CA LEU T 50 -23.54 -16.04 3.82
C LEU T 50 -25.02 -16.33 3.71
N ALA T 51 -25.71 -16.27 4.85
CA ALA T 51 -27.14 -16.51 4.85
C ALA T 51 -27.91 -15.22 4.69
N PHE T 52 -29.05 -15.30 3.99
CA PHE T 52 -29.93 -14.17 3.73
C PHE T 52 -31.35 -14.72 3.35
N ASP T 53 -32.35 -13.85 3.47
CA ASP T 53 -33.80 -14.15 3.28
C ASP T 53 -34.39 -13.95 1.90
N GLY T 54 -35.26 -14.80 1.35
CA GLY T 54 -35.82 -14.37 0.07
C GLY T 54 -36.50 -13.05 0.39
N SER T 55 -35.91 -11.91 0.02
CA SER T 55 -36.55 -10.62 0.35
C SER T 55 -37.19 -9.97 -0.87
N SER T 56 -38.05 -8.99 -0.69
CA SER T 56 -38.75 -8.41 -1.82
C SER T 56 -39.60 -9.57 -2.37
N ILE T 57 -40.16 -9.59 -3.58
CA ILE T 57 -41.11 -10.67 -3.80
C ILE T 57 -41.07 -11.50 -5.11
N ARG T 58 -40.72 -10.98 -6.27
CA ARG T 58 -40.90 -11.80 -7.46
C ARG T 58 -39.65 -12.35 -8.16
N GLY T 59 -39.68 -13.64 -8.50
CA GLY T 59 -38.57 -14.32 -9.17
C GLY T 59 -37.92 -15.32 -8.22
N PHE T 60 -37.35 -14.80 -7.12
CA PHE T 60 -36.61 -15.56 -6.09
C PHE T 60 -37.47 -16.39 -5.10
N GLN T 61 -36.84 -16.98 -4.05
CA GLN T 61 -37.39 -17.85 -3.00
C GLN T 61 -38.42 -17.20 -2.04
N SER T 62 -39.71 -17.53 -2.28
CA SER T 62 -40.85 -17.02 -1.50
C SER T 62 -40.87 -17.62 -0.08
N ILE T 63 -42.04 -17.66 0.61
CA ILE T 63 -42.08 -18.20 1.98
C ILE T 63 -42.54 -19.67 2.00
N HIS T 64 -41.91 -20.49 1.14
CA HIS T 64 -42.13 -21.94 1.03
C HIS T 64 -40.78 -22.53 0.63
N GLU T 65 -39.90 -21.53 0.37
CA GLU T 65 -38.49 -21.68 -0.07
C GLU T 65 -37.55 -20.61 0.50
N SER T 66 -38.09 -19.70 1.31
CA SER T 66 -37.45 -18.55 2.01
C SER T 66 -35.93 -18.39 1.93
N ASP T 67 -35.20 -18.99 2.87
CA ASP T 67 -33.76 -18.76 3.08
C ASP T 67 -32.83 -19.17 1.97
N MET T 68 -31.82 -18.32 1.69
CA MET T 68 -30.82 -18.59 0.67
C MET T 68 -29.40 -18.49 1.24
N LEU T 69 -28.45 -19.10 0.54
CA LEU T 69 -27.04 -19.08 0.91
C LEU T 69 -26.27 -18.42 -0.24
N LEU T 70 -25.41 -17.46 0.08
CA LEU T 70 -24.64 -16.75 -0.93
C LEU T 70 -23.16 -17.12 -0.94
N LEU T 71 -22.67 -17.58 -2.08
CA LEU T 71 -21.25 -17.95 -2.24
C LEU T 71 -20.59 -16.94 -3.17
N PRO T 72 -19.46 -16.34 -2.75
CA PRO T 72 -18.72 -15.34 -3.52
C PRO T 72 -17.95 -15.81 -4.73
N ASP T 73 -17.81 -14.89 -5.70
CA ASP T 73 -17.06 -15.12 -6.92
C ASP T 73 -15.89 -14.14 -6.82
N PRO T 74 -14.70 -14.64 -6.45
CA PRO T 74 -13.48 -13.83 -6.30
C PRO T 74 -13.07 -12.98 -7.50
N GLU T 75 -13.48 -13.38 -8.70
CA GLU T 75 -13.14 -12.63 -9.91
C GLU T 75 -13.91 -11.32 -10.04
N THR T 76 -15.01 -11.20 -9.30
CA THR T 76 -15.85 -10.00 -9.35
C THR T 76 -15.52 -8.94 -8.29
N ALA T 77 -14.53 -9.23 -7.45
CA ALA T 77 -14.12 -8.32 -6.39
C ALA T 77 -13.50 -7.03 -6.93
N ARG T 78 -14.12 -5.91 -6.57
CA ARG T 78 -13.66 -4.58 -7.00
C ARG T 78 -13.86 -3.56 -5.90
N ILE T 79 -12.96 -2.58 -5.83
CA ILE T 79 -13.07 -1.50 -4.86
C ILE T 79 -14.09 -0.50 -5.42
N ASP T 80 -15.08 -0.12 -4.62
CA ASP T 80 -16.10 0.83 -5.06
C ASP T 80 -15.48 2.24 -5.06
N PRO T 81 -15.48 2.91 -6.22
CA PRO T 81 -14.91 4.26 -6.33
C PRO T 81 -15.84 5.39 -5.91
N PHE T 82 -17.08 5.06 -5.56
CA PHE T 82 -18.08 6.06 -5.18
C PHE T 82 -18.38 6.15 -3.69
N ARG T 83 -18.43 4.99 -3.02
CA ARG T 83 -18.74 4.95 -1.59
C ARG T 83 -17.68 5.64 -0.74
N ALA T 84 -18.12 6.56 0.12
CA ALA T 84 -17.23 7.31 1.01
C ALA T 84 -16.42 6.38 1.91
N ALA T 85 -17.10 5.45 2.56
CA ALA T 85 -16.45 4.46 3.42
C ALA T 85 -15.83 3.44 2.46
N LYS T 86 -14.52 3.21 2.58
CA LYS T 86 -13.83 2.27 1.69
C LYS T 86 -14.53 0.90 1.66
N THR T 87 -15.09 0.57 0.49
CA THR T 87 -15.85 -0.66 0.32
C THR T 87 -15.37 -1.56 -0.82
N LEU T 88 -15.48 -2.87 -0.59
CA LEU T 88 -15.12 -3.88 -1.57
C LEU T 88 -16.40 -4.54 -2.04
N ASN T 89 -16.68 -4.47 -3.34
CA ASN T 89 -17.87 -5.08 -3.91
C ASN T 89 -17.53 -6.47 -4.46
N ILE T 90 -18.39 -7.44 -4.20
CA ILE T 90 -18.20 -8.80 -4.69
C ILE T 90 -19.56 -9.37 -5.06
N ASN T 91 -19.62 -10.08 -6.19
CA ASN T 91 -20.85 -10.71 -6.64
C ASN T 91 -20.90 -12.13 -6.10
N PHE T 92 -22.11 -12.60 -5.84
CA PHE T 92 -22.32 -13.93 -5.27
C PHE T 92 -23.27 -14.77 -6.09
N PHE T 93 -23.24 -16.09 -5.83
CA PHE T 93 -24.12 -17.06 -6.45
C PHE T 93 -25.09 -17.46 -5.35
N VAL T 94 -26.35 -17.65 -5.71
CA VAL T 94 -27.37 -18.04 -4.74
C VAL T 94 -27.48 -19.57 -4.71
N HIS T 95 -27.31 -20.15 -3.52
CA HIS T 95 -27.40 -21.60 -3.34
C HIS T 95 -28.50 -21.95 -2.35
N ASP T 96 -28.90 -23.21 -2.37
CA ASP T 96 -29.90 -23.70 -1.42
C ASP T 96 -29.09 -24.01 -0.17
N PRO T 97 -29.51 -23.48 0.99
CA PRO T 97 -28.82 -23.69 2.27
C PRO T 97 -28.47 -25.16 2.55
N PHE T 98 -29.51 -25.99 2.50
CA PHE T 98 -29.42 -27.42 2.78
C PHE T 98 -28.53 -28.21 1.82
N THR T 99 -28.96 -28.30 0.56
CA THR T 99 -28.22 -29.06 -0.46
C THR T 99 -27.00 -28.39 -1.07
N LEU T 100 -26.83 -27.09 -0.84
CA LEU T 100 -25.72 -26.31 -1.39
C LEU T 100 -25.84 -26.32 -2.92
N GLU T 101 -27.06 -26.62 -3.38
CA GLU T 101 -27.38 -26.69 -4.80
C GLU T 101 -27.66 -25.31 -5.37
N PRO T 102 -27.00 -24.96 -6.48
CA PRO T 102 -27.19 -23.65 -7.11
C PRO T 102 -28.66 -23.39 -7.40
N TYR T 103 -29.16 -22.26 -6.93
CA TYR T 103 -30.56 -21.87 -7.14
C TYR T 103 -30.80 -21.68 -8.63
N SER T 104 -31.79 -22.38 -9.17
CA SER T 104 -32.11 -22.35 -10.59
C SER T 104 -32.61 -21.02 -11.16
N ARG T 105 -33.01 -20.09 -10.29
CA ARG T 105 -33.52 -18.80 -10.77
C ARG T 105 -32.54 -17.63 -10.59
N ASP T 106 -31.32 -17.95 -10.16
CA ASP T 106 -30.28 -16.95 -9.98
C ASP T 106 -29.59 -16.80 -11.34
N PRO T 107 -29.71 -15.61 -11.95
CA PRO T 107 -29.11 -15.34 -13.25
C PRO T 107 -27.64 -15.69 -13.37
N ARG T 108 -26.87 -15.48 -12.30
CA ARG T 108 -25.45 -15.80 -12.35
C ARG T 108 -25.19 -17.31 -12.41
N ASN T 109 -26.13 -18.10 -11.89
CA ASN T 109 -26.00 -19.55 -11.92
C ASN T 109 -26.29 -20.05 -13.33
N ILE T 110 -27.23 -19.39 -14.01
CA ILE T 110 -27.60 -19.74 -15.38
C ILE T 110 -26.39 -19.56 -16.29
N ALA T 111 -25.69 -18.44 -16.12
CA ALA T 111 -24.51 -18.14 -16.92
C ALA T 111 -23.41 -19.16 -16.66
N ARG T 112 -23.25 -19.57 -15.40
CA ARG T 112 -22.25 -20.56 -15.04
C ARG T 112 -22.63 -21.92 -15.64
N LYS T 113 -23.91 -22.27 -15.56
CA LYS T 113 -24.41 -23.53 -16.12
C LYS T 113 -24.19 -23.55 -17.63
N ALA T 114 -24.35 -22.38 -18.27
CA ALA T 114 -24.17 -22.26 -19.71
C ALA T 114 -22.73 -22.55 -20.11
N GLU T 115 -21.78 -22.06 -19.30
CA GLU T 115 -20.37 -22.28 -19.57
C GLU T 115 -19.99 -23.75 -19.38
N ASN T 116 -20.57 -24.38 -18.35
CA ASN T 116 -20.30 -25.78 -18.05
C ASN T 116 -20.90 -26.69 -19.12
N TYR T 117 -22.06 -26.30 -19.64
CA TYR T 117 -22.73 -27.06 -20.69
C TYR T 117 -21.89 -27.03 -21.97
N LEU T 118 -21.31 -25.87 -22.27
CA LEU T 118 -20.48 -25.69 -23.45
C LEU T 118 -19.35 -26.71 -23.42
N ILE T 119 -18.70 -26.82 -22.26
CA ILE T 119 -17.61 -27.75 -22.07
C ILE T 119 -18.07 -29.20 -22.22
N SER T 120 -19.26 -29.51 -21.70
CA SER T 120 -19.81 -30.85 -21.76
C SER T 120 -20.17 -31.33 -23.17
N THR T 121 -20.45 -30.39 -24.07
CA THR T 121 -20.79 -30.74 -25.45
C THR T 121 -19.55 -31.08 -26.26
N GLY T 122 -18.38 -30.69 -25.76
CA GLY T 122 -17.13 -30.95 -26.46
C GLY T 122 -16.90 -29.99 -27.62
N ILE T 123 -17.92 -29.20 -27.96
CA ILE T 123 -17.83 -28.23 -29.06
C ILE T 123 -16.71 -27.21 -28.83
N ALA T 124 -16.59 -26.73 -27.60
CA ALA T 124 -15.57 -25.77 -27.22
C ALA T 124 -15.49 -25.72 -25.70
N ASP T 125 -14.50 -25.01 -25.17
CA ASP T 125 -14.38 -24.89 -23.72
C ASP T 125 -14.52 -23.45 -23.21
N THR T 126 -14.63 -22.50 -24.13
CA THR T 126 -14.76 -21.09 -23.78
C THR T 126 -15.58 -20.28 -24.78
N ALA T 127 -16.51 -19.48 -24.27
CA ALA T 127 -17.35 -18.61 -25.11
C ALA T 127 -17.03 -17.18 -24.70
N TYR T 128 -16.39 -16.44 -25.61
CA TYR T 128 -16.03 -15.06 -25.34
C TYR T 128 -17.10 -14.08 -25.80
N PHE T 129 -17.47 -13.16 -24.91
CA PHE T 129 -18.47 -12.15 -25.21
C PHE T 129 -17.92 -10.73 -25.06
N GLY T 130 -18.13 -9.93 -26.11
CA GLY T 130 -17.71 -8.55 -26.10
C GLY T 130 -18.97 -7.75 -26.31
N ALA T 131 -19.34 -6.93 -25.33
CA ALA T 131 -20.56 -6.15 -25.43
C ALA T 131 -20.34 -4.66 -25.39
N GLU T 132 -21.07 -3.96 -26.25
CA GLU T 132 -20.95 -2.52 -26.35
C GLU T 132 -22.29 -1.84 -26.14
N ALA T 133 -22.44 -1.31 -24.93
CA ALA T 133 -23.66 -0.69 -24.52
C ALA T 133 -23.60 0.83 -24.56
N GLU T 134 -24.50 1.39 -25.35
CA GLU T 134 -24.65 2.82 -25.51
C GLU T 134 -25.58 3.30 -24.39
N PHE T 135 -25.44 4.56 -24.02
CA PHE T 135 -26.28 5.15 -22.99
C PHE T 135 -26.45 6.64 -23.23
N TYR T 136 -27.42 7.24 -22.55
CA TYR T 136 -27.68 8.67 -22.66
C TYR T 136 -27.43 9.36 -21.33
N ILE T 137 -26.86 10.55 -21.40
CA ILE T 137 -26.57 11.37 -20.22
C ILE T 137 -27.56 12.52 -20.22
N PHE T 138 -28.40 12.58 -19.19
CA PHE T 138 -29.39 13.64 -19.07
C PHE T 138 -29.14 14.48 -17.82
N ASP T 139 -29.86 15.58 -17.70
CA ASP T 139 -29.76 16.46 -16.55
C ASP T 139 -30.94 16.20 -15.63
N SER T 140 -32.05 15.77 -16.21
CA SER T 140 -33.25 15.49 -15.45
C SER T 140 -34.21 14.54 -16.13
N VAL T 141 -35.08 13.95 -15.32
CA VAL T 141 -36.11 13.04 -15.78
C VAL T 141 -37.27 13.05 -14.79
N SER T 142 -38.48 13.21 -15.30
CA SER T 142 -39.67 13.19 -14.46
C SER T 142 -40.79 12.54 -15.27
N PHE T 143 -41.73 11.92 -14.56
CA PHE T 143 -42.86 11.25 -15.21
C PHE T 143 -43.88 10.81 -14.17
N ASP T 144 -45.08 10.51 -14.63
CA ASP T 144 -46.13 9.98 -13.76
C ASP T 144 -47.28 9.42 -14.58
N SER T 145 -48.14 8.67 -13.90
CA SER T 145 -49.30 8.06 -14.53
C SER T 145 -50.45 8.22 -13.56
N ARG T 146 -51.44 9.00 -13.97
CA ARG T 146 -52.61 9.27 -13.14
C ARG T 146 -53.88 8.90 -13.88
N ALA T 147 -55.01 9.03 -13.20
CA ALA T 147 -56.29 8.69 -13.80
C ALA T 147 -56.66 9.56 -14.98
N ASN T 148 -56.38 10.86 -14.87
CA ASN T 148 -56.74 11.83 -15.90
C ASN T 148 -55.58 12.36 -16.73
N GLY T 149 -54.40 11.81 -16.55
CA GLY T 149 -53.27 12.29 -17.31
C GLY T 149 -52.02 11.51 -17.05
N SER T 150 -51.02 11.73 -17.90
CA SER T 150 -49.74 11.04 -17.79
C SER T 150 -48.73 11.84 -18.59
N PHE T 151 -47.46 11.75 -18.19
CA PHE T 151 -46.40 12.46 -18.90
C PHE T 151 -45.04 11.88 -18.57
N TYR T 152 -44.06 12.30 -19.37
CA TYR T 152 -42.66 11.96 -19.14
C TYR T 152 -41.90 13.11 -19.75
N GLU T 153 -40.70 13.34 -19.23
CA GLU T 153 -39.87 14.41 -19.75
C GLU T 153 -38.43 14.19 -19.33
N VAL T 154 -37.56 14.01 -20.32
CA VAL T 154 -36.14 13.88 -20.07
C VAL T 154 -35.55 15.19 -20.61
N ASP T 155 -34.49 15.69 -19.99
CA ASP T 155 -33.92 16.92 -20.46
C ASP T 155 -32.43 17.00 -20.22
N ALA T 156 -31.78 17.80 -21.05
CA ALA T 156 -30.36 18.02 -20.98
C ALA T 156 -30.14 19.45 -21.44
N ILE T 157 -29.31 20.18 -20.69
CA ILE T 157 -28.99 21.57 -20.98
C ILE T 157 -28.61 21.74 -22.45
N SER T 158 -27.76 20.86 -22.94
CA SER T 158 -27.27 20.90 -24.31
C SER T 158 -28.11 20.11 -25.33
N GLY T 159 -29.34 19.75 -24.96
CA GLY T 159 -30.20 19.02 -25.87
C GLY T 159 -30.56 19.86 -27.08
N TRP T 160 -30.51 19.26 -28.26
CA TRP T 160 -30.81 19.96 -29.51
C TRP T 160 -32.21 20.55 -29.62
N TRP T 161 -33.11 20.13 -28.73
CA TRP T 161 -34.48 20.64 -28.70
C TRP T 161 -34.57 21.94 -27.87
N ASN T 162 -33.43 22.35 -27.31
CA ASN T 162 -33.36 23.55 -26.47
C ASN T 162 -32.63 24.75 -27.09
N THR T 163 -32.50 24.77 -28.42
CA THR T 163 -31.80 25.88 -29.07
C THR T 163 -32.49 27.23 -28.83
N GLY T 164 -33.80 27.19 -28.65
CA GLY T 164 -34.56 28.42 -28.43
C GLY T 164 -34.70 28.90 -26.99
N ALA T 165 -34.11 28.19 -26.05
CA ALA T 165 -34.19 28.58 -24.64
C ALA T 165 -33.62 29.98 -24.41
N ALA T 166 -34.44 30.85 -23.82
CA ALA T 166 -34.04 32.23 -23.53
C ALA T 166 -32.87 32.25 -22.56
N THR T 167 -32.93 31.38 -21.56
CA THR T 167 -31.86 31.23 -20.56
C THR T 167 -31.88 29.76 -20.15
N GLU T 168 -30.78 29.30 -19.55
CA GLU T 168 -30.69 27.92 -19.11
C GLU T 168 -31.58 27.68 -17.89
N ALA T 169 -31.67 26.41 -17.48
CA ALA T 169 -32.47 26.03 -16.32
C ALA T 169 -32.07 26.84 -15.09
N ASP T 170 -30.76 26.97 -14.89
CA ASP T 170 -30.22 27.71 -13.75
C ASP T 170 -30.16 29.23 -13.91
N GLY T 171 -30.88 29.76 -14.90
CA GLY T 171 -30.89 31.20 -15.13
C GLY T 171 -29.74 31.75 -15.95
N SER T 172 -28.68 30.97 -16.13
CA SER T 172 -27.51 31.40 -16.91
C SER T 172 -27.86 31.53 -18.39
N PRO T 173 -27.05 32.28 -19.16
CA PRO T 173 -27.36 32.44 -20.59
C PRO T 173 -27.17 31.20 -21.46
N ASN T 174 -27.97 31.13 -22.52
CA ASN T 174 -27.91 30.07 -23.50
C ASN T 174 -26.70 30.37 -24.38
N ARG T 175 -25.69 29.50 -24.34
CA ARG T 175 -24.48 29.71 -25.12
C ARG T 175 -24.40 28.94 -26.43
N GLY T 176 -25.50 28.27 -26.78
CA GLY T 176 -25.55 27.53 -28.03
C GLY T 176 -24.77 26.23 -28.08
N TYR T 177 -24.38 25.84 -29.29
CA TYR T 177 -23.64 24.60 -29.53
C TYR T 177 -24.48 23.36 -29.16
N LYS T 178 -25.79 23.50 -29.28
CA LYS T 178 -26.74 22.42 -28.97
C LYS T 178 -27.15 21.68 -30.24
N VAL T 179 -27.24 22.42 -31.35
CA VAL T 179 -27.65 21.86 -32.64
C VAL T 179 -26.86 20.64 -33.10
N ARG T 180 -27.61 19.71 -33.67
CA ARG T 180 -27.10 18.45 -34.16
C ARG T 180 -26.96 18.61 -35.69
N HIS T 181 -25.75 18.89 -36.15
CA HIS T 181 -25.48 19.11 -37.57
C HIS T 181 -25.35 17.90 -38.46
N LYS T 182 -25.62 18.12 -39.75
CA LYS T 182 -25.52 17.10 -40.78
C LYS T 182 -24.04 16.99 -41.13
N GLY T 183 -23.60 15.79 -41.48
CA GLY T 183 -22.19 15.61 -41.85
C GLY T 183 -21.37 14.73 -40.93
N GLY T 184 -21.53 14.94 -39.63
CA GLY T 184 -20.78 14.14 -38.66
C GLY T 184 -21.41 14.26 -37.29
N TYR T 185 -21.59 13.13 -36.61
CA TYR T 185 -22.21 13.16 -35.30
C TYR T 185 -21.28 12.95 -34.10
N PHE T 186 -19.97 13.12 -34.32
CA PHE T 186 -18.97 13.01 -33.25
C PHE T 186 -18.11 14.28 -33.24
N PRO T 187 -18.73 15.48 -33.31
CA PRO T 187 -17.93 16.71 -33.31
C PRO T 187 -17.14 16.94 -32.03
N VAL T 188 -16.04 17.67 -32.17
CA VAL T 188 -15.19 18.01 -31.04
C VAL T 188 -15.86 19.15 -30.23
N ALA T 189 -15.29 19.46 -29.07
CA ALA T 189 -15.82 20.53 -28.24
C ALA T 189 -15.69 21.86 -28.99
N PRO T 190 -16.56 22.84 -28.69
CA PRO T 190 -17.63 22.80 -27.68
C PRO T 190 -18.95 22.13 -28.07
N ASN T 191 -19.04 21.58 -29.28
CA ASN T 191 -20.27 20.88 -29.69
C ASN T 191 -20.43 19.66 -28.80
N ASP T 192 -19.30 19.05 -28.46
CA ASP T 192 -19.25 17.90 -27.57
C ASP T 192 -19.19 18.52 -26.18
N GLN T 193 -20.31 18.42 -25.45
CA GLN T 193 -20.40 19.01 -24.13
C GLN T 193 -20.20 18.05 -22.96
N TYR T 194 -19.76 16.83 -23.25
CA TYR T 194 -19.58 15.84 -22.19
C TYR T 194 -18.20 15.23 -22.15
N VAL T 195 -17.23 15.92 -22.73
CA VAL T 195 -15.86 15.42 -22.78
C VAL T 195 -15.28 15.04 -21.41
N ASP T 196 -15.31 15.97 -20.45
CA ASP T 196 -14.75 15.70 -19.14
C ASP T 196 -15.48 14.60 -18.37
N LEU T 197 -16.81 14.54 -18.51
CA LEU T 197 -17.61 13.53 -17.82
C LEU T 197 -17.25 12.14 -18.35
N ARG T 198 -17.22 12.00 -19.68
CA ARG T 198 -16.89 10.71 -20.28
C ARG T 198 -15.50 10.26 -19.89
N ASP T 199 -14.58 11.22 -19.77
CA ASP T 199 -13.21 10.89 -19.37
C ASP T 199 -13.20 10.37 -17.95
N LYS T 200 -14.07 10.93 -17.10
CA LYS T 200 -14.16 10.49 -15.71
C LYS T 200 -14.69 9.06 -15.69
N MET T 201 -15.67 8.79 -16.54
CA MET T 201 -16.25 7.46 -16.66
C MET T 201 -15.18 6.48 -17.09
N LEU T 202 -14.43 6.84 -18.12
CA LEU T 202 -13.36 6.00 -18.66
C LEU T 202 -12.27 5.77 -17.61
N THR T 203 -11.89 6.82 -16.90
CA THR T 203 -10.87 6.72 -15.85
C THR T 203 -11.34 5.75 -14.77
N ASN T 204 -12.61 5.85 -14.38
CA ASN T 204 -13.18 4.96 -13.37
C ASN T 204 -13.22 3.51 -13.83
N LEU T 205 -13.54 3.30 -15.12
CA LEU T 205 -13.57 1.95 -15.67
C LEU T 205 -12.18 1.33 -15.65
N ILE T 206 -11.19 2.11 -16.09
CA ILE T 206 -9.81 1.65 -16.11
C ILE T 206 -9.31 1.34 -14.70
N ASN T 207 -9.65 2.17 -13.73
CA ASN T 207 -9.24 1.95 -12.35
C ASN T 207 -9.99 0.76 -11.74
N SER T 208 -11.08 0.36 -12.39
CA SER T 208 -11.88 -0.77 -11.92
C SER T 208 -11.57 -2.07 -12.67
N GLY T 209 -10.41 -2.12 -13.31
CA GLY T 209 -10.00 -3.34 -14.02
C GLY T 209 -10.41 -3.56 -15.46
N PHE T 210 -11.10 -2.61 -16.07
CA PHE T 210 -11.49 -2.77 -17.47
C PHE T 210 -10.26 -2.60 -18.37
N ILE T 211 -10.16 -3.45 -19.37
CA ILE T 211 -9.03 -3.43 -20.29
C ILE T 211 -9.42 -2.75 -21.61
N LEU T 212 -8.71 -1.69 -21.94
CA LEU T 212 -8.93 -0.91 -23.15
C LEU T 212 -7.65 -1.04 -23.98
N GLU T 213 -7.74 -1.64 -25.17
CA GLU T 213 -6.58 -1.77 -26.04
C GLU T 213 -6.89 -1.29 -27.44
N LYS T 214 -6.62 -2.19 -28.37
CA LYS T 214 -6.79 -2.09 -29.83
C LYS T 214 -7.95 -1.19 -30.27
N GLY T 215 -9.12 -1.78 -30.56
CA GLY T 215 -10.24 -0.99 -31.02
C GLY T 215 -11.23 -0.64 -29.94
N HIS T 216 -10.71 -0.29 -28.76
CA HIS T 216 -11.55 0.10 -27.63
C HIS T 216 -11.51 1.62 -27.55
N HIS T 217 -12.67 2.22 -27.78
CA HIS T 217 -12.80 3.67 -27.81
C HIS T 217 -13.80 4.23 -26.80
N GLU T 218 -13.65 5.53 -26.62
CA GLU T 218 -14.57 6.30 -25.83
C GLU T 218 -15.20 7.23 -26.87
N VAL T 219 -16.51 7.17 -27.07
CA VAL T 219 -17.13 8.00 -28.09
C VAL T 219 -18.42 8.66 -27.59
N GLY T 220 -18.72 9.84 -28.14
CA GLY T 220 -19.92 10.55 -27.73
C GLY T 220 -20.56 11.30 -28.88
N SER T 221 -21.89 11.35 -28.86
CA SER T 221 -22.67 12.03 -29.88
C SER T 221 -23.83 12.68 -29.13
N GLY T 222 -23.75 13.99 -28.97
CA GLY T 222 -24.78 14.70 -28.23
C GLY T 222 -24.71 14.19 -26.80
N GLY T 223 -25.85 13.77 -26.27
CA GLY T 223 -25.87 13.24 -24.92
C GLY T 223 -25.61 11.74 -24.88
N GLN T 224 -25.55 11.11 -26.05
CA GLN T 224 -25.30 9.67 -26.12
C GLN T 224 -23.81 9.37 -26.07
N ALA T 225 -23.48 8.23 -25.46
CA ALA T 225 -22.08 7.83 -25.34
C ALA T 225 -21.91 6.33 -25.28
N GLU T 226 -20.66 5.89 -25.42
CA GLU T 226 -20.32 4.48 -25.36
C GLU T 226 -18.83 4.37 -25.13
N ILE T 227 -18.46 3.46 -24.23
CA ILE T 227 -17.06 3.19 -23.94
C ILE T 227 -16.95 1.67 -24.00
N ASN T 228 -16.30 1.16 -25.04
CA ASN T 228 -16.15 -0.27 -25.18
C ASN T 228 -14.83 -0.74 -24.56
N TYR T 229 -14.83 -2.00 -24.14
CA TYR T 229 -13.68 -2.59 -23.49
C TYR T 229 -13.49 -4.03 -23.94
N GLN T 230 -12.40 -4.65 -23.49
CA GLN T 230 -12.09 -6.00 -23.86
C GLN T 230 -13.09 -7.05 -23.39
N PHE T 231 -13.35 -8.01 -24.26
CA PHE T 231 -14.27 -9.12 -24.03
C PHE T 231 -13.83 -9.97 -22.83
N ASN T 232 -14.66 -10.95 -22.50
CA ASN T 232 -14.37 -11.85 -21.38
C ASN T 232 -15.20 -13.11 -21.59
N SER T 233 -14.93 -14.14 -20.80
CA SER T 233 -15.71 -15.38 -20.89
C SER T 233 -17.14 -15.04 -20.47
N LEU T 234 -18.12 -15.71 -21.06
CA LEU T 234 -19.54 -15.46 -20.81
C LEU T 234 -19.96 -14.89 -19.45
N LEU T 235 -19.84 -15.66 -18.38
CA LEU T 235 -20.24 -15.20 -17.05
C LEU T 235 -19.58 -13.88 -16.63
N HIS T 236 -18.26 -13.84 -16.71
CA HIS T 236 -17.53 -12.64 -16.32
C HIS T 236 -17.77 -11.43 -17.23
N ALA T 237 -18.19 -11.69 -18.47
CA ALA T 237 -18.50 -10.63 -19.40
C ALA T 237 -19.79 -9.98 -18.91
N ALA T 238 -20.71 -10.82 -18.43
CA ALA T 238 -21.99 -10.37 -17.92
C ALA T 238 -21.77 -9.57 -16.62
N ASP T 239 -20.81 -10.02 -15.81
CA ASP T 239 -20.48 -9.33 -14.56
C ASP T 239 -19.88 -7.97 -14.92
N ASP T 240 -19.07 -7.94 -15.98
CA ASP T 240 -18.42 -6.72 -16.46
C ASP T 240 -19.46 -5.71 -16.93
N MET T 241 -20.53 -6.20 -17.57
CA MET T 241 -21.59 -5.34 -18.07
C MET T 241 -22.32 -4.66 -16.91
N GLN T 242 -22.60 -5.43 -15.85
CA GLN T 242 -23.26 -4.89 -14.67
C GLN T 242 -22.37 -3.84 -14.01
N LEU T 243 -21.07 -4.12 -13.97
CA LEU T 243 -20.08 -3.22 -13.37
C LEU T 243 -20.01 -1.93 -14.18
N TYR T 244 -19.97 -2.08 -15.51
CA TYR T 244 -19.93 -0.97 -16.45
C TYR T 244 -21.12 -0.04 -16.21
N LYS T 245 -22.33 -0.60 -16.19
CA LYS T 245 -23.52 0.20 -15.96
C LYS T 245 -23.46 0.91 -14.60
N TYR T 246 -22.97 0.19 -13.59
CA TYR T 246 -22.84 0.75 -12.25
C TYR T 246 -21.89 1.95 -12.25
N ILE T 247 -20.74 1.79 -12.90
CA ILE T 247 -19.74 2.85 -12.97
C ILE T 247 -20.20 4.04 -13.82
N ILE T 248 -20.89 3.77 -14.92
CA ILE T 248 -21.38 4.83 -15.78
C ILE T 248 -22.46 5.64 -15.05
N LYS T 249 -23.43 4.93 -14.48
CA LYS T 249 -24.54 5.57 -13.77
C LYS T 249 -24.12 6.41 -12.57
N ASN T 250 -23.17 5.91 -11.79
CA ASN T 250 -22.73 6.63 -10.60
C ASN T 250 -21.70 7.71 -10.82
N THR T 251 -20.95 7.61 -11.91
CA THR T 251 -19.98 8.65 -12.24
C THR T 251 -20.83 9.87 -12.65
N ALA T 252 -21.88 9.62 -13.41
CA ALA T 252 -22.79 10.67 -13.85
C ALA T 252 -23.48 11.26 -12.62
N TRP T 253 -23.98 10.39 -11.74
CA TRP T 253 -24.68 10.81 -10.54
C TRP T 253 -23.84 11.71 -9.64
N GLN T 254 -22.57 11.37 -9.46
CA GLN T 254 -21.68 12.17 -8.64
C GLN T 254 -21.30 13.49 -9.31
N ASN T 255 -21.61 13.62 -10.59
CA ASN T 255 -21.30 14.82 -11.32
C ASN T 255 -22.52 15.59 -11.79
N GLY T 256 -23.60 15.49 -11.00
CA GLY T 256 -24.84 16.19 -11.30
C GLY T 256 -25.67 15.76 -12.49
N LYS T 257 -25.46 14.55 -12.99
CA LYS T 257 -26.22 14.08 -14.13
C LYS T 257 -26.99 12.81 -13.77
N THR T 258 -27.74 12.31 -14.74
CA THR T 258 -28.52 11.09 -14.59
C THR T 258 -28.47 10.34 -15.92
N VAL T 259 -28.01 9.09 -15.86
CA VAL T 259 -27.86 8.24 -17.05
C VAL T 259 -28.96 7.21 -17.23
N THR T 260 -29.28 6.91 -18.48
CA THR T 260 -30.26 5.86 -18.77
C THR T 260 -29.75 4.95 -19.88
N PHE T 261 -29.91 3.64 -19.65
CA PHE T 261 -29.53 2.64 -20.63
C PHE T 261 -30.77 2.13 -21.36
N MET T 262 -31.91 2.80 -21.16
CA MET T 262 -33.12 2.36 -21.83
C MET T 262 -32.94 2.49 -23.34
N PRO T 263 -33.48 1.53 -24.10
CA PRO T 263 -33.39 1.45 -25.57
C PRO T 263 -33.76 2.69 -26.37
N LYS T 264 -34.85 3.35 -26.01
CA LYS T 264 -35.30 4.51 -26.75
C LYS T 264 -35.86 5.60 -25.86
N PRO T 265 -34.98 6.42 -25.26
CA PRO T 265 -35.43 7.50 -24.38
C PRO T 265 -35.89 8.72 -25.17
N LEU T 266 -35.35 8.87 -26.38
CA LEU T 266 -35.67 10.01 -27.25
C LEU T 266 -36.35 9.62 -28.54
N PHE T 267 -37.47 10.27 -28.82
CA PHE T 267 -38.23 10.04 -30.04
C PHE T 267 -37.63 10.98 -31.09
N GLY T 268 -37.05 10.41 -32.14
CA GLY T 268 -36.45 11.24 -33.16
C GLY T 268 -34.94 11.35 -32.98
N ASP T 269 -34.38 10.43 -32.21
CA ASP T 269 -32.94 10.38 -32.00
C ASP T 269 -32.57 8.91 -31.86
N ASN T 270 -31.30 8.62 -32.07
CA ASN T 270 -30.77 7.26 -32.01
C ASN T 270 -31.12 6.50 -30.73
N GLY T 271 -31.44 5.22 -30.89
CA GLY T 271 -31.75 4.37 -29.74
C GLY T 271 -30.43 3.88 -29.17
N SER T 272 -30.48 3.18 -28.03
CA SER T 272 -29.26 2.65 -27.42
C SER T 272 -29.28 1.14 -27.46
N GLY T 273 -28.27 0.57 -28.12
CA GLY T 273 -28.20 -0.88 -28.23
C GLY T 273 -26.97 -1.47 -27.57
N MET T 274 -26.92 -2.81 -27.57
CA MET T 274 -25.81 -3.55 -27.00
C MET T 274 -25.36 -4.59 -28.01
N HIS T 275 -24.39 -4.22 -28.83
CA HIS T 275 -23.85 -5.11 -29.86
C HIS T 275 -23.00 -6.15 -29.16
N CYS T 276 -23.34 -7.43 -29.35
CA CYS T 276 -22.62 -8.51 -28.72
C CYS T 276 -21.79 -9.37 -29.65
N HIS T 277 -20.48 -9.25 -29.50
CA HIS T 277 -19.51 -10.01 -30.28
C HIS T 277 -19.30 -11.32 -29.54
N GLN T 278 -19.38 -12.42 -30.28
CA GLN T 278 -19.23 -13.74 -29.71
C GLN T 278 -18.30 -14.60 -30.54
N SER T 279 -17.68 -15.56 -29.87
CA SER T 279 -16.76 -16.48 -30.53
C SER T 279 -16.45 -17.65 -29.59
N LEU T 280 -16.29 -18.83 -30.17
CA LEU T 280 -15.96 -20.03 -29.40
C LEU T 280 -14.49 -20.40 -29.56
N TRP T 281 -13.89 -20.85 -28.47
CA TRP T 281 -12.49 -21.26 -28.43
C TRP T 281 -12.36 -22.62 -27.75
N LYS T 282 -11.28 -23.32 -28.05
CA LYS T 282 -11.02 -24.63 -27.48
C LYS T 282 -9.51 -24.84 -27.40
N ASP T 283 -9.04 -25.23 -26.22
CA ASP T 283 -7.62 -25.47 -25.96
C ASP T 283 -6.76 -24.29 -26.34
N GLY T 284 -7.26 -23.08 -26.08
CA GLY T 284 -6.51 -21.87 -26.38
C GLY T 284 -6.47 -21.44 -27.83
N ALA T 285 -7.28 -22.09 -28.67
CA ALA T 285 -7.31 -21.78 -30.09
C ALA T 285 -8.71 -21.43 -30.58
N PRO T 286 -8.80 -20.50 -31.55
CA PRO T 286 -10.07 -20.06 -32.14
C PRO T 286 -10.74 -21.12 -33.01
N LEU T 287 -12.07 -21.11 -33.00
CA LEU T 287 -12.87 -22.06 -33.76
C LEU T 287 -13.77 -21.38 -34.79
N MET T 288 -13.71 -20.05 -34.86
CA MET T 288 -14.56 -19.29 -35.78
C MET T 288 -14.00 -19.02 -37.17
N TYR T 289 -12.68 -19.14 -37.32
CA TYR T 289 -12.03 -18.85 -38.61
C TYR T 289 -11.87 -19.99 -39.61
N ASP T 290 -11.84 -19.61 -40.89
CA ASP T 290 -11.68 -20.52 -42.02
C ASP T 290 -11.56 -19.68 -43.29
N GLU T 291 -10.35 -19.60 -43.85
CA GLU T 291 -10.08 -18.82 -45.06
C GLU T 291 -11.03 -19.11 -46.21
N THR T 292 -11.39 -20.39 -46.36
CA THR T 292 -12.27 -20.84 -47.44
C THR T 292 -13.74 -20.43 -47.32
N GLY T 293 -14.20 -20.20 -46.10
CA GLY T 293 -15.59 -19.82 -45.89
C GLY T 293 -15.91 -18.36 -46.13
N TYR T 294 -17.19 -18.07 -46.34
CA TYR T 294 -17.65 -16.70 -46.56
C TYR T 294 -17.33 -15.86 -45.32
N ALA T 295 -16.73 -14.69 -45.54
CA ALA T 295 -16.35 -13.78 -44.45
C ALA T 295 -15.34 -14.40 -43.49
N GLY T 296 -14.64 -15.45 -43.95
CA GLY T 296 -13.65 -16.12 -43.14
C GLY T 296 -14.25 -16.93 -42.00
N LEU T 297 -15.49 -17.37 -42.20
CA LEU T 297 -16.22 -18.13 -41.18
C LEU T 297 -16.13 -19.64 -41.32
N SER T 298 -15.90 -20.31 -40.20
CA SER T 298 -15.82 -21.77 -40.15
C SER T 298 -17.23 -22.36 -40.19
N ASP T 299 -17.32 -23.68 -40.26
CA ASP T 299 -18.62 -24.37 -40.28
C ASP T 299 -19.30 -24.14 -38.94
N THR T 300 -18.50 -24.16 -37.88
CA THR T 300 -18.96 -23.96 -36.51
C THR T 300 -19.59 -22.57 -36.36
N ALA T 301 -18.90 -21.55 -36.86
CA ALA T 301 -19.37 -20.17 -36.81
C ALA T 301 -20.66 -19.97 -37.59
N ARG T 302 -20.72 -20.55 -38.80
CA ARG T 302 -21.89 -20.42 -39.66
C ARG T 302 -23.12 -21.09 -39.04
N HIS T 303 -22.91 -22.24 -38.39
CA HIS T 303 -24.00 -22.96 -37.74
C HIS T 303 -24.50 -22.19 -36.52
N TYR T 304 -23.56 -21.52 -35.84
CA TYR T 304 -23.86 -20.71 -34.68
C TYR T 304 -24.80 -19.59 -35.13
N ILE T 305 -24.44 -18.95 -36.25
CA ILE T 305 -25.23 -17.88 -36.84
C ILE T 305 -26.61 -18.43 -37.24
N GLY T 306 -26.63 -19.67 -37.71
CA GLY T 306 -27.88 -20.30 -38.10
C GLY T 306 -28.79 -20.44 -36.89
N GLY T 307 -28.19 -20.72 -35.74
CA GLY T 307 -28.96 -20.85 -34.51
C GLY T 307 -29.51 -19.51 -34.05
N LEU T 308 -28.68 -18.48 -34.10
CA LEU T 308 -29.09 -17.13 -33.71
C LEU T 308 -30.27 -16.65 -34.56
N LEU T 309 -30.14 -16.77 -35.88
CA LEU T 309 -31.19 -16.34 -36.79
C LEU T 309 -32.46 -17.18 -36.70
N HIS T 310 -32.29 -18.48 -36.50
CA HIS T 310 -33.44 -19.37 -36.39
C HIS T 310 -34.21 -19.13 -35.10
N HIS T 311 -33.48 -18.96 -34.01
CA HIS T 311 -34.08 -18.75 -32.69
C HIS T 311 -34.39 -17.30 -32.29
N ALA T 312 -33.98 -16.35 -33.13
CA ALA T 312 -34.19 -14.94 -32.85
C ALA T 312 -35.57 -14.55 -32.31
N PRO T 313 -36.66 -15.05 -32.92
CA PRO T 313 -38.00 -14.70 -32.43
C PRO T 313 -38.22 -14.96 -30.95
N SER T 314 -37.58 -15.98 -30.40
CA SER T 314 -37.72 -16.28 -28.98
C SER T 314 -36.53 -15.74 -28.19
N LEU T 315 -35.36 -15.75 -28.82
CA LEU T 315 -34.12 -15.26 -28.20
C LEU T 315 -34.28 -13.82 -27.74
N LEU T 316 -35.01 -13.03 -28.53
CA LEU T 316 -35.24 -11.63 -28.22
C LEU T 316 -35.99 -11.41 -26.89
N ALA T 317 -36.61 -12.45 -26.36
CA ALA T 317 -37.32 -12.34 -25.09
C ALA T 317 -36.33 -12.11 -23.93
N PHE T 318 -35.07 -12.46 -24.14
CA PHE T 318 -34.01 -12.28 -23.13
C PHE T 318 -33.01 -11.24 -23.59
N THR T 319 -32.95 -11.06 -24.90
CA THR T 319 -32.01 -10.16 -25.54
C THR T 319 -32.55 -8.70 -25.70
N ASN T 320 -33.86 -8.57 -25.83
CA ASN T 320 -34.57 -7.28 -25.96
C ASN T 320 -35.86 -7.53 -25.18
N PRO T 321 -35.74 -7.68 -23.85
CA PRO T 321 -36.79 -8.01 -22.89
C PRO T 321 -37.78 -6.90 -22.40
N THR T 322 -37.75 -5.70 -22.97
CA THR T 322 -38.66 -4.67 -22.51
C THR T 322 -39.57 -4.13 -23.60
N VAL T 323 -40.65 -3.48 -23.19
CA VAL T 323 -41.60 -2.88 -24.13
C VAL T 323 -40.88 -1.77 -24.90
N ASN T 324 -40.00 -1.04 -24.22
CA ASN T 324 -39.25 0.05 -24.82
C ASN T 324 -38.23 -0.45 -25.86
N SER T 325 -37.83 -1.71 -25.73
CA SER T 325 -36.89 -2.34 -26.66
C SER T 325 -37.41 -2.25 -28.10
N TYR T 326 -38.72 -2.34 -28.26
CA TYR T 326 -39.36 -2.31 -29.58
C TYR T 326 -39.62 -0.94 -30.16
N LYS T 327 -39.11 0.09 -29.51
CA LYS T 327 -39.23 1.47 -30.01
C LYS T 327 -37.92 1.73 -30.76
N ARG T 328 -36.90 0.93 -30.42
CA ARG T 328 -35.60 0.99 -31.07
C ARG T 328 -35.63 0.00 -32.26
N LEU T 329 -36.13 -1.20 -31.99
CA LEU T 329 -36.25 -2.25 -33.01
C LEU T 329 -37.52 -1.98 -33.82
N VAL T 330 -37.42 -0.99 -34.71
CA VAL T 330 -38.53 -0.57 -35.53
C VAL T 330 -37.91 0.01 -36.83
N PRO T 331 -38.60 -0.09 -37.98
CA PRO T 331 -38.08 0.45 -39.26
C PRO T 331 -37.59 1.91 -39.17
N GLY T 332 -36.31 2.13 -39.46
CA GLY T 332 -35.77 3.47 -39.38
C GLY T 332 -34.26 3.62 -39.44
N TYR T 333 -33.66 3.96 -38.30
CA TYR T 333 -32.20 4.17 -38.15
C TYR T 333 -31.33 2.95 -38.48
N GLU T 334 -31.76 2.14 -39.44
CA GLU T 334 -31.06 0.94 -39.87
C GLU T 334 -31.03 0.01 -38.65
N ALA T 335 -32.22 -0.24 -38.13
CA ALA T 335 -32.40 -1.09 -36.95
C ALA T 335 -32.13 -2.55 -37.27
N PRO T 336 -31.34 -3.22 -36.43
CA PRO T 336 -30.99 -4.64 -36.62
C PRO T 336 -32.21 -5.54 -36.49
N ILE T 337 -33.13 -5.42 -37.44
CA ILE T 337 -34.37 -6.21 -37.44
C ILE T 337 -34.40 -7.25 -38.56
N ASN T 338 -33.42 -7.18 -39.46
CA ASN T 338 -33.34 -8.09 -40.60
C ASN T 338 -32.61 -9.38 -40.25
N LEU T 339 -33.36 -10.49 -40.28
CA LEU T 339 -32.83 -11.80 -39.93
C LEU T 339 -31.89 -12.43 -40.95
N VAL T 340 -30.75 -11.77 -41.16
CA VAL T 340 -29.73 -12.24 -42.09
C VAL T 340 -28.37 -11.83 -41.55
N TYR T 341 -27.29 -12.46 -42.04
CA TYR T 341 -25.95 -12.08 -41.62
C TYR T 341 -25.28 -11.31 -42.75
N SER T 342 -24.29 -10.51 -42.43
CA SER T 342 -23.63 -9.69 -43.45
C SER T 342 -22.32 -9.11 -42.93
N GLN T 343 -21.58 -8.46 -43.82
CA GLN T 343 -20.31 -7.82 -43.46
C GLN T 343 -20.47 -6.31 -43.66
N ARG T 344 -21.42 -5.96 -44.53
CA ARG T 344 -21.72 -4.57 -44.85
C ARG T 344 -22.91 -3.99 -44.07
N ASN T 345 -24.08 -4.59 -44.26
CA ASN T 345 -25.32 -4.14 -43.62
C ASN T 345 -25.33 -4.06 -42.09
N ARG T 346 -25.66 -2.88 -41.59
CA ARG T 346 -25.73 -2.65 -40.16
C ARG T 346 -27.16 -2.88 -39.64
N SER T 347 -28.08 -3.07 -40.58
CA SER T 347 -29.48 -3.35 -40.27
C SER T 347 -29.69 -4.87 -40.22
N ALA T 348 -28.58 -5.60 -40.30
CA ALA T 348 -28.62 -7.06 -40.24
C ALA T 348 -28.45 -7.49 -38.78
N CYS T 349 -29.24 -8.47 -38.36
CA CYS T 349 -29.18 -8.99 -37.00
C CYS T 349 -27.76 -9.42 -36.63
N VAL T 350 -27.10 -10.10 -37.55
CA VAL T 350 -25.74 -10.56 -37.32
C VAL T 350 -24.82 -9.93 -38.35
N ARG T 351 -23.72 -9.35 -37.87
CA ARG T 351 -22.74 -8.74 -38.75
C ARG T 351 -21.39 -9.34 -38.44
N ILE T 352 -20.62 -9.63 -39.48
CA ILE T 352 -19.29 -10.19 -39.29
C ILE T 352 -18.28 -9.08 -39.51
N PRO T 353 -17.65 -8.60 -38.42
CA PRO T 353 -16.66 -7.54 -38.49
C PRO T 353 -15.52 -7.91 -39.42
N ILE T 354 -15.09 -6.96 -40.24
CA ILE T 354 -14.00 -7.20 -41.17
C ILE T 354 -12.70 -7.12 -40.36
N THR T 355 -12.12 -8.28 -40.09
CA THR T 355 -10.91 -8.38 -39.29
C THR T 355 -9.67 -8.93 -40.02
N GLY T 356 -9.84 -9.31 -41.28
CA GLY T 356 -8.73 -9.82 -42.04
C GLY T 356 -8.47 -11.32 -41.95
N SER T 357 -7.19 -11.68 -42.01
CA SER T 357 -6.76 -13.08 -41.97
C SER T 357 -6.44 -13.64 -40.59
N ASN T 358 -6.37 -12.77 -39.57
CA ASN T 358 -6.08 -13.20 -38.20
C ASN T 358 -7.24 -14.02 -37.64
N PRO T 359 -7.02 -15.33 -37.43
CA PRO T 359 -8.05 -16.23 -36.91
C PRO T 359 -8.55 -15.89 -35.49
N LYS T 360 -7.67 -15.29 -34.69
CA LYS T 360 -8.00 -14.91 -33.32
C LYS T 360 -8.95 -13.71 -33.23
N ALA T 361 -9.11 -12.99 -34.33
CA ALA T 361 -9.98 -11.82 -34.36
C ALA T 361 -11.35 -12.09 -34.98
N LYS T 362 -11.50 -13.25 -35.61
CA LYS T 362 -12.76 -13.61 -36.24
C LYS T 362 -13.84 -13.87 -35.21
N ARG T 363 -14.97 -13.21 -35.38
CA ARG T 363 -16.09 -13.33 -34.45
C ARG T 363 -17.36 -12.84 -35.14
N LEU T 364 -18.49 -13.14 -34.54
CA LEU T 364 -19.76 -12.69 -35.07
C LEU T 364 -20.35 -11.66 -34.11
N GLU T 365 -21.07 -10.70 -34.66
CA GLU T 365 -21.66 -9.65 -33.85
C GLU T 365 -23.18 -9.63 -33.94
N PHE T 366 -23.83 -9.97 -32.82
CA PHE T 366 -25.29 -9.95 -32.77
C PHE T 366 -25.62 -8.49 -32.40
N ARG T 367 -26.17 -7.76 -33.36
CA ARG T 367 -26.48 -6.35 -33.20
C ARG T 367 -27.82 -5.99 -32.57
N SER T 368 -28.75 -6.92 -32.61
CA SER T 368 -30.11 -6.68 -32.10
C SER T 368 -30.29 -6.37 -30.60
N PRO T 369 -29.51 -7.01 -29.71
CA PRO T 369 -29.66 -6.75 -28.27
C PRO T 369 -29.55 -5.31 -27.80
N ASP T 370 -30.06 -5.07 -26.60
CA ASP T 370 -29.99 -3.77 -25.94
C ASP T 370 -29.66 -4.07 -24.48
N SER T 371 -29.42 -3.05 -23.67
CA SER T 371 -29.09 -3.29 -22.26
C SER T 371 -30.23 -3.02 -21.30
N SER T 372 -31.45 -3.29 -21.75
CA SER T 372 -32.63 -3.07 -20.92
C SER T 372 -32.99 -4.27 -20.05
N GLY T 373 -32.14 -5.30 -20.07
CA GLY T 373 -32.45 -6.48 -19.29
C GLY T 373 -31.37 -7.07 -18.41
N ASN T 374 -31.24 -8.39 -18.50
CA ASN T 374 -30.29 -9.16 -17.71
C ASN T 374 -29.22 -9.74 -18.63
N PRO T 375 -27.97 -9.26 -18.49
CA PRO T 375 -26.86 -9.74 -19.32
C PRO T 375 -26.51 -11.22 -19.12
N TYR T 376 -26.73 -11.74 -17.92
CA TYR T 376 -26.44 -13.13 -17.61
C TYR T 376 -27.37 -14.02 -18.43
N LEU T 377 -28.65 -13.66 -18.46
CA LEU T 377 -29.64 -14.42 -19.21
C LEU T 377 -29.50 -14.20 -20.71
N ALA T 378 -29.22 -12.96 -21.11
CA ALA T 378 -29.07 -12.61 -22.52
C ALA T 378 -27.90 -13.35 -23.17
N PHE T 379 -26.72 -13.27 -22.55
CA PHE T 379 -25.53 -13.94 -23.06
C PHE T 379 -25.74 -15.46 -23.12
N SER T 380 -26.31 -16.01 -22.05
CA SER T 380 -26.58 -17.44 -21.96
C SER T 380 -27.51 -17.89 -23.07
N ALA T 381 -28.60 -17.14 -23.27
CA ALA T 381 -29.59 -17.44 -24.30
C ALA T 381 -28.95 -17.40 -25.69
N MET T 382 -28.03 -16.45 -25.89
CA MET T 382 -27.35 -16.32 -27.18
C MET T 382 -26.47 -17.55 -27.42
N LEU T 383 -25.77 -18.00 -26.39
CA LEU T 383 -24.91 -19.18 -26.48
C LEU T 383 -25.74 -20.41 -26.81
N MET T 384 -26.83 -20.60 -26.08
CA MET T 384 -27.72 -21.74 -26.29
C MET T 384 -28.30 -21.77 -27.68
N ALA T 385 -28.63 -20.60 -28.22
CA ALA T 385 -29.17 -20.52 -29.57
C ALA T 385 -28.08 -20.93 -30.56
N GLY T 386 -26.86 -20.46 -30.33
CA GLY T 386 -25.75 -20.79 -31.19
C GLY T 386 -25.35 -22.25 -31.12
N LEU T 387 -25.35 -22.82 -29.93
CA LEU T 387 -24.99 -24.23 -29.74
C LEU T 387 -26.02 -25.17 -30.36
N ASP T 388 -27.29 -24.77 -30.32
CA ASP T 388 -28.35 -25.58 -30.91
C ASP T 388 -28.18 -25.56 -32.43
N GLY T 389 -27.65 -24.45 -32.94
CA GLY T 389 -27.42 -24.32 -34.36
C GLY T 389 -26.27 -25.20 -34.80
N ILE T 390 -25.26 -25.32 -33.94
CA ILE T 390 -24.09 -26.15 -34.21
C ILE T 390 -24.44 -27.64 -34.15
N LYS T 391 -25.16 -28.04 -33.10
CA LYS T 391 -25.56 -29.43 -32.93
C LYS T 391 -26.47 -29.92 -34.03
N ASN T 392 -27.42 -29.10 -34.45
CA ASN T 392 -28.35 -29.46 -35.51
C ASN T 392 -27.91 -28.95 -36.89
N LYS T 393 -26.66 -28.52 -36.97
CA LYS T 393 -26.07 -28.00 -38.20
C LYS T 393 -27.01 -27.09 -39.01
N ILE T 394 -27.69 -26.20 -38.31
CA ILE T 394 -28.62 -25.26 -38.93
C ILE T 394 -27.90 -24.32 -39.87
N GLU T 395 -28.34 -24.30 -41.12
CA GLU T 395 -27.75 -23.44 -42.13
C GLU T 395 -28.51 -22.13 -42.25
N PRO T 396 -27.81 -21.01 -42.05
CA PRO T 396 -28.46 -19.69 -42.15
C PRO T 396 -28.71 -19.39 -43.62
N GLN T 397 -29.77 -18.64 -43.91
CA GLN T 397 -30.04 -18.30 -45.29
C GLN T 397 -28.86 -17.47 -45.82
N ALA T 398 -28.72 -17.43 -47.15
CA ALA T 398 -27.62 -16.71 -47.79
C ALA T 398 -27.42 -15.29 -47.27
N PRO T 399 -26.16 -14.94 -46.96
CA PRO T 399 -25.79 -13.61 -46.46
C PRO T 399 -26.10 -12.55 -47.50
N VAL T 400 -26.29 -11.31 -47.04
CA VAL T 400 -26.61 -10.21 -47.93
C VAL T 400 -25.70 -9.02 -47.71
N ASP T 401 -24.91 -8.68 -48.71
CA ASP T 401 -24.00 -7.54 -48.63
C ASP T 401 -24.50 -6.33 -49.42
N LYS T 402 -25.55 -6.54 -50.23
CA LYS T 402 -26.16 -5.47 -51.00
C LYS T 402 -26.87 -4.61 -49.96
N ASP T 403 -26.91 -3.30 -50.16
CA ASP T 403 -27.59 -2.43 -49.20
C ASP T 403 -29.05 -2.88 -49.11
N LEU T 404 -29.44 -3.37 -47.93
CA LEU T 404 -30.80 -3.85 -47.68
C LEU T 404 -31.88 -2.79 -47.86
N TYR T 405 -31.50 -1.53 -47.64
CA TYR T 405 -32.43 -0.41 -47.78
C TYR T 405 -32.98 -0.32 -49.21
N GLU T 406 -32.09 -0.15 -50.19
CA GLU T 406 -32.51 -0.08 -51.59
C GLU T 406 -32.45 -1.47 -52.24
N LEU T 407 -33.52 -2.22 -52.07
CA LEU T 407 -33.62 -3.57 -52.61
C LEU T 407 -34.97 -3.70 -53.30
N PRO T 408 -35.03 -4.36 -54.48
CA PRO T 408 -36.30 -4.52 -55.20
C PRO T 408 -37.36 -5.16 -54.30
N PRO T 409 -38.46 -4.42 -54.03
CA PRO T 409 -39.60 -4.79 -53.19
C PRO T 409 -40.01 -6.28 -53.15
N GLU T 410 -39.84 -6.98 -54.26
CA GLU T 410 -40.19 -8.40 -54.31
C GLU T 410 -39.06 -9.27 -53.74
N GLU T 411 -37.83 -8.79 -53.92
CA GLU T 411 -36.62 -9.48 -53.43
C GLU T 411 -36.40 -9.15 -51.95
N ALA T 412 -36.98 -8.04 -51.50
CA ALA T 412 -36.88 -7.59 -50.11
C ALA T 412 -37.90 -8.30 -49.22
N ALA T 413 -38.92 -8.89 -49.83
CA ALA T 413 -39.96 -9.61 -49.11
C ALA T 413 -39.45 -10.98 -48.65
N SER T 414 -38.27 -11.37 -49.12
CA SER T 414 -37.67 -12.64 -48.77
C SER T 414 -36.76 -12.51 -47.55
N ILE T 415 -36.70 -11.30 -46.99
CA ILE T 415 -35.88 -11.00 -45.80
C ILE T 415 -36.79 -11.00 -44.56
N PRO T 416 -36.65 -12.01 -43.69
CA PRO T 416 -37.45 -12.11 -42.47
C PRO T 416 -37.09 -11.01 -41.48
N GLN T 417 -38.10 -10.53 -40.75
CA GLN T 417 -37.89 -9.48 -39.77
C GLN T 417 -38.06 -10.07 -38.37
N THR T 418 -37.52 -9.39 -37.37
CA THR T 418 -37.65 -9.82 -35.98
C THR T 418 -39.04 -9.37 -35.53
N PRO T 419 -39.60 -10.00 -34.48
CA PRO T 419 -40.93 -9.55 -34.04
C PRO T 419 -40.84 -8.08 -33.61
N THR T 420 -41.95 -7.37 -33.70
CA THR T 420 -41.99 -5.94 -33.38
C THR T 420 -42.63 -5.57 -32.04
N GLN T 421 -42.91 -6.57 -31.21
CA GLN T 421 -43.56 -6.32 -29.93
C GLN T 421 -43.05 -7.31 -28.88
N LEU T 422 -42.97 -6.88 -27.63
CA LEU T 422 -42.51 -7.74 -26.55
C LEU T 422 -43.47 -8.92 -26.34
N SER T 423 -44.76 -8.66 -26.44
CA SER T 423 -45.78 -9.70 -26.28
C SER T 423 -45.55 -10.81 -27.31
N ASP T 424 -45.05 -10.45 -28.49
CA ASP T 424 -44.78 -11.36 -29.55
C ASP T 424 -43.63 -12.30 -29.19
N VAL T 425 -42.48 -11.73 -28.86
CA VAL T 425 -41.31 -12.51 -28.50
C VAL T 425 -41.54 -13.38 -27.28
N ILE T 426 -42.39 -12.90 -26.37
CA ILE T 426 -42.72 -13.65 -25.16
C ILE T 426 -43.58 -14.86 -25.56
N ASP T 427 -44.49 -14.65 -26.51
CA ASP T 427 -45.34 -15.73 -27.02
C ASP T 427 -44.47 -16.77 -27.72
N ARG T 428 -43.48 -16.31 -28.48
CA ARG T 428 -42.56 -17.17 -29.21
C ARG T 428 -41.65 -17.97 -28.27
N LEU T 429 -41.26 -17.36 -27.16
CA LEU T 429 -40.40 -18.01 -26.18
C LEU T 429 -41.18 -19.14 -25.51
N GLU T 430 -42.45 -18.87 -25.21
CA GLU T 430 -43.35 -19.82 -24.59
C GLU T 430 -43.56 -21.04 -25.49
N ALA T 431 -43.69 -20.77 -26.79
CA ALA T 431 -43.91 -21.81 -27.79
C ALA T 431 -42.68 -22.63 -28.16
N ASP T 432 -41.51 -22.00 -28.11
CA ASP T 432 -40.27 -22.67 -28.48
C ASP T 432 -39.09 -22.25 -27.58
N HIS T 433 -38.78 -23.08 -26.59
CA HIS T 433 -37.68 -22.79 -25.69
C HIS T 433 -36.85 -24.01 -25.31
N GLU T 434 -36.98 -25.08 -26.10
CA GLU T 434 -36.24 -26.30 -25.82
C GLU T 434 -34.73 -26.15 -25.91
N TYR T 435 -34.28 -25.29 -26.82
CA TYR T 435 -32.85 -25.05 -26.99
C TYR T 435 -32.25 -24.43 -25.73
N LEU T 436 -33.09 -23.74 -24.97
CA LEU T 436 -32.68 -23.08 -23.73
C LEU T 436 -32.53 -24.09 -22.59
N THR T 437 -33.43 -25.07 -22.55
CA THR T 437 -33.44 -26.09 -21.50
C THR T 437 -32.41 -27.22 -21.69
N GLU T 438 -31.71 -27.21 -22.82
CA GLU T 438 -30.68 -28.21 -23.09
C GLU T 438 -29.63 -28.19 -21.99
N GLY T 439 -29.23 -29.37 -21.55
CA GLY T 439 -28.23 -29.49 -20.49
C GLY T 439 -28.67 -28.89 -19.17
N GLY T 440 -29.95 -28.53 -19.08
CA GLY T 440 -30.49 -27.94 -17.86
C GLY T 440 -30.03 -26.51 -17.57
N VAL T 441 -29.49 -25.81 -18.57
CA VAL T 441 -29.00 -24.44 -18.41
C VAL T 441 -30.16 -23.53 -17.95
N PHE T 442 -31.26 -23.57 -18.69
CA PHE T 442 -32.46 -22.82 -18.33
C PHE T 442 -33.46 -23.91 -17.93
N THR T 443 -34.38 -23.61 -17.03
CA THR T 443 -35.40 -24.56 -16.62
C THR T 443 -36.74 -24.04 -17.11
N ASN T 444 -37.70 -24.94 -17.33
CA ASN T 444 -39.01 -24.49 -17.76
C ASN T 444 -39.62 -23.56 -16.73
N ASP T 445 -39.23 -23.82 -15.47
CA ASP T 445 -39.66 -23.03 -14.32
C ASP T 445 -39.23 -21.57 -14.50
N LEU T 446 -37.93 -21.36 -14.72
CA LEU T 446 -37.39 -20.01 -14.90
C LEU T 446 -38.03 -19.31 -16.09
N ILE T 447 -38.16 -20.04 -17.19
CA ILE T 447 -38.76 -19.52 -18.41
C ILE T 447 -40.21 -19.10 -18.23
N GLU T 448 -40.97 -19.88 -17.48
CA GLU T 448 -42.38 -19.58 -17.21
C GLU T 448 -42.49 -18.36 -16.30
N THR T 449 -41.55 -18.24 -15.36
CA THR T 449 -41.51 -17.13 -14.42
C THR T 449 -41.23 -15.83 -15.17
N TRP T 450 -40.28 -15.89 -16.10
CA TRP T 450 -39.88 -14.76 -16.93
C TRP T 450 -41.07 -14.30 -17.76
N ILE T 451 -41.76 -15.27 -18.38
CA ILE T 451 -42.93 -14.99 -19.21
C ILE T 451 -44.04 -14.32 -18.40
N SER T 452 -44.28 -14.80 -17.18
CA SER T 452 -45.30 -14.25 -16.30
C SER T 452 -44.92 -12.85 -15.83
N PHE T 453 -43.66 -12.69 -15.46
CA PHE T 453 -43.14 -11.41 -15.00
C PHE T 453 -43.35 -10.33 -16.04
N LYS T 454 -42.96 -10.61 -17.28
CA LYS T 454 -43.10 -9.66 -18.38
C LYS T 454 -44.55 -9.33 -18.71
N ARG T 455 -45.40 -10.35 -18.71
CA ARG T 455 -46.82 -10.15 -19.02
C ARG T 455 -47.56 -9.35 -17.96
N GLU T 456 -47.33 -9.70 -16.70
CA GLU T 456 -48.01 -9.05 -15.59
C GLU T 456 -47.42 -7.71 -15.15
N ASN T 457 -46.10 -7.60 -15.18
CA ASN T 457 -45.43 -6.39 -14.73
C ASN T 457 -45.05 -5.37 -15.78
N GLU T 458 -45.06 -5.76 -17.05
CA GLU T 458 -44.66 -4.85 -18.12
C GLU T 458 -45.66 -4.71 -19.25
N ILE T 459 -45.96 -5.83 -19.92
CA ILE T 459 -46.88 -5.82 -21.05
C ILE T 459 -48.28 -5.31 -20.72
N GLU T 460 -48.91 -5.90 -19.71
CA GLU T 460 -50.25 -5.52 -19.29
C GLU T 460 -50.33 -4.07 -18.77
N PRO T 461 -49.43 -3.67 -17.85
CA PRO T 461 -49.46 -2.31 -17.31
C PRO T 461 -49.39 -1.21 -18.38
N VAL T 462 -48.54 -1.39 -19.39
CA VAL T 462 -48.41 -0.40 -20.46
C VAL T 462 -49.65 -0.45 -21.36
N ASN T 463 -50.10 -1.66 -21.65
CA ASN T 463 -51.25 -1.88 -22.52
C ASN T 463 -52.58 -1.29 -22.05
N ILE T 464 -52.82 -1.28 -20.73
CA ILE T 464 -54.08 -0.75 -20.21
C ILE T 464 -54.11 0.77 -20.07
N ARG T 465 -52.93 1.40 -20.14
CA ARG T 465 -52.82 2.84 -20.00
C ARG T 465 -52.84 3.61 -21.32
N PRO T 466 -53.82 4.51 -21.49
CA PRO T 466 -53.90 5.29 -22.73
C PRO T 466 -52.59 6.05 -22.98
N HIS T 467 -52.15 6.04 -24.23
CA HIS T 467 -50.93 6.71 -24.66
C HIS T 467 -51.30 8.17 -25.00
N PRO T 468 -50.41 9.14 -24.69
CA PRO T 468 -50.66 10.56 -24.96
C PRO T 468 -51.05 10.84 -26.42
N TYR T 469 -50.42 10.13 -27.35
CA TYR T 469 -50.70 10.33 -28.76
C TYR T 469 -52.12 9.91 -29.16
N GLU T 470 -52.75 9.08 -28.33
CA GLU T 470 -54.11 8.64 -28.59
C GLU T 470 -55.07 9.81 -28.41
N PHE T 471 -54.66 10.81 -27.62
CA PHE T 471 -55.49 11.98 -27.41
C PHE T 471 -55.40 12.93 -28.59
N ALA T 472 -54.21 12.99 -29.19
CA ALA T 472 -53.97 13.81 -30.37
C ALA T 472 -54.79 13.22 -31.51
N LEU T 473 -54.74 11.91 -31.59
CA LEU T 473 -55.39 11.12 -32.60
C LEU T 473 -56.93 10.98 -32.42
N TYR T 474 -57.40 10.72 -31.18
CA TYR T 474 -58.83 10.40 -30.99
C TYR T 474 -59.68 11.28 -30.06
N TYR T 475 -59.18 12.30 -29.39
CA TYR T 475 -60.07 13.08 -28.53
C TYR T 475 -61.28 13.62 -29.30
N ASP T 476 -61.07 13.95 -30.57
CA ASP T 476 -62.10 14.52 -31.44
C ASP T 476 -63.00 13.56 -32.21
N VAL T 477 -62.83 12.25 -32.04
CA VAL T 477 -63.64 11.27 -32.78
C VAL T 477 -65.15 11.47 -32.80
N THR U 1 -23.07 -6.14 33.42
CA THR U 1 -22.64 -7.56 33.41
C THR U 1 -21.15 -7.70 33.76
N GLU U 2 -20.30 -7.04 32.99
CA GLU U 2 -18.86 -7.12 33.21
C GLU U 2 -18.09 -5.80 33.40
N LYS U 3 -18.69 -4.67 33.06
CA LYS U 3 -18.00 -3.39 33.23
C LYS U 3 -18.06 -2.87 34.67
N THR U 4 -16.90 -2.44 35.15
CA THR U 4 -16.72 -1.95 36.51
C THR U 4 -16.82 -0.43 36.59
N PRO U 5 -17.23 0.10 37.75
CA PRO U 5 -17.33 1.56 37.91
C PRO U 5 -15.98 2.20 37.56
N ASP U 6 -14.91 1.48 37.86
CA ASP U 6 -13.55 1.95 37.57
C ASP U 6 -13.30 2.04 36.06
N ASP U 7 -13.90 1.12 35.31
CA ASP U 7 -13.76 1.12 33.86
C ASP U 7 -14.39 2.40 33.31
N VAL U 8 -15.53 2.78 33.89
CA VAL U 8 -16.26 3.98 33.49
C VAL U 8 -15.46 5.24 33.80
N PHE U 9 -14.85 5.29 34.99
CA PHE U 9 -14.03 6.45 35.38
C PHE U 9 -12.83 6.58 34.47
N LYS U 10 -12.28 5.46 34.04
CA LYS U 10 -11.13 5.46 33.16
C LYS U 10 -11.55 5.99 31.79
N LEU U 11 -12.70 5.53 31.32
CA LEU U 11 -13.26 5.96 30.03
C LEU U 11 -13.43 7.47 30.06
N ALA U 12 -14.01 7.97 31.14
CA ALA U 12 -14.26 9.39 31.33
C ALA U 12 -12.95 10.20 31.32
N LYS U 13 -11.94 9.70 32.03
CA LYS U 13 -10.64 10.38 32.10
C LYS U 13 -9.92 10.38 30.74
N ASP U 14 -9.84 9.20 30.12
CA ASP U 14 -9.17 9.07 28.83
C ASP U 14 -9.82 9.91 27.73
N GLU U 15 -11.15 9.96 27.72
CA GLU U 15 -11.88 10.72 26.72
C GLU U 15 -11.99 12.21 27.02
N LYS U 16 -11.49 12.62 28.19
CA LYS U 16 -11.52 14.02 28.62
C LYS U 16 -12.95 14.54 28.61
N VAL U 17 -13.85 13.71 29.15
CA VAL U 17 -15.27 13.99 29.25
C VAL U 17 -15.51 15.21 30.15
N GLU U 18 -16.37 16.12 29.69
CA GLU U 18 -16.67 17.29 30.51
C GLU U 18 -18.05 17.25 31.15
N TYR U 19 -18.95 16.45 30.58
CA TYR U 19 -20.30 16.31 31.12
C TYR U 19 -20.72 14.85 31.15
N VAL U 20 -21.62 14.53 32.09
CA VAL U 20 -22.15 13.18 32.20
C VAL U 20 -23.67 13.31 32.06
N ASP U 21 -24.23 12.58 31.11
CA ASP U 21 -25.67 12.63 30.88
C ASP U 21 -26.36 11.50 31.63
N VAL U 22 -27.21 11.87 32.59
CA VAL U 22 -27.96 10.93 33.41
C VAL U 22 -29.25 10.56 32.71
N ARG U 23 -29.33 9.31 32.24
CA ARG U 23 -30.51 8.83 31.53
C ARG U 23 -31.31 7.77 32.24
N PHE U 24 -32.62 7.83 32.06
CA PHE U 24 -33.54 6.88 32.65
C PHE U 24 -34.73 6.79 31.70
N CYS U 25 -35.41 5.66 31.69
CA CYS U 25 -36.53 5.45 30.79
C CYS U 25 -37.89 5.78 31.35
N ASP U 26 -38.72 6.43 30.54
CA ASP U 26 -40.07 6.76 30.97
C ASP U 26 -40.99 5.57 30.65
N LEU U 27 -42.25 5.65 31.06
CA LEU U 27 -43.20 4.57 30.83
C LEU U 27 -43.37 4.15 29.36
N PRO U 28 -43.87 5.05 28.50
CA PRO U 28 -44.04 4.66 27.09
C PRO U 28 -42.81 4.17 26.34
N GLY U 29 -41.62 4.61 26.73
CA GLY U 29 -40.42 4.14 26.06
C GLY U 29 -39.36 5.12 25.61
N ILE U 30 -39.53 6.40 25.95
CA ILE U 30 -38.56 7.42 25.56
C ILE U 30 -37.59 7.75 26.69
N MET U 31 -36.29 7.75 26.39
CA MET U 31 -35.28 8.05 27.38
C MET U 31 -35.31 9.52 27.79
N GLN U 32 -35.19 9.75 29.10
CA GLN U 32 -35.19 11.08 29.69
C GLN U 32 -33.78 11.36 30.18
N HIS U 33 -33.48 12.63 30.44
CA HIS U 33 -32.15 12.97 30.94
C HIS U 33 -31.98 14.35 31.55
N PHE U 34 -30.86 14.50 32.22
CA PHE U 34 -30.42 15.76 32.82
C PHE U 34 -28.90 15.61 32.85
N THR U 35 -28.19 16.71 32.86
CA THR U 35 -26.73 16.66 32.82
C THR U 35 -26.03 17.24 34.04
N ILE U 36 -24.92 16.62 34.41
CA ILE U 36 -24.10 17.07 35.53
C ILE U 36 -22.66 17.19 35.02
N PRO U 37 -21.86 18.08 35.65
CA PRO U 37 -20.48 18.22 35.21
C PRO U 37 -19.71 16.95 35.54
N ALA U 38 -18.70 16.62 34.73
CA ALA U 38 -17.90 15.40 34.95
C ALA U 38 -17.24 15.41 36.32
N SER U 39 -16.87 16.61 36.79
CA SER U 39 -16.23 16.79 38.09
C SER U 39 -17.08 16.25 39.25
N ALA U 40 -18.40 16.22 39.05
CA ALA U 40 -19.33 15.73 40.07
C ALA U 40 -19.60 14.23 39.92
N PHE U 41 -18.95 13.61 38.95
CA PHE U 41 -19.13 12.19 38.70
C PHE U 41 -17.99 11.41 39.37
N ASP U 42 -18.28 10.84 40.54
CA ASP U 42 -17.31 10.09 41.31
C ASP U 42 -17.92 8.81 41.88
N LYS U 43 -17.19 8.16 42.79
CA LYS U 43 -17.63 6.93 43.44
C LYS U 43 -18.97 7.06 44.17
N SER U 44 -19.24 8.24 44.72
CA SER U 44 -20.47 8.46 45.46
C SER U 44 -21.72 8.35 44.59
N VAL U 45 -21.54 8.50 43.27
CA VAL U 45 -22.67 8.39 42.35
C VAL U 45 -23.10 6.92 42.26
N PHE U 46 -22.12 6.02 42.29
CA PHE U 46 -22.38 4.58 42.23
C PHE U 46 -22.83 4.02 43.58
N ASP U 47 -22.30 4.58 44.66
CA ASP U 47 -22.63 4.14 46.01
C ASP U 47 -23.92 4.70 46.55
N ASP U 48 -24.04 6.03 46.51
CA ASP U 48 -25.22 6.72 47.04
C ASP U 48 -26.29 7.06 46.01
N GLY U 49 -25.86 7.25 44.76
CA GLY U 49 -26.80 7.58 43.71
C GLY U 49 -27.03 9.08 43.59
N LEU U 50 -27.93 9.46 42.69
CA LEU U 50 -28.26 10.87 42.46
C LEU U 50 -29.72 11.14 42.76
N ALA U 51 -29.98 12.28 43.38
CA ALA U 51 -31.34 12.64 43.70
C ALA U 51 -31.96 13.47 42.58
N PHE U 52 -33.28 13.28 42.35
CA PHE U 52 -34.03 13.99 41.34
C PHE U 52 -35.54 13.89 41.69
N ASP U 53 -36.34 14.79 41.11
CA ASP U 53 -37.79 14.97 41.38
C ASP U 53 -38.76 14.20 40.49
N GLY U 54 -39.87 13.61 40.97
CA GLY U 54 -40.76 13.07 39.95
C GLY U 54 -41.13 14.26 39.07
N SER U 55 -40.56 14.37 37.88
CA SER U 55 -40.88 15.54 37.03
C SER U 55 -41.79 15.16 35.88
N SER U 56 -42.42 16.12 35.21
CA SER U 56 -43.37 15.80 34.17
C SER U 56 -44.48 15.05 34.91
N ILE U 57 -45.41 14.29 34.30
CA ILE U 57 -46.51 13.87 35.16
C ILE U 57 -46.99 12.40 35.13
N ARG U 58 -46.99 11.66 34.05
CA ARG U 58 -47.65 10.36 34.08
C ARG U 58 -46.78 9.11 34.07
N GLY U 59 -47.07 8.16 34.95
CA GLY U 59 -46.34 6.90 35.07
C GLY U 59 -45.55 6.87 36.38
N PHE U 60 -44.59 7.80 36.50
CA PHE U 60 -43.66 7.94 37.65
C PHE U 60 -44.25 8.55 38.94
N GLN U 61 -43.39 8.83 39.96
CA GLN U 61 -43.67 9.37 41.30
C GLN U 61 -44.26 10.79 41.36
N SER U 62 -45.57 10.88 41.60
CA SER U 62 -46.33 12.15 41.69
C SER U 62 -45.96 12.93 42.97
N ILE U 63 -46.83 13.84 43.46
CA ILE U 63 -46.50 14.63 44.67
C ILE U 63 -47.11 14.00 45.94
N HIS U 64 -46.89 12.68 46.11
CA HIS U 64 -47.33 11.89 47.28
C HIS U 64 -46.27 10.81 47.44
N GLU U 65 -45.40 10.84 46.39
CA GLU U 65 -44.24 9.95 46.19
C GLU U 65 -43.03 10.64 45.53
N SER U 66 -43.17 11.94 45.25
CA SER U 66 -42.20 12.88 44.62
C SER U 66 -40.76 12.39 44.34
N ASP U 67 -39.86 12.53 45.29
CA ASP U 67 -38.41 12.33 45.10
C ASP U 67 -37.96 10.93 44.77
N MET U 68 -37.00 10.83 43.84
CA MET U 68 -36.41 9.55 43.42
C MET U 68 -34.88 9.57 43.53
N LEU U 69 -34.31 8.37 43.59
CA LEU U 69 -32.86 8.19 43.68
C LEU U 69 -32.43 7.40 42.44
N LEU U 70 -31.39 7.86 41.75
CA LEU U 70 -30.91 7.20 40.54
C LEU U 70 -29.57 6.49 40.72
N LEU U 71 -29.55 5.19 40.46
CA LEU U 71 -28.32 4.39 40.57
C LEU U 71 -27.88 4.00 39.16
N PRO U 72 -26.60 4.25 38.82
CA PRO U 72 -26.03 3.94 37.51
C PRO U 72 -25.76 2.49 37.17
N ASP U 73 -25.83 2.19 35.87
CA ASP U 73 -25.56 0.87 35.34
C ASP U 73 -24.31 1.07 34.48
N PRO U 74 -23.12 0.68 35.00
CA PRO U 74 -21.84 0.81 34.32
C PRO U 74 -21.74 0.20 32.91
N GLU U 75 -22.56 -0.80 32.64
CA GLU U 75 -22.54 -1.44 31.33
C GLU U 75 -23.14 -0.58 30.22
N THR U 76 -23.91 0.43 30.60
CA THR U 76 -24.56 1.33 29.64
C THR U 76 -23.77 2.60 29.32
N ALA U 77 -22.61 2.75 29.93
CA ALA U 77 -21.76 3.93 29.73
C ALA U 77 -21.19 3.98 28.32
N ARG U 78 -21.51 5.08 27.62
CA ARG U 78 -21.05 5.30 26.24
C ARG U 78 -20.75 6.77 26.01
N ILE U 79 -19.76 7.03 25.16
CA ILE U 79 -19.42 8.40 24.80
C ILE U 79 -20.43 8.85 23.73
N ASP U 80 -21.04 10.01 23.93
CA ASP U 80 -22.01 10.54 22.97
C ASP U 80 -21.25 11.08 21.75
N PRO U 81 -21.55 10.55 20.55
CA PRO U 81 -20.89 10.99 19.33
C PRO U 81 -21.47 12.24 18.68
N PHE U 82 -22.56 12.76 19.24
CA PHE U 82 -23.24 13.92 18.69
C PHE U 82 -23.03 15.21 19.46
N ARG U 83 -23.00 15.13 20.79
CA ARG U 83 -22.83 16.32 21.63
C ARG U 83 -21.47 16.99 21.43
N ALA U 84 -21.49 18.30 21.18
CA ALA U 84 -20.27 19.09 20.97
C ALA U 84 -19.35 19.01 22.17
N ALA U 85 -19.89 19.24 23.36
CA ALA U 85 -19.12 19.15 24.59
C ALA U 85 -18.98 17.65 24.88
N LYS U 86 -17.75 17.16 25.05
CA LYS U 86 -17.51 15.74 25.29
C LYS U 86 -18.35 15.22 26.46
N THR U 87 -19.29 14.33 26.15
CA THR U 87 -20.22 13.79 27.13
C THR U 87 -20.26 12.27 27.23
N LEU U 88 -20.45 11.79 28.45
CA LEU U 88 -20.56 10.36 28.73
C LEU U 88 -22.01 10.07 29.12
N ASN U 89 -22.67 9.21 28.37
CA ASN U 89 -24.06 8.84 28.66
C ASN U 89 -24.09 7.57 29.49
N ILE U 90 -24.94 7.54 30.51
CA ILE U 90 -25.09 6.37 31.37
C ILE U 90 -26.56 6.23 31.75
N ASN U 91 -27.07 5.01 31.72
CA ASN U 91 -28.46 4.74 32.09
C ASN U 91 -28.51 4.41 33.58
N PHE U 92 -29.61 4.77 34.21
CA PHE U 92 -29.79 4.57 35.63
C PHE U 92 -31.07 3.81 35.97
N PHE U 93 -31.11 3.30 37.20
CA PHE U 93 -32.27 2.59 37.74
C PHE U 93 -32.87 3.56 38.75
N VAL U 94 -34.19 3.62 38.81
CA VAL U 94 -34.88 4.50 39.75
C VAL U 94 -35.17 3.74 41.04
N HIS U 95 -34.70 4.29 42.16
CA HIS U 95 -34.90 3.68 43.48
C HIS U 95 -35.66 4.63 44.39
N ASP U 96 -36.19 4.08 45.47
CA ASP U 96 -36.89 4.89 46.47
C ASP U 96 -35.76 5.41 47.34
N PRO U 97 -35.71 6.73 47.58
CA PRO U 97 -34.67 7.37 48.40
C PRO U 97 -34.44 6.69 49.75
N PHE U 98 -35.53 6.55 50.50
CA PHE U 98 -35.55 5.96 51.84
C PHE U 98 -35.13 4.50 51.89
N THR U 99 -35.95 3.62 51.32
CA THR U 99 -35.69 2.18 51.34
C THR U 99 -34.66 1.65 50.36
N LEU U 100 -34.26 2.47 49.38
CA LEU U 100 -33.30 2.08 48.35
C LEU U 100 -33.92 0.94 47.53
N GLU U 101 -35.24 0.84 47.62
CA GLU U 101 -36.02 -0.19 46.93
C GLU U 101 -36.28 0.23 45.49
N PRO U 102 -35.98 -0.68 44.53
CA PRO U 102 -36.20 -0.40 43.11
C PRO U 102 -37.64 0.01 42.85
N TYR U 103 -37.81 1.17 42.20
CA TYR U 103 -39.14 1.68 41.87
C TYR U 103 -39.81 0.71 40.92
N SER U 104 -41.02 0.26 41.28
CA SER U 104 -41.77 -0.71 40.50
C SER U 104 -42.26 -0.26 39.12
N ARG U 105 -42.23 1.05 38.84
CA ARG U 105 -42.69 1.54 37.55
C ARG U 105 -41.57 1.96 36.61
N ASP U 106 -40.33 1.72 37.01
CA ASP U 106 -39.16 2.03 36.19
C ASP U 106 -38.95 0.83 35.26
N PRO U 107 -39.11 1.03 33.96
CA PRO U 107 -38.94 -0.03 32.97
C PRO U 107 -37.64 -0.81 33.09
N ARG U 108 -36.55 -0.14 33.44
CA ARG U 108 -35.27 -0.82 33.58
C ARG U 108 -35.25 -1.77 34.78
N ASN U 109 -36.04 -1.47 35.80
CA ASN U 109 -36.12 -2.33 36.98
C ASN U 109 -36.92 -3.59 36.64
N ILE U 110 -37.94 -3.43 35.80
CA ILE U 110 -38.77 -4.54 35.38
C ILE U 110 -37.92 -5.57 34.63
N ALA U 111 -37.06 -5.07 33.73
CA ALA U 111 -36.18 -5.94 32.96
C ALA U 111 -35.19 -6.66 33.86
N ARG U 112 -34.69 -5.95 34.88
CA ARG U 112 -33.76 -6.55 35.83
C ARG U 112 -34.48 -7.61 36.66
N LYS U 113 -35.70 -7.31 37.10
CA LYS U 113 -36.51 -8.24 37.88
C LYS U 113 -36.80 -9.50 37.05
N ALA U 114 -37.01 -9.31 35.75
CA ALA U 114 -37.29 -10.42 34.84
C ALA U 114 -36.11 -11.37 34.75
N GLU U 115 -34.90 -10.81 34.71
CA GLU U 115 -33.69 -11.62 34.65
C GLU U 115 -33.45 -12.38 35.95
N ASN U 116 -33.75 -11.72 37.08
CA ASN U 116 -33.58 -12.34 38.40
C ASN U 116 -34.60 -13.44 38.61
N TYR U 117 -35.80 -13.24 38.09
CA TYR U 117 -36.87 -14.23 38.21
C TYR U 117 -36.50 -15.49 37.41
N LEU U 118 -35.92 -15.30 36.24
CA LEU U 118 -35.49 -16.40 35.37
C LEU U 118 -34.55 -17.31 36.17
N ILE U 119 -33.58 -16.69 36.84
CA ILE U 119 -32.62 -17.42 37.64
C ILE U 119 -33.28 -18.16 38.80
N SER U 120 -34.26 -17.51 39.44
CA SER U 120 -34.98 -18.09 40.57
C SER U 120 -35.82 -19.32 40.21
N THR U 121 -36.26 -19.41 38.96
CA THR U 121 -37.08 -20.55 38.52
C THR U 121 -36.22 -21.78 38.26
N GLY U 122 -34.91 -21.58 38.13
CA GLY U 122 -34.01 -22.69 37.87
C GLY U 122 -34.04 -23.14 36.42
N ILE U 123 -35.00 -22.64 35.65
CA ILE U 123 -35.16 -22.99 34.24
C ILE U 123 -33.90 -22.66 33.43
N ALA U 124 -33.33 -21.48 33.69
CA ALA U 124 -32.13 -21.02 33.02
C ALA U 124 -31.55 -19.85 33.80
N ASP U 125 -30.36 -19.40 33.42
CA ASP U 125 -29.76 -18.26 34.11
C ASP U 125 -29.54 -17.04 33.19
N THR U 126 -29.82 -17.21 31.90
CA THR U 126 -29.65 -16.13 30.92
C THR U 126 -30.64 -16.19 29.77
N ALA U 127 -31.24 -15.05 29.45
CA ALA U 127 -32.19 -14.95 28.34
C ALA U 127 -31.58 -13.98 27.33
N TYR U 128 -31.18 -14.50 26.18
CA TYR U 128 -30.58 -13.67 25.14
C TYR U 128 -31.61 -13.14 24.16
N PHE U 129 -31.54 -11.83 23.90
CA PHE U 129 -32.45 -11.17 22.97
C PHE U 129 -31.72 -10.49 21.83
N GLY U 130 -32.14 -10.80 20.61
CA GLY U 130 -31.56 -10.19 19.43
C GLY U 130 -32.73 -9.49 18.74
N ALA U 131 -32.64 -8.18 18.62
CA ALA U 131 -33.72 -7.42 18.00
C ALA U 131 -33.31 -6.65 16.77
N GLU U 132 -34.18 -6.70 15.77
CA GLU U 132 -33.92 -6.04 14.51
C GLU U 132 -35.01 -5.06 14.16
N ALA U 133 -34.69 -3.80 14.39
CA ALA U 133 -35.62 -2.72 14.18
C ALA U 133 -35.39 -1.97 12.89
N GLU U 134 -36.43 -1.96 12.07
CA GLU U 134 -36.43 -1.27 10.79
C GLU U 134 -36.87 0.17 11.07
N PHE U 135 -36.46 1.08 10.21
CA PHE U 135 -36.84 2.49 10.35
C PHE U 135 -36.88 3.16 8.98
N TYR U 136 -37.50 4.34 8.93
CA TYR U 136 -37.59 5.11 7.70
C TYR U 136 -36.83 6.42 7.83
N ILE U 137 -36.17 6.81 6.75
CA ILE U 137 -35.41 8.05 6.70
C ILE U 137 -36.20 9.01 5.81
N PHE U 138 -36.64 10.12 6.38
CA PHE U 138 -37.39 11.13 5.65
C PHE U 138 -36.65 12.46 5.61
N ASP U 139 -37.15 13.38 4.81
CA ASP U 139 -36.56 14.71 4.70
C ASP U 139 -37.40 15.69 5.51
N SER U 140 -38.68 15.38 5.63
CA SER U 140 -39.59 16.24 6.37
C SER U 140 -40.84 15.52 6.87
N VAL U 141 -41.47 16.14 7.86
CA VAL U 141 -42.70 15.64 8.45
C VAL U 141 -43.46 16.80 9.08
N SER U 142 -44.74 16.90 8.76
CA SER U 142 -45.59 17.95 9.32
C SER U 142 -46.98 17.36 9.51
N PHE U 143 -47.71 17.90 10.48
CA PHE U 143 -49.06 17.42 10.77
C PHE U 143 -49.73 18.33 11.78
N ASP U 144 -51.05 18.23 11.88
CA ASP U 144 -51.81 18.98 12.87
C ASP U 144 -53.23 18.44 12.98
N SER U 145 -53.92 18.85 14.04
CA SER U 145 -55.28 18.43 14.29
C SER U 145 -56.02 19.65 14.78
N ARG U 146 -56.98 20.10 13.98
CA ARG U 146 -57.77 21.28 14.29
C ARG U 146 -59.25 20.94 14.31
N ALA U 147 -60.07 21.92 14.65
CA ALA U 147 -61.52 21.72 14.71
C ALA U 147 -62.14 21.39 13.35
N ASN U 148 -61.67 22.09 12.32
CA ASN U 148 -62.21 21.93 10.97
C ASN U 148 -61.33 21.18 9.98
N GLY U 149 -60.24 20.62 10.45
CA GLY U 149 -59.37 19.90 9.55
C GLY U 149 -58.21 19.26 10.25
N SER U 150 -57.52 18.38 9.52
CA SER U 150 -56.38 17.67 10.06
C SER U 150 -55.58 17.13 8.89
N PHE U 151 -54.28 16.96 9.08
CA PHE U 151 -53.43 16.43 8.02
C PHE U 151 -52.12 15.90 8.57
N TYR U 152 -51.40 15.19 7.72
CA TYR U 152 -50.06 14.71 8.02
C TYR U 152 -49.39 14.58 6.66
N GLU U 153 -48.08 14.70 6.66
CA GLU U 153 -47.33 14.59 5.43
C GLU U 153 -45.88 14.30 5.74
N VAL U 154 -45.41 13.15 5.27
CA VAL U 154 -44.00 12.79 5.41
C VAL U 154 -43.46 12.87 3.99
N ASP U 155 -42.21 13.26 3.83
CA ASP U 155 -41.67 13.37 2.49
C ASP U 155 -40.19 13.08 2.45
N ALA U 156 -39.74 12.65 1.27
CA ALA U 156 -38.36 12.34 1.02
C ALA U 156 -38.12 12.67 -0.44
N ILE U 157 -37.01 13.36 -0.70
CA ILE U 157 -36.63 13.77 -2.05
C ILE U 157 -36.73 12.60 -3.02
N SER U 158 -36.19 11.45 -2.62
CA SER U 158 -36.19 10.25 -3.43
C SER U 158 -37.41 9.33 -3.27
N GLY U 159 -38.48 9.85 -2.67
CA GLY U 159 -39.68 9.03 -2.49
C GLY U 159 -40.31 8.68 -3.83
N TRP U 160 -40.72 7.43 -3.98
CA TRP U 160 -41.32 6.95 -5.22
C TRP U 160 -42.59 7.66 -5.67
N TRP U 161 -43.19 8.43 -4.77
CA TRP U 161 -44.40 9.18 -5.08
C TRP U 161 -44.05 10.54 -5.68
N ASN U 162 -42.75 10.82 -5.81
CA ASN U 162 -42.25 12.08 -6.35
C ASN U 162 -41.63 12.00 -7.76
N THR U 163 -41.92 10.95 -8.50
CA THR U 163 -41.35 10.80 -9.85
C THR U 163 -41.74 11.93 -10.79
N GLY U 164 -42.91 12.51 -10.56
CA GLY U 164 -43.40 13.59 -11.40
C GLY U 164 -43.01 15.01 -11.01
N ALA U 165 -42.22 15.15 -9.95
CA ALA U 165 -41.80 16.48 -9.50
C ALA U 165 -41.01 17.22 -10.59
N ALA U 166 -41.47 18.42 -10.93
CA ALA U 166 -40.84 19.24 -11.95
C ALA U 166 -39.42 19.61 -11.53
N THR U 167 -39.26 19.93 -10.24
CA THR U 167 -37.95 20.26 -9.65
C THR U 167 -38.02 19.79 -8.20
N GLU U 168 -36.85 19.64 -7.58
CA GLU U 168 -36.81 19.21 -6.19
C GLU U 168 -37.26 20.31 -5.25
N ALA U 169 -37.38 19.99 -3.97
CA ALA U 169 -37.81 20.94 -2.95
C ALA U 169 -36.93 22.19 -2.99
N ASP U 170 -35.61 21.98 -3.09
CA ASP U 170 -34.64 23.06 -3.12
C ASP U 170 -34.44 23.73 -4.49
N GLY U 171 -35.37 23.50 -5.41
CA GLY U 171 -35.28 24.10 -6.73
C GLY U 171 -34.39 23.38 -7.74
N SER U 172 -33.56 22.45 -7.26
CA SER U 172 -32.66 21.69 -8.13
C SER U 172 -33.45 20.72 -9.03
N PRO U 173 -32.85 20.26 -10.13
CA PRO U 173 -33.58 19.35 -11.01
C PRO U 173 -33.85 17.94 -10.48
N ASN U 174 -34.95 17.37 -10.95
CA ASN U 174 -35.35 16.02 -10.59
C ASN U 174 -34.46 15.08 -11.41
N ARG U 175 -33.62 14.31 -10.74
CA ARG U 175 -32.72 13.41 -11.44
C ARG U 175 -33.17 11.95 -11.52
N GLY U 176 -34.39 11.70 -11.07
CA GLY U 176 -34.93 10.35 -11.13
C GLY U 176 -34.38 9.35 -10.12
N TYR U 177 -34.46 8.08 -10.49
CA TYR U 177 -34.01 6.97 -9.65
C TYR U 177 -34.83 6.88 -8.35
N LYS U 178 -36.08 7.31 -8.42
CA LYS U 178 -37.01 7.29 -7.28
C LYS U 178 -37.91 6.05 -7.33
N VAL U 179 -38.25 5.62 -8.55
CA VAL U 179 -39.13 4.48 -8.76
C VAL U 179 -38.69 3.20 -8.05
N ARG U 180 -39.70 2.51 -7.53
CA ARG U 180 -39.54 1.27 -6.80
C ARG U 180 -39.89 0.15 -7.76
N HIS U 181 -38.87 -0.48 -8.34
CA HIS U 181 -39.05 -1.55 -9.32
C HIS U 181 -39.38 -2.94 -8.81
N LYS U 182 -40.02 -3.71 -9.68
CA LYS U 182 -40.40 -5.09 -9.39
C LYS U 182 -39.14 -5.94 -9.61
N GLY U 183 -38.98 -7.00 -8.83
CA GLY U 183 -37.82 -7.86 -8.99
C GLY U 183 -36.87 -7.89 -7.81
N GLY U 184 -36.55 -6.73 -7.26
CA GLY U 184 -35.64 -6.66 -6.14
C GLY U 184 -35.77 -5.32 -5.45
N TYR U 185 -35.87 -5.35 -4.11
CA TYR U 185 -36.01 -4.11 -3.38
C TYR U 185 -34.77 -3.62 -2.62
N PHE U 186 -33.60 -4.14 -2.97
CA PHE U 186 -32.33 -3.71 -2.37
C PHE U 186 -31.35 -3.32 -3.48
N PRO U 187 -31.81 -2.52 -4.48
CA PRO U 187 -30.89 -2.13 -5.56
C PRO U 187 -29.71 -1.29 -5.13
N VAL U 188 -28.63 -1.38 -5.89
CA VAL U 188 -27.42 -0.60 -5.62
C VAL U 188 -27.64 0.85 -6.08
N ALA U 189 -26.70 1.72 -5.74
CA ALA U 189 -26.78 3.12 -6.15
C ALA U 189 -26.75 3.21 -7.67
N PRO U 190 -27.33 4.27 -8.26
CA PRO U 190 -28.00 5.37 -7.59
C PRO U 190 -29.46 5.17 -7.15
N ASN U 191 -30.01 3.97 -7.35
CA ASN U 191 -31.38 3.70 -6.90
C ASN U 191 -31.39 3.79 -5.37
N ASP U 192 -30.30 3.34 -4.76
CA ASP U 192 -30.11 3.40 -3.33
C ASP U 192 -29.53 4.78 -3.07
N GLN U 193 -30.34 5.67 -2.53
CA GLN U 193 -29.93 7.04 -2.28
C GLN U 193 -29.48 7.35 -0.87
N TYR U 194 -29.33 6.34 -0.03
CA TYR U 194 -28.94 6.55 1.36
C TYR U 194 -27.70 5.79 1.79
N VAL U 195 -26.89 5.37 0.82
CA VAL U 195 -25.69 4.61 1.11
C VAL U 195 -24.76 5.25 2.12
N ASP U 196 -24.35 6.50 1.87
CA ASP U 196 -23.43 7.19 2.78
C ASP U 196 -24.01 7.44 4.17
N LEU U 197 -25.30 7.75 4.24
CA LEU U 197 -25.96 8.01 5.53
C LEU U 197 -25.97 6.73 6.37
N ARG U 198 -26.41 5.62 5.76
CA ARG U 198 -26.45 4.36 6.47
C ARG U 198 -25.08 3.94 6.96
N ASP U 199 -24.06 4.23 6.16
CA ASP U 199 -22.68 3.90 6.53
C ASP U 199 -22.28 4.72 7.76
N LYS U 200 -22.73 5.97 7.82
CA LYS U 200 -22.43 6.84 8.95
C LYS U 200 -23.10 6.27 10.19
N MET U 201 -24.33 5.79 10.02
CA MET U 201 -25.09 5.20 11.13
C MET U 201 -24.35 3.96 11.62
N LEU U 202 -23.93 3.10 10.69
CA LEU U 202 -23.21 1.87 11.02
C LEU U 202 -21.88 2.18 11.70
N THR U 203 -21.16 3.17 11.19
CA THR U 203 -19.88 3.58 11.77
C THR U 203 -20.09 4.06 13.21
N ASN U 204 -21.14 4.84 13.43
CA ASN U 204 -21.45 5.34 14.77
C ASN U 204 -21.83 4.22 15.72
N LEU U 205 -22.57 3.23 15.23
CA LEU U 205 -22.96 2.08 16.05
C LEU U 205 -21.72 1.30 16.47
N ILE U 206 -20.84 1.03 15.51
CA ILE U 206 -19.61 0.30 15.77
C ILE U 206 -18.72 1.04 16.77
N ASN U 207 -18.62 2.36 16.62
CA ASN U 207 -17.82 3.17 17.53
C ASN U 207 -18.48 3.26 18.91
N SER U 208 -19.75 2.91 18.98
CA SER U 208 -20.50 2.93 20.24
C SER U 208 -20.62 1.56 20.89
N GLY U 209 -19.75 0.63 20.49
CA GLY U 209 -19.76 -0.70 21.09
C GLY U 209 -20.63 -1.80 20.52
N PHE U 210 -21.36 -1.52 19.44
CA PHE U 210 -22.19 -2.56 18.84
C PHE U 210 -21.31 -3.57 18.12
N ILE U 211 -21.65 -4.84 18.28
CA ILE U 211 -20.89 -5.92 17.67
C ILE U 211 -21.59 -6.44 16.42
N LEU U 212 -20.90 -6.37 15.28
CA LEU U 212 -21.41 -6.81 14.00
C LEU U 212 -20.50 -7.97 13.55
N GLU U 213 -21.04 -9.16 13.41
CA GLU U 213 -20.26 -10.30 12.96
C GLU U 213 -20.94 -11.02 11.82
N LYS U 214 -21.11 -12.31 12.03
CA LYS U 214 -21.73 -13.33 11.17
C LYS U 214 -22.84 -12.79 10.27
N GLY U 215 -24.10 -12.93 10.69
CA GLY U 215 -25.21 -12.48 9.86
C GLY U 215 -25.74 -11.12 10.24
N HIS U 216 -24.82 -10.20 10.54
CA HIS U 216 -25.19 -8.84 10.91
C HIS U 216 -24.93 -7.97 9.68
N HIS U 217 -26.02 -7.43 9.14
CA HIS U 217 -25.96 -6.63 7.94
C HIS U 217 -26.50 -5.22 8.08
N GLU U 218 -26.13 -4.43 7.10
CA GLU U 218 -26.65 -3.09 6.95
C GLU U 218 -27.45 -3.17 5.65
N VAL U 219 -28.75 -2.92 5.70
CA VAL U 219 -29.57 -3.05 4.49
C VAL U 219 -30.52 -1.87 4.31
N GLY U 220 -30.82 -1.55 3.05
CA GLY U 220 -31.73 -0.45 2.77
C GLY U 220 -32.61 -0.71 1.57
N SER U 221 -33.84 -0.22 1.64
CA SER U 221 -34.82 -0.37 0.58
C SER U 221 -35.58 0.95 0.53
N GLY U 222 -35.29 1.76 -0.49
CA GLY U 222 -35.92 3.06 -0.59
C GLY U 222 -35.46 3.86 0.61
N GLY U 223 -36.40 4.44 1.33
CA GLY U 223 -36.05 5.20 2.52
C GLY U 223 -35.99 4.33 3.77
N GLN U 224 -36.39 3.07 3.66
CA GLN U 224 -36.36 2.16 4.79
C GLN U 224 -34.98 1.53 4.97
N ALA U 225 -34.62 1.27 6.22
CA ALA U 225 -33.32 0.68 6.51
C ALA U 225 -33.34 -0.15 7.78
N GLU U 226 -32.27 -0.90 7.97
CA GLU U 226 -32.11 -1.74 9.15
C GLU U 226 -30.65 -2.13 9.27
N ILE U 227 -30.13 -2.05 10.48
CA ILE U 227 -28.76 -2.45 10.76
C ILE U 227 -28.87 -3.35 11.98
N ASN U 228 -28.66 -4.64 11.79
CA ASN U 228 -28.75 -5.56 12.91
C ASN U 228 -27.39 -5.80 13.54
N TYR U 229 -27.40 -6.15 14.81
CA TYR U 229 -26.18 -6.35 15.57
C TYR U 229 -26.34 -7.54 16.52
N GLN U 230 -25.24 -7.88 17.19
CA GLN U 230 -25.25 -9.02 18.10
C GLN U 230 -26.16 -8.87 19.31
N PHE U 231 -26.82 -9.97 19.64
CA PHE U 231 -27.74 -10.07 20.77
C PHE U 231 -27.05 -9.75 22.10
N ASN U 232 -27.84 -9.73 23.16
CA ASN U 232 -27.32 -9.46 24.50
C ASN U 232 -28.33 -10.01 25.50
N SER U 233 -27.96 -10.05 26.77
CA SER U 233 -28.87 -10.52 27.80
C SER U 233 -30.03 -9.51 27.87
N LEU U 234 -31.23 -10.00 28.19
CA LEU U 234 -32.45 -9.19 28.22
C LEU U 234 -32.33 -7.69 28.51
N LEU U 235 -31.96 -7.32 29.74
CA LEU U 235 -31.84 -5.91 30.11
C LEU U 235 -30.93 -5.10 29.19
N HIS U 236 -29.70 -5.59 29.01
CA HIS U 236 -28.74 -4.90 28.16
C HIS U 236 -29.11 -4.87 26.68
N ALA U 237 -29.93 -5.82 26.26
CA ALA U 237 -30.39 -5.87 24.88
C ALA U 237 -31.37 -4.70 24.71
N ALA U 238 -32.18 -4.47 25.74
CA ALA U 238 -33.15 -3.39 25.73
C ALA U 238 -32.42 -2.04 25.77
N ASP U 239 -31.31 -1.98 26.51
CA ASP U 239 -30.51 -0.76 26.59
C ASP U 239 -29.89 -0.51 25.22
N ASP U 240 -29.48 -1.58 24.56
CA ASP U 240 -28.87 -1.52 23.22
C ASP U 240 -29.86 -0.99 22.19
N MET U 241 -31.12 -1.38 22.34
CA MET U 241 -32.18 -0.95 21.42
C MET U 241 -32.40 0.56 21.55
N GLN U 242 -32.42 1.06 22.79
CA GLN U 242 -32.59 2.48 23.03
C GLN U 242 -31.40 3.26 22.46
N LEU U 243 -30.20 2.70 22.61
CA LEU U 243 -28.97 3.31 22.12
C LEU U 243 -29.00 3.34 20.59
N TYR U 244 -29.42 2.23 19.99
CA TYR U 244 -29.54 2.08 18.54
C TYR U 244 -30.46 3.18 17.98
N LYS U 245 -31.65 3.30 18.56
CA LYS U 245 -32.60 4.32 18.12
C LYS U 245 -32.01 5.72 18.26
N TYR U 246 -31.31 5.95 19.36
CA TYR U 246 -30.68 7.24 19.63
C TYR U 246 -29.64 7.56 18.54
N ILE U 247 -28.79 6.58 18.24
CA ILE U 247 -27.75 6.74 17.24
C ILE U 247 -28.31 6.89 15.83
N ILE U 248 -29.33 6.12 15.51
CA ILE U 248 -29.94 6.20 14.18
C ILE U 248 -30.61 7.56 13.99
N LYS U 249 -31.43 7.96 14.97
CA LYS U 249 -32.15 9.23 14.90
C LYS U 249 -31.27 10.47 14.81
N ASN U 250 -30.19 10.48 15.59
CA ASN U 250 -29.30 11.63 15.62
C ASN U 250 -28.27 11.69 14.50
N THR U 251 -27.93 10.53 13.93
CA THR U 251 -26.99 10.51 12.81
C THR U 251 -27.76 11.14 11.65
N ALA U 252 -29.03 10.77 11.52
CA ALA U 252 -29.89 11.32 10.48
C ALA U 252 -30.07 12.82 10.70
N TRP U 253 -30.35 13.18 11.95
CA TRP U 253 -30.56 14.59 12.31
C TRP U 253 -29.37 15.48 11.98
N GLN U 254 -28.17 14.99 12.27
CA GLN U 254 -26.96 15.76 11.98
C GLN U 254 -26.65 15.82 10.49
N ASN U 255 -27.34 15.01 9.71
CA ASN U 255 -27.13 14.98 8.27
C ASN U 255 -28.34 15.45 7.47
N GLY U 256 -29.10 16.36 8.07
CA GLY U 256 -30.27 16.94 7.42
C GLY U 256 -31.49 16.08 7.19
N LYS U 257 -31.61 14.97 7.91
CA LYS U 257 -32.77 14.10 7.73
C LYS U 257 -33.52 13.95 9.04
N THR U 258 -34.61 13.19 8.99
CA THR U 258 -35.44 12.92 10.15
C THR U 258 -35.91 11.47 10.05
N VAL U 259 -35.63 10.69 11.08
CA VAL U 259 -35.99 9.28 11.13
C VAL U 259 -37.21 8.95 11.99
N THR U 260 -37.96 7.93 11.58
CA THR U 260 -39.10 7.48 12.36
C THR U 260 -39.11 5.96 12.48
N PHE U 261 -39.34 5.48 13.70
CA PHE U 261 -39.43 4.06 13.98
C PHE U 261 -40.89 3.67 14.10
N MET U 262 -41.81 4.55 13.74
CA MET U 262 -43.23 4.22 13.83
C MET U 262 -43.53 3.06 12.89
N PRO U 263 -44.41 2.13 13.32
CA PRO U 263 -44.81 0.94 12.57
C PRO U 263 -45.26 1.10 11.12
N LYS U 264 -46.08 2.11 10.86
CA LYS U 264 -46.60 2.31 9.51
C LYS U 264 -46.69 3.79 9.13
N PRO U 265 -45.56 4.38 8.71
CA PRO U 265 -45.57 5.80 8.32
C PRO U 265 -46.10 6.00 6.91
N LEU U 266 -45.97 4.96 6.08
CA LEU U 266 -46.40 5.02 4.69
C LEU U 266 -47.52 4.03 4.36
N PHE U 267 -48.57 4.55 3.75
CA PHE U 267 -49.69 3.75 3.33
C PHE U 267 -49.37 3.23 1.93
N GLY U 268 -49.24 1.92 1.79
CA GLY U 268 -48.89 1.37 0.48
C GLY U 268 -47.41 1.05 0.38
N ASP U 269 -46.76 0.97 1.52
CA ASP U 269 -45.35 0.62 1.58
C ASP U 269 -45.15 -0.21 2.85
N ASN U 270 -44.05 -0.95 2.88
CA ASN U 270 -43.72 -1.81 4.00
C ASN U 270 -43.72 -1.12 5.37
N GLY U 271 -44.23 -1.82 6.37
CA GLY U 271 -44.25 -1.28 7.72
C GLY U 271 -42.89 -1.54 8.36
N SER U 272 -42.67 -1.02 9.56
CA SER U 272 -41.39 -1.25 10.24
C SER U 272 -41.61 -2.10 11.48
N GLY U 273 -40.96 -3.25 11.53
CA GLY U 273 -41.11 -4.14 12.66
C GLY U 273 -39.82 -4.37 13.43
N MET U 274 -39.95 -5.10 14.53
CA MET U 274 -38.81 -5.44 15.38
C MET U 274 -38.86 -6.94 15.67
N HIS U 275 -38.16 -7.70 14.82
CA HIS U 275 -38.10 -9.15 14.97
C HIS U 275 -37.21 -9.46 16.15
N CYS U 276 -37.76 -10.17 17.14
CA CYS U 276 -37.02 -10.51 18.34
C CYS U 276 -36.65 -11.97 18.48
N HIS U 277 -35.36 -12.24 18.36
CA HIS U 277 -34.81 -13.58 18.49
C HIS U 277 -34.53 -13.79 19.98
N GLN U 278 -34.98 -14.92 20.49
CA GLN U 278 -34.83 -15.25 21.90
C GLN U 278 -34.35 -16.66 22.09
N SER U 279 -33.66 -16.87 23.21
CA SER U 279 -33.14 -18.18 23.54
C SER U 279 -32.68 -18.20 25.01
N LEU U 280 -32.87 -19.34 25.68
CA LEU U 280 -32.47 -19.50 27.07
C LEU U 280 -31.18 -20.32 27.18
N TRP U 281 -30.33 -19.92 28.11
CA TRP U 281 -29.07 -20.60 28.35
C TRP U 281 -28.89 -20.84 29.85
N LYS U 282 -28.07 -21.83 30.19
CA LYS U 282 -27.80 -22.17 31.59
C LYS U 282 -26.39 -22.74 31.68
N ASP U 283 -25.61 -22.18 32.61
CA ASP U 283 -24.23 -22.61 32.85
C ASP U 283 -23.39 -22.56 31.58
N GLY U 284 -23.62 -21.54 30.76
CA GLY U 284 -22.87 -21.36 29.53
C GLY U 284 -23.26 -22.28 28.38
N ALA U 285 -24.36 -23.00 28.53
CA ALA U 285 -24.81 -23.92 27.49
C ALA U 285 -26.24 -23.63 27.04
N PRO U 286 -26.52 -23.85 25.74
CA PRO U 286 -27.84 -23.63 25.14
C PRO U 286 -28.89 -24.63 25.60
N LEU U 287 -30.13 -24.17 25.70
CA LEU U 287 -31.25 -25.01 26.14
C LEU U 287 -32.34 -25.13 25.08
N MET U 288 -32.14 -24.50 23.93
CA MET U 288 -33.14 -24.50 22.86
C MET U 288 -33.03 -25.62 21.84
N TYR U 289 -31.87 -26.25 21.74
CA TYR U 289 -31.63 -27.31 20.75
C TYR U 289 -31.95 -28.75 21.15
N ASP U 290 -32.30 -29.54 20.13
CA ASP U 290 -32.63 -30.96 20.26
C ASP U 290 -32.82 -31.52 18.85
N GLU U 291 -31.86 -32.33 18.39
CA GLU U 291 -31.91 -32.94 17.05
C GLU U 291 -33.21 -33.66 16.74
N THR U 292 -33.76 -34.33 17.74
CA THR U 292 -34.99 -35.10 17.61
C THR U 292 -36.28 -34.30 17.45
N GLY U 293 -36.27 -33.07 17.95
CA GLY U 293 -37.47 -32.24 17.86
C GLY U 293 -37.65 -31.53 16.53
N TYR U 294 -38.90 -31.10 16.27
CA TYR U 294 -39.21 -30.37 15.05
C TYR U 294 -38.40 -29.07 14.99
N ALA U 295 -37.76 -28.83 13.86
CA ALA U 295 -36.94 -27.63 13.67
C ALA U 295 -35.75 -27.57 14.63
N GLY U 296 -35.39 -28.72 15.19
CA GLY U 296 -34.28 -28.79 16.12
C GLY U 296 -34.58 -28.14 17.46
N LEU U 297 -35.86 -28.10 17.83
CA LEU U 297 -36.30 -27.48 19.07
C LEU U 297 -36.46 -28.43 20.25
N SER U 298 -35.96 -27.99 21.40
CA SER U 298 -36.06 -28.77 22.63
C SER U 298 -37.47 -28.63 23.21
N ASP U 299 -37.74 -29.38 24.28
CA ASP U 299 -39.04 -29.31 24.94
C ASP U 299 -39.23 -27.92 25.53
N THR U 300 -38.13 -27.39 26.07
CA THR U 300 -38.10 -26.07 26.68
C THR U 300 -38.47 -25.00 25.66
N ALA U 301 -37.84 -25.07 24.48
CA ALA U 301 -38.09 -24.12 23.40
C ALA U 301 -39.53 -24.19 22.90
N ARG U 302 -40.05 -25.40 22.73
CA ARG U 302 -41.42 -25.60 22.24
C ARG U 302 -42.45 -25.06 23.23
N HIS U 303 -42.19 -25.24 24.53
CA HIS U 303 -43.09 -24.76 25.57
C HIS U 303 -43.06 -23.24 25.63
N TYR U 304 -41.88 -22.67 25.36
CA TYR U 304 -41.68 -21.23 25.35
C TYR U 304 -42.56 -20.67 24.24
N ILE U 305 -42.50 -21.31 23.08
CA ILE U 305 -43.30 -20.92 21.91
C ILE U 305 -44.79 -21.05 22.25
N GLY U 306 -45.12 -22.08 23.04
CA GLY U 306 -46.50 -22.29 23.45
C GLY U 306 -46.98 -21.12 24.29
N GLY U 307 -46.08 -20.58 25.10
CA GLY U 307 -46.40 -19.45 25.95
C GLY U 307 -46.62 -18.19 25.13
N LEU U 308 -45.72 -17.95 24.17
CA LEU U 308 -45.81 -16.79 23.30
C LEU U 308 -47.12 -16.78 22.52
N LEU U 309 -47.45 -17.91 21.89
CA LEU U 309 -48.67 -18.03 21.10
C LEU U 309 -49.94 -17.97 21.96
N HIS U 310 -49.88 -18.56 23.14
CA HIS U 310 -51.03 -18.57 24.03
C HIS U 310 -51.31 -17.18 24.60
N HIS U 311 -50.25 -16.49 24.99
CA HIS U 311 -50.35 -15.16 25.57
C HIS U 311 -50.32 -13.98 24.61
N ALA U 312 -50.09 -14.25 23.33
CA ALA U 312 -50.01 -13.20 22.32
C ALA U 312 -51.09 -12.10 22.39
N PRO U 313 -52.37 -12.49 22.57
CA PRO U 313 -53.42 -11.46 22.64
C PRO U 313 -53.18 -10.37 23.69
N SER U 314 -52.53 -10.71 24.79
CA SER U 314 -52.24 -9.74 25.83
C SER U 314 -50.80 -9.24 25.72
N LEU U 315 -49.90 -10.13 25.30
CA LEU U 315 -48.48 -9.82 25.13
C LEU U 315 -48.30 -8.63 24.19
N LEU U 316 -49.13 -8.57 23.16
CA LEU U 316 -49.08 -7.49 22.18
C LEU U 316 -49.31 -6.10 22.77
N ALA U 317 -49.86 -6.04 23.98
CA ALA U 317 -50.10 -4.76 24.63
C ALA U 317 -48.77 -4.07 25.00
N PHE U 318 -47.69 -4.86 25.07
CA PHE U 318 -46.35 -4.34 25.39
C PHE U 318 -45.43 -4.48 24.19
N THR U 319 -45.78 -5.41 23.33
CA THR U 319 -45.00 -5.73 22.17
C THR U 319 -45.35 -4.91 20.90
N ASN U 320 -46.61 -4.48 20.82
CA ASN U 320 -47.15 -3.65 19.73
C ASN U 320 -48.15 -2.73 20.46
N PRO U 321 -47.62 -1.84 21.30
CA PRO U 321 -48.33 -0.91 22.18
C PRO U 321 -48.96 0.39 21.60
N THR U 322 -48.96 0.58 20.29
CA THR U 322 -49.54 1.81 19.74
C THR U 322 -50.68 1.57 18.77
N VAL U 323 -51.47 2.61 18.53
CA VAL U 323 -52.59 2.52 17.60
C VAL U 323 -52.02 2.27 16.18
N ASN U 324 -50.88 2.89 15.89
CA ASN U 324 -50.23 2.76 14.59
C ASN U 324 -49.69 1.35 14.37
N SER U 325 -49.42 0.64 15.46
CA SER U 325 -48.93 -0.75 15.40
C SER U 325 -49.88 -1.63 14.57
N TYR U 326 -51.17 -1.35 14.66
CA TYR U 326 -52.19 -2.14 13.97
C TYR U 326 -52.44 -1.76 12.52
N LYS U 327 -51.63 -0.88 11.98
CA LYS U 327 -51.73 -0.50 10.57
C LYS U 327 -50.71 -1.37 9.85
N ARG U 328 -49.75 -1.90 10.63
CA ARG U 328 -48.73 -2.80 10.12
C ARG U 328 -49.27 -4.24 10.30
N LEU U 329 -49.81 -4.51 11.48
CA LEU U 329 -50.39 -5.82 11.81
C LEU U 329 -51.81 -5.87 11.23
N VAL U 330 -51.87 -6.05 9.92
CA VAL U 330 -53.13 -6.09 9.20
C VAL U 330 -52.89 -6.98 7.95
N PRO U 331 -53.94 -7.69 7.46
CA PRO U 331 -53.78 -8.57 6.28
C PRO U 331 -53.12 -7.88 5.07
N GLY U 332 -51.97 -8.42 4.64
CA GLY U 332 -51.28 -7.83 3.52
C GLY U 332 -49.86 -8.31 3.25
N TYR U 333 -48.88 -7.46 3.54
CA TYR U 333 -47.45 -7.72 3.33
C TYR U 333 -46.89 -8.92 4.11
N GLU U 334 -47.71 -9.96 4.29
CA GLU U 334 -47.35 -11.17 5.01
C GLU U 334 -47.04 -10.73 6.44
N ALA U 335 -48.02 -10.06 7.04
CA ALA U 335 -47.91 -9.55 8.40
C ALA U 335 -47.95 -10.67 9.41
N PRO U 336 -47.02 -10.65 10.38
CA PRO U 336 -46.94 -11.69 11.43
C PRO U 336 -48.15 -11.65 12.34
N ILE U 337 -49.31 -12.00 11.80
CA ILE U 337 -50.57 -12.01 12.55
C ILE U 337 -51.10 -13.42 12.80
N ASN U 338 -50.47 -14.41 12.17
CA ASN U 338 -50.88 -15.81 12.31
C ASN U 338 -50.24 -16.48 13.53
N LEU U 339 -51.10 -16.82 14.49
CA LEU U 339 -50.66 -17.45 15.74
C LEU U 339 -50.18 -18.89 15.63
N VAL U 340 -49.10 -19.10 14.88
CA VAL U 340 -48.50 -20.42 14.69
C VAL U 340 -47.00 -20.24 14.54
N TYR U 341 -46.23 -21.32 14.71
CA TYR U 341 -44.79 -21.25 14.51
C TYR U 341 -44.42 -21.93 13.20
N SER U 342 -43.30 -21.60 12.64
CA SER U 342 -42.91 -22.18 11.35
C SER U 342 -41.44 -21.91 11.06
N GLN U 343 -40.94 -22.50 9.97
CA GLN U 343 -39.57 -22.32 9.52
C GLN U 343 -39.59 -21.60 8.18
N ARG U 344 -40.71 -21.75 7.48
CA ARG U 344 -40.93 -21.16 6.16
C ARG U 344 -41.70 -19.85 6.19
N ASN U 345 -42.94 -19.91 6.68
CA ASN U 345 -43.84 -18.75 6.76
C ASN U 345 -43.34 -17.53 7.52
N ARG U 346 -43.33 -16.39 6.83
CA ARG U 346 -42.91 -15.14 7.43
C ARG U 346 -44.11 -14.38 8.01
N SER U 347 -45.31 -14.89 7.73
CA SER U 347 -46.55 -14.32 8.24
C SER U 347 -46.91 -15.02 9.55
N ALA U 348 -46.00 -15.85 10.05
CA ALA U 348 -46.21 -16.58 11.29
C ALA U 348 -45.62 -15.75 12.43
N CYS U 349 -46.36 -15.68 13.53
CA CYS U 349 -45.92 -14.93 14.72
C CYS U 349 -44.53 -15.35 15.16
N VAL U 350 -44.29 -16.66 15.18
CA VAL U 350 -43.00 -17.20 15.58
C VAL U 350 -42.39 -17.96 14.42
N ARG U 351 -41.14 -17.66 14.11
CA ARG U 351 -40.43 -18.34 13.05
C ARG U 351 -39.13 -18.88 13.62
N ILE U 352 -38.78 -20.10 13.24
CA ILE U 352 -37.55 -20.71 13.71
C ILE U 352 -36.53 -20.63 12.59
N PRO U 353 -35.53 -19.75 12.73
CA PRO U 353 -34.48 -19.56 11.73
C PRO U 353 -33.78 -20.88 11.45
N ILE U 354 -33.51 -21.14 10.17
CA ILE U 354 -32.83 -22.36 9.78
C ILE U 354 -31.34 -22.13 10.06
N THR U 355 -30.85 -22.76 11.13
CA THR U 355 -29.47 -22.60 11.56
C THR U 355 -28.62 -23.87 11.53
N GLY U 356 -29.24 -25.00 11.17
CA GLY U 356 -28.50 -26.24 11.09
C GLY U 356 -28.42 -27.06 12.37
N SER U 357 -27.29 -27.74 12.55
CA SER U 357 -27.05 -28.61 13.69
C SER U 357 -26.37 -27.95 14.90
N ASN U 358 -25.87 -26.73 14.72
CA ASN U 358 -25.21 -25.99 15.80
C ASN U 358 -26.21 -25.60 16.89
N PRO U 359 -26.11 -26.23 18.07
CA PRO U 359 -27.02 -25.95 19.20
C PRO U 359 -26.98 -24.50 19.72
N LYS U 360 -25.82 -23.86 19.59
CA LYS U 360 -25.63 -22.49 20.05
C LYS U 360 -26.34 -21.46 19.17
N ALA U 361 -26.76 -21.86 17.98
CA ALA U 361 -27.43 -20.96 17.06
C ALA U 361 -28.95 -21.11 17.04
N LYS U 362 -29.44 -22.18 17.68
CA LYS U 362 -30.88 -22.43 17.72
C LYS U 362 -31.58 -21.40 18.59
N ARG U 363 -32.62 -20.78 18.04
CA ARG U 363 -33.38 -19.75 18.73
C ARG U 363 -34.72 -19.59 18.04
N LEU U 364 -35.64 -18.90 18.70
CA LEU U 364 -36.95 -18.64 18.13
C LEU U 364 -37.05 -17.15 17.84
N GLU U 365 -37.78 -16.80 16.79
CA GLU U 365 -37.94 -15.41 16.41
C GLU U 365 -39.38 -14.95 16.47
N PHE U 366 -39.68 -14.06 17.40
CA PHE U 366 -41.02 -13.50 17.52
C PHE U 366 -41.02 -12.33 16.54
N ARG U 367 -41.76 -12.49 15.44
CA ARG U 367 -41.82 -11.50 14.37
C ARG U 367 -42.82 -10.36 14.53
N SER U 368 -43.82 -10.56 15.35
CA SER U 368 -44.90 -9.59 15.54
C SER U 368 -44.55 -8.21 16.11
N PRO U 369 -43.60 -8.12 17.06
CA PRO U 369 -43.25 -6.83 17.65
C PRO U 369 -42.79 -5.72 16.69
N ASP U 370 -42.86 -4.50 17.19
CA ASP U 370 -42.42 -3.31 16.46
C ASP U 370 -41.67 -2.46 17.49
N SER U 371 -41.04 -1.37 17.05
CA SER U 371 -40.32 -0.53 18.00
C SER U 371 -41.03 0.75 18.39
N SER U 372 -42.36 0.68 18.46
CA SER U 372 -43.16 1.84 18.82
C SER U 372 -43.37 1.98 20.32
N GLY U 373 -42.72 1.13 21.10
CA GLY U 373 -42.90 1.20 22.54
C GLY U 373 -41.68 1.20 23.43
N ASN U 374 -41.76 0.38 24.48
CA ASN U 374 -40.71 0.25 25.48
C ASN U 374 -40.07 -1.13 25.38
N PRO U 375 -38.80 -1.19 24.95
CA PRO U 375 -38.09 -2.47 24.82
C PRO U 375 -37.88 -3.23 26.14
N TYR U 376 -37.76 -2.50 27.25
CA TYR U 376 -37.57 -3.12 28.55
C TYR U 376 -38.82 -3.92 28.92
N LEU U 377 -39.98 -3.31 28.70
CA LEU U 377 -41.26 -3.95 29.00
C LEU U 377 -41.59 -5.04 27.97
N ALA U 378 -41.28 -4.78 26.71
CA ALA U 378 -41.57 -5.74 25.64
C ALA U 378 -40.77 -7.04 25.80
N PHE U 379 -39.46 -6.90 25.99
CA PHE U 379 -38.60 -8.07 26.17
C PHE U 379 -39.00 -8.85 27.43
N SER U 380 -39.26 -8.13 28.52
CA SER U 380 -39.66 -8.74 29.78
C SER U 380 -40.96 -9.51 29.62
N ALA U 381 -41.95 -8.90 28.96
CA ALA U 381 -43.24 -9.53 28.73
C ALA U 381 -43.09 -10.79 27.89
N MET U 382 -42.18 -10.74 26.92
CA MET U 382 -41.94 -11.90 26.06
C MET U 382 -41.37 -13.05 26.88
N LEU U 383 -40.42 -12.74 27.77
CA LEU U 383 -39.79 -13.73 28.62
C LEU U 383 -40.84 -14.36 29.54
N MET U 384 -41.65 -13.52 30.19
CA MET U 384 -42.68 -13.99 31.09
C MET U 384 -43.69 -14.90 30.39
N ALA U 385 -44.04 -14.56 29.16
CA ALA U 385 -44.97 -15.38 28.38
C ALA U 385 -44.32 -16.74 28.10
N GLY U 386 -43.04 -16.72 27.75
CA GLY U 386 -42.32 -17.94 27.47
C GLY U 386 -42.11 -18.81 28.70
N LEU U 387 -41.79 -18.19 29.83
CA LEU U 387 -41.57 -18.93 31.08
C LEU U 387 -42.86 -19.56 31.59
N ASP U 388 -43.99 -18.88 31.39
CA ASP U 388 -45.28 -19.42 31.81
C ASP U 388 -45.61 -20.63 30.96
N GLY U 389 -45.14 -20.61 29.71
CA GLY U 389 -45.37 -21.72 28.81
C GLY U 389 -44.55 -22.92 29.22
N ILE U 390 -43.34 -22.67 29.72
CA ILE U 390 -42.44 -23.72 30.16
C ILE U 390 -42.93 -24.35 31.47
N LYS U 391 -43.31 -23.50 32.43
CA LYS U 391 -43.80 -23.98 33.71
C LYS U 391 -45.09 -24.80 33.59
N ASN U 392 -46.01 -24.34 32.74
CA ASN U 392 -47.27 -25.05 32.54
C ASN U 392 -47.25 -25.99 31.33
N LYS U 393 -46.04 -26.23 30.82
CA LYS U 393 -45.82 -27.11 29.68
C LYS U 393 -46.84 -26.93 28.54
N ILE U 394 -47.15 -25.67 28.24
CA ILE U 394 -48.09 -25.33 27.19
C ILE U 394 -47.60 -25.81 25.83
N GLU U 395 -48.43 -26.60 25.17
CA GLU U 395 -48.10 -27.12 23.85
C GLU U 395 -48.68 -26.26 22.75
N PRO U 396 -47.81 -25.74 21.87
CA PRO U 396 -48.29 -24.89 20.78
C PRO U 396 -48.96 -25.77 19.73
N GLN U 397 -49.96 -25.24 19.03
CA GLN U 397 -50.61 -26.04 18.00
C GLN U 397 -49.58 -26.39 16.94
N ALA U 398 -49.87 -27.44 16.17
CA ALA U 398 -48.97 -27.92 15.14
C ALA U 398 -48.41 -26.83 14.22
N PRO U 399 -47.08 -26.84 14.01
CA PRO U 399 -46.41 -25.86 13.14
C PRO U 399 -46.91 -25.99 11.71
N VAL U 400 -46.78 -24.90 10.94
CA VAL U 400 -47.24 -24.89 9.56
C VAL U 400 -46.16 -24.38 8.62
N ASP U 401 -45.69 -25.26 7.73
CA ASP U 401 -44.67 -24.88 6.76
C ASP U 401 -45.24 -24.68 5.35
N LYS U 402 -46.51 -25.06 5.17
CA LYS U 402 -47.20 -24.87 3.89
C LYS U 402 -47.42 -23.37 3.80
N ASP U 403 -47.35 -22.80 2.61
CA ASP U 403 -47.56 -21.36 2.46
C ASP U 403 -48.96 -21.04 2.99
N LEU U 404 -49.01 -20.26 4.07
CA LEU U 404 -50.26 -19.86 4.71
C LEU U 404 -51.19 -19.06 3.81
N TYR U 405 -50.61 -18.35 2.85
CA TYR U 405 -51.38 -17.54 1.92
C TYR U 405 -52.35 -18.40 1.10
N GLU U 406 -51.81 -19.38 0.36
CA GLU U 406 -52.65 -20.27 -0.43
C GLU U 406 -52.98 -21.53 0.36
N LEU U 407 -54.03 -21.44 1.16
CA LEU U 407 -54.47 -22.55 2.00
C LEU U 407 -55.98 -22.70 1.83
N PRO U 408 -56.49 -23.93 1.75
CA PRO U 408 -57.94 -24.15 1.58
C PRO U 408 -58.73 -23.44 2.68
N PRO U 409 -59.56 -22.45 2.30
CA PRO U 409 -60.42 -21.61 3.16
C PRO U 409 -60.98 -22.24 4.45
N GLU U 410 -61.26 -23.53 4.43
CA GLU U 410 -61.80 -24.22 5.60
C GLU U 410 -60.66 -24.63 6.55
N GLU U 411 -59.49 -24.93 5.97
CA GLU U 411 -58.30 -25.33 6.71
C GLU U 411 -57.57 -24.07 7.23
N ALA U 412 -57.84 -22.94 6.59
CA ALA U 412 -57.23 -21.66 6.97
C ALA U 412 -57.97 -21.01 8.13
N ALA U 413 -59.21 -21.45 8.35
CA ALA U 413 -60.03 -20.93 9.44
C ALA U 413 -59.59 -21.48 10.80
N SER U 414 -58.69 -22.46 10.76
CA SER U 414 -58.16 -23.08 11.97
C SER U 414 -56.90 -22.37 12.46
N ILE U 415 -56.50 -21.31 11.75
CA ILE U 415 -55.32 -20.52 12.09
C ILE U 415 -55.76 -19.25 12.83
N PRO U 416 -55.47 -19.17 14.14
CA PRO U 416 -55.84 -18.00 14.96
C PRO U 416 -55.04 -16.77 14.56
N GLN U 417 -55.69 -15.61 14.62
CA GLN U 417 -55.05 -14.34 14.27
C GLN U 417 -54.83 -13.53 15.55
N THR U 418 -53.90 -12.58 15.48
CA THR U 418 -53.63 -11.69 16.60
C THR U 418 -54.72 -10.63 16.58
N PRO U 419 -54.99 -9.96 17.73
CA PRO U 419 -56.03 -8.93 17.69
C PRO U 419 -55.62 -7.84 16.69
N THR U 420 -56.60 -7.15 16.13
CA THR U 420 -56.36 -6.13 15.12
C THR U 420 -56.47 -4.68 15.59
N GLN U 421 -56.60 -4.47 16.90
CA GLN U 421 -56.75 -3.13 17.44
C GLN U 421 -56.06 -3.03 18.80
N LEU U 422 -55.52 -1.85 19.11
CA LEU U 422 -54.84 -1.64 20.39
C LEU U 422 -55.83 -1.79 21.56
N SER U 423 -57.04 -1.28 21.39
CA SER U 423 -58.07 -1.37 22.43
C SER U 423 -58.34 -2.83 22.77
N ASP U 424 -58.20 -3.72 21.78
CA ASP U 424 -58.40 -5.13 21.96
C ASP U 424 -57.35 -5.75 22.83
N VAL U 425 -56.07 -5.57 22.45
CA VAL U 425 -54.96 -6.13 23.21
C VAL U 425 -54.90 -5.55 24.63
N ILE U 426 -55.34 -4.31 24.78
CA ILE U 426 -55.35 -3.66 26.10
C ILE U 426 -56.43 -4.33 26.95
N ASP U 427 -57.57 -4.64 26.33
CA ASP U 427 -58.67 -5.32 27.01
C ASP U 427 -58.22 -6.72 27.44
N ARG U 428 -57.48 -7.39 26.55
CA ARG U 428 -56.97 -8.74 26.81
C ARG U 428 -55.92 -8.76 27.92
N LEU U 429 -55.10 -7.70 27.98
CA LEU U 429 -54.06 -7.59 29.01
C LEU U 429 -54.73 -7.42 30.37
N GLU U 430 -55.77 -6.60 30.40
CA GLU U 430 -56.53 -6.32 31.60
C GLU U 430 -57.18 -7.59 32.14
N ALA U 431 -57.69 -8.42 31.23
CA ALA U 431 -58.36 -9.67 31.57
C ALA U 431 -57.43 -10.81 31.95
N ASP U 432 -56.23 -10.84 31.36
CA ASP U 432 -55.27 -11.91 31.62
C ASP U 432 -53.83 -11.39 31.67
N HIS U 433 -53.32 -11.17 32.88
CA HIS U 433 -51.96 -10.70 33.04
C HIS U 433 -51.21 -11.34 34.21
N GLU U 434 -51.73 -12.48 34.68
CA GLU U 434 -51.10 -13.18 35.80
C GLU U 434 -49.70 -13.68 35.50
N TYR U 435 -49.46 -14.08 34.25
CA TYR U 435 -48.15 -14.56 33.86
C TYR U 435 -47.10 -13.47 33.98
N LEU U 436 -47.55 -12.22 33.89
CA LEU U 436 -46.68 -11.05 33.98
C LEU U 436 -46.30 -10.77 35.43
N THR U 437 -47.25 -10.95 36.34
CA THR U 437 -47.05 -10.70 37.76
C THR U 437 -46.29 -11.79 38.52
N GLU U 438 -46.00 -12.89 37.85
CA GLU U 438 -45.26 -13.99 38.45
C GLU U 438 -43.91 -13.48 38.96
N GLY U 439 -43.54 -13.92 40.16
CA GLY U 439 -42.27 -13.50 40.75
C GLY U 439 -42.18 -12.01 41.00
N GLY U 440 -43.30 -11.31 40.86
CA GLY U 440 -43.33 -9.88 41.07
C GLY U 440 -42.63 -9.03 40.01
N VAL U 441 -42.36 -9.62 38.83
CA VAL U 441 -41.68 -8.92 37.74
C VAL U 441 -42.49 -7.70 37.33
N PHE U 442 -43.77 -7.90 37.04
CA PHE U 442 -44.68 -6.81 36.70
C PHE U 442 -45.63 -6.75 37.90
N THR U 443 -46.16 -5.58 38.21
CA THR U 443 -47.10 -5.43 39.31
C THR U 443 -48.45 -5.08 38.71
N ASN U 444 -49.54 -5.40 39.41
CA ASN U 444 -50.84 -5.04 38.90
C ASN U 444 -50.96 -3.53 38.73
N ASP U 445 -50.22 -2.84 39.61
CA ASP U 445 -50.15 -1.39 39.60
C ASP U 445 -49.61 -0.88 38.26
N LEU U 446 -48.45 -1.38 37.87
CA LEU U 446 -47.82 -0.99 36.61
C LEU U 446 -48.73 -1.30 35.42
N ILE U 447 -49.30 -2.50 35.43
CA ILE U 447 -50.18 -2.96 34.37
C ILE U 447 -51.44 -2.10 34.24
N GLU U 448 -52.00 -1.68 35.37
CA GLU U 448 -53.19 -0.83 35.36
C GLU U 448 -52.85 0.57 34.85
N THR U 449 -51.65 1.03 35.19
CA THR U 449 -51.15 2.34 34.77
C THR U 449 -50.97 2.36 33.26
N TRP U 450 -50.39 1.29 32.74
CA TRP U 450 -50.15 1.12 31.30
C TRP U 450 -51.49 1.12 30.56
N ILE U 451 -52.45 0.37 31.08
CA ILE U 451 -53.77 0.28 30.49
C ILE U 451 -54.47 1.64 30.45
N SER U 452 -54.36 2.40 31.53
CA SER U 452 -54.96 3.73 31.63
C SER U 452 -54.28 4.71 30.69
N PHE U 453 -52.95 4.65 30.66
CA PHE U 453 -52.13 5.51 29.82
C PHE U 453 -52.55 5.36 28.35
N LYS U 454 -52.61 4.12 27.88
CA LYS U 454 -52.99 3.83 26.50
C LYS U 454 -54.41 4.25 26.16
N ARG U 455 -55.35 3.99 27.07
CA ARG U 455 -56.74 4.34 26.84
C ARG U 455 -56.98 5.83 26.82
N GLU U 456 -56.40 6.55 27.77
CA GLU U 456 -56.59 7.99 27.89
C GLU U 456 -55.74 8.85 26.98
N ASN U 457 -54.49 8.44 26.77
CA ASN U 457 -53.56 9.21 25.95
C ASN U 457 -53.42 8.81 24.48
N GLU U 458 -53.89 7.62 24.12
CA GLU U 458 -53.75 7.15 22.75
C GLU U 458 -55.04 6.69 22.09
N ILE U 459 -55.67 5.68 22.67
CA ILE U 459 -56.90 5.12 22.13
C ILE U 459 -58.04 6.13 21.99
N GLU U 460 -58.38 6.81 23.08
CA GLU U 460 -59.46 7.78 23.09
C GLU U 460 -59.18 9.00 22.17
N PRO U 461 -57.98 9.62 22.28
CA PRO U 461 -57.66 10.77 21.43
C PRO U 461 -57.80 10.52 19.93
N VAL U 462 -57.36 9.36 19.46
CA VAL U 462 -57.46 9.01 18.04
C VAL U 462 -58.92 8.71 17.68
N ASN U 463 -59.59 7.99 18.57
CA ASN U 463 -60.97 7.60 18.36
C ASN U 463 -62.00 8.73 18.25
N ILE U 464 -61.79 9.83 18.97
CA ILE U 464 -62.73 10.95 18.90
C ILE U 464 -62.52 11.88 17.72
N ARG U 465 -61.37 11.76 17.07
CA ARG U 465 -61.02 12.60 15.92
C ARG U 465 -61.38 12.00 14.57
N PRO U 466 -62.24 12.70 13.79
CA PRO U 466 -62.61 12.18 12.48
C PRO U 466 -61.37 11.95 11.60
N HIS U 467 -61.36 10.83 10.89
CA HIS U 467 -60.28 10.45 10.01
C HIS U 467 -60.55 11.09 8.63
N PRO U 468 -59.49 11.55 7.93
CA PRO U 468 -59.63 12.18 6.61
C PRO U 468 -60.43 11.35 5.62
N TYR U 469 -60.24 10.03 5.65
CA TYR U 469 -60.94 9.14 4.74
C TYR U 469 -62.44 9.09 4.97
N GLU U 470 -62.87 9.50 6.16
CA GLU U 470 -64.29 9.54 6.49
C GLU U 470 -64.98 10.62 5.68
N PHE U 471 -64.22 11.63 5.26
CA PHE U 471 -64.77 12.71 4.46
C PHE U 471 -64.95 12.27 3.02
N ALA U 472 -64.02 11.43 2.55
CA ALA U 472 -64.07 10.88 1.21
C ALA U 472 -65.29 9.97 1.14
N LEU U 473 -65.43 9.19 2.19
CA LEU U 473 -66.48 8.21 2.33
C LEU U 473 -67.88 8.80 2.67
N TYR U 474 -67.96 9.77 3.59
CA TYR U 474 -69.28 10.23 4.07
C TYR U 474 -69.65 11.71 3.93
N TYR U 475 -68.83 12.60 3.40
CA TYR U 475 -69.28 13.98 3.28
C TYR U 475 -70.60 14.10 2.51
N ASP U 476 -70.78 13.23 1.51
CA ASP U 476 -71.96 13.21 0.64
C ASP U 476 -73.17 12.41 1.10
N VAL U 477 -73.12 11.78 2.26
CA VAL U 477 -74.25 10.96 2.74
C VAL U 477 -75.64 11.57 2.68
N THR V 1 -16.79 38.85 50.26
CA THR V 1 -16.59 37.94 51.42
C THR V 1 -15.11 37.60 51.62
N GLU V 2 -14.48 37.04 50.59
CA GLU V 2 -13.07 36.67 50.67
C GLU V 2 -12.11 37.22 49.62
N LYS V 3 -12.64 37.77 48.51
CA LYS V 3 -11.76 38.33 47.48
C LYS V 3 -11.26 39.74 47.83
N THR V 4 -9.96 39.92 47.64
CA THR V 4 -9.25 41.16 47.93
C THR V 4 -9.13 42.05 46.70
N PRO V 5 -9.04 43.38 46.92
CA PRO V 5 -8.89 44.30 45.79
C PRO V 5 -7.66 43.89 44.96
N ASP V 6 -6.66 43.33 45.65
CA ASP V 6 -5.44 42.89 44.99
C ASP V 6 -5.69 41.67 44.10
N ASP V 7 -6.63 40.84 44.50
CA ASP V 7 -6.99 39.66 43.73
C ASP V 7 -7.59 40.13 42.40
N VAL V 8 -8.39 41.18 42.47
CA VAL V 8 -9.05 41.77 41.31
C VAL V 8 -8.03 42.39 40.36
N PHE V 9 -7.05 43.11 40.91
CA PHE V 9 -6.01 43.73 40.08
C PHE V 9 -5.16 42.66 39.39
N LYS V 10 -4.94 41.54 40.07
CA LYS V 10 -4.17 40.43 39.52
C LYS V 10 -4.96 39.80 38.38
N LEU V 11 -6.26 39.64 38.58
CA LEU V 11 -7.16 39.06 37.57
C LEU V 11 -7.10 39.93 36.32
N ALA V 12 -7.21 41.25 36.53
CA ALA V 12 -7.17 42.21 35.45
C ALA V 12 -5.85 42.16 34.68
N LYS V 13 -4.74 42.09 35.40
CA LYS V 13 -3.42 42.03 34.77
C LYS V 13 -3.21 40.73 33.99
N ASP V 14 -3.50 39.61 34.64
CA ASP V 14 -3.34 38.30 34.01
C ASP V 14 -4.19 38.10 32.76
N GLU V 15 -5.43 38.61 32.82
CA GLU V 15 -6.34 38.49 31.69
C GLU V 15 -6.14 39.55 30.60
N LYS V 16 -5.22 40.49 30.84
CA LYS V 16 -4.92 41.57 29.91
C LYS V 16 -6.19 42.35 29.57
N VAL V 17 -6.94 42.65 30.62
CA VAL V 17 -8.20 43.38 30.53
C VAL V 17 -7.96 44.79 30.02
N GLU V 18 -8.77 45.23 29.05
CA GLU V 18 -8.63 46.59 28.54
C GLU V 18 -9.70 47.55 29.00
N TYR V 19 -10.84 47.02 29.44
CA TYR V 19 -11.94 47.85 29.96
C TYR V 19 -12.52 47.26 31.23
N VAL V 20 -13.08 48.13 32.07
CA VAL V 20 -13.72 47.69 33.30
C VAL V 20 -15.16 48.20 33.23
N ASP V 21 -16.12 47.29 33.37
CA ASP V 21 -17.51 47.65 33.30
C ASP V 21 -18.07 47.88 34.72
N VAL V 22 -18.48 49.12 34.97
CA VAL V 22 -19.02 49.53 36.25
C VAL V 22 -20.52 49.26 36.28
N ARG V 23 -20.91 48.28 37.09
CA ARG V 23 -22.32 47.89 37.19
C ARG V 23 -22.97 48.17 38.53
N PHE V 24 -24.24 48.53 38.48
CA PHE V 24 -25.03 48.82 39.66
C PHE V 24 -26.47 48.47 39.30
N CYS V 25 -27.26 48.11 40.31
CA CYS V 25 -28.63 47.70 40.07
C CYS V 25 -29.67 48.79 40.20
N ASP V 26 -30.62 48.81 39.27
CA ASP V 26 -31.70 49.79 39.34
C ASP V 26 -32.83 49.25 40.22
N LEU V 27 -33.85 50.06 40.46
CA LEU V 27 -34.95 49.65 41.32
C LEU V 27 -35.66 48.36 40.90
N PRO V 28 -36.31 48.34 39.71
CA PRO V 28 -37.00 47.12 39.29
C PRO V 28 -36.17 45.83 39.21
N GLY V 29 -34.86 45.94 38.97
CA GLY V 29 -34.04 44.75 38.92
C GLY V 29 -33.07 44.53 37.78
N ILE V 30 -32.94 45.53 36.90
CA ILE V 30 -32.02 45.41 35.76
C ILE V 30 -30.70 46.12 36.02
N MET V 31 -29.60 45.41 35.77
CA MET V 31 -28.28 45.98 35.97
C MET V 31 -27.96 47.08 34.96
N GLN V 32 -27.38 48.17 35.46
CA GLN V 32 -26.99 49.31 34.64
C GLN V 32 -25.47 49.34 34.57
N HIS V 33 -24.93 50.10 33.63
CA HIS V 33 -23.47 50.18 33.51
C HIS V 33 -22.93 51.33 32.67
N PHE V 34 -21.63 51.52 32.83
CA PHE V 34 -20.85 52.48 32.06
C PHE V 34 -19.45 51.89 32.10
N THR V 35 -18.63 52.22 31.12
CA THR V 35 -17.30 51.64 31.03
C THR V 35 -16.15 52.64 31.14
N ILE V 36 -15.08 52.18 31.79
CA ILE V 36 -13.88 53.00 31.95
C ILE V 36 -12.69 52.17 31.48
N PRO V 37 -11.62 52.82 31.01
CA PRO V 37 -10.45 52.07 30.55
C PRO V 37 -9.79 51.37 31.75
N ALA V 38 -9.18 50.22 31.52
CA ALA V 38 -8.53 49.47 32.59
C ALA V 38 -7.44 50.30 33.28
N SER V 39 -6.78 51.15 32.49
CA SER V 39 -5.72 52.02 33.01
C SER V 39 -6.19 52.95 34.13
N ALA V 40 -7.49 53.25 34.15
CA ALA V 40 -8.08 54.11 35.17
C ALA V 40 -8.59 53.31 36.37
N PHE V 41 -8.40 52.00 36.32
CA PHE V 41 -8.83 51.11 37.41
C PHE V 41 -7.66 50.82 38.33
N ASP V 42 -7.61 51.53 39.46
CA ASP V 42 -6.55 51.39 40.44
C ASP V 42 -7.10 51.38 41.86
N LYS V 43 -6.20 51.48 42.85
CA LYS V 43 -6.58 51.48 44.26
C LYS V 43 -7.55 52.60 44.63
N SER V 44 -7.44 53.74 43.95
CA SER V 44 -8.31 54.88 44.25
C SER V 44 -9.78 54.58 43.98
N VAL V 45 -10.05 53.59 43.14
CA VAL V 45 -11.42 53.22 42.80
C VAL V 45 -12.05 52.54 44.03
N PHE V 46 -11.25 51.73 44.73
CA PHE V 46 -11.71 51.03 45.92
C PHE V 46 -11.75 51.94 47.15
N ASP V 47 -10.81 52.88 47.22
CA ASP V 47 -10.71 53.80 48.35
C ASP V 47 -11.67 54.99 48.25
N ASP V 48 -11.61 55.70 47.12
CA ASP V 48 -12.43 56.89 46.92
C ASP V 48 -13.73 56.65 46.15
N GLY V 49 -13.73 55.63 45.29
CA GLY V 49 -14.92 55.32 44.51
C GLY V 49 -14.97 56.10 43.20
N LEU V 50 -16.06 55.93 42.47
CA LEU V 50 -16.24 56.61 41.18
C LEU V 50 -17.46 57.50 41.22
N ALA V 51 -17.34 58.67 40.61
CA ALA V 51 -18.46 59.60 40.58
C ALA V 51 -19.30 59.38 39.33
N PHE V 52 -20.62 59.58 39.46
CA PHE V 52 -21.58 59.44 38.36
C PHE V 52 -22.88 60.19 38.76
N ASP V 53 -23.69 60.49 37.75
CA ASP V 53 -24.93 61.32 37.85
C ASP V 53 -26.24 60.59 38.09
N GLY V 54 -27.19 61.05 38.91
CA GLY V 54 -28.43 60.29 38.88
C GLY V 54 -28.92 60.37 37.45
N SER V 55 -28.76 59.29 36.67
CA SER V 55 -29.19 59.37 35.25
C SER V 55 -30.49 58.59 35.01
N SER V 56 -31.16 58.81 33.90
CA SER V 56 -32.45 58.18 33.68
C SER V 56 -33.35 58.75 34.79
N ILE V 57 -34.51 58.22 35.17
CA ILE V 57 -35.29 59.06 36.06
C ILE V 57 -35.96 58.44 37.31
N ARG V 58 -36.42 57.21 37.35
CA ARG V 58 -37.21 56.80 38.51
C ARG V 58 -36.57 55.81 39.49
N GLY V 59 -36.68 56.11 40.79
CA GLY V 59 -36.13 55.28 41.86
C GLY V 59 -34.95 55.99 42.52
N PHE V 60 -33.89 56.23 41.74
CA PHE V 60 -32.61 56.84 42.18
C PHE V 60 -32.64 58.39 42.40
N GLN V 61 -31.46 59.02 42.64
CA GLN V 61 -31.20 60.44 42.93
C GLN V 61 -31.52 61.43 41.80
N SER V 62 -32.66 62.13 41.95
CA SER V 62 -33.15 63.14 40.99
C SER V 62 -32.28 64.41 40.99
N ILE V 63 -32.80 65.58 40.56
CA ILE V 63 -31.97 66.81 40.52
C ILE V 63 -32.19 67.68 41.78
N HIS V 64 -32.12 67.03 42.96
CA HIS V 64 -32.24 67.68 44.29
C HIS V 64 -31.34 66.87 45.20
N GLU V 65 -30.87 65.76 44.55
CA GLU V 65 -29.99 64.71 45.10
C GLU V 65 -29.00 64.13 44.09
N SER V 66 -29.05 64.65 42.85
CA SER V 66 -28.22 64.31 41.66
C SER V 66 -27.05 63.33 41.82
N ASP V 67 -25.86 63.81 42.14
CA ASP V 67 -24.61 63.05 42.10
C ASP V 67 -24.49 61.88 43.06
N MET V 68 -23.91 60.77 42.59
CA MET V 68 -23.70 59.57 43.39
C MET V 68 -22.23 59.12 43.34
N LEU V 69 -21.84 58.33 44.33
CA LEU V 69 -20.49 57.79 44.42
C LEU V 69 -20.61 56.27 44.39
N LEU V 70 -19.82 55.60 43.56
CA LEU V 70 -19.87 54.15 43.43
C LEU V 70 -18.65 53.44 44.03
N LEU V 71 -18.90 52.54 44.97
CA LEU V 71 -17.82 51.77 45.62
C LEU V 71 -17.94 50.32 45.17
N PRO V 72 -16.84 49.73 44.68
CA PRO V 72 -16.80 48.35 44.20
C PRO V 72 -16.86 47.23 45.22
N ASP V 73 -17.40 46.10 44.78
CA ASP V 73 -17.50 44.89 45.58
C ASP V 73 -16.59 43.88 44.87
N PRO V 74 -15.38 43.67 45.38
CA PRO V 74 -14.39 42.75 44.81
C PRO V 74 -14.85 41.30 44.56
N GLU V 75 -15.86 40.86 45.31
CA GLU V 75 -16.36 39.50 45.15
C GLU V 75 -17.17 39.31 43.88
N THR V 76 -17.63 40.41 43.29
CA THR V 76 -18.43 40.37 42.07
C THR V 76 -17.64 40.50 40.77
N ALA V 77 -16.33 40.65 40.89
CA ALA V 77 -15.45 40.80 39.73
C ALA V 77 -15.40 39.54 38.88
N ARG V 78 -15.77 39.68 37.61
CA ARG V 78 -15.78 38.56 36.66
C ARG V 78 -15.39 39.05 35.26
N ILE V 79 -14.71 38.18 34.51
CA ILE V 79 -14.32 38.50 33.14
C ILE V 79 -15.56 38.27 32.28
N ASP V 80 -15.91 39.24 31.44
CA ASP V 80 -17.07 39.13 30.57
C ASP V 80 -16.70 38.20 29.40
N PRO V 81 -17.46 37.09 29.23
CA PRO V 81 -17.19 36.14 28.14
C PRO V 81 -17.79 36.51 26.79
N PHE V 82 -18.54 37.60 26.74
CA PHE V 82 -19.20 38.03 25.52
C PHE V 82 -18.57 39.23 24.81
N ARG V 83 -18.11 40.20 25.59
CA ARG V 83 -17.50 41.41 25.04
C ARG V 83 -16.21 41.13 24.27
N ALA V 84 -16.14 41.62 23.03
CA ALA V 84 -14.97 41.44 22.17
C ALA V 84 -13.71 42.00 22.82
N ALA V 85 -13.78 43.23 23.30
CA ALA V 85 -12.66 43.86 23.98
C ALA V 85 -12.63 43.25 25.38
N LYS V 86 -11.50 42.68 25.80
CA LYS V 86 -11.39 42.04 27.11
C LYS V 86 -11.84 42.97 28.22
N THR V 87 -12.94 42.60 28.87
CA THR V 87 -13.55 43.41 29.92
C THR V 87 -13.76 42.70 31.26
N LEU V 88 -13.60 43.46 32.34
CA LEU V 88 -13.79 42.97 33.69
C LEU V 88 -15.04 43.64 34.25
N ASN V 89 -16.04 42.85 34.62
CA ASN V 89 -17.28 43.37 35.19
C ASN V 89 -17.20 43.35 36.71
N ILE V 90 -17.66 44.44 37.33
CA ILE V 90 -17.66 44.54 38.79
C ILE V 90 -18.92 45.29 39.21
N ASN V 91 -19.57 44.81 40.27
CA ASN V 91 -20.77 45.45 40.79
C ASN V 91 -20.37 46.44 41.87
N PHE V 92 -21.13 47.52 41.98
CA PHE V 92 -20.85 48.58 42.92
C PHE V 92 -22.02 48.89 43.84
N PHE V 93 -21.71 49.59 44.93
CA PHE V 93 -22.71 50.05 45.89
C PHE V 93 -22.79 51.55 45.67
N VAL V 94 -23.99 52.11 45.74
CA VAL V 94 -24.20 53.54 45.56
C VAL V 94 -24.14 54.25 46.92
N HIS V 95 -23.24 55.22 47.02
CA HIS V 95 -23.07 56.00 48.25
C HIS V 95 -23.34 57.48 48.00
N ASP V 96 -23.54 58.21 49.07
CA ASP V 96 -23.75 59.66 48.99
C ASP V 96 -22.32 60.20 48.93
N PRO V 97 -22.02 61.06 47.94
CA PRO V 97 -20.68 61.66 47.78
C PRO V 97 -20.11 62.26 49.06
N PHE V 98 -20.89 63.17 49.65
CA PHE V 98 -20.53 63.89 50.86
C PHE V 98 -20.31 63.01 52.10
N THR V 99 -21.40 62.41 52.59
CA THR V 99 -21.35 61.58 53.79
C THR V 99 -20.78 60.17 53.64
N LEU V 100 -20.63 59.70 52.40
CA LEU V 100 -20.15 58.36 52.10
C LEU V 100 -21.15 57.34 52.67
N GLU V 101 -22.37 57.83 52.89
CA GLU V 101 -23.46 57.05 53.44
C GLU V 101 -24.14 56.24 52.34
N PRO V 102 -24.31 54.92 52.57
CA PRO V 102 -24.96 54.05 51.58
C PRO V 102 -26.33 54.57 51.20
N TYR V 103 -26.55 54.74 49.89
CA TYR V 103 -27.82 55.22 49.38
C TYR V 103 -28.92 54.22 49.73
N SER V 104 -29.97 54.70 50.39
CA SER V 104 -31.07 53.86 50.83
C SER V 104 -31.94 53.20 49.76
N ARG V 105 -31.82 53.66 48.52
CA ARG V 105 -32.63 53.08 47.44
C ARG V 105 -31.84 52.17 46.49
N ASP V 106 -30.58 51.91 46.82
CA ASP V 106 -29.73 51.03 46.04
C ASP V 106 -30.00 49.61 46.54
N PRO V 107 -30.57 48.76 45.67
CA PRO V 107 -30.88 47.38 46.02
C PRO V 107 -29.74 46.60 46.66
N ARG V 108 -28.52 46.83 46.20
CA ARG V 108 -27.38 46.11 46.76
C ARG V 108 -27.07 46.54 48.19
N ASN V 109 -27.43 47.77 48.55
CA ASN V 109 -27.22 48.27 49.91
C ASN V 109 -28.25 47.63 50.83
N ILE V 110 -29.46 47.43 50.33
CA ILE V 110 -30.54 46.81 51.09
C ILE V 110 -30.13 45.39 51.49
N ALA V 111 -29.56 44.65 50.54
CA ALA V 111 -29.13 43.29 50.79
C ALA V 111 -28.00 43.26 51.81
N ARG V 112 -27.09 44.24 51.73
CA ARG V 112 -25.98 44.32 52.67
C ARG V 112 -26.52 44.67 54.06
N LYS V 113 -27.46 45.60 54.13
CA LYS V 113 -28.08 46.00 55.38
C LYS V 113 -28.80 44.81 56.02
N ALA V 114 -29.42 43.98 55.18
CA ALA V 114 -30.14 42.80 55.64
C ALA V 114 -29.19 41.80 56.31
N GLU V 115 -28.01 41.64 55.74
CA GLU V 115 -27.01 40.73 56.29
C GLU V 115 -26.45 41.25 57.62
N ASN V 116 -26.26 42.57 57.69
CA ASN V 116 -25.73 43.20 58.90
C ASN V 116 -26.77 43.16 60.02
N TYR V 117 -28.04 43.30 59.66
CA TYR V 117 -29.12 43.24 60.63
C TYR V 117 -29.22 41.84 61.24
N LEU V 118 -29.04 40.82 60.40
CA LEU V 118 -29.09 39.43 60.84
C LEU V 118 -28.08 39.23 61.96
N ILE V 119 -26.87 39.73 61.73
CA ILE V 119 -25.79 39.62 62.70
C ILE V 119 -26.12 40.37 63.99
N SER V 120 -26.72 41.55 63.85
CA SER V 120 -27.09 42.37 65.00
C SER V 120 -28.16 41.76 65.89
N THR V 121 -29.01 40.89 65.34
CA THR V 121 -30.07 40.26 66.13
C THR V 121 -29.53 39.10 66.96
N GLY V 122 -28.32 38.64 66.62
CA GLY V 122 -27.72 37.53 67.35
C GLY V 122 -28.30 36.18 66.96
N ILE V 123 -29.39 36.19 66.20
CA ILE V 123 -30.06 34.97 65.74
C ILE V 123 -29.13 34.07 64.93
N ALA V 124 -28.35 34.69 64.04
CA ALA V 124 -27.38 33.98 63.20
C ALA V 124 -26.42 34.99 62.61
N ASP V 125 -25.39 34.51 61.93
CA ASP V 125 -24.45 35.42 61.30
C ASP V 125 -24.38 35.28 59.77
N THR V 126 -25.10 34.29 59.24
CA THR V 126 -25.12 34.04 57.80
C THR V 126 -26.45 33.47 57.31
N ALA V 127 -26.96 34.03 56.21
CA ALA V 127 -28.20 33.57 55.60
C ALA V 127 -27.84 33.08 54.20
N TYR V 128 -27.92 31.77 53.99
CA TYR V 128 -27.61 31.19 52.69
C TYR V 128 -28.82 31.08 51.79
N PHE V 129 -28.68 31.54 50.55
CA PHE V 129 -29.75 31.49 49.57
C PHE V 129 -29.35 30.70 48.33
N GLY V 130 -30.20 29.75 47.96
CA GLY V 130 -29.99 28.95 46.78
C GLY V 130 -31.19 29.20 45.90
N ALA V 131 -30.98 29.77 44.72
CA ALA V 131 -32.10 30.07 43.84
C ALA V 131 -32.03 29.36 42.50
N GLU V 132 -33.18 28.88 42.07
CA GLU V 132 -33.28 28.16 40.82
C GLU V 132 -34.28 28.79 39.89
N ALA V 133 -33.74 29.52 38.92
CA ALA V 133 -34.52 30.25 37.97
C ALA V 133 -34.64 29.57 36.62
N GLU V 134 -35.88 29.30 36.26
CA GLU V 134 -36.22 28.68 34.99
C GLU V 134 -36.34 29.81 33.97
N PHE V 135 -36.13 29.47 32.70
CA PHE V 135 -36.24 30.45 31.63
C PHE V 135 -36.65 29.76 30.32
N TYR V 136 -37.09 30.56 29.36
CA TYR V 136 -37.48 30.05 28.05
C TYR V 136 -36.56 30.57 26.97
N ILE V 137 -36.25 29.69 26.01
CA ILE V 137 -35.39 30.04 24.88
C ILE V 137 -36.30 30.14 23.66
N PHE V 138 -36.35 31.32 23.06
CA PHE V 138 -37.17 31.55 21.88
C PHE V 138 -36.31 31.94 20.69
N ASP V 139 -36.92 31.98 19.51
CA ASP V 139 -36.23 32.39 18.29
C ASP V 139 -36.60 33.82 17.97
N SER V 140 -37.80 34.22 18.39
CA SER V 140 -38.28 35.56 18.12
C SER V 140 -39.37 36.02 19.08
N VAL V 141 -39.54 37.34 19.16
CA VAL V 141 -40.56 37.97 19.97
C VAL V 141 -40.89 39.34 19.38
N SER V 142 -42.17 39.61 19.22
CA SER V 142 -42.63 40.89 18.70
C SER V 142 -43.94 41.23 19.39
N PHE V 143 -44.23 42.51 19.52
CA PHE V 143 -45.45 42.98 20.17
C PHE V 143 -45.60 44.48 19.99
N ASP V 144 -46.81 44.97 20.24
CA ASP V 144 -47.09 46.40 20.19
C ASP V 144 -48.44 46.70 20.80
N SER V 145 -48.66 47.98 21.07
CA SER V 145 -49.90 48.44 21.66
C SER V 145 -50.27 49.73 20.94
N ARG V 146 -51.38 49.68 20.21
CA ARG V 146 -51.84 50.84 19.45
C ARG V 146 -53.26 51.20 19.84
N ALA V 147 -53.78 52.26 19.27
CA ALA V 147 -55.13 52.72 19.57
C ALA V 147 -56.20 51.73 19.16
N ASN V 148 -56.03 51.12 17.99
CA ASN V 148 -57.01 50.20 17.44
C ASN V 148 -56.63 48.72 17.47
N GLY V 149 -55.52 48.40 18.11
CA GLY V 149 -55.12 47.02 18.17
C GLY V 149 -53.88 46.80 19.00
N SER V 150 -53.62 45.53 19.31
CA SER V 150 -52.47 45.17 20.10
C SER V 150 -52.20 43.69 19.88
N PHE V 151 -50.94 43.29 20.03
CA PHE V 151 -50.58 41.89 19.85
C PHE V 151 -49.24 41.57 20.49
N TYR V 152 -48.97 40.28 20.58
CA TYR V 152 -47.68 39.78 21.05
C TYR V 152 -47.54 38.43 20.39
N GLU V 153 -46.30 38.02 20.19
CA GLU V 153 -46.03 36.75 19.57
C GLU V 153 -44.61 36.31 19.87
N VAL V 154 -44.49 35.18 20.54
CA VAL V 154 -43.18 34.60 20.82
C VAL V 154 -43.15 33.35 19.95
N ASP V 155 -41.98 32.99 19.46
CA ASP V 155 -41.93 31.80 18.61
C ASP V 155 -40.59 31.09 18.73
N ALA V 156 -40.64 29.80 18.42
CA ALA V 156 -39.47 28.95 18.44
C ALA V 156 -39.70 27.91 17.37
N ILE V 157 -38.67 27.67 16.57
CA ILE V 157 -38.71 26.71 15.47
C ILE V 157 -39.29 25.37 15.94
N SER V 158 -38.81 24.90 17.08
CA SER V 158 -39.25 23.63 17.65
C SER V 158 -40.44 23.71 18.60
N GLY V 159 -41.17 24.83 18.57
CA GLY V 159 -42.33 24.97 19.43
C GLY V 159 -43.42 23.97 19.06
N TRP V 160 -44.03 23.36 20.07
CA TRP V 160 -45.07 22.36 19.85
C TRP V 160 -46.31 22.84 19.10
N TRP V 161 -46.46 24.15 18.98
CA TRP V 161 -47.60 24.74 18.27
C TRP V 161 -47.29 24.85 16.77
N ASN V 162 -46.08 24.44 16.37
CA ASN V 162 -45.63 24.50 14.99
C ASN V 162 -45.53 23.15 14.26
N THR V 163 -46.20 22.12 14.77
CA THR V 163 -46.14 20.81 14.13
C THR V 163 -46.67 20.81 12.70
N GLY V 164 -47.61 21.72 12.41
CA GLY V 164 -48.20 21.80 11.09
C GLY V 164 -47.50 22.70 10.08
N ALA V 165 -46.40 23.32 10.47
CA ALA V 165 -45.67 24.21 9.57
C ALA V 165 -45.21 23.48 8.31
N ALA V 166 -45.59 24.01 7.15
CA ALA V 166 -45.23 23.42 5.85
C ALA V 166 -43.71 23.43 5.69
N THR V 167 -43.09 24.53 6.08
CA THR V 167 -41.64 24.70 6.04
C THR V 167 -41.26 25.60 7.21
N GLU V 168 -39.99 25.59 7.59
CA GLU V 168 -39.53 26.42 8.69
C GLU V 168 -39.49 27.89 8.30
N ALA V 169 -39.21 28.75 9.27
CA ALA V 169 -39.14 30.18 9.04
C ALA V 169 -38.15 30.50 7.91
N ASP V 170 -36.99 29.84 7.94
CA ASP V 170 -35.95 30.03 6.93
C ASP V 170 -36.15 29.26 5.63
N GLY V 171 -37.35 28.75 5.39
CA GLY V 171 -37.62 28.01 4.17
C GLY V 171 -37.24 26.54 4.19
N SER V 172 -36.42 26.13 5.15
CA SER V 172 -35.99 24.73 5.26
C SER V 172 -37.16 23.82 5.65
N PRO V 173 -37.04 22.51 5.40
CA PRO V 173 -38.14 21.61 5.75
C PRO V 173 -38.41 21.38 7.24
N ASN V 174 -39.67 21.11 7.55
CA ASN V 174 -40.10 20.82 8.91
C ASN V 174 -39.68 19.37 9.19
N ARG V 175 -38.77 19.19 10.14
CA ARG V 175 -38.29 17.86 10.46
C ARG V 175 -38.93 17.19 11.67
N GLY V 176 -39.96 17.85 12.21
CA GLY V 176 -40.66 17.29 13.35
C GLY V 176 -39.95 17.34 14.70
N TYR V 177 -40.32 16.41 15.57
CA TYR V 177 -39.77 16.33 16.93
C TYR V 177 -40.10 17.58 17.76
N LYS V 178 -41.24 18.20 17.44
CA LYS V 178 -41.71 19.40 18.13
C LYS V 178 -42.74 19.04 19.22
N VAL V 179 -43.52 17.99 18.95
CA VAL V 179 -44.57 17.54 19.87
C VAL V 179 -44.10 17.26 21.29
N ARG V 180 -44.95 17.67 22.22
CA ARG V 180 -44.73 17.54 23.64
C ARG V 180 -45.54 16.32 24.10
N HIS V 181 -44.87 15.18 24.23
CA HIS V 181 -45.51 13.92 24.62
C HIS V 181 -45.83 13.71 26.09
N LYS V 182 -46.82 12.86 26.32
CA LYS V 182 -47.27 12.49 27.66
C LYS V 182 -46.29 11.44 28.17
N GLY V 183 -46.01 11.43 29.47
CA GLY V 183 -45.10 10.43 30.02
C GLY V 183 -43.82 10.98 30.61
N GLY V 184 -43.19 11.90 29.90
CA GLY V 184 -41.95 12.49 30.39
C GLY V 184 -41.65 13.77 29.64
N TYR V 185 -41.30 14.82 30.39
CA TYR V 185 -41.01 16.10 29.75
C TYR V 185 -39.53 16.50 29.65
N PHE V 186 -38.64 15.53 29.82
CA PHE V 186 -37.19 15.76 29.69
C PHE V 186 -36.60 14.76 28.68
N PRO V 187 -37.26 14.57 27.52
CA PRO V 187 -36.72 13.61 26.54
C PRO V 187 -35.35 13.97 25.98
N VAL V 188 -34.62 12.93 25.57
CA VAL V 188 -33.30 13.13 24.98
C VAL V 188 -33.46 13.61 23.52
N ALA V 189 -32.35 13.99 22.90
CA ALA V 189 -32.38 14.44 21.52
C ALA V 189 -32.84 13.28 20.62
N PRO V 190 -33.44 13.60 19.46
CA PRO V 190 -33.69 14.94 18.93
C PRO V 190 -34.92 15.69 19.45
N ASN V 191 -35.67 15.11 20.39
CA ASN V 191 -36.83 15.81 20.96
C ASN V 191 -36.32 17.04 21.70
N ASP V 192 -35.15 16.88 22.32
CA ASP V 192 -34.49 17.95 23.04
C ASP V 192 -33.67 18.66 21.96
N GLN V 193 -34.12 19.84 21.58
CA GLN V 193 -33.46 20.60 20.53
C GLN V 193 -32.53 21.70 20.99
N TYR V 194 -32.24 21.75 22.28
CA TYR V 194 -31.37 22.81 22.81
C TYR V 194 -30.18 22.30 23.60
N VAL V 195 -29.82 21.04 23.37
CA VAL V 195 -28.71 20.43 24.08
C VAL V 195 -27.40 21.22 24.01
N ASP V 196 -26.94 21.54 22.81
CA ASP V 196 -25.68 22.27 22.64
C ASP V 196 -25.71 23.68 23.22
N LEU V 197 -26.85 24.37 23.09
CA LEU V 197 -26.99 25.73 23.61
C LEU V 197 -26.90 25.72 25.13
N ARG V 198 -27.66 24.82 25.77
CA ARG V 198 -27.64 24.73 27.23
C ARG V 198 -26.24 24.39 27.73
N ASP V 199 -25.52 23.55 26.99
CA ASP V 199 -24.17 23.19 27.37
C ASP V 199 -23.26 24.41 27.31
N LYS V 200 -23.50 25.28 26.32
CA LYS V 200 -22.71 26.50 26.18
C LYS V 200 -22.99 27.40 27.37
N MET V 201 -24.26 27.47 27.77
CA MET V 201 -24.67 28.27 28.91
C MET V 201 -23.98 27.74 30.17
N LEU V 202 -24.03 26.42 30.36
CA LEU V 202 -23.41 25.77 31.52
C LEU V 202 -21.90 26.00 31.53
N THR V 203 -21.27 25.86 30.38
CA THR V 203 -19.83 26.05 30.24
C THR V 203 -19.47 27.49 30.63
N ASN V 204 -20.26 28.45 30.17
CA ASN V 204 -20.03 29.87 30.49
C ASN V 204 -20.21 30.15 31.97
N LEU V 205 -21.20 29.51 32.60
CA LEU V 205 -21.45 29.69 34.02
C LEU V 205 -20.26 29.16 34.82
N ILE V 206 -19.80 27.96 34.46
CA ILE V 206 -18.66 27.34 35.13
C ILE V 206 -17.40 28.18 34.98
N ASN V 207 -17.18 28.72 33.78
CA ASN V 207 -16.01 29.56 33.54
C ASN V 207 -16.14 30.91 34.24
N SER V 208 -17.35 31.24 34.67
CA SER V 208 -17.62 32.49 35.37
C SER V 208 -17.70 32.31 36.90
N GLY V 209 -17.16 31.21 37.39
CA GLY V 209 -17.14 30.98 38.83
C GLY V 209 -18.29 30.28 39.51
N PHE V 210 -19.30 29.84 38.76
CA PHE V 210 -20.42 29.14 39.36
C PHE V 210 -19.99 27.74 39.77
N ILE V 211 -20.42 27.32 40.95
CA ILE V 211 -20.07 26.00 41.47
C ILE V 211 -21.21 25.01 41.29
N LEU V 212 -20.94 23.93 40.58
CA LEU V 212 -21.91 22.89 40.29
C LEU V 212 -21.37 21.62 40.95
N GLU V 213 -22.09 21.07 41.93
CA GLU V 213 -21.67 19.85 42.58
C GLU V 213 -22.79 18.82 42.62
N LYS V 214 -23.05 18.38 43.84
CA LYS V 214 -24.04 17.39 44.28
C LYS V 214 -25.32 17.39 43.42
N GLY V 215 -26.36 18.09 43.84
CA GLY V 215 -27.62 18.08 43.12
C GLY V 215 -27.80 19.27 42.20
N HIS V 216 -26.71 19.67 41.53
CA HIS V 216 -26.75 20.79 40.61
C HIS V 216 -26.81 20.20 39.20
N HIS V 217 -27.93 20.45 38.53
CA HIS V 217 -28.18 19.92 37.21
C HIS V 217 -28.43 20.97 36.13
N GLU V 218 -28.32 20.49 34.92
CA GLU V 218 -28.66 21.27 33.75
C GLU V 218 -29.86 20.50 33.18
N VAL V 219 -31.03 21.13 33.09
CA VAL V 219 -32.20 20.43 32.60
C VAL V 219 -33.00 21.24 31.59
N GLY V 220 -33.66 20.55 30.67
CA GLY V 220 -34.45 21.22 29.65
C GLY V 220 -35.72 20.48 29.30
N SER V 221 -36.77 21.24 29.01
CA SER V 221 -38.06 20.68 28.64
C SER V 221 -38.61 21.60 27.56
N GLY V 222 -38.57 21.14 26.32
CA GLY V 222 -39.01 21.96 25.21
C GLY V 222 -38.07 23.14 25.15
N GLY V 223 -38.61 24.35 25.12
CA GLY V 223 -37.79 25.53 25.08
C GLY V 223 -37.43 26.03 26.48
N GLN V 224 -38.02 25.43 27.51
CA GLN V 224 -37.73 25.81 28.88
C GLN V 224 -36.47 25.13 29.41
N ALA V 225 -35.74 25.83 30.27
CA ALA V 225 -34.51 25.28 30.83
C ALA V 225 -34.20 25.84 32.21
N GLU V 226 -33.25 25.21 32.87
CA GLU V 226 -32.82 25.62 34.20
C GLU V 226 -31.48 24.99 34.49
N ILE V 227 -30.57 25.78 35.02
CA ILE V 227 -29.26 25.30 35.41
C ILE V 227 -29.07 25.82 36.83
N ASN V 228 -29.12 24.91 37.81
CA ASN V 228 -28.94 25.33 39.19
C ASN V 228 -27.50 25.19 39.62
N TYR V 229 -27.12 26.01 40.60
CA TYR V 229 -25.75 26.05 41.09
C TYR V 229 -25.74 26.21 42.61
N GLN V 230 -24.55 26.16 43.18
CA GLN V 230 -24.39 26.27 44.62
C GLN V 230 -24.81 27.61 45.21
N PHE V 231 -25.47 27.53 46.37
CA PHE V 231 -25.96 28.68 47.12
C PHE V 231 -24.82 29.63 47.51
N ASN V 232 -25.19 30.73 48.13
CA ASN V 232 -24.22 31.73 48.57
C ASN V 232 -24.90 32.58 49.65
N SER V 233 -24.12 33.41 50.34
CA SER V 233 -24.69 34.29 51.35
C SER V 233 -25.60 35.28 50.62
N LEU V 234 -26.68 35.70 51.30
CA LEU V 234 -27.70 36.59 50.72
C LEU V 234 -27.28 37.55 49.61
N LEU V 235 -26.47 38.56 49.92
CA LEU V 235 -26.04 39.55 48.93
C LEU V 235 -25.40 38.93 47.69
N HIS V 236 -24.39 38.10 47.91
CA HIS V 236 -23.68 37.46 46.81
C HIS V 236 -24.52 36.46 46.02
N ALA V 237 -25.56 35.93 46.64
CA ALA V 237 -26.47 35.00 45.98
C ALA V 237 -27.27 35.83 44.98
N ALA V 238 -27.64 37.04 45.39
CA ALA V 238 -28.40 37.96 44.55
C ALA V 238 -27.53 38.42 43.38
N ASP V 239 -26.24 38.64 43.66
CA ASP V 239 -25.29 39.05 42.61
C ASP V 239 -25.15 37.90 41.62
N ASP V 240 -25.13 36.67 42.14
CA ASP V 240 -25.01 35.46 41.33
C ASP V 240 -26.21 35.29 40.40
N MET V 241 -27.39 35.65 40.89
CA MET V 241 -28.62 35.56 40.12
C MET V 241 -28.58 36.52 38.93
N GLN V 242 -28.10 37.74 39.18
CA GLN V 242 -27.99 38.75 38.13
C GLN V 242 -26.98 38.28 37.08
N LEU V 243 -25.89 37.67 37.55
CA LEU V 243 -24.82 37.16 36.68
C LEU V 243 -25.37 36.01 35.83
N TYR V 244 -26.11 35.12 36.48
CA TYR V 244 -26.73 33.97 35.84
C TYR V 244 -27.62 34.44 34.68
N LYS V 245 -28.53 35.37 34.97
CA LYS V 245 -29.42 35.90 33.94
C LYS V 245 -28.63 36.54 32.80
N TYR V 246 -27.58 37.26 33.15
CA TYR V 246 -26.72 37.91 32.16
C TYR V 246 -26.08 36.87 31.24
N ILE V 247 -25.52 35.83 31.83
CA ILE V 247 -24.86 34.77 31.09
C ILE V 247 -25.84 33.95 30.24
N ILE V 248 -27.01 33.66 30.79
CA ILE V 248 -28.02 32.89 30.06
C ILE V 248 -28.52 33.71 28.86
N LYS V 249 -28.90 34.96 29.11
CA LYS V 249 -29.42 35.83 28.07
C LYS V 249 -28.45 36.10 26.91
N ASN V 250 -27.19 36.32 27.24
CA ASN V 250 -26.19 36.62 26.22
C ASN V 250 -25.60 35.42 25.50
N THR V 251 -25.63 34.26 26.14
CA THR V 251 -25.15 33.04 25.49
C THR V 251 -26.17 32.74 24.39
N ALA V 252 -27.45 32.91 24.72
CA ALA V 252 -28.53 32.70 23.77
C ALA V 252 -28.41 33.72 22.64
N TRP V 253 -28.21 34.98 23.02
CA TRP V 253 -28.08 36.06 22.06
C TRP V 253 -26.97 35.85 21.04
N GLN V 254 -25.81 35.39 21.51
CA GLN V 254 -24.69 35.13 20.63
C GLN V 254 -24.89 33.91 19.76
N ASN V 255 -25.92 33.13 20.07
CA ASN V 255 -26.21 31.93 19.31
C ASN V 255 -27.53 31.98 18.56
N GLY V 256 -27.92 33.20 18.18
CA GLY V 256 -29.14 33.41 17.43
C GLY V 256 -30.49 33.22 18.11
N LYS V 257 -30.50 33.23 19.44
CA LYS V 257 -31.75 33.06 20.16
C LYS V 257 -32.04 34.27 21.05
N THR V 258 -33.17 34.22 21.74
CA THR V 258 -33.58 35.27 22.64
C THR V 258 -34.26 34.60 23.85
N VAL V 259 -33.76 34.90 25.04
CA VAL V 259 -34.27 34.32 26.28
C VAL V 259 -35.15 35.25 27.09
N THR V 260 -36.13 34.67 27.79
CA THR V 260 -36.98 35.43 28.67
C THR V 260 -37.17 34.74 30.01
N PHE V 261 -37.03 35.51 31.08
CA PHE V 261 -37.21 35.02 32.43
C PHE V 261 -38.59 35.43 32.94
N MET V 262 -39.44 35.95 32.06
CA MET V 262 -40.78 36.33 32.49
C MET V 262 -41.53 35.11 32.99
N PRO V 263 -42.33 35.27 34.05
CA PRO V 263 -43.12 34.21 34.69
C PRO V 263 -44.00 33.34 33.81
N LYS V 264 -44.73 33.96 32.88
CA LYS V 264 -45.63 33.21 32.03
C LYS V 264 -45.65 33.72 30.59
N PRO V 265 -44.66 33.31 29.78
CA PRO V 265 -44.61 33.74 28.38
C PRO V 265 -45.55 32.94 27.49
N LEU V 266 -45.85 31.71 27.91
CA LEU V 266 -46.72 30.82 27.15
C LEU V 266 -48.00 30.45 27.88
N PHE V 267 -49.11 30.63 27.19
CA PHE V 267 -50.42 30.28 27.72
C PHE V 267 -50.65 28.81 27.38
N GLY V 268 -50.77 27.97 28.40
CA GLY V 268 -50.96 26.55 28.14
C GLY V 268 -49.66 25.77 28.24
N ASP V 269 -48.67 26.38 28.89
CA ASP V 269 -47.40 25.73 29.10
C ASP V 269 -46.88 26.22 30.46
N ASN V 270 -45.95 25.46 31.03
CA ASN V 270 -45.38 25.75 32.34
C ASN V 270 -44.82 27.17 32.48
N GLY V 271 -45.06 27.77 33.64
CA GLY V 271 -44.55 29.10 33.91
C GLY V 271 -43.11 28.97 34.38
N SER V 272 -42.42 30.09 34.57
CA SER V 272 -41.04 30.04 35.04
C SER V 272 -40.93 30.63 36.43
N GLY V 273 -40.47 29.83 37.38
CA GLY V 273 -40.33 30.29 38.74
C GLY V 273 -38.91 30.31 39.26
N MET V 274 -38.75 30.82 40.47
CA MET V 274 -37.45 30.90 41.12
C MET V 274 -37.60 30.34 42.54
N HIS V 275 -37.35 29.05 42.69
CA HIS V 275 -37.44 28.38 43.98
C HIS V 275 -36.25 28.82 44.81
N CYS V 276 -36.53 29.40 45.98
CA CYS V 276 -35.48 29.89 46.85
C CYS V 276 -35.29 29.10 48.13
N HIS V 277 -34.16 28.40 48.19
CA HIS V 277 -33.79 27.60 49.36
C HIS V 277 -33.05 28.54 50.31
N GLN V 278 -33.45 28.51 51.57
CA GLN V 278 -32.88 29.38 52.59
C GLN V 278 -32.56 28.61 53.85
N SER V 279 -31.57 29.11 54.57
CA SER V 279 -31.14 28.50 55.81
C SER V 279 -30.23 29.46 56.59
N LEU V 280 -30.34 29.45 57.91
CA LEU V 280 -29.51 30.30 58.77
C LEU V 280 -28.39 29.50 59.42
N TRP V 281 -27.23 30.12 59.52
CA TRP V 281 -26.05 29.51 60.13
C TRP V 281 -25.42 30.47 61.12
N LYS V 282 -24.67 29.93 62.08
CA LYS V 282 -24.00 30.72 63.10
C LYS V 282 -22.73 30.00 63.53
N ASP V 283 -21.62 30.73 63.51
CA ASP V 283 -20.31 30.20 63.88
C ASP V 283 -19.95 28.94 63.10
N GLY V 284 -20.31 28.92 61.83
CA GLY V 284 -20.00 27.79 60.97
C GLY V 284 -20.86 26.56 61.15
N ALA V 285 -21.95 26.70 61.91
CA ALA V 285 -22.84 25.57 62.15
C ALA V 285 -24.28 25.89 61.78
N PRO V 286 -25.02 24.87 61.29
CA PRO V 286 -26.42 24.99 60.88
C PRO V 286 -27.37 25.20 62.04
N LEU V 287 -28.44 25.96 61.80
CA LEU V 287 -29.44 26.27 62.81
C LEU V 287 -30.83 25.78 62.42
N MET V 288 -30.95 25.14 61.26
CA MET V 288 -32.24 24.68 60.76
C MET V 288 -32.64 23.25 61.15
N TYR V 289 -31.67 22.42 61.54
CA TYR V 289 -31.93 21.03 61.88
C TYR V 289 -32.29 20.69 63.33
N ASP V 290 -33.08 19.61 63.48
CA ASP V 290 -33.53 19.09 64.76
C ASP V 290 -34.26 17.77 64.49
N GLU V 291 -33.64 16.65 64.86
CA GLU V 291 -34.21 15.32 64.65
C GLU V 291 -35.62 15.16 65.19
N THR V 292 -35.88 15.79 66.33
CA THR V 292 -37.18 15.71 66.99
C THR V 292 -38.32 16.47 66.32
N GLY V 293 -37.99 17.51 65.56
CA GLY V 293 -39.02 18.30 64.90
C GLY V 293 -39.54 17.71 63.59
N TYR V 294 -40.72 18.17 63.19
CA TYR V 294 -41.34 17.72 61.95
C TYR V 294 -40.42 18.07 60.77
N ALA V 295 -40.17 17.09 59.90
CA ALA V 295 -39.31 17.28 58.73
C ALA V 295 -37.88 17.63 59.11
N GLY V 296 -37.50 17.33 60.35
CA GLY V 296 -36.16 17.62 60.84
C GLY V 296 -35.90 19.10 61.03
N LEU V 297 -36.96 19.86 61.29
CA LEU V 297 -36.87 21.30 61.46
C LEU V 297 -36.75 21.78 62.90
N SER V 298 -35.84 22.71 63.12
CA SER V 298 -35.62 23.30 64.44
C SER V 298 -36.71 24.32 64.73
N ASP V 299 -36.71 24.86 65.95
CA ASP V 299 -37.70 25.86 66.35
C ASP V 299 -37.47 27.12 65.52
N THR V 300 -36.20 27.42 65.27
CA THR V 300 -35.79 28.58 64.49
C THR V 300 -36.33 28.48 63.06
N ALA V 301 -36.15 27.31 62.45
CA ALA V 301 -36.62 27.05 61.09
C ALA V 301 -38.13 27.15 60.98
N ARG V 302 -38.85 26.56 61.95
CA ARG V 302 -40.30 26.58 61.95
C ARG V 302 -40.86 27.99 62.11
N HIS V 303 -40.20 28.79 62.93
CA HIS V 303 -40.63 30.18 63.15
C HIS V 303 -40.37 31.02 61.90
N TYR V 304 -39.28 30.68 61.20
CA TYR V 304 -38.90 31.36 59.97
C TYR V 304 -40.02 31.11 58.96
N ILE V 305 -40.46 29.85 58.86
CA ILE V 305 -41.54 29.44 57.98
C ILE V 305 -42.82 30.17 58.38
N GLY V 306 -43.01 30.36 59.68
CA GLY V 306 -44.18 31.06 60.17
C GLY V 306 -44.18 32.50 59.68
N GLY V 307 -42.99 33.08 59.60
CA GLY V 307 -42.86 34.45 59.12
C GLY V 307 -43.16 34.54 57.64
N LEU V 308 -42.61 33.61 56.86
CA LEU V 308 -42.83 33.58 55.42
C LEU V 308 -44.32 33.45 55.09
N LEU V 309 -44.98 32.48 55.72
CA LEU V 309 -46.42 32.26 55.50
C LEU V 309 -47.30 33.40 55.99
N HIS V 310 -46.92 33.98 57.13
CA HIS V 310 -47.70 35.07 57.69
C HIS V 310 -47.58 36.34 56.85
N HIS V 311 -46.35 36.63 56.40
CA HIS V 311 -46.08 37.82 55.61
C HIS V 311 -46.21 37.68 54.09
N ALA V 312 -46.47 36.46 53.62
CA ALA V 312 -46.60 36.20 52.18
C ALA V 312 -47.42 37.22 51.38
N PRO V 313 -48.62 37.61 51.88
CA PRO V 313 -49.43 38.58 51.13
C PRO V 313 -48.69 39.87 50.76
N SER V 314 -47.76 40.31 51.60
CA SER V 314 -47.01 41.53 51.32
C SER V 314 -45.64 41.18 50.73
N LEU V 315 -45.07 40.07 51.19
CA LEU V 315 -43.76 39.60 50.74
C LEU V 315 -43.75 39.44 49.22
N LEU V 316 -44.86 38.97 48.67
CA LEU V 316 -45.00 38.75 47.24
C LEU V 316 -44.82 40.01 46.40
N ALA V 317 -44.91 41.18 47.04
CA ALA V 317 -44.74 42.44 46.34
C ALA V 317 -43.29 42.61 45.85
N PHE V 318 -42.37 41.87 46.48
CA PHE V 318 -40.95 41.91 46.12
C PHE V 318 -40.50 40.58 45.52
N THR V 319 -41.25 39.55 45.87
CA THR V 319 -40.96 38.19 45.46
C THR V 319 -41.61 37.79 44.12
N ASN V 320 -42.76 38.39 43.80
CA ASN V 320 -43.51 38.17 42.56
C ASN V 320 -44.06 39.57 42.25
N PRO V 321 -43.16 40.51 41.91
CA PRO V 321 -43.41 41.93 41.66
C PRO V 321 -44.00 42.39 40.28
N THR V 322 -44.43 41.48 39.43
CA THR V 322 -44.98 41.91 38.15
C THR V 322 -46.40 41.43 37.91
N VAL V 323 -47.08 42.08 36.97
CA VAL V 323 -48.45 41.70 36.62
C VAL V 323 -48.44 40.28 36.03
N ASN V 324 -47.39 39.97 35.27
CA ASN V 324 -47.24 38.66 34.63
C ASN V 324 -47.01 37.56 35.67
N SER V 325 -46.48 37.93 36.83
CA SER V 325 -46.24 36.99 37.92
C SER V 325 -47.51 36.23 38.28
N TYR V 326 -48.65 36.91 38.20
CA TYR V 326 -49.94 36.32 38.56
C TYR V 326 -50.61 35.49 37.48
N LYS V 327 -49.92 35.24 36.40
CA LYS V 327 -50.44 34.39 35.32
C LYS V 327 -49.85 33.01 35.60
N ARG V 328 -48.77 32.99 36.39
CA ARG V 328 -48.11 31.76 36.81
C ARG V 328 -48.75 31.34 38.15
N LEU V 329 -48.89 32.30 39.04
CA LEU V 329 -49.50 32.08 40.36
C LEU V 329 -51.02 32.12 40.20
N VAL V 330 -51.54 31.03 39.66
CA VAL V 330 -52.97 30.90 39.40
C VAL V 330 -53.29 29.38 39.45
N PRO V 331 -54.52 29.00 39.86
CA PRO V 331 -54.90 27.58 39.96
C PRO V 331 -54.60 26.76 38.68
N GLY V 332 -53.76 25.74 38.82
CA GLY V 332 -53.41 24.93 37.67
C GLY V 332 -52.24 23.96 37.83
N TYR V 333 -51.11 24.29 37.19
CA TYR V 333 -49.88 23.48 37.20
C TYR V 333 -49.27 23.25 38.59
N GLU V 334 -50.11 23.14 39.62
CA GLU V 334 -49.70 22.93 41.00
C GLU V 334 -48.86 24.16 41.38
N ALA V 335 -49.48 25.32 41.20
CA ALA V 335 -48.85 26.60 41.49
C ALA V 335 -48.70 26.81 42.99
N PRO V 336 -47.51 27.24 43.43
CA PRO V 336 -47.21 27.48 44.85
C PRO V 336 -48.03 28.64 45.40
N ILE V 337 -49.34 28.45 45.48
CA ILE V 337 -50.26 29.47 45.98
C ILE V 337 -50.86 29.12 47.33
N ASN V 338 -50.61 27.89 47.80
CA ASN V 338 -51.14 27.41 49.07
C ASN V 338 -50.24 27.78 50.24
N LEU V 339 -50.75 28.64 51.11
CA LEU V 339 -50.00 29.12 52.27
C LEU V 339 -49.79 28.11 53.40
N VAL V 340 -49.07 27.04 53.08
CA VAL V 340 -48.76 25.99 54.05
C VAL V 340 -47.38 25.42 53.72
N TYR V 341 -46.76 24.71 54.67
CA TYR V 341 -45.47 24.09 54.39
C TYR V 341 -45.66 22.58 54.23
N SER V 342 -44.77 21.91 53.57
CA SER V 342 -44.91 20.48 53.33
C SER V 342 -43.61 19.87 52.85
N GLN V 343 -43.60 18.54 52.72
CA GLN V 343 -42.44 17.80 52.23
C GLN V 343 -42.81 17.15 50.92
N ARG V 344 -44.12 16.93 50.74
CA ARG V 344 -44.68 16.29 49.56
C ARG V 344 -45.22 17.28 48.52
N ASN V 345 -46.22 18.08 48.92
CA ASN V 345 -46.87 19.06 48.06
C ASN V 345 -45.98 20.10 47.40
N ARG V 346 -46.05 20.17 46.07
CA ARG V 346 -45.29 21.14 45.31
C ARG V 346 -46.10 22.41 45.07
N SER V 347 -47.38 22.36 45.44
CA SER V 347 -48.29 23.49 45.33
C SER V 347 -48.28 24.27 46.65
N ALA V 348 -47.38 23.88 47.54
CA ALA V 348 -47.24 24.54 48.83
C ALA V 348 -46.20 25.66 48.70
N CYS V 349 -46.50 26.82 49.30
CA CYS V 349 -45.59 27.95 49.26
C CYS V 349 -44.21 27.59 49.76
N VAL V 350 -44.16 26.83 50.85
CA VAL V 350 -42.89 26.39 51.42
C VAL V 350 -42.82 24.88 51.40
N ARG V 351 -41.71 24.35 50.89
CA ARG V 351 -41.51 22.92 50.84
C ARG V 351 -40.18 22.62 51.52
N ILE V 352 -40.15 21.56 52.31
CA ILE V 352 -38.92 21.16 52.98
C ILE V 352 -38.35 19.96 52.24
N PRO V 353 -37.24 20.19 51.50
CA PRO V 353 -36.58 19.13 50.74
C PRO V 353 -36.19 17.97 51.64
N ILE V 354 -36.42 16.75 51.16
CA ILE V 354 -36.08 15.56 51.91
C ILE V 354 -34.57 15.37 51.78
N THR V 355 -33.84 15.69 52.84
CA THR V 355 -32.39 15.61 52.84
C THR V 355 -31.78 14.62 53.83
N GLY V 356 -32.63 13.97 54.63
CA GLY V 356 -32.14 13.00 55.58
C GLY V 356 -31.74 13.52 56.95
N SER V 357 -30.73 12.90 57.54
CA SER V 357 -30.23 13.25 58.86
C SER V 357 -29.10 14.28 58.90
N ASN V 358 -28.53 14.61 57.74
CA ASN V 358 -27.45 15.59 57.65
C ASN V 358 -27.97 16.99 57.98
N PRO V 359 -27.55 17.55 59.14
CA PRO V 359 -27.98 18.89 59.57
C PRO V 359 -27.57 20.03 58.63
N LYS V 360 -26.45 19.85 57.95
CA LYS V 360 -25.94 20.86 57.02
C LYS V 360 -26.75 20.98 55.73
N ALA V 361 -27.59 19.99 55.46
CA ALA V 361 -28.41 20.00 54.26
C ALA V 361 -29.85 20.45 54.49
N LYS V 362 -30.24 20.56 55.76
CA LYS V 362 -31.59 20.98 56.11
C LYS V 362 -31.81 22.44 55.75
N ARG V 363 -32.88 22.70 55.00
CA ARG V 363 -33.21 24.05 54.57
C ARG V 363 -34.68 24.08 54.16
N LEU V 364 -35.21 25.29 54.00
CA LEU V 364 -36.58 25.44 53.57
C LEU V 364 -36.58 26.04 52.17
N GLU V 365 -37.57 25.67 51.37
CA GLU V 365 -37.65 26.16 50.00
C GLU V 365 -38.91 26.95 49.75
N PHE V 366 -38.76 28.26 49.52
CA PHE V 366 -39.89 29.12 49.21
C PHE V 366 -40.06 28.98 47.70
N ARG V 367 -41.14 28.31 47.30
CA ARG V 367 -41.42 28.02 45.90
C ARG V 367 -42.15 29.09 45.10
N SER V 368 -42.83 29.98 45.79
CA SER V 368 -43.64 31.03 45.14
C SER V 368 -42.92 32.06 44.26
N PRO V 369 -41.71 32.51 44.63
CA PRO V 369 -41.00 33.51 43.83
C PRO V 369 -40.77 33.19 42.36
N ASP V 370 -40.49 34.25 41.60
CA ASP V 370 -40.16 34.14 40.18
C ASP V 370 -39.00 35.11 39.96
N SER V 371 -38.42 35.12 38.77
CA SER V 371 -37.30 36.03 38.52
C SER V 371 -37.67 37.26 37.69
N SER V 372 -38.88 37.75 37.88
CA SER V 372 -39.36 38.92 37.16
C SER V 372 -39.02 40.23 37.87
N GLY V 373 -38.26 40.16 38.96
CA GLY V 373 -37.94 41.38 39.69
C GLY V 373 -36.50 41.63 40.08
N ASN V 374 -36.33 42.03 41.33
CA ASN V 374 -35.03 42.36 41.90
C ASN V 374 -34.66 41.34 42.96
N PRO V 375 -33.62 40.52 42.69
CA PRO V 375 -33.19 39.49 43.66
C PRO V 375 -32.65 40.04 44.98
N TYR V 376 -32.07 41.24 44.95
CA TYR V 376 -31.53 41.85 46.15
C TYR V 376 -32.68 42.16 47.11
N LEU V 377 -33.75 42.73 46.57
CA LEU V 377 -34.93 43.08 47.36
C LEU V 377 -35.72 41.83 47.75
N ALA V 378 -35.84 40.88 46.83
CA ALA V 378 -36.59 39.65 47.08
C ALA V 378 -35.97 38.82 48.19
N PHE V 379 -34.67 38.56 48.10
CA PHE V 379 -33.96 37.79 49.12
C PHE V 379 -34.02 38.49 50.48
N SER V 380 -33.79 39.81 50.46
CA SER V 380 -33.82 40.61 51.69
C SER V 380 -35.20 40.54 52.35
N ALA V 381 -36.25 40.71 51.55
CA ALA V 381 -37.62 40.66 52.04
C ALA V 381 -37.94 39.29 52.64
N MET V 382 -37.42 38.24 52.02
CA MET V 382 -37.63 36.88 52.52
C MET V 382 -36.97 36.71 53.88
N LEU V 383 -35.76 37.23 54.03
CA LEU V 383 -35.02 37.15 55.28
C LEU V 383 -35.77 37.91 56.37
N MET V 384 -36.19 39.12 56.07
CA MET V 384 -36.91 39.95 57.03
C MET V 384 -38.21 39.29 57.49
N ALA V 385 -38.90 38.63 56.57
CA ALA V 385 -40.14 37.95 56.90
C ALA V 385 -39.82 36.79 57.86
N GLY V 386 -38.75 36.07 57.55
CA GLY V 386 -38.33 34.94 58.38
C GLY V 386 -37.84 35.36 59.75
N LEU V 387 -37.09 36.45 59.82
CA LEU V 387 -36.56 36.96 61.09
C LEU V 387 -37.67 37.48 61.98
N ASP V 388 -38.70 38.08 61.39
CA ASP V 388 -39.82 38.60 62.17
C ASP V 388 -40.58 37.41 62.75
N GLY V 389 -40.56 36.29 62.03
CA GLY V 389 -41.23 35.10 62.49
C GLY V 389 -40.49 34.49 63.66
N ILE V 390 -39.17 34.57 63.62
CA ILE V 390 -38.32 34.05 64.69
C ILE V 390 -38.43 34.90 65.95
N LYS V 391 -38.34 36.22 65.79
CA LYS V 391 -38.43 37.14 66.91
C LYS V 391 -39.78 37.08 67.62
N ASN V 392 -40.86 36.99 66.86
CA ASN V 392 -42.20 36.91 67.43
C ASN V 392 -42.71 35.48 67.57
N LYS V 393 -41.80 34.52 67.42
CA LYS V 393 -42.10 33.10 67.54
C LYS V 393 -43.41 32.69 66.85
N ILE V 394 -43.62 33.22 65.64
CA ILE V 394 -44.82 32.93 64.86
C ILE V 394 -44.88 31.45 64.49
N GLU V 395 -45.98 30.81 64.87
CA GLU V 395 -46.19 29.40 64.58
C GLU V 395 -46.99 29.22 63.31
N PRO V 396 -46.41 28.51 62.33
CA PRO V 396 -47.11 28.27 61.06
C PRO V 396 -48.21 27.24 61.29
N GLN V 397 -49.29 27.33 60.54
CA GLN V 397 -50.37 26.36 60.70
C GLN V 397 -49.82 24.97 60.36
N ALA V 398 -50.48 23.94 60.86
CA ALA V 398 -50.05 22.56 60.63
C ALA V 398 -49.70 22.23 59.19
N PRO V 399 -48.54 21.59 58.98
CA PRO V 399 -48.07 21.19 57.64
C PRO V 399 -49.04 20.19 57.01
N VAL V 400 -49.03 20.13 55.69
CA VAL V 400 -49.92 19.23 54.97
C VAL V 400 -49.16 18.37 53.96
N ASP V 401 -49.15 17.05 54.19
CA ASP V 401 -48.48 16.13 53.28
C ASP V 401 -49.46 15.36 52.39
N LYS V 402 -50.76 15.48 52.71
CA LYS V 402 -51.81 14.84 51.91
C LYS V 402 -51.82 15.63 50.61
N ASP V 403 -52.10 14.98 49.49
CA ASP V 403 -52.14 15.69 48.21
C ASP V 403 -53.22 16.78 48.33
N LEU V 404 -52.79 18.03 48.26
CA LEU V 404 -53.69 19.18 48.36
C LEU V 404 -54.75 19.24 47.28
N TYR V 405 -54.44 18.66 46.11
CA TYR V 405 -55.36 18.65 44.98
C TYR V 405 -56.66 17.91 45.34
N GLU V 406 -56.54 16.63 45.73
CA GLU V 406 -57.71 15.85 46.11
C GLU V 406 -57.92 15.92 47.63
N LEU V 407 -58.62 16.96 48.05
CA LEU V 407 -58.90 17.19 49.47
C LEU V 407 -60.38 17.52 49.60
N PRO V 408 -61.06 16.99 50.64
CA PRO V 408 -62.49 17.27 50.84
C PRO V 408 -62.75 18.78 50.89
N PRO V 409 -63.52 19.30 49.91
CA PRO V 409 -63.91 20.70 49.74
C PRO V 409 -64.09 21.57 50.99
N GLU V 410 -64.54 20.97 52.08
CA GLU V 410 -64.72 21.72 53.33
C GLU V 410 -63.40 21.83 54.10
N GLU V 411 -62.56 20.81 53.95
CA GLU V 411 -61.25 20.75 54.61
C GLU V 411 -60.22 21.54 53.78
N ALA V 412 -60.52 21.73 52.50
CA ALA V 412 -59.66 22.48 51.58
C ALA V 412 -59.88 23.99 51.70
N ALA V 413 -61.01 24.37 52.30
CA ALA V 413 -61.34 25.78 52.49
C ALA V 413 -60.53 26.38 53.65
N SER V 414 -59.85 25.52 54.39
CA SER V 414 -59.04 25.94 55.52
C SER V 414 -57.59 26.25 55.09
N ILE V 415 -57.32 26.11 53.80
CA ILE V 415 -55.99 26.36 53.24
C ILE V 415 -55.98 27.75 52.59
N PRO V 416 -55.26 28.71 53.21
CA PRO V 416 -55.17 30.09 52.69
C PRO V 416 -54.39 30.13 51.38
N GLN V 417 -54.82 31.02 50.49
CA GLN V 417 -54.16 31.18 49.19
C GLN V 417 -53.42 32.52 49.18
N THR V 418 -52.45 32.63 48.28
CA THR V 418 -51.69 33.87 48.11
C THR V 418 -52.58 34.80 47.28
N PRO V 419 -52.34 36.12 47.35
CA PRO V 419 -53.18 37.01 46.54
C PRO V 419 -52.99 36.66 45.06
N THR V 420 -54.00 36.95 44.25
CA THR V 420 -53.97 36.61 42.83
C THR V 420 -53.72 37.77 41.88
N GLN V 421 -53.36 38.93 42.41
CA GLN V 421 -53.14 40.12 41.59
C GLN V 421 -52.03 40.97 42.18
N LEU V 422 -51.26 41.64 41.32
CA LEU V 422 -50.18 42.50 41.78
C LEU V 422 -50.72 43.67 42.60
N SER V 423 -51.83 44.24 42.16
CA SER V 423 -52.45 45.36 42.86
C SER V 423 -52.79 44.97 44.31
N ASP V 424 -53.11 43.69 44.52
CA ASP V 424 -53.44 43.15 45.80
C ASP V 424 -52.23 43.13 46.72
N VAL V 425 -51.16 42.47 46.28
CA VAL V 425 -49.94 42.37 47.08
C VAL V 425 -49.32 43.74 47.35
N ILE V 426 -49.51 44.67 46.41
CA ILE V 426 -48.98 46.02 46.58
C ILE V 426 -49.80 46.72 47.68
N ASP V 427 -51.11 46.48 47.69
CA ASP V 427 -51.99 47.05 48.71
C ASP V 427 -51.62 46.49 50.07
N ARG V 428 -51.32 45.19 50.12
CA ARG V 428 -50.94 44.50 51.35
C ARG V 428 -49.59 44.97 51.88
N LEU V 429 -48.67 45.28 50.98
CA LEU V 429 -47.34 45.76 51.34
C LEU V 429 -47.47 47.15 51.98
N GLU V 430 -48.33 47.97 51.38
CA GLU V 430 -48.59 49.32 51.85
C GLU V 430 -49.18 49.30 53.26
N ALA V 431 -50.08 48.34 53.50
CA ALA V 431 -50.75 48.18 54.77
C ALA V 431 -49.92 47.55 55.88
N ASP V 432 -49.02 46.65 55.49
CA ASP V 432 -48.17 45.96 56.46
C ASP V 432 -46.74 45.74 55.95
N HIS V 433 -45.83 46.61 56.39
CA HIS V 433 -44.44 46.50 55.97
C HIS V 433 -43.44 46.80 57.09
N GLU V 434 -43.91 46.75 58.34
CA GLU V 434 -43.04 47.03 59.48
C GLU V 434 -41.91 46.04 59.63
N TYR V 435 -42.16 44.78 59.29
CA TYR V 435 -41.14 43.74 59.39
C TYR V 435 -39.97 44.04 58.45
N LEU V 436 -40.26 44.78 57.39
CA LEU V 436 -39.25 45.15 56.39
C LEU V 436 -38.37 46.28 56.91
N THR V 437 -38.98 47.23 57.61
CA THR V 437 -38.27 48.40 58.15
C THR V 437 -37.45 48.14 59.42
N GLU V 438 -37.56 46.93 59.96
CA GLU V 438 -36.82 46.55 61.16
C GLU V 438 -35.32 46.73 60.91
N GLY V 439 -34.63 47.31 61.89
CA GLY V 439 -33.19 47.52 61.77
C GLY V 439 -32.81 48.47 60.64
N GLY V 440 -33.81 49.12 60.06
CA GLY V 440 -33.57 50.05 58.97
C GLY V 440 -33.17 49.42 57.65
N VAL V 441 -33.40 48.11 57.49
CA VAL V 441 -33.03 47.39 56.26
C VAL V 441 -33.76 48.00 55.07
N PHE V 442 -35.08 48.12 55.18
CA PHE V 442 -35.89 48.76 54.15
C PHE V 442 -36.36 50.06 54.81
N THR V 443 -36.59 51.10 54.01
CA THR V 443 -37.08 52.37 54.56
C THR V 443 -38.49 52.57 54.03
N ASN V 444 -39.31 53.33 54.76
CA ASN V 444 -40.65 53.60 54.27
C ASN V 444 -40.60 54.29 52.93
N ASP V 445 -39.53 55.07 52.76
CA ASP V 445 -39.27 55.81 51.54
C ASP V 445 -39.14 54.84 50.35
N LEU V 446 -38.27 53.85 50.47
CA LEU V 446 -38.06 52.86 49.42
C LEU V 446 -39.34 52.10 49.11
N ILE V 447 -40.04 51.69 50.18
CA ILE V 447 -41.28 50.94 50.06
C ILE V 447 -42.37 51.74 49.34
N GLU V 448 -42.47 53.03 49.64
CA GLU V 448 -43.45 53.91 49.01
C GLU V 448 -43.12 54.11 47.54
N THR V 449 -41.83 54.19 47.24
CA THR V 449 -41.33 54.38 45.88
C THR V 449 -41.67 53.16 45.03
N TRP V 450 -41.45 51.97 45.62
CA TRP V 450 -41.73 50.70 44.98
C TRP V 450 -43.22 50.60 44.66
N ILE V 451 -44.05 50.95 45.65
CA ILE V 451 -45.50 50.92 45.50
C ILE V 451 -45.97 51.85 44.37
N SER V 452 -45.40 53.06 44.32
CA SER V 452 -45.75 54.04 43.30
C SER V 452 -45.29 53.57 41.92
N PHE V 453 -44.08 53.06 41.86
CA PHE V 453 -43.49 52.56 40.62
C PHE V 453 -44.39 51.50 39.99
N LYS V 454 -44.78 50.51 40.79
CA LYS V 454 -45.63 49.43 40.32
C LYS V 454 -47.02 49.89 39.89
N ARG V 455 -47.61 50.79 40.67
CA ARG V 455 -48.94 51.29 40.34
C ARG V 455 -48.97 52.14 39.08
N GLU V 456 -48.01 53.05 38.96
CA GLU V 456 -47.96 53.96 37.84
C GLU V 456 -47.34 53.41 36.56
N ASN V 457 -46.31 52.58 36.69
CA ASN V 457 -45.62 52.01 35.54
C ASN V 457 -46.04 50.62 35.08
N GLU V 458 -46.76 49.90 35.92
CA GLU V 458 -47.16 48.53 35.57
C GLU V 458 -48.64 48.24 35.70
N ILE V 459 -49.18 48.39 36.91
CA ILE V 459 -50.58 48.12 37.17
C ILE V 459 -51.55 48.94 36.33
N GLU V 460 -51.40 50.27 36.37
CA GLU V 460 -52.27 51.17 35.63
C GLU V 460 -52.15 50.99 34.10
N PRO V 461 -50.93 50.98 33.55
CA PRO V 461 -50.75 50.81 32.10
C PRO V 461 -51.42 49.56 31.52
N VAL V 462 -51.33 48.43 32.22
CA VAL V 462 -51.95 47.19 31.76
C VAL V 462 -53.47 47.29 31.92
N ASN V 463 -53.89 47.83 33.04
CA ASN V 463 -55.30 47.95 33.37
C ASN V 463 -56.14 48.83 32.42
N ILE V 464 -55.56 49.88 31.86
CA ILE V 464 -56.31 50.76 30.96
C ILE V 464 -56.38 50.25 29.53
N ARG V 465 -55.54 49.28 29.19
CA ARG V 465 -55.50 48.71 27.85
C ARG V 465 -56.37 47.48 27.65
N PRO V 466 -57.34 47.54 26.72
CA PRO V 466 -58.20 46.39 26.47
C PRO V 466 -57.37 45.15 26.10
N HIS V 467 -57.76 44.02 26.66
CA HIS V 467 -57.10 42.74 26.43
C HIS V 467 -57.72 42.11 25.17
N PRO V 468 -56.91 41.43 24.34
CA PRO V 468 -57.41 40.80 23.11
C PRO V 468 -58.61 39.88 23.33
N TYR V 469 -58.59 39.14 24.45
CA TYR V 469 -59.67 38.22 24.76
C TYR V 469 -61.01 38.92 25.02
N GLU V 470 -60.94 40.20 25.35
CA GLU V 470 -62.15 40.98 25.61
C GLU V 470 -62.92 41.18 24.31
N PHE V 471 -62.22 41.10 23.18
CA PHE V 471 -62.86 41.25 21.87
C PHE V 471 -63.57 39.96 21.49
N ALA V 472 -62.98 38.83 21.87
CA ALA V 472 -63.55 37.51 21.62
C ALA V 472 -64.83 37.43 22.43
N LEU V 473 -64.71 37.87 23.67
CA LEU V 473 -65.77 37.85 24.64
C LEU V 473 -66.88 38.92 24.43
N TYR V 474 -66.51 40.17 24.12
CA TYR V 474 -67.51 41.26 24.08
C TYR V 474 -67.72 42.05 22.79
N TYR V 475 -67.01 41.81 21.68
CA TYR V 475 -67.28 42.61 20.49
C TYR V 475 -68.76 42.55 20.09
N ASP V 476 -69.38 41.38 20.30
CA ASP V 476 -70.77 41.12 19.92
C ASP V 476 -71.86 41.49 20.93
N VAL V 477 -71.49 42.05 22.09
CA VAL V 477 -72.49 42.38 23.11
C VAL V 477 -73.73 43.16 22.67
N THR W 1 1.16 72.97 20.79
CA THR W 1 1.63 73.31 22.16
C THR W 1 3.03 72.74 22.43
N GLU W 2 3.18 71.42 22.29
CA GLU W 2 4.48 70.78 22.55
C GLU W 2 5.07 69.92 21.43
N LYS W 3 4.28 69.56 20.42
CA LYS W 3 4.81 68.75 19.32
C LYS W 3 5.58 69.57 18.29
N THR W 4 6.74 69.05 17.93
CA THR W 4 7.67 69.68 16.99
C THR W 4 7.48 69.16 15.57
N PRO W 5 7.80 69.99 14.57
CA PRO W 5 7.68 69.56 13.18
C PRO W 5 8.49 68.27 12.98
N ASP W 6 9.58 68.14 13.71
CA ASP W 6 10.45 66.97 13.65
C ASP W 6 9.73 65.73 14.20
N ASP W 7 8.88 65.93 15.20
CA ASP W 7 8.12 64.83 15.79
C ASP W 7 7.17 64.28 14.73
N VAL W 8 6.58 65.19 13.96
CA VAL W 8 5.64 64.84 12.90
C VAL W 8 6.35 64.06 11.78
N PHE W 9 7.54 64.51 11.39
CA PHE W 9 8.31 63.83 10.36
C PHE W 9 8.71 62.43 10.80
N LYS W 10 9.01 62.29 12.09
CA LYS W 10 9.39 60.99 12.65
C LYS W 10 8.17 60.06 12.63
N LEU W 11 7.02 60.61 13.00
CA LEU W 11 5.77 59.85 13.00
C LEU W 11 5.49 59.33 11.59
N ALA W 12 5.64 60.22 10.62
CA ALA W 12 5.42 59.89 9.21
C ALA W 12 6.38 58.79 8.73
N LYS W 13 7.66 58.90 9.10
CA LYS W 13 8.66 57.92 8.70
C LYS W 13 8.41 56.56 9.36
N ASP W 14 8.22 56.56 10.67
CA ASP W 14 7.98 55.33 11.42
C ASP W 14 6.72 54.59 10.97
N GLU W 15 5.67 55.33 10.68
CA GLU W 15 4.41 54.74 10.25
C GLU W 15 4.37 54.39 8.76
N LYS W 16 5.42 54.73 8.03
CA LYS W 16 5.52 54.47 6.60
C LYS W 16 4.33 55.08 5.86
N VAL W 17 4.03 56.31 6.24
CA VAL W 17 2.93 57.10 5.68
C VAL W 17 3.15 57.35 4.19
N GLU W 18 2.13 57.14 3.37
CA GLU W 18 2.26 57.40 1.95
C GLU W 18 1.55 58.67 1.49
N TYR W 19 0.57 59.13 2.26
CA TYR W 19 -0.16 60.35 1.93
C TYR W 19 -0.34 61.24 3.15
N VAL W 20 -0.45 62.53 2.92
CA VAL W 20 -0.68 63.49 3.99
C VAL W 20 -1.98 64.21 3.65
N ASP W 21 -2.93 64.19 4.58
CA ASP W 21 -4.22 64.84 4.36
C ASP W 21 -4.20 66.24 4.96
N VAL W 22 -4.34 67.23 4.08
CA VAL W 22 -4.35 68.64 4.48
C VAL W 22 -5.76 69.06 4.85
N ARG W 23 -5.98 69.30 6.14
CA ARG W 23 -7.30 69.68 6.63
C ARG W 23 -7.41 71.09 7.17
N PHE W 24 -8.56 71.69 6.93
CA PHE W 24 -8.86 73.05 7.40
C PHE W 24 -10.36 73.10 7.62
N CYS W 25 -10.79 73.98 8.53
CA CYS W 25 -12.20 74.07 8.86
C CYS W 25 -12.98 75.11 8.09
N ASP W 26 -14.19 74.76 7.66
CA ASP W 26 -15.03 75.71 6.96
C ASP W 26 -15.84 76.52 7.98
N LEU W 27 -16.60 77.50 7.51
CA LEU W 27 -17.38 78.35 8.40
C LEU W 27 -18.36 77.60 9.31
N PRO W 28 -19.36 76.90 8.75
CA PRO W 28 -20.32 76.18 9.61
C PRO W 28 -19.75 75.13 10.57
N GLY W 29 -18.60 74.54 10.24
CA GLY W 29 -18.01 73.58 11.15
C GLY W 29 -17.53 72.23 10.64
N ILE W 30 -17.58 72.03 9.32
CA ILE W 30 -17.15 70.77 8.73
C ILE W 30 -15.72 70.87 8.18
N MET W 31 -14.88 69.90 8.54
CA MET W 31 -13.51 69.88 8.06
C MET W 31 -13.43 69.57 6.57
N GLN W 32 -12.57 70.32 5.88
CA GLN W 32 -12.33 70.16 4.44
C GLN W 32 -10.95 69.58 4.26
N HIS W 33 -10.67 69.06 3.07
CA HIS W 33 -9.35 68.48 2.83
C HIS W 33 -8.99 68.24 1.37
N PHE W 34 -7.70 68.00 1.18
CA PHE W 34 -7.12 67.63 -0.10
C PHE W 34 -5.88 66.84 0.30
N THR W 35 -5.41 65.97 -0.57
CA THR W 35 -4.28 65.11 -0.23
C THR W 35 -3.05 65.32 -1.10
N ILE W 36 -1.88 65.19 -0.48
CA ILE W 36 -0.60 65.31 -1.17
C ILE W 36 0.23 64.07 -0.83
N PRO W 37 1.15 63.68 -1.71
CA PRO W 37 1.98 62.51 -1.41
C PRO W 37 2.91 62.83 -0.24
N ALA W 38 3.25 61.81 0.55
CA ALA W 38 4.13 62.01 1.70
C ALA W 38 5.49 62.58 1.29
N SER W 39 5.95 62.20 0.10
CA SER W 39 7.22 62.66 -0.44
C SER W 39 7.29 64.18 -0.57
N ALA W 40 6.12 64.82 -0.71
CA ALA W 40 6.04 66.28 -0.84
C ALA W 40 5.88 66.96 0.52
N PHE W 41 5.87 66.16 1.58
CA PHE W 41 5.73 66.69 2.93
C PHE W 41 7.10 66.82 3.58
N ASP W 42 7.62 68.05 3.59
CA ASP W 42 8.93 68.33 4.16
C ASP W 42 8.91 69.63 4.97
N LYS W 43 10.09 70.11 5.33
CA LYS W 43 10.25 71.33 6.12
C LYS W 43 9.63 72.57 5.48
N SER W 44 9.63 72.61 4.14
CA SER W 44 9.08 73.76 3.42
C SER W 44 7.57 73.92 3.64
N VAL W 45 6.90 72.84 4.04
CA VAL W 45 5.46 72.88 4.29
C VAL W 45 5.21 73.69 5.57
N PHE W 46 6.09 73.51 6.56
CA PHE W 46 5.98 74.24 7.83
C PHE W 46 6.49 75.67 7.73
N ASP W 47 7.51 75.88 6.90
CA ASP W 47 8.11 77.20 6.72
C ASP W 47 7.35 78.10 5.75
N ASP W 48 7.10 77.59 4.56
CA ASP W 48 6.42 78.35 3.51
C ASP W 48 4.92 78.10 3.40
N GLY W 49 4.49 76.90 3.79
CA GLY W 49 3.08 76.57 3.73
C GLY W 49 2.68 75.98 2.37
N LEU W 50 1.39 75.73 2.21
CA LEU W 50 0.87 75.16 0.97
C LEU W 50 -0.13 76.10 0.34
N ALA W 51 -0.09 76.22 -0.98
CA ALA W 51 -1.01 77.08 -1.69
C ALA W 51 -2.25 76.30 -2.11
N PHE W 52 -3.41 76.98 -2.10
CA PHE W 52 -4.69 76.42 -2.48
C PHE W 52 -5.67 77.59 -2.80
N ASP W 53 -6.73 77.27 -3.54
CA ASP W 53 -7.74 78.22 -4.07
C ASP W 53 -8.97 78.49 -3.23
N GLY W 54 -9.51 79.70 -3.08
CA GLY W 54 -10.77 79.73 -2.36
C GLY W 54 -11.72 78.84 -3.16
N SER W 55 -11.98 77.62 -2.70
CA SER W 55 -12.87 76.73 -3.48
C SER W 55 -14.25 76.61 -2.85
N SER W 56 -15.23 76.11 -3.59
CA SER W 56 -16.59 76.07 -3.07
C SER W 56 -16.95 77.55 -2.87
N ILE W 57 -17.98 77.97 -2.13
CA ILE W 57 -18.29 79.38 -2.30
C ILE W 57 -18.56 80.26 -1.04
N ARG W 58 -19.13 79.81 0.05
CA ARG W 58 -19.51 80.76 1.08
C ARG W 58 -18.71 80.77 2.38
N GLY W 59 -18.33 81.96 2.84
CA GLY W 59 -17.55 82.15 4.06
C GLY W 59 -16.13 82.62 3.74
N PHE W 60 -15.39 81.76 3.02
CA PHE W 60 -13.97 81.96 2.64
C PHE W 60 -13.72 82.95 1.46
N GLN W 61 -12.45 83.04 0.97
CA GLN W 61 -11.93 83.93 -0.08
C GLN W 61 -12.48 83.70 -1.50
N SER W 62 -13.40 84.59 -1.92
CA SER W 62 -14.06 84.57 -3.24
C SER W 62 -13.07 84.93 -4.37
N ILE W 63 -13.55 85.39 -5.54
CA ILE W 63 -12.64 85.71 -6.66
C ILE W 63 -12.31 87.21 -6.70
N HIS W 64 -11.91 87.76 -5.54
CA HIS W 64 -11.47 89.16 -5.35
C HIS W 64 -10.43 89.11 -4.24
N GLU W 65 -10.37 87.86 -3.70
CA GLU W 65 -9.49 87.42 -2.60
C GLU W 65 -9.00 85.97 -2.74
N SER W 66 -9.40 85.30 -3.84
CA SER W 66 -9.08 83.92 -4.27
C SER W 66 -8.09 83.09 -3.44
N ASP W 67 -6.80 83.17 -3.78
CA ASP W 67 -5.74 82.28 -3.26
C ASP W 67 -5.45 82.37 -1.78
N MET W 68 -5.24 81.21 -1.14
CA MET W 68 -4.91 81.12 0.27
C MET W 68 -3.63 80.31 0.51
N LEU W 69 -3.02 80.51 1.67
CA LEU W 69 -1.81 79.80 2.06
C LEU W 69 -2.13 79.02 3.34
N LEU W 70 -1.77 77.75 3.38
CA LEU W 70 -2.05 76.89 4.53
C LEU W 70 -0.81 76.55 5.35
N LEU W 71 -0.82 76.90 6.64
CA LEU W 71 0.29 76.59 7.54
C LEU W 71 -0.16 75.52 8.53
N PRO W 72 0.62 74.44 8.67
CA PRO W 72 0.31 73.32 9.55
C PRO W 72 0.45 73.53 11.06
N ASP W 73 -0.35 72.80 11.82
CA ASP W 73 -0.32 72.81 13.27
C ASP W 73 0.14 71.40 13.65
N PRO W 74 1.42 71.25 14.01
CA PRO W 74 2.01 69.97 14.40
C PRO W 74 1.32 69.19 15.51
N GLU W 75 0.59 69.89 16.37
CA GLU W 75 -0.12 69.23 17.47
C GLU W 75 -1.34 68.44 17.00
N THR W 76 -1.82 68.73 15.79
CA THR W 76 -3.00 68.06 15.25
C THR W 76 -2.70 66.84 14.37
N ALA W 77 -1.41 66.54 14.21
CA ALA W 77 -0.98 65.41 13.39
C ALA W 77 -1.38 64.07 13.99
N ARG W 78 -2.16 63.31 13.21
CA ARG W 78 -2.64 61.99 13.63
C ARG W 78 -2.69 61.03 12.45
N ILE W 79 -2.43 59.76 12.72
CA ILE W 79 -2.50 58.73 11.68
C ILE W 79 -3.99 58.39 11.50
N ASP W 80 -4.47 58.39 10.27
CA ASP W 80 -5.87 58.06 9.99
C ASP W 80 -6.05 56.55 10.11
N PRO W 81 -6.96 56.11 11.01
CA PRO W 81 -7.20 54.68 11.21
C PRO W 81 -8.18 54.04 10.21
N PHE W 82 -8.75 54.84 9.33
CA PHE W 82 -9.74 54.37 8.36
C PHE W 82 -9.24 54.24 6.94
N ARG W 83 -8.41 55.18 6.50
CA ARG W 83 -7.87 55.17 5.14
C ARG W 83 -6.97 53.97 4.85
N ALA W 84 -7.27 53.26 3.77
CA ALA W 84 -6.51 52.08 3.36
C ALA W 84 -5.04 52.41 3.14
N ALA W 85 -4.78 53.47 2.37
CA ALA W 85 -3.42 53.91 2.12
C ALA W 85 -2.99 54.67 3.38
N LYS W 86 -1.87 54.27 3.99
CA LYS W 86 -1.39 54.90 5.22
C LYS W 86 -1.31 56.42 5.08
N THR W 87 -2.16 57.11 5.82
CA THR W 87 -2.26 58.57 5.76
C THR W 87 -2.08 59.29 7.09
N LEU W 88 -1.45 60.46 7.02
CA LEU W 88 -1.24 61.32 8.18
C LEU W 88 -2.12 62.55 8.02
N ASN W 89 -3.02 62.78 8.97
CA ASN W 89 -3.91 63.94 8.94
C ASN W 89 -3.32 65.07 9.76
N ILE W 90 -3.37 66.29 9.22
CA ILE W 90 -2.86 67.46 9.92
C ILE W 90 -3.79 68.63 9.63
N ASN W 91 -4.09 69.43 10.65
CA ASN W 91 -4.95 70.60 10.49
C ASN W 91 -4.06 71.80 10.19
N PHE W 92 -4.60 72.74 9.43
CA PHE W 92 -3.86 73.92 9.01
C PHE W 92 -4.60 75.22 9.34
N PHE W 93 -3.85 76.32 9.31
CA PHE W 93 -4.37 77.66 9.53
C PHE W 93 -4.33 78.31 8.15
N VAL W 94 -5.35 79.09 7.83
CA VAL W 94 -5.41 79.77 6.55
C VAL W 94 -4.80 81.17 6.67
N HIS W 95 -3.81 81.45 5.84
CA HIS W 95 -3.12 82.74 5.84
C HIS W 95 -3.25 83.42 4.48
N ASP W 96 -2.98 84.72 4.46
CA ASP W 96 -3.01 85.48 3.22
C ASP W 96 -1.63 85.22 2.61
N PRO W 97 -1.58 84.80 1.34
CA PRO W 97 -0.32 84.49 0.64
C PRO W 97 0.74 85.60 0.77
N PHE W 98 0.33 86.82 0.40
CA PHE W 98 1.17 88.00 0.41
C PHE W 98 1.69 88.40 1.80
N THR W 99 0.77 88.86 2.66
CA THR W 99 1.12 89.33 3.99
C THR W 99 1.41 88.26 5.05
N LEU W 100 1.06 87.01 4.75
CA LEU W 100 1.23 85.88 5.69
C LEU W 100 0.37 86.15 6.92
N GLU W 101 -0.62 87.02 6.74
CA GLU W 101 -1.55 87.43 7.78
C GLU W 101 -2.67 86.39 7.93
N PRO W 102 -2.92 85.94 9.17
CA PRO W 102 -3.97 84.95 9.42
C PRO W 102 -5.32 85.43 8.88
N TYR W 103 -5.95 84.60 8.06
CA TYR W 103 -7.25 84.92 7.48
C TYR W 103 -8.28 85.04 8.60
N SER W 104 -8.95 86.19 8.64
CA SER W 104 -9.94 86.49 9.68
C SER W 104 -11.20 85.61 9.72
N ARG W 105 -11.46 84.86 8.66
CA ARG W 105 -12.66 84.02 8.63
C ARG W 105 -12.38 82.53 8.82
N ASP W 106 -11.13 82.19 9.11
CA ASP W 106 -10.72 80.81 9.36
C ASP W 106 -10.99 80.55 10.84
N PRO W 107 -11.92 79.64 11.14
CA PRO W 107 -12.29 79.29 12.51
C PRO W 107 -11.10 78.95 13.41
N ARG W 108 -10.09 78.28 12.86
CA ARG W 108 -8.94 77.92 13.68
C ARG W 108 -8.10 79.15 14.07
N ASN W 109 -8.15 80.19 13.26
CA ASN W 109 -7.42 81.43 13.55
C ASN W 109 -8.13 82.18 14.67
N ILE W 110 -9.47 82.12 14.66
CA ILE W 110 -10.27 82.76 15.68
C ILE W 110 -9.94 82.18 17.06
N ALA W 111 -9.85 80.84 17.12
CA ALA W 111 -9.54 80.16 18.37
C ALA W 111 -8.14 80.53 18.85
N ARG W 112 -7.20 80.65 17.91
CA ARG W 112 -5.83 81.03 18.25
C ARG W 112 -5.80 82.46 18.76
N LYS W 113 -6.54 83.35 18.07
CA LYS W 113 -6.62 84.76 18.47
C LYS W 113 -7.23 84.87 19.87
N ALA W 114 -8.19 84.01 20.17
CA ALA W 114 -8.86 84.00 21.47
C ALA W 114 -7.88 83.65 22.58
N GLU W 115 -7.00 82.69 22.32
CA GLU W 115 -6.00 82.28 23.29
C GLU W 115 -4.96 83.38 23.52
N ASN W 116 -4.58 84.05 22.44
CA ASN W 116 -3.60 85.13 22.51
C ASN W 116 -4.18 86.34 23.24
N TYR W 117 -5.46 86.60 23.04
CA TYR W 117 -6.14 87.71 23.70
C TYR W 117 -6.20 87.47 25.20
N LEU W 118 -6.46 86.22 25.59
CA LEU W 118 -6.53 85.83 27.00
C LEU W 118 -5.24 86.22 27.69
N ILE W 119 -4.12 85.88 27.05
CA ILE W 119 -2.79 86.18 27.58
C ILE W 119 -2.57 87.69 27.67
N SER W 120 -3.02 88.42 26.66
CA SER W 120 -2.85 89.86 26.61
C SER W 120 -3.62 90.62 27.70
N THR W 121 -4.71 90.04 28.19
CA THR W 121 -5.51 90.69 29.24
C THR W 121 -4.87 90.54 30.60
N GLY W 122 -3.93 89.59 30.72
CA GLY W 122 -3.27 89.34 31.98
C GLY W 122 -4.11 88.55 32.96
N ILE W 123 -5.39 88.36 32.62
CA ILE W 123 -6.33 87.61 33.46
C ILE W 123 -5.85 86.17 33.70
N ALA W 124 -5.35 85.53 32.64
CA ALA W 124 -4.85 84.17 32.72
C ALA W 124 -4.04 83.89 31.46
N ASP W 125 -3.36 82.75 31.42
CA ASP W 125 -2.59 82.41 30.23
C ASP W 125 -3.07 81.13 29.53
N THR W 126 -4.05 80.45 30.13
CA THR W 126 -4.61 79.22 29.57
C THR W 126 -6.08 79.02 29.89
N ALA W 127 -6.87 78.67 28.87
CA ALA W 127 -8.29 78.39 29.03
C ALA W 127 -8.50 76.93 28.66
N TYR W 128 -8.83 76.11 29.65
CA TYR W 128 -9.06 74.69 29.41
C TYR W 128 -10.51 74.38 29.12
N PHE W 129 -10.74 73.62 28.05
CA PHE W 129 -12.08 73.21 27.65
C PHE W 129 -12.25 71.71 27.61
N GLY W 130 -13.29 71.22 28.29
CA GLY W 130 -13.60 69.81 28.31
C GLY W 130 -15.00 69.71 27.72
N ALA W 131 -15.14 69.03 26.59
CA ALA W 131 -16.44 68.90 25.95
C ALA W 131 -16.92 67.48 25.82
N GLU W 132 -18.21 67.31 26.08
CA GLU W 132 -18.82 66.00 26.03
C GLU W 132 -20.00 65.98 25.08
N ALA W 133 -19.72 65.42 23.91
CA ALA W 133 -20.69 65.37 22.84
C ALA W 133 -21.35 64.02 22.70
N GLU W 134 -22.67 64.03 22.83
CA GLU W 134 -23.51 62.86 22.70
C GLU W 134 -23.82 62.70 21.21
N PHE W 135 -24.11 61.48 20.79
CA PHE W 135 -24.45 61.21 19.40
C PHE W 135 -25.37 60.00 19.31
N TYR W 136 -26.01 59.83 18.16
CA TYR W 136 -26.89 58.70 17.92
C TYR W 136 -26.33 57.80 16.83
N ILE W 137 -26.49 56.50 17.01
CA ILE W 137 -26.05 55.51 16.06
C ILE W 137 -27.30 54.94 15.38
N PHE W 138 -27.40 55.13 14.07
CA PHE W 138 -28.54 54.62 13.31
C PHE W 138 -28.09 53.61 12.27
N ASP W 139 -29.07 52.95 11.65
CA ASP W 139 -28.79 51.98 10.60
C ASP W 139 -29.07 52.62 9.25
N SER W 140 -29.98 53.59 9.25
CA SER W 140 -30.34 54.26 8.01
C SER W 140 -30.96 55.63 8.24
N VAL W 141 -30.91 56.44 7.19
CA VAL W 141 -31.49 57.78 7.18
C VAL W 141 -31.84 58.16 5.74
N SER W 142 -33.04 58.65 5.53
CA SER W 142 -33.49 59.08 4.22
C SER W 142 -34.42 60.27 4.41
N PHE W 143 -34.47 61.15 3.42
CA PHE W 143 -35.32 62.34 3.48
C PHE W 143 -35.33 63.05 2.14
N ASP W 144 -36.31 63.92 1.96
CA ASP W 144 -36.40 64.74 0.76
C ASP W 144 -37.40 65.87 0.94
N SER W 145 -37.34 66.83 0.04
CA SER W 145 -38.22 67.98 0.06
C SER W 145 -38.64 68.23 -1.37
N ARG W 146 -39.93 68.04 -1.65
CA ARG W 146 -40.47 68.24 -2.98
C ARG W 146 -41.61 69.24 -2.95
N ALA W 147 -42.16 69.55 -4.13
CA ALA W 147 -43.25 70.50 -4.22
C ALA W 147 -44.52 70.05 -3.53
N ASN W 148 -44.84 68.77 -3.66
CA ASN W 148 -46.06 68.21 -3.11
C ASN W 148 -45.90 67.33 -1.87
N GLY W 149 -44.68 67.25 -1.35
CA GLY W 149 -44.47 66.41 -0.19
C GLY W 149 -43.06 66.50 0.33
N SER W 150 -42.87 65.97 1.53
CA SER W 150 -41.58 65.97 2.18
C SER W 150 -41.60 64.92 3.27
N PHE W 151 -40.43 64.37 3.60
CA PHE W 151 -40.34 63.36 4.64
C PHE W 151 -38.92 63.20 5.14
N TYR W 152 -38.80 62.49 6.25
CA TYR W 152 -37.50 62.13 6.82
C TYR W 152 -37.78 60.85 7.58
N GLU W 153 -36.75 60.04 7.72
CA GLU W 153 -36.88 58.79 8.43
C GLU W 153 -35.52 58.28 8.84
N VAL W 154 -35.32 58.16 10.15
CA VAL W 154 -34.09 57.60 10.69
C VAL W 154 -34.52 56.26 11.26
N ASP W 155 -33.65 55.26 11.20
CA ASP W 155 -34.05 53.96 11.73
C ASP W 155 -32.88 53.20 12.28
N ALA W 156 -33.19 52.30 13.20
CA ALA W 156 -32.20 51.45 13.84
C ALA W 156 -32.92 50.15 14.15
N ILE W 157 -32.27 49.04 13.83
CA ILE W 157 -32.81 47.70 14.05
C ILE W 157 -33.37 47.56 15.47
N SER W 158 -32.59 48.03 16.45
CA SER W 158 -32.96 47.95 17.86
C SER W 158 -33.74 49.16 18.39
N GLY W 159 -34.28 49.98 17.50
CA GLY W 159 -35.04 51.14 17.94
C GLY W 159 -36.31 50.72 18.66
N TRP W 160 -36.61 51.38 19.77
CA TRP W 160 -37.79 51.06 20.57
C TRP W 160 -39.13 51.18 19.88
N TRP W 161 -39.14 51.85 18.72
CA TRP W 161 -40.37 52.01 17.93
C TRP W 161 -40.58 50.81 17.00
N ASN W 162 -39.65 49.85 17.05
CA ASN W 162 -39.71 48.66 16.20
C ASN W 162 -40.05 47.35 16.94
N THR W 163 -40.62 47.44 18.13
CA THR W 163 -40.96 46.24 18.89
C THR W 163 -41.95 45.32 18.16
N GLY W 164 -42.80 45.93 17.32
CA GLY W 164 -43.79 45.16 16.59
C GLY W 164 -43.38 44.61 15.23
N ALA W 165 -42.13 44.85 14.82
CA ALA W 165 -41.65 44.35 13.54
C ALA W 165 -41.75 42.83 13.45
N ALA W 166 -42.44 42.36 12.40
CA ALA W 166 -42.62 40.92 12.17
C ALA W 166 -41.28 40.25 11.94
N THR W 167 -40.41 40.92 11.19
CA THR W 167 -39.06 40.44 10.90
C THR W 167 -38.19 41.69 10.75
N GLU W 168 -36.88 41.51 10.86
CA GLU W 168 -35.96 42.63 10.72
C GLU W 168 -35.86 43.09 9.27
N ALA W 169 -35.15 44.19 9.05
CA ALA W 169 -34.97 44.74 7.71
C ALA W 169 -34.41 43.69 6.77
N ASP W 170 -33.42 42.95 7.24
CA ASP W 170 -32.77 41.90 6.45
C ASP W 170 -33.49 40.56 6.42
N GLY W 171 -34.76 40.54 6.81
CA GLY W 171 -35.54 39.31 6.80
C GLY W 171 -35.37 38.40 8.01
N SER W 172 -34.33 38.64 8.81
CA SER W 172 -34.08 37.83 10.00
C SER W 172 -35.15 38.07 11.07
N PRO W 173 -35.30 37.14 12.03
CA PRO W 173 -36.31 37.33 13.05
C PRO W 173 -36.07 38.45 14.07
N ASN W 174 -37.18 39.00 14.57
CA ASN W 174 -37.15 40.06 15.58
C ASN W 174 -36.85 39.35 16.90
N ARG W 175 -35.70 39.65 17.50
CA ARG W 175 -35.31 39.03 18.75
C ARG W 175 -35.58 39.84 20.01
N GLY W 176 -36.26 40.97 19.84
CA GLY W 176 -36.59 41.80 20.98
C GLY W 176 -35.47 42.61 21.59
N TYR W 177 -35.63 42.93 22.88
CA TYR W 177 -34.66 43.72 23.63
C TYR W 177 -34.51 45.14 23.05
N LYS W 178 -35.61 45.64 22.46
CA LYS W 178 -35.64 46.97 21.86
C LYS W 178 -36.27 47.98 22.83
N VAL W 179 -37.23 47.51 23.63
CA VAL W 179 -37.95 48.36 24.59
C VAL W 179 -37.06 49.13 25.55
N ARG W 180 -37.47 50.37 25.78
CA ARG W 180 -36.78 51.31 26.64
C ARG W 180 -37.54 51.31 27.97
N HIS W 181 -37.02 50.57 28.94
CA HIS W 181 -37.65 50.44 30.26
C HIS W 181 -37.47 51.57 31.25
N LYS W 182 -38.43 51.66 32.17
CA LYS W 182 -38.43 52.65 33.23
C LYS W 182 -37.48 52.13 34.31
N GLY W 183 -36.78 53.03 35.00
CA GLY W 183 -35.87 52.60 36.05
C GLY W 183 -34.39 52.89 35.81
N GLY W 184 -33.94 52.60 34.60
CA GLY W 184 -32.54 52.84 34.27
C GLY W 184 -32.35 52.83 32.77
N TYR W 185 -31.63 53.83 32.26
CA TYR W 185 -31.41 53.91 30.82
C TYR W 185 -30.02 53.51 30.31
N PHE W 186 -29.25 52.81 31.15
CA PHE W 186 -27.93 52.31 30.76
C PHE W 186 -27.86 50.80 31.02
N PRO W 187 -28.90 50.03 30.60
CA PRO W 187 -28.86 48.59 30.84
C PRO W 187 -27.74 47.85 30.12
N VAL W 188 -27.33 46.72 30.71
CA VAL W 188 -26.28 45.89 30.13
C VAL W 188 -26.87 45.09 28.96
N ALA W 189 -26.01 44.41 28.21
CA ALA W 189 -26.45 43.60 27.08
C ALA W 189 -27.35 42.46 27.61
N PRO W 190 -28.26 41.95 26.77
CA PRO W 190 -28.50 42.34 25.38
C PRO W 190 -29.37 43.58 25.13
N ASN W 191 -29.82 44.26 26.18
CA ASN W 191 -30.60 45.49 26.00
C ASN W 191 -29.71 46.52 25.32
N ASP W 192 -28.43 46.50 25.70
CA ASP W 192 -27.43 47.38 25.13
C ASP W 192 -26.94 46.63 23.89
N GLN W 193 -27.35 47.12 22.73
CA GLN W 193 -26.99 46.47 21.47
C GLN W 193 -25.82 47.07 20.72
N TYR W 194 -25.11 48.00 21.35
CA TYR W 194 -23.98 48.64 20.67
C TYR W 194 -22.67 48.55 21.43
N VAL W 195 -22.57 47.59 22.33
CA VAL W 195 -21.36 47.41 23.13
C VAL W 195 -20.07 47.30 22.33
N ASP W 196 -20.03 46.37 21.38
CA ASP W 196 -18.81 46.18 20.58
C ASP W 196 -18.46 47.38 19.69
N LEU W 197 -19.47 48.05 19.15
CA LEU W 197 -19.25 49.22 18.30
C LEU W 197 -18.63 50.35 19.12
N ARG W 198 -19.23 50.64 20.28
CA ARG W 198 -18.72 51.70 21.14
C ARG W 198 -17.30 51.42 21.58
N ASP W 199 -16.99 50.14 21.82
CA ASP W 199 -15.65 49.75 22.22
C ASP W 199 -14.67 50.02 21.09
N LYS W 200 -15.12 49.80 19.85
CA LYS W 200 -14.28 50.07 18.69
C LYS W 200 -14.01 51.56 18.59
N MET W 201 -15.05 52.36 18.86
CA MET W 201 -14.92 53.81 18.83
C MET W 201 -13.91 54.24 19.89
N LEU W 202 -14.06 53.71 21.10
CA LEU W 202 -13.18 54.03 22.22
C LEU W 202 -11.74 53.61 21.92
N THR W 203 -11.57 52.43 21.36
CA THR W 203 -10.25 51.91 21.00
C THR W 203 -9.59 52.84 19.98
N ASN W 204 -10.37 53.28 18.99
CA ASN W 204 -9.87 54.18 17.95
C ASN W 204 -9.48 55.54 18.54
N LEU W 205 -10.27 56.04 19.49
CA LEU W 205 -9.98 57.32 20.13
C LEU W 205 -8.67 57.22 20.90
N ILE W 206 -8.52 56.15 21.68
CA ILE W 206 -7.31 55.93 22.46
C ILE W 206 -6.08 55.80 21.57
N ASN W 207 -6.22 55.10 20.46
CA ASN W 207 -5.11 54.92 19.52
C ASN W 207 -4.80 56.23 18.78
N SER W 208 -5.75 57.17 18.84
CA SER W 208 -5.59 58.47 18.19
C SER W 208 -5.16 59.57 19.16
N GLY W 209 -4.62 59.17 20.32
CA GLY W 209 -4.14 60.14 21.28
C GLY W 209 -5.07 60.72 22.33
N PHE W 210 -6.32 60.27 22.36
CA PHE W 210 -7.25 60.77 23.38
C PHE W 210 -6.89 60.18 24.73
N ILE W 211 -6.94 61.02 25.76
CA ILE W 211 -6.60 60.60 27.11
C ILE W 211 -7.86 60.36 27.93
N LEU W 212 -7.99 59.13 28.43
CA LEU W 212 -9.13 58.71 29.24
C LEU W 212 -8.57 58.35 30.62
N GLU W 213 -8.97 59.08 31.66
CA GLU W 213 -8.51 58.78 33.01
C GLU W 213 -9.67 58.68 33.98
N LYS W 214 -9.55 59.48 35.02
CA LYS W 214 -10.46 59.65 36.17
C LYS W 214 -11.94 59.44 35.81
N GLY W 215 -12.67 60.52 35.55
CA GLY W 215 -14.09 60.40 35.26
C GLY W 215 -14.41 60.40 33.79
N HIS W 216 -13.58 59.70 33.00
CA HIS W 216 -13.80 59.60 31.56
C HIS W 216 -14.41 58.23 31.31
N HIS W 217 -15.65 58.25 30.83
CA HIS W 217 -16.41 57.03 30.58
C HIS W 217 -16.87 56.86 29.14
N GLU W 218 -17.26 55.63 28.89
CA GLU W 218 -17.88 55.26 27.64
C GLU W 218 -19.30 54.86 28.07
N VAL W 219 -20.32 55.53 27.59
CA VAL W 219 -21.67 55.22 28.02
C VAL W 219 -22.66 55.15 26.84
N GLY W 220 -23.68 54.32 26.98
CA GLY W 220 -24.68 54.18 25.94
C GLY W 220 -26.08 53.97 26.47
N SER W 221 -27.06 54.53 25.78
CA SER W 221 -28.46 54.41 26.14
C SER W 221 -29.21 54.26 24.83
N GLY W 222 -29.66 53.05 24.55
CA GLY W 222 -30.36 52.79 23.30
C GLY W 222 -29.34 53.02 22.20
N GLY W 223 -29.71 53.84 21.22
CA GLY W 223 -28.79 54.15 20.13
C GLY W 223 -27.90 55.35 20.44
N GLN W 224 -28.17 56.04 21.55
CA GLN W 224 -27.39 57.19 21.94
C GLN W 224 -26.12 56.78 22.69
N ALA W 225 -25.06 57.55 22.51
CA ALA W 225 -23.80 57.25 23.17
C ALA W 225 -22.96 58.50 23.41
N GLU W 226 -21.93 58.33 24.23
CA GLU W 226 -21.02 59.40 24.56
C GLU W 226 -19.76 58.81 25.14
N ILE W 227 -18.62 59.32 24.68
CA ILE W 227 -17.32 58.89 25.19
C ILE W 227 -16.60 60.18 25.51
N ASN W 228 -16.42 60.47 26.79
CA ASN W 228 -15.73 61.69 27.18
C ASN W 228 -14.25 61.43 27.40
N TYR W 229 -13.45 62.48 27.21
CA TYR W 229 -12.01 62.39 27.33
C TYR W 229 -11.46 63.63 28.01
N GLN W 230 -10.16 63.62 28.26
CA GLN W 230 -9.50 64.73 28.93
C GLN W 230 -9.51 66.04 28.16
N PHE W 231 -9.73 67.12 28.91
CA PHE W 231 -9.77 68.49 28.38
C PHE W 231 -8.46 68.87 27.71
N ASN W 232 -8.44 70.07 27.14
CA ASN W 232 -7.26 70.59 26.47
C ASN W 232 -7.40 72.10 26.39
N SER W 233 -6.34 72.80 26.00
CA SER W 233 -6.40 74.24 25.86
C SER W 233 -7.37 74.54 24.71
N LEU W 234 -8.09 75.66 24.81
CA LEU W 234 -9.11 76.05 23.83
C LEU W 234 -8.99 75.55 22.38
N LEU W 235 -7.99 76.04 21.64
CA LEU W 235 -7.80 75.64 20.25
C LEU W 235 -7.72 74.13 20.04
N HIS W 236 -6.81 73.50 20.78
CA HIS W 236 -6.61 72.05 20.67
C HIS W 236 -7.80 71.23 21.15
N ALA W 237 -8.62 71.81 22.02
CA ALA W 237 -9.81 71.13 22.51
C ALA W 237 -10.79 71.09 21.34
N ALA W 238 -10.84 72.18 20.58
CA ALA W 238 -11.72 72.29 19.42
C ALA W 238 -11.24 71.33 18.33
N ASP W 239 -9.93 71.17 18.19
CA ASP W 239 -9.36 70.25 17.21
C ASP W 239 -9.72 68.83 17.62
N ASP W 240 -9.68 68.57 18.94
CA ASP W 240 -10.01 67.27 19.51
C ASP W 240 -11.46 66.90 19.24
N MET W 241 -12.34 67.89 19.30
CA MET W 241 -13.77 67.69 19.07
C MET W 241 -14.01 67.28 17.61
N GLN W 242 -13.33 67.94 16.68
CA GLN W 242 -13.45 67.62 15.26
C GLN W 242 -12.93 66.20 15.01
N LEU W 243 -11.84 65.85 15.68
CA LEU W 243 -11.21 64.53 15.56
C LEU W 243 -12.17 63.46 16.12
N TYR W 244 -12.75 63.76 17.27
CA TYR W 244 -13.69 62.88 17.94
C TYR W 244 -14.85 62.56 17.00
N LYS W 245 -15.48 63.60 16.45
CA LYS W 245 -16.60 63.41 15.52
C LYS W 245 -16.17 62.58 14.31
N TYR W 246 -14.98 62.86 13.80
CA TYR W 246 -14.44 62.13 12.66
C TYR W 246 -14.29 60.64 12.98
N ILE W 247 -13.71 60.34 14.13
CA ILE W 247 -13.50 58.97 14.56
C ILE W 247 -14.80 58.25 14.88
N ILE W 248 -15.74 58.94 15.51
CA ILE W 248 -17.03 58.34 15.83
C ILE W 248 -17.80 58.02 14.55
N LYS W 249 -17.91 59.01 13.67
CA LYS W 249 -18.64 58.85 12.42
C LYS W 249 -18.10 57.76 11.49
N ASN W 250 -16.79 57.67 11.38
CA ASN W 250 -16.17 56.69 10.49
C ASN W 250 -16.03 55.29 11.07
N THR W 251 -15.99 55.17 12.39
CA THR W 251 -15.92 53.87 13.02
C THR W 251 -17.29 53.23 12.76
N ALA W 252 -18.34 54.04 12.92
CA ALA W 252 -19.70 53.57 12.67
C ALA W 252 -19.85 53.21 11.19
N TRP W 253 -19.36 54.09 10.32
CA TRP W 253 -19.45 53.88 8.87
C TRP W 253 -18.78 52.58 8.42
N GLN W 254 -17.61 52.28 8.97
CA GLN W 254 -16.89 51.07 8.61
C GLN W 254 -17.55 49.82 9.19
N ASN W 255 -18.50 50.02 10.10
CA ASN W 255 -19.20 48.90 10.72
C ASN W 255 -20.67 48.84 10.38
N GLY W 256 -21.00 49.33 9.18
CA GLY W 256 -22.37 49.30 8.70
C GLY W 256 -23.40 50.21 9.35
N LYS W 257 -22.96 51.24 10.05
CA LYS W 257 -23.89 52.16 10.69
C LYS W 257 -23.69 53.58 10.17
N THR W 258 -24.52 54.48 10.67
CA THR W 258 -24.45 55.89 10.31
C THR W 258 -24.76 56.71 11.57
N VAL W 259 -23.84 57.60 11.93
CA VAL W 259 -23.95 58.43 13.13
C VAL W 259 -24.38 59.86 12.86
N THR W 260 -25.12 60.44 13.79
CA THR W 260 -25.51 61.84 13.69
C THR W 260 -25.30 62.57 15.01
N PHE W 261 -24.71 63.75 14.92
CA PHE W 261 -24.47 64.60 16.08
C PHE W 261 -25.53 65.69 16.13
N MET W 262 -26.57 65.59 15.29
CA MET W 262 -27.60 66.62 15.29
C MET W 262 -28.28 66.63 16.67
N PRO W 263 -28.64 67.82 17.17
CA PRO W 263 -29.29 68.03 18.46
C PRO W 263 -30.53 67.21 18.79
N LYS W 264 -31.45 67.09 17.83
CA LYS W 264 -32.68 66.36 18.07
C LYS W 264 -33.12 65.53 16.87
N PRO W 265 -32.54 64.33 16.71
CA PRO W 265 -32.91 63.47 15.57
C PRO W 265 -34.20 62.70 15.85
N LEU W 266 -34.50 62.48 17.13
CA LEU W 266 -35.69 61.74 17.54
C LEU W 266 -36.67 62.56 18.35
N PHE W 267 -37.92 62.53 17.91
CA PHE W 267 -39.00 63.23 18.60
C PHE W 267 -39.52 62.27 19.67
N GLY W 268 -39.39 62.65 20.93
CA GLY W 268 -39.84 61.78 22.00
C GLY W 268 -38.70 60.97 22.60
N ASP W 269 -37.48 61.43 22.35
CA ASP W 269 -36.30 60.79 22.92
C ASP W 269 -35.30 61.91 23.19
N ASN W 270 -34.34 61.63 24.06
CA ASN W 270 -33.31 62.56 24.47
C ASN W 270 -32.56 63.23 23.31
N GLY W 271 -32.30 64.53 23.45
CA GLY W 271 -31.56 65.25 22.44
C GLY W 271 -30.07 65.02 22.69
N SER W 272 -29.22 65.51 21.80
CA SER W 272 -27.78 65.34 21.97
C SER W 272 -27.12 66.70 22.21
N GLY W 273 -26.47 66.83 23.36
CA GLY W 273 -25.82 68.08 23.70
C GLY W 273 -24.32 67.97 23.84
N MET W 274 -23.68 69.12 24.05
CA MET W 274 -22.24 69.19 24.24
C MET W 274 -21.95 70.05 25.47
N HIS W 275 -21.84 69.39 26.62
CA HIS W 275 -21.57 70.05 27.88
C HIS W 275 -20.12 70.50 27.86
N CYS W 276 -19.90 71.80 28.03
CA CYS W 276 -18.55 72.35 28.00
C CYS W 276 -18.04 72.85 29.34
N HIS W 277 -17.05 72.12 29.87
CA HIS W 277 -16.42 72.46 31.12
C HIS W 277 -15.29 73.42 30.79
N GLN W 278 -15.23 74.52 31.53
CA GLN W 278 -14.22 75.55 31.31
C GLN W 278 -13.59 76.00 32.60
N SER W 279 -12.36 76.47 32.48
CA SER W 279 -11.62 76.95 33.63
C SER W 279 -10.36 77.72 33.17
N LEU W 280 -10.01 78.77 33.91
CA LEU W 280 -8.84 79.57 33.57
C LEU W 280 -7.69 79.26 34.52
N TRP W 281 -6.48 79.24 33.95
CA TRP W 281 -5.26 78.96 34.71
C TRP W 281 -4.20 80.00 34.37
N LYS W 282 -3.25 80.18 35.29
CA LYS W 282 -2.17 81.14 35.10
C LYS W 282 -0.94 80.63 35.84
N ASP W 283 0.18 80.61 35.13
CA ASP W 283 1.46 80.14 35.67
C ASP W 283 1.37 78.75 36.28
N GLY W 284 0.59 77.88 35.64
CA GLY W 284 0.43 76.51 36.10
C GLY W 284 -0.47 76.32 37.29
N ALA W 285 -1.20 77.37 37.68
CA ALA W 285 -2.09 77.28 38.82
C ALA W 285 -3.53 77.67 38.48
N PRO W 286 -4.50 77.03 39.12
CA PRO W 286 -5.93 77.28 38.91
C PRO W 286 -6.39 78.63 39.45
N LEU W 287 -7.37 79.23 38.76
CA LEU W 287 -7.91 80.53 39.14
C LEU W 287 -9.40 80.47 39.45
N MET W 288 -9.99 79.29 39.36
CA MET W 288 -11.42 79.12 39.59
C MET W 288 -11.85 78.81 41.04
N TYR W 289 -10.92 78.33 41.86
CA TYR W 289 -11.23 77.94 43.24
C TYR W 289 -11.11 79.01 44.32
N ASP W 290 -11.93 78.85 45.37
CA ASP W 290 -11.97 79.71 46.53
C ASP W 290 -12.92 79.08 47.56
N GLU W 291 -12.35 78.53 48.64
CA GLU W 291 -13.13 77.88 49.71
C GLU W 291 -14.29 78.73 50.23
N THR W 292 -14.05 80.03 50.35
CA THR W 292 -15.05 80.96 50.87
C THR W 292 -16.23 81.26 49.97
N GLY W 293 -16.05 81.10 48.66
CA GLY W 293 -17.13 81.37 47.73
C GLY W 293 -18.15 80.26 47.56
N TYR W 294 -19.33 80.61 47.05
CA TYR W 294 -20.39 79.63 46.81
C TYR W 294 -19.89 78.60 45.81
N ALA W 295 -20.09 77.32 46.14
CA ALA W 295 -19.67 76.20 45.29
C ALA W 295 -18.16 76.17 45.08
N GLY W 296 -17.42 76.84 45.96
CA GLY W 296 -15.97 76.87 45.87
C GLY W 296 -15.47 77.71 44.71
N LEU W 297 -16.27 78.69 44.31
CA LEU W 297 -15.93 79.54 43.18
C LEU W 297 -15.26 80.86 43.55
N SER W 298 -14.21 81.20 42.80
CA SER W 298 -13.48 82.44 43.00
C SER W 298 -14.26 83.61 42.39
N ASP W 299 -13.76 84.83 42.60
CA ASP W 299 -14.42 86.01 42.04
C ASP W 299 -14.33 85.93 40.53
N THR W 300 -13.18 85.47 40.04
CA THR W 300 -12.92 85.32 38.62
C THR W 300 -13.92 84.37 37.98
N ALA W 301 -14.13 83.22 38.61
CA ALA W 301 -15.06 82.20 38.13
C ALA W 301 -16.51 82.72 38.12
N ARG W 302 -16.91 83.41 39.19
CA ARG W 302 -18.26 83.95 39.30
C ARG W 302 -18.54 85.01 38.24
N HIS W 303 -17.53 85.84 37.95
CA HIS W 303 -17.68 86.89 36.94
C HIS W 303 -17.75 86.28 35.55
N TYR W 304 -17.03 85.17 35.36
CA TYR W 304 -17.01 84.44 34.10
C TYR W 304 -18.44 83.94 33.86
N ILE W 305 -19.03 83.36 34.90
CA ILE W 305 -20.40 82.85 34.85
C ILE W 305 -21.36 84.00 34.56
N GLY W 306 -21.06 85.17 35.12
CA GLY W 306 -21.89 86.34 34.90
C GLY W 306 -21.87 86.73 33.43
N GLY W 307 -20.71 86.55 32.79
CA GLY W 307 -20.58 86.85 31.38
C GLY W 307 -21.36 85.86 30.52
N LEU W 308 -21.24 84.57 30.85
CA LEU W 308 -21.95 83.53 30.12
C LEU W 308 -23.46 83.76 30.17
N LEU W 309 -23.99 83.97 31.37
CA LEU W 309 -25.42 84.18 31.55
C LEU W 309 -25.92 85.49 30.94
N HIS W 310 -25.10 86.54 31.04
CA HIS W 310 -25.49 87.83 30.48
C HIS W 310 -25.50 87.80 28.95
N HIS W 311 -24.48 87.17 28.37
CA HIS W 311 -24.34 87.09 26.92
C HIS W 311 -25.01 85.90 26.23
N ALA W 312 -25.57 84.98 27.02
CA ALA W 312 -26.22 83.79 26.48
C ALA W 312 -27.13 84.01 25.27
N PRO W 313 -28.01 85.03 25.30
CA PRO W 313 -28.90 85.26 24.15
C PRO W 313 -28.18 85.40 22.80
N SER W 314 -26.96 85.93 22.81
CA SER W 314 -26.20 86.08 21.59
C SER W 314 -25.18 84.96 21.44
N LEU W 315 -24.63 84.51 22.57
CA LEU W 315 -23.63 83.45 22.62
C LEU W 315 -24.16 82.18 21.95
N LEU W 316 -25.46 81.92 22.13
CA LEU W 316 -26.11 80.75 21.56
C LEU W 316 -26.07 80.72 20.02
N ALA W 317 -25.77 81.86 19.40
CA ALA W 317 -25.69 81.92 17.94
C ALA W 317 -24.49 81.11 17.43
N PHE W 318 -23.51 80.87 18.31
CA PHE W 318 -22.31 80.10 17.97
C PHE W 318 -22.29 78.78 18.72
N THR W 319 -22.99 78.77 19.84
CA THR W 319 -23.04 77.65 20.74
C THR W 319 -24.17 76.62 20.40
N ASN W 320 -25.25 77.11 19.82
CA ASN W 320 -26.42 76.31 19.39
C ASN W 320 -26.85 77.02 18.10
N PRO W 321 -26.01 76.92 17.06
CA PRO W 321 -26.14 77.57 15.75
C PRO W 321 -27.11 76.97 14.68
N THR W 322 -27.91 75.98 15.02
CA THR W 322 -28.82 75.43 14.01
C THR W 322 -30.28 75.50 14.40
N VAL W 323 -31.15 75.36 13.41
CA VAL W 323 -32.59 75.39 13.64
C VAL W 323 -32.97 74.18 14.51
N ASN W 324 -32.31 73.05 14.29
CA ASN W 324 -32.56 71.82 15.02
C ASN W 324 -32.13 71.95 16.49
N SER W 325 -31.19 72.86 16.76
CA SER W 325 -30.70 73.10 18.11
C SER W 325 -31.86 73.45 19.06
N TYR W 326 -32.86 74.15 18.54
CA TYR W 326 -34.02 74.58 19.33
C TYR W 326 -35.13 73.56 19.50
N LYS W 327 -34.89 72.34 19.06
CA LYS W 327 -35.85 71.25 19.24
C LYS W 327 -35.39 70.52 20.51
N ARG W 328 -34.12 70.72 20.86
CA ARG W 328 -33.52 70.16 22.06
C ARG W 328 -33.72 71.20 23.19
N LEU W 329 -33.40 72.45 22.88
CA LEU W 329 -33.53 73.56 23.82
C LEU W 329 -35.00 74.01 23.83
N VAL W 330 -35.82 73.21 24.49
CA VAL W 330 -37.26 73.45 24.57
C VAL W 330 -37.73 72.82 25.90
N PRO W 331 -38.79 73.37 26.54
CA PRO W 331 -39.30 72.83 27.82
C PRO W 331 -39.55 71.31 27.79
N GLY W 332 -38.85 70.57 28.65
CA GLY W 332 -39.04 69.12 28.69
C GLY W 332 -38.02 68.33 29.49
N TYR W 333 -37.16 67.60 28.78
CA TYR W 333 -36.12 66.73 29.37
C TYR W 333 -35.10 67.45 30.25
N GLU W 334 -35.54 68.50 30.97
CA GLU W 334 -34.71 69.30 31.86
C GLU W 334 -33.64 69.93 30.97
N ALA W 335 -34.13 70.63 29.94
CA ALA W 335 -33.27 71.30 28.97
C ALA W 335 -32.58 72.50 29.59
N PRO W 336 -31.26 72.65 29.37
CA PRO W 336 -30.46 73.76 29.91
C PRO W 336 -30.88 75.09 29.29
N ILE W 337 -32.10 75.53 29.60
CA ILE W 337 -32.64 76.78 29.10
C ILE W 337 -32.77 77.86 30.17
N ASN W 338 -32.56 77.47 31.42
CA ASN W 338 -32.67 78.39 32.55
C ASN W 338 -31.38 79.15 32.80
N LEU W 339 -31.43 80.46 32.59
CA LEU W 339 -30.28 81.34 32.75
C LEU W 339 -29.83 81.60 34.19
N VAL W 340 -29.40 80.53 34.86
CA VAL W 340 -28.92 80.61 36.23
C VAL W 340 -27.83 79.55 36.41
N TYR W 341 -27.02 79.68 37.46
CA TYR W 341 -26.00 78.68 37.75
C TYR W 341 -26.43 77.84 38.94
N SER W 342 -25.91 76.66 39.07
CA SER W 342 -26.31 75.77 40.15
C SER W 342 -25.35 74.59 40.30
N GLN W 343 -25.57 73.80 41.35
CA GLN W 343 -24.75 72.61 41.61
C GLN W 343 -25.64 71.39 41.48
N ARG W 344 -26.95 71.62 41.68
CA ARG W 344 -27.96 70.57 41.62
C ARG W 344 -28.69 70.49 40.28
N ASN W 345 -29.37 71.57 39.91
CA ASN W 345 -30.14 71.66 38.67
C ASN W 345 -29.41 71.39 37.37
N ARG W 346 -29.92 70.43 36.60
CA ARG W 346 -29.34 70.08 35.32
C ARG W 346 -30.02 70.86 34.18
N SER W 347 -31.08 71.57 34.54
CA SER W 347 -31.83 72.42 33.59
C SER W 347 -31.26 73.84 33.65
N ALA W 348 -30.17 74.00 34.38
CA ALA W 348 -29.50 75.28 34.52
C ALA W 348 -28.43 75.40 33.42
N CYS W 349 -28.35 76.58 32.80
CA CYS W 349 -27.37 76.82 31.74
C CYS W 349 -25.96 76.50 32.21
N VAL W 350 -25.64 76.94 33.43
CA VAL W 350 -24.33 76.68 34.00
C VAL W 350 -24.46 75.84 35.25
N ARG W 351 -23.68 74.77 35.33
CA ARG W 351 -23.70 73.91 36.49
C ARG W 351 -22.26 73.79 37.00
N ILE W 352 -22.11 73.82 38.31
CA ILE W 352 -20.78 73.69 38.90
C ILE W 352 -20.66 72.28 39.45
N PRO W 353 -19.86 71.44 38.79
CA PRO W 353 -19.65 70.05 39.21
C PRO W 353 -19.13 69.99 40.64
N ILE W 354 -19.67 69.06 41.42
CA ILE W 354 -19.24 68.89 42.80
C ILE W 354 -17.92 68.14 42.76
N THR W 355 -16.83 68.87 43.00
CA THR W 355 -15.49 68.30 42.95
C THR W 355 -14.71 68.32 44.27
N GLY W 356 -15.31 68.90 45.30
CA GLY W 356 -14.66 68.94 46.60
C GLY W 356 -13.74 70.12 46.86
N SER W 357 -12.68 69.87 47.61
CA SER W 357 -11.71 70.90 48.00
C SER W 357 -10.51 71.07 47.06
N ASN W 358 -10.34 70.15 46.11
CA ASN W 358 -9.23 70.22 45.16
C ASN W 358 -9.42 71.39 44.20
N PRO W 359 -8.56 72.42 44.32
CA PRO W 359 -8.63 73.62 43.46
C PRO W 359 -8.42 73.35 41.97
N LYS W 360 -7.64 72.33 41.66
CA LYS W 360 -7.36 71.97 40.28
C LYS W 360 -8.54 71.32 39.54
N ALA W 361 -9.55 70.90 40.29
CA ALA W 361 -10.72 70.27 39.71
C ALA W 361 -11.92 71.21 39.58
N LYS W 362 -11.82 72.39 40.20
CA LYS W 362 -12.91 73.35 40.14
C LYS W 362 -13.06 73.93 38.74
N ARG W 363 -14.27 73.88 38.22
CA ARG W 363 -14.56 74.39 36.88
C ARG W 363 -16.05 74.61 36.74
N LEU W 364 -16.43 75.31 35.69
CA LEU W 364 -17.84 75.56 35.44
C LEU W 364 -18.24 74.79 34.19
N GLU W 365 -19.49 74.34 34.14
CA GLU W 365 -19.97 73.58 33.01
C GLU W 365 -21.14 74.26 32.30
N PHE W 366 -20.89 74.71 31.08
CA PHE W 366 -21.94 75.35 30.28
C PHE W 366 -22.64 74.16 29.60
N ARG W 367 -23.86 73.90 30.04
CA ARG W 367 -24.65 72.77 29.55
C ARG W 367 -25.46 72.99 28.27
N SER W 368 -25.74 74.23 27.95
CA SER W 368 -26.58 74.58 26.80
C SER W 368 -26.09 74.19 25.39
N PRO W 369 -24.77 74.27 25.12
CA PRO W 369 -24.26 73.93 23.79
C PRO W 369 -24.59 72.54 23.25
N ASP W 370 -24.45 72.41 21.93
CA ASP W 370 -24.65 71.16 21.23
C ASP W 370 -23.52 71.08 20.20
N SER W 371 -23.39 69.95 19.50
CA SER W 371 -22.32 69.85 18.52
C SER W 371 -22.78 69.99 17.07
N SER W 372 -23.79 70.83 16.86
CA SER W 372 -24.32 71.07 15.52
C SER W 372 -23.59 72.18 14.78
N GLY W 373 -22.52 72.71 15.36
CA GLY W 373 -21.82 73.78 14.71
C GLY W 373 -20.30 73.70 14.59
N ASN W 374 -19.67 74.82 14.92
CA ASN W 374 -18.22 74.97 14.83
C ASN W 374 -17.64 75.10 16.25
N PRO W 375 -16.87 74.10 16.70
CA PRO W 375 -16.28 74.14 18.04
C PRO W 375 -15.24 75.24 18.25
N TYR W 376 -14.55 75.64 17.18
CA TYR W 376 -13.56 76.71 17.27
C TYR W 376 -14.25 78.02 17.61
N LEU W 377 -15.37 78.29 16.93
CA LEU W 377 -16.14 79.50 17.16
C LEU W 377 -16.91 79.44 18.47
N ALA W 378 -17.46 78.27 18.80
CA ALA W 378 -18.23 78.08 20.03
C ALA W 378 -17.39 78.28 21.27
N PHE W 379 -16.24 77.60 21.33
CA PHE W 379 -15.33 77.72 22.47
C PHE W 379 -14.82 79.15 22.61
N SER W 380 -14.44 79.76 21.49
CA SER W 380 -13.94 81.14 21.48
C SER W 380 -15.00 82.11 22.00
N ALA W 381 -16.23 81.95 21.52
CA ALA W 381 -17.33 82.80 21.93
C ALA W 381 -17.61 82.65 23.43
N MET W 382 -17.48 81.43 23.94
CA MET W 382 -17.69 81.18 25.36
C MET W 382 -16.63 81.89 26.18
N LEU W 383 -15.37 81.84 25.72
CA LEU W 383 -14.27 82.50 26.41
C LEU W 383 -14.48 84.00 26.42
N MET W 384 -14.82 84.57 25.27
CA MET W 384 -15.05 86.01 25.15
C MET W 384 -16.18 86.48 26.05
N ALA W 385 -17.23 85.67 26.16
CA ALA W 385 -18.35 86.02 27.03
C ALA W 385 -17.89 86.02 28.48
N GLY W 386 -17.09 85.01 28.84
CA GLY W 386 -16.57 84.91 30.19
C GLY W 386 -15.58 86.01 30.54
N LEU W 387 -14.71 86.37 29.61
CA LEU W 387 -13.72 87.42 29.82
C LEU W 387 -14.37 88.79 29.96
N ASP W 388 -15.45 89.01 29.22
CA ASP W 388 -16.16 90.28 29.28
C ASP W 388 -16.82 90.38 30.66
N GLY W 389 -17.20 89.24 31.21
CA GLY W 389 -17.82 89.20 32.52
C GLY W 389 -16.80 89.52 33.60
N ILE W 390 -15.57 89.05 33.39
CA ILE W 390 -14.49 89.29 34.35
C ILE W 390 -14.03 90.74 34.31
N LYS W 391 -13.84 91.28 33.11
CA LYS W 391 -13.42 92.67 32.94
C LYS W 391 -14.43 93.67 33.49
N ASN W 392 -15.71 93.42 33.25
CA ASN W 392 -16.77 94.31 33.73
C ASN W 392 -17.38 93.84 35.04
N LYS W 393 -16.73 92.88 35.69
CA LYS W 393 -17.16 92.33 36.97
C LYS W 393 -18.66 92.06 37.05
N ILE W 394 -19.20 91.49 35.98
CA ILE W 394 -20.61 91.17 35.90
C ILE W 394 -20.99 90.12 36.94
N GLU W 395 -21.97 90.48 37.77
CA GLU W 395 -22.44 89.58 38.83
C GLU W 395 -23.66 88.79 38.35
N PRO W 396 -23.55 87.45 38.38
CA PRO W 396 -24.66 86.60 37.95
C PRO W 396 -25.74 86.65 39.03
N GLN W 397 -27.00 86.49 38.64
CA GLN W 397 -28.07 86.50 39.63
C GLN W 397 -27.84 85.30 40.56
N ALA W 398 -28.44 85.38 41.75
CA ALA W 398 -28.29 84.33 42.75
C ALA W 398 -28.52 82.91 42.23
N PRO W 399 -27.59 82.00 42.55
CA PRO W 399 -27.67 80.59 42.14
C PRO W 399 -28.91 79.93 42.71
N VAL W 400 -29.38 78.87 42.06
CA VAL W 400 -30.57 78.16 42.50
C VAL W 400 -30.32 76.66 42.61
N ASP W 401 -30.40 76.14 43.83
CA ASP W 401 -30.22 74.71 44.06
C ASP W 401 -31.54 73.97 44.32
N LYS W 402 -32.61 74.74 44.49
CA LYS W 402 -33.96 74.18 44.68
C LYS W 402 -34.31 73.60 43.32
N ASP W 403 -35.04 72.49 43.29
CA ASP W 403 -35.44 71.91 42.00
C ASP W 403 -36.26 72.95 41.24
N LEU W 404 -35.72 73.40 40.12
CA LEU W 404 -36.36 74.42 39.29
C LEU W 404 -37.71 73.99 38.73
N TYR W 405 -37.91 72.68 38.57
CA TYR W 405 -39.16 72.14 38.05
C TYR W 405 -40.33 72.49 38.97
N GLU W 406 -40.25 72.07 40.23
CA GLU W 406 -41.31 72.38 41.19
C GLU W 406 -40.98 73.65 41.97
N LEU W 407 -41.34 74.79 41.38
CA LEU W 407 -41.08 76.09 41.98
C LEU W 407 -42.36 76.91 41.89
N PRO W 408 -42.70 77.67 42.95
CA PRO W 408 -43.93 78.49 42.94
C PRO W 408 -43.96 79.41 41.72
N PRO W 409 -44.95 79.21 40.82
CA PRO W 409 -45.18 79.96 39.58
C PRO W 409 -44.80 81.44 39.54
N GLU W 410 -44.91 82.13 40.66
CA GLU W 410 -44.56 83.55 40.73
C GLU W 410 -43.06 83.72 40.94
N GLU W 411 -42.45 82.77 41.65
CA GLU W 411 -41.02 82.77 41.94
C GLU W 411 -40.25 82.19 40.75
N ALA W 412 -40.95 81.41 39.92
CA ALA W 412 -40.36 80.79 38.73
C ALA W 412 -40.32 81.76 37.55
N ALA W 413 -41.12 82.82 37.64
CA ALA W 413 -41.17 83.83 36.59
C ALA W 413 -39.95 84.75 36.65
N SER W 414 -39.17 84.63 37.72
CA SER W 414 -37.96 85.42 37.89
C SER W 414 -36.73 84.73 37.30
N ILE W 415 -36.95 83.57 36.69
CA ILE W 415 -35.88 82.79 36.07
C ILE W 415 -35.90 83.03 34.56
N PRO W 416 -34.89 83.75 34.02
CA PRO W 416 -34.81 84.04 32.58
C PRO W 416 -34.53 82.77 31.78
N GLN W 417 -35.12 82.70 30.59
CA GLN W 417 -34.94 81.56 29.70
C GLN W 417 -34.08 81.99 28.51
N THR W 418 -33.47 81.00 27.85
CA THR W 418 -32.67 81.26 26.67
C THR W 418 -33.65 81.43 25.51
N PRO W 419 -33.23 82.10 24.42
CA PRO W 419 -34.18 82.25 23.31
C PRO W 419 -34.56 80.86 22.79
N THR W 420 -35.74 80.74 22.20
CA THR W 420 -36.25 79.47 21.71
C THR W 420 -36.19 79.26 20.19
N GLN W 421 -35.52 80.17 19.48
CA GLN W 421 -35.44 80.07 18.03
C GLN W 421 -34.10 80.57 17.54
N LEU W 422 -33.60 79.99 16.46
CA LEU W 422 -32.31 80.40 15.89
C LEU W 422 -32.37 81.84 15.39
N SER W 423 -33.49 82.22 14.78
CA SER W 423 -33.67 83.57 14.26
C SER W 423 -33.54 84.59 15.40
N ASP W 424 -33.94 84.19 16.61
CA ASP W 424 -33.86 85.02 17.78
C ASP W 424 -32.43 85.27 18.18
N VAL W 425 -31.67 84.20 18.42
CA VAL W 425 -30.28 84.32 18.83
C VAL W 425 -29.43 85.03 17.78
N ILE W 426 -29.80 84.88 16.51
CA ILE W 426 -29.09 85.53 15.42
C ILE W 426 -29.37 87.03 15.50
N ASP W 427 -30.62 87.38 15.80
CA ASP W 427 -31.01 88.79 15.95
C ASP W 427 -30.26 89.40 17.13
N ARG W 428 -30.15 88.65 18.22
CA ARG W 428 -29.46 89.09 19.42
C ARG W 428 -27.96 89.26 19.21
N LEU W 429 -27.37 88.40 18.38
CA LEU W 429 -25.94 88.46 18.07
C LEU W 429 -25.67 89.72 17.26
N GLU W 430 -26.56 90.01 16.32
CA GLU W 430 -26.46 91.17 15.46
C GLU W 430 -26.53 92.45 16.28
N ALA W 431 -27.41 92.46 17.29
CA ALA W 431 -27.62 93.61 18.16
C ALA W 431 -26.54 93.82 19.22
N ASP W 432 -25.95 92.73 19.69
CA ASP W 432 -24.92 92.79 20.73
C ASP W 432 -23.80 91.78 20.52
N HIS W 433 -22.69 92.24 19.95
CA HIS W 433 -21.55 91.36 19.70
C HIS W 433 -20.20 92.02 19.98
N GLU W 434 -20.21 93.12 20.72
CA GLU W 434 -18.97 93.83 21.03
C GLU W 434 -18.00 93.02 21.86
N TYR W 435 -18.52 92.18 22.74
CA TYR W 435 -17.67 91.34 23.59
C TYR W 435 -16.87 90.36 22.74
N LEU W 436 -17.41 90.03 21.57
CA LEU W 436 -16.76 89.11 20.64
C LEU W 436 -15.62 89.78 19.90
N THR W 437 -15.81 91.05 19.52
CA THR W 437 -14.81 91.81 18.78
C THR W 437 -13.65 92.36 19.62
N GLU W 438 -13.72 92.18 20.93
CA GLU W 438 -12.67 92.64 21.83
C GLU W 438 -11.34 92.00 21.42
N GLY W 439 -10.28 92.80 21.41
CA GLY W 439 -8.97 92.31 21.05
C GLY W 439 -8.87 91.81 19.62
N GLY W 440 -9.92 92.06 18.84
CA GLY W 440 -9.96 91.62 17.45
C GLY W 440 -10.12 90.12 17.24
N VAL W 441 -10.55 89.40 18.27
CA VAL W 441 -10.74 87.94 18.18
C VAL W 441 -11.76 87.61 17.09
N PHE W 442 -12.92 88.24 17.15
CA PHE W 442 -13.95 88.07 16.13
C PHE W 442 -13.98 89.44 15.43
N THR W 443 -14.32 89.46 14.16
CA THR W 443 -14.43 90.72 13.42
C THR W 443 -15.90 90.93 13.08
N ASN W 444 -16.31 92.19 12.90
CA ASN W 444 -17.68 92.44 12.52
C ASN W 444 -18.02 91.75 11.22
N ASP W 445 -16.97 91.65 10.38
CA ASP W 445 -17.06 91.00 9.09
C ASP W 445 -17.48 89.54 9.24
N LEU W 446 -16.75 88.79 10.07
CA LEU W 446 -17.05 87.38 10.32
C LEU W 446 -18.45 87.21 10.91
N ILE W 447 -18.79 88.06 11.88
CA ILE W 447 -20.08 88.02 12.54
C ILE W 447 -21.23 88.29 11.57
N GLU W 448 -21.05 89.23 10.66
CA GLU W 448 -22.07 89.56 9.66
C GLU W 448 -22.25 88.42 8.66
N THR W 449 -21.13 87.76 8.34
CA THR W 449 -21.11 86.64 7.41
C THR W 449 -21.88 85.47 8.01
N TRP W 450 -21.64 85.21 9.30
CA TRP W 450 -22.28 84.15 10.04
C TRP W 450 -23.79 84.40 10.08
N ILE W 451 -24.17 85.63 10.38
CA ILE W 451 -25.57 86.03 10.45
C ILE W 451 -26.28 85.83 9.10
N SER W 452 -25.61 86.21 8.01
CA SER W 452 -26.16 86.07 6.66
C SER W 452 -26.28 84.60 6.28
N PHE W 453 -25.23 83.84 6.58
CA PHE W 453 -25.18 82.42 6.28
C PHE W 453 -26.37 81.70 6.91
N LYS W 454 -26.59 81.92 8.20
CA LYS W 454 -27.68 81.30 8.93
C LYS W 454 -29.06 81.72 8.42
N ARG W 455 -29.22 83.00 8.13
CA ARG W 455 -30.51 83.50 7.64
C ARG W 455 -30.86 83.00 6.25
N GLU W 456 -29.89 83.03 5.35
CA GLU W 456 -30.10 82.62 3.97
C GLU W 456 -30.06 81.13 3.70
N ASN W 457 -29.16 80.42 4.39
CA ASN W 457 -28.98 78.99 4.19
C ASN W 457 -29.70 78.05 5.13
N GLU W 458 -30.19 78.57 6.26
CA GLU W 458 -30.86 77.73 7.25
C GLU W 458 -32.23 78.21 7.68
N ILE W 459 -32.29 79.40 8.25
CA ILE W 459 -33.54 79.98 8.73
C ILE W 459 -34.63 80.11 7.67
N GLU W 460 -34.29 80.78 6.57
CA GLU W 460 -35.24 81.01 5.48
C GLU W 460 -35.69 79.71 4.80
N PRO W 461 -34.74 78.82 4.41
CA PRO W 461 -35.10 77.55 3.76
C PRO W 461 -36.09 76.69 4.55
N VAL W 462 -35.91 76.60 5.86
CA VAL W 462 -36.81 75.82 6.70
C VAL W 462 -38.15 76.53 6.84
N ASN W 463 -38.08 77.85 7.02
CA ASN W 463 -39.26 78.67 7.21
C ASN W 463 -40.26 78.69 6.04
N ILE W 464 -39.77 78.62 4.80
CA ILE W 464 -40.66 78.66 3.64
C ILE W 464 -41.30 77.31 3.30
N ARG W 465 -40.76 76.24 3.87
CA ARG W 465 -41.25 74.89 3.62
C ARG W 465 -42.29 74.40 4.62
N PRO W 466 -43.50 74.07 4.14
CA PRO W 466 -44.54 73.57 5.04
C PRO W 466 -44.06 72.35 5.82
N HIS W 467 -44.39 72.32 7.11
CA HIS W 467 -44.02 71.22 8.01
C HIS W 467 -45.12 70.15 7.90
N PRO W 468 -44.74 68.86 7.96
CA PRO W 468 -45.71 67.76 7.87
C PRO W 468 -46.87 67.87 8.86
N TYR W 469 -46.56 68.34 10.07
CA TYR W 469 -47.59 68.48 11.10
C TYR W 469 -48.63 69.53 10.77
N GLU W 470 -48.29 70.45 9.86
CA GLU W 470 -49.23 71.48 9.44
C GLU W 470 -50.36 70.86 8.64
N PHE W 471 -50.11 69.71 8.04
CA PHE W 471 -51.13 69.01 7.28
C PHE W 471 -52.09 68.29 8.21
N ALA W 472 -51.56 67.77 9.31
CA ALA W 472 -52.36 67.10 10.31
C ALA W 472 -53.28 68.13 10.94
N LEU W 473 -52.68 69.28 11.22
CA LEU W 473 -53.33 70.39 11.84
C LEU W 473 -54.29 71.20 10.93
N TYR W 474 -53.90 71.48 9.67
CA TYR W 474 -54.69 72.40 8.83
C TYR W 474 -55.23 71.88 7.48
N TYR W 475 -54.99 70.66 7.03
CA TYR W 475 -55.55 70.26 5.74
C TYR W 475 -57.06 70.44 5.70
N ASP W 476 -57.72 70.21 6.83
CA ASP W 476 -59.18 70.30 6.97
C ASP W 476 -59.79 71.65 7.29
N VAL W 477 -58.98 72.70 7.41
CA VAL W 477 -59.51 74.02 7.77
C VAL W 477 -60.71 74.54 6.98
N THR X 1 12.06 62.32 -25.26
CA THR X 1 13.00 63.40 -24.85
C THR X 1 14.33 62.81 -24.36
N GLU X 2 14.27 61.94 -23.35
CA GLU X 2 15.47 61.34 -22.79
C GLU X 2 15.54 59.81 -22.73
N LYS X 3 14.41 59.12 -22.88
CA LYS X 3 14.43 57.66 -22.85
C LYS X 3 14.89 57.03 -24.16
N THR X 4 15.80 56.07 -24.03
CA THR X 4 16.42 55.36 -25.14
C THR X 4 15.69 54.06 -25.46
N PRO X 5 15.76 53.61 -26.73
CA PRO X 5 15.11 52.35 -27.10
C PRO X 5 15.63 51.23 -26.20
N ASP X 6 16.89 51.34 -25.79
CA ASP X 6 17.51 50.35 -24.92
C ASP X 6 16.90 50.37 -23.53
N ASP X 7 16.47 51.56 -23.08
CA ASP X 7 15.84 51.69 -21.77
C ASP X 7 14.52 50.92 -21.80
N VAL X 8 13.82 51.02 -22.92
CA VAL X 8 12.54 50.34 -23.12
C VAL X 8 12.72 48.82 -23.14
N PHE X 9 13.75 48.33 -23.82
CA PHE X 9 14.03 46.90 -23.88
C PHE X 9 14.38 46.36 -22.51
N LYS X 10 15.08 47.16 -21.71
CA LYS X 10 15.47 46.78 -20.36
C LYS X 10 14.23 46.71 -19.49
N LEU X 11 13.33 47.67 -19.65
CA LEU X 11 12.07 47.72 -18.90
C LEU X 11 11.28 46.45 -19.20
N ALA X 12 11.18 46.13 -20.49
CA ALA X 12 10.47 44.94 -20.95
C ALA X 12 11.06 43.65 -20.37
N LYS X 13 12.39 43.54 -20.38
CA LYS X 13 13.06 42.36 -19.86
C LYS X 13 12.89 42.22 -18.35
N ASP X 14 13.16 43.30 -17.62
CA ASP X 14 13.05 43.32 -16.17
C ASP X 14 11.63 43.02 -15.67
N GLU X 15 10.63 43.56 -16.36
CA GLU X 15 9.24 43.35 -15.99
C GLU X 15 8.65 42.04 -16.49
N LYS X 16 9.44 41.28 -17.27
CA LYS X 16 9.01 40.01 -17.83
C LYS X 16 7.72 40.18 -18.64
N VAL X 17 7.71 41.24 -19.44
CA VAL X 17 6.59 41.61 -20.29
C VAL X 17 6.33 40.53 -21.33
N GLU X 18 5.06 40.15 -21.51
CA GLU X 18 4.73 39.14 -22.50
C GLU X 18 4.07 39.71 -23.75
N TYR X 19 3.48 40.90 -23.63
CA TYR X 19 2.83 41.55 -24.77
C TYR X 19 3.19 43.02 -24.84
N VAL X 20 3.17 43.58 -26.04
CA VAL X 20 3.43 45.00 -26.24
C VAL X 20 2.20 45.57 -26.92
N ASP X 21 1.62 46.61 -26.31
CA ASP X 21 0.43 47.24 -26.86
C ASP X 21 0.81 48.44 -27.71
N VAL X 22 0.51 48.36 -29.00
CA VAL X 22 0.82 49.40 -29.96
C VAL X 22 -0.33 50.41 -29.99
N ARG X 23 -0.07 51.61 -29.48
CA ARG X 23 -1.08 52.66 -29.41
C ARG X 23 -0.82 53.86 -30.30
N PHE X 24 -1.90 54.42 -30.83
CA PHE X 24 -1.85 55.59 -31.67
C PHE X 24 -3.17 56.33 -31.48
N CYS X 25 -3.15 57.63 -31.68
CA CYS X 25 -4.34 58.43 -31.45
C CYS X 25 -5.21 58.68 -32.67
N ASP X 26 -6.52 58.58 -32.50
CA ASP X 26 -7.43 58.84 -33.59
C ASP X 26 -7.74 60.35 -33.65
N LEU X 27 -8.48 60.78 -34.65
CA LEU X 27 -8.81 62.19 -34.81
C LEU X 27 -9.50 62.84 -33.60
N PRO X 28 -10.72 62.38 -33.24
CA PRO X 28 -11.40 63.00 -32.10
C PRO X 28 -10.66 62.98 -30.75
N GLY X 29 -9.79 62.01 -30.53
CA GLY X 29 -9.03 61.99 -29.28
C GLY X 29 -8.93 60.70 -28.48
N ILE X 30 -9.44 59.60 -29.01
CA ILE X 30 -9.40 58.32 -28.33
C ILE X 30 -8.25 57.44 -28.83
N MET X 31 -7.46 56.91 -27.90
CA MET X 31 -6.34 56.05 -28.25
C MET X 31 -6.81 54.71 -28.81
N GLN X 32 -6.16 54.28 -29.89
CA GLN X 32 -6.46 53.02 -30.55
C GLN X 32 -5.30 52.06 -30.29
N HIS X 33 -5.51 50.77 -30.52
CA HIS X 33 -4.43 49.81 -30.29
C HIS X 33 -4.63 48.43 -30.90
N PHE X 34 -3.52 47.70 -30.91
CA PHE X 34 -3.46 46.32 -31.35
C PHE X 34 -2.25 45.77 -30.58
N THR X 35 -2.22 44.47 -30.36
CA THR X 35 -1.17 43.87 -29.56
C THR X 35 -0.29 42.89 -30.30
N ILE X 36 1.00 42.88 -29.97
CA ILE X 36 1.97 41.98 -30.56
C ILE X 36 2.71 41.29 -29.41
N PRO X 37 3.22 40.07 -29.64
CA PRO X 37 3.94 39.37 -28.57
C PRO X 37 5.25 40.13 -28.29
N ALA X 38 5.72 40.07 -27.05
CA ALA X 38 6.95 40.76 -26.67
C ALA X 38 8.14 40.26 -27.49
N SER X 39 8.12 38.98 -27.84
CA SER X 39 9.18 38.37 -28.64
C SER X 39 9.38 39.05 -29.99
N ALA X 40 8.33 39.70 -30.49
CA ALA X 40 8.39 40.41 -31.78
C ALA X 40 8.79 41.87 -31.60
N PHE X 41 9.04 42.26 -30.36
CA PHE X 41 9.43 43.63 -30.05
C PHE X 41 10.95 43.72 -29.94
N ASP X 42 11.59 44.20 -31.01
CA ASP X 42 13.04 44.32 -31.06
C ASP X 42 13.45 45.65 -31.70
N LYS X 43 14.74 45.76 -32.02
CA LYS X 43 15.30 46.97 -32.63
C LYS X 43 14.65 47.36 -33.95
N SER X 44 14.20 46.36 -34.71
CA SER X 44 13.58 46.60 -36.01
C SER X 44 12.27 47.39 -35.89
N VAL X 45 11.65 47.35 -34.72
CA VAL X 45 10.41 48.08 -34.48
C VAL X 45 10.71 49.58 -34.45
N PHE X 46 11.84 49.93 -33.85
CA PHE X 46 12.27 51.33 -33.75
C PHE X 46 12.88 51.84 -35.05
N ASP X 47 13.58 50.96 -35.76
CA ASP X 47 14.23 51.32 -37.02
C ASP X 47 13.30 51.32 -38.23
N ASP X 48 12.60 50.20 -38.43
CA ASP X 48 11.70 50.05 -39.57
C ASP X 48 10.24 50.36 -39.28
N GLY X 49 9.82 50.18 -38.03
CA GLY X 49 8.44 50.44 -37.66
C GLY X 49 7.54 49.23 -37.87
N LEU X 50 6.25 49.42 -37.64
CA LEU X 50 5.26 48.36 -37.78
C LEU X 50 4.23 48.72 -38.82
N ALA X 51 3.84 47.75 -39.63
CA ALA X 51 2.84 47.99 -40.65
C ALA X 51 1.45 47.69 -40.13
N PHE X 52 0.46 48.47 -40.58
CA PHE X 52 -0.95 48.32 -40.20
C PHE X 52 -1.82 49.05 -41.27
N ASP X 53 -3.11 48.69 -41.30
CA ASP X 53 -4.12 49.13 -42.30
C ASP X 53 -4.93 50.36 -41.96
N GLY X 54 -5.24 51.31 -42.85
CA GLY X 54 -6.16 52.32 -42.38
C GLY X 54 -7.41 51.56 -41.98
N SER X 55 -7.66 51.37 -40.69
CA SER X 55 -8.85 50.60 -40.28
C SER X 55 -9.94 51.50 -39.71
N SER X 56 -11.18 51.02 -39.61
CA SER X 56 -12.26 51.88 -39.17
C SER X 56 -12.36 52.93 -40.28
N ILE X 57 -13.01 54.10 -40.14
CA ILE X 57 -13.18 54.83 -41.38
C ILE X 57 -12.90 56.36 -41.42
N ARG X 58 -13.11 57.16 -40.39
CA ARG X 58 -12.99 58.61 -40.61
C ARG X 58 -11.81 59.32 -39.99
N GLY X 59 -11.14 60.18 -40.77
CA GLY X 59 -9.98 60.95 -40.32
C GLY X 59 -8.72 60.44 -41.02
N PHE X 60 -8.37 59.17 -40.76
CA PHE X 60 -7.16 58.48 -41.26
C PHE X 60 -7.20 58.02 -42.74
N GLN X 61 -6.19 57.25 -43.19
CA GLN X 61 -5.94 56.72 -44.54
C GLN X 61 -6.98 55.70 -45.08
N SER X 62 -7.86 56.18 -45.97
CA SER X 62 -8.93 55.39 -46.60
C SER X 62 -8.36 54.36 -47.59
N ILE X 63 -9.15 53.88 -48.59
CA ILE X 63 -8.63 52.87 -49.54
C ILE X 63 -8.16 53.51 -50.84
N HIS X 64 -7.33 54.57 -50.70
CA HIS X 64 -6.69 55.30 -51.83
C HIS X 64 -5.34 55.76 -51.27
N GLU X 65 -5.25 55.49 -49.94
CA GLU X 65 -4.12 55.79 -49.05
C GLU X 65 -3.87 54.73 -47.96
N SER X 66 -4.70 53.68 -47.96
CA SER X 66 -4.73 52.50 -47.05
C SER X 66 -3.61 52.34 -46.01
N ASP X 67 -2.52 51.67 -46.37
CA ASP X 67 -1.47 51.23 -45.44
C ASP X 67 -0.68 52.31 -44.75
N MET X 68 -0.40 52.10 -43.44
CA MET X 68 0.37 53.02 -42.63
C MET X 68 1.55 52.32 -41.94
N LEU X 69 2.54 53.11 -41.54
CA LEU X 69 3.72 52.61 -40.84
C LEU X 69 3.75 53.29 -39.47
N LEU X 70 3.95 52.51 -38.41
CA LEU X 70 3.98 53.05 -37.05
C LEU X 70 5.37 53.06 -36.43
N LEU X 71 5.84 54.23 -36.02
CA LEU X 71 7.15 54.37 -35.38
C LEU X 71 6.94 54.72 -33.91
N PRO X 72 7.57 53.97 -33.00
CA PRO X 72 7.46 54.18 -31.55
C PRO X 72 8.13 55.39 -30.93
N ASP X 73 7.55 55.86 -29.83
CA ASP X 73 8.08 56.98 -29.07
C ASP X 73 8.47 56.35 -27.72
N PRO X 74 9.76 56.11 -27.51
CA PRO X 74 10.30 55.50 -26.29
C PRO X 74 9.93 56.19 -24.97
N GLU X 75 9.63 57.48 -25.03
CA GLU X 75 9.26 58.22 -23.83
C GLU X 75 7.87 57.87 -23.30
N THR X 76 7.05 57.28 -24.15
CA THR X 76 5.68 56.91 -23.78
C THR X 76 5.52 55.47 -23.26
N ALA X 77 6.62 54.74 -23.21
CA ALA X 77 6.60 53.35 -22.75
C ALA X 77 6.27 53.23 -21.27
N ARG X 78 5.19 52.51 -20.98
CA ARG X 78 4.72 52.30 -19.61
C ARG X 78 4.16 50.90 -19.44
N ILE X 79 4.33 50.33 -18.25
CA ILE X 79 3.78 49.01 -17.94
C ILE X 79 2.30 49.22 -17.62
N ASP X 80 1.43 48.44 -18.24
CA ASP X 80 -0.01 48.54 -18.01
C ASP X 80 -0.33 47.90 -16.65
N PRO X 81 -0.92 48.66 -15.72
CA PRO X 81 -1.25 48.13 -14.39
C PRO X 81 -2.59 47.38 -14.30
N PHE X 82 -3.31 47.34 -15.41
CA PHE X 82 -4.62 46.69 -15.45
C PHE X 82 -4.65 45.34 -16.15
N ARG X 83 -3.92 45.21 -17.26
CA ARG X 83 -3.89 43.97 -18.02
C ARG X 83 -3.30 42.80 -17.25
N ALA X 84 -4.03 41.69 -17.21
CA ALA X 84 -3.60 40.48 -16.51
C ALA X 84 -2.27 39.96 -17.05
N ALA X 85 -2.16 39.84 -18.36
CA ALA X 85 -0.92 39.41 -18.99
C ALA X 85 -0.01 40.63 -18.98
N LYS X 86 1.20 40.49 -18.41
CA LYS X 86 2.14 41.62 -18.32
C LYS X 86 2.35 42.28 -19.68
N THR X 87 1.90 43.53 -19.79
CA THR X 87 1.96 44.28 -21.03
C THR X 87 2.67 45.64 -20.93
N LEU X 88 3.38 45.99 -22.01
CA LEU X 88 4.08 47.26 -22.11
C LEU X 88 3.35 48.10 -23.16
N ASN X 89 2.87 49.26 -22.75
CA ASN X 89 2.17 50.17 -23.66
C ASN X 89 3.15 51.20 -24.22
N ILE X 90 3.06 51.46 -25.52
CA ILE X 90 3.91 52.45 -26.17
C ILE X 90 3.10 53.17 -27.23
N ASN X 91 3.26 54.48 -27.31
CA ASN X 91 2.55 55.29 -28.31
C ASN X 91 3.42 55.40 -29.55
N PHE X 92 2.77 55.48 -30.71
CA PHE X 92 3.46 55.55 -31.98
C PHE X 92 3.05 56.75 -32.82
N PHE X 93 3.88 57.04 -33.83
CA PHE X 93 3.61 58.11 -34.78
C PHE X 93 3.26 57.39 -36.07
N VAL X 94 2.30 57.91 -36.82
CA VAL X 94 1.89 57.31 -38.07
C VAL X 94 2.68 57.94 -39.22
N HIS X 95 3.35 57.09 -40.00
CA HIS X 95 4.14 57.54 -41.14
C HIS X 95 3.63 56.91 -42.43
N ASP X 96 4.03 57.48 -43.55
CA ASP X 96 3.68 56.96 -44.86
C ASP X 96 4.72 55.86 -45.08
N PRO X 97 4.29 54.64 -45.43
CA PRO X 97 5.19 53.50 -45.67
C PRO X 97 6.35 53.81 -46.61
N PHE X 98 5.99 54.32 -47.79
CA PHE X 98 6.94 54.66 -48.85
C PHE X 98 7.93 55.76 -48.50
N THR X 99 7.43 56.98 -48.32
CA THR X 99 8.27 58.14 -48.02
C THR X 99 8.76 58.28 -46.58
N LEU X 100 8.19 57.51 -45.67
CA LEU X 100 8.54 57.56 -44.24
C LEU X 100 8.17 58.95 -43.71
N GLU X 101 7.27 59.61 -44.45
CA GLU X 101 6.81 60.95 -44.15
C GLU X 101 5.71 60.92 -43.10
N PRO X 102 5.86 61.74 -42.03
CA PRO X 102 4.84 61.78 -40.98
C PRO X 102 3.46 62.09 -41.55
N TYR X 103 2.49 61.23 -41.24
CA TYR X 103 1.12 61.42 -41.71
C TYR X 103 0.57 62.71 -41.13
N SER X 104 0.08 63.59 -41.99
CA SER X 104 -0.44 64.89 -41.59
C SER X 104 -1.70 64.91 -40.74
N ARG X 105 -2.41 63.78 -40.65
CA ARG X 105 -3.64 63.72 -39.86
C ARG X 105 -3.49 62.98 -38.54
N ASP X 106 -2.26 62.58 -38.21
CA ASP X 106 -1.96 61.90 -36.96
C ASP X 106 -1.74 63.00 -35.91
N PRO X 107 -2.63 63.07 -34.90
CA PRO X 107 -2.53 64.06 -33.84
C PRO X 107 -1.17 64.15 -33.18
N ARG X 108 -0.49 63.03 -33.00
CA ARG X 108 0.81 63.05 -32.37
C ARG X 108 1.87 63.71 -33.24
N ASN X 109 1.68 63.66 -34.57
CA ASN X 109 2.61 64.29 -35.50
C ASN X 109 2.42 65.80 -35.46
N ILE X 110 1.18 66.23 -35.29
CA ILE X 110 0.84 67.65 -35.21
C ILE X 110 1.54 68.27 -34.01
N ALA X 111 1.50 67.58 -32.87
CA ALA X 111 2.13 68.06 -31.66
C ALA X 111 3.65 68.13 -31.82
N ARG X 112 4.22 67.15 -32.52
CA ARG X 112 5.66 67.13 -32.76
C ARG X 112 6.03 68.28 -33.71
N LYS X 113 5.22 68.49 -34.75
CA LYS X 113 5.45 69.57 -35.70
C LYS X 113 5.37 70.92 -34.99
N ALA X 114 4.47 71.03 -34.01
CA ALA X 114 4.29 72.26 -33.25
C ALA X 114 5.54 72.58 -32.43
N GLU X 115 6.15 71.55 -31.86
CA GLU X 115 7.37 71.73 -31.07
C GLU X 115 8.55 72.13 -31.96
N ASN X 116 8.62 71.53 -33.14
CA ASN X 116 9.69 71.81 -34.10
C ASN X 116 9.55 73.22 -34.67
N TYR X 117 8.31 73.65 -34.88
CA TYR X 117 8.04 74.98 -35.39
C TYR X 117 8.47 76.04 -34.38
N LEU X 118 8.21 75.77 -33.10
CA LEU X 118 8.57 76.67 -32.00
C LEU X 118 10.07 76.95 -32.08
N ILE X 119 10.85 75.88 -32.22
CA ILE X 119 12.29 75.98 -32.31
C ILE X 119 12.73 76.78 -33.55
N SER X 120 12.05 76.54 -34.66
CA SER X 120 12.37 77.22 -35.91
C SER X 120 12.11 78.73 -35.89
N THR X 121 11.18 79.19 -35.04
CA THR X 121 10.88 80.62 -34.95
C THR X 121 11.94 81.36 -34.14
N GLY X 122 12.73 80.61 -33.37
CA GLY X 122 13.75 81.23 -32.55
C GLY X 122 13.20 81.84 -31.27
N ILE X 123 11.87 81.93 -31.18
CA ILE X 123 11.18 82.51 -30.02
C ILE X 123 11.53 81.76 -28.73
N ALA X 124 11.56 80.43 -28.81
CA ALA X 124 11.89 79.59 -27.67
C ALA X 124 12.19 78.18 -28.19
N ASP X 125 12.66 77.31 -27.31
CA ASP X 125 12.94 75.94 -27.74
C ASP X 125 12.10 74.89 -27.01
N THR X 126 11.30 75.34 -26.03
CA THR X 126 10.45 74.44 -25.26
C THR X 126 9.15 75.10 -24.78
N ALA X 127 8.03 74.40 -24.97
CA ALA X 127 6.72 74.88 -24.52
C ALA X 127 6.22 73.89 -23.48
N TYR X 128 6.15 74.33 -22.23
CA TYR X 128 5.68 73.47 -21.15
C TYR X 128 4.19 73.59 -20.92
N PHE X 129 3.52 72.44 -20.84
CA PHE X 129 2.09 72.40 -20.59
C PHE X 129 1.74 71.62 -19.34
N GLY X 130 0.94 72.24 -18.48
CA GLY X 130 0.47 71.62 -17.26
C GLY X 130 -1.04 71.61 -17.37
N ALA X 131 -1.63 70.43 -17.39
CA ALA X 131 -3.07 70.32 -17.53
C ALA X 131 -3.75 69.64 -16.36
N GLU X 132 -4.88 70.20 -15.96
CA GLU X 132 -5.63 69.67 -14.84
C GLU X 132 -7.05 69.35 -15.24
N ALA X 133 -7.27 68.05 -15.43
CA ALA X 133 -8.54 67.54 -15.87
C ALA X 133 -9.36 66.94 -14.75
N GLU X 134 -10.54 67.52 -14.58
CA GLU X 134 -11.52 67.08 -13.59
C GLU X 134 -12.34 65.96 -14.24
N PHE X 135 -12.89 65.10 -13.42
CA PHE X 135 -13.73 64.00 -13.92
C PHE X 135 -14.75 63.61 -12.86
N TYR X 136 -15.77 62.86 -13.28
CA TYR X 136 -16.82 62.38 -12.39
C TYR X 136 -16.78 60.86 -12.28
N ILE X 137 -17.01 60.37 -11.08
CA ILE X 137 -17.04 58.95 -10.79
C ILE X 137 -18.51 58.57 -10.57
N PHE X 138 -19.04 57.70 -11.43
CA PHE X 138 -20.43 57.25 -11.32
C PHE X 138 -20.48 55.75 -11.08
N ASP X 139 -21.68 55.27 -10.77
CA ASP X 139 -21.91 53.84 -10.55
C ASP X 139 -22.54 53.24 -11.79
N SER X 140 -23.28 54.07 -12.53
CA SER X 140 -23.95 53.61 -13.73
C SER X 140 -24.29 54.73 -14.70
N VAL X 141 -24.51 54.34 -15.94
CA VAL X 141 -24.88 55.24 -17.01
C VAL X 141 -25.64 54.47 -18.07
N SER X 142 -26.79 54.99 -18.48
CA SER X 142 -27.59 54.37 -19.53
C SER X 142 -28.25 55.49 -20.33
N PHE X 143 -28.53 55.21 -21.60
CA PHE X 143 -29.15 56.19 -22.49
C PHE X 143 -29.54 55.53 -23.81
N ASP X 144 -30.41 56.20 -24.55
CA ASP X 144 -30.79 55.75 -25.88
C ASP X 144 -31.53 56.84 -26.63
N SER X 145 -31.68 56.64 -27.93
CA SER X 145 -32.35 57.58 -28.80
C SER X 145 -33.20 56.77 -29.74
N ARG X 146 -34.51 56.91 -29.62
CA ARG X 146 -35.45 56.18 -30.46
C ARG X 146 -36.37 57.13 -31.18
N ALA X 147 -37.24 56.59 -32.02
CA ALA X 147 -38.18 57.41 -32.78
C ALA X 147 -39.18 58.15 -31.91
N ASN X 148 -39.68 57.47 -30.89
CA ASN X 148 -40.70 58.03 -30.01
C ASN X 148 -40.23 58.44 -28.62
N GLY X 149 -38.93 58.38 -28.38
CA GLY X 149 -38.44 58.75 -27.07
C GLY X 149 -36.95 58.71 -26.98
N SER X 150 -36.42 59.28 -25.91
CA SER X 150 -34.98 59.32 -25.68
C SER X 150 -34.77 59.61 -24.21
N PHE X 151 -33.64 59.16 -23.67
CA PHE X 151 -33.32 59.39 -22.28
C PHE X 151 -31.84 59.20 -22.00
N TYR X 152 -31.43 59.63 -20.81
CA TYR X 152 -30.08 59.41 -20.32
C TYR X 152 -30.23 59.41 -18.81
N GLU X 153 -29.32 58.71 -18.14
CA GLU X 153 -29.35 58.65 -16.71
C GLU X 153 -28.01 58.21 -16.18
N VAL X 154 -27.38 59.09 -15.39
CA VAL X 154 -26.13 58.76 -14.74
C VAL X 154 -26.50 58.64 -13.27
N ASP X 155 -25.84 57.76 -12.54
CA ASP X 155 -26.17 57.61 -11.14
C ASP X 155 -24.99 57.21 -10.30
N ALA X 156 -25.07 57.55 -9.03
CA ALA X 156 -24.04 57.25 -8.05
C ALA X 156 -24.77 57.05 -6.74
N ILE X 157 -24.39 55.99 -6.04
CA ILE X 157 -24.99 55.63 -4.75
C ILE X 157 -25.04 56.84 -3.83
N SER X 158 -23.93 57.56 -3.75
CA SER X 158 -23.81 58.74 -2.90
C SER X 158 -24.20 60.07 -3.54
N GLY X 159 -24.90 60.01 -4.66
CA GLY X 159 -25.33 61.24 -5.33
C GLY X 159 -26.31 62.01 -4.48
N TRP X 160 -26.13 63.33 -4.41
CA TRP X 160 -26.98 64.19 -3.60
C TRP X 160 -28.47 64.18 -3.96
N TRP X 161 -28.79 63.65 -5.14
CA TRP X 161 -30.18 63.57 -5.60
C TRP X 161 -30.85 62.28 -5.07
N ASN X 162 -30.08 61.48 -4.33
CA ASN X 162 -30.56 60.22 -3.78
C ASN X 162 -30.78 60.20 -2.26
N THR X 163 -30.91 61.37 -1.63
CA THR X 163 -31.11 61.43 -0.18
C THR X 163 -32.39 60.74 0.26
N GLY X 164 -33.40 60.71 -0.61
CA GLY X 164 -34.67 60.09 -0.29
C GLY X 164 -34.81 58.61 -0.59
N ALA X 165 -33.76 57.97 -1.11
CA ALA X 165 -33.82 56.55 -1.44
C ALA X 165 -34.12 55.71 -0.21
N ALA X 166 -35.18 54.89 -0.31
CA ALA X 166 -35.60 54.03 0.77
C ALA X 166 -34.51 53.02 1.10
N THR X 167 -33.88 52.48 0.06
CA THR X 167 -32.77 51.53 0.17
C THR X 167 -31.87 51.77 -1.02
N GLU X 168 -30.62 51.29 -0.94
CA GLU X 168 -29.68 51.46 -2.03
C GLU X 168 -30.04 50.57 -3.20
N ALA X 169 -29.32 50.73 -4.31
CA ALA X 169 -29.53 49.93 -5.51
C ALA X 169 -29.47 48.44 -5.18
N ASP X 170 -28.46 48.06 -4.40
CA ASP X 170 -28.26 46.67 -4.01
C ASP X 170 -29.11 46.17 -2.84
N GLY X 171 -30.16 46.93 -2.50
CA GLY X 171 -31.04 46.53 -1.41
C GLY X 171 -30.58 46.92 -0.01
N SER X 172 -29.31 47.29 0.14
CA SER X 172 -28.75 47.69 1.43
C SER X 172 -29.36 49.02 1.90
N PRO X 173 -29.28 49.31 3.21
CA PRO X 173 -29.86 50.57 3.70
C PRO X 173 -29.15 51.86 3.29
N ASN X 174 -29.94 52.93 3.19
CA ASN X 174 -29.45 54.25 2.86
C ASN X 174 -28.80 54.79 4.14
N ARG X 175 -27.49 55.00 4.11
CA ARG X 175 -26.78 55.49 5.27
C ARG X 175 -26.50 56.99 5.29
N GLY X 176 -27.04 57.70 4.32
CA GLY X 176 -26.87 59.14 4.25
C GLY X 176 -25.51 59.65 3.82
N TYR X 177 -25.18 60.86 4.26
CA TYR X 177 -23.93 61.52 3.92
C TYR X 177 -23.82 61.78 2.40
N LYS X 178 -24.96 61.97 1.76
CA LYS X 178 -25.05 62.24 0.32
C LYS X 178 -25.18 63.75 0.06
N VAL X 179 -25.86 64.45 0.97
CA VAL X 179 -26.08 65.89 0.84
C VAL X 179 -24.84 66.72 0.63
N ARG X 180 -25.00 67.71 -0.23
CA ARG X 180 -23.95 68.62 -0.62
C ARG X 180 -24.20 69.92 0.16
N HIS X 181 -23.47 70.09 1.26
CA HIS X 181 -23.62 71.26 2.14
C HIS X 181 -22.97 72.56 1.71
N LYS X 182 -23.54 73.65 2.21
CA LYS X 182 -23.06 74.99 1.96
C LYS X 182 -21.86 75.21 2.89
N GLY X 183 -20.87 75.98 2.45
CA GLY X 183 -19.72 76.24 3.30
C GLY X 183 -18.39 75.69 2.79
N GLY X 184 -18.41 74.44 2.34
CA GLY X 184 -17.20 73.82 1.85
C GLY X 184 -17.54 72.59 1.03
N TYR X 185 -16.91 72.48 -0.15
CA TYR X 185 -17.20 71.35 -1.01
C TYR X 185 -16.12 70.25 -1.08
N PHE X 186 -15.21 70.25 -0.11
CA PHE X 186 -14.17 69.22 -0.02
C PHE X 186 -14.20 68.58 1.38
N PRO X 187 -15.41 68.22 1.89
CA PRO X 187 -15.46 67.61 3.22
C PRO X 187 -14.75 66.28 3.36
N VAL X 188 -14.32 65.98 4.58
CA VAL X 188 -13.64 64.73 4.87
C VAL X 188 -14.69 63.60 4.95
N ALA X 189 -14.21 62.36 5.05
CA ALA X 189 -15.11 61.21 5.17
C ALA X 189 -15.90 61.34 6.47
N PRO X 190 -17.11 60.74 6.53
CA PRO X 190 -17.75 59.97 5.47
C PRO X 190 -18.50 60.74 4.38
N ASN X 191 -18.47 62.07 4.41
CA ASN X 191 -19.12 62.85 3.36
C ASN X 191 -18.40 62.57 2.05
N ASP X 192 -17.08 62.40 2.15
CA ASP X 192 -16.22 62.07 1.03
C ASP X 192 -16.29 60.56 0.93
N GLN X 193 -17.00 60.06 -0.07
CA GLN X 193 -17.18 58.62 -0.23
C GLN X 193 -16.28 57.96 -1.25
N TYR X 194 -15.28 58.67 -1.74
CA TYR X 194 -14.37 58.12 -2.74
C TYR X 194 -12.91 58.19 -2.38
N VAL X 195 -12.63 58.32 -1.09
CA VAL X 195 -11.26 58.43 -0.61
C VAL X 195 -10.34 57.29 -1.07
N ASP X 196 -10.74 56.05 -0.81
CA ASP X 196 -9.91 54.91 -1.19
C ASP X 196 -9.72 54.74 -2.70
N LEU X 197 -10.77 55.03 -3.48
CA LEU X 197 -10.71 54.93 -4.93
C LEU X 197 -9.73 55.95 -5.49
N ARG X 198 -9.85 57.20 -5.05
CA ARG X 198 -8.95 58.25 -5.52
C ARG X 198 -7.50 57.94 -5.16
N ASP X 199 -7.30 57.33 -3.99
CA ASP X 199 -5.96 56.96 -3.57
C ASP X 199 -5.40 55.89 -4.50
N LYS X 200 -6.27 54.98 -4.95
CA LYS X 200 -5.85 53.93 -5.87
C LYS X 200 -5.44 54.55 -7.19
N MET X 201 -6.22 55.55 -7.62
CA MET X 201 -5.94 56.25 -8.86
C MET X 201 -4.60 56.96 -8.75
N LEU X 202 -4.38 57.66 -7.64
CA LEU X 202 -3.14 58.37 -7.38
C LEU X 202 -1.94 57.41 -7.32
N THR X 203 -2.13 56.28 -6.63
CA THR X 203 -1.08 55.28 -6.51
C THR X 203 -0.70 54.75 -7.90
N ASN X 204 -1.71 54.50 -8.74
CA ASN X 204 -1.48 54.00 -10.10
C ASN X 204 -0.76 55.04 -10.95
N LEU X 205 -1.11 56.32 -10.79
CA LEU X 205 -0.46 57.38 -11.54
C LEU X 205 1.02 57.47 -11.16
N ILE X 206 1.28 57.45 -9.86
CA ILE X 206 2.65 57.51 -9.36
C ILE X 206 3.48 56.32 -9.84
N ASN X 207 2.88 55.13 -9.83
CA ASN X 207 3.57 53.93 -10.30
C ASN X 207 3.76 53.96 -11.80
N SER X 208 3.02 54.83 -12.49
CA SER X 208 3.11 54.96 -13.94
C SER X 208 3.97 56.15 -14.37
N GLY X 209 4.81 56.63 -13.47
CA GLY X 209 5.71 57.73 -13.80
C GLY X 209 5.27 59.17 -13.63
N PHE X 210 4.07 59.40 -13.12
CA PHE X 210 3.61 60.76 -12.92
C PHE X 210 4.33 61.36 -11.73
N ILE X 211 4.75 62.62 -11.87
CA ILE X 211 5.47 63.32 -10.81
C ILE X 211 4.55 64.27 -10.05
N LEU X 212 4.45 64.05 -8.75
CA LEU X 212 3.62 64.84 -7.86
C LEU X 212 4.56 65.52 -6.87
N GLU X 213 4.63 66.84 -6.88
CA GLU X 213 5.49 67.55 -5.94
C GLU X 213 4.72 68.66 -5.23
N LYS X 214 5.29 69.85 -5.34
CA LYS X 214 4.85 71.13 -4.79
C LYS X 214 3.33 71.27 -4.68
N GLY X 215 2.69 71.91 -5.65
CA GLY X 215 1.25 72.12 -5.58
C GLY X 215 0.44 71.10 -6.35
N HIS X 216 0.86 69.83 -6.26
CA HIS X 216 0.17 68.75 -6.93
C HIS X 216 -0.66 68.03 -5.88
N HIS X 217 -1.98 68.11 -6.04
CA HIS X 217 -2.92 67.54 -5.09
C HIS X 217 -3.86 66.51 -5.68
N GLU X 218 -4.46 65.79 -4.76
CA GLU X 218 -5.51 64.85 -5.07
C GLU X 218 -6.73 65.46 -4.37
N VAL X 219 -7.78 65.82 -5.11
CA VAL X 219 -8.92 66.45 -4.49
C VAL X 219 -10.25 65.87 -4.98
N GLY X 220 -11.25 65.89 -4.12
CA GLY X 220 -12.55 65.36 -4.47
C GLY X 220 -13.71 66.15 -3.88
N SER X 221 -14.78 66.25 -4.64
CA SER X 221 -15.98 66.97 -4.22
C SER X 221 -17.16 66.15 -4.74
N GLY X 222 -17.82 65.44 -3.84
CA GLY X 222 -18.92 64.59 -4.24
C GLY X 222 -18.32 63.51 -5.12
N GLY X 223 -18.90 63.32 -6.30
CA GLY X 223 -18.38 62.32 -7.21
C GLY X 223 -17.30 62.89 -8.13
N GLN X 224 -17.10 64.20 -8.08
CA GLN X 224 -16.08 64.84 -8.91
C GLN X 224 -14.70 64.76 -8.27
N ALA X 225 -13.68 64.65 -9.11
CA ALA X 225 -12.31 64.56 -8.62
C ALA X 225 -11.30 65.12 -9.59
N GLU X 226 -10.08 65.29 -9.12
CA GLU X 226 -8.99 65.79 -9.92
C GLU X 226 -7.68 65.47 -9.22
N ILE X 227 -6.71 65.00 -9.99
CA ILE X 227 -5.39 64.71 -9.47
C ILE X 227 -4.44 65.38 -10.45
N ASN X 228 -3.80 66.46 -10.01
CA ASN X 228 -2.88 67.17 -10.88
C ASN X 228 -1.46 66.68 -10.68
N TYR X 229 -0.66 66.82 -11.73
CA TYR X 229 0.72 66.35 -11.72
C TYR X 229 1.62 67.34 -12.44
N GLN X 230 2.92 67.07 -12.41
CA GLN X 230 3.89 67.95 -13.03
C GLN X 230 3.78 68.05 -14.54
N PHE X 231 3.95 69.28 -15.03
CA PHE X 231 3.92 69.63 -16.45
C PHE X 231 4.95 68.84 -17.26
N ASN X 232 4.91 69.05 -18.57
CA ASN X 232 5.85 68.39 -19.47
C ASN X 232 5.87 69.18 -20.77
N SER X 233 6.82 68.87 -21.64
CA SER X 233 6.89 69.56 -22.94
C SER X 233 5.62 69.18 -23.71
N LEU X 234 5.13 70.10 -24.53
CA LEU X 234 3.90 69.92 -25.30
C LEU X 234 3.46 68.50 -25.68
N LEU X 235 4.19 67.84 -26.57
CA LEU X 235 3.84 66.49 -27.00
C LEU X 235 3.67 65.50 -25.86
N HIS X 236 4.69 65.41 -25.02
CA HIS X 236 4.65 64.49 -23.89
C HIS X 236 3.62 64.83 -22.83
N ALA X 237 3.22 66.09 -22.77
CA ALA X 237 2.19 66.53 -21.83
C ALA X 237 0.86 65.95 -22.33
N ALA X 238 0.70 65.97 -23.66
CA ALA X 238 -0.50 65.44 -24.29
C ALA X 238 -0.55 63.92 -24.13
N ASP X 239 0.61 63.27 -24.19
CA ASP X 239 0.69 61.82 -24.00
C ASP X 239 0.33 61.51 -22.55
N ASP X 240 0.78 62.37 -21.64
CA ASP X 240 0.51 62.23 -20.20
C ASP X 240 -0.99 62.34 -19.91
N MET X 241 -1.66 63.24 -20.63
CA MET X 241 -3.09 63.43 -20.46
C MET X 241 -3.87 62.19 -20.87
N GLN X 242 -3.47 61.59 -21.99
CA GLN X 242 -4.11 60.37 -22.47
C GLN X 242 -3.88 59.23 -21.47
N LEU X 243 -2.67 59.17 -20.91
CA LEU X 243 -2.29 58.16 -19.93
C LEU X 243 -3.12 58.35 -18.66
N TYR X 244 -3.24 59.60 -18.23
CA TYR X 244 -4.00 59.98 -17.04
C TYR X 244 -5.45 59.50 -17.18
N LYS X 245 -6.09 59.84 -18.30
CA LYS X 245 -7.46 59.42 -18.55
C LYS X 245 -7.59 57.91 -18.54
N TYR X 246 -6.61 57.23 -19.15
CA TYR X 246 -6.60 55.78 -19.21
C TYR X 246 -6.53 55.18 -17.80
N ILE X 247 -5.63 55.71 -16.98
CA ILE X 247 -5.44 55.24 -15.62
C ILE X 247 -6.65 55.54 -14.72
N ILE X 248 -7.22 56.73 -14.88
CA ILE X 248 -8.38 57.11 -14.09
C ILE X 248 -9.58 56.23 -14.44
N LYS X 249 -9.86 56.12 -15.74
CA LYS X 249 -10.99 55.32 -16.23
C LYS X 249 -10.93 53.84 -15.86
N ASN X 250 -9.76 53.25 -15.96
CA ASN X 250 -9.61 51.83 -15.66
C ASN X 250 -9.44 51.47 -14.20
N THR X 251 -8.98 52.41 -13.40
CA THR X 251 -8.86 52.18 -11.96
C THR X 251 -10.29 52.12 -11.45
N ALA X 252 -11.12 53.03 -11.94
CA ALA X 252 -12.53 53.07 -11.58
C ALA X 252 -13.22 51.79 -12.05
N TRP X 253 -12.96 51.43 -13.30
CA TRP X 253 -13.56 50.23 -13.90
C TRP X 253 -13.25 48.95 -13.12
N GLN X 254 -12.00 48.81 -12.68
CA GLN X 254 -11.61 47.63 -11.91
C GLN X 254 -12.17 47.65 -10.50
N ASN X 255 -12.73 48.78 -10.09
CA ASN X 255 -13.29 48.91 -8.75
C ASN X 255 -14.79 49.14 -8.76
N GLY X 256 -15.46 48.60 -9.78
CA GLY X 256 -16.90 48.69 -9.90
C GLY X 256 -17.53 50.02 -10.22
N LYS X 257 -16.75 50.97 -10.74
CA LYS X 257 -17.29 52.27 -11.09
C LYS X 257 -17.11 52.56 -12.57
N THR X 258 -17.59 53.72 -12.99
CA THR X 258 -17.48 54.17 -14.36
C THR X 258 -17.23 55.69 -14.34
N VAL X 259 -16.15 56.11 -14.97
CA VAL X 259 -15.75 57.52 -15.01
C VAL X 259 -16.06 58.22 -16.32
N THR X 260 -16.36 59.51 -16.24
CA THR X 260 -16.58 60.32 -17.43
C THR X 260 -15.85 61.65 -17.35
N PHE X 261 -15.18 62.00 -18.43
CA PHE X 261 -14.46 63.27 -18.53
C PHE X 261 -15.30 64.26 -19.33
N MET X 262 -16.55 63.92 -19.61
CA MET X 262 -17.40 64.83 -20.37
C MET X 262 -17.57 66.14 -19.58
N PRO X 263 -17.59 67.28 -20.28
CA PRO X 263 -17.73 68.62 -19.70
C PRO X 263 -18.87 68.88 -18.72
N LYS X 264 -20.07 68.39 -19.06
CA LYS X 264 -21.21 68.63 -18.21
C LYS X 264 -22.14 67.42 -18.13
N PRO X 265 -21.80 66.44 -17.27
CA PRO X 265 -22.64 65.24 -17.12
C PRO X 265 -23.84 65.50 -16.21
N LEU X 266 -23.71 66.47 -15.32
CA LEU X 266 -24.77 66.81 -14.37
C LEU X 266 -25.30 68.22 -14.53
N PHE X 267 -26.63 68.31 -14.63
CA PHE X 267 -27.31 69.59 -14.75
C PHE X 267 -27.55 70.08 -13.32
N GLY X 268 -26.95 71.20 -12.97
CA GLY X 268 -27.12 71.72 -11.62
C GLY X 268 -25.94 71.36 -10.72
N ASP X 269 -24.83 70.98 -11.34
CA ASP X 269 -23.61 70.66 -10.62
C ASP X 269 -22.45 71.11 -11.49
N ASN X 270 -21.29 71.29 -10.86
CA ASN X 270 -20.08 71.74 -11.52
C ASN X 270 -19.70 70.94 -12.77
N GLY X 271 -19.25 71.65 -13.80
CA GLY X 271 -18.81 71.00 -15.03
C GLY X 271 -17.37 70.54 -14.83
N SER X 272 -16.82 69.82 -15.79
CA SER X 272 -15.44 69.35 -15.69
C SER X 272 -14.58 70.03 -16.74
N GLY X 273 -13.57 70.76 -16.30
CA GLY X 273 -12.69 71.45 -17.22
C GLY X 273 -11.26 70.98 -17.18
N MET X 274 -10.45 71.52 -18.08
CA MET X 274 -9.04 71.20 -18.17
C MET X 274 -8.25 72.51 -18.25
N HIS X 275 -7.83 72.99 -17.09
CA HIS X 275 -7.06 74.22 -16.99
C HIS X 275 -5.66 73.94 -17.50
N CYS X 276 -5.24 74.68 -18.51
CA CYS X 276 -3.93 74.48 -19.11
C CYS X 276 -2.93 75.60 -18.85
N HIS X 277 -1.93 75.28 -18.04
CA HIS X 277 -0.85 76.19 -17.70
C HIS X 277 0.20 76.05 -18.79
N GLN X 278 0.64 77.19 -19.31
CA GLN X 278 1.62 77.21 -20.39
C GLN X 278 2.71 78.22 -20.11
N SER X 279 3.88 77.95 -20.69
CA SER X 279 5.02 78.83 -20.54
C SER X 279 6.12 78.44 -21.54
N LEU X 280 6.83 79.44 -22.06
CA LEU X 280 7.90 79.21 -23.01
C LEU X 280 9.27 79.35 -22.33
N TRP X 281 10.19 78.49 -22.74
CA TRP X 281 11.55 78.48 -22.20
C TRP X 281 12.56 78.41 -23.35
N LYS X 282 13.78 78.88 -23.09
CA LYS X 282 14.84 78.87 -24.08
C LYS X 282 16.17 78.72 -23.37
N ASP X 283 16.97 77.76 -23.84
CA ASP X 283 18.29 77.48 -23.27
C ASP X 283 18.24 77.25 -21.76
N GLY X 284 17.20 76.56 -21.31
CA GLY X 284 17.03 76.24 -19.91
C GLY X 284 16.57 77.37 -19.02
N ALA X 285 16.16 78.48 -19.62
CA ALA X 285 15.72 79.65 -18.85
C ALA X 285 14.31 80.08 -19.24
N PRO X 286 13.54 80.58 -18.27
CA PRO X 286 12.17 81.06 -18.46
C PRO X 286 12.08 82.36 -19.27
N LEU X 287 11.02 82.49 -20.05
CA LEU X 287 10.80 83.67 -20.89
C LEU X 287 9.51 84.40 -20.54
N MET X 288 8.78 83.91 -19.54
CA MET X 288 7.50 84.50 -19.16
C MET X 288 7.55 85.59 -18.07
N TYR X 289 8.65 85.64 -17.31
CA TYR X 289 8.79 86.60 -16.22
C TYR X 289 9.40 87.97 -16.53
N ASP X 290 8.98 88.96 -15.75
CA ASP X 290 9.44 90.35 -15.85
C ASP X 290 8.83 91.13 -14.68
N GLU X 291 9.66 91.48 -13.69
CA GLU X 291 9.22 92.21 -12.50
C GLU X 291 8.42 93.48 -12.82
N THR X 292 8.84 94.18 -13.87
CA THR X 292 8.21 95.43 -14.29
C THR X 292 6.83 95.30 -14.92
N GLY X 293 6.53 94.16 -15.50
CA GLY X 293 5.24 93.97 -16.14
C GLY X 293 4.11 93.59 -15.21
N TYR X 294 2.87 93.82 -15.67
CA TYR X 294 1.68 93.48 -14.90
C TYR X 294 1.67 91.97 -14.61
N ALA X 295 1.44 91.62 -13.34
CA ALA X 295 1.42 90.22 -12.90
C ALA X 295 2.75 89.51 -13.12
N GLY X 296 3.82 90.30 -13.27
CA GLY X 296 5.15 89.72 -13.48
C GLY X 296 5.32 89.11 -14.84
N LEU X 297 4.55 89.59 -15.82
CA LEU X 297 4.59 89.07 -17.18
C LEU X 297 5.49 89.82 -18.14
N SER X 298 6.26 89.06 -18.92
CA SER X 298 7.16 89.62 -19.91
C SER X 298 6.37 90.04 -21.14
N ASP X 299 7.05 90.68 -22.10
CA ASP X 299 6.40 91.12 -23.33
C ASP X 299 5.95 89.88 -24.10
N THR X 300 6.79 88.85 -24.07
CA THR X 300 6.53 87.59 -24.74
C THR X 300 5.26 86.93 -24.20
N ALA X 301 5.15 86.88 -22.87
CA ALA X 301 3.98 86.31 -22.20
C ALA X 301 2.70 87.07 -22.51
N ARG X 302 2.79 88.40 -22.48
CA ARG X 302 1.62 89.25 -22.74
C ARG X 302 1.13 89.10 -24.18
N HIS X 303 2.07 88.97 -25.12
CA HIS X 303 1.72 88.81 -26.53
C HIS X 303 1.09 87.43 -26.76
N TYR X 304 1.58 86.45 -26.01
CA TYR X 304 1.07 85.09 -26.07
C TYR X 304 -0.40 85.13 -25.66
N ILE X 305 -0.68 85.83 -24.56
CA ILE X 305 -2.03 86.00 -24.04
C ILE X 305 -2.88 86.73 -25.08
N GLY X 306 -2.26 87.68 -25.78
CA GLY X 306 -2.97 88.43 -26.81
C GLY X 306 -3.41 87.49 -27.93
N GLY X 307 -2.57 86.50 -28.22
CA GLY X 307 -2.89 85.52 -29.25
C GLY X 307 -4.03 84.62 -28.81
N LEU X 308 -3.97 84.14 -27.58
CA LEU X 308 -5.01 83.26 -27.03
C LEU X 308 -6.36 83.96 -27.05
N LEU X 309 -6.42 85.19 -26.54
CA LEU X 309 -7.67 85.95 -26.49
C LEU X 309 -8.18 86.34 -27.87
N HIS X 310 -7.27 86.69 -28.77
CA HIS X 310 -7.65 87.09 -30.12
C HIS X 310 -8.19 85.89 -30.91
N HIS X 311 -7.51 84.76 -30.79
CA HIS X 311 -7.89 83.55 -31.52
C HIS X 311 -8.89 82.62 -30.84
N ALA X 312 -9.26 82.93 -29.59
CA ALA X 312 -10.20 82.11 -28.83
C ALA X 312 -11.44 81.61 -29.59
N PRO X 313 -12.12 82.49 -30.35
CA PRO X 313 -13.31 82.05 -31.09
C PRO X 313 -13.08 80.83 -31.99
N SER X 314 -11.88 80.70 -32.53
CA SER X 314 -11.58 79.56 -33.40
C SER X 314 -10.80 78.49 -32.62
N LEU X 315 -9.96 78.94 -31.69
CA LEU X 315 -9.15 78.05 -30.86
C LEU X 315 -10.03 77.05 -30.13
N LEU X 316 -11.20 77.51 -29.69
CA LEU X 316 -12.14 76.66 -28.96
C LEU X 316 -12.64 75.46 -29.76
N ALA X 317 -12.44 75.48 -31.07
CA ALA X 317 -12.85 74.36 -31.92
C ALA X 317 -12.01 73.11 -31.63
N PHE X 318 -10.82 73.31 -31.05
CA PHE X 318 -9.92 72.22 -30.68
C PHE X 318 -9.79 72.09 -29.17
N THR X 319 -10.07 73.19 -28.51
CA THR X 319 -9.95 73.30 -27.07
C THR X 319 -11.23 72.89 -26.30
N ASN X 320 -12.39 73.09 -26.93
CA ASN X 320 -13.71 72.74 -26.38
C ASN X 320 -14.48 72.28 -27.63
N PRO X 321 -14.06 71.13 -28.19
CA PRO X 321 -14.55 70.52 -29.43
C PRO X 321 -15.89 69.72 -29.42
N THR X 322 -16.65 69.72 -28.34
CA THR X 322 -17.90 68.97 -28.33
C THR X 322 -19.12 69.83 -28.07
N VAL X 323 -20.30 69.30 -28.41
CA VAL X 323 -21.55 70.00 -28.17
C VAL X 323 -21.75 70.17 -26.65
N ASN X 324 -21.35 69.15 -25.90
CA ASN X 324 -21.48 69.15 -24.44
C ASN X 324 -20.56 70.19 -23.79
N SER X 325 -19.49 70.55 -24.49
CA SER X 325 -18.54 71.56 -24.00
C SER X 325 -19.25 72.87 -23.69
N TYR X 326 -20.28 73.20 -24.46
CA TYR X 326 -21.03 74.44 -24.28
C TYR X 326 -22.13 74.42 -23.25
N LYS X 327 -22.21 73.35 -22.48
CA LYS X 327 -23.18 73.25 -21.39
C LYS X 327 -22.40 73.67 -20.14
N ARG X 328 -21.07 73.59 -20.23
CA ARG X 328 -20.17 74.02 -19.16
C ARG X 328 -19.84 75.50 -19.40
N LEU X 329 -19.50 75.82 -20.65
CA LEU X 329 -19.17 77.19 -21.07
C LEU X 329 -20.48 77.95 -21.30
N VAL X 330 -21.12 78.31 -20.20
CA VAL X 330 -22.39 79.01 -20.23
C VAL X 330 -22.45 79.86 -18.94
N PRO X 331 -23.15 81.02 -18.96
CA PRO X 331 -23.26 81.89 -17.78
C PRO X 331 -23.69 81.16 -16.49
N GLY X 332 -22.84 81.19 -15.47
CA GLY X 332 -23.18 80.51 -14.23
C GLY X 332 -22.05 80.34 -13.22
N TYR X 333 -21.57 79.10 -13.07
CA TYR X 333 -20.51 78.72 -12.12
C TYR X 333 -19.17 79.43 -12.34
N GLU X 334 -19.21 80.68 -12.79
CA GLU X 334 -18.03 81.50 -13.04
C GLU X 334 -17.26 80.78 -14.16
N ALA X 335 -17.98 80.54 -15.25
CA ALA X 335 -17.44 79.84 -16.41
C ALA X 335 -16.43 80.73 -17.15
N PRO X 336 -15.27 80.16 -17.50
CA PRO X 336 -14.21 80.89 -18.20
C PRO X 336 -14.64 81.28 -19.62
N ILE X 337 -15.62 82.18 -19.71
CA ILE X 337 -16.15 82.64 -20.98
C ILE X 337 -15.77 84.09 -21.30
N ASN X 338 -15.19 84.77 -20.31
CA ASN X 338 -14.79 86.17 -20.47
C ASN X 338 -13.40 86.32 -21.08
N LEU X 339 -13.37 86.87 -22.29
CA LEU X 339 -12.14 87.06 -23.03
C LEU X 339 -11.19 88.14 -22.52
N VAL X 340 -10.69 87.94 -21.30
CA VAL X 340 -9.77 88.87 -20.66
C VAL X 340 -8.82 88.06 -19.78
N TYR X 341 -7.68 88.65 -19.39
CA TYR X 341 -6.76 87.97 -18.48
C TYR X 341 -6.86 88.60 -17.11
N SER X 342 -6.47 87.87 -16.08
CA SER X 342 -6.59 88.38 -14.72
C SER X 342 -5.79 87.53 -13.75
N GLN X 343 -5.72 87.98 -12.50
CA GLN X 343 -5.01 87.27 -11.43
C GLN X 343 -6.04 86.83 -10.40
N ARG X 344 -7.16 87.56 -10.37
CA ARG X 344 -8.25 87.31 -9.44
C ARG X 344 -9.40 86.50 -10.03
N ASN X 345 -10.03 87.03 -11.08
CA ASN X 345 -11.17 86.39 -11.75
C ASN X 345 -10.96 84.99 -12.30
N ARG X 346 -11.82 84.08 -11.86
CA ARG X 346 -11.76 82.69 -12.31
C ARG X 346 -12.68 82.48 -13.51
N SER X 347 -13.47 83.50 -13.82
CA SER X 347 -14.37 83.49 -14.97
C SER X 347 -13.66 84.09 -16.18
N ALA X 348 -12.37 84.35 -16.02
CA ALA X 348 -11.54 84.92 -17.09
C ALA X 348 -10.90 83.76 -17.86
N CYS X 349 -10.90 83.87 -19.18
CA CYS X 349 -10.32 82.86 -20.06
C CYS X 349 -8.88 82.54 -19.66
N VAL X 350 -8.12 83.60 -19.39
CA VAL X 350 -6.73 83.44 -18.99
C VAL X 350 -6.53 84.00 -17.59
N ARG X 351 -5.90 83.22 -16.73
CA ARG X 351 -5.62 83.66 -15.38
C ARG X 351 -4.14 83.47 -15.13
N ILE X 352 -3.53 84.45 -14.47
CA ILE X 352 -2.12 84.37 -14.15
C ILE X 352 -1.98 84.00 -12.68
N PRO X 353 -1.58 82.75 -12.41
CA PRO X 353 -1.40 82.27 -11.04
C PRO X 353 -0.43 83.15 -10.26
N ILE X 354 -0.78 83.44 -9.02
CA ILE X 354 0.07 84.26 -8.17
C ILE X 354 1.20 83.36 -7.67
N THR X 355 2.38 83.55 -8.25
CA THR X 355 3.54 82.74 -7.92
C THR X 355 4.72 83.49 -7.30
N GLY X 356 4.59 84.80 -7.16
CA GLY X 356 5.65 85.59 -6.56
C GLY X 356 6.73 86.11 -7.50
N SER X 357 7.95 86.17 -6.97
CA SER X 357 9.10 86.68 -7.72
C SER X 357 9.92 85.63 -8.46
N ASN X 358 9.64 84.35 -8.22
CA ASN X 358 10.36 83.26 -8.89
C ASN X 358 10.01 83.21 -10.37
N PRO X 359 10.97 83.55 -11.25
CA PRO X 359 10.76 83.56 -12.70
C PRO X 359 10.41 82.20 -13.30
N LYS X 360 10.89 81.13 -12.68
CA LYS X 360 10.66 79.76 -13.15
C LYS X 360 9.22 79.29 -12.92
N ALA X 361 8.49 79.99 -12.07
CA ALA X 361 7.11 79.61 -11.75
C ALA X 361 6.07 80.45 -12.49
N LYS X 362 6.51 81.51 -13.15
CA LYS X 362 5.60 82.37 -13.90
C LYS X 362 5.06 81.65 -15.13
N ARG X 363 3.74 81.64 -15.26
CA ARG X 363 3.08 80.98 -16.38
C ARG X 363 1.67 81.53 -16.51
N LEU X 364 1.03 81.24 -17.63
CA LEU X 364 -0.33 81.67 -17.85
C LEU X 364 -1.23 80.44 -17.84
N GLU X 365 -2.45 80.60 -17.38
CA GLU X 365 -3.39 79.48 -17.31
C GLU X 365 -4.63 79.72 -18.17
N PHE X 366 -4.77 78.93 -19.22
CA PHE X 366 -5.93 79.03 -20.09
C PHE X 366 -6.97 78.12 -19.40
N ARG X 367 -7.99 78.74 -18.84
CA ARG X 367 -9.03 78.04 -18.10
C ARG X 367 -10.20 77.46 -18.89
N SER X 368 -10.42 77.98 -20.08
CA SER X 368 -11.55 77.56 -20.92
C SER X 368 -11.62 76.11 -21.40
N PRO X 369 -10.48 75.48 -21.73
CA PRO X 369 -10.49 74.09 -22.20
C PRO X 369 -11.15 73.05 -21.31
N ASP X 370 -11.50 71.92 -21.92
CA ASP X 370 -12.07 70.78 -21.23
C ASP X 370 -11.39 69.55 -21.81
N SER X 371 -11.64 68.37 -21.27
CA SER X 371 -10.99 67.17 -21.80
C SER X 371 -11.90 66.31 -22.66
N SER X 372 -12.80 66.95 -23.40
CA SER X 372 -13.72 66.23 -24.26
C SER X 372 -13.17 65.99 -25.67
N GLY X 373 -11.90 66.35 -25.88
CA GLY X 373 -11.34 66.17 -27.20
C GLY X 373 -9.99 65.50 -27.33
N ASN X 374 -9.14 66.12 -28.14
CA ASN X 374 -7.80 65.63 -28.44
C ASN X 374 -6.76 66.58 -27.85
N PRO X 375 -6.01 66.13 -26.83
CA PRO X 375 -4.99 66.97 -26.18
C PRO X 375 -3.83 67.35 -27.10
N TYR X 376 -3.50 66.51 -28.06
CA TYR X 376 -2.41 66.80 -28.99
C TYR X 376 -2.78 68.00 -29.84
N LEU X 377 -4.02 68.01 -30.34
CA LEU X 377 -4.51 69.11 -31.16
C LEU X 377 -4.79 70.36 -30.33
N ALA X 378 -5.33 70.17 -29.13
CA ALA X 378 -5.65 71.29 -28.25
C ALA X 378 -4.41 72.05 -27.81
N PHE X 379 -3.41 71.33 -27.31
CA PHE X 379 -2.16 71.96 -26.87
C PHE X 379 -1.46 72.65 -28.05
N SER X 380 -1.42 71.97 -29.20
CA SER X 380 -0.80 72.53 -30.40
C SER X 380 -1.48 73.81 -30.83
N ALA X 381 -2.80 73.80 -30.86
CA ALA X 381 -3.60 74.96 -31.25
C ALA X 381 -3.35 76.13 -30.29
N MET X 382 -3.20 75.82 -29.00
CA MET X 382 -2.94 76.84 -28.01
C MET X 382 -1.60 77.49 -28.26
N LEU X 383 -0.59 76.67 -28.57
CA LEU X 383 0.76 77.16 -28.84
C LEU X 383 0.75 78.05 -30.08
N MET X 384 0.10 77.59 -31.15
CA MET X 384 0.03 78.34 -32.39
C MET X 384 -0.66 79.68 -32.20
N ALA X 385 -1.70 79.71 -31.37
CA ALA X 385 -2.41 80.95 -31.09
C ALA X 385 -1.47 81.91 -30.35
N GLY X 386 -0.73 81.37 -29.38
CA GLY X 386 0.21 82.16 -28.62
C GLY X 386 1.38 82.68 -29.44
N LEU X 387 1.91 81.84 -30.32
CA LEU X 387 3.04 82.21 -31.16
C LEU X 387 2.65 83.27 -32.19
N ASP X 388 1.41 83.21 -32.68
CA ASP X 388 0.93 84.19 -33.64
C ASP X 388 0.80 85.53 -32.92
N GLY X 389 0.49 85.48 -31.63
CA GLY X 389 0.36 86.68 -30.84
C GLY X 389 1.70 87.32 -30.61
N ILE X 390 2.73 86.49 -30.45
CA ILE X 390 4.09 86.96 -30.23
C ILE X 390 4.69 87.55 -31.51
N LYS X 391 4.52 86.85 -32.62
CA LYS X 391 5.03 87.32 -33.90
C LYS X 391 4.39 88.63 -34.36
N ASN X 392 3.08 88.75 -34.16
CA ASN X 392 2.37 89.96 -34.56
C ASN X 392 2.19 90.95 -33.40
N LYS X 393 2.94 90.71 -32.33
CA LYS X 393 2.92 91.50 -31.10
C LYS X 393 1.51 91.97 -30.71
N ILE X 394 0.54 91.05 -30.76
CA ILE X 394 -0.85 91.32 -30.41
C ILE X 394 -0.98 91.70 -28.95
N GLU X 395 -1.57 92.87 -28.70
CA GLU X 395 -1.75 93.37 -27.35
C GLU X 395 -3.14 93.01 -26.84
N PRO X 396 -3.19 92.28 -25.71
CA PRO X 396 -4.48 91.89 -25.13
C PRO X 396 -5.11 93.11 -24.48
N GLN X 397 -6.43 93.18 -24.46
CA GLN X 397 -7.08 94.32 -23.84
C GLN X 397 -6.72 94.33 -22.35
N ALA X 398 -6.85 95.49 -21.72
CA ALA X 398 -6.50 95.65 -20.32
C ALA X 398 -7.05 94.57 -19.39
N PRO X 399 -6.19 94.01 -18.53
CA PRO X 399 -6.59 92.96 -17.58
C PRO X 399 -7.62 93.49 -16.60
N VAL X 400 -8.41 92.58 -16.03
CA VAL X 400 -9.46 92.96 -15.09
C VAL X 400 -9.38 92.16 -13.79
N ASP X 401 -9.10 92.85 -12.69
CA ASP X 401 -9.02 92.20 -11.39
C ASP X 401 -10.25 92.46 -10.52
N LYS X 402 -11.10 93.39 -10.96
CA LYS X 402 -12.35 93.70 -10.27
C LYS X 402 -13.22 92.48 -10.50
N ASP X 403 -14.05 92.12 -9.52
CA ASP X 403 -14.92 90.96 -9.68
C ASP X 403 -15.82 91.22 -10.90
N LEU X 404 -15.65 90.40 -11.94
CA LEU X 404 -16.41 90.52 -13.18
C LEU X 404 -17.92 90.36 -13.00
N TYR X 405 -18.31 89.60 -11.98
CA TYR X 405 -19.72 89.35 -11.69
C TYR X 405 -20.46 90.65 -11.38
N GLU X 406 -20.00 91.39 -10.35
CA GLU X 406 -20.62 92.65 -10.00
C GLU X 406 -19.88 93.81 -10.68
N LEU X 407 -20.29 94.10 -11.92
CA LEU X 407 -19.68 95.16 -12.70
C LEU X 407 -20.81 95.98 -13.32
N PRO X 408 -20.67 97.32 -13.36
CA PRO X 408 -21.71 98.18 -13.94
C PRO X 408 -22.05 97.74 -15.36
N PRO X 409 -23.31 97.29 -15.60
CA PRO X 409 -23.86 96.82 -16.88
C PRO X 409 -23.33 97.45 -18.18
N GLU X 410 -22.97 98.72 -18.13
CA GLU X 410 -22.45 99.40 -19.32
C GLU X 410 -20.95 99.13 -19.48
N GLU X 411 -20.26 98.95 -18.36
CA GLU X 411 -18.82 98.68 -18.32
C GLU X 411 -18.59 97.18 -18.54
N ALA X 412 -19.61 96.36 -18.28
CA ALA X 412 -19.55 94.92 -18.45
C ALA X 412 -19.80 94.51 -19.90
N ALA X 413 -20.38 95.43 -20.68
CA ALA X 413 -20.66 95.18 -22.09
C ALA X 413 -19.40 95.29 -22.93
N SER X 414 -18.32 95.75 -22.31
CA SER X 414 -17.03 95.90 -23.00
C SER X 414 -16.17 94.64 -22.84
N ILE X 415 -16.73 93.62 -22.17
CA ILE X 415 -16.04 92.35 -21.96
C ILE X 415 -16.55 91.32 -22.97
N PRO X 416 -15.71 90.95 -23.95
CA PRO X 416 -16.08 89.97 -24.98
C PRO X 416 -16.25 88.57 -24.39
N GLN X 417 -17.22 87.83 -24.92
CA GLN X 417 -17.49 86.47 -24.45
C GLN X 417 -17.04 85.48 -25.53
N THR X 418 -16.83 84.23 -25.12
CA THR X 418 -16.44 83.18 -26.04
C THR X 418 -17.74 82.73 -26.72
N PRO X 419 -17.64 82.10 -27.91
CA PRO X 419 -18.89 81.66 -28.56
C PRO X 419 -19.58 80.64 -27.64
N THR X 420 -20.91 80.55 -27.75
CA THR X 420 -21.70 79.67 -26.90
C THR X 420 -22.19 78.37 -27.55
N GLN X 421 -21.70 78.08 -28.75
CA GLN X 421 -22.14 76.87 -29.46
C GLN X 421 -20.99 76.30 -30.27
N LEU X 422 -20.95 74.97 -30.41
CA LEU X 422 -19.91 74.30 -31.18
C LEU X 422 -19.95 74.71 -32.65
N SER X 423 -21.16 74.82 -33.19
CA SER X 423 -21.34 75.22 -34.58
C SER X 423 -20.70 76.59 -34.84
N ASP X 424 -20.71 77.46 -33.81
CA ASP X 424 -20.15 78.76 -33.88
C ASP X 424 -18.63 78.71 -34.00
N VAL X 425 -17.98 78.05 -33.05
CA VAL X 425 -16.53 77.94 -33.05
C VAL X 425 -16.01 77.22 -34.28
N ILE X 426 -16.81 76.28 -34.81
CA ILE X 426 -16.44 75.54 -36.00
C ILE X 426 -16.49 76.49 -37.20
N ASP X 427 -17.50 77.37 -37.22
CA ASP X 427 -17.65 78.36 -38.28
C ASP X 427 -16.48 79.34 -38.23
N ARG X 428 -16.08 79.73 -37.02
CA ARG X 428 -14.98 80.66 -36.79
C ARG X 428 -13.63 80.04 -37.18
N LEU X 429 -13.48 78.74 -36.96
CA LEU X 429 -12.24 78.03 -37.30
C LEU X 429 -12.11 77.99 -38.83
N GLU X 430 -13.23 77.74 -39.49
CA GLU X 430 -13.29 77.66 -40.93
C GLU X 430 -12.92 79.00 -41.57
N ALA X 431 -13.39 80.08 -40.95
CA ALA X 431 -13.15 81.44 -41.42
C ALA X 431 -11.75 81.98 -41.11
N ASP X 432 -11.18 81.56 -40.00
CA ASP X 432 -9.86 82.03 -39.59
C ASP X 432 -9.00 80.94 -38.95
N HIS X 433 -8.11 80.35 -39.74
CA HIS X 433 -7.24 79.30 -39.24
C HIS X 433 -5.81 79.38 -39.77
N GLU X 434 -5.43 80.54 -40.28
CA GLU X 434 -4.09 80.72 -40.83
C GLU X 434 -2.99 80.58 -39.78
N TYR X 435 -3.28 81.01 -38.54
CA TYR X 435 -2.30 80.91 -37.47
C TYR X 435 -1.95 79.45 -37.18
N LEU X 436 -2.90 78.56 -37.49
CA LEU X 436 -2.73 77.12 -37.27
C LEU X 436 -1.84 76.50 -38.34
N THR X 437 -1.99 76.96 -39.58
CA THR X 437 -1.22 76.45 -40.71
C THR X 437 0.20 76.98 -40.83
N GLU X 438 0.57 77.92 -39.96
CA GLU X 438 1.92 78.48 -39.95
C GLU X 438 2.93 77.36 -39.75
N GLY X 439 4.02 77.41 -40.52
CA GLY X 439 5.06 76.40 -40.42
C GLY X 439 4.59 75.01 -40.78
N GLY X 440 3.38 74.90 -41.33
CA GLY X 440 2.82 73.62 -41.70
C GLY X 440 2.41 72.71 -40.55
N VAL X 441 2.28 73.27 -39.35
CA VAL X 441 1.90 72.50 -38.16
C VAL X 441 0.54 71.83 -38.37
N PHE X 442 -0.45 72.63 -38.77
CA PHE X 442 -1.77 72.12 -39.09
C PHE X 442 -1.88 72.31 -40.60
N THR X 443 -2.64 71.46 -41.29
CA THR X 443 -2.83 71.61 -42.73
C THR X 443 -4.29 71.98 -42.96
N ASN X 444 -4.59 72.65 -44.07
CA ASN X 444 -5.96 72.99 -44.36
C ASN X 444 -6.80 71.73 -44.46
N ASP X 445 -6.13 70.66 -44.92
CA ASP X 445 -6.73 69.35 -45.07
C ASP X 445 -7.25 68.84 -43.72
N LEU X 446 -6.37 68.82 -42.72
CA LEU X 446 -6.74 68.37 -41.38
C LEU X 446 -7.87 69.22 -40.80
N ILE X 447 -7.74 70.53 -40.95
CA ILE X 447 -8.73 71.48 -40.45
C ILE X 447 -10.10 71.29 -41.09
N GLU X 448 -10.13 71.02 -42.39
CA GLU X 448 -11.38 70.80 -43.11
C GLU X 448 -12.01 69.48 -42.68
N THR X 449 -11.17 68.49 -42.40
CA THR X 449 -11.61 67.17 -41.97
C THR X 449 -12.27 67.27 -40.59
N TRP X 450 -11.63 68.04 -39.70
CA TRP X 450 -12.11 68.27 -38.35
C TRP X 450 -13.47 68.96 -38.41
N ILE X 451 -13.57 69.99 -39.24
CA ILE X 451 -14.81 70.75 -39.42
C ILE X 451 -15.95 69.85 -39.91
N SER X 452 -15.64 68.99 -40.88
CA SER X 452 -16.63 68.06 -41.45
C SER X 452 -17.05 67.02 -40.41
N PHE X 453 -16.07 66.48 -39.71
CA PHE X 453 -16.30 65.48 -38.68
C PHE X 453 -17.28 65.99 -37.64
N LYS X 454 -17.01 67.19 -37.11
CA LYS X 454 -17.87 67.80 -36.09
C LYS X 454 -19.26 68.11 -36.59
N ARG X 455 -19.37 68.63 -37.81
CA ARG X 455 -20.67 68.97 -38.38
C ARG X 455 -21.54 67.76 -38.67
N GLU X 456 -20.93 66.75 -39.28
CA GLU X 456 -21.65 65.55 -39.66
C GLU X 456 -21.88 64.52 -38.56
N ASN X 457 -20.90 64.36 -37.69
CA ASN X 457 -20.99 63.38 -36.61
C ASN X 457 -21.44 63.86 -35.24
N GLU X 458 -21.45 65.17 -35.03
CA GLU X 458 -21.83 65.72 -33.74
C GLU X 458 -22.91 66.80 -33.78
N ILE X 459 -22.62 67.89 -34.47
CA ILE X 459 -23.55 69.00 -34.57
C ILE X 459 -24.90 68.64 -35.17
N GLU X 460 -24.90 68.04 -36.35
CA GLU X 460 -26.12 67.65 -37.04
C GLU X 460 -26.93 66.59 -36.28
N PRO X 461 -26.29 65.50 -35.84
CA PRO X 461 -27.00 64.44 -35.10
C PRO X 461 -27.76 64.93 -33.87
N VAL X 462 -27.15 65.83 -33.09
CA VAL X 462 -27.80 66.38 -31.89
C VAL X 462 -28.91 67.34 -32.30
N ASN X 463 -28.63 68.15 -33.31
CA ASN X 463 -29.57 69.15 -33.79
C ASN X 463 -30.90 68.62 -34.37
N ILE X 464 -30.86 67.45 -35.01
CA ILE X 464 -32.08 66.89 -35.59
C ILE X 464 -32.96 66.14 -34.59
N ARG X 465 -32.40 65.82 -33.43
CA ARG X 465 -33.10 65.07 -32.40
C ARG X 465 -33.79 65.95 -31.36
N PRO X 466 -35.12 65.82 -31.22
CA PRO X 466 -35.85 66.63 -30.23
C PRO X 466 -35.28 66.40 -28.83
N HIS X 467 -35.15 67.49 -28.08
CA HIS X 467 -34.63 67.46 -26.72
C HIS X 467 -35.82 67.20 -25.78
N PRO X 468 -35.61 66.42 -24.70
CA PRO X 468 -36.67 66.10 -23.74
C PRO X 468 -37.39 67.34 -23.19
N TYR X 469 -36.65 68.41 -22.95
CA TYR X 469 -37.23 69.63 -22.43
C TYR X 469 -38.19 70.31 -23.40
N GLU X 470 -38.08 69.98 -24.68
CA GLU X 470 -38.96 70.54 -25.69
C GLU X 470 -40.37 70.00 -25.50
N PHE X 471 -40.48 68.82 -24.88
CA PHE X 471 -41.78 68.22 -24.63
C PHE X 471 -42.45 68.89 -23.44
N ALA X 472 -41.63 69.28 -22.45
CA ALA X 472 -42.12 69.98 -21.27
C ALA X 472 -42.64 71.33 -21.73
N LEU X 473 -41.85 71.95 -22.59
CA LEU X 473 -42.10 73.26 -23.13
C LEU X 473 -43.21 73.31 -24.20
N TYR X 474 -43.24 72.36 -25.15
CA TYR X 474 -44.16 72.48 -26.30
C TYR X 474 -45.17 71.36 -26.56
N TYR X 475 -45.25 70.28 -25.80
CA TYR X 475 -46.25 69.27 -26.11
C TYR X 475 -47.67 69.87 -26.15
N ASP X 476 -47.92 70.85 -25.28
CA ASP X 476 -49.22 71.51 -25.15
C ASP X 476 -49.53 72.70 -26.06
N VAL X 477 -48.59 73.07 -26.95
CA VAL X 477 -48.80 74.24 -27.82
C VAL X 477 -50.13 74.33 -28.57
MN MN Y . 30.23 -49.75 -42.81
P AMP Z . 25.89 -49.14 -43.64
O1P AMP Z . 26.21 -50.29 -44.70
O2P AMP Z . 24.35 -49.22 -43.08
O3P AMP Z . 27.03 -49.18 -42.35
O5' AMP Z . 26.05 -47.76 -44.60
C5' AMP Z . 25.40 -46.50 -44.80
C4' AMP Z . 25.54 -45.31 -45.66
O4' AMP Z . 25.52 -45.32 -47.20
C3' AMP Z . 24.47 -44.49 -45.25
O3' AMP Z . 24.98 -43.51 -44.35
C2' AMP Z . 23.81 -44.15 -46.66
O2' AMP Z . 22.75 -43.26 -46.44
C1' AMP Z . 25.11 -43.89 -47.52
N9 AMP Z . 24.90 -43.49 -49.22
C8 AMP Z . 25.82 -42.66 -50.07
N7 AMP Z . 25.50 -42.45 -51.38
C5 AMP Z . 24.30 -43.16 -51.49
C6 AMP Z . 23.42 -43.36 -52.62
N6 AMP Z . 23.70 -42.84 -53.68
N1 AMP Z . 22.28 -44.09 -52.51
C2 AMP Z . 21.97 -44.67 -51.32
N3 AMP Z . 22.68 -44.60 -50.11
C4 AMP Z . 23.88 -43.82 -50.23
C1 CIT AA . 34.65 -51.17 -37.55
O1 CIT AA . 33.86 -50.61 -36.95
O2 CIT AA . 34.49 -51.93 -38.51
C2 CIT AA . 36.17 -51.04 -37.18
C3 CIT AA . 36.88 -49.78 -37.85
O7 CIT AA . 35.96 -48.67 -37.98
C4 CIT AA . 38.08 -49.25 -36.96
C5 CIT AA . 39.11 -50.29 -36.39
O3 CIT AA . 38.75 -51.59 -36.44
O4 CIT AA . 40.22 -50.03 -35.90
C6 CIT AA . 37.32 -50.10 -39.21
O5 CIT AA . 38.16 -51.07 -39.35
O6 CIT AA . 36.83 -49.38 -40.16
MN MN BA . 12.66 -78.00 -8.84
P AMP CA . 8.42 -76.78 -9.50
O1P AMP CA . 8.21 -78.32 -9.10
O2P AMP CA . 7.16 -75.84 -9.00
O3P AMP CA . 9.91 -76.20 -8.85
O5' AMP CA . 8.43 -76.86 -11.18
C5' AMP CA . 7.92 -76.12 -12.29
C4' AMP CA . 7.93 -76.22 -13.78
O4' AMP CA . 7.38 -77.42 -14.58
C3' AMP CA . 7.17 -75.09 -14.17
O3' AMP CA . 8.09 -74.07 -14.55
C2' AMP CA . 6.13 -75.79 -15.15
O2' AMP CA . 5.34 -74.76 -15.70
C1' AMP CA . 7.08 -76.77 -15.93
N9 AMP CA . 6.37 -77.81 -17.15
C8 AMP CA . 7.06 -78.37 -18.38
N7 AMP CA . 6.34 -79.16 -19.22
C5 AMP CA . 5.09 -79.18 -18.60
C6 AMP CA . 3.87 -79.85 -18.97
N6 AMP CA . 3.83 -80.51 -20.00
N1 AMP CA . 2.73 -79.75 -18.21
C2 AMP CA . 2.77 -79.01 -17.08
N3 AMP CA . 3.85 -78.30 -16.53
C4 AMP CA . 5.04 -78.40 -17.35
C1 CIT DA . 18.37 -76.23 -5.16
O1 CIT DA . 17.91 -75.18 -5.25
O2 CIT DA . 17.79 -77.31 -5.02
C2 CIT DA . 19.92 -76.42 -5.18
C3 CIT DA . 20.53 -76.53 -6.66
O7 CIT DA . 19.78 -75.72 -7.60
C4 CIT DA . 22.02 -75.99 -6.71
C5 CIT DA . 23.03 -76.44 -5.60
O3 CIT DA . 22.51 -77.03 -4.51
O4 CIT DA . 24.27 -76.33 -5.63
C6 CIT DA . 20.43 -77.90 -7.14
O5 CIT DA . 21.04 -78.81 -6.45
O6 CIT DA . 19.76 -78.09 -8.23
MN MN EA . 3.75 -60.20 34.27
P AMP FA . -0.23 -58.51 33.19
O1P AMP FA . -0.51 -58.94 34.71
O2P AMP FA . -1.09 -57.18 32.75
O3P AMP FA . 1.46 -58.25 32.95
O5' AMP FA . -0.81 -59.84 32.35
C5' AMP FA . -1.55 -60.13 31.17
C4' AMP FA . -2.07 -61.33 30.46
O4' AMP FA . -3.03 -62.38 31.06
C3' AMP FA . -2.74 -60.76 29.34
O3' AMP FA . -1.88 -60.84 28.22
C2' AMP FA . -4.15 -61.49 29.46
O2' AMP FA . -4.92 -61.10 28.36
C1' AMP FA . -3.68 -62.97 29.80
N9 AMP FA . -4.91 -64.19 30.07
C8 AMP FA . -4.77 -65.66 29.83
N7 AMP FA . -5.83 -66.48 30.09
C5 AMP FA . -6.78 -65.55 30.52
C6 AMP FA . -8.15 -65.74 30.97
N6 AMP FA . -8.62 -66.86 30.97
N1 AMP FA . -8.92 -64.70 31.37
C2 AMP FA . -8.39 -63.45 31.37
N3 AMP FA . -7.09 -63.04 30.98
C4 AMP FA . -6.29 -64.16 30.55
C1 CIT GA . 10.57 -58.52 34.38
O1 CIT GA . 10.27 -57.88 33.49
O2 CIT GA . 9.94 -58.77 35.41
C2 CIT GA . 11.99 -59.21 34.42
C3 CIT GA . 12.03 -60.62 33.68
O7 CIT GA . 11.12 -60.64 32.55
C4 CIT GA . 13.47 -60.93 33.09
C5 CIT GA . 14.72 -60.69 34.00
O3 CIT GA . 14.52 -59.96 35.12
O4 CIT GA . 15.88 -61.10 33.80
C6 CIT GA . 11.57 -61.67 34.57
O5 CIT GA . 12.24 -61.85 35.67
O6 CIT GA . 10.56 -62.36 34.19
MN MN HA . 12.61 -14.46 43.22
P AMP IA . 8.79 -12.97 41.46
O1P AMP IA . 8.98 -11.92 42.66
O2P AMP IA . 8.04 -12.29 40.17
O3P AMP IA . 10.32 -13.63 41.02
O5' AMP IA . 7.78 -14.10 42.16
C5' AMP IA . 6.64 -14.90 41.81
C4' AMP IA . 5.75 -15.89 42.45
O4' AMP IA . 4.91 -15.63 43.72
C3' AMP IA . 4.82 -16.21 41.42
O3' AMP IA . 5.24 -17.43 40.83
C2' AMP IA . 3.45 -15.98 42.18
O2' AMP IA . 2.42 -16.35 41.31
C1' AMP IA . 3.79 -16.67 43.57
N9 AMP IA . 2.55 -16.66 44.81
C8 AMP IA . 2.38 -17.67 45.92
N7 AMP IA . 1.35 -17.52 46.80
C5 AMP IA . 0.75 -16.34 46.33
C6 AMP IA . -0.40 -15.61 46.81
N6 AMP IA . -1.01 -16.03 47.77
N1 AMP IA . -0.83 -14.47 46.20
C2 AMP IA . -0.14 -14.01 45.11
N3 AMP IA . 0.99 -14.57 44.49
C4 AMP IA . 1.43 -15.78 45.15
C1 CIT JA . 19.24 -15.96 41.46
O1 CIT JA . 18.75 -16.20 40.45
O2 CIT JA . 18.95 -15.08 42.26
C2 CIT JA . 20.46 -16.80 41.96
C3 CIT JA . 20.05 -18.14 42.75
O7 CIT JA . 18.82 -18.69 42.21
C4 CIT JA . 21.14 -19.26 42.60
C5 CIT JA . 22.65 -18.90 42.81
O3 CIT JA . 22.95 -17.57 42.82
O4 CIT JA . 23.59 -19.69 42.98
C6 CIT JA . 19.76 -17.83 44.14
O5 CIT JA . 20.73 -17.32 44.85
O6 CIT JA . 18.58 -18.12 44.58
MN MN KA . 30.71 13.56 9.99
P AMP LA . 26.77 14.47 8.10
O1P AMP LA . 27.52 15.88 7.88
O2P AMP LA . 25.71 14.15 6.89
O3P AMP LA . 27.93 13.21 8.27
O5' AMP LA . 25.93 14.78 9.52
C5' AMP LA . 24.64 14.50 10.07
C4' AMP LA . 23.90 14.79 11.34
O4' AMP LA . 23.61 16.20 11.90
C3' AMP LA . 22.64 14.18 11.11
O3' AMP LA . 22.63 12.93 11.76
C2' AMP LA . 21.68 15.40 11.46
O2' AMP LA . 20.36 14.93 11.37
C1' AMP LA . 22.39 15.94 12.77
N9 AMP LA . 21.69 17.36 13.56
C8 AMP LA . 21.78 17.70 15.01
N7 AMP LA . 21.17 18.84 15.47
C5 AMP LA . 20.62 19.33 14.28
C6 AMP LA . 19.83 20.53 14.04
N6 AMP LA . 19.56 21.26 14.97
N1 AMP LA . 19.39 20.84 12.79
C2 AMP LA . 19.69 20.02 11.75
N3 AMP LA . 20.43 18.82 11.78
C4 AMP LA . 20.90 18.50 13.10
C1 CIT MA . 35.99 8.93 9.68
O1 CIT MA . 35.14 8.23 9.38
O2 CIT MA . 36.13 10.13 9.41
C2 CIT MA . 37.18 8.40 10.55
C3 CIT MA . 36.88 8.42 12.12
O7 CIT MA . 35.48 8.19 12.39
C4 CIT MA . 37.68 7.29 12.89
C5 CIT MA . 39.20 7.09 12.57
O3 CIT MA . 39.67 7.69 11.45
O4 CIT MA . 40.01 6.43 13.23
C6 CIT MA . 37.16 9.75 12.67
O5 CIT MA . 38.37 10.18 12.55
O6 CIT MA . 36.20 10.36 13.25
MN MN NA . 38.98 -4.45 -33.36
P AMP OA . 34.76 -4.01 -34.78
O1P AMP OA . 35.56 -3.72 -36.14
O2P AMP OA . 33.33 -4.74 -35.05
O3P AMP OA . 35.75 -4.95 -33.72
O5' AMP OA . 34.51 -2.45 -34.20
C5' AMP OA . 33.48 -1.69 -33.57
C4' AMP OA . 33.28 -0.30 -33.09
O4' AMP OA . 33.38 0.96 -33.97
C3' AMP OA . 31.95 -0.34 -32.58
O3' AMP OA . 32.02 -0.49 -31.18
C2' AMP OA . 31.32 0.92 -33.34
O2' AMP OA . 30.01 1.08 -32.88
C1' AMP OA . 32.52 1.95 -33.18
N9 AMP OA . 32.31 3.55 -33.90
C8 AMP OA . 32.95 4.83 -33.43
N7 AMP OA . 32.68 5.98 -34.10
C5 AMP OA . 31.82 5.52 -35.09
C6 AMP OA . 31.15 6.23 -36.16
N6 AMP OA . 31.31 7.44 -36.27
N1 AMP OA . 30.33 5.60 -37.05
C2 AMP OA . 30.15 4.26 -36.92
N3 AMP OA . 30.70 3.38 -35.97
C4 AMP OA . 31.56 4.08 -35.03
C1 CIT PA . 43.19 -8.99 -30.06
O1 CIT PA . 42.22 -9.29 -29.56
O2 CIT PA . 43.39 -8.63 -31.22
C2 CIT PA . 44.55 -9.02 -29.26
C3 CIT PA . 44.83 -7.69 -28.43
O7 CIT PA . 43.59 -7.10 -27.96
C4 CIT PA . 45.69 -7.98 -27.14
C5 CIT PA . 46.97 -8.88 -27.27
O3 CIT PA . 47.09 -9.59 -28.41
O4 CIT PA . 47.88 -9.00 -26.43
C6 CIT PA . 45.44 -6.68 -29.28
O5 CIT PA . 46.58 -6.98 -29.82
O6 CIT PA . 44.82 -5.56 -29.42
MN MN QA . 83.81 -35.21 -28.70
P AMP RA . 87.90 -35.74 -26.99
O1P AMP RA . 88.23 -34.79 -28.24
O2P AMP RA . 88.90 -35.48 -25.73
O3P AMP RA . 86.25 -35.53 -26.52
O5' AMP RA . 88.21 -37.25 -27.64
C5' AMP RA . 88.80 -38.49 -27.25
C4' AMP RA . 89.08 -39.84 -27.84
O4' AMP RA . 89.92 -40.07 -29.11
C3' AMP RA . 89.74 -40.52 -26.79
O3' AMP RA . 88.78 -41.35 -26.15
C2' AMP RA . 91.03 -41.04 -27.56
O2' AMP RA . 91.76 -41.83 -26.66
C1' AMP RA . 90.37 -41.52 -28.92
N9 AMP RA . 91.43 -42.18 -30.16
C8 AMP RA . 91.06 -43.19 -31.20
N7 AMP RA . 92.01 -43.60 -32.09
C5 AMP RA . 93.12 -42.86 -31.67
C6 AMP RA . 94.46 -42.81 -32.17
N6 AMP RA . 94.78 -43.51 -33.12
N1 AMP RA . 95.41 -42.01 -31.62
C2 AMP RA . 95.07 -41.23 -30.55
N3 AMP RA . 93.83 -41.13 -29.91
C4 AMP RA . 92.83 -41.98 -30.51
C1 CIT SA . 77.34 -33.15 -26.90
O1 CIT SA . 77.67 -33.57 -25.88
O2 CIT SA . 78.02 -32.56 -27.74
C2 CIT SA . 75.86 -33.29 -27.37
C3 CIT SA . 75.55 -34.70 -28.10
O7 CIT SA . 76.35 -35.76 -27.53
C4 CIT SA . 74.04 -35.12 -27.90
C5 CIT SA . 72.90 -34.06 -28.13
O3 CIT SA . 73.31 -32.77 -28.21
O4 CIT SA . 71.69 -34.28 -28.27
C6 CIT SA . 75.91 -34.63 -29.51
O5 CIT SA . 75.32 -33.73 -30.23
O6 CIT SA . 76.79 -35.47 -29.92
MN MN TA . 68.97 -78.95 -17.60
P AMP UA . 73.28 -79.42 -16.55
O1P AMP UA . 73.28 -80.01 -18.05
O2P AMP UA . 74.69 -78.69 -16.17
O3P AMP UA . 71.94 -78.35 -16.35
O5' AMP UA . 73.12 -80.83 -15.65
C5' AMP UA . 73.64 -81.39 -14.44
C4' AMP UA . 73.49 -82.66 -13.66
O4' AMP UA . 73.79 -84.07 -14.21
C3' AMP UA . 74.38 -82.45 -12.57
O3' AMP UA . 73.61 -82.05 -11.45
C2' AMP UA . 75.23 -83.79 -12.64
O2' AMP UA . 76.11 -83.80 -11.55
C1' AMP UA . 74.08 -84.84 -12.92
N9 AMP UA . 74.52 -86.53 -13.11
C8 AMP UA . 73.67 -87.73 -12.80
N7 AMP UA . 74.19 -88.97 -13.00
C5 AMP UA . 75.47 -88.67 -13.48
C6 AMP UA . 76.55 -89.54 -13.90
N6 AMP UA . 76.40 -90.74 -13.84
N1 AMP UA . 77.74 -89.04 -14.35
C2 AMP UA . 77.90 -87.68 -14.41
N3 AMP UA . 76.98 -86.68 -14.05
C4 AMP UA . 75.74 -87.22 -13.58
C1 CIT VA . 63.90 -74.09 -17.87
O1 CIT VA . 64.50 -73.65 -17.00
O2 CIT VA . 64.31 -74.68 -18.87
C2 CIT VA . 62.33 -73.97 -17.89
C3 CIT VA . 61.59 -75.15 -17.08
O7 CIT VA . 62.39 -75.57 -15.94
C4 CIT VA . 60.20 -74.67 -16.50
C5 CIT VA . 59.23 -73.87 -17.43
O3 CIT VA . 59.75 -73.40 -18.59
O4 CIT VA . 58.03 -73.65 -17.23
C6 CIT VA . 61.46 -76.33 -17.92
O5 CIT VA . 60.77 -76.20 -19.01
O6 CIT VA . 61.99 -77.42 -17.50
MN MN WA . 53.10 -87.92 26.05
P AMP XA . 57.40 -88.94 26.70
O1P AMP XA . 56.82 -90.39 26.37
O2P AMP XA . 58.95 -88.75 26.19
O3P AMP XA . 56.38 -87.72 26.00
O5' AMP XA . 57.38 -88.92 28.38
C5' AMP XA . 58.19 -88.50 29.47
C4' AMP XA . 58.14 -88.51 30.96
O4' AMP XA . 58.04 -89.79 31.81
C3' AMP XA . 59.36 -87.88 31.30
O3' AMP XA . 59.08 -86.54 31.63
C2' AMP XA . 59.95 -88.97 32.33
O2' AMP XA . 61.14 -88.45 32.85
C1' AMP XA . 58.64 -89.32 33.14
N9 AMP XA . 58.76 -90.53 34.41
C8 AMP XA . 57.91 -90.63 35.64
N7 AMP XA . 58.14 -91.63 36.53
C5 AMP XA . 59.20 -92.29 35.92
C6 AMP XA . 59.95 -93.46 36.34
N6 AMP XA . 59.67 -94.00 37.39
N1 AMP XA . 60.97 -93.96 35.59
C2 AMP XA . 61.29 -93.34 34.41
N3 AMP XA . 60.70 -92.21 33.83
C4 AMP XA . 59.62 -91.69 34.64
C1 CIT YA . 48.97 -83.73 22.23
O1 CIT YA . 49.88 -83.04 22.29
O2 CIT YA . 48.94 -84.96 22.14
C2 CIT YA . 47.52 -83.12 22.24
C3 CIT YA . 46.95 -82.86 23.72
O7 CIT YA . 48.02 -82.49 24.63
C4 CIT YA . 45.92 -81.66 23.74
C5 CIT YA . 44.81 -81.60 22.64
O3 CIT YA . 44.97 -82.41 21.58
O4 CIT YA . 43.79 -80.88 22.65
C6 CIT YA . 46.37 -84.08 24.26
O5 CIT YA . 45.38 -84.61 23.61
O6 CIT YA . 46.87 -84.53 25.35
MN MN ZA . 52.13 -53.40 58.53
P AMP AB . 56.22 -54.99 59.36
O1P AMP AB . 55.38 -55.80 60.45
O2P AMP AB . 57.50 -55.86 58.81
O3P AMP AB . 55.19 -54.51 58.06
O5' AMP AB . 56.78 -53.69 60.27
C5' AMP AB . 57.97 -52.92 60.42
C4' AMP AB . 58.44 -51.76 61.24
O4' AMP AB . 58.48 -51.75 62.78
C3' AMP AB . 59.78 -51.61 60.80
O3' AMP AB . 59.81 -50.54 59.87
C2' AMP AB . 60.54 -51.61 62.21
O2' AMP AB . 61.90 -51.37 61.95
C1' AMP AB . 59.56 -50.69 63.04
N9 AMP AB . 59.95 -50.40 64.74
C8 AMP AB . 59.58 -49.19 65.55
N7 AMP AB . 59.97 -49.12 66.85
C5 AMP AB . 60.67 -50.33 66.99
C6 AMP AB . 61.35 -50.90 68.14
N6 AMP AB . 61.38 -50.27 69.18
N1 AMP AB . 61.97 -52.11 68.07
C2 AMP AB . 61.94 -52.80 66.90
N3 AMP AB . 61.34 -52.43 65.68
C4 AMP AB . 60.69 -51.15 65.77
C1 CIT BB . 47.52 -52.61 53.30
O1 CIT BB . 48.48 -52.53 52.67
O2 CIT BB . 47.29 -53.31 54.28
C2 CIT BB . 46.26 -51.76 52.91
C3 CIT BB . 46.28 -50.28 53.53
O7 CIT BB . 47.64 -49.77 53.63
C4 CIT BB . 45.50 -49.26 52.62
C5 CIT BB . 44.08 -49.66 52.08
O3 CIT BB . 43.74 -50.97 52.17
O4 CIT BB . 43.23 -48.90 51.56
C6 CIT BB . 45.76 -50.30 54.89
O5 CIT BB . 44.56 -50.71 55.07
O6 CIT BB . 46.56 -49.87 55.82
MN MN CB . 67.33 -10.06 47.21
P AMP DB . 71.22 -11.75 48.62
O1P AMP DB . 70.70 -11.05 49.96
O2P AMP DB . 72.09 -13.10 48.90
O3P AMP DB . 69.85 -12.12 47.59
O5' AMP DB . 72.20 -10.57 47.96
C5' AMP DB . 73.46 -10.46 47.30
C4' AMP DB . 74.34 -9.39 46.74
O4' AMP DB . 74.91 -8.21 47.56
C3' AMP DB . 75.45 -10.11 46.25
O3' AMP DB . 75.27 -10.27 44.85
C2' AMP DB . 76.64 -9.32 46.94
O2' AMP DB . 77.84 -9.86 46.48
C1' AMP DB . 76.13 -7.83 46.74
N9 AMP DB . 77.13 -6.53 47.38
C8 AMP DB . 77.21 -5.12 46.85
N7 AMP DB . 78.05 -4.24 47.46
C5 AMP DB . 78.59 -5.03 48.48
C6 AMP DB . 79.55 -4.72 49.52
N6 AMP DB . 80.02 -3.59 49.57
N1 AMP DB . 79.95 -5.64 50.43
C2 AMP DB . 79.43 -6.90 50.37
N3 AMP DB . 78.49 -7.40 49.45
C4 AMP DB . 78.07 -6.41 48.49
C1 CIT EB . 61.31 -11.96 44.13
O1 CIT EB . 61.99 -12.74 43.64
O2 CIT EB . 61.36 -11.51 45.28
C2 CIT EB . 60.11 -11.35 43.33
C3 CIT EB . 60.53 -10.08 42.43
O7 CIT EB . 61.89 -10.22 41.94
C4 CIT EB . 59.60 -9.94 41.16
C5 CIT EB . 58.05 -10.07 41.33
O3 CIT EB . 57.62 -10.58 42.51
O4 CIT EB . 57.18 -9.74 40.51
C6 CIT EB . 60.53 -8.87 43.24
O5 CIT EB . 59.41 -8.53 43.81
O6 CIT EB . 61.63 -8.21 43.32
MN MN FB . 82.63 -0.62 3.20
P AMP GB . 86.53 -1.73 5.05
O1P AMP GB . 86.59 -0.14 5.21
O2P AMP GB . 87.31 -2.51 6.27
O3P AMP GB . 84.89 -2.26 4.93
O5' AMP GB . 87.39 -1.97 3.63
C5' AMP GB . 88.36 -2.87 3.08
C4' AMP GB . 89.12 -3.04 1.81
O4' AMP GB . 90.06 -1.99 1.20
C3' AMP GB . 89.91 -4.19 2.07
O3' AMP GB . 89.27 -5.30 1.48
C2' AMP GB . 91.34 -3.64 1.66
O2' AMP GB . 92.26 -4.70 1.79
C1' AMP GB . 90.97 -2.86 0.34
N9 AMP GB . 92.27 -2.02 -0.51
C8 AMP GB . 92.34 -1.73 -1.99
N7 AMP GB . 93.42 -1.08 -2.49
C5 AMP GB . 94.17 -0.88 -1.32
C6 AMP GB . 95.45 -0.24 -1.13
N6 AMP GB . 96.04 0.23 -2.09
N1 AMP GB . 96.02 -0.13 0.10
C2 AMP GB . 95.37 -0.65 1.18
N3 AMP GB . 94.13 -1.31 1.21
C4 AMP GB . 93.53 -1.41 -0.10
C1 CIT HB . 75.76 -1.97 3.69
O1 CIT HB . 76.14 -3.00 4.03
O2 CIT HB . 76.23 -0.86 3.90
C2 CIT HB . 74.44 -1.87 2.84
C3 CIT HB . 74.68 -2.07 1.27
O7 CIT HB . 75.78 -2.99 1.02
C4 CIT HB . 73.40 -2.68 0.56
C5 CIT HB . 71.99 -2.07 0.88
O3 CIT HB . 71.92 -1.28 1.97
O4 CIT HB . 70.95 -2.26 0.25
C6 CIT HB . 75.08 -0.80 0.66
O5 CIT HB . 74.26 0.19 0.76
O6 CIT HB . 76.23 -0.78 0.07
MN MN IB . -59.60 26.91 -57.75
P AMP JB . -63.94 27.52 -58.55
O1P AMP JB . -63.63 26.37 -59.60
O2P AMP JB . -65.47 27.44 -57.97
O3P AMP JB . -62.79 27.48 -57.27
O5' AMP JB . -63.80 28.89 -59.51
C5' AMP JB . -64.45 30.15 -59.70
C4' AMP JB . -64.30 31.35 -60.57
O4' AMP JB . -64.34 31.33 -62.11
C3' AMP JB . -65.37 32.17 -60.15
O3' AMP JB . -64.85 33.14 -59.26
C2' AMP JB . -66.04 32.50 -61.56
O2' AMP JB . -67.10 33.40 -61.33
C1' AMP JB . -64.75 32.76 -62.43
N9 AMP JB . -64.97 33.15 -64.13
C8 AMP JB . -64.06 33.98 -64.99
N7 AMP JB . -64.38 34.19 -66.30
C5 AMP JB . -65.59 33.48 -66.39
C6 AMP JB . -66.48 33.28 -67.51
N6 AMP JB . -66.21 33.81 -68.59
N1 AMP JB . -67.61 32.55 -67.41
C2 AMP JB . -67.91 31.98 -66.21
N3 AMP JB . -67.19 32.05 -65.00
C4 AMP JB . -65.99 32.83 -65.13
C1 CIT KB . -55.13 25.49 -52.53
O1 CIT KB . -55.92 26.06 -51.91
O2 CIT KB . -55.30 24.73 -53.47
C2 CIT KB . -53.61 25.62 -52.17
C3 CIT KB . -52.89 26.88 -52.85
O7 CIT KB . -53.83 28.00 -52.97
C4 CIT KB . -51.70 27.41 -51.97
C5 CIT KB . -50.66 26.38 -51.39
O3 CIT KB . -51.02 25.08 -51.44
O4 CIT KB . -49.55 26.63 -50.91
C6 CIT KB . -52.48 26.56 -54.20
O5 CIT KB . -51.64 25.59 -54.35
O6 CIT KB . -52.96 27.28 -55.16
MN MN LB . -76.94 -1.47 -23.90
P AMP MB . -81.19 -0.22 -24.50
O1P AMP MB . -81.40 -1.77 -24.12
O2P AMP MB . -82.43 0.71 -23.99
O3P AMP MB . -79.68 0.34 -23.86
O5' AMP MB . -81.19 -0.29 -26.18
C5' AMP MB . -81.71 0.46 -27.29
C4' AMP MB . -81.71 0.38 -28.76
O4' AMP MB . -82.27 -0.81 -29.58
C3' AMP MB . -82.47 1.52 -29.14
O3' AMP MB . -81.56 2.53 -29.52
C2' AMP MB . -83.52 0.84 -30.12
O2' AMP MB . -84.31 1.87 -30.67
C1' AMP MB . -82.58 -0.14 -30.92
N9 AMP MB . -83.30 -1.18 -32.15
C8 AMP MB . -82.63 -1.72 -33.38
N7 AMP MB . -83.35 -2.50 -34.23
C5 AMP MB . -84.60 -2.52 -33.60
C6 AMP MB . -85.83 -3.18 -33.96
N6 AMP MB . -85.87 -3.84 -35.00
N1 AMP MB . -86.95 -3.08 -33.20
C2 AMP MB . -86.91 -2.37 -32.05
N3 AMP MB . -85.81 -1.66 -31.51
C4 AMP MB . -84.64 -1.76 -32.34
C1 CIT NB . -71.20 0.25 -20.24
O1 CIT NB . -71.65 1.30 -20.33
O2 CIT NB . -71.77 -0.83 -20.11
C2 CIT NB . -69.64 0.06 -20.28
C3 CIT NB . -69.05 -0.04 -21.76
O7 CIT NB . -69.81 0.78 -22.69
C4 CIT NB . -67.56 0.50 -21.82
C5 CIT NB . -66.53 0.03 -20.74
O3 CIT NB . -67.06 -0.58 -19.64
O4 CIT NB . -65.31 0.13 -20.77
C6 CIT NB . -69.15 -1.40 -22.26
O5 CIT NB . -68.55 -2.33 -21.58
O6 CIT NB . -69.84 -1.58 -23.34
MN MN OB . -85.36 16.14 19.43
P AMP PB . -89.37 17.81 18.39
O1P AMP PB . -89.62 17.38 19.90
O2P AMP PB . -90.23 19.13 17.96
O3P AMP PB . -87.68 18.07 18.13
O5' AMP PB . -89.95 16.47 17.56
C5' AMP PB . -90.70 16.18 16.38
C4' AMP PB . -91.21 14.98 15.66
O4' AMP PB . -92.16 13.93 16.29
C3' AMP PB . -91.90 15.55 14.56
O3' AMP PB . -91.06 15.46 13.43
C2' AMP PB . -93.30 14.80 14.70
O2' AMP PB . -94.09 15.19 13.61
C1' AMP PB . -92.81 13.34 15.04
N9 AMP PB . -94.04 12.10 15.31
C8 AMP PB . -93.89 10.62 15.07
N7 AMP PB . -94.95 9.81 15.34
C5 AMP PB . -95.91 10.73 15.79
C6 AMP PB . -97.26 10.54 16.24
N6 AMP PB . -97.74 9.41 16.26
N1 AMP PB . -98.03 11.58 16.66
C2 AMP PB . -97.52 12.83 16.65
N3 AMP PB . -96.23 13.23 16.25
C4 AMP PB . -95.41 12.12 15.81
C1 CIT QB . -78.55 17.86 19.48
O1 CIT QB . -78.87 18.50 18.58
O2 CIT QB . -79.18 17.61 20.50
C2 CIT QB . -77.13 17.18 19.50
C3 CIT QB . -77.09 15.77 18.75
O7 CIT QB . -78.02 15.74 17.63
C4 CIT QB . -75.65 15.47 18.16
C5 CIT QB . -74.40 15.71 19.05
O3 CIT QB . -74.59 16.44 20.17
O4 CIT QB . -73.24 15.31 18.85
C6 CIT QB . -77.53 14.71 19.65
O5 CIT QB . -76.86 14.54 20.75
O6 CIT QB . -78.55 14.01 19.29
MN MN RB . -76.77 62.04 28.02
P AMP SB . -80.59 63.50 26.26
O1P AMP SB . -80.41 64.55 27.46
O2P AMP SB . -81.35 64.17 24.97
O3P AMP SB . -79.06 62.85 25.81
O5' AMP SB . -81.60 62.36 26.97
C5' AMP SB . -82.73 61.58 26.62
C4' AMP SB . -83.63 60.58 27.27
O4' AMP SB . -84.48 60.84 28.53
C3' AMP SB . -84.55 60.25 26.23
O3' AMP SB . -84.13 59.03 25.65
C2' AMP SB . -85.93 60.48 27.00
O2' AMP SB . -86.96 60.11 26.12
C1' AMP SB . -85.58 59.80 28.39
N9 AMP SB . -86.82 59.81 29.63
C8 AMP SB . -86.99 58.80 30.74
N7 AMP SB . -88.02 58.96 31.63
C5 AMP SB . -88.62 60.13 31.14
C6 AMP SB . -89.77 60.87 31.62
N6 AMP SB . -90.38 60.45 32.60
N1 AMP SB . -90.19 62.00 31.01
C2 AMP SB . -89.52 62.46 29.92
N3 AMP SB . -88.38 61.90 29.30
C4 AMP SB . -87.94 60.70 29.96
C1 CIT TB . -70.13 60.54 26.27
O1 CIT TB . -70.63 60.29 25.26
O2 CIT TB . -70.43 61.43 27.06
C2 CIT TB . -68.91 59.70 26.78
C3 CIT TB . -69.33 58.37 27.56
O7 CIT TB . -70.56 57.81 27.02
C4 CIT TB . -68.22 57.24 27.41
C5 CIT TB . -66.72 57.62 27.63
O3 CIT TB . -66.42 58.94 27.64
O4 CIT TB . -65.77 56.84 27.80
C6 CIT TB . -69.60 58.68 28.96
O5 CIT TB . -68.65 59.20 29.65
O6 CIT TB . -70.79 58.39 29.39
MN MN UB . -58.76 90.10 -5.19
P AMP VB . -62.71 91.00 -7.07
O1P AMP VB . -61.96 92.41 -7.28
O2P AMP VB . -63.77 90.68 -8.27
O3P AMP VB . -61.53 89.74 -6.90
O5' AMP VB . -63.54 91.30 -5.65
C5' AMP VB . -64.83 91.02 -5.08
C4' AMP VB . -65.57 91.30 -3.82
O4' AMP VB . -65.86 92.70 -3.26
C3' AMP VB . -66.83 90.69 -4.05
O3' AMP VB . -66.83 89.43 -3.41
C2' AMP VB . -67.80 91.90 -3.69
O2' AMP VB . -69.11 91.43 -3.79
C1' AMP VB . -67.08 92.44 -2.39
N9 AMP VB . -67.78 93.85 -1.59
C8 AMP VB . -67.70 94.19 -0.13
N7 AMP VB . -68.30 95.32 0.33
C5 AMP VB . -68.87 95.82 -0.86
C6 AMP VB . -69.65 97.01 -1.10
N6 AMP VB . -69.93 97.74 -0.16
N1 AMP VB . -70.10 97.33 -2.34
C2 AMP VB . -69.79 96.52 -3.38
N3 AMP VB . -69.06 95.32 -3.37
C4 AMP VB . -68.57 95.00 -2.05
C1 CIT WB . -53.47 85.49 -5.52
O1 CIT WB . -54.32 84.78 -5.83
O2 CIT WB . -53.33 86.68 -5.79
C2 CIT WB . -52.27 84.95 -4.65
C3 CIT WB . -52.57 84.97 -3.08
O7 CIT WB . -53.98 84.72 -2.82
C4 CIT WB . -51.77 83.84 -2.33
C5 CIT WB . -50.24 83.64 -2.65
O3 CIT WB . -49.78 84.25 -3.76
O4 CIT WB . -49.42 82.98 -1.99
C6 CIT WB . -52.29 86.29 -2.53
O5 CIT WB . -51.08 86.73 -2.65
O6 CIT WB . -53.26 86.90 -1.95
MN MN XB . -50.54 72.23 -48.51
P AMP YB . -54.75 72.68 -49.93
O1P AMP YB . -53.96 72.97 -51.30
O2P AMP YB . -56.19 71.96 -50.19
O3P AMP YB . -53.76 71.74 -48.87
O5' AMP YB . -55.00 74.25 -49.36
C5' AMP YB . -56.02 75.01 -48.72
C4' AMP YB . -56.22 76.41 -48.24
O4' AMP YB . -56.11 77.67 -49.11
C3' AMP YB . -57.54 76.37 -47.73
O3' AMP YB . -57.47 76.22 -46.33
C2' AMP YB . -58.16 77.63 -48.49
O2' AMP YB . -59.48 77.79 -48.03
C1' AMP YB . -56.97 78.65 -48.33
N9 AMP YB . -57.16 80.26 -49.05
C8 AMP YB . -56.51 81.53 -48.59
N7 AMP YB . -56.78 82.68 -49.26
C5 AMP YB . -57.65 82.23 -50.24
C6 AMP YB . -58.32 82.95 -51.32
N6 AMP YB . -58.15 84.15 -51.43
N1 AMP YB . -59.14 82.31 -52.20
C2 AMP YB . -59.33 80.98 -52.08
N3 AMP YB . -58.79 80.10 -51.12
C4 AMP YB . -57.91 80.78 -50.19
C1 CIT ZB . -46.33 67.67 -45.23
O1 CIT ZB . -47.31 67.37 -44.71
O2 CIT ZB . -46.14 68.02 -46.39
C2 CIT ZB . -44.98 67.63 -44.42
C3 CIT ZB . -44.70 68.97 -43.59
O7 CIT ZB . -45.94 69.56 -43.12
C4 CIT ZB . -43.83 68.68 -42.30
C5 CIT ZB . -42.56 67.77 -42.43
O3 CIT ZB . -42.44 67.05 -43.58
O4 CIT ZB . -41.64 67.64 -41.61
C6 CIT ZB . -44.07 69.97 -44.45
O5 CIT ZB . -42.95 69.66 -44.99
O6 CIT ZB . -44.70 71.09 -44.58
MN MN AC . -6.05 41.47 -44.34
P AMP BC . -1.93 40.92 -42.70
O1P AMP BC . -1.62 41.88 -43.95
O2P AMP BC . -0.91 41.18 -41.46
O3P AMP BC . -3.58 41.13 -42.21
O5' AMP BC . -1.65 39.40 -43.37
C5' AMP BC . -1.05 38.17 -42.99
C4' AMP BC . -0.79 36.82 -43.61
O4' AMP BC . 0.03 36.60 -44.89
C3' AMP BC . -0.11 36.14 -42.57
O3' AMP BC . -1.06 35.30 -41.92
C2' AMP BC . 1.16 35.62 -43.37
O2' AMP BC . 1.91 34.82 -42.49
C1' AMP BC . 0.49 35.15 -44.71
N9 AMP BC . 1.51 34.50 -45.98
C8 AMP BC . 1.13 33.50 -47.04
N7 AMP BC . 2.05 33.09 -47.94
C5 AMP BC . 3.18 33.83 -47.52
C6 AMP BC . 4.52 33.87 -48.06
N6 AMP BC . 4.81 33.18 -49.01
N1 AMP BC . 5.48 34.66 -47.51
C2 AMP BC . 5.15 35.44 -46.44
N3 AMP BC . 3.93 35.54 -45.76
C4 AMP BC . 2.92 34.69 -46.36
C1 CIT CC . -12.48 43.53 -42.41
O1 CIT CC . -12.15 43.11 -41.40
O2 CIT CC . -11.82 44.12 -43.26
C2 CIT CC . -13.98 43.40 -42.86
C3 CIT CC . -14.31 42.01 -43.58
O7 CIT CC . -13.50 40.93 -43.04
C4 CIT CC . -15.81 41.58 -43.36
C5 CIT CC . -16.94 42.65 -43.58
O3 CIT CC . -16.54 43.94 -43.64
O4 CIT CC . -18.16 42.43 -43.70
C6 CIT CC . -13.97 42.08 -45.00
O5 CIT CC . -14.57 42.98 -45.71
O6 CIT CC . -13.09 41.24 -45.44
MN MN DC . -20.70 -2.42 -33.14
P AMP EC . -16.38 -2.90 -32.16
O1P AMP EC . -16.39 -3.48 -33.65
O2P AMP EC . -14.96 -2.15 -31.80
O3P AMP EC . -17.71 -1.82 -31.94
O5' AMP EC . -16.52 -4.30 -31.24
C5' AMP EC . -15.98 -4.86 -30.05
C4' AMP EC . -16.12 -6.12 -29.26
O4' AMP EC . -15.83 -7.53 -29.81
C3' AMP EC . -15.22 -5.92 -28.18
O3' AMP EC . -15.97 -5.51 -27.06
C2' AMP EC . -14.38 -7.26 -28.27
O2' AMP EC . -13.47 -7.26 -27.19
C1' AMP EC . -15.53 -8.31 -28.53
N9 AMP EC . -15.08 -9.99 -28.73
C8 AMP EC . -15.92 -11.19 -28.41
N7 AMP EC . -15.41 -12.45 -28.61
C5 AMP EC . -14.14 -12.13 -29.11
C6 AMP EC . -13.07 -13.00 -29.54
N6 AMP EC . -13.21 -14.21 -29.47
N1 AMP EC . -11.88 -12.50 -30.01
C2 AMP EC . -11.73 -11.15 -30.07
N3 AMP EC . -12.63 -10.15 -29.70
C4 AMP EC . -13.88 -10.69 -29.22
C1 CIT FC . -25.78 2.42 -33.35
O1 CIT FC . -25.17 2.88 -32.49
O2 CIT FC . -25.38 1.85 -34.35
C2 CIT FC . -27.34 2.54 -33.35
C3 CIT FC . -28.06 1.37 -32.52
O7 CIT FC . -27.25 0.95 -31.40
C4 CIT FC . -29.45 1.86 -31.93
C5 CIT FC . -30.44 2.65 -32.85
O3 CIT FC . -29.93 3.12 -34.01
O4 CIT FC . -31.64 2.87 -32.63
C6 CIT FC . -28.22 0.19 -33.36
O5 CIT FC . -28.91 0.32 -34.45
O6 CIT FC . -27.67 -0.89 -32.94
MN MN GC . -35.89 -11.32 10.69
P AMP HC . -31.57 -12.29 11.30
O1P AMP HC . -32.15 -13.75 10.97
O2P AMP HC . -30.04 -12.10 10.77
O3P AMP HC . -32.61 -11.08 10.62
O5' AMP HC . -31.59 -12.29 12.98
C5' AMP HC . -30.77 -11.85 14.06
C4' AMP HC . -30.80 -11.87 15.55
O4' AMP HC . -30.88 -13.15 16.40
C3' AMP HC . -29.58 -11.23 15.90
O3' AMP HC . -29.87 -9.89 16.23
C2' AMP HC . -28.98 -12.31 16.91
O2' AMP HC . -27.79 -11.79 17.43
C1' AMP HC . -30.29 -12.68 17.73
N9 AMP HC . -30.14 -13.89 19.00
C8 AMP HC . -30.99 -14.00 20.23
N7 AMP HC . -30.73 -15.00 21.13
C5 AMP HC . -29.66 -15.66 20.50
C6 AMP HC . -28.91 -16.82 20.91
N6 AMP HC . -29.18 -17.37 21.96
N1 AMP HC . -27.89 -17.31 20.15
C2 AMP HC . -27.59 -16.69 18.98
N3 AMP HC . -28.19 -15.56 18.40
C4 AMP HC . -29.26 -15.05 19.22
C1 CIT IC . -40.09 -7.15 6.92
O1 CIT IC . -39.18 -6.44 6.97
O2 CIT IC . -40.11 -8.36 6.83
C2 CIT IC . -41.54 -6.54 6.95
C3 CIT IC . -42.10 -6.29 8.43
O7 CIT IC . -41.02 -5.92 9.33
C4 CIT IC . -43.14 -5.10 8.45
C5 CIT IC . -44.26 -5.05 7.37
O3 CIT IC . -44.11 -5.86 6.29
O4 CIT IC . -45.28 -4.35 7.39
C6 CIT IC . -42.67 -7.52 8.97
O5 CIT IC . -43.66 -8.05 8.32
O6 CIT IC . -42.16 -7.97 10.06
MN MN JC . -37.12 23.14 43.34
P AMP KC . -33.03 21.56 44.17
O1P AMP KC . -33.87 20.75 45.26
O2P AMP KC . -31.75 20.71 43.62
O3P AMP KC . -34.06 22.05 42.88
O5' AMP KC . -32.48 22.86 45.08
C5' AMP KC . -31.29 23.64 45.24
C4' AMP KC . -30.82 24.80 46.06
O4' AMP KC . -30.78 24.82 47.59
C3' AMP KC . -29.47 24.96 45.62
O3' AMP KC . -29.45 26.03 44.69
C2' AMP KC . -28.72 24.96 47.02
O2' AMP KC . -27.36 25.22 46.77
C1' AMP KC . -29.70 25.87 47.86
N9 AMP KC . -29.32 26.16 49.56
C8 AMP KC . -29.70 27.37 50.37
N7 AMP KC . -29.29 27.44 51.66
C5 AMP KC . -28.60 26.24 51.81
C6 AMP KC . -27.91 25.66 52.95
N6 AMP KC . -27.89 26.29 54.00
N1 AMP KC . -27.29 24.46 52.88
C2 AMP KC . -27.32 23.77 51.71
N3 AMP KC . -27.93 24.14 50.49
C4 AMP KC . -28.58 25.42 50.59
C1 CIT LC . -41.74 23.92 38.12
O1 CIT LC . -40.77 24.00 37.50
O2 CIT LC . -41.96 23.22 39.09
C2 CIT LC . -43.00 24.77 37.73
C3 CIT LC . -42.99 26.25 38.35
O7 CIT LC . -41.63 26.76 38.45
C4 CIT LC . -43.79 27.27 37.44
C5 CIT LC . -45.19 26.86 36.89
O3 CIT LC . -45.52 25.55 36.99
O4 CIT LC . -46.04 27.61 36.39
C6 CIT LC . -43.50 26.22 39.72
O5 CIT LC . -44.71 25.80 39.89
O6 CIT LC . -42.71 26.66 40.64
MN MN MC . -22.17 66.68 31.90
P AMP NC . -18.30 65.01 33.35
O1P AMP NC . -18.81 65.73 34.69
O2P AMP NC . -17.41 63.67 33.66
O3P AMP NC . -19.64 64.64 32.33
O5' AMP NC . -17.30 66.20 32.69
C5' AMP NC . -16.04 66.29 32.04
C4' AMP NC . -15.17 67.37 31.47
O4' AMP NC . -14.60 68.54 32.28
C3' AMP NC . -14.05 66.63 30.98
O3' AMP NC . -14.21 66.47 29.59
C2' AMP NC . -12.87 67.44 31.68
O2' AMP NC . -11.66 66.89 31.22
C1' AMP NC . -13.37 68.92 31.44
N9 AMP NC . -12.38 70.24 32.08
C8 AMP NC . -12.29 71.64 31.53
N7 AMP NC . -11.46 72.53 32.14
C5 AMP NC . -10.93 71.75 33.17
C6 AMP NC . -9.97 72.08 34.21
N6 AMP NC . -9.50 73.21 34.25
N1 AMP NC . -9.57 71.16 35.14
C2 AMP NC . -10.10 69.91 35.08
N3 AMP NC . -11.03 69.39 34.17
C4 AMP NC . -11.44 70.37 33.20
C1 CIT OC . -28.17 64.73 28.82
O1 CIT OC . -27.48 63.95 28.34
O2 CIT OC . -28.13 65.20 29.96
C2 CIT OC . -29.37 65.35 28.01
C3 CIT OC . -28.94 66.60 27.10
O7 CIT OC . -27.58 66.45 26.61
C4 CIT OC . -29.87 66.72 25.82
C5 CIT OC . -31.42 66.59 25.98
O3 CIT OC . -31.86 66.09 27.16
O4 CIT OC . -32.28 66.90 25.15
C6 CIT OC . -28.96 67.82 27.90
O5 CIT OC . -30.07 68.15 28.44
O6 CIT OC . -27.85 68.48 27.97
MN MN PC . -6.66 75.74 -11.93
P AMP QC . -2.75 74.59 -10.11
O1P AMP QC . -2.69 76.18 -9.94
O2P AMP QC . -1.99 73.81 -8.89
O3P AMP QC . -4.41 74.07 -10.23
O5' AMP QC . -1.91 74.37 -11.54
C5' AMP QC . -0.95 73.46 -12.09
C4' AMP QC . -0.20 73.30 -13.37
O4' AMP QC . 0.75 74.35 -13.97
C3' AMP QC . 0.59 72.14 -13.11
O3' AMP QC . -0.06 71.03 -13.72
C2' AMP QC . 2.02 72.69 -13.52
O2' AMP QC . 2.93 71.61 -13.41
C1' AMP QC . 1.66 73.47 -14.84
N9 AMP QC . 2.96 74.32 -15.68
C8 AMP QC . 3.02 74.62 -17.16
N7 AMP QC . 4.11 75.27 -17.65
C5 AMP QC . 4.87 75.45 -16.49
C6 AMP QC . 6.16 76.09 -16.29
N6 AMP QC . 6.74 76.56 -17.26
N1 AMP QC . 6.74 76.17 -15.06
C2 AMP QC . 6.08 75.65 -13.99
N3 AMP QC . 4.83 75.00 -13.97
C4 AMP QC . 4.23 74.91 -15.28
C1 CIT RC . -13.54 74.43 -11.44
O1 CIT RC . -13.16 73.41 -11.11
O2 CIT RC . -13.06 75.55 -11.23
C2 CIT RC . -14.86 74.56 -12.29
C3 CIT RC . -14.62 74.37 -13.87
O7 CIT RC . -13.55 73.45 -14.12
C4 CIT RC . -15.91 73.78 -14.58
C5 CIT RC . -17.31 74.38 -14.24
O3 CIT RC . -17.38 75.18 -13.16
O4 CIT RC . -18.36 74.22 -14.88
C6 CIT RC . -14.21 75.64 -14.46
O5 CIT RC . -15.02 76.64 -14.35
O6 CIT RC . -13.08 75.66 -15.06
#